data_9BDP
#
_entry.id   9BDP
#
_cell.length_a   1.00
_cell.length_b   1.00
_cell.length_c   1.00
_cell.angle_alpha   90.00
_cell.angle_beta   90.00
_cell.angle_gamma   90.00
#
_symmetry.space_group_name_H-M   'P 1'
#
loop_
_entity.id
_entity.type
_entity.pdbx_description
1 polymer '18S rRNA'
2 polymer '28S rRNA'
3 polymer '5.8S rRNA'
4 polymer '5S rRNA'
5 polymer '60S ribosomal protein L8'
6 polymer '60S ribosomal protein L3'
7 polymer '60S ribosomal protein L4'
8 polymer '60S ribosomal protein L5'
9 polymer '60S ribosomal protein L6'
10 polymer '60S ribosomal protein L7'
11 polymer 'Large ribosomal subunit protein eL8'
12 polymer '60S ribosomal protein L9'
13 polymer 'Ribosomal protein L10'
14 polymer '60S ribosomal protein L11'
15 polymer uL11
16 polymer 'Large ribosomal subunit protein eL13'
17 polymer '60S ribosomal protein L14'
18 polymer '60S ribosomal protein L15'
19 polymer 'Large ribosomal subunit protein uL13'
20 polymer '60S ribosomal protein L17'
21 polymer 'Large ribosomal subunit protein eL18'
22 polymer '60S ribosomal protein L19'
23 polymer '60S ribosomal protein L18a'
24 polymer '60S ribosomal protein L21'
25 polymer 'Large ribosomal subunit protein eL22'
26 polymer '60S ribosomal protein L23'
27 polymer 'Ribosomal protein L24'
28 polymer 'Large ribosomal subunit protein uL23'
29 polymer '60S ribosomal protein L26'
30 polymer '60S ribosomal protein L27'
31 polymer '60S ribosomal protein L27a'
32 polymer 'Large ribosomal subunit protein eL29'
33 polymer '60S ribosomal protein L30'
34 polymer '60S ribosomal protein L31'
35 polymer 'Large ribosomal subunit protein eL32'
36 polymer '60S ribosomal protein L35a'
37 polymer '60S ribosomal protein L34'
38 polymer '60S ribosomal protein L35'
39 polymer '60S ribosomal protein L36'
40 polymer '60S ribosomal protein L37'
41 polymer 'Large ribosomal subunit protein eL38'
42 polymer '60S ribosomal protein L39'
43 polymer 'Large ribosomal subunit protein eL40'
44 polymer eL41
45 polymer eL42
46 polymer '60S ribosomal protein L37a'
47 polymer '60S ribosomal protein L28'
48 polymer '60S acidic ribosomal protein P0'
49 polymer Angiogenin
50 polymer 'Receptor of activated protein C kinase 1'
51 polymer '40S_SA_C domain-containing protein'
52 polymer '40S ribosomal protein S3a'
53 polymer '40S ribosomal protein S2'
54 polymer '40S ribosomal protein S3'
55 polymer '40S ribosomal protein S4'
56 polymer 'Ribosomal protein S5'
57 polymer '40S ribosomal protein S6'
58 polymer 'Small ribosomal subunit protein eS7'
59 polymer '40S ribosomal protein S8'
60 polymer '40S ribosomal protein S9'
61 polymer '40S ribosomal protein S10'
62 polymer '40S ribosomal protein S11'
63 polymer '40S ribosomal protein S12'
64 polymer '40S ribosomal protein S13'
65 polymer 'Small ribosomal subunit protein uS11'
66 polymer '40S ribosomal protein S15'
67 polymer 'Small ribosomal subunit protein uS9'
68 polymer '40S ribosomal protein S17'
69 polymer '40S ribosomal protein S18'
70 polymer 'Small ribosomal subunit protein eS19'
71 polymer '40S ribosomal protein S20'
72 polymer eS21
73 polymer '40S ribosomal protein S15a'
74 polymer '40S ribosomal protein S23'
75 polymer '40S ribosomal protein S24'
76 polymer '40S ribosomal protein S25'
77 polymer eS26
78 polymer '40S ribosomal protein S27'
79 polymer '40S ribosomal protein S28'
80 polymer '40S ribosomal protein S29'
81 polymer '40S ribosomal protein S30'
82 polymer 'Elongation factor 1-alpha'
83 polymer tRNAfMet
84 polymer mRNA
85 polymer tRNAAla
#
loop_
_entity_poly.entity_id
_entity_poly.type
_entity_poly.pdbx_seq_one_letter_code
_entity_poly.pdbx_strand_id
1 'polyribonucleotide'
;UACCUGGUUGAUCCUGCCAGUAGCAUAUGCUUGUCUCAAAGAUUAAGCCAUGCAUGUCUAAGUACGCACGGCCGGUACAG
UGAAACUGCGAAUGGCUCAUUAAAUCAGUUAUGGUUCCUUUGGUCGCUCGCUCCUCUCCCACUUGGAUAACUGUGGUAAU
UCUAGAGCUAAUACAUGCCGACGGGCGCUGACCCCCUUCGCGGGGGGGAUGCGUGCAUUUAUCAGAUCAAAACCAACCCG
GUCAGCCCCUCUCCGGCCCCGGCCGGGGGGCGGGCGCCGGCGGCUUUGGUGACUCUAGAUAACCUCGGGCCGAUCGCACG
CCCCCCGUGGCGGCGACGACCCAUUCGAACGUCUGCCCUAUCAACUUUCGAUGGUAGUCGCCGUGCCUACCAUGGUGACC
ACGGGUGACGGGGAAUCAGGGUUCGAUUCCGGAGAGGGAGCCUGAGAAACGGCUACCACAUCCAAGGAAGGCAGCAGGCG
CGCAAAUUACCCACUCCCGACCCGGGGAGGUAGUGACGAAAAAUAACAAUACAGGACUCUUUCGAGGCCCUGUAAUUGGA
AUGAGUCCACUUUAAAUCCUUUAACGAGGAUCCAUUGGAGGGCAAGUCUGGUGCCAGCAGCCGCGGUAAUUCCAGCUCCA
AUAGCGUAUAUUAAAGUUGCUGCAGUUAAAAAGCUCGUAGUUGGAUCUUGGGAGCGGGCGGGCGGUCCGCCGCGAGGCGA
GCCACCGCCCGUCCCCGCCCCUUGCCUCUCGGCGCCCCCUCGAUGCUCUUAGCUGAGUGUCCCGCGGGGCCCGAAGCGUU
UACUUUGAAAAAAUUAGAGUGUUCAAAGCAGGCCCGAGCCGCCUGGAUACCGCAGCUAGGAAUAAUGGAAUAGGACCGCG
GUUCUAUUUUGUUGGUUUUCGGAACUGAGGCCAUGAUUAAGAGGGACGGCCGGGGGCAUUCGUAUUGCGCCGCUAGAGGU
GAAAUUCUUGGACCGGCGCAAGACGGACCAGAGCGAAAGCAUUUGCCAAGAAUGUUUUCAUUAAUCAAGAACGAAAGUCG
GAGGUUCGAAGACGAUCAGAUACCGUCGUAGUUCCGACCAUAAACGAUGCCGACUGGCGAUGCGGCGGCGUUAUUCCCAU
GACCCGCCGGGCAGCUUCCGGGAAACCAAAGUCUUUGGGUUCCGGGGGGAGUAUGGUUGCAAAGCUGAAACUUAAAGGAA
UUGACGGAAGGGCACCACCAGGAGUGGAGCCUGCGGCUUAAUUUGACUCAACACGGGAAACCUCACCCGGCCCGGACACG
GACAGGAUUGACAGAUUGAUAGCUCUUUCUCGAUUCCGUGGGUGGUGGUGCAUGGCCGUUCUUAGUUGGUGGAGCGAUUU
GUCUGGUUAAUUCCGAUAACGAACGAGACUCUGGCAUGCUAACUAGUUACGCGACCCCCGAGCGGUCGGCGUCCCCCAAC
UUCUUAGAGGGACAAGUGGCGUUCAGCCACCCGAGAUUGAGCAAUAACAGGUCUGUGAUGCCCUUAGAUGUCCGGGGCUG
CACGCGCGCUACACUGACUGGCUCAGCGUGUGCCUACCCUACGCCGGCAGGCGCGGGUAACCCGUUGAACCCCAUUCGUG
AUGGGGAUCGGGGAUUGCAAUUAUUCCCCAUGAACGAGGAAUUCCCAGUAAGUGCGGGUCAUAAGCUUGCGUUGAUUAAG
UCCCUGCCCUUUGUACACACCGCCCGUCGCUACUACCGAUUGGAUGGUUUAGUGAGGCCCUCGGAUCGGCCCCGCCGGGG
UCGGCCCACGGCCCUGGCGGAGCGCUGAGAAGACGGUCGAACUUGACUAUCUAGAGGAAGUAAAAGUCGUAACAAGGUUU
CCGUAGGUGAACCUGCGGAAGGAUCAUUA
;
A18S
2 'polyribonucleotide'
;CGCGACCUCAGAUCAGACGUGGCGACCCGCUGAAUUUAAGCAUAUUAGUCAGCGGAGGAAAAGAAACUAACCAGGAUUCC
CUCAGUAACGGCGAGUGAACAGGGAAGAGCCCAGCGCCGAAUCCCCGCCCCGCGGCGGGGCGCGGGAAAUGUGGCGUACG
GAAGACCCACUCCCCGGCGCCGGGGGGCCCAAGUCCUUCUGAUCGAGGCCCAGCCCGUGGACGGUGUGAGGCCGGUAGCG
GCCCCCGGCGCGCCGGGCCCGGGUCUUCCCGGAGUCGGGUUGCUUGGGAAUGCAGCCCAAAGCGGGUGGUAAACUCCAUC
UAAGGCUAAAUACCGGCACGAGACCGAUAGUCAACAAGUACCGUAAGGGAAAGUUGAAAAGAACUUUGAAGAGAGAGUUC
AAGAGGGCGUGAAACCGUUAAGAGGUAAACGGGUGGGGUCCGCGCAGUCCGCCCGGAGGAUUCAACCCGGCGGCGCGGUC
CGGCCGUGCCGGCGGGGCGGAUCUCCCGCUCCCGUCGGCGGGGGACCGCCCCCCGGCCGGCGACCGGCCGCCGCCGGGCG
CAUUUCCACCGCGGCGGUGCGCCGCGACCGGCUCCGGGACGGCUGGGAAGGCCCCGGCGGGGAAGGUGGCCCGGGGGCCC
CGGGUGUUACAGCCCCGCCCCGGCAGCAGCAGCUCGCCGAAUCCCGGGGCCGAGGGAGCGAGACCCGUGCGCCGCGCUCU
CCCCCCUCGGGGGGGCCGGGCCACCCCUCCCACGGCGCGACCGCUGGGGCGGACUGUCCAGUGCGCCCCGGGCGGGUCGC
GCCGUCGGGCCCGGGGGGCCACGCGUCCCCCGCGAGCGCACGGGGUCGGCGGCGAUGUCGGCUACCCACCCGACCCGUCU
UGAAACACGGACCAAGGAGUCUAACACGUGCGCGAGUCGGGGGCUACGAAAGCCGCCGUGGCGCAAUGAAGGUGAAGGCC
GGCGGCGCGCCGCCGGCCGAGGUGGGAUCCCGAGGCCUUCCAGUCCGCCGAGGGCGCACCACCGGCCCGUCUCGCCCGCC
GCGCCGGGGAGGUGGAGCACGAGCGCACGUGUUAGGACCCGAAAGAUGGUGAACUAUGCCUGGGCAGGGCGAAGCCAGAG
GAAACUCUGGUGGAGGUCCGUAGCGGUCCUGACGUGCGAAUCGGUCGUCCGACCUGGGUAUAGGGGCGAAAGACUAAUCG
AACCAUCUAGUAGCUGGUUCCCUCCAAAGUUUCCCUCAGGAUAGCUGGCGCUCUCCGCAGUUUUAUCCGGUAAAGCGAAU
GAUUAGAGGUCUUGGGGCCGAAACGAUCUCAACCUAUUCUCAAACUUUAAAUGGGUAAGAAGCCCGGCUCGCUGGUGUGG
AGCCGGGCGUGGAAUGCGAGUGCCUAGUGGGCCACUUUUGGUAAGCAGAACUGGCGCUGCGGGAUGAACCGAACGCCGGG
UUAAGGCGCCCGAUGCCGACGCUCAUCAGACCCCAGAAAAGGUGUUGGUUGAUAUAGACAGCAGGAUGGUGGCCAUGGAA
GUCGGAAUCCGCUAAGGAGUGUGUAACAACUCACCUGCCGAAUCAACUAGCCCUGAAAAUGGAUGGCGCUGGAGCGUCGG
GCCCAUACCCGGCCGUCGCUGGCAGUCGGCAGAGCGAGAAAGAGAGUGGCGCGGACGCUACGCCGCGACGAGUAGGAGGG
CCGCUGCGGUGAGCCUUGAAGCCUAGGGCGCGGGCCCGGGUGGAGCCGCCGCAGGUGCAGAUCUUGGUGGUAGUAGCAAA
UAUUCAAACGAGAACUUUGAAGGCCGAAGUGGAGAAGGGUUCCAUGUGAACAGCAGUUGAACAUGGGUCAGUCGGUCCUG
AGAGAUGGGCGAGCGCCGUUCCGAAGGGACGGGCGAUGGCCUCCGUUGCCCUCAGCCGAUCGAAAGGGAGUCGGGUUCAG
AUCCCCGAAUCCGGAGUGGCGGAGAUGGGCGCCGCGAGGCGUCCAGUGCGGUAACGCGACCGAUCCCGGAGAAGCCGGCG
GGAGCCCCGGGGAGAGUUCUCUUUUCUUUGUGAAGGGCAGGGCGCCCUGGAAUGGGUUCGCCCCGAGAGAGGGGCCCGUG
CCUUGGAAAGCGUCGCGGUUCCGGCGGCGUCCGGUGAGCUCUCGCUGGCCCUUGAAAAUCCGGGGGAGAGGGUGUAAAUC
UCGCGCCGGGCCGUACCCAUAUCCGCAGCAGGUCUCCAAGGUGAACAGCCUCUGGCAUGUUGGAACAAUGUAGGUAAGGG
AAGUCGGCAAGCCGGAUCCGUAACUUCGGGAUAAGGAUUGGCUCUAAGGGCUGGCAGCCGACUUAGAACUGGUGCGGACC
AGGGGAAUCCGACUGUUUAAUUAAAACAAAGCAUCGCGAAGGCCCGCGGCGGGUGUUGACGCGAUGUGAUUUCUGCCCAG
UGCUCUGAAUGUCAAAGUGAAGAAAUUCAAUGAAGCGCGGGUAAACGGCGGGAGUAACUAUGACUCUCUUAAGGUAGCCA
AAUGCCUCGUCAUCUAAUUAGUGACGCGCAUGAAUGGAUGAACGAGAUUCCCACUGUCCCUACCUACUAUCCAGCGAAAC
CACAGCCAAGGGAACGGGCUUGGCGGAAUCAGCGGGGAAAGAAGACCCUGUUGAGCUUGACUCUAGUCUGGCACGGUGAA
GAGACAUGAGAGGUGUAGAAUAAGUGGGAGGCCGGCCGCCGGUGAAAUACCACUACUCUGAUCGUUUUUUCACUGACCCG
GUGAGGCGGGGGGGCGAGCCGGGCUCUCGCUUCUGGCGCCAAGCGCCCGGCCGGCCGGGCGCGACCCGCUCCGGGGACAG
UGCCAGGUGGGGAGUUUGACUGGGGCGGUACACCUGUCAAACGGUAACGCAGGUGUCCUAAGGCGAGCUCAGGGAGGACA
GAAACCUCCCGUGGAGCAGAAGGGCAAAAGCUCGCUUGAUCUUGAUUUUCAGUACGAAUACAGACCGUGAAAGCGGGGCC
UCACGAUCCUUCUGACCUUUUGGGUUUUAAGCAGGAGGUGUCAGAAAAGUUACCACAGGGAUAACUGGCUUGUGGCGGCC
AAGCGUUCAUAGCGACGUCGCUUUUUGAUCCUUCGAUGUCGGCUCUUCCUAUCAUUGUGAAGCAGAAUUCACCAAGCGUU
GGAUUGUUCACCCACUAAUAGGGAACGUGAGCUGGGUUUAGACCGUCGUGAGACAGGUUAGUUUUACCCUACUGAUGAUG
UGUUGUUGCCAUGGUAAUCCUGCUCAGUACGAGAGGAACCGCAGGUUCAGACAUUUGGUGUAUGUGCUUGGCUGAGGAGC
CAAUGGGGCGAAGCUACCAUCUGUGGGAUUAUGACUGAACGCCUCUAAGUCAGAAUCCCGCCCAGGCGGAACGAUAGCGC
CGGAGCCUCGGUUGGCCUCGGAUAGCCGGUCCCCCGCCGGGGUCCGGUGCGGAGAGCCCUUCGUCCCGGGAAACGGGGCG
GCCGGAAAGGGGGCCGCCCUCUCGCCCGUCACGCACCGCACGUUCGUGGGGAACCUGGCGCUAAACCAUUCGUAGACGAC
CUGCUUCUGGGUCGGGGUUUCGUACGUAGCAGAGCAGCUGCUGCGAUCUAUUGAAAGUCAGCCCUCGACACAAGGGUUUG
U
;
A28S
3 'polyribonucleotide'
;CGACUCUUAGCGGUGGAUCACUCGGCUCGUGCGUCGAUGAAGAACGCAGCUAGCUGCGAGAAUUAAUGUGAAUUGCAGGA
CACAUUGAUCAUCGACACUUCGAACGCACUUGCGGCCCCGGGUUCCUCCCGGGGCUACGCCUGUCUGAGCGUCGCU
;
A58S
4 'polyribonucleotide'
;GUCUACGGCCAUACCACCCUGAACGCGCCCGAUCUCGUCUGAUCUCGGAAGCUAAGCAGGGUCGGGCCUGGUUAGUACUU
GGAUGGGAGACCGCCUGGGAAUACCGGGUGCUGUAGGCUU
;
A5S
5 'polypeptide(L)'
;GRVIRGQRKGAGSVFRAHVKHRKGAARLRAVDFAERHGYIKGIVKDIIHDPGRGAPLAKVVFRDPYRFKKRTELFIAAEG
IHTGQFVYCGKKAQLNIGNVLPVGTMPEGTIVCCLEEKPGDRGKLARASGNYATVISHNPETKKTRVKLPSGSKKVISSA
NRAVVGVVAGGGRIDKPILKAGRAYHKYKAKRNCWPRVRGVAMNPVEHPFGGGNHQHIGKPSTIRRDAPAGRKVGLIAAR
RTGRLRGT
;
AL02
6 'polypeptide(L)'
;SHRKFSAPRHGSLGFLPRKRSSRHRGKVKSFPKDDPSKPVHLTAFLGYKAGMTHIVREVDRPGSKVNKKEVVEAVTIVET
PPMVVVGIVGYVETPRGLRTFKTVFAEHISDECKRRFYKNWHKSKKKAFTKYCKKWQDDAGKRQLDKDFSSMKKYCQVIR
VLAHTQMRLLPLRQKKAHLMEIQVNGGTVAEKLDWARERLEQQVPVSQVFGQDEMIDVIGVTKGKGYKGVTSRWHTKKLP
RKTHRGLRKVACIGAWHPARVAFSVARAGQKGYHHRTEINKKIYKIGQGYLIKDGKLIKNNASTDYDLSDKSINPLGGFV
HYGEVTNDFVMLKGCVVGTKKRVLTLRKSLLVQTKRRALEKIDLKFIDTTSKFGHGRFQTVEEKKAFMGPLKKD
;
AL03
7 'polypeptide(L)'
;ACARPLISVYSEKGESSGKNVTLPAVFKAPIRPDIVNFVHTNLRKNNRQPYAVSELAGHQTSAESWGTGRAVARIPRVRG
GGTHRSGQGAFGNMCRGGRMFAPTKTWRRWHRRVNTTQKRYAICSALAASALPALVMSKGHRIEEVPELPLVVEDKVEGY
KKTKEAVLLLKKLKAWNDIKKVYASQRMRAGKGKMRNRRRIQRRGPCVIYNEDNGIVKAFRNIPGITLLNVTKLNILKLA
PGGHVGRFCIWTESAFRKLDDLYGTWRKAASLKSNYNLPMHKMLNTDLSRILKSPEIQRALRAPRKKIHRRVLKKNPLKN
LRIMLKLNPYAKTMRRNTILRQARNHKLRVERAAAALAAKSD
;
AL04
8 'polypeptide(L)'
;FVKVVKNKAYFKRYQVKFRRRREGKTDYYARKRLVIQDKNKYNTPKYRMIVRVTNRDIICQIAYARIEGDMIVCAAYAHE
LPKYGVKVGLTNYAAAYCTGLLLARRLLNRFGMDKIYEGQVEVTGDEYNVESIDGQPGAFTCYLDAGLARTTTGNKVFGA
LKGAVDGGLSIPHSTKRFPGYDSESKEFNAEVHRKHIMGQNVADYMRYLMEEDEDAYKKQFSQYIKNNVTPDMMEEMYKK
AHAAIRENPVYEKKPKREVKKKRWNRPKMSLAQKKDRVAQKKASFLRAQERAA
;
AL05
9 'polypeptide(L)'
;KGKPHCSRNPVLVRGIGRYSRSAMYSRKALYKRKYAAPKSRIERKKKREKVLATVTKPVGGDKNGGTRVVKLRKMPRYYP
TEDVPRKLLSHGKKPFSQHVRKLRASITPGTILIILTGRHRGKRVVFLKQLSSGLLLVTGPLSLNRVPLRRTHQKFVIAT
STKIDISGVKIPKHLTDAYFKKKKLRKPRHQEGEIFDTEKEKYEITEQRKVDQKAVDSQILPKIKAVPQLQGYLRSVFAL
TNGVYPHKLVF
;
AL06
10 'polypeptide(L)'
;NFAELKIKRLRKKFAQKMLRKARRKLIYEKAKHYHKEYRQMYRTEIRMARMARKAGNFYVPAEPKLAFVIRIRGINGVSP
KVRKVLQLLRLRQIFNGTFVKLNKASINMLRIVEPYIAWGYPNLKSVNELIYKRGYGKINKKRIALTDNTLIARSLGKYN
IICMEDLIHEIYTVGKHFKEANNFLWPFKLSSPRGGMKKKTTHFVEGGDAGNREDQINRLIRRMN
;
AL07
11 'polypeptide(L)'
;VVNPLFEKRPKNFGIGQDIQPKRDLTRFVKWPRYIRLQRQRAILYKRLKVPPAINQFTQVLDRQTATQLLKLAHKYRPET
KQEKKQRLLARAEKKAAGKGDVPTKRPPVLRAGVNTVTTLVENKKAQLVVIAHDVDPIELVVFLPALCRKMGVPYCILKG
KARLGRLVHRKTCTTVAFTQVNSEDKGALAKLVEAIRTNYNDRYDEIRRHWGGNVLGPKSVARIAKLEKAKAKELATKLG
;
AL08
12 'polypeptide(L)'
;MKTILSNQTVDIPENVDISLKGRTVIVKGPRGTLRRDFNHINVELSLLGKKKKRLRVDKWWGNRKELATVRTICSHVQNM
IKGVTLGFRYKMRSVYAHFPINVVIQENGSLVEIRNFLGEKYIRRVRMRPGVACSVSQAQKDELVLEGNDIELVSNSAAL
IQQATTVKNKDIRKFLDGIYVSEKGTVQQA
;
AL09
13 'polypeptide(L)'
;GRRPARCYRYCKNKPYPKSRFCRGVPDAKIRIFDLGRKKAKVDEFPLCGHMVSDEYEQLSSEALEAARICANKYMVKSCG
KDGFHIRVRLHPFHVIRINKMLSCAGADRLQTGMRGAFGKPQGTVARVHIGQVIMSIRTKLQNKEHVVEALRRAKFKFPG
RQKIHISKKWGFTKFNADEFEDMVAEKRLIPDGCGVKYIPNRGPLDKWRALHS
;
AL10
14 'polypeptide(L)'
;KENPMRELRIRKLCLNICVGESGDRLTRAAKVLEQLTGQTPVFSKARYTVRSFGIRRNEKIAVHCTVRGAKAEEILEKGL
KVREYELRKNNFSDTGNFGFGIQEHIDLGIKYDPSIGIYGLDFYVVLGRPGFSIADKKRRTGCIGAKHRISKEEAMRWFQ
QKYDGIILPG
;
AL11
15 'polypeptide(L)'
;EIKVVYLRCTGGEVGATSALAPKIGPLGLSPKKVGDDIAKATGDWKGLRITVKLTIQNRQAQIEVVPSASALIIKALKEP
PRDRKKQKNIKHSGNITFDEIVNIARQMRHRSLARELSGTIKEILGTAQSVGCNVDGRHPHDIIDDINSGAVE
;
AL12
16 'polypeptide(L)'
;APSRNGMILKPHFHKDWQRRVATWFNQPARKIRRRKARQARARRIAPRPAAGPIRPIVRCPTVRYHTKVRAGRGFSLEEL
RVAGIHKKVARTIGISVDPRRRNKSTESLQANVQRLKEYRSKLVLFPRKPSAPKKGDSSAEELKLATQLTGPVMPIRNVF
KKEKARVITEEEKNFKAFASLRMARANARLFGIRAKRAKEAAEQDVEKKK
;
AL13
17 'polypeptide(L)'
;VFRRFVEVGRVAYVSFGPHAGKLVAIVDVIDQNRALVDGPCTRVRRQAMPFKCMQLTDFILKFPHSARQKYVRKAWEKAD
INTKWAATRWAKKIEARERKAKMTDFDRYKVMKAKKMRNRIIKNEVKKLQRAALLKAS
;
AL14
18 'polypeptide(L)'
;GAYKYIQELWRKKQSDVMRFLLRVRCWQYRQLSALHRAPRPTRPDKARRLGYKAKQGYVIYRIRVRRGGRKRPVPKGATY
GKPVHHGVNQLKFARSLQSVAEERAGRHCGALRVLNSYWVGEDSTYKFFEVILIDPFHKAIRRNPDTQWITKPVHKHREM
RGLTSAGRKSRGLGKGHKFHHTIGGSRRAAWRRRNTLQLHRYR
;
AL15
19 'polypeptide(L)'
;QVLVLDGRGHLLGRLAAIVAKQVLLGRKVVVVRCEGINISGNFYRNKLKYLAFLRKRMNTNPSRGPYHFRAPSRIFWRTV
RGMLPHKTKRGQAALDRLKVFDGIPPPYDKKKRMVVPAALKVVRLKPTRKFAYLGRLAHEVGWKYQAVTATLEEKRKEKA
KIHYRKKKQLMRLRKQAEKNVEKKISKFTDVLKTHGLLV
;
AL16
20 'polypeptide(L)'
;VRYSLDPENPTKSCKSRGSNLRVHFKNTRETAQAIKGMHIRKATKYLKDVTLKKQCVPFRRYNGGVGRCAQAKQWGWTQG
RWPKKSAEFLLHMLKNAESNAELKGLDVDSLVIEHIQVNKAPKMRRRTYRAHGRINPYMSSPCHIEMILTEKE
;
AL17
21 'polypeptide(L)'
;GVDIRHNKDRKVRRKEPKSQDIYLRLLVKLYRFLARRTNSTFNQVVLKRLFMSRTNRPPLSLSRMIRKMKLPGRENKTAV
VVGTVTDDVRVQEVPKLKVCALRVTSRARSRILKAGGKILTFDQLALDSPKGRGTVLLSGPRKGREVYRHFGKAPGTPHS
HTKPYVRSKGRKFERARGRRASRGYKN
;
AL18
22 'polypeptide(L)'
;SMLRLQKRLASSVLRCGKKKVWLDPNETNEIANANSRQQIRKLIKDGLIIRKPVTVHSRARCRKNTLARRKGRHMGIGKR
KGTANARMPEKVTWMRRMRILRRLLRRYRESKKIDRHMYHSLYLKVKGNVFKNKRILMEHIHKLKADKARKKLLADQAEA
RRSKTKEARKRREERLQAKK
;
AL19
23 'polypeptide(L)'
;MKASGTLREYKVVGRCLPTPKCRTPPLYRMRIFAPNHVVAKSRFWYFVSQLKKMKKSSGEIVYCGQVFEKSPLRVKNFGI
WLRYDSRSGTHNMYREYRDLTTAGAVTQCYRDMGARHRARAHSIQIMKVEEIAASKCRRPAVKQFHDSKIKFPLPHRVLR
RQHKPRFTTKRPNTFF
;
AL20
24 'polypeptide(L)'
;TNTKGKRRGTRYMFSRPFRKHGVVPLATYMRIYKKGDIVDIKGMGTVQKGMPHKCYHGKTGRVYNVTQHAVGIVVNKQVK
GKILAKRINVRIEHIKHSKSRDSFLKRVKENDQKKKEAKEKGTWVQLKRQPAPPREAHFVRTNGKEPELLEPIPYEFMA
;
AL21
25 'polypeptide(L)'
;QLLKFTLDCTHPVEDGIMDAANFEQFLQERIKVNGKAGNLGGGVVSLERSKSKITVTSEVPFSKRYLKYLTKKYLKKNNL
RDWLRVVANTKESYELRYF
;
AL22
26 'polypeptide(L)'
;SGAKFRISLGLPVGAVINCADNTGAKNLYIISVKGIKGRLNRLPAAGVGDMVMATVKKGKPELRKKVHPAVVIRQRKSYR
RKDGVFLYFEDNAGVIVNNKGEMKGSAITGPVAKECADLWPRIASNAGSIA
;
AL23
27 'polypeptide(L)'
;MKVELCSFSGYKIYPGHGRRYARTDGKVFQFLNAKCESAFLSKRNPRQINWTVLYRRKHKKGQSEEIQKKRTRRAVKFQR
AITGASLADIMAKRNQKPEVRKAQREQAIRAAKEAKKAKQA
;
AL24
28 'polypeptide(L)'
;KIRTSPTFRRPKTLRLRRQPKYPRKSAPRRNKLDHYAIIKFPLTTESAMKKIEDNNTLVFIVDVKANKHQIKQAVKKLYD
IDVAKVNTLIRPDGEKKAYVRLAPDYDALDVANKIGII
;
AL25
29 'polypeptide(L)'
;MKFNPFVTSDRSKNRKRHFNAPSHIRRKIMSSPLSKELRQKYNVRSMPIRKDDEVQVVRGHYKGQQIGKVVQVYRKKYVI
YIERVQREKANGTTVHVGIHPSKVVITRLKLDKDRKKILERKAKSRQVGKEKGK
;
AL26
30 'polypeptide(L)'
;GKFMKPGKVVLVLAGRYSGRKAVIVKNIDDGTSDRPYSHALVAGIDRYPRKVTAAMGKKKIAKRSKIKSFVKVYNYNHLM
PTRYSVDIPLDKTVVNKDVFRDPALKRKARREAKVKFEERYKTGKNKWFFQKLRF
;
AL27
31 'polypeptide(L)'
;PSRLRKTRKLRGHVSHGHGRIGKHRKHPGGRGNAGGMHHHRINFDKYHPGYFGKVGMRHYHLKRNQSFCPTVNLDKLWTL
VSEQTRVNAAKNKTGAAPIIDVVRSGYYKVLGKGKLPKQPVIVKAKFFSRRAEEKIKGVGGACVLVA
;
AL28
32 'polypeptide(L)'
;MAKSKNHTTHNQSRKWHRNGIKKPRSQRYESLKGVDPKFLRNMRFAKKHNKKGLKKMQANNAKAMAARAEAIKALVKPKE
VKPTIPKGVSRKLHRLAYIAHPKLGRRARARIARGLRLSRPQTKAKAKTEPQIKGKVKAQIKAQAQAQIKSKGKGKAQAE
TKPKAQAETKPKAQAQAKPKAQAQGKPKAQAQGKPKAQAQAKPKAQAQAKPKAQAQTKPKAQATPAAPVPAQAPPKGAQP
PAKAP
;
AL29
33 'polypeptide(L)'
;SLESINSRLQLVMKSGKYVLGYKQSLKMIRQGKAKLVILANNCPALRKSEIEYYAMLAKTGVHHYSGNNIELGTACGKYY
RVCTLSIIDPGDSDIIRS
;
AL30
34 'polypeptide(L)'
;NEVVTREYTINIHKRIHGVGFKKRAPRALKEIRKFAMKEMGTPDVRIDTRLNKAVWAKGIRNVPYRIRVRLSRKRNEDED
SPNKLYTLVTYVPVTTFKNLQTVNVDE
;
AL31
35 'polypeptide(L)'
;AALRPLVKPKIVKKRTKKFIRHQSDRYVKIKRNWRKPRGIDNRVRRRFKGQILMPNIGYGSNKKTKHMLPSGFRKFLVHN
VKELEVLLMCNKSYCAEIAHNVSSKNRKAIVERAAQLAIRVTNPNARL
;
AL32
36 'polypeptide(L)'
;SGRLWCKAIFAGYKRGLRNQREHTALLKIEGVYARDETEFYLGKRCAYVYKAKNNTVTPGGKPNKTRVIWGKVTRAHGNS
GMVRAKFRSNLPAKAIGHRIRVMLYPSRI
;
AL33
37 'polypeptide(L)'
;VQRLTYRRRLSYNTASNKTRLSRTPGNRIVYLYTKKVGKAPKSACGVCPGRLRGVRAVRPKVLMRLSKTKKHVSRAYGGS
MCAKCVRDRIKRAFLIEEQKIVVKVLKAQAQSQK
;
AL34
38 'polypeptide(L)'
;AKIKARDLRGKKKEELLKQLDDLKVELSQLRVAKVTGGAASKLSKIRVVRKSIARVLTVINQTQKENLRKFYKGKKYKPL
DLRPKKTRAMRRRLNKHEESLKTKKQQRKERLYPLRKYAVKA
;
AL35
39 'polypeptide(L)'
;ALRYPMAVGLNKGHKVTKNVSKPRHSRRRGRLTKHTKFVRDMIREVCGFAPYERRAMELLKVSKDKRALKFIKKRVGTHI
RAKRKREELSSVLAAMRKAAAK
;
AL36
40 'polypeptide(L)'
;TKGTSSFGKRRNKTHTLCRRCGSKAYHLQKSTCGKCGYPAKRKRKYNWSAKAKRRNTTGTGRMRHLKIVYRRFRHGFREG
TTPKPK
;
AL37
41 'polypeptide(L)' PRKIEEIKDFLLTARRKDAKSVKIKKNKDNVKFKVRCSRYLYTLVITDKEKAEKLKQSLPPGLAVKELK AL38
42 'polypeptide(L)' SSHKTFRIKRFLAKKQKQNRPIPQWIWMKTGNKIRYNSKRRHWRRTKLGL AL39
43 'polypeptide(L)' IIEPSLRQLAQKYNCDKMICRKCYARLHPRAVNCRKKKCGHTNNLRPKKKVK AL40
44 'polypeptide(L)' MRAKWRKKRMRRLKRKRRKMRQRSK AL41
45 'polypeptide(L)'
;VNVPKTRRTFCKKCGKHQPHKVTQYKKGKDSLYAQGKRRYDRKQSGYGGQTKPIFRKKAKTTKKIVLRLECVEPNCRSKR
MLAIKRCKHFELGGDKKRKGQVIQ
;
AL42
46 'polypeptide(L)'
;AKRTKKVGIVGKYGTRYGASLRKMVKKIEISQHAKYTCSFCGKTKMKRRAVGIWHCGSCMKTVAGGAWTYNTTSAVTVKS
AIRRLKELKDQ
;
AL43
47 'polypeptide(L)'
;SAHLQWMVVRNCSSFLIKRNKQTYSTEPNNLKARNSFRYNGLIHRKTVGVEPAADGKGVVVVMKRRSGQRKPATSYVRTT
INKNARATLSSIRHMIRKNKYHPDLRMAAIRRASAILRSQKPVM
;
ALNW
48 'polypeptide(L)'
;DRATWKSNYFLKIIQLLDDYPKCFIVGADNVGSKQMQQIRMSLRGKAVVLMGKNTMMRKAIRGHLENNPALEKLLPHIRG
NVGFVFTKEDLTEIRDMLLANKVPAAARAGAIAPCEVTVPAQNTGLGPEKTSFFQALGITTKISRGTIEILSDVQLIKTG
DKVGASEATLLNMLNISPFSFGLIIQQVFDNGSIYN
;
ALP0
49 'polypeptide(L)'
;MVMGLGVLLLVFVLGLGLTPPTLAQDNSRYTHFLTQHYDAKPQGRDDRYCESIMRRRGLTSPCKDINTFIHGNKRSIKAI
CENKNGNPHRENLRISKSSFQVTTCKLHGGSPWPPCQYRATAGFRNVVVACENGLPVHLDQSIFRRP
;
ANG
50 'polypeptide(L)'
;TEQMTLRGTLKGHNGWVTQIATTPQFPDMILSASRDKTIIMWKLTRDETNYGIPQRALRGHSHFVSDVVISSDGQFALSG
SWDGTLRLWDLTTGTTTRRFVGHTKDVLSVAFSSDNRQIVSGSRDKTIKLWNTLGVCKYTVQDESHSEWVSCVRFSPNSS
NPIIVSCGWDKLVKVWNLANCKLKTNHIGHTGYLNTVTVSPDGSLCASGGKDGQAMLWDLNEGKHLYTLDGGDIINALCF
SPNRYWLCAATGPSIKIWDLEGKIIVDELKQEVISTSSKAEPPQCTSLAWSADGQTLFAGYTDNLVRVWQVTI
;
ARAC
51 'polypeptide(L)'
;SGALDVLQMKEEDVLKFLAAGTHLGGTNLDFQMEQYIYKRKSDGIYIINLKRTWEKLLLAARAIVAIENPADVSVISSRN
TGQRAVLKFAAATGATPIAGRFTPGTFTNQIQTAFREPRLLVVTDPRADHQPLTEASYVNLPTIALCNTDSPLRYVDIAI
PCNNKGAHSVGLMWWMLAREVLRMRGTISREHPWEVMPDLYFYRDPEEIEKEEQAAA
;
AS00
52 'polypeptide(L)'
;VVDPFSKKDWYDVKAPAMFNIRNIGKTLVTRTQGTKIASDGLKGRVFEVSLADLQNDEVAFRKFKLITEDVQGKNCLTNF
HGMDLTRDKMCSMVKKWQTMIEAHVDVKTTDGYLLRLFCVGFTKKRNNQIRKTSYAQHQQVRQIRKKMMEIMTREVQTND
LKEVVNKLIPDSIGKDIEKACQSIYPLHDVFVRKVKMLKKPKFELGKLMELHG
;
AS01
53 'polypeptide(L)'
;KEWLPVTKLGRLVKDMKIKSLEEIYLFSLPIKESEIIDFFLGASLKDEVLKIMPVQKQTRAGQRTRFKAFVAIGDYNGHV
GLGVKCSKEVATAIRGAIILAKLSIVPVRRGYWGNKIGKPHTVPCKVTGRCGSVLVRLIPAPRGTGIVSAPVPKKLLMMA
GIDDCYTSARGCTATLGNFAKATFDAISKTYSYLTPDLWKETVFTKSPYQEFTDHLVKTHT
;
AS02
54 'polypeptide(L)'
;MAVQISKKRKFVADGIFKAELNEFLTRELAEDGYSGVEVRVTPTRTEIIILATRTQNVLGEKGRRIRELTAVVQKRFGFP
EGSVELYAEKVATRGLCAIAQAESLRYKLLGGLAVRRACYGVLRFIMESGAKGCEVVVSGKLRGQRAKSMKFVDGLMIHS
GDPVNYYVDTAVRHVLLRQGVLGIKVKIMLPWDPSGKIGPKKPLPDHVSIVEPKDEILPTTPISEQKG
;
AS03
55 'polypeptide(L)'
;ARGPKKHLKRVAAPKHWMLDKLTGVFAPRPSTGPHKLRECLPLIIFLRNRLKYALTGDEVKKICMQRFIKIDGKVRTDIT
YPAGFMDVISIDKTGENFRLIYDTKGRFAVHRITPEEAKYKLCKVRKIFVGTKGIPHLVTHDARTIRYPDPLIKVNDTIQ
IDLETGKITDFIKFDTGNLCMVTGGANLGRIGVITNRERHPGSFDVVHVKDANGNSFATRLSNIFVIGKGNKPWISLPRG
KGIRLTIAEERDKRLAAKQSSG
;
AS04
56 'polypeptide(L)'
;TPDIKLFGKWSTDDVQINDISLQDYIAVKEKYAKYLPHSAGRYAAKRFRKAQCPIVERLTNSMMMHGRNNGKKLMTVRIV
KHAFEIIHLLTGENPLQVLVNAIINSGPREDSTRIGRAGTVRRQAVDVSPLRRVNQAIWLLCTGAREAAFRNIKTIAECL
ADELINAAKGSSNSYAIKKKDELERVAKSNR
;
AS05
57 'polypeptide(L)'
;MKLNISFPATGCQKLIEVDDERKLRTFYEKRMATEVAADALGEEWKGYVVRISGGNDKQGFPMKQGVLTHGRVRLLLSKG
HSCYRPRRTGERKRKSVRGCIVDANLSVLNLVIVKKGEKDIPGLTDTTVPRRLGPKRASRIRKLFNLSKEDDVRQYVVRK
PLNKEGKKPRTKAPKIQRLVTPRVLQHKRRRIALKKQRTKKNKEEAAEYAKLLAKRMKEAKEKRQEQIAKRRRLSSL
;
AS06
58 'polypeptide(L)'
;AKIVKPNGEKPDEFESGISQALLELEMNSDLKAQLRELNITAAKEIEVGGGRKAIIIFVPVPQLKSFQKIQVRLVRELEK
KFSGKHVVFIAQRRILPKPTRKSRTKNKQKRPRSRTLTAVHDAILEDLVFPSEIVGKRIRVKLDGSRLIKVHLDKAQQNN
VEHKVETFSGVYKKLTGKDVNFEFPEFQL
;
AS07
59 'polypeptide(L)'
;GISRDNWHKRRKTGGKRKPYHKKRKYELGRPAANTKIGPRRIHTVRVRGGNKKYRALRLDVGNFSWGSECCTRKTRIIDV
VYNASNNELVRTKTLVKNCIVLIDSTPYRQWYESHYALPLGRKKGAKLTPEEEEILNKKRSKKIQKKYDERKKNAKISSL
LEEQFQQGKLLACIASRPGQCGRADGYVLEGKELEFYLRKIKARKG
;
AS08
60 'polypeptide(L)'
;PVARSWVCRKTYVTPRRPFEKSRLDQELKLIGEYGLRNKREVWRVKFTLAKIRKAARELLTLDEKDPRRLFEGNALLRRL
VRIGVLDEGKMKLDYILGLKIEDFLERRLQTQVFKLGLAKSIHHARVLIRQRHIRVRKQVVNIPSFIVRLDSQKHIDFSL
RSPYGGGRPGRVKRKNAKKGQGGAG
;
AS09
61 'polypeptide(L)'
;MLMPKKNRIAIYELLFKEGVMVAKKDVHMPKHPELADKNVPNLHVMKAMQSLKSRGYVKEQFAWRHFYWYLTNEGIQYLR
DYLHLPPEIVPATLRR
;
AS10
62 'polypeptide(L)'
;DIQTERAYQKQPTIFQNKKRVLLGETGKEKLPRYYKNIGLGFKTPKEAIEGTYIDKKCPFTGNVSIRGRILSGVVTKMKM
QRTIVIRRDYLHYIRKYNRFEKRHKNMSVHLSPCFRDVQIGDIVTVGECRPLSKTVRFNVLKVTKAAGTKK
;
AS11
63 'polypeptide(L)'
;VNTALQEVLKTALIHDGLARGIREAAKALDKRQAHLCVLASNCDEPMYVKLVEALCAEHQINLIKVDDNKKLGEWVGLCK
IDREGKPRKVVGCSCVVVKDYGKESQAKDVIEEYFKC
;
AS12
64 'polypeptide(L)'
;GRMHAPGKGLSQSALPYRRSVPTWLKLTSDDVKEQIYKLAKKGLTPSQIGVILRDSHGVAQVRFVTGNKILRILKSKGLA
PDLPEDLYHLIKKAVAVRKHLERNRKDKDAKFRLILIESRIHRLARYYKTKRVLPPNWKYESSTASALV
;
AS13
65 'polypeptide(L)'
;SLGPQVAEGENVFGVCHIFASFNDTFVHVTDLSGKETICRVTGGMKVKADRDESSPYAAMLAAQDVAQRCKELGITALHI
KLRATGGNRTKTPGPGAQSALRALARSGMKIGRIEDVTPIPSDSTRRKGGRRGRR
;
AS14
66 'polypeptide(L)'
;FRKFTYRGVDLDQLLDMSYEQLMQLYSARQRRRLSRGLRRKQHSLLKRLRKAKKEAPPMEKPEVVKTHLRDMIILPEMVG
SMVGVYNGKTFNQVEIKPEMIGHYLGEFSITYKPVKHGRP
;
AS15
67 'polypeptide(L)'
;GPLQSVQVFGRKKTATAVAHCKRGNGLIKVNGRPLEMIEPRTLQYKLLEPVLLLGKERFAGVDIRVRVKGGGHVAQIYAI
RQSISKALVAYYQKYVDEASKKEIKDILIQYDRTLLVADPRRCESKKFGGPGARARYQKSYR
;
AS16
68 'polypeptide(L)'
;GRVRTKTVKKAARVIIEKYYTRLGNDFHTNKRVCEEIAIIPSKKLRNKIAGYVTHLMKRIQRGPVRGISIKLQEEERERR
DNYVPEVSALDQEIIEVDPDTKEMLKLLDFGSLSNLQVTQPTVGMNFKTPRG
;
AS17
69 'polypeptide(L)'
;SLVIPEKFQHILRVLNTNIDGRRKIAFAITAIKGVGRRYAHVVLRKADIDLTKRAGELTEDEVERVITIMQNPRQYKIPD
WFLNRQKDVKDGKYSQVLANGLDNKLREDLERLKKIRAHRGLRHFWGLRVRGQHTKTTGRRGRT
;
AS18
70 'polypeptide(L)'
;GVTVKDVNQQEFVRALAAFLKKSGKLKVPEWVDTVKLAKHKELAPYDENWFYTRAASTARHLYLRGGAGVGSMTKIYGGR
QRNGVMPSHFSRGSKSVARRVLQALEGLKMVEKDQDGGRKLTPQGQRDLDRIAGQVAAAKK
;
AS19
71 'polypeptide(L)'
;HRIRITLTSRNVKSLEKVCADLIRGAKEKNLKVKGPVRMPTKTLRITTRKTPCGEGSKTWDRFQMRIHKRLIDLHSPSEI
VKQITSISIEPGVEVEVTIA
;
AS20
72 'polypeptide(L)'
;MQNDAGEFVDLYVPRKCSASNRIIGAKDHASIQMNVAEVDKVTGRFNGQFKTYAICGAIRRMGESDDSILRLAKADGIVS
KNF
;
AS21
73 'polypeptide(L)'
;VRMNVLADALKSINNAEKRGKRQVLIRPCSKVIVRFLTVMMKHGYIGEFEIIDDHRAGKIVVNLTGRLNKCGVISPRFDV
QLKDLEKWQNNLLPSRQFGFIVLTTSAGIMDHEEARRKHTGGKILGFFF
;
AS22
74 'polypeptide(L)'
;GKCRGLRTARKLRSHRRDQKWHDKQYKKAHLGTALKANPFGGASHAKGIVLEKVGVEAKQPNSAIRKCVRVQLIKNGKKI
TAFVPNDGCLNFIEENDEVLVAGFGRKGHAVGDIPGVRFKVVKVANVSLLALYKGKKERPR
;
AS23
75 'polypeptide(L)'
;TVTIRTRKFMTNRLLQRKQMVIDVLHPGKATVPKTEIREKLAKMYKTTPDVIFVFGFRTHFGGGKTTGFGMIYDSLDYAK
KNEPKHRLARHGLYEKKKTSRKQRKERKNRMKKVRGTAKANVGA
;
AS24
76 'polypeptide(L)'
;VVDPFSKKDWYDVKAPAMFNIRNIGKTLVTRTQRDKLNNLVLFDKATYDKLCKEVPNYKLITPAVVSERLKIRGSLARAA
LQELLSKGLIKLVSKHRAQVIYTRNTKGTEDVQGKNCLTNFHGMDLTRDKMCSMVKKWQTMIEAHVDVKTTDGYLLRLFC
VGFTKKRNNQIRKTSYAQHQQVRQIRKKMMEIMTREVQTNDLKEVVNKLIPDSIGKDIEKACQSIYPLHDVFVRKVKMLK
KPKFELGKLMELHG
;
AS25
77 'polypeptide(L)'
;TKKRRNNGRAKKGRGHVQPIRCTNCARCVPKDKAIKKFVIRNIVEAAAVRDISEASVFDAYVLPKLYVKLHYCVSCAIHS
KVVRNRSREARKDRTPPPRFR
;
AS26
78 'polypeptide(L)'
;PLAKDLLHPSPEEEKRKHKKKRLVQSPNSYFMDVKCPGCYKITTVFSHAQTVVLCVGCSTVLCQPTGGKARLTEGCSFRR
KQH
;
AS27
79 'polypeptide(L)' QPIKLARVTKVLGRTGSQGQCTQVRVEFMDDTSRSIIRNVKGPVREGDVLTLLESEREARRL AS28
80 'polypeptide(L)' GHQQLYWSHPRKFGQGSRSCRVCSNRHGLIRKYGLNMCRQCFRQYAKDIGFIKLD AS29
81 'polypeptide(L)' SLARVGKVRGQTLKVAKQEKKKKRTGRAKRRMQYNRRFVNVVPTFGKKKGPNANS AS30
82 'polypeptide(L)'
;MGKEKSHINVVVIGHVDSGKSTTTGHLIYKCGGIDKRTIEKFEKEAAELGKGSFKYAWVLDKLKAERERGITIDIALWKF
ETPKYQVTVIDAPGHRDFIKNMITGTSQADCAILIIAGGVGEFEAGISKDGQTREHALLAFTLGVRQLIVAVNKMDSVKW
DESRFQEIVKETSNFIKKVGYNPKTVPFVPISGWNGDNMIEATTNAPWYKGWEKETKAGVVKGKTLLEAIDAIEQPSRPT
DKPLRLPLQDVYKIGGIGTVPVGRVETGVIKPGMVVTFAPAGVTTEVKSVEMHHEQLEQGVPGDNVGFNVKNVSVKEIRR
GNVCGDAKNDPPKGCASFNATVIVLNHPGQISAGYSPVLDCHTAHIACRFDELLEKNDRRSGKKLEDHPKFLKSGDAALV
KFVPSKPMCVEAFSEYPPLGRFAVRDMRQTVAVGVIKSVDKTEKAAKVTKAAQKAAKK
;
EF1A
83 'polyribonucleotide' CGCGGGGUGGAGCAGCCUGGUAGCUCGUCGGGCUCAUAACCCGAAGGUCGUCGGUUCAAAUCCGGCCCCCGCAACCA ETRN,PTRN
84 'polyribonucleotide' CCACAUGUUCCCCCCCCCCCCCCCCCCC MRNA
85 'polyribonucleotide' GGGCGUGUGGCGUAGUCGGUAGCGCGCUCCCUUAGCAUGGGAGAGGUCUCCGGUUCGAUUCCGGACUCGUCCACCA TIRN
#
# COMPACT_ATOMS: atom_id res chain seq x y z
N GLY E 1 16.66 22.99 -28.74
CA GLY E 1 17.90 23.50 -29.31
C GLY E 1 18.43 22.65 -30.44
N ARG E 2 18.36 21.34 -30.27
CA ARG E 2 18.83 20.43 -31.30
C ARG E 2 17.73 20.22 -32.34
N VAL E 3 18.16 19.83 -33.53
CA VAL E 3 17.24 19.51 -34.62
C VAL E 3 16.71 18.11 -34.41
N ILE E 4 15.38 17.96 -34.48
CA ILE E 4 14.78 16.65 -34.23
C ILE E 4 15.00 15.74 -35.43
N ARG E 5 14.88 14.43 -35.19
CA ARG E 5 15.08 13.43 -36.23
C ARG E 5 14.11 13.63 -37.39
N GLY E 6 12.85 13.93 -37.09
CA GLY E 6 11.88 14.14 -38.14
C GLY E 6 12.18 15.36 -39.01
N GLN E 7 12.88 16.34 -38.45
CA GLN E 7 13.30 17.49 -39.22
C GLN E 7 14.49 17.21 -40.12
N ARG E 8 15.36 16.29 -39.74
CA ARG E 8 16.54 16.02 -40.54
C ARG E 8 16.23 15.28 -41.82
N LYS E 9 15.12 14.54 -41.86
CA LYS E 9 14.80 13.72 -43.00
C LYS E 9 14.50 14.52 -44.26
N GLY E 10 14.04 15.76 -44.12
CA GLY E 10 13.79 16.58 -45.28
C GLY E 10 15.05 17.08 -45.93
N ALA E 11 16.16 17.08 -45.20
CA ALA E 11 17.43 17.46 -45.78
C ALA E 11 17.99 16.36 -46.67
N GLY E 12 17.82 15.11 -46.24
CA GLY E 12 18.31 13.98 -47.00
C GLY E 12 19.74 13.62 -46.61
N SER E 13 20.50 13.11 -47.58
CA SER E 13 21.94 12.84 -47.53
C SER E 13 22.32 11.71 -46.59
N VAL E 14 21.37 11.21 -45.80
CA VAL E 14 21.46 9.90 -45.17
C VAL E 14 20.17 9.18 -45.48
N PHE E 15 19.06 9.83 -45.19
CA PHE E 15 17.73 9.27 -45.33
C PHE E 15 17.26 9.23 -46.79
N ARG E 16 18.12 9.58 -47.73
CA ARG E 16 17.78 9.47 -49.14
C ARG E 16 17.69 8.00 -49.54
N ALA E 17 16.97 7.74 -50.62
CA ALA E 17 16.59 6.39 -50.97
C ALA E 17 17.78 5.58 -51.47
N HIS E 18 17.79 4.29 -51.16
CA HIS E 18 18.86 3.39 -51.59
C HIS E 18 18.49 2.87 -52.98
N VAL E 19 18.95 3.58 -54.00
CA VAL E 19 18.46 3.39 -55.35
C VAL E 19 19.50 2.69 -56.22
N LYS E 20 20.34 1.86 -55.60
CA LYS E 20 21.39 1.20 -56.38
C LYS E 20 20.82 0.06 -57.22
N HIS E 21 20.23 -0.95 -56.58
CA HIS E 21 19.79 -2.13 -57.29
C HIS E 21 18.40 -2.01 -57.87
N ARG E 22 17.74 -0.87 -57.71
CA ARG E 22 16.42 -0.68 -58.27
C ARG E 22 16.46 -0.68 -59.80
N LYS E 23 15.44 -1.26 -60.42
CA LYS E 23 15.43 -1.41 -61.86
C LYS E 23 15.23 -0.09 -62.57
N GLY E 24 14.12 0.58 -62.29
CA GLY E 24 13.85 1.84 -62.95
C GLY E 24 12.48 2.36 -62.58
N ALA E 25 12.07 3.40 -63.30
CA ALA E 25 10.80 4.06 -63.05
C ALA E 25 9.66 3.16 -63.54
N ALA E 26 8.90 2.60 -62.61
CA ALA E 26 7.78 1.73 -62.95
C ALA E 26 6.61 2.54 -63.47
N ARG E 27 6.58 2.77 -64.78
CA ARG E 27 5.60 3.66 -65.39
C ARG E 27 4.72 2.91 -66.38
N LEU E 28 3.67 3.57 -66.81
CA LEU E 28 2.92 3.11 -67.98
C LEU E 28 3.65 3.55 -69.24
N ARG E 29 3.23 2.98 -70.36
CA ARG E 29 3.66 3.51 -71.64
C ARG E 29 3.04 4.90 -71.83
N ALA E 30 3.81 5.81 -72.40
CA ALA E 30 3.31 7.16 -72.63
C ALA E 30 2.22 7.14 -73.70
N VAL E 31 1.39 8.18 -73.67
CA VAL E 31 0.34 8.30 -74.68
C VAL E 31 0.96 8.61 -76.04
N ASP E 32 0.28 8.19 -77.09
CA ASP E 32 0.71 8.44 -78.46
C ASP E 32 -0.48 8.28 -79.41
N PHE E 33 -0.22 8.31 -80.71
CA PHE E 33 -1.29 8.24 -81.70
C PHE E 33 -2.02 6.90 -81.64
N ALA E 34 -1.25 5.81 -81.62
CA ALA E 34 -1.85 4.48 -81.67
C ALA E 34 -2.66 4.19 -80.42
N GLU E 35 -2.16 4.61 -79.27
CA GLU E 35 -2.89 4.38 -78.02
C GLU E 35 -4.09 5.31 -77.90
N ARG E 36 -4.08 6.44 -78.62
CA ARG E 36 -5.20 7.36 -78.52
C ARG E 36 -6.40 6.89 -79.34
N HIS E 37 -6.19 6.43 -80.57
CA HIS E 37 -7.29 6.09 -81.46
C HIS E 37 -7.56 4.58 -81.46
N GLY E 38 -6.54 3.78 -81.71
CA GLY E 38 -6.76 2.34 -81.73
C GLY E 38 -6.15 1.63 -80.56
N TYR E 39 -5.53 0.47 -80.82
CA TYR E 39 -4.77 -0.23 -79.80
C TYR E 39 -3.44 -0.63 -80.39
N ILE E 40 -2.51 -1.01 -79.51
CA ILE E 40 -1.22 -1.52 -79.93
C ILE E 40 -0.94 -2.80 -79.15
N LYS E 41 -0.18 -3.70 -79.76
CA LYS E 41 0.08 -5.01 -79.19
C LYS E 41 1.45 -5.01 -78.54
N GLY E 42 1.58 -5.77 -77.45
CA GLY E 42 2.82 -5.84 -76.72
C GLY E 42 3.16 -7.27 -76.36
N ILE E 43 4.38 -7.45 -75.87
CA ILE E 43 4.91 -8.75 -75.47
C ILE E 43 5.53 -8.58 -74.09
N VAL E 44 5.16 -9.43 -73.15
CA VAL E 44 5.79 -9.44 -71.84
C VAL E 44 7.01 -10.37 -71.90
N LYS E 45 8.19 -9.78 -71.78
CA LYS E 45 9.41 -10.57 -71.88
C LYS E 45 9.68 -11.35 -70.60
N ASP E 46 9.70 -10.66 -69.46
CA ASP E 46 10.05 -11.32 -68.21
C ASP E 46 9.49 -10.51 -67.05
N ILE E 47 9.50 -11.13 -65.88
CA ILE E 47 9.04 -10.51 -64.64
C ILE E 47 10.26 -10.44 -63.73
N ILE E 48 10.72 -9.22 -63.46
CA ILE E 48 11.88 -9.00 -62.61
C ILE E 48 11.39 -8.59 -61.24
N HIS E 49 12.30 -8.60 -60.27
CA HIS E 49 11.99 -8.16 -58.92
C HIS E 49 12.71 -6.86 -58.62
N ASP E 50 11.93 -5.82 -58.31
CA ASP E 50 12.50 -4.54 -57.92
C ASP E 50 12.75 -4.59 -56.42
N PRO E 51 13.97 -4.31 -55.95
CA PRO E 51 14.18 -4.19 -54.50
C PRO E 51 13.49 -2.96 -53.94
N GLY E 52 12.93 -3.10 -52.76
CA GLY E 52 12.23 -2.01 -52.12
C GLY E 52 10.78 -1.87 -52.50
N ARG E 53 10.25 -2.75 -53.33
CA ARG E 53 8.85 -2.75 -53.72
C ARG E 53 8.30 -4.16 -53.55
N GLY E 54 7.35 -4.33 -52.64
CA GLY E 54 6.80 -5.64 -52.35
C GLY E 54 5.93 -6.20 -53.45
N ALA E 55 5.67 -5.42 -54.49
CA ALA E 55 5.00 -5.68 -55.76
C ALA E 55 6.04 -5.93 -56.84
N PRO E 56 5.79 -6.87 -57.76
CA PRO E 56 6.80 -7.18 -58.77
C PRO E 56 6.71 -6.25 -59.96
N LEU E 57 7.67 -6.39 -60.86
CA LEU E 57 7.71 -5.62 -62.10
C LEU E 57 7.85 -6.55 -63.28
N ALA E 58 7.35 -6.10 -64.43
CA ALA E 58 7.35 -6.89 -65.66
C ALA E 58 8.01 -6.09 -66.77
N LYS E 59 8.78 -6.77 -67.61
CA LYS E 59 9.43 -6.13 -68.75
C LYS E 59 8.58 -6.38 -69.98
N VAL E 60 7.71 -5.45 -70.29
CA VAL E 60 6.92 -5.52 -71.51
C VAL E 60 7.73 -4.87 -72.62
N VAL E 61 7.63 -5.42 -73.83
CA VAL E 61 8.45 -4.96 -74.94
C VAL E 61 7.53 -4.65 -76.12
N PHE E 62 7.73 -3.50 -76.74
CA PHE E 62 6.86 -2.99 -77.78
C PHE E 62 7.62 -2.85 -79.10
N ARG E 63 6.86 -2.57 -80.15
CA ARG E 63 7.39 -2.37 -81.49
C ARG E 63 6.88 -1.03 -81.99
N ASP E 64 7.76 -0.02 -82.00
CA ASP E 64 7.40 1.34 -82.33
C ASP E 64 6.95 1.44 -83.78
N PRO E 65 5.87 2.18 -84.08
CA PRO E 65 5.39 2.30 -85.46
C PRO E 65 5.96 3.48 -86.22
N TYR E 66 7.01 4.13 -85.73
CA TYR E 66 7.59 5.27 -86.42
C TYR E 66 9.00 5.00 -86.90
N ARG E 67 9.84 4.41 -86.04
CA ARG E 67 11.19 4.04 -86.39
C ARG E 67 11.38 2.57 -86.10
N PHE E 68 12.15 1.90 -86.95
CA PHE E 68 12.38 0.46 -86.78
C PHE E 68 13.28 0.30 -85.58
N LYS E 69 12.67 0.10 -84.42
CA LYS E 69 13.39 -0.05 -83.17
C LYS E 69 12.46 -0.73 -82.19
N LYS E 70 13.01 -1.43 -81.22
CA LYS E 70 12.19 -2.20 -80.30
C LYS E 70 12.16 -1.49 -78.96
N ARG E 71 10.95 -1.16 -78.50
CA ARG E 71 10.75 -0.38 -77.28
C ARG E 71 10.46 -1.30 -76.12
N THR E 72 11.00 -0.97 -74.96
CA THR E 72 10.78 -1.74 -73.74
C THR E 72 10.30 -0.82 -72.62
N GLU E 73 9.28 -1.25 -71.89
CA GLU E 73 8.75 -0.50 -70.76
C GLU E 73 8.82 -1.35 -69.51
N LEU E 74 8.44 -0.75 -68.38
CA LEU E 74 8.42 -1.43 -67.09
C LEU E 74 7.03 -1.26 -66.50
N PHE E 75 6.15 -2.19 -66.82
CA PHE E 75 4.80 -2.18 -66.32
C PHE E 75 4.73 -2.87 -64.96
N ILE E 76 3.81 -2.40 -64.13
CA ILE E 76 3.55 -3.04 -62.84
C ILE E 76 2.61 -4.20 -63.12
N ALA E 77 3.07 -5.41 -62.77
CA ALA E 77 2.41 -6.64 -63.20
C ALA E 77 1.06 -6.82 -62.54
N ALA E 78 0.14 -7.41 -63.29
CA ALA E 78 -1.18 -7.81 -62.80
C ALA E 78 -1.16 -9.31 -62.56
N GLU E 79 -1.72 -9.74 -61.43
CA GLU E 79 -1.62 -11.14 -61.04
C GLU E 79 -2.34 -12.05 -62.02
N GLY E 80 -1.58 -12.89 -62.71
CA GLY E 80 -2.12 -13.79 -63.71
C GLY E 80 -1.37 -13.72 -65.02
N ILE E 81 -0.54 -12.70 -65.17
CA ILE E 81 0.23 -12.50 -66.40
C ILE E 81 1.39 -13.48 -66.43
N HIS E 82 1.61 -14.09 -67.60
CA HIS E 82 2.71 -15.03 -67.80
C HIS E 82 3.55 -14.56 -68.96
N THR E 83 4.80 -15.02 -69.01
CA THR E 83 5.70 -14.61 -70.08
C THR E 83 5.21 -15.15 -71.42
N GLY E 84 5.31 -14.31 -72.45
CA GLY E 84 4.80 -14.68 -73.75
C GLY E 84 3.34 -14.41 -73.94
N GLN E 85 2.76 -13.49 -73.19
CA GLN E 85 1.34 -13.18 -73.25
C GLN E 85 1.14 -11.84 -73.92
N PHE E 86 0.44 -11.86 -75.05
CA PHE E 86 0.21 -10.66 -75.84
C PHE E 86 -0.68 -9.72 -75.06
N VAL E 87 -0.09 -8.72 -74.41
CA VAL E 87 -0.81 -7.71 -73.69
C VAL E 87 -1.10 -6.57 -74.66
N TYR E 88 -2.33 -6.11 -74.68
CA TYR E 88 -2.76 -5.10 -75.62
C TYR E 88 -2.84 -3.75 -74.93
N CYS E 89 -2.69 -2.69 -75.71
CA CYS E 89 -2.57 -1.36 -75.15
C CYS E 89 -3.24 -0.36 -76.08
N GLY E 90 -4.27 0.30 -75.60
CA GLY E 90 -5.00 1.26 -76.39
C GLY E 90 -6.42 1.36 -75.89
N LYS E 91 -7.22 2.15 -76.62
CA LYS E 91 -8.62 2.28 -76.26
C LYS E 91 -9.49 1.23 -76.93
N LYS E 92 -9.06 0.71 -78.08
CA LYS E 92 -9.82 -0.29 -78.83
C LYS E 92 -9.54 -1.70 -78.33
N ALA E 93 -8.74 -1.84 -77.29
CA ALA E 93 -8.43 -3.15 -76.75
C ALA E 93 -9.61 -3.69 -75.96
N GLN E 94 -9.57 -4.98 -75.68
CA GLN E 94 -10.67 -5.66 -75.01
C GLN E 94 -10.43 -5.63 -73.49
N LEU E 95 -11.22 -6.40 -72.76
CA LEU E 95 -11.25 -6.37 -71.30
C LEU E 95 -10.83 -7.71 -70.74
N ASN E 96 -9.55 -7.84 -70.40
CA ASN E 96 -9.06 -8.97 -69.64
C ASN E 96 -7.82 -8.51 -68.87
N ILE E 97 -7.26 -9.43 -68.09
CA ILE E 97 -6.24 -9.07 -67.11
C ILE E 97 -4.96 -8.68 -67.83
N GLY E 98 -4.39 -7.54 -67.47
CA GLY E 98 -3.16 -7.08 -68.06
C GLY E 98 -3.40 -6.40 -69.40
N ASN E 99 -4.35 -5.47 -69.43
CA ASN E 99 -4.79 -4.89 -70.69
C ASN E 99 -5.27 -3.48 -70.37
N VAL E 100 -4.43 -2.49 -70.65
CA VAL E 100 -4.69 -1.12 -70.22
C VAL E 100 -5.52 -0.41 -71.28
N LEU E 101 -6.46 0.41 -70.82
CA LEU E 101 -7.41 1.11 -71.66
C LEU E 101 -8.03 2.24 -70.86
N PRO E 102 -8.41 3.33 -71.51
CA PRO E 102 -9.03 4.45 -70.79
C PRO E 102 -10.36 4.05 -70.20
N VAL E 103 -10.67 4.65 -69.03
CA VAL E 103 -11.77 4.17 -68.19
C VAL E 103 -13.11 4.33 -68.90
N GLY E 104 -13.33 5.43 -69.59
CA GLY E 104 -14.61 5.74 -70.22
C GLY E 104 -15.09 4.71 -71.23
N THR E 105 -14.19 3.90 -71.77
CA THR E 105 -14.59 2.81 -72.65
C THR E 105 -14.91 1.53 -71.89
N MET E 106 -14.73 1.51 -70.57
CA MET E 106 -15.01 0.32 -69.79
C MET E 106 -16.41 0.38 -69.16
N PRO E 107 -17.01 -0.78 -68.89
CA PRO E 107 -18.28 -0.78 -68.14
C PRO E 107 -18.04 -0.57 -66.65
N GLU E 108 -19.13 -0.57 -65.88
CA GLU E 108 -19.07 -0.17 -64.48
C GLU E 108 -18.47 -1.27 -63.62
N GLY E 109 -18.08 -0.90 -62.40
CA GLY E 109 -17.67 -1.85 -61.38
C GLY E 109 -16.42 -2.64 -61.66
N THR E 110 -15.63 -2.23 -62.64
CA THR E 110 -14.49 -3.02 -63.08
C THR E 110 -13.31 -2.81 -62.15
N ILE E 111 -12.68 -3.91 -61.74
CA ILE E 111 -11.51 -3.86 -60.86
C ILE E 111 -10.28 -3.63 -61.71
N VAL E 112 -9.58 -2.52 -61.47
CA VAL E 112 -8.36 -2.17 -62.17
C VAL E 112 -7.33 -1.69 -61.16
N CYS E 113 -6.11 -1.46 -61.63
CA CYS E 113 -5.02 -0.99 -60.79
C CYS E 113 -4.02 -0.25 -61.66
N CYS E 114 -2.98 0.27 -61.01
CA CYS E 114 -1.94 1.09 -61.65
C CYS E 114 -2.56 2.25 -62.41
N LEU E 115 -3.38 3.02 -61.72
CA LEU E 115 -4.21 4.03 -62.33
C LEU E 115 -3.50 5.39 -62.34
N GLU E 116 -3.82 6.20 -63.34
CA GLU E 116 -3.39 7.58 -63.41
C GLU E 116 -4.34 8.45 -62.60
N GLU E 117 -3.86 9.63 -62.22
CA GLU E 117 -4.74 10.66 -61.69
C GLU E 117 -4.77 11.89 -62.59
N LYS E 118 -4.18 11.81 -63.78
CA LYS E 118 -4.20 12.85 -64.78
C LYS E 118 -3.96 12.16 -66.11
N PRO E 119 -4.45 12.69 -67.21
CA PRO E 119 -4.28 11.99 -68.49
C PRO E 119 -2.87 12.04 -69.04
N GLY E 120 -2.16 10.93 -68.95
CA GLY E 120 -0.87 10.79 -69.58
C GLY E 120 0.34 10.86 -68.69
N ASP E 121 0.17 10.76 -67.37
CA ASP E 121 1.30 10.87 -66.44
C ASP E 121 1.87 9.50 -66.07
N ARG E 122 1.53 8.45 -66.83
CA ARG E 122 2.09 7.11 -66.68
C ARG E 122 1.81 6.52 -65.30
N GLY E 123 0.60 6.76 -64.79
CA GLY E 123 0.08 6.07 -63.64
C GLY E 123 0.60 6.54 -62.30
N LYS E 124 -0.30 6.72 -61.33
CA LYS E 124 0.14 7.03 -59.98
C LYS E 124 -0.57 6.18 -58.94
N LEU E 125 -1.81 5.81 -59.22
CA LEU E 125 -2.70 5.35 -58.17
C LEU E 125 -2.78 3.84 -58.12
N ALA E 126 -2.96 3.31 -56.90
CA ALA E 126 -3.19 1.90 -56.62
C ALA E 126 -2.14 1.00 -57.24
N ARG E 127 -0.89 1.16 -56.83
CA ARG E 127 0.17 0.38 -57.44
C ARG E 127 1.12 -0.17 -56.39
N ALA E 128 0.63 -0.37 -55.16
CA ALA E 128 1.36 -1.12 -54.17
C ALA E 128 1.08 -2.60 -54.37
N SER E 129 1.62 -3.41 -53.48
CA SER E 129 1.37 -4.85 -53.56
C SER E 129 -0.09 -5.16 -53.28
N GLY E 130 -0.79 -5.63 -54.31
CA GLY E 130 -2.11 -6.22 -54.13
C GLY E 130 -3.25 -5.26 -53.90
N ASN E 131 -3.17 -4.04 -54.40
CA ASN E 131 -4.30 -3.13 -54.32
C ASN E 131 -4.93 -2.94 -55.68
N TYR E 132 -6.02 -2.19 -55.71
CA TYR E 132 -6.82 -2.05 -56.92
C TYR E 132 -7.69 -0.81 -56.81
N ALA E 133 -8.37 -0.50 -57.90
CA ALA E 133 -9.33 0.59 -57.97
C ALA E 133 -10.55 0.11 -58.74
N THR E 134 -11.71 0.66 -58.40
CA THR E 134 -12.96 0.20 -58.97
C THR E 134 -13.70 1.39 -59.59
N VAL E 135 -14.15 1.22 -60.83
CA VAL E 135 -14.85 2.29 -61.53
C VAL E 135 -16.29 2.35 -61.05
N ILE E 136 -16.63 3.42 -60.33
CA ILE E 136 -17.95 3.50 -59.71
C ILE E 136 -18.99 3.96 -60.71
N SER E 137 -18.78 5.12 -61.34
CA SER E 137 -19.80 5.66 -62.21
C SER E 137 -19.18 6.56 -63.25
N HIS E 138 -19.64 6.41 -64.48
CA HIS E 138 -19.22 7.31 -65.55
C HIS E 138 -20.14 8.52 -65.62
N ASN E 139 -19.86 9.39 -66.57
CA ASN E 139 -20.68 10.56 -66.86
C ASN E 139 -20.39 10.99 -68.28
N PRO E 140 -21.20 10.56 -69.26
CA PRO E 140 -20.93 10.87 -70.67
C PRO E 140 -20.91 12.35 -70.97
N GLU E 141 -21.61 13.14 -70.17
CA GLU E 141 -21.46 14.58 -70.24
C GLU E 141 -20.17 15.00 -69.53
N THR E 142 -19.38 15.82 -70.22
CA THR E 142 -18.10 16.38 -69.76
C THR E 142 -17.04 15.34 -69.39
N LYS E 143 -17.31 14.06 -69.67
CA LYS E 143 -16.33 12.96 -69.62
C LYS E 143 -15.66 12.84 -68.25
N LYS E 144 -16.48 12.54 -67.24
CA LYS E 144 -15.95 12.39 -65.90
C LYS E 144 -16.33 11.01 -65.36
N THR E 145 -15.57 10.56 -64.37
CA THR E 145 -15.72 9.20 -63.83
C THR E 145 -15.49 9.25 -62.34
N ARG E 146 -16.42 8.70 -61.57
CA ARG E 146 -16.17 8.47 -60.15
C ARG E 146 -15.49 7.13 -59.97
N VAL E 147 -14.39 7.10 -59.22
CA VAL E 147 -13.58 5.90 -59.03
C VAL E 147 -13.29 5.76 -57.54
N LYS E 148 -13.36 4.54 -57.03
CA LYS E 148 -12.94 4.28 -55.67
C LYS E 148 -11.44 4.02 -55.63
N LEU E 149 -10.83 4.36 -54.50
CA LEU E 149 -9.41 4.19 -54.26
C LEU E 149 -9.22 3.21 -53.10
N PRO E 150 -8.04 2.58 -52.95
CA PRO E 150 -7.89 1.54 -51.92
C PRO E 150 -7.85 2.06 -50.49
N SER E 151 -8.04 3.36 -50.25
CA SER E 151 -8.15 3.87 -48.90
C SER E 151 -9.58 3.92 -48.39
N GLY E 152 -10.56 3.75 -49.28
CA GLY E 152 -11.94 4.01 -48.96
C GLY E 152 -12.42 5.36 -49.43
N SER E 153 -11.56 6.14 -50.08
CA SER E 153 -11.90 7.49 -50.51
C SER E 153 -12.32 7.45 -51.97
N LYS E 154 -13.57 7.84 -52.22
CA LYS E 154 -14.09 7.90 -53.58
C LYS E 154 -13.57 9.17 -54.26
N LYS E 155 -13.24 9.07 -55.54
CA LYS E 155 -12.56 10.13 -56.26
C LYS E 155 -13.22 10.40 -57.60
N VAL E 156 -13.39 11.68 -57.91
CA VAL E 156 -13.86 12.12 -59.22
C VAL E 156 -12.61 12.35 -60.07
N ILE E 157 -12.62 11.82 -61.29
CA ILE E 157 -11.48 11.95 -62.19
C ILE E 157 -11.98 11.83 -63.63
N SER E 158 -11.11 12.20 -64.57
CA SER E 158 -11.47 12.24 -65.98
C SER E 158 -11.64 10.83 -66.54
N SER E 159 -11.95 10.77 -67.83
CA SER E 159 -12.22 9.51 -68.51
C SER E 159 -11.07 9.07 -69.41
N ALA E 160 -10.06 9.91 -69.60
CA ALA E 160 -9.02 9.59 -70.55
C ALA E 160 -7.88 8.83 -69.88
N ASN E 161 -7.67 9.06 -68.59
CA ASN E 161 -6.65 8.34 -67.84
C ASN E 161 -7.02 6.86 -67.73
N ARG E 162 -5.99 6.03 -67.72
CA ARG E 162 -6.15 4.61 -67.99
C ARG E 162 -5.48 3.78 -66.91
N ALA E 163 -5.69 2.47 -66.97
CA ALA E 163 -5.24 1.55 -65.94
C ALA E 163 -5.26 0.14 -66.48
N VAL E 164 -4.30 -0.68 -66.03
CA VAL E 164 -4.32 -2.10 -66.36
C VAL E 164 -5.39 -2.79 -65.53
N VAL E 165 -5.85 -3.93 -66.03
CA VAL E 165 -6.94 -4.67 -65.38
C VAL E 165 -6.35 -5.73 -64.45
N GLY E 166 -6.99 -5.93 -63.32
CA GLY E 166 -6.57 -6.95 -62.37
C GLY E 166 -5.77 -6.38 -61.23
N VAL E 167 -5.64 -7.15 -60.18
CA VAL E 167 -4.93 -6.72 -58.98
C VAL E 167 -3.43 -6.80 -59.25
N VAL E 168 -2.67 -5.98 -58.53
CA VAL E 168 -1.21 -6.10 -58.55
C VAL E 168 -0.82 -7.41 -57.87
N ALA E 169 0.18 -8.09 -58.43
CA ALA E 169 0.62 -9.34 -57.85
C ALA E 169 1.23 -9.13 -56.48
N GLY E 170 1.39 -10.24 -55.74
CA GLY E 170 1.88 -10.16 -54.39
C GLY E 170 0.86 -9.70 -53.38
N GLY E 171 -0.42 -9.91 -53.65
CA GLY E 171 -1.45 -9.49 -52.72
C GLY E 171 -1.41 -10.28 -51.43
N GLY E 172 -1.74 -9.61 -50.33
CA GLY E 172 -1.69 -10.25 -49.04
C GLY E 172 -0.30 -10.45 -48.49
N ARG E 173 0.64 -9.58 -48.84
CA ARG E 173 2.00 -9.72 -48.35
C ARG E 173 2.06 -9.52 -46.84
N ILE E 174 1.32 -8.55 -46.32
CA ILE E 174 1.37 -8.22 -44.90
C ILE E 174 0.69 -9.29 -44.04
N ASP E 175 0.07 -10.29 -44.64
CA ASP E 175 -0.45 -11.41 -43.86
C ASP E 175 0.70 -12.23 -43.25
N LYS E 176 1.87 -12.20 -43.86
CA LYS E 176 2.99 -12.92 -43.26
C LYS E 176 3.59 -12.12 -42.12
N PRO E 177 3.62 -12.66 -40.91
CA PRO E 177 4.20 -11.93 -39.78
C PRO E 177 5.72 -12.00 -39.81
N ILE E 178 6.36 -10.85 -40.00
CA ILE E 178 7.79 -10.76 -39.78
C ILE E 178 8.06 -11.07 -38.32
N LEU E 179 8.94 -12.03 -38.08
CA LEU E 179 9.08 -12.55 -36.72
C LEU E 179 10.35 -12.05 -36.03
N LYS E 180 11.47 -12.00 -36.74
CA LYS E 180 12.71 -11.53 -36.16
C LYS E 180 13.07 -10.18 -36.77
N ALA E 181 13.75 -9.36 -35.97
CA ALA E 181 14.02 -7.97 -36.34
C ALA E 181 14.89 -7.84 -37.57
N GLY E 182 15.60 -8.88 -37.96
CA GLY E 182 16.45 -8.79 -39.13
C GLY E 182 15.67 -8.73 -40.43
N ARG E 183 14.55 -9.45 -40.50
CA ARG E 183 13.75 -9.44 -41.72
C ARG E 183 13.16 -8.06 -41.97
N ALA E 184 12.75 -7.37 -40.91
CA ALA E 184 12.39 -5.96 -41.04
C ALA E 184 13.62 -5.11 -41.35
N TYR E 185 14.75 -5.41 -40.71
CA TYR E 185 16.00 -4.73 -41.03
C TYR E 185 16.38 -4.93 -42.48
N HIS E 186 16.29 -6.18 -42.95
CA HIS E 186 16.61 -6.45 -44.34
C HIS E 186 15.54 -5.90 -45.28
N LYS E 187 14.32 -5.67 -44.77
CA LYS E 187 13.31 -5.01 -45.58
C LYS E 187 13.69 -3.56 -45.83
N TYR E 188 13.86 -2.79 -44.75
CA TYR E 188 14.09 -1.35 -44.89
C TYR E 188 15.50 -1.01 -45.34
N LYS E 189 16.43 -1.97 -45.35
CA LYS E 189 17.74 -1.68 -45.91
C LYS E 189 17.71 -1.57 -47.44
N ALA E 190 16.59 -1.91 -48.06
CA ALA E 190 16.43 -1.71 -49.49
C ALA E 190 15.68 -0.44 -49.84
N LYS E 191 15.19 0.31 -48.85
CA LYS E 191 14.43 1.52 -49.10
C LYS E 191 15.14 2.77 -48.60
N ARG E 192 15.40 2.88 -47.29
CA ARG E 192 16.05 4.05 -46.73
C ARG E 192 16.49 3.72 -45.31
N ASN E 193 17.36 4.56 -44.78
CA ASN E 193 17.79 4.44 -43.39
C ASN E 193 16.67 5.00 -42.52
N CYS E 194 15.72 4.16 -42.14
CA CYS E 194 14.65 4.61 -41.26
C CYS E 194 14.19 3.54 -40.28
N TRP E 195 14.84 2.38 -40.27
CA TRP E 195 14.23 1.25 -39.57
C TRP E 195 14.33 1.33 -38.05
N PRO E 196 15.53 1.46 -37.42
CA PRO E 196 15.51 1.46 -35.95
C PRO E 196 14.91 2.75 -35.44
N ARG E 197 13.68 2.66 -34.94
CA ARG E 197 12.91 3.83 -34.56
C ARG E 197 12.97 3.97 -33.04
N VAL E 198 13.38 5.15 -32.58
CA VAL E 198 13.60 5.39 -31.16
C VAL E 198 12.41 6.20 -30.67
N ARG E 199 11.70 5.69 -29.66
CA ARG E 199 10.55 6.39 -29.15
C ARG E 199 10.98 7.66 -28.43
N GLY E 200 10.22 8.73 -28.64
CA GLY E 200 10.65 10.06 -28.22
C GLY E 200 10.76 10.23 -26.72
N VAL E 201 9.97 9.46 -25.97
CA VAL E 201 9.97 9.55 -24.51
C VAL E 201 11.33 9.19 -23.95
N ALA E 202 12.01 8.21 -24.55
CA ALA E 202 13.29 7.78 -24.02
C ALA E 202 14.42 8.75 -24.35
N MET E 203 14.21 9.70 -25.25
CA MET E 203 15.25 10.66 -25.57
C MET E 203 15.37 11.71 -24.46
N ASN E 204 16.21 12.70 -24.70
CA ASN E 204 16.40 13.85 -23.84
C ASN E 204 15.59 15.02 -24.36
N PRO E 205 15.22 15.97 -23.49
CA PRO E 205 14.42 17.12 -23.95
C PRO E 205 15.16 18.06 -24.89
N VAL E 206 16.46 17.88 -25.08
CA VAL E 206 17.19 18.79 -25.96
C VAL E 206 16.89 18.50 -27.43
N GLU E 207 16.56 17.26 -27.79
CA GLU E 207 16.27 16.93 -29.17
C GLU E 207 14.90 16.30 -29.38
N HIS E 208 14.05 16.27 -28.36
CA HIS E 208 12.68 15.79 -28.52
C HIS E 208 11.77 16.36 -27.44
N PRO E 209 10.61 16.90 -27.81
CA PRO E 209 9.77 17.56 -26.81
C PRO E 209 9.02 16.62 -25.89
N PHE E 210 9.30 15.33 -25.91
CA PHE E 210 8.66 14.39 -25.00
C PHE E 210 9.63 13.82 -23.98
N GLY E 211 10.93 13.87 -24.24
CA GLY E 211 11.88 13.15 -23.43
C GLY E 211 12.20 13.86 -22.14
N GLY E 212 12.97 13.19 -21.31
CA GLY E 212 13.30 13.72 -20.00
C GLY E 212 12.20 13.43 -18.99
N GLY E 213 12.43 13.89 -17.77
CA GLY E 213 11.47 13.59 -16.72
C GLY E 213 11.86 12.28 -16.07
N ASN E 214 11.90 12.28 -14.74
CA ASN E 214 12.38 11.12 -14.00
C ASN E 214 11.41 9.94 -14.06
N HIS E 215 10.26 10.09 -14.69
CA HIS E 215 9.41 8.98 -15.07
C HIS E 215 9.11 9.10 -16.55
N GLN E 216 9.16 7.97 -17.24
CA GLN E 216 9.01 7.97 -18.69
C GLN E 216 7.56 8.27 -19.04
N HIS E 217 7.25 9.54 -19.25
CA HIS E 217 5.88 9.95 -19.50
C HIS E 217 5.88 11.18 -20.39
N ILE E 218 4.75 11.43 -21.01
CA ILE E 218 4.65 12.52 -21.98
C ILE E 218 4.53 13.87 -21.26
N GLY E 219 3.59 13.96 -20.34
CA GLY E 219 3.38 15.18 -19.57
C GLY E 219 2.68 16.30 -20.32
N LYS E 220 2.25 16.09 -21.55
CA LYS E 220 1.57 17.10 -22.33
C LYS E 220 0.63 16.40 -23.29
N PRO E 221 -0.40 17.09 -23.78
CA PRO E 221 -1.32 16.44 -24.73
C PRO E 221 -0.61 16.08 -26.02
N SER E 222 -0.75 14.81 -26.42
CA SER E 222 -0.05 14.34 -27.60
C SER E 222 -0.72 14.81 -28.89
N THR E 223 -2.03 14.97 -28.87
CA THR E 223 -2.72 15.48 -30.05
C THR E 223 -2.36 16.93 -30.25
N ILE E 224 -1.48 17.21 -31.21
CA ILE E 224 -1.03 18.57 -31.47
C ILE E 224 -1.51 18.96 -32.87
N ARG E 225 -1.84 20.23 -33.03
CA ARG E 225 -2.56 20.70 -34.21
C ARG E 225 -1.68 20.65 -35.46
N ARG E 226 -2.33 20.83 -36.62
CA ARG E 226 -1.58 20.93 -37.87
C ARG E 226 -0.97 22.32 -38.03
N ASP E 227 -1.36 23.28 -37.20
CA ASP E 227 -0.78 24.61 -37.24
C ASP E 227 0.44 24.74 -36.34
N ALA E 228 0.97 23.63 -35.83
CA ALA E 228 2.16 23.64 -35.02
C ALA E 228 3.38 24.05 -35.85
N PRO E 229 4.45 24.47 -35.21
CA PRO E 229 5.70 24.69 -35.94
C PRO E 229 6.47 23.38 -36.12
N ALA E 230 7.49 23.42 -36.96
CA ALA E 230 8.37 22.28 -37.15
C ALA E 230 9.23 22.08 -35.92
N GLY E 231 9.49 20.82 -35.57
CA GLY E 231 10.16 20.47 -34.34
C GLY E 231 9.20 20.30 -33.19
N ARG E 232 7.99 20.83 -33.32
CA ARG E 232 6.91 20.62 -32.38
C ARG E 232 5.84 19.69 -32.90
N LYS E 233 5.62 19.68 -34.21
CA LYS E 233 4.59 18.86 -34.84
C LYS E 233 5.03 17.41 -34.78
N VAL E 234 4.91 16.83 -33.60
CA VAL E 234 5.38 15.49 -33.29
C VAL E 234 4.39 14.86 -32.32
N GLY E 235 3.90 13.68 -32.67
CA GLY E 235 2.81 13.07 -31.94
C GLY E 235 1.67 12.73 -32.86
N LEU E 236 0.44 12.90 -32.40
CA LEU E 236 -0.73 12.57 -33.20
C LEU E 236 -1.16 13.85 -33.90
N ILE E 237 -0.76 13.97 -35.17
CA ILE E 237 -0.90 15.22 -35.92
C ILE E 237 -2.36 15.39 -36.33
N ALA E 238 -3.04 16.36 -35.72
CA ALA E 238 -4.40 16.77 -36.07
C ALA E 238 -5.38 15.60 -35.97
N ALA E 239 -5.46 15.04 -34.77
CA ALA E 239 -6.28 13.86 -34.53
C ALA E 239 -7.75 14.25 -34.51
N ARG E 240 -8.51 13.78 -35.50
CA ARG E 240 -9.95 13.96 -35.47
C ARG E 240 -10.58 13.17 -34.33
N ARG E 241 -10.11 11.94 -34.12
CA ARG E 241 -10.58 11.12 -33.01
C ARG E 241 -9.53 10.09 -32.66
N THR E 242 -8.85 10.26 -31.54
CA THR E 242 -7.88 9.27 -31.08
C THR E 242 -8.61 8.15 -30.36
N GLY E 243 -7.92 7.04 -30.15
CA GLY E 243 -8.48 5.97 -29.34
C GLY E 243 -8.78 4.70 -30.12
N ARG E 244 -9.06 3.63 -29.40
CA ARG E 244 -9.47 2.37 -30.02
C ARG E 244 -10.83 2.53 -30.70
N LEU E 245 -10.85 2.55 -32.03
CA LEU E 245 -12.08 2.80 -32.75
C LEU E 245 -13.00 1.59 -32.66
N ARG E 246 -14.18 1.80 -32.10
CA ARG E 246 -15.21 0.77 -32.00
C ARG E 246 -16.18 0.99 -33.16
N GLY E 247 -16.58 -0.10 -33.81
CA GLY E 247 -17.53 0.00 -34.90
C GLY E 247 -16.87 0.40 -36.21
N THR E 248 -17.65 1.01 -37.10
CA THR E 248 -17.14 1.41 -38.41
C THR E 248 -16.08 2.49 -38.33
N SER F 1 36.77 6.58 19.65
CA SER F 1 35.83 5.56 20.11
C SER F 1 36.57 4.44 20.81
N HIS F 2 35.92 3.81 21.79
CA HIS F 2 36.49 2.65 22.44
C HIS F 2 36.50 1.48 21.47
N ARG F 3 37.40 0.53 21.72
CA ARG F 3 37.43 -0.68 20.92
C ARG F 3 36.18 -1.50 21.20
N LYS F 4 35.59 -2.07 20.14
CA LYS F 4 34.32 -2.79 20.25
C LYS F 4 34.40 -3.98 21.19
N PHE F 5 35.24 -4.95 20.86
CA PHE F 5 35.33 -6.20 21.62
C PHE F 5 36.75 -6.35 22.14
N SER F 6 36.88 -6.46 23.45
CA SER F 6 38.18 -6.49 24.09
C SER F 6 38.94 -7.77 23.76
N ALA F 7 40.20 -7.62 23.38
CA ALA F 7 41.08 -8.72 23.11
C ALA F 7 42.40 -8.42 23.79
N PRO F 8 43.00 -9.39 24.49
CA PRO F 8 44.30 -9.15 25.12
C PRO F 8 45.38 -8.94 24.06
N ARG F 9 46.37 -8.14 24.42
CA ARG F 9 47.40 -7.74 23.46
C ARG F 9 48.32 -8.90 23.12
N HIS F 10 49.19 -8.69 22.15
CA HIS F 10 50.11 -9.72 21.68
C HIS F 10 51.52 -9.38 22.15
N GLY F 11 52.19 -10.37 22.71
CA GLY F 11 53.56 -10.20 23.12
C GLY F 11 53.70 -9.53 24.46
N SER F 12 54.53 -10.10 25.33
CA SER F 12 54.78 -9.51 26.63
C SER F 12 55.69 -8.30 26.50
N LEU F 13 55.50 -7.34 27.37
CA LEU F 13 56.33 -6.14 27.36
C LEU F 13 57.56 -6.26 28.26
N GLY F 14 57.70 -7.36 29.00
CA GLY F 14 58.90 -7.54 29.79
C GLY F 14 60.15 -7.77 28.94
N PHE F 15 59.97 -8.36 27.75
CA PHE F 15 61.06 -8.67 26.84
C PHE F 15 61.17 -7.68 25.70
N LEU F 16 60.89 -6.41 25.96
CA LEU F 16 60.66 -5.44 24.90
C LEU F 16 61.85 -5.06 24.02
N PRO F 17 63.07 -4.79 24.54
CA PRO F 17 64.15 -4.46 23.60
C PRO F 17 64.60 -5.67 22.81
N ARG F 18 63.78 -6.06 21.83
CA ARG F 18 64.02 -7.29 21.08
C ARG F 18 65.15 -7.07 20.09
N LYS F 19 66.38 -7.15 20.57
CA LYS F 19 67.56 -6.92 19.76
C LYS F 19 68.40 -8.18 19.72
N ARG F 20 69.29 -8.25 18.74
CA ARG F 20 70.31 -9.27 18.74
C ARG F 20 71.19 -9.07 19.97
N SER F 21 71.22 -10.08 20.83
CA SER F 21 71.86 -9.96 22.13
C SER F 21 73.33 -9.60 22.00
N SER F 22 73.78 -8.69 22.85
CA SER F 22 75.17 -8.23 22.86
C SER F 22 76.15 -9.35 23.16
N ARG F 23 75.69 -10.44 23.74
CA ARG F 23 76.51 -11.59 24.09
C ARG F 23 76.03 -12.81 23.33
N HIS F 24 76.98 -13.60 22.84
CA HIS F 24 76.68 -14.92 22.32
C HIS F 24 76.68 -15.98 23.40
N ARG F 25 77.47 -15.80 24.45
CA ARG F 25 77.49 -16.67 25.61
C ARG F 25 76.50 -16.15 26.64
N GLY F 26 75.70 -17.07 27.19
CA GLY F 26 74.73 -16.72 28.20
C GLY F 26 75.33 -16.14 29.45
N LYS F 27 74.57 -15.28 30.13
CA LYS F 27 75.05 -14.58 31.31
C LYS F 27 74.11 -14.83 32.48
N VAL F 28 74.69 -15.22 33.62
CA VAL F 28 73.95 -15.33 34.87
C VAL F 28 73.87 -13.92 35.44
N LYS F 29 72.71 -13.29 35.31
CA LYS F 29 72.53 -11.96 35.88
C LYS F 29 72.42 -12.02 37.39
N SER F 30 72.01 -13.15 37.93
CA SER F 30 71.81 -13.25 39.36
C SER F 30 72.07 -14.68 39.81
N PHE F 31 72.97 -14.83 40.67
CA PHE F 31 73.29 -16.06 41.38
C PHE F 31 72.46 -16.15 42.64
N PRO F 32 72.07 -17.35 43.07
CA PRO F 32 71.20 -17.48 44.24
C PRO F 32 71.88 -17.00 45.51
N LYS F 33 71.09 -16.38 46.39
CA LYS F 33 71.63 -15.82 47.61
C LYS F 33 72.04 -16.93 48.57
N ASP F 34 73.28 -16.86 49.04
CA ASP F 34 73.83 -17.88 49.92
C ASP F 34 73.46 -17.62 51.36
N ASP F 35 73.61 -18.66 52.18
CA ASP F 35 73.44 -18.52 53.60
C ASP F 35 74.71 -19.11 54.20
N PRO F 36 75.27 -18.51 55.24
CA PRO F 36 76.52 -19.00 55.82
C PRO F 36 76.41 -20.37 56.44
N SER F 37 75.18 -20.80 56.75
CA SER F 37 74.98 -22.12 57.35
C SER F 37 75.38 -23.24 56.40
N LYS F 38 74.99 -23.15 55.14
CA LYS F 38 75.28 -24.22 54.20
C LYS F 38 76.74 -24.16 53.77
N PRO F 39 77.34 -25.31 53.48
CA PRO F 39 78.77 -25.34 53.12
C PRO F 39 79.03 -24.75 51.75
N VAL F 40 80.32 -24.71 51.41
CA VAL F 40 80.77 -24.10 50.17
C VAL F 40 80.50 -25.05 49.00
N HIS F 41 80.00 -24.49 47.89
CA HIS F 41 79.70 -25.24 46.69
C HIS F 41 79.58 -24.29 45.51
N LEU F 42 79.65 -24.84 44.30
CA LEU F 42 79.41 -24.01 43.14
C LEU F 42 77.91 -23.90 42.89
N THR F 43 77.54 -22.92 42.05
CA THR F 43 76.14 -22.71 41.68
C THR F 43 75.89 -22.65 40.18
N ALA F 44 76.88 -22.94 39.34
CA ALA F 44 76.67 -22.79 37.90
C ALA F 44 77.50 -23.80 37.14
N PHE F 45 77.24 -23.88 35.83
CA PHE F 45 78.01 -24.70 34.91
C PHE F 45 77.85 -24.14 33.51
N LEU F 46 78.46 -24.81 32.55
CA LEU F 46 78.49 -24.31 31.18
C LEU F 46 78.49 -25.50 30.23
N GLY F 47 77.39 -25.72 29.51
CA GLY F 47 77.27 -26.89 28.67
C GLY F 47 76.94 -26.62 27.22
N TYR F 48 76.67 -27.67 26.46
CA TYR F 48 76.44 -27.55 25.02
C TYR F 48 75.30 -28.46 24.61
N LYS F 49 74.27 -27.88 24.00
CA LYS F 49 73.09 -28.65 23.60
C LYS F 49 73.41 -29.53 22.42
N ALA F 50 73.04 -30.81 22.50
CA ALA F 50 73.26 -31.76 21.43
C ALA F 50 71.98 -32.03 20.63
N GLY F 51 70.93 -32.49 21.29
CA GLY F 51 69.70 -32.78 20.58
C GLY F 51 68.64 -33.25 21.55
N MET F 52 67.56 -33.80 20.99
CA MET F 52 66.42 -34.23 21.79
C MET F 52 66.09 -35.69 21.48
N THR F 53 65.38 -36.32 22.40
CA THR F 53 65.08 -37.75 22.39
C THR F 53 63.76 -37.96 23.13
N HIS F 54 63.45 -39.21 23.44
CA HIS F 54 62.35 -39.51 24.35
C HIS F 54 62.90 -40.08 25.65
N ILE F 55 61.98 -40.47 26.53
CA ILE F 55 62.33 -41.07 27.81
C ILE F 55 61.09 -41.82 28.29
N VAL F 56 61.26 -42.76 29.22
CA VAL F 56 60.14 -43.53 29.77
C VAL F 56 60.31 -43.65 31.27
N ARG F 57 59.27 -43.27 32.02
CA ARG F 57 59.29 -43.40 33.47
C ARG F 57 57.89 -43.78 33.93
N GLU F 58 57.81 -44.28 35.16
CA GLU F 58 56.54 -44.66 35.77
C GLU F 58 56.18 -43.59 36.80
N VAL F 59 55.13 -42.82 36.51
CA VAL F 59 54.84 -41.62 37.26
C VAL F 59 54.19 -41.98 38.60
N ASP F 60 54.66 -41.33 39.68
CA ASP F 60 54.23 -41.67 41.03
C ASP F 60 53.60 -40.49 41.76
N ARG F 61 52.75 -39.72 41.10
CA ARG F 61 52.04 -38.65 41.79
C ARG F 61 50.68 -39.16 42.25
N PRO F 62 50.42 -39.22 43.55
CA PRO F 62 49.15 -39.77 44.04
C PRO F 62 47.99 -38.85 43.71
N GLY F 63 46.79 -39.43 43.73
CA GLY F 63 45.59 -38.69 43.42
C GLY F 63 45.45 -38.24 41.99
N SER F 64 46.26 -38.78 41.09
CA SER F 64 46.29 -38.34 39.70
C SER F 64 45.59 -39.36 38.81
N LYS F 65 45.54 -39.02 37.53
CA LYS F 65 45.08 -39.95 36.51
C LYS F 65 46.19 -40.86 36.02
N VAL F 66 47.42 -40.37 35.96
CA VAL F 66 48.52 -41.12 35.36
C VAL F 66 49.43 -41.74 36.42
N ASN F 67 48.94 -41.87 37.66
CA ASN F 67 49.72 -42.50 38.71
C ASN F 67 50.00 -43.96 38.38
N LYS F 68 51.25 -44.36 38.58
CA LYS F 68 51.74 -45.73 38.33
C LYS F 68 51.58 -46.17 36.88
N LYS F 69 51.58 -45.23 35.94
CA LYS F 69 51.46 -45.54 34.53
C LYS F 69 52.74 -45.19 33.79
N GLU F 70 52.89 -45.76 32.60
CA GLU F 70 54.04 -45.52 31.73
C GLU F 70 53.79 -44.30 30.87
N VAL F 71 54.76 -43.38 30.85
CA VAL F 71 54.67 -42.15 30.07
C VAL F 71 55.92 -41.99 29.22
N VAL F 72 55.87 -41.04 28.30
CA VAL F 72 57.06 -40.58 27.59
C VAL F 72 57.17 -39.07 27.73
N GLU F 73 58.40 -38.59 27.84
CA GLU F 73 58.69 -37.17 27.95
C GLU F 73 59.81 -36.83 26.98
N ALA F 74 59.74 -35.64 26.40
CA ALA F 74 60.78 -35.17 25.49
C ALA F 74 61.92 -34.61 26.32
N VAL F 75 63.08 -35.26 26.27
CA VAL F 75 64.24 -34.83 27.03
C VAL F 75 65.29 -34.34 26.04
N THR F 76 66.15 -33.42 26.51
CA THR F 76 67.23 -32.87 25.71
C THR F 76 68.54 -33.47 26.18
N ILE F 77 69.55 -33.42 25.32
CA ILE F 77 70.89 -33.89 25.65
C ILE F 77 71.82 -32.69 25.57
N VAL F 78 72.43 -32.33 26.70
CA VAL F 78 73.35 -31.21 26.78
C VAL F 78 74.69 -31.77 27.22
N GLU F 79 75.65 -31.79 26.31
CA GLU F 79 76.97 -32.31 26.65
C GLU F 79 77.69 -31.30 27.51
N THR F 80 78.13 -31.75 28.69
CA THR F 80 78.78 -30.91 29.68
C THR F 80 80.10 -31.56 30.10
N PRO F 81 81.18 -31.36 29.35
CA PRO F 81 82.48 -31.82 29.82
C PRO F 81 82.90 -31.00 31.02
N PRO F 82 83.77 -31.54 31.87
CA PRO F 82 84.16 -30.82 33.09
C PRO F 82 84.90 -29.53 32.77
N MET F 83 84.51 -28.47 33.43
CA MET F 83 85.20 -27.20 33.30
C MET F 83 86.43 -27.23 34.20
N VAL F 84 87.27 -26.19 34.12
CA VAL F 84 88.48 -26.12 34.92
C VAL F 84 88.56 -24.74 35.56
N VAL F 85 88.78 -24.70 36.87
CA VAL F 85 88.94 -23.44 37.57
C VAL F 85 90.28 -22.83 37.18
N VAL F 86 90.24 -21.64 36.58
CA VAL F 86 91.44 -21.01 36.07
C VAL F 86 91.66 -19.63 36.69
N GLY F 87 90.92 -19.28 37.72
CA GLY F 87 91.10 -17.97 38.32
C GLY F 87 89.96 -17.64 39.26
N ILE F 88 90.29 -16.80 40.24
CA ILE F 88 89.35 -16.34 41.24
C ILE F 88 89.23 -14.82 41.11
N VAL F 89 88.12 -14.28 41.60
CA VAL F 89 87.90 -12.84 41.62
C VAL F 89 86.90 -12.53 42.74
N GLY F 90 87.21 -11.49 43.52
CA GLY F 90 86.38 -11.10 44.63
C GLY F 90 85.52 -9.88 44.34
N TYR F 91 84.61 -9.60 45.27
CA TYR F 91 83.72 -8.46 45.15
C TYR F 91 83.51 -7.87 46.53
N VAL F 92 83.74 -6.56 46.66
CA VAL F 92 83.42 -5.80 47.85
C VAL F 92 82.12 -5.04 47.60
N GLU F 93 81.31 -4.91 48.65
CA GLU F 93 79.96 -4.38 48.49
C GLU F 93 79.98 -2.87 48.68
N THR F 94 79.42 -2.14 47.72
CA THR F 94 79.47 -0.69 47.65
C THR F 94 78.07 -0.07 47.71
N PRO F 95 77.96 1.21 48.07
CA PRO F 95 76.67 1.89 47.90
C PRO F 95 76.31 2.14 46.46
N ARG F 96 77.26 2.02 45.54
CA ARG F 96 76.99 2.16 44.13
C ARG F 96 76.72 0.82 43.46
N GLY F 97 76.59 -0.25 44.24
CA GLY F 97 76.33 -1.55 43.69
C GLY F 97 77.34 -2.58 44.16
N LEU F 98 77.89 -3.33 43.23
CA LEU F 98 78.93 -4.32 43.51
C LEU F 98 80.11 -4.04 42.62
N ARG F 99 81.23 -3.63 43.21
CA ARG F 99 82.44 -3.32 42.46
C ARG F 99 83.45 -4.44 42.63
N THR F 100 84.01 -4.88 41.51
CA THR F 100 85.03 -5.90 41.52
C THR F 100 86.30 -5.39 42.20
N PHE F 101 86.88 -6.22 43.05
CA PHE F 101 88.02 -5.78 43.86
C PHE F 101 89.35 -6.15 43.21
N LYS F 102 89.57 -7.43 42.96
CA LYS F 102 90.84 -7.86 42.42
C LYS F 102 90.66 -9.20 41.72
N THR F 103 91.30 -9.34 40.57
CA THR F 103 91.23 -10.55 39.75
C THR F 103 92.55 -11.29 39.84
N VAL F 104 92.49 -12.57 40.20
CA VAL F 104 93.68 -13.40 40.38
C VAL F 104 93.53 -14.62 39.49
N PHE F 105 94.55 -14.89 38.67
CA PHE F 105 94.55 -16.02 37.77
C PHE F 105 95.48 -17.13 38.29
N ALA F 106 95.56 -18.21 37.51
CA ALA F 106 96.37 -19.36 37.89
C ALA F 106 97.77 -19.27 37.30
N GLU F 107 98.63 -20.22 37.69
CA GLU F 107 100.02 -20.24 37.29
C GLU F 107 100.21 -20.43 35.79
N HIS F 108 99.81 -21.57 35.26
CA HIS F 108 99.90 -21.84 33.82
C HIS F 108 98.52 -22.17 33.27
N ILE F 109 98.21 -21.58 32.12
CA ILE F 109 96.88 -21.61 31.56
C ILE F 109 96.90 -22.36 30.23
N SER F 110 95.90 -23.23 30.03
CA SER F 110 95.78 -23.99 28.80
C SER F 110 95.51 -23.06 27.62
N ASP F 111 95.95 -23.49 26.44
CA ASP F 111 95.87 -22.64 25.24
C ASP F 111 94.43 -22.38 24.82
N GLU F 112 93.50 -23.24 25.25
CA GLU F 112 92.09 -23.02 24.95
C GLU F 112 91.59 -21.71 25.55
N CYS F 113 91.94 -21.44 26.80
CA CYS F 113 91.56 -20.19 27.44
C CYS F 113 92.28 -19.00 26.84
N LYS F 114 93.50 -19.20 26.32
CA LYS F 114 94.23 -18.11 25.68
C LYS F 114 93.61 -17.70 24.36
N ARG F 115 92.76 -18.54 23.77
CA ARG F 115 92.05 -18.16 22.56
C ARG F 115 91.16 -16.96 22.80
N ARG F 116 90.62 -16.85 24.02
CA ARG F 116 89.67 -15.78 24.31
C ARG F 116 90.34 -14.42 24.37
N PHE F 117 91.59 -14.35 24.82
CA PHE F 117 92.27 -13.07 24.98
C PHE F 117 92.78 -12.51 23.66
N TYR F 118 92.41 -13.10 22.53
CA TYR F 118 92.75 -12.55 21.23
C TYR F 118 91.55 -12.66 20.32
N LYS F 119 91.57 -11.86 19.26
CA LYS F 119 90.58 -11.94 18.21
C LYS F 119 91.05 -12.75 17.01
N ASN F 120 92.36 -12.84 16.81
CA ASN F 120 92.91 -13.58 15.68
C ASN F 120 94.10 -14.37 16.20
N TRP F 121 93.87 -15.65 16.47
CA TRP F 121 94.91 -16.50 17.03
C TRP F 121 96.03 -16.77 16.04
N HIS F 122 95.74 -16.82 14.74
CA HIS F 122 96.77 -17.12 13.74
C HIS F 122 97.77 -15.97 13.63
N LYS F 123 97.28 -14.73 13.57
CA LYS F 123 98.20 -13.59 13.53
C LYS F 123 98.82 -13.31 14.89
N SER F 124 98.24 -13.84 15.97
CA SER F 124 98.72 -13.54 17.31
C SER F 124 100.10 -14.14 17.55
N LYS F 125 100.76 -13.61 18.58
CA LYS F 125 102.02 -14.16 19.06
C LYS F 125 101.89 -14.80 20.43
N LYS F 126 100.66 -14.98 20.92
CA LYS F 126 100.34 -15.81 22.09
C LYS F 126 101.02 -15.27 23.36
N LYS F 127 101.10 -13.95 23.47
CA LYS F 127 101.91 -13.31 24.49
C LYS F 127 101.16 -13.02 25.78
N ALA F 128 99.89 -13.40 25.85
CA ALA F 128 99.09 -13.11 27.04
C ALA F 128 99.55 -13.94 28.23
N PHE F 129 99.57 -13.30 29.40
CA PHE F 129 99.94 -13.93 30.67
C PHE F 129 101.32 -14.57 30.62
N THR F 130 102.23 -13.91 29.92
CA THR F 130 103.62 -14.33 29.86
C THR F 130 104.48 -13.63 30.90
N LYS F 131 104.05 -12.48 31.38
CA LYS F 131 104.64 -11.88 32.56
C LYS F 131 103.84 -12.17 33.82
N TYR F 132 102.55 -12.46 33.68
CA TYR F 132 101.76 -12.86 34.84
C TYR F 132 102.21 -14.23 35.35
N CYS F 133 102.76 -15.06 34.46
CA CYS F 133 103.32 -16.32 34.94
C CYS F 133 104.72 -16.15 35.51
N LYS F 134 105.14 -14.92 35.80
CA LYS F 134 106.37 -14.67 36.53
C LYS F 134 106.11 -14.31 37.99
N LYS F 135 104.86 -14.37 38.43
CA LYS F 135 104.50 -14.06 39.81
C LYS F 135 104.53 -15.28 40.73
N TRP F 136 104.88 -16.45 40.21
CA TRP F 136 104.76 -17.68 40.98
C TRP F 136 106.08 -18.38 41.22
N GLN F 137 107.13 -18.01 40.48
CA GLN F 137 108.45 -18.60 40.64
C GLN F 137 109.44 -17.58 41.22
N ASP F 138 108.94 -16.52 41.83
CA ASP F 138 109.78 -15.49 42.42
C ASP F 138 109.29 -15.23 43.83
N ASP F 139 110.22 -14.83 44.70
CA ASP F 139 109.84 -14.48 46.07
C ASP F 139 109.00 -13.21 46.12
N ALA F 140 109.16 -12.31 45.14
CA ALA F 140 108.40 -11.07 45.13
C ALA F 140 106.93 -11.28 44.79
N GLY F 141 106.61 -12.27 43.97
CA GLY F 141 105.24 -12.53 43.59
C GLY F 141 104.51 -13.38 44.62
N LYS F 142 105.26 -14.22 45.33
CA LYS F 142 104.67 -15.03 46.40
C LYS F 142 104.18 -14.15 47.53
N ARG F 143 105.00 -13.20 47.98
CA ARG F 143 104.55 -12.22 48.97
C ARG F 143 103.46 -11.34 48.41
N GLN F 144 103.51 -11.06 47.11
CA GLN F 144 102.43 -10.32 46.47
C GLN F 144 101.12 -11.09 46.54
N LEU F 145 101.16 -12.37 46.19
CA LEU F 145 99.94 -13.17 46.13
C LEU F 145 99.37 -13.43 47.52
N ASP F 146 100.24 -13.65 48.51
CA ASP F 146 99.77 -13.94 49.85
C ASP F 146 99.09 -12.73 50.48
N LYS F 147 99.51 -11.53 50.10
CA LYS F 147 98.87 -10.33 50.62
C LYS F 147 97.53 -10.09 49.94
N ASP F 148 97.41 -10.45 48.66
CA ASP F 148 96.12 -10.36 47.97
C ASP F 148 95.08 -11.27 48.60
N PHE F 149 95.49 -12.46 49.06
CA PHE F 149 94.55 -13.40 49.65
C PHE F 149 94.04 -12.90 50.99
N SER F 150 94.95 -12.42 51.84
CA SER F 150 94.51 -11.82 53.10
C SER F 150 93.78 -10.50 52.88
N SER F 151 94.00 -9.85 51.74
CA SER F 151 93.17 -8.72 51.36
C SER F 151 91.75 -9.15 51.02
N MET F 152 91.59 -10.37 50.52
CA MET F 152 90.26 -10.93 50.31
C MET F 152 89.69 -11.56 51.57
N LYS F 153 90.52 -11.80 52.59
CA LYS F 153 90.04 -12.30 53.86
C LYS F 153 89.29 -11.24 54.67
N LYS F 154 89.44 -9.97 54.33
CA LYS F 154 88.82 -8.91 55.11
C LYS F 154 87.85 -8.06 54.31
N TYR F 155 88.06 -7.87 53.00
CA TYR F 155 87.26 -6.92 52.25
C TYR F 155 86.17 -7.56 51.42
N CYS F 156 86.48 -8.61 50.67
CA CYS F 156 85.54 -9.14 49.70
C CYS F 156 84.39 -9.87 50.40
N GLN F 157 83.17 -9.59 49.96
CA GLN F 157 81.98 -10.22 50.53
C GLN F 157 81.39 -11.29 49.62
N VAL F 158 81.60 -11.17 48.31
CA VAL F 158 81.19 -12.18 47.34
C VAL F 158 82.41 -12.54 46.52
N ILE F 159 82.64 -13.83 46.32
CA ILE F 159 83.74 -14.32 45.50
C ILE F 159 83.15 -14.97 44.27
N ARG F 160 83.75 -14.72 43.12
CA ARG F 160 83.46 -15.48 41.92
C ARG F 160 84.71 -16.22 41.49
N VAL F 161 84.51 -17.22 40.63
CA VAL F 161 85.62 -18.06 40.16
C VAL F 161 85.56 -18.12 38.65
N LEU F 162 86.67 -17.79 38.00
CA LEU F 162 86.79 -17.85 36.56
C LEU F 162 87.01 -19.29 36.13
N ALA F 163 86.22 -19.75 35.16
CA ALA F 163 86.31 -21.11 34.68
C ALA F 163 85.85 -21.17 33.24
N HIS F 164 86.46 -22.08 32.47
CA HIS F 164 86.14 -22.21 31.06
C HIS F 164 85.93 -23.67 30.70
N THR F 165 85.37 -23.87 29.51
CA THR F 165 85.11 -25.19 28.97
C THR F 165 86.37 -25.79 28.37
N GLN F 166 86.32 -27.09 28.11
CA GLN F 166 87.41 -27.82 27.49
C GLN F 166 87.00 -28.15 26.07
N MET F 167 87.27 -27.21 25.15
CA MET F 167 86.84 -27.41 23.77
C MET F 167 87.70 -28.44 23.04
N ARG F 168 88.80 -28.85 23.67
CA ARG F 168 89.55 -30.00 23.17
C ARG F 168 88.69 -31.25 23.08
N LEU F 169 87.83 -31.48 24.07
CA LEU F 169 87.03 -32.69 24.11
C LEU F 169 85.70 -32.58 23.39
N LEU F 170 85.52 -31.56 22.56
CA LEU F 170 84.23 -31.51 21.89
C LEU F 170 84.37 -31.86 20.41
N PRO F 171 83.33 -32.41 19.79
CA PRO F 171 83.35 -32.65 18.34
C PRO F 171 83.01 -31.42 17.52
N LEU F 172 82.92 -30.25 18.14
CA LEU F 172 82.54 -29.05 17.42
C LEU F 172 83.73 -28.53 16.61
N ARG F 173 83.42 -27.63 15.68
CA ARG F 173 84.42 -27.08 14.77
C ARG F 173 85.40 -26.16 15.47
N GLN F 174 84.93 -25.26 16.32
CA GLN F 174 85.82 -24.28 16.93
C GLN F 174 86.64 -24.91 18.06
N LYS F 175 87.63 -24.15 18.51
CA LYS F 175 88.47 -24.56 19.63
C LYS F 175 88.54 -23.51 20.73
N LYS F 176 87.87 -22.38 20.57
CA LYS F 176 87.94 -21.30 21.55
C LYS F 176 87.05 -21.62 22.73
N ALA F 177 87.62 -21.58 23.94
CA ALA F 177 86.85 -21.86 25.15
C ALA F 177 86.00 -20.66 25.52
N HIS F 178 84.94 -20.92 26.29
CA HIS F 178 84.07 -19.87 26.81
C HIS F 178 84.39 -19.66 28.29
N LEU F 179 84.92 -18.49 28.61
CA LEU F 179 85.20 -18.15 29.99
C LEU F 179 83.93 -17.73 30.72
N MET F 180 83.91 -17.99 32.03
CA MET F 180 82.74 -17.69 32.84
C MET F 180 83.15 -17.53 34.29
N GLU F 181 82.60 -16.52 34.94
CA GLU F 181 82.66 -16.40 36.39
C GLU F 181 81.60 -17.29 37.03
N ILE F 182 82.00 -17.98 38.09
CA ILE F 182 81.09 -18.81 38.87
C ILE F 182 81.17 -18.31 40.30
N GLN F 183 80.11 -17.65 40.76
CA GLN F 183 80.03 -17.23 42.15
C GLN F 183 79.89 -18.43 43.05
N VAL F 184 80.76 -18.51 44.05
CA VAL F 184 80.78 -19.63 44.98
C VAL F 184 79.95 -19.22 46.20
N ASN F 185 79.02 -20.09 46.59
CA ASN F 185 78.06 -19.81 47.63
C ASN F 185 78.24 -20.76 48.81
N GLY F 186 78.06 -20.25 50.02
CA GLY F 186 78.12 -21.09 51.20
C GLY F 186 78.47 -20.37 52.46
N GLY F 187 79.45 -20.88 53.20
CA GLY F 187 79.81 -20.37 54.51
C GLY F 187 80.58 -19.07 54.51
N THR F 188 81.50 -18.93 55.46
CA THR F 188 82.25 -17.70 55.62
C THR F 188 83.20 -17.49 54.44
N VAL F 189 83.58 -16.24 54.21
CA VAL F 189 84.37 -15.88 53.05
C VAL F 189 85.80 -16.38 53.15
N ALA F 190 86.38 -16.37 54.35
CA ALA F 190 87.74 -16.87 54.54
C ALA F 190 87.79 -18.35 54.25
N GLU F 191 86.90 -19.13 54.85
CA GLU F 191 86.79 -20.55 54.54
C GLU F 191 86.29 -20.80 53.12
N LYS F 192 85.70 -19.80 52.47
CA LYS F 192 85.37 -19.93 51.06
C LYS F 192 86.60 -19.83 50.20
N LEU F 193 87.60 -19.07 50.64
CA LEU F 193 88.77 -18.78 49.84
C LEU F 193 89.78 -19.93 49.82
N ASP F 194 89.97 -20.60 50.95
CA ASP F 194 90.95 -21.68 51.04
C ASP F 194 90.59 -22.83 50.10
N TRP F 195 89.33 -23.26 50.12
CA TRP F 195 88.90 -24.30 49.18
C TRP F 195 88.95 -23.79 47.74
N ALA F 196 88.70 -22.49 47.54
CA ALA F 196 88.77 -21.95 46.19
C ALA F 196 90.20 -21.93 45.67
N ARG F 197 91.17 -21.75 46.55
CA ARG F 197 92.57 -21.82 46.13
C ARG F 197 93.02 -23.26 45.93
N GLU F 198 92.51 -24.18 46.74
CA GLU F 198 92.86 -25.59 46.58
C GLU F 198 92.29 -26.17 45.30
N ARG F 199 91.15 -25.66 44.86
CA ARG F 199 90.55 -26.11 43.61
C ARG F 199 91.03 -25.32 42.41
N LEU F 200 92.13 -24.59 42.51
CA LEU F 200 92.68 -23.91 41.35
C LEU F 200 93.35 -24.92 40.43
N GLU F 201 93.18 -24.70 39.11
CA GLU F 201 93.73 -25.57 38.06
C GLU F 201 93.22 -27.01 38.17
N GLN F 202 92.02 -27.19 38.74
CA GLN F 202 91.41 -28.49 38.89
C GLN F 202 90.17 -28.61 38.02
N GLN F 203 89.81 -29.84 37.69
CA GLN F 203 88.61 -30.10 36.91
C GLN F 203 87.37 -29.75 37.72
N VAL F 204 86.31 -29.36 37.03
CA VAL F 204 85.03 -29.15 37.67
C VAL F 204 84.03 -30.14 37.08
N PRO F 205 83.93 -31.36 37.60
CA PRO F 205 82.95 -32.32 37.09
C PRO F 205 81.55 -31.95 37.54
N VAL F 206 80.57 -32.50 36.83
CA VAL F 206 79.16 -32.18 37.07
C VAL F 206 78.67 -32.77 38.38
N SER F 207 79.28 -33.86 38.83
CA SER F 207 78.92 -34.44 40.13
C SER F 207 79.18 -33.46 41.27
N GLN F 208 80.24 -32.66 41.15
CA GLN F 208 80.53 -31.64 42.15
C GLN F 208 79.61 -30.43 42.05
N VAL F 209 78.79 -30.34 41.01
CA VAL F 209 77.91 -29.19 40.84
C VAL F 209 76.48 -29.58 41.16
N PHE F 210 75.92 -30.52 40.39
CA PHE F 210 74.52 -30.86 40.50
C PHE F 210 74.32 -32.30 40.94
N GLY F 211 73.04 -32.68 41.04
CA GLY F 211 72.66 -34.04 41.34
C GLY F 211 71.50 -34.50 40.48
N GLN F 212 70.67 -35.38 41.01
CA GLN F 212 69.50 -35.85 40.28
C GLN F 212 68.29 -35.00 40.66
N ASP F 213 67.25 -35.10 39.82
CA ASP F 213 65.87 -34.65 40.07
C ASP F 213 65.76 -33.27 40.71
N GLU F 214 66.54 -32.33 40.19
CA GLU F 214 66.62 -30.99 40.76
C GLU F 214 66.33 -29.96 39.67
N MET F 215 65.48 -28.99 40.01
CA MET F 215 65.06 -27.96 39.07
C MET F 215 66.20 -26.96 38.88
N ILE F 216 66.65 -26.79 37.64
CA ILE F 216 67.73 -25.87 37.33
C ILE F 216 67.18 -24.71 36.51
N ASP F 217 68.06 -23.75 36.23
CA ASP F 217 67.73 -22.59 35.41
C ASP F 217 68.61 -22.59 34.17
N VAL F 218 67.98 -22.50 33.00
CA VAL F 218 68.66 -22.65 31.73
C VAL F 218 68.75 -21.29 31.06
N ILE F 219 69.97 -20.81 30.84
CA ILE F 219 70.21 -19.46 30.34
C ILE F 219 71.00 -19.55 29.05
N GLY F 220 70.40 -19.08 27.97
CA GLY F 220 71.09 -19.03 26.71
C GLY F 220 70.45 -18.04 25.78
N VAL F 221 70.96 -18.00 24.56
CA VAL F 221 70.44 -17.16 23.51
C VAL F 221 69.51 -18.00 22.66
N THR F 222 68.39 -17.42 22.25
CA THR F 222 67.44 -18.13 21.41
C THR F 222 68.00 -18.32 20.01
N LYS F 223 67.49 -19.35 19.34
CA LYS F 223 67.86 -19.60 17.95
C LYS F 223 67.39 -18.46 17.07
N GLY F 224 68.34 -17.66 16.58
CA GLY F 224 67.98 -16.46 15.87
C GLY F 224 67.43 -16.78 14.47
N LYS F 225 66.50 -15.94 14.02
CA LYS F 225 65.88 -16.12 12.72
C LYS F 225 65.97 -14.90 11.82
N GLY F 226 66.39 -13.75 12.34
CA GLY F 226 66.62 -12.60 11.49
C GLY F 226 65.46 -11.63 11.45
N TYR F 227 65.38 -10.94 10.33
CA TYR F 227 64.35 -9.94 10.12
C TYR F 227 63.02 -10.63 9.81
N LYS F 228 61.96 -10.17 10.46
CA LYS F 228 60.66 -10.80 10.29
C LYS F 228 59.58 -9.73 10.26
N GLY F 229 58.42 -10.11 9.74
CA GLY F 229 57.25 -9.27 9.80
C GLY F 229 56.59 -9.35 11.16
N VAL F 230 55.57 -8.53 11.34
CA VAL F 230 54.89 -8.48 12.62
C VAL F 230 54.13 -9.77 12.91
N THR F 231 53.61 -10.44 11.88
CA THR F 231 52.85 -11.66 12.10
C THR F 231 53.73 -12.80 12.56
N SER F 232 54.97 -12.85 12.08
CA SER F 232 55.89 -13.88 12.53
C SER F 232 56.59 -13.49 13.83
N ARG F 233 56.61 -12.20 14.15
CA ARG F 233 57.33 -11.74 15.33
C ARG F 233 56.41 -11.62 16.54
N TRP F 234 55.20 -11.12 16.34
CA TRP F 234 54.28 -10.85 17.44
C TRP F 234 53.02 -11.68 17.39
N HIS F 235 52.81 -12.46 16.32
CA HIS F 235 51.63 -13.28 16.11
C HIS F 235 50.35 -12.45 16.17
N THR F 236 50.27 -11.49 15.26
CA THR F 236 49.07 -10.70 15.09
C THR F 236 48.20 -11.33 14.01
N LYS F 237 46.98 -10.82 13.89
CA LYS F 237 46.06 -11.34 12.89
C LYS F 237 46.48 -10.91 11.49
N LYS F 238 46.07 -11.68 10.50
CA LYS F 238 46.29 -11.34 9.11
C LYS F 238 45.06 -10.65 8.56
N LEU F 239 45.28 -9.57 7.81
CA LEU F 239 44.20 -8.82 7.19
C LEU F 239 43.55 -9.67 6.12
N PRO F 240 42.30 -9.40 5.74
CA PRO F 240 41.62 -10.25 4.75
C PRO F 240 42.29 -10.20 3.38
N ARG F 241 41.83 -11.10 2.51
CA ARG F 241 42.46 -11.35 1.23
C ARG F 241 42.38 -10.14 0.31
N LYS F 242 41.38 -9.29 0.48
CA LYS F 242 41.16 -8.17 -0.43
C LYS F 242 42.07 -6.98 -0.17
N THR F 243 43.01 -7.13 0.76
CA THR F 243 43.84 -6.01 1.17
C THR F 243 44.78 -5.56 0.06
N HIS F 244 45.02 -4.25 -0.02
CA HIS F 244 45.74 -3.65 -1.15
C HIS F 244 47.25 -3.63 -0.93
N ARG F 245 47.70 -2.96 0.14
CA ARG F 245 49.14 -2.79 0.33
C ARG F 245 49.81 -3.98 0.98
N GLY F 246 49.06 -4.89 1.59
CA GLY F 246 49.66 -6.02 2.26
C GLY F 246 48.82 -6.57 3.39
N LEU F 247 48.83 -7.89 3.55
CA LEU F 247 47.94 -8.58 4.46
C LEU F 247 48.66 -9.13 5.67
N ARG F 248 49.90 -8.72 5.91
CA ARG F 248 50.71 -9.24 7.01
C ARG F 248 51.24 -8.11 7.88
N LYS F 249 50.49 -7.01 7.97
CA LYS F 249 50.92 -5.85 8.73
C LYS F 249 49.91 -5.61 9.84
N VAL F 250 50.07 -4.49 10.52
CA VAL F 250 49.09 -3.99 11.47
C VAL F 250 48.38 -2.82 10.80
N ALA F 251 47.06 -2.83 10.86
CA ALA F 251 46.22 -1.86 10.19
C ALA F 251 46.46 -0.45 10.73
N CYS F 252 46.12 -0.21 11.99
CA CYS F 252 46.34 1.08 12.61
C CYS F 252 47.48 0.97 13.60
N ILE F 253 48.40 1.91 13.56
CA ILE F 253 49.50 1.88 14.51
C ILE F 253 49.08 2.59 15.78
N GLY F 254 48.68 3.86 15.65
CA GLY F 254 48.34 4.67 16.78
C GLY F 254 47.19 5.62 16.46
N ALA F 255 46.74 6.31 17.52
CA ALA F 255 45.69 7.30 17.40
C ALA F 255 46.25 8.64 16.96
N TRP F 256 45.45 9.69 17.06
CA TRP F 256 45.84 11.00 16.55
C TRP F 256 46.46 11.89 17.63
N HIS F 257 45.72 12.17 18.70
CA HIS F 257 46.21 13.03 19.80
C HIS F 257 47.56 12.63 20.36
N PRO F 258 47.87 11.36 20.63
CA PRO F 258 49.29 11.02 20.78
C PRO F 258 49.88 10.85 19.40
N ALA F 259 50.28 11.97 18.79
CA ALA F 259 50.81 12.03 17.43
C ALA F 259 51.95 11.04 17.19
N ARG F 260 52.78 10.84 18.20
CA ARG F 260 53.85 9.86 18.16
C ARG F 260 53.28 8.46 18.02
N VAL F 261 54.09 7.55 17.49
CA VAL F 261 53.74 6.13 17.55
C VAL F 261 54.31 5.54 18.83
N ALA F 262 53.53 4.70 19.50
CA ALA F 262 53.90 4.24 20.83
C ALA F 262 55.03 3.23 20.78
N PHE F 263 55.44 2.72 21.94
CA PHE F 263 56.50 1.73 21.99
C PHE F 263 55.98 0.32 22.11
N SER F 264 54.75 0.15 22.60
CA SER F 264 54.15 -1.16 22.75
C SER F 264 53.44 -1.63 21.48
N VAL F 265 53.30 -0.78 20.47
CA VAL F 265 52.70 -1.22 19.21
C VAL F 265 53.68 -2.14 18.50
N ALA F 266 53.15 -3.24 17.97
CA ALA F 266 53.99 -4.28 17.39
C ALA F 266 54.58 -3.83 16.08
N ARG F 267 55.90 -3.89 15.95
CA ARG F 267 56.61 -3.41 14.79
C ARG F 267 57.56 -4.48 14.26
N ALA F 268 57.71 -4.50 12.94
CA ALA F 268 58.55 -5.50 12.28
C ALA F 268 60.02 -5.19 12.54
N GLY F 269 60.78 -6.22 12.89
CA GLY F 269 62.21 -6.08 13.06
C GLY F 269 62.93 -7.40 13.18
N GLN F 270 63.99 -7.43 13.99
CA GLN F 270 64.73 -8.66 14.22
C GLN F 270 63.93 -9.59 15.12
N LYS F 271 63.83 -10.85 14.72
CA LYS F 271 63.12 -11.86 15.50
C LYS F 271 64.10 -12.93 15.95
N GLY F 272 64.13 -13.20 17.25
CA GLY F 272 65.00 -14.22 17.80
C GLY F 272 66.35 -13.67 18.19
N TYR F 273 67.23 -14.60 18.56
CA TYR F 273 68.61 -14.31 18.99
C TYR F 273 68.62 -13.43 20.24
N HIS F 274 67.62 -13.60 21.10
CA HIS F 274 67.52 -12.87 22.35
C HIS F 274 68.06 -13.72 23.49
N HIS F 275 68.57 -13.04 24.52
CA HIS F 275 69.08 -13.70 25.70
C HIS F 275 67.92 -13.97 26.65
N ARG F 276 67.48 -15.22 26.74
CA ARG F 276 66.38 -15.57 27.63
C ARG F 276 66.91 -16.40 28.80
N THR F 277 66.02 -16.67 29.76
CA THR F 277 66.36 -17.40 30.98
C THR F 277 65.13 -18.20 31.34
N GLU F 278 65.24 -19.53 31.34
CA GLU F 278 64.12 -20.39 31.69
C GLU F 278 64.45 -21.22 32.93
N ILE F 279 63.48 -21.29 33.84
CA ILE F 279 63.66 -21.93 35.13
C ILE F 279 62.84 -23.21 35.18
N ASN F 280 62.99 -23.93 36.29
CA ASN F 280 62.18 -25.10 36.65
C ASN F 280 62.30 -26.20 35.59
N LYS F 281 63.54 -26.42 35.16
CA LYS F 281 63.86 -27.54 34.28
C LYS F 281 64.53 -28.60 35.15
N LYS F 282 63.95 -29.79 35.18
CA LYS F 282 64.44 -30.83 36.06
C LYS F 282 65.53 -31.65 35.38
N ILE F 283 66.52 -32.08 36.16
CA ILE F 283 67.53 -33.00 35.68
C ILE F 283 66.92 -34.40 35.68
N TYR F 284 66.61 -34.92 34.49
CA TYR F 284 66.13 -36.29 34.42
C TYR F 284 67.21 -37.32 34.68
N LYS F 285 68.37 -37.20 34.04
CA LYS F 285 69.44 -38.16 34.29
C LYS F 285 70.78 -37.45 34.15
N ILE F 286 71.70 -37.77 35.04
CA ILE F 286 73.07 -37.29 34.95
C ILE F 286 73.97 -38.43 34.47
N GLY F 287 74.40 -38.34 33.21
CA GLY F 287 75.17 -39.41 32.61
C GLY F 287 76.66 -39.31 32.91
N GLN F 288 77.39 -40.26 32.33
CA GLN F 288 78.84 -40.27 32.37
C GLN F 288 79.37 -40.74 31.02
N GLY F 289 80.37 -40.03 30.50
CA GLY F 289 80.84 -40.23 29.15
C GLY F 289 81.66 -41.49 28.96
N TYR F 290 82.45 -41.47 27.89
CA TYR F 290 83.30 -42.60 27.55
C TYR F 290 84.46 -42.70 28.52
N LEU F 291 84.49 -43.76 29.31
CA LEU F 291 85.60 -44.07 30.20
C LEU F 291 86.14 -45.44 29.83
N ILE F 292 87.46 -45.58 29.84
CA ILE F 292 88.11 -46.82 29.44
C ILE F 292 88.69 -47.50 30.69
N LYS F 293 88.19 -48.69 30.97
CA LYS F 293 88.74 -49.53 32.04
C LYS F 293 88.69 -50.97 31.56
N ASP F 294 89.66 -51.77 32.01
CA ASP F 294 89.80 -53.19 31.65
C ASP F 294 89.98 -53.34 30.14
N GLY F 295 90.78 -52.47 29.53
CA GLY F 295 91.04 -52.56 28.10
C GLY F 295 89.94 -51.96 27.25
N LYS F 296 88.72 -52.42 27.44
CA LYS F 296 87.57 -51.95 26.69
C LYS F 296 87.09 -50.60 27.24
N LEU F 297 86.10 -50.05 26.56
CA LEU F 297 85.43 -48.86 27.03
C LEU F 297 84.02 -49.21 27.50
N ILE F 298 83.40 -48.29 28.22
CA ILE F 298 82.05 -48.45 28.71
C ILE F 298 81.17 -47.46 27.96
N LYS F 299 80.27 -47.97 27.12
CA LYS F 299 79.31 -47.14 26.41
C LYS F 299 77.87 -47.44 26.80
N ASN F 300 77.66 -47.95 28.01
CA ASN F 300 76.32 -48.28 28.49
C ASN F 300 75.62 -47.04 29.05
N ASN F 301 75.44 -46.05 28.17
CA ASN F 301 74.83 -44.80 28.58
C ASN F 301 73.32 -44.94 28.76
N ALA F 302 72.65 -45.58 27.81
CA ALA F 302 71.22 -45.80 27.89
C ALA F 302 70.87 -47.01 28.75
N SER F 303 71.85 -47.61 29.42
CA SER F 303 71.60 -48.77 30.24
C SER F 303 70.88 -48.36 31.52
N THR F 304 69.60 -48.68 31.61
CA THR F 304 68.80 -48.42 32.78
C THR F 304 68.70 -49.71 33.60
N ASP F 305 67.95 -49.64 34.69
CA ASP F 305 67.63 -50.85 35.43
C ASP F 305 66.70 -51.78 34.67
N TYR F 306 65.94 -51.24 33.72
CA TYR F 306 65.01 -52.05 32.93
C TYR F 306 65.48 -52.29 31.51
N ASP F 307 66.42 -51.50 30.99
CA ASP F 307 66.96 -51.74 29.67
C ASP F 307 68.16 -52.67 29.70
N LEU F 308 69.17 -52.32 30.51
CA LEU F 308 70.43 -53.06 30.70
C LEU F 308 71.06 -53.55 29.41
N SER F 309 70.99 -52.74 28.35
CA SER F 309 71.57 -53.07 27.06
C SER F 309 72.76 -52.15 26.79
N ASP F 310 73.67 -52.62 25.95
CA ASP F 310 74.96 -51.97 25.75
C ASP F 310 74.89 -50.69 24.92
N LYS F 311 73.71 -50.20 24.58
CA LYS F 311 73.60 -49.05 23.70
C LYS F 311 73.92 -47.77 24.45
N SER F 312 74.42 -46.77 23.71
CA SER F 312 74.73 -45.47 24.28
C SER F 312 73.62 -44.48 23.94
N ILE F 313 73.84 -43.23 24.36
CA ILE F 313 72.91 -42.18 24.00
C ILE F 313 73.13 -41.70 22.56
N ASN F 314 74.27 -42.04 21.97
CA ASN F 314 74.52 -41.68 20.58
C ASN F 314 73.55 -42.42 19.68
N PRO F 315 72.76 -41.73 18.87
CA PRO F 315 71.86 -42.42 17.94
C PRO F 315 72.61 -42.90 16.71
N LEU F 316 71.87 -43.55 15.81
CA LEU F 316 72.45 -44.06 14.58
C LEU F 316 72.90 -42.91 13.68
N GLY F 317 74.20 -42.75 13.55
CA GLY F 317 74.77 -41.63 12.84
C GLY F 317 74.99 -40.40 13.71
N GLY F 318 74.84 -40.51 15.02
CA GLY F 318 75.08 -39.40 15.91
C GLY F 318 74.03 -38.31 15.83
N PHE F 319 74.15 -37.30 16.67
CA PHE F 319 73.20 -36.20 16.66
C PHE F 319 73.36 -35.37 15.40
N VAL F 320 72.24 -35.03 14.77
CA VAL F 320 72.26 -34.21 13.58
C VAL F 320 72.76 -32.82 13.94
N HIS F 321 73.70 -32.30 13.13
CA HIS F 321 74.31 -30.99 13.29
C HIS F 321 75.09 -30.84 14.60
N TYR F 322 75.36 -31.94 15.33
CA TYR F 322 76.21 -31.78 16.48
C TYR F 322 77.48 -32.61 16.42
N GLY F 323 77.35 -33.90 16.23
CA GLY F 323 78.47 -34.79 16.36
C GLY F 323 78.07 -36.04 17.12
N GLU F 324 78.92 -36.45 18.05
CA GLU F 324 78.64 -37.55 18.95
C GLU F 324 79.15 -37.20 20.33
N VAL F 325 78.32 -37.42 21.35
CA VAL F 325 78.63 -37.00 22.71
C VAL F 325 79.56 -38.06 23.32
N THR F 326 80.82 -37.70 23.52
CA THR F 326 81.79 -38.57 24.14
C THR F 326 81.90 -38.35 25.64
N ASN F 327 81.58 -37.15 26.11
CA ASN F 327 81.77 -36.76 27.49
C ASN F 327 80.46 -36.86 28.25
N ASP F 328 80.54 -36.64 29.56
CA ASP F 328 79.35 -36.70 30.40
C ASP F 328 78.38 -35.58 30.04
N PHE F 329 77.10 -35.83 30.31
CA PHE F 329 76.02 -35.00 29.78
C PHE F 329 74.98 -34.82 30.89
N VAL F 330 73.93 -34.08 30.58
CA VAL F 330 72.79 -33.91 31.49
C VAL F 330 71.51 -34.04 30.68
N MET F 331 70.48 -34.57 31.31
CA MET F 331 69.22 -34.89 30.65
C MET F 331 68.12 -34.03 31.26
N LEU F 332 67.56 -33.14 30.46
CA LEU F 332 66.63 -32.13 30.94
C LEU F 332 65.26 -32.36 30.34
N LYS F 333 64.26 -32.54 31.20
CA LYS F 333 62.88 -32.72 30.75
C LYS F 333 62.39 -31.48 30.01
N GLY F 334 61.75 -31.71 28.87
CA GLY F 334 61.28 -30.60 28.03
C GLY F 334 62.40 -29.91 27.30
N CYS F 335 62.04 -29.11 26.31
CA CYS F 335 63.03 -28.39 25.54
C CYS F 335 63.64 -27.27 26.38
N VAL F 336 64.75 -26.73 25.88
CA VAL F 336 65.42 -25.60 26.50
C VAL F 336 65.70 -24.58 25.42
N VAL F 337 66.21 -23.42 25.84
CA VAL F 337 66.53 -22.36 24.91
C VAL F 337 67.80 -22.70 24.14
N GLY F 338 67.85 -22.26 22.90
CA GLY F 338 69.03 -22.42 22.08
C GLY F 338 68.86 -23.52 21.04
N THR F 339 69.59 -23.36 19.95
CA THR F 339 69.59 -24.33 18.86
C THR F 339 70.64 -25.40 19.09
N LYS F 340 70.96 -26.17 18.06
CA LYS F 340 72.09 -27.07 18.11
C LYS F 340 73.38 -26.26 18.16
N LYS F 341 74.44 -26.89 18.71
CA LYS F 341 75.77 -26.31 18.88
C LYS F 341 75.79 -25.13 19.86
N ARG F 342 74.70 -24.89 20.56
CA ARG F 342 74.62 -23.70 21.40
C ARG F 342 75.26 -23.97 22.76
N VAL F 343 75.95 -22.96 23.28
CA VAL F 343 76.50 -23.02 24.62
C VAL F 343 75.41 -22.64 25.61
N LEU F 344 75.23 -23.44 26.65
CA LEU F 344 74.18 -23.22 27.62
C LEU F 344 74.79 -23.09 29.01
N THR F 345 74.05 -22.46 29.90
CA THR F 345 74.48 -22.19 31.25
C THR F 345 73.48 -22.81 32.21
N LEU F 346 73.98 -23.53 33.20
CA LEU F 346 73.14 -24.30 34.12
C LEU F 346 73.19 -23.67 35.50
N ARG F 347 72.13 -22.97 35.87
CA ARG F 347 72.09 -22.20 37.10
C ARG F 347 71.25 -22.94 38.13
N LYS F 348 71.59 -22.74 39.40
CA LYS F 348 70.88 -23.39 40.48
C LYS F 348 69.54 -22.71 40.75
N SER F 349 68.66 -23.42 41.46
CA SER F 349 67.32 -22.93 41.72
C SER F 349 67.34 -21.76 42.70
N LEU F 350 66.76 -20.65 42.27
CA LEU F 350 66.69 -19.44 43.08
C LEU F 350 65.74 -19.57 44.25
N LEU F 351 64.77 -20.48 44.17
CA LEU F 351 63.69 -20.56 45.14
C LEU F 351 63.69 -21.93 45.81
N VAL F 352 63.24 -21.95 47.06
CA VAL F 352 63.02 -23.20 47.77
C VAL F 352 61.94 -23.99 47.05
N GLN F 353 62.09 -25.32 47.04
CA GLN F 353 61.21 -26.21 46.28
C GLN F 353 60.32 -26.98 47.24
N THR F 354 59.00 -26.78 47.15
CA THR F 354 58.07 -27.45 48.06
C THR F 354 56.83 -27.94 47.32
N LYS F 355 56.98 -28.31 46.05
CA LYS F 355 55.90 -28.91 45.29
C LYS F 355 56.02 -30.43 45.33
N ARG F 356 55.01 -31.13 44.81
CA ARG F 356 55.18 -32.54 44.52
C ARG F 356 55.92 -32.77 43.22
N ARG F 357 55.99 -31.74 42.38
CA ARG F 357 56.71 -31.81 41.12
C ARG F 357 58.21 -31.65 41.34
N ALA F 358 58.59 -30.76 42.24
CA ALA F 358 60.00 -30.44 42.43
C ALA F 358 60.74 -31.47 43.27
N LEU F 359 60.05 -32.15 44.19
CA LEU F 359 60.64 -33.22 44.97
C LEU F 359 60.31 -34.59 44.40
N GLU F 360 60.26 -34.69 43.08
CA GLU F 360 59.85 -35.92 42.39
C GLU F 360 61.09 -36.69 41.97
N LYS F 361 61.28 -37.86 42.56
CA LYS F 361 62.37 -38.76 42.19
C LYS F 361 62.16 -39.27 40.76
N ILE F 362 63.21 -39.84 40.20
CA ILE F 362 63.21 -40.32 38.83
C ILE F 362 63.85 -41.70 38.77
N ASP F 363 63.13 -42.67 38.20
CA ASP F 363 63.65 -43.99 37.90
C ASP F 363 63.36 -44.25 36.42
N LEU F 364 64.38 -44.18 35.59
CA LEU F 364 64.17 -44.31 34.15
C LEU F 364 64.03 -45.77 33.75
N LYS F 365 63.19 -46.00 32.75
CA LYS F 365 62.94 -47.34 32.24
C LYS F 365 63.49 -47.56 30.85
N PHE F 366 63.48 -46.53 30.01
CA PHE F 366 63.91 -46.68 28.62
C PHE F 366 64.28 -45.31 28.06
N ILE F 367 65.44 -45.25 27.40
CA ILE F 367 65.92 -44.04 26.76
C ILE F 367 65.88 -44.27 25.26
N ASP F 368 65.30 -43.33 24.53
CA ASP F 368 65.23 -43.45 23.08
C ASP F 368 66.59 -43.17 22.47
N THR F 369 67.04 -44.07 21.60
CA THR F 369 68.30 -43.89 20.89
C THR F 369 68.19 -44.31 19.43
N THR F 370 67.00 -44.29 18.87
CA THR F 370 66.83 -44.51 17.44
C THR F 370 67.32 -43.28 16.67
N SER F 371 67.23 -43.37 15.34
CA SER F 371 67.81 -42.34 14.50
C SER F 371 66.98 -41.07 14.52
N LYS F 372 67.64 -39.94 14.50
CA LYS F 372 67.00 -38.64 14.40
C LYS F 372 67.17 -38.02 13.02
N PHE F 373 67.84 -38.73 12.11
CA PHE F 373 68.08 -38.30 10.74
C PHE F 373 67.02 -38.85 9.80
N GLY F 374 65.80 -38.98 10.30
CA GLY F 374 64.74 -39.60 9.55
C GLY F 374 63.91 -40.48 10.46
N HIS F 375 63.11 -41.38 9.90
CA HIS F 375 62.27 -42.25 10.70
C HIS F 375 63.01 -43.56 10.92
N GLY F 376 64.11 -43.46 11.66
CA GLY F 376 64.86 -44.64 12.01
C GLY F 376 64.07 -45.56 12.92
N ARG F 377 64.21 -46.85 12.68
CA ARG F 377 63.35 -47.85 13.30
C ARG F 377 64.14 -48.89 14.09
N PHE F 378 65.38 -48.59 14.46
CA PHE F 378 66.19 -49.46 15.29
C PHE F 378 66.93 -48.59 16.28
N GLN F 379 67.09 -49.08 17.51
CA GLN F 379 67.89 -48.34 18.48
C GLN F 379 69.35 -48.37 18.10
N THR F 380 69.92 -49.56 18.02
CA THR F 380 71.32 -49.75 17.68
C THR F 380 71.46 -50.57 16.40
N VAL F 381 72.71 -50.82 16.00
CA VAL F 381 72.97 -51.46 14.72
C VAL F 381 72.78 -52.97 14.79
N GLU F 382 73.09 -53.58 15.93
CA GLU F 382 72.94 -55.02 16.05
C GLU F 382 71.48 -55.44 16.15
N GLU F 383 70.59 -54.54 16.57
CA GLU F 383 69.16 -54.83 16.38
C GLU F 383 68.80 -54.76 14.90
N LYS F 384 69.48 -53.88 14.16
CA LYS F 384 69.22 -53.77 12.74
C LYS F 384 69.80 -54.96 11.99
N LYS F 385 71.07 -55.29 12.28
CA LYS F 385 71.75 -56.37 11.58
C LYS F 385 71.05 -57.70 11.81
N ALA F 386 70.59 -57.96 13.04
CA ALA F 386 69.86 -59.18 13.32
C ALA F 386 68.50 -59.18 12.65
N PHE F 387 67.96 -58.00 12.35
CA PHE F 387 66.70 -57.93 11.64
C PHE F 387 66.90 -57.91 10.13
N MET F 388 67.87 -57.13 9.66
CA MET F 388 68.14 -57.06 8.23
C MET F 388 68.77 -58.34 7.71
N GLY F 389 69.35 -59.15 8.60
CA GLY F 389 70.12 -60.30 8.20
C GLY F 389 71.40 -59.88 7.52
N PRO F 390 72.07 -60.83 6.86
CA PRO F 390 73.23 -60.45 6.05
C PRO F 390 72.79 -59.76 4.79
N LEU F 391 73.59 -58.78 4.37
CA LEU F 391 73.26 -57.98 3.20
C LEU F 391 74.13 -58.40 2.03
N LYS F 392 73.90 -57.75 0.88
CA LYS F 392 74.72 -58.05 -0.29
C LYS F 392 76.15 -57.56 -0.10
N LYS F 393 76.31 -56.35 0.43
CA LYS F 393 77.61 -55.70 0.46
C LYS F 393 78.46 -56.14 1.65
N ASP F 394 78.16 -57.30 2.23
CA ASP F 394 79.01 -57.88 3.27
C ASP F 394 79.86 -59.00 2.70
N ALA G 1 66.30 104.19 -11.99
CA ALA G 1 67.34 104.84 -12.77
C ALA G 1 66.78 106.01 -13.58
N CYS G 2 67.46 107.16 -13.48
CA CYS G 2 67.03 108.35 -14.20
C CYS G 2 67.80 108.51 -15.51
N ALA G 3 69.12 108.52 -15.45
CA ALA G 3 69.97 108.75 -16.60
C ALA G 3 70.63 107.46 -17.05
N ARG G 4 71.01 107.40 -18.32
CA ARG G 4 71.64 106.28 -18.98
C ARG G 4 73.06 106.66 -19.42
N PRO G 5 73.99 105.71 -19.46
CA PRO G 5 75.37 106.04 -19.83
C PRO G 5 75.54 106.12 -21.34
N LEU G 6 76.78 106.34 -21.75
CA LEU G 6 77.13 106.56 -23.15
C LEU G 6 78.21 105.56 -23.56
N ILE G 7 77.82 104.54 -24.31
CA ILE G 7 78.76 103.53 -24.77
C ILE G 7 79.53 104.06 -25.96
N SER G 8 80.85 103.87 -25.94
CA SER G 8 81.70 104.20 -27.08
C SER G 8 81.83 102.99 -27.98
N VAL G 9 81.69 103.20 -29.27
CA VAL G 9 81.78 102.14 -30.25
C VAL G 9 83.25 101.74 -30.37
N TYR G 10 83.49 100.52 -30.81
CA TYR G 10 84.85 100.05 -31.05
C TYR G 10 85.04 99.70 -32.51
N SER G 11 86.25 99.96 -33.01
CA SER G 11 86.61 99.56 -34.36
C SER G 11 87.08 98.11 -34.34
N GLU G 12 87.50 97.61 -35.50
CA GLU G 12 87.88 96.22 -35.66
C GLU G 12 89.27 95.90 -35.11
N LYS G 13 89.97 96.89 -34.55
CA LYS G 13 91.30 96.67 -33.99
C LYS G 13 91.37 97.02 -32.51
N GLY G 14 90.24 96.93 -31.79
CA GLY G 14 90.21 97.12 -30.37
C GLY G 14 90.21 98.55 -29.89
N GLU G 15 90.60 99.49 -30.73
CA GLU G 15 90.61 100.89 -30.32
C GLU G 15 89.19 101.44 -30.27
N SER G 16 88.94 102.28 -29.28
CA SER G 16 87.63 102.93 -29.16
C SER G 16 87.55 104.09 -30.13
N SER G 17 86.64 103.98 -31.10
CA SER G 17 86.42 105.08 -32.04
C SER G 17 85.66 106.21 -31.34
N GLY G 18 85.77 107.42 -31.93
CA GLY G 18 85.14 108.59 -31.34
C GLY G 18 83.63 108.60 -31.40
N LYS G 19 83.03 107.74 -32.21
CA LYS G 19 81.57 107.65 -32.24
C LYS G 19 81.06 107.04 -30.95
N ASN G 20 79.91 107.52 -30.48
CA ASN G 20 79.32 107.07 -29.23
C ASN G 20 77.83 106.82 -29.42
N VAL G 21 77.34 105.72 -28.86
CA VAL G 21 75.93 105.36 -28.92
C VAL G 21 75.43 105.22 -27.49
N THR G 22 74.31 105.88 -27.19
CA THR G 22 73.72 105.77 -25.87
C THR G 22 73.20 104.36 -25.63
N LEU G 23 73.17 103.96 -24.36
CA LEU G 23 72.64 102.66 -24.00
C LEU G 23 71.13 102.61 -24.25
N PRO G 24 70.63 101.64 -25.01
CA PRO G 24 69.19 101.47 -25.14
C PRO G 24 68.56 101.14 -23.79
N ALA G 25 67.27 101.43 -23.67
CA ALA G 25 66.57 101.25 -22.41
C ALA G 25 66.41 99.79 -22.00
N VAL G 26 66.62 98.86 -22.94
CA VAL G 26 66.46 97.44 -22.65
C VAL G 26 67.47 96.97 -21.61
N PHE G 27 68.63 97.61 -21.53
CA PHE G 27 69.64 97.23 -20.55
C PHE G 27 69.33 97.72 -19.15
N LYS G 28 68.27 98.51 -18.98
CA LYS G 28 67.80 98.91 -17.66
C LYS G 28 66.50 98.23 -17.31
N ALA G 29 66.17 97.12 -17.95
CA ALA G 29 64.97 96.38 -17.66
C ALA G 29 65.09 95.67 -16.30
N PRO G 30 63.96 95.37 -15.65
CA PRO G 30 64.03 94.59 -14.41
C PRO G 30 64.45 93.15 -14.70
N ILE G 31 65.51 92.72 -14.04
CA ILE G 31 66.06 91.38 -14.20
C ILE G 31 65.12 90.38 -13.55
N ARG G 32 64.71 89.37 -14.30
CA ARG G 32 63.84 88.31 -13.81
C ARG G 32 64.42 86.97 -14.24
N PRO G 33 65.22 86.32 -13.38
CA PRO G 33 65.67 84.96 -13.66
C PRO G 33 64.53 83.97 -13.75
N ASP G 34 63.50 84.14 -12.92
CA ASP G 34 62.40 83.19 -12.88
C ASP G 34 61.63 83.17 -14.19
N ILE G 35 61.49 84.31 -14.84
CA ILE G 35 60.75 84.35 -16.10
C ILE G 35 61.59 83.82 -17.26
N VAL G 36 62.88 84.17 -17.31
CA VAL G 36 63.71 83.68 -18.40
C VAL G 36 64.00 82.20 -18.21
N ASN G 37 63.94 81.72 -16.97
CA ASN G 37 63.93 80.28 -16.76
C ASN G 37 62.62 79.68 -17.23
N PHE G 38 61.51 80.31 -16.88
CA PHE G 38 60.20 79.82 -17.28
C PHE G 38 60.06 79.79 -18.80
N VAL G 39 60.57 80.81 -19.47
CA VAL G 39 60.49 80.82 -20.92
C VAL G 39 61.46 79.83 -21.54
N HIS G 40 62.62 79.60 -20.92
CA HIS G 40 63.59 78.67 -21.51
C HIS G 40 63.10 77.25 -21.44
N THR G 41 62.77 76.77 -20.24
CA THR G 41 62.31 75.40 -20.06
C THR G 41 61.02 75.12 -20.79
N ASN G 42 60.12 76.09 -20.85
CA ASN G 42 58.85 75.81 -21.50
C ASN G 42 58.91 75.93 -23.00
N LEU G 43 59.87 76.68 -23.55
CA LEU G 43 59.97 76.80 -25.01
C LEU G 43 60.99 75.86 -25.62
N ARG G 44 61.81 75.20 -24.80
CA ARG G 44 62.74 74.21 -25.32
C ARG G 44 62.03 72.97 -25.83
N LYS G 45 60.80 72.73 -25.41
CA LYS G 45 60.04 71.57 -25.85
C LYS G 45 59.40 71.75 -27.21
N ASN G 46 59.43 72.96 -27.77
CA ASN G 46 58.77 73.21 -29.04
C ASN G 46 59.52 72.62 -30.22
N ASN G 47 60.82 72.36 -30.05
CA ASN G 47 61.62 71.70 -31.07
C ASN G 47 61.69 70.19 -30.85
N ARG G 48 61.09 69.70 -29.77
CA ARG G 48 61.18 68.30 -29.39
C ARG G 48 60.29 67.46 -30.29
N GLN G 49 60.91 66.51 -30.98
CA GLN G 49 60.43 65.60 -32.00
C GLN G 49 59.78 64.38 -31.35
N PRO G 50 58.60 63.98 -31.83
CA PRO G 50 57.85 62.92 -31.13
C PRO G 50 58.48 61.55 -31.29
N TYR G 51 58.21 60.70 -30.30
CA TYR G 51 58.65 59.31 -30.32
C TYR G 51 57.57 58.49 -29.64
N ALA G 52 57.43 57.23 -30.05
CA ALA G 52 56.39 56.39 -29.48
C ALA G 52 56.70 54.93 -29.72
N VAL G 53 56.15 54.08 -28.86
CA VAL G 53 56.14 52.64 -29.09
C VAL G 53 54.97 52.31 -29.99
N SER G 54 55.17 51.35 -30.89
CA SER G 54 54.11 50.94 -31.82
C SER G 54 52.91 50.41 -31.08
N GLU G 55 51.73 50.61 -31.67
CA GLU G 55 50.49 50.20 -31.02
C GLU G 55 50.25 48.71 -31.09
N LEU G 56 51.15 47.94 -31.70
CA LEU G 56 51.00 46.50 -31.81
C LEU G 56 51.97 45.73 -30.93
N ALA G 57 52.70 46.41 -30.05
CA ALA G 57 53.81 45.79 -29.31
C ALA G 57 53.32 44.68 -28.41
N GLY G 58 53.70 43.45 -28.75
CA GLY G 58 53.30 42.31 -27.96
C GLY G 58 51.84 41.93 -28.07
N HIS G 59 51.08 42.59 -28.95
CA HIS G 59 49.67 42.28 -29.14
C HIS G 59 49.44 41.48 -30.40
N GLN G 60 50.49 41.19 -31.16
CA GLN G 60 50.34 40.39 -32.36
C GLN G 60 50.32 38.91 -32.08
N THR G 61 50.78 38.48 -30.91
CA THR G 61 50.60 37.12 -30.47
C THR G 61 49.14 36.92 -30.07
N SER G 62 48.69 35.67 -30.15
CA SER G 62 47.32 35.32 -29.81
C SER G 62 47.36 34.42 -28.59
N ALA G 63 46.91 34.95 -27.46
CA ALA G 63 47.03 34.26 -26.18
C ALA G 63 45.68 34.11 -25.50
N GLU G 64 45.66 33.27 -24.47
CA GLU G 64 44.50 33.07 -23.62
C GLU G 64 44.99 32.35 -22.37
N SER G 65 44.47 32.75 -21.21
CA SER G 65 44.88 32.14 -19.95
C SER G 65 44.44 30.68 -19.89
N TRP G 66 45.12 29.91 -19.05
CA TRP G 66 44.72 28.55 -18.75
C TRP G 66 43.68 28.48 -17.64
N GLY G 67 43.21 29.64 -17.16
CA GLY G 67 42.25 29.68 -16.09
C GLY G 67 42.85 29.21 -14.77
N THR G 68 41.95 29.07 -13.80
CA THR G 68 42.35 28.49 -12.52
C THR G 68 42.69 27.03 -12.70
N GLY G 69 43.48 26.50 -11.79
CA GLY G 69 43.95 25.15 -11.92
C GLY G 69 45.27 25.07 -12.67
N ARG G 70 45.65 23.83 -12.98
CA ARG G 70 46.81 23.45 -13.79
C ARG G 70 48.13 23.91 -13.22
N ALA G 71 48.17 24.32 -11.95
CA ALA G 71 49.40 24.68 -11.21
C ALA G 71 50.17 25.80 -11.90
N VAL G 72 49.44 26.80 -12.38
CA VAL G 72 50.04 27.91 -13.12
C VAL G 72 49.60 29.21 -12.48
N ALA G 73 49.95 30.33 -13.10
CA ALA G 73 49.75 31.64 -12.50
C ALA G 73 48.75 32.53 -13.23
N ARG G 74 47.81 31.94 -14.00
CA ARG G 74 46.61 32.63 -14.45
C ARG G 74 46.92 33.79 -15.40
N ILE G 75 47.98 33.66 -16.18
CA ILE G 75 48.40 34.70 -17.10
C ILE G 75 48.00 34.25 -18.51
N PRO G 76 47.65 35.16 -19.42
CA PRO G 76 47.39 34.75 -20.80
C PRO G 76 48.63 34.19 -21.47
N ARG G 77 48.55 32.94 -21.90
CA ARG G 77 49.69 32.19 -22.36
C ARG G 77 49.54 31.83 -23.83
N VAL G 78 50.65 31.42 -24.44
CA VAL G 78 50.69 31.20 -25.87
C VAL G 78 49.92 29.91 -26.22
N ARG G 79 49.28 29.92 -27.39
CA ARG G 79 48.31 28.89 -27.76
C ARG G 79 49.04 27.71 -28.40
N GLY G 80 49.18 26.62 -27.64
CA GLY G 80 49.70 25.37 -28.16
C GLY G 80 51.12 25.43 -28.68
N GLY G 81 51.36 24.81 -29.83
CA GLY G 81 52.66 24.91 -30.47
C GLY G 81 53.66 23.89 -29.97
N GLY G 82 54.72 23.67 -30.76
CA GLY G 82 55.75 22.73 -30.39
C GLY G 82 57.11 23.39 -30.24
N THR G 83 57.14 24.57 -29.64
CA THR G 83 58.36 25.33 -29.47
C THR G 83 58.54 25.68 -28.00
N HIS G 84 59.59 26.45 -27.69
CA HIS G 84 59.78 26.90 -26.32
C HIS G 84 58.74 27.95 -25.94
N ARG G 85 58.37 28.80 -26.91
CA ARG G 85 57.33 29.81 -26.70
C ARG G 85 55.97 29.12 -26.75
N SER G 86 55.65 28.40 -25.66
CA SER G 86 54.40 27.65 -25.56
C SER G 86 53.97 27.70 -24.10
N GLY G 87 53.07 28.62 -23.80
CA GLY G 87 52.66 28.86 -22.44
C GLY G 87 53.58 29.75 -21.67
N GLN G 88 54.16 30.77 -22.30
CA GLN G 88 55.13 31.64 -21.65
C GLN G 88 54.52 32.90 -21.06
N GLY G 89 53.29 33.23 -21.41
CA GLY G 89 52.68 34.43 -20.90
C GLY G 89 52.90 35.57 -21.87
N ALA G 90 51.84 36.01 -22.55
CA ALA G 90 52.04 37.03 -23.57
C ALA G 90 51.77 38.45 -23.07
N PHE G 91 50.51 38.74 -22.73
CA PHE G 91 50.17 40.12 -22.45
C PHE G 91 50.44 40.44 -21.00
N GLY G 92 50.25 41.71 -20.65
CA GLY G 92 50.57 42.18 -19.32
C GLY G 92 51.97 42.75 -19.27
N ASN G 93 52.21 43.67 -18.34
CA ASN G 93 53.49 44.36 -18.31
C ASN G 93 54.58 43.56 -17.63
N MET G 94 54.27 42.40 -17.06
CA MET G 94 55.28 41.68 -16.28
C MET G 94 55.87 40.48 -17.00
N CYS G 95 55.25 40.02 -18.08
CA CYS G 95 55.81 38.88 -18.80
C CYS G 95 56.96 39.30 -19.70
N ARG G 96 57.83 38.34 -20.02
CA ARG G 96 58.85 38.55 -21.03
C ARG G 96 58.18 38.74 -22.38
N GLY G 97 58.32 39.93 -22.95
CA GLY G 97 57.60 40.25 -24.16
C GLY G 97 56.24 40.82 -23.82
N GLY G 98 55.40 40.99 -24.83
CA GLY G 98 54.14 41.60 -24.51
C GLY G 98 54.29 43.10 -24.38
N ARG G 99 53.16 43.74 -24.06
CA ARG G 99 53.17 45.18 -23.94
C ARG G 99 53.72 45.59 -22.58
N MET G 100 54.08 46.86 -22.49
CA MET G 100 54.44 47.49 -21.24
C MET G 100 53.26 48.32 -20.74
N PHE G 101 53.37 48.77 -19.49
CA PHE G 101 52.35 49.62 -18.93
C PHE G 101 52.36 50.99 -19.60
N ALA G 102 51.18 51.48 -19.97
CA ALA G 102 50.95 52.79 -20.57
C ALA G 102 51.81 53.03 -21.82
N PRO G 103 51.48 52.39 -22.95
CA PRO G 103 52.23 52.67 -24.18
C PRO G 103 52.15 54.14 -24.57
N THR G 104 53.29 54.81 -24.52
CA THR G 104 53.36 56.23 -24.84
C THR G 104 53.02 56.46 -26.31
N LYS G 105 51.97 57.21 -26.56
CA LYS G 105 51.56 57.47 -27.92
C LYS G 105 52.24 58.72 -28.46
N THR G 106 51.96 59.00 -29.73
CA THR G 106 52.47 60.21 -30.35
C THR G 106 51.70 61.45 -29.92
N TRP G 107 50.53 61.31 -29.30
CA TRP G 107 49.73 62.48 -29.01
C TRP G 107 49.92 62.97 -27.59
N ARG G 108 51.07 62.71 -26.98
CA ARG G 108 51.44 63.47 -25.80
C ARG G 108 51.67 64.92 -26.20
N ARG G 109 51.33 65.84 -25.31
CA ARG G 109 51.47 67.26 -25.58
C ARG G 109 52.97 67.57 -25.58
N TRP G 110 53.58 67.46 -26.75
CA TRP G 110 55.01 67.72 -26.89
C TRP G 110 55.30 69.21 -26.85
N HIS G 111 54.36 70.02 -27.29
CA HIS G 111 54.62 71.45 -27.45
C HIS G 111 53.76 72.23 -26.47
N ARG G 112 54.36 73.25 -25.86
CA ARG G 112 53.62 74.21 -25.06
C ARG G 112 53.71 75.57 -25.71
N ARG G 113 52.94 76.51 -25.20
CA ARG G 113 52.98 77.90 -25.66
C ARG G 113 53.02 78.83 -24.45
N VAL G 114 53.74 79.92 -24.58
CA VAL G 114 53.81 80.96 -23.57
C VAL G 114 53.37 82.26 -24.24
N ASN G 115 52.68 83.11 -23.47
CA ASN G 115 52.15 84.35 -24.00
C ASN G 115 53.27 85.25 -24.51
N THR G 116 52.98 85.97 -25.60
CA THR G 116 54.04 86.61 -26.36
C THR G 116 54.63 87.82 -25.62
N THR G 117 53.85 88.41 -24.70
CA THR G 117 54.40 89.46 -23.88
C THR G 117 55.50 88.92 -22.96
N GLN G 118 55.30 87.71 -22.46
CA GLN G 118 56.38 87.04 -21.73
C GLN G 118 57.52 86.63 -22.63
N LYS G 119 57.25 86.34 -23.90
CA LYS G 119 58.33 86.13 -24.86
C LYS G 119 59.06 87.42 -25.14
N ARG G 120 58.36 88.56 -25.06
CA ARG G 120 59.02 89.83 -25.23
C ARG G 120 59.57 90.35 -23.90
N TYR G 121 59.08 89.83 -22.77
CA TYR G 121 59.67 90.18 -21.49
C TYR G 121 61.04 89.52 -21.32
N ALA G 122 61.15 88.26 -21.71
CA ALA G 122 62.32 87.45 -21.36
C ALA G 122 63.57 87.94 -22.09
N ILE G 123 63.40 88.57 -23.25
CA ILE G 123 64.54 89.17 -23.94
C ILE G 123 65.08 90.33 -23.12
N CYS G 124 64.18 91.15 -22.56
CA CYS G 124 64.60 92.32 -21.79
C CYS G 124 65.41 91.92 -20.57
N SER G 125 65.00 90.86 -19.88
CA SER G 125 65.82 90.36 -18.79
C SER G 125 67.04 89.62 -19.28
N ALA G 126 67.07 89.20 -20.56
CA ALA G 126 68.25 88.53 -21.08
C ALA G 126 69.30 89.53 -21.52
N LEU G 127 68.89 90.61 -22.17
CA LEU G 127 69.86 91.60 -22.64
C LEU G 127 70.41 92.42 -21.50
N ALA G 128 69.56 92.82 -20.55
CA ALA G 128 70.01 93.62 -19.42
C ALA G 128 70.95 92.84 -18.51
N ALA G 129 70.87 91.51 -18.52
CA ALA G 129 71.84 90.72 -17.77
C ALA G 129 73.10 90.45 -18.56
N SER G 130 73.10 90.74 -19.86
CA SER G 130 74.28 90.61 -20.69
C SER G 130 75.17 91.84 -20.66
N ALA G 131 74.79 92.85 -19.88
CA ALA G 131 75.57 94.08 -19.76
C ALA G 131 76.22 94.24 -18.40
N LEU G 132 75.76 93.54 -17.39
CA LEU G 132 76.30 93.71 -16.06
C LEU G 132 77.55 92.86 -15.90
N PRO G 133 78.52 93.27 -15.05
CA PRO G 133 79.82 92.59 -15.05
C PRO G 133 79.78 91.14 -14.60
N ALA G 134 79.23 90.85 -13.43
CA ALA G 134 79.38 89.51 -12.86
C ALA G 134 78.47 88.51 -13.55
N LEU G 135 77.34 88.97 -14.09
CA LEU G 135 76.34 88.04 -14.64
C LEU G 135 76.87 87.32 -15.87
N VAL G 136 77.71 87.96 -16.66
CA VAL G 136 78.37 87.25 -17.75
C VAL G 136 79.62 86.53 -17.24
N MET G 137 80.24 87.05 -16.18
CA MET G 137 81.34 86.33 -15.55
C MET G 137 80.85 85.05 -14.89
N SER G 138 79.72 85.11 -14.20
CA SER G 138 79.19 83.93 -13.53
C SER G 138 78.67 82.89 -14.50
N LYS G 139 78.51 83.24 -15.78
CA LYS G 139 78.25 82.27 -16.83
C LYS G 139 79.49 81.47 -17.20
N GLY G 140 80.64 81.81 -16.63
CA GLY G 140 81.88 81.14 -16.96
C GLY G 140 82.71 81.82 -18.01
N HIS G 141 82.22 82.91 -18.58
CA HIS G 141 82.95 83.60 -19.65
C HIS G 141 84.20 84.26 -19.11
N ARG G 142 85.33 83.94 -19.74
CA ARG G 142 86.61 84.56 -19.42
C ARG G 142 86.76 85.82 -20.26
N ILE G 143 86.21 86.91 -19.73
CA ILE G 143 86.12 88.17 -20.47
C ILE G 143 86.79 89.29 -19.70
N GLU G 144 87.83 88.96 -18.92
CA GLU G 144 88.55 89.97 -18.16
C GLU G 144 89.31 90.95 -19.04
N GLU G 145 89.59 90.57 -20.28
CA GLU G 145 90.34 91.41 -21.20
C GLU G 145 89.44 92.21 -22.13
N VAL G 146 88.13 92.20 -21.89
CA VAL G 146 87.19 92.91 -22.76
C VAL G 146 87.31 94.40 -22.50
N PRO G 147 87.37 95.24 -23.55
CA PRO G 147 87.44 96.69 -23.32
C PRO G 147 86.18 97.28 -22.70
N GLU G 148 84.99 96.91 -23.18
CA GLU G 148 83.76 97.48 -22.67
C GLU G 148 82.63 96.46 -22.85
N LEU G 149 81.84 96.27 -21.80
CA LEU G 149 80.99 95.07 -21.74
C LEU G 149 79.79 95.07 -22.68
N PRO G 150 78.98 96.14 -22.80
CA PRO G 150 78.02 96.16 -23.93
C PRO G 150 78.76 96.43 -25.23
N LEU G 151 79.49 95.43 -25.71
CA LEU G 151 80.52 95.64 -26.71
C LEU G 151 79.91 95.83 -28.09
N VAL G 152 80.25 96.94 -28.73
CA VAL G 152 79.69 97.31 -30.02
C VAL G 152 80.84 97.51 -31.00
N VAL G 153 80.83 96.73 -32.07
CA VAL G 153 81.85 96.82 -33.11
C VAL G 153 81.30 97.73 -34.21
N GLU G 154 82.19 98.37 -34.96
CA GLU G 154 81.78 99.32 -35.97
C GLU G 154 81.06 98.62 -37.13
N ASP G 155 80.41 99.42 -37.96
CA ASP G 155 79.56 98.95 -39.05
C ASP G 155 80.32 98.65 -40.34
N LYS G 156 81.62 98.34 -40.26
CA LYS G 156 82.33 97.76 -41.39
C LYS G 156 82.35 96.24 -41.33
N VAL G 157 82.09 95.67 -40.16
CA VAL G 157 82.38 94.27 -39.88
C VAL G 157 81.49 93.33 -40.70
N GLU G 158 80.32 93.80 -41.15
CA GLU G 158 79.40 92.92 -41.84
C GLU G 158 79.91 92.47 -43.20
N GLY G 159 80.84 93.20 -43.81
CA GLY G 159 81.40 92.84 -45.10
C GLY G 159 82.46 91.78 -45.08
N TYR G 160 82.69 91.14 -43.93
CA TYR G 160 83.74 90.15 -43.80
C TYR G 160 83.35 88.87 -44.55
N LYS G 161 84.33 88.26 -45.25
CA LYS G 161 84.01 87.16 -46.16
C LYS G 161 84.91 85.95 -45.99
N LYS G 162 85.94 86.01 -45.16
CA LYS G 162 86.85 84.90 -44.97
C LYS G 162 87.13 84.76 -43.49
N THR G 163 87.23 83.53 -42.99
CA THR G 163 87.17 83.34 -41.55
C THR G 163 88.39 83.88 -40.81
N LYS G 164 89.47 84.21 -41.54
CA LYS G 164 90.68 84.68 -40.89
C LYS G 164 90.47 86.04 -40.21
N GLU G 165 89.70 86.93 -40.85
CA GLU G 165 89.48 88.25 -40.30
C GLU G 165 88.55 88.20 -39.09
N ALA G 166 87.71 87.18 -39.01
CA ALA G 166 86.96 86.97 -37.78
C ALA G 166 87.89 86.56 -36.64
N VAL G 167 88.93 85.80 -36.95
CA VAL G 167 89.99 85.57 -35.97
C VAL G 167 90.73 86.86 -35.67
N LEU G 168 90.97 87.66 -36.71
CA LEU G 168 91.62 88.96 -36.53
C LEU G 168 90.78 89.89 -35.67
N LEU G 169 89.45 89.83 -35.82
CA LEU G 169 88.58 90.64 -34.98
C LEU G 169 88.58 90.15 -33.54
N LEU G 170 88.44 88.85 -33.35
CA LEU G 170 88.36 88.31 -31.99
C LEU G 170 89.68 88.42 -31.25
N LYS G 171 90.80 88.37 -31.97
CA LYS G 171 92.09 88.51 -31.32
C LYS G 171 92.32 89.93 -30.84
N LYS G 172 91.87 90.92 -31.61
CA LYS G 172 92.03 92.30 -31.19
C LYS G 172 91.00 92.68 -30.15
N LEU G 173 89.86 91.98 -30.12
CA LEU G 173 88.86 92.20 -29.09
C LEU G 173 89.14 91.42 -27.83
N LYS G 174 90.20 90.60 -27.82
CA LYS G 174 90.69 89.89 -26.64
C LYS G 174 89.64 88.96 -26.04
N ALA G 175 88.69 88.51 -26.87
CA ALA G 175 87.76 87.48 -26.49
C ALA G 175 88.21 86.10 -26.90
N TRP G 176 89.49 85.95 -27.27
CA TRP G 176 89.97 84.63 -27.68
C TRP G 176 90.09 83.70 -26.50
N ASN G 177 90.32 84.24 -25.31
CA ASN G 177 90.30 83.42 -24.10
C ASN G 177 88.92 82.87 -23.80
N ASP G 178 87.87 83.49 -24.35
CA ASP G 178 86.56 82.89 -24.31
C ASP G 178 86.40 81.81 -25.37
N ILE G 179 87.20 81.89 -26.44
CA ILE G 179 87.12 80.89 -27.50
C ILE G 179 88.06 79.73 -27.22
N LYS G 180 89.26 80.02 -26.69
CA LYS G 180 90.17 78.97 -26.28
C LYS G 180 89.59 78.13 -25.15
N LYS G 181 88.73 78.73 -24.33
CA LYS G 181 88.02 77.99 -23.29
C LYS G 181 86.99 77.02 -23.85
N VAL G 182 86.64 77.14 -25.13
CA VAL G 182 85.75 76.16 -25.74
C VAL G 182 86.54 74.99 -26.30
N TYR G 183 87.73 75.27 -26.86
CA TYR G 183 88.60 74.19 -27.34
C TYR G 183 89.03 73.28 -26.20
N ALA G 184 89.21 73.83 -25.00
CA ALA G 184 89.48 72.99 -23.84
C ALA G 184 88.22 72.35 -23.30
N SER G 185 87.05 72.66 -23.87
CA SER G 185 85.79 72.06 -23.46
C SER G 185 85.26 71.09 -24.50
N GLN G 186 86.07 70.75 -25.50
CA GLN G 186 85.66 69.82 -26.54
C GLN G 186 85.95 68.41 -26.04
N ARG G 187 84.89 67.69 -25.70
CA ARG G 187 85.04 66.32 -25.24
C ARG G 187 83.81 65.51 -25.62
N MET G 188 83.91 64.20 -25.42
CA MET G 188 82.84 63.29 -25.78
C MET G 188 81.76 63.27 -24.70
N ARG G 189 80.50 63.13 -25.14
CA ARG G 189 79.37 63.12 -24.23
C ARG G 189 79.40 61.88 -23.34
N ALA G 190 78.55 61.83 -22.32
CA ALA G 190 78.50 60.72 -21.38
C ALA G 190 77.11 60.11 -21.40
N GLY G 191 77.03 58.88 -21.87
CA GLY G 191 75.79 58.13 -21.84
C GLY G 191 75.47 57.58 -23.20
N LYS G 192 74.26 57.05 -23.33
CA LYS G 192 73.79 56.44 -24.58
C LYS G 192 73.44 57.47 -25.65
N GLY G 193 73.58 58.76 -25.37
CA GLY G 193 73.32 59.76 -26.39
C GLY G 193 74.40 59.81 -27.46
N LYS G 194 75.54 59.16 -27.19
CA LYS G 194 76.64 59.16 -28.14
C LYS G 194 76.27 58.44 -29.43
N MET G 195 75.65 57.26 -29.30
CA MET G 195 75.19 56.52 -30.47
C MET G 195 73.92 57.12 -31.07
N ARG G 196 73.36 58.15 -30.46
CA ARG G 196 72.18 58.83 -30.96
C ARG G 196 72.53 60.19 -31.58
N ASN G 197 73.69 60.26 -32.23
CA ASN G 197 74.14 61.42 -33.01
C ASN G 197 74.33 62.67 -32.16
N ARG G 198 74.49 62.50 -30.85
CA ARG G 198 74.78 63.60 -29.95
C ARG G 198 76.12 63.35 -29.27
N ARG G 199 77.11 62.99 -30.09
CA ARG G 199 78.38 62.48 -29.58
C ARG G 199 79.25 63.60 -29.03
N ARG G 200 79.45 64.66 -29.82
CA ARG G 200 80.43 65.70 -29.49
C ARG G 200 79.71 66.89 -28.87
N ILE G 201 80.12 67.25 -27.66
CA ILE G 201 79.52 68.35 -26.91
C ILE G 201 80.62 69.33 -26.54
N GLN G 202 80.28 70.62 -26.51
CA GLN G 202 81.21 71.66 -26.15
C GLN G 202 80.49 72.76 -25.39
N ARG G 203 81.27 73.58 -24.70
CA ARG G 203 80.73 74.72 -23.98
C ARG G 203 80.31 75.82 -24.94
N ARG G 204 79.23 76.52 -24.60
CA ARG G 204 78.76 77.65 -25.40
C ARG G 204 79.82 78.73 -25.49
N GLY G 205 79.77 79.49 -26.58
CA GLY G 205 80.69 80.58 -26.80
C GLY G 205 79.99 81.91 -26.83
N PRO G 206 80.69 82.96 -27.26
CA PRO G 206 80.06 84.28 -27.34
C PRO G 206 79.20 84.38 -28.58
N CYS G 207 78.02 84.98 -28.43
CA CYS G 207 77.13 85.18 -29.56
C CYS G 207 77.45 86.51 -30.23
N VAL G 208 77.59 86.50 -31.55
CA VAL G 208 77.85 87.71 -32.33
C VAL G 208 76.56 88.11 -33.03
N ILE G 209 76.20 89.38 -32.92
CA ILE G 209 74.88 89.86 -33.34
C ILE G 209 75.07 90.91 -34.41
N TYR G 210 74.42 90.71 -35.54
CA TYR G 210 74.58 91.54 -36.73
C TYR G 210 73.24 92.14 -37.12
N ASN G 211 73.29 93.26 -37.84
CA ASN G 211 72.05 93.86 -38.30
C ASN G 211 71.58 93.27 -39.63
N GLU G 212 72.44 93.29 -40.64
CA GLU G 212 72.12 92.71 -41.94
C GLU G 212 73.30 91.87 -42.40
N ASP G 213 73.00 90.91 -43.27
CA ASP G 213 73.95 89.90 -43.67
C ASP G 213 74.73 90.41 -44.88
N ASN G 214 76.05 90.45 -44.75
CA ASN G 214 76.90 90.76 -45.89
C ASN G 214 78.12 89.84 -45.92
N GLY G 215 77.95 88.59 -45.53
CA GLY G 215 79.02 87.62 -45.47
C GLY G 215 79.42 87.21 -44.08
N ILE G 216 78.93 87.89 -43.05
CA ILE G 216 79.43 87.66 -41.69
C ILE G 216 78.95 86.33 -41.14
N VAL G 217 77.78 85.85 -41.60
CA VAL G 217 77.33 84.54 -41.15
C VAL G 217 78.21 83.45 -41.75
N LYS G 218 78.81 83.71 -42.91
CA LYS G 218 79.75 82.74 -43.47
C LYS G 218 81.11 82.86 -42.80
N ALA G 219 81.56 84.08 -42.56
CA ALA G 219 82.90 84.32 -42.06
C ALA G 219 83.09 83.94 -40.60
N PHE G 220 82.02 83.57 -39.90
CA PHE G 220 82.12 83.26 -38.48
C PHE G 220 81.72 81.83 -38.15
N ARG G 221 80.89 81.18 -38.96
CA ARG G 221 80.22 79.95 -38.57
C ARG G 221 81.18 78.79 -38.35
N ASN G 222 82.35 78.81 -38.97
CA ASN G 222 83.30 77.72 -38.84
C ASN G 222 84.08 77.77 -37.53
N ILE G 223 83.86 78.80 -36.73
CA ILE G 223 84.52 78.95 -35.44
C ILE G 223 83.58 78.39 -34.38
N PRO G 224 84.05 77.53 -33.48
CA PRO G 224 83.14 76.90 -32.51
C PRO G 224 82.60 77.89 -31.50
N GLY G 225 81.43 77.56 -30.94
CA GLY G 225 80.78 78.35 -29.92
C GLY G 225 79.98 79.53 -30.43
N ILE G 226 80.32 80.05 -31.60
CA ILE G 226 79.69 81.25 -32.13
C ILE G 226 78.31 80.89 -32.67
N THR G 227 77.31 81.71 -32.33
CA THR G 227 75.98 81.62 -32.94
C THR G 227 75.61 83.01 -33.43
N LEU G 228 75.22 83.10 -34.70
CA LEU G 228 74.91 84.39 -35.31
C LEU G 228 73.43 84.69 -35.14
N LEU G 229 73.12 85.94 -34.80
CA LEU G 229 71.75 86.34 -34.55
C LEU G 229 71.46 87.68 -35.20
N ASN G 230 70.43 87.71 -36.03
CA ASN G 230 69.84 88.97 -36.46
C ASN G 230 69.08 89.59 -35.30
N VAL G 231 69.15 90.92 -35.20
CA VAL G 231 68.42 91.62 -34.14
C VAL G 231 66.92 91.45 -34.33
N THR G 232 66.48 91.35 -35.58
CA THR G 232 65.05 91.17 -35.84
C THR G 232 64.54 89.85 -35.30
N LYS G 233 65.40 88.85 -35.15
CA LYS G 233 65.02 87.54 -34.63
C LYS G 233 65.94 87.15 -33.48
N LEU G 234 65.55 87.54 -32.27
CA LEU G 234 66.27 87.09 -31.10
C LEU G 234 65.66 85.82 -30.54
N ASN G 235 66.45 85.07 -29.79
CA ASN G 235 66.13 83.70 -29.41
C ASN G 235 66.52 83.46 -27.96
N ILE G 236 65.52 83.17 -27.13
CA ILE G 236 65.76 82.92 -25.70
C ILE G 236 66.65 81.72 -25.49
N LEU G 237 66.50 80.69 -26.32
CA LEU G 237 67.32 79.49 -26.18
C LEU G 237 68.78 79.74 -26.57
N LYS G 238 69.08 80.88 -27.20
CA LYS G 238 70.46 81.20 -27.52
C LYS G 238 71.01 82.41 -26.79
N LEU G 239 70.19 83.17 -26.07
CA LEU G 239 70.70 84.19 -25.15
C LEU G 239 70.82 83.70 -23.73
N ALA G 240 70.02 82.71 -23.33
CA ALA G 240 70.15 82.09 -22.02
C ALA G 240 70.21 80.58 -22.16
N PRO G 241 71.32 80.03 -22.65
CA PRO G 241 71.42 78.58 -22.80
C PRO G 241 71.43 77.87 -21.46
N GLY G 242 70.44 77.02 -21.26
CA GLY G 242 70.27 76.33 -20.00
C GLY G 242 69.33 77.01 -19.03
N GLY G 243 68.73 78.13 -19.42
CA GLY G 243 67.94 78.94 -18.53
C GLY G 243 68.74 79.92 -17.71
N HIS G 244 70.05 79.69 -17.58
CA HIS G 244 70.91 80.66 -16.94
C HIS G 244 71.06 81.88 -17.82
N VAL G 245 70.75 83.04 -17.27
CA VAL G 245 70.73 84.28 -18.03
C VAL G 245 72.14 84.87 -18.03
N GLY G 246 72.49 85.58 -19.10
CA GLY G 246 73.75 86.28 -19.10
C GLY G 246 74.82 85.72 -20.01
N ARG G 247 74.46 85.29 -21.22
CA ARG G 247 75.48 84.87 -22.16
C ARG G 247 76.16 86.10 -22.76
N PHE G 248 77.49 86.01 -22.87
CA PHE G 248 78.29 87.07 -23.45
C PHE G 248 77.89 87.30 -24.90
N CYS G 249 77.76 88.57 -25.28
CA CYS G 249 77.26 88.95 -26.59
C CYS G 249 78.20 89.96 -27.24
N ILE G 250 78.16 90.02 -28.57
CA ILE G 250 78.98 90.94 -29.35
C ILE G 250 78.09 91.59 -30.41
N TRP G 251 78.02 92.91 -30.39
CA TRP G 251 77.08 93.65 -31.23
C TRP G 251 77.81 94.35 -32.36
N THR G 252 77.04 94.83 -33.32
CA THR G 252 77.49 95.83 -34.29
C THR G 252 76.77 97.14 -34.01
N GLU G 253 77.09 98.18 -34.77
CA GLU G 253 76.56 99.49 -34.47
C GLU G 253 75.13 99.65 -34.98
N SER G 254 74.88 99.28 -36.25
CA SER G 254 73.53 99.34 -36.79
C SER G 254 72.59 98.38 -36.06
N ALA G 255 73.12 97.27 -35.57
CA ALA G 255 72.35 96.38 -34.71
C ALA G 255 72.06 97.01 -33.35
N PHE G 256 72.99 97.81 -32.83
CA PHE G 256 72.81 98.42 -31.53
C PHE G 256 71.79 99.54 -31.55
N ARG G 257 71.56 100.17 -32.71
CA ARG G 257 70.63 101.28 -32.82
C ARG G 257 69.24 100.85 -33.24
N LYS G 258 68.90 99.58 -33.08
CA LYS G 258 67.54 99.12 -33.29
C LYS G 258 66.86 98.68 -32.00
N LEU G 259 67.61 98.59 -30.90
CA LEU G 259 67.02 98.14 -29.64
C LEU G 259 66.08 99.18 -29.05
N ASP G 260 66.23 100.44 -29.42
CA ASP G 260 65.23 101.45 -29.09
C ASP G 260 64.11 101.51 -30.11
N ASP G 261 64.21 100.74 -31.17
CA ASP G 261 63.11 100.55 -32.11
C ASP G 261 62.42 99.21 -31.95
N LEU G 262 63.14 98.19 -31.52
CA LEU G 262 62.52 96.92 -31.18
C LEU G 262 61.88 96.93 -29.81
N TYR G 263 62.34 97.77 -28.89
CA TYR G 263 61.75 97.81 -27.55
C TYR G 263 61.40 99.19 -27.05
N GLY G 264 62.11 100.24 -27.46
CA GLY G 264 61.78 101.59 -27.05
C GLY G 264 62.12 101.89 -25.60
N THR G 265 62.01 103.17 -25.28
CA THR G 265 62.22 103.64 -23.91
C THR G 265 60.94 103.41 -23.11
N TRP G 266 60.90 103.89 -21.86
CA TRP G 266 59.67 103.84 -21.09
C TRP G 266 58.72 104.96 -21.42
N ARG G 267 59.19 106.04 -22.03
CA ARG G 267 58.32 107.14 -22.42
C ARG G 267 57.99 107.09 -23.90
N LYS G 268 58.60 106.18 -24.65
CA LYS G 268 58.35 106.08 -26.09
C LYS G 268 58.14 104.61 -26.43
N ALA G 269 57.01 104.30 -27.05
CA ALA G 269 56.73 102.92 -27.43
C ALA G 269 57.61 102.50 -28.60
N ALA G 270 57.82 101.20 -28.71
CA ALA G 270 58.62 100.66 -29.81
C ALA G 270 57.88 100.82 -31.12
N SER G 271 58.65 101.04 -32.19
CA SER G 271 58.06 101.23 -33.50
C SER G 271 57.84 99.94 -34.26
N LEU G 272 58.65 98.90 -33.99
CA LEU G 272 58.46 97.60 -34.62
C LEU G 272 57.59 96.67 -33.78
N LYS G 273 57.00 97.15 -32.71
CA LYS G 273 56.07 96.38 -31.91
C LYS G 273 54.75 97.14 -31.82
N SER G 274 53.65 96.41 -32.00
CA SER G 274 52.34 97.03 -32.15
C SER G 274 51.90 97.79 -30.91
N ASN G 275 51.66 97.08 -29.81
CA ASN G 275 51.33 97.69 -28.53
C ASN G 275 52.25 97.05 -27.50
N TYR G 276 53.46 97.57 -27.36
CA TYR G 276 54.45 96.99 -26.46
C TYR G 276 55.39 98.06 -25.94
N ASN G 277 55.84 97.86 -24.70
CA ASN G 277 56.88 98.68 -24.10
C ASN G 277 57.57 97.84 -23.04
N LEU G 278 58.67 98.37 -22.50
CA LEU G 278 59.37 97.71 -21.42
C LEU G 278 58.48 97.70 -20.17
N PRO G 279 58.61 96.67 -19.32
CA PRO G 279 57.78 96.63 -18.11
C PRO G 279 58.20 97.67 -17.09
N MET G 280 57.35 97.82 -16.08
CA MET G 280 57.66 98.73 -14.99
C MET G 280 58.33 98.00 -13.84
N HIS G 281 59.17 98.72 -13.10
CA HIS G 281 59.93 98.11 -12.03
C HIS G 281 59.09 97.99 -10.77
N LYS G 282 59.43 97.01 -9.93
CA LYS G 282 58.80 96.86 -8.63
C LYS G 282 59.52 97.64 -7.54
N MET G 283 60.75 98.10 -7.81
CA MET G 283 61.47 99.02 -6.95
C MET G 283 62.54 99.69 -7.79
N LEU G 284 62.74 100.98 -7.56
CA LEU G 284 63.66 101.75 -8.39
C LEU G 284 65.08 101.66 -7.85
N ASN G 285 65.27 102.07 -6.60
CA ASN G 285 66.58 101.95 -5.97
C ASN G 285 66.75 100.53 -5.43
N THR G 286 67.34 99.66 -6.24
CA THR G 286 67.40 98.25 -5.89
C THR G 286 68.37 97.98 -4.74
N ASP G 287 69.45 98.73 -4.66
CA ASP G 287 70.49 98.50 -3.66
C ASP G 287 69.96 98.82 -2.27
N LEU G 288 69.97 97.83 -1.38
CA LEU G 288 69.50 98.06 -0.02
C LEU G 288 70.58 98.67 0.87
N SER G 289 71.86 98.49 0.53
CA SER G 289 72.92 99.04 1.37
C SER G 289 72.92 100.56 1.30
N ARG G 290 72.63 101.12 0.13
CA ARG G 290 72.43 102.57 0.05
C ARG G 290 71.10 102.99 0.68
N ILE G 291 70.24 102.05 1.01
CA ILE G 291 68.98 102.36 1.70
C ILE G 291 69.09 102.09 3.20
N LEU G 292 69.78 101.01 3.58
CA LEU G 292 69.72 100.56 4.97
C LEU G 292 70.49 101.49 5.90
N LYS G 293 71.51 102.18 5.40
CA LYS G 293 72.25 103.11 6.24
C LYS G 293 71.93 104.57 5.96
N SER G 294 70.87 104.84 5.20
CA SER G 294 70.50 106.21 4.87
C SER G 294 70.04 106.95 6.13
N PRO G 295 70.28 108.27 6.19
CA PRO G 295 69.89 109.03 7.40
C PRO G 295 68.39 109.07 7.61
N GLU G 296 67.63 109.25 6.53
CA GLU G 296 66.18 109.41 6.61
C GLU G 296 65.51 108.21 7.27
N ILE G 297 66.05 107.02 7.04
CA ILE G 297 65.57 105.84 7.77
C ILE G 297 66.05 105.86 9.21
N GLN G 298 67.32 106.20 9.45
CA GLN G 298 67.94 105.97 10.75
C GLN G 298 67.45 106.90 11.85
N ARG G 299 66.56 107.85 11.54
CA ARG G 299 65.86 108.53 12.63
C ARG G 299 64.93 107.59 13.37
N ALA G 300 64.17 106.78 12.64
CA ALA G 300 63.17 105.89 13.23
C ALA G 300 63.67 104.44 13.33
N LEU G 301 64.53 104.16 14.31
CA LEU G 301 64.94 102.81 14.66
C LEU G 301 64.98 102.65 16.16
N ARG G 302 64.64 101.47 16.64
CA ARG G 302 64.86 101.13 18.03
C ARG G 302 66.33 100.84 18.27
N ALA G 303 66.70 100.65 19.53
CA ALA G 303 68.06 100.31 19.89
C ALA G 303 68.40 98.91 19.39
N PRO G 304 69.55 98.73 18.72
CA PRO G 304 69.93 97.38 18.27
C PRO G 304 70.36 96.52 19.45
N ARG G 305 69.48 95.62 19.86
CA ARG G 305 69.70 94.80 21.05
C ARG G 305 70.51 93.59 20.63
N LYS G 306 71.72 93.45 21.17
CA LYS G 306 72.61 92.38 20.76
C LYS G 306 73.38 91.76 21.91
N LYS G 307 72.97 91.98 23.15
CA LYS G 307 73.53 91.23 24.27
C LYS G 307 72.90 89.86 24.28
N ILE G 308 73.70 88.83 23.99
CA ILE G 308 73.18 87.47 23.91
C ILE G 308 72.74 87.02 25.28
N HIS G 309 71.47 86.64 25.41
CA HIS G 309 70.88 86.23 26.67
C HIS G 309 70.81 84.71 26.67
N ARG G 310 71.82 84.08 27.24
CA ARG G 310 71.84 82.63 27.33
C ARG G 310 71.06 82.17 28.56
N ARG G 311 71.03 80.85 28.75
CA ARG G 311 70.29 80.28 29.86
C ARG G 311 71.17 80.25 31.11
N VAL G 312 70.54 80.47 32.25
CA VAL G 312 71.21 80.41 33.53
C VAL G 312 70.77 79.13 34.21
N LEU G 313 71.65 78.55 35.03
CA LEU G 313 71.27 77.36 35.79
C LEU G 313 70.60 77.80 37.08
N LYS G 314 69.40 77.32 37.32
CA LYS G 314 68.71 77.57 38.58
C LYS G 314 69.43 76.79 39.67
N LYS G 315 70.24 77.47 40.46
CA LYS G 315 70.87 76.86 41.62
C LYS G 315 69.88 76.89 42.77
N ASN G 316 69.87 75.82 43.56
CA ASN G 316 69.00 75.70 44.73
C ASN G 316 69.33 76.80 45.73
N PRO G 317 68.40 77.73 45.97
CA PRO G 317 68.69 78.83 46.91
C PRO G 317 68.81 78.37 48.35
N LEU G 318 68.40 77.13 48.64
CA LEU G 318 68.39 76.67 50.02
C LEU G 318 69.76 76.20 50.48
N LYS G 319 70.57 75.63 49.58
CA LYS G 319 71.90 75.21 49.95
C LYS G 319 72.97 76.18 49.44
N ASN G 320 72.79 76.70 48.22
CA ASN G 320 73.61 77.81 47.76
C ASN G 320 73.24 79.03 48.58
N LEU G 321 74.21 79.61 49.27
CA LEU G 321 73.88 80.69 50.20
C LEU G 321 73.72 82.01 49.47
N ARG G 322 74.57 82.28 48.48
CA ARG G 322 74.57 83.59 47.83
C ARG G 322 73.36 83.77 46.92
N ILE G 323 72.85 82.67 46.36
CA ILE G 323 71.60 82.74 45.60
C ILE G 323 70.46 83.18 46.51
N MET G 324 70.45 82.72 47.76
CA MET G 324 69.40 83.12 48.70
C MET G 324 69.48 84.60 49.03
N LEU G 325 70.67 85.14 49.29
CA LEU G 325 70.80 86.56 49.58
C LEU G 325 70.67 87.41 48.33
N LYS G 326 70.89 86.83 47.16
CA LYS G 326 70.57 87.51 45.92
C LYS G 326 69.08 87.78 45.79
N LEU G 327 68.25 86.97 46.45
CA LEU G 327 66.80 87.10 46.40
C LEU G 327 66.19 87.54 47.72
N ASN G 328 66.74 87.08 48.85
CA ASN G 328 66.23 87.44 50.17
C ASN G 328 67.42 87.93 50.99
N PRO G 329 67.65 89.24 51.04
CA PRO G 329 68.77 89.75 51.85
C PRO G 329 68.53 89.58 53.34
N TYR G 330 67.28 89.63 53.79
CA TYR G 330 66.98 89.46 55.20
C TYR G 330 67.25 88.04 55.68
N ALA G 331 67.38 87.09 54.75
CA ALA G 331 67.75 85.74 55.11
C ALA G 331 69.14 85.67 55.75
N LYS G 332 70.02 86.61 55.43
CA LYS G 332 71.32 86.67 56.09
C LYS G 332 71.17 86.97 57.57
N THR G 333 70.40 88.00 57.90
CA THR G 333 70.13 88.28 59.30
C THR G 333 69.20 87.24 59.91
N MET G 334 68.36 86.60 59.10
CA MET G 334 67.67 85.41 59.57
C MET G 334 68.64 84.26 59.81
N ARG G 335 69.74 84.20 59.08
CA ARG G 335 70.77 83.20 59.32
C ARG G 335 71.84 83.67 60.29
N ARG G 336 72.09 84.98 60.40
CA ARG G 336 72.99 85.45 61.44
C ARG G 336 72.39 85.23 62.81
N ASN G 337 71.12 85.58 62.99
CA ASN G 337 70.40 85.12 64.17
C ASN G 337 70.06 83.65 64.00
N THR G 338 69.45 83.06 65.03
CA THR G 338 69.31 81.61 65.20
C THR G 338 70.66 80.89 65.12
N ILE G 339 71.75 81.59 65.48
CA ILE G 339 73.04 80.95 65.74
C ILE G 339 73.48 81.42 67.11
N LEU G 340 73.56 82.74 67.28
CA LEU G 340 73.83 83.30 68.59
C LEU G 340 72.68 83.05 69.55
N ARG G 341 71.47 82.84 69.02
CA ARG G 341 70.40 82.33 69.86
C ARG G 341 70.66 80.87 70.25
N GLN G 342 71.06 80.06 69.27
CA GLN G 342 71.31 78.64 69.53
C GLN G 342 72.53 78.43 70.41
N ALA G 343 73.61 79.18 70.17
CA ALA G 343 74.80 79.06 70.99
C ALA G 343 74.53 79.49 72.43
N ARG G 344 73.80 80.58 72.59
CA ARG G 344 73.38 80.99 73.93
C ARG G 344 72.41 79.99 74.54
N ASN G 345 71.58 79.36 73.70
CA ASN G 345 70.74 78.26 74.20
C ASN G 345 71.58 77.07 74.61
N HIS G 346 72.59 76.73 73.81
CA HIS G 346 73.49 75.65 74.19
C HIS G 346 74.35 76.04 75.39
N LYS G 347 74.60 77.33 75.57
CA LYS G 347 75.38 77.79 76.72
C LYS G 347 74.63 77.54 78.02
N LEU G 348 73.41 78.05 78.13
CA LEU G 348 72.63 77.85 79.36
C LEU G 348 72.19 76.41 79.53
N ARG G 349 72.14 75.64 78.44
CA ARG G 349 71.85 74.21 78.56
C ARG G 349 73.00 73.48 79.24
N VAL G 350 74.24 73.90 78.97
CA VAL G 350 75.38 73.35 79.68
C VAL G 350 75.36 73.78 81.14
N GLU G 351 75.02 75.04 81.41
CA GLU G 351 74.96 75.55 82.77
C GLU G 351 73.90 74.83 83.60
N ARG G 352 72.76 74.50 82.99
CA ARG G 352 71.76 73.70 83.70
C ARG G 352 72.27 72.29 83.94
N ALA G 353 73.12 71.76 83.06
CA ALA G 353 73.78 70.50 83.35
C ALA G 353 74.91 70.70 84.36
N ALA G 354 75.58 71.85 84.32
CA ALA G 354 76.68 72.09 85.25
C ALA G 354 76.18 72.37 86.65
N ALA G 355 75.03 73.03 86.80
CA ALA G 355 74.49 73.32 88.12
C ALA G 355 73.93 72.08 88.81
N ALA G 356 73.59 71.04 88.05
CA ALA G 356 73.13 69.80 88.66
C ALA G 356 74.27 69.09 89.38
N LEU G 357 75.49 69.19 88.84
CA LEU G 357 76.64 68.55 89.47
C LEU G 357 77.01 69.20 90.80
N ALA G 358 76.73 70.49 90.96
CA ALA G 358 76.86 71.15 92.25
C ALA G 358 75.61 70.98 93.11
N ALA G 359 74.57 70.33 92.59
CA ALA G 359 73.33 70.15 93.34
C ALA G 359 73.23 68.78 93.98
N LYS G 360 73.73 67.74 93.32
CA LYS G 360 73.60 66.38 93.85
C LYS G 360 74.61 66.13 94.97
N SER G 361 75.77 66.81 94.92
CA SER G 361 76.80 66.56 95.93
C SER G 361 76.47 67.23 97.25
N ASP G 362 75.95 68.45 97.21
CA ASP G 362 75.65 69.20 98.42
C ASP G 362 74.45 68.60 99.16
N PHE H 1 -26.31 45.46 51.67
CA PHE H 1 -26.61 46.84 51.33
C PHE H 1 -26.01 47.24 50.00
N VAL H 2 -25.82 48.55 49.84
CA VAL H 2 -25.21 49.15 48.66
C VAL H 2 -24.05 50.02 49.11
N LYS H 3 -22.99 50.05 48.30
CA LYS H 3 -21.77 50.77 48.67
C LYS H 3 -22.02 52.27 48.76
N VAL H 4 -21.38 52.90 49.75
CA VAL H 4 -21.37 54.34 49.83
C VAL H 4 -20.44 54.89 48.74
N VAL H 5 -20.87 55.95 48.08
CA VAL H 5 -20.13 56.45 46.92
C VAL H 5 -19.14 57.52 47.35
N LYS H 6 -19.61 58.52 48.10
CA LYS H 6 -18.75 59.60 48.59
C LYS H 6 -17.95 59.07 49.78
N ASN H 7 -16.89 58.34 49.46
CA ASN H 7 -16.10 57.62 50.43
C ASN H 7 -14.80 58.36 50.72
N LYS H 8 -13.88 57.72 51.44
CA LYS H 8 -12.54 58.25 51.63
C LYS H 8 -11.81 58.40 50.30
N ALA H 9 -12.05 57.47 49.37
CA ALA H 9 -11.34 57.50 48.10
C ALA H 9 -11.81 58.65 47.22
N TYR H 10 -13.10 58.94 47.21
CA TYR H 10 -13.63 60.00 46.35
C TYR H 10 -13.11 61.36 46.79
N PHE H 11 -13.03 61.58 48.09
CA PHE H 11 -12.53 62.85 48.60
C PHE H 11 -11.03 63.01 48.40
N LYS H 12 -10.29 61.92 48.26
CA LYS H 12 -8.87 62.00 47.99
C LYS H 12 -8.56 62.22 46.52
N ARG H 13 -9.57 62.17 45.66
CA ARG H 13 -9.42 62.40 44.23
C ARG H 13 -10.25 63.56 43.71
N TYR H 14 -11.12 64.14 44.54
CA TYR H 14 -12.04 65.16 44.06
C TYR H 14 -11.29 66.43 43.71
N GLN H 15 -11.42 66.86 42.47
CA GLN H 15 -10.77 68.06 41.97
C GLN H 15 -11.83 69.15 41.81
N VAL H 16 -11.74 70.19 42.63
CA VAL H 16 -12.77 71.21 42.68
C VAL H 16 -12.64 72.11 41.46
N LYS H 17 -13.76 72.65 41.01
CA LYS H 17 -13.73 73.72 40.02
C LYS H 17 -13.61 75.04 40.76
N PHE H 18 -13.64 76.15 40.04
CA PHE H 18 -13.25 77.42 40.63
C PHE H 18 -14.31 77.93 41.59
N ARG H 19 -13.93 78.95 42.37
CA ARG H 19 -14.88 79.64 43.24
C ARG H 19 -15.96 80.34 42.43
N ARG H 20 -15.55 81.04 41.37
CA ARG H 20 -16.49 81.66 40.46
C ARG H 20 -17.25 80.65 39.62
N ARG H 21 -16.85 79.37 39.64
CA ARG H 21 -17.62 78.34 38.97
C ARG H 21 -18.56 77.64 39.95
N ARG H 22 -18.11 77.40 41.17
CA ARG H 22 -18.91 76.68 42.15
C ARG H 22 -20.16 77.44 42.56
N GLU H 23 -20.10 78.77 42.55
CA GLU H 23 -21.31 79.58 42.71
C GLU H 23 -22.08 79.70 41.40
N GLY H 24 -21.48 79.28 40.29
CA GLY H 24 -22.10 79.43 38.99
C GLY H 24 -22.14 80.89 38.58
N LYS H 25 -21.04 81.58 38.78
CA LYS H 25 -20.97 83.02 38.64
C LYS H 25 -20.27 83.48 37.37
N THR H 26 -19.12 82.90 37.04
CA THR H 26 -18.35 83.30 35.87
C THR H 26 -18.44 82.21 34.82
N ASP H 27 -18.92 82.57 33.63
CA ASP H 27 -18.96 81.66 32.49
C ASP H 27 -17.55 81.61 31.91
N TYR H 28 -16.73 80.72 32.50
CA TYR H 28 -15.30 80.71 32.21
C TYR H 28 -15.00 80.30 30.78
N TYR H 29 -15.94 79.61 30.12
CA TYR H 29 -15.77 79.33 28.70
C TYR H 29 -15.75 80.61 27.88
N ALA H 30 -16.75 81.46 28.05
CA ALA H 30 -16.83 82.69 27.27
C ALA H 30 -15.73 83.68 27.65
N ARG H 31 -15.22 83.58 28.87
CA ARG H 31 -14.15 84.47 29.31
C ARG H 31 -12.87 84.28 28.52
N LYS H 32 -12.64 83.09 27.97
CA LYS H 32 -11.47 82.85 27.13
C LYS H 32 -11.49 83.69 25.87
N ARG H 33 -12.67 83.97 25.32
CA ARG H 33 -12.79 84.79 24.12
C ARG H 33 -13.19 86.22 24.44
N LEU H 34 -13.60 86.48 25.69
CA LEU H 34 -13.88 87.80 26.22
C LEU H 34 -12.58 88.48 26.64
N VAL H 35 -12.69 89.36 27.62
CA VAL H 35 -11.85 90.52 27.95
C VAL H 35 -10.33 90.36 27.73
N ILE H 36 -9.82 89.12 27.77
CA ILE H 36 -8.38 88.88 27.59
C ILE H 36 -7.94 89.37 26.22
N GLN H 37 -6.68 89.80 26.15
CA GLN H 37 -6.21 90.61 25.03
C GLN H 37 -5.10 89.88 24.27
N ASP H 38 -5.01 90.16 22.97
CA ASP H 38 -4.00 89.59 22.11
C ASP H 38 -2.60 90.03 22.56
N LYS H 39 -1.62 89.19 22.24
CA LYS H 39 -0.26 89.38 22.75
C LYS H 39 0.44 90.57 22.14
N ASN H 40 0.17 90.90 20.88
CA ASN H 40 0.80 92.03 20.23
C ASN H 40 0.11 93.34 20.53
N LYS H 41 -0.64 93.43 21.62
CA LYS H 41 -1.30 94.66 22.04
C LYS H 41 -0.75 95.23 23.34
N TYR H 42 -0.17 94.37 24.19
CA TYR H 42 0.65 94.79 25.32
C TYR H 42 -0.05 95.71 26.30
N ASN H 43 -1.07 95.19 27.01
CA ASN H 43 -1.83 95.87 28.06
C ASN H 43 -2.71 96.99 27.53
N THR H 44 -2.83 97.13 26.22
CA THR H 44 -3.82 98.04 25.65
C THR H 44 -5.21 97.58 26.09
N PRO H 45 -5.92 98.37 26.89
CA PRO H 45 -7.09 97.84 27.62
C PRO H 45 -8.27 97.49 26.73
N LYS H 46 -8.75 96.26 26.85
CA LYS H 46 -9.93 95.78 26.13
C LYS H 46 -11.09 95.88 27.09
N TYR H 47 -11.97 96.86 26.87
CA TYR H 47 -13.04 97.10 27.82
C TYR H 47 -14.24 96.20 27.52
N ARG H 48 -15.06 95.99 28.54
CA ARG H 48 -16.31 95.26 28.35
C ARG H 48 -17.35 95.81 29.32
N MET H 49 -18.58 95.95 28.83
CA MET H 49 -19.70 96.38 29.67
C MET H 49 -20.34 95.16 30.31
N ILE H 50 -20.44 95.16 31.63
CA ILE H 50 -21.00 94.04 32.37
C ILE H 50 -22.38 94.45 32.86
N VAL H 51 -23.41 93.83 32.31
CA VAL H 51 -24.79 94.07 32.70
C VAL H 51 -25.21 92.92 33.61
N ARG H 52 -25.68 93.25 34.81
CA ARG H 52 -26.10 92.25 35.78
C ARG H 52 -27.46 92.65 36.33
N VAL H 53 -28.52 92.08 35.77
CA VAL H 53 -29.88 92.36 36.24
C VAL H 53 -30.10 91.53 37.50
N THR H 54 -30.28 92.22 38.61
CA THR H 54 -30.58 91.58 39.88
C THR H 54 -32.11 91.52 39.99
N ASN H 55 -32.61 90.93 41.07
CA ASN H 55 -34.06 90.93 41.30
C ASN H 55 -34.59 92.35 41.43
N ARG H 56 -34.13 93.08 42.44
CA ARG H 56 -34.66 94.41 42.74
C ARG H 56 -33.70 95.50 42.34
N ASP H 57 -32.76 95.22 41.45
CA ASP H 57 -31.73 96.18 41.04
C ASP H 57 -31.22 95.79 39.67
N ILE H 58 -30.47 96.70 39.06
CA ILE H 58 -29.80 96.48 37.78
C ILE H 58 -28.38 97.01 37.92
N ILE H 59 -27.40 96.11 37.92
CA ILE H 59 -26.00 96.47 38.03
C ILE H 59 -25.39 96.56 36.64
N CYS H 60 -24.74 97.69 36.34
CA CYS H 60 -24.08 97.91 35.06
C CYS H 60 -22.69 98.46 35.32
N GLN H 61 -21.66 97.65 35.05
CA GLN H 61 -20.27 98.04 35.24
C GLN H 61 -19.55 98.00 33.90
N ILE H 62 -18.37 98.62 33.87
CA ILE H 62 -17.48 98.61 32.72
C ILE H 62 -16.08 98.42 33.24
N ALA H 63 -15.38 97.41 32.73
CA ALA H 63 -14.08 97.07 33.28
C ALA H 63 -13.18 96.46 32.22
N TYR H 64 -11.92 96.29 32.59
CA TYR H 64 -10.90 95.66 31.77
C TYR H 64 -10.02 94.82 32.67
N ALA H 65 -9.48 93.74 32.11
CA ALA H 65 -8.86 92.71 32.94
C ALA H 65 -7.41 93.05 33.24
N ARG H 66 -7.03 92.80 34.50
CA ARG H 66 -5.64 92.85 34.92
C ARG H 66 -5.39 91.63 35.79
N ILE H 67 -4.12 91.34 36.06
CA ILE H 67 -3.77 90.07 36.70
C ILE H 67 -4.21 90.05 38.15
N GLU H 68 -4.37 91.22 38.77
CA GLU H 68 -4.89 91.26 40.13
C GLU H 68 -6.40 91.20 40.20
N GLY H 69 -7.09 91.00 39.08
CA GLY H 69 -8.53 91.08 39.08
C GLY H 69 -9.02 92.27 38.28
N ASP H 70 -10.18 92.14 37.64
CA ASP H 70 -10.72 93.17 36.77
C ASP H 70 -10.95 94.47 37.52
N MET H 71 -10.63 95.58 36.87
CA MET H 71 -10.67 96.90 37.47
C MET H 71 -11.78 97.71 36.82
N ILE H 72 -12.76 98.11 37.62
CA ILE H 72 -13.88 98.90 37.12
C ILE H 72 -13.39 100.32 36.83
N VAL H 73 -13.82 100.88 35.71
CA VAL H 73 -13.52 102.27 35.44
C VAL H 73 -14.75 103.16 35.62
N CYS H 74 -15.95 102.60 35.51
CA CYS H 74 -17.17 103.38 35.61
C CYS H 74 -18.34 102.45 35.88
N ALA H 75 -19.13 102.78 36.90
CA ALA H 75 -20.25 101.95 37.31
C ALA H 75 -21.49 102.81 37.52
N ALA H 76 -22.62 102.29 37.04
CA ALA H 76 -23.92 102.95 37.20
C ALA H 76 -24.95 101.89 37.56
N TYR H 77 -25.78 102.18 38.56
CA TYR H 77 -26.75 101.23 39.04
C TYR H 77 -28.16 101.80 38.99
N ALA H 78 -29.14 100.91 39.18
CA ALA H 78 -30.54 101.29 39.12
C ALA H 78 -30.94 102.19 40.29
N HIS H 79 -30.37 101.99 41.47
CA HIS H 79 -30.83 102.67 42.67
C HIS H 79 -30.40 104.13 42.75
N GLU H 80 -29.90 104.69 41.66
CA GLU H 80 -29.57 106.11 41.58
C GLU H 80 -30.64 106.90 40.84
N LEU H 81 -31.53 106.22 40.13
CA LEU H 81 -32.62 106.91 39.43
C LEU H 81 -33.60 107.67 40.33
N PRO H 82 -33.80 107.35 41.63
CA PRO H 82 -34.51 108.30 42.51
C PRO H 82 -33.92 109.70 42.56
N LYS H 83 -32.65 109.86 42.20
CA LYS H 83 -32.10 111.20 42.01
C LYS H 83 -32.56 111.82 40.70
N TYR H 84 -33.07 111.01 39.77
CA TYR H 84 -33.36 111.48 38.42
C TYR H 84 -34.84 111.41 38.06
N GLY H 85 -35.72 111.40 39.06
CA GLY H 85 -37.15 111.53 38.84
C GLY H 85 -37.91 110.22 38.73
N VAL H 86 -37.23 109.10 38.50
CA VAL H 86 -37.89 107.80 38.41
C VAL H 86 -38.06 107.28 39.83
N LYS H 87 -39.28 107.39 40.34
CA LYS H 87 -39.55 106.98 41.71
C LYS H 87 -39.66 105.47 41.82
N VAL H 88 -40.53 104.86 41.01
CA VAL H 88 -40.84 103.46 41.09
C VAL H 88 -40.39 102.80 39.78
N GLY H 89 -40.34 101.48 39.76
CA GLY H 89 -40.01 100.74 38.55
C GLY H 89 -38.53 100.76 38.27
N LEU H 90 -37.76 100.14 39.15
CA LEU H 90 -36.30 100.24 39.12
C LEU H 90 -35.65 98.96 38.61
N THR H 91 -36.42 98.09 37.95
CA THR H 91 -35.85 96.90 37.35
C THR H 91 -36.46 96.57 36.00
N ASN H 92 -37.23 97.46 35.39
CA ASN H 92 -37.91 97.18 34.14
C ASN H 92 -36.94 97.34 32.96
N TYR H 93 -37.47 97.16 31.75
CA TYR H 93 -36.65 97.30 30.55
C TYR H 93 -36.23 98.74 30.34
N ALA H 94 -37.18 99.67 30.47
CA ALA H 94 -36.86 101.09 30.27
C ALA H 94 -35.94 101.60 31.37
N ALA H 95 -36.03 101.01 32.56
CA ALA H 95 -35.10 101.36 33.63
C ALA H 95 -33.68 100.97 33.26
N ALA H 96 -33.53 99.82 32.58
CA ALA H 96 -32.21 99.39 32.14
C ALA H 96 -31.64 100.30 31.07
N TYR H 97 -32.50 100.95 30.29
CA TYR H 97 -32.05 101.85 29.25
C TYR H 97 -31.34 103.06 29.85
N CYS H 98 -31.93 103.64 30.89
CA CYS H 98 -31.39 104.87 31.44
C CYS H 98 -30.16 104.63 32.31
N THR H 99 -30.01 103.41 32.84
CA THR H 99 -28.81 103.11 33.61
C THR H 99 -27.58 103.06 32.72
N GLY H 100 -27.67 102.33 31.60
CA GLY H 100 -26.57 102.33 30.65
C GLY H 100 -26.36 103.68 29.99
N LEU H 101 -27.44 104.45 29.81
CA LEU H 101 -27.31 105.82 29.35
C LEU H 101 -26.63 106.69 30.39
N LEU H 102 -26.89 106.44 31.66
CA LEU H 102 -26.12 107.11 32.70
C LEU H 102 -24.68 106.66 32.68
N LEU H 103 -24.44 105.37 32.48
CA LEU H 103 -23.09 104.85 32.36
C LEU H 103 -22.39 105.36 31.12
N ALA H 104 -23.15 105.66 30.06
CA ALA H 104 -22.56 106.18 28.84
C ALA H 104 -22.06 107.60 29.05
N ARG H 105 -22.88 108.46 29.64
CA ARG H 105 -22.52 109.86 29.76
C ARG H 105 -21.54 110.10 30.91
N ARG H 106 -21.57 109.24 31.93
CA ARG H 106 -20.69 109.44 33.08
C ARG H 106 -19.23 109.24 32.73
N LEU H 107 -18.93 108.19 31.95
CA LEU H 107 -17.54 107.89 31.58
C LEU H 107 -16.98 108.98 30.68
N LEU H 108 -17.77 109.44 29.71
CA LEU H 108 -17.31 110.49 28.82
C LEU H 108 -17.18 111.81 29.58
N ASN H 109 -18.03 112.03 30.58
CA ASN H 109 -17.86 113.20 31.44
C ASN H 109 -16.65 113.03 32.33
N ARG H 110 -16.26 111.79 32.63
CA ARG H 110 -15.02 111.54 33.34
C ARG H 110 -13.80 111.58 32.43
N PHE H 111 -13.99 111.59 31.12
CA PHE H 111 -12.88 111.71 30.19
C PHE H 111 -12.91 113.00 29.39
N GLY H 112 -13.68 113.99 29.86
CA GLY H 112 -13.74 115.27 29.17
C GLY H 112 -14.51 115.27 27.87
N MET H 113 -15.09 114.13 27.49
CA MET H 113 -15.79 113.99 26.23
C MET H 113 -17.30 114.12 26.43
N ASP H 114 -17.71 115.00 27.34
CA ASP H 114 -19.14 115.23 27.54
C ASP H 114 -19.72 116.13 26.45
N LYS H 115 -18.91 117.07 25.93
CA LYS H 115 -19.44 118.02 24.95
C LYS H 115 -19.47 117.45 23.55
N ILE H 116 -18.47 116.69 23.17
CA ILE H 116 -18.46 115.94 21.93
C ILE H 116 -19.08 114.58 22.22
N TYR H 117 -19.57 113.90 21.17
CA TYR H 117 -20.20 112.57 21.26
C TYR H 117 -21.43 112.59 22.17
N GLU H 118 -22.44 113.34 21.73
CA GLU H 118 -23.73 113.28 22.41
C GLU H 118 -24.43 111.95 22.15
N GLY H 119 -24.59 111.61 20.88
CA GLY H 119 -25.32 110.40 20.51
C GLY H 119 -26.72 110.73 20.06
N GLN H 120 -27.65 109.79 20.24
CA GLN H 120 -29.05 110.04 19.91
C GLN H 120 -29.67 110.85 21.05
N VAL H 121 -30.03 112.09 20.77
CA VAL H 121 -30.82 112.85 21.72
C VAL H 121 -32.30 112.64 21.47
N GLU H 122 -32.71 112.56 20.20
CA GLU H 122 -34.07 112.19 19.83
C GLU H 122 -34.13 110.67 19.79
N VAL H 123 -34.40 110.08 20.95
CA VAL H 123 -34.43 108.63 21.14
C VAL H 123 -35.51 107.99 20.28
N THR H 124 -35.10 107.14 19.35
CA THR H 124 -36.03 106.43 18.49
C THR H 124 -35.97 104.93 18.66
N GLY H 125 -34.79 104.37 18.89
CA GLY H 125 -34.62 102.94 18.98
C GLY H 125 -34.12 102.28 17.71
N ASP H 126 -33.55 103.04 16.78
CA ASP H 126 -33.11 102.52 15.51
C ASP H 126 -31.73 101.88 15.66
N GLU H 127 -31.12 101.52 14.54
CA GLU H 127 -29.78 100.93 14.53
C GLU H 127 -28.77 102.06 14.36
N TYR H 128 -28.62 102.86 15.40
CA TYR H 128 -27.62 103.93 15.42
C TYR H 128 -26.35 103.42 16.05
N ASN H 129 -25.24 103.61 15.35
CA ASN H 129 -23.92 103.33 15.90
C ASN H 129 -23.07 104.57 15.73
N VAL H 130 -22.43 105.01 16.81
CA VAL H 130 -21.66 106.25 16.78
C VAL H 130 -20.41 106.01 15.95
N GLU H 131 -20.05 106.99 15.14
CA GLU H 131 -18.87 106.93 14.30
C GLU H 131 -17.73 107.66 14.98
N SER H 132 -16.54 107.07 14.94
CA SER H 132 -15.36 107.76 15.43
C SER H 132 -15.05 108.97 14.56
N ILE H 133 -14.77 110.09 15.19
CA ILE H 133 -14.62 111.35 14.48
C ILE H 133 -13.14 111.64 14.29
N ASP H 134 -12.75 111.86 13.04
CA ASP H 134 -11.36 112.14 12.71
C ASP H 134 -10.97 113.53 13.20
N GLY H 135 -9.71 113.66 13.60
CA GLY H 135 -9.22 114.91 14.16
C GLY H 135 -9.60 115.14 15.60
N GLN H 136 -10.29 114.20 16.23
CA GLN H 136 -10.76 114.27 17.60
C GLN H 136 -10.30 113.02 18.32
N PRO H 137 -10.50 112.94 19.63
CA PRO H 137 -10.36 111.65 20.32
C PRO H 137 -11.29 110.61 19.72
N GLY H 138 -10.70 109.50 19.27
CA GLY H 138 -11.45 108.38 18.72
C GLY H 138 -12.42 107.80 19.73
N ALA H 139 -13.54 107.27 19.26
CA ALA H 139 -14.63 106.90 20.13
C ALA H 139 -14.25 105.74 21.04
N PHE H 140 -14.90 105.68 22.20
CA PHE H 140 -14.61 104.64 23.17
C PHE H 140 -15.31 103.35 22.78
N THR H 141 -14.71 102.22 23.13
CA THR H 141 -15.25 100.92 22.77
C THR H 141 -15.33 100.03 23.99
N CYS H 142 -16.33 99.16 24.01
CA CYS H 142 -16.38 98.03 24.93
C CYS H 142 -17.24 96.95 24.28
N TYR H 143 -17.47 95.86 25.00
CA TYR H 143 -18.24 94.76 24.48
C TYR H 143 -19.25 94.28 25.51
N LEU H 144 -20.36 93.74 25.03
CA LEU H 144 -21.39 93.21 25.92
C LEU H 144 -20.90 91.93 26.58
N ASP H 145 -20.93 91.92 27.90
CA ASP H 145 -20.61 90.74 28.70
C ASP H 145 -21.94 90.17 29.20
N ALA H 146 -22.55 89.32 28.38
CA ALA H 146 -23.79 88.69 28.81
C ALA H 146 -23.54 87.70 29.93
N GLY H 147 -22.61 86.77 29.72
CA GLY H 147 -22.24 85.82 30.75
C GLY H 147 -23.30 84.78 31.01
N LEU H 148 -23.95 84.87 32.18
CA LEU H 148 -25.00 83.93 32.55
C LEU H 148 -26.37 84.39 32.07
N ALA H 149 -26.43 85.38 31.18
CA ALA H 149 -27.69 85.90 30.70
C ALA H 149 -28.03 85.27 29.36
N ARG H 150 -29.14 84.54 29.32
CA ARG H 150 -29.69 84.02 28.08
C ARG H 150 -30.14 85.17 27.19
N THR H 151 -29.56 85.28 26.00
CA THR H 151 -29.87 86.38 25.08
C THR H 151 -30.93 85.92 24.10
N THR H 152 -32.13 86.45 24.25
CA THR H 152 -33.20 86.33 23.28
C THR H 152 -33.65 87.73 22.87
N THR H 153 -34.61 87.78 21.95
CA THR H 153 -35.16 89.07 21.53
C THR H 153 -35.96 89.69 22.66
N GLY H 154 -35.58 90.90 23.05
CA GLY H 154 -36.27 91.58 24.12
C GLY H 154 -35.69 91.33 25.49
N ASN H 155 -34.40 91.07 25.58
CA ASN H 155 -33.71 90.92 26.85
C ASN H 155 -33.44 92.30 27.43
N LYS H 156 -33.56 92.41 28.77
CA LYS H 156 -33.28 93.67 29.43
C LYS H 156 -31.81 94.06 29.34
N VAL H 157 -30.92 93.08 29.15
CA VAL H 157 -29.50 93.38 29.00
C VAL H 157 -29.27 94.23 27.75
N PHE H 158 -29.94 93.89 26.66
CA PHE H 158 -29.81 94.66 25.44
C PHE H 158 -30.39 96.05 25.57
N GLY H 159 -31.36 96.24 26.46
CA GLY H 159 -31.84 97.58 26.75
C GLY H 159 -30.77 98.45 27.38
N ALA H 160 -29.92 97.85 28.21
CA ALA H 160 -28.77 98.57 28.75
C ALA H 160 -27.74 98.88 27.68
N LEU H 161 -27.75 98.13 26.58
CA LEU H 161 -26.81 98.41 25.50
C LEU H 161 -27.28 99.58 24.65
N LYS H 162 -28.57 99.62 24.35
CA LYS H 162 -29.11 100.71 23.53
C LYS H 162 -28.99 102.04 24.26
N GLY H 163 -29.10 102.03 25.58
CA GLY H 163 -28.82 103.22 26.35
C GLY H 163 -27.36 103.62 26.29
N ALA H 164 -26.46 102.65 26.21
CA ALA H 164 -25.04 102.97 26.21
C ALA H 164 -24.60 103.57 24.87
N VAL H 165 -25.16 103.09 23.77
CA VAL H 165 -24.76 103.58 22.46
C VAL H 165 -25.30 104.98 22.22
N ASP H 166 -26.56 105.22 22.61
CA ASP H 166 -27.19 106.52 22.44
C ASP H 166 -26.54 107.60 23.28
N GLY H 167 -25.75 107.24 24.28
CA GLY H 167 -24.96 108.21 25.01
C GLY H 167 -23.67 108.54 24.28
N GLY H 168 -23.31 107.71 23.31
CA GLY H 168 -22.15 108.01 22.49
C GLY H 168 -21.05 106.97 22.53
N LEU H 169 -21.39 105.74 22.88
CA LEU H 169 -20.42 104.65 22.96
C LEU H 169 -20.42 103.85 21.66
N SER H 170 -19.23 103.42 21.26
CA SER H 170 -19.08 102.56 20.08
C SER H 170 -18.96 101.12 20.53
N ILE H 171 -20.12 100.48 20.68
CA ILE H 171 -20.21 99.08 21.05
C ILE H 171 -20.78 98.33 19.85
N PRO H 172 -20.16 97.23 19.40
CA PRO H 172 -20.69 96.51 18.23
C PRO H 172 -21.92 95.71 18.60
N HIS H 173 -22.95 95.80 17.76
CA HIS H 173 -24.17 95.02 17.93
C HIS H 173 -24.94 95.05 16.62
N SER H 174 -25.97 94.21 16.55
CA SER H 174 -26.85 94.14 15.40
C SER H 174 -28.25 93.74 15.88
N THR H 175 -29.26 94.24 15.17
CA THR H 175 -30.64 94.13 15.62
C THR H 175 -31.27 92.76 15.40
N LYS H 176 -30.80 91.75 16.13
CA LYS H 176 -31.52 90.49 16.20
C LYS H 176 -32.11 90.21 17.57
N ARG H 177 -31.64 90.89 18.61
CA ARG H 177 -32.17 90.71 19.95
C ARG H 177 -32.82 91.96 20.50
N PHE H 178 -32.88 93.03 19.72
CA PHE H 178 -33.65 94.14 20.28
C PHE H 178 -35.15 93.86 20.15
N PRO H 179 -35.93 94.24 21.15
CA PRO H 179 -37.38 94.02 21.07
C PRO H 179 -38.00 94.83 19.94
N GLY H 180 -39.10 94.30 19.40
CA GLY H 180 -39.71 94.83 18.21
C GLY H 180 -39.22 94.17 16.94
N TYR H 181 -38.04 93.56 16.97
CA TYR H 181 -37.56 92.79 15.83
C TYR H 181 -38.42 91.56 15.64
N ASP H 182 -39.05 91.46 14.48
CA ASP H 182 -39.94 90.35 14.19
C ASP H 182 -39.15 89.05 14.09
N SER H 183 -39.77 87.95 14.50
CA SER H 183 -39.09 86.65 14.44
C SER H 183 -39.32 85.94 13.11
N GLU H 184 -40.58 85.84 12.67
CA GLU H 184 -40.90 85.04 11.50
C GLU H 184 -40.52 85.74 10.20
N SER H 185 -40.66 87.07 10.15
CA SER H 185 -40.28 87.79 8.94
C SER H 185 -38.99 88.57 9.11
N LYS H 186 -38.41 88.58 10.31
CA LYS H 186 -37.03 88.99 10.57
C LYS H 186 -36.79 90.47 10.22
N GLU H 187 -37.70 91.33 10.67
CA GLU H 187 -37.63 92.76 10.41
C GLU H 187 -37.76 93.53 11.72
N PHE H 188 -37.14 94.71 11.77
CA PHE H 188 -37.02 95.48 13.00
C PHE H 188 -37.86 96.75 12.92
N ASN H 189 -38.81 96.90 13.85
CA ASN H 189 -39.55 98.14 14.02
C ASN H 189 -38.88 98.95 15.12
N ALA H 190 -38.49 100.19 14.79
CA ALA H 190 -38.01 101.09 15.84
C ALA H 190 -39.14 101.52 16.76
N GLU H 191 -40.37 101.55 16.24
CA GLU H 191 -41.51 101.99 17.04
C GLU H 191 -41.81 101.03 18.18
N VAL H 192 -41.87 99.73 17.87
CA VAL H 192 -42.17 98.74 18.91
C VAL H 192 -41.02 98.65 19.90
N HIS H 193 -39.80 98.94 19.46
CA HIS H 193 -38.70 99.09 20.40
C HIS H 193 -38.87 100.33 21.26
N ARG H 194 -39.34 101.43 20.67
CA ARG H 194 -39.40 102.70 21.38
C ARG H 194 -40.45 102.67 22.48
N LYS H 195 -41.52 101.91 22.28
CA LYS H 195 -42.54 101.76 23.33
C LYS H 195 -41.96 101.03 24.53
N HIS H 196 -41.08 100.05 24.27
CA HIS H 196 -40.31 99.46 25.36
C HIS H 196 -39.33 100.46 25.97
N ILE H 197 -38.85 101.40 25.17
CA ILE H 197 -37.88 102.37 25.67
C ILE H 197 -38.55 103.36 26.60
N MET H 198 -39.76 103.78 26.29
CA MET H 198 -40.55 104.56 27.23
C MET H 198 -41.33 103.69 28.19
N GLY H 199 -41.25 102.36 28.04
CA GLY H 199 -41.99 101.46 28.89
C GLY H 199 -43.48 101.50 28.70
N GLN H 200 -43.93 101.66 27.45
CA GLN H 200 -45.35 101.84 27.18
C GLN H 200 -46.17 100.59 27.45
N ASN H 201 -45.56 99.41 27.34
CA ASN H 201 -46.29 98.17 27.60
C ASN H 201 -46.76 98.08 29.04
N VAL H 202 -45.97 98.62 29.98
CA VAL H 202 -46.35 98.61 31.38
C VAL H 202 -47.50 99.59 31.62
N ALA H 203 -47.52 100.70 30.90
CA ALA H 203 -48.64 101.63 31.01
C ALA H 203 -49.93 101.00 30.50
N ASP H 204 -49.85 100.25 29.40
CA ASP H 204 -51.02 99.54 28.91
C ASP H 204 -51.38 98.38 29.83
N TYR H 205 -50.42 97.87 30.59
CA TYR H 205 -50.72 96.84 31.57
C TYR H 205 -51.57 97.38 32.70
N MET H 206 -51.21 98.55 33.24
CA MET H 206 -52.04 99.19 34.25
C MET H 206 -53.36 99.64 33.66
N ARG H 207 -53.38 99.98 32.37
CA ARG H 207 -54.63 100.16 31.67
C ARG H 207 -55.42 98.87 31.54
N TYR H 208 -54.73 97.75 31.33
CA TYR H 208 -55.41 96.48 31.16
C TYR H 208 -56.08 96.03 32.45
N LEU H 209 -55.43 96.28 33.59
CA LEU H 209 -56.02 95.94 34.87
C LEU H 209 -57.12 96.88 35.29
N MET H 210 -57.28 98.02 34.63
CA MET H 210 -58.31 98.97 35.01
C MET H 210 -59.71 98.46 34.70
N GLU H 211 -59.92 97.96 33.49
CA GLU H 211 -61.24 97.49 33.10
C GLU H 211 -61.55 96.11 33.66
N GLU H 212 -60.52 95.28 33.83
CA GLU H 212 -60.71 93.93 34.35
C GLU H 212 -61.18 93.94 35.80
N ASP H 213 -60.33 94.42 36.71
CA ASP H 213 -60.65 94.40 38.14
C ASP H 213 -59.69 95.32 38.87
N GLU H 214 -60.24 96.12 39.79
CA GLU H 214 -59.44 97.10 40.50
C GLU H 214 -58.57 96.46 41.59
N ASP H 215 -59.07 95.40 42.22
CA ASP H 215 -58.43 94.89 43.43
C ASP H 215 -57.10 94.19 43.14
N ALA H 216 -57.02 93.41 42.06
CA ALA H 216 -55.77 92.73 41.72
C ALA H 216 -54.71 93.72 41.24
N TYR H 217 -55.15 94.82 40.62
CA TYR H 217 -54.23 95.90 40.29
C TYR H 217 -53.57 96.49 41.52
N LYS H 218 -54.32 96.64 42.62
CA LYS H 218 -53.79 97.17 43.86
C LYS H 218 -52.67 96.31 44.43
N LYS H 219 -52.73 95.00 44.20
CA LYS H 219 -51.66 94.11 44.60
C LYS H 219 -50.50 94.11 43.61
N GLN H 220 -50.79 94.18 42.31
CA GLN H 220 -49.77 94.14 41.28
C GLN H 220 -48.88 95.38 41.28
N PHE H 221 -49.43 96.54 41.62
CA PHE H 221 -48.67 97.77 41.72
C PHE H 221 -49.12 98.52 42.95
N SER H 222 -48.43 98.32 44.08
CA SER H 222 -48.74 99.07 45.29
C SER H 222 -47.93 100.35 45.38
N GLN H 223 -46.66 100.30 44.97
CA GLN H 223 -45.83 101.50 45.04
C GLN H 223 -46.09 102.47 43.89
N TYR H 224 -46.75 102.00 42.82
CA TYR H 224 -47.12 102.92 41.76
C TYR H 224 -48.17 103.93 42.21
N ILE H 225 -49.30 103.45 42.74
CA ILE H 225 -50.30 104.35 43.31
C ILE H 225 -49.85 105.00 44.61
N LYS H 226 -48.78 104.50 45.22
CA LYS H 226 -48.23 105.14 46.40
C LYS H 226 -47.38 106.34 46.01
N ASN H 227 -46.85 106.35 44.80
CA ASN H 227 -45.98 107.42 44.32
C ASN H 227 -46.61 108.24 43.21
N ASN H 228 -47.90 108.06 42.95
CA ASN H 228 -48.67 108.81 41.95
C ASN H 228 -48.05 108.68 40.56
N VAL H 229 -47.87 107.43 40.14
CA VAL H 229 -47.29 107.13 38.84
C VAL H 229 -48.35 106.38 38.05
N THR H 230 -49.14 107.11 37.30
CA THR H 230 -50.20 106.59 36.45
C THR H 230 -49.66 106.35 35.05
N PRO H 231 -50.41 105.63 34.20
CA PRO H 231 -50.01 105.53 32.78
C PRO H 231 -50.02 106.85 32.02
N ASP H 232 -50.54 107.93 32.60
CA ASP H 232 -50.58 109.21 31.89
C ASP H 232 -49.19 109.85 31.85
N MET H 233 -48.55 110.02 33.02
CA MET H 233 -47.31 110.78 33.09
C MET H 233 -46.07 109.89 32.93
N MET H 234 -46.23 108.67 32.43
CA MET H 234 -45.09 107.76 32.40
C MET H 234 -44.21 107.99 31.18
N GLU H 235 -44.81 108.22 30.00
CA GLU H 235 -44.01 108.43 28.80
C GLU H 235 -43.33 109.80 28.83
N GLU H 236 -43.87 110.74 29.58
CA GLU H 236 -43.18 112.00 29.81
C GLU H 236 -42.17 111.91 30.94
N MET H 237 -42.24 110.85 31.75
CA MET H 237 -41.31 110.71 32.87
C MET H 237 -39.91 110.38 32.38
N TYR H 238 -39.81 109.57 31.34
CA TYR H 238 -38.49 109.11 30.89
C TYR H 238 -37.82 110.13 29.99
N LYS H 239 -38.57 110.83 29.14
CA LYS H 239 -38.01 111.97 28.42
C LYS H 239 -37.50 113.04 29.38
N LYS H 240 -38.20 113.23 30.50
CA LYS H 240 -37.68 114.07 31.57
C LYS H 240 -36.46 113.42 32.22
N ALA H 241 -36.43 112.09 32.29
CA ALA H 241 -35.31 111.41 32.93
C ALA H 241 -34.06 111.44 32.07
N HIS H 242 -34.23 111.30 30.74
CA HIS H 242 -33.08 111.38 29.84
C HIS H 242 -32.46 112.77 29.87
N ALA H 243 -33.30 113.79 30.05
CA ALA H 243 -32.77 115.13 30.25
C ALA H 243 -31.94 115.21 31.51
N ALA H 244 -32.41 114.60 32.60
CA ALA H 244 -31.70 114.65 33.87
C ALA H 244 -30.38 113.89 33.83
N ILE H 245 -30.24 112.93 32.91
CA ILE H 245 -28.98 112.21 32.79
C ILE H 245 -27.87 113.11 32.24
N ARG H 246 -28.08 113.67 31.05
CA ARG H 246 -26.98 114.33 30.34
C ARG H 246 -26.66 115.71 30.91
N GLU H 247 -27.49 116.23 31.82
CA GLU H 247 -27.15 117.48 32.49
C GLU H 247 -26.29 117.27 33.71
N ASN H 248 -26.33 116.09 34.31
CA ASN H 248 -25.46 115.78 35.43
C ASN H 248 -25.24 114.27 35.52
N PRO H 249 -24.39 113.70 34.67
CA PRO H 249 -24.04 112.29 34.84
C PRO H 249 -22.91 112.08 35.83
N VAL H 250 -22.28 113.15 36.31
CA VAL H 250 -21.17 113.01 37.24
C VAL H 250 -21.69 112.44 38.56
N TYR H 251 -20.84 111.67 39.23
CA TYR H 251 -21.25 110.91 40.40
C TYR H 251 -20.56 111.43 41.65
N GLU H 252 -21.33 111.47 42.74
CA GLU H 252 -20.85 111.88 44.05
C GLU H 252 -21.18 110.75 45.02
N LYS H 253 -20.17 110.23 45.72
CA LYS H 253 -20.41 109.20 46.70
C LYS H 253 -21.16 109.75 47.90
N LYS H 254 -21.80 108.87 48.65
CA LYS H 254 -22.54 109.29 49.81
C LYS H 254 -21.59 109.67 50.94
N PRO H 255 -21.98 110.58 51.83
CA PRO H 255 -21.12 110.91 52.98
C PRO H 255 -21.03 109.74 53.94
N LYS H 256 -19.81 109.42 54.36
CA LYS H 256 -19.56 108.24 55.17
C LYS H 256 -19.50 108.64 56.64
N ARG H 257 -20.13 107.85 57.51
CA ARG H 257 -20.11 108.10 58.94
C ARG H 257 -19.20 107.10 59.63
N GLU H 258 -18.41 107.60 60.58
CA GLU H 258 -17.67 106.77 61.53
C GLU H 258 -18.59 105.79 62.22
N VAL H 259 -18.15 104.55 62.33
CA VAL H 259 -18.96 103.46 62.85
C VAL H 259 -18.90 103.42 64.37
N LYS H 260 -19.91 102.81 64.99
CA LYS H 260 -19.84 102.47 66.41
C LYS H 260 -18.88 101.32 66.68
N LYS H 261 -18.49 100.57 65.64
CA LYS H 261 -17.54 99.47 65.70
C LYS H 261 -17.97 98.38 66.68
N LYS H 262 -19.06 97.69 66.36
CA LYS H 262 -19.42 96.44 67.00
C LYS H 262 -19.44 95.35 65.94
N ARG H 263 -19.45 94.10 66.39
CA ARG H 263 -19.29 92.95 65.51
C ARG H 263 -20.63 92.24 65.35
N TRP H 264 -21.08 92.12 64.11
CA TRP H 264 -22.28 91.39 63.78
C TRP H 264 -22.01 89.93 63.41
N ASN H 265 -20.80 89.45 63.66
CA ASN H 265 -20.45 88.07 63.33
C ASN H 265 -19.91 87.35 64.57
N ARG H 266 -19.98 86.03 64.55
CA ARG H 266 -19.46 85.23 65.64
C ARG H 266 -18.01 84.87 65.36
N PRO H 267 -17.09 85.14 66.28
CA PRO H 267 -15.67 84.93 65.99
C PRO H 267 -15.31 83.45 65.96
N LYS H 268 -14.19 83.14 65.31
CA LYS H 268 -13.69 81.77 65.24
C LYS H 268 -13.25 81.31 66.62
N MET H 269 -13.56 80.07 66.96
CA MET H 269 -13.13 79.54 68.25
C MET H 269 -11.63 79.27 68.23
N SER H 270 -10.99 79.48 69.37
CA SER H 270 -9.55 79.37 69.43
C SER H 270 -9.14 77.90 69.53
N LEU H 271 -7.85 77.66 69.28
CA LEU H 271 -7.28 76.32 69.46
C LEU H 271 -7.41 75.87 70.91
N ALA H 272 -7.26 76.80 71.85
CA ALA H 272 -7.46 76.46 73.25
C ALA H 272 -8.90 76.07 73.53
N GLN H 273 -9.85 76.89 73.10
CA GLN H 273 -11.25 76.65 73.42
C GLN H 273 -11.87 75.51 72.61
N LYS H 274 -11.17 75.02 71.59
CA LYS H 274 -11.67 73.87 70.86
C LYS H 274 -11.28 72.56 71.53
N LYS H 275 -10.15 72.56 72.24
CA LYS H 275 -9.73 71.35 72.94
C LYS H 275 -10.17 71.34 74.40
N ASP H 276 -10.62 72.48 74.93
CA ASP H 276 -11.26 72.49 76.22
C ASP H 276 -12.61 71.80 76.19
N ARG H 277 -13.28 71.81 75.03
CA ARG H 277 -14.58 71.18 74.90
C ARG H 277 -14.51 69.69 75.14
N VAL H 278 -13.57 69.01 74.48
CA VAL H 278 -13.41 67.57 74.67
C VAL H 278 -12.91 67.28 76.08
N ALA H 279 -12.21 68.24 76.69
CA ALA H 279 -11.86 68.10 78.09
C ALA H 279 -13.08 68.24 78.98
N GLN H 280 -14.11 68.95 78.52
CA GLN H 280 -15.36 69.04 79.26
C GLN H 280 -16.37 68.00 78.80
N LYS H 281 -16.40 67.69 77.51
CA LYS H 281 -17.38 66.73 76.99
C LYS H 281 -17.08 65.32 77.46
N LYS H 282 -15.80 64.97 77.63
CA LYS H 282 -15.47 63.64 78.12
C LYS H 282 -15.45 63.59 79.64
N ALA H 283 -15.33 64.74 80.30
CA ALA H 283 -15.38 64.74 81.76
C ALA H 283 -16.80 64.61 82.28
N SER H 284 -17.75 65.34 81.69
CA SER H 284 -19.11 65.32 82.23
C SER H 284 -19.86 64.08 81.80
N PHE H 285 -19.49 63.47 80.68
CA PHE H 285 -20.08 62.21 80.26
C PHE H 285 -19.84 61.12 81.28
N LEU H 286 -18.63 61.08 81.85
CA LEU H 286 -18.32 60.05 82.83
C LEU H 286 -19.04 60.29 84.15
N ARG H 287 -19.20 61.55 84.56
CA ARG H 287 -19.91 61.81 85.80
C ARG H 287 -21.41 61.70 85.64
N ALA H 288 -21.92 61.76 84.41
CA ALA H 288 -23.36 61.56 84.19
C ALA H 288 -23.69 60.09 84.02
N GLN H 289 -22.73 59.30 83.52
CA GLN H 289 -22.88 57.85 83.46
C GLN H 289 -22.67 57.19 84.81
N GLU H 290 -21.87 57.81 85.69
CA GLU H 290 -21.59 57.23 86.99
C GLU H 290 -22.81 57.28 87.91
N ARG H 291 -23.68 58.29 87.73
CA ARG H 291 -24.93 58.33 88.46
C ARG H 291 -25.87 57.20 88.07
N ALA H 292 -25.75 56.69 86.84
CA ALA H 292 -26.60 55.59 86.41
C ALA H 292 -26.18 54.26 87.01
N ALA H 293 -25.09 54.22 87.77
CA ALA H 293 -24.66 52.99 88.44
C ALA H 293 -24.69 53.16 89.95
N LYS I 1 97.79 104.74 53.73
CA LYS I 1 98.74 104.50 54.81
C LYS I 1 97.98 104.29 56.12
N GLY I 2 98.53 103.45 56.98
CA GLY I 2 97.91 103.14 58.25
C GLY I 2 98.26 101.73 58.66
N LYS I 3 97.86 101.38 59.87
CA LYS I 3 98.03 99.99 60.28
C LYS I 3 96.80 99.19 59.87
N PRO I 4 96.93 98.24 58.95
CA PRO I 4 95.76 97.46 58.53
C PRO I 4 95.44 96.39 59.55
N HIS I 5 94.28 96.52 60.19
CA HIS I 5 93.88 95.62 61.24
C HIS I 5 93.29 94.35 60.64
N CYS I 6 93.23 93.30 61.45
CA CYS I 6 92.45 92.12 61.12
C CYS I 6 90.97 92.48 61.06
N SER I 7 90.16 91.54 60.58
CA SER I 7 88.72 91.75 60.46
C SER I 7 88.11 92.01 61.84
N ARG I 8 87.36 93.11 61.94
CA ARG I 8 86.77 93.50 63.22
C ARG I 8 85.75 92.47 63.69
N ASN I 9 85.01 91.90 62.74
CA ASN I 9 84.09 90.81 63.06
C ASN I 9 84.75 89.47 62.71
N PRO I 10 84.50 88.43 63.49
CA PRO I 10 85.04 87.12 63.13
C PRO I 10 84.12 86.39 62.17
N VAL I 11 84.69 85.41 61.46
CA VAL I 11 83.88 84.54 60.62
C VAL I 11 83.06 83.64 61.54
N LEU I 12 81.75 83.84 61.55
CA LEU I 12 80.90 83.01 62.40
C LEU I 12 80.64 81.65 61.75
N VAL I 13 80.01 81.65 60.58
CA VAL I 13 80.02 80.51 59.67
C VAL I 13 80.66 81.04 58.39
N ARG I 14 81.20 80.14 57.57
CA ARG I 14 81.81 80.51 56.30
C ARG I 14 80.85 81.33 55.45
N GLY I 15 81.23 82.57 55.15
CA GLY I 15 80.37 83.49 54.46
C GLY I 15 79.51 84.36 55.34
N ILE I 16 79.66 84.28 56.66
CA ILE I 16 78.82 85.00 57.61
C ILE I 16 79.71 85.60 58.68
N GLY I 17 79.52 86.89 58.98
CA GLY I 17 80.21 87.54 60.08
C GLY I 17 79.32 87.65 61.32
N ARG I 18 79.96 87.84 62.47
CA ARG I 18 79.22 87.88 63.72
C ARG I 18 78.46 89.19 63.89
N TYR I 19 78.88 90.25 63.21
CA TYR I 19 78.31 91.57 63.37
C TYR I 19 77.58 91.98 62.10
N SER I 20 76.39 92.57 62.27
CA SER I 20 75.64 93.07 61.12
C SER I 20 76.33 94.29 60.53
N ARG I 21 75.90 94.66 59.32
CA ARG I 21 76.47 95.82 58.65
C ARG I 21 76.16 97.11 59.41
N SER I 22 75.04 97.14 60.13
CA SER I 22 74.78 98.27 61.01
C SER I 22 75.63 98.18 62.27
N ALA I 23 75.93 96.96 62.71
CA ALA I 23 76.89 96.77 63.79
C ALA I 23 78.31 96.97 63.34
N MET I 24 78.60 96.71 62.05
CA MET I 24 79.94 96.97 61.53
C MET I 24 80.19 98.45 61.32
N TYR I 25 79.14 99.27 61.19
CA TYR I 25 79.34 100.70 61.03
C TYR I 25 79.93 101.32 62.29
N SER I 26 79.30 101.08 63.44
CA SER I 26 79.80 101.62 64.70
C SER I 26 81.09 100.95 65.14
N ARG I 27 81.32 99.71 64.70
CA ARG I 27 82.59 99.06 65.01
C ARG I 27 83.72 99.63 64.18
N LYS I 28 83.42 100.00 62.93
CA LYS I 28 84.41 100.63 62.06
C LYS I 28 84.63 102.09 62.43
N ALA I 29 83.72 102.66 63.22
CA ALA I 29 83.74 104.07 63.65
C ALA I 29 83.73 105.02 62.46
N LEU I 30 82.80 104.80 61.53
CA LEU I 30 82.64 105.66 60.37
C LEU I 30 81.70 106.83 60.64
N TYR I 31 81.06 106.88 61.80
CA TYR I 31 80.10 107.95 62.07
C TYR I 31 80.81 109.30 62.26
N LYS I 32 82.08 109.27 62.69
CA LYS I 32 82.86 110.50 62.84
C LYS I 32 83.80 110.72 61.66
N ARG I 33 83.62 109.96 60.59
CA ARG I 33 84.61 109.86 59.52
C ARG I 33 83.92 109.98 58.16
N LYS I 34 83.13 111.04 57.99
CA LYS I 34 82.59 111.37 56.67
C LYS I 34 83.76 111.75 55.76
N TYR I 35 84.05 110.89 54.78
CA TYR I 35 85.09 111.14 53.79
C TYR I 35 84.41 111.60 52.50
N ALA I 36 84.51 112.89 52.20
CA ALA I 36 83.85 113.49 51.06
C ALA I 36 84.87 113.81 49.97
N ALA I 37 84.39 113.85 48.74
CA ALA I 37 85.25 114.14 47.59
C ALA I 37 84.66 115.25 46.72
N LEU I 52 104.27 105.35 26.28
CA LEU I 52 104.47 104.21 27.16
C LEU I 52 105.54 103.27 26.62
N ALA I 53 105.25 102.67 25.46
CA ALA I 53 106.18 101.75 24.80
C ALA I 53 106.99 102.44 23.71
N THR I 54 106.52 103.59 23.23
CA THR I 54 107.28 104.38 22.28
C THR I 54 108.54 104.92 22.94
N VAL I 55 109.70 104.41 22.53
CA VAL I 55 110.98 104.76 23.12
C VAL I 55 111.90 105.24 22.02
N THR I 56 112.39 106.47 22.14
CA THR I 56 113.32 107.02 21.18
C THR I 56 114.74 106.63 21.58
N LYS I 57 115.54 106.21 20.59
CA LYS I 57 116.88 105.72 20.83
C LYS I 57 117.81 106.22 19.72
N PRO I 58 119.02 106.64 20.06
CA PRO I 58 119.91 107.20 19.04
C PRO I 58 120.59 106.12 18.20
N VAL I 59 120.80 106.45 16.93
CA VAL I 59 121.53 105.61 16.00
C VAL I 59 122.53 106.49 15.26
N GLY I 60 123.81 106.17 15.39
CA GLY I 60 124.87 106.93 14.74
C GLY I 60 125.10 106.51 13.31
N GLY I 65 122.00 110.22 9.91
CA GLY I 65 121.04 109.33 10.52
C GLY I 65 120.00 110.06 11.33
N GLY I 66 120.38 110.46 12.54
CA GLY I 66 119.47 111.16 13.42
C GLY I 66 119.19 110.40 14.70
N THR I 67 117.91 110.11 14.95
CA THR I 67 117.49 109.33 16.10
C THR I 67 116.16 108.67 15.75
N ARG I 68 115.96 107.44 16.22
CA ARG I 68 114.78 106.66 15.85
C ARG I 68 113.97 106.29 17.07
N VAL I 69 112.65 106.11 16.86
CA VAL I 69 111.73 105.75 17.92
C VAL I 69 111.08 104.39 17.64
N VAL I 70 111.52 103.38 18.40
CA VAL I 70 110.91 102.07 18.29
C VAL I 70 109.60 102.06 19.08
N LYS I 71 108.60 101.35 18.54
CA LYS I 71 107.34 101.12 19.24
C LYS I 71 107.35 99.67 19.68
N LEU I 72 107.57 99.44 20.98
CA LEU I 72 107.71 98.10 21.51
C LEU I 72 106.38 97.33 21.43
N ARG I 73 106.46 96.04 21.71
CA ARG I 73 105.41 95.07 21.42
C ARG I 73 104.97 95.20 19.96
N LYS I 74 105.95 95.02 19.07
CA LYS I 74 105.73 95.27 17.66
C LYS I 74 104.71 94.29 17.09
N MET I 75 104.04 94.73 16.03
CA MET I 75 102.89 94.02 15.50
C MET I 75 103.28 92.63 14.99
N PRO I 76 102.41 91.65 15.14
CA PRO I 76 102.74 90.30 14.68
C PRO I 76 102.83 90.22 13.18
N ARG I 77 103.71 89.35 12.71
CA ARG I 77 104.05 89.24 11.30
C ARG I 77 103.45 88.03 10.62
N TYR I 78 102.72 87.20 11.36
CA TYR I 78 102.06 86.04 10.78
C TYR I 78 100.76 85.79 11.52
N TYR I 79 99.75 85.38 10.77
CA TYR I 79 98.41 85.20 11.30
C TYR I 79 97.86 83.84 10.87
N PRO I 80 97.52 82.96 11.81
CA PRO I 80 96.79 81.75 11.45
C PRO I 80 95.41 82.11 10.95
N THR I 81 94.86 81.21 10.12
CA THR I 81 93.64 81.51 9.38
C THR I 81 92.44 81.67 10.32
N GLU I 82 92.36 80.83 11.34
CA GLU I 82 91.26 80.92 12.30
C GLU I 82 91.80 80.71 13.70
N ASP I 83 91.19 81.39 14.68
CA ASP I 83 91.56 81.32 16.07
C ASP I 83 90.36 80.91 16.90
N VAL I 84 90.61 80.49 18.13
CA VAL I 84 89.54 80.16 19.07
C VAL I 84 89.09 81.46 19.75
N PRO I 85 87.79 81.74 19.81
CA PRO I 85 87.35 82.90 20.57
C PRO I 85 87.51 82.68 22.06
N ARG I 86 87.60 83.78 22.80
CA ARG I 86 87.96 83.73 24.21
C ARG I 86 86.86 83.07 25.03
N LYS I 87 87.26 82.40 26.10
CA LYS I 87 86.33 81.73 26.99
C LYS I 87 85.53 82.76 27.79
N LEU I 88 84.41 82.31 28.32
CA LEU I 88 83.65 83.14 29.23
C LEU I 88 84.32 83.15 30.60
N LEU I 89 83.91 84.07 31.45
CA LEU I 89 84.58 84.30 32.72
C LEU I 89 83.85 83.61 33.86
N SER I 90 84.41 82.49 34.32
CA SER I 90 83.96 81.79 35.51
C SER I 90 84.88 82.15 36.67
N HIS I 91 84.38 81.95 37.88
CA HIS I 91 85.09 82.51 39.04
C HIS I 91 85.60 81.46 40.01
N GLY I 92 84.86 80.36 40.17
CA GLY I 92 85.22 79.39 41.18
C GLY I 92 86.22 78.35 40.72
N LYS I 93 87.05 78.71 39.75
CA LYS I 93 88.01 77.78 39.15
C LYS I 93 89.40 78.38 39.34
N LYS I 94 90.06 77.98 40.42
CA LYS I 94 91.37 78.49 40.81
C LYS I 94 92.44 77.45 40.54
N PRO I 95 93.67 77.88 40.24
CA PRO I 95 94.76 76.92 40.02
C PRO I 95 95.11 76.15 41.28
N PHE I 96 95.80 75.02 41.07
CA PHE I 96 96.02 74.03 42.13
C PHE I 96 96.85 74.58 43.28
N SER I 97 97.69 75.59 43.02
CA SER I 97 98.51 76.15 44.09
C SER I 97 97.70 76.96 45.09
N GLN I 98 96.44 77.24 44.81
CA GLN I 98 95.61 78.04 45.70
C GLN I 98 94.39 77.29 46.22
N HIS I 99 94.31 75.97 46.01
CA HIS I 99 93.26 75.18 46.63
C HIS I 99 93.59 74.99 48.11
N VAL I 100 92.54 74.87 48.91
CA VAL I 100 92.72 74.58 50.33
C VAL I 100 93.19 73.15 50.48
N ARG I 101 93.99 72.89 51.49
CA ARG I 101 94.59 71.56 51.69
C ARG I 101 93.94 70.90 52.90
N LYS I 102 93.20 69.82 52.64
CA LYS I 102 92.46 69.13 53.67
C LYS I 102 93.31 68.03 54.28
N LEU I 103 92.79 67.42 55.35
CA LEU I 103 93.44 66.35 56.09
C LEU I 103 92.41 65.72 57.00
N ARG I 104 92.44 64.39 57.10
CA ARG I 104 91.56 63.69 58.02
C ARG I 104 91.93 64.03 59.46
N ALA I 105 90.91 64.11 60.31
CA ALA I 105 91.15 64.39 61.71
C ALA I 105 91.82 63.21 62.41
N SER I 106 91.68 62.01 61.86
CA SER I 106 92.29 60.82 62.45
C SER I 106 93.81 60.84 62.32
N ILE I 107 94.34 61.57 61.36
CA ILE I 107 95.78 61.70 61.17
C ILE I 107 96.24 62.86 62.06
N THR I 108 96.89 62.54 63.17
CA THR I 108 97.58 63.52 64.00
C THR I 108 99.05 63.18 63.98
N PRO I 109 99.93 64.21 63.87
CA PRO I 109 101.36 63.95 63.62
C PRO I 109 102.02 63.09 64.69
N GLY I 110 102.42 61.89 64.29
CA GLY I 110 102.88 60.89 65.22
C GLY I 110 102.14 59.59 65.04
N THR I 111 101.16 59.60 64.13
CA THR I 111 100.41 58.39 63.84
C THR I 111 101.18 57.50 62.89
N ILE I 112 100.87 56.22 62.94
CA ILE I 112 101.51 55.21 62.11
C ILE I 112 100.54 54.83 60.99
N LEU I 113 101.00 54.93 59.75
CA LEU I 113 100.14 54.68 58.60
C LEU I 113 100.55 53.37 57.92
N ILE I 114 99.76 53.00 56.92
CA ILE I 114 99.98 51.80 56.13
C ILE I 114 99.76 52.15 54.66
N ILE I 115 100.81 51.98 53.85
CA ILE I 115 100.69 52.23 52.41
C ILE I 115 99.85 51.14 51.77
N LEU I 116 99.12 51.48 50.72
CA LEU I 116 98.33 50.50 50.00
C LEU I 116 98.66 50.42 48.52
N THR I 117 99.04 51.53 47.89
CA THR I 117 99.27 51.49 46.45
C THR I 117 100.75 51.56 46.09
N GLY I 118 101.56 52.25 46.89
CA GLY I 118 102.97 52.34 46.58
C GLY I 118 103.69 51.05 46.86
N ARG I 119 104.82 50.84 46.16
CA ARG I 119 105.54 49.57 46.14
C ARG I 119 105.97 49.08 47.52
N HIS I 120 105.88 49.92 48.53
CA HIS I 120 105.93 49.50 49.93
C HIS I 120 104.54 49.13 50.43
N ARG I 121 103.87 48.21 49.71
CA ARG I 121 102.50 47.83 50.00
C ARG I 121 102.38 47.18 51.36
N GLY I 122 101.52 47.74 52.21
CA GLY I 122 101.30 47.21 53.53
C GLY I 122 102.42 47.43 54.52
N LYS I 123 103.46 48.15 54.15
CA LYS I 123 104.55 48.44 55.08
C LYS I 123 104.07 49.45 56.10
N ARG I 124 104.47 49.27 57.35
CA ARG I 124 103.96 50.08 58.45
C ARG I 124 104.89 51.28 58.64
N VAL I 125 104.34 52.47 58.44
CA VAL I 125 105.15 53.66 58.21
C VAL I 125 104.67 54.80 59.11
N VAL I 126 105.57 55.72 59.44
CA VAL I 126 105.32 56.78 60.43
C VAL I 126 105.07 58.10 59.72
N PHE I 127 103.96 58.76 60.06
CA PHE I 127 103.64 60.06 59.52
C PHE I 127 104.33 61.16 60.32
N LEU I 128 104.77 62.20 59.61
CA LEU I 128 105.39 63.33 60.30
C LEU I 128 104.59 64.63 60.15
N LYS I 129 104.37 65.09 58.93
CA LYS I 129 103.74 66.40 58.73
C LYS I 129 103.09 66.48 57.36
N GLN I 130 102.32 67.55 57.18
CA GLN I 130 101.67 67.84 55.91
C GLN I 130 102.59 68.74 55.09
N LEU I 131 102.59 68.54 53.77
CA LEU I 131 103.34 69.41 52.89
C LEU I 131 102.43 70.50 52.33
N SER I 132 102.99 71.31 51.43
CA SER I 132 102.26 72.41 50.83
C SER I 132 101.19 71.93 49.87
N SER I 133 101.58 71.06 48.93
CA SER I 133 100.70 70.58 47.87
C SER I 133 99.50 69.80 48.40
N GLY I 134 99.65 69.18 49.56
CA GLY I 134 98.65 68.29 50.09
C GLY I 134 99.14 66.88 50.28
N LEU I 135 100.24 66.52 49.63
CA LEU I 135 100.89 65.25 49.89
C LEU I 135 101.49 65.28 51.29
N LEU I 136 101.70 64.09 51.84
CA LEU I 136 102.07 63.97 53.24
C LEU I 136 103.54 63.60 53.38
N LEU I 137 104.16 64.03 54.47
CA LEU I 137 105.53 63.62 54.80
C LEU I 137 105.49 62.41 55.72
N VAL I 138 105.40 61.25 55.09
CA VAL I 138 105.35 59.99 55.81
C VAL I 138 106.67 59.26 55.60
N THR I 139 107.31 58.89 56.70
CA THR I 139 108.65 58.33 56.62
C THR I 139 108.73 57.08 57.47
N GLY I 140 109.25 56.02 56.87
CA GLY I 140 109.54 54.82 57.61
C GLY I 140 110.95 54.87 58.17
N PRO I 141 111.15 54.25 59.32
CA PRO I 141 112.52 54.05 59.80
C PRO I 141 113.32 53.18 58.84
N LEU I 142 114.38 53.73 58.27
CA LEU I 142 115.19 53.01 57.31
C LEU I 142 115.90 51.82 57.93
N SER I 143 116.05 51.77 59.25
CA SER I 143 116.51 50.59 59.95
C SER I 143 115.44 49.52 60.06
N LEU I 144 114.20 49.85 59.76
CA LEU I 144 113.07 48.95 59.91
C LEU I 144 112.27 48.75 58.63
N ASN I 145 112.09 49.82 57.87
CA ASN I 145 111.05 49.88 56.85
C ASN I 145 111.60 49.91 55.44
N ARG I 146 112.87 50.29 55.27
CA ARG I 146 113.48 50.56 53.96
C ARG I 146 112.67 51.57 53.15
N VAL I 147 112.11 52.55 53.83
CA VAL I 147 111.36 53.62 53.20
C VAL I 147 112.01 54.94 53.61
N PRO I 148 112.32 55.80 52.68
CA PRO I 148 112.93 57.09 53.03
C PRO I 148 111.89 58.12 53.44
N LEU I 149 112.34 59.36 53.63
CA LEU I 149 111.43 60.50 53.60
C LEU I 149 110.71 60.49 52.26
N ARG I 150 109.41 60.26 52.28
CA ARG I 150 108.64 60.00 51.08
C ARG I 150 107.34 60.77 51.11
N ARG I 151 106.86 61.15 49.92
CA ARG I 151 105.53 61.72 49.80
C ARG I 151 104.52 60.63 49.52
N THR I 152 103.33 60.76 50.10
CA THR I 152 102.25 59.82 49.89
C THR I 152 100.94 60.53 50.19
N HIS I 153 99.97 60.39 49.29
CA HIS I 153 98.69 61.08 49.45
C HIS I 153 97.89 60.47 50.58
N GLN I 154 97.06 61.29 51.24
CA GLN I 154 96.30 60.85 52.40
C GLN I 154 95.26 59.80 52.04
N LYS I 155 94.88 59.73 50.77
CA LYS I 155 93.86 58.76 50.36
C LYS I 155 94.36 57.34 50.52
N PHE I 156 95.63 57.10 50.22
CA PHE I 156 96.21 55.76 50.24
C PHE I 156 96.87 55.48 51.59
N VAL I 157 96.12 55.63 52.67
CA VAL I 157 96.65 55.63 54.03
C VAL I 157 95.66 54.95 54.97
N ILE I 158 96.18 54.03 55.80
CA ILE I 158 95.39 53.46 56.89
C ILE I 158 95.83 54.11 58.19
N ALA I 159 95.06 55.10 58.66
CA ALA I 159 95.40 55.83 59.87
C ALA I 159 95.11 54.97 61.09
N THR I 160 96.16 54.36 61.64
CA THR I 160 96.03 53.53 62.82
C THR I 160 95.95 54.42 64.06
N SER I 161 95.20 53.96 65.06
CA SER I 161 95.06 54.69 66.33
C SER I 161 96.22 54.46 67.27
N THR I 162 97.46 54.66 66.83
CA THR I 162 98.66 54.40 67.62
C THR I 162 99.61 55.57 67.41
N LYS I 163 99.75 56.40 68.44
CA LYS I 163 100.50 57.64 68.37
C LYS I 163 101.81 57.54 69.13
N ILE I 164 102.80 58.30 68.66
CA ILE I 164 104.02 58.57 69.39
C ILE I 164 104.22 60.07 69.41
N ASP I 165 104.70 60.58 70.56
CA ASP I 165 104.78 62.01 70.80
C ASP I 165 105.96 62.56 70.02
N ILE I 166 105.73 62.89 68.75
CA ILE I 166 106.79 63.44 67.91
C ILE I 166 106.71 64.96 67.95
N SER I 167 105.96 65.50 68.90
CA SER I 167 105.87 66.95 69.06
C SER I 167 107.13 67.56 69.67
N GLY I 168 108.17 66.76 69.94
CA GLY I 168 109.46 67.26 70.35
C GLY I 168 110.57 67.09 69.33
N VAL I 169 110.29 66.55 68.16
CA VAL I 169 111.33 66.39 67.15
C VAL I 169 111.44 67.71 66.40
N LYS I 170 112.54 67.89 65.68
CA LYS I 170 112.77 69.10 64.89
C LYS I 170 112.78 68.71 63.42
N ILE I 171 111.64 68.91 62.77
CA ILE I 171 111.49 68.70 61.34
C ILE I 171 112.35 69.70 60.59
N PRO I 172 113.11 69.27 59.58
CA PRO I 172 113.98 70.20 58.86
C PRO I 172 113.19 71.11 57.94
N LYS I 173 113.44 72.41 58.04
CA LYS I 173 112.70 73.39 57.26
C LYS I 173 113.13 73.42 55.80
N HIS I 174 114.34 72.98 55.49
CA HIS I 174 114.85 73.07 54.13
C HIS I 174 114.19 72.07 53.18
N LEU I 175 113.53 71.03 53.70
CA LEU I 175 112.84 70.07 52.86
C LEU I 175 111.37 70.50 52.71
N THR I 176 110.89 70.47 51.47
CA THR I 176 109.59 71.00 51.10
C THR I 176 109.10 70.15 49.91
N ASP I 177 108.08 70.63 49.20
CA ASP I 177 107.52 69.87 48.09
C ASP I 177 108.48 69.78 46.92
N ALA I 178 109.27 70.83 46.69
CA ALA I 178 110.25 70.79 45.61
C ALA I 178 111.40 69.86 45.89
N TYR I 179 111.63 69.52 47.17
CA TYR I 179 112.68 68.58 47.54
C TYR I 179 112.41 67.19 46.95
N PHE I 180 111.15 66.78 46.91
CA PHE I 180 110.79 65.41 46.51
C PHE I 180 110.30 65.32 45.09
N LYS I 181 110.52 66.34 44.26
CA LYS I 181 110.07 66.30 42.88
C LYS I 181 110.89 65.28 42.08
N LYS I 182 110.23 64.59 41.15
CA LYS I 182 110.95 63.80 40.16
C LYS I 182 111.47 64.72 39.07
N LYS I 183 112.72 65.15 39.23
CA LYS I 183 113.34 66.17 38.37
C LYS I 183 113.46 65.71 36.93
N LYS I 184 114.25 64.67 36.69
CA LYS I 184 114.53 64.24 35.32
C LYS I 184 114.38 62.73 35.18
N LYS I 202 117.75 57.35 35.41
CA LYS I 202 118.27 56.45 36.43
C LYS I 202 118.41 57.20 37.75
N TYR I 203 117.76 56.71 38.79
CA TYR I 203 117.74 57.38 40.09
C TYR I 203 118.90 56.90 40.93
N GLU I 204 119.65 57.83 41.49
CA GLU I 204 120.69 57.53 42.46
C GLU I 204 120.50 58.47 43.65
N ILE I 205 120.63 57.93 44.85
CA ILE I 205 120.43 58.70 46.07
C ILE I 205 121.56 59.72 46.18
N THR I 206 121.20 61.00 46.15
CA THR I 206 122.18 62.07 46.18
C THR I 206 122.70 62.27 47.60
N GLU I 207 123.91 62.82 47.71
CA GLU I 207 124.57 62.93 49.01
C GLU I 207 123.90 63.96 49.90
N GLN I 208 123.07 64.82 49.32
CA GLN I 208 122.22 65.68 50.14
C GLN I 208 121.10 64.87 50.79
N ARG I 209 120.57 63.88 50.07
CA ARG I 209 119.45 63.10 50.57
C ARG I 209 119.84 62.23 51.76
N LYS I 210 121.06 61.71 51.78
CA LYS I 210 121.46 60.79 52.84
C LYS I 210 121.75 61.51 54.15
N VAL I 211 121.79 62.85 54.13
CA VAL I 211 121.92 63.59 55.37
C VAL I 211 120.61 63.57 56.14
N ASP I 212 119.52 63.91 55.46
CA ASP I 212 118.27 64.21 56.14
C ASP I 212 117.61 62.97 56.72
N GLN I 213 117.79 61.81 56.07
CA GLN I 213 117.20 60.58 56.60
C GLN I 213 117.84 60.21 57.94
N LYS I 214 119.12 60.51 58.10
CA LYS I 214 119.80 60.25 59.36
C LYS I 214 119.43 61.24 60.46
N ALA I 215 119.20 62.51 60.09
CA ALA I 215 119.08 63.56 61.09
C ALA I 215 117.75 63.50 61.85
N VAL I 216 116.69 63.03 61.20
CA VAL I 216 115.40 62.92 61.87
C VAL I 216 115.30 61.55 62.52
N ASP I 217 116.13 60.62 62.08
CA ASP I 217 116.11 59.28 62.64
C ASP I 217 116.63 59.26 64.07
N SER I 218 117.56 60.15 64.42
CA SER I 218 118.24 60.12 65.71
C SER I 218 117.33 60.43 66.90
N GLN I 219 116.09 60.86 66.67
CA GLN I 219 115.16 61.10 67.75
C GLN I 219 114.00 60.12 67.79
N ILE I 220 113.56 59.62 66.64
CA ILE I 220 112.45 58.68 66.58
C ILE I 220 112.92 57.25 66.83
N LEU I 221 114.12 56.91 66.37
CA LEU I 221 114.69 55.59 66.64
C LEU I 221 114.85 55.28 68.12
N PRO I 222 115.28 56.20 69.00
CA PRO I 222 115.09 55.93 70.44
C PRO I 222 113.64 55.96 70.87
N LYS I 223 112.79 56.78 70.22
CA LYS I 223 111.41 56.87 70.65
C LYS I 223 110.61 55.64 70.30
N ILE I 224 110.94 54.96 69.20
CA ILE I 224 110.24 53.74 68.85
C ILE I 224 110.78 52.55 69.63
N LYS I 225 111.81 52.76 70.45
CA LYS I 225 112.28 51.72 71.34
C LYS I 225 111.93 51.98 72.79
N ALA I 226 111.51 53.21 73.12
CA ALA I 226 110.93 53.47 74.42
C ALA I 226 109.52 52.90 74.54
N VAL I 227 108.91 52.54 73.42
CA VAL I 227 107.59 51.92 73.39
C VAL I 227 107.81 50.42 73.19
N PRO I 228 107.25 49.55 74.04
CA PRO I 228 107.52 48.12 73.92
C PRO I 228 106.91 47.52 72.66
N GLN I 229 107.71 46.71 71.96
CA GLN I 229 107.30 45.94 70.78
C GLN I 229 106.79 46.84 69.66
N LEU I 230 107.40 48.02 69.52
CA LEU I 230 107.03 48.93 68.46
C LEU I 230 107.91 48.81 67.23
N GLN I 231 109.22 48.65 67.43
CA GLN I 231 110.11 48.44 66.30
C GLN I 231 109.86 47.09 65.64
N GLY I 232 109.30 46.12 66.37
CA GLY I 232 108.82 44.90 65.75
C GLY I 232 107.55 45.07 64.97
N TYR I 233 106.72 46.04 65.34
CA TYR I 233 105.49 46.33 64.60
C TYR I 233 105.79 46.90 63.22
N LEU I 234 106.83 47.74 63.12
CA LEU I 234 107.10 48.43 61.87
C LEU I 234 107.81 47.54 60.86
N ARG I 235 108.57 46.55 61.33
CA ARG I 235 109.13 45.57 60.41
C ARG I 235 108.04 44.73 59.77
N SER I 236 107.02 44.38 60.54
CA SER I 236 105.93 43.57 60.03
C SER I 236 105.12 44.34 58.99
N VAL I 237 104.57 43.61 58.04
CA VAL I 237 103.86 44.17 56.90
C VAL I 237 102.38 43.82 57.00
N PHE I 238 101.53 44.79 56.68
CA PHE I 238 100.09 44.62 56.83
C PHE I 238 99.55 43.67 55.77
N ALA I 239 98.64 42.79 56.18
CA ALA I 239 98.06 41.81 55.28
C ALA I 239 96.74 41.34 55.86
N LEU I 240 95.93 40.73 55.00
CA LEU I 240 94.62 40.21 55.37
C LEU I 240 94.66 38.69 55.23
N THR I 241 94.14 38.00 56.24
CA THR I 241 94.08 36.55 56.21
C THR I 241 92.65 36.12 55.91
N ASN I 242 92.44 34.80 55.92
CA ASN I 242 91.10 34.28 55.80
C ASN I 242 90.29 34.59 57.05
N GLY I 243 89.01 34.88 56.86
CA GLY I 243 88.15 35.24 57.96
C GLY I 243 88.38 36.62 58.53
N VAL I 244 89.19 37.45 57.88
CA VAL I 244 89.49 38.79 58.34
C VAL I 244 88.83 39.79 57.41
N TYR I 245 88.03 40.68 57.98
CA TYR I 245 87.30 41.68 57.21
C TYR I 245 87.61 43.06 57.80
N PRO I 246 88.00 44.04 56.98
CA PRO I 246 88.36 45.35 57.53
C PRO I 246 87.19 46.07 58.18
N HIS I 247 86.01 46.01 57.58
CA HIS I 247 84.83 46.61 58.17
C HIS I 247 84.40 45.89 59.44
N LYS I 248 84.77 44.62 59.60
CA LYS I 248 84.45 43.92 60.84
C LYS I 248 85.38 44.34 61.97
N LEU I 249 86.62 44.70 61.65
CA LEU I 249 87.61 45.04 62.67
C LEU I 249 87.71 46.55 62.84
N VAL I 250 88.39 46.94 63.91
CA VAL I 250 88.87 48.30 64.10
C VAL I 250 90.39 48.22 64.15
N PHE I 251 91.06 49.24 63.63
CA PHE I 251 92.51 49.27 63.62
C PHE I 251 93.05 50.49 64.35
N ASN J 1 84.22 118.64 22.24
CA ASN J 1 83.06 117.96 22.81
C ASN J 1 83.47 117.01 23.93
N PHE J 2 82.51 116.22 24.39
CA PHE J 2 82.72 115.13 25.33
C PHE J 2 83.30 115.60 26.66
N ALA J 3 82.86 116.77 27.13
CA ALA J 3 83.24 117.22 28.46
C ALA J 3 82.14 116.93 29.48
N GLU J 4 80.97 117.53 29.28
CA GLU J 4 79.81 117.27 30.14
C GLU J 4 79.19 115.91 29.86
N LEU J 5 79.40 115.35 28.67
CA LEU J 5 78.73 114.11 28.28
C LEU J 5 79.19 112.94 29.11
N LYS J 6 80.47 112.90 29.49
CA LYS J 6 80.95 111.78 30.29
C LYS J 6 80.47 111.90 31.74
N ILE J 7 80.39 113.13 32.25
CA ILE J 7 79.94 113.33 33.62
C ILE J 7 78.44 113.05 33.73
N LYS J 8 77.69 113.34 32.67
CA LYS J 8 76.32 112.85 32.61
C LYS J 8 76.27 111.33 32.47
N ARG J 9 77.25 110.73 31.79
CA ARG J 9 77.33 109.28 31.76
C ARG J 9 77.69 108.73 33.13
N LEU J 10 78.51 109.48 33.89
CA LEU J 10 78.81 109.09 35.26
C LEU J 10 77.59 109.25 36.16
N ARG J 11 76.76 110.25 35.91
CA ARG J 11 75.60 110.46 36.77
C ARG J 11 74.33 109.80 36.26
N LYS J 12 74.31 109.30 35.02
CA LYS J 12 73.15 108.52 34.61
C LYS J 12 73.20 107.13 35.21
N LYS J 13 74.40 106.59 35.42
CA LYS J 13 74.54 105.32 36.10
C LYS J 13 74.45 105.46 37.61
N PHE J 14 74.84 106.61 38.15
CA PHE J 14 74.81 106.82 39.59
C PHE J 14 73.39 106.83 40.13
N ALA J 15 72.42 107.17 39.28
CA ALA J 15 71.02 107.02 39.65
C ALA J 15 70.68 105.57 39.93
N GLN J 16 70.97 104.68 38.96
CA GLN J 16 70.66 103.27 39.17
C GLN J 16 71.65 102.58 40.09
N LYS J 17 72.76 103.23 40.45
CA LYS J 17 73.54 102.71 41.56
C LYS J 17 72.91 103.11 42.89
N MET J 18 72.14 104.21 42.89
CA MET J 18 71.33 104.54 44.04
C MET J 18 69.97 103.86 43.99
N LEU J 19 69.38 103.77 42.79
CA LEU J 19 68.06 103.17 42.63
C LEU J 19 68.07 101.67 42.94
N ARG J 20 69.10 100.96 42.50
CA ARG J 20 69.20 99.55 42.86
C ARG J 20 69.48 99.39 44.35
N LYS J 21 70.21 100.33 44.94
CA LYS J 21 70.49 100.23 46.37
C LYS J 21 69.25 100.52 47.20
N ALA J 22 68.40 101.44 46.72
CA ALA J 22 67.17 101.72 47.45
C ALA J 22 66.19 100.56 47.38
N ARG J 23 66.16 99.85 46.24
CA ARG J 23 65.26 98.71 46.12
C ARG J 23 65.71 97.55 47.00
N ARG J 24 67.01 97.39 47.20
CA ARG J 24 67.46 96.36 48.12
C ARG J 24 67.10 96.70 49.56
N LYS J 25 67.10 97.98 49.91
CA LYS J 25 66.55 98.37 51.19
C LYS J 25 65.05 98.24 51.24
N LEU J 26 64.38 98.35 50.09
CA LEU J 26 62.95 98.11 50.03
C LEU J 26 62.64 96.63 50.21
N ILE J 27 63.49 95.75 49.68
CA ILE J 27 63.23 94.32 49.78
C ILE J 27 63.55 93.82 51.17
N TYR J 28 64.58 94.40 51.81
CA TYR J 28 65.06 93.92 53.10
C TYR J 28 63.98 94.07 54.17
N GLU J 29 63.49 95.29 54.38
CA GLU J 29 62.52 95.52 55.44
C GLU J 29 61.19 94.86 55.13
N LYS J 30 60.87 94.71 53.84
CA LYS J 30 59.64 94.04 53.45
C LYS J 30 59.65 92.59 53.89
N ALA J 31 60.81 91.93 53.76
CA ALA J 31 60.95 90.61 54.35
C ALA J 31 60.93 90.67 55.86
N LYS J 32 61.49 91.73 56.43
CA LYS J 32 61.40 91.93 57.88
C LYS J 32 59.97 92.17 58.33
N HIS J 33 59.22 92.97 57.57
CA HIS J 33 57.82 93.23 57.88
C HIS J 33 56.98 91.97 57.76
N TYR J 34 57.30 91.11 56.81
CA TYR J 34 56.59 89.85 56.70
C TYR J 34 56.99 88.89 57.81
N HIS J 35 58.27 88.89 58.18
CA HIS J 35 58.74 88.03 59.26
C HIS J 35 58.11 88.41 60.60
N LYS J 36 57.78 89.68 60.77
CA LYS J 36 56.97 90.06 61.93
C LYS J 36 55.54 89.55 61.79
N GLU J 37 55.00 89.54 60.57
CA GLU J 37 53.61 89.15 60.38
C GLU J 37 53.37 87.67 60.68
N TYR J 38 54.28 86.79 60.24
CA TYR J 38 54.07 85.36 60.44
C TYR J 38 54.17 84.98 61.91
N ARG J 39 55.12 85.57 62.64
CA ARG J 39 55.19 85.36 64.08
C ARG J 39 53.95 85.86 64.80
N GLN J 40 53.31 86.91 64.28
CA GLN J 40 52.08 87.41 64.89
C GLN J 40 50.93 86.42 64.75
N MET J 41 50.69 85.90 63.56
CA MET J 41 49.54 85.03 63.35
C MET J 41 49.74 83.63 63.92
N TYR J 42 50.94 83.07 63.79
CA TYR J 42 51.18 81.71 64.27
C TYR J 42 51.17 81.65 65.79
N ARG J 43 51.54 82.75 66.45
CA ARG J 43 51.48 82.78 67.91
C ARG J 43 50.05 82.93 68.42
N THR J 44 49.22 83.72 67.73
CA THR J 44 47.88 84.01 68.24
C THR J 44 46.97 82.79 68.18
N GLU J 45 47.23 81.87 67.25
CA GLU J 45 46.46 80.64 67.20
C GLU J 45 46.67 79.82 68.46
N ILE J 46 47.89 79.83 69.00
CA ILE J 46 48.15 79.23 70.29
C ILE J 46 47.41 79.99 71.38
N ARG J 47 47.46 81.33 71.30
CA ARG J 47 46.83 82.18 72.30
C ARG J 47 45.32 82.00 72.32
N MET J 48 44.69 81.96 71.14
CA MET J 48 43.24 81.89 71.05
C MET J 48 42.72 80.58 71.63
N ALA J 49 43.42 79.48 71.38
CA ALA J 49 43.02 78.21 71.97
C ALA J 49 43.30 78.19 73.47
N ARG J 50 44.33 78.92 73.90
CA ARG J 50 44.69 78.92 75.32
C ARG J 50 43.60 79.57 76.17
N MET J 51 43.22 80.79 75.81
CA MET J 51 42.19 81.52 76.54
C MET J 51 40.84 80.81 76.46
N ALA J 52 40.61 80.00 75.43
CA ALA J 52 39.44 79.14 75.43
C ALA J 52 39.54 78.05 76.49
N ARG J 53 40.71 77.41 76.59
CA ARG J 53 40.92 76.42 77.64
C ARG J 53 41.01 77.08 79.01
N LYS J 54 41.41 78.35 79.05
CA LYS J 54 41.34 79.09 80.30
C LYS J 54 39.90 79.30 80.75
N ALA J 55 39.00 79.48 79.79
CA ALA J 55 37.58 79.52 80.08
C ALA J 55 36.93 78.14 80.04
N GLY J 56 37.65 77.12 79.57
CA GLY J 56 37.08 75.81 79.37
C GLY J 56 36.36 75.65 78.06
N ASN J 57 36.13 76.74 77.33
CA ASN J 57 35.44 76.67 76.06
C ASN J 57 36.38 76.12 74.99
N PHE J 58 35.82 75.88 73.81
CA PHE J 58 36.62 75.47 72.66
C PHE J 58 36.73 76.61 71.67
N TYR J 59 37.91 76.72 71.07
CA TYR J 59 38.18 77.71 70.04
C TYR J 59 38.35 76.96 68.72
N VAL J 60 37.42 77.17 67.80
CA VAL J 60 37.52 76.63 66.45
C VAL J 60 38.57 77.46 65.71
N PRO J 61 39.68 76.86 65.29
CA PRO J 61 40.62 77.60 64.43
C PRO J 61 39.98 77.82 63.07
N ALA J 62 40.34 78.95 62.45
CA ALA J 62 39.79 79.33 61.16
C ALA J 62 40.10 78.27 60.11
N GLU J 63 39.11 77.97 59.29
CA GLU J 63 39.30 76.98 58.25
C GLU J 63 40.32 77.48 57.23
N PRO J 64 41.18 76.62 56.72
CA PRO J 64 42.27 77.07 55.85
C PRO J 64 41.75 77.58 54.52
N LYS J 65 42.45 78.58 53.99
CA LYS J 65 42.04 79.23 52.75
C LYS J 65 42.74 78.66 51.53
N LEU J 66 43.94 78.13 51.70
CA LEU J 66 44.74 77.67 50.57
C LEU J 66 45.14 76.22 50.76
N ALA J 67 45.07 75.46 49.67
CA ALA J 67 45.43 74.06 49.65
C ALA J 67 46.28 73.79 48.41
N PHE J 68 47.25 72.90 48.57
CA PHE J 68 48.18 72.55 47.51
C PHE J 68 47.69 71.26 46.85
N VAL J 69 47.65 71.24 45.53
CA VAL J 69 47.03 70.16 44.77
C VAL J 69 48.09 69.42 43.98
N ILE J 70 48.09 68.10 44.10
CA ILE J 70 49.05 67.23 43.42
C ILE J 70 48.29 66.15 42.67
N ARG J 71 48.64 65.94 41.40
CA ARG J 71 48.05 64.90 40.58
C ARG J 71 48.92 63.64 40.66
N ILE J 72 48.32 62.53 41.07
CA ILE J 72 49.09 61.32 41.33
C ILE J 72 48.71 60.14 40.46
N ARG J 73 47.76 60.29 39.54
CA ARG J 73 47.42 59.18 38.66
C ARG J 73 47.97 59.42 37.27
N GLY J 74 47.87 58.41 36.42
CA GLY J 74 48.38 58.47 35.07
C GLY J 74 47.49 59.26 34.14
N ILE J 75 47.57 58.92 32.86
CA ILE J 75 46.84 59.65 31.83
C ILE J 75 46.09 58.73 30.87
N ASN J 76 46.40 57.44 30.85
CA ASN J 76 45.80 56.54 29.86
C ASN J 76 44.47 56.02 30.39
N GLY J 77 43.39 56.66 29.97
CA GLY J 77 42.07 56.28 30.44
C GLY J 77 41.61 57.19 31.56
N VAL J 78 40.68 58.09 31.24
CA VAL J 78 40.21 59.10 32.18
C VAL J 78 38.89 59.66 31.66
N SER J 79 37.95 59.89 32.57
CA SER J 79 36.64 60.40 32.16
C SER J 79 36.78 61.84 31.64
N PRO J 80 35.97 62.23 30.64
CA PRO J 80 36.08 63.61 30.14
C PRO J 80 35.62 64.65 31.14
N LYS J 81 34.76 64.26 32.08
CA LYS J 81 34.38 65.16 33.16
C LYS J 81 35.49 65.26 34.19
N VAL J 82 36.43 64.33 34.19
CA VAL J 82 37.54 64.40 35.12
C VAL J 82 38.71 65.19 34.56
N ARG J 83 39.12 64.92 33.31
CA ARG J 83 40.26 65.63 32.75
C ARG J 83 39.94 67.10 32.48
N LYS J 84 38.66 67.42 32.28
CA LYS J 84 38.28 68.82 32.08
C LYS J 84 38.55 69.64 33.32
N VAL J 85 38.28 69.07 34.50
CA VAL J 85 38.66 69.71 35.74
C VAL J 85 40.18 69.79 35.85
N LEU J 86 40.87 68.73 35.48
CA LEU J 86 42.32 68.67 35.62
C LEU J 86 43.03 69.61 34.67
N GLN J 87 42.55 69.74 33.44
CA GLN J 87 43.18 70.70 32.55
C GLN J 87 42.79 72.13 32.85
N LEU J 88 41.78 72.35 33.71
CA LEU J 88 41.53 73.66 34.27
C LEU J 88 42.25 73.89 35.58
N LEU J 89 42.85 72.84 36.16
CA LEU J 89 43.73 72.98 37.29
C LEU J 89 45.20 73.01 36.88
N ARG J 90 45.49 72.95 35.59
CA ARG J 90 46.84 72.98 35.02
C ARG J 90 47.69 71.81 35.49
N LEU J 91 47.14 70.60 35.51
CA LEU J 91 47.89 69.39 35.82
C LEU J 91 47.82 68.46 34.62
N ARG J 92 48.73 68.66 33.67
CA ARG J 92 48.66 67.88 32.45
C ARG J 92 49.63 66.70 32.47
N GLN J 93 50.40 66.57 33.53
CA GLN J 93 51.26 65.43 33.78
C GLN J 93 50.91 64.81 35.13
N ILE J 94 51.73 63.87 35.54
CA ILE J 94 51.62 63.28 36.88
C ILE J 94 52.66 63.95 37.76
N PHE J 95 52.35 64.03 39.06
CA PHE J 95 53.18 64.69 40.09
C PHE J 95 53.39 66.16 39.81
N ASN J 96 52.40 66.82 39.21
CA ASN J 96 52.43 68.26 39.08
C ASN J 96 51.83 68.91 40.31
N GLY J 97 52.20 70.17 40.54
CA GLY J 97 51.69 70.92 41.66
C GLY J 97 51.05 72.22 41.20
N THR J 98 50.08 72.67 42.00
CA THR J 98 49.39 73.92 41.75
C THR J 98 48.74 74.41 43.03
N PHE J 99 48.56 75.71 43.13
CA PHE J 99 47.95 76.29 44.32
C PHE J 99 46.54 76.76 44.00
N VAL J 100 45.61 76.49 44.91
CA VAL J 100 44.23 76.95 44.77
C VAL J 100 43.78 77.53 46.10
N LYS J 101 43.06 78.65 46.04
CA LYS J 101 42.38 79.10 47.24
C LYS J 101 41.01 78.43 47.33
N LEU J 102 40.58 78.16 48.54
CA LEU J 102 39.41 77.33 48.76
C LEU J 102 38.16 78.18 48.84
N ASN J 103 37.10 77.70 48.20
CA ASN J 103 35.76 78.27 48.20
C ASN J 103 34.85 77.19 47.69
N LYS J 104 33.54 77.38 47.88
CA LYS J 104 32.52 76.37 47.58
C LYS J 104 32.60 75.87 46.14
N ALA J 105 32.96 76.73 45.20
CA ALA J 105 33.17 76.29 43.82
C ALA J 105 34.44 75.45 43.68
N SER J 106 35.48 75.79 44.43
CA SER J 106 36.75 75.10 44.27
C SER J 106 36.75 73.74 44.97
N ILE J 107 36.18 73.66 46.18
CA ILE J 107 36.22 72.41 46.93
C ILE J 107 35.31 71.37 46.28
N ASN J 108 34.16 71.81 45.74
CA ASN J 108 33.33 70.89 44.98
C ASN J 108 33.98 70.53 43.65
N MET J 109 34.77 71.43 43.08
CA MET J 109 35.64 71.05 41.98
C MET J 109 36.73 70.09 42.45
N LEU J 110 37.25 70.30 43.66
CA LEU J 110 38.16 69.35 44.28
C LEU J 110 37.46 68.06 44.68
N ARG J 111 36.15 68.11 44.92
CA ARG J 111 35.40 66.91 45.24
C ARG J 111 35.29 65.96 44.05
N ILE J 112 35.19 66.49 42.84
CA ILE J 112 34.76 65.66 41.71
C ILE J 112 35.91 64.87 41.11
N VAL J 113 37.16 65.17 41.47
CA VAL J 113 38.31 64.44 40.95
C VAL J 113 39.12 63.87 42.10
N GLU J 114 38.44 63.52 43.20
CA GLU J 114 39.08 62.90 44.35
C GLU J 114 39.95 61.67 44.06
N PRO J 115 39.58 60.72 43.18
CA PRO J 115 40.47 59.56 43.00
C PRO J 115 41.72 59.88 42.22
N TYR J 116 41.83 61.07 41.64
CA TYR J 116 42.96 61.37 40.80
C TYR J 116 44.03 62.19 41.49
N ILE J 117 43.68 63.02 42.46
CA ILE J 117 44.58 64.00 43.03
C ILE J 117 44.85 63.65 44.47
N ALA J 118 45.86 64.32 45.04
CA ALA J 118 46.23 64.19 46.44
C ALA J 118 46.54 65.60 46.95
N TRP J 119 45.56 66.21 47.60
CA TRP J 119 45.66 67.59 48.02
C TRP J 119 45.59 67.71 49.54
N GLY J 120 46.10 68.82 50.05
CA GLY J 120 46.15 69.07 51.47
C GLY J 120 46.58 70.50 51.76
N TYR J 121 46.43 70.95 53.01
CA TYR J 121 46.77 72.33 53.30
C TYR J 121 48.26 72.45 53.56
N PRO J 122 48.99 73.20 52.75
CA PRO J 122 50.45 73.19 52.86
C PRO J 122 50.92 74.11 53.97
N ASN J 123 52.08 73.77 54.51
CA ASN J 123 52.70 74.48 55.61
C ASN J 123 53.53 75.64 55.08
N LEU J 124 53.81 76.60 55.97
CA LEU J 124 54.65 77.74 55.60
C LEU J 124 56.05 77.30 55.20
N LYS J 125 56.58 76.28 55.87
CA LYS J 125 57.87 75.73 55.46
C LYS J 125 57.75 75.03 54.12
N SER J 126 56.63 74.31 53.90
CA SER J 126 56.42 73.57 52.66
C SER J 126 56.36 74.49 51.45
N VAL J 127 55.68 75.62 51.57
CA VAL J 127 55.65 76.56 50.45
C VAL J 127 56.99 77.28 50.33
N ASN J 128 57.71 77.43 51.44
CA ASN J 128 59.01 78.10 51.41
C ASN J 128 60.03 77.23 50.72
N GLU J 129 59.95 75.92 50.94
CA GLU J 129 60.73 74.97 50.14
C GLU J 129 60.38 75.09 48.67
N LEU J 130 59.09 75.20 48.38
CA LEU J 130 58.60 74.93 47.03
C LEU J 130 58.89 76.08 46.08
N ILE J 131 58.64 77.32 46.53
CA ILE J 131 58.84 78.46 45.64
C ILE J 131 60.32 78.68 45.39
N TYR J 132 61.17 78.30 46.34
CA TYR J 132 62.61 78.43 46.16
C TYR J 132 63.18 77.31 45.29
N LYS J 133 62.88 76.05 45.63
CA LYS J 133 63.52 74.95 44.94
C LYS J 133 62.92 74.74 43.55
N ARG J 134 61.61 74.88 43.42
CA ARG J 134 60.92 74.59 42.16
C ARG J 134 60.15 75.79 41.63
N GLY J 135 60.66 76.99 41.84
CA GLY J 135 60.01 78.16 41.28
C GLY J 135 60.27 78.30 39.80
N TYR J 136 59.21 78.33 39.00
CA TYR J 136 59.30 78.60 37.58
C TYR J 136 58.15 79.51 37.17
N GLY J 137 58.43 80.50 36.33
CA GLY J 137 57.44 81.49 35.96
C GLY J 137 57.06 81.44 34.49
N LYS J 138 55.82 81.84 34.21
CA LYS J 138 55.26 81.79 32.86
C LYS J 138 55.37 83.17 32.22
N ILE J 139 56.61 83.59 31.95
CA ILE J 139 56.86 84.84 31.25
C ILE J 139 56.75 84.58 29.75
N ASN J 140 55.80 85.26 29.11
CA ASN J 140 55.56 85.19 27.67
C ASN J 140 55.35 83.74 27.20
N LYS J 141 54.53 83.02 27.97
CA LYS J 141 54.19 81.61 27.71
C LYS J 141 55.44 80.72 27.66
N LYS J 142 56.47 81.10 28.42
CA LYS J 142 57.70 80.33 28.46
C LYS J 142 58.06 80.04 29.90
N ARG J 143 58.39 78.79 30.18
CA ARG J 143 58.75 78.36 31.53
C ARG J 143 60.17 78.85 31.80
N ILE J 144 60.27 79.99 32.47
CA ILE J 144 61.55 80.60 32.76
C ILE J 144 61.79 80.47 34.26
N ALA J 145 63.05 80.47 34.66
CA ALA J 145 63.43 80.23 36.04
C ALA J 145 63.32 81.51 36.85
N LEU J 146 62.89 81.37 38.11
CA LEU J 146 62.77 82.50 39.02
C LEU J 146 63.98 82.54 39.95
N THR J 147 65.12 82.90 39.37
CA THR J 147 66.34 83.10 40.14
C THR J 147 66.70 84.56 40.28
N ASP J 148 65.84 85.46 39.81
CA ASP J 148 66.13 86.89 39.85
C ASP J 148 64.87 87.62 40.27
N ASN J 149 65.01 88.56 41.21
CA ASN J 149 63.87 89.34 41.66
C ASN J 149 63.39 90.34 40.62
N THR J 150 64.15 90.56 39.55
CA THR J 150 63.69 91.46 38.50
C THR J 150 62.53 90.87 37.72
N LEU J 151 62.61 89.57 37.42
CA LEU J 151 61.61 88.91 36.58
C LEU J 151 60.23 88.92 37.24
N ILE J 152 60.19 88.67 38.56
CA ILE J 152 58.96 88.83 39.29
C ILE J 152 58.49 90.27 39.22
N ALA J 153 59.41 91.21 39.39
CA ALA J 153 59.05 92.61 39.30
C ALA J 153 58.78 93.05 37.87
N ARG J 154 59.30 92.34 36.87
CA ARG J 154 59.03 92.66 35.47
C ARG J 154 57.60 92.35 35.07
N SER J 155 56.96 91.37 35.68
CA SER J 155 55.62 90.95 35.29
C SER J 155 54.59 91.13 36.38
N LEU J 156 54.99 91.04 37.65
CA LEU J 156 54.10 91.30 38.78
C LEU J 156 54.45 92.60 39.49
N GLY J 157 55.10 93.53 38.80
CA GLY J 157 55.36 94.83 39.39
C GLY J 157 54.11 95.65 39.60
N LYS J 158 53.08 95.40 38.78
CA LYS J 158 51.84 96.17 38.91
C LYS J 158 50.93 95.66 40.01
N TYR J 159 51.39 94.73 40.85
CA TYR J 159 50.62 94.26 41.99
C TYR J 159 51.42 94.31 43.28
N ASN J 160 52.43 95.19 43.33
CA ASN J 160 53.37 95.35 44.43
C ASN J 160 54.11 94.05 44.75
N ILE J 161 54.29 93.18 43.78
CA ILE J 161 55.01 91.92 43.97
C ILE J 161 56.31 92.04 43.21
N ILE J 162 57.37 92.45 43.91
CA ILE J 162 58.65 92.77 43.28
C ILE J 162 59.79 91.92 43.82
N CYS J 163 59.50 90.94 44.68
CA CYS J 163 60.54 90.04 45.15
C CYS J 163 59.90 88.67 45.38
N MET J 164 60.74 87.69 45.67
CA MET J 164 60.25 86.34 45.95
C MET J 164 59.46 86.33 47.25
N GLU J 165 59.91 87.11 48.24
CA GLU J 165 59.19 87.18 49.50
C GLU J 165 57.86 87.91 49.34
N ASP J 166 57.76 88.80 48.35
CA ASP J 166 56.47 89.37 47.98
C ASP J 166 55.54 88.30 47.43
N LEU J 167 56.09 87.35 46.68
CA LEU J 167 55.26 86.31 46.10
C LEU J 167 54.83 85.32 47.17
N ILE J 168 55.71 85.02 48.12
CA ILE J 168 55.37 84.09 49.19
C ILE J 168 54.27 84.67 50.07
N HIS J 169 54.40 85.94 50.46
CA HIS J 169 53.38 86.58 51.27
C HIS J 169 52.09 86.76 50.49
N GLU J 170 52.17 86.83 49.16
CA GLU J 170 50.96 86.80 48.35
C GLU J 170 50.36 85.41 48.30
N ILE J 171 51.17 84.37 48.48
CA ILE J 171 50.69 83.01 48.31
C ILE J 171 50.13 82.47 49.62
N TYR J 172 50.93 82.49 50.70
CA TYR J 172 50.56 81.81 51.93
C TYR J 172 49.30 82.40 52.56
N THR J 173 49.36 83.65 53.00
CA THR J 173 48.14 84.39 53.32
C THR J 173 47.60 84.91 52.01
N VAL J 174 46.47 84.35 51.58
CA VAL J 174 45.90 84.68 50.28
C VAL J 174 45.50 86.15 50.27
N GLY J 175 46.20 86.94 49.46
CA GLY J 175 46.00 88.37 49.40
C GLY J 175 44.88 88.74 48.45
N LYS J 176 44.85 90.01 48.09
CA LYS J 176 43.82 90.54 47.20
C LYS J 176 44.23 90.43 45.73
N HIS J 177 45.42 89.88 45.46
CA HIS J 177 45.95 89.76 44.11
C HIS J 177 46.39 88.34 43.84
N PHE J 178 45.64 87.35 44.35
CA PHE J 178 46.14 85.98 44.37
C PHE J 178 46.13 85.35 42.99
N LYS J 179 45.07 85.61 42.21
CA LYS J 179 44.84 84.90 40.95
C LYS J 179 45.96 85.14 39.96
N GLU J 180 46.26 86.41 39.69
CA GLU J 180 47.28 86.74 38.70
C GLU J 180 48.68 86.36 39.18
N ALA J 181 48.85 86.23 40.49
CA ALA J 181 50.13 85.77 41.03
C ALA J 181 50.28 84.26 40.85
N ASN J 182 49.21 83.52 41.17
CA ASN J 182 49.25 82.06 41.03
C ASN J 182 49.31 81.66 39.56
N ASN J 183 48.60 82.38 38.70
CA ASN J 183 48.64 82.12 37.27
C ASN J 183 50.03 82.35 36.69
N PHE J 184 50.81 83.23 37.29
CA PHE J 184 52.16 83.49 36.79
C PHE J 184 53.08 82.31 37.05
N LEU J 185 52.84 81.59 38.15
CA LEU J 185 53.66 80.43 38.47
C LEU J 185 53.42 79.32 37.46
N TRP J 186 54.46 78.55 37.19
CA TRP J 186 54.32 77.40 36.33
C TRP J 186 53.81 76.21 37.15
N PRO J 187 53.05 75.30 36.55
CA PRO J 187 52.72 74.04 37.22
C PRO J 187 53.96 73.28 37.63
N PHE J 188 54.11 73.04 38.94
CA PHE J 188 55.37 72.54 39.50
C PHE J 188 55.71 71.17 38.94
N LYS J 189 57.00 70.93 38.73
CA LYS J 189 57.47 69.64 38.25
C LYS J 189 58.16 68.94 39.42
N LEU J 190 57.36 68.25 40.22
CA LEU J 190 57.87 67.49 41.35
C LEU J 190 58.39 66.14 40.88
N SER J 191 59.35 65.60 41.62
CA SER J 191 59.86 64.28 41.32
C SER J 191 58.88 63.24 41.85
N SER J 192 59.22 61.97 41.71
CA SER J 192 58.40 60.92 42.29
C SER J 192 58.63 60.91 43.80
N PRO J 193 57.60 60.55 44.58
CA PRO J 193 57.73 60.61 46.05
C PRO J 193 58.71 59.58 46.57
N ARG J 194 59.82 60.07 47.11
CA ARG J 194 60.81 59.21 47.75
C ARG J 194 60.20 58.56 48.99
N GLY J 195 60.64 57.34 49.28
CA GLY J 195 60.09 56.56 50.37
C GLY J 195 58.91 55.71 49.97
N GLY J 196 58.43 55.86 48.75
CA GLY J 196 57.30 55.10 48.27
C GLY J 196 55.98 55.72 48.68
N MET J 197 54.92 55.00 48.33
CA MET J 197 53.56 55.39 48.70
C MET J 197 52.87 54.18 49.31
N LYS J 198 51.82 54.46 50.07
CA LYS J 198 51.09 53.37 50.72
C LYS J 198 50.29 52.57 49.70
N LYS J 199 49.33 53.21 49.04
CA LYS J 199 48.57 52.62 47.95
C LYS J 199 47.92 53.74 47.14
N LYS J 200 48.21 53.81 45.85
CA LYS J 200 47.75 54.95 45.06
C LYS J 200 46.27 54.92 44.76
N THR J 201 45.67 53.75 44.66
CA THR J 201 44.39 53.62 43.98
C THR J 201 43.18 53.89 44.87
N THR J 202 43.34 53.95 46.19
CA THR J 202 42.21 54.18 47.07
C THR J 202 42.38 55.51 47.80
N HIS J 203 41.34 55.89 48.52
CA HIS J 203 41.36 57.13 49.28
C HIS J 203 42.22 56.99 50.53
N PHE J 204 42.76 58.12 50.98
CA PHE J 204 43.69 58.15 52.11
C PHE J 204 43.06 57.60 53.38
N VAL J 205 41.76 57.82 53.56
CA VAL J 205 41.12 57.44 54.82
C VAL J 205 41.05 55.92 54.96
N GLU J 206 40.97 55.20 53.84
CA GLU J 206 41.07 53.75 53.89
C GLU J 206 42.45 53.26 53.51
N GLY J 207 43.48 54.03 53.86
CA GLY J 207 44.85 53.61 53.64
C GLY J 207 45.40 53.86 52.26
N GLY J 208 44.81 54.77 51.49
CA GLY J 208 45.30 55.12 50.19
C GLY J 208 46.17 56.36 50.21
N ASP J 209 46.25 57.02 49.08
CA ASP J 209 47.01 58.25 48.93
C ASP J 209 46.23 59.35 48.23
N ALA J 210 45.23 59.01 47.43
CA ALA J 210 44.37 60.03 46.86
C ALA J 210 43.44 60.58 47.94
N GLY J 211 43.03 61.85 47.76
CA GLY J 211 42.07 62.47 48.64
C GLY J 211 42.67 63.65 49.39
N ASN J 212 42.10 63.94 50.56
CA ASN J 212 42.51 65.08 51.36
C ASN J 212 43.33 64.59 52.54
N ARG J 213 44.65 64.69 52.42
CA ARG J 213 45.55 64.48 53.55
C ARG J 213 45.81 65.84 54.19
N GLU J 214 44.89 66.21 55.11
CA GLU J 214 44.58 67.58 55.52
C GLU J 214 45.80 68.45 55.76
N ASP J 215 46.61 68.12 56.77
CA ASP J 215 47.86 68.83 56.97
C ASP J 215 49.04 67.88 57.02
N GLN J 216 48.81 66.60 56.76
CA GLN J 216 49.88 65.62 56.55
C GLN J 216 50.36 65.61 55.11
N ILE J 217 49.93 66.57 54.29
CA ILE J 217 50.47 66.72 52.95
C ILE J 217 51.93 67.18 53.00
N ASN J 218 52.34 67.77 54.12
CA ASN J 218 53.68 68.35 54.19
C ASN J 218 54.75 67.27 54.32
N ARG J 219 54.41 66.14 54.95
CA ARG J 219 55.33 65.01 54.96
C ARG J 219 55.62 64.52 53.56
N LEU J 220 54.62 64.55 52.69
CA LEU J 220 54.81 64.12 51.31
C LEU J 220 55.63 65.11 50.52
N ILE J 221 55.51 66.41 50.81
CA ILE J 221 56.23 67.42 50.05
C ILE J 221 57.73 67.29 50.27
N ARG J 222 58.16 67.01 51.50
CA ARG J 222 59.57 66.74 51.74
C ARG J 222 60.04 65.47 51.03
N ARG J 223 59.11 64.55 50.75
CA ARG J 223 59.45 63.38 49.96
C ARG J 223 59.33 63.67 48.46
N MET J 224 58.44 64.58 48.09
CA MET J 224 58.39 65.04 46.71
C MET J 224 59.56 65.95 46.39
N ASN J 225 59.79 66.97 47.20
CA ASN J 225 60.82 67.97 46.95
C ASN J 225 62.17 67.53 47.51
N VAL K 1 5.63 -8.86 -123.22
CA VAL K 1 6.27 -7.55 -123.33
C VAL K 1 6.65 -7.04 -121.95
N VAL K 2 5.67 -6.94 -121.07
CA VAL K 2 5.90 -6.50 -119.70
C VAL K 2 6.55 -7.62 -118.91
N ASN K 3 7.40 -7.27 -117.97
CA ASN K 3 7.97 -8.28 -117.07
C ASN K 3 6.93 -8.64 -116.02
N PRO K 4 6.48 -9.89 -115.97
CA PRO K 4 5.50 -10.28 -114.94
C PRO K 4 6.09 -10.38 -113.54
N LEU K 5 7.39 -10.16 -113.37
CA LEU K 5 7.99 -10.24 -112.03
C LEU K 5 7.66 -9.03 -111.18
N PHE K 6 7.21 -7.94 -111.79
CA PHE K 6 6.89 -6.72 -111.05
C PHE K 6 5.59 -6.92 -110.28
N GLU K 7 5.70 -7.11 -108.97
CA GLU K 7 4.54 -7.29 -108.12
C GLU K 7 4.23 -6.00 -107.38
N LYS K 8 2.94 -5.64 -107.36
CA LYS K 8 2.50 -4.45 -106.64
C LYS K 8 2.41 -4.78 -105.16
N ARG K 9 3.10 -4.00 -104.33
CA ARG K 9 3.19 -4.24 -102.89
C ARG K 9 2.76 -2.99 -102.14
N PRO K 10 1.46 -2.77 -101.97
CA PRO K 10 0.98 -1.63 -101.19
C PRO K 10 1.23 -1.85 -99.69
N LYS K 11 1.15 -0.75 -98.95
CA LYS K 11 1.42 -0.77 -97.52
C LYS K 11 0.24 -0.18 -96.77
N ASN K 12 -0.32 -0.97 -95.86
CA ASN K 12 -1.45 -0.55 -95.04
C ASN K 12 -0.91 0.05 -93.76
N PHE K 13 -0.90 1.38 -93.69
CA PHE K 13 -0.45 2.10 -92.49
C PHE K 13 -1.59 2.23 -91.48
N GLY K 14 -2.18 1.09 -91.14
CA GLY K 14 -3.20 1.05 -90.12
C GLY K 14 -2.61 1.11 -88.74
N ILE K 15 -3.47 1.31 -87.75
CA ILE K 15 -3.04 1.42 -86.36
C ILE K 15 -2.43 0.09 -85.92
N GLY K 16 -1.13 0.11 -85.61
CA GLY K 16 -0.44 -1.11 -85.21
C GLY K 16 -0.31 -2.13 -86.31
N GLN K 17 -0.21 -1.69 -87.57
CA GLN K 17 -0.10 -2.59 -88.71
C GLN K 17 1.20 -2.44 -89.48
N ASP K 18 1.59 -1.21 -89.81
CA ASP K 18 2.85 -1.00 -90.51
C ASP K 18 3.48 0.27 -89.97
N ILE K 19 4.81 0.35 -90.12
CA ILE K 19 5.56 1.51 -89.66
C ILE K 19 5.15 2.72 -90.49
N GLN K 20 5.12 3.89 -89.84
CA GLN K 20 4.76 5.10 -90.54
C GLN K 20 5.90 5.54 -91.47
N PRO K 21 5.57 6.03 -92.65
CA PRO K 21 6.60 6.59 -93.53
C PRO K 21 7.00 7.98 -93.07
N LYS K 22 7.91 8.58 -93.84
CA LYS K 22 8.44 9.90 -93.49
C LYS K 22 7.54 10.97 -94.10
N ARG K 23 6.38 11.14 -93.48
CA ARG K 23 5.45 12.19 -93.86
C ARG K 23 5.89 13.52 -93.26
N ASP K 24 5.08 14.55 -93.47
CA ASP K 24 5.40 15.85 -92.93
C ASP K 24 5.09 15.90 -91.44
N LEU K 25 5.87 16.71 -90.72
CA LEU K 25 5.67 16.93 -89.29
C LEU K 25 5.85 18.38 -88.89
N THR K 26 5.58 19.31 -89.80
CA THR K 26 5.90 20.72 -89.55
C THR K 26 5.05 21.34 -88.44
N ARG K 27 3.91 20.75 -88.11
CA ARG K 27 3.01 21.32 -87.12
C ARG K 27 3.34 20.84 -85.71
N PHE K 28 4.28 19.91 -85.55
CA PHE K 28 4.62 19.39 -84.23
C PHE K 28 6.10 19.51 -83.94
N VAL K 29 6.82 20.32 -84.71
CA VAL K 29 8.24 20.55 -84.49
C VAL K 29 8.43 21.36 -83.21
N LYS K 30 9.30 20.88 -82.33
CA LYS K 30 9.67 21.68 -81.16
C LYS K 30 10.55 22.82 -81.67
N TRP K 31 9.90 23.96 -81.86
CA TRP K 31 10.55 25.12 -82.45
C TRP K 31 11.57 25.70 -81.46
N PRO K 32 12.54 26.49 -81.95
CA PRO K 32 13.51 27.10 -81.05
C PRO K 32 12.87 28.08 -80.08
N ARG K 33 13.68 28.47 -79.10
CA ARG K 33 13.21 29.38 -78.06
C ARG K 33 12.86 30.75 -78.63
N TYR K 34 13.54 31.17 -79.69
CA TYR K 34 13.27 32.48 -80.25
C TYR K 34 12.12 32.47 -81.25
N ILE K 35 11.92 31.37 -81.98
CA ILE K 35 10.83 31.30 -82.94
C ILE K 35 9.49 31.17 -82.24
N ARG K 36 9.44 30.35 -81.18
CA ARG K 36 8.19 30.17 -80.45
C ARG K 36 7.75 31.47 -79.80
N LEU K 37 8.71 32.27 -79.35
CA LEU K 37 8.42 33.63 -78.93
C LEU K 37 8.00 34.49 -80.11
N GLN K 38 8.57 34.24 -81.29
CA GLN K 38 8.38 35.11 -82.45
C GLN K 38 7.01 34.98 -83.07
N ARG K 39 6.32 33.86 -82.87
CA ARG K 39 5.08 33.60 -83.58
C ARG K 39 3.87 33.98 -82.74
N GLN K 40 3.89 33.63 -81.46
CA GLN K 40 2.76 33.93 -80.59
C GLN K 40 2.65 35.41 -80.26
N ARG K 41 3.64 36.23 -80.62
CA ARG K 41 3.42 37.67 -80.56
C ARG K 41 2.44 38.12 -81.64
N ALA K 42 2.34 37.38 -82.74
CA ALA K 42 1.31 37.66 -83.72
C ALA K 42 -0.05 37.20 -83.22
N ILE K 43 -0.05 36.18 -82.36
CA ILE K 43 -1.30 35.73 -81.75
C ILE K 43 -1.82 36.78 -80.78
N LEU K 44 -0.93 37.36 -79.98
CA LEU K 44 -1.35 38.39 -79.04
C LEU K 44 -1.76 39.68 -79.74
N TYR K 45 -1.36 39.84 -80.99
CA TYR K 45 -1.90 40.93 -81.78
C TYR K 45 -3.27 40.61 -82.33
N LYS K 46 -3.80 39.41 -82.06
CA LYS K 46 -5.14 39.03 -82.44
C LYS K 46 -6.03 38.68 -81.27
N ARG K 47 -5.46 38.20 -80.16
CA ARG K 47 -6.25 37.84 -79.00
C ARG K 47 -6.81 39.06 -78.29
N LEU K 48 -5.94 39.96 -77.84
CA LEU K 48 -6.38 41.07 -77.03
C LEU K 48 -7.13 42.09 -77.88
N LYS K 49 -7.95 42.91 -77.22
CA LYS K 49 -8.54 44.04 -77.89
C LYS K 49 -7.46 45.07 -78.15
N VAL K 50 -6.96 45.12 -79.38
CA VAL K 50 -5.95 46.10 -79.74
C VAL K 50 -6.57 47.49 -79.73
N PRO K 51 -5.96 48.47 -79.07
CA PRO K 51 -6.53 49.81 -79.09
C PRO K 51 -6.49 50.38 -80.49
N PRO K 52 -7.48 51.18 -80.87
CA PRO K 52 -7.64 51.55 -82.29
C PRO K 52 -6.57 52.49 -82.81
N ALA K 53 -5.82 53.16 -81.94
CA ALA K 53 -4.75 54.03 -82.42
C ALA K 53 -3.54 53.25 -82.94
N ILE K 54 -3.48 51.95 -82.67
CA ILE K 54 -2.48 51.09 -83.29
C ILE K 54 -3.11 49.98 -84.13
N ASN K 55 -4.41 49.71 -83.95
CA ASN K 55 -5.18 48.91 -84.89
C ASN K 55 -5.21 49.53 -86.28
N GLN K 56 -5.07 50.84 -86.38
CA GLN K 56 -5.04 51.57 -87.65
C GLN K 56 -3.81 51.24 -88.49
N PHE K 57 -2.92 50.36 -88.03
CA PHE K 57 -1.75 49.96 -88.79
C PHE K 57 -1.90 48.60 -89.44
N THR K 58 -3.04 47.92 -89.25
CA THR K 58 -3.40 46.84 -90.15
C THR K 58 -4.34 47.34 -91.25
N GLN K 59 -4.88 48.54 -91.08
CA GLN K 59 -5.75 49.18 -92.06
C GLN K 59 -4.86 49.95 -93.03
N VAL K 60 -4.24 49.24 -93.97
CA VAL K 60 -3.12 49.74 -94.74
C VAL K 60 -3.56 49.87 -96.20
N LEU K 61 -2.82 50.69 -96.95
CA LEU K 61 -3.11 50.92 -98.37
C LEU K 61 -2.86 49.66 -99.19
N ASP K 62 -3.58 49.57 -100.31
CA ASP K 62 -3.66 48.36 -101.13
C ASP K 62 -2.43 48.13 -101.98
N ARG K 63 -2.53 47.14 -102.88
CA ARG K 63 -1.42 46.75 -103.75
C ARG K 63 -1.14 47.80 -104.82
N GLN K 64 -2.12 48.07 -105.68
CA GLN K 64 -1.85 48.75 -106.94
C GLN K 64 -1.54 50.23 -106.77
N THR K 65 -2.11 50.90 -105.77
CA THR K 65 -1.76 52.29 -105.55
C THR K 65 -0.43 52.45 -104.84
N ALA K 66 0.09 51.39 -104.22
CA ALA K 66 1.45 51.46 -103.71
C ALA K 66 2.46 51.42 -104.83
N THR K 67 2.09 50.87 -105.98
CA THR K 67 3.00 50.85 -107.12
C THR K 67 3.21 52.25 -107.68
N GLN K 68 2.12 52.99 -107.90
CA GLN K 68 2.21 54.30 -108.52
C GLN K 68 2.87 55.33 -107.61
N LEU K 69 2.59 55.24 -106.31
CA LEU K 69 3.13 56.22 -105.38
C LEU K 69 4.64 56.07 -105.24
N LEU K 70 5.14 54.83 -105.22
CA LEU K 70 6.58 54.63 -105.28
C LEU K 70 7.16 54.93 -106.64
N LYS K 71 6.39 54.69 -107.72
CA LYS K 71 6.79 55.20 -109.03
C LYS K 71 6.85 56.72 -109.02
N LEU K 72 5.90 57.34 -108.34
CA LEU K 72 5.95 58.78 -108.10
C LEU K 72 7.10 59.15 -107.18
N ALA K 73 7.50 58.24 -106.31
CA ALA K 73 8.61 58.46 -105.40
C ALA K 73 9.94 57.95 -105.93
N HIS K 74 9.95 57.27 -107.08
CA HIS K 74 11.18 56.86 -107.75
C HIS K 74 11.76 57.97 -108.60
N LYS K 75 11.36 59.20 -108.35
CA LYS K 75 11.73 60.36 -109.14
C LYS K 75 12.28 61.49 -108.28
N TYR K 76 12.11 61.41 -106.95
CA TYR K 76 12.58 62.41 -106.00
C TYR K 76 13.57 61.82 -105.00
N ARG K 77 14.31 60.79 -105.42
CA ARG K 77 15.25 60.11 -104.54
C ARG K 77 16.38 61.06 -104.14
N PRO K 78 16.92 60.92 -102.92
CA PRO K 78 17.91 61.88 -102.45
C PRO K 78 19.26 61.69 -103.12
N GLU K 79 20.05 62.76 -103.12
CA GLU K 79 21.43 62.67 -103.58
C GLU K 79 22.24 61.78 -102.67
N THR K 80 22.91 60.80 -103.26
CA THR K 80 23.73 59.88 -102.47
C THR K 80 25.06 60.54 -102.09
N LYS K 81 25.95 59.73 -101.52
CA LYS K 81 27.31 60.20 -101.30
C LYS K 81 28.01 60.51 -102.62
N GLN K 82 27.69 59.75 -103.67
CA GLN K 82 28.18 60.09 -105.01
C GLN K 82 27.44 61.29 -105.59
N GLU K 83 26.12 61.33 -105.49
CA GLU K 83 25.37 62.44 -106.07
C GLU K 83 25.54 63.73 -105.28
N LYS K 84 26.05 63.64 -104.05
CA LYS K 84 26.59 64.83 -103.40
C LYS K 84 27.97 65.15 -103.92
N LYS K 85 28.81 64.12 -104.11
CA LYS K 85 30.14 64.34 -104.63
C LYS K 85 30.09 64.88 -106.04
N GLN K 86 29.19 64.33 -106.87
CA GLN K 86 28.95 64.86 -108.19
C GLN K 86 28.09 66.12 -108.18
N ARG K 87 27.61 66.55 -107.01
CA ARG K 87 27.05 67.89 -106.84
C ARG K 87 28.14 68.89 -106.48
N LEU K 88 29.02 68.53 -105.55
CA LEU K 88 30.02 69.47 -105.06
C LEU K 88 31.13 69.75 -106.05
N LEU K 89 31.51 68.77 -106.88
CA LEU K 89 32.45 69.07 -107.96
C LEU K 89 31.83 69.96 -109.02
N ALA K 90 30.50 69.96 -109.12
CA ALA K 90 29.81 70.82 -110.08
C ALA K 90 29.70 72.26 -109.59
N ARG K 91 29.57 72.47 -108.28
CA ARG K 91 29.53 73.83 -107.75
C ARG K 91 30.93 74.41 -107.50
N ALA K 92 31.92 73.57 -107.21
CA ALA K 92 33.27 74.06 -107.00
C ALA K 92 33.96 74.43 -108.30
N GLU K 93 33.59 73.79 -109.42
CA GLU K 93 34.17 74.17 -110.70
C GLU K 93 33.63 75.49 -111.23
N LYS K 94 32.43 75.89 -110.81
CA LYS K 94 31.90 77.20 -111.15
C LYS K 94 32.37 78.28 -110.20
N LYS K 95 33.17 77.93 -109.19
CA LYS K 95 33.74 78.93 -108.30
C LYS K 95 34.98 79.58 -108.91
N ALA K 96 35.71 78.84 -109.76
CA ALA K 96 36.97 79.37 -110.28
C ALA K 96 36.75 80.29 -111.48
N ALA K 97 36.16 79.77 -112.56
CA ALA K 97 35.96 80.57 -113.76
C ALA K 97 34.58 81.21 -113.78
N LYS K 105 19.72 76.93 -107.00
CA LYS K 105 18.49 76.51 -106.33
C LYS K 105 18.30 74.99 -106.44
N ARG K 106 17.74 74.40 -105.40
CA ARG K 106 17.58 72.96 -105.21
C ARG K 106 16.20 72.50 -105.67
N PRO K 107 16.10 71.32 -106.28
CA PRO K 107 14.77 70.76 -106.55
C PRO K 107 14.16 70.22 -105.27
N PRO K 108 12.85 70.07 -105.22
CA PRO K 108 12.22 69.49 -104.01
C PRO K 108 12.52 68.01 -103.89
N VAL K 109 13.13 67.63 -102.77
CA VAL K 109 13.51 66.25 -102.51
C VAL K 109 12.74 65.84 -101.26
N LEU K 110 12.74 64.55 -100.93
CA LEU K 110 11.97 64.00 -99.83
C LEU K 110 12.63 64.30 -98.49
N ARG K 111 11.94 63.91 -97.43
CA ARG K 111 12.44 64.00 -96.07
C ARG K 111 12.23 62.66 -95.37
N ALA K 112 13.32 62.02 -94.98
CA ALA K 112 13.26 60.76 -94.25
C ALA K 112 13.32 61.04 -92.76
N GLY K 113 12.78 60.11 -91.98
CA GLY K 113 12.85 60.25 -90.53
C GLY K 113 11.75 61.10 -89.95
N VAL K 114 11.34 60.80 -88.71
CA VAL K 114 10.24 61.51 -88.10
C VAL K 114 10.67 62.90 -87.64
N ASN K 115 11.95 63.08 -87.31
CA ASN K 115 12.41 64.37 -86.83
C ASN K 115 12.41 65.41 -87.93
N THR K 116 12.58 64.98 -89.18
CA THR K 116 12.40 65.88 -90.30
C THR K 116 10.92 66.12 -90.59
N VAL K 117 10.09 65.10 -90.46
CA VAL K 117 8.71 65.20 -90.91
C VAL K 117 7.89 66.05 -89.94
N THR K 118 7.92 65.71 -88.65
CA THR K 118 6.99 66.30 -87.70
C THR K 118 7.17 67.79 -87.52
N THR K 119 8.36 68.31 -87.83
CA THR K 119 8.54 69.76 -87.90
C THR K 119 7.72 70.36 -89.03
N LEU K 120 7.94 69.91 -90.25
CA LEU K 120 7.35 70.57 -91.41
C LEU K 120 5.83 70.34 -91.50
N VAL K 121 5.31 69.29 -90.85
CA VAL K 121 3.85 69.17 -90.76
C VAL K 121 3.29 70.27 -89.86
N GLU K 122 4.01 70.62 -88.79
CA GLU K 122 3.60 71.74 -87.97
C GLU K 122 3.72 73.06 -88.73
N ASN K 123 4.66 73.16 -89.66
CA ASN K 123 4.73 74.30 -90.56
C ASN K 123 3.89 74.11 -91.81
N LYS K 124 3.21 72.97 -91.92
CA LYS K 124 2.23 72.68 -92.98
C LYS K 124 2.88 72.70 -94.37
N LYS K 125 4.17 72.36 -94.41
CA LYS K 125 4.92 72.36 -95.66
C LYS K 125 4.75 71.07 -96.45
N ALA K 126 4.17 70.03 -95.87
CA ALA K 126 4.05 68.75 -96.52
C ALA K 126 2.77 68.66 -97.34
N GLN K 127 2.82 67.92 -98.44
CA GLN K 127 1.65 67.68 -99.25
C GLN K 127 1.20 66.23 -99.24
N LEU K 128 2.06 65.31 -98.83
CA LEU K 128 1.72 63.90 -98.70
C LEU K 128 2.73 63.24 -97.78
N VAL K 129 2.26 62.35 -96.92
CA VAL K 129 3.10 61.66 -95.96
C VAL K 129 3.02 60.15 -96.21
N VAL K 130 4.17 59.51 -96.30
CA VAL K 130 4.25 58.06 -96.46
C VAL K 130 4.71 57.47 -95.14
N ILE K 131 4.06 56.38 -94.72
CA ILE K 131 4.21 55.84 -93.38
C ILE K 131 4.61 54.36 -93.48
N ALA K 132 5.51 53.93 -92.61
CA ALA K 132 5.82 52.53 -92.43
C ALA K 132 5.03 52.01 -91.24
N HIS K 133 4.62 50.74 -91.29
CA HIS K 133 3.65 50.25 -90.32
C HIS K 133 4.24 49.33 -89.26
N ASP K 134 5.44 48.79 -89.48
CA ASP K 134 5.96 47.73 -88.62
C ASP K 134 7.21 48.15 -87.86
N VAL K 135 7.23 49.37 -87.34
CA VAL K 135 8.27 49.81 -86.41
C VAL K 135 8.15 49.03 -85.11
N ASP K 136 9.30 48.72 -84.49
CA ASP K 136 9.31 47.98 -83.23
C ASP K 136 8.76 48.89 -82.13
N PRO K 137 9.31 50.11 -81.87
CA PRO K 137 8.50 50.96 -80.97
C PRO K 137 7.41 51.71 -81.71
N ILE K 138 6.21 51.11 -81.73
CA ILE K 138 5.06 51.61 -82.47
C ILE K 138 4.66 53.00 -81.96
N GLU K 139 5.01 53.29 -80.71
CA GLU K 139 4.80 54.60 -80.09
C GLU K 139 5.48 55.74 -80.84
N LEU K 140 6.54 55.47 -81.60
CA LEU K 140 7.19 56.49 -82.42
C LEU K 140 6.34 56.96 -83.59
N VAL K 141 5.24 56.27 -83.91
CA VAL K 141 4.47 56.62 -85.09
C VAL K 141 3.04 56.95 -84.69
N VAL K 142 2.56 56.37 -83.58
CA VAL K 142 1.15 56.34 -83.20
C VAL K 142 0.49 57.73 -83.16
N PHE K 143 1.28 58.75 -82.84
CA PHE K 143 0.73 60.10 -82.77
C PHE K 143 0.48 60.67 -84.16
N LEU K 144 1.30 60.27 -85.13
CA LEU K 144 1.37 60.95 -86.42
C LEU K 144 0.13 60.83 -87.30
N PRO K 145 -0.57 59.68 -87.40
CA PRO K 145 -1.86 59.71 -88.12
C PRO K 145 -2.89 60.63 -87.49
N ALA K 146 -3.01 60.60 -86.17
CA ALA K 146 -3.91 61.52 -85.46
C ALA K 146 -3.42 62.95 -85.48
N LEU K 147 -2.19 63.20 -85.93
CA LEU K 147 -1.67 64.56 -86.00
C LEU K 147 -1.99 65.21 -87.33
N CYS K 148 -1.74 64.50 -88.44
CA CYS K 148 -1.98 65.07 -89.75
C CYS K 148 -3.47 65.23 -90.04
N ARG K 149 -4.31 64.52 -89.30
CA ARG K 149 -5.74 64.80 -89.35
C ARG K 149 -6.03 66.19 -88.82
N LYS K 150 -5.37 66.57 -87.73
CA LYS K 150 -5.57 67.90 -87.17
C LYS K 150 -4.81 68.95 -87.97
N MET K 151 -3.83 68.53 -88.78
CA MET K 151 -3.09 69.44 -89.63
C MET K 151 -3.59 69.43 -91.07
N GLY K 152 -4.59 68.60 -91.36
CA GLY K 152 -5.12 68.52 -92.71
C GLY K 152 -4.14 68.04 -93.75
N VAL K 153 -3.19 67.20 -93.35
CA VAL K 153 -2.16 66.69 -94.24
C VAL K 153 -2.53 65.25 -94.60
N PRO K 154 -2.59 64.91 -95.88
CA PRO K 154 -2.97 63.54 -96.26
C PRO K 154 -1.85 62.57 -95.96
N TYR K 155 -2.21 61.45 -95.33
CA TYR K 155 -1.25 60.41 -94.97
C TYR K 155 -1.75 59.07 -95.47
N CYS K 156 -0.82 58.25 -95.95
CA CYS K 156 -1.11 56.87 -96.30
C CYS K 156 -0.09 55.97 -95.62
N ILE K 157 -0.54 54.78 -95.24
CA ILE K 157 0.31 53.83 -94.56
C ILE K 157 0.72 52.76 -95.56
N LEU K 158 1.96 52.30 -95.46
CA LEU K 158 2.49 51.30 -96.36
C LEU K 158 3.01 50.11 -95.56
N LYS K 159 2.76 48.91 -96.09
CA LYS K 159 3.18 47.70 -95.43
C LYS K 159 4.66 47.44 -95.70
N GLY K 160 5.44 47.36 -94.62
CA GLY K 160 6.87 47.15 -94.72
C GLY K 160 7.66 48.44 -94.70
N LYS K 161 8.71 48.49 -93.89
CA LYS K 161 9.62 49.61 -93.86
C LYS K 161 10.84 49.41 -94.75
N ALA K 162 11.09 48.17 -95.19
CA ALA K 162 12.30 47.88 -95.96
C ALA K 162 12.14 48.30 -97.42
N ARG K 163 11.02 47.95 -98.04
CA ARG K 163 10.73 48.43 -99.38
C ARG K 163 10.57 49.95 -99.39
N LEU K 164 10.12 50.50 -98.27
CA LEU K 164 10.10 51.94 -98.09
C LEU K 164 11.49 52.45 -97.76
N GLY K 165 12.35 51.59 -97.21
CA GLY K 165 13.71 51.95 -96.93
C GLY K 165 14.63 52.01 -98.13
N ARG K 166 14.17 51.59 -99.31
CA ARG K 166 15.01 51.60 -100.49
C ARG K 166 14.77 52.80 -101.39
N LEU K 167 13.88 53.72 -101.00
CA LEU K 167 13.82 55.02 -101.65
C LEU K 167 15.13 55.78 -101.44
N VAL K 168 15.66 55.72 -100.23
CA VAL K 168 17.01 56.16 -99.95
C VAL K 168 17.87 54.91 -99.92
N HIS K 169 19.18 55.10 -99.91
CA HIS K 169 20.09 53.97 -99.80
C HIS K 169 20.48 53.74 -98.34
N ARG K 170 19.45 53.41 -97.54
CA ARG K 170 19.62 53.00 -96.16
C ARG K 170 18.78 51.74 -95.92
N LYS K 171 18.82 51.21 -94.70
CA LYS K 171 18.02 50.03 -94.40
C LYS K 171 16.56 50.38 -94.25
N THR K 172 16.23 51.19 -93.25
CA THR K 172 14.85 51.47 -92.88
C THR K 172 14.55 52.96 -92.96
N CYS K 173 13.28 53.26 -93.21
CA CYS K 173 12.76 54.62 -93.14
C CYS K 173 11.34 54.55 -92.60
N THR K 174 11.06 55.33 -91.55
CA THR K 174 9.74 55.29 -90.97
C THR K 174 8.76 56.17 -91.75
N THR K 175 9.18 57.40 -92.07
CA THR K 175 8.32 58.41 -92.67
C THR K 175 9.02 59.13 -93.80
N VAL K 176 8.33 59.29 -94.93
CA VAL K 176 8.81 60.03 -96.07
C VAL K 176 7.76 61.08 -96.43
N ALA K 177 8.21 62.30 -96.72
CA ALA K 177 7.32 63.43 -96.98
C ALA K 177 7.42 63.88 -98.42
N PHE K 178 6.31 64.38 -98.94
CA PHE K 178 6.25 65.03 -100.25
C PHE K 178 5.96 66.50 -100.00
N THR K 179 7.02 67.32 -99.97
CA THR K 179 6.79 68.72 -99.64
C THR K 179 6.44 69.55 -100.88
N GLN K 180 7.20 69.40 -101.96
CA GLN K 180 6.88 70.00 -103.25
C GLN K 180 7.31 69.03 -104.33
N VAL K 181 6.91 69.32 -105.56
CA VAL K 181 7.09 68.42 -106.70
C VAL K 181 7.53 69.24 -107.91
N ASN K 182 7.64 68.57 -109.05
CA ASN K 182 7.90 69.22 -110.32
C ASN K 182 6.59 69.72 -110.93
N SER K 183 6.71 70.45 -112.04
CA SER K 183 5.53 71.03 -112.69
C SER K 183 4.69 69.95 -113.37
N GLU K 184 5.34 68.93 -113.94
CA GLU K 184 4.58 67.87 -114.60
C GLU K 184 3.95 66.92 -113.59
N ASP K 185 4.50 66.86 -112.38
CA ASP K 185 4.02 65.93 -111.36
C ASP K 185 3.02 66.61 -110.42
N LYS K 186 1.99 67.19 -111.00
CA LYS K 186 0.93 67.84 -110.24
C LYS K 186 -0.39 67.09 -110.30
N GLY K 187 -0.81 66.66 -111.50
CA GLY K 187 -1.98 65.81 -111.61
C GLY K 187 -1.73 64.37 -111.20
N ALA K 188 -0.46 64.00 -111.00
CA ALA K 188 -0.13 62.65 -110.58
C ALA K 188 -0.43 62.43 -109.11
N LEU K 189 -0.38 63.50 -108.30
CA LEU K 189 -0.65 63.37 -106.88
C LEU K 189 -2.06 63.84 -106.52
N ALA K 190 -2.58 64.81 -107.27
CA ALA K 190 -3.89 65.39 -106.94
C ALA K 190 -5.01 64.37 -107.07
N LYS K 191 -4.81 63.35 -107.90
CA LYS K 191 -5.76 62.23 -107.90
C LYS K 191 -5.51 61.28 -106.73
N LEU K 192 -4.26 61.17 -106.27
CA LEU K 192 -3.95 60.26 -105.17
C LEU K 192 -4.54 60.75 -103.85
N VAL K 193 -4.33 62.04 -103.52
CA VAL K 193 -4.93 62.62 -102.33
C VAL K 193 -6.45 62.48 -102.35
N GLU K 194 -7.06 62.62 -103.52
CA GLU K 194 -8.50 62.44 -103.65
C GLU K 194 -8.89 60.98 -103.45
N ALA K 195 -7.95 60.07 -103.65
CA ALA K 195 -8.15 58.65 -103.36
C ALA K 195 -7.60 58.24 -102.00
N ILE K 196 -6.77 59.07 -101.37
CA ILE K 196 -6.20 58.73 -100.07
C ILE K 196 -7.00 59.33 -98.92
N ARG K 197 -7.39 60.60 -99.03
CA ARG K 197 -8.08 61.23 -97.91
C ARG K 197 -9.49 60.66 -97.72
N THR K 198 -10.02 59.96 -98.71
CA THR K 198 -11.28 59.23 -98.58
C THR K 198 -11.09 57.88 -97.91
N ASN K 199 -9.91 57.59 -97.39
CA ASN K 199 -9.64 56.37 -96.64
C ASN K 199 -9.23 56.71 -95.21
N TYR K 200 -8.48 57.80 -95.05
CA TYR K 200 -7.79 58.10 -93.80
C TYR K 200 -8.32 59.34 -93.09
N ASN K 201 -8.34 60.50 -93.77
CA ASN K 201 -8.55 61.75 -93.06
C ASN K 201 -10.02 62.06 -92.85
N ASP K 202 -10.82 62.03 -93.93
CA ASP K 202 -12.23 62.32 -93.78
C ASP K 202 -12.97 61.20 -93.08
N ARG K 203 -12.38 60.00 -93.03
CA ARG K 203 -12.96 58.86 -92.33
C ARG K 203 -12.27 58.65 -90.98
N TYR K 204 -11.91 59.76 -90.33
CA TYR K 204 -11.19 59.71 -89.07
C TYR K 204 -12.06 59.12 -87.96
N ASP K 205 -13.33 59.54 -87.90
CA ASP K 205 -14.23 59.14 -86.82
C ASP K 205 -14.46 57.63 -86.80
N GLU K 206 -14.56 57.01 -87.98
CA GLU K 206 -14.88 55.59 -88.03
C GLU K 206 -13.70 54.71 -87.63
N ILE K 207 -12.47 55.22 -87.70
CA ILE K 207 -11.33 54.43 -87.24
C ILE K 207 -11.28 54.42 -85.71
N ARG K 208 -11.81 55.45 -85.07
CA ARG K 208 -11.68 55.57 -83.62
C ARG K 208 -12.51 54.52 -82.87
N ARG K 209 -13.59 54.04 -83.46
CA ARG K 209 -14.49 53.10 -82.80
C ARG K 209 -14.25 51.65 -83.24
N HIS K 210 -13.18 51.41 -83.99
CA HIS K 210 -12.90 50.08 -84.52
C HIS K 210 -11.64 49.54 -83.84
N TRP K 211 -11.85 48.83 -82.73
CA TRP K 211 -10.78 48.15 -82.02
C TRP K 211 -10.23 47.01 -82.87
N GLY K 212 -9.01 46.57 -82.54
CA GLY K 212 -8.36 45.50 -83.25
C GLY K 212 -8.25 44.24 -82.41
N GLY K 213 -7.96 43.14 -83.11
CA GLY K 213 -7.85 41.85 -82.46
C GLY K 213 -9.21 41.32 -82.02
N ASN K 214 -9.28 40.97 -80.73
CA ASN K 214 -10.48 40.39 -80.11
C ASN K 214 -10.91 39.11 -80.83
N VAL K 215 -9.92 38.38 -81.34
CA VAL K 215 -10.15 37.14 -82.07
C VAL K 215 -9.83 35.97 -81.15
N LEU K 216 -10.67 34.95 -81.18
CA LEU K 216 -10.39 33.72 -80.45
C LEU K 216 -9.62 32.76 -81.36
N GLY K 217 -9.52 31.51 -80.91
CA GLY K 217 -8.77 30.52 -81.64
C GLY K 217 -9.63 29.67 -82.54
N PRO K 218 -9.04 29.15 -83.62
CA PRO K 218 -9.78 28.22 -84.49
C PRO K 218 -10.03 26.87 -83.84
N LYS K 219 -9.45 26.62 -82.67
CA LYS K 219 -9.85 25.48 -81.85
C LYS K 219 -10.86 25.86 -80.79
N SER K 220 -11.13 27.17 -80.62
CA SER K 220 -12.18 27.63 -79.73
C SER K 220 -13.41 28.12 -80.49
N VAL K 221 -13.22 28.80 -81.63
CA VAL K 221 -14.37 29.19 -82.44
C VAL K 221 -14.96 27.96 -83.13
N ALA K 222 -14.18 26.89 -83.26
CA ALA K 222 -14.77 25.61 -83.60
C ALA K 222 -15.58 25.06 -82.44
N ARG K 223 -15.22 25.42 -81.20
CA ARG K 223 -15.91 24.88 -80.03
C ARG K 223 -17.17 25.66 -79.72
N ILE K 224 -17.07 27.00 -79.65
CA ILE K 224 -18.23 27.78 -79.25
C ILE K 224 -19.33 27.72 -80.31
N ALA K 225 -18.94 27.71 -81.59
CA ALA K 225 -19.95 27.69 -82.64
C ALA K 225 -20.64 26.34 -82.74
N LYS K 226 -19.93 25.26 -82.39
CA LYS K 226 -20.52 23.93 -82.45
C LYS K 226 -21.64 23.79 -81.41
N LEU K 227 -21.52 24.50 -80.30
CA LEU K 227 -22.63 24.55 -79.35
C LEU K 227 -23.67 25.58 -79.78
N GLU K 228 -23.29 26.56 -80.60
CA GLU K 228 -24.30 27.38 -81.24
C GLU K 228 -25.05 26.65 -82.34
N LYS K 229 -24.42 25.62 -82.94
CA LYS K 229 -25.13 24.82 -83.93
C LYS K 229 -25.99 23.73 -83.31
N ALA K 230 -25.60 23.22 -82.15
CA ALA K 230 -26.40 22.18 -81.52
C ALA K 230 -27.59 22.77 -80.77
N LYS K 231 -27.48 24.00 -80.29
CA LYS K 231 -28.59 24.67 -79.63
C LYS K 231 -29.61 25.20 -80.63
N ALA K 232 -29.17 25.78 -81.74
CA ALA K 232 -30.09 26.33 -82.72
C ALA K 232 -30.80 25.25 -83.52
N LYS K 233 -30.23 24.06 -83.63
CA LYS K 233 -30.91 22.95 -84.27
C LYS K 233 -31.91 22.27 -83.34
N GLU K 234 -31.83 22.54 -82.03
CA GLU K 234 -32.85 22.10 -81.10
C GLU K 234 -34.08 22.99 -81.18
N LEU K 235 -33.91 24.30 -80.96
CA LEU K 235 -35.02 25.24 -80.83
C LEU K 235 -35.79 25.46 -82.13
N ALA K 236 -35.28 24.99 -83.27
CA ALA K 236 -36.00 25.19 -84.53
C ALA K 236 -37.19 24.24 -84.65
N THR K 237 -37.01 22.98 -84.30
CA THR K 237 -38.06 21.97 -84.36
C THR K 237 -38.98 21.98 -83.14
N LYS K 238 -38.78 22.90 -82.18
CA LYS K 238 -39.65 22.92 -81.01
C LYS K 238 -40.99 23.59 -81.33
N LEU K 239 -41.04 24.37 -82.40
CA LEU K 239 -42.30 24.96 -82.85
C LEU K 239 -43.12 23.98 -83.68
N GLY K 240 -42.49 23.24 -84.58
CA GLY K 240 -43.17 22.24 -85.38
C GLY K 240 -42.30 21.64 -86.46
N MET L 1 42.64 28.54 73.61
CA MET L 1 43.40 29.18 74.67
C MET L 1 44.72 28.45 74.90
N LYS L 2 45.74 29.19 75.32
CA LYS L 2 47.06 28.63 75.57
C LYS L 2 47.27 28.59 77.08
N THR L 3 46.97 27.44 77.68
CA THR L 3 47.07 27.31 79.12
C THR L 3 48.53 27.29 79.56
N ILE L 4 48.79 27.89 80.71
CA ILE L 4 50.15 27.95 81.24
C ILE L 4 50.65 26.58 81.64
N LEU L 5 49.88 25.85 82.44
CA LEU L 5 50.41 24.68 83.12
C LEU L 5 49.31 23.65 83.31
N SER L 6 49.67 22.38 83.16
CA SER L 6 48.79 21.26 83.45
C SER L 6 49.63 20.12 84.01
N ASN L 7 49.11 19.42 85.02
CA ASN L 7 49.91 18.44 85.74
C ASN L 7 49.09 17.18 85.97
N GLN L 8 49.79 16.11 86.34
CA GLN L 8 49.16 14.89 86.83
C GLN L 8 50.17 14.09 87.65
N THR L 9 50.00 14.05 88.96
CA THR L 9 50.93 13.30 89.81
C THR L 9 50.51 11.84 89.91
N VAL L 10 51.49 10.94 89.93
CA VAL L 10 51.27 9.51 90.04
C VAL L 10 51.99 9.05 91.29
N ASP L 11 51.24 8.84 92.38
CA ASP L 11 51.83 8.25 93.58
C ASP L 11 52.15 6.78 93.31
N ILE L 12 53.38 6.38 93.62
CA ILE L 12 53.80 5.02 93.33
C ILE L 12 53.71 4.20 94.62
N PRO L 13 53.62 2.88 94.54
CA PRO L 13 53.73 2.07 95.76
C PRO L 13 55.15 2.04 96.28
N GLU L 14 55.33 1.52 97.49
CA GLU L 14 56.66 1.45 98.08
C GLU L 14 57.52 0.33 97.51
N ASN L 15 56.90 -0.75 97.04
CA ASN L 15 57.65 -1.92 96.58
C ASN L 15 58.41 -1.62 95.30
N VAL L 16 57.87 -0.75 94.46
CA VAL L 16 58.48 -0.44 93.17
C VAL L 16 59.53 0.65 93.37
N ASP L 17 60.56 0.63 92.52
CA ASP L 17 61.59 1.67 92.49
C ASP L 17 61.76 2.13 91.04
N ILE L 18 61.12 3.24 90.71
CA ILE L 18 61.06 3.75 89.35
C ILE L 18 62.18 4.76 89.15
N SER L 19 62.75 4.76 87.95
CA SER L 19 63.76 5.73 87.56
C SER L 19 63.52 6.11 86.12
N LEU L 20 64.20 7.17 85.68
CA LEU L 20 64.01 7.68 84.33
C LEU L 20 65.27 8.42 83.91
N LYS L 21 65.29 8.78 82.63
CA LYS L 21 66.34 9.61 82.07
C LYS L 21 65.80 10.27 80.81
N GLY L 22 65.90 11.60 80.76
CA GLY L 22 65.34 12.37 79.67
C GLY L 22 63.84 12.20 79.57
N ARG L 23 63.39 11.51 78.53
CA ARG L 23 61.99 11.18 78.38
C ARG L 23 61.81 9.67 78.18
N THR L 24 62.62 8.88 78.86
CA THR L 24 62.45 7.43 78.89
C THR L 24 62.44 7.01 80.33
N VAL L 25 61.50 6.14 80.68
CA VAL L 25 61.30 5.72 82.07
C VAL L 25 61.49 4.21 82.14
N ILE L 26 62.04 3.74 83.25
CA ILE L 26 62.17 2.32 83.54
C ILE L 26 61.56 2.05 84.92
N VAL L 27 60.83 0.95 85.03
CA VAL L 27 60.15 0.59 86.27
C VAL L 27 60.66 -0.77 86.69
N LYS L 28 61.32 -0.81 87.84
CA LYS L 28 61.78 -2.06 88.44
C LYS L 28 60.92 -2.34 89.67
N GLY L 29 60.78 -3.63 89.98
CA GLY L 29 60.08 -4.04 91.17
C GLY L 29 60.14 -5.53 91.40
N PRO L 30 59.12 -6.08 92.07
CA PRO L 30 59.12 -7.52 92.39
C PRO L 30 59.08 -8.40 91.15
N ARG L 31 58.19 -8.07 90.21
CA ARG L 31 57.99 -8.92 89.05
C ARG L 31 59.08 -8.75 88.00
N GLY L 32 59.85 -7.69 88.04
CA GLY L 32 60.92 -7.55 87.08
C GLY L 32 61.17 -6.08 86.77
N THR L 33 61.52 -5.83 85.51
CA THR L 33 61.86 -4.50 85.04
C THR L 33 61.19 -4.23 83.69
N LEU L 34 60.52 -3.10 83.58
CA LEU L 34 59.90 -2.67 82.34
C LEU L 34 60.61 -1.44 81.81
N ARG L 35 60.49 -1.25 80.50
CA ARG L 35 61.01 -0.06 79.83
C ARG L 35 59.99 0.42 78.81
N ARG L 36 59.54 1.66 78.95
CA ARG L 36 58.74 2.32 77.94
C ARG L 36 59.27 3.71 77.70
N ASP L 37 59.34 4.11 76.43
CA ASP L 37 59.90 5.39 76.04
C ASP L 37 58.78 6.42 75.89
N PHE L 38 59.15 7.70 76.07
CA PHE L 38 58.22 8.78 75.78
C PHE L 38 58.90 9.92 75.04
N ASN L 39 59.78 9.64 74.08
CA ASN L 39 60.48 10.69 73.33
C ASN L 39 59.61 11.35 72.28
N HIS L 40 58.35 10.94 72.11
CA HIS L 40 57.49 11.48 71.07
C HIS L 40 56.51 12.52 71.60
N ILE L 41 56.66 12.98 72.83
CA ILE L 41 55.56 13.71 73.43
C ILE L 41 55.99 15.11 73.86
N ASN L 42 57.29 15.29 74.12
CA ASN L 42 57.89 16.57 74.45
C ASN L 42 57.22 17.20 75.68
N VAL L 43 57.37 16.56 76.84
CA VAL L 43 56.80 17.06 78.08
C VAL L 43 57.87 17.05 79.16
N GLU L 44 57.50 17.53 80.34
CA GLU L 44 58.42 17.48 81.47
C GLU L 44 58.01 16.39 82.46
N LEU L 45 59.00 15.69 83.01
CA LEU L 45 58.76 14.66 84.02
C LEU L 45 59.57 15.04 85.25
N SER L 46 58.89 15.23 86.37
CA SER L 46 59.54 15.56 87.63
C SER L 46 59.33 14.43 88.63
N LEU L 47 60.39 14.04 89.31
CA LEU L 47 60.34 13.00 90.31
C LEU L 47 60.80 13.58 91.65
N LEU L 48 59.86 14.18 92.37
CA LEU L 48 60.17 14.97 93.54
C LEU L 48 59.84 14.19 94.83
N GLY L 49 60.21 14.80 95.96
CA GLY L 49 59.86 14.26 97.25
C GLY L 49 60.84 13.23 97.76
N LYS L 50 61.33 13.42 98.98
CA LYS L 50 62.15 12.41 99.64
C LYS L 50 61.30 11.17 99.90
N LYS L 51 61.93 10.00 99.92
CA LYS L 51 61.36 8.64 99.87
C LYS L 51 60.74 8.32 98.52
N LYS L 52 60.68 9.29 97.59
CA LYS L 52 60.21 9.16 96.21
C LYS L 52 58.88 8.42 96.14
N LYS L 53 57.85 8.97 96.79
CA LYS L 53 56.56 8.32 96.85
C LYS L 53 55.59 8.85 95.81
N ARG L 54 56.04 9.69 94.88
CA ARG L 54 55.14 10.24 93.87
C ARG L 54 55.96 10.70 92.67
N LEU L 55 55.38 10.49 91.49
CA LEU L 55 55.97 10.90 90.22
C LEU L 55 54.97 11.78 89.50
N ARG L 56 55.39 12.98 89.13
CA ARG L 56 54.50 13.92 88.45
C ARG L 56 54.96 14.12 87.02
N VAL L 57 54.01 14.51 86.18
CA VAL L 57 54.29 14.93 84.82
C VAL L 57 53.85 16.38 84.67
N ASP L 58 54.69 17.18 84.03
CA ASP L 58 54.47 18.60 83.89
C ASP L 58 54.43 18.97 82.42
N LYS L 59 53.63 19.99 82.11
CA LYS L 59 53.40 20.38 80.72
C LYS L 59 53.18 21.88 80.69
N TRP L 60 53.93 22.59 79.86
CA TRP L 60 53.82 24.04 79.78
C TRP L 60 53.43 24.48 78.38
N TRP L 61 52.49 25.43 78.31
CA TRP L 61 52.06 26.09 77.08
C TRP L 61 51.55 25.09 76.03
N GLY L 62 50.45 24.43 76.39
CA GLY L 62 49.80 23.48 75.51
C GLY L 62 48.36 23.87 75.25
N ASN L 63 47.89 23.61 74.04
CA ASN L 63 46.48 23.73 73.72
C ASN L 63 45.76 22.45 74.10
N ARG L 64 44.43 22.47 73.93
CA ARG L 64 43.53 21.37 74.27
C ARG L 64 43.99 20.03 73.69
N LYS L 65 44.55 20.07 72.48
CA LYS L 65 45.10 18.91 71.80
C LYS L 65 46.18 18.23 72.63
N GLU L 66 47.23 18.96 72.99
CA GLU L 66 48.32 18.33 73.70
C GLU L 66 48.16 18.36 75.22
N LEU L 67 47.25 19.17 75.75
CA LEU L 67 46.85 18.99 77.15
C LEU L 67 46.15 17.66 77.37
N ALA L 68 45.52 17.12 76.34
CA ALA L 68 44.92 15.79 76.41
C ALA L 68 45.97 14.70 76.52
N THR L 69 47.23 15.00 76.28
CA THR L 69 48.29 14.01 76.23
C THR L 69 49.09 13.96 77.53
N VAL L 70 48.57 14.53 78.61
CA VAL L 70 49.28 14.59 79.87
C VAL L 70 48.83 13.47 80.82
N ARG L 71 47.53 13.27 80.95
CA ARG L 71 47.02 12.16 81.75
C ARG L 71 47.32 10.82 81.13
N THR L 72 47.40 10.74 79.80
CA THR L 72 47.62 9.46 79.14
C THR L 72 49.02 8.91 79.44
N ILE L 73 49.95 9.77 79.85
CA ILE L 73 51.26 9.28 80.30
C ILE L 73 51.12 8.65 81.67
N CYS L 74 50.42 9.34 82.58
CA CYS L 74 50.08 8.79 83.89
C CYS L 74 49.39 7.44 83.80
N SER L 75 48.49 7.29 82.82
CA SER L 75 47.87 5.98 82.60
C SER L 75 48.90 4.98 82.13
N HIS L 76 49.78 5.37 81.21
CA HIS L 76 50.80 4.46 80.70
C HIS L 76 51.81 4.12 81.78
N VAL L 77 52.09 5.06 82.68
CA VAL L 77 52.94 4.75 83.83
C VAL L 77 52.26 3.74 84.74
N GLN L 78 51.03 4.04 85.16
CA GLN L 78 50.37 3.17 86.13
C GLN L 78 49.98 1.83 85.53
N ASN L 79 49.91 1.75 84.20
CA ASN L 79 49.79 0.45 83.56
C ASN L 79 51.07 -0.34 83.72
N MET L 80 52.22 0.32 83.65
CA MET L 80 53.48 -0.36 83.93
C MET L 80 53.59 -0.70 85.41
N ILE L 81 52.98 0.11 86.29
CA ILE L 81 53.03 -0.19 87.72
C ILE L 81 52.18 -1.42 88.02
N LYS L 82 51.00 -1.51 87.42
CA LYS L 82 50.16 -2.69 87.63
C LYS L 82 50.77 -3.93 87.02
N GLY L 83 51.56 -3.77 85.96
CA GLY L 83 52.26 -4.91 85.36
C GLY L 83 53.37 -5.45 86.23
N VAL L 84 53.86 -4.66 87.17
CA VAL L 84 54.92 -5.09 88.07
C VAL L 84 54.40 -5.39 89.48
N THR L 85 53.42 -4.64 89.95
CA THR L 85 52.89 -4.88 91.30
C THR L 85 52.06 -6.17 91.35
N LEU L 86 51.06 -6.29 90.48
CA LEU L 86 50.22 -7.47 90.45
C LEU L 86 50.20 -8.17 89.09
N GLY L 87 50.94 -7.66 88.12
CA GLY L 87 50.97 -8.27 86.80
C GLY L 87 49.67 -8.07 86.03
N PHE L 88 49.57 -8.79 84.92
CA PHE L 88 48.36 -8.80 84.11
C PHE L 88 48.05 -10.23 83.70
N ARG L 89 46.93 -10.75 84.19
CA ARG L 89 46.40 -12.04 83.78
C ARG L 89 45.12 -11.80 83.01
N TYR L 90 44.99 -12.39 81.83
CA TYR L 90 43.78 -12.30 81.04
C TYR L 90 43.14 -13.67 80.97
N LYS L 91 41.85 -13.73 81.25
CA LYS L 91 41.08 -14.96 81.06
C LYS L 91 40.32 -14.86 79.75
N MET L 92 40.43 -15.90 78.94
CA MET L 92 39.76 -15.96 77.64
C MET L 92 38.86 -17.18 77.60
N ARG L 93 37.76 -17.05 76.85
CA ARG L 93 36.83 -18.14 76.66
C ARG L 93 36.67 -18.41 75.17
N SER L 94 36.50 -19.68 74.82
CA SER L 94 36.43 -20.13 73.43
C SER L 94 35.00 -20.58 73.17
N VAL L 95 34.27 -19.77 72.43
CA VAL L 95 32.89 -20.10 72.07
C VAL L 95 32.91 -20.90 70.77
N TYR L 96 32.33 -22.09 70.80
CA TYR L 96 32.18 -22.91 69.61
C TYR L 96 30.74 -23.36 69.50
N ALA L 97 30.24 -23.45 68.26
CA ALA L 97 28.85 -23.83 68.06
C ALA L 97 28.68 -25.35 68.01
N HIS L 98 29.32 -25.99 67.05
CA HIS L 98 29.19 -27.43 66.87
C HIS L 98 30.53 -28.15 66.97
N PHE L 99 31.58 -27.61 66.40
CA PHE L 99 32.88 -28.26 66.41
C PHE L 99 33.75 -27.72 67.55
N PRO L 100 34.16 -28.57 68.49
CA PRO L 100 35.01 -28.11 69.60
C PRO L 100 36.37 -27.63 69.13
N ILE L 101 36.77 -26.45 69.58
CA ILE L 101 38.03 -25.84 69.19
C ILE L 101 39.06 -26.13 70.28
N ASN L 102 39.96 -27.07 70.01
CA ASN L 102 41.03 -27.36 70.95
C ASN L 102 42.25 -26.52 70.64
N VAL L 103 42.94 -26.08 71.69
CA VAL L 103 44.18 -25.32 71.56
C VAL L 103 45.20 -25.92 72.51
N VAL L 104 46.41 -26.19 71.99
CA VAL L 104 47.47 -26.76 72.80
C VAL L 104 48.69 -25.86 72.72
N ILE L 105 49.42 -25.77 73.82
CA ILE L 105 50.48 -24.80 74.02
C ILE L 105 51.80 -25.39 73.52
N GLN L 106 52.53 -24.59 72.74
CA GLN L 106 53.82 -24.97 72.19
C GLN L 106 54.93 -24.13 72.81
N GLU L 107 56.08 -24.78 73.06
CA GLU L 107 57.31 -24.25 73.65
C GLU L 107 57.07 -23.33 74.84
N ASN L 108 56.55 -23.91 75.93
CA ASN L 108 56.27 -23.30 77.23
C ASN L 108 55.62 -21.92 77.15
N GLY L 109 54.49 -21.83 76.47
CA GLY L 109 53.75 -20.59 76.42
C GLY L 109 54.30 -19.61 75.42
N SER L 110 54.59 -20.07 74.20
CA SER L 110 55.12 -19.20 73.16
C SER L 110 54.43 -19.40 71.82
N LEU L 111 53.63 -20.45 71.65
CA LEU L 111 52.91 -20.66 70.40
C LEU L 111 51.65 -21.46 70.72
N VAL L 112 50.53 -21.07 70.09
CA VAL L 112 49.24 -21.67 70.33
C VAL L 112 48.82 -22.42 69.08
N GLU L 113 48.16 -23.56 69.28
CA GLU L 113 47.72 -24.42 68.19
C GLU L 113 46.20 -24.38 68.10
N ILE L 114 45.68 -23.37 67.42
CA ILE L 114 44.24 -23.20 67.21
C ILE L 114 43.82 -24.28 66.22
N ARG L 115 43.19 -25.33 66.74
CA ARG L 115 42.92 -26.55 65.98
C ARG L 115 41.42 -26.83 65.93
N ASN L 116 41.01 -27.35 64.78
CA ASN L 116 39.63 -27.83 64.53
C ASN L 116 38.62 -26.71 64.75
N PHE L 117 38.93 -25.53 64.22
CA PHE L 117 38.06 -24.37 64.30
C PHE L 117 37.08 -24.43 63.14
N LEU L 118 35.79 -24.48 63.47
CA LEU L 118 34.68 -24.45 62.50
C LEU L 118 34.76 -25.60 61.51
N GLY L 119 35.39 -26.70 61.91
CA GLY L 119 35.58 -27.84 61.03
C GLY L 119 36.44 -27.55 59.82
N GLU L 120 37.41 -26.67 59.96
CA GLU L 120 38.25 -26.25 58.84
C GLU L 120 39.56 -27.02 58.86
N LYS L 121 39.99 -27.46 57.68
CA LYS L 121 41.21 -28.26 57.57
C LYS L 121 42.48 -27.44 57.75
N TYR L 122 42.38 -26.12 57.72
CA TYR L 122 43.56 -25.28 57.87
C TYR L 122 43.88 -25.08 59.35
N ILE L 123 45.16 -25.17 59.68
CA ILE L 123 45.63 -25.05 61.05
C ILE L 123 46.01 -23.60 61.30
N ARG L 124 45.31 -22.97 62.24
CA ARG L 124 45.58 -21.58 62.59
C ARG L 124 46.70 -21.55 63.61
N ARG L 125 47.83 -20.96 63.23
CA ARG L 125 49.04 -20.97 64.05
C ARG L 125 49.44 -19.53 64.34
N VAL L 126 49.72 -19.23 65.60
CA VAL L 126 50.05 -17.88 66.04
C VAL L 126 51.30 -17.92 66.89
N ARG L 127 52.27 -17.06 66.55
CA ARG L 127 53.48 -16.89 67.32
C ARG L 127 53.25 -15.78 68.34
N MET L 128 53.42 -16.10 69.62
CA MET L 128 53.14 -15.15 70.68
C MET L 128 54.23 -14.09 70.77
N ARG L 129 53.96 -13.04 71.57
CA ARG L 129 54.90 -11.95 71.81
C ARG L 129 55.77 -12.25 73.03
N PRO L 130 56.98 -11.69 73.08
CA PRO L 130 57.81 -11.85 74.29
C PRO L 130 57.15 -11.21 75.50
N GLY L 131 57.50 -11.71 76.68
CA GLY L 131 56.88 -11.26 77.91
C GLY L 131 55.48 -11.76 78.14
N VAL L 132 54.97 -12.62 77.26
CA VAL L 132 53.60 -13.13 77.33
C VAL L 132 53.67 -14.64 77.50
N ALA L 133 53.08 -15.13 78.58
CA ALA L 133 53.05 -16.57 78.83
C ALA L 133 51.65 -17.11 78.54
N CYS L 134 51.56 -18.41 78.29
CA CYS L 134 50.30 -19.05 77.96
C CYS L 134 50.17 -20.38 78.67
N SER L 135 48.92 -20.81 78.86
CA SER L 135 48.57 -22.09 79.45
C SER L 135 47.09 -22.32 79.23
N VAL L 136 46.65 -23.54 79.54
CA VAL L 136 45.24 -23.84 79.73
C VAL L 136 45.03 -24.21 81.19
N SER L 137 44.35 -23.34 81.92
CA SER L 137 44.30 -23.51 83.36
C SER L 137 43.34 -24.63 83.73
N GLN L 138 43.43 -25.04 84.98
CA GLN L 138 42.60 -26.10 85.53
C GLN L 138 41.42 -25.49 86.27
N ALA L 139 40.64 -26.36 86.90
CA ALA L 139 39.37 -26.07 87.58
C ALA L 139 38.30 -25.54 86.63
N GLN L 140 38.57 -25.50 85.33
CA GLN L 140 37.61 -25.11 84.31
C GLN L 140 38.15 -25.54 82.96
N LYS L 141 37.30 -26.21 82.16
CA LYS L 141 37.75 -26.75 80.89
C LYS L 141 37.99 -25.62 79.90
N ASP L 142 36.96 -24.83 79.61
CA ASP L 142 37.09 -23.76 78.63
C ASP L 142 37.92 -22.63 79.20
N GLU L 143 39.23 -22.66 78.95
CA GLU L 143 40.14 -21.69 79.53
C GLU L 143 41.26 -21.39 78.55
N LEU L 144 41.70 -20.13 78.53
CA LEU L 144 42.89 -19.73 77.76
C LEU L 144 43.50 -18.55 78.51
N VAL L 145 44.46 -18.85 79.37
CA VAL L 145 45.03 -17.84 80.27
C VAL L 145 46.28 -17.26 79.64
N LEU L 146 46.44 -15.94 79.75
CA LEU L 146 47.60 -15.22 79.26
C LEU L 146 48.18 -14.38 80.39
N GLU L 147 49.38 -14.71 80.84
CA GLU L 147 50.10 -13.90 81.80
C GLU L 147 50.80 -12.76 81.09
N GLY L 148 51.56 -11.99 81.84
CA GLY L 148 52.30 -10.88 81.28
C GLY L 148 52.77 -9.92 82.35
N ASN L 149 53.72 -9.09 81.97
CA ASN L 149 54.24 -8.04 82.84
C ASN L 149 54.09 -6.64 82.25
N ASP L 150 53.70 -6.55 80.99
CA ASP L 150 53.44 -5.28 80.31
C ASP L 150 52.00 -5.27 79.84
N ILE L 151 51.40 -4.09 79.77
CA ILE L 151 49.99 -4.03 79.39
C ILE L 151 49.83 -4.23 77.88
N GLU L 152 50.86 -3.89 77.09
CA GLU L 152 50.66 -3.81 75.66
C GLU L 152 50.64 -5.18 75.00
N LEU L 153 51.76 -5.91 75.07
CA LEU L 153 51.94 -7.05 74.18
C LEU L 153 51.05 -8.22 74.55
N VAL L 154 50.63 -8.33 75.82
CA VAL L 154 49.66 -9.37 76.16
C VAL L 154 48.28 -9.00 75.61
N SER L 155 47.90 -7.73 75.70
CA SER L 155 46.64 -7.30 75.13
C SER L 155 46.69 -7.22 73.61
N ASN L 156 47.87 -6.95 73.05
CA ASN L 156 48.02 -7.03 71.60
C ASN L 156 47.84 -8.47 71.13
N SER L 157 48.48 -9.42 71.81
CA SER L 157 48.32 -10.82 71.45
C SER L 157 46.94 -11.34 71.81
N ALA L 158 46.31 -10.80 72.86
CA ALA L 158 44.94 -11.17 73.15
C ALA L 158 43.98 -10.72 72.06
N ALA L 159 44.31 -9.64 71.37
CA ALA L 159 43.57 -9.25 70.17
C ALA L 159 44.02 -10.00 68.94
N LEU L 160 45.11 -10.77 69.02
CA LEU L 160 45.61 -11.47 67.85
C LEU L 160 44.82 -12.74 67.59
N ILE L 161 44.81 -13.66 68.55
CA ILE L 161 44.05 -14.89 68.38
C ILE L 161 42.56 -14.61 68.37
N GLN L 162 42.12 -13.51 69.00
CA GLN L 162 40.71 -13.13 68.92
C GLN L 162 40.34 -12.76 67.49
N GLN L 163 41.28 -12.19 66.74
CA GLN L 163 41.03 -11.94 65.33
C GLN L 163 41.41 -13.12 64.46
N ALA L 164 42.19 -14.06 64.97
CA ALA L 164 42.57 -15.22 64.17
C ALA L 164 41.43 -16.21 64.04
N THR L 165 40.47 -16.20 64.95
CA THR L 165 39.28 -17.04 64.88
C THR L 165 38.10 -16.16 64.51
N THR L 166 37.92 -15.92 63.22
CA THR L 166 36.81 -15.13 62.72
C THR L 166 36.21 -15.82 61.50
N VAL L 167 34.89 -15.74 61.41
CA VAL L 167 34.15 -16.45 60.37
C VAL L 167 33.95 -15.51 59.19
N LYS L 168 34.13 -16.03 57.99
CA LYS L 168 34.08 -15.23 56.78
C LYS L 168 32.87 -15.56 55.93
N ASN L 169 32.36 -14.54 55.23
CA ASN L 169 31.16 -14.56 54.38
C ASN L 169 30.03 -15.39 54.97
N LYS L 170 29.66 -15.07 56.21
CA LYS L 170 28.64 -15.80 56.93
C LYS L 170 27.82 -14.84 57.77
N ASP L 171 26.67 -15.33 58.23
CA ASP L 171 25.88 -14.60 59.21
C ASP L 171 26.64 -14.69 60.52
N ILE L 172 27.35 -13.59 60.84
CA ILE L 172 28.18 -13.57 62.04
C ILE L 172 27.33 -13.66 63.29
N ARG L 173 26.12 -13.10 63.27
CA ARG L 173 25.23 -13.23 64.41
C ARG L 173 24.72 -14.65 64.59
N LYS L 174 24.59 -15.41 63.51
CA LYS L 174 24.26 -16.82 63.59
C LYS L 174 25.48 -17.68 63.85
N PHE L 175 26.65 -17.30 63.35
CA PHE L 175 27.87 -18.07 63.56
C PHE L 175 28.73 -17.26 64.53
N LEU L 176 28.44 -17.43 65.81
CA LEU L 176 29.13 -16.71 66.88
C LEU L 176 30.17 -17.64 67.51
N ASP L 177 31.29 -17.82 66.81
CA ASP L 177 32.34 -18.70 67.29
C ASP L 177 33.66 -17.96 67.35
N GLY L 178 34.56 -18.45 68.18
CA GLY L 178 35.88 -17.86 68.33
C GLY L 178 36.31 -17.80 69.78
N ILE L 179 37.54 -17.36 70.02
CA ILE L 179 38.04 -17.12 71.37
C ILE L 179 37.95 -15.63 71.62
N TYR L 180 37.52 -15.25 72.82
CA TYR L 180 37.31 -13.86 73.15
C TYR L 180 37.82 -13.59 74.56
N VAL L 181 38.15 -12.33 74.81
CA VAL L 181 38.63 -11.92 76.13
C VAL L 181 37.47 -11.91 77.10
N SER L 182 37.69 -12.46 78.29
CA SER L 182 36.60 -12.57 79.25
C SER L 182 36.87 -11.73 80.50
N GLU L 183 38.02 -11.92 81.13
CA GLU L 183 38.36 -11.22 82.37
C GLU L 183 39.70 -10.52 82.20
N LYS L 184 39.78 -9.29 82.69
CA LYS L 184 41.02 -8.53 82.72
C LYS L 184 41.45 -8.40 84.18
N GLY L 185 42.20 -9.39 84.66
CA GLY L 185 42.57 -9.49 86.06
C GLY L 185 44.06 -9.31 86.24
N THR L 186 44.59 -9.95 87.28
CA THR L 186 45.98 -9.79 87.66
C THR L 186 46.57 -11.15 88.02
N VAL L 187 47.90 -11.21 88.10
CA VAL L 187 48.57 -12.48 88.41
C VAL L 187 48.35 -12.85 89.87
N GLN L 188 48.72 -11.97 90.78
CA GLN L 188 48.42 -12.15 92.20
C GLN L 188 47.56 -10.99 92.66
N GLN L 189 47.22 -10.99 93.94
CA GLN L 189 46.20 -10.09 94.45
C GLN L 189 46.77 -9.12 95.49
N ALA L 190 45.91 -8.23 95.94
CA ALA L 190 46.24 -7.25 96.97
C ALA L 190 45.36 -7.44 98.20
N GLY M 1 7.49 18.16 32.35
CA GLY M 1 7.41 19.37 31.56
C GLY M 1 8.06 20.56 32.23
N ARG M 2 8.58 20.35 33.44
CA ARG M 2 9.17 21.40 34.24
C ARG M 2 10.69 21.32 34.18
N ARG M 3 11.30 22.49 34.14
CA ARG M 3 12.75 22.59 34.07
C ARG M 3 13.37 22.44 35.45
N PRO M 4 14.67 22.13 35.52
CA PRO M 4 15.36 22.17 36.80
C PRO M 4 15.35 23.56 37.40
N ALA M 5 15.27 23.61 38.72
CA ALA M 5 15.18 24.87 39.45
C ALA M 5 16.52 25.59 39.56
N ARG M 6 17.58 25.09 38.94
CA ARG M 6 18.84 25.83 38.93
C ARG M 6 18.77 26.97 37.92
N CYS M 7 17.86 26.88 36.95
CA CYS M 7 17.74 27.90 35.94
C CYS M 7 17.15 29.18 36.51
N TYR M 8 15.93 29.10 37.03
CA TYR M 8 15.18 30.30 37.42
C TYR M 8 15.38 30.58 38.91
N ARG M 9 16.64 30.75 39.29
CA ARG M 9 16.95 31.10 40.67
C ARG M 9 17.22 32.59 40.82
N TYR M 10 17.89 33.20 39.86
CA TYR M 10 18.24 34.60 39.97
C TYR M 10 17.13 35.49 39.44
N CYS M 11 16.90 36.60 40.15
CA CYS M 11 15.90 37.59 39.72
C CYS M 11 16.50 38.34 38.53
N LYS M 12 16.44 37.70 37.38
CA LYS M 12 17.12 38.24 36.21
C LYS M 12 16.27 39.34 35.57
N ASN M 13 15.06 39.00 35.14
CA ASN M 13 14.28 39.88 34.29
C ASN M 13 13.40 40.80 35.12
N LYS M 14 12.76 41.76 34.46
CA LYS M 14 11.75 42.60 35.06
C LYS M 14 10.52 41.77 35.39
N PRO M 15 9.69 42.20 36.33
CA PRO M 15 8.46 41.45 36.63
C PRO M 15 7.51 41.46 35.45
N TYR M 16 7.01 40.28 35.11
CA TYR M 16 6.22 40.03 33.91
C TYR M 16 4.96 39.32 34.37
N PRO M 17 4.05 40.03 35.04
CA PRO M 17 2.96 39.34 35.74
C PRO M 17 1.86 38.92 34.80
N LYS M 18 1.00 38.03 35.31
CA LYS M 18 -0.17 37.59 34.57
C LYS M 18 -1.15 38.75 34.49
N SER M 19 -1.34 39.28 33.28
CA SER M 19 -2.13 40.47 33.09
C SER M 19 -2.78 40.40 31.71
N ARG M 20 -3.25 41.55 31.22
CA ARG M 20 -3.86 41.61 29.91
C ARG M 20 -2.85 41.27 28.81
N PHE M 21 -1.58 41.63 29.02
CA PHE M 21 -0.58 41.38 27.99
C PHE M 21 -0.04 39.96 28.11
N CYS M 22 0.24 39.51 29.32
CA CYS M 22 0.72 38.15 29.56
C CYS M 22 -0.45 37.33 30.05
N ARG M 23 -1.06 36.58 29.14
CA ARG M 23 -2.16 35.69 29.46
C ARG M 23 -1.77 34.25 29.14
N GLY M 24 -2.72 33.34 29.38
CA GLY M 24 -2.45 31.93 29.15
C GLY M 24 -1.44 31.36 30.12
N VAL M 25 -1.58 31.66 31.40
CA VAL M 25 -0.63 31.22 32.42
C VAL M 25 -1.29 30.11 33.23
N PRO M 26 -0.65 28.96 33.40
CA PRO M 26 -1.19 27.96 34.33
C PRO M 26 -1.10 28.44 35.78
N ASP M 27 -2.03 27.95 36.59
CA ASP M 27 -2.17 28.43 37.96
C ASP M 27 -1.03 27.94 38.84
N ALA M 28 -0.71 28.71 39.87
CA ALA M 28 0.33 28.33 40.81
C ALA M 28 -0.13 27.15 41.66
N LYS M 29 0.83 26.29 42.03
CA LYS M 29 0.51 25.10 42.79
C LYS M 29 0.08 25.43 44.22
N ILE M 30 0.45 26.61 44.72
CA ILE M 30 0.04 27.02 46.05
C ILE M 30 -1.24 27.85 45.96
N ARG M 31 -2.25 27.46 46.74
CA ARG M 31 -3.53 28.15 46.71
C ARG M 31 -3.99 28.58 48.09
N ILE M 32 -3.80 27.71 49.09
CA ILE M 32 -4.33 27.95 50.43
C ILE M 32 -3.16 28.44 51.27
N PHE M 33 -3.20 29.73 51.62
CA PHE M 33 -2.09 30.34 52.33
C PHE M 33 -2.22 30.24 53.84
N ASP M 34 -3.40 29.97 54.37
CA ASP M 34 -3.61 29.92 55.81
C ASP M 34 -4.25 28.60 56.19
N LEU M 35 -3.82 28.03 57.31
CA LEU M 35 -4.35 26.79 57.83
C LEU M 35 -4.09 26.74 59.33
N GLY M 36 -4.43 25.62 59.96
CA GLY M 36 -4.51 25.59 61.40
C GLY M 36 -5.78 26.28 61.87
N ARG M 37 -5.79 26.70 63.13
CA ARG M 37 -6.94 27.45 63.65
C ARG M 37 -6.84 28.89 63.14
N LYS M 38 -7.21 29.06 61.86
CA LYS M 38 -7.15 30.38 61.26
C LYS M 38 -8.29 31.27 61.73
N LYS M 39 -9.47 30.68 61.98
CA LYS M 39 -10.57 31.40 62.60
C LYS M 39 -10.35 31.50 64.11
N ALA M 40 -9.43 32.38 64.48
CA ALA M 40 -9.03 32.52 65.87
C ALA M 40 -8.90 33.99 66.24
N LYS M 41 -9.00 34.27 67.53
CA LYS M 41 -8.74 35.60 68.03
C LYS M 41 -7.24 35.82 68.16
N VAL M 42 -6.86 37.02 68.60
CA VAL M 42 -5.45 37.37 68.74
C VAL M 42 -4.93 37.14 70.16
N ASP M 43 -5.80 36.92 71.13
CA ASP M 43 -5.38 36.95 72.52
C ASP M 43 -4.94 35.59 73.04
N GLU M 44 -4.90 34.56 72.19
CA GLU M 44 -4.58 33.22 72.64
C GLU M 44 -3.33 32.61 72.01
N PHE M 45 -2.87 33.14 70.87
CA PHE M 45 -1.61 32.72 70.26
C PHE M 45 -0.66 33.91 70.32
N PRO M 46 0.06 34.07 71.43
CA PRO M 46 0.92 35.25 71.60
C PRO M 46 2.17 35.22 70.73
N LEU M 47 2.78 34.04 70.61
CA LEU M 47 4.03 33.88 69.90
C LEU M 47 3.86 34.18 68.41
N CYS M 48 4.96 34.54 67.74
CA CYS M 48 4.97 34.67 66.29
C CYS M 48 6.32 34.23 65.76
N GLY M 49 6.29 33.41 64.71
CA GLY M 49 7.49 32.93 64.06
C GLY M 49 7.71 33.62 62.72
N HIS M 50 8.93 33.48 62.21
CA HIS M 50 9.31 34.07 60.94
C HIS M 50 10.37 33.20 60.28
N MET M 51 10.44 33.31 58.96
CA MET M 51 11.52 32.72 58.18
C MET M 51 12.07 33.85 57.31
N VAL M 52 13.04 34.58 57.85
CA VAL M 52 13.59 35.73 57.15
C VAL M 52 14.48 35.26 56.01
N SER M 53 14.26 35.81 54.82
CA SER M 53 15.06 35.45 53.67
C SER M 53 16.36 36.25 53.64
N ASP M 54 17.43 35.57 53.25
CA ASP M 54 18.77 36.15 53.25
C ASP M 54 19.31 36.42 51.84
N GLU M 55 18.63 35.91 50.81
CA GLU M 55 19.11 36.04 49.44
C GLU M 55 18.07 36.73 48.58
N TYR M 56 18.54 37.40 47.54
CA TYR M 56 17.67 38.07 46.58
C TYR M 56 17.47 37.12 45.38
N GLU M 57 16.78 36.02 45.67
CA GLU M 57 16.56 35.00 44.65
C GLU M 57 15.10 34.91 44.26
N GLN M 58 14.76 33.96 43.40
CA GLN M 58 13.38 33.70 43.02
C GLN M 58 12.92 32.41 43.69
N LEU M 59 11.67 32.40 44.14
CA LEU M 59 11.08 31.25 44.81
C LEU M 59 9.93 30.73 43.96
N SER M 60 10.09 29.52 43.42
CA SER M 60 9.06 28.94 42.58
C SER M 60 7.84 28.57 43.42
N SER M 61 6.68 28.62 42.78
CA SER M 61 5.41 28.40 43.50
C SER M 61 5.32 27.00 44.07
N GLU M 62 5.91 26.02 43.38
CA GLU M 62 5.88 24.65 43.89
C GLU M 62 6.74 24.51 45.12
N ALA M 63 7.87 25.23 45.17
CA ALA M 63 8.68 25.24 46.38
C ALA M 63 7.90 25.84 47.54
N LEU M 64 7.09 26.87 47.27
CA LEU M 64 6.19 27.39 48.29
C LEU M 64 5.15 26.36 48.68
N GLU M 65 4.67 25.58 47.72
CA GLU M 65 3.67 24.57 48.05
C GLU M 65 4.31 23.37 48.72
N ALA M 66 5.58 23.11 48.44
CA ALA M 66 6.28 21.99 49.06
C ALA M 66 6.47 22.22 50.55
N ALA M 67 7.08 23.35 50.92
CA ALA M 67 7.42 23.59 52.31
C ALA M 67 6.19 23.86 53.16
N ARG M 68 5.10 24.31 52.55
CA ARG M 68 3.86 24.52 53.28
C ARG M 68 3.32 23.21 53.83
N ILE M 69 3.27 22.17 52.99
CA ILE M 69 2.89 20.85 53.44
C ILE M 69 3.91 20.31 54.44
N CYS M 70 5.20 20.50 54.15
CA CYS M 70 6.26 19.99 55.01
C CYS M 70 6.21 20.64 56.39
N ALA M 71 5.76 21.90 56.45
CA ALA M 71 5.54 22.51 57.75
C ALA M 71 4.24 22.03 58.37
N ASN M 72 3.19 21.88 57.56
CA ASN M 72 1.91 21.44 58.08
C ASN M 72 1.92 20.01 58.58
N LYS M 73 2.79 19.16 58.04
CA LYS M 73 2.80 17.78 58.48
C LYS M 73 3.41 17.64 59.85
N TYR M 74 4.28 18.56 60.24
CA TYR M 74 4.81 18.54 61.61
C TYR M 74 3.81 19.14 62.59
N MET M 75 3.10 20.18 62.17
CA MET M 75 2.29 20.97 63.11
C MET M 75 1.07 20.19 63.58
N VAL M 76 0.52 19.31 62.73
CA VAL M 76 -0.66 18.53 63.12
C VAL M 76 -0.30 17.53 64.20
N LYS M 77 0.89 16.93 64.10
CA LYS M 77 1.32 15.98 65.12
C LYS M 77 1.86 16.67 66.37
N SER M 78 2.35 17.90 66.25
CA SER M 78 3.11 18.48 67.35
C SER M 78 2.19 19.13 68.38
N CYS M 79 1.37 20.09 67.96
CA CYS M 79 0.49 20.82 68.86
C CYS M 79 -0.98 20.59 68.54
N GLY M 80 -1.31 19.51 67.85
CA GLY M 80 -2.66 19.29 67.41
C GLY M 80 -3.00 20.13 66.20
N LYS M 81 -4.22 19.92 65.69
CA LYS M 81 -4.65 20.60 64.49
C LYS M 81 -5.17 22.01 64.75
N ASP M 82 -5.22 22.45 66.01
CA ASP M 82 -5.70 23.77 66.37
C ASP M 82 -4.75 24.47 67.34
N GLY M 83 -3.50 24.05 67.37
CA GLY M 83 -2.54 24.68 68.27
C GLY M 83 -1.65 25.68 67.58
N PHE M 84 -2.03 26.12 66.39
CA PHE M 84 -1.17 26.95 65.56
C PHE M 84 -2.01 27.65 64.50
N HIS M 85 -1.34 28.45 63.67
CA HIS M 85 -1.93 29.07 62.48
C HIS M 85 -0.80 29.52 61.57
N ILE M 86 -0.70 28.93 60.39
CA ILE M 86 0.42 29.22 59.48
C ILE M 86 -0.05 30.22 58.44
N ARG M 87 0.87 31.04 57.96
CA ARG M 87 0.56 32.07 56.96
C ARG M 87 1.70 32.13 55.96
N VAL M 88 1.45 31.66 54.74
CA VAL M 88 2.43 31.78 53.65
C VAL M 88 2.30 33.18 53.09
N ARG M 89 3.31 34.02 53.31
CA ARG M 89 3.15 35.45 53.12
C ARG M 89 3.77 35.96 51.82
N LEU M 90 4.16 35.08 50.90
CA LEU M 90 4.73 35.52 49.63
C LEU M 90 3.84 35.04 48.50
N HIS M 91 3.01 35.93 47.97
CA HIS M 91 2.16 35.62 46.84
C HIS M 91 3.03 35.61 45.60
N PRO M 92 3.10 34.51 44.86
CA PRO M 92 3.90 34.52 43.65
C PRO M 92 3.16 35.14 42.49
N PHE M 93 3.79 36.08 41.79
CA PHE M 93 3.14 36.79 40.71
C PHE M 93 3.96 36.91 39.45
N HIS M 94 5.28 36.71 39.53
CA HIS M 94 6.12 36.73 38.34
C HIS M 94 5.87 35.49 37.50
N VAL M 95 5.57 35.67 36.22
CA VAL M 95 5.40 34.56 35.31
C VAL M 95 6.73 34.24 34.65
N ILE M 96 7.22 33.05 34.88
CA ILE M 96 8.51 32.63 34.35
C ILE M 96 8.30 31.96 33.00
N ARG M 97 9.29 32.09 32.13
CA ARG M 97 9.14 31.77 30.71
C ARG M 97 9.84 30.47 30.36
N ILE M 98 9.49 29.91 29.21
CA ILE M 98 10.07 28.66 28.72
C ILE M 98 10.16 28.73 27.20
N ASN M 99 11.29 28.25 26.66
CA ASN M 99 11.48 28.18 25.22
C ASN M 99 11.27 26.73 24.76
N LYS M 100 9.99 26.36 24.67
CA LYS M 100 9.62 25.01 24.29
C LYS M 100 10.00 24.76 22.83
N MET M 101 10.50 23.56 22.55
CA MET M 101 11.02 23.22 21.23
C MET M 101 10.21 22.07 20.64
N LEU M 102 9.35 22.39 19.68
CA LEU M 102 8.61 21.42 18.86
C LEU M 102 7.82 20.37 19.64
N GLN M 111 14.88 22.94 12.34
CA GLN M 111 15.56 23.73 13.37
C GLN M 111 15.16 25.20 13.29
N THR M 112 15.03 25.82 14.45
CA THR M 112 14.65 27.23 14.56
C THR M 112 15.63 28.07 15.35
N GLY M 113 16.23 27.50 16.40
CA GLY M 113 17.30 28.17 17.12
C GLY M 113 16.84 29.31 18.00
N MET M 114 17.35 30.50 17.72
CA MET M 114 16.94 31.70 18.43
C MET M 114 16.08 32.62 17.57
N ARG M 115 15.61 32.13 16.43
CA ARG M 115 14.73 32.92 15.58
C ARG M 115 13.36 33.03 16.22
N GLY M 116 12.96 34.25 16.55
CA GLY M 116 11.67 34.50 17.18
C GLY M 116 11.55 33.86 18.54
N ALA M 117 12.62 33.93 19.33
CA ALA M 117 12.69 33.18 20.58
C ALA M 117 12.22 34.06 21.73
N PHE M 118 10.92 34.28 21.81
CA PHE M 118 10.29 34.75 23.03
C PHE M 118 9.52 33.60 23.64
N GLY M 119 9.59 33.47 24.95
CA GLY M 119 9.12 32.27 25.60
C GLY M 119 7.61 32.22 25.70
N LYS M 120 7.14 31.18 26.34
CA LYS M 120 5.80 30.81 26.74
C LYS M 120 5.64 30.97 28.25
N PRO M 121 4.46 31.26 28.73
CA PRO M 121 4.27 31.44 30.17
C PRO M 121 4.33 30.14 30.94
N GLN M 122 5.55 29.70 31.28
CA GLN M 122 5.76 28.40 31.91
C GLN M 122 5.05 28.29 33.25
N GLY M 123 5.45 29.11 34.21
CA GLY M 123 4.92 28.96 35.55
C GLY M 123 4.99 30.22 36.38
N THR M 124 4.63 30.11 37.65
CA THR M 124 4.56 31.25 38.55
C THR M 124 5.69 31.14 39.57
N VAL M 125 6.29 32.29 39.89
CA VAL M 125 7.46 32.34 40.74
C VAL M 125 7.40 33.63 41.54
N ALA M 126 7.92 33.58 42.77
CA ALA M 126 7.76 34.67 43.73
C ALA M 126 9.07 35.43 43.87
N ARG M 127 8.99 36.75 43.74
CA ARG M 127 10.14 37.62 43.95
C ARG M 127 10.29 37.93 45.45
N VAL M 128 11.40 37.49 46.02
CA VAL M 128 11.68 37.74 47.43
C VAL M 128 12.78 38.79 47.52
N HIS M 129 12.86 39.45 48.66
CA HIS M 129 13.97 40.33 48.99
C HIS M 129 14.74 39.77 50.17
N ILE M 130 15.90 40.35 50.45
CA ILE M 130 16.62 40.01 51.66
C ILE M 130 15.94 40.71 52.83
N GLY M 131 15.91 40.06 53.98
CA GLY M 131 15.17 40.59 55.10
C GLY M 131 13.68 40.52 54.94
N GLN M 132 13.18 39.67 54.05
CA GLN M 132 11.75 39.52 53.82
C GLN M 132 11.25 38.23 54.45
N VAL M 133 10.19 38.34 55.26
CA VAL M 133 9.64 37.17 55.93
C VAL M 133 8.77 36.38 54.98
N ILE M 134 8.97 35.07 54.95
CA ILE M 134 8.24 34.17 54.06
C ILE M 134 7.04 33.56 54.77
N MET M 135 7.29 32.79 55.82
CA MET M 135 6.23 32.11 56.55
C MET M 135 6.18 32.65 57.96
N SER M 136 5.01 32.56 58.58
CA SER M 136 4.80 33.02 59.93
C SER M 136 3.77 32.14 60.60
N ILE M 137 3.98 31.86 61.89
CA ILE M 137 3.11 30.98 62.67
C ILE M 137 2.88 31.62 64.02
N ARG M 138 1.62 31.76 64.41
CA ARG M 138 1.24 32.18 65.75
C ARG M 138 0.74 30.97 66.54
N THR M 139 1.28 30.79 67.74
CA THR M 139 0.95 29.63 68.55
C THR M 139 1.13 29.99 70.02
N LYS M 140 1.01 28.98 70.89
CA LYS M 140 1.04 29.22 72.32
C LYS M 140 2.46 29.49 72.80
N LEU M 141 2.55 30.14 73.96
CA LEU M 141 3.83 30.64 74.44
C LEU M 141 4.71 29.53 75.00
N GLN M 142 4.11 28.58 75.73
CA GLN M 142 4.92 27.47 76.21
C GLN M 142 5.24 26.50 75.09
N ASN M 143 4.37 26.42 74.09
CA ASN M 143 4.57 25.55 72.94
C ASN M 143 5.37 26.33 71.89
N LYS M 144 6.62 26.62 72.23
CA LYS M 144 7.46 27.50 71.43
C LYS M 144 8.40 26.72 70.52
N GLU M 145 8.98 25.64 71.04
CA GLU M 145 10.03 24.91 70.32
C GLU M 145 9.51 24.20 69.09
N HIS M 146 8.20 24.04 68.93
CA HIS M 146 7.66 23.28 67.82
C HIS M 146 7.85 24.01 66.49
N VAL M 147 7.53 25.31 66.45
CA VAL M 147 7.72 26.08 65.22
C VAL M 147 9.22 26.27 64.96
N VAL M 148 10.04 26.26 66.01
CA VAL M 148 11.48 26.34 65.84
C VAL M 148 12.02 25.11 65.11
N GLU M 149 11.35 23.97 65.27
CA GLU M 149 11.79 22.77 64.57
C GLU M 149 11.03 22.57 63.26
N ALA M 150 9.77 22.97 63.23
CA ALA M 150 8.96 22.71 62.05
C ALA M 150 9.34 23.65 60.90
N LEU M 151 9.80 24.85 61.21
CA LEU M 151 10.13 25.79 60.16
C LEU M 151 11.50 25.52 59.54
N ARG M 152 12.40 24.90 60.29
CA ARG M 152 13.70 24.52 59.74
C ARG M 152 13.56 23.47 58.65
N ARG M 153 12.59 22.57 58.79
CA ARG M 153 12.30 21.61 57.73
C ARG M 153 11.77 22.27 56.47
N ALA M 154 11.18 23.46 56.59
CA ALA M 154 10.71 24.20 55.43
C ALA M 154 11.84 24.92 54.69
N LYS M 155 13.04 24.95 55.24
CA LYS M 155 14.16 25.55 54.52
C LYS M 155 14.73 24.60 53.48
N PHE M 156 14.68 23.29 53.76
CA PHE M 156 15.30 22.31 52.88
C PHE M 156 14.66 22.25 51.51
N LYS M 157 13.40 22.64 51.40
CA LYS M 157 12.76 22.74 50.09
C LYS M 157 13.08 24.06 49.39
N PHE M 158 13.83 24.95 50.02
CA PHE M 158 14.18 26.22 49.43
C PHE M 158 15.67 26.29 49.09
N PRO M 159 16.04 26.96 48.01
CA PRO M 159 17.46 27.14 47.72
C PRO M 159 18.08 28.15 48.66
N GLY M 160 19.37 27.94 48.95
CA GLY M 160 20.05 28.82 49.88
C GLY M 160 19.58 28.61 51.31
N ARG M 161 19.88 29.58 52.15
CA ARG M 161 19.55 29.49 53.57
C ARG M 161 18.67 30.65 54.00
N GLN M 162 17.96 30.45 55.10
CA GLN M 162 17.10 31.47 55.67
C GLN M 162 17.26 31.42 57.17
N LYS M 163 17.01 32.55 57.81
CA LYS M 163 17.07 32.63 59.26
C LYS M 163 15.66 32.52 59.83
N ILE M 164 15.58 31.92 61.01
CA ILE M 164 14.30 31.70 61.68
C ILE M 164 14.26 32.61 62.90
N HIS M 165 13.27 33.48 62.94
CA HIS M 165 13.21 34.53 63.95
C HIS M 165 11.89 34.46 64.71
N ILE M 166 12.00 34.54 66.04
CA ILE M 166 10.84 34.72 66.89
C ILE M 166 10.68 36.22 67.08
N SER M 167 9.55 36.75 66.62
CA SER M 167 9.36 38.19 66.56
C SER M 167 9.21 38.78 67.95
N LYS M 168 9.30 40.11 68.00
CA LYS M 168 8.98 40.89 69.19
C LYS M 168 7.49 41.19 69.27
N LYS M 169 6.74 40.85 68.23
CA LYS M 169 5.34 41.25 68.14
C LYS M 169 4.44 40.15 68.68
N TRP M 170 3.24 40.55 69.09
CA TRP M 170 2.22 39.63 69.57
C TRP M 170 1.46 39.11 68.36
N GLY M 171 1.85 37.93 67.88
CA GLY M 171 1.18 37.33 66.74
C GLY M 171 1.50 38.05 65.45
N PHE M 172 0.59 38.00 64.47
CA PHE M 172 0.84 38.59 63.17
C PHE M 172 0.76 40.11 63.18
N THR M 173 0.44 40.72 64.32
CA THR M 173 0.22 42.15 64.39
C THR M 173 1.55 42.90 64.35
N LYS M 174 1.45 44.22 64.17
CA LYS M 174 2.61 45.09 64.12
C LYS M 174 2.89 45.76 65.46
N PHE M 175 2.34 45.23 66.54
CA PHE M 175 2.45 45.83 67.87
C PHE M 175 3.22 44.90 68.78
N ASN M 176 3.92 45.48 69.76
CA ASN M 176 4.82 44.72 70.61
C ASN M 176 4.05 43.80 71.55
N ALA M 177 4.75 42.77 72.05
CA ALA M 177 4.13 41.82 72.96
C ALA M 177 3.90 42.43 74.33
N ASP M 178 4.87 43.16 74.87
CA ASP M 178 4.72 43.76 76.18
C ASP M 178 3.85 45.00 76.17
N GLU M 179 3.64 45.61 75.01
CA GLU M 179 2.71 46.72 74.86
C GLU M 179 1.28 46.24 74.65
N PHE M 180 1.08 44.94 74.43
CA PHE M 180 -0.23 44.44 74.02
C PHE M 180 -1.24 44.53 75.14
N GLU M 181 -0.81 44.30 76.39
CA GLU M 181 -1.76 44.32 77.50
C GLU M 181 -2.09 45.74 77.94
N ASP M 182 -1.20 46.70 77.70
CA ASP M 182 -1.48 48.07 78.12
C ASP M 182 -2.52 48.72 77.23
N MET M 183 -2.50 48.41 75.93
CA MET M 183 -3.55 48.92 75.05
C MET M 183 -4.86 48.17 75.25
N VAL M 184 -4.79 46.97 75.82
CA VAL M 184 -5.97 46.31 76.35
C VAL M 184 -6.41 46.97 77.65
N ALA M 185 -5.46 47.38 78.49
CA ALA M 185 -5.78 48.00 79.77
C ALA M 185 -6.53 49.31 79.61
N GLU M 186 -6.05 50.18 78.73
CA GLU M 186 -6.69 51.49 78.53
C GLU M 186 -7.66 51.45 77.35
N LYS M 187 -7.93 50.27 76.79
CA LYS M 187 -8.87 50.05 75.69
C LYS M 187 -8.51 50.90 74.47
N ARG M 188 -7.31 50.65 73.96
CA ARG M 188 -6.83 51.28 72.74
C ARG M 188 -6.57 50.29 71.62
N LEU M 189 -6.72 49.01 71.87
CA LEU M 189 -6.67 48.01 70.82
C LEU M 189 -7.78 47.00 71.07
N ILE M 190 -8.75 46.97 70.17
CA ILE M 190 -9.93 46.14 70.34
C ILE M 190 -9.90 45.06 69.26
N PRO M 191 -9.95 43.78 69.64
CA PRO M 191 -9.70 42.69 68.68
C PRO M 191 -10.69 42.59 67.55
N ASP M 192 -10.20 42.75 66.33
CA ASP M 192 -10.99 42.51 65.12
C ASP M 192 -10.70 41.11 64.60
N GLY M 193 -11.09 40.12 65.41
CA GLY M 193 -10.96 38.72 65.03
C GLY M 193 -9.53 38.25 64.89
N CYS M 194 -9.17 37.80 63.69
CA CYS M 194 -7.80 37.37 63.43
C CYS M 194 -6.83 38.55 63.45
N GLY M 195 -7.32 39.76 63.22
CA GLY M 195 -6.50 40.96 63.32
C GLY M 195 -6.97 41.86 64.44
N VAL M 196 -6.53 43.11 64.45
CA VAL M 196 -6.94 44.08 65.45
C VAL M 196 -6.86 45.48 64.84
N LYS M 197 -7.83 46.32 65.18
CA LYS M 197 -7.93 47.66 64.65
C LYS M 197 -7.42 48.67 65.67
N TYR M 198 -6.63 49.62 65.17
CA TYR M 198 -6.03 50.68 65.98
C TYR M 198 -6.98 51.88 65.98
N ILE M 199 -7.44 52.28 67.16
CA ILE M 199 -8.36 53.39 67.31
C ILE M 199 -7.59 54.57 67.88
N PRO M 200 -7.20 55.55 67.08
CA PRO M 200 -6.46 56.70 67.60
C PRO M 200 -7.41 57.71 68.22
N ASN M 201 -6.85 58.83 68.66
CA ASN M 201 -7.63 59.95 69.19
C ASN M 201 -7.99 60.93 68.11
N ARG M 202 -8.64 60.48 67.03
CA ARG M 202 -8.79 61.30 65.84
C ARG M 202 -10.23 61.55 65.40
N GLY M 203 -11.13 60.58 65.52
CA GLY M 203 -12.42 60.68 64.91
C GLY M 203 -13.39 61.60 65.62
N PRO M 204 -14.66 61.51 65.26
CA PRO M 204 -15.69 62.19 66.05
C PRO M 204 -15.83 61.55 67.42
N LEU M 205 -16.28 62.34 68.39
CA LEU M 205 -16.35 61.90 69.78
C LEU M 205 -17.38 60.81 70.02
N ASP M 206 -18.36 60.65 69.13
CA ASP M 206 -19.49 59.77 69.39
C ASP M 206 -19.09 58.31 69.49
N LYS M 207 -18.03 57.90 68.78
CA LYS M 207 -17.59 56.52 68.89
C LYS M 207 -16.76 56.29 70.15
N TRP M 208 -16.23 57.35 70.76
CA TRP M 208 -15.64 57.19 72.07
C TRP M 208 -16.71 56.90 73.11
N ARG M 209 -17.86 57.55 72.99
CA ARG M 209 -19.00 57.26 73.86
C ARG M 209 -19.47 55.83 73.69
N ALA M 210 -19.46 55.32 72.46
CA ALA M 210 -19.79 53.92 72.22
C ALA M 210 -18.72 53.00 72.78
N LEU M 211 -17.51 53.51 72.96
CA LEU M 211 -16.44 52.70 73.50
C LEU M 211 -16.38 52.71 75.02
N HIS M 212 -17.34 53.37 75.68
CA HIS M 212 -17.42 53.35 77.13
C HIS M 212 -18.85 53.23 77.64
N SER M 213 -19.82 53.15 76.74
CA SER M 213 -21.22 53.08 77.14
C SER M 213 -22.04 52.18 76.22
N LYS N 1 -47.11 78.25 65.07
CA LYS N 1 -45.90 79.08 65.12
C LYS N 1 -44.82 78.54 64.19
N GLU N 2 -45.15 77.51 63.43
CA GLU N 2 -44.22 76.93 62.48
C GLU N 2 -43.99 77.91 61.33
N ASN N 3 -42.93 77.66 60.56
CA ASN N 3 -42.52 78.61 59.53
C ASN N 3 -43.55 78.66 58.40
N PRO N 4 -43.85 79.86 57.88
CA PRO N 4 -44.83 79.95 56.78
C PRO N 4 -44.36 79.32 55.48
N MET N 5 -43.11 79.55 55.10
CA MET N 5 -42.58 78.97 53.87
C MET N 5 -42.22 77.51 54.01
N ARG N 6 -42.33 76.94 55.20
CA ARG N 6 -42.14 75.51 55.39
C ARG N 6 -43.39 74.70 55.04
N GLU N 7 -44.46 75.36 54.57
CA GLU N 7 -45.68 74.66 54.19
C GLU N 7 -45.45 73.86 52.92
N LEU N 8 -45.63 72.55 53.03
CA LEU N 8 -45.49 71.65 51.90
C LEU N 8 -46.54 71.95 50.84
N ARG N 9 -46.10 72.20 49.61
CA ARG N 9 -47.00 72.51 48.52
C ARG N 9 -46.88 71.44 47.43
N ILE N 10 -47.55 71.68 46.32
CA ILE N 10 -47.63 70.72 45.22
C ILE N 10 -46.89 71.33 44.04
N ARG N 11 -45.77 70.72 43.67
CA ARG N 11 -44.96 71.28 42.59
C ARG N 11 -45.45 70.79 41.23
N LYS N 12 -45.45 69.48 41.01
CA LYS N 12 -45.88 68.96 39.72
C LYS N 12 -46.42 67.55 39.85
N LEU N 13 -47.30 67.21 38.91
CA LEU N 13 -47.87 65.88 38.77
C LEU N 13 -47.45 65.37 37.40
N CYS N 14 -46.49 64.45 37.39
CA CYS N 14 -45.98 63.91 36.14
C CYS N 14 -46.86 62.76 35.68
N LEU N 15 -47.55 62.97 34.57
CA LEU N 15 -48.57 62.06 34.06
C LEU N 15 -48.09 61.44 32.76
N ASN N 16 -48.14 60.10 32.67
CA ASN N 16 -47.73 59.44 31.44
C ASN N 16 -48.66 58.28 31.10
N ILE N 17 -48.60 57.83 29.85
CA ILE N 17 -49.17 56.55 29.43
C ILE N 17 -48.08 55.80 28.69
N CYS N 18 -47.77 54.59 29.16
CA CYS N 18 -46.80 53.71 28.51
C CYS N 18 -47.57 52.56 27.85
N VAL N 19 -47.82 52.69 26.55
CA VAL N 19 -48.49 51.61 25.81
C VAL N 19 -47.50 50.52 25.40
N GLY N 20 -46.25 50.85 25.14
CA GLY N 20 -45.27 49.85 24.78
C GLY N 20 -45.33 49.36 23.36
N GLU N 21 -45.94 50.13 22.45
CA GLU N 21 -46.01 49.75 21.04
C GLU N 21 -46.35 50.99 20.24
N SER N 22 -45.83 51.08 19.02
CA SER N 22 -46.06 52.23 18.17
C SER N 22 -47.31 52.03 17.32
N GLY N 23 -47.91 53.13 16.90
CA GLY N 23 -49.00 53.09 15.93
C GLY N 23 -50.34 53.44 16.56
N ASP N 24 -51.38 52.66 16.20
CA ASP N 24 -52.75 53.00 16.53
C ASP N 24 -53.05 52.93 18.03
N ARG N 25 -52.56 51.91 18.72
CA ARG N 25 -52.78 51.83 20.16
C ARG N 25 -51.96 52.83 20.94
N LEU N 26 -51.07 53.57 20.27
CA LEU N 26 -50.36 54.70 20.85
C LEU N 26 -50.96 56.05 20.50
N THR N 27 -51.22 56.32 19.22
CA THR N 27 -51.63 57.65 18.82
C THR N 27 -53.04 57.97 19.29
N ARG N 28 -53.84 56.95 19.58
CA ARG N 28 -55.14 57.20 20.20
C ARG N 28 -54.98 57.58 21.66
N ALA N 29 -53.94 57.06 22.31
CA ALA N 29 -53.73 57.35 23.73
C ALA N 29 -53.25 58.78 23.97
N ALA N 30 -52.80 59.46 22.92
CA ALA N 30 -52.39 60.85 23.08
C ALA N 30 -53.58 61.75 23.36
N LYS N 31 -54.73 61.46 22.76
CA LYS N 31 -55.89 62.32 22.99
C LYS N 31 -56.54 62.07 24.34
N VAL N 32 -56.17 60.99 25.03
CA VAL N 32 -56.65 60.75 26.39
C VAL N 32 -56.11 61.83 27.33
N LEU N 33 -54.81 62.10 27.25
CA LEU N 33 -54.23 63.19 28.04
C LEU N 33 -54.75 64.55 27.57
N GLU N 34 -55.16 64.65 26.30
CA GLU N 34 -55.78 65.88 25.82
C GLU N 34 -57.12 66.12 26.49
N GLN N 35 -57.98 65.11 26.51
CA GLN N 35 -59.30 65.27 27.09
C GLN N 35 -59.28 65.29 28.61
N LEU N 36 -58.17 64.88 29.23
CA LEU N 36 -58.06 64.87 30.69
C LEU N 36 -57.36 66.11 31.21
N THR N 37 -56.19 66.44 30.65
CA THR N 37 -55.43 67.58 31.13
C THR N 37 -55.78 68.89 30.43
N GLY N 38 -56.10 68.83 29.14
CA GLY N 38 -56.29 70.06 28.38
C GLY N 38 -55.03 70.69 27.88
N GLN N 39 -53.91 69.96 27.89
CA GLN N 39 -52.68 70.37 27.26
C GLN N 39 -52.22 69.28 26.29
N THR N 40 -51.35 69.67 25.37
CA THR N 40 -50.87 68.74 24.35
C THR N 40 -49.67 67.97 24.88
N PRO N 41 -49.66 66.64 24.81
CA PRO N 41 -48.55 65.88 25.41
C PRO N 41 -47.42 65.65 24.42
N VAL N 42 -46.32 65.11 24.96
CA VAL N 42 -45.08 64.90 24.22
C VAL N 42 -44.64 63.45 24.43
N PHE N 43 -44.19 62.81 23.35
CA PHE N 43 -43.94 61.38 23.32
C PHE N 43 -42.62 61.02 24.02
N SER N 44 -42.38 59.71 24.09
CA SER N 44 -41.13 59.15 24.62
C SER N 44 -40.77 57.91 23.80
N LYS N 45 -39.65 57.99 23.09
CA LYS N 45 -39.24 56.90 22.22
C LYS N 45 -38.38 55.90 23.00
N ALA N 46 -37.77 54.96 22.29
CA ALA N 46 -37.16 53.80 22.91
C ALA N 46 -35.66 53.98 23.09
N ARG N 47 -35.18 53.59 24.27
CA ARG N 47 -33.75 53.66 24.55
C ARG N 47 -33.01 52.46 23.97
N TYR N 48 -33.33 51.25 24.39
CA TYR N 48 -32.61 50.06 23.95
C TYR N 48 -33.60 48.96 23.61
N THR N 49 -33.26 48.18 22.59
CA THR N 49 -34.16 47.21 21.99
C THR N 49 -34.16 45.90 22.78
N VAL N 50 -35.35 45.43 23.16
CA VAL N 50 -35.51 44.14 23.81
C VAL N 50 -36.64 43.38 23.13
N ARG N 51 -36.34 42.16 22.67
CA ARG N 51 -37.31 41.38 21.91
C ARG N 51 -38.41 40.76 22.77
N SER N 52 -38.21 40.66 24.08
CA SER N 52 -39.28 40.13 24.95
C SER N 52 -40.44 41.11 25.02
N PHE N 53 -40.15 42.39 24.84
CA PHE N 53 -41.16 43.43 24.83
C PHE N 53 -41.71 43.69 23.44
N GLY N 54 -41.09 43.11 22.41
CA GLY N 54 -41.50 43.41 21.05
C GLY N 54 -41.27 44.84 20.64
N ILE N 55 -40.28 45.51 21.24
CA ILE N 55 -39.95 46.88 20.92
C ILE N 55 -38.65 46.90 20.13
N ARG N 56 -38.50 47.95 19.32
CA ARG N 56 -37.28 48.17 18.55
C ARG N 56 -36.70 49.53 18.94
N ARG N 57 -35.52 49.84 18.40
CA ARG N 57 -34.83 51.07 18.74
C ARG N 57 -35.58 52.27 18.19
N ASN N 58 -35.71 53.31 19.03
CA ASN N 58 -36.38 54.58 18.70
C ASN N 58 -37.87 54.38 18.38
N GLU N 59 -38.45 53.28 18.83
CA GLU N 59 -39.88 53.07 18.73
C GLU N 59 -40.57 53.98 19.74
N LYS N 60 -41.45 54.85 19.24
CA LYS N 60 -42.35 55.58 20.12
C LYS N 60 -43.24 54.57 20.84
N ILE N 61 -43.06 54.43 22.15
CA ILE N 61 -43.79 53.43 22.91
C ILE N 61 -44.49 54.00 24.13
N ALA N 62 -44.42 55.31 24.34
CA ALA N 62 -45.07 55.94 25.47
C ALA N 62 -45.34 57.39 25.15
N VAL N 63 -45.90 58.10 26.13
CA VAL N 63 -46.22 59.51 26.04
C VAL N 63 -46.38 60.02 27.46
N HIS N 64 -45.89 61.23 27.74
CA HIS N 64 -45.98 61.82 29.07
C HIS N 64 -46.45 63.26 28.95
N CYS N 65 -46.69 63.86 30.10
CA CYS N 65 -47.10 65.26 30.21
C CYS N 65 -46.97 65.69 31.66
N THR N 66 -46.63 66.96 31.86
CA THR N 66 -46.50 67.54 33.18
C THR N 66 -47.55 68.62 33.37
N VAL N 67 -48.24 68.58 34.49
CA VAL N 67 -49.27 69.57 34.80
C VAL N 67 -48.89 70.32 36.06
N ARG N 68 -49.20 71.62 36.09
CA ARG N 68 -49.00 72.46 37.25
C ARG N 68 -50.32 73.15 37.58
N GLY N 69 -50.28 74.01 38.60
CA GLY N 69 -51.45 74.76 38.97
C GLY N 69 -52.48 73.90 39.69
N ALA N 70 -53.61 74.54 40.02
CA ALA N 70 -54.69 73.83 40.69
C ALA N 70 -55.35 72.79 39.79
N LYS N 71 -55.09 72.83 38.48
CA LYS N 71 -55.44 71.72 37.62
C LYS N 71 -54.76 70.43 38.08
N ALA N 72 -53.49 70.53 38.47
CA ALA N 72 -52.80 69.37 39.03
C ALA N 72 -53.43 68.94 40.36
N GLU N 73 -53.90 69.90 41.16
CA GLU N 73 -54.67 69.58 42.34
C GLU N 73 -55.98 68.87 42.00
N GLU N 74 -56.63 69.26 40.91
CA GLU N 74 -57.91 68.70 40.52
C GLU N 74 -57.77 67.29 39.97
N ILE N 75 -56.76 67.06 39.13
CA ILE N 75 -56.53 65.72 38.58
C ILE N 75 -56.09 64.77 39.68
N LEU N 76 -55.31 65.26 40.64
CA LEU N 76 -54.92 64.45 41.78
C LEU N 76 -56.13 64.07 42.63
N GLU N 77 -56.99 65.05 42.93
CA GLU N 77 -58.19 64.80 43.71
C GLU N 77 -59.12 63.81 43.00
N LYS N 78 -59.19 63.88 41.68
CA LYS N 78 -60.02 62.94 40.96
C LYS N 78 -59.42 61.54 40.96
N GLY N 79 -58.10 61.44 41.09
CA GLY N 79 -57.48 60.13 41.18
C GLY N 79 -57.74 59.45 42.51
N LEU N 80 -57.69 60.21 43.61
CA LEU N 80 -57.86 59.61 44.92
C LEU N 80 -59.31 59.27 45.23
N LYS N 81 -60.26 59.90 44.56
CA LYS N 81 -61.65 59.49 44.71
C LYS N 81 -61.88 58.13 44.09
N VAL N 82 -61.19 57.81 42.99
CA VAL N 82 -61.16 56.45 42.48
C VAL N 82 -60.51 55.52 43.51
N ARG N 83 -59.50 56.00 44.22
CA ARG N 83 -58.83 55.23 45.26
C ARG N 83 -59.54 55.34 46.60
N GLU N 84 -60.68 56.03 46.64
CA GLU N 84 -61.48 56.26 47.85
C GLU N 84 -60.66 56.84 48.99
N TYR N 85 -59.68 57.69 48.63
CA TYR N 85 -58.65 58.19 49.54
C TYR N 85 -57.98 57.06 50.32
N GLU N 86 -57.32 56.19 49.56
CA GLU N 86 -56.56 55.12 50.18
C GLU N 86 -55.25 54.94 49.41
N LEU N 87 -54.15 55.09 50.13
CA LEU N 87 -52.82 54.78 49.63
C LEU N 87 -52.11 53.95 50.70
N ARG N 88 -50.95 53.41 50.34
CA ARG N 88 -50.28 52.47 51.22
C ARG N 88 -48.89 52.94 51.59
N LYS N 89 -48.25 52.16 52.47
CA LYS N 89 -46.97 52.56 53.05
C LYS N 89 -45.85 52.55 52.01
N ASN N 90 -45.88 51.60 51.07
CA ASN N 90 -44.74 51.41 50.18
C ASN N 90 -44.83 52.29 48.93
N ASN N 91 -46.00 52.88 48.66
CA ASN N 91 -46.11 53.78 47.53
C ASN N 91 -45.30 55.06 47.73
N PHE N 92 -45.13 55.50 48.97
CA PHE N 92 -44.30 56.65 49.27
C PHE N 92 -42.83 56.29 49.11
N SER N 93 -42.04 57.25 48.67
CA SER N 93 -40.60 57.04 48.58
C SER N 93 -39.90 57.70 49.77
N ASP N 94 -38.60 57.48 49.88
CA ASP N 94 -37.80 58.18 50.87
C ASP N 94 -37.44 59.58 50.43
N THR N 95 -37.60 59.89 49.15
CA THR N 95 -37.45 61.25 48.64
C THR N 95 -38.64 62.14 49.00
N GLY N 96 -39.75 61.56 49.43
CA GLY N 96 -40.93 62.30 49.80
C GLY N 96 -42.05 62.29 48.79
N ASN N 97 -41.83 61.72 47.61
CA ASN N 97 -42.87 61.64 46.58
C ASN N 97 -43.54 60.28 46.62
N PHE N 98 -44.59 60.16 45.81
CA PHE N 98 -45.34 58.92 45.70
C PHE N 98 -46.12 58.93 44.39
N GLY N 99 -46.84 57.85 44.16
CA GLY N 99 -47.61 57.71 42.93
C GLY N 99 -48.47 56.47 42.98
N PHE N 100 -49.28 56.32 41.94
CA PHE N 100 -50.19 55.20 41.82
C PHE N 100 -50.61 55.07 40.37
N GLY N 101 -51.01 53.87 39.98
CA GLY N 101 -51.58 53.62 38.67
C GLY N 101 -53.06 53.31 38.82
N ILE N 102 -53.83 53.63 37.79
CA ILE N 102 -55.26 53.39 37.85
C ILE N 102 -55.61 52.22 36.93
N GLN N 103 -56.83 51.71 37.06
CA GLN N 103 -57.24 50.55 36.28
C GLN N 103 -57.54 50.92 34.83
N GLU N 104 -58.40 51.94 34.64
CA GLU N 104 -58.85 52.36 33.32
C GLU N 104 -59.47 53.74 33.45
N HIS N 105 -59.23 54.58 32.45
CA HIS N 105 -59.31 56.03 32.65
C HIS N 105 -60.73 56.59 32.68
N ILE N 106 -61.76 55.75 32.60
CA ILE N 106 -63.12 56.25 32.69
C ILE N 106 -63.53 56.55 34.12
N ASP N 107 -62.85 55.93 35.10
CA ASP N 107 -63.17 56.14 36.51
C ASP N 107 -62.94 57.59 36.97
N LEU N 108 -62.23 58.38 36.17
CA LEU N 108 -62.12 59.81 36.47
C LEU N 108 -63.47 60.49 36.37
N GLY N 109 -64.17 60.30 35.25
CA GLY N 109 -65.45 60.94 35.02
C GLY N 109 -65.63 61.30 33.56
N ILE N 110 -64.55 61.16 32.79
CA ILE N 110 -64.62 61.39 31.36
C ILE N 110 -65.47 60.29 30.71
N LYS N 111 -66.36 60.70 29.82
CA LYS N 111 -67.28 59.79 29.16
C LYS N 111 -66.57 59.04 28.05
N TYR N 112 -66.71 57.72 28.04
CA TYR N 112 -65.95 56.87 27.14
C TYR N 112 -66.36 57.11 25.68
N ASP N 113 -65.39 56.95 24.80
CA ASP N 113 -65.62 57.05 23.37
C ASP N 113 -65.06 55.82 22.66
N PRO N 114 -65.86 55.16 21.84
CA PRO N 114 -65.38 53.98 21.12
C PRO N 114 -64.45 54.35 19.97
N SER N 115 -64.42 55.65 19.64
CA SER N 115 -63.50 56.14 18.63
C SER N 115 -62.05 56.07 19.07
N ILE N 116 -61.78 55.94 20.37
CA ILE N 116 -60.43 55.85 20.90
C ILE N 116 -60.21 54.54 21.63
N GLY N 117 -61.07 54.21 22.59
CA GLY N 117 -60.91 52.98 23.34
C GLY N 117 -60.70 53.22 24.81
N ILE N 118 -59.97 52.33 25.47
CA ILE N 118 -59.77 52.38 26.92
C ILE N 118 -58.29 52.17 27.18
N TYR N 119 -57.75 52.87 28.20
CA TYR N 119 -56.34 52.79 28.51
C TYR N 119 -56.12 52.82 30.02
N GLY N 120 -55.00 52.26 30.45
CA GLY N 120 -54.50 52.49 31.79
C GLY N 120 -53.38 53.53 31.74
N LEU N 121 -53.31 54.34 32.77
CA LEU N 121 -52.31 55.39 32.89
C LEU N 121 -51.81 55.48 34.32
N ASP N 122 -50.81 56.34 34.54
CA ASP N 122 -50.05 56.32 35.78
C ASP N 122 -49.89 57.71 36.38
N PHE N 123 -50.12 57.79 37.69
CA PHE N 123 -49.93 59.01 38.46
C PHE N 123 -48.61 58.95 39.22
N TYR N 124 -47.94 60.10 39.28
CA TYR N 124 -46.83 60.27 40.21
C TYR N 124 -46.66 61.74 40.56
N VAL N 125 -46.93 62.09 41.81
CA VAL N 125 -46.82 63.47 42.25
C VAL N 125 -45.39 63.74 42.68
N VAL N 126 -44.96 65.00 42.51
CA VAL N 126 -43.68 65.45 43.02
C VAL N 126 -43.92 66.59 44.00
N LEU N 127 -44.00 66.26 45.28
CA LEU N 127 -44.28 67.27 46.31
C LEU N 127 -43.08 68.19 46.49
N GLY N 128 -43.32 69.39 47.01
CA GLY N 128 -42.20 70.29 47.25
C GLY N 128 -42.53 71.49 48.11
N ARG N 129 -41.57 72.40 48.22
CA ARG N 129 -41.64 73.50 49.17
C ARG N 129 -41.16 74.74 48.43
N PRO N 130 -41.62 75.95 48.83
CA PRO N 130 -41.12 77.17 48.18
C PRO N 130 -39.62 77.35 48.32
N GLY N 131 -38.91 77.34 47.20
CA GLY N 131 -37.46 77.37 47.22
C GLY N 131 -36.83 76.13 46.64
N PHE N 132 -37.66 75.18 46.21
CA PHE N 132 -37.14 73.97 45.59
C PHE N 132 -36.71 74.18 44.14
N SER N 133 -36.84 75.39 43.60
CA SER N 133 -36.46 75.64 42.23
C SER N 133 -35.06 76.25 42.11
N ILE N 134 -34.31 76.33 43.20
CA ILE N 134 -32.99 76.92 43.14
C ILE N 134 -32.02 75.99 42.41
N ALA N 135 -32.08 74.69 42.69
CA ALA N 135 -31.21 73.74 42.02
C ALA N 135 -31.59 73.52 40.57
N ASP N 136 -32.76 73.97 40.14
CA ASP N 136 -33.17 73.85 38.76
C ASP N 136 -33.09 75.19 38.02
N LYS N 137 -32.65 76.23 38.71
CA LYS N 137 -32.46 77.54 38.09
C LYS N 137 -31.04 77.66 37.57
N LYS N 138 -30.85 78.59 36.64
CA LYS N 138 -29.61 78.65 35.88
C LYS N 138 -28.53 79.45 36.61
N ARG N 139 -28.88 80.65 37.08
CA ARG N 139 -27.92 81.62 37.60
C ARG N 139 -27.12 81.12 38.79
N ARG N 140 -27.79 80.82 39.90
CA ARG N 140 -27.11 80.40 41.11
C ARG N 140 -27.60 79.01 41.49
N THR N 141 -26.93 77.99 40.95
CA THR N 141 -27.23 76.62 41.30
C THR N 141 -26.77 76.31 42.71
N GLY N 142 -27.39 75.33 43.34
CA GLY N 142 -26.96 74.91 44.66
C GLY N 142 -27.95 73.96 45.29
N CYS N 143 -27.49 73.30 46.35
CA CYS N 143 -28.33 72.36 47.07
C CYS N 143 -29.31 73.11 47.95
N ILE N 144 -30.19 72.36 48.63
CA ILE N 144 -31.28 72.98 49.36
C ILE N 144 -31.21 72.68 50.85
N GLY N 145 -30.48 71.65 51.24
CA GLY N 145 -30.22 71.41 52.63
C GLY N 145 -31.25 70.50 53.28
N ALA N 146 -30.91 70.04 54.48
CA ALA N 146 -31.77 69.09 55.20
C ALA N 146 -32.99 69.76 55.78
N LYS N 147 -32.85 71.02 56.24
CA LYS N 147 -33.94 71.70 56.93
C LYS N 147 -35.10 72.07 56.02
N HIS N 148 -34.98 71.85 54.72
CA HIS N 148 -36.03 72.29 53.81
C HIS N 148 -36.66 71.12 53.05
N ARG N 149 -36.07 69.93 53.14
CA ARG N 149 -36.47 68.75 52.39
C ARG N 149 -37.78 68.16 52.94
N ILE N 150 -38.33 67.19 52.22
CA ILE N 150 -39.48 66.41 52.67
C ILE N 150 -39.08 64.95 52.66
N SER N 151 -38.99 64.33 53.84
CA SER N 151 -38.75 62.90 53.93
C SER N 151 -40.05 62.14 53.73
N LYS N 152 -40.01 60.84 54.08
CA LYS N 152 -41.15 59.97 53.84
C LYS N 152 -42.31 60.28 54.79
N GLU N 153 -42.02 60.40 56.09
CA GLU N 153 -43.09 60.66 57.05
C GLU N 153 -43.71 62.04 56.85
N GLU N 154 -42.93 63.01 56.37
CA GLU N 154 -43.44 64.35 56.14
C GLU N 154 -44.29 64.44 54.88
N ALA N 155 -44.44 63.34 54.14
CA ALA N 155 -45.45 63.28 53.09
C ALA N 155 -46.73 62.64 53.59
N MET N 156 -46.60 61.63 54.45
CA MET N 156 -47.77 60.93 54.97
C MET N 156 -48.53 61.81 55.95
N ARG N 157 -47.83 62.46 56.88
CA ARG N 157 -48.50 63.30 57.86
C ARG N 157 -49.08 64.55 57.21
N TRP N 158 -48.56 64.94 56.05
CA TRP N 158 -49.24 65.93 55.24
C TRP N 158 -50.54 65.37 54.67
N PHE N 159 -50.50 64.14 54.16
CA PHE N 159 -51.64 63.55 53.49
C PHE N 159 -52.78 63.21 54.42
N GLN N 160 -52.48 62.91 55.70
CA GLN N 160 -53.55 62.57 56.63
C GLN N 160 -54.36 63.80 57.01
N GLN N 161 -53.73 64.98 56.98
CA GLN N 161 -54.46 66.19 57.30
C GLN N 161 -54.98 66.91 56.06
N LYS N 162 -54.39 66.66 54.89
CA LYS N 162 -54.82 67.34 53.67
C LYS N 162 -56.07 66.69 53.08
N TYR N 163 -56.03 65.38 52.90
CA TYR N 163 -57.11 64.66 52.25
C TYR N 163 -57.87 63.74 53.18
N ASP N 164 -57.35 63.52 54.40
CA ASP N 164 -57.88 62.54 55.36
C ASP N 164 -57.96 61.15 54.74
N GLY N 165 -56.95 60.80 53.94
CA GLY N 165 -56.87 59.47 53.36
C GLY N 165 -56.08 58.53 54.23
N ILE N 166 -56.68 57.38 54.56
CA ILE N 166 -56.01 56.42 55.43
C ILE N 166 -54.84 55.78 54.70
N ILE N 167 -53.76 55.53 55.43
CA ILE N 167 -52.55 54.93 54.87
C ILE N 167 -52.31 53.63 55.61
N LEU N 168 -52.83 52.53 55.06
CA LEU N 168 -52.53 51.27 55.72
C LEU N 168 -51.39 50.56 55.01
N PRO N 169 -50.43 50.03 55.77
CA PRO N 169 -49.35 49.27 55.15
C PRO N 169 -49.83 47.95 54.58
N GLY N 170 -49.42 47.67 53.36
CA GLY N 170 -49.82 46.46 52.67
C GLY N 170 -49.29 46.36 51.26
N GLU O 1 -4.17 -29.96 108.49
CA GLU O 1 -3.16 -29.11 107.86
C GLU O 1 -3.80 -27.95 107.11
N ILE O 2 -3.75 -26.77 107.71
CA ILE O 2 -4.33 -25.57 107.10
C ILE O 2 -3.47 -25.17 105.90
N LYS O 3 -4.13 -24.95 104.77
CA LYS O 3 -3.42 -24.62 103.53
C LYS O 3 -4.33 -23.76 102.66
N VAL O 4 -3.80 -22.64 102.19
CA VAL O 4 -4.56 -21.71 101.36
C VAL O 4 -3.89 -21.66 99.98
N VAL O 5 -4.70 -21.39 98.95
CA VAL O 5 -4.19 -21.17 97.59
C VAL O 5 -5.05 -20.10 96.94
N TYR O 6 -4.42 -19.26 96.13
CA TYR O 6 -5.10 -18.19 95.42
C TYR O 6 -5.72 -18.74 94.14
N LEU O 7 -6.93 -18.27 93.84
CA LEU O 7 -7.62 -18.64 92.60
C LEU O 7 -8.45 -17.46 92.12
N ARG O 8 -8.10 -16.94 90.94
CA ARG O 8 -8.85 -15.86 90.28
C ARG O 8 -9.97 -16.47 89.46
N CYS O 9 -11.17 -16.51 90.02
CA CYS O 9 -12.31 -17.02 89.27
C CYS O 9 -12.77 -15.98 88.25
N THR O 10 -13.77 -16.35 87.46
CA THR O 10 -14.25 -15.49 86.37
C THR O 10 -15.56 -14.81 86.74
N GLY O 11 -16.31 -15.34 87.71
CA GLY O 11 -17.55 -14.73 88.15
C GLY O 11 -18.66 -15.73 88.44
N GLY O 12 -19.91 -15.31 88.30
CA GLY O 12 -21.02 -16.22 88.54
C GLY O 12 -21.25 -17.17 87.38
N GLU O 13 -20.80 -16.78 86.19
CA GLU O 13 -20.92 -17.60 84.99
C GLU O 13 -20.02 -18.82 85.06
N VAL O 14 -20.17 -19.72 84.09
CA VAL O 14 -19.38 -20.95 84.05
C VAL O 14 -18.02 -20.67 83.41
N GLY O 15 -16.95 -21.19 84.03
CA GLY O 15 -15.65 -21.17 83.40
C GLY O 15 -15.31 -22.52 82.77
N ALA O 16 -14.86 -22.47 81.52
CA ALA O 16 -14.54 -23.70 80.79
C ALA O 16 -13.06 -24.05 80.90
N THR O 17 -12.19 -23.15 80.45
CA THR O 17 -10.74 -23.35 80.53
C THR O 17 -10.32 -23.15 81.97
N SER O 18 -9.86 -24.22 82.61
CA SER O 18 -9.65 -24.24 84.05
C SER O 18 -8.20 -23.93 84.42
N ALA O 19 -8.05 -23.36 85.61
CA ALA O 19 -6.78 -23.22 86.30
C ALA O 19 -6.90 -23.80 87.70
N LEU O 20 -7.61 -24.92 87.81
CA LEU O 20 -8.14 -25.42 89.06
C LEU O 20 -7.52 -26.74 89.51
N ALA O 21 -7.15 -27.62 88.58
CA ALA O 21 -6.86 -29.00 88.93
C ALA O 21 -5.50 -29.22 89.60
N PRO O 22 -4.35 -28.71 89.10
CA PRO O 22 -3.08 -29.05 89.78
C PRO O 22 -2.88 -28.37 91.12
N LYS O 23 -3.77 -27.46 91.52
CA LYS O 23 -3.62 -26.79 92.81
C LYS O 23 -4.20 -27.60 93.95
N ILE O 24 -5.48 -27.94 93.88
CA ILE O 24 -6.14 -28.66 94.96
C ILE O 24 -6.00 -30.17 94.75
N GLY O 25 -5.49 -30.57 93.59
CA GLY O 25 -5.18 -31.94 93.27
C GLY O 25 -4.31 -32.69 94.26
N PRO O 26 -3.18 -32.13 94.67
CA PRO O 26 -2.41 -32.76 95.77
C PRO O 26 -3.18 -32.87 97.07
N LEU O 27 -4.10 -31.95 97.35
CA LEU O 27 -4.88 -32.03 98.58
C LEU O 27 -5.90 -33.16 98.51
N GLY O 28 -6.78 -33.12 97.53
CA GLY O 28 -7.77 -34.17 97.41
C GLY O 28 -9.16 -33.73 96.96
N LEU O 29 -9.46 -32.44 97.06
CA LEU O 29 -10.79 -31.99 96.67
C LEU O 29 -10.88 -31.81 95.16
N SER O 30 -12.05 -32.15 94.61
CA SER O 30 -12.22 -32.28 93.18
C SER O 30 -12.19 -30.92 92.50
N PRO O 31 -11.54 -30.80 91.34
CA PRO O 31 -11.47 -29.50 90.65
C PRO O 31 -12.73 -29.13 89.89
N LYS O 32 -13.44 -30.14 89.38
CA LYS O 32 -14.57 -29.86 88.50
C LYS O 32 -15.75 -29.30 89.29
N LYS O 33 -16.06 -29.90 90.44
CA LYS O 33 -17.20 -29.44 91.22
C LYS O 33 -16.91 -28.11 91.92
N VAL O 34 -15.65 -27.88 92.31
CA VAL O 34 -15.31 -26.59 92.89
C VAL O 34 -15.32 -25.51 91.81
N GLY O 35 -15.18 -25.93 90.54
CA GLY O 35 -15.46 -25.01 89.45
C GLY O 35 -16.90 -24.53 89.44
N ASP O 36 -17.81 -25.39 89.92
CA ASP O 36 -19.17 -24.93 90.15
C ASP O 36 -19.29 -24.17 91.48
N ASP O 37 -18.49 -24.56 92.49
CA ASP O 37 -18.65 -23.96 93.81
C ASP O 37 -18.23 -22.50 93.84
N ILE O 38 -17.08 -22.17 93.25
CA ILE O 38 -16.65 -20.77 93.23
C ILE O 38 -17.57 -19.93 92.36
N ALA O 39 -18.10 -20.53 91.28
CA ALA O 39 -19.14 -19.86 90.50
C ALA O 39 -20.42 -19.70 91.31
N LYS O 40 -20.80 -20.73 92.08
CA LYS O 40 -21.98 -20.62 92.93
C LYS O 40 -21.68 -19.82 94.20
N ALA O 41 -20.41 -19.53 94.45
CA ALA O 41 -20.05 -18.69 95.58
C ALA O 41 -20.37 -17.23 95.31
N THR O 42 -19.78 -16.66 94.24
CA THR O 42 -19.86 -15.24 93.96
C THR O 42 -21.28 -14.75 93.70
N GLY O 43 -21.88 -15.18 92.59
CA GLY O 43 -23.27 -14.86 92.33
C GLY O 43 -23.56 -13.41 91.96
N ASP O 44 -23.21 -12.49 92.86
CA ASP O 44 -23.64 -11.10 92.76
C ASP O 44 -23.00 -10.36 91.58
N TRP O 45 -21.80 -10.76 91.18
CA TRP O 45 -21.06 -9.99 90.19
C TRP O 45 -21.64 -10.15 88.79
N LYS O 46 -21.80 -11.40 88.33
CA LYS O 46 -22.33 -11.84 87.04
C LYS O 46 -21.41 -11.49 85.85
N GLY O 47 -20.40 -10.64 86.05
CA GLY O 47 -19.51 -10.28 84.96
C GLY O 47 -18.02 -10.18 85.23
N LEU O 48 -17.60 -10.20 86.49
CA LEU O 48 -16.24 -9.78 86.81
C LEU O 48 -15.43 -10.89 87.48
N ARG O 49 -14.11 -10.84 87.25
CA ARG O 49 -13.15 -11.75 87.87
C ARG O 49 -12.75 -11.26 89.25
N ILE O 50 -12.70 -12.19 90.21
CA ILE O 50 -12.32 -11.87 91.60
C ILE O 50 -11.40 -12.98 92.11
N THR O 51 -10.35 -12.58 92.83
CA THR O 51 -9.45 -13.52 93.49
C THR O 51 -10.06 -13.98 94.82
N VAL O 52 -11.01 -14.88 94.73
CA VAL O 52 -11.69 -15.44 95.89
C VAL O 52 -10.74 -16.39 96.62
N LYS O 53 -10.61 -16.22 97.94
CA LYS O 53 -9.71 -17.02 98.75
C LYS O 53 -10.28 -18.42 98.95
N LEU O 54 -9.38 -19.42 99.00
CA LEU O 54 -9.74 -20.80 99.28
C LEU O 54 -8.88 -21.31 100.43
N THR O 55 -9.39 -21.21 101.66
CA THR O 55 -8.76 -21.87 102.79
C THR O 55 -9.20 -23.32 102.78
N ILE O 56 -8.29 -24.21 102.43
CA ILE O 56 -8.62 -25.62 102.30
C ILE O 56 -8.07 -26.38 103.50
N GLN O 57 -8.79 -27.42 103.92
CA GLN O 57 -8.45 -28.25 105.06
C GLN O 57 -8.30 -29.71 104.58
N ASN O 58 -8.16 -30.63 105.52
CA ASN O 58 -8.04 -32.04 105.18
C ASN O 58 -9.36 -32.63 104.72
N ARG O 59 -10.49 -32.14 105.26
CA ARG O 59 -11.77 -32.77 104.96
C ARG O 59 -12.47 -32.11 103.79
N GLN O 60 -12.83 -30.83 103.93
CA GLN O 60 -13.56 -30.06 102.93
C GLN O 60 -13.20 -28.60 103.12
N ALA O 61 -13.29 -27.84 102.04
CA ALA O 61 -12.82 -26.45 102.01
C ALA O 61 -13.90 -25.50 102.50
N GLN O 62 -13.45 -24.31 102.89
CA GLN O 62 -14.33 -23.19 103.23
C GLN O 62 -13.98 -22.01 102.33
N ILE O 63 -14.99 -21.22 102.00
CA ILE O 63 -14.88 -20.22 100.94
C ILE O 63 -15.04 -18.83 101.54
N GLU O 64 -14.32 -17.86 101.00
CA GLU O 64 -14.44 -16.46 101.40
C GLU O 64 -13.94 -15.60 100.25
N VAL O 65 -14.63 -14.49 100.00
CA VAL O 65 -14.32 -13.59 98.90
C VAL O 65 -13.29 -12.57 99.37
N VAL O 66 -12.49 -12.06 98.43
CA VAL O 66 -11.61 -10.92 98.69
C VAL O 66 -12.08 -9.77 97.78
N PRO O 67 -12.82 -8.81 98.31
CA PRO O 67 -13.40 -7.76 97.45
C PRO O 67 -12.38 -6.70 97.08
N SER O 68 -12.35 -6.35 95.79
CA SER O 68 -11.54 -5.25 95.29
C SER O 68 -12.33 -3.95 95.39
N ALA O 69 -11.63 -2.88 95.80
CA ALA O 69 -12.31 -1.63 96.15
C ALA O 69 -12.90 -0.95 94.93
N SER O 70 -12.21 -1.02 93.78
CA SER O 70 -12.79 -0.51 92.55
C SER O 70 -13.89 -1.44 92.06
N ALA O 71 -13.79 -2.73 92.38
CA ALA O 71 -14.86 -3.66 92.04
C ALA O 71 -16.10 -3.41 92.88
N LEU O 72 -15.91 -2.83 94.07
CA LEU O 72 -17.07 -2.45 94.88
C LEU O 72 -17.85 -1.32 94.25
N ILE O 73 -17.18 -0.46 93.46
CA ILE O 73 -17.90 0.56 92.71
C ILE O 73 -18.56 -0.04 91.48
N ILE O 74 -17.99 -1.13 90.94
CA ILE O 74 -18.71 -1.95 89.98
C ILE O 74 -19.96 -2.53 90.63
N LYS O 75 -19.88 -2.82 91.94
CA LYS O 75 -21.06 -3.26 92.68
C LYS O 75 -21.91 -2.06 93.11
N ALA O 76 -21.28 -0.94 93.46
CA ALA O 76 -22.03 0.22 93.93
C ALA O 76 -22.82 0.85 92.78
N LEU O 77 -22.32 0.75 91.56
CA LEU O 77 -23.07 1.16 90.38
C LEU O 77 -23.91 -0.04 89.96
N LYS O 78 -25.03 -0.25 90.66
CA LYS O 78 -25.91 -1.38 90.38
C LYS O 78 -26.60 -1.15 89.04
N GLU O 79 -26.17 -1.91 88.03
CA GLU O 79 -26.70 -1.85 86.69
C GLU O 79 -27.15 -3.24 86.27
N PRO O 80 -28.12 -3.35 85.36
CA PRO O 80 -28.55 -4.66 84.88
C PRO O 80 -27.44 -5.38 84.14
N PRO O 81 -27.07 -6.59 84.57
CA PRO O 81 -26.00 -7.32 83.88
C PRO O 81 -26.48 -7.86 82.54
N ARG O 82 -25.63 -7.72 81.53
CA ARG O 82 -25.98 -8.08 80.16
C ARG O 82 -25.60 -9.53 79.87
N ASP O 83 -25.68 -9.92 78.61
CA ASP O 83 -25.44 -11.28 78.19
C ASP O 83 -23.93 -11.59 78.16
N ARG O 84 -23.61 -12.78 77.66
CA ARG O 84 -22.21 -13.12 77.40
C ARG O 84 -21.65 -12.29 76.26
N LYS O 85 -22.54 -11.73 75.41
CA LYS O 85 -22.14 -11.06 74.17
C LYS O 85 -21.15 -9.93 74.43
N LYS O 86 -21.53 -8.96 75.26
CA LYS O 86 -20.68 -7.86 75.70
C LYS O 86 -20.15 -7.04 74.53
N GLN O 87 -21.04 -6.33 73.85
CA GLN O 87 -20.76 -5.58 72.64
C GLN O 87 -19.99 -4.29 72.95
N LYS O 88 -19.98 -3.38 71.97
CA LYS O 88 -19.15 -2.17 71.97
C LYS O 88 -19.24 -1.41 73.29
N ASN O 89 -18.13 -0.76 73.65
CA ASN O 89 -17.75 -0.39 75.02
C ASN O 89 -18.87 0.22 75.86
N ILE O 90 -19.06 -0.33 77.07
CA ILE O 90 -20.19 -0.01 77.93
C ILE O 90 -19.63 0.62 79.20
N LYS O 91 -18.57 1.42 79.05
CA LYS O 91 -17.95 2.20 80.14
C LYS O 91 -19.01 2.90 80.97
N HIS O 92 -18.81 2.86 82.29
CA HIS O 92 -19.90 3.02 83.23
C HIS O 92 -20.44 4.45 83.22
N SER O 93 -21.76 4.56 83.36
CA SER O 93 -22.46 5.83 83.23
C SER O 93 -23.47 5.94 84.35
N GLY O 94 -23.30 6.93 85.22
CA GLY O 94 -24.25 7.16 86.28
C GLY O 94 -23.70 8.13 87.29
N ASN O 95 -24.13 7.98 88.54
CA ASN O 95 -23.68 8.81 89.65
C ASN O 95 -23.27 7.91 90.80
N ILE O 96 -22.19 8.27 91.47
CA ILE O 96 -21.80 7.63 92.72
C ILE O 96 -22.47 8.38 93.86
N THR O 97 -23.07 7.65 94.79
CA THR O 97 -23.58 8.27 96.00
C THR O 97 -22.45 8.34 97.03
N PHE O 98 -22.34 9.49 97.71
CA PHE O 98 -21.24 9.67 98.66
C PHE O 98 -21.45 8.82 99.91
N ASP O 99 -22.71 8.45 100.20
CA ASP O 99 -22.98 7.56 101.32
C ASP O 99 -22.40 6.18 101.08
N GLU O 100 -22.25 5.78 99.81
CA GLU O 100 -21.49 4.58 99.49
C GLU O 100 -20.04 4.74 99.92
N ILE O 101 -19.45 5.91 99.67
CA ILE O 101 -18.03 6.14 99.93
C ILE O 101 -17.76 6.13 101.43
N VAL O 102 -18.76 6.49 102.24
CA VAL O 102 -18.63 6.43 103.69
C VAL O 102 -18.52 4.99 104.17
N ASN O 103 -19.35 4.10 103.63
CA ASN O 103 -19.35 2.71 104.08
C ASN O 103 -18.18 1.92 103.51
N ILE O 104 -17.86 2.12 102.23
CA ILE O 104 -16.83 1.30 101.60
C ILE O 104 -15.44 1.72 102.06
N ALA O 105 -15.30 2.93 102.59
CA ALA O 105 -14.05 3.32 103.22
C ALA O 105 -13.80 2.50 104.47
N ARG O 106 -14.87 2.07 105.14
CA ARG O 106 -14.73 1.20 106.31
C ARG O 106 -14.30 -0.21 105.89
N GLN O 107 -14.51 -0.58 104.62
CA GLN O 107 -13.92 -1.81 104.11
C GLN O 107 -12.43 -1.65 103.87
N MET O 108 -11.99 -0.43 103.56
CA MET O 108 -10.58 -0.23 103.26
C MET O 108 -9.79 0.18 104.48
N ARG O 109 -10.49 0.59 105.54
CA ARG O 109 -9.80 0.90 106.79
C ARG O 109 -9.63 -0.34 107.65
N HIS O 110 -10.68 -1.15 107.77
CA HIS O 110 -10.68 -2.28 108.69
C HIS O 110 -9.76 -3.40 108.22
N ARG O 111 -9.47 -3.44 106.92
CA ARG O 111 -8.75 -4.57 106.32
C ARG O 111 -7.25 -4.58 106.64
N SER O 112 -6.80 -3.77 107.62
CA SER O 112 -5.40 -3.53 107.92
C SER O 112 -4.69 -2.97 106.69
N LEU O 113 -5.06 -1.75 106.31
CA LEU O 113 -4.71 -1.16 105.04
C LEU O 113 -4.49 0.33 105.24
N ALA O 114 -4.63 1.11 104.17
CA ALA O 114 -4.23 2.51 104.07
C ALA O 114 -4.75 3.44 105.17
N ARG O 115 -4.17 4.65 105.23
CA ARG O 115 -4.24 5.67 106.29
C ARG O 115 -5.66 5.92 106.83
N GLU O 116 -5.75 6.36 108.09
CA GLU O 116 -6.99 6.70 108.77
C GLU O 116 -7.87 7.62 107.94
N LEU O 117 -9.18 7.57 108.20
CA LEU O 117 -10.27 7.75 107.24
C LEU O 117 -10.03 8.76 106.12
N SER O 118 -9.47 9.92 106.46
CA SER O 118 -9.14 10.93 105.46
C SER O 118 -8.17 10.39 104.41
N GLY O 119 -7.27 9.50 104.81
CA GLY O 119 -6.36 8.90 103.85
C GLY O 119 -7.04 7.94 102.90
N THR O 120 -8.06 7.23 103.37
CA THR O 120 -8.68 6.20 102.55
C THR O 120 -9.90 6.71 101.79
N ILE O 121 -10.42 7.89 102.13
CA ILE O 121 -11.56 8.43 101.38
C ILE O 121 -11.07 9.23 100.17
N LYS O 122 -9.88 9.81 100.24
CA LYS O 122 -9.38 10.58 99.10
C LYS O 122 -8.99 9.66 97.96
N GLU O 123 -8.23 8.61 98.25
CA GLU O 123 -7.69 7.76 97.19
C GLU O 123 -8.76 6.85 96.61
N ILE O 124 -9.80 6.52 97.38
CA ILE O 124 -10.89 5.69 96.86
C ILE O 124 -11.67 6.49 95.81
N LEU O 125 -11.65 7.81 95.92
CA LEU O 125 -12.26 8.65 94.90
C LEU O 125 -11.32 8.82 93.71
N GLY O 126 -10.02 8.62 93.92
CA GLY O 126 -9.12 8.46 92.79
C GLY O 126 -9.35 7.15 92.06
N THR O 127 -9.77 6.11 92.78
CA THR O 127 -10.20 4.88 92.11
C THR O 127 -11.62 4.99 91.57
N ALA O 128 -12.46 5.83 92.19
CA ALA O 128 -13.84 5.97 91.73
C ALA O 128 -13.90 6.61 90.35
N GLN O 129 -13.07 7.62 90.11
CA GLN O 129 -12.92 8.14 88.76
C GLN O 129 -12.22 7.12 87.87
N SER O 130 -11.37 6.26 88.45
CA SER O 130 -10.70 5.23 87.67
C SER O 130 -11.65 4.10 87.31
N VAL O 131 -12.80 4.02 87.97
CA VAL O 131 -13.87 3.16 87.49
C VAL O 131 -14.48 3.73 86.22
N GLY O 132 -14.54 5.05 86.11
CA GLY O 132 -15.10 5.68 84.94
C GLY O 132 -16.45 6.31 85.21
N CYS O 133 -16.58 6.97 86.37
CA CYS O 133 -17.82 7.58 86.80
C CYS O 133 -17.48 8.72 87.76
N ASN O 134 -18.51 9.23 88.45
CA ASN O 134 -18.37 10.46 89.19
C ASN O 134 -19.36 10.52 90.33
N VAL O 135 -19.09 11.39 91.31
CA VAL O 135 -19.99 11.65 92.44
C VAL O 135 -20.24 13.17 92.45
N ASP O 136 -21.39 13.57 91.88
CA ASP O 136 -21.75 14.99 91.66
C ASP O 136 -20.68 15.74 90.88
N GLY O 137 -19.90 15.02 90.07
CA GLY O 137 -18.67 15.52 89.52
C GLY O 137 -17.52 14.60 89.88
N ARG O 138 -16.37 14.87 89.29
CA ARG O 138 -15.21 14.01 89.46
C ARG O 138 -14.52 14.31 90.79
N HIS O 139 -13.33 13.73 90.97
CA HIS O 139 -12.53 14.04 92.15
C HIS O 139 -12.04 15.50 92.24
N PRO O 140 -11.79 16.24 91.14
CA PRO O 140 -11.58 17.70 91.30
C PRO O 140 -12.72 18.43 91.99
N HIS O 141 -13.97 18.00 91.82
CA HIS O 141 -15.06 18.59 92.58
C HIS O 141 -14.91 18.28 94.06
N ASP O 142 -14.42 17.08 94.40
CA ASP O 142 -14.22 16.72 95.80
C ASP O 142 -13.05 17.45 96.42
N ILE O 143 -11.95 17.65 95.67
CA ILE O 143 -10.75 18.25 96.25
C ILE O 143 -11.00 19.71 96.63
N ILE O 144 -12.00 20.34 96.02
CA ILE O 144 -12.52 21.58 96.58
C ILE O 144 -13.21 21.32 97.91
N ASP O 145 -14.12 20.34 97.93
CA ASP O 145 -14.92 20.10 99.12
C ASP O 145 -14.12 19.42 100.23
N ASP O 146 -13.06 18.69 99.86
CA ASP O 146 -12.24 18.01 100.87
C ASP O 146 -11.48 19.01 101.74
N ILE O 147 -11.21 20.20 101.23
CA ILE O 147 -10.63 21.26 102.04
C ILE O 147 -11.75 21.89 102.87
N ASN O 148 -11.62 21.82 104.20
CA ASN O 148 -12.44 22.52 105.19
C ASN O 148 -13.88 22.02 105.26
N SER O 149 -14.29 21.09 104.39
CA SER O 149 -15.66 20.59 104.41
C SER O 149 -15.71 19.08 104.22
N GLY O 150 -14.85 18.36 104.92
CA GLY O 150 -14.80 16.91 104.79
C GLY O 150 -15.59 16.22 105.90
N ALA O 151 -16.45 15.29 105.49
CA ALA O 151 -17.26 14.52 106.43
C ALA O 151 -16.49 13.28 106.88
N VAL O 152 -15.51 13.52 107.74
CA VAL O 152 -14.64 12.48 108.29
C VAL O 152 -14.96 12.33 109.77
N GLU O 153 -15.07 11.09 110.24
CA GLU O 153 -15.37 10.82 111.64
C GLU O 153 -14.23 11.25 112.57
N ALA P 1 31.57 57.68 -9.68
CA ALA P 1 31.01 58.36 -8.52
C ALA P 1 31.65 59.72 -8.33
N PRO P 2 30.86 60.78 -8.36
CA PRO P 2 31.43 62.13 -8.22
C PRO P 2 31.82 62.40 -6.78
N SER P 3 32.71 63.37 -6.61
CA SER P 3 33.15 63.80 -5.28
C SER P 3 32.13 64.73 -4.65
N ARG P 4 32.52 65.41 -3.59
CA ARG P 4 31.68 66.35 -2.85
C ARG P 4 31.03 67.39 -3.75
N ASN P 5 31.83 68.14 -4.51
CA ASN P 5 31.28 69.08 -5.46
C ASN P 5 32.08 69.03 -6.75
N GLY P 6 31.41 69.24 -7.87
CA GLY P 6 32.06 69.35 -9.16
C GLY P 6 31.06 69.75 -10.19
N MET P 7 31.39 69.51 -11.46
CA MET P 7 30.47 69.77 -12.56
C MET P 7 29.93 68.44 -13.05
N ILE P 8 29.02 68.49 -13.99
CA ILE P 8 28.57 67.26 -14.64
C ILE P 8 29.20 67.18 -16.02
N LEU P 9 30.11 66.24 -16.19
CA LEU P 9 30.80 66.07 -17.45
C LEU P 9 30.11 65.02 -18.30
N LYS P 10 29.98 65.33 -19.58
CA LYS P 10 29.46 64.40 -20.58
C LYS P 10 30.51 64.21 -21.68
N PRO P 11 31.70 63.69 -21.35
CA PRO P 11 32.77 63.65 -22.34
C PRO P 11 32.52 62.60 -23.39
N HIS P 12 32.44 63.01 -24.65
CA HIS P 12 32.05 62.10 -25.73
C HIS P 12 33.24 61.25 -26.15
N PHE P 13 33.68 60.42 -25.21
CA PHE P 13 34.82 59.54 -25.40
C PHE P 13 34.42 58.07 -25.29
N HIS P 14 33.17 57.74 -25.56
CA HIS P 14 32.71 56.37 -25.37
C HIS P 14 32.90 55.51 -26.61
N LYS P 15 33.20 56.12 -27.75
CA LYS P 15 33.53 55.37 -28.96
C LYS P 15 34.98 54.92 -28.87
N ASP P 16 35.54 54.40 -29.96
CA ASP P 16 36.96 54.08 -29.95
C ASP P 16 37.72 55.23 -30.59
N TRP P 17 37.89 56.32 -29.85
CA TRP P 17 38.47 57.52 -30.41
C TRP P 17 39.96 57.37 -30.67
N GLN P 18 40.62 56.47 -29.94
CA GLN P 18 42.06 56.24 -30.05
C GLN P 18 42.48 55.93 -31.48
N ARG P 19 41.67 55.17 -32.20
CA ARG P 19 41.99 54.79 -33.57
C ARG P 19 41.84 55.95 -34.54
N ARG P 20 41.10 56.98 -34.19
CA ARG P 20 40.83 58.08 -35.10
C ARG P 20 41.36 59.40 -34.55
N VAL P 21 42.59 59.39 -34.05
CA VAL P 21 43.26 60.61 -33.59
C VAL P 21 44.13 61.12 -34.72
N ALA P 22 43.78 62.26 -35.28
CA ALA P 22 44.57 62.91 -36.30
C ALA P 22 45.45 63.95 -35.63
N THR P 23 46.75 63.67 -35.55
CA THR P 23 47.69 64.59 -34.92
C THR P 23 48.11 65.66 -35.92
N TRP P 24 48.70 66.72 -35.41
CA TRP P 24 48.93 67.94 -36.18
C TRP P 24 50.41 68.18 -36.45
N PHE P 25 51.21 67.11 -36.55
CA PHE P 25 52.63 67.28 -36.84
C PHE P 25 52.91 67.67 -38.28
N ASN P 26 51.88 67.77 -39.13
CA ASN P 26 52.05 68.28 -40.48
C ASN P 26 52.13 69.80 -40.53
N GLN P 27 51.60 70.48 -39.51
CA GLN P 27 51.42 71.94 -39.53
C GLN P 27 52.68 72.75 -39.84
N PRO P 28 53.84 72.52 -39.20
CA PRO P 28 55.01 73.27 -39.65
C PRO P 28 55.52 72.81 -40.99
N ALA P 29 55.27 71.56 -41.37
CA ALA P 29 55.65 71.08 -42.68
C ALA P 29 54.66 71.48 -43.76
N ARG P 30 53.38 71.59 -43.43
CA ARG P 30 52.38 72.00 -44.40
C ARG P 30 52.57 73.44 -44.83
N LYS P 31 52.87 74.32 -43.86
CA LYS P 31 53.14 75.71 -44.19
C LYS P 31 54.37 75.88 -45.06
N ILE P 32 55.32 74.96 -44.96
CA ILE P 32 56.49 75.00 -45.84
C ILE P 32 56.08 74.72 -47.28
N ARG P 33 55.30 73.65 -47.48
CA ARG P 33 54.93 73.27 -48.84
C ARG P 33 53.96 74.26 -49.45
N ARG P 34 53.02 74.76 -48.64
CA ARG P 34 52.00 75.67 -49.14
C ARG P 34 52.60 76.96 -49.67
N ARG P 35 53.51 77.56 -48.91
CA ARG P 35 54.11 78.82 -49.33
C ARG P 35 55.01 78.60 -50.55
N LYS P 36 55.65 77.43 -50.62
CA LYS P 36 56.44 77.10 -51.79
C LYS P 36 55.59 76.98 -53.04
N ALA P 37 54.43 76.33 -52.92
CA ALA P 37 53.49 76.32 -54.04
C ALA P 37 52.86 77.69 -54.25
N ARG P 38 52.73 78.49 -53.20
CA ARG P 38 52.23 79.85 -53.35
C ARG P 38 53.25 80.75 -54.02
N GLN P 39 54.54 80.41 -53.92
CA GLN P 39 55.54 81.13 -54.68
C GLN P 39 55.65 80.60 -56.09
N ALA P 40 55.41 79.30 -56.28
CA ALA P 40 55.41 78.73 -57.63
C ALA P 40 54.24 79.26 -58.44
N ARG P 41 53.06 79.35 -57.80
CA ARG P 41 51.91 80.00 -58.44
C ARG P 41 52.18 81.48 -58.70
N ALA P 42 52.99 82.11 -57.83
CA ALA P 42 53.34 83.50 -58.04
C ALA P 42 54.16 83.68 -59.32
N ARG P 43 55.29 82.99 -59.41
CA ARG P 43 56.19 83.14 -60.55
C ARG P 43 55.63 82.56 -61.85
N ARG P 44 54.54 81.81 -61.78
CA ARG P 44 53.94 81.23 -62.97
C ARG P 44 53.11 82.24 -63.75
N ILE P 45 52.45 83.17 -63.06
CA ILE P 45 51.67 84.21 -63.69
C ILE P 45 52.19 85.58 -63.25
N ALA P 46 53.51 85.67 -63.06
CA ALA P 46 54.27 86.76 -62.45
C ALA P 46 53.80 88.19 -62.72
N PRO P 47 53.48 88.61 -63.97
CA PRO P 47 52.94 89.97 -64.11
C PRO P 47 51.53 90.12 -63.57
N ARG P 48 50.71 89.08 -63.67
CA ARG P 48 49.41 89.10 -63.03
C ARG P 48 49.58 89.01 -61.53
N PRO P 49 48.65 89.58 -60.75
CA PRO P 49 48.84 89.63 -59.30
C PRO P 49 48.71 88.27 -58.65
N ALA P 50 49.45 88.07 -57.57
CA ALA P 50 49.38 86.83 -56.82
C ALA P 50 48.04 86.66 -56.13
N ALA P 51 47.34 87.77 -55.83
CA ALA P 51 46.07 87.68 -55.13
C ALA P 51 44.98 87.10 -56.02
N GLY P 52 45.21 87.05 -57.33
CA GLY P 52 44.24 86.52 -58.25
C GLY P 52 43.29 87.59 -58.70
N PRO P 53 42.17 87.20 -59.31
CA PRO P 53 41.20 88.17 -59.79
C PRO P 53 40.55 88.94 -58.64
N ILE P 54 39.95 90.08 -58.98
CA ILE P 54 39.39 90.96 -57.97
C ILE P 54 38.14 90.32 -57.37
N ARG P 55 37.83 90.69 -56.14
CA ARG P 55 36.61 90.27 -55.48
C ARG P 55 35.75 91.48 -55.19
N PRO P 56 34.46 91.44 -55.49
CA PRO P 56 33.63 92.64 -55.37
C PRO P 56 33.28 92.95 -53.92
N ILE P 57 32.75 94.15 -53.72
CA ILE P 57 32.24 94.54 -52.42
C ILE P 57 30.95 93.78 -52.14
N VAL P 58 30.84 93.22 -50.94
CA VAL P 58 29.72 92.35 -50.61
C VAL P 58 29.32 92.59 -49.16
N ARG P 59 28.02 92.76 -48.94
CA ARG P 59 27.42 92.80 -47.62
C ARG P 59 27.11 91.39 -47.16
N CYS P 60 27.16 91.17 -45.86
CA CYS P 60 26.93 89.80 -45.40
C CYS P 60 25.65 89.71 -44.57
N PRO P 61 24.92 88.60 -44.67
CA PRO P 61 23.62 88.46 -44.01
C PRO P 61 23.70 88.22 -42.51
N THR P 62 22.58 87.82 -41.90
CA THR P 62 22.52 87.38 -40.51
C THR P 62 22.89 88.49 -39.53
N VAL P 63 21.93 89.37 -39.23
CA VAL P 63 22.06 90.78 -38.81
C VAL P 63 23.21 91.12 -37.86
N ARG P 64 23.75 90.12 -37.18
CA ARG P 64 24.98 90.30 -36.40
C ARG P 64 26.11 90.86 -37.25
N TYR P 65 26.22 90.43 -38.52
CA TYR P 65 27.25 90.98 -39.40
C TYR P 65 26.69 91.87 -40.50
N HIS P 66 25.40 92.21 -40.48
CA HIS P 66 24.81 92.93 -41.61
C HIS P 66 25.30 94.37 -41.75
N THR P 67 26.15 94.84 -40.83
CA THR P 67 26.80 96.14 -40.96
C THR P 67 28.28 96.00 -41.31
N LYS P 68 28.68 94.88 -41.90
CA LYS P 68 30.05 94.58 -42.26
C LYS P 68 30.15 94.42 -43.77
N VAL P 69 31.38 94.46 -44.28
CA VAL P 69 31.64 94.28 -45.71
C VAL P 69 32.72 93.24 -45.89
N ARG P 70 32.46 92.27 -46.77
CA ARG P 70 33.37 91.16 -47.02
C ARG P 70 34.02 91.32 -48.37
N ALA P 71 34.76 90.29 -48.77
CA ALA P 71 35.21 90.13 -50.14
C ALA P 71 34.25 89.17 -50.82
N GLY P 72 33.74 89.54 -51.98
CA GLY P 72 32.76 88.73 -52.67
C GLY P 72 33.38 87.52 -53.36
N ARG P 73 32.51 86.72 -53.95
CA ARG P 73 32.98 85.64 -54.81
C ARG P 73 33.29 86.15 -56.20
N GLY P 74 32.41 86.97 -56.74
CA GLY P 74 32.59 87.46 -58.09
C GLY P 74 31.54 88.50 -58.41
N PHE P 75 31.80 89.24 -59.47
CA PHE P 75 30.91 90.31 -59.87
C PHE P 75 29.71 89.74 -60.60
N SER P 76 28.52 90.21 -60.24
CA SER P 76 27.32 89.77 -60.92
C SER P 76 27.26 90.36 -62.31
N LEU P 77 26.39 89.79 -63.14
CA LEU P 77 26.29 90.25 -64.53
C LEU P 77 25.69 91.64 -64.60
N GLU P 78 24.65 91.91 -63.82
CA GLU P 78 24.08 93.24 -63.79
C GLU P 78 25.04 94.28 -63.19
N GLU P 79 26.09 93.83 -62.48
CA GLU P 79 27.21 94.70 -62.15
C GLU P 79 28.18 94.89 -63.31
N LEU P 80 28.23 93.92 -64.24
CA LEU P 80 29.13 94.00 -65.38
C LEU P 80 28.43 94.43 -66.66
N ARG P 81 27.12 94.18 -66.77
CA ARG P 81 26.38 94.55 -67.97
C ARG P 81 26.33 96.07 -68.14
N VAL P 82 26.13 96.78 -67.04
CA VAL P 82 26.14 98.24 -67.11
C VAL P 82 27.57 98.77 -67.12
N ALA P 83 28.55 97.93 -66.76
CA ALA P 83 29.95 98.34 -66.79
C ALA P 83 30.49 98.46 -68.21
N GLY P 84 29.82 97.88 -69.19
CA GLY P 84 30.25 97.98 -70.57
C GLY P 84 31.27 96.92 -70.95
N ILE P 85 31.37 95.86 -70.15
CA ILE P 85 32.33 94.78 -70.36
C ILE P 85 31.57 93.46 -70.31
N HIS P 86 31.66 92.68 -71.39
CA HIS P 86 30.93 91.43 -71.46
C HIS P 86 31.57 90.37 -70.57
N LYS P 87 30.75 89.46 -70.06
CA LYS P 87 31.19 88.49 -69.06
C LYS P 87 32.24 87.52 -69.59
N LYS P 88 32.18 87.17 -70.87
CA LYS P 88 33.17 86.26 -71.42
C LYS P 88 34.39 87.00 -71.93
N VAL P 89 34.53 88.28 -71.58
CA VAL P 89 35.78 89.01 -71.75
C VAL P 89 36.46 89.29 -70.42
N ALA P 90 35.70 89.47 -69.34
CA ALA P 90 36.26 89.89 -68.06
C ALA P 90 37.01 88.76 -67.37
N ARG P 91 36.81 87.52 -67.80
CA ARG P 91 37.57 86.43 -67.22
C ARG P 91 39.03 86.46 -67.66
N THR P 92 39.31 87.06 -68.82
CA THR P 92 40.66 87.08 -69.35
C THR P 92 41.57 88.09 -68.67
N ILE P 93 41.01 89.05 -67.92
CA ILE P 93 41.80 90.13 -67.35
C ILE P 93 41.65 90.23 -65.84
N GLY P 94 41.29 89.13 -65.18
CA GLY P 94 41.30 89.11 -63.73
C GLY P 94 40.11 89.78 -63.08
N ILE P 95 38.91 89.39 -63.48
CA ILE P 95 37.67 89.83 -62.84
C ILE P 95 36.85 88.58 -62.59
N SER P 96 36.70 88.21 -61.32
CA SER P 96 35.92 87.03 -60.98
C SER P 96 34.44 87.30 -61.20
N VAL P 97 33.76 86.34 -61.84
CA VAL P 97 32.35 86.45 -62.16
C VAL P 97 31.63 85.25 -61.58
N ASP P 98 30.45 85.49 -61.02
CA ASP P 98 29.50 84.40 -60.79
C ASP P 98 28.10 84.93 -61.06
N PRO P 99 27.34 84.26 -61.92
CA PRO P 99 26.08 84.84 -62.39
C PRO P 99 24.94 84.76 -61.39
N ARG P 100 25.09 83.99 -60.31
CA ARG P 100 23.95 83.70 -59.44
C ARG P 100 23.58 84.92 -58.59
N ARG P 101 24.48 85.89 -58.47
CA ARG P 101 24.27 86.99 -57.53
C ARG P 101 23.19 87.93 -58.00
N ARG P 102 22.60 88.65 -57.05
CA ARG P 102 21.59 89.68 -57.29
C ARG P 102 22.12 91.03 -56.81
N ASN P 103 21.42 92.10 -57.21
CA ASN P 103 21.60 93.40 -56.59
C ASN P 103 20.21 93.98 -56.37
N LYS P 104 19.64 93.70 -55.20
CA LYS P 104 18.33 94.24 -54.86
C LYS P 104 18.41 95.70 -54.46
N SER P 105 19.55 96.13 -53.95
CA SER P 105 19.81 97.54 -53.71
C SER P 105 20.54 98.11 -54.91
N THR P 106 20.79 99.42 -54.86
CA THR P 106 21.55 100.10 -55.90
C THR P 106 22.89 100.59 -55.41
N GLU P 107 23.01 100.93 -54.11
CA GLU P 107 24.23 101.53 -53.60
C GLU P 107 25.39 100.55 -53.64
N SER P 108 25.12 99.27 -53.43
CA SER P 108 26.17 98.27 -53.59
C SER P 108 26.53 98.09 -55.07
N LEU P 109 25.52 98.15 -55.94
CA LEU P 109 25.76 97.99 -57.37
C LEU P 109 26.61 99.12 -57.93
N GLN P 110 26.31 100.36 -57.52
CA GLN P 110 27.08 101.49 -58.02
C GLN P 110 28.47 101.54 -57.41
N ALA P 111 28.63 101.04 -56.18
CA ALA P 111 29.94 101.05 -55.55
C ALA P 111 30.87 100.05 -56.20
N ASN P 112 30.33 98.95 -56.70
CA ASN P 112 31.18 97.94 -57.34
C ASN P 112 31.54 98.33 -58.77
N VAL P 113 30.63 98.98 -59.50
CA VAL P 113 30.99 99.46 -60.82
C VAL P 113 31.94 100.65 -60.70
N GLN P 114 31.91 101.35 -59.56
CA GLN P 114 32.96 102.28 -59.22
C GLN P 114 34.30 101.57 -59.03
N ARG P 115 34.28 100.35 -58.49
CA ARG P 115 35.50 99.60 -58.25
C ARG P 115 36.08 99.00 -59.51
N LEU P 116 35.25 98.75 -60.53
CA LEU P 116 35.75 98.26 -61.80
C LEU P 116 36.28 99.36 -62.69
N LYS P 117 35.69 100.56 -62.64
CA LYS P 117 36.22 101.68 -63.40
C LYS P 117 37.62 102.04 -62.92
N GLU P 118 37.84 102.05 -61.61
CA GLU P 118 39.18 102.29 -61.09
C GLU P 118 40.10 101.09 -61.28
N TYR P 119 39.56 99.88 -61.37
CA TYR P 119 40.38 98.73 -61.72
C TYR P 119 40.76 98.76 -63.19
N ARG P 120 39.82 99.19 -64.05
CA ARG P 120 40.12 99.35 -65.46
C ARG P 120 41.11 100.48 -65.69
N SER P 121 41.15 101.45 -64.78
CA SER P 121 42.18 102.49 -64.86
C SER P 121 43.55 101.92 -64.52
N LYS P 122 43.61 101.04 -63.51
CA LYS P 122 44.88 100.50 -63.06
C LYS P 122 45.42 99.40 -63.93
N LEU P 123 44.69 98.97 -64.96
CA LEU P 123 45.01 97.73 -65.66
C LEU P 123 46.00 98.01 -66.80
N VAL P 124 47.17 97.41 -66.71
CA VAL P 124 48.23 97.55 -67.71
C VAL P 124 48.16 96.32 -68.62
N LEU P 125 47.55 96.48 -69.78
CA LEU P 125 47.31 95.35 -70.67
C LEU P 125 48.44 95.21 -71.68
N PHE P 126 48.99 94.00 -71.78
CA PHE P 126 50.01 93.64 -72.76
C PHE P 126 49.39 93.53 -74.14
N PRO P 127 50.17 93.69 -75.21
CA PRO P 127 49.66 93.37 -76.54
C PRO P 127 49.51 91.87 -76.72
N ARG P 128 48.60 91.49 -77.63
CA ARG P 128 48.46 90.09 -78.01
C ARG P 128 49.75 89.56 -78.64
N LYS P 129 50.31 90.32 -79.56
CA LYS P 129 51.58 90.00 -80.20
C LYS P 129 52.53 91.17 -79.96
N PRO P 130 53.82 90.90 -79.73
CA PRO P 130 54.73 91.97 -79.28
C PRO P 130 55.00 93.07 -80.29
N SER P 131 54.71 92.82 -81.56
CA SER P 131 55.05 93.80 -82.58
C SER P 131 53.92 94.80 -82.83
N ALA P 132 52.72 94.54 -82.32
CA ALA P 132 51.56 95.37 -82.63
C ALA P 132 50.78 95.73 -81.36
N PRO P 133 50.69 97.02 -81.03
CA PRO P 133 49.78 97.43 -79.95
C PRO P 133 48.34 97.51 -80.45
N LYS P 134 47.49 96.64 -79.90
CA LYS P 134 46.09 96.61 -80.26
C LYS P 134 45.38 97.85 -79.68
N LYS P 135 44.07 97.96 -79.93
CA LYS P 135 43.36 99.17 -79.53
C LYS P 135 43.18 99.28 -78.03
N GLY P 136 42.97 98.16 -77.34
CA GLY P 136 42.75 98.19 -75.91
C GLY P 136 43.97 97.98 -75.05
N ASP P 137 45.17 97.99 -75.63
CA ASP P 137 46.38 97.70 -74.89
C ASP P 137 46.86 98.92 -74.12
N SER P 138 47.76 98.68 -73.18
CA SER P 138 48.48 99.75 -72.51
C SER P 138 49.64 100.23 -73.39
N SER P 139 50.07 101.47 -73.17
CA SER P 139 51.18 102.00 -73.93
C SER P 139 52.50 101.43 -73.42
N ALA P 140 53.55 101.62 -74.22
CA ALA P 140 54.81 100.92 -73.99
C ALA P 140 55.49 101.37 -72.70
N GLU P 141 55.43 102.67 -72.40
CA GLU P 141 56.08 103.21 -71.21
C GLU P 141 55.48 102.72 -69.91
N GLU P 142 54.27 102.17 -69.95
CA GLU P 142 53.64 101.61 -68.76
C GLU P 142 54.04 100.16 -68.50
N LEU P 143 54.67 99.50 -69.48
CA LEU P 143 55.10 98.11 -69.31
C LEU P 143 56.23 98.01 -68.29
N LYS P 144 57.07 99.03 -68.20
CA LYS P 144 58.16 99.02 -67.22
C LYS P 144 57.63 99.20 -65.81
N LEU P 145 56.44 99.78 -65.67
CA LEU P 145 55.78 99.94 -64.38
C LEU P 145 54.80 98.79 -64.10
N ALA P 146 55.07 97.61 -64.64
CA ALA P 146 54.22 96.44 -64.43
C ALA P 146 55.03 95.40 -63.67
N THR P 147 54.67 95.19 -62.40
CA THR P 147 55.27 94.15 -61.58
C THR P 147 54.15 93.40 -60.85
N GLN P 148 54.54 92.55 -59.91
CA GLN P 148 53.59 91.68 -59.23
C GLN P 148 53.03 92.36 -57.99
N LEU P 149 51.70 92.28 -57.84
CA LEU P 149 51.00 92.90 -56.72
C LEU P 149 50.77 91.85 -55.62
N THR P 150 51.50 91.99 -54.53
CA THR P 150 51.29 91.16 -53.36
C THR P 150 50.12 91.73 -52.55
N GLY P 151 49.44 90.85 -51.81
CA GLY P 151 48.32 91.26 -51.01
C GLY P 151 47.06 91.39 -51.85
N PRO P 152 45.90 91.37 -51.21
CA PRO P 152 44.63 91.47 -51.95
C PRO P 152 44.49 92.83 -52.62
N VAL P 153 44.33 92.80 -53.94
CA VAL P 153 44.31 94.03 -54.72
C VAL P 153 43.04 94.82 -54.42
N MET P 154 43.22 96.14 -54.18
CA MET P 154 42.19 97.07 -53.72
C MET P 154 41.49 96.52 -52.48
N PRO P 155 42.15 96.50 -51.32
CA PRO P 155 41.57 95.82 -50.16
C PRO P 155 40.33 96.52 -49.66
N ILE P 156 39.35 95.72 -49.24
CA ILE P 156 38.05 96.24 -48.82
C ILE P 156 38.19 96.75 -47.39
N ARG P 157 37.79 97.99 -47.17
CA ARG P 157 37.94 98.64 -45.87
C ARG P 157 36.57 99.03 -45.33
N ASN P 158 36.26 98.58 -44.11
CA ASN P 158 34.99 98.88 -43.47
C ASN P 158 35.11 100.21 -42.73
N VAL P 159 35.20 101.29 -43.51
CA VAL P 159 35.34 102.64 -42.96
C VAL P 159 33.97 103.19 -42.62
N PHE P 160 33.98 104.27 -41.85
CA PHE P 160 32.75 104.88 -41.35
C PHE P 160 32.79 106.39 -41.53
N LYS P 161 31.62 107.00 -41.44
CA LYS P 161 31.51 108.45 -41.58
C LYS P 161 31.74 109.12 -40.24
N LYS P 162 32.51 110.21 -40.26
CA LYS P 162 32.65 111.05 -39.09
C LYS P 162 31.42 111.92 -38.95
N GLU P 163 31.06 112.22 -37.71
CA GLU P 163 29.87 113.03 -37.44
C GLU P 163 30.25 114.26 -36.64
N LYS P 164 30.04 115.43 -37.26
CA LYS P 164 30.39 116.70 -36.63
C LYS P 164 29.43 117.00 -35.50
N ALA P 165 29.88 117.80 -34.55
CA ALA P 165 29.05 118.16 -33.41
C ALA P 165 27.93 119.09 -33.84
N ARG P 166 26.71 118.76 -33.45
CA ARG P 166 25.53 119.53 -33.81
C ARG P 166 24.66 119.81 -32.60
N VAL P 167 23.87 120.86 -32.68
CA VAL P 167 23.00 121.26 -31.58
C VAL P 167 21.71 120.46 -31.65
N ILE P 168 21.22 120.02 -30.49
CA ILE P 168 20.05 119.17 -30.45
C ILE P 168 18.80 120.01 -30.62
N THR P 169 17.88 119.54 -31.46
CA THR P 169 16.66 120.27 -31.73
C THR P 169 15.66 120.03 -30.60
N GLU P 170 14.51 120.72 -30.65
CA GLU P 170 13.55 120.64 -29.57
C GLU P 170 12.66 119.41 -29.70
N GLU P 171 12.37 119.01 -30.94
CA GLU P 171 11.61 117.77 -31.15
C GLU P 171 12.39 116.57 -30.63
N GLU P 172 13.71 116.56 -30.84
CA GLU P 172 14.54 115.48 -30.35
C GLU P 172 14.57 115.42 -28.83
N LYS P 173 14.36 116.55 -28.16
CA LYS P 173 14.23 116.54 -26.71
C LYS P 173 12.86 116.00 -26.28
N ASN P 174 11.83 116.25 -27.09
CA ASN P 174 10.50 115.70 -26.85
C ASN P 174 10.34 114.33 -27.48
N PHE P 175 11.37 113.83 -28.15
CA PHE P 175 11.27 112.54 -28.82
C PHE P 175 11.38 111.42 -27.80
N LYS P 176 10.34 110.58 -27.75
CA LYS P 176 10.29 109.43 -26.84
C LYS P 176 10.69 108.21 -27.65
N ALA P 177 11.96 107.85 -27.59
CA ALA P 177 12.47 106.75 -28.40
C ALA P 177 11.94 105.40 -27.91
N PHE P 178 12.06 105.13 -26.61
CA PHE P 178 11.62 103.84 -26.09
C PHE P 178 10.10 103.71 -26.14
N ALA P 179 9.38 104.78 -25.86
CA ALA P 179 7.93 104.74 -25.97
C ALA P 179 7.48 104.55 -27.41
N SER P 180 8.30 104.99 -28.36
CA SER P 180 8.02 104.70 -29.76
C SER P 180 8.24 103.22 -30.07
N LEU P 181 9.20 102.59 -29.39
CA LEU P 181 9.48 101.18 -29.65
C LEU P 181 8.31 100.29 -29.23
N ARG P 182 7.86 100.42 -27.97
CA ARG P 182 6.78 99.57 -27.48
C ARG P 182 5.46 99.87 -28.17
N MET P 183 5.29 101.10 -28.67
CA MET P 183 4.13 101.39 -29.51
C MET P 183 4.28 100.74 -30.87
N ALA P 184 5.50 100.74 -31.42
CA ALA P 184 5.73 100.05 -32.68
C ALA P 184 5.76 98.54 -32.51
N ARG P 185 6.22 98.06 -31.36
CA ARG P 185 6.14 96.63 -31.09
C ARG P 185 4.70 96.14 -31.01
N ALA P 186 3.80 97.00 -30.57
CA ALA P 186 2.39 96.67 -30.62
C ALA P 186 1.84 96.72 -32.03
N ASN P 187 2.30 97.69 -32.83
CA ASN P 187 1.74 97.88 -34.17
C ASN P 187 2.12 96.74 -35.11
N ALA P 188 3.37 96.27 -35.03
CA ALA P 188 3.79 95.17 -35.88
C ALA P 188 3.19 93.84 -35.44
N ARG P 189 3.04 93.62 -34.13
CA ARG P 189 2.51 92.35 -33.64
C ARG P 189 1.00 92.26 -33.80
N LEU P 190 0.27 93.32 -33.48
CA LEU P 190 -1.19 93.31 -33.56
C LEU P 190 -1.68 93.83 -34.90
N PHE P 191 -0.90 93.61 -35.95
CA PHE P 191 -1.33 94.02 -37.28
C PHE P 191 -2.38 93.06 -37.84
N GLY P 192 -2.28 91.78 -37.51
CA GLY P 192 -3.22 90.82 -38.04
C GLY P 192 -4.61 90.97 -37.46
N ILE P 193 -4.70 91.06 -36.13
CA ILE P 193 -6.01 91.09 -35.49
C ILE P 193 -6.71 92.43 -35.76
N ARG P 194 -5.93 93.48 -35.99
CA ARG P 194 -6.54 94.75 -36.39
C ARG P 194 -6.97 94.70 -37.85
N ALA P 195 -6.30 93.88 -38.66
CA ALA P 195 -6.79 93.66 -40.01
C ALA P 195 -8.04 92.80 -40.01
N LYS P 196 -8.19 91.93 -39.02
CA LYS P 196 -9.36 91.05 -38.98
C LYS P 196 -10.57 91.78 -38.41
N ARG P 197 -10.39 92.53 -37.33
CA ARG P 197 -11.52 93.21 -36.69
C ARG P 197 -12.05 94.34 -37.56
N ALA P 198 -11.27 94.79 -38.54
CA ALA P 198 -11.72 95.76 -39.52
C ALA P 198 -12.67 95.18 -40.56
N LYS P 199 -12.84 93.85 -40.60
CA LYS P 199 -13.62 93.26 -41.68
C LYS P 199 -15.05 93.00 -41.27
N GLU P 200 -15.29 92.58 -40.01
CA GLU P 200 -16.65 92.23 -39.61
C GLU P 200 -17.49 93.45 -39.25
N ALA P 201 -16.89 94.63 -39.18
CA ALA P 201 -17.68 95.84 -38.97
C ALA P 201 -18.64 96.09 -40.12
N ALA P 202 -18.22 95.77 -41.36
CA ALA P 202 -19.04 96.06 -42.52
C ALA P 202 -20.28 95.19 -42.58
N GLU P 203 -20.14 93.89 -42.31
CA GLU P 203 -21.31 93.01 -42.37
C GLU P 203 -22.31 93.31 -41.26
N GLN P 204 -21.83 93.77 -40.11
CA GLN P 204 -22.76 94.16 -39.06
C GLN P 204 -23.35 95.53 -39.29
N ASP P 205 -22.88 96.24 -40.31
CA ASP P 205 -23.49 97.48 -40.76
C ASP P 205 -24.53 97.24 -41.86
N VAL P 206 -24.25 96.35 -42.80
CA VAL P 206 -25.13 96.19 -43.96
C VAL P 206 -26.44 95.49 -43.59
N GLU P 207 -26.42 94.61 -42.59
CA GLU P 207 -27.66 93.92 -42.24
C GLU P 207 -28.55 94.77 -41.37
N LYS P 208 -28.00 95.82 -40.75
CA LYS P 208 -28.80 96.79 -40.02
C LYS P 208 -29.78 97.49 -40.95
N LYS P 209 -29.29 97.93 -42.12
CA LYS P 209 -30.16 98.63 -43.07
C LYS P 209 -30.95 97.64 -43.91
N LYS P 210 -30.26 96.75 -44.60
CA LYS P 210 -30.90 95.78 -45.51
C LYS P 210 -31.62 94.69 -44.72
N VAL Q 1 64.24 19.19 82.31
CA VAL Q 1 64.03 19.86 83.59
C VAL Q 1 64.43 21.31 83.46
N PHE Q 2 63.56 22.21 83.91
CA PHE Q 2 63.77 23.64 83.77
C PHE Q 2 64.27 24.23 85.08
N ARG Q 3 65.05 25.30 84.95
CA ARG Q 3 65.58 26.01 86.12
C ARG Q 3 65.33 27.50 85.96
N ARG Q 4 65.04 27.93 84.74
CA ARG Q 4 64.83 29.34 84.43
C ARG Q 4 63.34 29.60 84.29
N PHE Q 5 62.78 30.30 85.26
CA PHE Q 5 61.34 30.56 85.33
C PHE Q 5 61.09 32.03 85.15
N VAL Q 6 60.15 32.37 84.27
CA VAL Q 6 59.68 33.75 84.20
C VAL Q 6 58.77 33.97 85.39
N GLU Q 7 59.29 34.63 86.42
CA GLU Q 7 58.51 34.97 87.61
C GLU Q 7 58.75 36.43 87.95
N VAL Q 8 58.17 36.85 89.07
CA VAL Q 8 58.29 38.23 89.52
C VAL Q 8 59.61 38.45 90.24
N GLY Q 9 60.62 38.91 89.52
CA GLY Q 9 61.88 39.22 90.16
C GLY Q 9 63.12 38.57 89.60
N ARG Q 10 62.98 37.69 88.61
CA ARG Q 10 64.15 37.11 87.98
C ARG Q 10 64.81 38.12 87.07
N VAL Q 11 66.10 38.33 87.27
CA VAL Q 11 66.86 39.26 86.45
C VAL Q 11 67.08 38.64 85.08
N ALA Q 12 66.89 39.43 84.03
CA ALA Q 12 67.04 38.96 82.67
C ALA Q 12 68.01 39.86 81.93
N TYR Q 13 68.55 39.33 80.84
CA TYR Q 13 69.54 40.03 80.03
C TYR Q 13 68.97 40.29 78.63
N VAL Q 14 68.87 41.56 78.27
CA VAL Q 14 68.19 41.95 77.04
C VAL Q 14 69.11 41.68 75.85
N SER Q 15 68.60 40.96 74.85
CA SER Q 15 69.42 40.48 73.75
C SER Q 15 69.62 41.54 72.67
N PHE Q 16 68.55 41.94 71.97
CA PHE Q 16 68.66 42.93 70.91
C PHE Q 16 68.01 44.24 71.34
N GLY Q 17 68.06 45.21 70.43
CA GLY Q 17 67.33 46.45 70.60
C GLY Q 17 68.17 47.55 71.19
N PRO Q 18 67.56 48.71 71.39
CA PRO Q 18 68.29 49.83 72.02
C PRO Q 18 68.59 49.63 73.49
N HIS Q 19 68.23 48.50 74.08
CA HIS Q 19 68.60 48.15 75.44
C HIS Q 19 69.48 46.92 75.48
N ALA Q 20 70.09 46.55 74.35
CA ALA Q 20 70.99 45.42 74.29
C ALA Q 20 72.20 45.66 75.17
N GLY Q 21 72.74 44.58 75.72
CA GLY Q 21 73.88 44.68 76.62
C GLY Q 21 73.53 45.27 77.96
N LYS Q 22 72.35 44.95 78.50
CA LYS Q 22 71.89 45.52 79.75
C LYS Q 22 71.12 44.45 80.52
N LEU Q 23 71.14 44.58 81.84
CA LEU Q 23 70.30 43.77 82.72
C LEU Q 23 68.95 44.43 82.90
N VAL Q 24 67.98 43.64 83.35
CA VAL Q 24 66.61 44.12 83.57
C VAL Q 24 65.86 43.11 84.42
N ALA Q 25 64.88 43.58 85.18
CA ALA Q 25 64.13 42.72 86.10
C ALA Q 25 62.65 42.68 85.71
N ILE Q 26 62.07 41.48 85.72
CA ILE Q 26 60.71 41.30 85.25
C ILE Q 26 59.73 41.67 86.38
N VAL Q 27 58.97 42.73 86.16
CA VAL Q 27 58.00 43.15 87.17
C VAL Q 27 56.72 42.34 87.02
N ASP Q 28 56.06 42.47 85.87
CA ASP Q 28 54.76 41.83 85.68
C ASP Q 28 54.78 41.05 84.38
N VAL Q 29 53.97 40.00 84.34
CA VAL Q 29 53.82 39.18 83.15
C VAL Q 29 52.55 39.63 82.44
N ILE Q 30 52.70 40.28 81.30
CA ILE Q 30 51.55 40.79 80.55
C ILE Q 30 50.86 39.64 79.85
N ASP Q 31 51.56 38.98 78.95
CA ASP Q 31 51.01 37.91 78.14
C ASP Q 31 52.07 36.83 77.97
N GLN Q 32 51.81 35.87 77.08
CA GLN Q 32 52.77 34.82 76.80
C GLN Q 32 54.00 35.34 76.07
N ASN Q 33 53.84 36.40 75.28
CA ASN Q 33 54.95 36.92 74.48
C ASN Q 33 55.24 38.38 74.79
N ARG Q 34 54.89 38.83 75.99
CA ARG Q 34 55.16 40.21 76.38
C ARG Q 34 55.19 40.29 77.90
N ALA Q 35 56.16 41.05 78.43
CA ALA Q 35 56.35 41.14 79.88
C ALA Q 35 56.59 42.58 80.29
N LEU Q 36 56.17 42.92 81.50
CA LEU Q 36 56.41 44.24 82.07
C LEU Q 36 57.72 44.17 82.84
N VAL Q 37 58.72 44.93 82.38
CA VAL Q 37 60.09 44.74 82.81
C VAL Q 37 60.66 46.10 83.24
N ASP Q 38 61.67 46.06 84.09
CA ASP Q 38 62.18 47.27 84.72
C ASP Q 38 63.60 47.02 85.22
N GLY Q 39 64.55 47.85 84.80
CA GLY Q 39 65.84 47.91 85.45
C GLY Q 39 66.17 49.32 85.91
N PRO Q 40 66.18 49.53 87.22
CA PRO Q 40 66.36 50.90 87.72
C PRO Q 40 67.79 51.40 87.69
N CYS Q 41 68.77 50.55 88.00
CA CYS Q 41 70.16 50.98 88.07
C CYS Q 41 70.92 50.74 86.77
N THR Q 42 70.20 50.60 85.66
CA THR Q 42 70.84 50.28 84.38
C THR Q 42 70.25 51.07 83.22
N ARG Q 43 69.63 52.22 83.50
CA ARG Q 43 69.18 53.19 82.49
C ARG Q 43 68.16 52.58 81.53
N VAL Q 44 67.24 51.80 82.09
CA VAL Q 44 66.11 51.27 81.33
C VAL Q 44 64.82 51.61 82.07
N ARG Q 45 64.04 52.52 81.50
CA ARG Q 45 62.73 52.85 82.08
C ARG Q 45 61.81 51.65 82.04
N ARG Q 46 60.89 51.60 83.00
CA ARG Q 46 59.87 50.57 83.05
C ARG Q 46 59.00 50.63 81.81
N GLN Q 47 58.97 49.53 81.05
CA GLN Q 47 58.26 49.49 79.79
C GLN Q 47 57.83 48.06 79.52
N ALA Q 48 57.00 47.89 78.49
CA ALA Q 48 56.56 46.58 78.03
C ALA Q 48 57.60 46.04 77.06
N MET Q 49 57.95 44.77 77.23
CA MET Q 49 59.03 44.21 76.44
C MET Q 49 58.72 42.76 76.09
N PRO Q 50 58.92 42.36 74.83
CA PRO Q 50 58.62 40.99 74.44
C PRO Q 50 59.67 40.02 74.97
N PHE Q 51 59.31 38.74 74.94
CA PHE Q 51 60.16 37.70 75.51
C PHE Q 51 61.32 37.31 74.60
N LYS Q 52 61.38 37.84 73.38
CA LYS Q 52 62.55 37.62 72.54
C LYS Q 52 63.79 38.26 73.15
N CYS Q 53 63.77 39.58 73.30
CA CYS Q 53 64.94 40.30 73.78
C CYS Q 53 65.12 40.17 75.29
N MET Q 54 65.27 38.94 75.76
CA MET Q 54 65.63 38.69 77.16
C MET Q 54 66.21 37.30 77.27
N GLN Q 55 67.35 37.19 77.96
CA GLN Q 55 68.03 35.92 78.22
C GLN Q 55 68.16 35.84 79.74
N LEU Q 56 67.29 35.04 80.35
CA LEU Q 56 67.13 35.07 81.80
C LEU Q 56 68.33 34.48 82.51
N THR Q 57 68.78 35.16 83.56
CA THR Q 57 69.81 34.66 84.45
C THR Q 57 69.14 33.82 85.53
N ASP Q 58 69.89 33.47 86.56
CA ASP Q 58 69.30 32.85 87.75
C ASP Q 58 69.41 33.76 88.96
N PHE Q 59 69.23 35.06 88.75
CA PHE Q 59 69.24 36.04 89.83
C PHE Q 59 67.81 36.46 90.13
N ILE Q 60 67.32 36.06 91.30
CA ILE Q 60 65.93 36.26 91.69
C ILE Q 60 65.91 37.04 92.99
N LEU Q 61 65.04 38.04 93.08
CA LEU Q 61 64.91 38.88 94.26
C LEU Q 61 63.43 39.14 94.54
N LYS Q 62 63.07 39.09 95.82
CA LYS Q 62 61.68 39.09 96.21
C LYS Q 62 61.14 40.51 96.37
N PHE Q 63 60.00 40.77 95.71
CA PHE Q 63 59.21 41.99 95.81
C PHE Q 63 57.86 41.72 95.14
N PRO Q 64 56.79 42.50 95.44
CA PRO Q 64 55.46 42.18 94.90
C PRO Q 64 55.36 42.22 93.38
N HIS Q 65 54.24 41.71 92.84
CA HIS Q 65 54.14 41.48 91.41
C HIS Q 65 53.96 42.76 90.61
N SER Q 66 53.63 43.88 91.26
CA SER Q 66 53.46 45.14 90.54
C SER Q 66 54.03 46.29 91.35
N ALA Q 67 55.13 46.05 92.07
CA ALA Q 67 55.72 47.07 92.92
C ALA Q 67 56.36 48.17 92.08
N ARG Q 68 56.21 49.41 92.54
CA ARG Q 68 56.72 50.56 91.82
C ARG Q 68 58.24 50.66 91.95
N GLN Q 69 58.80 51.67 91.27
CA GLN Q 69 60.22 51.68 90.94
C GLN Q 69 61.14 51.81 92.14
N LYS Q 70 60.72 52.52 93.18
CA LYS Q 70 61.60 52.68 94.34
C LYS Q 70 61.73 51.36 95.08
N TYR Q 71 60.64 50.60 95.17
CA TYR Q 71 60.73 49.24 95.72
C TYR Q 71 61.47 48.29 94.80
N VAL Q 72 61.65 48.66 93.53
CA VAL Q 72 62.50 47.88 92.65
C VAL Q 72 63.97 48.20 92.89
N ARG Q 73 64.27 49.47 93.14
CA ARG Q 73 65.66 49.87 93.32
C ARG Q 73 66.24 49.37 94.64
N LYS Q 74 65.47 49.43 95.72
CA LYS Q 74 66.02 49.04 97.02
C LYS Q 74 66.29 47.55 97.09
N ALA Q 75 65.42 46.73 96.49
CA ALA Q 75 65.68 45.29 96.43
C ALA Q 75 66.88 44.99 95.54
N TRP Q 76 67.06 45.77 94.47
CA TRP Q 76 68.29 45.71 93.70
C TRP Q 76 69.48 46.17 94.53
N GLU Q 77 69.26 47.10 95.46
CA GLU Q 77 70.34 47.50 96.37
C GLU Q 77 70.41 46.59 97.59
N LYS Q 78 69.37 45.80 97.84
CA LYS Q 78 69.42 44.82 98.93
C LYS Q 78 70.28 43.63 98.54
N ALA Q 79 70.15 43.15 97.31
CA ALA Q 79 70.87 41.94 96.88
C ALA Q 79 72.18 42.26 96.17
N ASP Q 80 72.39 43.53 95.80
CA ASP Q 80 73.63 44.01 95.17
C ASP Q 80 73.93 43.27 93.88
N ILE Q 81 73.06 43.45 92.88
CA ILE Q 81 73.11 42.65 91.66
C ILE Q 81 74.33 42.97 90.82
N ASN Q 82 74.68 44.26 90.69
CA ASN Q 82 75.74 44.67 89.78
C ASN Q 82 77.10 44.10 90.18
N THR Q 83 77.35 43.99 91.49
CA THR Q 83 78.56 43.32 91.93
C THR Q 83 78.47 41.81 91.70
N LYS Q 84 77.29 41.24 91.90
CA LYS Q 84 77.09 39.83 91.60
C LYS Q 84 77.18 39.53 90.12
N TRP Q 85 76.75 40.46 89.26
CA TRP Q 85 76.63 40.15 87.84
C TRP Q 85 77.98 40.19 87.15
N ALA Q 86 78.80 41.19 87.48
CA ALA Q 86 80.11 41.31 86.85
C ALA Q 86 81.04 40.16 87.21
N ALA Q 87 80.79 39.48 88.32
CA ALA Q 87 81.62 38.35 88.72
C ALA Q 87 81.24 37.05 88.03
N THR Q 88 80.12 37.01 87.32
CA THR Q 88 79.68 35.79 86.66
C THR Q 88 80.59 35.45 85.49
N ARG Q 89 80.70 34.15 85.21
CA ARG Q 89 81.39 33.70 84.01
C ARG Q 89 80.60 34.03 82.75
N TRP Q 90 79.32 34.34 82.88
CA TRP Q 90 78.54 34.80 81.73
C TRP Q 90 78.98 36.20 81.31
N ALA Q 91 79.01 37.14 82.24
CA ALA Q 91 79.36 38.52 81.91
C ALA Q 91 80.81 38.65 81.47
N LYS Q 92 81.70 37.78 81.97
CA LYS Q 92 83.10 37.89 81.60
C LYS Q 92 83.33 37.53 80.14
N LYS Q 93 82.62 36.54 79.62
CA LYS Q 93 82.80 36.19 78.21
C LYS Q 93 82.03 37.10 77.28
N ILE Q 94 81.07 37.89 77.77
CA ILE Q 94 80.55 38.99 76.98
C ILE Q 94 81.57 40.11 76.89
N GLU Q 95 82.22 40.40 78.02
CA GLU Q 95 83.26 41.41 78.05
C GLU Q 95 84.49 41.00 77.24
N ALA Q 96 84.75 39.70 77.10
CA ALA Q 96 85.89 39.23 76.35
C ALA Q 96 85.71 39.39 74.85
N ARG Q 97 84.47 39.35 74.36
CA ARG Q 97 84.23 39.53 72.93
C ARG Q 97 84.41 40.96 72.50
N GLU Q 98 83.87 41.92 73.25
CA GLU Q 98 83.99 43.31 72.87
C GLU Q 98 85.43 43.79 72.93
N ARG Q 99 86.24 43.26 73.86
CA ARG Q 99 87.66 43.57 73.87
C ARG Q 99 88.36 43.04 72.63
N LYS Q 100 88.04 41.81 72.22
CA LYS Q 100 88.51 41.29 70.95
C LYS Q 100 87.87 41.98 69.75
N ALA Q 101 86.77 42.70 69.96
CA ALA Q 101 86.17 43.51 68.91
C ALA Q 101 86.82 44.89 68.83
N LYS Q 102 87.03 45.55 69.96
CA LYS Q 102 87.65 46.86 69.97
C LYS Q 102 89.17 46.78 69.93
N MET Q 103 89.73 45.59 69.75
CA MET Q 103 91.17 45.38 69.76
C MET Q 103 91.87 46.13 68.65
N THR Q 104 92.81 47.00 69.03
CA THR Q 104 93.54 47.84 68.10
C THR Q 104 94.43 46.95 67.21
N ASP Q 105 94.75 47.46 66.02
CA ASP Q 105 95.63 46.74 65.09
C ASP Q 105 96.98 46.46 65.73
N PHE Q 106 97.54 47.43 66.46
CA PHE Q 106 98.76 47.16 67.21
C PHE Q 106 98.49 46.22 68.38
N ASP Q 107 97.32 46.36 69.02
CA ASP Q 107 96.91 45.38 70.02
C ASP Q 107 96.70 44.02 69.39
N ARG Q 108 96.29 43.98 68.12
CA ARG Q 108 96.20 42.73 67.39
C ARG Q 108 97.58 42.16 67.07
N TYR Q 109 98.62 42.98 67.11
CA TYR Q 109 99.96 42.50 66.76
C TYR Q 109 100.67 41.90 67.96
N LYS Q 110 100.63 42.59 69.10
CA LYS Q 110 101.26 42.07 70.32
C LYS Q 110 100.62 40.76 70.75
N VAL Q 111 99.32 40.62 70.52
CA VAL Q 111 98.66 39.40 70.94
C VAL Q 111 99.03 38.26 70.00
N MET Q 112 99.43 38.58 68.76
CA MET Q 112 99.84 37.54 67.83
C MET Q 112 101.22 37.01 68.19
N LYS Q 113 102.16 37.90 68.48
CA LYS Q 113 103.51 37.48 68.84
C LYS Q 113 103.50 36.69 70.15
N ALA Q 114 102.62 37.07 71.08
CA ALA Q 114 102.49 36.30 72.31
C ALA Q 114 101.80 34.97 72.07
N LYS Q 115 100.90 34.92 71.07
CA LYS Q 115 100.25 33.68 70.73
C LYS Q 115 101.23 32.66 70.16
N LYS Q 116 102.28 33.15 69.50
CA LYS Q 116 103.28 32.24 68.94
C LYS Q 116 104.11 31.59 70.03
N MET Q 117 104.45 32.35 71.07
CA MET Q 117 105.30 31.80 72.12
C MET Q 117 104.51 31.08 73.20
N ARG Q 118 103.25 31.45 73.43
CA ARG Q 118 102.47 30.72 74.40
C ARG Q 118 102.11 29.32 73.90
N ASN Q 119 102.13 29.10 72.60
CA ASN Q 119 101.78 27.79 72.05
C ASN Q 119 102.98 26.86 71.95
N ARG Q 120 104.20 27.39 71.82
CA ARG Q 120 105.37 26.53 71.74
C ARG Q 120 105.64 25.84 73.08
N ILE Q 121 105.58 26.60 74.17
CA ILE Q 121 105.84 26.05 75.49
C ILE Q 121 104.71 25.12 75.91
N ILE Q 122 103.52 25.29 75.34
CA ILE Q 122 102.52 24.25 75.45
C ILE Q 122 102.90 23.04 74.59
N LYS Q 123 103.37 23.29 73.36
CA LYS Q 123 103.68 22.18 72.46
C LYS Q 123 104.87 21.37 72.95
N ASN Q 124 105.90 22.04 73.46
CA ASN Q 124 107.06 21.32 73.97
C ASN Q 124 106.74 20.53 75.22
N GLU Q 125 105.82 21.02 76.04
CA GLU Q 125 105.42 20.28 77.23
C GLU Q 125 104.61 19.04 76.85
N VAL Q 126 103.82 19.13 75.79
CA VAL Q 126 103.07 17.98 75.29
C VAL Q 126 104.05 16.92 74.78
N LYS Q 127 105.16 17.35 74.18
CA LYS Q 127 106.15 16.42 73.65
C LYS Q 127 106.81 15.63 74.77
N LYS Q 128 107.22 16.31 75.84
CA LYS Q 128 107.79 15.60 76.98
C LYS Q 128 106.71 14.84 77.75
N LEU Q 129 105.44 15.22 77.59
CA LEU Q 129 104.35 14.40 78.10
C LEU Q 129 104.01 13.27 77.15
N GLN Q 130 104.39 13.39 75.88
CA GLN Q 130 104.14 12.32 74.93
C GLN Q 130 105.06 11.14 75.17
N ARG Q 131 106.37 11.39 75.26
CA ARG Q 131 107.31 10.30 75.39
C ARG Q 131 107.34 9.71 76.80
N ALA Q 132 107.10 10.52 77.83
CA ALA Q 132 107.14 10.00 79.20
C ALA Q 132 105.91 9.20 79.57
N ALA Q 133 104.81 9.37 78.84
CA ALA Q 133 103.69 8.46 78.95
C ALA Q 133 103.94 7.15 78.21
N LEU Q 134 104.82 7.16 77.21
CA LEU Q 134 105.16 5.95 76.48
C LEU Q 134 106.26 5.15 77.16
N LEU Q 135 106.80 5.63 78.28
CA LEU Q 135 107.73 4.81 79.04
C LEU Q 135 107.04 4.02 80.15
N LYS Q 136 106.24 4.68 80.97
CA LYS Q 136 105.60 4.02 82.11
C LYS Q 136 104.50 3.06 81.71
N ALA Q 137 103.95 3.19 80.50
CA ALA Q 137 102.84 2.36 80.04
C ALA Q 137 103.29 1.04 79.44
N SER Q 138 104.58 0.74 79.46
CA SER Q 138 105.06 -0.51 78.89
C SER Q 138 105.84 -1.31 79.93
N GLY R 1 11.57 68.27 -83.17
CA GLY R 1 11.29 67.02 -83.84
C GLY R 1 10.11 66.28 -83.23
N ALA R 2 10.18 64.96 -83.26
CA ALA R 2 9.10 64.13 -82.75
C ALA R 2 9.33 63.58 -81.36
N TYR R 3 10.52 63.82 -80.78
CA TYR R 3 10.84 63.24 -79.49
C TYR R 3 9.95 63.78 -78.38
N LYS R 4 9.64 65.07 -78.45
CA LYS R 4 8.73 65.67 -77.46
C LYS R 4 7.33 65.09 -77.59
N TYR R 5 6.92 64.73 -78.80
CA TYR R 5 5.67 64.01 -78.98
C TYR R 5 5.70 62.64 -78.34
N ILE R 6 6.86 62.00 -78.28
CA ILE R 6 7.01 60.70 -77.65
C ILE R 6 7.12 60.92 -76.15
N GLN R 7 7.67 62.09 -75.77
CA GLN R 7 7.95 62.39 -74.38
C GLN R 7 6.68 62.44 -73.55
N GLU R 8 5.67 63.14 -74.04
CA GLU R 8 4.43 63.25 -73.28
C GLU R 8 3.56 62.02 -73.41
N LEU R 9 3.86 61.13 -74.37
CA LEU R 9 3.13 59.88 -74.46
C LEU R 9 3.54 58.93 -73.34
N TRP R 10 4.85 58.82 -73.09
CA TRP R 10 5.35 57.90 -72.08
C TRP R 10 4.98 58.31 -70.66
N ARG R 11 4.50 59.54 -70.48
CA ARG R 11 3.95 59.96 -69.20
C ARG R 11 2.48 59.59 -69.06
N LYS R 12 1.93 58.83 -70.01
CA LYS R 12 0.52 58.47 -69.99
C LYS R 12 0.39 56.96 -69.83
N LYS R 13 1.14 56.39 -68.87
CA LYS R 13 1.19 54.94 -68.71
C LYS R 13 -0.17 54.34 -68.40
N GLN R 14 -1.06 55.08 -67.75
CA GLN R 14 -2.37 54.54 -67.41
C GLN R 14 -3.32 54.52 -68.61
N SER R 15 -2.99 55.22 -69.69
CA SER R 15 -3.84 55.25 -70.87
C SER R 15 -3.86 53.88 -71.54
N ASP R 16 -4.90 53.65 -72.36
CA ASP R 16 -5.12 52.34 -72.92
C ASP R 16 -4.07 51.97 -73.96
N VAL R 17 -3.55 52.96 -74.69
CA VAL R 17 -2.48 52.68 -75.64
C VAL R 17 -1.21 52.25 -74.90
N MET R 18 -0.89 52.91 -73.79
CA MET R 18 0.28 52.49 -73.03
C MET R 18 0.00 51.24 -72.20
N ARG R 19 -1.19 51.14 -71.61
CA ARG R 19 -1.53 49.96 -70.81
C ARG R 19 -1.48 48.69 -71.65
N PHE R 20 -1.74 48.80 -72.94
CA PHE R 20 -1.55 47.65 -73.81
C PHE R 20 -0.06 47.41 -74.06
N LEU R 21 0.62 48.42 -74.61
CA LEU R 21 1.96 48.22 -75.14
C LEU R 21 2.97 47.93 -74.03
N LEU R 22 2.73 48.43 -72.83
CA LEU R 22 3.54 48.03 -71.69
C LEU R 22 3.39 46.55 -71.38
N ARG R 23 2.17 46.02 -71.47
CA ARG R 23 1.99 44.62 -71.10
C ARG R 23 2.49 43.66 -72.18
N VAL R 24 2.72 44.15 -73.39
CA VAL R 24 3.29 43.30 -74.43
C VAL R 24 4.76 43.03 -74.17
N ARG R 25 5.55 44.09 -74.03
CA ARG R 25 6.98 43.93 -73.77
C ARG R 25 7.22 43.25 -72.43
N CYS R 26 6.38 43.55 -71.44
CA CYS R 26 6.49 42.88 -70.14
C CYS R 26 6.23 41.40 -70.28
N TRP R 27 5.28 41.02 -71.14
CA TRP R 27 5.11 39.62 -71.46
C TRP R 27 6.27 39.11 -72.31
N GLN R 28 6.77 39.96 -73.21
CA GLN R 28 7.80 39.53 -74.13
C GLN R 28 9.13 39.31 -73.43
N TYR R 29 9.51 40.23 -72.55
CA TYR R 29 10.78 40.10 -71.84
C TYR R 29 10.74 38.93 -70.87
N ARG R 30 9.55 38.60 -70.36
CA ARG R 30 9.43 37.55 -69.36
C ARG R 30 9.64 36.17 -69.95
N GLN R 31 9.63 36.03 -71.27
CA GLN R 31 9.97 34.77 -71.91
C GLN R 31 11.43 34.70 -72.33
N LEU R 32 12.18 35.77 -72.14
CA LEU R 32 13.57 35.86 -72.56
C LEU R 32 14.49 35.41 -71.43
N SER R 33 15.79 35.66 -71.59
CA SER R 33 16.73 35.32 -70.54
C SER R 33 16.86 36.46 -69.54
N ALA R 34 17.61 36.21 -68.47
CA ALA R 34 17.77 37.18 -67.41
C ALA R 34 18.73 38.30 -67.77
N LEU R 35 19.55 38.11 -68.80
CA LEU R 35 20.58 39.06 -69.16
C LEU R 35 20.91 38.86 -70.63
N HIS R 36 20.51 39.82 -71.48
CA HIS R 36 20.74 39.68 -72.90
C HIS R 36 20.78 41.06 -73.53
N ARG R 37 21.16 41.10 -74.81
CA ARG R 37 21.42 42.33 -75.52
C ARG R 37 20.24 42.70 -76.41
N ALA R 38 19.90 43.99 -76.41
CA ALA R 38 18.91 44.54 -77.31
C ALA R 38 19.62 45.29 -78.43
N PRO R 39 19.12 45.21 -79.66
CA PRO R 39 19.84 45.86 -80.76
C PRO R 39 19.69 47.38 -80.77
N ARG R 40 18.50 47.89 -80.47
CA ARG R 40 18.20 49.30 -80.55
C ARG R 40 17.35 49.68 -79.34
N PRO R 41 17.36 50.95 -78.94
CA PRO R 41 16.54 51.36 -77.79
C PRO R 41 15.05 51.31 -78.11
N THR R 42 14.31 50.61 -77.27
CA THR R 42 12.86 50.61 -77.36
C THR R 42 12.26 51.90 -76.85
N ARG R 43 13.03 52.68 -76.10
CA ARG R 43 12.58 53.94 -75.51
C ARG R 43 13.59 55.00 -75.92
N PRO R 44 13.53 55.48 -77.17
CA PRO R 44 14.62 56.32 -77.70
C PRO R 44 14.66 57.72 -77.12
N ASP R 45 13.53 58.28 -76.70
CA ASP R 45 13.54 59.64 -76.17
C ASP R 45 14.23 59.68 -74.82
N LYS R 46 14.06 58.63 -74.00
CA LYS R 46 14.73 58.58 -72.72
C LYS R 46 16.20 58.20 -72.88
N ALA R 47 16.55 57.59 -74.01
CA ALA R 47 17.95 57.25 -74.25
C ALA R 47 18.80 58.49 -74.47
N ARG R 48 18.41 59.35 -75.41
CA ARG R 48 19.24 60.49 -75.75
C ARG R 48 19.25 61.54 -74.65
N ARG R 49 18.18 61.61 -73.84
CA ARG R 49 18.20 62.47 -72.67
C ARG R 49 19.24 62.03 -71.65
N LEU R 50 19.53 60.74 -71.58
CA LEU R 50 20.53 60.22 -70.66
C LEU R 50 21.92 60.19 -71.26
N GLY R 51 22.05 60.48 -72.54
CA GLY R 51 23.37 60.57 -73.15
C GLY R 51 23.64 59.56 -74.24
N TYR R 52 22.63 58.79 -74.64
CA TYR R 52 22.80 57.81 -75.70
C TYR R 52 22.90 58.50 -77.05
N LYS R 53 24.01 58.24 -77.75
CA LYS R 53 24.21 58.71 -79.11
C LYS R 53 24.22 57.50 -80.01
N ALA R 54 23.31 57.48 -80.98
CA ALA R 54 23.19 56.31 -81.84
C ALA R 54 24.37 56.23 -82.80
N LYS R 55 25.38 55.45 -82.45
CA LYS R 55 26.55 55.26 -83.29
C LYS R 55 27.22 53.96 -82.87
N GLN R 56 28.30 53.60 -83.55
CA GLN R 56 29.03 52.40 -83.19
C GLN R 56 29.79 52.62 -81.90
N GLY R 57 29.62 51.70 -80.96
CA GLY R 57 30.21 51.81 -79.63
C GLY R 57 29.20 51.94 -78.52
N TYR R 58 27.95 52.24 -78.85
CA TYR R 58 26.88 52.33 -77.86
C TYR R 58 26.09 51.02 -77.90
N VAL R 59 26.25 50.21 -76.87
CA VAL R 59 25.54 48.94 -76.76
C VAL R 59 24.69 48.99 -75.50
N ILE R 60 23.47 48.48 -75.60
CA ILE R 60 22.54 48.48 -74.48
C ILE R 60 22.15 47.05 -74.15
N TYR R 61 21.93 46.78 -72.87
CA TYR R 61 21.52 45.46 -72.39
C TYR R 61 20.25 45.58 -71.59
N ARG R 62 19.27 44.76 -71.93
CA ARG R 62 17.96 44.77 -71.27
C ARG R 62 17.89 43.56 -70.35
N ILE R 63 17.80 43.80 -69.05
CA ILE R 63 17.82 42.71 -68.09
C ILE R 63 16.54 42.69 -67.28
N ARG R 64 16.31 41.62 -66.53
CA ARG R 64 15.19 41.56 -65.61
C ARG R 64 15.69 41.40 -64.19
N VAL R 65 15.10 42.17 -63.29
CA VAL R 65 15.50 42.20 -61.88
C VAL R 65 14.30 41.79 -61.05
N ARG R 66 14.52 40.87 -60.11
CA ARG R 66 13.46 40.35 -59.27
C ARG R 66 12.80 41.41 -58.41
N ARG R 67 11.48 41.44 -58.44
CA ARG R 67 10.68 42.36 -57.66
C ARG R 67 10.86 42.12 -56.16
N GLY R 68 10.41 43.08 -55.37
CA GLY R 68 10.20 42.89 -53.95
C GLY R 68 11.23 43.60 -53.11
N GLY R 69 11.39 43.12 -51.88
CA GLY R 69 12.39 43.60 -50.97
C GLY R 69 13.48 42.57 -50.74
N ARG R 70 14.20 42.75 -49.64
CA ARG R 70 15.32 41.89 -49.28
C ARG R 70 15.04 41.30 -47.90
N LYS R 71 15.32 40.01 -47.73
CA LYS R 71 15.18 39.35 -46.44
C LYS R 71 16.55 38.90 -45.96
N ARG R 72 16.73 38.91 -44.64
CA ARG R 72 18.03 38.69 -44.02
C ARG R 72 18.45 37.23 -44.13
N PRO R 73 19.67 36.97 -44.64
CA PRO R 73 20.09 35.58 -44.89
C PRO R 73 20.58 34.87 -43.64
N VAL R 74 19.65 34.28 -42.89
CA VAL R 74 19.99 33.61 -41.63
C VAL R 74 19.12 32.37 -41.49
N PRO R 75 19.66 31.24 -41.01
CA PRO R 75 18.86 30.02 -40.89
C PRO R 75 17.88 30.08 -39.72
N LYS R 76 16.58 30.06 -40.05
CA LYS R 76 15.46 30.05 -39.10
C LYS R 76 15.36 31.36 -38.31
N GLY R 77 16.18 32.34 -38.66
CA GLY R 77 16.14 33.66 -38.04
C GLY R 77 17.47 34.06 -37.45
N ALA R 78 18.08 33.14 -36.70
CA ALA R 78 19.50 33.08 -36.32
C ALA R 78 20.18 34.42 -36.00
N THR R 79 19.44 35.36 -35.44
CA THR R 79 20.03 36.63 -35.04
C THR R 79 20.24 36.61 -33.54
N TYR R 80 21.37 36.03 -33.13
CA TYR R 80 21.67 35.78 -31.72
C TYR R 80 22.02 37.10 -31.03
N GLY R 81 21.02 37.97 -30.96
CA GLY R 81 21.25 39.29 -30.42
C GLY R 81 20.01 39.87 -29.79
N LYS R 82 19.88 41.19 -29.86
CA LYS R 82 18.83 41.91 -29.18
C LYS R 82 17.59 41.98 -30.05
N PRO R 83 16.42 42.20 -29.47
CA PRO R 83 15.18 42.31 -30.27
C PRO R 83 15.17 43.37 -31.36
N VAL R 84 16.14 44.29 -31.34
CA VAL R 84 16.24 45.25 -32.42
C VAL R 84 16.71 44.58 -33.71
N HIS R 85 17.51 43.53 -33.63
CA HIS R 85 18.09 42.92 -34.83
C HIS R 85 17.46 41.59 -35.18
N HIS R 86 16.37 41.20 -34.53
CA HIS R 86 15.62 40.03 -34.96
C HIS R 86 14.82 40.26 -36.23
N GLY R 87 14.74 41.50 -36.71
CA GLY R 87 13.93 41.79 -37.88
C GLY R 87 14.53 41.20 -39.14
N VAL R 88 13.75 40.33 -39.78
CA VAL R 88 14.26 39.53 -40.88
C VAL R 88 13.35 39.59 -42.10
N ASN R 89 12.06 39.86 -41.91
CA ASN R 89 11.13 39.73 -43.03
C ASN R 89 10.80 41.05 -43.72
N GLN R 90 10.56 42.12 -42.97
CA GLN R 90 10.09 43.34 -43.60
C GLN R 90 11.22 44.33 -43.84
N LEU R 91 12.46 43.83 -43.87
CA LEU R 91 13.62 44.67 -44.12
C LEU R 91 13.65 45.11 -45.57
N LYS R 92 14.27 46.25 -45.82
CA LYS R 92 14.40 46.77 -47.17
C LYS R 92 15.87 47.01 -47.50
N PHE R 93 16.14 47.04 -48.80
CA PHE R 93 17.49 47.23 -49.29
C PHE R 93 17.82 48.71 -49.36
N ALA R 94 19.11 49.02 -49.41
CA ALA R 94 19.54 50.41 -49.44
C ALA R 94 19.50 50.97 -50.85
N ARG R 95 20.08 50.26 -51.81
CA ARG R 95 20.13 50.72 -53.19
C ARG R 95 18.82 50.39 -53.90
N SER R 96 18.46 51.23 -54.86
CA SER R 96 17.25 51.02 -55.64
C SER R 96 17.47 49.87 -56.61
N LEU R 97 16.36 49.21 -56.98
CA LEU R 97 16.44 48.10 -57.91
C LEU R 97 16.97 48.52 -59.27
N GLN R 98 16.81 49.78 -59.65
CA GLN R 98 17.43 50.27 -60.87
C GLN R 98 18.95 50.32 -60.76
N SER R 99 19.47 50.54 -59.56
CA SER R 99 20.91 50.49 -59.37
C SER R 99 21.42 49.06 -59.28
N VAL R 100 20.61 48.13 -58.79
CA VAL R 100 20.99 46.73 -58.84
C VAL R 100 20.99 46.22 -60.27
N ALA R 101 20.14 46.79 -61.12
CA ALA R 101 20.10 46.38 -62.52
C ALA R 101 21.38 46.79 -63.25
N GLU R 102 21.94 47.94 -62.89
CA GLU R 102 23.19 48.35 -63.53
C GLU R 102 24.36 47.55 -63.00
N GLU R 103 24.23 46.95 -61.81
CA GLU R 103 25.29 46.11 -61.28
C GLU R 103 25.41 44.81 -62.07
N ARG R 104 24.31 44.06 -62.20
CA ARG R 104 24.34 42.76 -62.85
C ARG R 104 24.77 42.86 -64.31
N ALA R 105 24.46 43.97 -64.97
CA ALA R 105 24.91 44.15 -66.33
C ALA R 105 26.36 44.59 -66.38
N GLY R 106 26.76 45.49 -65.48
CA GLY R 106 28.11 45.99 -65.48
C GLY R 106 29.12 44.95 -65.06
N ARG R 107 28.74 44.14 -64.07
CA ARG R 107 29.65 43.12 -63.58
C ARG R 107 29.87 42.02 -64.61
N HIS R 108 28.79 41.56 -65.23
CA HIS R 108 28.92 40.51 -66.24
C HIS R 108 29.59 41.05 -67.50
N CYS R 109 29.14 42.21 -67.98
CA CYS R 109 29.79 42.86 -69.12
C CYS R 109 30.82 43.84 -68.61
N GLY R 110 31.86 43.30 -67.98
CA GLY R 110 32.95 44.11 -67.48
C GLY R 110 33.84 44.69 -68.56
N ALA R 111 33.64 44.30 -69.82
CA ALA R 111 34.43 44.88 -70.91
C ALA R 111 33.94 46.26 -71.28
N LEU R 112 32.68 46.57 -70.99
CA LEU R 112 32.07 47.85 -71.32
C LEU R 112 31.95 48.68 -70.06
N ARG R 113 31.43 49.90 -70.21
CA ARG R 113 31.35 50.84 -69.10
C ARG R 113 29.94 51.43 -69.03
N VAL R 114 29.37 51.46 -67.82
CA VAL R 114 27.97 51.82 -67.67
C VAL R 114 27.81 53.34 -67.76
N LEU R 115 26.72 53.78 -68.38
CA LEU R 115 26.39 55.19 -68.42
C LEU R 115 25.10 55.51 -67.66
N ASN R 116 23.98 54.90 -68.06
CA ASN R 116 22.65 55.20 -67.51
C ASN R 116 21.72 54.05 -67.82
N SER R 117 20.63 53.98 -67.06
CA SER R 117 19.58 53.00 -67.28
C SER R 117 18.23 53.68 -67.17
N TYR R 118 17.18 52.96 -67.53
CA TYR R 118 15.84 53.53 -67.50
C TYR R 118 14.80 52.42 -67.41
N TRP R 119 13.63 52.79 -66.90
CA TRP R 119 12.52 51.87 -66.71
C TRP R 119 11.86 51.56 -68.04
N VAL R 120 11.51 50.29 -68.26
CA VAL R 120 10.86 49.89 -69.51
C VAL R 120 9.65 49.01 -69.29
N GLY R 121 9.44 48.54 -68.07
CA GLY R 121 8.33 47.64 -67.83
C GLY R 121 8.31 47.04 -66.44
N GLU R 122 7.12 46.74 -65.92
CA GLU R 122 7.00 46.27 -64.55
C GLU R 122 5.96 45.18 -64.46
N ASP R 123 6.20 44.28 -63.51
CA ASP R 123 5.35 43.13 -63.22
C ASP R 123 5.38 42.94 -61.71
N SER R 124 4.41 42.19 -61.19
CA SER R 124 4.42 41.91 -59.75
C SER R 124 5.62 41.10 -59.30
N THR R 125 6.28 40.39 -60.22
CA THR R 125 7.36 39.48 -59.85
C THR R 125 8.69 39.84 -60.50
N TYR R 126 8.74 40.85 -61.36
CA TYR R 126 9.97 41.26 -62.03
C TYR R 126 9.97 42.76 -62.22
N LYS R 127 11.12 43.29 -62.64
CA LYS R 127 11.29 44.73 -62.86
C LYS R 127 12.37 44.88 -63.94
N PHE R 128 11.97 45.41 -65.09
CA PHE R 128 12.80 45.36 -66.29
C PHE R 128 13.42 46.73 -66.54
N PHE R 129 14.68 46.75 -66.95
CA PHE R 129 15.38 47.98 -67.29
C PHE R 129 16.28 47.76 -68.50
N GLU R 130 16.62 48.84 -69.18
CA GLU R 130 17.55 48.83 -70.31
C GLU R 130 18.72 49.74 -69.97
N VAL R 131 19.85 49.14 -69.61
CA VAL R 131 21.04 49.91 -69.24
C VAL R 131 21.81 50.27 -70.50
N ILE R 132 22.43 51.44 -70.51
CA ILE R 132 23.18 51.93 -71.67
C ILE R 132 24.66 51.84 -71.33
N LEU R 133 25.33 50.87 -71.92
CA LEU R 133 26.76 50.65 -71.75
C LEU R 133 27.51 51.44 -72.79
N ILE R 134 28.83 51.49 -72.66
CA ILE R 134 29.66 52.16 -73.64
C ILE R 134 30.94 51.34 -73.83
N ASP R 135 31.47 51.36 -75.06
CA ASP R 135 32.68 50.61 -75.37
C ASP R 135 33.88 51.53 -75.22
N PRO R 136 34.83 51.21 -74.34
CA PRO R 136 35.95 52.13 -74.10
C PRO R 136 37.04 52.10 -75.16
N PHE R 137 36.99 51.13 -76.07
CA PHE R 137 38.12 50.91 -76.97
C PHE R 137 37.72 50.90 -78.44
N HIS R 138 36.67 51.61 -78.82
CA HIS R 138 36.36 51.83 -80.22
C HIS R 138 36.73 53.26 -80.57
N LYS R 139 37.32 53.45 -81.76
CA LYS R 139 37.89 54.75 -82.10
C LYS R 139 36.79 55.78 -82.37
N ALA R 140 35.57 55.33 -82.66
CA ALA R 140 34.48 56.28 -82.76
C ALA R 140 34.14 56.91 -81.42
N ILE R 141 34.44 56.20 -80.32
CA ILE R 141 34.24 56.73 -78.98
C ILE R 141 35.52 57.42 -78.55
N ARG R 142 36.66 56.89 -78.97
CA ARG R 142 37.94 57.40 -78.49
C ARG R 142 38.25 58.77 -79.08
N ARG R 143 37.82 59.04 -80.31
CA ARG R 143 38.26 60.23 -81.01
C ARG R 143 37.36 61.45 -80.83
N ASN R 144 36.09 61.26 -80.49
CA ASN R 144 35.22 62.40 -80.19
C ASN R 144 35.61 62.98 -78.84
N PRO R 145 35.98 64.27 -78.78
CA PRO R 145 36.47 64.85 -77.51
C PRO R 145 35.42 64.90 -76.41
N ASP R 146 34.15 64.89 -76.77
CA ASP R 146 33.09 64.98 -75.76
C ASP R 146 32.96 63.71 -74.94
N THR R 147 33.38 62.56 -75.48
CA THR R 147 33.14 61.29 -74.82
C THR R 147 34.42 60.52 -74.55
N GLN R 148 35.57 61.18 -74.58
CA GLN R 148 36.82 60.51 -74.24
C GLN R 148 37.07 60.51 -72.74
N TRP R 149 36.17 61.11 -71.95
CA TRP R 149 36.29 61.06 -70.50
C TRP R 149 36.00 59.67 -69.95
N ILE R 150 35.24 58.87 -70.68
CA ILE R 150 34.93 57.50 -70.29
C ILE R 150 36.20 56.67 -70.12
N THR R 151 37.18 56.85 -71.01
CA THR R 151 38.33 55.97 -71.06
C THR R 151 39.29 56.17 -69.90
N LYS R 152 39.13 57.24 -69.13
CA LYS R 152 40.01 57.49 -68.00
C LYS R 152 39.75 56.43 -66.93
N PRO R 153 40.79 55.97 -66.22
CA PRO R 153 40.62 54.79 -65.36
C PRO R 153 39.76 55.02 -64.13
N VAL R 154 39.44 56.26 -63.79
CA VAL R 154 38.52 56.50 -62.68
C VAL R 154 37.07 56.19 -63.05
N HIS R 155 36.79 56.00 -64.34
CA HIS R 155 35.45 55.65 -64.79
C HIS R 155 35.34 54.18 -65.13
N LYS R 156 36.14 53.35 -64.49
CA LYS R 156 35.92 51.91 -64.47
C LYS R 156 34.95 51.60 -63.36
N HIS R 157 33.89 50.85 -63.70
CA HIS R 157 32.93 50.33 -62.72
C HIS R 157 32.26 51.45 -61.93
N ARG R 158 31.54 52.30 -62.67
CA ARG R 158 30.72 53.30 -62.01
C ARG R 158 29.57 52.66 -61.24
N GLU R 159 29.12 51.47 -61.67
CA GLU R 159 28.09 50.75 -60.95
C GLU R 159 28.57 50.17 -59.62
N MET R 160 29.88 50.10 -59.39
CA MET R 160 30.35 49.57 -58.11
C MET R 160 30.56 50.66 -57.07
N ARG R 161 30.69 51.91 -57.51
CA ARG R 161 30.80 53.04 -56.60
C ARG R 161 29.52 53.86 -56.58
N GLY R 162 28.61 53.61 -57.51
CA GLY R 162 27.37 54.37 -57.53
C GLY R 162 27.53 55.78 -58.04
N LEU R 163 28.15 55.94 -59.21
CA LEU R 163 28.30 57.25 -59.82
C LEU R 163 27.23 57.53 -60.87
N THR R 164 26.29 56.61 -61.08
CA THR R 164 25.24 56.79 -62.06
C THR R 164 24.07 57.57 -61.48
N SER R 165 23.10 57.88 -62.33
CA SER R 165 21.88 58.54 -61.88
C SER R 165 21.14 57.68 -60.87
N ALA R 166 21.08 56.37 -61.12
CA ALA R 166 20.59 55.46 -60.10
C ALA R 166 21.59 55.34 -58.96
N GLY R 167 22.88 55.45 -59.27
CA GLY R 167 23.89 55.37 -58.24
C GLY R 167 23.95 56.61 -57.36
N ARG R 168 23.70 57.79 -57.92
CA ARG R 168 23.76 59.01 -57.13
C ARG R 168 22.50 59.18 -56.29
N LYS R 169 21.42 58.48 -56.63
CA LYS R 169 20.20 58.61 -55.84
C LYS R 169 20.31 57.90 -54.49
N SER R 170 20.93 56.73 -54.44
CA SER R 170 20.89 55.92 -53.25
C SER R 170 21.89 56.37 -52.19
N ARG R 171 22.92 57.12 -52.57
CA ARG R 171 23.86 57.64 -51.59
C ARG R 171 23.28 58.80 -50.80
N GLY R 172 22.21 59.41 -51.28
CA GLY R 172 21.56 60.49 -50.54
C GLY R 172 22.42 61.72 -50.39
N LEU R 173 23.24 62.03 -51.39
CA LEU R 173 24.08 63.20 -51.35
C LEU R 173 23.46 64.33 -52.18
N GLY R 174 23.64 65.55 -51.71
CA GLY R 174 23.10 66.70 -52.40
C GLY R 174 23.27 67.96 -51.56
N LYS R 175 22.71 69.04 -52.09
CA LYS R 175 22.78 70.35 -51.47
C LYS R 175 21.52 70.60 -50.66
N GLY R 176 21.65 71.37 -49.60
CA GLY R 176 20.52 71.78 -48.79
C GLY R 176 20.70 71.39 -47.35
N HIS R 177 19.70 71.75 -46.54
CA HIS R 177 19.72 71.38 -45.15
C HIS R 177 19.33 69.94 -44.92
N LYS R 178 18.69 69.31 -45.89
CA LYS R 178 18.19 67.95 -45.69
C LYS R 178 19.29 66.90 -45.74
N PHE R 179 20.43 67.22 -46.34
CA PHE R 179 21.50 66.24 -46.47
C PHE R 179 22.71 66.64 -45.63
N HIS R 180 22.44 67.07 -44.40
CA HIS R 180 23.53 67.44 -43.50
C HIS R 180 24.39 66.24 -43.13
N HIS R 181 23.79 65.07 -43.07
CA HIS R 181 24.54 63.89 -42.66
C HIS R 181 25.45 63.37 -43.76
N THR R 182 25.56 64.05 -44.90
CA THR R 182 26.54 63.70 -45.93
C THR R 182 27.29 64.91 -46.45
N ILE R 183 27.45 65.95 -45.62
CA ILE R 183 28.30 67.07 -45.99
C ILE R 183 29.76 66.60 -46.04
N GLY R 184 30.44 66.91 -47.12
CA GLY R 184 31.74 66.33 -47.36
C GLY R 184 31.73 65.59 -48.67
N GLY R 185 32.28 64.38 -48.69
CA GLY R 185 32.24 63.57 -49.87
C GLY R 185 31.14 62.52 -49.81
N SER R 186 31.07 61.81 -48.70
CA SER R 186 30.19 60.66 -48.58
C SER R 186 29.57 60.64 -47.19
N ARG R 187 28.60 59.75 -46.98
CA ARG R 187 28.06 59.50 -45.66
C ARG R 187 29.08 58.91 -44.72
N ARG R 188 30.07 58.19 -45.25
CA ARG R 188 31.21 57.75 -44.48
C ARG R 188 32.19 58.87 -44.22
N ALA R 189 32.34 59.78 -45.17
CA ALA R 189 33.26 60.90 -45.01
C ALA R 189 32.76 61.89 -43.97
N ALA R 190 31.46 62.19 -43.99
CA ALA R 190 30.88 63.11 -43.02
C ALA R 190 31.04 62.58 -41.60
N TRP R 191 30.80 61.28 -41.41
CA TRP R 191 30.91 60.68 -40.09
C TRP R 191 32.36 60.65 -39.62
N ARG R 192 33.29 60.41 -40.55
CA ARG R 192 34.70 60.32 -40.19
C ARG R 192 35.23 61.66 -39.73
N ARG R 193 34.97 62.72 -40.50
CA ARG R 193 35.39 64.07 -40.14
C ARG R 193 34.68 64.59 -38.89
N ARG R 194 33.52 64.03 -38.53
CA ARG R 194 32.83 64.43 -37.33
C ARG R 194 33.29 63.69 -36.09
N ASN R 195 34.11 62.66 -36.21
CA ASN R 195 34.46 61.83 -35.07
C ASN R 195 35.96 61.61 -34.95
N THR R 196 36.75 62.57 -35.39
CA THR R 196 38.17 62.55 -35.08
C THR R 196 38.46 63.64 -34.07
N LEU R 197 39.53 63.48 -33.31
CA LEU R 197 39.98 64.50 -32.39
C LEU R 197 41.14 65.26 -33.04
N GLN R 198 41.01 66.58 -33.10
CA GLN R 198 42.06 67.41 -33.68
C GLN R 198 43.06 67.78 -32.59
N LEU R 199 43.97 66.86 -32.33
CA LEU R 199 45.03 67.11 -31.37
C LEU R 199 46.02 68.08 -31.98
N HIS R 200 45.84 69.36 -31.67
CA HIS R 200 46.70 70.42 -32.15
C HIS R 200 48.10 70.26 -31.57
N ARG R 201 49.05 71.02 -32.13
CA ARG R 201 50.41 70.98 -31.58
C ARG R 201 50.47 71.67 -30.22
N TYR R 202 49.80 72.81 -30.08
CA TYR R 202 49.78 73.52 -28.81
C TYR R 202 48.47 73.35 -28.06
N ARG R 203 47.57 72.49 -28.55
CA ARG R 203 46.31 72.12 -27.90
C ARG R 203 45.44 73.32 -27.58
N GLN S 1 87.74 26.35 50.85
CA GLN S 1 87.27 26.72 49.52
C GLN S 1 86.29 25.67 49.02
N VAL S 2 85.92 24.75 49.90
CA VAL S 2 84.94 23.71 49.61
C VAL S 2 83.94 23.65 50.76
N LEU S 3 82.66 23.67 50.40
CA LEU S 3 81.57 23.56 51.38
C LEU S 3 81.23 22.10 51.60
N VAL S 4 81.37 21.64 52.83
CA VAL S 4 81.18 20.24 53.19
C VAL S 4 80.00 20.19 54.15
N LEU S 5 78.83 19.81 53.65
CA LEU S 5 77.62 19.82 54.48
C LEU S 5 77.21 18.40 54.89
N ASP S 6 76.77 18.28 56.14
CA ASP S 6 76.21 17.04 56.65
C ASP S 6 74.69 17.08 56.53
N GLY S 7 74.11 16.03 55.97
CA GLY S 7 72.70 16.03 55.65
C GLY S 7 71.76 15.59 56.74
N ARG S 8 72.26 15.32 57.94
CA ARG S 8 71.40 14.82 59.02
C ARG S 8 70.48 15.92 59.51
N GLY S 9 69.20 15.84 59.16
CA GLY S 9 68.19 16.62 59.83
C GLY S 9 67.80 17.92 59.18
N HIS S 10 68.36 18.25 58.01
CA HIS S 10 68.07 19.49 57.33
C HIS S 10 66.88 19.29 56.40
N LEU S 11 66.02 20.29 56.31
CA LEU S 11 64.81 20.17 55.53
C LEU S 11 65.10 20.37 54.05
N LEU S 12 64.61 19.43 53.24
CA LEU S 12 64.97 19.24 51.84
C LEU S 12 64.94 20.49 50.98
N GLY S 13 63.77 21.12 50.84
CA GLY S 13 63.70 22.33 50.04
C GLY S 13 64.40 23.50 50.70
N ARG S 14 64.34 23.56 52.03
CA ARG S 14 65.02 24.62 52.76
C ARG S 14 66.53 24.47 52.68
N LEU S 15 67.04 23.26 52.49
CA LEU S 15 68.47 23.06 52.28
C LEU S 15 68.85 23.26 50.82
N ALA S 16 68.00 22.80 49.90
CA ALA S 16 68.33 22.88 48.48
C ALA S 16 68.36 24.32 47.98
N ALA S 17 67.42 25.16 48.45
CA ALA S 17 67.36 26.53 47.96
C ALA S 17 68.52 27.36 48.47
N ILE S 18 69.09 26.96 49.61
CA ILE S 18 70.22 27.68 50.17
C ILE S 18 71.50 27.36 49.41
N VAL S 19 71.71 26.08 49.09
CA VAL S 19 72.92 25.68 48.37
C VAL S 19 72.81 26.05 46.89
N ALA S 20 71.58 26.29 46.42
CA ALA S 20 71.41 26.67 45.02
C ALA S 20 71.99 28.06 44.74
N LYS S 21 71.90 28.96 45.71
CA LYS S 21 72.54 30.26 45.57
C LYS S 21 74.05 30.12 45.65
N GLN S 22 74.53 29.29 46.58
CA GLN S 22 75.97 29.12 46.77
C GLN S 22 76.63 28.47 45.57
N VAL S 23 75.95 27.51 44.96
CA VAL S 23 76.56 26.79 43.85
C VAL S 23 76.63 27.68 42.62
N LEU S 24 75.71 28.63 42.49
CA LEU S 24 75.77 29.60 41.40
C LEU S 24 76.91 30.59 41.57
N LEU S 25 77.34 30.84 42.80
CA LEU S 25 78.38 31.81 43.07
C LEU S 25 79.77 31.19 43.10
N GLY S 26 79.98 30.12 42.34
CA GLY S 26 81.31 29.60 42.10
C GLY S 26 81.99 28.99 43.30
N ARG S 27 81.23 28.52 44.28
CA ARG S 27 81.79 27.86 45.46
C ARG S 27 81.31 26.42 45.44
N LYS S 28 82.25 25.49 45.25
CA LYS S 28 81.92 24.08 45.10
C LYS S 28 81.36 23.51 46.38
N VAL S 29 80.20 22.87 46.29
CA VAL S 29 79.51 22.29 47.43
C VAL S 29 79.41 20.79 47.24
N VAL S 30 79.78 20.06 48.28
CA VAL S 30 79.60 18.62 48.35
C VAL S 30 78.70 18.31 49.54
N VAL S 31 77.54 17.75 49.28
CA VAL S 31 76.56 17.44 50.32
C VAL S 31 76.72 15.98 50.68
N VAL S 32 76.81 15.70 51.96
CA VAL S 32 77.14 14.39 52.46
C VAL S 32 75.99 13.89 53.33
N ARG S 33 75.77 12.58 53.35
CA ARG S 33 74.73 11.90 54.11
C ARG S 33 73.36 12.39 53.70
N CYS S 34 73.02 12.25 52.42
CA CYS S 34 71.74 12.72 51.91
C CYS S 34 70.57 11.87 52.36
N GLU S 35 70.83 10.70 52.93
CA GLU S 35 69.75 9.90 53.49
C GLU S 35 69.17 10.52 54.76
N GLY S 36 69.96 11.31 55.49
CA GLY S 36 69.48 11.91 56.72
C GLY S 36 68.58 13.10 56.54
N ILE S 37 68.35 13.53 55.29
CA ILE S 37 67.48 14.66 55.03
C ILE S 37 66.06 14.32 55.44
N ASN S 38 65.36 15.29 56.03
CA ASN S 38 64.03 15.08 56.57
C ASN S 38 63.05 16.04 55.90
N ILE S 39 61.87 15.52 55.56
CA ILE S 39 60.85 16.29 54.90
C ILE S 39 59.70 16.43 55.89
N SER S 40 58.87 17.45 55.68
CA SER S 40 57.78 17.73 56.60
C SER S 40 56.52 16.95 56.20
N GLY S 41 55.65 16.74 57.18
CA GLY S 41 54.45 15.98 56.99
C GLY S 41 54.65 14.50 57.29
N ASN S 42 53.53 13.80 57.48
CA ASN S 42 53.60 12.39 57.79
C ASN S 42 54.15 11.59 56.61
N PHE S 43 54.74 10.44 56.93
CA PHE S 43 55.50 9.67 55.95
C PHE S 43 54.62 9.18 54.81
N TYR S 44 53.38 8.81 55.12
CA TYR S 44 52.46 8.33 54.10
C TYR S 44 52.16 9.41 53.06
N ARG S 45 52.18 10.69 53.47
CA ARG S 45 51.98 11.75 52.50
C ARG S 45 53.18 11.89 51.59
N ASN S 46 54.38 11.96 52.17
CA ASN S 46 55.58 12.16 51.40
C ASN S 46 55.88 10.98 50.50
N LYS S 47 55.54 9.78 50.94
CA LYS S 47 55.66 8.61 50.09
C LYS S 47 54.71 8.68 48.91
N LEU S 48 53.42 8.91 49.19
CA LEU S 48 52.42 8.99 48.13
C LEU S 48 52.66 10.18 47.21
N LYS S 49 53.25 11.26 47.71
CA LYS S 49 53.56 12.40 46.87
C LYS S 49 54.63 12.07 45.84
N TYR S 50 55.56 11.18 46.18
CA TYR S 50 56.60 10.75 45.26
C TYR S 50 56.16 9.63 44.34
N LEU S 51 55.24 8.76 44.79
CA LEU S 51 54.70 7.73 43.91
C LEU S 51 53.93 8.35 42.77
N ALA S 52 53.32 9.51 43.00
CA ALA S 52 52.68 10.23 41.91
C ALA S 52 53.71 10.77 40.91
N PHE S 53 54.95 10.97 41.35
CA PHE S 53 55.97 11.47 40.43
C PHE S 53 56.44 10.38 39.48
N LEU S 54 56.56 9.15 39.95
CA LEU S 54 56.89 8.03 39.08
C LEU S 54 55.81 7.83 38.02
N ARG S 55 54.55 7.99 38.43
CA ARG S 55 53.40 7.83 37.54
C ARG S 55 53.43 8.80 36.38
N LYS S 56 54.03 9.98 36.55
CA LYS S 56 54.12 10.96 35.47
C LYS S 56 55.30 10.60 34.59
N ARG S 57 55.15 9.53 33.81
CA ARG S 57 56.15 9.11 32.84
C ARG S 57 55.65 9.45 31.44
N MET S 58 56.53 9.33 30.45
CA MET S 58 56.10 9.51 29.08
C MET S 58 55.24 8.35 28.65
N ASN S 59 54.08 8.65 28.08
CA ASN S 59 53.16 7.59 27.68
C ASN S 59 53.66 6.85 26.44
N THR S 60 54.14 7.58 25.44
CA THR S 60 54.44 6.94 24.16
C THR S 60 55.76 6.18 24.21
N ASN S 61 56.71 6.63 25.02
CA ASN S 61 57.98 5.94 25.17
C ASN S 61 58.63 6.30 26.50
N PRO S 62 58.59 5.40 27.48
CA PRO S 62 59.06 5.75 28.83
C PRO S 62 60.56 5.94 28.93
N SER S 63 61.31 5.57 27.90
CA SER S 63 62.74 5.79 27.90
C SER S 63 63.12 7.25 27.76
N ARG S 64 62.18 8.13 27.42
CA ARG S 64 62.45 9.53 27.20
C ARG S 64 61.82 10.47 28.23
N GLY S 65 60.96 9.95 29.09
CA GLY S 65 60.21 10.81 30.00
C GLY S 65 61.01 11.28 31.17
N PRO S 66 60.33 11.66 32.25
CA PRO S 66 61.03 12.08 33.46
C PRO S 66 61.81 10.93 34.07
N TYR S 67 63.12 11.15 34.24
CA TYR S 67 64.03 10.12 34.73
C TYR S 67 63.96 10.12 36.26
N HIS S 68 63.05 9.31 36.78
CA HIS S 68 62.87 9.16 38.23
C HIS S 68 64.09 8.49 38.83
N PHE S 69 64.81 9.18 39.70
CA PHE S 69 65.95 8.61 40.39
C PHE S 69 65.49 8.06 41.72
N ARG S 70 66.15 7.01 42.20
CA ARG S 70 65.73 6.33 43.41
C ARG S 70 66.67 6.56 44.58
N ALA S 71 67.92 6.93 44.32
CA ALA S 71 68.89 7.12 45.39
C ALA S 71 68.52 8.37 46.18
N PRO S 72 68.85 8.42 47.49
CA PRO S 72 68.56 9.62 48.26
C PRO S 72 69.27 10.86 47.76
N SER S 73 70.53 10.73 47.35
CA SER S 73 71.30 11.87 46.87
C SER S 73 70.75 12.39 45.54
N ARG S 74 70.49 11.49 44.61
CA ARG S 74 69.98 11.93 43.32
C ARG S 74 68.56 12.45 43.43
N ILE S 75 67.82 12.01 44.44
CA ILE S 75 66.55 12.67 44.78
C ILE S 75 66.82 14.10 45.22
N PHE S 76 67.77 14.28 46.15
CA PHE S 76 68.11 15.62 46.60
C PHE S 76 68.80 16.42 45.49
N TRP S 77 69.56 15.74 44.63
CA TRP S 77 70.16 16.43 43.50
C TRP S 77 69.10 16.91 42.52
N ARG S 78 67.99 16.18 42.41
CA ARG S 78 66.93 16.56 41.48
C ARG S 78 66.24 17.83 41.94
N THR S 79 65.98 17.96 43.24
CA THR S 79 65.29 19.15 43.71
C THR S 79 66.19 20.38 43.67
N VAL S 80 67.51 20.18 43.69
CA VAL S 80 68.41 21.31 43.44
C VAL S 80 68.34 21.73 41.99
N ARG S 81 68.21 20.77 41.07
CA ARG S 81 68.10 21.08 39.66
C ARG S 81 66.80 21.82 39.36
N GLY S 82 65.75 21.58 40.15
CA GLY S 82 64.55 22.38 40.02
C GLY S 82 64.73 23.83 40.40
N MET S 83 65.63 24.12 41.34
CA MET S 83 65.89 25.47 41.82
C MET S 83 67.12 26.07 41.15
N LEU S 84 67.32 25.75 39.89
CA LEU S 84 68.53 26.12 39.17
C LEU S 84 68.19 26.30 37.70
N PRO S 85 68.77 27.28 37.02
CA PRO S 85 68.49 27.45 35.59
C PRO S 85 69.35 26.52 34.72
N HIS S 86 69.03 25.23 34.78
CA HIS S 86 69.88 24.21 34.15
C HIS S 86 69.88 24.29 32.64
N LYS S 87 68.84 24.89 32.03
CA LYS S 87 68.80 24.97 30.58
C LYS S 87 69.81 25.98 30.03
N THR S 88 70.34 26.86 30.88
CA THR S 88 71.35 27.81 30.47
C THR S 88 72.71 27.16 30.44
N LYS S 89 73.71 27.91 29.99
CA LYS S 89 75.08 27.42 30.04
C LYS S 89 75.71 27.68 31.41
N ARG S 90 75.36 28.81 32.03
CA ARG S 90 75.84 29.07 33.38
C ARG S 90 75.19 28.15 34.39
N GLY S 91 74.00 27.62 34.07
CA GLY S 91 73.39 26.64 34.94
C GLY S 91 74.07 25.29 34.89
N GLN S 92 74.55 24.89 33.72
CA GLN S 92 75.31 23.67 33.62
C GLN S 92 76.66 23.82 34.31
N ALA S 93 77.22 25.03 34.28
CA ALA S 93 78.40 25.35 35.05
C ALA S 93 78.13 25.30 36.55
N ALA S 94 76.87 25.43 36.96
CA ALA S 94 76.55 25.28 38.38
C ALA S 94 76.47 23.82 38.78
N LEU S 95 75.75 23.01 38.00
CA LEU S 95 75.38 21.66 38.41
C LEU S 95 76.57 20.75 38.70
N ASP S 96 77.71 20.96 38.04
CA ASP S 96 78.85 20.08 38.27
C ASP S 96 79.56 20.39 39.58
N ARG S 97 79.51 21.65 40.04
CA ARG S 97 80.09 21.98 41.34
C ARG S 97 79.38 21.26 42.47
N LEU S 98 78.11 20.91 42.29
CA LEU S 98 77.41 20.07 43.24
C LEU S 98 77.89 18.63 43.10
N LYS S 99 78.16 18.00 44.24
CA LYS S 99 78.54 16.58 44.27
C LYS S 99 77.86 15.96 45.49
N VAL S 100 76.74 15.33 45.27
CA VAL S 100 75.98 14.72 46.35
C VAL S 100 76.49 13.30 46.56
N PHE S 101 76.34 12.78 47.79
CA PHE S 101 76.89 11.47 48.13
C PHE S 101 76.03 10.82 49.20
N ASP S 102 75.75 9.53 49.00
CA ASP S 102 75.01 8.72 49.96
C ASP S 102 75.99 8.22 51.01
N GLY S 103 75.81 8.65 52.24
CA GLY S 103 76.79 8.37 53.26
C GLY S 103 78.03 9.20 53.04
N ILE S 104 79.15 8.71 53.56
CA ILE S 104 80.38 9.49 53.47
C ILE S 104 81.48 8.75 52.71
N PRO S 105 81.87 9.23 51.54
CA PRO S 105 83.04 8.69 50.84
C PRO S 105 84.32 8.93 51.61
N PRO S 106 85.42 8.28 51.22
CA PRO S 106 86.72 8.49 51.90
C PRO S 106 87.24 9.92 51.89
N PRO S 107 87.00 10.77 50.83
CA PRO S 107 87.52 12.15 50.93
C PRO S 107 86.89 13.03 51.99
N TYR S 108 85.85 12.55 52.69
CA TYR S 108 85.13 13.41 53.62
C TYR S 108 84.88 12.83 55.00
N ASP S 109 85.14 11.55 55.24
CA ASP S 109 84.86 11.02 56.57
C ASP S 109 85.94 11.37 57.57
N LYS S 110 87.01 12.04 57.14
CA LYS S 110 88.01 12.57 58.05
C LYS S 110 88.16 14.07 57.80
N LYS S 111 87.02 14.75 57.65
CA LYS S 111 86.98 16.20 57.54
C LYS S 111 85.78 16.71 58.31
N LYS S 112 85.83 17.98 58.68
CA LYS S 112 84.75 18.59 59.46
C LYS S 112 83.60 18.95 58.52
N ARG S 113 82.42 18.41 58.81
CA ARG S 113 81.24 18.72 58.02
C ARG S 113 80.49 19.91 58.62
N MET S 114 80.11 20.84 57.76
CA MET S 114 79.36 22.01 58.21
C MET S 114 77.88 21.69 58.24
N VAL S 115 77.11 22.59 58.85
CA VAL S 115 75.65 22.46 58.92
C VAL S 115 75.01 23.80 58.62
N VAL S 116 73.82 23.77 58.05
CA VAL S 116 73.06 24.99 57.77
C VAL S 116 71.95 25.10 58.79
N PRO S 117 72.12 25.88 59.85
CA PRO S 117 71.11 25.91 60.92
C PRO S 117 69.87 26.69 60.55
N ALA S 118 69.91 27.49 59.49
CA ALA S 118 68.69 28.17 59.04
C ALA S 118 67.73 27.19 58.38
N ALA S 119 68.22 26.01 58.02
CA ALA S 119 67.41 24.93 57.46
C ALA S 119 67.68 23.67 58.27
N LEU S 120 66.94 23.49 59.35
CA LEU S 120 67.14 22.35 60.23
C LEU S 120 65.83 22.02 60.92
N LYS S 121 65.67 20.75 61.29
CA LYS S 121 64.39 20.28 61.79
C LYS S 121 64.10 20.83 63.19
N VAL S 122 65.11 20.92 64.04
CA VAL S 122 64.89 21.20 65.45
C VAL S 122 64.52 22.66 65.69
N VAL S 123 64.60 23.49 64.65
CA VAL S 123 64.24 24.90 64.73
C VAL S 123 63.10 25.24 63.76
N ARG S 124 63.18 24.76 62.52
CA ARG S 124 62.22 25.16 61.50
C ARG S 124 60.99 24.28 61.43
N LEU S 125 60.73 23.49 62.46
CA LEU S 125 59.50 22.70 62.55
C LEU S 125 58.94 22.79 63.95
N LYS S 126 57.62 22.97 64.04
CA LYS S 126 56.96 22.81 65.32
C LYS S 126 57.07 21.36 65.77
N PRO S 127 57.45 21.13 67.02
CA PRO S 127 57.84 19.77 67.44
C PRO S 127 56.70 18.76 67.43
N THR S 128 55.45 19.21 67.37
CA THR S 128 54.34 18.27 67.27
C THR S 128 54.03 17.86 65.85
N ARG S 129 54.54 18.59 64.86
CA ARG S 129 54.29 18.24 63.47
C ARG S 129 55.08 17.01 63.08
N LYS S 130 54.48 16.19 62.23
CA LYS S 130 55.08 14.94 61.78
C LYS S 130 56.09 15.20 60.67
N PHE S 131 57.02 14.25 60.51
CA PHE S 131 58.12 14.42 59.60
C PHE S 131 58.62 13.04 59.19
N ALA S 132 59.20 12.96 58.00
CA ALA S 132 59.59 11.69 57.39
C ALA S 132 61.06 11.73 57.01
N TYR S 133 61.79 10.69 57.41
CA TYR S 133 63.17 10.55 56.98
C TYR S 133 63.21 10.11 55.52
N LEU S 134 64.14 10.69 54.76
CA LEU S 134 64.21 10.39 53.33
C LEU S 134 64.80 9.01 53.11
N GLY S 135 65.60 8.51 54.06
CA GLY S 135 66.16 7.17 53.94
C GLY S 135 65.09 6.11 53.85
N ARG S 136 64.01 6.27 54.61
CA ARG S 136 62.91 5.33 54.54
C ARG S 136 62.16 5.47 53.22
N LEU S 137 61.97 6.72 52.76
CA LEU S 137 61.17 6.97 51.57
C LEU S 137 61.82 6.38 50.33
N ALA S 138 63.11 6.59 50.15
CA ALA S 138 63.80 6.07 48.97
C ALA S 138 63.83 4.55 48.97
N HIS S 139 64.08 3.96 50.14
CA HIS S 139 64.07 2.51 50.28
C HIS S 139 62.74 1.92 49.86
N GLU S 140 61.65 2.58 50.21
CA GLU S 140 60.33 2.10 49.85
C GLU S 140 59.85 2.59 48.50
N VAL S 141 60.74 3.05 47.63
CA VAL S 141 60.27 3.49 46.32
C VAL S 141 61.14 2.91 45.22
N GLY S 142 62.23 2.24 45.59
CA GLY S 142 63.05 1.60 44.58
C GLY S 142 64.53 1.59 44.82
N TRP S 143 65.00 2.35 45.80
CA TRP S 143 66.41 2.33 46.16
C TRP S 143 66.76 0.97 46.75
N LYS S 144 67.96 0.48 46.42
CA LYS S 144 68.36 -0.88 46.77
C LYS S 144 69.44 -0.92 47.83
N TYR S 145 69.85 0.23 48.36
CA TYR S 145 71.08 0.24 49.15
C TYR S 145 70.89 0.89 50.51
N GLN S 146 69.69 0.80 51.09
CA GLN S 146 69.55 1.28 52.47
C GLN S 146 70.34 0.41 53.43
N ALA S 147 70.34 -0.90 53.20
CA ALA S 147 70.99 -1.81 54.13
C ALA S 147 72.50 -1.79 54.02
N VAL S 148 73.05 -1.73 52.81
CA VAL S 148 74.49 -1.82 52.65
C VAL S 148 75.15 -0.50 53.03
N THR S 149 74.48 0.64 52.75
CA THR S 149 74.96 1.92 53.25
C THR S 149 74.94 1.97 54.76
N ALA S 150 73.92 1.38 55.39
CA ALA S 150 73.84 1.39 56.85
C ALA S 150 74.98 0.60 57.46
N THR S 151 75.44 -0.45 56.78
CA THR S 151 76.60 -1.19 57.28
C THR S 151 77.86 -0.34 57.16
N LEU S 152 77.94 0.50 56.14
CA LEU S 152 79.12 1.34 55.96
C LEU S 152 79.10 2.51 56.93
N GLU S 153 77.91 3.07 57.21
CA GLU S 153 77.85 4.13 58.21
C GLU S 153 78.10 3.58 59.60
N GLU S 154 77.69 2.34 59.87
CA GLU S 154 78.02 1.72 61.14
C GLU S 154 79.47 1.30 61.23
N LYS S 155 80.24 1.44 60.14
CA LYS S 155 81.68 1.27 60.23
C LYS S 155 82.36 2.53 60.73
N ARG S 156 82.08 3.66 60.10
CA ARG S 156 82.75 4.91 60.44
C ARG S 156 82.30 5.50 61.77
N LYS S 157 81.12 5.12 62.26
CA LYS S 157 80.65 5.62 63.55
C LYS S 157 81.56 5.17 64.69
N GLU S 158 82.00 3.92 64.65
CA GLU S 158 83.01 3.49 65.62
C GLU S 158 84.42 3.82 65.16
N LYS S 159 84.62 4.03 63.86
CA LYS S 159 85.95 4.39 63.37
C LYS S 159 86.33 5.81 63.78
N ALA S 160 85.41 6.76 63.61
CA ALA S 160 85.64 8.12 64.07
C ALA S 160 85.52 8.25 65.59
N LYS S 161 84.87 7.30 66.24
CA LYS S 161 84.84 7.27 67.70
C LYS S 161 86.24 7.09 68.27
N ILE S 162 87.07 6.29 67.61
CA ILE S 162 88.44 6.08 68.08
C ILE S 162 89.25 7.36 67.92
N HIS S 163 88.96 8.16 66.89
CA HIS S 163 89.62 9.45 66.72
C HIS S 163 89.20 10.43 67.81
N TYR S 164 87.92 10.42 68.17
CA TYR S 164 87.43 11.29 69.22
C TYR S 164 87.91 10.84 70.59
N ARG S 165 87.86 9.52 70.85
CA ARG S 165 88.36 8.97 72.10
C ARG S 165 89.84 9.29 72.30
N LYS S 166 90.59 9.40 71.21
CA LYS S 166 91.97 9.82 71.33
C LYS S 166 92.10 11.34 71.43
N LYS S 167 91.29 12.10 70.70
CA LYS S 167 91.44 13.55 70.68
C LYS S 167 91.15 14.17 72.03
N LYS S 168 90.19 13.62 72.77
CA LYS S 168 89.96 14.04 74.15
C LYS S 168 91.21 13.82 74.99
N GLN S 169 91.85 12.66 74.83
CA GLN S 169 93.04 12.36 75.61
C GLN S 169 94.23 13.20 75.15
N LEU S 170 94.26 13.58 73.88
CA LEU S 170 95.37 14.40 73.40
C LEU S 170 95.32 15.81 73.99
N MET S 171 94.14 16.28 74.35
CA MET S 171 94.07 17.61 74.94
C MET S 171 93.87 17.56 76.45
N ARG S 172 93.50 16.41 77.01
CA ARG S 172 93.51 16.25 78.45
C ARG S 172 94.92 16.30 79.01
N LEU S 173 95.93 15.99 78.20
CA LEU S 173 97.31 16.27 78.55
C LEU S 173 97.67 17.74 78.33
N ARG S 174 97.04 18.38 77.35
CA ARG S 174 97.34 19.77 77.03
C ARG S 174 96.81 20.70 78.11
N LYS S 175 95.59 20.45 78.58
CA LYS S 175 95.09 21.19 79.73
C LYS S 175 95.76 20.74 81.03
N GLN S 176 96.43 19.59 81.00
CA GLN S 176 97.32 19.22 82.09
C GLN S 176 98.70 19.83 81.92
N ALA S 177 99.05 20.20 80.69
CA ALA S 177 100.36 20.83 80.44
C ALA S 177 100.42 22.22 81.05
N GLU S 178 99.34 23.00 80.89
CA GLU S 178 99.30 24.34 81.46
C GLU S 178 99.33 24.30 82.98
N LYS S 179 98.95 23.18 83.58
CA LYS S 179 98.95 23.05 85.03
C LYS S 179 100.34 22.90 85.63
N ASN S 180 101.41 22.87 84.81
CA ASN S 180 102.77 22.77 85.30
C ASN S 180 103.70 23.76 84.62
N VAL S 181 103.16 24.68 83.81
CA VAL S 181 104.01 25.55 83.01
C VAL S 181 103.54 26.99 83.16
N GLU S 182 102.72 27.25 84.19
CA GLU S 182 102.05 28.55 84.31
C GLU S 182 103.01 29.70 84.63
N LYS S 183 104.03 29.47 85.43
CA LYS S 183 104.89 30.58 85.85
C LYS S 183 105.90 31.00 84.79
N LYS S 184 105.82 30.45 83.58
CA LYS S 184 106.65 30.90 82.48
C LYS S 184 105.81 31.26 81.25
N ILE S 185 104.48 31.22 81.38
CA ILE S 185 103.57 31.66 80.32
C ILE S 185 102.56 32.68 80.82
N SER S 186 102.51 32.95 82.13
CA SER S 186 101.55 33.91 82.65
C SER S 186 101.83 35.32 82.16
N LYS S 187 103.08 35.63 81.85
CA LYS S 187 103.42 36.90 81.22
C LYS S 187 103.05 36.92 79.74
N PHE S 188 102.77 35.75 79.17
CA PHE S 188 102.17 35.65 77.84
C PHE S 188 100.68 35.39 77.88
N THR S 189 100.14 34.99 79.03
CA THR S 189 98.72 34.73 79.21
C THR S 189 97.93 36.00 79.47
N ASP S 190 98.42 36.85 80.36
CA ASP S 190 97.72 38.07 80.72
C ASP S 190 97.60 39.03 79.54
N VAL S 191 98.62 39.06 78.68
CA VAL S 191 98.55 39.88 77.48
C VAL S 191 97.58 39.27 76.46
N LEU S 192 97.24 37.99 76.61
CA LEU S 192 96.11 37.44 75.88
C LEU S 192 94.80 37.61 76.64
N LYS S 193 94.86 37.66 77.97
CA LYS S 193 93.64 37.78 78.75
C LYS S 193 93.11 39.20 78.83
N THR S 194 93.98 40.21 78.78
CA THR S 194 93.50 41.59 78.80
C THR S 194 92.93 42.03 77.46
N HIS S 195 93.10 41.23 76.41
CA HIS S 195 92.47 41.48 75.13
C HIS S 195 91.39 40.46 74.80
N GLY S 196 90.94 39.69 75.79
CA GLY S 196 89.79 38.82 75.62
C GLY S 196 90.04 37.61 74.74
N LEU S 197 90.88 36.69 75.20
CA LEU S 197 91.10 35.46 74.46
C LEU S 197 91.01 34.23 75.34
N LEU S 198 91.27 34.37 76.63
CA LEU S 198 91.15 33.25 77.55
C LEU S 198 90.08 33.47 78.60
N VAL S 199 89.53 34.68 78.69
CA VAL S 199 88.51 34.97 79.68
C VAL S 199 87.21 34.32 79.27
N VAL T 1 96.95 26.58 -17.26
CA VAL T 1 96.11 27.73 -16.96
C VAL T 1 96.09 28.00 -15.47
N ARG T 2 95.05 28.70 -15.00
CA ARG T 2 94.94 29.08 -13.61
C ARG T 2 94.46 27.89 -12.79
N TYR T 3 95.00 27.74 -11.59
CA TYR T 3 94.61 26.67 -10.68
C TYR T 3 93.94 27.24 -9.44
N SER T 4 93.55 26.33 -8.54
CA SER T 4 92.91 26.74 -7.30
C SER T 4 93.91 26.99 -6.19
N LEU T 5 95.01 26.26 -6.18
CA LEU T 5 96.03 26.39 -5.15
C LEU T 5 97.37 26.56 -5.84
N ASP T 6 98.04 27.68 -5.56
CA ASP T 6 99.29 27.77 -6.29
C ASP T 6 100.38 27.02 -5.53
N PRO T 7 101.34 26.42 -6.24
CA PRO T 7 102.36 25.61 -5.57
C PRO T 7 103.31 26.48 -4.77
N GLU T 8 103.70 25.95 -3.60
CA GLU T 8 104.64 26.66 -2.74
C GLU T 8 106.07 26.51 -3.22
N ASN T 9 106.30 25.57 -4.15
CA ASN T 9 107.63 25.35 -4.72
C ASN T 9 107.41 24.87 -6.16
N PRO T 10 107.31 25.79 -7.12
CA PRO T 10 106.99 25.39 -8.49
C PRO T 10 108.05 24.52 -9.13
N THR T 11 109.30 24.64 -8.69
CA THR T 11 110.35 23.76 -9.19
C THR T 11 110.13 22.33 -8.73
N LYS T 12 109.59 22.14 -7.52
CA LYS T 12 109.38 20.83 -6.95
C LYS T 12 107.98 20.30 -7.19
N SER T 13 107.36 20.66 -8.33
CA SER T 13 105.98 20.30 -8.59
C SER T 13 105.78 19.89 -10.04
N CYS T 14 104.72 19.13 -10.28
CA CYS T 14 104.20 18.87 -11.61
C CYS T 14 102.69 18.99 -11.59
N LYS T 15 102.13 19.37 -12.74
CA LYS T 15 100.71 19.64 -12.87
C LYS T 15 100.04 18.56 -13.72
N SER T 16 98.73 18.48 -13.57
CA SER T 16 97.91 17.59 -14.39
C SER T 16 96.47 18.07 -14.29
N ARG T 17 95.86 18.39 -15.42
CA ARG T 17 94.52 18.95 -15.46
C ARG T 17 93.60 18.05 -16.27
N GLY T 18 92.33 18.08 -15.93
CA GLY T 18 91.33 17.33 -16.68
C GLY T 18 90.03 18.07 -16.83
N SER T 19 89.53 18.14 -18.05
CA SER T 19 88.32 18.91 -18.34
C SER T 19 87.32 18.03 -19.09
N ASN T 20 86.06 18.18 -18.71
CA ASN T 20 84.91 17.49 -19.30
C ASN T 20 85.11 15.97 -19.28
N LEU T 21 85.24 15.44 -18.07
CA LEU T 21 85.28 14.00 -17.87
C LEU T 21 83.87 13.54 -17.61
N ARG T 22 83.31 12.77 -18.53
CA ARG T 22 81.94 12.30 -18.35
C ARG T 22 81.92 11.20 -17.30
N VAL T 23 81.87 11.61 -16.04
CA VAL T 23 81.91 10.69 -14.91
C VAL T 23 81.33 11.42 -13.72
N HIS T 24 80.73 10.67 -12.80
CA HIS T 24 80.02 11.25 -11.67
C HIS T 24 80.95 12.05 -10.79
N PHE T 25 80.63 13.34 -10.62
CA PHE T 25 81.40 14.20 -9.74
C PHE T 25 81.29 13.73 -8.29
N LYS T 26 80.10 13.30 -7.88
CA LYS T 26 79.90 12.83 -6.52
C LYS T 26 80.66 11.55 -6.26
N ASN T 27 80.74 10.66 -7.25
CA ASN T 27 81.55 9.46 -7.10
C ASN T 27 83.04 9.77 -7.20
N THR T 28 83.39 10.96 -7.68
CA THR T 28 84.79 11.32 -7.81
C THR T 28 85.32 12.08 -6.61
N ARG T 29 84.49 12.97 -6.04
CA ARG T 29 84.92 13.77 -4.91
C ARG T 29 85.27 12.88 -3.72
N GLU T 30 84.44 11.88 -3.44
CA GLU T 30 84.67 11.05 -2.27
C GLU T 30 85.92 10.18 -2.44
N THR T 31 86.30 9.89 -3.68
CA THR T 31 87.57 9.21 -3.93
C THR T 31 88.77 10.13 -3.79
N ALA T 32 88.66 11.37 -4.26
CA ALA T 32 89.79 12.28 -4.21
C ALA T 32 90.09 12.75 -2.80
N GLN T 33 89.09 12.75 -1.92
CA GLN T 33 89.35 13.03 -0.52
C GLN T 33 89.99 11.85 0.18
N ALA T 34 90.02 10.68 -0.47
CA ALA T 34 90.55 9.48 0.14
C ALA T 34 91.98 9.20 -0.28
N ILE T 35 92.52 9.98 -1.22
CA ILE T 35 93.85 9.73 -1.74
C ILE T 35 94.72 10.96 -1.52
N LYS T 36 94.12 12.00 -0.94
CA LYS T 36 94.63 13.36 -1.06
C LYS T 36 96.01 13.54 -0.45
N GLY T 37 96.38 12.76 0.56
CA GLY T 37 97.62 13.00 1.24
C GLY T 37 98.68 11.92 1.10
N MET T 38 98.25 10.70 0.83
CA MET T 38 99.17 9.58 0.83
C MET T 38 100.07 9.61 -0.41
N HIS T 39 101.05 8.71 -0.42
CA HIS T 39 102.03 8.68 -1.49
C HIS T 39 101.41 8.08 -2.76
N ILE T 40 102.09 8.31 -3.89
CA ILE T 40 101.56 7.88 -5.18
C ILE T 40 101.62 6.35 -5.31
N ARG T 41 102.69 5.73 -4.83
CA ARG T 41 102.73 4.27 -4.83
C ARG T 41 101.84 3.69 -3.74
N LYS T 42 101.46 4.50 -2.76
CA LYS T 42 100.35 4.14 -1.88
C LYS T 42 99.01 4.60 -2.43
N ALA T 43 99.00 5.23 -3.61
CA ALA T 43 97.74 5.60 -4.27
C ALA T 43 97.51 4.77 -5.52
N THR T 44 98.55 4.56 -6.32
CA THR T 44 98.41 3.72 -7.52
C THR T 44 98.10 2.28 -7.13
N LYS T 45 98.73 1.78 -6.06
CA LYS T 45 98.36 0.47 -5.55
C LYS T 45 96.97 0.52 -4.94
N TYR T 46 96.60 1.65 -4.35
CA TYR T 46 95.26 1.82 -3.82
C TYR T 46 94.23 1.86 -4.93
N LEU T 47 94.51 2.60 -6.01
CA LEU T 47 93.51 2.80 -7.05
C LEU T 47 93.28 1.56 -7.92
N LYS T 48 94.03 0.49 -7.71
CA LYS T 48 93.66 -0.78 -8.32
C LYS T 48 92.83 -1.64 -7.37
N ASP T 49 92.98 -1.43 -6.06
CA ASP T 49 92.19 -2.16 -5.09
C ASP T 49 90.73 -1.77 -5.12
N VAL T 50 90.42 -0.52 -5.45
CA VAL T 50 89.05 -0.10 -5.62
C VAL T 50 88.46 -0.65 -6.91
N THR T 51 89.31 -0.99 -7.87
CA THR T 51 88.84 -1.70 -9.06
C THR T 51 88.69 -3.19 -8.83
N LEU T 52 89.14 -3.69 -7.68
CA LEU T 52 89.02 -5.09 -7.31
C LEU T 52 88.14 -5.31 -6.09
N LYS T 53 87.56 -4.25 -5.54
CA LYS T 53 86.79 -4.28 -4.30
C LYS T 53 87.58 -4.91 -3.15
N LYS T 54 88.83 -4.48 -3.00
CA LYS T 54 89.66 -4.93 -1.89
C LYS T 54 89.78 -3.91 -0.78
N GLN T 55 89.83 -2.63 -1.12
CA GLN T 55 89.79 -1.56 -0.14
C GLN T 55 88.74 -0.56 -0.59
N CYS T 56 87.91 -0.10 0.33
CA CYS T 56 86.74 0.68 -0.04
C CYS T 56 87.12 2.13 -0.33
N VAL T 57 86.09 2.95 -0.47
CA VAL T 57 86.21 4.40 -0.48
C VAL T 57 85.19 4.94 0.52
N PRO T 58 85.63 5.51 1.64
CA PRO T 58 84.66 6.08 2.59
C PRO T 58 83.94 7.27 1.99
N PHE T 59 82.62 7.23 2.04
CA PHE T 59 81.76 8.26 1.45
C PHE T 59 81.37 9.21 2.58
N ARG T 60 82.12 10.30 2.72
CA ARG T 60 81.93 11.20 3.85
C ARG T 60 80.71 12.08 3.66
N ARG T 61 80.74 12.93 2.63
CA ARG T 61 79.70 13.96 2.49
C ARG T 61 78.43 13.37 1.85
N TYR T 62 78.55 12.90 0.61
CA TYR T 62 77.42 12.30 -0.10
C TYR T 62 77.32 10.85 0.34
N ASN T 63 76.30 10.58 1.15
CA ASN T 63 76.08 9.25 1.70
C ASN T 63 74.61 8.92 1.72
N GLY T 64 73.87 9.38 0.72
CA GLY T 64 72.45 9.07 0.66
C GLY T 64 72.21 7.69 0.09
N GLY T 65 71.73 6.77 0.92
CA GLY T 65 71.47 5.42 0.48
C GLY T 65 72.68 4.61 0.13
N VAL T 66 73.89 5.11 0.39
CA VAL T 66 75.11 4.35 0.14
C VAL T 66 75.24 3.29 1.22
N GLY T 67 75.15 2.03 0.82
CA GLY T 67 75.13 0.95 1.79
C GLY T 67 76.48 0.76 2.45
N ARG T 68 76.43 0.47 3.74
CA ARG T 68 77.64 0.36 4.54
C ARG T 68 78.39 -0.92 4.17
N CYS T 69 79.71 -0.89 4.35
CA CYS T 69 80.58 -2.01 4.01
C CYS T 69 81.29 -2.48 5.27
N ALA T 70 82.26 -3.36 5.08
CA ALA T 70 83.09 -3.83 6.18
C ALA T 70 84.49 -3.25 6.17
N GLN T 71 84.96 -2.76 5.02
CA GLN T 71 86.30 -2.21 4.92
C GLN T 71 86.40 -0.77 5.39
N ALA T 72 85.28 -0.10 5.63
CA ALA T 72 85.32 1.27 6.12
C ALA T 72 85.78 1.36 7.57
N LYS T 73 85.95 0.24 8.27
CA LYS T 73 86.44 0.23 9.63
C LYS T 73 87.89 0.68 9.75
N GLN T 74 88.62 0.73 8.63
CA GLN T 74 89.96 1.30 8.64
C GLN T 74 89.96 2.80 8.80
N TRP T 75 88.82 3.46 8.54
CA TRP T 75 88.75 4.90 8.44
C TRP T 75 87.89 5.52 9.53
N GLY T 76 87.43 4.71 10.48
CA GLY T 76 86.53 5.20 11.51
C GLY T 76 85.20 5.68 10.95
N TRP T 77 84.70 4.99 9.94
CA TRP T 77 83.46 5.36 9.26
C TRP T 77 82.56 4.15 9.21
N THR T 78 81.39 4.31 8.60
CA THR T 78 80.47 3.19 8.39
C THR T 78 80.20 2.88 6.94
N GLN T 79 80.11 3.88 6.07
CA GLN T 79 79.71 3.67 4.69
C GLN T 79 80.91 3.59 3.78
N GLY T 80 80.97 2.54 2.97
CA GLY T 80 82.09 2.35 2.06
C GLY T 80 81.61 1.74 0.77
N ARG T 81 82.25 2.15 -0.32
CA ARG T 81 81.83 1.77 -1.65
C ARG T 81 83.08 1.68 -2.53
N TRP T 82 82.98 0.91 -3.61
CA TRP T 82 84.13 0.67 -4.49
C TRP T 82 83.88 1.20 -5.90
N PRO T 83 83.89 2.51 -6.12
CA PRO T 83 83.57 3.02 -7.46
C PRO T 83 84.69 2.75 -8.44
N LYS T 84 84.33 2.17 -9.57
CA LYS T 84 85.32 1.66 -10.52
C LYS T 84 85.66 2.68 -11.58
N LYS T 85 84.65 3.15 -12.32
CA LYS T 85 84.90 4.04 -13.46
C LYS T 85 85.49 5.36 -13.01
N SER T 86 84.97 5.91 -11.91
CA SER T 86 85.46 7.19 -11.41
C SER T 86 86.91 7.09 -10.98
N ALA T 87 87.24 6.06 -10.22
CA ALA T 87 88.62 5.84 -9.79
C ALA T 87 89.51 5.33 -10.90
N GLU T 88 88.97 5.14 -12.11
CA GLU T 88 89.77 4.73 -13.26
C GLU T 88 90.18 5.93 -14.10
N PHE T 89 89.30 6.92 -14.22
CA PHE T 89 89.65 8.14 -14.94
C PHE T 89 90.83 8.85 -14.29
N LEU T 90 90.74 9.12 -12.99
CA LEU T 90 91.82 9.90 -12.38
C LEU T 90 93.07 9.08 -12.17
N LEU T 91 93.03 7.76 -12.38
CA LEU T 91 94.26 6.98 -12.46
C LEU T 91 95.08 7.33 -13.68
N HIS T 92 94.47 7.34 -14.86
CA HIS T 92 95.13 7.84 -16.06
C HIS T 92 95.49 9.30 -15.96
N MET T 93 94.80 10.07 -15.13
CA MET T 93 95.25 11.42 -14.85
C MET T 93 96.43 11.40 -13.90
N LEU T 94 96.42 10.50 -12.92
CA LEU T 94 97.57 10.35 -12.04
C LEU T 94 98.78 9.82 -12.79
N LYS T 95 98.58 8.99 -13.81
CA LYS T 95 99.69 8.58 -14.67
C LYS T 95 100.07 9.69 -15.63
N ASN T 96 99.13 10.57 -15.98
CA ASN T 96 99.47 11.75 -16.76
C ASN T 96 100.37 12.67 -15.96
N ALA T 97 100.15 12.75 -14.65
CA ALA T 97 101.06 13.50 -13.79
C ALA T 97 102.38 12.78 -13.64
N GLU T 98 102.38 11.45 -13.77
CA GLU T 98 103.64 10.71 -13.70
C GLU T 98 104.52 11.00 -14.90
N SER T 99 103.92 11.17 -16.08
CA SER T 99 104.71 11.52 -17.25
C SER T 99 105.03 13.00 -17.28
N ASN T 100 104.33 13.80 -16.48
CA ASN T 100 104.69 15.21 -16.34
C ASN T 100 105.85 15.41 -15.39
N ALA T 101 106.15 14.43 -14.55
CA ALA T 101 107.18 14.61 -13.52
C ALA T 101 108.57 14.29 -14.01
N GLU T 102 108.73 13.30 -14.90
CA GLU T 102 110.05 12.93 -15.37
C GLU T 102 110.60 13.91 -16.41
N LEU T 103 109.72 14.53 -17.19
CA LEU T 103 110.13 15.51 -18.18
C LEU T 103 110.65 16.78 -17.53
N LYS T 104 110.23 17.06 -16.30
CA LYS T 104 110.79 18.14 -15.52
C LYS T 104 112.01 17.69 -14.71
N GLY T 105 112.06 16.41 -14.35
CA GLY T 105 113.25 15.89 -13.70
C GLY T 105 113.18 15.82 -12.19
N LEU T 106 112.09 15.29 -11.66
CA LEU T 106 111.98 15.05 -10.23
C LEU T 106 111.96 13.56 -9.91
N ASP T 107 112.29 13.26 -8.67
CA ASP T 107 112.34 11.87 -8.21
C ASP T 107 110.92 11.36 -8.00
N VAL T 108 110.59 10.22 -8.61
CA VAL T 108 109.20 9.78 -8.66
C VAL T 108 108.74 9.23 -7.31
N ASP T 109 109.55 8.38 -6.68
CA ASP T 109 109.07 7.67 -5.50
C ASP T 109 109.12 8.51 -4.24
N SER T 110 109.16 9.83 -4.37
CA SER T 110 108.94 10.73 -3.25
C SER T 110 107.98 11.84 -3.64
N LEU T 111 107.18 11.61 -4.67
CA LEU T 111 106.12 12.53 -5.04
C LEU T 111 104.91 12.30 -4.16
N VAL T 112 104.49 13.35 -3.44
CA VAL T 112 103.36 13.28 -2.53
C VAL T 112 102.27 14.20 -3.06
N ILE T 113 101.12 13.60 -3.40
CA ILE T 113 99.94 14.41 -3.68
C ILE T 113 99.52 15.12 -2.40
N GLU T 114 99.21 16.40 -2.52
CA GLU T 114 98.80 17.22 -1.40
C GLU T 114 97.53 17.99 -1.67
N HIS T 115 97.09 18.05 -2.93
CA HIS T 115 95.87 18.76 -3.30
C HIS T 115 95.30 18.18 -4.58
N ILE T 116 94.02 17.85 -4.54
CA ILE T 116 93.27 17.43 -5.72
C ILE T 116 91.87 18.02 -5.61
N GLN T 117 91.42 18.67 -6.66
CA GLN T 117 90.17 19.41 -6.62
C GLN T 117 89.28 19.00 -7.78
N VAL T 118 88.02 18.71 -7.46
CA VAL T 118 87.03 18.35 -8.46
C VAL T 118 85.98 19.45 -8.52
N ASN T 119 85.74 19.96 -9.72
CA ASN T 119 84.72 20.96 -9.96
C ASN T 119 83.66 20.38 -10.89
N LYS T 120 82.43 20.89 -10.76
CA LYS T 120 81.35 20.43 -11.62
C LYS T 120 81.50 20.97 -13.03
N ALA T 121 81.40 20.10 -14.01
CA ALA T 121 81.45 20.50 -15.40
C ALA T 121 80.07 20.91 -15.89
N PRO T 122 79.97 21.56 -17.07
CA PRO T 122 78.65 21.77 -17.67
C PRO T 122 77.88 20.48 -17.92
N LYS T 123 76.66 20.40 -17.42
CA LYS T 123 75.83 19.22 -17.55
C LYS T 123 75.42 19.02 -19.01
N MET T 124 75.22 17.76 -19.40
CA MET T 124 74.77 17.46 -20.75
C MET T 124 73.25 17.27 -20.77
N ARG T 125 72.71 16.95 -21.95
CA ARG T 125 71.27 16.96 -22.18
C ARG T 125 70.79 15.64 -22.77
N ARG T 126 70.00 14.91 -21.98
CA ARG T 126 69.21 13.78 -22.44
C ARG T 126 67.86 13.82 -21.73
N ARG T 127 66.92 13.00 -22.19
CA ARG T 127 65.59 13.02 -21.61
C ARG T 127 65.06 11.61 -21.45
N THR T 128 64.41 11.36 -20.32
CA THR T 128 63.69 10.12 -20.08
C THR T 128 62.20 10.37 -20.23
N TYR T 129 61.40 9.34 -20.00
CA TYR T 129 59.97 9.39 -20.28
C TYR T 129 59.18 8.92 -19.06
N ARG T 130 58.25 9.77 -18.62
CA ARG T 130 57.43 9.49 -17.46
C ARG T 130 55.98 9.30 -17.88
N ALA T 131 55.15 8.95 -16.91
CA ALA T 131 53.75 8.63 -17.15
C ALA T 131 52.97 9.86 -17.59
N HIS T 132 51.77 9.60 -18.13
CA HIS T 132 50.82 10.62 -18.59
C HIS T 132 51.42 11.56 -19.61
N GLY T 133 52.41 11.09 -20.36
CA GLY T 133 53.01 11.90 -21.39
C GLY T 133 54.02 12.90 -20.88
N ARG T 134 54.61 12.65 -19.72
CA ARG T 134 55.57 13.57 -19.15
C ARG T 134 56.99 13.17 -19.51
N ILE T 135 57.82 14.19 -19.71
CA ILE T 135 59.22 14.04 -20.08
C ILE T 135 60.04 14.73 -19.01
N ASN T 136 61.10 14.09 -18.57
CA ASN T 136 61.92 14.66 -17.53
C ASN T 136 63.31 14.99 -18.04
N PRO T 137 64.00 15.95 -17.40
CA PRO T 137 65.40 16.18 -17.75
C PRO T 137 66.28 15.07 -17.22
N TYR T 138 66.90 14.35 -18.14
CA TYR T 138 67.81 13.26 -17.78
C TYR T 138 69.24 13.78 -17.91
N MET T 139 69.61 14.76 -17.09
CA MET T 139 70.90 15.44 -17.23
C MET T 139 72.03 14.53 -16.77
N SER T 140 73.23 14.79 -17.28
CA SER T 140 74.44 14.10 -16.84
C SER T 140 75.23 15.01 -15.89
N SER T 141 76.10 14.41 -15.09
CA SER T 141 76.87 15.22 -14.16
C SER T 141 78.38 15.05 -14.33
N PRO T 142 78.97 15.59 -15.39
CA PRO T 142 80.42 15.47 -15.56
C PRO T 142 81.16 16.42 -14.63
N CYS T 143 82.49 16.30 -14.63
CA CYS T 143 83.30 17.05 -13.69
C CYS T 143 84.61 17.46 -14.33
N HIS T 144 85.25 18.48 -13.74
CA HIS T 144 86.60 18.89 -14.07
C HIS T 144 87.52 18.55 -12.92
N ILE T 145 88.69 17.99 -13.22
CA ILE T 145 89.63 17.52 -12.21
C ILE T 145 90.95 18.25 -12.39
N GLU T 146 91.47 18.80 -11.30
CA GLU T 146 92.82 19.36 -11.24
C GLU T 146 93.50 18.79 -10.02
N MET T 147 94.78 18.47 -10.15
CA MET T 147 95.58 18.07 -9.01
C MET T 147 97.01 18.56 -9.21
N ILE T 148 97.71 18.71 -8.09
CA ILE T 148 99.08 19.18 -8.09
C ILE T 148 99.90 18.23 -7.23
N LEU T 149 101.02 17.76 -7.77
CA LEU T 149 101.94 16.92 -7.04
C LEU T 149 103.11 17.75 -6.54
N THR T 150 103.76 17.28 -5.48
CA THR T 150 104.80 18.03 -4.82
C THR T 150 105.83 17.06 -4.27
N GLU T 151 107.10 17.40 -4.42
CA GLU T 151 108.20 16.61 -3.86
C GLU T 151 108.30 16.91 -2.37
N LYS T 152 108.11 15.89 -1.54
CA LYS T 152 108.19 16.03 -0.10
C LYS T 152 108.85 14.80 0.48
N GLU T 153 109.87 15.01 1.30
CA GLU T 153 110.55 13.89 1.96
C GLU T 153 110.02 13.72 3.39
N GLY U 1 53.58 60.86 30.37
CA GLY U 1 52.96 61.54 29.24
C GLY U 1 52.54 62.95 29.60
N VAL U 2 51.97 63.67 28.64
CA VAL U 2 51.48 65.02 28.85
C VAL U 2 50.08 65.13 28.27
N ASP U 3 49.22 65.92 28.91
CA ASP U 3 47.83 66.05 28.47
C ASP U 3 47.69 67.30 27.60
N ILE U 4 48.30 67.23 26.42
CA ILE U 4 48.15 68.25 25.39
C ILE U 4 47.70 67.56 24.11
N ARG U 5 47.39 68.38 23.11
CA ARG U 5 46.96 67.90 21.80
C ARG U 5 47.78 68.61 20.74
N HIS U 6 48.41 67.84 19.87
CA HIS U 6 49.20 68.36 18.77
C HIS U 6 48.37 68.55 17.51
N ASN U 7 47.07 68.75 17.66
CA ASN U 7 46.21 68.87 16.49
C ASN U 7 46.52 70.15 15.71
N LYS U 8 46.63 71.28 16.39
CA LYS U 8 46.75 72.56 15.73
C LYS U 8 47.93 73.35 16.27
N ASP U 9 48.96 72.66 16.76
CA ASP U 9 50.08 73.37 17.37
C ASP U 9 51.08 73.90 16.36
N ARG U 10 50.88 73.64 15.07
CA ARG U 10 51.71 74.25 14.02
C ARG U 10 50.82 75.23 13.28
N LYS U 11 51.00 76.51 13.57
CA LYS U 11 50.16 77.54 12.99
C LYS U 11 50.48 77.69 11.50
N VAL U 12 49.55 77.28 10.66
CA VAL U 12 49.71 77.37 9.22
C VAL U 12 49.52 78.83 8.82
N ARG U 13 50.56 79.40 8.21
CA ARG U 13 50.61 80.82 7.84
C ARG U 13 51.82 81.00 6.94
N ARG U 14 51.97 82.20 6.41
CA ARG U 14 53.09 82.49 5.53
C ARG U 14 54.26 83.05 6.33
N LYS U 15 55.45 82.52 6.07
CA LYS U 15 56.68 83.03 6.65
C LYS U 15 57.61 83.63 5.61
N GLU U 16 57.33 83.41 4.33
CA GLU U 16 58.08 83.94 3.20
C GLU U 16 57.27 83.67 1.95
N PRO U 17 57.33 84.54 0.94
CA PRO U 17 56.49 84.35 -0.25
C PRO U 17 56.95 83.15 -1.04
N LYS U 18 55.99 82.29 -1.40
CA LYS U 18 56.28 81.09 -2.20
C LYS U 18 56.79 81.42 -3.59
N SER U 19 56.63 82.65 -4.05
CA SER U 19 57.20 83.06 -5.32
C SER U 19 58.72 83.18 -5.20
N GLN U 20 59.40 82.89 -6.31
CA GLN U 20 60.85 83.05 -6.40
C GLN U 20 61.23 84.38 -7.03
N ASP U 21 60.32 85.35 -7.01
CA ASP U 21 60.59 86.67 -7.59
C ASP U 21 61.67 87.38 -6.78
N ILE U 22 62.70 87.85 -7.46
CA ILE U 22 63.87 88.36 -6.75
C ILE U 22 63.60 89.75 -6.19
N TYR U 23 62.74 90.53 -6.85
CA TYR U 23 62.49 91.88 -6.36
C TYR U 23 61.64 91.88 -5.12
N LEU U 24 60.71 90.92 -5.01
CA LEU U 24 59.93 90.78 -3.79
C LEU U 24 60.83 90.48 -2.61
N ARG U 25 61.77 89.55 -2.78
CA ARG U 25 62.65 89.19 -1.67
C ARG U 25 63.60 90.31 -1.28
N LEU U 26 63.82 91.28 -2.17
CA LEU U 26 64.44 92.52 -1.75
C LEU U 26 63.51 93.32 -0.84
N LEU U 27 62.28 93.54 -1.29
CA LEU U 27 61.31 94.25 -0.47
C LEU U 27 60.96 93.45 0.78
N VAL U 28 61.06 92.12 0.70
CA VAL U 28 60.92 91.31 1.91
C VAL U 28 62.10 91.55 2.84
N LYS U 29 63.31 91.59 2.28
CA LYS U 29 64.48 91.89 3.10
C LYS U 29 64.43 93.31 3.64
N LEU U 30 63.94 94.24 2.83
CA LEU U 30 63.89 95.63 3.25
C LEU U 30 62.92 95.83 4.41
N TYR U 31 61.79 95.13 4.38
CA TYR U 31 60.82 95.26 5.46
C TYR U 31 61.02 94.23 6.56
N ARG U 32 61.91 93.25 6.37
CA ARG U 32 62.29 92.40 7.48
C ARG U 32 63.13 93.17 8.49
N PHE U 33 63.69 94.31 8.07
CA PHE U 33 64.45 95.15 8.99
C PHE U 33 63.54 96.17 9.68
N LEU U 34 62.75 96.89 8.89
CA LEU U 34 61.95 97.99 9.43
C LEU U 34 60.87 97.48 10.38
N ALA U 35 60.18 96.42 9.99
CA ALA U 35 59.17 95.85 10.87
C ALA U 35 59.79 95.24 12.12
N ARG U 36 61.04 94.81 12.03
CA ARG U 36 61.70 94.25 13.20
C ARG U 36 62.07 95.34 14.20
N ARG U 37 62.85 96.32 13.77
CA ARG U 37 63.51 97.24 14.68
C ARG U 37 62.80 98.59 14.79
N THR U 38 61.49 98.62 14.60
CA THR U 38 60.70 99.81 14.90
C THR U 38 59.54 99.42 15.80
N ASN U 39 59.09 100.38 16.60
CA ASN U 39 57.90 100.18 17.41
C ASN U 39 56.62 100.33 16.61
N SER U 40 56.72 100.71 15.34
CA SER U 40 55.55 100.88 14.49
C SER U 40 54.90 99.54 14.18
N THR U 41 53.57 99.49 14.25
CA THR U 41 52.84 98.30 13.82
C THR U 41 52.56 98.29 12.33
N PHE U 42 52.81 99.41 11.63
CA PHE U 42 52.43 99.51 10.23
C PHE U 42 53.27 98.61 9.35
N ASN U 43 54.57 98.56 9.60
CA ASN U 43 55.47 97.81 8.73
C ASN U 43 55.21 96.31 8.82
N GLN U 44 54.66 95.85 9.95
CA GLN U 44 54.25 94.45 10.04
C GLN U 44 53.12 94.12 9.07
N VAL U 45 52.26 95.10 8.78
CA VAL U 45 51.10 94.83 7.93
C VAL U 45 51.55 94.63 6.49
N VAL U 46 52.43 95.50 6.00
CA VAL U 46 52.85 95.38 4.61
C VAL U 46 53.77 94.18 4.42
N LEU U 47 54.47 93.77 5.48
CA LEU U 47 55.30 92.58 5.38
C LEU U 47 54.44 91.33 5.20
N LYS U 48 53.38 91.20 6.00
CA LYS U 48 52.50 90.06 5.84
C LYS U 48 51.76 90.11 4.51
N ARG U 49 51.40 91.31 4.05
CA ARG U 49 50.72 91.43 2.77
C ARG U 49 51.66 91.27 1.60
N LEU U 50 52.96 91.45 1.81
CA LEU U 50 53.92 91.06 0.79
C LEU U 50 53.96 89.54 0.65
N PHE U 51 53.74 88.81 1.74
CA PHE U 51 53.82 87.37 1.74
C PHE U 51 52.65 86.72 0.99
N MET U 52 51.56 87.45 0.81
CA MET U 52 50.30 86.83 0.40
C MET U 52 50.31 86.43 -1.07
N SER U 53 49.54 85.39 -1.38
CA SER U 53 49.40 84.94 -2.75
C SER U 53 48.55 85.93 -3.55
N ARG U 54 48.51 85.71 -4.88
CA ARG U 54 47.82 86.63 -5.79
C ARG U 54 46.33 86.73 -5.48
N THR U 55 45.72 85.66 -4.97
CA THR U 55 44.33 85.69 -4.60
C THR U 55 44.09 86.34 -3.23
N ASN U 56 45.14 86.76 -2.54
CA ASN U 56 44.98 87.46 -1.29
C ASN U 56 45.40 88.92 -1.37
N ARG U 57 46.12 89.32 -2.42
CA ARG U 57 46.33 90.73 -2.67
C ARG U 57 45.55 91.09 -3.92
N PRO U 58 44.28 91.45 -3.77
CA PRO U 58 43.42 91.62 -4.92
C PRO U 58 43.74 92.91 -5.65
N PRO U 59 43.30 93.06 -6.89
CA PRO U 59 43.48 94.34 -7.58
C PRO U 59 42.61 95.42 -6.97
N LEU U 60 43.20 96.59 -6.82
CA LEU U 60 42.47 97.77 -6.36
C LEU U 60 42.06 98.59 -7.57
N SER U 61 40.77 98.74 -7.77
CA SER U 61 40.27 99.52 -8.90
C SER U 61 40.58 100.99 -8.69
N LEU U 62 40.59 101.74 -9.81
CA LEU U 62 40.94 103.15 -9.71
C LEU U 62 39.81 103.97 -9.11
N SER U 63 38.56 103.63 -9.42
CA SER U 63 37.44 104.33 -8.81
C SER U 63 37.35 104.01 -7.33
N ARG U 64 37.84 102.85 -6.91
CA ARG U 64 37.70 102.46 -5.51
C ARG U 64 38.61 103.26 -4.60
N MET U 65 39.82 103.59 -5.05
CA MET U 65 40.67 104.43 -4.22
C MET U 65 40.23 105.88 -4.23
N ILE U 66 39.75 106.38 -5.37
CA ILE U 66 39.20 107.73 -5.45
C ILE U 66 38.01 107.86 -4.51
N ARG U 67 37.13 106.86 -4.51
CA ARG U 67 36.01 106.84 -3.58
C ARG U 67 36.48 106.77 -2.14
N LYS U 68 37.59 106.10 -1.89
CA LYS U 68 38.10 105.99 -0.53
C LYS U 68 39.06 107.10 -0.15
N MET U 69 39.40 108.01 -1.07
CA MET U 69 40.27 109.13 -0.74
C MET U 69 39.60 110.49 -0.87
N LYS U 70 38.28 110.53 -1.07
CA LYS U 70 37.55 111.77 -0.91
C LYS U 70 36.86 111.87 0.44
N LEU U 71 37.25 111.02 1.37
CA LEU U 71 36.76 111.00 2.73
C LEU U 71 37.21 112.27 3.47
N PRO U 72 36.44 112.73 4.46
CA PRO U 72 36.68 114.08 5.00
C PRO U 72 37.98 114.26 5.77
N GLY U 73 38.40 113.28 6.56
CA GLY U 73 39.64 113.42 7.31
C GLY U 73 40.87 113.05 6.53
N ARG U 74 40.96 113.53 5.30
CA ARG U 74 41.94 113.05 4.33
C ARG U 74 42.34 114.16 3.37
N GLU U 75 42.82 113.77 2.19
CA GLU U 75 43.27 114.58 1.03
C GLU U 75 44.68 115.12 1.21
N ASN U 76 45.45 114.63 2.17
CA ASN U 76 46.88 114.87 2.18
C ASN U 76 47.72 113.64 2.49
N LYS U 77 47.13 112.56 2.99
CA LYS U 77 47.89 111.39 3.36
C LYS U 77 48.30 110.59 2.13
N THR U 78 48.89 109.44 2.37
CA THR U 78 49.39 108.58 1.30
C THR U 78 48.50 107.35 1.13
N ALA U 79 47.96 107.19 -0.06
CA ALA U 79 47.08 106.07 -0.37
C ALA U 79 47.91 104.93 -0.92
N VAL U 80 48.13 103.90 -0.10
CA VAL U 80 49.01 102.80 -0.45
C VAL U 80 48.17 101.54 -0.65
N VAL U 81 48.66 100.62 -1.48
CA VAL U 81 48.02 99.34 -1.70
C VAL U 81 49.10 98.32 -2.03
N VAL U 82 48.93 97.10 -1.55
CA VAL U 82 49.92 96.06 -1.80
C VAL U 82 49.73 95.39 -3.14
N GLY U 83 48.50 95.28 -3.63
CA GLY U 83 48.25 94.65 -4.91
C GLY U 83 48.55 95.54 -6.09
N THR U 84 47.68 95.52 -7.09
CA THR U 84 47.87 96.33 -8.28
C THR U 84 46.74 97.35 -8.41
N VAL U 85 47.02 98.40 -9.16
CA VAL U 85 46.07 99.48 -9.38
C VAL U 85 45.64 99.40 -10.84
N THR U 86 44.56 98.69 -11.10
CA THR U 86 44.02 98.67 -12.45
C THR U 86 43.34 99.99 -12.76
N ASP U 87 43.14 100.26 -14.03
CA ASP U 87 42.45 101.46 -14.45
C ASP U 87 40.95 101.20 -14.50
N ASP U 88 40.19 102.17 -14.02
CA ASP U 88 38.73 102.10 -14.05
C ASP U 88 38.22 103.13 -15.05
N VAL U 89 37.65 102.65 -16.15
CA VAL U 89 37.24 103.58 -17.20
C VAL U 89 35.92 104.26 -16.88
N ARG U 90 35.16 103.73 -15.92
CA ARG U 90 33.86 104.31 -15.57
C ARG U 90 33.96 105.45 -14.57
N VAL U 91 35.17 105.98 -14.33
CA VAL U 91 35.36 107.21 -13.58
C VAL U 91 36.19 108.15 -14.45
N GLN U 92 35.81 109.43 -14.49
CA GLN U 92 36.43 110.40 -15.39
C GLN U 92 37.23 111.46 -14.64
N GLU U 93 36.68 112.01 -13.58
CA GLU U 93 37.36 113.01 -12.78
C GLU U 93 38.34 112.35 -11.83
N VAL U 94 39.61 112.72 -11.94
CA VAL U 94 40.63 112.12 -11.09
C VAL U 94 41.55 113.21 -10.51
N PRO U 95 41.72 113.25 -9.20
CA PRO U 95 42.63 114.23 -8.60
C PRO U 95 44.06 113.70 -8.54
N LYS U 96 44.95 114.60 -8.14
CA LYS U 96 46.35 114.26 -7.94
C LYS U 96 46.51 113.44 -6.66
N LEU U 97 47.20 112.32 -6.74
CA LEU U 97 47.37 111.43 -5.60
C LEU U 97 48.83 111.09 -5.36
N LYS U 98 49.08 110.59 -4.16
CA LYS U 98 50.37 110.05 -3.75
C LYS U 98 50.13 108.56 -3.50
N VAL U 99 50.38 107.74 -4.50
CA VAL U 99 50.02 106.32 -4.50
C VAL U 99 51.29 105.48 -4.52
N CYS U 100 51.30 104.41 -3.73
CA CYS U 100 52.40 103.45 -3.71
C CYS U 100 51.83 102.05 -3.87
N ALA U 101 52.14 101.40 -4.99
CA ALA U 101 51.69 100.05 -5.24
C ALA U 101 52.85 99.18 -5.70
N LEU U 102 52.64 97.87 -5.64
CA LEU U 102 53.65 96.94 -6.15
C LEU U 102 53.78 97.04 -7.65
N ARG U 103 52.67 97.23 -8.37
CA ARG U 103 52.70 97.32 -9.81
C ARG U 103 51.43 98.04 -10.27
N VAL U 104 51.58 98.95 -11.21
CA VAL U 104 50.46 99.72 -11.72
C VAL U 104 50.37 99.48 -13.22
N THR U 105 49.16 99.28 -13.73
CA THR U 105 48.98 99.04 -15.15
C THR U 105 49.32 100.29 -15.97
N SER U 106 49.34 100.11 -17.29
CA SER U 106 49.87 101.15 -18.17
C SER U 106 48.94 102.34 -18.26
N ARG U 107 47.64 102.10 -18.42
CA ARG U 107 46.71 103.23 -18.57
C ARG U 107 46.52 104.00 -17.27
N ALA U 108 46.64 103.34 -16.13
CA ALA U 108 46.51 104.05 -14.86
C ALA U 108 47.70 104.97 -14.63
N ARG U 109 48.91 104.52 -15.01
CA ARG U 109 50.10 105.36 -14.87
C ARG U 109 49.98 106.61 -15.73
N SER U 110 49.42 106.48 -16.93
CA SER U 110 49.21 107.64 -17.76
C SER U 110 48.16 108.56 -17.16
N ARG U 111 47.16 107.99 -16.49
CA ARG U 111 46.04 108.78 -16.00
C ARG U 111 46.39 109.54 -14.72
N ILE U 112 47.19 108.95 -13.82
CA ILE U 112 47.37 109.54 -12.50
C ILE U 112 48.31 110.75 -12.55
N LEU U 113 49.46 110.61 -13.23
CA LEU U 113 50.41 111.71 -13.23
C LEU U 113 49.96 112.85 -14.12
N LYS U 114 49.18 112.55 -15.15
CA LYS U 114 48.65 113.62 -15.99
C LYS U 114 47.65 114.47 -15.23
N ALA U 115 46.99 113.90 -14.22
CA ALA U 115 46.20 114.69 -13.30
C ALA U 115 47.06 115.29 -12.19
N GLY U 116 48.38 115.24 -12.33
CA GLY U 116 49.27 115.82 -11.36
C GLY U 116 49.64 114.93 -10.21
N GLY U 117 49.34 113.63 -10.29
CA GLY U 117 49.58 112.72 -9.20
C GLY U 117 51.05 112.39 -9.03
N LYS U 118 51.31 111.35 -8.23
CA LYS U 118 52.67 110.90 -7.97
C LYS U 118 52.67 109.41 -7.76
N ILE U 119 53.63 108.72 -8.37
CA ILE U 119 53.74 107.26 -8.32
C ILE U 119 54.99 106.90 -7.54
N LEU U 120 54.82 106.08 -6.51
CA LEU U 120 55.95 105.57 -5.73
C LEU U 120 55.94 104.06 -5.71
N THR U 121 57.06 103.49 -5.29
CA THR U 121 57.18 102.08 -4.99
C THR U 121 57.66 101.94 -3.55
N PHE U 122 57.69 100.69 -3.08
CA PHE U 122 57.88 100.46 -1.65
C PHE U 122 59.32 100.69 -1.21
N ASP U 123 60.24 100.93 -2.13
CA ASP U 123 61.57 101.36 -1.74
C ASP U 123 61.59 102.79 -1.23
N GLN U 124 60.99 103.71 -1.99
CA GLN U 124 60.99 105.11 -1.58
C GLN U 124 59.97 105.36 -0.47
N LEU U 125 58.96 104.49 -0.34
CA LEU U 125 58.01 104.64 0.75
C LEU U 125 58.68 104.41 2.10
N ALA U 126 59.74 103.60 2.13
CA ALA U 126 60.54 103.47 3.34
C ALA U 126 61.30 104.75 3.64
N LEU U 127 61.59 105.56 2.62
CA LEU U 127 62.41 106.75 2.83
C LEU U 127 61.59 107.92 3.35
N ASP U 128 60.50 108.26 2.66
CA ASP U 128 59.76 109.46 3.04
C ASP U 128 58.90 109.21 4.27
N SER U 129 58.55 107.96 4.54
CA SER U 129 57.65 107.62 5.64
C SER U 129 57.96 106.22 6.14
N PRO U 130 58.96 106.08 7.02
CA PRO U 130 59.31 104.74 7.51
C PRO U 130 58.26 104.13 8.42
N LYS U 131 57.78 104.88 9.40
CA LYS U 131 56.79 104.39 10.35
C LYS U 131 55.37 104.41 9.78
N GLY U 132 55.21 104.85 8.54
CA GLY U 132 53.90 104.87 7.92
C GLY U 132 53.00 105.99 8.39
N ARG U 133 53.56 106.99 9.06
CA ARG U 133 52.76 108.11 9.52
C ARG U 133 52.39 109.00 8.34
N GLY U 134 51.09 109.26 8.20
CA GLY U 134 50.60 110.01 7.06
C GLY U 134 50.27 109.15 5.86
N THR U 135 49.85 107.91 6.10
CA THR U 135 49.52 106.97 5.05
C THR U 135 48.13 106.40 5.28
N VAL U 136 47.47 106.03 4.18
CA VAL U 136 46.17 105.36 4.22
C VAL U 136 46.34 104.01 3.54
N LEU U 137 46.22 102.94 4.33
CA LEU U 137 46.40 101.60 3.80
C LEU U 137 45.10 101.16 3.15
N LEU U 138 45.17 100.69 1.91
CA LEU U 138 43.98 100.30 1.17
C LEU U 138 44.14 98.90 0.62
N SER U 139 43.05 98.40 0.04
CA SER U 139 43.02 97.11 -0.63
C SER U 139 41.82 97.06 -1.55
N GLY U 140 41.88 96.18 -2.54
CA GLY U 140 40.76 95.94 -3.42
C GLY U 140 39.73 95.03 -2.77
N PRO U 141 38.63 94.78 -3.46
CA PRO U 141 37.63 93.84 -2.92
C PRO U 141 38.16 92.42 -2.93
N ARG U 142 38.45 91.89 -1.74
CA ARG U 142 39.09 90.58 -1.65
C ARG U 142 38.17 89.47 -2.13
N LYS U 143 36.88 89.56 -1.84
CA LYS U 143 35.92 88.56 -2.26
C LYS U 143 35.29 88.88 -3.60
N GLY U 144 35.99 89.63 -4.45
CA GLY U 144 35.50 89.93 -5.78
C GLY U 144 35.75 88.85 -6.81
N ARG U 145 36.45 87.79 -6.43
CA ARG U 145 36.68 86.69 -7.36
C ARG U 145 35.41 85.89 -7.58
N GLU U 146 35.28 85.34 -8.78
CA GLU U 146 34.09 84.59 -9.16
C GLU U 146 33.99 83.25 -8.44
N VAL U 147 35.05 82.81 -7.78
CA VAL U 147 35.03 81.54 -7.07
C VAL U 147 34.07 81.58 -5.89
N TYR U 148 33.94 82.74 -5.24
CA TYR U 148 33.12 82.84 -4.04
C TYR U 148 31.63 82.69 -4.32
N ARG U 149 31.19 82.87 -5.57
CA ARG U 149 29.79 82.66 -5.86
C ARG U 149 29.43 81.18 -5.87
N HIS U 150 30.41 80.29 -5.96
CA HIS U 150 30.19 78.88 -5.70
C HIS U 150 30.48 78.52 -4.25
N PHE U 151 30.86 79.50 -3.42
CA PHE U 151 31.23 79.21 -2.05
C PHE U 151 30.04 79.38 -1.13
N GLY U 152 30.21 78.99 0.12
CA GLY U 152 29.11 79.01 1.08
C GLY U 152 28.51 77.64 1.26
N LYS U 153 27.21 77.62 1.56
CA LYS U 153 26.48 76.37 1.55
C LYS U 153 26.06 76.01 0.14
N ALA U 154 26.08 74.72 -0.17
CA ALA U 154 25.77 74.23 -1.49
C ALA U 154 24.28 74.44 -1.80
N PRO U 155 23.93 74.60 -3.09
CA PRO U 155 22.51 74.82 -3.44
C PRO U 155 21.64 73.60 -3.20
N GLY U 156 20.37 73.69 -3.60
CA GLY U 156 19.42 72.66 -3.22
C GLY U 156 19.14 72.64 -1.73
N THR U 157 19.35 73.78 -1.08
CA THR U 157 19.16 73.97 0.35
C THR U 157 18.25 75.17 0.54
N PRO U 158 17.40 75.16 1.57
CA PRO U 158 16.57 76.33 1.86
C PRO U 158 17.32 77.66 1.96
N HIS U 159 17.08 78.54 0.99
CA HIS U 159 17.61 79.89 0.93
C HIS U 159 19.14 79.89 0.99
N SER U 160 19.73 79.24 0.00
CA SER U 160 21.16 79.02 -0.09
C SER U 160 21.65 79.49 -1.45
N HIS U 161 21.36 80.76 -1.76
CA HIS U 161 21.47 81.29 -3.11
C HIS U 161 22.94 81.34 -3.52
N THR U 162 23.44 80.17 -3.92
CA THR U 162 24.83 79.97 -4.31
C THR U 162 24.85 79.53 -5.78
N LYS U 163 25.78 80.06 -6.55
CA LYS U 163 25.88 79.66 -7.94
C LYS U 163 26.39 78.23 -8.03
N PRO U 164 25.68 77.34 -8.70
CA PRO U 164 26.15 75.97 -8.86
C PRO U 164 27.05 75.83 -10.08
N TYR U 165 27.75 74.69 -10.13
CA TYR U 165 28.67 74.38 -11.19
C TYR U 165 27.87 73.75 -12.32
N VAL U 166 27.77 74.46 -13.45
CA VAL U 166 27.13 73.90 -14.62
C VAL U 166 27.88 74.40 -15.86
N ARG U 167 27.96 73.53 -16.87
CA ARG U 167 28.75 73.87 -18.05
C ARG U 167 28.07 74.92 -18.92
N SER U 168 26.77 75.16 -18.73
CA SER U 168 26.09 76.19 -19.49
C SER U 168 24.81 76.58 -18.75
N LYS U 169 24.34 77.80 -19.01
CA LYS U 169 23.05 78.23 -18.54
C LYS U 169 22.11 78.40 -19.72
N GLY U 170 20.86 78.00 -19.54
CA GLY U 170 19.92 77.97 -20.65
C GLY U 170 18.58 77.44 -20.19
N ARG U 171 17.89 76.80 -21.12
CA ARG U 171 16.55 76.32 -20.82
C ARG U 171 16.55 74.89 -20.29
N LYS U 172 17.57 74.08 -20.57
CA LYS U 172 17.60 72.70 -20.12
C LYS U 172 18.86 72.39 -19.34
N PHE U 173 19.31 73.34 -18.51
CA PHE U 173 20.43 73.13 -17.59
C PHE U 173 20.06 73.85 -16.30
N GLU U 174 19.84 73.05 -15.24
CA GLU U 174 19.57 73.56 -13.89
C GLU U 174 18.33 74.46 -13.87
N ARG U 175 17.27 73.99 -14.53
CA ARG U 175 15.98 74.66 -14.53
C ARG U 175 14.85 73.71 -14.18
N ALA U 176 15.14 72.43 -14.03
CA ALA U 176 14.20 71.34 -13.84
C ALA U 176 13.92 71.12 -12.36
N ARG U 177 13.59 69.88 -12.01
CA ARG U 177 13.05 69.41 -10.73
C ARG U 177 13.44 70.16 -9.47
N GLY U 178 14.72 70.50 -9.32
CA GLY U 178 15.10 71.16 -8.10
C GLY U 178 14.73 72.64 -8.00
N ARG U 179 14.13 73.21 -9.03
CA ARG U 179 13.86 74.64 -9.06
C ARG U 179 12.40 75.00 -9.19
N ARG U 180 11.63 74.26 -9.98
CA ARG U 180 10.23 74.58 -10.21
C ARG U 180 9.36 73.89 -9.16
N ALA U 181 8.32 74.60 -8.71
CA ALA U 181 7.29 73.94 -7.92
C ALA U 181 6.45 73.00 -8.76
N SER U 182 6.43 73.21 -10.08
CA SER U 182 5.68 72.33 -10.97
C SER U 182 6.37 70.98 -11.13
N ARG U 183 7.65 70.88 -10.78
CA ARG U 183 8.37 69.62 -10.83
C ARG U 183 8.79 69.27 -9.40
N GLY U 184 7.89 68.64 -8.66
CA GLY U 184 8.23 68.07 -7.38
C GLY U 184 8.33 69.06 -6.23
N TYR U 185 9.36 69.88 -6.23
CA TYR U 185 9.67 70.71 -5.06
C TYR U 185 10.60 71.83 -5.48
N LYS U 186 10.79 72.79 -4.58
CA LYS U 186 11.80 73.81 -4.75
C LYS U 186 12.31 74.21 -3.37
N ASN U 187 13.51 74.77 -3.37
CA ASN U 187 14.12 75.24 -2.13
C ASN U 187 14.70 76.64 -2.32
N SER V 1 87.60 -10.65 -36.95
CA SER V 1 86.98 -9.42 -37.43
C SER V 1 85.49 -9.41 -37.13
N MET V 2 84.67 -9.48 -38.18
CA MET V 2 83.22 -9.48 -38.04
C MET V 2 82.63 -10.10 -39.30
N LEU V 3 82.03 -11.27 -39.16
CA LEU V 3 81.52 -12.03 -40.30
C LEU V 3 80.01 -12.19 -40.17
N ARG V 4 79.26 -11.18 -40.63
CA ARG V 4 77.84 -11.38 -40.86
C ARG V 4 77.47 -11.10 -42.31
N LEU V 5 78.35 -10.46 -43.07
CA LEU V 5 78.12 -10.21 -44.49
C LEU V 5 78.32 -11.44 -45.33
N GLN V 6 79.40 -12.19 -45.09
CA GLN V 6 79.62 -13.44 -45.79
C GLN V 6 78.56 -14.47 -45.46
N LYS V 7 78.19 -14.59 -44.19
CA LYS V 7 77.12 -15.52 -43.81
C LYS V 7 75.76 -15.08 -44.36
N ARG V 8 75.55 -13.78 -44.54
CA ARG V 8 74.34 -13.34 -45.24
C ARG V 8 74.41 -13.66 -46.71
N LEU V 9 75.51 -13.27 -47.36
CA LEU V 9 75.63 -13.37 -48.81
C LEU V 9 75.67 -14.81 -49.27
N ALA V 10 76.26 -15.70 -48.48
CA ALA V 10 76.23 -17.12 -48.79
C ALA V 10 74.81 -17.68 -48.76
N SER V 11 73.96 -17.18 -47.88
CA SER V 11 72.61 -17.70 -47.72
C SER V 11 71.75 -17.49 -48.95
N SER V 12 72.09 -16.54 -49.80
CA SER V 12 71.43 -16.37 -51.09
C SER V 12 72.09 -17.18 -52.19
N VAL V 13 73.29 -17.70 -51.95
CA VAL V 13 73.93 -18.57 -52.93
C VAL V 13 73.40 -19.99 -52.79
N LEU V 14 73.44 -20.56 -51.58
CA LEU V 14 73.12 -21.96 -51.36
C LEU V 14 71.63 -22.22 -51.22
N ARG V 15 70.81 -21.16 -51.25
CA ARG V 15 69.36 -21.23 -51.02
C ARG V 15 69.04 -21.93 -49.71
N CYS V 16 69.75 -21.54 -48.67
CA CYS V 16 69.43 -21.95 -47.31
C CYS V 16 69.81 -20.80 -46.39
N GLY V 17 68.96 -20.54 -45.41
CA GLY V 17 69.13 -19.36 -44.58
C GLY V 17 70.37 -19.44 -43.70
N LYS V 18 70.56 -18.38 -42.92
CA LYS V 18 71.76 -18.18 -42.09
C LYS V 18 71.91 -19.22 -40.99
N LYS V 19 70.91 -20.06 -40.78
CA LYS V 19 71.04 -21.15 -39.83
C LYS V 19 71.94 -22.26 -40.35
N LYS V 20 71.96 -22.47 -41.67
CA LYS V 20 72.62 -23.64 -42.25
C LYS V 20 73.87 -23.28 -43.04
N VAL V 21 74.56 -22.21 -42.66
CA VAL V 21 75.80 -21.80 -43.30
C VAL V 21 76.91 -21.87 -42.26
N TRP V 22 77.95 -22.63 -42.55
CA TRP V 22 79.02 -22.90 -41.61
C TRP V 22 80.29 -22.18 -42.03
N LEU V 23 80.49 -20.97 -41.49
CA LEU V 23 81.70 -20.19 -41.71
C LEU V 23 82.77 -20.79 -40.82
N ASP V 24 83.85 -21.28 -41.43
CA ASP V 24 84.87 -22.04 -40.72
C ASP V 24 85.55 -21.19 -39.64
N PRO V 25 85.57 -21.65 -38.39
CA PRO V 25 86.19 -20.85 -37.32
C PRO V 25 87.70 -20.81 -37.37
N ASN V 26 88.35 -21.53 -38.27
CA ASN V 26 89.81 -21.57 -38.30
C ASN V 26 90.42 -20.73 -39.40
N GLU V 27 89.67 -20.39 -40.44
CA GLU V 27 90.17 -19.53 -41.50
C GLU V 27 89.34 -18.28 -41.62
N THR V 28 89.07 -17.61 -40.50
CA THR V 28 88.30 -16.37 -40.55
C THR V 28 89.04 -15.28 -41.29
N ASN V 29 90.38 -15.26 -41.21
CA ASN V 29 91.15 -14.27 -41.94
C ASN V 29 91.20 -14.56 -43.43
N GLU V 30 90.76 -15.75 -43.84
CA GLU V 30 90.66 -16.07 -45.25
C GLU V 30 89.26 -15.76 -45.80
N ILE V 31 88.23 -15.96 -44.99
CA ILE V 31 86.87 -15.73 -45.45
C ILE V 31 86.55 -14.25 -45.48
N ALA V 32 87.05 -13.50 -44.51
CA ALA V 32 86.69 -12.09 -44.35
C ALA V 32 87.10 -11.22 -45.53
N ASN V 33 88.08 -11.65 -46.32
CA ASN V 33 88.54 -10.85 -47.43
C ASN V 33 88.01 -11.38 -48.75
N ALA V 34 86.79 -11.91 -48.77
CA ALA V 34 86.16 -12.33 -50.03
C ALA V 34 85.27 -11.22 -50.58
N ASN V 35 84.23 -10.85 -49.81
CA ASN V 35 83.41 -9.66 -50.00
C ASN V 35 82.77 -9.54 -51.38
N SER V 36 82.56 -10.64 -52.09
CA SER V 36 81.94 -10.59 -53.41
C SER V 36 81.26 -11.92 -53.69
N ARG V 37 80.16 -11.87 -54.47
CA ARG V 37 79.30 -13.03 -54.67
C ARG V 37 80.03 -14.18 -55.34
N GLN V 38 80.88 -13.90 -56.32
CA GLN V 38 81.58 -14.98 -56.99
C GLN V 38 82.62 -15.61 -56.07
N GLN V 39 83.27 -14.78 -55.24
CA GLN V 39 84.26 -15.29 -54.30
C GLN V 39 83.63 -16.15 -53.22
N ILE V 40 82.38 -15.88 -52.85
CA ILE V 40 81.67 -16.78 -51.95
C ILE V 40 81.45 -18.13 -52.60
N ARG V 41 81.11 -18.15 -53.89
CA ARG V 41 81.00 -19.42 -54.61
C ARG V 41 82.34 -20.13 -54.67
N LYS V 42 83.43 -19.38 -54.78
CA LYS V 42 84.74 -20.00 -54.86
C LYS V 42 85.16 -20.60 -53.54
N LEU V 43 84.71 -20.03 -52.43
CA LEU V 43 85.02 -20.63 -51.14
C LEU V 43 84.25 -21.91 -50.93
N ILE V 44 83.15 -22.10 -51.65
CA ILE V 44 82.49 -23.40 -51.65
C ILE V 44 83.35 -24.43 -52.36
N LYS V 45 84.03 -24.02 -53.44
CA LYS V 45 84.92 -24.93 -54.16
C LYS V 45 86.06 -25.41 -53.29
N ASP V 46 86.69 -24.52 -52.51
CA ASP V 46 87.62 -24.96 -51.50
C ASP V 46 86.90 -25.69 -50.38
N GLY V 47 85.68 -25.26 -50.06
CA GLY V 47 84.94 -25.84 -48.97
C GLY V 47 85.19 -25.20 -47.62
N LEU V 48 85.53 -23.91 -47.57
CA LEU V 48 85.62 -23.23 -46.29
C LEU V 48 84.25 -22.97 -45.71
N ILE V 49 83.20 -23.01 -46.52
CA ILE V 49 81.84 -22.78 -46.10
C ILE V 49 80.98 -23.96 -46.56
N ILE V 50 80.40 -24.68 -45.60
CA ILE V 50 79.72 -25.94 -45.86
C ILE V 50 78.26 -25.81 -45.47
N ARG V 51 77.38 -26.28 -46.36
CA ARG V 51 75.96 -26.44 -46.05
C ARG V 51 75.82 -27.55 -45.02
N LYS V 52 75.38 -27.19 -43.81
CA LYS V 52 75.21 -28.18 -42.77
C LYS V 52 74.06 -29.11 -43.13
N PRO V 53 74.11 -30.38 -42.71
CA PRO V 53 72.99 -31.29 -42.96
C PRO V 53 71.76 -30.90 -42.15
N VAL V 54 70.59 -31.22 -42.70
CA VAL V 54 69.32 -30.85 -42.08
C VAL V 54 69.14 -31.65 -40.78
N THR V 55 68.46 -31.05 -39.81
CA THR V 55 68.22 -31.71 -38.54
C THR V 55 67.30 -32.91 -38.73
N VAL V 56 67.63 -34.01 -38.05
CA VAL V 56 66.91 -35.26 -38.26
C VAL V 56 65.59 -35.24 -37.52
N HIS V 57 64.52 -35.63 -38.21
CA HIS V 57 63.17 -35.60 -37.68
C HIS V 57 62.47 -36.94 -37.97
N SER V 58 63.13 -38.02 -37.58
CA SER V 58 62.74 -39.40 -37.85
C SER V 58 61.27 -39.74 -37.63
N ARG V 59 60.69 -40.46 -38.57
CA ARG V 59 59.31 -40.90 -38.56
C ARG V 59 59.12 -42.24 -37.86
N ALA V 60 60.20 -42.87 -37.40
CA ALA V 60 60.15 -44.24 -36.92
C ALA V 60 59.32 -44.37 -35.65
N ARG V 61 59.57 -43.49 -34.67
CA ARG V 61 58.75 -43.47 -33.46
C ARG V 61 57.29 -43.22 -33.77
N CYS V 62 57.01 -42.38 -34.78
CA CYS V 62 55.64 -42.25 -35.27
C CYS V 62 55.18 -43.51 -35.97
N ARG V 63 56.03 -44.07 -36.83
CA ARG V 63 55.61 -45.18 -37.68
C ARG V 63 55.38 -46.43 -36.85
N LYS V 64 56.14 -46.59 -35.76
CA LYS V 64 55.87 -47.68 -34.83
C LYS V 64 54.48 -47.54 -34.22
N ASN V 65 54.07 -46.32 -33.89
CA ASN V 65 52.78 -46.11 -33.26
C ASN V 65 51.63 -46.42 -34.20
N THR V 66 51.75 -46.03 -35.47
CA THR V 66 50.67 -46.26 -36.43
C THR V 66 50.43 -47.73 -36.69
N LEU V 67 51.47 -48.57 -36.59
CA LEU V 67 51.24 -50.00 -36.74
C LEU V 67 50.47 -50.58 -35.57
N ALA V 68 50.60 -49.97 -34.39
CA ALA V 68 49.75 -50.37 -33.28
C ALA V 68 48.30 -49.99 -33.54
N ARG V 69 48.07 -48.83 -34.16
CA ARG V 69 46.71 -48.49 -34.58
C ARG V 69 46.21 -49.44 -35.65
N ARG V 70 47.12 -50.00 -36.44
CA ARG V 70 46.72 -50.93 -37.49
C ARG V 70 46.21 -52.23 -36.91
N LYS V 71 46.76 -52.66 -35.78
CA LYS V 71 46.17 -53.77 -35.05
C LYS V 71 45.10 -53.33 -34.07
N GLY V 72 44.72 -52.06 -34.08
CA GLY V 72 43.67 -51.57 -33.22
C GLY V 72 44.11 -51.15 -31.83
N ARG V 73 45.41 -51.10 -31.56
CA ARG V 73 45.91 -50.66 -30.27
C ARG V 73 45.85 -49.14 -30.21
N HIS V 74 45.76 -48.61 -29.00
CA HIS V 74 45.49 -47.20 -28.69
C HIS V 74 44.21 -46.71 -29.34
N MET V 75 43.23 -47.58 -29.56
CA MET V 75 41.93 -47.20 -30.08
C MET V 75 40.82 -47.40 -29.06
N GLY V 76 41.17 -47.54 -27.79
CA GLY V 76 40.21 -47.82 -26.76
C GLY V 76 39.37 -46.61 -26.39
N ILE V 77 38.68 -46.74 -25.26
CA ILE V 77 37.84 -45.66 -24.78
C ILE V 77 38.68 -44.50 -24.26
N GLY V 78 39.69 -44.78 -23.45
CA GLY V 78 40.46 -43.73 -22.79
C GLY V 78 41.38 -42.95 -23.70
N LYS V 79 41.38 -43.22 -25.00
CA LYS V 79 42.15 -42.36 -25.88
C LYS V 79 41.25 -41.77 -26.96
N ARG V 80 40.07 -41.30 -26.56
CA ARG V 80 39.14 -40.70 -27.50
C ARG V 80 38.62 -39.40 -26.90
N LYS V 81 38.76 -38.32 -27.64
CA LYS V 81 38.31 -37.01 -27.19
C LYS V 81 37.06 -36.54 -27.91
N GLY V 82 36.96 -36.77 -29.21
CA GLY V 82 35.80 -36.38 -29.98
C GLY V 82 34.69 -37.41 -29.82
N THR V 83 33.48 -37.02 -30.20
CA THR V 83 32.38 -37.97 -30.19
C THR V 83 32.58 -39.04 -31.26
N ALA V 84 31.73 -40.06 -31.22
CA ALA V 84 31.78 -41.12 -32.22
C ALA V 84 31.51 -40.57 -33.61
N ASN V 85 30.58 -39.63 -33.73
CA ASN V 85 30.30 -38.99 -35.01
C ASN V 85 31.45 -38.09 -35.48
N ALA V 86 32.39 -37.77 -34.61
CA ALA V 86 33.51 -36.93 -35.02
C ALA V 86 34.60 -37.75 -35.69
N ARG V 87 34.87 -38.95 -35.17
CA ARG V 87 35.96 -39.75 -35.69
C ARG V 87 35.61 -40.46 -36.99
N MET V 88 34.34 -40.69 -37.24
CA MET V 88 33.88 -41.29 -38.48
C MET V 88 32.43 -40.86 -38.69
N PRO V 89 32.20 -39.80 -39.45
CA PRO V 89 30.85 -39.20 -39.50
C PRO V 89 29.84 -40.12 -40.16
N GLU V 90 28.60 -40.06 -39.65
CA GLU V 90 27.59 -41.02 -40.06
C GLU V 90 27.14 -40.81 -41.50
N LYS V 91 27.43 -39.65 -42.07
CA LYS V 91 27.05 -39.42 -43.46
C LYS V 91 27.90 -40.26 -44.40
N VAL V 92 29.22 -40.22 -44.24
CA VAL V 92 30.07 -40.99 -45.14
C VAL V 92 29.98 -42.47 -44.80
N THR V 93 29.63 -42.80 -43.55
CA THR V 93 29.29 -44.18 -43.24
C THR V 93 28.04 -44.62 -43.99
N TRP V 94 27.08 -43.71 -44.13
CA TRP V 94 25.93 -43.98 -44.98
C TRP V 94 26.30 -43.93 -46.45
N MET V 95 27.18 -43.00 -46.81
CA MET V 95 27.56 -42.85 -48.22
C MET V 95 28.31 -44.08 -48.73
N ARG V 96 29.33 -44.52 -47.98
CA ARG V 96 30.12 -45.69 -48.38
C ARG V 96 29.24 -46.92 -48.59
N ARG V 97 28.27 -47.14 -47.69
CA ARG V 97 27.35 -48.24 -47.84
C ARG V 97 26.47 -48.08 -49.08
N MET V 98 26.00 -46.86 -49.36
CA MET V 98 25.14 -46.65 -50.52
C MET V 98 25.93 -46.78 -51.82
N ARG V 99 27.20 -46.41 -51.81
CA ARG V 99 28.04 -46.66 -52.98
C ARG V 99 28.22 -48.14 -53.22
N ILE V 100 28.34 -48.92 -52.15
CA ILE V 100 28.58 -50.36 -52.27
C ILE V 100 27.33 -51.06 -52.80
N LEU V 101 26.20 -50.85 -52.14
CA LEU V 101 25.02 -51.66 -52.40
C LEU V 101 24.38 -51.31 -53.74
N ARG V 102 24.29 -50.01 -54.05
CA ARG V 102 23.69 -49.62 -55.33
C ARG V 102 24.53 -50.11 -56.50
N ARG V 103 25.85 -50.13 -56.33
CA ARG V 103 26.70 -50.68 -57.37
C ARG V 103 26.60 -52.19 -57.43
N LEU V 104 26.29 -52.83 -56.30
CA LEU V 104 26.03 -54.27 -56.32
C LEU V 104 24.76 -54.58 -57.10
N LEU V 105 23.69 -53.84 -56.84
CA LEU V 105 22.47 -54.02 -57.61
C LEU V 105 22.60 -53.52 -59.03
N ARG V 106 23.63 -52.74 -59.35
CA ARG V 106 23.86 -52.36 -60.73
C ARG V 106 24.46 -53.49 -61.55
N ARG V 107 25.41 -54.23 -61.00
CA ARG V 107 25.99 -55.36 -61.71
C ARG V 107 25.02 -56.53 -61.79
N TYR V 108 24.31 -56.79 -60.69
CA TYR V 108 23.34 -57.89 -60.66
C TYR V 108 22.20 -57.66 -61.63
N ARG V 109 21.82 -56.40 -61.84
CA ARG V 109 20.84 -56.09 -62.88
C ARG V 109 21.47 -56.23 -64.26
N GLU V 110 22.79 -56.04 -64.36
CA GLU V 110 23.49 -56.14 -65.63
C GLU V 110 23.99 -57.55 -65.92
N SER V 111 24.25 -58.34 -64.89
CA SER V 111 24.61 -59.74 -65.07
C SER V 111 23.40 -60.62 -65.31
N LYS V 112 22.21 -60.03 -65.47
CA LYS V 112 20.95 -60.72 -65.74
C LYS V 112 20.61 -61.76 -64.68
N LYS V 113 21.10 -61.56 -63.46
CA LYS V 113 20.69 -62.44 -62.37
C LYS V 113 19.33 -62.03 -61.82
N ILE V 114 19.03 -60.75 -61.78
CA ILE V 114 17.76 -60.23 -61.30
C ILE V 114 17.20 -59.32 -62.37
N ASP V 115 15.89 -59.34 -62.56
CA ASP V 115 15.25 -58.47 -63.54
C ASP V 115 15.22 -57.03 -63.02
N ARG V 116 14.85 -56.12 -63.91
CA ARG V 116 14.71 -54.71 -63.53
C ARG V 116 13.55 -54.52 -62.55
N HIS V 117 12.60 -55.43 -62.54
CA HIS V 117 11.41 -55.25 -61.72
C HIS V 117 11.72 -55.46 -60.25
N MET V 118 12.35 -56.57 -59.90
CA MET V 118 12.77 -56.79 -58.52
C MET V 118 13.89 -55.85 -58.12
N TYR V 119 14.70 -55.39 -59.07
CA TYR V 119 15.80 -54.47 -58.78
C TYR V 119 15.29 -53.16 -58.21
N HIS V 120 14.38 -52.50 -58.92
CA HIS V 120 13.83 -51.22 -58.47
C HIS V 120 13.17 -51.35 -57.11
N SER V 121 12.47 -52.47 -56.88
CA SER V 121 11.90 -52.70 -55.57
C SER V 121 12.99 -52.93 -54.54
N LEU V 122 14.03 -53.68 -54.91
CA LEU V 122 15.12 -53.92 -53.98
C LEU V 122 15.97 -52.67 -53.80
N TYR V 123 16.01 -51.82 -54.84
CA TYR V 123 16.68 -50.52 -54.77
C TYR V 123 16.14 -49.69 -53.61
N LEU V 124 14.81 -49.69 -53.44
CA LEU V 124 14.19 -48.86 -52.43
C LEU V 124 14.31 -49.45 -51.04
N LYS V 125 14.52 -50.76 -50.93
CA LYS V 125 14.78 -51.35 -49.62
C LYS V 125 16.22 -51.18 -49.19
N VAL V 126 17.13 -50.90 -50.12
CA VAL V 126 18.47 -50.47 -49.76
C VAL V 126 18.43 -49.07 -49.18
N LYS V 127 17.69 -48.17 -49.84
CA LYS V 127 17.60 -46.79 -49.39
C LYS V 127 16.90 -46.67 -48.05
N GLY V 128 15.99 -47.58 -47.75
CA GLY V 128 15.25 -47.53 -46.51
C GLY V 128 15.95 -48.11 -45.30
N ASN V 129 17.23 -48.45 -45.42
CA ASN V 129 18.05 -49.00 -44.34
C ASN V 129 17.47 -50.30 -43.80
N VAL V 130 17.38 -51.27 -44.72
CA VAL V 130 17.03 -52.63 -44.34
C VAL V 130 18.26 -53.55 -44.32
N PHE V 131 19.10 -53.50 -45.34
CA PHE V 131 20.31 -54.30 -45.40
C PHE V 131 21.44 -53.47 -44.80
N LYS V 132 22.21 -54.08 -43.92
CA LYS V 132 23.27 -53.36 -43.22
C LYS V 132 24.63 -53.49 -43.89
N ASN V 133 24.81 -54.46 -44.79
CA ASN V 133 26.07 -54.60 -45.52
C ASN V 133 25.79 -55.36 -46.81
N LYS V 134 26.87 -55.79 -47.45
CA LYS V 134 26.77 -56.53 -48.71
C LYS V 134 26.42 -57.99 -48.51
N ARG V 135 27.00 -58.65 -47.51
CA ARG V 135 26.79 -60.09 -47.33
C ARG V 135 25.35 -60.39 -46.94
N ILE V 136 24.79 -59.63 -46.00
CA ILE V 136 23.42 -59.89 -45.59
C ILE V 136 22.45 -59.40 -46.66
N LEU V 137 22.91 -58.57 -47.60
CA LEU V 137 22.11 -58.31 -48.79
C LEU V 137 22.25 -59.44 -49.78
N MET V 138 23.43 -60.07 -49.81
CA MET V 138 23.69 -61.11 -50.82
C MET V 138 22.82 -62.33 -50.59
N GLU V 139 22.68 -62.76 -49.34
CA GLU V 139 21.88 -63.93 -49.04
C GLU V 139 20.39 -63.68 -49.29
N HIS V 140 19.97 -62.42 -49.21
CA HIS V 140 18.56 -62.10 -49.43
C HIS V 140 18.14 -62.34 -50.87
N ILE V 141 19.06 -62.16 -51.82
CA ILE V 141 18.75 -62.44 -53.22
C ILE V 141 18.66 -63.95 -53.43
N HIS V 142 19.49 -64.71 -52.71
CA HIS V 142 19.40 -66.17 -52.76
C HIS V 142 18.04 -66.67 -52.27
N LYS V 143 17.42 -65.96 -51.33
CA LYS V 143 16.08 -66.34 -50.91
C LYS V 143 15.02 -65.87 -51.91
N LEU V 144 15.20 -64.68 -52.47
CA LEU V 144 14.22 -64.17 -53.42
C LEU V 144 14.26 -64.90 -54.75
N LYS V 145 15.40 -65.50 -55.10
CA LYS V 145 15.40 -66.39 -56.25
C LYS V 145 14.67 -67.68 -55.94
N ALA V 146 14.80 -68.18 -54.71
CA ALA V 146 14.12 -69.42 -54.34
C ALA V 146 12.61 -69.26 -54.41
N ASP V 147 12.09 -68.09 -54.04
CA ASP V 147 10.67 -67.84 -54.23
C ASP V 147 10.35 -67.69 -55.71
N LYS V 148 11.24 -67.04 -56.46
CA LYS V 148 11.04 -66.90 -57.90
C LYS V 148 11.16 -68.23 -58.62
N ALA V 149 12.06 -69.11 -58.19
CA ALA V 149 12.20 -70.39 -58.85
C ALA V 149 11.04 -71.33 -58.52
N ARG V 150 10.52 -71.28 -57.30
CA ARG V 150 9.41 -72.15 -56.92
C ARG V 150 8.09 -71.70 -57.53
N LYS V 151 7.73 -70.43 -57.36
CA LYS V 151 6.44 -69.93 -57.82
C LYS V 151 6.34 -69.96 -59.35
N LYS V 152 7.45 -69.84 -60.06
CA LYS V 152 7.41 -69.96 -61.51
C LYS V 152 7.36 -71.42 -61.94
N LEU V 153 8.02 -72.30 -61.18
CA LEU V 153 7.90 -73.73 -61.44
C LEU V 153 6.48 -74.22 -61.20
N LEU V 154 5.83 -73.72 -60.16
CA LEU V 154 4.45 -74.10 -59.88
C LEU V 154 3.47 -73.35 -60.78
N ALA V 155 3.94 -72.46 -61.64
CA ALA V 155 3.09 -71.75 -62.59
C ALA V 155 3.16 -72.34 -63.99
N ASP V 156 4.10 -73.24 -64.25
CA ASP V 156 4.23 -73.90 -65.55
C ASP V 156 3.74 -75.34 -65.53
N GLN V 157 4.09 -76.11 -64.51
CA GLN V 157 3.55 -77.47 -64.42
C GLN V 157 2.06 -77.46 -64.13
N ALA V 158 1.55 -76.39 -63.49
CA ALA V 158 0.11 -76.22 -63.39
C ALA V 158 -0.49 -75.72 -64.69
N GLU V 159 0.28 -74.98 -65.49
CA GLU V 159 -0.20 -74.55 -66.80
C GLU V 159 -0.07 -75.66 -67.84
N ALA V 160 0.91 -76.55 -67.67
CA ALA V 160 1.02 -77.69 -68.56
C ALA V 160 -0.17 -78.61 -68.43
N ARG V 161 -0.72 -78.74 -67.22
CA ARG V 161 -1.99 -79.43 -67.04
C ARG V 161 -3.12 -78.65 -67.68
N ARG V 162 -3.01 -77.32 -67.72
CA ARG V 162 -4.05 -76.50 -68.31
C ARG V 162 -4.00 -76.57 -69.84
N SER V 163 -2.81 -76.75 -70.40
CA SER V 163 -2.69 -76.84 -71.86
C SER V 163 -3.18 -78.19 -72.36
N LYS V 164 -2.86 -79.26 -71.63
CA LYS V 164 -3.26 -80.60 -72.04
C LYS V 164 -4.77 -80.76 -72.05
N THR V 165 -5.44 -80.31 -71.00
CA THR V 165 -6.90 -80.42 -70.97
C THR V 165 -7.57 -79.32 -71.77
N LYS V 166 -6.80 -78.40 -72.35
CA LYS V 166 -7.38 -77.46 -73.30
C LYS V 166 -7.53 -78.12 -74.67
N GLU V 167 -6.50 -78.84 -75.11
CA GLU V 167 -6.58 -79.53 -76.39
C GLU V 167 -7.37 -80.83 -76.28
N ALA V 168 -7.41 -81.43 -75.09
CA ALA V 168 -8.25 -82.63 -74.89
C ALA V 168 -9.73 -82.29 -75.04
N ARG V 169 -10.10 -81.05 -74.76
CA ARG V 169 -11.44 -80.55 -75.09
C ARG V 169 -11.55 -80.26 -76.58
N LYS V 170 -10.42 -79.97 -77.23
CA LYS V 170 -10.44 -79.76 -78.68
C LYS V 170 -10.25 -81.07 -79.44
N ARG V 171 -9.72 -82.10 -78.78
CA ARG V 171 -9.63 -83.40 -79.43
C ARG V 171 -10.93 -84.18 -79.34
N ARG V 172 -11.73 -83.91 -78.31
CA ARG V 172 -12.99 -84.64 -78.13
C ARG V 172 -14.18 -83.93 -78.74
N GLU V 173 -14.18 -82.60 -78.82
CA GLU V 173 -15.29 -81.89 -79.45
C GLU V 173 -15.23 -81.98 -80.97
N GLU V 174 -14.02 -82.07 -81.54
CA GLU V 174 -13.87 -82.13 -82.98
C GLU V 174 -14.25 -83.48 -83.57
N ARG V 175 -14.61 -84.46 -82.73
CA ARG V 175 -15.12 -85.73 -83.22
C ARG V 175 -16.52 -85.60 -83.83
N LEU V 176 -17.32 -84.67 -83.33
CA LEU V 176 -18.76 -84.67 -83.59
C LEU V 176 -19.09 -84.20 -85.00
N GLN V 177 -18.57 -83.04 -85.40
CA GLN V 177 -18.92 -82.44 -86.70
C GLN V 177 -18.41 -83.25 -87.88
N ALA V 178 -17.52 -84.21 -87.67
CA ALA V 178 -17.10 -85.13 -88.71
C ALA V 178 -18.05 -86.34 -88.79
N LYS V 179 -18.49 -86.83 -87.62
CA LYS V 179 -19.49 -87.90 -87.62
C LYS V 179 -20.89 -87.37 -87.88
N LYS V 180 -21.11 -86.07 -87.73
CA LYS V 180 -22.41 -85.45 -88.01
C LYS V 180 -22.22 -84.00 -88.46
N MET W 1 37.98 51.52 57.34
CA MET W 1 39.14 52.09 58.02
C MET W 1 40.30 51.11 57.88
N LYS W 2 41.53 51.62 57.89
CA LYS W 2 42.71 50.80 57.71
C LYS W 2 43.45 50.71 59.04
N ALA W 3 43.31 49.58 59.73
CA ALA W 3 43.90 49.40 61.05
C ALA W 3 45.40 49.17 60.92
N SER W 4 46.11 50.26 60.67
CA SER W 4 47.55 50.21 60.43
C SER W 4 48.32 50.61 61.67
N GLY W 5 49.48 49.97 61.86
CA GLY W 5 50.40 50.36 62.92
C GLY W 5 49.83 50.19 64.30
N THR W 6 50.11 51.15 65.17
CA THR W 6 49.51 51.21 66.49
C THR W 6 48.47 52.32 66.53
N LEU W 7 47.30 51.99 67.05
CA LEU W 7 46.14 52.87 66.99
C LEU W 7 46.23 53.91 68.11
N ARG W 8 45.39 54.93 68.02
CA ARG W 8 45.31 55.97 69.03
C ARG W 8 43.85 56.33 69.31
N GLU W 9 43.58 56.72 70.55
CA GLU W 9 42.24 57.14 70.96
C GLU W 9 42.13 58.65 70.84
N TYR W 10 41.01 59.12 70.31
CA TYR W 10 40.80 60.53 70.00
C TYR W 10 39.54 61.02 70.69
N LYS W 11 39.57 62.24 71.22
CA LYS W 11 38.39 62.90 71.75
C LYS W 11 37.94 63.93 70.74
N VAL W 12 37.22 63.48 69.72
CA VAL W 12 36.73 64.35 68.65
C VAL W 12 35.32 64.79 68.98
N VAL W 13 35.09 66.10 69.02
CA VAL W 13 33.77 66.64 69.30
C VAL W 13 33.36 67.55 68.15
N GLY W 14 32.06 67.68 67.96
CA GLY W 14 31.52 68.49 66.89
C GLY W 14 30.05 68.77 67.15
N ARG W 15 29.49 69.59 66.27
CA ARG W 15 28.07 69.96 66.37
C ARG W 15 27.61 70.48 65.02
N CYS W 16 26.29 70.55 64.88
CA CYS W 16 25.69 71.12 63.69
C CYS W 16 25.87 72.62 63.67
N LEU W 17 25.69 73.22 62.49
CA LEU W 17 25.89 74.66 62.35
C LEU W 17 24.86 75.43 63.17
N PRO W 18 25.21 76.61 63.68
CA PRO W 18 24.22 77.47 64.32
C PRO W 18 23.14 77.92 63.34
N THR W 19 21.92 77.50 63.59
CA THR W 19 20.82 77.76 62.69
C THR W 19 20.06 79.01 63.10
N PRO W 20 19.36 79.66 62.16
CA PRO W 20 18.37 80.67 62.56
C PRO W 20 17.16 80.11 63.27
N LYS W 21 17.02 78.78 63.36
CA LYS W 21 15.97 78.13 64.14
C LYS W 21 16.39 77.81 65.56
N CYS W 22 17.55 77.17 65.74
CA CYS W 22 18.07 76.81 67.05
C CYS W 22 19.39 77.52 67.25
N ARG W 23 19.54 78.21 68.39
CA ARG W 23 20.73 79.00 68.68
C ARG W 23 21.97 78.13 68.82
N THR W 24 21.99 77.24 69.79
CA THR W 24 23.16 76.39 70.05
C THR W 24 22.80 74.93 69.88
N PRO W 25 23.27 74.27 68.81
CA PRO W 25 23.12 72.82 68.75
C PRO W 25 23.94 72.16 69.82
N PRO W 26 23.54 70.98 70.29
CA PRO W 26 24.26 70.34 71.38
C PRO W 26 25.58 69.75 70.91
N LEU W 27 26.58 69.85 71.78
CA LEU W 27 27.90 69.32 71.51
C LEU W 27 27.92 67.82 71.76
N TYR W 28 28.55 67.09 70.85
CA TYR W 28 28.58 65.64 70.88
C TYR W 28 30.02 65.18 71.04
N ARG W 29 30.27 64.34 72.03
CA ARG W 29 31.58 63.81 72.31
C ARG W 29 31.69 62.39 71.76
N MET W 30 32.84 62.08 71.17
CA MET W 30 33.02 60.81 70.47
C MET W 30 34.37 60.22 70.84
N ARG W 31 34.44 58.89 70.82
CA ARG W 31 35.65 58.13 71.12
C ARG W 31 36.03 57.34 69.87
N ILE W 32 36.96 57.88 69.09
CA ILE W 32 37.38 57.29 67.84
C ILE W 32 38.75 56.64 68.04
N PHE W 33 38.92 55.43 67.54
CA PHE W 33 40.22 54.77 67.46
C PHE W 33 40.64 54.77 65.99
N ALA W 34 41.78 55.38 65.71
CA ALA W 34 42.21 55.58 64.33
C ALA W 34 43.73 55.71 64.32
N PRO W 35 44.38 55.45 63.18
CA PRO W 35 45.83 55.67 63.08
C PRO W 35 46.23 57.12 63.31
N ASN W 36 45.68 58.04 62.54
CA ASN W 36 46.03 59.44 62.65
C ASN W 36 44.76 60.25 62.94
N HIS W 37 44.96 61.55 63.20
CA HIS W 37 43.83 62.42 63.46
C HIS W 37 43.08 62.81 62.19
N VAL W 38 43.67 62.56 61.03
CA VAL W 38 42.97 62.86 59.77
C VAL W 38 41.85 61.86 59.54
N VAL W 39 42.18 60.57 59.57
CA VAL W 39 41.19 59.54 59.35
C VAL W 39 40.23 59.41 60.52
N ALA W 40 40.59 59.96 61.69
CA ALA W 40 39.68 59.94 62.83
C ALA W 40 38.47 60.83 62.57
N LYS W 41 38.68 61.91 61.81
CA LYS W 41 37.58 62.83 61.52
C LYS W 41 36.52 62.18 60.63
N SER W 42 36.94 61.46 59.59
CA SER W 42 35.98 60.78 58.74
C SER W 42 35.35 59.61 59.46
N ARG W 43 36.11 58.93 60.31
CA ARG W 43 35.54 57.92 61.20
C ARG W 43 34.62 58.53 62.25
N PHE W 44 34.78 59.82 62.54
CA PHE W 44 33.83 60.50 63.41
C PHE W 44 32.52 60.75 62.68
N TRP W 45 32.59 61.17 61.41
CA TRP W 45 31.37 61.46 60.67
C TRP W 45 30.62 60.20 60.28
N TYR W 46 31.29 59.05 60.30
CA TYR W 46 30.59 57.80 60.00
C TYR W 46 29.58 57.46 61.10
N PHE W 47 29.94 57.74 62.35
CA PHE W 47 29.04 57.42 63.46
C PHE W 47 27.99 58.50 63.65
N VAL W 48 28.35 59.77 63.44
CA VAL W 48 27.39 60.85 63.61
C VAL W 48 26.33 60.79 62.53
N SER W 49 26.70 60.36 61.32
CA SER W 49 25.71 60.16 60.27
C SER W 49 24.71 59.07 60.62
N GLN W 50 25.09 58.08 61.42
CA GLN W 50 24.16 57.01 61.77
C GLN W 50 23.43 57.27 63.07
N LEU W 51 24.15 57.71 64.11
CA LEU W 51 23.51 57.97 65.39
C LEU W 51 22.58 59.17 65.33
N LYS W 52 22.88 60.14 64.47
CA LYS W 52 22.08 61.34 64.36
C LYS W 52 21.81 61.63 62.89
N LYS W 53 20.88 62.56 62.65
CA LYS W 53 20.54 62.93 61.29
C LYS W 53 21.39 64.10 60.82
N MET W 54 22.71 63.93 60.88
CA MET W 54 23.66 64.96 60.52
C MET W 54 24.65 64.43 59.49
N LYS W 55 25.36 65.34 58.83
CA LYS W 55 26.38 64.99 57.86
C LYS W 55 27.56 65.96 58.02
N LYS W 56 28.64 65.66 57.28
CA LYS W 56 29.85 66.46 57.35
C LYS W 56 29.65 67.89 56.89
N SER W 57 28.93 68.10 55.80
CA SER W 57 28.76 69.44 55.26
C SER W 57 27.87 70.31 56.13
N SER W 58 26.87 69.74 56.78
CA SER W 58 26.01 70.49 57.68
C SER W 58 26.55 70.56 59.10
N GLY W 59 27.77 70.09 59.33
CA GLY W 59 28.37 70.21 60.65
C GLY W 59 29.79 70.72 60.58
N GLU W 60 30.53 70.58 61.68
CA GLU W 60 31.92 70.99 61.76
C GLU W 60 32.57 70.29 62.93
N ILE W 61 33.90 70.26 62.92
CA ILE W 61 34.69 69.60 63.95
C ILE W 61 35.10 70.65 64.95
N VAL W 62 34.61 70.53 66.18
CA VAL W 62 34.91 71.52 67.20
C VAL W 62 36.31 71.35 67.75
N TYR W 63 36.69 70.12 68.07
CA TYR W 63 37.98 69.88 68.71
C TYR W 63 38.43 68.46 68.43
N CYS W 64 39.69 68.31 68.01
CA CYS W 64 40.25 67.03 67.57
C CYS W 64 41.63 66.88 68.18
N GLY W 65 41.71 66.11 69.26
CA GLY W 65 42.98 65.83 69.92
C GLY W 65 43.11 64.36 70.25
N GLN W 66 44.31 64.00 70.68
CA GLN W 66 44.65 62.62 71.00
C GLN W 66 44.81 62.49 72.51
N VAL W 67 44.11 61.55 73.09
CA VAL W 67 44.14 61.36 74.53
C VAL W 67 45.17 60.30 74.88
N PHE W 68 45.81 60.47 76.03
CA PHE W 68 46.82 59.54 76.51
C PHE W 68 46.26 58.72 77.67
N GLU W 69 46.82 57.54 77.86
CA GLU W 69 46.41 56.70 78.97
C GLU W 69 46.91 57.28 80.28
N LYS W 70 46.07 57.24 81.32
CA LYS W 70 46.43 57.87 82.58
C LYS W 70 47.55 57.12 83.30
N SER W 71 47.69 55.82 83.04
CA SER W 71 48.72 55.01 83.69
C SER W 71 49.15 53.91 82.73
N PRO W 72 50.11 54.20 81.84
CA PRO W 72 50.60 53.17 80.92
C PRO W 72 51.58 52.20 81.55
N LEU W 73 51.78 52.22 82.87
CA LEU W 73 52.65 51.29 83.55
C LEU W 73 51.89 50.35 84.46
N ARG W 74 50.58 50.29 84.36
CA ARG W 74 49.76 49.33 85.09
C ARG W 74 49.06 48.44 84.09
N VAL W 75 49.39 47.15 84.11
CA VAL W 75 48.75 46.20 83.22
C VAL W 75 47.29 46.03 83.64
N LYS W 76 46.38 46.16 82.67
CA LYS W 76 44.97 46.24 82.97
C LYS W 76 44.18 45.34 82.03
N ASN W 77 43.03 44.88 82.52
CA ASN W 77 42.21 43.89 81.83
C ASN W 77 41.16 44.62 81.01
N PHE W 78 41.42 44.79 79.72
CA PHE W 78 40.59 45.61 78.87
C PHE W 78 39.50 44.78 78.20
N GLY W 79 38.26 45.23 78.31
CA GLY W 79 37.16 44.59 77.63
C GLY W 79 36.55 45.48 76.56
N ILE W 80 36.33 44.94 75.37
CA ILE W 80 35.85 45.70 74.23
C ILE W 80 34.56 45.09 73.73
N TRP W 81 33.58 45.94 73.43
CA TRP W 81 32.33 45.53 72.83
C TRP W 81 32.41 45.76 71.32
N LEU W 82 32.18 44.71 70.55
CA LEU W 82 32.43 44.74 69.11
C LEU W 82 31.12 44.66 68.35
N ARG W 83 31.20 45.08 67.08
CA ARG W 83 30.08 44.98 66.16
C ARG W 83 30.56 44.52 64.79
N TYR W 84 31.36 43.45 64.75
CA TYR W 84 31.97 43.04 63.48
C TYR W 84 30.92 42.51 62.51
N ASP W 85 31.34 42.27 61.27
CA ASP W 85 30.47 41.75 60.23
C ASP W 85 31.00 40.40 59.75
N SER W 86 30.09 39.51 59.40
CA SER W 86 30.41 38.29 58.69
C SER W 86 29.85 38.40 57.27
N ARG W 87 30.14 37.39 56.46
CA ARG W 87 29.57 37.36 55.12
C ARG W 87 28.06 37.12 55.16
N SER W 88 27.59 36.46 56.21
CA SER W 88 26.15 36.23 56.40
C SER W 88 25.75 36.94 57.68
N GLY W 89 25.30 38.17 57.56
CA GLY W 89 24.87 38.94 58.71
C GLY W 89 26.04 39.43 59.55
N THR W 90 25.71 40.17 60.60
CA THR W 90 26.69 40.68 61.53
C THR W 90 26.45 40.10 62.92
N HIS W 91 27.40 40.32 63.82
CA HIS W 91 27.31 39.85 65.19
C HIS W 91 27.89 40.88 66.13
N ASN W 92 27.69 40.64 67.43
CA ASN W 92 28.27 41.44 68.49
C ASN W 92 29.11 40.57 69.40
N MET W 93 30.30 41.05 69.73
CA MET W 93 31.25 40.27 70.51
C MET W 93 31.70 41.10 71.69
N TYR W 94 32.04 40.40 72.77
CA TYR W 94 32.65 41.01 73.95
C TYR W 94 34.00 40.32 74.12
N ARG W 95 35.05 40.99 73.67
CA ARG W 95 36.40 40.45 73.69
C ARG W 95 37.20 41.07 74.82
N GLU W 96 38.04 40.28 75.47
CA GLU W 96 38.82 40.72 76.62
C GLU W 96 40.31 40.62 76.30
N TYR W 97 41.09 41.58 76.78
CA TYR W 97 42.54 41.56 76.64
C TYR W 97 43.21 42.08 77.90
N ARG W 98 44.48 41.72 78.06
CA ARG W 98 45.30 42.15 79.19
C ARG W 98 46.45 42.97 78.59
N ASP W 99 46.31 44.28 78.63
CA ASP W 99 47.20 45.19 77.91
C ASP W 99 47.57 46.37 78.80
N LEU W 100 48.29 47.33 78.21
CA LEU W 100 48.66 48.55 78.91
C LEU W 100 47.67 49.68 78.75
N THR W 101 47.41 50.11 77.51
CA THR W 101 46.66 51.31 77.24
C THR W 101 45.31 50.99 76.62
N THR W 102 44.46 52.01 76.55
CA THR W 102 43.24 51.90 75.78
C THR W 102 43.52 51.74 74.29
N ALA W 103 44.65 52.27 73.83
CA ALA W 103 45.00 52.19 72.42
C ALA W 103 45.50 50.80 72.04
N GLY W 104 46.51 50.31 72.75
CA GLY W 104 47.12 49.04 72.39
C GLY W 104 46.18 47.86 72.55
N ALA W 105 45.22 47.96 73.48
CA ALA W 105 44.22 46.92 73.60
C ALA W 105 43.32 46.87 72.38
N VAL W 106 43.12 48.01 71.71
CA VAL W 106 42.33 48.03 70.49
C VAL W 106 43.16 47.46 69.34
N THR W 107 44.47 47.72 69.33
CA THR W 107 45.36 47.13 68.34
C THR W 107 45.37 45.62 68.46
N GLN W 108 45.40 45.11 69.69
CA GLN W 108 45.36 43.68 69.93
C GLN W 108 44.00 43.10 69.61
N CYS W 109 42.99 43.94 69.38
CA CYS W 109 41.67 43.46 68.98
C CYS W 109 41.56 43.28 67.48
N TYR W 110 41.99 44.28 66.71
CA TYR W 110 41.79 44.26 65.27
C TYR W 110 42.57 43.13 64.61
N ARG W 111 43.77 42.85 65.10
CA ARG W 111 44.52 41.72 64.57
C ARG W 111 43.91 40.40 65.00
N ASP W 112 43.51 40.29 66.27
CA ASP W 112 42.89 39.05 66.74
C ASP W 112 41.52 38.86 66.12
N MET W 113 40.76 39.95 65.94
CA MET W 113 39.51 39.83 65.18
C MET W 113 39.80 39.59 63.71
N GLY W 114 40.94 40.08 63.21
CA GLY W 114 41.31 39.80 61.84
C GLY W 114 41.85 38.42 61.61
N ALA W 115 42.21 37.70 62.68
CA ALA W 115 42.78 36.38 62.52
C ALA W 115 41.77 35.28 62.79
N ARG W 116 40.98 35.38 63.85
CA ARG W 116 40.04 34.33 64.20
C ARG W 116 38.78 34.38 63.35
N HIS W 117 38.26 35.58 63.09
CA HIS W 117 37.01 35.73 62.36
C HIS W 117 37.21 36.30 60.97
N ARG W 118 38.46 36.40 60.51
CA ARG W 118 38.82 36.92 59.18
C ARG W 118 38.25 38.33 58.96
N ALA W 119 38.04 39.07 60.04
CA ALA W 119 37.29 40.31 59.95
C ALA W 119 38.17 41.43 59.44
N ARG W 120 37.67 42.17 58.47
CA ARG W 120 38.35 43.36 58.00
C ARG W 120 38.07 44.52 58.95
N ALA W 121 38.98 45.49 58.96
CA ALA W 121 38.88 46.59 59.89
C ALA W 121 37.67 47.47 59.60
N HIS W 122 37.34 47.63 58.32
CA HIS W 122 36.17 48.44 57.96
C HIS W 122 34.86 47.78 58.36
N SER W 123 34.87 46.47 58.58
CA SER W 123 33.67 45.78 59.01
C SER W 123 33.49 45.79 60.53
N ILE W 124 34.39 46.43 61.26
CA ILE W 124 34.42 46.35 62.70
C ILE W 124 34.05 47.70 63.30
N GLN W 125 33.06 47.71 64.19
CA GLN W 125 32.59 48.92 64.85
C GLN W 125 32.79 48.75 66.35
N ILE W 126 33.75 49.47 66.90
CA ILE W 126 33.90 49.52 68.35
C ILE W 126 32.80 50.39 68.94
N MET W 127 32.22 49.95 70.02
CA MET W 127 31.19 50.79 70.63
C MET W 127 31.48 51.13 72.07
N LYS W 128 32.25 50.31 72.77
CA LYS W 128 32.56 50.59 74.16
C LYS W 128 33.84 49.87 74.55
N VAL W 129 34.74 50.60 75.20
CA VAL W 129 35.97 50.04 75.75
C VAL W 129 35.94 50.22 77.26
N GLU W 130 35.62 49.16 77.97
CA GLU W 130 35.43 49.18 79.42
C GLU W 130 36.55 48.42 80.10
N GLU W 131 37.30 49.11 80.96
CA GLU W 131 38.29 48.45 81.79
C GLU W 131 37.57 47.82 82.97
N ILE W 132 37.87 46.56 83.24
CA ILE W 132 37.21 45.81 84.30
C ILE W 132 38.24 45.41 85.34
N ALA W 133 37.74 45.16 86.55
CA ALA W 133 38.59 44.65 87.61
C ALA W 133 38.92 43.17 87.35
N ALA W 134 39.81 42.63 88.18
CA ALA W 134 40.33 41.29 87.94
C ALA W 134 39.27 40.21 88.23
N SER W 135 38.52 40.35 89.32
CA SER W 135 37.51 39.35 89.63
C SER W 135 36.29 39.45 88.73
N LYS W 136 36.21 40.47 87.89
CA LYS W 136 35.09 40.67 86.98
C LYS W 136 35.49 40.36 85.54
N CYS W 137 36.45 39.46 85.35
CA CYS W 137 36.88 39.04 84.03
C CYS W 137 36.12 37.80 83.59
N ARG W 138 35.95 37.65 82.28
CA ARG W 138 35.07 36.61 81.76
C ARG W 138 35.81 35.57 80.91
N ARG W 139 36.60 36.00 79.94
CA ARG W 139 37.30 35.03 79.11
C ARG W 139 38.45 34.42 79.89
N PRO W 140 38.55 33.09 79.95
CA PRO W 140 39.48 32.46 80.92
C PRO W 140 40.94 32.53 80.51
N ALA W 141 41.24 32.70 79.23
CA ALA W 141 42.63 32.79 78.80
C ALA W 141 43.30 34.06 79.31
N VAL W 142 42.50 35.08 79.63
CA VAL W 142 43.01 36.27 80.28
C VAL W 142 43.14 35.95 81.77
N LYS W 143 42.18 35.21 82.30
CA LYS W 143 42.08 34.96 83.73
C LYS W 143 43.20 34.07 84.28
N GLN W 144 43.99 33.44 83.43
CA GLN W 144 45.07 32.59 83.93
C GLN W 144 46.27 33.37 84.42
N PHE W 145 46.30 34.68 84.18
CA PHE W 145 47.39 35.54 84.64
C PHE W 145 47.07 36.26 85.94
N HIS W 146 45.86 36.08 86.48
CA HIS W 146 45.48 36.75 87.71
C HIS W 146 45.88 35.86 88.88
N ASP W 147 47.16 35.90 89.20
CA ASP W 147 47.71 35.15 90.33
C ASP W 147 49.01 35.80 90.76
N SER W 148 49.19 35.94 92.08
CA SER W 148 50.35 36.66 92.59
C SER W 148 51.64 35.89 92.35
N LYS W 149 51.64 34.59 92.56
CA LYS W 149 52.83 33.76 92.53
C LYS W 149 53.04 33.13 91.15
N ILE W 150 52.68 33.87 90.10
CA ILE W 150 52.80 33.39 88.73
C ILE W 150 54.27 33.12 88.40
N LYS W 151 54.54 31.96 87.80
CA LYS W 151 55.88 31.44 87.64
C LYS W 151 55.87 30.38 86.56
N PHE W 152 56.69 30.57 85.51
CA PHE W 152 56.68 29.60 84.42
C PHE W 152 57.97 29.67 83.63
N PRO W 153 58.43 28.55 83.03
CA PRO W 153 59.62 28.60 82.17
C PRO W 153 59.27 28.87 80.71
N LEU W 154 60.30 28.87 79.86
CA LEU W 154 60.14 29.07 78.42
C LEU W 154 60.57 27.78 77.73
N PRO W 155 59.62 26.92 77.36
CA PRO W 155 59.93 25.52 77.05
C PRO W 155 60.88 25.26 75.88
N HIS W 156 60.53 25.72 74.69
CA HIS W 156 61.30 25.44 73.48
C HIS W 156 61.75 26.79 72.92
N ARG W 157 62.96 27.21 73.30
CA ARG W 157 63.46 28.53 72.92
C ARG W 157 63.74 28.54 71.43
N VAL W 158 62.83 29.12 70.66
CA VAL W 158 62.96 29.22 69.21
C VAL W 158 64.12 30.15 68.89
N LEU W 159 65.17 29.61 68.28
CA LEU W 159 66.35 30.42 68.05
C LEU W 159 66.15 31.34 66.84
N ARG W 160 66.47 32.60 67.06
CA ARG W 160 66.53 33.63 66.04
C ARG W 160 67.98 33.75 65.59
N ARG W 161 68.29 34.82 64.84
CA ARG W 161 69.59 35.15 64.25
C ARG W 161 70.30 33.94 63.65
N GLN W 162 69.55 33.11 62.93
CA GLN W 162 70.07 31.88 62.35
C GLN W 162 70.70 32.08 60.99
N HIS W 163 71.06 33.31 60.64
CA HIS W 163 71.72 33.56 59.37
C HIS W 163 73.07 34.22 59.51
N LYS W 164 73.46 34.63 60.72
CA LYS W 164 74.80 35.15 60.90
C LYS W 164 75.86 34.05 60.86
N PRO W 165 75.72 32.89 61.60
CA PRO W 165 76.51 31.70 61.26
C PRO W 165 75.76 30.74 60.33
N ARG W 166 75.49 31.18 59.10
CA ARG W 166 74.72 30.37 58.15
C ARG W 166 75.42 29.06 57.83
N PHE W 167 76.74 29.01 57.98
CA PHE W 167 77.49 27.75 57.88
C PHE W 167 78.31 27.61 59.16
N THR W 168 77.74 26.92 60.15
CA THR W 168 78.42 26.65 61.41
C THR W 168 78.74 25.17 61.50
N THR W 169 79.32 24.76 62.63
CA THR W 169 79.65 23.35 62.83
C THR W 169 78.79 22.71 63.92
N LYS W 170 78.42 23.45 64.96
CA LYS W 170 77.72 22.83 66.08
C LYS W 170 76.22 22.82 65.83
N ARG W 171 75.52 21.92 66.52
CA ARG W 171 74.07 21.91 66.52
C ARG W 171 73.56 22.93 67.55
N PRO W 172 72.84 23.95 67.13
CA PRO W 172 72.47 25.02 68.06
C PRO W 172 71.42 24.58 69.06
N ASN W 173 71.60 25.02 70.30
CA ASN W 173 70.79 24.59 71.42
C ASN W 173 69.49 25.38 71.46
N THR W 174 68.41 24.72 71.88
CA THR W 174 67.18 25.39 72.27
C THR W 174 66.84 25.16 73.74
N PHE W 175 67.85 24.96 74.57
CA PHE W 175 67.68 24.81 76.01
C PHE W 175 68.59 25.81 76.69
N PHE W 176 68.03 26.58 77.62
CA PHE W 176 68.81 27.57 78.36
C PHE W 176 68.37 27.62 79.83
N THR X 1 11.80 48.94 15.38
CA THR X 1 12.48 50.21 15.62
C THR X 1 11.55 51.21 16.28
N ASN X 2 12.11 52.32 16.73
CA ASN X 2 11.30 53.41 17.24
C ASN X 2 10.54 54.07 16.10
N THR X 3 9.39 54.63 16.42
CA THR X 3 8.62 55.36 15.44
C THR X 3 9.04 56.81 15.43
N LYS X 4 8.39 57.60 14.57
CA LYS X 4 8.76 59.00 14.37
C LYS X 4 7.53 59.88 14.52
N GLY X 5 6.59 59.48 15.37
CA GLY X 5 5.44 60.31 15.64
C GLY X 5 5.79 61.48 16.52
N LYS X 6 4.96 62.52 16.43
CA LYS X 6 5.24 63.76 17.15
C LYS X 6 5.13 63.56 18.66
N ARG X 7 4.10 62.85 19.10
CA ARG X 7 3.82 62.77 20.53
C ARG X 7 4.26 61.42 21.08
N ARG X 8 5.28 60.83 20.49
CA ARG X 8 5.73 59.50 20.86
C ARG X 8 6.51 59.58 22.17
N GLY X 9 6.07 58.83 23.17
CA GLY X 9 6.71 58.88 24.47
C GLY X 9 6.29 60.05 25.32
N THR X 10 5.08 60.56 25.14
CA THR X 10 4.59 61.73 25.85
C THR X 10 3.46 61.35 26.79
N ARG X 11 3.52 60.15 27.35
CA ARG X 11 2.47 59.68 28.25
C ARG X 11 2.55 60.37 29.60
N TYR X 12 3.70 60.89 29.98
CA TYR X 12 3.87 61.54 31.26
C TYR X 12 4.41 62.95 31.16
N MET X 13 4.75 63.40 29.96
CA MET X 13 5.27 64.75 29.78
C MET X 13 4.14 65.75 29.58
N PHE X 14 3.28 65.51 28.60
CA PHE X 14 2.19 66.41 28.29
C PHE X 14 0.97 66.19 29.18
N SER X 15 1.05 65.28 30.14
CA SER X 15 -0.06 65.05 31.04
C SER X 15 -0.12 66.14 32.10
N ARG X 16 -1.32 66.46 32.52
CA ARG X 16 -1.47 67.45 33.57
C ARG X 16 -1.16 66.82 34.93
N PRO X 17 -0.68 67.61 35.88
CA PRO X 17 -0.50 67.09 37.24
C PRO X 17 -1.82 66.67 37.85
N PHE X 18 -1.73 65.76 38.80
CA PHE X 18 -2.91 65.22 39.45
C PHE X 18 -3.63 66.30 40.24
N ARG X 19 -4.97 66.27 40.19
CA ARG X 19 -5.85 67.25 40.83
C ARG X 19 -5.62 68.66 40.31
N LYS X 20 -5.21 68.77 39.04
CA LYS X 20 -4.99 70.06 38.42
C LYS X 20 -5.47 70.06 36.99
N HIS X 21 -6.44 69.20 36.68
CA HIS X 21 -6.94 69.07 35.32
C HIS X 21 -7.93 70.20 35.01
N GLY X 22 -8.64 70.08 33.90
CA GLY X 22 -9.76 70.97 33.65
C GLY X 22 -9.36 72.24 32.94
N VAL X 23 -9.99 73.34 33.37
CA VAL X 23 -9.83 74.60 32.66
C VAL X 23 -8.48 75.22 33.01
N VAL X 24 -7.97 76.02 32.09
CA VAL X 24 -6.68 76.69 32.23
C VAL X 24 -6.84 77.90 33.15
N PRO X 25 -5.83 78.24 33.94
CA PRO X 25 -5.87 79.49 34.68
C PRO X 25 -5.86 80.68 33.72
N LEU X 26 -6.62 81.70 34.06
CA LEU X 26 -6.79 82.84 33.15
C LEU X 26 -5.69 83.88 33.28
N ALA X 27 -4.87 83.84 34.34
CA ALA X 27 -3.76 84.78 34.42
C ALA X 27 -2.65 84.45 33.43
N THR X 28 -2.67 83.23 32.90
CA THR X 28 -1.71 82.86 31.86
C THR X 28 -1.93 83.69 30.59
N TYR X 29 -3.18 83.82 30.17
CA TYR X 29 -3.47 84.49 28.90
C TYR X 29 -3.25 85.99 28.96
N MET X 30 -3.33 86.58 30.14
CA MET X 30 -3.14 88.03 30.26
C MET X 30 -1.77 88.34 30.84
N ARG X 31 -0.77 87.56 30.45
CA ARG X 31 0.62 87.78 30.82
C ARG X 31 1.35 88.19 29.55
N ILE X 32 1.76 89.46 29.48
CA ILE X 32 2.39 90.04 28.30
C ILE X 32 3.76 89.43 28.08
N TYR X 33 4.21 89.43 26.83
CA TYR X 33 5.53 88.89 26.47
C TYR X 33 6.15 89.81 25.42
N LYS X 34 7.11 90.61 25.83
CA LYS X 34 7.80 91.51 24.91
C LYS X 34 8.79 90.72 24.05
N LYS X 35 9.54 91.43 23.21
CA LYS X 35 10.49 90.83 22.30
C LYS X 35 11.87 90.81 22.95
N GLY X 36 12.52 89.67 22.91
CA GLY X 36 13.78 89.47 23.59
C GLY X 36 13.67 88.94 24.99
N ASP X 37 12.47 88.68 25.49
CA ASP X 37 12.29 88.25 26.86
C ASP X 37 12.72 86.80 27.02
N ILE X 38 13.29 86.48 28.18
CA ILE X 38 13.74 85.12 28.46
C ILE X 38 12.52 84.30 28.87
N VAL X 39 12.36 83.12 28.27
CA VAL X 39 11.12 82.38 28.31
C VAL X 39 11.41 80.88 28.31
N ASP X 40 10.74 80.16 29.21
CA ASP X 40 10.79 78.70 29.28
C ASP X 40 9.71 78.10 28.39
N ILE X 41 9.79 76.78 28.20
CA ILE X 41 8.77 76.03 27.50
C ILE X 41 8.30 74.89 28.40
N LYS X 42 6.99 74.80 28.60
CA LYS X 42 6.41 73.70 29.38
C LYS X 42 5.14 73.27 28.68
N GLY X 43 5.14 72.07 28.11
CA GLY X 43 4.01 71.61 27.34
C GLY X 43 2.81 71.28 28.22
N MET X 44 1.63 71.63 27.72
CA MET X 44 0.36 71.37 28.38
C MET X 44 -0.56 70.59 27.46
N GLY X 45 -1.22 69.57 28.00
CA GLY X 45 -2.08 68.74 27.19
C GLY X 45 -3.49 69.25 27.02
N THR X 46 -3.91 70.21 27.85
CA THR X 46 -5.29 70.71 27.79
C THR X 46 -5.59 71.37 26.45
N VAL X 47 -4.65 72.14 25.92
CA VAL X 47 -4.81 72.80 24.65
C VAL X 47 -3.92 72.09 23.63
N GLN X 48 -4.56 71.32 22.75
CA GLN X 48 -3.84 70.52 21.77
C GLN X 48 -3.23 71.36 20.66
N LYS X 49 -3.93 72.38 20.20
CA LYS X 49 -3.41 73.24 19.14
C LYS X 49 -2.26 74.09 19.66
N GLY X 50 -1.31 74.37 18.79
CA GLY X 50 -0.16 75.16 19.18
C GLY X 50 0.80 74.50 20.13
N MET X 51 0.73 73.18 20.25
CA MET X 51 1.64 72.49 21.15
C MET X 51 3.04 72.46 20.57
N PRO X 52 4.08 72.62 21.38
CA PRO X 52 5.44 72.50 20.88
C PRO X 52 5.82 71.04 20.68
N HIS X 53 6.95 70.84 20.01
CA HIS X 53 7.43 69.48 19.85
C HIS X 53 8.07 69.00 21.15
N LYS X 54 8.11 67.70 21.32
CA LYS X 54 8.48 67.05 22.58
C LYS X 54 9.93 67.16 22.91
N CYS X 55 10.79 67.77 22.12
CA CYS X 55 12.20 67.91 22.49
C CYS X 55 12.51 69.30 23.04
N TYR X 56 11.48 70.09 23.34
CA TYR X 56 11.67 71.40 23.95
C TYR X 56 11.02 71.52 25.31
N HIS X 57 10.39 70.47 25.81
CA HIS X 57 9.73 70.53 27.11
C HIS X 57 10.81 70.55 28.18
N GLY X 58 11.19 71.75 28.61
CA GLY X 58 12.25 71.94 29.57
C GLY X 58 13.37 72.85 29.10
N LYS X 59 13.36 73.24 27.82
CA LYS X 59 14.39 74.11 27.29
C LYS X 59 14.10 75.56 27.67
N THR X 60 14.84 76.47 27.08
CA THR X 60 14.69 77.90 27.32
C THR X 60 15.08 78.67 26.07
N GLY X 61 14.25 79.62 25.69
CA GLY X 61 14.51 80.42 24.50
C GLY X 61 14.26 81.90 24.74
N ARG X 62 14.13 82.67 23.67
CA ARG X 62 13.79 84.08 23.79
C ARG X 62 12.85 84.47 22.66
N VAL X 63 11.89 85.33 22.97
CA VAL X 63 10.87 85.73 22.03
C VAL X 63 11.45 86.71 21.02
N TYR X 64 11.14 86.50 19.74
CA TYR X 64 11.65 87.37 18.69
C TYR X 64 10.55 87.80 17.74
N ASN X 65 9.39 87.17 17.82
CA ASN X 65 8.26 87.51 16.97
C ASN X 65 6.96 87.17 17.69
N VAL X 66 5.97 88.05 17.52
CA VAL X 66 4.75 87.99 18.33
C VAL X 66 3.52 88.10 17.43
N THR X 67 2.74 87.04 17.37
CA THR X 67 1.43 87.09 16.71
C THR X 67 0.33 87.29 17.73
N GLN X 68 -0.92 87.16 17.30
CA GLN X 68 -2.06 87.40 18.18
C GLN X 68 -2.19 86.37 19.28
N HIS X 69 -1.80 85.11 19.04
CA HIS X 69 -1.95 84.07 20.03
C HIS X 69 -0.70 83.23 20.22
N ALA X 70 0.33 83.46 19.43
CA ALA X 70 1.54 82.65 19.50
C ALA X 70 2.75 83.57 19.41
N VAL X 71 3.87 83.07 19.88
CA VAL X 71 5.12 83.84 19.93
C VAL X 71 6.23 83.01 19.30
N GLY X 72 7.06 83.68 18.49
CA GLY X 72 8.22 83.02 17.92
C GLY X 72 9.33 82.97 18.93
N ILE X 73 9.88 81.78 19.15
CA ILE X 73 10.92 81.55 20.13
C ILE X 73 12.12 80.95 19.42
N VAL X 74 13.31 81.46 19.74
CA VAL X 74 14.56 80.92 19.21
C VAL X 74 15.25 80.16 20.34
N VAL X 75 15.47 78.87 20.12
CA VAL X 75 15.93 77.97 21.17
C VAL X 75 17.13 77.20 20.63
N ASN X 76 17.90 76.60 21.55
CA ASN X 76 19.13 75.91 21.23
C ASN X 76 18.90 74.40 21.30
N LYS X 77 19.40 73.67 20.30
CA LYS X 77 19.14 72.25 20.15
C LYS X 77 20.41 71.52 19.79
N GLN X 78 20.91 70.69 20.71
CA GLN X 78 22.13 69.92 20.48
C GLN X 78 21.80 68.71 19.62
N VAL X 79 22.12 68.78 18.33
CA VAL X 79 21.89 67.66 17.44
C VAL X 79 23.20 67.14 16.85
N LYS X 80 23.76 66.12 17.49
CA LYS X 80 24.97 65.43 17.07
C LYS X 80 26.17 66.36 16.91
N GLY X 81 26.49 67.08 17.98
CA GLY X 81 27.71 67.86 18.04
C GLY X 81 27.61 69.30 17.60
N LYS X 82 26.41 69.80 17.31
CA LYS X 82 26.27 71.19 16.94
C LYS X 82 24.99 71.76 17.55
N ILE X 83 24.99 73.05 17.78
CA ILE X 83 23.86 73.75 18.38
C ILE X 83 23.23 74.63 17.32
N LEU X 84 21.91 74.65 17.28
CA LEU X 84 21.16 75.44 16.31
C LEU X 84 20.21 76.36 17.05
N ALA X 85 20.30 77.66 16.75
CA ALA X 85 19.38 78.66 17.30
C ALA X 85 18.16 78.70 16.37
N LYS X 86 17.30 77.71 16.53
CA LYS X 86 16.17 77.53 15.62
C LYS X 86 14.92 78.18 16.17
N ARG X 87 14.05 78.62 15.27
CA ARG X 87 12.94 79.49 15.57
C ARG X 87 11.66 78.67 15.62
N ILE X 88 10.90 78.82 16.71
CA ILE X 88 9.76 77.95 17.00
C ILE X 88 8.56 78.81 17.34
N ASN X 89 7.43 78.53 16.68
CA ASN X 89 6.17 79.19 16.98
C ASN X 89 5.38 78.31 17.93
N VAL X 90 5.10 78.81 19.13
CA VAL X 90 4.32 78.09 20.13
C VAL X 90 3.29 79.04 20.72
N ARG X 91 2.21 78.47 21.23
CA ARG X 91 1.16 79.25 21.87
C ARG X 91 1.56 79.61 23.31
N ILE X 92 0.91 80.64 23.83
CA ILE X 92 1.24 81.24 25.12
C ILE X 92 0.96 80.28 26.26
N GLU X 93 0.02 79.37 26.05
CA GLU X 93 -0.37 78.42 27.10
C GLU X 93 0.76 77.49 27.49
N HIS X 94 1.78 77.34 26.65
CA HIS X 94 2.91 76.47 26.96
C HIS X 94 4.09 77.25 27.52
N ILE X 95 3.84 78.50 27.92
CA ILE X 95 4.91 79.49 28.07
C ILE X 95 4.86 80.11 29.45
N LYS X 96 6.03 80.29 30.07
CA LYS X 96 6.16 80.99 31.33
C LYS X 96 7.27 82.01 31.20
N HIS X 97 7.23 83.02 32.07
CA HIS X 97 8.35 83.94 32.23
C HIS X 97 9.43 83.27 33.08
N SER X 98 10.69 83.39 32.63
CA SER X 98 11.81 82.81 33.34
C SER X 98 12.04 83.55 34.64
N LYS X 99 12.25 82.81 35.72
CA LYS X 99 12.67 83.39 36.99
C LYS X 99 14.16 83.16 37.16
N SER X 100 14.83 82.79 36.05
CA SER X 100 16.27 82.61 36.04
C SER X 100 17.01 83.89 35.68
N ARG X 101 16.34 84.83 35.03
CA ARG X 101 16.95 86.09 34.62
C ARG X 101 16.77 87.19 35.66
N ASP X 102 15.60 87.23 36.33
CA ASP X 102 15.25 88.35 37.18
C ASP X 102 16.04 88.41 38.48
N SER X 103 16.92 87.43 38.74
CA SER X 103 17.89 87.62 39.81
C SER X 103 19.08 88.45 39.34
N PHE X 104 19.41 88.37 38.06
CA PHE X 104 20.44 89.23 37.50
C PHE X 104 19.94 90.66 37.36
N LEU X 105 18.66 90.82 36.99
CA LEU X 105 18.09 92.15 36.81
C LEU X 105 17.97 92.89 38.13
N LYS X 106 17.58 92.19 39.20
CA LYS X 106 17.58 92.82 40.52
C LYS X 106 18.99 93.04 41.01
N ARG X 107 19.96 92.28 40.50
CA ARG X 107 21.34 92.48 40.88
C ARG X 107 21.93 93.73 40.26
N VAL X 108 21.35 94.19 39.14
CA VAL X 108 21.86 95.41 38.49
C VAL X 108 21.41 96.64 39.27
N LYS X 109 20.16 96.66 39.72
CA LYS X 109 19.63 97.87 40.36
C LYS X 109 20.29 98.14 41.70
N GLU X 110 20.33 97.15 42.60
CA GLU X 110 20.85 97.40 43.94
C GLU X 110 22.35 97.64 43.93
N ASN X 111 23.08 97.02 42.99
CA ASN X 111 24.49 97.33 42.86
C ASN X 111 24.68 98.75 42.35
N ASP X 112 23.79 99.21 41.48
CA ASP X 112 23.76 100.63 41.16
C ASP X 112 23.27 101.46 42.34
N GLN X 113 22.36 100.92 43.16
CA GLN X 113 21.99 101.60 44.39
C GLN X 113 23.14 101.56 45.39
N LYS X 114 24.00 100.55 45.31
CA LYS X 114 25.23 100.55 46.05
C LYS X 114 26.38 101.14 45.25
N LYS X 115 26.08 101.89 44.19
CA LYS X 115 27.10 102.62 43.44
C LYS X 115 26.94 104.12 43.59
N LYS X 116 25.76 104.66 43.27
CA LYS X 116 25.56 106.10 43.44
C LYS X 116 25.47 106.48 44.91
N GLU X 117 25.01 105.57 45.75
CA GLU X 117 25.25 105.64 47.18
C GLU X 117 26.55 104.88 47.46
N ALA X 118 27.26 105.32 48.50
CA ALA X 118 28.64 104.99 48.86
C ALA X 118 29.63 105.54 47.84
N LYS X 119 29.19 106.42 46.94
CA LYS X 119 30.12 107.16 46.10
C LYS X 119 30.55 108.45 46.79
N GLU X 120 29.58 109.30 47.12
CA GLU X 120 29.86 110.53 47.85
C GLU X 120 30.20 110.28 49.31
N LYS X 121 29.96 109.09 49.83
CA LYS X 121 30.50 108.71 51.12
C LYS X 121 31.94 108.24 51.02
N GLY X 122 32.42 107.98 49.81
CA GLY X 122 33.79 107.55 49.59
C GLY X 122 34.09 106.13 49.96
N THR X 123 33.07 105.33 50.28
CA THR X 123 33.26 103.98 50.81
C THR X 123 33.35 102.98 49.66
N TRP X 124 34.49 102.31 49.56
CA TRP X 124 34.67 101.23 48.58
C TRP X 124 33.87 100.03 49.07
N VAL X 125 32.77 99.73 48.40
CA VAL X 125 31.85 98.67 48.82
C VAL X 125 31.96 97.49 47.87
N GLN X 126 32.24 96.32 48.43
CA GLN X 126 32.45 95.10 47.65
C GLN X 126 31.18 94.72 46.89
N LEU X 127 31.31 94.50 45.58
CA LEU X 127 30.15 94.27 44.74
C LEU X 127 30.17 92.92 44.03
N LYS X 128 31.33 92.31 43.84
CA LYS X 128 31.40 91.04 43.15
C LYS X 128 30.83 89.93 44.02
N ARG X 129 30.08 89.03 43.41
CA ARG X 129 29.59 87.87 44.12
C ARG X 129 30.76 86.94 44.42
N GLN X 130 30.95 86.65 45.70
CA GLN X 130 32.00 85.77 46.12
C GLN X 130 31.39 84.45 46.58
N PRO X 131 31.97 83.30 46.20
CA PRO X 131 31.54 82.03 46.77
C PRO X 131 31.79 82.00 48.26
N ALA X 132 31.05 81.14 48.95
CA ALA X 132 31.09 81.03 50.40
C ALA X 132 32.50 80.67 50.87
N PRO X 133 33.20 81.59 51.53
CA PRO X 133 34.59 81.35 51.89
C PRO X 133 34.67 80.38 53.05
N PRO X 134 35.88 79.90 53.37
CA PRO X 134 36.07 79.15 54.61
C PRO X 134 35.63 79.97 55.82
N ARG X 135 34.76 79.38 56.63
CA ARG X 135 34.20 80.07 57.79
C ARG X 135 35.29 80.38 58.80
N GLU X 136 35.15 81.50 59.49
CA GLU X 136 36.25 82.10 60.23
C GLU X 136 36.52 81.36 61.53
N ALA X 137 37.51 81.84 62.28
CA ALA X 137 37.75 81.32 63.62
C ALA X 137 36.71 81.90 64.56
N HIS X 138 36.10 81.04 65.36
CA HIS X 138 35.11 81.48 66.33
C HIS X 138 35.19 80.60 67.56
N PHE X 139 34.57 81.05 68.63
CA PHE X 139 34.59 80.36 69.91
C PHE X 139 33.24 79.67 70.10
N VAL X 140 33.26 78.51 70.75
CA VAL X 140 32.04 77.79 71.08
C VAL X 140 31.97 77.66 72.59
N ARG X 141 30.89 78.16 73.19
CA ARG X 141 30.70 78.13 74.63
C ARG X 141 30.11 76.78 75.04
N THR X 142 30.80 76.07 75.93
CA THR X 142 30.31 74.82 76.49
C THR X 142 29.74 75.04 77.89
N ASN X 143 29.05 76.17 78.06
CA ASN X 143 28.57 76.57 79.37
C ASN X 143 27.47 75.65 79.87
N GLY X 144 27.43 75.45 81.18
CA GLY X 144 26.38 74.65 81.77
C GLY X 144 26.73 73.17 81.78
N LYS X 145 26.19 72.46 80.80
CA LYS X 145 26.39 71.03 80.69
C LYS X 145 27.79 70.67 80.19
N GLU X 146 27.98 69.40 79.94
CA GLU X 146 29.17 68.78 79.34
C GLU X 146 28.78 68.15 78.02
N PRO X 147 29.64 68.18 76.99
CA PRO X 147 29.30 67.51 75.72
C PRO X 147 29.11 66.02 75.88
N GLU X 148 27.90 65.54 75.62
CA GLU X 148 27.56 64.16 75.94
C GLU X 148 28.24 63.19 74.97
N LEU X 149 28.71 62.08 75.52
CA LEU X 149 29.37 61.04 74.75
C LEU X 149 28.34 60.21 74.01
N LEU X 150 28.63 59.91 72.75
CA LEU X 150 27.73 59.14 71.92
C LEU X 150 28.35 57.78 71.62
N GLU X 151 27.59 56.72 71.84
CA GLU X 151 28.07 55.36 71.62
C GLU X 151 27.32 54.71 70.48
N PRO X 152 27.99 54.02 69.55
CA PRO X 152 27.28 53.29 68.51
C PRO X 152 26.37 52.20 69.06
N ILE X 153 25.10 52.22 68.66
CA ILE X 153 24.07 51.32 69.17
C ILE X 153 24.38 49.87 68.84
N PRO X 154 24.17 48.94 69.76
CA PRO X 154 24.49 47.54 69.50
C PRO X 154 23.49 46.92 68.53
N TYR X 155 23.98 45.91 67.82
CA TYR X 155 23.18 45.26 66.80
C TYR X 155 22.14 44.34 67.43
N GLU X 156 20.89 44.50 67.00
CA GLU X 156 19.79 43.67 67.48
C GLU X 156 18.74 43.68 66.36
N PHE X 157 18.66 42.56 65.62
CA PHE X 157 17.88 42.54 64.40
C PHE X 157 16.37 42.57 64.66
N MET X 158 15.66 43.41 63.91
CA MET X 158 14.24 43.61 64.13
C MET X 158 13.41 42.44 63.60
N ALA X 159 13.51 42.16 62.30
CA ALA X 159 12.63 41.18 61.65
C ALA X 159 12.95 39.76 62.07
N GLN Y 1 66.26 -63.12 -64.05
CA GLN Y 1 66.46 -61.92 -63.24
C GLN Y 1 67.61 -62.12 -62.27
N LEU Y 2 68.83 -61.82 -62.70
CA LEU Y 2 70.01 -61.99 -61.86
C LEU Y 2 70.53 -60.64 -61.42
N LEU Y 3 70.84 -60.51 -60.14
CA LEU Y 3 71.24 -59.25 -59.54
C LEU Y 3 72.58 -59.46 -58.85
N LYS Y 4 73.54 -58.58 -59.11
CA LYS Y 4 74.93 -58.79 -58.72
C LYS Y 4 75.70 -57.47 -58.68
N PHE Y 5 76.18 -57.11 -57.50
CA PHE Y 5 76.99 -55.92 -57.28
C PHE Y 5 78.42 -56.33 -56.95
N THR Y 6 79.38 -55.42 -57.17
CA THR Y 6 80.78 -55.70 -56.89
C THR Y 6 81.29 -54.77 -55.79
N LEU Y 7 82.42 -55.14 -55.19
CA LEU Y 7 83.09 -54.32 -54.17
C LEU Y 7 84.59 -54.44 -54.39
N ASP Y 8 85.18 -53.51 -55.15
CA ASP Y 8 86.63 -53.55 -55.36
C ASP Y 8 87.34 -52.78 -54.24
N CYS Y 9 87.25 -53.34 -53.03
CA CYS Y 9 87.83 -52.74 -51.84
C CYS Y 9 89.34 -53.03 -51.81
N THR Y 10 90.04 -52.43 -52.76
CA THR Y 10 91.44 -52.77 -52.99
C THR Y 10 92.36 -52.04 -52.02
N HIS Y 11 92.39 -50.71 -52.11
CA HIS Y 11 93.43 -49.86 -51.51
C HIS Y 11 93.68 -50.05 -50.03
N PRO Y 12 92.68 -50.10 -49.13
CA PRO Y 12 93.00 -50.26 -47.70
C PRO Y 12 93.55 -51.63 -47.33
N VAL Y 13 93.50 -52.61 -48.23
CA VAL Y 13 94.14 -53.89 -47.98
C VAL Y 13 95.66 -53.79 -48.18
N GLU Y 14 96.09 -53.21 -49.30
CA GLU Y 14 97.52 -53.08 -49.53
C GLU Y 14 98.17 -52.03 -48.63
N ASP Y 15 97.38 -51.06 -48.16
CA ASP Y 15 97.93 -50.02 -47.31
C ASP Y 15 98.10 -50.46 -45.86
N GLY Y 16 97.78 -51.71 -45.54
CA GLY Y 16 98.14 -52.26 -44.25
C GLY Y 16 97.27 -51.83 -43.09
N ILE Y 17 95.98 -51.63 -43.35
CA ILE Y 17 95.02 -51.34 -42.29
C ILE Y 17 93.90 -52.38 -42.24
N MET Y 18 93.47 -52.90 -43.40
CA MET Y 18 92.38 -53.85 -43.42
C MET Y 18 92.79 -55.04 -44.30
N ASP Y 19 91.93 -56.05 -44.33
CA ASP Y 19 92.09 -57.20 -45.20
C ASP Y 19 90.72 -57.71 -45.58
N ALA Y 20 90.57 -58.10 -46.84
CA ALA Y 20 89.28 -58.60 -47.32
C ALA Y 20 88.94 -59.99 -46.79
N ALA Y 21 89.87 -60.67 -46.12
CA ALA Y 21 89.57 -61.99 -45.58
C ALA Y 21 88.56 -61.90 -44.44
N ASN Y 22 88.72 -60.91 -43.57
CA ASN Y 22 87.76 -60.72 -42.48
C ASN Y 22 86.40 -60.29 -43.00
N PHE Y 23 86.38 -59.48 -44.05
CA PHE Y 23 85.11 -58.95 -44.55
C PHE Y 23 84.24 -60.04 -45.18
N GLU Y 24 84.85 -61.03 -45.81
CA GLU Y 24 84.07 -62.06 -46.50
C GLU Y 24 83.35 -62.96 -45.52
N GLN Y 25 84.02 -63.34 -44.42
CA GLN Y 25 83.37 -64.13 -43.39
C GLN Y 25 82.33 -63.29 -42.66
N PHE Y 26 82.56 -61.99 -42.55
CA PHE Y 26 81.61 -61.06 -41.95
C PHE Y 26 80.31 -61.01 -42.75
N LEU Y 27 80.41 -61.22 -44.06
CA LEU Y 27 79.21 -61.23 -44.89
C LEU Y 27 78.41 -62.51 -44.72
N GLN Y 28 79.05 -63.58 -44.23
CA GLN Y 28 78.40 -64.88 -44.19
C GLN Y 28 77.22 -64.93 -43.21
N GLU Y 29 77.33 -64.26 -42.06
CA GLU Y 29 76.31 -64.36 -41.04
C GLU Y 29 75.58 -63.06 -40.75
N ARG Y 30 75.97 -61.94 -41.37
CA ARG Y 30 75.33 -60.68 -41.09
C ARG Y 30 74.38 -60.21 -42.19
N ILE Y 31 74.18 -61.01 -43.24
CA ILE Y 31 73.21 -60.66 -44.27
C ILE Y 31 71.84 -61.13 -43.83
N LYS Y 32 70.94 -60.18 -43.55
CA LYS Y 32 69.58 -60.51 -43.17
C LYS Y 32 68.72 -60.63 -44.42
N VAL Y 33 68.21 -61.84 -44.67
CA VAL Y 33 67.26 -62.08 -45.75
C VAL Y 33 66.03 -62.72 -45.12
N ASN Y 34 64.90 -62.01 -45.16
CA ASN Y 34 63.59 -62.50 -44.75
C ASN Y 34 63.57 -62.95 -43.28
N GLY Y 35 64.29 -62.24 -42.43
CA GLY Y 35 64.32 -62.56 -41.02
C GLY Y 35 65.19 -63.73 -40.63
N LYS Y 36 65.83 -64.38 -41.60
CA LYS Y 36 66.81 -65.42 -41.31
C LYS Y 36 68.17 -64.84 -41.67
N ALA Y 37 68.93 -64.47 -40.64
CA ALA Y 37 70.20 -63.78 -40.83
C ALA Y 37 71.37 -64.73 -41.01
N GLY Y 38 71.46 -65.78 -40.21
CA GLY Y 38 72.58 -66.69 -40.29
C GLY Y 38 72.45 -67.68 -41.42
N ASN Y 39 73.56 -68.36 -41.71
CA ASN Y 39 73.68 -69.41 -42.73
C ASN Y 39 73.25 -68.94 -44.12
N LEU Y 40 73.42 -67.64 -44.40
CA LEU Y 40 73.06 -67.02 -45.68
C LEU Y 40 71.60 -67.24 -46.07
N GLY Y 41 70.74 -67.43 -45.08
CA GLY Y 41 69.35 -67.80 -45.35
C GLY Y 41 69.19 -69.16 -45.99
N GLY Y 42 70.14 -70.06 -45.77
CA GLY Y 42 70.12 -71.34 -46.45
C GLY Y 42 71.18 -71.43 -47.54
N GLY Y 43 70.80 -71.94 -48.70
CA GLY Y 43 71.74 -72.04 -49.80
C GLY Y 43 71.32 -71.31 -51.06
N VAL Y 44 70.72 -70.13 -50.91
CA VAL Y 44 70.16 -69.45 -52.07
C VAL Y 44 71.13 -68.40 -52.60
N VAL Y 45 71.44 -67.39 -51.77
CA VAL Y 45 72.23 -66.24 -52.23
C VAL Y 45 73.68 -66.66 -52.42
N SER Y 46 74.29 -66.19 -53.51
CA SER Y 46 75.65 -66.58 -53.86
C SER Y 46 76.61 -65.46 -53.49
N LEU Y 47 77.75 -65.83 -52.92
CA LEU Y 47 78.82 -64.91 -52.57
C LEU Y 47 80.14 -65.54 -52.99
N GLU Y 48 81.01 -64.76 -53.63
CA GLU Y 48 82.34 -65.21 -54.02
C GLU Y 48 83.40 -64.18 -53.67
N ARG Y 49 84.61 -64.66 -53.42
CA ARG Y 49 85.73 -63.84 -52.96
C ARG Y 49 86.91 -63.97 -53.91
N SER Y 50 87.56 -62.86 -54.19
CA SER Y 50 88.78 -62.81 -54.98
C SER Y 50 89.81 -61.95 -54.24
N LYS Y 51 90.91 -61.64 -54.94
CA LYS Y 51 91.91 -60.72 -54.42
C LYS Y 51 91.32 -59.32 -54.43
N SER Y 52 91.37 -58.66 -53.28
CA SER Y 52 91.05 -57.23 -53.12
C SER Y 52 89.65 -56.86 -53.62
N LYS Y 53 88.75 -57.84 -53.65
CA LYS Y 53 87.46 -57.61 -54.29
C LYS Y 53 86.44 -58.64 -53.84
N ILE Y 54 85.25 -58.18 -53.49
CA ILE Y 54 84.14 -59.05 -53.11
C ILE Y 54 82.98 -58.78 -54.08
N THR Y 55 82.36 -59.86 -54.56
CA THR Y 55 81.17 -59.77 -55.40
C THR Y 55 80.06 -60.59 -54.79
N VAL Y 56 78.87 -60.00 -54.67
CA VAL Y 56 77.68 -60.69 -54.21
C VAL Y 56 76.77 -60.86 -55.41
N THR Y 57 76.01 -61.96 -55.43
CA THR Y 57 75.06 -62.23 -56.50
C THR Y 57 73.78 -62.73 -55.87
N SER Y 58 72.64 -62.25 -56.38
CA SER Y 58 71.37 -62.59 -55.76
C SER Y 58 70.38 -63.09 -56.80
N GLU Y 59 69.51 -64.00 -56.36
CA GLU Y 59 68.37 -64.46 -57.14
C GLU Y 59 67.08 -63.75 -56.75
N VAL Y 60 66.93 -63.40 -55.48
CA VAL Y 60 65.81 -62.58 -55.02
C VAL Y 60 66.19 -61.13 -55.25
N PRO Y 61 65.22 -60.24 -55.53
CA PRO Y 61 65.54 -58.80 -55.70
C PRO Y 61 66.26 -58.18 -54.50
N PHE Y 62 67.48 -57.72 -54.74
CA PHE Y 62 68.39 -57.28 -53.70
C PHE Y 62 68.76 -55.82 -53.93
N SER Y 63 68.93 -55.08 -52.84
CA SER Y 63 69.26 -53.66 -52.93
C SER Y 63 70.76 -53.46 -52.86
N LYS Y 64 71.22 -52.35 -53.43
CA LYS Y 64 72.63 -51.99 -53.32
C LYS Y 64 72.93 -51.34 -51.98
N ARG Y 65 71.95 -50.66 -51.40
CA ARG Y 65 72.20 -49.90 -50.18
C ARG Y 65 72.32 -50.77 -48.95
N TYR Y 66 71.64 -51.92 -48.92
CA TYR Y 66 71.82 -52.86 -47.82
C TYR Y 66 73.24 -53.40 -47.80
N LEU Y 67 73.87 -53.47 -48.96
CA LEU Y 67 75.28 -53.78 -49.01
C LEU Y 67 76.11 -52.65 -48.41
N LYS Y 68 75.70 -51.40 -48.62
CA LYS Y 68 76.40 -50.27 -48.02
C LYS Y 68 76.17 -50.18 -46.52
N TYR Y 69 75.04 -50.69 -46.04
CA TYR Y 69 74.71 -50.57 -44.61
C TYR Y 69 75.57 -51.49 -43.77
N LEU Y 70 76.03 -52.61 -44.35
CA LEU Y 70 76.89 -53.53 -43.59
C LEU Y 70 78.33 -53.05 -43.54
N THR Y 71 78.84 -52.48 -44.64
CA THR Y 71 80.24 -52.07 -44.61
C THR Y 71 80.42 -50.83 -43.75
N LYS Y 72 79.46 -49.91 -43.75
CA LYS Y 72 79.52 -48.78 -42.84
C LYS Y 72 79.31 -49.22 -41.39
N LYS Y 73 78.74 -50.39 -41.17
CA LYS Y 73 78.81 -51.04 -39.87
C LYS Y 73 80.15 -51.74 -39.66
N TYR Y 74 80.80 -52.16 -40.73
CA TYR Y 74 82.02 -52.94 -40.60
C TYR Y 74 83.23 -52.07 -40.32
N LEU Y 75 83.33 -50.93 -41.01
CA LEU Y 75 84.43 -50.00 -40.74
C LEU Y 75 84.33 -49.45 -39.32
N LYS Y 76 83.13 -49.08 -38.89
CA LYS Y 76 82.93 -48.56 -37.54
C LYS Y 76 83.26 -49.61 -36.48
N LYS Y 77 82.97 -50.88 -36.76
CA LYS Y 77 83.27 -51.93 -35.79
C LYS Y 77 84.77 -52.12 -35.57
N ASN Y 78 85.61 -51.74 -36.54
CA ASN Y 78 87.04 -51.93 -36.41
C ASN Y 78 87.81 -50.61 -36.39
N ASN Y 79 87.16 -49.52 -35.96
CA ASN Y 79 87.76 -48.19 -35.85
C ASN Y 79 88.34 -47.72 -37.18
N LEU Y 80 87.56 -47.94 -38.25
CA LEU Y 80 87.94 -47.58 -39.60
C LEU Y 80 86.97 -46.60 -40.25
N ARG Y 81 85.97 -46.12 -39.51
CA ARG Y 81 84.97 -45.23 -40.10
C ARG Y 81 85.53 -43.85 -40.45
N ASP Y 82 86.56 -43.40 -39.73
CA ASP Y 82 87.12 -42.08 -39.99
C ASP Y 82 88.06 -42.05 -41.18
N TRP Y 83 88.78 -43.13 -41.44
CA TRP Y 83 89.74 -43.14 -42.53
C TRP Y 83 89.11 -43.42 -43.88
N LEU Y 84 88.03 -44.21 -43.92
CA LEU Y 84 87.49 -44.68 -45.18
C LEU Y 84 86.15 -44.03 -45.48
N ARG Y 85 85.70 -44.23 -46.73
CA ARG Y 85 84.48 -43.59 -47.22
C ARG Y 85 83.93 -44.44 -48.36
N VAL Y 86 82.86 -45.18 -48.09
CA VAL Y 86 82.23 -46.00 -49.11
C VAL Y 86 81.56 -45.07 -50.13
N VAL Y 87 82.01 -45.14 -51.38
CA VAL Y 87 81.53 -44.25 -52.43
C VAL Y 87 81.12 -45.07 -53.64
N ALA Y 88 79.91 -44.81 -54.15
CA ALA Y 88 79.40 -45.46 -55.35
C ALA Y 88 80.03 -44.77 -56.55
N ASN Y 89 81.16 -45.30 -57.02
CA ASN Y 89 81.81 -44.74 -58.20
C ASN Y 89 80.98 -45.02 -59.45
N THR Y 90 80.19 -46.08 -59.44
CA THR Y 90 79.23 -46.37 -60.49
C THR Y 90 78.13 -47.23 -59.91
N LYS Y 91 77.16 -47.59 -60.76
CA LYS Y 91 76.15 -48.54 -60.34
C LYS Y 91 76.75 -49.93 -60.18
N GLU Y 92 76.13 -50.72 -59.32
CA GLU Y 92 76.52 -52.09 -59.00
C GLU Y 92 77.97 -52.18 -58.48
N SER Y 93 78.44 -51.10 -57.85
CA SER Y 93 79.81 -51.05 -57.35
C SER Y 93 79.94 -49.96 -56.31
N TYR Y 94 80.74 -50.24 -55.29
CA TYR Y 94 81.25 -49.21 -54.38
C TYR Y 94 82.77 -49.27 -54.43
N GLU Y 95 83.42 -48.21 -53.98
CA GLU Y 95 84.87 -48.15 -53.91
C GLU Y 95 85.26 -47.55 -52.56
N LEU Y 96 86.13 -48.23 -51.84
CA LEU Y 96 86.59 -47.76 -50.54
C LEU Y 96 87.70 -46.74 -50.74
N ARG Y 97 87.44 -45.49 -50.37
CA ARG Y 97 88.34 -44.39 -50.63
C ARG Y 97 88.65 -43.68 -49.33
N TYR Y 98 89.58 -42.73 -49.39
CA TYR Y 98 89.98 -41.95 -48.23
C TYR Y 98 89.54 -40.49 -48.43
N PHE Y 99 89.87 -39.67 -47.45
CA PHE Y 99 89.49 -38.27 -47.48
C PHE Y 99 90.68 -37.40 -47.85
N SER Z 1 37.55 -38.54 40.19
CA SER Z 1 38.52 -38.09 41.18
C SER Z 1 39.71 -37.44 40.48
N GLY Z 2 40.54 -38.26 39.84
CA GLY Z 2 41.63 -37.72 39.04
C GLY Z 2 41.10 -37.03 37.80
N ALA Z 3 41.74 -35.93 37.44
CA ALA Z 3 41.19 -35.06 36.41
C ALA Z 3 41.71 -35.45 35.03
N LYS Z 4 41.33 -34.65 34.04
CA LYS Z 4 41.55 -34.95 32.63
C LYS Z 4 42.84 -34.30 32.14
N PHE Z 5 43.55 -35.00 31.25
CA PHE Z 5 44.63 -34.39 30.47
C PHE Z 5 44.08 -33.80 29.20
N ARG Z 6 44.69 -32.69 28.76
CA ARG Z 6 44.25 -32.06 27.53
C ARG Z 6 44.71 -32.87 26.34
N ILE Z 7 44.05 -32.66 25.19
CA ILE Z 7 44.38 -33.33 23.94
C ILE Z 7 44.32 -32.31 22.82
N SER Z 8 44.67 -32.77 21.62
CA SER Z 8 44.44 -31.99 20.41
C SER Z 8 42.94 -31.95 20.12
N LEU Z 9 42.37 -30.77 20.09
CA LEU Z 9 40.95 -30.59 19.82
C LEU Z 9 40.76 -30.08 18.40
N GLY Z 10 39.92 -30.76 17.64
CA GLY Z 10 39.78 -30.47 16.23
C GLY Z 10 38.38 -30.56 15.68
N LEU Z 11 37.38 -30.26 16.50
CA LEU Z 11 35.99 -30.27 16.08
C LEU Z 11 35.36 -28.90 16.32
N PRO Z 12 35.62 -27.95 15.44
CA PRO Z 12 35.08 -26.60 15.64
C PRO Z 12 33.58 -26.53 15.40
N VAL Z 13 33.02 -25.39 15.78
CA VAL Z 13 31.61 -25.08 15.64
C VAL Z 13 31.24 -25.07 14.17
N GLY Z 14 30.23 -25.85 13.79
CA GLY Z 14 29.79 -25.90 12.42
C GLY Z 14 29.99 -27.26 11.81
N ALA Z 15 30.58 -28.18 12.58
CA ALA Z 15 30.90 -29.52 12.08
C ALA Z 15 29.73 -30.46 12.29
N VAL Z 16 29.52 -31.35 11.33
CA VAL Z 16 28.44 -32.33 11.38
C VAL Z 16 29.06 -33.70 11.62
N ILE Z 17 28.69 -34.32 12.72
CA ILE Z 17 29.24 -35.61 13.12
C ILE Z 17 28.12 -36.63 13.10
N ASN Z 18 28.49 -37.90 13.01
CA ASN Z 18 27.48 -38.95 12.89
C ASN Z 18 27.07 -39.43 14.27
N CYS Z 19 25.82 -39.86 14.39
CA CYS Z 19 25.26 -40.15 15.70
C CYS Z 19 25.39 -41.63 16.00
N ALA Z 20 26.17 -41.97 17.02
CA ALA Z 20 26.46 -43.36 17.32
C ALA Z 20 25.50 -43.92 18.36
N ASP Z 21 24.21 -43.77 18.09
CA ASP Z 21 23.21 -44.36 18.97
C ASP Z 21 21.97 -44.73 18.16
N ASN Z 22 20.99 -45.27 18.87
CA ASN Z 22 19.73 -45.74 18.29
C ASN Z 22 18.59 -44.74 18.49
N THR Z 23 18.91 -43.46 18.59
CA THR Z 23 17.86 -42.45 18.76
C THR Z 23 17.16 -42.10 17.47
N GLY Z 24 17.78 -42.37 16.32
CA GLY Z 24 17.21 -41.99 15.06
C GLY Z 24 17.74 -40.70 14.49
N ALA Z 25 18.82 -40.17 15.03
CA ALA Z 25 19.50 -39.03 14.45
C ALA Z 25 20.53 -39.51 13.45
N LYS Z 26 20.76 -38.70 12.42
CA LYS Z 26 21.76 -39.01 11.41
C LYS Z 26 22.99 -38.13 11.53
N ASN Z 27 22.81 -36.83 11.74
CA ASN Z 27 23.93 -35.92 11.95
C ASN Z 27 23.68 -35.03 13.15
N LEU Z 28 24.77 -34.57 13.76
CA LEU Z 28 24.74 -33.65 14.88
C LEU Z 28 25.46 -32.37 14.46
N TYR Z 29 24.68 -31.40 13.98
CA TYR Z 29 25.23 -30.09 13.67
C TYR Z 29 25.66 -29.43 14.96
N ILE Z 30 26.98 -29.36 15.19
CA ILE Z 30 27.49 -28.85 16.45
C ILE Z 30 27.30 -27.34 16.50
N ILE Z 31 27.05 -26.81 17.68
CA ILE Z 31 26.80 -25.38 17.82
C ILE Z 31 27.68 -24.68 18.84
N SER Z 32 27.89 -25.26 20.02
CA SER Z 32 28.66 -24.57 21.05
C SER Z 32 29.15 -25.52 22.12
N VAL Z 33 30.42 -25.43 22.46
CA VAL Z 33 31.04 -26.34 23.41
C VAL Z 33 30.72 -25.90 24.83
N LYS Z 34 30.49 -26.87 25.71
CA LYS Z 34 30.26 -26.58 27.12
C LYS Z 34 31.59 -26.44 27.82
N GLY Z 35 31.89 -25.23 28.30
CA GLY Z 35 33.08 -24.99 29.09
C GLY Z 35 34.05 -24.00 28.50
N ILE Z 36 33.67 -23.29 27.45
CA ILE Z 36 34.56 -22.34 26.79
C ILE Z 36 34.48 -21.01 27.53
N LYS Z 37 35.61 -20.59 28.10
CA LYS Z 37 35.66 -19.28 28.72
C LYS Z 37 35.65 -18.19 27.67
N GLY Z 38 36.35 -18.40 26.55
CA GLY Z 38 36.29 -17.51 25.42
C GLY Z 38 37.63 -16.87 25.10
N ARG Z 39 37.67 -16.26 23.92
CA ARG Z 39 38.80 -15.55 23.34
C ARG Z 39 38.31 -14.96 22.03
N LEU Z 40 38.90 -13.83 21.63
CA LEU Z 40 38.37 -13.11 20.48
C LEU Z 40 38.69 -13.83 19.17
N ASN Z 41 37.65 -14.10 18.38
CA ASN Z 41 37.71 -14.81 17.11
C ASN Z 41 38.38 -16.18 17.26
N ARG Z 42 37.78 -17.01 18.12
CA ARG Z 42 38.05 -18.44 18.12
C ARG Z 42 36.75 -19.16 17.84
N LEU Z 43 36.76 -20.06 16.89
CA LEU Z 43 35.65 -20.98 16.79
C LEU Z 43 35.87 -22.04 17.86
N PRO Z 44 35.01 -22.12 18.86
CA PRO Z 44 35.23 -23.08 19.96
C PRO Z 44 35.15 -24.52 19.49
N ALA Z 45 36.26 -25.23 19.56
CA ALA Z 45 36.29 -26.60 19.09
C ALA Z 45 36.09 -27.57 20.24
N ALA Z 46 35.62 -28.78 19.91
CA ALA Z 46 35.46 -29.85 20.87
C ALA Z 46 36.49 -30.93 20.62
N GLY Z 47 36.74 -31.74 21.64
CA GLY Z 47 37.64 -32.86 21.52
C GLY Z 47 36.97 -34.13 21.95
N VAL Z 48 37.75 -35.18 22.16
CA VAL Z 48 37.20 -36.44 22.64
C VAL Z 48 36.70 -36.25 24.07
N GLY Z 49 35.41 -36.50 24.29
CA GLY Z 49 34.83 -36.43 25.60
C GLY Z 49 34.29 -35.08 26.01
N ASP Z 50 34.43 -34.05 25.19
CA ASP Z 50 33.90 -32.72 25.49
C ASP Z 50 32.38 -32.79 25.40
N MET Z 51 31.71 -32.56 26.52
CA MET Z 51 30.27 -32.42 26.50
C MET Z 51 29.92 -31.13 25.75
N VAL Z 52 28.93 -31.18 24.89
CA VAL Z 52 28.69 -30.10 23.95
C VAL Z 52 27.22 -30.07 23.55
N MET Z 53 26.68 -28.86 23.37
CA MET Z 53 25.37 -28.72 22.76
C MET Z 53 25.51 -28.93 21.26
N ALA Z 54 24.65 -29.76 20.69
CA ALA Z 54 24.61 -29.99 19.25
C ALA Z 54 23.17 -30.18 18.82
N THR Z 55 22.91 -29.95 17.54
CA THR Z 55 21.55 -30.01 17.03
C THR Z 55 21.49 -31.09 15.96
N VAL Z 56 20.44 -31.90 16.02
CA VAL Z 56 20.24 -32.94 15.02
C VAL Z 56 19.88 -32.29 13.69
N LYS Z 57 20.59 -32.69 12.64
CA LYS Z 57 20.35 -32.14 11.31
C LYS Z 57 19.29 -32.88 10.53
N LYS Z 58 19.30 -34.22 10.57
CA LYS Z 58 18.36 -35.00 9.79
C LYS Z 58 18.06 -36.30 10.54
N GLY Z 59 16.83 -36.78 10.38
CA GLY Z 59 16.37 -37.95 11.11
C GLY Z 59 14.92 -37.81 11.54
N LYS Z 60 14.65 -38.05 12.82
CA LYS Z 60 13.28 -37.95 13.31
C LYS Z 60 12.89 -36.49 13.45
N PRO Z 61 11.74 -36.07 12.90
CA PRO Z 61 11.30 -34.68 13.03
C PRO Z 61 11.06 -34.25 14.48
N GLU Z 62 10.71 -35.20 15.35
CA GLU Z 62 10.69 -34.88 16.76
C GLU Z 62 12.07 -34.63 17.31
N LEU Z 63 13.10 -35.23 16.71
CA LEU Z 63 14.45 -35.06 17.19
C LEU Z 63 15.18 -33.88 16.59
N ARG Z 64 14.62 -33.24 15.57
CA ARG Z 64 15.24 -32.07 14.97
C ARG Z 64 14.67 -30.80 15.58
N LYS Z 65 15.29 -29.68 15.21
CA LYS Z 65 14.86 -28.32 15.57
C LYS Z 65 14.83 -28.09 17.08
N LYS Z 66 15.70 -28.77 17.82
CA LYS Z 66 15.82 -28.49 19.24
C LYS Z 66 17.26 -28.77 19.69
N VAL Z 67 17.78 -27.91 20.55
CA VAL Z 67 19.14 -28.05 21.03
C VAL Z 67 19.24 -29.27 21.93
N HIS Z 68 20.23 -30.11 21.67
CA HIS Z 68 20.46 -31.32 22.45
C HIS Z 68 21.86 -31.28 23.05
N PRO Z 69 22.00 -31.44 24.36
CA PRO Z 69 23.33 -31.68 24.92
C PRO Z 69 23.86 -33.02 24.45
N ALA Z 70 25.16 -33.05 24.16
CA ALA Z 70 25.79 -34.22 23.54
C ALA Z 70 27.22 -34.34 24.04
N VAL Z 71 27.83 -35.50 23.81
CA VAL Z 71 29.22 -35.77 24.13
C VAL Z 71 29.86 -36.47 22.93
N VAL Z 72 31.06 -36.04 22.55
CA VAL Z 72 31.75 -36.61 21.40
C VAL Z 72 32.60 -37.79 21.86
N ILE Z 73 32.59 -38.87 21.07
CA ILE Z 73 33.27 -40.10 21.42
C ILE Z 73 34.39 -40.46 20.44
N ARG Z 74 34.21 -40.18 19.15
CA ARG Z 74 35.23 -40.47 18.15
C ARG Z 74 35.49 -39.23 17.31
N GLN Z 75 36.69 -39.16 16.74
CA GLN Z 75 37.07 -38.05 15.88
C GLN Z 75 38.17 -38.48 14.94
N ARG Z 76 38.41 -37.64 13.92
CA ARG Z 76 39.46 -37.91 12.94
C ARG Z 76 40.73 -37.13 13.22
N LYS Z 77 40.65 -35.96 13.83
CA LYS Z 77 41.83 -35.17 14.13
C LYS Z 77 42.69 -35.91 15.14
N SER Z 78 43.96 -36.08 14.80
CA SER Z 78 44.85 -36.90 15.59
C SER Z 78 45.19 -36.20 16.90
N TYR Z 79 44.96 -36.89 18.01
CA TYR Z 79 45.32 -36.39 19.32
C TYR Z 79 46.29 -37.35 19.98
N ARG Z 80 47.18 -36.80 20.80
CA ARG Z 80 48.25 -37.57 21.41
C ARG Z 80 47.87 -37.97 22.82
N ARG Z 81 47.95 -39.26 23.11
CA ARG Z 81 47.68 -39.74 24.46
C ARG Z 81 48.92 -39.59 25.32
N LYS Z 82 48.70 -39.69 26.64
CA LYS Z 82 49.78 -39.37 27.58
C LYS Z 82 50.89 -40.41 27.54
N ASP Z 83 50.56 -41.66 27.19
CA ASP Z 83 51.60 -42.66 27.05
C ASP Z 83 52.46 -42.44 25.82
N GLY Z 84 51.97 -41.66 24.86
CA GLY Z 84 52.77 -41.29 23.71
C GLY Z 84 52.39 -42.00 22.43
N VAL Z 85 51.09 -42.18 22.23
CA VAL Z 85 50.57 -42.74 20.99
C VAL Z 85 49.64 -41.71 20.37
N PHE Z 86 49.68 -41.58 19.05
CA PHE Z 86 48.87 -40.61 18.34
C PHE Z 86 47.63 -41.33 17.80
N LEU Z 87 46.66 -41.51 18.68
CA LEU Z 87 45.45 -42.24 18.32
C LEU Z 87 44.51 -41.32 17.56
N TYR Z 88 43.84 -41.88 16.54
CA TYR Z 88 42.78 -41.18 15.86
C TYR Z 88 41.83 -42.20 15.24
N PHE Z 89 40.55 -41.89 15.26
CA PHE Z 89 39.53 -42.83 14.82
C PHE Z 89 39.22 -42.63 13.34
N GLU Z 90 38.23 -43.38 12.87
CA GLU Z 90 37.85 -43.33 11.47
C GLU Z 90 36.97 -42.14 11.12
N ASP Z 91 36.03 -41.77 12.00
CA ASP Z 91 35.14 -40.66 11.71
C ASP Z 91 34.81 -39.93 13.00
N ASN Z 92 33.97 -38.91 12.87
CA ASN Z 92 33.58 -38.05 13.98
C ASN Z 92 32.25 -38.54 14.53
N ALA Z 93 32.24 -39.02 15.77
CA ALA Z 93 31.03 -39.59 16.35
C ALA Z 93 30.69 -38.96 17.68
N GLY Z 94 29.44 -39.12 18.08
CA GLY Z 94 28.96 -38.58 19.33
C GLY Z 94 27.50 -38.90 19.56
N VAL Z 95 27.09 -38.94 20.83
CA VAL Z 95 25.75 -39.39 21.20
C VAL Z 95 25.04 -38.29 21.97
N ILE Z 96 23.73 -38.47 22.13
CA ILE Z 96 22.91 -37.48 22.83
C ILE Z 96 22.84 -37.83 24.31
N VAL Z 97 23.34 -36.96 25.16
CA VAL Z 97 23.45 -37.19 26.60
C VAL Z 97 22.80 -36.02 27.32
N ASN Z 98 22.00 -36.33 28.35
CA ASN Z 98 21.25 -35.28 29.05
C ASN Z 98 22.15 -34.44 29.96
N ASN Z 99 21.52 -33.50 30.69
CA ASN Z 99 22.28 -32.48 31.43
C ASN Z 99 23.11 -33.08 32.56
N LYS Z 100 22.58 -34.08 33.26
CA LYS Z 100 23.28 -34.70 34.36
C LYS Z 100 24.33 -35.70 33.87
N GLY Z 101 24.29 -36.06 32.59
CA GLY Z 101 25.28 -36.97 32.06
C GLY Z 101 24.82 -38.41 31.99
N GLU Z 102 23.66 -38.64 31.37
CA GLU Z 102 23.19 -39.99 31.15
C GLU Z 102 22.70 -40.11 29.71
N MET Z 103 22.91 -41.28 29.12
CA MET Z 103 22.52 -41.53 27.74
C MET Z 103 20.99 -41.52 27.60
N LYS Z 104 20.51 -40.96 26.50
CA LYS Z 104 19.08 -40.97 26.21
C LYS Z 104 18.67 -42.07 25.26
N GLY Z 105 19.55 -42.48 24.35
CA GLY Z 105 19.36 -43.71 23.60
C GLY Z 105 19.82 -44.90 24.42
N SER Z 106 20.14 -46.00 23.76
CA SER Z 106 20.48 -47.20 24.52
C SER Z 106 21.80 -47.83 24.08
N ALA Z 107 22.07 -47.81 22.78
CA ALA Z 107 23.16 -48.57 22.21
C ALA Z 107 24.24 -47.64 21.66
N ILE Z 108 25.47 -48.13 21.67
CA ILE Z 108 26.61 -47.41 21.12
C ILE Z 108 27.22 -48.25 20.02
N THR Z 109 27.20 -47.74 18.79
CA THR Z 109 27.73 -48.46 17.64
C THR Z 109 29.17 -48.01 17.35
N GLY Z 110 30.12 -48.85 17.72
CA GLY Z 110 31.50 -48.59 17.46
C GLY Z 110 32.34 -48.53 18.72
N PRO Z 111 33.57 -48.04 18.59
CA PRO Z 111 34.43 -47.90 19.76
C PRO Z 111 34.26 -46.53 20.41
N VAL Z 112 34.72 -46.46 21.67
CA VAL Z 112 34.78 -45.21 22.41
C VAL Z 112 36.15 -45.14 23.09
N ALA Z 113 36.86 -44.02 22.90
CA ALA Z 113 38.14 -43.84 23.56
C ALA Z 113 37.93 -43.64 25.05
N LYS Z 114 38.89 -44.09 25.85
CA LYS Z 114 38.74 -43.98 27.29
C LYS Z 114 38.91 -42.54 27.79
N GLU Z 115 39.28 -41.61 26.91
CA GLU Z 115 39.18 -40.19 27.25
C GLU Z 115 37.74 -39.80 27.50
N CYS Z 116 36.81 -40.39 26.76
CA CYS Z 116 35.39 -40.20 27.01
C CYS Z 116 34.83 -41.15 28.06
N ALA Z 117 35.44 -42.31 28.26
CA ALA Z 117 34.85 -43.34 29.09
C ALA Z 117 35.03 -43.09 30.58
N ASP Z 118 36.21 -42.63 30.99
CA ASP Z 118 36.46 -42.47 32.41
C ASP Z 118 35.83 -41.19 32.96
N LEU Z 119 35.36 -40.30 32.08
CA LEU Z 119 34.63 -39.15 32.57
C LEU Z 119 33.14 -39.43 32.70
N TRP Z 120 32.55 -40.13 31.73
CA TRP Z 120 31.13 -40.43 31.72
C TRP Z 120 30.94 -41.92 32.01
N PRO Z 121 30.66 -42.30 33.25
CA PRO Z 121 30.49 -43.72 33.56
C PRO Z 121 29.26 -44.34 32.94
N ARG Z 122 28.31 -43.53 32.47
CA ARG Z 122 27.11 -44.10 31.87
C ARG Z 122 27.31 -44.48 30.42
N ILE Z 123 28.02 -43.67 29.65
CA ILE Z 123 28.33 -44.02 28.27
C ILE Z 123 29.20 -45.27 28.20
N ALA Z 124 30.22 -45.36 29.06
CA ALA Z 124 31.05 -46.54 29.12
C ALA Z 124 30.31 -47.77 29.60
N SER Z 125 29.18 -47.60 30.30
CA SER Z 125 28.46 -48.77 30.80
C SER Z 125 27.70 -49.47 29.68
N ASN Z 126 27.12 -48.72 28.76
CA ASN Z 126 26.48 -49.30 27.59
C ASN Z 126 27.31 -49.13 26.33
N ALA Z 127 28.62 -48.96 26.46
CA ALA Z 127 29.49 -48.75 25.33
C ALA Z 127 29.58 -49.99 24.46
N GLY Z 128 30.00 -49.80 23.21
CA GLY Z 128 30.31 -50.91 22.34
C GLY Z 128 31.63 -51.56 22.68
N SER Z 129 32.72 -50.83 22.48
CA SER Z 129 34.07 -51.34 22.74
C SER Z 129 34.95 -50.22 23.28
N ILE Z 130 35.83 -50.57 24.20
CA ILE Z 130 36.67 -49.62 24.92
C ILE Z 130 37.86 -49.27 24.03
N ALA Z 131 38.25 -48.00 24.06
CA ALA Z 131 39.51 -47.50 23.49
C ALA Z 131 39.62 -47.71 21.98
N MET AA 1 57.47 -53.90 29.65
CA MET AA 1 56.68 -53.02 28.80
C MET AA 1 56.35 -53.67 27.47
N LYS AA 2 55.11 -53.46 27.01
CA LYS AA 2 54.58 -54.14 25.84
C LYS AA 2 54.66 -53.22 24.63
N VAL AA 3 55.55 -53.56 23.69
CA VAL AA 3 55.63 -52.84 22.44
C VAL AA 3 54.65 -53.43 21.44
N GLU AA 4 54.40 -52.70 20.36
CA GLU AA 4 53.48 -53.14 19.33
C GLU AA 4 54.23 -53.43 18.03
N LEU AA 5 53.53 -54.05 17.09
CA LEU AA 5 54.03 -54.31 15.76
C LEU AA 5 53.17 -53.55 14.75
N CYS AA 6 53.80 -53.09 13.69
CA CYS AA 6 53.07 -52.37 12.65
C CYS AA 6 52.11 -53.30 11.95
N SER AA 7 50.85 -52.87 11.83
CA SER AA 7 49.84 -53.72 11.23
C SER AA 7 50.00 -53.85 9.72
N PHE AA 8 50.60 -52.86 9.07
CA PHE AA 8 50.84 -52.95 7.64
C PHE AA 8 52.20 -53.55 7.35
N SER AA 9 53.25 -52.89 7.82
CA SER AA 9 54.61 -53.27 7.43
C SER AA 9 55.03 -54.54 8.16
N GLY AA 10 54.94 -54.54 9.47
CA GLY AA 10 55.35 -55.69 10.24
C GLY AA 10 56.64 -55.40 10.97
N TYR AA 11 57.13 -54.18 10.80
CA TYR AA 11 58.34 -53.76 11.49
C TYR AA 11 58.04 -53.54 12.97
N LYS AA 12 59.10 -53.43 13.75
CA LYS AA 12 59.02 -53.30 15.20
C LYS AA 12 58.92 -51.82 15.52
N ILE AA 13 57.85 -51.42 16.21
CA ILE AA 13 57.72 -50.02 16.60
C ILE AA 13 58.03 -49.86 18.08
N TYR AA 14 58.27 -48.62 18.47
CA TYR AA 14 58.67 -48.24 19.81
C TYR AA 14 57.61 -47.31 20.41
N PRO AA 15 57.55 -47.17 21.77
CA PRO AA 15 56.41 -46.48 22.42
C PRO AA 15 56.01 -45.11 21.87
N GLY AA 16 56.94 -44.16 21.81
CA GLY AA 16 56.60 -42.86 21.29
C GLY AA 16 56.78 -42.75 19.79
N HIS AA 17 56.10 -43.58 19.02
CA HIS AA 17 56.30 -43.61 17.57
C HIS AA 17 54.98 -43.87 16.85
N GLY AA 18 55.00 -43.57 15.55
CA GLY AA 18 53.93 -43.95 14.65
C GLY AA 18 52.61 -43.27 14.95
N ARG AA 19 51.55 -43.88 14.42
CA ARG AA 19 50.19 -43.41 14.67
C ARG AA 19 49.29 -44.64 14.77
N ARG AA 20 48.61 -44.79 15.91
CA ARG AA 20 47.58 -45.82 16.01
C ARG AA 20 46.35 -45.36 15.22
N TYR AA 21 45.60 -46.32 14.70
CA TYR AA 21 44.42 -46.02 13.91
C TYR AA 21 43.37 -47.10 14.12
N ALA AA 22 42.13 -46.68 14.32
CA ALA AA 22 41.02 -47.59 14.53
C ALA AA 22 39.90 -47.27 13.55
N ARG AA 23 39.07 -48.26 13.26
CA ARG AA 23 37.92 -48.09 12.39
C ARG AA 23 36.64 -48.13 13.21
N THR AA 24 35.50 -48.00 12.53
CA THR AA 24 34.21 -47.96 13.22
C THR AA 24 33.84 -49.31 13.80
N ASP AA 25 34.41 -50.39 13.27
CA ASP AA 25 34.14 -51.74 13.75
C ASP AA 25 35.24 -52.26 14.66
N GLY AA 26 35.82 -51.39 15.48
CA GLY AA 26 36.99 -51.81 16.24
C GLY AA 26 38.18 -51.86 15.31
N LYS AA 27 38.88 -52.99 15.32
CA LYS AA 27 40.02 -53.26 14.44
C LYS AA 27 41.11 -52.21 14.59
N VAL AA 28 41.69 -52.09 15.76
CA VAL AA 28 42.73 -51.09 16.01
C VAL AA 28 44.02 -51.56 15.36
N PHE AA 29 44.71 -50.64 14.69
CA PHE AA 29 45.95 -50.92 13.99
C PHE AA 29 47.05 -50.01 14.49
N GLN AA 30 48.27 -50.52 14.47
CA GLN AA 30 49.45 -49.71 14.74
C GLN AA 30 50.20 -49.51 13.44
N PHE AA 31 50.70 -48.30 13.22
CA PHE AA 31 51.47 -48.02 12.03
C PHE AA 31 52.87 -47.54 12.43
N LEU AA 32 53.84 -47.90 11.59
CA LEU AA 32 55.22 -47.58 11.90
C LEU AA 32 55.53 -46.11 11.67
N ASN AA 33 55.12 -45.57 10.53
CA ASN AA 33 55.27 -44.15 10.26
C ASN AA 33 54.15 -43.74 9.32
N ALA AA 34 54.28 -42.53 8.76
CA ALA AA 34 53.30 -42.07 7.80
C ALA AA 34 53.34 -42.87 6.50
N LYS AA 35 54.48 -43.50 6.21
CA LYS AA 35 54.62 -44.26 4.96
C LYS AA 35 53.76 -45.52 4.99
N CYS AA 36 53.81 -46.28 6.08
CA CYS AA 36 52.96 -47.44 6.22
C CYS AA 36 51.49 -47.07 6.32
N GLU AA 37 51.19 -45.92 6.93
CA GLU AA 37 49.81 -45.46 6.98
C GLU AA 37 49.32 -45.08 5.59
N SER AA 38 50.22 -44.60 4.74
CA SER AA 38 49.83 -44.12 3.42
C SER AA 38 49.35 -45.25 2.53
N ALA AA 39 50.00 -46.42 2.64
CA ALA AA 39 49.65 -47.52 1.75
C ALA AA 39 48.37 -48.21 2.18
N PHE AA 40 48.18 -48.40 3.49
CA PHE AA 40 47.02 -49.10 3.99
C PHE AA 40 45.73 -48.33 3.71
N LEU AA 41 45.75 -47.02 3.96
CA LEU AA 41 44.57 -46.20 3.70
C LEU AA 41 44.25 -46.11 2.23
N SER AA 42 45.21 -46.40 1.36
CA SER AA 42 44.97 -46.51 -0.07
C SER AA 42 44.60 -47.92 -0.49
N LYS AA 43 44.55 -48.86 0.46
CA LYS AA 43 44.17 -50.26 0.23
C LYS AA 43 45.08 -50.92 -0.80
N ARG AA 44 46.35 -51.07 -0.42
CA ARG AA 44 47.32 -51.86 -1.17
C ARG AA 44 47.70 -53.07 -0.34
N ASN AA 45 47.76 -54.23 -0.98
CA ASN AA 45 48.17 -55.45 -0.30
C ASN AA 45 49.64 -55.34 0.08
N PRO AA 46 50.02 -55.69 1.31
CA PRO AA 46 51.45 -55.65 1.68
C PRO AA 46 52.32 -56.58 0.86
N ARG AA 47 51.80 -57.74 0.46
CA ARG AA 47 52.62 -58.75 -0.19
C ARG AA 47 53.03 -58.37 -1.61
N GLN AA 48 52.50 -57.29 -2.16
CA GLN AA 48 52.95 -56.77 -3.44
C GLN AA 48 53.88 -55.58 -3.29
N ILE AA 49 54.19 -55.20 -2.06
CA ILE AA 49 55.11 -54.11 -1.78
C ILE AA 49 56.34 -54.71 -1.12
N ASN AA 50 57.47 -54.66 -1.83
CA ASN AA 50 58.59 -55.58 -1.58
C ASN AA 50 59.28 -55.39 -0.23
N TRP AA 51 59.28 -54.16 0.30
CA TRP AA 51 60.13 -53.88 1.45
C TRP AA 51 59.44 -54.16 2.78
N THR AA 52 58.41 -55.00 2.78
CA THR AA 52 57.74 -55.35 4.03
C THR AA 52 58.11 -56.76 4.44
N VAL AA 53 57.87 -57.04 5.73
CA VAL AA 53 58.20 -58.35 6.29
C VAL AA 53 57.31 -59.44 5.69
N LEU AA 54 56.05 -59.10 5.39
CA LEU AA 54 55.13 -60.07 4.82
C LEU AA 54 55.50 -60.47 3.40
N TYR AA 55 56.21 -59.62 2.66
CA TYR AA 55 56.70 -60.00 1.34
C TYR AA 55 57.79 -61.04 1.46
N ARG AA 56 58.56 -60.97 2.55
CA ARG AA 56 59.68 -61.87 2.75
C ARG AA 56 59.26 -63.20 3.33
N ARG AA 57 58.28 -63.22 4.22
CA ARG AA 57 57.79 -64.49 4.73
C ARG AA 57 57.00 -65.27 3.70
N LYS AA 58 56.63 -64.63 2.59
CA LYS AA 58 56.02 -65.31 1.46
C LYS AA 58 57.10 -65.75 0.46
N HIS AA 59 57.96 -64.84 0.04
CA HIS AA 59 59.00 -65.16 -0.93
C HIS AA 59 60.22 -65.81 -0.32
N LYS AA 60 60.18 -66.12 0.98
CA LYS AA 60 61.21 -66.87 1.72
C LYS AA 60 62.60 -66.27 1.54
N LYS AA 61 62.65 -64.95 1.41
CA LYS AA 61 63.92 -64.28 1.17
C LYS AA 61 64.78 -64.26 2.41
N GLY AA 62 65.98 -64.79 2.28
CA GLY AA 62 66.92 -64.85 3.40
C GLY AA 62 66.77 -66.14 4.19
N GLN AA 63 66.51 -66.00 5.49
CA GLN AA 63 66.38 -67.11 6.46
C GLN AA 63 67.57 -68.08 6.43
N LYS BA 1 9.98 21.66 -98.56
CA LYS BA 1 10.50 21.81 -97.21
C LYS BA 1 9.57 21.15 -96.20
N ILE BA 2 9.84 19.88 -95.93
CA ILE BA 2 9.07 19.11 -94.95
C ILE BA 2 10.02 18.63 -93.86
N ARG BA 3 9.65 18.88 -92.61
CA ARG BA 3 10.46 18.49 -91.46
C ARG BA 3 10.16 17.03 -91.15
N THR BA 4 11.19 16.20 -91.08
CA THR BA 4 10.99 14.81 -90.71
C THR BA 4 10.94 14.63 -89.20
N SER BA 5 11.94 15.14 -88.48
CA SER BA 5 11.95 14.96 -87.03
C SER BA 5 11.36 16.18 -86.35
N PRO BA 6 10.59 16.02 -85.28
CA PRO BA 6 10.06 17.17 -84.55
C PRO BA 6 11.11 17.94 -83.76
N THR BA 7 12.31 17.41 -83.58
CA THR BA 7 13.36 18.14 -82.93
C THR BA 7 14.20 18.85 -83.98
N PHE BA 8 14.35 20.17 -83.83
CA PHE BA 8 14.99 20.99 -84.85
C PHE BA 8 16.47 21.09 -84.53
N ARG BA 9 17.29 20.53 -85.41
CA ARG BA 9 18.72 20.54 -85.25
C ARG BA 9 19.28 21.85 -85.76
N ARG BA 10 20.26 22.39 -85.04
CA ARG BA 10 20.90 23.64 -85.41
C ARG BA 10 21.60 23.48 -86.76
N PRO BA 11 21.43 24.41 -87.69
CA PRO BA 11 22.07 24.27 -89.00
C PRO BA 11 23.60 24.32 -88.90
N LYS BA 12 24.25 23.49 -89.71
CA LYS BA 12 25.70 23.36 -89.71
C LYS BA 12 26.29 24.55 -90.43
N THR BA 13 26.69 25.56 -89.67
CA THR BA 13 27.18 26.80 -90.26
C THR BA 13 28.57 26.62 -90.83
N LEU BA 14 28.91 27.44 -91.81
CA LEU BA 14 30.27 27.48 -92.31
C LEU BA 14 31.18 28.12 -91.27
N ARG BA 15 32.40 27.61 -91.17
CA ARG BA 15 33.41 28.20 -90.31
C ARG BA 15 34.63 28.55 -91.14
N LEU BA 16 35.26 29.67 -90.82
CA LEU BA 16 36.46 30.09 -91.51
C LEU BA 16 37.69 29.52 -90.82
N ARG BA 17 38.86 29.80 -91.39
CA ARG BA 17 40.14 29.41 -90.82
C ARG BA 17 40.78 30.60 -90.12
N ARG BA 18 41.91 30.36 -89.47
CA ARG BA 18 42.68 31.43 -88.85
C ARG BA 18 43.57 32.04 -89.91
N GLN BA 19 43.22 33.23 -90.38
CA GLN BA 19 43.98 33.96 -91.40
C GLN BA 19 44.47 35.26 -90.78
N PRO BA 20 45.40 35.20 -89.85
CA PRO BA 20 45.71 36.36 -89.03
C PRO BA 20 46.49 37.42 -89.81
N LYS BA 21 46.24 38.68 -89.46
CA LYS BA 21 47.03 39.76 -90.02
C LYS BA 21 48.44 39.80 -89.46
N TYR BA 22 48.67 39.16 -88.32
CA TYR BA 22 49.99 39.19 -87.69
C TYR BA 22 50.14 38.00 -86.77
N PRO BA 23 51.34 37.44 -86.66
CA PRO BA 23 51.58 36.37 -85.68
C PRO BA 23 51.58 36.91 -84.26
N ARG BA 24 51.02 36.12 -83.35
CA ARG BA 24 50.88 36.55 -81.96
C ARG BA 24 52.23 36.67 -81.26
N LYS BA 25 53.15 35.75 -81.55
CA LYS BA 25 54.50 35.82 -81.02
C LYS BA 25 55.49 36.00 -82.16
N SER BA 26 56.65 36.58 -81.84
CA SER BA 26 57.53 37.14 -82.85
C SER BA 26 58.22 36.06 -83.68
N ALA BA 27 59.00 35.21 -83.03
CA ALA BA 27 59.84 34.22 -83.68
C ALA BA 27 59.53 32.85 -83.11
N PRO BA 28 59.80 31.78 -83.85
CA PRO BA 28 59.71 30.45 -83.26
C PRO BA 28 60.75 30.28 -82.17
N ARG BA 29 60.27 29.95 -80.97
CA ARG BA 29 61.13 29.82 -79.81
C ARG BA 29 62.11 28.68 -80.00
N ARG BA 30 63.37 28.93 -79.67
CA ARG BA 30 64.39 27.91 -79.85
C ARG BA 30 64.15 26.76 -78.87
N ASN BA 31 64.29 25.54 -79.38
CA ASN BA 31 64.06 24.38 -78.56
C ASN BA 31 65.24 24.19 -77.62
N LYS BA 32 64.99 24.35 -76.33
CA LYS BA 32 66.03 24.19 -75.32
C LYS BA 32 66.23 22.74 -74.92
N LEU BA 33 65.83 21.80 -75.77
CA LEU BA 33 66.03 20.39 -75.58
C LEU BA 33 66.69 19.82 -76.84
N ASP BA 34 67.74 20.50 -77.29
CA ASP BA 34 68.50 20.02 -78.43
C ASP BA 34 69.39 18.84 -78.05
N HIS BA 35 70.28 18.42 -78.94
CA HIS BA 35 71.04 17.21 -78.74
C HIS BA 35 72.04 17.30 -77.61
N TYR BA 36 72.41 18.50 -77.16
CA TYR BA 36 73.45 18.59 -76.15
C TYR BA 36 72.88 18.75 -74.75
N ALA BA 37 71.76 19.46 -74.63
CA ALA BA 37 71.15 19.65 -73.31
C ALA BA 37 70.57 18.36 -72.77
N ILE BA 38 70.17 17.44 -73.64
CA ILE BA 38 69.58 16.19 -73.20
C ILE BA 38 70.63 15.29 -72.55
N ILE BA 39 71.87 15.34 -73.02
CA ILE BA 39 72.94 14.50 -72.51
C ILE BA 39 73.77 15.37 -71.58
N LYS BA 40 73.57 15.22 -70.28
CA LYS BA 40 74.34 16.00 -69.32
C LYS BA 40 75.75 15.44 -69.17
N PHE BA 41 75.87 14.22 -68.66
CA PHE BA 41 77.16 13.59 -68.41
C PHE BA 41 76.94 12.12 -68.14
N PRO BA 42 77.86 11.25 -68.54
CA PRO BA 42 77.79 9.85 -68.14
C PRO BA 42 78.28 9.64 -66.72
N LEU BA 43 78.34 8.38 -66.32
CA LEU BA 43 78.70 8.00 -64.96
C LEU BA 43 80.10 7.39 -64.88
N THR BA 44 80.60 7.30 -63.66
CA THR BA 44 81.92 6.77 -63.32
C THR BA 44 81.82 5.74 -62.22
N THR BA 45 80.65 5.10 -62.12
CA THR BA 45 80.34 4.28 -60.96
C THR BA 45 80.99 2.92 -61.06
N GLU BA 46 81.44 2.41 -59.92
CA GLU BA 46 81.96 1.04 -59.83
C GLU BA 46 80.90 0.01 -60.21
N SER BA 47 79.63 0.36 -60.08
CA SER BA 47 78.54 -0.48 -60.56
C SER BA 47 78.18 -0.20 -62.01
N ALA BA 48 78.63 0.93 -62.56
CA ALA BA 48 78.33 1.21 -63.97
C ALA BA 48 79.31 0.50 -64.88
N MET BA 49 80.55 0.35 -64.44
CA MET BA 49 81.55 -0.33 -65.28
C MET BA 49 81.23 -1.80 -65.45
N LYS BA 50 80.76 -2.46 -64.38
CA LYS BA 50 80.33 -3.84 -64.47
C LYS BA 50 79.14 -4.00 -65.41
N LYS BA 51 78.32 -2.97 -65.54
CA LYS BA 51 77.19 -2.96 -66.45
C LYS BA 51 77.62 -2.90 -67.90
N ILE BA 52 78.84 -2.45 -68.18
CA ILE BA 52 79.28 -2.16 -69.54
C ILE BA 52 79.87 -3.41 -70.18
N GLU BA 53 80.72 -4.12 -69.43
CA GLU BA 53 81.35 -5.33 -69.97
C GLU BA 53 80.32 -6.42 -70.25
N ASP BA 54 79.41 -6.66 -69.31
CA ASP BA 54 78.47 -7.77 -69.44
C ASP BA 54 77.38 -7.46 -70.47
N ASN BA 55 76.65 -6.37 -70.23
CA ASN BA 55 75.42 -6.12 -70.98
C ASN BA 55 75.66 -5.40 -72.29
N ASN BA 56 76.86 -4.86 -72.51
CA ASN BA 56 77.18 -4.02 -73.65
C ASN BA 56 76.21 -2.84 -73.75
N THR BA 57 76.24 -1.98 -72.72
CA THR BA 57 75.38 -0.82 -72.65
C THR BA 57 76.21 0.39 -72.21
N LEU BA 58 75.57 1.55 -72.25
CA LEU BA 58 76.16 2.80 -71.78
C LEU BA 58 75.20 3.46 -70.82
N VAL BA 59 75.74 4.06 -69.77
CA VAL BA 59 74.96 4.74 -68.75
C VAL BA 59 75.13 6.24 -68.93
N PHE BA 60 74.10 7.00 -68.57
CA PHE BA 60 74.12 8.43 -68.75
C PHE BA 60 73.30 9.10 -67.65
N ILE BA 61 73.35 10.42 -67.64
CA ILE BA 61 72.48 11.24 -66.82
C ILE BA 61 71.75 12.15 -67.78
N VAL BA 62 70.45 11.90 -67.97
CA VAL BA 62 69.69 12.54 -69.01
C VAL BA 62 68.74 13.54 -68.35
N ASP BA 63 68.42 14.60 -69.08
CA ASP BA 63 67.46 15.59 -68.64
C ASP BA 63 66.09 14.95 -68.41
N VAL BA 64 65.39 15.44 -67.38
CA VAL BA 64 64.21 14.76 -66.86
C VAL BA 64 63.02 14.89 -67.80
N LYS BA 65 62.98 15.93 -68.63
CA LYS BA 65 61.86 16.15 -69.52
C LYS BA 65 62.02 15.46 -70.87
N ALA BA 66 62.98 14.55 -71.01
CA ALA BA 66 63.22 13.85 -72.26
C ALA BA 66 62.56 12.49 -72.25
N ASN BA 67 62.30 11.96 -73.43
CA ASN BA 67 61.70 10.65 -73.60
C ASN BA 67 62.73 9.68 -74.20
N LYS BA 68 62.33 8.40 -74.23
CA LYS BA 68 63.22 7.36 -74.73
C LYS BA 68 63.57 7.55 -76.20
N HIS BA 69 62.64 8.11 -76.98
CA HIS BA 69 62.93 8.38 -78.37
C HIS BA 69 64.01 9.44 -78.53
N GLN BA 70 63.97 10.47 -77.69
CA GLN BA 70 64.96 11.54 -77.79
C GLN BA 70 66.33 11.07 -77.32
N ILE BA 71 66.36 10.17 -76.34
CA ILE BA 71 67.63 9.59 -75.91
C ILE BA 71 68.23 8.74 -77.02
N LYS BA 72 67.38 8.01 -77.75
CA LYS BA 72 67.87 7.11 -78.79
C LYS BA 72 68.49 7.89 -79.93
N GLN BA 73 67.97 9.07 -80.24
CA GLN BA 73 68.55 9.88 -81.30
C GLN BA 73 69.72 10.73 -80.82
N ALA BA 74 69.80 11.00 -79.51
CA ALA BA 74 70.88 11.86 -79.02
C ALA BA 74 72.22 11.12 -79.03
N VAL BA 75 72.23 9.89 -78.50
CA VAL BA 75 73.41 9.04 -78.57
C VAL BA 75 73.75 8.70 -80.02
N LYS BA 76 72.74 8.56 -80.88
CA LYS BA 76 72.94 8.17 -82.27
C LYS BA 76 73.60 9.27 -83.09
N LYS BA 77 73.47 10.53 -82.69
CA LYS BA 77 73.95 11.65 -83.49
C LYS BA 77 75.07 12.44 -82.83
N LEU BA 78 75.43 12.14 -81.58
CA LEU BA 78 76.56 12.81 -80.95
C LEU BA 78 77.78 11.93 -80.80
N TYR BA 79 77.59 10.63 -80.58
CA TYR BA 79 78.69 9.70 -80.49
C TYR BA 79 78.71 8.71 -81.64
N ASP BA 80 77.70 8.77 -82.52
CA ASP BA 80 77.69 8.09 -83.82
C ASP BA 80 77.77 6.57 -83.66
N ILE BA 81 76.82 6.03 -82.90
CA ILE BA 81 76.59 4.59 -82.80
C ILE BA 81 75.09 4.35 -83.01
N ASP BA 82 74.69 3.09 -83.08
CA ASP BA 82 73.29 2.73 -83.23
C ASP BA 82 72.82 1.99 -81.98
N VAL BA 83 71.53 2.12 -81.69
CA VAL BA 83 70.98 1.73 -80.41
C VAL BA 83 70.01 0.57 -80.60
N ALA BA 84 70.09 -0.40 -79.69
CA ALA BA 84 69.11 -1.48 -79.66
C ALA BA 84 67.90 -1.14 -78.80
N LYS BA 85 68.13 -0.64 -77.59
CA LYS BA 85 67.06 -0.19 -76.72
C LYS BA 85 67.63 0.77 -75.70
N VAL BA 86 66.74 1.52 -75.06
CA VAL BA 86 67.11 2.46 -74.02
C VAL BA 86 66.16 2.27 -72.84
N ASN BA 87 66.72 2.03 -71.66
CA ASN BA 87 65.95 1.82 -70.44
C ASN BA 87 66.25 2.97 -69.49
N THR BA 88 65.22 3.76 -69.18
CA THR BA 88 65.36 4.92 -68.32
C THR BA 88 64.95 4.60 -66.89
N LEU BA 89 65.43 5.41 -65.96
CA LEU BA 89 64.89 5.44 -64.61
C LEU BA 89 65.19 6.81 -64.02
N ILE BA 90 64.42 7.21 -63.03
CA ILE BA 90 64.59 8.48 -62.34
C ILE BA 90 65.31 8.20 -61.03
N ARG BA 91 66.48 8.79 -60.87
CA ARG BA 91 67.28 8.61 -59.67
C ARG BA 91 66.61 9.29 -58.49
N PRO BA 92 66.92 8.87 -57.25
CA PRO BA 92 66.42 9.58 -56.07
C PRO BA 92 66.79 11.05 -56.02
N ASP BA 93 67.95 11.41 -56.57
CA ASP BA 93 68.36 12.81 -56.55
C ASP BA 93 67.65 13.64 -57.59
N GLY BA 94 66.98 13.01 -58.56
CA GLY BA 94 66.08 13.76 -59.42
C GLY BA 94 66.30 13.62 -60.90
N GLU BA 95 67.57 13.56 -61.34
CA GLU BA 95 67.84 13.46 -62.77
C GLU BA 95 67.57 12.05 -63.26
N LYS BA 96 67.44 11.89 -64.57
CA LYS BA 96 66.99 10.64 -65.17
C LYS BA 96 68.19 9.85 -65.68
N LYS BA 97 68.37 8.65 -65.15
CA LYS BA 97 69.43 7.75 -65.56
C LYS BA 97 68.91 6.88 -66.70
N ALA BA 98 69.76 6.63 -67.69
CA ALA BA 98 69.37 5.90 -68.88
C ALA BA 98 70.44 4.89 -69.25
N TYR BA 99 70.05 3.63 -69.31
CA TYR BA 99 70.91 2.57 -69.83
C TYR BA 99 70.70 2.47 -71.32
N VAL BA 100 71.77 2.52 -72.11
CA VAL BA 100 71.67 2.63 -73.56
C VAL BA 100 72.29 1.38 -74.16
N ARG BA 101 71.46 0.41 -74.51
CA ARG BA 101 71.93 -0.81 -75.17
C ARG BA 101 72.16 -0.53 -76.65
N LEU BA 102 73.41 -0.63 -77.07
CA LEU BA 102 73.80 -0.25 -78.42
C LEU BA 102 73.55 -1.41 -79.39
N ALA BA 103 73.77 -1.14 -80.68
CA ALA BA 103 73.64 -2.16 -81.69
C ALA BA 103 74.69 -3.25 -81.48
N PRO BA 104 74.28 -4.52 -81.58
CA PRO BA 104 75.17 -5.62 -81.14
C PRO BA 104 76.39 -5.84 -82.03
N ASP BA 105 76.52 -5.12 -83.12
CA ASP BA 105 77.76 -5.15 -83.91
C ASP BA 105 78.77 -4.10 -83.46
N TYR BA 106 78.58 -3.50 -82.29
CA TYR BA 106 79.53 -2.54 -81.74
C TYR BA 106 79.97 -2.99 -80.36
N ASP BA 107 81.13 -2.49 -79.91
CA ASP BA 107 81.62 -2.72 -78.56
C ASP BA 107 81.71 -1.38 -77.83
N ALA BA 108 80.91 -1.23 -76.77
CA ALA BA 108 80.90 0.02 -76.02
C ALA BA 108 82.15 0.19 -75.17
N LEU BA 109 82.88 -0.90 -74.91
CA LEU BA 109 84.13 -0.82 -74.15
C LEU BA 109 85.15 0.06 -74.86
N ASP BA 110 85.16 0.02 -76.20
CA ASP BA 110 85.97 0.95 -76.97
C ASP BA 110 85.36 2.35 -76.94
N VAL BA 111 84.03 2.43 -77.04
CA VAL BA 111 83.36 3.72 -77.17
C VAL BA 111 83.31 4.45 -75.82
N ALA BA 112 83.63 3.74 -74.74
CA ALA BA 112 83.84 4.41 -73.46
C ALA BA 112 85.11 5.25 -73.46
N ASN BA 113 86.08 4.92 -74.31
CA ASN BA 113 87.32 5.69 -74.36
C ASN BA 113 87.16 6.94 -75.20
N LYS BA 114 86.38 6.87 -76.28
CA LYS BA 114 86.14 8.06 -77.09
C LYS BA 114 85.32 9.08 -76.31
N ILE BA 115 84.49 8.63 -75.38
CA ILE BA 115 83.87 9.55 -74.45
C ILE BA 115 84.64 9.62 -73.13
N GLY BA 116 85.70 8.83 -72.98
CA GLY BA 116 86.67 9.08 -71.92
C GLY BA 116 86.56 8.22 -70.68
N ILE BA 117 85.37 7.69 -70.40
CA ILE BA 117 85.17 6.95 -69.17
C ILE BA 117 85.95 5.63 -69.20
N ILE BA 118 86.69 5.38 -68.12
CA ILE BA 118 87.38 4.12 -67.94
C ILE BA 118 87.23 3.70 -66.48
N MET CA 1 79.86 72.60 -40.41
CA MET CA 1 78.62 71.84 -40.38
C MET CA 1 78.06 71.62 -41.77
N LYS CA 2 77.24 70.59 -41.93
CA LYS CA 2 76.67 70.23 -43.22
C LYS CA 2 75.36 70.98 -43.44
N PHE CA 3 75.15 71.42 -44.68
CA PHE CA 3 73.94 72.13 -45.09
C PHE CA 3 73.20 71.42 -46.20
N ASN CA 4 73.50 70.15 -46.44
CA ASN CA 4 72.95 69.43 -47.58
C ASN CA 4 71.80 68.56 -47.10
N PRO CA 5 70.60 68.72 -47.66
CA PRO CA 5 69.45 67.97 -47.15
C PRO CA 5 69.35 66.55 -47.71
N PHE CA 6 70.45 66.06 -48.29
CA PHE CA 6 70.50 64.72 -48.84
C PHE CA 6 71.75 63.95 -48.45
N VAL CA 7 72.54 64.45 -47.51
CA VAL CA 7 73.73 63.74 -47.07
C VAL CA 7 73.49 63.23 -45.66
N THR CA 8 74.03 62.04 -45.37
CA THR CA 8 73.84 61.44 -44.06
C THR CA 8 74.91 61.91 -43.09
N SER CA 9 74.49 62.49 -41.97
CA SER CA 9 75.39 62.78 -40.88
C SER CA 9 75.17 61.84 -39.70
N ASP CA 10 74.32 60.83 -39.86
CA ASP CA 10 74.06 59.85 -38.82
C ASP CA 10 75.29 58.96 -38.65
N ARG CA 11 75.41 58.35 -37.46
CA ARG CA 11 76.49 57.39 -37.24
C ARG CA 11 76.14 56.03 -37.83
N SER CA 12 74.96 55.49 -37.48
CA SER CA 12 74.64 54.11 -37.82
C SER CA 12 74.42 53.93 -39.31
N LYS CA 13 73.93 54.96 -39.98
CA LYS CA 13 73.74 54.85 -41.42
C LYS CA 13 75.05 55.02 -42.17
N ASN CA 14 76.01 55.72 -41.58
CA ASN CA 14 77.29 55.92 -42.26
C ASN CA 14 78.12 54.65 -42.28
N ARG CA 15 78.13 53.91 -41.17
CA ARG CA 15 78.86 52.64 -41.14
C ARG CA 15 78.22 51.60 -42.05
N LYS CA 16 76.92 51.71 -42.32
CA LYS CA 16 76.32 50.86 -43.34
C LYS CA 16 76.76 51.24 -44.74
N ARG CA 17 77.21 52.48 -44.92
CA ARG CA 17 77.81 52.89 -46.18
C ARG CA 17 79.31 52.70 -46.20
N HIS CA 18 79.85 52.00 -45.21
CA HIS CA 18 81.28 51.72 -45.15
C HIS CA 18 81.57 50.23 -45.24
N PHE CA 19 80.94 49.44 -44.38
CA PHE CA 19 81.18 48.01 -44.37
C PHE CA 19 80.35 47.27 -45.41
N ASN CA 20 79.25 47.85 -45.88
CA ASN CA 20 78.48 47.28 -46.98
C ASN CA 20 78.72 48.03 -48.28
N ALA CA 21 79.85 48.69 -48.40
CA ALA CA 21 80.16 49.40 -49.62
C ALA CA 21 80.58 48.42 -50.71
N PRO CA 22 80.15 48.63 -51.94
CA PRO CA 22 80.58 47.75 -53.04
C PRO CA 22 82.05 47.91 -53.36
N SER CA 23 82.56 47.06 -54.25
CA SER CA 23 84.00 46.86 -54.39
C SER CA 23 84.69 48.10 -54.96
N HIS CA 24 84.08 48.72 -55.97
CA HIS CA 24 84.67 49.94 -56.52
C HIS CA 24 84.65 51.09 -55.53
N ILE CA 25 83.67 51.10 -54.62
CA ILE CA 25 83.66 52.10 -53.57
C ILE CA 25 84.73 51.80 -52.54
N ARG CA 26 84.98 50.52 -52.27
CA ARG CA 26 86.06 50.12 -51.36
C ARG CA 26 87.42 50.64 -51.84
N ARG CA 27 87.66 50.58 -53.15
CA ARG CA 27 88.88 51.16 -53.71
C ARG CA 27 88.91 52.67 -53.48
N LYS CA 28 87.77 53.33 -53.63
CA LYS CA 28 87.70 54.77 -53.46
C LYS CA 28 88.00 55.17 -52.03
N ILE CA 29 87.55 54.36 -51.06
CA ILE CA 29 87.96 54.56 -49.68
C ILE CA 29 89.42 54.21 -49.51
N MET CA 30 89.90 53.18 -50.21
CA MET CA 30 91.30 52.79 -50.13
C MET CA 30 92.19 53.74 -50.94
N SER CA 31 92.19 55.00 -50.52
CA SER CA 31 93.05 56.02 -51.11
C SER CA 31 94.14 56.35 -50.11
N SER CA 32 95.27 56.85 -50.60
CA SER CA 32 96.37 57.10 -49.70
C SER CA 32 97.13 58.34 -50.13
N PRO CA 33 97.76 59.05 -49.18
CA PRO CA 33 98.52 60.23 -49.56
C PRO CA 33 99.81 59.86 -50.27
N LEU CA 34 100.19 60.69 -51.23
CA LEU CA 34 101.45 60.51 -51.92
C LEU CA 34 102.59 60.97 -51.03
N SER CA 35 103.82 60.73 -51.49
CA SER CA 35 104.97 61.28 -50.79
C SER CA 35 104.97 62.79 -50.93
N LYS CA 36 105.53 63.47 -49.91
CA LYS CA 36 105.45 64.92 -49.84
C LYS CA 36 106.24 65.60 -50.95
N GLU CA 37 107.14 64.90 -51.60
CA GLU CA 37 107.83 65.43 -52.77
C GLU CA 37 107.03 65.28 -54.05
N LEU CA 38 105.87 64.62 -54.01
CA LEU CA 38 105.05 64.47 -55.19
C LEU CA 38 103.85 65.40 -55.23
N ARG CA 39 103.46 65.97 -54.08
CA ARG CA 39 102.31 66.87 -54.06
C ARG CA 39 102.58 68.19 -54.77
N GLN CA 40 103.84 68.55 -54.99
CA GLN CA 40 104.16 69.71 -55.80
C GLN CA 40 104.65 69.33 -57.19
N LYS CA 41 104.81 68.04 -57.45
CA LYS CA 41 105.02 67.58 -58.82
C LYS CA 41 103.71 67.28 -59.53
N TYR CA 42 102.68 66.88 -58.79
CA TYR CA 42 101.42 66.47 -59.39
C TYR CA 42 100.22 67.28 -58.95
N ASN CA 43 100.32 68.05 -57.86
CA ASN CA 43 99.22 68.83 -57.29
C ASN CA 43 98.06 67.91 -56.90
N VAL CA 44 98.42 66.80 -56.26
CA VAL CA 44 97.47 65.75 -55.87
C VAL CA 44 97.75 65.38 -54.42
N ARG CA 45 96.70 65.30 -53.61
CA ARG CA 45 96.87 65.00 -52.19
C ARG CA 45 96.76 63.51 -51.91
N SER CA 46 95.70 62.87 -52.41
CA SER CA 46 95.50 61.45 -52.19
C SER CA 46 95.27 60.74 -53.52
N MET CA 47 95.33 59.41 -53.50
CA MET CA 47 95.31 58.63 -54.73
C MET CA 47 94.81 57.22 -54.48
N PRO CA 48 93.95 56.68 -55.34
CA PRO CA 48 93.56 55.28 -55.22
C PRO CA 48 94.73 54.36 -55.51
N ILE CA 49 95.00 53.45 -54.60
CA ILE CA 49 96.26 52.72 -54.58
C ILE CA 49 96.15 51.46 -55.44
N ARG CA 50 97.16 51.25 -56.29
CA ARG CA 50 97.15 50.10 -57.20
C ARG CA 50 97.95 48.93 -56.66
N LYS CA 51 98.16 47.92 -57.51
CA LYS CA 51 98.73 46.66 -57.07
C LYS CA 51 100.23 46.71 -56.81
N ASP CA 52 100.95 47.65 -57.43
CA ASP CA 52 102.41 47.73 -57.30
C ASP CA 52 102.80 49.16 -56.97
N ASP CA 53 102.93 49.47 -55.69
CA ASP CA 53 103.24 50.84 -55.30
C ASP CA 53 104.25 50.82 -54.16
N GLU CA 54 105.11 51.84 -54.13
CA GLU CA 54 106.13 51.90 -53.10
C GLU CA 54 105.57 52.55 -51.84
N VAL CA 55 105.81 51.91 -50.70
CA VAL CA 55 105.08 52.21 -49.48
C VAL CA 55 106.05 52.34 -48.31
N GLN CA 56 105.90 53.43 -47.55
CA GLN CA 56 106.50 53.54 -46.22
C GLN CA 56 105.38 53.44 -45.20
N VAL CA 57 105.47 52.44 -44.33
CA VAL CA 57 104.47 52.27 -43.27
C VAL CA 57 104.72 53.36 -42.23
N VAL CA 58 103.73 54.23 -42.03
CA VAL CA 58 103.95 55.40 -41.19
C VAL CA 58 103.75 55.06 -39.72
N ARG CA 59 102.55 54.63 -39.36
CA ARG CA 59 102.25 54.21 -38.00
C ARG CA 59 102.45 52.71 -37.89
N GLY CA 60 101.98 52.12 -36.79
CA GLY CA 60 102.01 50.68 -36.65
C GLY CA 60 103.36 50.16 -36.19
N HIS CA 61 103.37 48.87 -35.84
CA HIS CA 61 104.57 48.24 -35.32
C HIS CA 61 105.48 47.70 -36.41
N TYR CA 62 105.15 47.93 -37.67
CA TYR CA 62 106.06 47.66 -38.78
C TYR CA 62 106.50 48.94 -39.45
N LYS CA 63 106.45 50.06 -38.73
CA LYS CA 63 106.77 51.35 -39.31
C LYS CA 63 108.26 51.46 -39.58
N GLY CA 64 108.62 52.38 -40.46
CA GLY CA 64 110.02 52.62 -40.75
C GLY CA 64 110.14 53.38 -42.05
N GLN CA 65 111.39 53.67 -42.41
CA GLN CA 65 111.69 54.33 -43.66
C GLN CA 65 112.11 53.35 -44.75
N GLN CA 66 111.99 52.06 -44.50
CA GLN CA 66 112.20 51.07 -45.55
C GLN CA 66 111.03 51.09 -46.52
N ILE CA 67 111.33 50.94 -47.80
CA ILE CA 67 110.33 51.08 -48.87
C ILE CA 67 109.86 49.70 -49.26
N GLY CA 68 108.54 49.53 -49.39
CA GLY CA 68 108.00 48.25 -49.75
C GLY CA 68 107.05 48.30 -50.93
N LYS CA 69 107.03 47.24 -51.73
CA LYS CA 69 106.08 47.17 -52.83
C LYS CA 69 104.78 46.54 -52.35
N VAL CA 70 103.67 46.87 -53.01
CA VAL CA 70 102.37 46.32 -52.66
C VAL CA 70 102.25 44.93 -53.29
N VAL CA 71 101.72 43.98 -52.52
CA VAL CA 71 101.48 42.65 -53.05
C VAL CA 71 100.10 42.61 -53.70
N GLN CA 72 99.07 42.83 -52.90
CA GLN CA 72 97.70 42.81 -53.41
C GLN CA 72 96.86 43.78 -52.60
N VAL CA 73 95.62 43.95 -53.05
CA VAL CA 73 94.69 44.94 -52.48
C VAL CA 73 93.46 44.17 -52.03
N TYR CA 74 93.42 43.79 -50.76
CA TYR CA 74 92.33 42.98 -50.28
C TYR CA 74 91.24 43.91 -49.78
N ARG CA 75 90.32 44.28 -50.67
CA ARG CA 75 89.32 45.28 -50.36
C ARG CA 75 88.20 44.77 -49.48
N LYS CA 76 88.03 43.46 -49.38
CA LYS CA 76 86.94 42.93 -48.57
C LYS CA 76 87.21 43.08 -47.08
N LYS CA 77 88.47 43.28 -46.67
CA LYS CA 77 88.76 43.61 -45.29
C LYS CA 77 89.51 44.91 -45.09
N TYR CA 78 89.56 45.78 -46.10
CA TYR CA 78 90.18 47.11 -46.02
C TYR CA 78 91.68 47.00 -45.75
N VAL CA 79 92.32 46.03 -46.39
CA VAL CA 79 93.71 45.69 -46.13
C VAL CA 79 94.47 45.66 -47.45
N ILE CA 80 95.69 46.19 -47.43
CA ILE CA 80 96.61 46.10 -48.57
C ILE CA 80 97.92 45.47 -48.10
N TYR CA 81 98.35 44.44 -48.81
CA TYR CA 81 99.57 43.71 -48.46
C TYR CA 81 100.78 44.36 -49.10
N ILE CA 82 101.73 44.76 -48.27
CA ILE CA 82 102.98 45.35 -48.73
C ILE CA 82 104.07 44.30 -48.54
N GLU CA 83 105.11 44.35 -49.39
CA GLU CA 83 106.11 43.31 -49.57
C GLU CA 83 106.78 42.80 -48.29
N ARG CA 84 107.35 43.69 -47.49
CA ARG CA 84 108.15 43.23 -46.36
C ARG CA 84 107.46 43.40 -45.02
N VAL CA 85 106.19 43.77 -44.98
CA VAL CA 85 105.43 43.74 -43.73
C VAL CA 85 104.84 42.33 -43.61
N GLN CA 86 105.48 41.53 -42.77
CA GLN CA 86 105.05 40.16 -42.56
C GLN CA 86 105.58 39.70 -41.21
N ARG CA 87 104.96 38.66 -40.67
CA ARG CA 87 105.37 38.11 -39.39
C ARG CA 87 105.48 36.59 -39.47
N GLU CA 88 106.15 36.03 -38.47
CA GLU CA 88 106.39 34.60 -38.39
C GLU CA 88 105.10 33.91 -37.95
N LYS CA 89 104.88 32.71 -38.47
CA LYS CA 89 103.81 31.84 -37.98
C LYS CA 89 104.41 30.79 -37.06
N ALA CA 90 103.59 29.80 -36.69
CA ALA CA 90 104.10 28.72 -35.84
C ALA CA 90 105.00 27.77 -36.63
N ASN CA 91 104.59 27.40 -37.84
CA ASN CA 91 105.30 26.38 -38.60
C ASN CA 91 106.52 26.92 -39.33
N GLY CA 92 106.70 28.23 -39.40
CA GLY CA 92 107.76 28.83 -40.15
C GLY CA 92 107.29 29.62 -41.36
N THR CA 93 106.01 29.54 -41.69
CA THR CA 93 105.47 30.32 -42.78
C THR CA 93 105.43 31.80 -42.37
N THR CA 94 105.56 32.68 -43.35
CA THR CA 94 105.44 34.11 -43.11
C THR CA 94 104.35 34.69 -44.01
N VAL CA 95 103.38 35.34 -43.38
CA VAL CA 95 102.22 35.89 -44.06
C VAL CA 95 102.22 37.41 -43.88
N HIS CA 96 101.77 38.12 -44.90
CA HIS CA 96 101.79 39.58 -44.89
C HIS CA 96 100.77 40.11 -43.88
N VAL CA 97 101.27 40.83 -42.88
CA VAL CA 97 100.41 41.44 -41.88
C VAL CA 97 99.66 42.60 -42.53
N GLY CA 98 98.42 42.81 -42.07
CA GLY CA 98 97.55 43.80 -42.68
C GLY CA 98 97.87 45.20 -42.20
N ILE CA 99 97.87 46.14 -43.13
CA ILE CA 99 98.14 47.55 -42.85
C ILE CA 99 97.13 48.38 -43.63
N HIS CA 100 96.46 49.28 -42.94
CA HIS CA 100 95.38 50.08 -43.54
C HIS CA 100 95.96 51.09 -44.51
N PRO CA 101 95.28 51.38 -45.62
CA PRO CA 101 95.83 52.36 -46.58
C PRO CA 101 95.91 53.78 -46.06
N SER CA 102 95.08 54.15 -45.09
CA SER CA 102 95.15 55.50 -44.54
C SER CA 102 96.45 55.71 -43.77
N LYS CA 103 97.05 54.63 -43.27
CA LYS CA 103 98.35 54.69 -42.62
C LYS CA 103 99.50 54.47 -43.58
N VAL CA 104 99.27 54.66 -44.87
CA VAL CA 104 100.26 54.35 -45.90
C VAL CA 104 100.53 55.60 -46.72
N VAL CA 105 101.81 55.92 -46.88
CA VAL CA 105 102.23 56.97 -47.80
C VAL CA 105 102.82 56.30 -49.03
N ILE CA 106 102.41 56.74 -50.21
CA ILE CA 106 102.90 56.20 -51.46
C ILE CA 106 104.08 57.06 -51.90
N THR CA 107 105.25 56.44 -52.05
CA THR CA 107 106.44 57.15 -52.46
C THR CA 107 106.76 57.00 -53.94
N ARG CA 108 106.14 56.04 -54.62
CA ARG CA 108 106.28 55.92 -56.07
C ARG CA 108 105.07 55.19 -56.62
N LEU CA 109 104.47 55.75 -57.68
CA LEU CA 109 103.22 55.27 -58.21
C LEU CA 109 103.44 54.16 -59.23
N LYS CA 110 102.34 53.58 -59.70
CA LYS CA 110 102.33 52.65 -60.83
C LYS CA 110 101.52 53.32 -61.93
N LEU CA 111 102.22 53.99 -62.85
CA LEU CA 111 101.53 54.77 -63.85
C LEU CA 111 100.85 53.88 -64.88
N ASP CA 112 99.90 54.47 -65.59
CA ASP CA 112 99.04 53.80 -66.56
C ASP CA 112 98.27 54.89 -67.28
N LYS CA 113 97.79 54.56 -68.49
CA LYS CA 113 96.98 55.50 -69.25
C LYS CA 113 95.75 55.93 -68.48
N ASP CA 114 95.03 54.96 -67.89
CA ASP CA 114 93.86 55.28 -67.09
C ASP CA 114 94.25 55.98 -65.80
N ARG CA 115 95.40 55.59 -65.23
CA ARG CA 115 95.93 56.27 -64.04
C ARG CA 115 96.32 57.71 -64.37
N LYS CA 116 96.94 57.92 -65.55
CA LYS CA 116 97.30 59.27 -65.97
C LYS CA 116 96.06 60.14 -66.16
N LYS CA 117 94.95 59.52 -66.57
CA LYS CA 117 93.70 60.24 -66.71
C LYS CA 117 93.26 60.84 -65.38
N ILE CA 118 93.51 60.11 -64.27
CA ILE CA 118 93.14 60.61 -62.96
C ILE CA 118 93.98 61.81 -62.58
N LEU CA 119 95.19 61.93 -63.13
CA LEU CA 119 96.16 62.88 -62.61
C LEU CA 119 95.82 64.30 -63.01
N GLU CA 120 95.49 64.53 -64.28
CA GLU CA 120 95.10 65.87 -64.69
C GLU CA 120 93.76 66.29 -64.11
N ARG CA 121 92.85 65.33 -63.94
CA ARG CA 121 91.54 65.64 -63.35
C ARG CA 121 91.68 66.04 -61.89
N LYS CA 122 92.48 65.28 -61.14
CA LYS CA 122 92.74 65.62 -59.74
C LYS CA 122 93.59 66.87 -59.60
N ALA CA 123 94.19 67.36 -60.68
CA ALA CA 123 94.92 68.62 -60.65
C ALA CA 123 94.10 69.79 -61.16
N LYS CA 124 93.22 69.56 -62.13
CA LYS CA 124 92.42 70.64 -62.68
C LYS CA 124 91.36 71.09 -61.67
N SER CA 125 90.64 70.14 -61.08
CA SER CA 125 89.66 70.46 -60.05
C SER CA 125 90.33 70.99 -58.79
N ARG CA 126 91.57 70.60 -58.52
CA ARG CA 126 92.36 71.20 -57.46
C ARG CA 126 92.72 72.65 -57.75
N GLN CA 127 92.79 73.02 -59.02
CA GLN CA 127 93.24 74.35 -59.41
C GLN CA 127 92.15 75.41 -59.26
N VAL CA 128 90.96 75.15 -59.81
CA VAL CA 128 89.89 76.13 -60.04
C VAL CA 128 89.49 76.83 -58.74
N GLY CA 129 89.64 76.13 -57.61
CA GLY CA 129 89.39 76.73 -56.31
C GLY CA 129 90.30 77.90 -55.97
N LYS CA 130 91.43 78.05 -56.66
CA LYS CA 130 92.28 79.23 -56.53
C LYS CA 130 92.18 80.17 -57.72
N GLU CA 131 91.12 80.08 -58.52
CA GLU CA 131 90.75 81.13 -59.46
C GLU CA 131 89.34 81.65 -59.27
N LYS CA 132 88.48 80.88 -58.60
CA LYS CA 132 87.25 81.44 -58.05
C LYS CA 132 87.47 81.99 -56.66
N GLY CA 133 88.33 81.33 -55.86
CA GLY CA 133 88.79 81.88 -54.61
C GLY CA 133 89.86 82.93 -54.74
N LYS CA 134 90.32 83.19 -55.96
CA LYS CA 134 91.30 84.24 -56.21
C LYS CA 134 91.21 84.74 -57.65
N GLY DA 1 -4.05 -41.53 -95.73
CA GLY DA 1 -3.51 -41.10 -97.01
C GLY DA 1 -2.23 -40.30 -96.86
N LYS DA 2 -1.19 -40.73 -97.57
CA LYS DA 2 0.12 -40.09 -97.47
C LYS DA 2 0.14 -38.85 -98.35
N PHE DA 3 0.88 -37.83 -97.93
CA PHE DA 3 0.90 -36.54 -98.62
C PHE DA 3 2.28 -36.16 -99.14
N MET DA 4 3.35 -36.79 -98.65
CA MET DA 4 4.70 -36.47 -99.09
C MET DA 4 4.92 -37.01 -100.50
N LYS DA 5 4.48 -36.22 -101.47
CA LYS DA 5 4.45 -36.49 -102.90
C LYS DA 5 5.72 -35.98 -103.58
N PRO DA 6 6.12 -36.60 -104.71
CA PRO DA 6 7.37 -36.19 -105.36
C PRO DA 6 7.32 -34.86 -106.11
N GLY DA 7 6.29 -34.05 -105.88
CA GLY DA 7 6.27 -32.70 -106.42
C GLY DA 7 5.99 -31.68 -105.33
N LYS DA 8 6.10 -32.09 -104.08
CA LYS DA 8 5.63 -31.31 -102.95
C LYS DA 8 6.72 -30.39 -102.41
N VAL DA 9 6.30 -29.18 -102.04
CA VAL DA 9 7.19 -28.16 -101.49
C VAL DA 9 7.33 -28.41 -100.00
N VAL DA 10 8.55 -28.21 -99.47
CA VAL DA 10 8.87 -28.48 -98.08
C VAL DA 10 9.68 -27.31 -97.53
N LEU DA 11 9.57 -27.07 -96.22
CA LEU DA 11 10.52 -26.26 -95.49
C LEU DA 11 11.60 -27.14 -94.89
N VAL DA 12 12.85 -26.69 -94.96
CA VAL DA 12 13.95 -27.42 -94.35
C VAL DA 12 14.11 -26.96 -92.91
N LEU DA 13 13.86 -27.87 -91.97
CA LEU DA 13 13.76 -27.53 -90.56
C LEU DA 13 15.08 -27.55 -89.82
N ALA DA 14 16.15 -28.07 -90.42
CA ALA DA 14 17.40 -28.22 -89.69
C ALA DA 14 18.56 -28.02 -90.67
N GLY DA 15 19.75 -28.37 -90.22
CA GLY DA 15 20.94 -28.30 -91.04
C GLY DA 15 21.38 -26.88 -91.31
N ARG DA 16 22.27 -26.76 -92.29
CA ARG DA 16 22.79 -25.47 -92.73
C ARG DA 16 21.75 -24.65 -93.49
N TYR DA 17 20.62 -25.24 -93.86
CA TYR DA 17 19.59 -24.58 -94.63
C TYR DA 17 18.31 -24.45 -93.82
N SER DA 18 18.43 -24.15 -92.52
CA SER DA 18 17.26 -24.02 -91.66
C SER DA 18 16.39 -22.87 -92.12
N GLY DA 19 15.19 -23.20 -92.58
CA GLY DA 19 14.27 -22.21 -93.09
C GLY DA 19 14.31 -22.01 -94.58
N ARG DA 20 14.88 -22.95 -95.33
CA ARG DA 20 14.93 -22.88 -96.78
C ARG DA 20 13.82 -23.73 -97.36
N LYS DA 21 13.32 -23.34 -98.52
CA LYS DA 21 12.14 -23.95 -99.12
C LYS DA 21 12.57 -24.99 -100.14
N ALA DA 22 12.02 -26.19 -99.99
CA ALA DA 22 12.56 -27.41 -100.59
C ALA DA 22 11.59 -28.02 -101.59
N VAL DA 23 12.04 -29.07 -102.27
CA VAL DA 23 11.29 -29.74 -103.32
C VAL DA 23 11.55 -31.25 -103.23
N ILE DA 24 10.50 -32.03 -102.96
CA ILE DA 24 10.64 -33.48 -103.00
C ILE DA 24 10.84 -33.94 -104.44
N VAL DA 25 11.77 -34.88 -104.62
CA VAL DA 25 11.99 -35.49 -105.92
C VAL DA 25 11.89 -37.01 -105.79
N LYS DA 26 12.22 -37.54 -104.61
CA LYS DA 26 12.17 -38.98 -104.36
C LYS DA 26 12.03 -39.22 -102.87
N ASN DA 27 10.89 -39.79 -102.48
CA ASN DA 27 10.55 -39.99 -101.08
C ASN DA 27 10.48 -41.48 -100.74
N ILE DA 28 11.09 -41.85 -99.62
CA ILE DA 28 11.22 -43.25 -99.20
C ILE DA 28 10.75 -43.32 -97.75
N ASP DA 29 9.54 -43.85 -97.54
CA ASP DA 29 8.97 -43.86 -96.20
C ASP DA 29 9.66 -44.88 -95.30
N ASP DA 30 9.71 -46.14 -95.71
CA ASP DA 30 10.24 -47.22 -94.89
C ASP DA 30 11.75 -47.21 -95.03
N GLY DA 31 12.46 -47.18 -93.90
CA GLY DA 31 13.90 -47.01 -93.86
C GLY DA 31 14.72 -48.05 -94.60
N THR DA 32 15.79 -47.61 -95.25
CA THR DA 32 16.69 -48.50 -95.98
C THR DA 32 17.67 -49.18 -95.04
N SER DA 33 18.69 -49.82 -95.62
CA SER DA 33 19.68 -50.57 -94.86
C SER DA 33 20.55 -49.66 -94.00
N ASP DA 34 21.08 -48.58 -94.59
CA ASP DA 34 21.94 -47.68 -93.83
C ASP DA 34 21.17 -46.56 -93.14
N ARG DA 35 19.99 -46.20 -93.64
CA ARG DA 35 19.15 -45.16 -93.05
C ARG DA 35 17.88 -45.81 -92.53
N PRO DA 36 17.83 -46.14 -91.25
CA PRO DA 36 16.60 -46.74 -90.70
C PRO DA 36 15.44 -45.77 -90.66
N TYR DA 37 15.72 -44.47 -90.59
CA TYR DA 37 14.66 -43.48 -90.50
C TYR DA 37 13.98 -43.27 -91.85
N SER DA 38 12.86 -42.57 -91.79
CA SER DA 38 12.12 -42.17 -92.99
C SER DA 38 12.85 -40.99 -93.63
N HIS DA 39 13.74 -41.30 -94.57
CA HIS DA 39 14.59 -40.33 -95.27
C HIS DA 39 13.88 -39.88 -96.53
N ALA DA 40 14.40 -38.81 -97.14
CA ALA DA 40 13.84 -38.25 -98.36
C ALA DA 40 14.89 -37.37 -99.02
N LEU DA 41 15.09 -37.58 -100.31
CA LEU DA 41 16.07 -36.84 -101.08
C LEU DA 41 15.41 -35.59 -101.61
N VAL DA 42 16.11 -34.46 -101.54
CA VAL DA 42 15.47 -33.17 -101.75
C VAL DA 42 16.40 -32.30 -102.59
N ALA DA 43 15.83 -31.28 -103.21
CA ALA DA 43 16.61 -30.33 -104.02
C ALA DA 43 15.97 -28.96 -103.94
N GLY DA 44 16.43 -28.14 -103.00
CA GLY DA 44 15.91 -26.80 -102.84
C GLY DA 44 16.85 -25.74 -103.36
N ILE DA 45 16.83 -24.57 -102.73
CA ILE DA 45 17.65 -23.43 -103.17
C ILE DA 45 18.29 -22.79 -101.94
N ASP DA 46 19.58 -22.49 -102.05
CA ASP DA 46 20.29 -21.72 -101.04
C ASP DA 46 20.04 -20.24 -101.16
N ARG DA 47 20.15 -19.70 -102.36
CA ARG DA 47 20.06 -18.27 -102.61
C ARG DA 47 18.73 -17.96 -103.27
N TYR DA 48 17.90 -17.23 -102.57
CA TYR DA 48 16.71 -16.67 -103.20
C TYR DA 48 17.14 -15.47 -104.03
N PRO DA 49 16.46 -15.17 -105.13
CA PRO DA 49 16.82 -13.97 -105.89
C PRO DA 49 16.43 -12.71 -105.12
N ARG DA 50 17.28 -11.68 -105.22
CA ARG DA 50 16.90 -10.41 -104.61
C ARG DA 50 15.81 -9.75 -105.43
N LYS DA 51 15.05 -8.87 -104.79
CA LYS DA 51 13.86 -8.31 -105.39
C LYS DA 51 14.22 -7.39 -106.55
N VAL DA 52 13.63 -7.65 -107.70
CA VAL DA 52 13.78 -6.78 -108.87
C VAL DA 52 12.61 -5.81 -108.91
N THR DA 53 12.92 -4.54 -109.13
CA THR DA 53 11.91 -3.51 -109.21
C THR DA 53 11.74 -3.09 -110.66
N ALA DA 54 10.67 -2.34 -110.92
CA ALA DA 54 10.54 -1.66 -112.19
C ALA DA 54 11.58 -0.55 -112.29
N ALA DA 55 11.81 -0.08 -113.52
CA ALA DA 55 12.80 0.94 -113.84
C ALA DA 55 14.19 0.56 -113.37
N MET DA 56 14.67 -0.61 -113.77
CA MET DA 56 16.05 -1.01 -113.60
C MET DA 56 16.63 -1.34 -114.96
N GLY DA 57 17.92 -1.66 -114.97
CA GLY DA 57 18.58 -2.10 -116.18
C GLY DA 57 18.37 -3.58 -116.38
N LYS DA 58 18.03 -3.97 -117.61
CA LYS DA 58 17.79 -5.37 -117.91
C LYS DA 58 19.09 -6.17 -117.88
N LYS DA 59 20.23 -5.49 -118.04
CA LYS DA 59 21.52 -6.11 -117.73
C LYS DA 59 21.57 -6.53 -116.26
N LYS DA 60 21.20 -5.62 -115.36
CA LYS DA 60 21.22 -5.93 -113.94
C LYS DA 60 20.11 -6.89 -113.51
N ILE DA 61 19.00 -6.91 -114.23
CA ILE DA 61 17.87 -7.76 -113.84
C ILE DA 61 18.25 -9.23 -113.98
N ALA DA 62 18.82 -9.61 -115.14
CA ALA DA 62 19.30 -10.97 -115.31
C ALA DA 62 20.44 -11.27 -114.35
N LYS DA 63 21.25 -10.26 -114.02
CA LYS DA 63 22.25 -10.43 -112.97
C LYS DA 63 21.59 -10.58 -111.61
N ARG DA 64 20.52 -9.83 -111.36
CA ARG DA 64 19.82 -9.93 -110.08
C ARG DA 64 19.13 -11.27 -109.93
N SER DA 65 18.57 -11.80 -111.01
CA SER DA 65 17.82 -13.06 -110.97
C SER DA 65 18.81 -14.22 -111.00
N LYS DA 66 19.47 -14.43 -109.88
CA LYS DA 66 20.48 -15.47 -109.75
C LYS DA 66 20.25 -16.27 -108.47
N ILE DA 67 20.22 -17.58 -108.60
CA ILE DA 67 19.86 -18.48 -107.51
C ILE DA 67 20.96 -19.52 -107.34
N LYS DA 68 21.14 -19.98 -106.10
CA LYS DA 68 22.07 -21.06 -105.78
C LYS DA 68 21.26 -22.19 -105.14
N SER DA 69 21.52 -23.42 -105.58
CA SER DA 69 20.72 -24.56 -105.16
C SER DA 69 21.57 -25.53 -104.34
N PHE DA 70 20.93 -26.62 -103.91
CA PHE DA 70 21.60 -27.66 -103.14
C PHE DA 70 20.78 -28.93 -103.28
N VAL DA 71 21.39 -30.05 -102.90
CA VAL DA 71 20.76 -31.36 -102.94
C VAL DA 71 21.15 -32.12 -101.68
N LYS DA 72 20.17 -32.80 -101.07
CA LYS DA 72 20.41 -33.43 -99.78
C LYS DA 72 19.30 -34.44 -99.51
N VAL DA 73 19.62 -35.40 -98.66
CA VAL DA 73 18.63 -36.37 -98.17
C VAL DA 73 18.28 -35.96 -96.75
N TYR DA 74 17.01 -35.63 -96.52
CA TYR DA 74 16.55 -35.10 -95.24
C TYR DA 74 15.55 -36.04 -94.60
N ASN DA 75 15.29 -35.78 -93.31
CA ASN DA 75 14.41 -36.59 -92.49
C ASN DA 75 13.03 -35.94 -92.41
N TYR DA 76 12.02 -36.79 -92.28
CA TYR DA 76 10.65 -36.30 -92.22
C TYR DA 76 10.36 -35.53 -90.94
N ASN DA 77 11.10 -35.79 -89.87
CA ASN DA 77 11.02 -34.96 -88.68
C ASN DA 77 12.05 -33.84 -88.68
N HIS DA 78 12.81 -33.69 -89.76
CA HIS DA 78 13.62 -32.51 -90.01
C HIS DA 78 13.12 -31.74 -91.23
N LEU DA 79 11.83 -31.83 -91.52
CA LEU DA 79 11.25 -31.23 -92.71
C LEU DA 79 9.81 -30.82 -92.43
N MET DA 80 9.42 -29.62 -92.88
CA MET DA 80 8.07 -29.14 -92.71
C MET DA 80 7.37 -29.10 -94.07
N PRO DA 81 6.44 -30.01 -94.33
CA PRO DA 81 5.72 -29.97 -95.61
C PRO DA 81 4.67 -28.88 -95.64
N THR DA 82 4.36 -28.41 -96.84
CA THR DA 82 3.33 -27.42 -97.06
C THR DA 82 2.38 -27.86 -98.16
N ARG DA 83 1.25 -27.15 -98.26
CA ARG DA 83 0.18 -27.57 -99.16
C ARG DA 83 0.52 -27.30 -100.63
N TYR DA 84 1.51 -26.47 -100.89
CA TYR DA 84 1.77 -26.05 -102.26
C TYR DA 84 2.56 -27.11 -103.00
N SER DA 85 2.51 -27.05 -104.33
CA SER DA 85 3.16 -28.04 -105.17
C SER DA 85 3.77 -27.35 -106.38
N VAL DA 86 5.06 -27.59 -106.61
CA VAL DA 86 5.80 -27.04 -107.74
C VAL DA 86 5.99 -28.13 -108.79
N ASP DA 87 5.60 -27.84 -110.02
CA ASP DA 87 5.66 -28.84 -111.10
C ASP DA 87 6.92 -28.63 -111.93
N ILE DA 88 8.05 -28.94 -111.32
CA ILE DA 88 9.35 -28.91 -112.01
C ILE DA 88 9.58 -30.28 -112.61
N PRO DA 89 10.15 -30.40 -113.84
CA PRO DA 89 10.53 -31.71 -114.36
C PRO DA 89 11.50 -32.45 -113.43
N LEU DA 90 12.68 -31.86 -113.21
CA LEU DA 90 13.68 -32.31 -112.26
C LEU DA 90 14.01 -33.79 -112.45
N ASP DA 91 14.63 -34.13 -113.57
CA ASP DA 91 14.87 -35.52 -113.93
C ASP DA 91 15.74 -36.22 -112.89
N LYS DA 92 15.45 -37.50 -112.66
CA LYS DA 92 16.04 -38.25 -111.56
C LYS DA 92 17.30 -39.00 -111.98
N THR DA 93 17.67 -38.93 -113.26
CA THR DA 93 18.92 -39.54 -113.69
C THR DA 93 20.13 -38.81 -113.11
N VAL DA 94 20.05 -37.48 -112.99
CA VAL DA 94 21.13 -36.68 -112.45
C VAL DA 94 20.93 -36.40 -110.97
N VAL DA 95 19.69 -36.29 -110.53
CA VAL DA 95 19.36 -36.12 -109.12
C VAL DA 95 18.98 -37.50 -108.60
N ASN DA 96 19.91 -38.17 -107.92
CA ASN DA 96 19.71 -39.54 -107.49
C ASN DA 96 20.51 -39.76 -106.20
N LYS DA 97 20.28 -40.90 -105.56
CA LYS DA 97 20.88 -41.17 -104.25
C LYS DA 97 22.33 -41.62 -104.34
N ASP DA 98 22.81 -42.03 -105.50
CA ASP DA 98 24.21 -42.39 -105.68
C ASP DA 98 25.04 -41.22 -106.16
N VAL DA 99 24.45 -40.04 -106.26
CA VAL DA 99 25.15 -38.86 -106.75
C VAL DA 99 26.01 -38.22 -105.67
N PHE DA 100 25.69 -38.43 -104.40
CA PHE DA 100 26.42 -37.78 -103.33
C PHE DA 100 27.77 -38.43 -103.06
N ARG DA 101 27.98 -39.68 -103.48
CA ARG DA 101 29.26 -40.34 -103.30
C ARG DA 101 30.33 -39.84 -104.24
N ASP DA 102 29.99 -38.98 -105.20
CA ASP DA 102 30.92 -38.43 -106.17
C ASP DA 102 30.83 -36.92 -106.05
N PRO DA 103 31.96 -36.20 -105.92
CA PRO DA 103 31.89 -34.74 -105.81
C PRO DA 103 31.44 -34.05 -107.08
N ALA DA 104 31.81 -34.57 -108.26
CA ALA DA 104 31.54 -33.83 -109.50
C ALA DA 104 30.09 -33.97 -109.93
N LEU DA 105 29.52 -35.16 -109.78
CA LEU DA 105 28.10 -35.34 -110.05
C LEU DA 105 27.24 -34.54 -109.08
N LYS DA 106 27.70 -34.40 -107.83
CA LYS DA 106 27.04 -33.51 -106.90
C LYS DA 106 27.07 -32.07 -107.40
N ARG DA 107 28.16 -31.67 -108.07
CA ARG DA 107 28.19 -30.35 -108.70
C ARG DA 107 27.24 -30.29 -109.88
N LYS DA 108 26.99 -31.42 -110.55
CA LYS DA 108 25.98 -31.43 -111.60
C LYS DA 108 24.57 -31.37 -111.04
N ALA DA 109 24.26 -32.22 -110.05
CA ALA DA 109 22.90 -32.30 -109.51
C ALA DA 109 22.49 -31.00 -108.83
N ARG DA 110 23.45 -30.27 -108.27
CA ARG DA 110 23.16 -28.93 -107.79
C ARG DA 110 22.84 -27.99 -108.94
N ARG DA 111 23.51 -28.16 -110.08
CA ARG DA 111 23.32 -27.26 -111.21
C ARG DA 111 22.02 -27.52 -111.94
N GLU DA 112 21.57 -28.77 -112.00
CA GLU DA 112 20.43 -29.12 -112.83
C GLU DA 112 19.13 -28.55 -112.28
N ALA DA 113 18.99 -28.56 -110.95
CA ALA DA 113 17.89 -27.83 -110.34
C ALA DA 113 18.07 -26.33 -110.51
N LYS DA 114 19.32 -25.88 -110.47
CA LYS DA 114 19.61 -24.45 -110.51
C LYS DA 114 19.20 -23.83 -111.84
N VAL DA 115 19.37 -24.58 -112.95
CA VAL DA 115 18.99 -24.05 -114.24
C VAL DA 115 17.48 -24.17 -114.46
N LYS DA 116 16.90 -25.30 -114.07
CA LYS DA 116 15.49 -25.53 -114.35
C LYS DA 116 14.58 -24.68 -113.49
N PHE DA 117 15.03 -24.30 -112.29
CA PHE DA 117 14.25 -23.40 -111.46
C PHE DA 117 14.13 -22.02 -112.08
N GLU DA 118 15.12 -21.62 -112.88
CA GLU DA 118 15.18 -20.24 -113.35
C GLU DA 118 14.17 -19.97 -114.46
N GLU DA 119 13.95 -20.96 -115.34
CA GLU DA 119 12.90 -20.82 -116.34
C GLU DA 119 11.52 -20.79 -115.72
N ARG DA 120 11.31 -21.55 -114.63
CA ARG DA 120 10.08 -21.45 -113.89
C ARG DA 120 10.07 -20.29 -112.91
N TYR DA 121 11.19 -19.60 -112.77
CA TYR DA 121 11.19 -18.35 -112.01
C TYR DA 121 10.68 -17.19 -112.87
N LYS DA 122 11.12 -17.11 -114.12
CA LYS DA 122 10.74 -15.99 -114.98
C LYS DA 122 9.27 -16.04 -115.38
N THR DA 123 8.63 -17.21 -115.27
CA THR DA 123 7.25 -17.36 -115.71
C THR DA 123 6.27 -16.61 -114.82
N GLY DA 124 6.49 -16.62 -113.51
CA GLY DA 124 5.51 -16.08 -112.58
C GLY DA 124 4.66 -17.13 -111.91
N LYS DA 125 5.08 -18.39 -111.92
CA LYS DA 125 4.40 -19.47 -111.23
C LYS DA 125 5.27 -19.92 -110.07
N ASN DA 126 4.62 -20.37 -108.99
CA ASN DA 126 5.29 -20.77 -107.75
C ASN DA 126 6.15 -19.63 -107.20
N LYS DA 127 5.61 -18.41 -107.30
CA LYS DA 127 6.32 -17.23 -106.83
C LYS DA 127 6.55 -17.27 -105.33
N TRP DA 128 5.56 -17.76 -104.58
CA TRP DA 128 5.67 -17.78 -103.13
C TRP DA 128 6.79 -18.70 -102.66
N PHE DA 129 7.10 -19.72 -103.47
CA PHE DA 129 8.26 -20.55 -103.21
C PHE DA 129 9.54 -19.72 -103.24
N PHE DA 130 9.61 -18.74 -104.14
CA PHE DA 130 10.82 -17.94 -104.29
C PHE DA 130 10.94 -16.82 -103.26
N GLN DA 131 9.91 -16.56 -102.47
CA GLN DA 131 10.06 -15.69 -101.32
C GLN DA 131 10.71 -16.50 -100.19
N LYS DA 132 11.80 -15.98 -99.64
CA LYS DA 132 12.39 -16.59 -98.47
C LYS DA 132 11.40 -16.48 -97.31
N LEU DA 133 11.36 -17.52 -96.48
CA LEU DA 133 10.45 -17.55 -95.34
C LEU DA 133 10.92 -16.56 -94.27
N ARG DA 134 10.14 -15.49 -94.09
CA ARG DA 134 10.51 -14.42 -93.17
C ARG DA 134 10.41 -14.93 -91.75
N PHE DA 135 11.56 -15.19 -91.13
CA PHE DA 135 11.59 -15.55 -89.73
C PHE DA 135 12.70 -14.78 -89.04
N PRO EA 1 56.67 67.06 -15.61
CA PRO EA 1 57.44 67.03 -14.36
C PRO EA 1 56.94 65.95 -13.42
N SER EA 2 57.15 64.69 -13.80
CA SER EA 2 56.67 63.58 -13.00
C SER EA 2 57.44 63.40 -11.72
N ARG EA 3 58.58 64.08 -11.56
CA ARG EA 3 59.38 63.93 -10.35
C ARG EA 3 58.87 64.75 -9.18
N LEU EA 4 57.88 65.61 -9.40
CA LEU EA 4 57.22 66.32 -8.30
C LEU EA 4 55.83 65.77 -8.02
N ARG EA 5 55.45 64.69 -8.69
CA ARG EA 5 54.11 64.13 -8.52
C ARG EA 5 54.04 63.26 -7.27
N LYS EA 6 52.80 62.92 -6.89
CA LYS EA 6 52.53 62.22 -5.66
C LYS EA 6 53.06 60.79 -5.64
N THR EA 7 53.16 60.14 -6.80
CA THR EA 7 53.50 58.73 -6.82
C THR EA 7 54.95 58.50 -6.43
N ARG EA 8 55.81 59.51 -6.62
CA ARG EA 8 57.22 59.37 -6.28
C ARG EA 8 57.40 59.21 -4.78
N LYS EA 9 56.58 59.90 -3.99
CA LYS EA 9 56.60 59.70 -2.55
C LYS EA 9 56.00 58.36 -2.16
N LEU EA 10 55.10 57.82 -2.96
CA LEU EA 10 54.32 56.66 -2.56
C LEU EA 10 55.05 55.34 -2.69
N ARG EA 11 56.22 55.32 -3.31
CA ARG EA 11 56.97 54.08 -3.42
C ARG EA 11 57.36 53.57 -2.03
N GLY EA 12 57.27 52.27 -1.84
CA GLY EA 12 57.48 51.66 -0.55
C GLY EA 12 56.23 51.54 0.28
N HIS EA 13 55.16 52.23 -0.09
CA HIS EA 13 53.89 52.12 0.60
C HIS EA 13 53.00 51.13 -0.15
N VAL EA 14 52.49 50.14 0.56
CA VAL EA 14 51.81 48.99 -0.02
C VAL EA 14 50.58 49.40 -0.81
N SER EA 15 49.68 50.14 -0.17
CA SER EA 15 48.39 50.41 -0.78
C SER EA 15 48.46 51.49 -1.85
N HIS EA 16 49.56 52.24 -1.90
CA HIS EA 16 49.76 53.32 -2.86
C HIS EA 16 48.68 54.39 -2.75
N GLY EA 17 48.38 54.80 -1.52
CA GLY EA 17 47.43 55.87 -1.28
C GLY EA 17 45.99 55.49 -1.54
N HIS EA 18 45.66 54.22 -1.33
CA HIS EA 18 44.30 53.79 -1.60
C HIS EA 18 43.73 52.82 -0.56
N GLY EA 19 44.42 52.59 0.55
CA GLY EA 19 43.83 51.85 1.65
C GLY EA 19 43.97 50.35 1.49
N ARG EA 20 43.75 49.65 2.61
CA ARG EA 20 43.82 48.20 2.65
C ARG EA 20 42.46 47.53 2.74
N ILE EA 21 41.44 48.23 3.22
CA ILE EA 21 40.11 47.64 3.27
C ILE EA 21 39.37 47.91 1.97
N GLY EA 22 39.12 49.18 1.67
CA GLY EA 22 38.50 49.58 0.44
C GLY EA 22 39.51 49.75 -0.68
N LYS EA 23 39.96 48.63 -1.27
CA LYS EA 23 40.97 48.62 -2.32
C LYS EA 23 40.57 49.51 -3.50
N HIS EA 24 41.55 50.00 -4.24
CA HIS EA 24 41.26 50.83 -5.41
C HIS EA 24 40.78 49.91 -6.52
N ARG EA 25 39.50 49.57 -6.45
CA ARG EA 25 38.88 48.74 -7.48
C ARG EA 25 38.61 49.58 -8.71
N LYS EA 26 37.97 49.00 -9.72
CA LYS EA 26 37.77 49.73 -10.96
C LYS EA 26 36.66 50.76 -10.82
N HIS EA 27 35.44 50.29 -10.59
CA HIS EA 27 34.26 51.15 -10.49
C HIS EA 27 33.36 50.68 -9.36
N PRO EA 28 33.65 51.06 -8.12
CA PRO EA 28 32.75 50.70 -7.01
C PRO EA 28 31.38 51.33 -7.11
N GLY EA 29 31.23 52.40 -7.89
CA GLY EA 29 29.95 53.09 -8.00
C GLY EA 29 29.35 53.18 -9.38
N GLY EA 30 29.79 52.35 -10.33
CA GLY EA 30 29.29 52.45 -11.68
C GLY EA 30 30.03 53.51 -12.47
N ARG EA 31 29.79 53.49 -13.78
CA ARG EA 31 30.54 54.32 -14.71
C ARG EA 31 29.81 55.62 -14.99
N GLY EA 32 30.57 56.70 -15.12
CA GLY EA 32 30.07 58.01 -15.48
C GLY EA 32 29.09 58.55 -14.45
N ASN EA 33 28.07 59.23 -14.96
CA ASN EA 33 27.05 59.84 -14.11
C ASN EA 33 25.94 58.84 -13.78
N ALA EA 34 26.32 57.68 -13.27
CA ALA EA 34 25.35 56.64 -13.00
C ALA EA 34 24.63 56.91 -11.68
N GLY EA 35 23.48 56.26 -11.52
CA GLY EA 35 22.78 56.31 -10.25
C GLY EA 35 22.15 57.64 -9.92
N GLY EA 36 21.74 58.40 -10.93
CA GLY EA 36 21.15 59.72 -10.68
C GLY EA 36 19.89 59.64 -9.85
N MET EA 37 19.05 58.64 -10.11
CA MET EA 37 17.83 58.43 -9.34
C MET EA 37 17.98 57.33 -8.30
N HIS EA 38 19.12 56.63 -8.29
CA HIS EA 38 19.14 55.36 -7.58
C HIS EA 38 20.02 55.38 -6.33
N HIS EA 39 21.30 55.69 -6.46
CA HIS EA 39 22.15 55.67 -5.28
C HIS EA 39 23.07 56.88 -5.20
N HIS EA 40 23.01 57.79 -6.16
CA HIS EA 40 23.68 59.07 -6.07
C HIS EA 40 22.67 60.20 -6.07
N ARG EA 41 21.45 59.91 -5.60
CA ARG EA 41 20.36 60.87 -5.63
C ARG EA 41 20.66 62.07 -4.75
N ILE EA 42 21.29 61.83 -3.60
CA ILE EA 42 21.55 62.91 -2.65
C ILE EA 42 22.56 63.90 -3.21
N ASN EA 43 23.61 63.40 -3.85
CA ASN EA 43 24.62 64.28 -4.39
C ASN EA 43 24.09 65.07 -5.59
N PHE EA 44 23.20 64.47 -6.37
CA PHE EA 44 22.63 65.19 -7.49
C PHE EA 44 21.51 66.15 -7.10
N ASP EA 45 21.07 66.17 -5.85
CA ASP EA 45 20.18 67.26 -5.45
C ASP EA 45 20.88 68.33 -4.65
N LYS EA 46 21.81 67.94 -3.77
CA LYS EA 46 22.52 68.87 -2.92
C LYS EA 46 23.55 69.69 -3.69
N TYR EA 47 23.84 69.33 -4.93
CA TYR EA 47 24.86 70.06 -5.69
C TYR EA 47 24.47 70.36 -7.13
N HIS EA 48 23.40 69.76 -7.67
CA HIS EA 48 22.93 70.06 -9.02
C HIS EA 48 21.42 70.02 -9.06
N PRO EA 49 20.76 71.01 -8.49
CA PRO EA 49 19.30 71.06 -8.57
C PRO EA 49 18.85 71.37 -9.98
N GLY EA 50 17.71 70.85 -10.36
CA GLY EA 50 17.22 71.12 -11.69
C GLY EA 50 17.87 70.31 -12.78
N TYR EA 51 18.34 69.11 -12.46
CA TYR EA 51 18.97 68.27 -13.48
C TYR EA 51 18.00 67.31 -14.14
N PHE EA 52 16.97 66.84 -13.45
CA PHE EA 52 16.05 65.86 -13.98
C PHE EA 52 14.76 66.52 -14.42
N GLY EA 53 14.51 66.51 -15.73
CA GLY EA 53 13.24 66.93 -16.27
C GLY EA 53 13.38 67.97 -17.36
N LYS EA 54 12.30 68.13 -18.10
CA LYS EA 54 12.21 69.11 -19.18
C LYS EA 54 11.38 70.30 -18.71
N VAL EA 55 11.73 71.48 -19.21
CA VAL EA 55 11.01 72.70 -18.89
C VAL EA 55 11.16 73.67 -20.06
N GLY EA 56 10.04 74.22 -20.51
CA GLY EA 56 10.04 75.22 -21.55
C GLY EA 56 9.72 74.64 -22.91
N MET EA 57 9.73 75.53 -23.90
CA MET EA 57 9.35 75.17 -25.26
C MET EA 57 10.57 74.77 -26.07
N ARG EA 58 10.33 73.90 -27.05
CA ARG EA 58 11.39 73.44 -27.94
C ARG EA 58 11.50 74.36 -29.16
N HIS EA 59 12.72 74.79 -29.44
CA HIS EA 59 13.05 75.68 -30.54
C HIS EA 59 13.95 74.88 -31.46
N TYR EA 60 13.36 74.28 -32.50
CA TYR EA 60 14.06 73.27 -33.28
C TYR EA 60 15.24 73.84 -34.06
N HIS EA 61 14.98 74.72 -35.01
CA HIS EA 61 16.04 75.26 -35.85
C HIS EA 61 16.37 76.66 -35.33
N LEU EA 62 17.23 76.72 -34.33
CA LEU EA 62 17.62 77.98 -33.71
C LEU EA 62 18.96 78.44 -34.27
N LYS EA 63 18.99 79.68 -34.73
CA LYS EA 63 20.19 80.29 -35.26
C LYS EA 63 20.63 81.39 -34.32
N ARG EA 64 21.88 81.34 -33.88
CA ARG EA 64 22.39 82.23 -32.85
C ARG EA 64 22.75 83.62 -33.38
N ASN EA 65 22.33 83.97 -34.59
CA ASN EA 65 22.62 85.28 -35.15
C ASN EA 65 21.44 86.23 -35.12
N GLN EA 66 20.26 85.76 -34.72
CA GLN EA 66 19.13 86.66 -34.53
C GLN EA 66 19.01 87.11 -33.08
N SER EA 67 19.59 86.36 -32.15
CA SER EA 67 19.65 86.74 -30.75
C SER EA 67 20.89 87.56 -30.42
N PHE EA 68 21.47 88.24 -31.40
CA PHE EA 68 22.67 89.02 -31.19
C PHE EA 68 22.27 90.40 -30.70
N CYS EA 69 22.19 90.57 -29.39
CA CYS EA 69 21.85 91.87 -28.79
C CYS EA 69 22.93 92.23 -27.78
N PRO EA 70 24.08 92.70 -28.25
CA PRO EA 70 25.12 93.13 -27.30
C PRO EA 70 24.80 94.51 -26.75
N THR EA 71 24.96 94.66 -25.45
CA THR EA 71 24.57 95.88 -24.77
C THR EA 71 25.76 96.56 -24.11
N VAL EA 72 25.70 97.89 -24.10
CA VAL EA 72 26.74 98.71 -23.47
C VAL EA 72 26.09 99.55 -22.40
N ASN EA 73 26.72 99.61 -21.23
CA ASN EA 73 26.18 100.44 -20.16
C ASN EA 73 26.46 101.91 -20.44
N LEU EA 74 25.77 102.77 -19.70
CA LEU EA 74 26.08 104.18 -19.79
C LEU EA 74 27.32 104.54 -19.00
N ASP EA 75 27.87 103.59 -18.24
CA ASP EA 75 29.17 103.79 -17.62
C ASP EA 75 30.24 104.06 -18.67
N LYS EA 76 30.39 103.12 -19.60
CA LYS EA 76 31.46 103.20 -20.58
C LYS EA 76 30.91 103.53 -21.96
N LEU EA 77 29.92 104.41 -22.01
CA LEU EA 77 29.50 104.97 -23.29
C LEU EA 77 30.55 105.91 -23.84
N TRP EA 78 31.21 106.65 -22.95
CA TRP EA 78 32.21 107.63 -23.34
C TRP EA 78 33.53 106.99 -23.73
N THR EA 79 33.78 105.73 -23.32
CA THR EA 79 34.98 105.03 -23.73
C THR EA 79 34.92 104.59 -25.18
N LEU EA 80 33.76 104.74 -25.82
CA LEU EA 80 33.63 104.31 -27.20
C LEU EA 80 34.37 105.26 -28.14
N VAL EA 81 34.57 106.49 -27.73
CA VAL EA 81 35.26 107.48 -28.52
C VAL EA 81 36.55 107.86 -27.81
N SER EA 82 37.36 108.69 -28.48
CA SER EA 82 38.59 109.19 -27.89
C SER EA 82 38.28 110.11 -26.71
N GLU EA 83 39.25 110.25 -25.82
CA GLU EA 83 39.08 111.10 -24.65
C GLU EA 83 39.04 112.58 -24.99
N GLN EA 84 39.49 112.95 -26.19
CA GLN EA 84 39.49 114.35 -26.60
C GLN EA 84 38.08 114.92 -26.63
N THR EA 85 37.11 114.10 -27.03
CA THR EA 85 35.71 114.52 -27.03
C THR EA 85 35.23 114.89 -25.64
N ARG EA 86 35.58 114.07 -24.64
CA ARG EA 86 35.18 114.36 -23.27
C ARG EA 86 35.85 115.63 -22.75
N VAL EA 87 36.99 116.01 -23.33
CA VAL EA 87 37.54 117.32 -23.03
C VAL EA 87 36.85 118.39 -23.87
N ASN EA 88 36.63 118.12 -25.16
CA ASN EA 88 36.02 119.12 -26.03
C ASN EA 88 34.56 119.37 -25.69
N ALA EA 89 33.85 118.37 -25.18
CA ALA EA 89 32.46 118.59 -24.79
C ALA EA 89 32.38 119.47 -23.54
N ALA EA 90 33.45 119.51 -22.75
CA ALA EA 90 33.46 120.37 -21.58
C ALA EA 90 33.84 121.81 -21.91
N LYS EA 91 34.57 122.05 -23.00
CA LYS EA 91 35.04 123.40 -23.26
C LYS EA 91 34.06 124.20 -24.10
N ASN EA 92 33.29 123.54 -24.96
CA ASN EA 92 32.46 124.26 -25.92
C ASN EA 92 31.28 124.93 -25.23
N LYS EA 93 30.81 126.01 -25.82
CA LYS EA 93 29.71 126.79 -25.26
C LYS EA 93 28.60 127.04 -26.27
N THR EA 94 28.86 126.83 -27.56
CA THR EA 94 27.85 127.08 -28.58
C THR EA 94 26.69 126.09 -28.49
N GLY EA 95 26.94 124.89 -27.99
CA GLY EA 95 25.90 123.91 -27.77
C GLY EA 95 25.85 122.78 -28.77
N ALA EA 96 26.92 122.55 -29.53
CA ALA EA 96 26.95 121.48 -30.51
C ALA EA 96 27.48 120.22 -29.84
N ALA EA 97 26.60 119.24 -29.64
CA ALA EA 97 26.99 118.02 -28.96
C ALA EA 97 27.61 117.03 -29.97
N PRO EA 98 28.65 116.30 -29.59
CA PRO EA 98 29.24 115.33 -30.51
C PRO EA 98 28.39 114.06 -30.59
N ILE EA 99 28.34 113.48 -31.78
CA ILE EA 99 27.54 112.29 -32.02
C ILE EA 99 28.41 111.05 -31.79
N ILE EA 100 27.96 110.19 -30.87
CA ILE EA 100 28.63 108.93 -30.59
C ILE EA 100 27.78 107.82 -31.18
N ASP EA 101 28.38 107.01 -32.05
CA ASP EA 101 27.65 105.93 -32.71
C ASP EA 101 27.80 104.65 -31.91
N VAL EA 102 26.72 104.22 -31.26
CA VAL EA 102 26.74 102.96 -30.51
C VAL EA 102 26.91 101.78 -31.45
N VAL EA 103 26.29 101.86 -32.64
CA VAL EA 103 26.28 100.74 -33.56
C VAL EA 103 27.67 100.49 -34.13
N ARG EA 104 28.46 101.55 -34.28
CA ARG EA 104 29.74 101.44 -34.96
C ARG EA 104 30.74 100.57 -34.20
N SER EA 105 30.72 100.64 -32.86
CA SER EA 105 31.60 99.78 -32.08
C SER EA 105 31.03 98.39 -31.89
N GLY EA 106 29.78 98.18 -32.26
CA GLY EA 106 29.23 96.84 -32.23
C GLY EA 106 28.28 96.58 -31.09
N TYR EA 107 27.63 97.60 -30.57
CA TYR EA 107 26.55 97.42 -29.64
C TYR EA 107 25.25 97.90 -30.28
N TYR EA 108 24.15 97.36 -29.80
CA TYR EA 108 22.85 97.76 -30.32
C TYR EA 108 21.92 98.29 -29.23
N LYS EA 109 21.92 97.69 -28.06
CA LYS EA 109 21.11 98.15 -26.95
C LYS EA 109 21.96 98.97 -26.01
N VAL EA 110 21.36 100.01 -25.44
CA VAL EA 110 22.03 100.88 -24.48
C VAL EA 110 21.28 100.82 -23.16
N LEU EA 111 22.02 100.67 -22.07
CA LEU EA 111 21.43 100.56 -20.75
C LEU EA 111 22.04 101.61 -19.85
N GLY EA 112 21.19 102.26 -19.04
CA GLY EA 112 21.64 103.33 -18.18
C GLY EA 112 22.06 102.90 -16.79
N LYS EA 113 23.22 102.27 -16.67
CA LYS EA 113 23.59 101.72 -15.38
C LYS EA 113 24.18 102.77 -14.44
N GLY EA 114 25.33 103.35 -14.79
CA GLY EA 114 26.05 104.23 -13.91
C GLY EA 114 25.58 105.67 -14.01
N LYS EA 115 26.52 106.58 -13.74
CA LYS EA 115 26.28 108.00 -13.88
C LYS EA 115 26.83 108.50 -15.21
N LEU EA 116 26.20 109.51 -15.77
CA LEU EA 116 26.72 110.17 -16.96
C LEU EA 116 27.34 111.51 -16.58
N PRO EA 117 28.47 111.88 -17.17
CA PRO EA 117 29.03 113.21 -16.93
C PRO EA 117 28.17 114.29 -17.58
N LYS EA 118 28.15 115.47 -16.96
CA LYS EA 118 27.25 116.54 -17.39
C LYS EA 118 27.70 117.19 -18.69
N GLN EA 119 27.30 116.60 -19.82
CA GLN EA 119 27.63 117.09 -21.15
C GLN EA 119 26.73 116.42 -22.18
N PRO EA 120 26.14 117.17 -23.10
CA PRO EA 120 25.15 116.57 -24.01
C PRO EA 120 25.79 115.69 -25.07
N VAL EA 121 25.05 114.64 -25.46
CA VAL EA 121 25.50 113.68 -26.46
C VAL EA 121 24.40 113.49 -27.48
N ILE EA 122 24.75 112.83 -28.58
CA ILE EA 122 23.79 112.31 -29.55
C ILE EA 122 24.19 110.87 -29.81
N VAL EA 123 23.43 109.92 -29.29
CA VAL EA 123 23.74 108.51 -29.38
C VAL EA 123 22.85 107.85 -30.43
N LYS EA 124 23.48 107.24 -31.43
CA LYS EA 124 22.79 106.50 -32.48
C LYS EA 124 22.91 105.02 -32.15
N ALA EA 125 21.79 104.38 -31.84
CA ALA EA 125 21.78 102.97 -31.49
C ALA EA 125 20.66 102.27 -32.23
N LYS EA 126 20.66 100.94 -32.15
CA LYS EA 126 19.57 100.16 -32.71
C LYS EA 126 18.47 99.93 -31.69
N PHE EA 127 18.81 99.97 -30.40
CA PHE EA 127 17.85 99.75 -29.33
C PHE EA 127 18.19 100.68 -28.18
N PHE EA 128 17.25 100.80 -27.24
CA PHE EA 128 17.45 101.63 -26.07
C PHE EA 128 16.73 101.00 -24.88
N SER EA 129 16.72 101.74 -23.78
CA SER EA 129 15.93 101.41 -22.60
C SER EA 129 15.30 102.68 -22.05
N ARG EA 130 14.21 102.50 -21.30
CA ARG EA 130 13.51 103.63 -20.71
C ARG EA 130 14.39 104.36 -19.72
N ARG EA 131 15.00 103.62 -18.80
CA ARG EA 131 15.93 104.22 -17.85
C ARG EA 131 17.18 104.73 -18.55
N ALA EA 132 17.54 104.12 -19.69
CA ALA EA 132 18.67 104.64 -20.46
C ALA EA 132 18.28 105.92 -21.19
N GLU EA 133 17.04 106.00 -21.66
CA GLU EA 133 16.57 107.24 -22.27
C GLU EA 133 16.38 108.33 -21.21
N GLU EA 134 16.02 107.93 -19.99
CA GLU EA 134 15.77 108.91 -18.95
C GLU EA 134 17.07 109.47 -18.38
N LYS EA 135 18.18 108.78 -18.57
CA LYS EA 135 19.48 109.32 -18.16
C LYS EA 135 20.04 110.26 -19.22
N ILE EA 136 19.67 110.05 -20.48
CA ILE EA 136 20.24 110.83 -21.57
C ILE EA 136 19.52 112.15 -21.72
N LYS EA 137 18.19 112.14 -21.65
CA LYS EA 137 17.44 113.39 -21.69
C LYS EA 137 17.69 114.23 -20.44
N GLY EA 138 17.91 113.58 -19.30
CA GLY EA 138 18.14 114.31 -18.06
C GLY EA 138 19.48 115.00 -17.97
N VAL EA 139 20.48 114.51 -18.70
CA VAL EA 139 21.81 115.11 -18.66
C VAL EA 139 21.94 116.26 -19.66
N GLY EA 140 21.09 116.31 -20.67
CA GLY EA 140 21.17 117.31 -21.70
C GLY EA 140 21.32 116.76 -23.10
N GLY EA 141 21.57 115.47 -23.25
CA GLY EA 141 21.62 114.85 -24.56
C GLY EA 141 20.25 114.34 -25.00
N ALA EA 142 20.25 113.67 -26.14
CA ALA EA 142 19.04 113.08 -26.69
C ALA EA 142 19.39 111.80 -27.42
N CYS EA 143 18.40 110.93 -27.57
CA CYS EA 143 18.59 109.61 -28.16
C CYS EA 143 18.17 109.64 -29.62
N VAL EA 144 18.99 109.03 -30.49
CA VAL EA 144 18.67 108.88 -31.90
C VAL EA 144 18.57 107.39 -32.18
N LEU EA 145 17.42 106.94 -32.64
CA LEU EA 145 17.26 105.55 -33.02
C LEU EA 145 17.57 105.41 -34.49
N VAL EA 146 18.13 104.27 -34.86
CA VAL EA 146 18.56 104.02 -36.24
C VAL EA 146 18.40 102.53 -36.51
N ALA EA 147 18.38 102.17 -37.78
CA ALA EA 147 18.27 100.76 -38.18
C ALA EA 147 19.58 100.28 -38.80
N ALA FA 2 24.32 37.33 6.16
CA ALA FA 2 25.24 37.90 7.13
C ALA FA 2 24.56 38.94 7.98
N LYS FA 3 24.40 38.66 9.27
CA LYS FA 3 23.82 39.64 10.17
C LYS FA 3 24.82 40.76 10.42
N SER FA 4 24.35 41.85 11.00
CA SER FA 4 25.19 43.02 11.18
C SER FA 4 24.61 43.87 12.31
N LYS FA 5 25.49 44.64 12.95
CA LYS FA 5 25.05 45.62 13.92
C LYS FA 5 24.17 46.67 13.24
N ASN FA 6 22.95 46.84 13.73
CA ASN FA 6 22.02 47.72 13.04
C ASN FA 6 22.37 49.17 13.34
N HIS FA 7 22.34 49.55 14.60
CA HIS FA 7 22.60 50.93 15.01
C HIS FA 7 23.30 50.93 16.36
N THR FA 8 24.25 51.85 16.53
CA THR FA 8 24.89 52.06 17.82
C THR FA 8 25.46 53.47 17.84
N THR FA 9 25.77 53.95 19.03
CA THR FA 9 26.30 55.30 19.20
C THR FA 9 27.50 55.30 20.13
N HIS FA 10 28.47 54.42 19.91
CA HIS FA 10 29.58 54.30 20.85
C HIS FA 10 30.59 55.43 20.67
N ASN FA 11 31.15 55.55 19.47
CA ASN FA 11 32.13 56.59 19.18
C ASN FA 11 31.50 57.83 18.59
N GLN FA 12 30.55 58.44 19.28
CA GLN FA 12 29.96 59.66 18.76
C GLN FA 12 30.31 60.89 19.59
N SER FA 13 30.28 60.76 20.91
CA SER FA 13 30.62 61.88 21.77
C SER FA 13 32.08 62.26 21.63
N ARG FA 14 32.97 61.27 21.48
CA ARG FA 14 34.36 61.59 21.24
C ARG FA 14 34.58 62.18 19.85
N LYS FA 15 33.75 61.80 18.89
CA LYS FA 15 33.85 62.42 17.57
C LYS FA 15 33.40 63.87 17.59
N TRP FA 16 32.34 64.17 18.35
CA TRP FA 16 31.77 65.51 18.31
C TRP FA 16 32.70 66.53 18.95
N HIS FA 17 33.38 66.16 20.04
CA HIS FA 17 34.17 67.10 20.80
C HIS FA 17 35.55 67.36 20.21
N ARG FA 18 35.87 66.75 19.07
CA ARG FA 18 37.19 66.98 18.48
C ARG FA 18 37.31 68.36 17.86
N ASN FA 19 36.19 68.95 17.44
CA ASN FA 19 36.18 70.32 16.98
C ASN FA 19 35.18 71.17 17.75
N GLY FA 20 34.81 70.74 18.96
CA GLY FA 20 33.99 71.53 19.84
C GLY FA 20 32.51 71.50 19.51
N ILE FA 21 31.66 71.35 20.52
CA ILE FA 21 30.24 71.56 20.36
C ILE FA 21 30.03 73.07 20.44
N LYS FA 22 30.06 73.74 19.29
CA LYS FA 22 30.08 75.18 19.28
C LYS FA 22 28.67 75.75 19.22
N LYS FA 23 28.42 76.72 20.08
CA LYS FA 23 27.14 77.41 20.20
C LYS FA 23 26.87 78.23 18.94
N PRO FA 24 25.62 78.62 18.69
CA PRO FA 24 25.36 79.53 17.57
C PRO FA 24 26.03 80.88 17.83
N ARG FA 25 26.52 81.49 16.75
CA ARG FA 25 27.37 82.67 16.85
C ARG FA 25 26.63 83.86 17.44
N SER FA 26 27.13 84.37 18.56
CA SER FA 26 26.55 85.54 19.19
C SER FA 26 26.70 86.74 18.27
N GLN FA 27 25.57 87.35 17.94
CA GLN FA 27 25.55 88.39 16.93
C GLN FA 27 24.35 89.30 17.14
N ARG FA 28 24.62 90.57 17.45
CA ARG FA 28 23.53 91.54 17.46
C ARG FA 28 23.10 91.86 16.03
N TYR FA 29 21.97 92.55 15.91
CA TYR FA 29 21.22 92.70 14.66
C TYR FA 29 20.84 91.33 14.11
N GLU FA 30 19.97 90.62 14.82
CA GLU FA 30 19.36 89.43 14.25
C GLU FA 30 18.40 89.81 13.14
N SER FA 31 18.19 88.89 12.21
CA SER FA 31 17.41 89.20 11.02
C SER FA 31 15.93 89.31 11.36
N LEU FA 32 15.13 89.65 10.36
CA LEU FA 32 13.68 89.71 10.53
C LEU FA 32 12.97 88.84 9.52
N LYS FA 33 13.47 87.62 9.31
CA LYS FA 33 12.82 86.62 8.48
C LYS FA 33 11.96 85.78 9.40
N GLY FA 34 10.64 85.98 9.32
CA GLY FA 34 9.74 85.22 10.15
C GLY FA 34 8.76 86.08 10.93
N VAL FA 35 9.03 87.38 10.96
CA VAL FA 35 8.16 88.30 11.68
C VAL FA 35 6.84 88.43 10.93
N ASP FA 36 5.77 88.73 11.66
CA ASP FA 36 4.47 88.92 11.04
C ASP FA 36 4.51 90.10 10.08
N PRO FA 37 4.11 89.92 8.82
CA PRO FA 37 4.33 90.97 7.82
C PRO FA 37 3.53 92.24 8.04
N LYS FA 38 2.38 92.16 8.72
CA LYS FA 38 1.64 93.38 9.01
C LYS FA 38 2.39 94.28 9.96
N PHE FA 39 3.11 93.70 10.92
CA PHE FA 39 3.98 94.50 11.78
C PHE FA 39 5.22 94.95 11.04
N LEU FA 40 5.72 94.11 10.13
CA LEU FA 40 6.96 94.43 9.43
C LEU FA 40 6.75 95.54 8.41
N ARG FA 41 5.67 95.48 7.64
CA ARG FA 41 5.44 96.50 6.61
C ARG FA 41 5.11 97.84 7.24
N ASN FA 42 4.68 97.83 8.51
CA ASN FA 42 4.53 99.09 9.25
C ASN FA 42 5.88 99.68 9.60
N MET FA 43 6.78 98.85 10.14
CA MET FA 43 8.10 99.31 10.54
C MET FA 43 8.92 99.83 9.36
N ARG FA 44 8.70 99.30 8.16
CA ARG FA 44 9.38 99.85 6.99
C ARG FA 44 8.85 101.23 6.66
N PHE FA 45 7.54 101.45 6.82
CA PHE FA 45 7.00 102.79 6.67
C PHE FA 45 7.51 103.73 7.74
N ALA FA 46 7.83 103.21 8.92
CA ALA FA 46 8.50 104.02 9.93
C ALA FA 46 9.95 104.31 9.55
N LYS FA 47 10.58 103.41 8.81
CA LYS FA 47 11.90 103.69 8.27
C LYS FA 47 11.83 104.42 6.93
N LYS FA 48 10.66 104.47 6.30
CA LYS FA 48 10.50 105.23 5.07
C LYS FA 48 10.27 106.71 5.34
N HIS FA 49 9.56 107.05 6.41
CA HIS FA 49 9.26 108.42 6.76
C HIS FA 49 10.15 108.90 7.90
N ASN FA 50 11.40 108.45 7.92
CA ASN FA 50 12.28 108.78 9.03
C ASN FA 50 12.89 110.16 8.90
N LYS FA 51 12.67 110.86 7.78
CA LYS FA 51 13.16 112.22 7.62
C LYS FA 51 12.08 113.26 7.91
N LYS FA 52 10.83 112.83 8.11
CA LYS FA 52 9.71 113.77 8.17
C LYS FA 52 9.72 114.58 9.46
N GLY FA 53 10.37 114.10 10.50
CA GLY FA 53 10.48 114.85 11.73
C GLY FA 53 11.93 115.14 12.06
N LEU FA 54 12.76 115.30 11.03
CA LEU FA 54 14.19 115.46 11.23
C LEU FA 54 14.52 116.80 11.86
N LYS FA 55 13.99 117.90 11.31
CA LYS FA 55 14.28 119.22 11.86
C LYS FA 55 13.65 119.43 13.23
N LYS FA 56 12.61 118.66 13.55
CA LYS FA 56 12.08 118.67 14.92
C LYS FA 56 13.12 118.17 15.91
N MET FA 57 14.01 117.28 15.47
CA MET FA 57 15.06 116.77 16.35
C MET FA 57 16.15 117.82 16.58
N GLN FA 58 16.59 118.49 15.51
CA GLN FA 58 17.79 119.32 15.60
C GLN FA 58 17.58 120.53 16.50
N ALA FA 59 16.41 121.16 16.43
CA ALA FA 59 16.10 122.23 17.35
C ALA FA 59 15.85 121.72 18.76
N ASN FA 60 15.46 120.44 18.89
CA ASN FA 60 15.33 119.83 20.21
C ASN FA 60 16.68 119.28 20.66
N ASN FA 61 17.55 118.94 19.72
CA ASN FA 61 18.90 118.51 20.06
C ASN FA 61 19.77 119.64 20.57
N ALA FA 62 19.63 120.84 20.00
CA ALA FA 62 20.43 121.97 20.45
C ALA FA 62 20.02 122.42 21.85
N LYS FA 63 18.72 122.40 22.14
CA LYS FA 63 18.26 122.61 23.51
C LYS FA 63 18.65 121.45 24.42
N ALA FA 64 18.88 120.25 23.87
CA ALA FA 64 19.48 119.17 24.63
C ALA FA 64 20.99 119.30 24.69
N MET FA 65 21.60 120.01 23.73
CA MET FA 65 23.02 120.34 23.84
C MET FA 65 23.26 121.36 24.95
N ALA FA 66 22.37 122.35 25.07
CA ALA FA 66 22.47 123.31 26.15
C ALA FA 66 21.94 122.75 27.46
N ALA FA 67 21.13 121.70 27.42
CA ALA FA 67 20.62 121.09 28.64
C ALA FA 67 21.76 120.47 29.45
N ARG FA 68 22.71 119.86 28.78
CA ARG FA 68 23.90 119.37 29.45
C ARG FA 68 24.96 120.45 29.61
N ALA FA 69 24.89 121.53 28.82
CA ALA FA 69 25.91 122.56 28.89
C ALA FA 69 25.66 123.53 30.03
N GLU FA 70 24.41 123.93 30.24
CA GLU FA 70 24.12 124.89 31.29
C GLU FA 70 23.83 124.22 32.64
N ALA FA 71 23.67 122.89 32.66
CA ALA FA 71 23.62 122.19 33.92
C ALA FA 71 25.00 122.06 34.55
N ILE FA 72 26.03 121.77 33.74
CA ILE FA 72 27.39 121.66 34.27
C ILE FA 72 28.02 123.02 34.55
N LYS FA 73 27.49 124.09 33.95
CA LYS FA 73 28.04 125.41 34.24
C LYS FA 73 27.69 125.88 35.64
N ALA FA 74 26.60 125.36 36.20
CA ALA FA 74 26.33 125.53 37.62
C ALA FA 74 27.31 124.75 38.47
N LEU FA 75 27.84 123.64 37.96
CA LEU FA 75 28.83 122.84 38.68
C LEU FA 75 30.25 123.23 38.35
N VAL FA 76 30.46 124.01 37.28
CA VAL FA 76 31.77 124.57 36.96
C VAL FA 76 31.71 126.09 37.01
N VAL FA 89 51.17 98.89 55.97
CA VAL FA 89 50.31 98.80 57.14
C VAL FA 89 51.06 99.57 58.25
N SER FA 90 52.09 100.29 57.83
CA SER FA 90 52.85 101.16 58.73
C SER FA 90 53.49 102.25 57.90
N ARG FA 91 54.02 103.26 58.57
CA ARG FA 91 54.67 104.37 57.88
C ARG FA 91 56.17 104.14 57.70
N LYS FA 92 56.75 103.12 58.32
CA LYS FA 92 58.15 102.78 58.09
C LYS FA 92 58.36 102.15 56.72
N LEU FA 93 57.37 101.44 56.20
CA LEU FA 93 57.46 100.78 54.92
C LEU FA 93 56.86 101.61 53.78
N HIS FA 94 55.82 102.39 54.07
CA HIS FA 94 55.19 103.23 53.06
C HIS FA 94 56.09 104.38 52.63
N ARG FA 95 56.91 104.89 53.55
CA ARG FA 95 57.87 105.93 53.17
C ARG FA 95 58.99 105.37 52.30
N LEU FA 96 59.40 104.13 52.57
CA LEU FA 96 60.57 103.58 51.86
C LEU FA 96 60.25 103.25 50.41
N ALA FA 97 59.00 102.89 50.11
CA ALA FA 97 58.61 102.71 48.72
C ALA FA 97 58.60 104.03 47.98
N TYR FA 98 58.36 105.14 48.68
CA TYR FA 98 58.51 106.46 48.08
C TYR FA 98 59.98 106.76 47.80
N ILE FA 99 60.87 106.32 48.69
CA ILE FA 99 62.30 106.49 48.48
C ILE FA 99 62.76 105.75 47.23
N ALA FA 100 62.40 104.48 47.10
CA ALA FA 100 62.80 103.69 45.95
C ALA FA 100 61.99 104.01 44.70
N HIS FA 101 61.06 104.96 44.75
CA HIS FA 101 60.22 105.27 43.60
C HIS FA 101 61.04 106.01 42.55
N PRO FA 102 61.16 105.47 41.33
CA PRO FA 102 61.93 106.20 40.30
C PRO FA 102 61.18 107.38 39.71
N LYS FA 103 59.85 107.38 39.77
CA LYS FA 103 59.09 108.46 39.14
C LYS FA 103 58.91 109.65 40.08
N LEU FA 104 58.31 109.42 41.25
CA LEU FA 104 58.00 110.50 42.18
C LEU FA 104 58.97 110.57 43.35
N GLY FA 105 60.06 109.81 43.33
CA GLY FA 105 61.00 109.81 44.43
C GLY FA 105 62.38 110.27 44.01
N ARG FA 106 62.45 111.03 42.91
CA ARG FA 106 63.72 111.56 42.44
C ARG FA 106 64.32 112.53 43.46
N ARG FA 107 63.53 113.51 43.89
CA ARG FA 107 63.92 114.42 44.95
C ARG FA 107 64.15 113.72 46.29
N ALA FA 108 63.51 112.58 46.51
CA ALA FA 108 63.63 111.84 47.76
C ALA FA 108 65.02 111.29 47.99
N ARG FA 109 65.61 110.64 46.99
CA ARG FA 109 66.95 110.07 47.16
C ARG FA 109 68.02 111.13 46.95
N ALA FA 110 68.03 112.16 47.79
CA ALA FA 110 68.99 113.24 47.68
C ALA FA 110 69.82 113.42 48.94
N ARG FA 111 69.21 113.33 50.12
CA ARG FA 111 69.96 113.49 51.37
C ARG FA 111 70.89 112.31 51.60
N ILE FA 112 70.55 111.15 51.04
CA ILE FA 112 71.35 109.96 51.26
C ILE FA 112 72.65 109.97 50.45
N ALA FA 113 72.64 110.59 49.27
CA ALA FA 113 73.89 110.80 48.53
C ALA FA 113 74.78 111.80 49.25
N ARG FA 114 74.17 112.70 50.02
CA ARG FA 114 74.90 113.56 50.95
C ARG FA 114 75.01 112.94 52.33
N GLY FA 115 74.27 111.86 52.61
CA GLY FA 115 74.45 111.14 53.85
C GLY FA 115 75.63 110.21 53.84
N LEU FA 116 76.13 109.84 52.66
CA LEU FA 116 77.34 109.06 52.54
C LEU FA 116 78.60 109.91 52.71
N ARG FA 117 78.60 111.11 52.13
CA ARG FA 117 79.73 112.02 52.23
C ARG FA 117 79.92 112.53 53.65
N SER GA 1 -22.25 -36.04 -73.34
CA SER GA 1 -21.49 -36.26 -74.57
C SER GA 1 -20.00 -36.37 -74.27
N LEU GA 2 -19.45 -35.35 -73.59
CA LEU GA 2 -18.02 -35.37 -73.24
C LEU GA 2 -17.72 -36.50 -72.25
N GLU GA 3 -18.64 -36.77 -71.34
CA GLU GA 3 -18.51 -37.92 -70.47
C GLU GA 3 -18.62 -39.23 -71.25
N SER GA 4 -19.39 -39.22 -72.34
CA SER GA 4 -19.45 -40.39 -73.21
C SER GA 4 -18.15 -40.57 -73.99
N ILE GA 5 -17.43 -39.49 -74.24
CA ILE GA 5 -16.11 -39.59 -74.86
C ILE GA 5 -15.12 -40.23 -73.91
N ASN GA 6 -15.30 -40.04 -72.61
CA ASN GA 6 -14.53 -40.80 -71.63
C ASN GA 6 -14.85 -42.30 -71.73
N SER GA 7 -16.08 -42.63 -72.12
CA SER GA 7 -16.39 -44.02 -72.43
C SER GA 7 -15.93 -44.41 -73.82
N ARG GA 8 -15.90 -43.46 -74.76
CA ARG GA 8 -15.35 -43.75 -76.09
C ARG GA 8 -13.85 -43.93 -76.03
N LEU GA 9 -13.19 -43.29 -75.07
CA LEU GA 9 -11.74 -43.42 -74.97
C LEU GA 9 -11.35 -44.70 -74.27
N GLN GA 10 -12.00 -45.02 -73.15
CA GLN GA 10 -11.63 -46.20 -72.37
C GLN GA 10 -11.92 -47.48 -73.14
N LEU GA 11 -12.93 -47.46 -74.02
CA LEU GA 11 -13.19 -48.62 -74.86
C LEU GA 11 -12.19 -48.71 -76.01
N VAL GA 12 -11.60 -47.59 -76.41
CA VAL GA 12 -10.48 -47.67 -77.33
C VAL GA 12 -9.25 -48.21 -76.62
N MET GA 13 -9.09 -47.86 -75.34
CA MET GA 13 -7.85 -48.18 -74.62
C MET GA 13 -7.77 -49.66 -74.25
N LYS GA 14 -8.80 -50.45 -74.53
CA LYS GA 14 -8.70 -51.89 -74.34
C LYS GA 14 -8.58 -52.66 -75.63
N SER GA 15 -9.14 -52.15 -76.73
CA SER GA 15 -9.16 -52.91 -77.97
C SER GA 15 -8.31 -52.28 -79.06
N GLY GA 16 -8.61 -51.02 -79.37
CA GLY GA 16 -8.05 -50.41 -80.56
C GLY GA 16 -6.59 -50.07 -80.43
N LYS GA 17 -6.03 -49.58 -81.53
CA LYS GA 17 -4.64 -49.16 -81.55
C LYS GA 17 -4.53 -47.64 -81.44
N TYR GA 18 -3.69 -47.20 -80.53
CA TYR GA 18 -3.57 -45.80 -80.18
C TYR GA 18 -2.10 -45.47 -80.01
N VAL GA 19 -1.77 -44.20 -80.21
CA VAL GA 19 -0.39 -43.73 -80.09
C VAL GA 19 -0.39 -42.54 -79.15
N LEU GA 20 0.15 -42.72 -77.95
CA LEU GA 20 0.38 -41.62 -77.04
C LEU GA 20 1.54 -40.76 -77.54
N GLY GA 21 1.69 -39.59 -76.94
CA GLY GA 21 2.87 -38.78 -77.20
C GLY GA 21 2.74 -37.95 -78.47
N TYR GA 22 3.74 -37.10 -78.66
CA TYR GA 22 3.77 -36.14 -79.77
C TYR GA 22 4.53 -36.68 -80.98
N LYS GA 23 5.81 -37.02 -80.80
CA LYS GA 23 6.65 -37.41 -81.93
C LYS GA 23 6.17 -38.72 -82.55
N GLN GA 24 5.83 -39.70 -81.70
CA GLN GA 24 5.35 -40.98 -82.19
C GLN GA 24 4.03 -40.85 -82.93
N SER GA 25 3.23 -39.83 -82.59
CA SER GA 25 1.93 -39.66 -83.21
C SER GA 25 2.00 -38.94 -84.54
N LEU GA 26 3.00 -38.10 -84.74
CA LEU GA 26 3.06 -37.28 -85.95
C LEU GA 26 3.44 -38.11 -87.17
N LYS GA 27 4.27 -39.14 -87.01
CA LYS GA 27 4.65 -39.97 -88.14
C LYS GA 27 3.49 -40.80 -88.63
N MET GA 28 2.64 -41.30 -87.73
CA MET GA 28 1.47 -42.07 -88.13
C MET GA 28 0.48 -41.21 -88.90
N ILE GA 29 0.38 -39.94 -88.53
CA ILE GA 29 -0.33 -38.97 -89.38
C ILE GA 29 0.36 -38.83 -90.72
N ARG GA 30 1.68 -38.79 -90.71
CA ARG GA 30 2.44 -38.63 -91.94
C ARG GA 30 2.39 -39.89 -92.79
N GLN GA 31 2.28 -41.06 -92.17
CA GLN GA 31 2.05 -42.31 -92.89
C GLN GA 31 0.60 -42.48 -93.31
N GLY GA 32 -0.28 -41.55 -92.94
CA GLY GA 32 -1.68 -41.63 -93.30
C GLY GA 32 -2.49 -42.66 -92.55
N LYS GA 33 -1.94 -43.23 -91.48
CA LYS GA 33 -2.62 -44.33 -90.80
C LYS GA 33 -3.70 -43.83 -89.85
N ALA GA 34 -3.32 -42.97 -88.90
CA ALA GA 34 -4.24 -42.58 -87.83
C ALA GA 34 -5.36 -41.68 -88.35
N LYS GA 35 -6.58 -41.96 -87.89
CA LYS GA 35 -7.76 -41.32 -88.44
C LYS GA 35 -8.34 -40.23 -87.56
N LEU GA 36 -8.10 -40.25 -86.25
CA LEU GA 36 -8.53 -39.19 -85.37
C LEU GA 36 -7.34 -38.72 -84.54
N VAL GA 37 -7.37 -37.44 -84.18
CA VAL GA 37 -6.34 -36.85 -83.33
C VAL GA 37 -7.00 -36.04 -82.23
N ILE GA 38 -6.39 -36.08 -81.04
CA ILE GA 38 -6.87 -35.37 -79.87
C ILE GA 38 -5.76 -34.46 -79.39
N LEU GA 39 -6.07 -33.17 -79.19
CA LEU GA 39 -5.16 -32.23 -78.57
C LEU GA 39 -5.75 -31.69 -77.28
N ALA GA 40 -4.95 -31.66 -76.23
CA ALA GA 40 -5.34 -30.97 -75.01
C ALA GA 40 -5.25 -29.46 -75.21
N ASN GA 41 -5.96 -28.72 -74.36
CA ASN GA 41 -5.96 -27.27 -74.48
C ASN GA 41 -4.70 -26.64 -73.92
N ASN GA 42 -4.16 -27.19 -72.83
CA ASN GA 42 -2.93 -26.66 -72.26
C ASN GA 42 -1.69 -27.10 -73.02
N CYS GA 43 -1.85 -27.96 -74.03
CA CYS GA 43 -0.80 -28.21 -75.00
C CYS GA 43 -0.41 -26.89 -75.67
N PRO GA 44 0.87 -26.71 -75.98
CA PRO GA 44 1.33 -25.46 -76.59
C PRO GA 44 0.59 -25.10 -77.88
N ALA GA 45 0.39 -23.80 -78.06
CA ALA GA 45 -0.30 -23.30 -79.25
C ALA GA 45 0.47 -23.61 -80.52
N LEU GA 46 1.80 -23.65 -80.45
CA LEU GA 46 2.57 -24.02 -81.62
C LEU GA 46 2.49 -25.52 -81.89
N ARG GA 47 2.22 -26.32 -80.87
CA ARG GA 47 1.84 -27.71 -81.09
C ARG GA 47 0.34 -27.88 -81.27
N LYS GA 48 -0.42 -26.78 -81.21
CA LYS GA 48 -1.85 -26.87 -81.48
C LYS GA 48 -2.16 -26.64 -82.94
N SER GA 49 -1.48 -25.69 -83.58
CA SER GA 49 -1.81 -25.32 -84.93
C SER GA 49 -1.04 -26.10 -85.98
N GLU GA 50 0.11 -26.67 -85.64
CA GLU GA 50 0.84 -27.47 -86.63
C GLU GA 50 0.13 -28.80 -86.88
N ILE GA 51 -0.43 -29.40 -85.84
CA ILE GA 51 -1.20 -30.62 -86.00
C ILE GA 51 -2.50 -30.32 -86.73
N GLU GA 52 -3.12 -29.18 -86.43
CA GLU GA 52 -4.29 -28.73 -87.19
C GLU GA 52 -3.91 -28.36 -88.62
N TYR GA 53 -2.63 -28.13 -88.90
CA TYR GA 53 -2.16 -28.09 -90.29
C TYR GA 53 -1.80 -29.49 -90.78
N TYR GA 54 -1.16 -30.28 -89.93
CA TYR GA 54 -0.81 -31.66 -90.29
C TYR GA 54 -2.05 -32.49 -90.60
N ALA GA 55 -3.17 -32.15 -89.97
CA ALA GA 55 -4.44 -32.75 -90.35
C ALA GA 55 -4.88 -32.34 -91.74
N MET GA 56 -4.59 -31.10 -92.15
CA MET GA 56 -5.06 -30.64 -93.45
C MET GA 56 -4.36 -31.35 -94.59
N LEU GA 57 -3.11 -31.78 -94.37
CA LEU GA 57 -2.41 -32.55 -95.39
C LEU GA 57 -2.87 -33.99 -95.46
N ALA GA 58 -3.42 -34.53 -94.38
CA ALA GA 58 -3.85 -35.93 -94.34
C ALA GA 58 -5.36 -36.08 -94.26
N LYS GA 59 -6.10 -34.97 -94.23
CA LYS GA 59 -7.56 -34.96 -94.18
C LYS GA 59 -8.07 -35.74 -92.97
N THR GA 60 -7.46 -35.46 -91.82
CA THR GA 60 -7.69 -36.21 -90.60
C THR GA 60 -8.55 -35.39 -89.65
N GLY GA 61 -9.55 -36.02 -89.06
CA GLY GA 61 -10.46 -35.32 -88.17
C GLY GA 61 -9.78 -35.00 -86.85
N VAL GA 62 -9.98 -33.77 -86.38
CA VAL GA 62 -9.38 -33.29 -85.14
C VAL GA 62 -10.48 -33.15 -84.10
N HIS GA 63 -10.34 -33.82 -82.97
CA HIS GA 63 -11.22 -33.63 -81.83
C HIS GA 63 -10.43 -32.92 -80.74
N HIS GA 64 -10.60 -31.61 -80.66
CA HIS GA 64 -9.94 -30.83 -79.63
C HIS GA 64 -10.51 -31.19 -78.27
N TYR GA 65 -9.67 -31.70 -77.38
CA TYR GA 65 -10.09 -32.20 -76.09
C TYR GA 65 -10.42 -31.04 -75.17
N SER GA 66 -11.18 -31.34 -74.11
CA SER GA 66 -11.68 -30.26 -73.26
C SER GA 66 -10.69 -29.90 -72.15
N GLY GA 67 -10.23 -30.89 -71.37
CA GLY GA 67 -9.36 -30.61 -70.25
C GLY GA 67 -7.89 -30.59 -70.64
N ASN GA 68 -7.05 -30.49 -69.60
CA ASN GA 68 -5.62 -30.40 -69.84
C ASN GA 68 -5.01 -31.77 -70.10
N ASN GA 69 -3.72 -31.81 -70.39
CA ASN GA 69 -3.01 -33.07 -70.59
C ASN GA 69 -2.92 -33.91 -69.31
N ILE GA 70 -3.07 -33.28 -68.14
CA ILE GA 70 -3.07 -34.05 -66.89
C ILE GA 70 -4.32 -34.91 -66.80
N GLU GA 71 -5.50 -34.29 -66.92
CA GLU GA 71 -6.74 -35.05 -66.81
C GLU GA 71 -7.09 -35.77 -68.10
N LEU GA 72 -6.38 -35.48 -69.18
CA LEU GA 72 -6.40 -36.34 -70.35
C LEU GA 72 -5.61 -37.61 -70.12
N GLY GA 73 -4.50 -37.52 -69.41
CA GLY GA 73 -3.68 -38.69 -69.14
C GLY GA 73 -4.37 -39.71 -68.26
N THR GA 74 -5.11 -39.24 -67.26
CA THR GA 74 -5.92 -40.14 -66.46
C THR GA 74 -7.08 -40.73 -67.25
N ALA GA 75 -7.54 -40.04 -68.30
CA ALA GA 75 -8.63 -40.56 -69.12
C ALA GA 75 -8.20 -41.71 -70.01
N CYS GA 76 -6.92 -41.80 -70.36
CA CYS GA 76 -6.40 -42.92 -71.14
C CYS GA 76 -5.97 -44.09 -70.26
N GLY GA 77 -6.29 -44.05 -68.98
CA GLY GA 77 -5.93 -45.14 -68.09
C GLY GA 77 -4.46 -45.24 -67.77
N LYS GA 78 -3.67 -44.25 -68.16
CA LYS GA 78 -2.24 -44.23 -67.86
C LYS GA 78 -1.99 -43.37 -66.64
N TYR GA 79 -0.86 -43.61 -65.99
CA TYR GA 79 -0.48 -42.87 -64.79
C TYR GA 79 0.48 -41.73 -65.10
N TYR GA 80 0.52 -41.29 -66.36
CA TYR GA 80 1.32 -40.16 -66.78
C TYR GA 80 0.49 -39.28 -67.70
N ARG GA 81 1.04 -38.14 -68.07
CA ARG GA 81 0.31 -37.18 -68.88
C ARG GA 81 0.50 -37.48 -70.36
N VAL GA 82 -0.46 -37.03 -71.16
CA VAL GA 82 -0.36 -37.10 -72.62
C VAL GA 82 -1.13 -35.93 -73.19
N CYS GA 83 -0.54 -35.29 -74.20
CA CYS GA 83 -1.17 -34.16 -74.87
C CYS GA 83 -1.79 -34.54 -76.21
N THR GA 84 -1.13 -35.38 -77.00
CA THR GA 84 -1.55 -35.71 -78.34
C THR GA 84 -1.88 -37.21 -78.43
N LEU GA 85 -3.05 -37.53 -78.94
CA LEU GA 85 -3.49 -38.90 -79.16
C LEU GA 85 -3.78 -39.05 -80.63
N SER GA 86 -3.29 -40.13 -81.23
CA SER GA 86 -3.66 -40.50 -82.59
C SER GA 86 -4.14 -41.93 -82.60
N ILE GA 87 -5.41 -42.13 -82.95
CA ILE GA 87 -6.01 -43.46 -82.98
C ILE GA 87 -5.67 -44.10 -84.31
N ILE GA 88 -4.89 -45.17 -84.26
CA ILE GA 88 -4.61 -45.92 -85.49
C ILE GA 88 -5.85 -46.68 -85.94
N ASP GA 89 -6.43 -47.48 -85.06
CA ASP GA 89 -7.64 -48.24 -85.32
C ASP GA 89 -8.59 -48.07 -84.14
N PRO GA 90 -9.82 -47.59 -84.37
CA PRO GA 90 -10.78 -47.54 -83.26
C PRO GA 90 -11.25 -48.91 -82.84
N GLY GA 91 -11.39 -49.82 -83.80
CA GLY GA 91 -11.73 -51.20 -83.52
C GLY GA 91 -13.21 -51.45 -83.33
N ASP GA 92 -13.73 -51.08 -82.16
CA ASP GA 92 -15.12 -51.42 -81.85
C ASP GA 92 -15.85 -50.28 -81.15
N SER GA 93 -15.32 -49.06 -81.19
CA SER GA 93 -15.99 -47.90 -80.65
C SER GA 93 -16.63 -47.10 -81.76
N ASP GA 94 -17.56 -46.22 -81.40
CA ASP GA 94 -18.21 -45.32 -82.34
C ASP GA 94 -17.51 -43.97 -82.37
N ILE GA 95 -16.20 -43.97 -82.12
CA ILE GA 95 -15.46 -42.73 -81.90
C ILE GA 95 -15.31 -41.90 -83.17
N ILE GA 96 -15.59 -42.48 -84.34
CA ILE GA 96 -15.48 -41.72 -85.59
C ILE GA 96 -16.82 -41.21 -86.09
N ARG GA 97 -17.93 -41.60 -85.47
CA ARG GA 97 -19.26 -41.24 -85.95
C ARG GA 97 -19.77 -39.95 -85.34
N SER GA 98 -18.86 -39.05 -84.95
CA SER GA 98 -19.25 -37.73 -84.48
C SER GA 98 -18.13 -36.73 -84.73
N ASN HA 1 108.13 -29.60 -10.94
CA ASN HA 1 107.90 -28.82 -9.73
C ASN HA 1 106.59 -28.04 -9.82
N GLU HA 2 106.35 -27.42 -10.98
CA GLU HA 2 105.22 -26.53 -11.14
C GLU HA 2 104.34 -26.83 -12.35
N VAL HA 3 104.89 -27.39 -13.42
CA VAL HA 3 104.09 -27.86 -14.54
C VAL HA 3 103.54 -29.22 -14.10
N VAL HA 4 102.34 -29.22 -13.55
CA VAL HA 4 101.74 -30.41 -12.97
C VAL HA 4 100.33 -30.57 -13.55
N THR HA 5 100.03 -31.76 -14.05
CA THR HA 5 98.69 -32.12 -14.51
C THR HA 5 98.15 -33.23 -13.61
N ARG HA 6 96.90 -33.10 -13.18
CA ARG HA 6 96.34 -34.04 -12.22
C ARG HA 6 94.88 -34.27 -12.54
N GLU HA 7 94.32 -35.31 -11.93
CA GLU HA 7 92.92 -35.68 -12.07
C GLU HA 7 92.14 -35.27 -10.84
N TYR HA 8 90.87 -34.92 -11.06
CA TYR HA 8 89.97 -34.57 -9.97
C TYR HA 8 88.54 -34.91 -10.36
N THR HA 9 87.76 -35.34 -9.39
CA THR HA 9 86.31 -35.46 -9.57
C THR HA 9 85.63 -34.38 -8.75
N ILE HA 10 84.72 -33.63 -9.39
CA ILE HA 10 84.08 -32.50 -8.74
C ILE HA 10 82.65 -32.88 -8.38
N ASN HA 11 82.36 -32.86 -7.08
CA ASN HA 11 80.99 -33.06 -6.60
C ASN HA 11 80.19 -31.79 -6.84
N ILE HA 12 79.63 -31.70 -8.04
CA ILE HA 12 78.77 -30.57 -8.40
C ILE HA 12 77.53 -30.54 -7.51
N HIS HA 13 77.07 -31.70 -7.06
CA HIS HA 13 75.84 -31.79 -6.28
C HIS HA 13 75.93 -31.07 -4.95
N LYS HA 14 77.13 -31.00 -4.38
CA LYS HA 14 77.30 -30.29 -3.12
C LYS HA 14 77.63 -28.81 -3.31
N ARG HA 15 77.91 -28.38 -4.54
CA ARG HA 15 78.20 -26.99 -4.84
C ARG HA 15 77.03 -26.31 -5.54
N ILE HA 16 75.89 -26.98 -5.62
CA ILE HA 16 74.73 -26.47 -6.34
C ILE HA 16 73.48 -26.42 -5.48
N HIS HA 17 73.46 -27.12 -4.34
CA HIS HA 17 72.29 -27.23 -3.47
C HIS HA 17 71.77 -25.87 -3.03
N GLY HA 18 70.64 -25.46 -3.59
CA GLY HA 18 70.07 -24.16 -3.32
C GLY HA 18 69.71 -23.32 -4.54
N VAL HA 19 70.51 -23.36 -5.60
CA VAL HA 19 70.35 -22.44 -6.72
C VAL HA 19 69.12 -22.85 -7.54
N GLY HA 20 68.44 -21.87 -8.15
CA GLY HA 20 67.25 -22.13 -8.92
C GLY HA 20 67.51 -22.84 -10.24
N PHE HA 21 66.41 -23.18 -10.92
CA PHE HA 21 66.48 -24.04 -12.09
C PHE HA 21 67.18 -23.37 -13.25
N LYS HA 22 66.85 -22.10 -13.52
CA LYS HA 22 67.36 -21.42 -14.70
C LYS HA 22 68.83 -21.09 -14.58
N LYS HA 23 69.39 -21.25 -13.37
CA LYS HA 23 70.80 -20.96 -13.16
C LYS HA 23 71.55 -22.12 -12.54
N ARG HA 24 71.08 -23.36 -12.69
CA ARG HA 24 71.82 -24.49 -12.15
C ARG HA 24 73.05 -24.82 -12.98
N ALA HA 25 72.95 -24.68 -14.29
CA ALA HA 25 74.12 -24.90 -15.15
C ALA HA 25 75.13 -23.75 -15.07
N PRO HA 26 74.75 -22.46 -15.15
CA PRO HA 26 75.79 -21.42 -15.04
C PRO HA 26 76.46 -21.33 -13.67
N ARG HA 27 75.73 -21.56 -12.59
CA ARG HA 27 76.35 -21.54 -11.27
C ARG HA 27 77.31 -22.72 -11.10
N ALA HA 28 77.05 -23.83 -11.78
CA ALA HA 28 78.03 -24.90 -11.82
C ALA HA 28 79.25 -24.49 -12.62
N LEU HA 29 79.06 -23.81 -13.76
CA LEU HA 29 80.15 -23.44 -14.65
C LEU HA 29 81.08 -22.38 -14.08
N LYS HA 30 80.74 -21.79 -12.93
CA LYS HA 30 81.68 -20.92 -12.26
C LYS HA 30 82.41 -21.65 -11.13
N GLU HA 31 81.69 -22.51 -10.41
CA GLU HA 31 82.31 -23.27 -9.32
C GLU HA 31 83.27 -24.33 -9.81
N ILE HA 32 83.15 -24.78 -11.05
CA ILE HA 32 84.22 -25.55 -11.65
C ILE HA 32 85.47 -24.68 -11.77
N ARG HA 33 85.31 -23.45 -12.24
CA ARG HA 33 86.44 -22.53 -12.37
C ARG HA 33 87.02 -22.14 -11.02
N LYS HA 34 86.18 -22.02 -9.98
CA LYS HA 34 86.72 -21.69 -8.66
C LYS HA 34 87.43 -22.88 -8.02
N PHE HA 35 87.12 -24.09 -8.47
CA PHE HA 35 87.79 -25.27 -7.92
C PHE HA 35 89.25 -25.33 -8.33
N ALA HA 36 89.58 -24.82 -9.53
CA ALA HA 36 90.96 -24.81 -9.97
C ALA HA 36 91.81 -23.88 -9.12
N MET HA 37 91.32 -22.67 -8.85
CA MET HA 37 92.05 -21.71 -8.03
C MET HA 37 92.11 -22.10 -6.57
N LYS HA 38 91.35 -23.11 -6.15
CA LYS HA 38 91.44 -23.62 -4.79
C LYS HA 38 92.80 -24.25 -4.54
N GLU HA 39 93.21 -25.17 -5.41
CA GLU HA 39 94.46 -25.90 -5.20
C GLU HA 39 95.57 -25.35 -6.09
N MET HA 40 95.35 -25.33 -7.41
CA MET HA 40 96.32 -24.77 -8.36
C MET HA 40 95.93 -23.32 -8.60
N GLY HA 41 96.24 -22.45 -7.63
CA GLY HA 41 95.85 -21.07 -7.72
C GLY HA 41 96.50 -20.34 -8.87
N THR HA 42 95.72 -20.11 -9.93
CA THR HA 42 96.04 -19.36 -11.12
C THR HA 42 94.77 -18.64 -11.55
N PRO HA 43 94.71 -17.31 -11.46
CA PRO HA 43 93.46 -16.60 -11.82
C PRO HA 43 93.00 -16.78 -13.26
N ASP HA 44 93.89 -17.18 -14.16
CA ASP HA 44 93.50 -17.54 -15.52
C ASP HA 44 93.19 -19.02 -15.55
N VAL HA 45 91.96 -19.37 -15.93
CA VAL HA 45 91.54 -20.75 -16.11
C VAL HA 45 90.75 -20.83 -17.40
N ARG HA 46 91.19 -21.67 -18.32
CA ARG HA 46 90.53 -21.86 -19.61
C ARG HA 46 89.99 -23.27 -19.66
N ILE HA 47 88.71 -23.43 -19.41
CA ILE HA 47 88.07 -24.74 -19.48
C ILE HA 47 87.77 -25.04 -20.94
N ASP HA 48 87.60 -26.33 -21.25
CA ASP HA 48 87.54 -26.74 -22.64
C ASP HA 48 86.08 -26.90 -23.07
N THR HA 49 85.88 -27.04 -24.38
CA THR HA 49 84.53 -27.01 -24.95
C THR HA 49 83.73 -28.26 -24.59
N ARG HA 50 84.39 -29.42 -24.55
CA ARG HA 50 83.68 -30.65 -24.20
C ARG HA 50 83.16 -30.61 -22.77
N LEU HA 51 83.90 -29.96 -21.87
CA LEU HA 51 83.41 -29.77 -20.52
C LEU HA 51 82.21 -28.85 -20.50
N ASN HA 52 82.20 -27.84 -21.38
CA ASN HA 52 80.99 -27.05 -21.57
C ASN HA 52 79.90 -27.89 -22.21
N LYS HA 53 80.27 -28.88 -23.02
CA LYS HA 53 79.28 -29.77 -23.60
C LYS HA 53 78.81 -30.80 -22.60
N ALA HA 54 79.69 -31.29 -21.72
CA ALA HA 54 79.34 -32.39 -20.84
C ALA HA 54 78.42 -31.96 -19.71
N VAL HA 55 78.63 -30.77 -19.15
CA VAL HA 55 77.73 -30.30 -18.11
C VAL HA 55 76.37 -29.94 -18.70
N TRP HA 56 76.35 -29.48 -19.95
CA TRP HA 56 75.12 -29.08 -20.62
C TRP HA 56 74.47 -30.24 -21.38
N ALA HA 57 74.82 -31.48 -21.03
CA ALA HA 57 74.17 -32.62 -21.66
C ALA HA 57 72.76 -32.82 -21.12
N LYS HA 58 72.57 -32.68 -19.82
CA LYS HA 58 71.26 -32.79 -19.19
C LYS HA 58 70.51 -31.46 -19.18
N GLY HA 59 70.89 -30.53 -20.06
CA GLY HA 59 70.22 -29.24 -20.11
C GLY HA 59 70.63 -28.31 -18.98
N ILE HA 60 69.90 -27.20 -18.84
CA ILE HA 60 70.29 -26.14 -17.91
C ILE HA 60 69.73 -26.44 -16.52
N ARG HA 61 68.65 -27.23 -16.47
CA ARG HA 61 67.99 -27.52 -15.21
C ARG HA 61 68.66 -28.69 -14.52
N ASN HA 62 68.83 -29.79 -15.25
CA ASN HA 62 69.47 -30.97 -14.69
C ASN HA 62 70.97 -30.93 -14.96
N VAL HA 63 71.75 -31.33 -13.96
CA VAL HA 63 73.21 -31.24 -14.02
C VAL HA 63 73.78 -32.51 -13.40
N PRO HA 64 74.81 -33.13 -14.00
CA PRO HA 64 75.43 -34.33 -13.42
C PRO HA 64 75.95 -34.12 -12.01
N TYR HA 65 75.73 -35.11 -11.14
CA TYR HA 65 76.09 -34.97 -9.74
C TYR HA 65 77.59 -34.86 -9.57
N ARG HA 66 78.35 -35.75 -10.19
CA ARG HA 66 79.81 -35.68 -10.19
C ARG HA 66 80.31 -35.68 -11.61
N ILE HA 67 81.57 -35.28 -11.77
CA ILE HA 67 82.24 -35.27 -13.06
C ILE HA 67 83.75 -35.30 -12.83
N ARG HA 68 84.46 -36.16 -13.56
CA ARG HA 68 85.90 -36.31 -13.41
C ARG HA 68 86.61 -35.38 -14.39
N VAL HA 69 87.55 -34.59 -13.86
CA VAL HA 69 88.24 -33.57 -14.66
C VAL HA 69 89.74 -33.73 -14.49
N ARG HA 70 90.47 -33.39 -15.55
CA ARG HA 70 91.92 -33.36 -15.54
C ARG HA 70 92.33 -31.90 -15.33
N LEU HA 71 92.62 -31.58 -14.08
CA LEU HA 71 93.05 -30.22 -13.73
C LEU HA 71 94.52 -30.08 -14.06
N SER HA 72 94.82 -29.29 -15.08
CA SER HA 72 96.15 -29.21 -15.67
C SER HA 72 96.68 -27.79 -15.62
N ARG HA 73 97.85 -27.62 -15.01
CA ARG HA 73 98.45 -26.30 -14.84
C ARG HA 73 99.62 -26.14 -15.80
N LYS HA 74 99.55 -25.12 -16.65
CA LYS HA 74 100.56 -24.88 -17.69
C LYS HA 74 101.23 -23.54 -17.45
N ARG HA 75 102.34 -23.32 -18.17
CA ARG HA 75 102.97 -22.02 -18.21
C ARG HA 75 102.12 -21.07 -19.06
N ASN HA 76 102.36 -19.78 -18.90
CA ASN HA 76 101.60 -18.78 -19.62
C ASN HA 76 102.20 -18.55 -21.01
N GLU HA 77 101.35 -18.22 -21.97
CA GLU HA 77 101.79 -17.93 -23.34
C GLU HA 77 102.08 -16.43 -23.41
N ASP HA 78 102.22 -15.88 -24.62
CA ASP HA 78 102.42 -14.45 -24.79
C ASP HA 78 101.06 -13.75 -24.64
N GLU HA 79 100.97 -12.47 -25.06
CA GLU HA 79 99.94 -11.54 -24.57
C GLU HA 79 100.00 -11.48 -23.06
N ASP HA 80 101.22 -11.23 -22.55
CA ASP HA 80 101.62 -11.45 -21.16
C ASP HA 80 100.72 -10.79 -20.14
N SER HA 81 100.40 -11.54 -19.08
CA SER HA 81 99.45 -11.17 -18.05
C SER HA 81 100.12 -11.43 -16.71
N PRO HA 82 99.64 -10.80 -15.60
CA PRO HA 82 100.30 -10.99 -14.29
C PRO HA 82 100.39 -12.42 -13.79
N ASN HA 83 99.55 -13.31 -14.32
CA ASN HA 83 99.68 -14.74 -14.05
C ASN HA 83 100.60 -15.34 -15.10
N LYS HA 84 101.86 -15.59 -14.70
CA LYS HA 84 102.78 -16.32 -15.56
C LYS HA 84 102.52 -17.83 -15.55
N LEU HA 85 101.48 -18.28 -14.83
CA LEU HA 85 101.02 -19.65 -14.86
C LEU HA 85 99.54 -19.59 -15.19
N TYR HA 86 98.99 -20.69 -15.72
CA TYR HA 86 97.55 -20.81 -15.89
C TYR HA 86 97.15 -22.27 -15.87
N THR HA 87 95.85 -22.49 -15.68
CA THR HA 87 95.29 -23.81 -15.45
C THR HA 87 94.34 -24.17 -16.60
N LEU HA 88 94.52 -25.35 -17.16
CA LEU HA 88 93.61 -25.90 -18.17
C LEU HA 88 92.77 -26.99 -17.51
N VAL HA 89 91.48 -27.00 -17.80
CA VAL HA 89 90.58 -28.06 -17.35
C VAL HA 89 90.13 -28.84 -18.57
N THR HA 90 90.30 -30.15 -18.51
CA THR HA 90 89.86 -31.02 -19.60
C THR HA 90 88.99 -32.15 -19.05
N TYR HA 91 88.14 -32.68 -19.92
CA TYR HA 91 87.11 -33.63 -19.51
C TYR HA 91 87.66 -35.04 -19.49
N VAL HA 92 87.36 -35.75 -18.41
CA VAL HA 92 87.73 -37.16 -18.28
C VAL HA 92 86.45 -37.98 -18.16
N PRO HA 93 85.93 -38.50 -19.27
CA PRO HA 93 84.72 -39.34 -19.18
C PRO HA 93 85.01 -40.68 -18.56
N VAL HA 94 84.37 -40.99 -17.44
CA VAL HA 94 84.56 -42.26 -16.74
C VAL HA 94 83.19 -42.84 -16.45
N THR HA 95 83.11 -44.17 -16.39
CA THR HA 95 81.87 -44.87 -16.07
C THR HA 95 81.38 -44.60 -14.66
N THR HA 96 82.14 -45.01 -13.66
CA THR HA 96 81.75 -44.91 -12.27
C THR HA 96 82.71 -44.02 -11.49
N PHE HA 97 82.20 -43.42 -10.43
CA PHE HA 97 83.00 -42.56 -9.57
C PHE HA 97 83.33 -43.20 -8.24
N LYS HA 98 82.82 -44.40 -7.96
CA LYS HA 98 83.07 -45.04 -6.67
C LYS HA 98 84.52 -45.50 -6.58
N ASN HA 99 85.12 -45.28 -5.41
CA ASN HA 99 86.51 -45.65 -5.11
C ASN HA 99 87.50 -44.96 -6.06
N LEU HA 100 87.16 -43.74 -6.46
CA LEU HA 100 88.01 -42.92 -7.33
C LEU HA 100 88.71 -41.89 -6.47
N GLN HA 101 90.00 -42.10 -6.24
CA GLN HA 101 90.81 -41.08 -5.59
C GLN HA 101 91.35 -40.14 -6.66
N THR HA 102 91.97 -39.05 -6.21
CA THR HA 102 92.59 -38.10 -7.13
C THR HA 102 94.03 -38.55 -7.39
N VAL HA 103 94.20 -39.31 -8.47
CA VAL HA 103 95.51 -39.81 -8.84
C VAL HA 103 96.35 -38.67 -9.42
N ASN HA 104 97.63 -38.65 -9.07
CA ASN HA 104 98.58 -37.70 -9.63
C ASN HA 104 99.10 -38.28 -10.95
N VAL HA 105 98.46 -37.88 -12.04
CA VAL HA 105 98.85 -38.43 -13.33
C VAL HA 105 100.16 -37.77 -13.78
N ASP HA 106 100.93 -38.50 -14.58
CA ASP HA 106 102.21 -38.04 -15.08
C ASP HA 106 102.18 -38.04 -16.61
N GLU HA 107 103.25 -37.53 -17.20
CA GLU HA 107 103.38 -37.48 -18.65
C GLU HA 107 104.55 -38.34 -19.11
N ALA IA 1 102.27 65.19 15.03
CA ALA IA 1 103.29 65.16 13.99
C ALA IA 1 102.77 65.75 12.68
N ALA IA 2 101.49 65.47 12.38
CA ALA IA 2 100.88 65.93 11.16
C ALA IA 2 100.18 67.27 11.40
N LEU IA 3 99.41 67.72 10.42
CA LEU IA 3 98.71 69.00 10.50
C LEU IA 3 97.48 68.84 11.39
N ARG IA 4 97.55 69.41 12.59
CA ARG IA 4 96.48 69.31 13.58
C ARG IA 4 95.38 70.32 13.26
N PRO IA 5 94.12 69.97 13.53
CA PRO IA 5 93.03 70.93 13.29
C PRO IA 5 92.92 71.94 14.42
N LEU IA 6 91.88 72.77 14.32
CA LEU IA 6 91.59 73.75 15.37
C LEU IA 6 91.28 73.05 16.68
N VAL IA 7 90.18 72.31 16.72
CA VAL IA 7 89.70 71.67 17.93
C VAL IA 7 89.63 70.18 17.68
N LYS IA 8 89.83 69.40 18.74
CA LYS IA 8 89.68 67.95 18.71
C LYS IA 8 88.61 67.60 19.72
N PRO IA 9 87.34 67.84 19.42
CA PRO IA 9 86.29 67.61 20.40
C PRO IA 9 86.02 66.12 20.56
N LYS IA 10 85.47 65.76 21.72
CA LYS IA 10 85.14 64.37 21.98
C LYS IA 10 83.96 63.98 21.11
N ILE IA 11 84.23 63.21 20.05
CA ILE IA 11 83.18 62.72 19.17
C ILE IA 11 82.30 61.76 19.97
N VAL IA 12 81.06 62.18 20.21
CA VAL IA 12 80.10 61.39 20.96
C VAL IA 12 79.09 60.82 19.97
N LYS IA 13 78.95 59.51 19.95
CA LYS IA 13 78.07 58.83 19.02
C LYS IA 13 77.03 58.06 19.82
N LYS IA 14 75.78 58.13 19.39
CA LYS IA 14 74.73 57.41 20.08
C LYS IA 14 74.67 55.96 19.63
N ARG IA 15 74.68 55.72 18.31
CA ARG IA 15 74.67 54.37 17.78
C ARG IA 15 75.77 54.23 16.75
N THR IA 16 76.58 53.21 16.92
CA THR IA 16 77.72 52.98 16.03
C THR IA 16 77.52 51.78 15.11
N LYS IA 17 76.72 50.81 15.53
CA LYS IA 17 76.37 49.71 14.63
C LYS IA 17 75.54 50.24 13.47
N LYS IA 18 75.74 49.63 12.30
CA LYS IA 18 74.97 50.03 11.13
C LYS IA 18 73.51 49.61 11.30
N PHE IA 19 72.63 50.29 10.59
CA PHE IA 19 71.20 49.98 10.64
C PHE IA 19 70.88 48.96 9.56
N ILE IA 20 70.73 47.71 9.96
CA ILE IA 20 70.46 46.66 8.99
C ILE IA 20 68.97 46.56 8.70
N ARG IA 21 68.65 46.11 7.50
CA ARG IA 21 67.28 45.87 7.12
C ARG IA 21 66.73 44.69 7.88
N HIS IA 22 65.40 44.60 7.96
CA HIS IA 22 64.79 43.46 8.63
C HIS IA 22 64.92 42.22 7.76
N GLN IA 23 65.31 41.12 8.41
CA GLN IA 23 65.43 39.80 7.78
C GLN IA 23 66.39 39.81 6.60
N SER IA 24 67.45 40.61 6.68
CA SER IA 24 68.52 40.50 5.71
C SER IA 24 69.43 39.32 6.00
N ASP IA 25 69.33 38.75 7.19
CA ASP IA 25 70.05 37.56 7.58
C ASP IA 25 69.41 36.29 7.04
N ARG IA 26 68.07 36.27 6.94
CA ARG IA 26 67.39 35.05 6.55
C ARG IA 26 67.43 34.83 5.05
N TYR IA 27 67.80 35.85 4.27
CA TYR IA 27 67.77 35.76 2.82
C TYR IA 27 69.03 36.42 2.26
N VAL IA 28 69.19 36.27 0.94
CA VAL IA 28 70.24 36.96 0.22
C VAL IA 28 69.70 38.09 -0.64
N LYS IA 29 68.49 37.94 -1.21
CA LYS IA 29 67.85 39.01 -1.96
C LYS IA 29 67.58 40.25 -1.12
N ILE IA 30 67.52 40.09 0.21
CA ILE IA 30 67.24 41.20 1.12
C ILE IA 30 68.59 41.77 1.54
N LYS IA 31 68.98 42.88 0.92
CA LYS IA 31 70.28 43.48 1.19
C LYS IA 31 70.32 44.19 2.54
N ARG IA 32 71.48 44.76 2.88
CA ARG IA 32 71.68 45.32 4.20
C ARG IA 32 71.14 46.74 4.32
N ASN IA 33 70.79 47.37 3.21
CA ASN IA 33 70.29 48.75 3.23
C ASN IA 33 68.95 48.82 3.94
N TRP IA 34 68.85 49.77 4.88
CA TRP IA 34 67.66 49.88 5.73
C TRP IA 34 66.45 50.30 4.91
N ARG IA 35 65.32 49.63 5.17
CA ARG IA 35 64.05 49.96 4.53
C ARG IA 35 62.97 49.89 5.60
N LYS IA 36 62.14 50.92 5.68
CA LYS IA 36 61.05 50.99 6.65
C LYS IA 36 60.05 49.86 6.44
N PRO IA 37 59.83 49.00 7.43
CA PRO IA 37 58.80 47.98 7.31
C PRO IA 37 57.41 48.60 7.30
N ARG IA 38 56.50 47.94 6.60
CA ARG IA 38 55.14 48.44 6.41
C ARG IA 38 54.11 47.42 6.86
N GLY IA 39 54.54 46.41 7.62
CA GLY IA 39 53.68 45.28 7.90
C GLY IA 39 52.55 45.63 8.85
N ILE IA 40 51.46 44.87 8.74
CA ILE IA 40 50.35 45.04 9.67
C ILE IA 40 50.61 44.28 10.96
N ASP IA 41 51.56 43.35 10.96
CA ASP IA 41 51.90 42.60 12.17
C ASP IA 41 53.40 42.49 12.38
N ASN IA 42 54.19 43.26 11.66
CA ASN IA 42 55.64 43.18 11.76
C ASN IA 42 56.13 43.68 13.11
N ARG IA 43 56.96 42.87 13.77
CA ARG IA 43 57.41 43.16 15.12
C ARG IA 43 58.32 44.37 15.17
N VAL IA 44 59.10 44.57 14.10
CA VAL IA 44 59.99 45.72 14.04
C VAL IA 44 59.22 47.02 14.00
N ARG IA 45 58.12 47.06 13.24
CA ARG IA 45 57.36 48.28 13.10
C ARG IA 45 56.63 48.65 14.38
N ARG IA 46 56.32 47.67 15.22
CA ARG IA 46 55.71 47.94 16.52
C ARG IA 46 56.63 47.58 17.67
N ARG IA 47 57.94 47.72 17.43
CA ARG IA 47 59.00 47.83 18.42
C ARG IA 47 58.91 46.92 19.63
N PHE IA 48 58.81 45.62 19.43
CA PHE IA 48 58.82 44.70 20.55
C PHE IA 48 60.23 44.64 21.13
N LYS IA 49 60.32 44.32 22.42
CA LYS IA 49 61.61 44.32 23.10
C LYS IA 49 62.48 43.17 22.62
N GLY IA 50 63.62 43.51 22.04
CA GLY IA 50 64.60 42.52 21.62
C GLY IA 50 64.78 42.37 20.12
N GLN IA 51 64.26 43.28 19.32
CA GLN IA 51 64.28 43.15 17.87
C GLN IA 51 65.26 44.17 17.27
N ILE IA 52 65.29 44.22 15.95
CA ILE IA 52 66.06 45.22 15.22
C ILE IA 52 65.45 46.58 15.49
N LEU IA 53 66.28 47.56 15.80
CA LEU IA 53 65.80 48.88 16.19
C LEU IA 53 65.58 49.74 14.95
N MET IA 54 64.82 50.83 15.13
CA MET IA 54 64.59 51.64 13.94
C MET IA 54 65.35 52.94 14.02
N PRO IA 55 65.74 53.52 12.89
CA PRO IA 55 66.40 54.83 12.91
C PRO IA 55 65.44 55.98 13.08
N ASN IA 56 65.64 56.78 14.13
CA ASN IA 56 64.87 57.99 14.36
C ASN IA 56 65.80 59.18 14.30
N ILE IA 57 65.20 60.38 14.43
CA ILE IA 57 66.01 61.59 14.42
C ILE IA 57 66.71 61.79 15.76
N GLY IA 58 66.29 61.05 16.80
CA GLY IA 58 67.01 61.07 18.06
C GLY IA 58 68.37 60.44 18.02
N TYR IA 59 68.65 59.64 16.99
CA TYR IA 59 69.98 59.09 16.77
C TYR IA 59 70.90 60.07 16.08
N GLY IA 60 70.44 61.28 15.80
CA GLY IA 60 71.29 62.27 15.18
C GLY IA 60 72.41 62.70 16.11
N SER IA 61 73.59 62.86 15.56
CA SER IA 61 74.77 63.17 16.35
C SER IA 61 74.90 64.68 16.52
N ASN IA 62 75.82 65.07 17.39
CA ASN IA 62 76.00 66.48 17.75
C ASN IA 62 76.35 67.32 16.54
N LYS IA 63 75.60 68.42 16.37
CA LYS IA 63 75.72 69.24 15.16
C LYS IA 63 77.10 69.89 15.06
N LYS IA 64 77.71 70.21 16.20
CA LYS IA 64 79.03 70.82 16.19
C LYS IA 64 80.08 69.81 15.75
N THR IA 65 79.79 68.52 15.92
CA THR IA 65 80.72 67.45 15.56
C THR IA 65 80.16 66.56 14.46
N LYS IA 66 79.35 67.11 13.56
CA LYS IA 66 78.78 66.34 12.48
C LYS IA 66 79.70 66.38 11.28
N HIS IA 67 79.76 65.25 10.55
CA HIS IA 67 80.62 65.05 9.39
C HIS IA 67 82.08 65.31 9.68
N MET IA 68 82.52 65.05 10.92
CA MET IA 68 83.90 65.23 11.31
C MET IA 68 84.60 63.88 11.26
N LEU IA 69 85.80 63.87 10.68
CA LEU IA 69 86.63 62.68 10.64
C LEU IA 69 87.07 62.33 12.06
N PRO IA 70 87.48 61.08 12.29
CA PRO IA 70 88.05 60.74 13.61
C PRO IA 70 89.32 61.52 13.92
N SER IA 71 90.06 61.97 12.91
CA SER IA 71 91.24 62.78 13.17
C SER IA 71 90.87 64.22 13.49
N GLY IA 72 89.62 64.60 13.30
CA GLY IA 72 89.15 65.93 13.66
C GLY IA 72 88.81 66.83 12.49
N PHE IA 73 89.16 66.49 11.27
CA PHE IA 73 88.89 67.33 10.11
C PHE IA 73 87.55 66.94 9.47
N ARG IA 74 87.27 67.62 8.36
CA ARG IA 74 86.08 67.36 7.56
C ARG IA 74 86.50 67.29 6.10
N LYS IA 75 86.03 66.26 5.39
CA LYS IA 75 86.50 66.00 4.04
C LYS IA 75 85.97 67.04 3.06
N PHE IA 76 86.66 67.15 1.93
CA PHE IA 76 86.15 67.87 0.77
C PHE IA 76 86.73 67.21 -0.47
N LEU IA 77 85.87 66.88 -1.43
CA LEU IA 77 86.32 66.13 -2.59
C LEU IA 77 87.03 67.03 -3.59
N VAL IA 78 88.18 66.58 -4.07
CA VAL IA 78 89.02 67.34 -4.99
C VAL IA 78 89.26 66.49 -6.24
N HIS IA 79 89.05 67.09 -7.41
CA HIS IA 79 89.36 66.43 -8.68
C HIS IA 79 90.63 66.93 -9.33
N ASN IA 80 90.85 68.24 -9.39
CA ASN IA 80 91.98 68.79 -10.11
C ASN IA 80 92.79 69.70 -9.18
N VAL IA 81 93.74 70.42 -9.77
CA VAL IA 81 94.65 71.25 -8.98
C VAL IA 81 93.96 72.54 -8.52
N LYS IA 82 93.09 73.12 -9.35
CA LYS IA 82 92.54 74.45 -9.06
C LYS IA 82 91.62 74.43 -7.85
N GLU IA 83 91.04 73.28 -7.52
CA GLU IA 83 90.14 73.21 -6.37
C GLU IA 83 90.85 73.25 -5.03
N LEU IA 84 92.18 73.22 -5.01
CA LEU IA 84 92.88 73.40 -3.75
C LEU IA 84 92.84 74.86 -3.31
N GLU IA 85 92.58 75.76 -4.24
CA GLU IA 85 92.65 77.21 -4.00
C GLU IA 85 91.50 77.74 -3.18
N VAL IA 86 90.64 76.88 -2.63
CA VAL IA 86 89.61 77.34 -1.71
C VAL IA 86 89.86 76.88 -0.28
N LEU IA 87 90.59 75.77 -0.08
CA LEU IA 87 90.83 75.22 1.24
C LEU IA 87 92.02 75.86 1.94
N LEU IA 88 92.71 76.79 1.28
CA LEU IA 88 93.81 77.45 1.97
C LEU IA 88 93.32 78.40 3.06
N MET IA 89 92.06 78.85 3.00
CA MET IA 89 91.48 79.63 4.06
C MET IA 89 90.51 78.85 4.93
N CYS IA 90 90.11 77.66 4.50
CA CYS IA 90 89.29 76.78 5.33
C CYS IA 90 90.16 75.62 5.80
N ASN IA 91 91.43 75.92 6.04
CA ASN IA 91 92.45 74.91 6.27
C ASN IA 91 92.28 74.15 7.57
N LYS IA 92 92.06 74.88 8.66
CA LYS IA 92 92.18 74.26 9.97
C LYS IA 92 91.02 73.40 10.35
N SER IA 93 89.97 73.27 9.56
CA SER IA 93 88.91 72.33 9.90
C SER IA 93 88.57 71.42 8.73
N TYR IA 94 88.75 71.91 7.51
CA TYR IA 94 88.36 71.17 6.32
C TYR IA 94 89.59 70.67 5.60
N CYS IA 95 89.61 69.38 5.30
CA CYS IA 95 90.73 68.73 4.65
C CYS IA 95 90.36 68.34 3.22
N ALA IA 96 91.39 68.16 2.40
CA ALA IA 96 91.22 67.85 0.99
C ALA IA 96 91.26 66.35 0.76
N GLU IA 97 90.45 65.88 -0.19
CA GLU IA 97 90.42 64.47 -0.56
C GLU IA 97 90.48 64.36 -2.07
N ILE IA 98 91.44 63.59 -2.57
CA ILE IA 98 91.57 63.39 -4.01
C ILE IA 98 90.48 62.46 -4.50
N ALA IA 99 89.96 62.72 -5.71
CA ALA IA 99 88.92 61.89 -6.29
C ALA IA 99 89.51 60.58 -6.82
N HIS IA 100 88.61 59.63 -7.06
CA HIS IA 100 89.05 58.29 -7.43
C HIS IA 100 89.64 58.24 -8.83
N ASN IA 101 88.95 58.84 -9.81
CA ASN IA 101 89.34 58.66 -11.20
C ASN IA 101 90.44 59.62 -11.65
N VAL IA 102 91.18 60.19 -10.70
CA VAL IA 102 92.32 61.04 -11.06
C VAL IA 102 93.55 60.17 -11.26
N SER IA 103 94.31 60.47 -12.32
CA SER IA 103 95.48 59.66 -12.66
C SER IA 103 96.57 59.82 -11.63
N SER IA 104 97.49 58.85 -11.64
CA SER IA 104 98.58 58.86 -10.65
C SER IA 104 99.60 59.93 -10.94
N LYS IA 105 99.81 60.28 -12.22
CA LYS IA 105 100.74 61.36 -12.52
C LYS IA 105 100.17 62.71 -12.13
N ASN IA 106 98.85 62.84 -12.10
CA ASN IA 106 98.23 64.05 -11.59
C ASN IA 106 98.06 64.02 -10.08
N ARG IA 107 98.02 62.84 -9.46
CA ARG IA 107 97.90 62.77 -8.01
C ARG IA 107 99.19 63.21 -7.34
N LYS IA 108 100.32 63.09 -8.03
CA LYS IA 108 101.58 63.56 -7.51
C LYS IA 108 101.76 65.06 -7.72
N ALA IA 109 100.88 65.67 -8.50
CA ALA IA 109 100.84 67.11 -8.65
C ALA IA 109 99.87 67.75 -7.67
N ILE IA 110 99.32 66.97 -6.73
CA ILE IA 110 98.41 67.49 -5.73
C ILE IA 110 98.98 67.38 -4.32
N VAL IA 111 99.79 66.35 -4.05
CA VAL IA 111 100.28 66.11 -2.69
C VAL IA 111 101.27 67.19 -2.27
N GLU IA 112 102.19 67.56 -3.17
CA GLU IA 112 103.16 68.59 -2.83
C GLU IA 112 102.51 69.97 -2.79
N ARG IA 113 101.45 70.16 -3.58
CA ARG IA 113 100.75 71.45 -3.55
C ARG IA 113 99.92 71.59 -2.28
N ALA IA 114 99.31 70.50 -1.83
CA ALA IA 114 98.68 70.52 -0.52
C ALA IA 114 99.71 70.67 0.59
N ALA IA 115 100.92 70.16 0.36
CA ALA IA 115 101.98 70.29 1.35
C ALA IA 115 102.46 71.72 1.47
N GLN IA 116 102.42 72.47 0.35
CA GLN IA 116 102.75 73.89 0.42
C GLN IA 116 101.74 74.66 1.26
N LEU IA 117 100.47 74.26 1.21
CA LEU IA 117 99.40 75.03 1.81
C LEU IA 117 98.92 74.44 3.13
N ALA IA 118 99.63 73.44 3.66
CA ALA IA 118 99.31 72.77 4.92
C ALA IA 118 97.89 72.21 4.93
N ILE IA 119 97.41 71.76 3.77
CA ILE IA 119 96.13 71.10 3.68
C ILE IA 119 96.36 69.61 3.81
N ARG IA 120 95.92 69.03 4.91
CA ARG IA 120 96.08 67.61 5.13
C ARG IA 120 95.21 66.81 4.16
N VAL IA 121 95.83 65.81 3.53
CA VAL IA 121 95.13 64.92 2.60
C VAL IA 121 95.00 63.56 3.27
N THR IA 122 93.75 63.11 3.45
CA THR IA 122 93.52 61.85 4.16
C THR IA 122 93.97 60.64 3.36
N ASN IA 123 94.27 60.82 2.07
CA ASN IA 123 94.84 59.76 1.24
C ASN IA 123 96.10 60.28 0.58
N PRO IA 124 97.17 60.49 1.36
CA PRO IA 124 98.39 61.10 0.81
C PRO IA 124 99.10 60.22 -0.20
N ASN IA 125 99.51 59.02 0.21
CA ASN IA 125 100.17 58.08 -0.69
C ASN IA 125 99.08 57.21 -1.33
N ALA IA 126 98.53 57.72 -2.42
CA ALA IA 126 97.35 57.12 -3.01
C ALA IA 126 97.69 55.88 -3.83
N ARG IA 127 98.46 56.05 -4.90
CA ARG IA 127 98.75 54.95 -5.80
C ARG IA 127 100.14 54.38 -5.56
N LEU IA 128 101.16 55.24 -5.70
CA LEU IA 128 102.58 54.88 -5.61
C LEU IA 128 102.94 53.78 -6.60
N SER JA 1 103.14 41.54 51.52
CA SER JA 1 103.38 40.17 51.10
C SER JA 1 102.08 39.39 51.05
N GLY JA 2 101.00 40.00 51.53
CA GLY JA 2 99.73 39.34 51.64
C GLY JA 2 98.66 40.05 50.85
N ARG JA 3 97.52 39.38 50.74
CA ARG JA 3 96.41 39.88 49.95
C ARG JA 3 95.87 41.17 50.54
N LEU JA 4 95.83 42.23 49.73
CA LEU JA 4 95.38 43.54 50.19
C LEU JA 4 94.10 43.97 49.50
N TRP JA 5 93.38 43.03 48.87
CA TRP JA 5 92.05 43.29 48.37
C TRP JA 5 91.10 42.31 49.02
N CYS JA 6 89.85 42.71 49.18
CA CYS JA 6 88.90 41.79 49.75
C CYS JA 6 88.29 40.91 48.66
N LYS JA 7 87.69 39.81 49.08
CA LYS JA 7 87.09 38.86 48.16
C LYS JA 7 85.72 39.35 47.77
N ALA JA 8 85.47 39.43 46.46
CA ALA JA 8 84.19 39.86 45.94
C ALA JA 8 83.72 38.88 44.87
N ILE JA 9 82.41 38.68 44.81
CA ILE JA 9 81.78 37.78 43.86
C ILE JA 9 80.90 38.59 42.93
N PHE JA 10 80.96 38.27 41.63
CA PHE JA 10 80.10 38.92 40.65
C PHE JA 10 78.88 38.04 40.43
N ALA JA 11 77.80 38.35 41.14
CA ALA JA 11 76.60 37.53 41.03
C ALA JA 11 75.90 37.76 39.69
N GLY JA 12 75.68 39.01 39.32
CA GLY JA 12 75.10 39.30 38.02
C GLY JA 12 74.97 40.78 37.80
N TYR JA 13 74.34 41.13 36.69
CA TYR JA 13 74.11 42.53 36.34
C TYR JA 13 72.90 43.07 37.09
N LYS JA 14 72.69 44.37 36.98
CA LYS JA 14 71.48 44.99 37.49
C LYS JA 14 70.32 44.56 36.60
N ARG JA 15 69.37 43.84 37.18
CA ARG JA 15 68.26 43.31 36.43
C ARG JA 15 66.98 43.58 37.19
N GLY JA 16 65.87 43.57 36.46
CA GLY JA 16 64.58 43.55 37.10
C GLY JA 16 64.14 42.11 37.21
N LEU JA 17 63.02 41.78 36.60
CA LEU JA 17 62.60 40.40 36.46
C LEU JA 17 62.88 39.83 35.09
N ARG JA 18 62.67 40.60 34.02
CA ARG JA 18 62.97 40.13 32.67
C ARG JA 18 63.70 41.17 31.85
N ASN JA 19 64.45 42.07 32.49
CA ASN JA 19 65.29 43.01 31.78
C ASN JA 19 66.51 43.30 32.63
N GLN JA 20 67.66 43.44 31.99
CA GLN JA 20 68.87 43.74 32.73
C GLN JA 20 69.64 44.84 32.02
N ARG JA 21 70.34 45.65 32.81
CA ARG JA 21 71.14 46.77 32.32
C ARG JA 21 72.58 46.50 32.73
N GLU JA 22 73.47 46.42 31.73
CA GLU JA 22 74.83 46.01 32.01
C GLU JA 22 75.68 47.11 32.63
N HIS JA 23 75.21 48.36 32.63
CA HIS JA 23 76.08 49.47 33.03
C HIS JA 23 76.43 49.46 34.51
N THR JA 24 75.78 48.66 35.34
CA THR JA 24 76.22 48.46 36.72
C THR JA 24 76.24 46.98 37.03
N ALA JA 25 77.24 46.55 37.80
CA ALA JA 25 77.34 45.19 38.29
C ALA JA 25 76.87 45.12 39.73
N LEU JA 26 76.55 43.90 40.17
CA LEU JA 26 76.12 43.65 41.54
C LEU JA 26 77.13 42.75 42.23
N LEU JA 27 77.85 43.30 43.20
CA LEU JA 27 78.91 42.60 43.90
C LEU JA 27 78.41 42.03 45.21
N LYS JA 28 78.99 40.90 45.59
CA LYS JA 28 78.75 40.29 46.88
C LYS JA 28 80.07 40.26 47.63
N ILE JA 29 80.33 41.33 48.39
CA ILE JA 29 81.53 41.41 49.20
C ILE JA 29 81.47 40.36 50.29
N GLU JA 30 82.54 39.59 50.42
CA GLU JA 30 82.59 38.55 51.43
C GLU JA 30 82.75 39.18 52.81
N GLY JA 31 81.83 38.83 53.71
CA GLY JA 31 81.89 39.32 55.07
C GLY JA 31 80.71 40.18 55.46
N VAL JA 32 80.20 40.98 54.55
CA VAL JA 32 79.09 41.88 54.85
C VAL JA 32 77.78 41.21 54.44
N TYR JA 33 76.79 41.29 55.33
CA TYR JA 33 75.51 40.63 55.12
C TYR JA 33 74.34 41.52 55.53
N ALA JA 34 74.55 42.83 55.57
CA ALA JA 34 73.49 43.76 55.93
C ALA JA 34 73.88 45.15 55.44
N ARG JA 35 72.88 46.04 55.41
CA ARG JA 35 73.12 47.38 54.88
C ARG JA 35 74.01 48.21 55.80
N ASP JA 36 73.97 47.96 57.11
CA ASP JA 36 74.71 48.79 58.03
C ASP JA 36 76.22 48.64 57.88
N GLU JA 37 76.69 47.45 57.53
CA GLU JA 37 78.12 47.21 57.40
C GLU JA 37 78.63 47.42 55.99
N THR JA 38 77.75 47.78 55.05
CA THR JA 38 78.18 48.15 53.70
C THR JA 38 78.77 49.54 53.63
N GLU JA 39 78.75 50.31 54.73
CA GLU JA 39 79.16 51.70 54.65
C GLU JA 39 80.66 51.84 54.45
N PHE JA 40 81.44 50.87 54.93
CA PHE JA 40 82.89 50.99 54.85
C PHE JA 40 83.40 50.84 53.42
N TYR JA 41 82.98 49.79 52.73
CA TYR JA 41 83.48 49.57 51.38
C TYR JA 41 82.83 50.48 50.34
N LEU JA 42 81.95 51.39 50.76
CA LEU JA 42 81.37 52.35 49.83
C LEU JA 42 82.46 53.31 49.37
N GLY JA 43 82.58 53.45 48.05
CA GLY JA 43 83.54 54.36 47.45
C GLY JA 43 84.86 53.74 47.06
N LYS JA 44 85.20 52.58 47.62
CA LYS JA 44 86.46 51.95 47.31
C LYS JA 44 86.47 51.44 45.87
N ARG JA 45 87.68 51.36 45.31
CA ARG JA 45 87.87 51.00 43.91
C ARG JA 45 87.92 49.50 43.77
N CYS JA 46 87.25 48.97 42.76
CA CYS JA 46 87.15 47.53 42.54
C CYS JA 46 87.68 47.19 41.16
N ALA JA 47 88.24 45.99 41.02
CA ALA JA 47 88.89 45.59 39.79
C ALA JA 47 88.62 44.11 39.51
N TYR JA 48 88.49 43.79 38.23
CA TYR JA 48 88.37 42.41 37.76
C TYR JA 48 89.67 42.02 37.08
N VAL JA 49 90.27 40.94 37.56
CA VAL JA 49 91.54 40.46 37.01
C VAL JA 49 91.28 39.17 36.24
N TYR JA 50 91.64 39.19 34.95
CA TYR JA 50 91.56 38.02 34.12
C TYR JA 50 92.77 38.02 33.19
N LYS JA 51 93.03 36.86 32.57
CA LYS JA 51 94.19 36.71 31.71
C LYS JA 51 93.77 36.36 30.29
N ALA JA 52 94.56 36.80 29.32
CA ALA JA 52 94.31 36.58 27.92
C ALA JA 52 95.53 35.93 27.27
N LYS JA 53 95.45 35.67 25.97
CA LYS JA 53 96.53 34.99 25.27
C LYS JA 53 97.64 35.95 24.90
N ASN JA 54 97.32 36.99 24.12
CA ASN JA 54 98.32 37.98 23.73
C ASN JA 54 98.83 38.72 24.95
N ASN JA 55 100.14 38.93 24.99
CA ASN JA 55 100.78 39.63 26.10
C ASN JA 55 100.45 41.11 26.03
N THR JA 56 100.04 41.67 27.16
CA THR JA 56 99.76 43.09 27.27
C THR JA 56 100.62 43.69 28.37
N VAL JA 57 100.92 44.99 28.22
CA VAL JA 57 101.90 45.67 29.06
C VAL JA 57 101.40 45.76 30.49
N THR JA 58 102.33 46.01 31.41
CA THR JA 58 102.01 46.18 32.80
C THR JA 58 102.75 47.45 33.20
N PRO JA 59 102.04 48.46 33.69
CA PRO JA 59 102.71 49.67 34.17
C PRO JA 59 103.60 49.38 35.36
N GLY JA 60 104.91 49.48 35.13
CA GLY JA 60 105.86 49.07 36.15
C GLY JA 60 106.08 47.58 36.14
N GLY JA 61 106.39 47.03 34.97
CA GLY JA 61 106.66 45.61 34.88
C GLY JA 61 106.72 45.14 33.45
N LYS JA 62 107.20 43.92 33.29
CA LYS JA 62 107.21 43.23 32.02
C LYS JA 62 105.79 43.05 31.49
N PRO JA 63 105.57 43.10 30.17
CA PRO JA 63 104.23 42.86 29.63
C PRO JA 63 103.68 41.48 29.93
N ASN JA 64 102.63 41.42 30.75
CA ASN JA 64 102.11 40.17 31.26
C ASN JA 64 100.98 39.67 30.37
N LYS JA 65 100.37 38.55 30.77
CA LYS JA 65 99.20 38.01 30.10
C LYS JA 65 97.90 38.51 30.72
N THR JA 66 97.96 39.20 31.84
CA THR JA 66 96.76 39.58 32.57
C THR JA 66 96.24 40.94 32.14
N ARG JA 67 94.92 41.07 32.12
CA ARG JA 67 94.26 42.32 31.80
C ARG JA 67 93.28 42.66 32.92
N VAL JA 68 92.93 43.93 33.01
CA VAL JA 68 92.01 44.39 34.05
C VAL JA 68 91.00 45.34 33.46
N ILE JA 69 89.88 45.47 34.16
CA ILE JA 69 88.89 46.52 33.93
C ILE JA 69 88.58 47.10 35.29
N TRP JA 70 88.76 48.42 35.43
CA TRP JA 70 88.60 49.06 36.71
C TRP JA 70 87.17 49.54 36.93
N GLY JA 71 86.77 49.61 38.19
CA GLY JA 71 85.49 50.17 38.53
C GLY JA 71 85.44 50.60 39.97
N LYS JA 72 84.25 50.98 40.44
CA LYS JA 72 84.07 51.34 41.84
C LYS JA 72 82.62 51.09 42.19
N VAL JA 73 82.37 50.80 43.47
CA VAL JA 73 81.01 50.54 43.92
C VAL JA 73 80.22 51.84 43.93
N THR JA 74 78.95 51.77 43.56
CA THR JA 74 78.12 52.97 43.57
C THR JA 74 77.39 53.12 44.90
N ARG JA 75 76.55 52.15 45.23
CA ARG JA 75 75.77 52.20 46.46
C ARG JA 75 75.44 50.79 46.91
N ALA JA 76 74.97 50.69 48.16
CA ALA JA 76 74.64 49.39 48.72
C ALA JA 76 73.31 48.88 48.15
N HIS JA 77 73.22 47.57 47.99
CA HIS JA 77 72.08 46.94 47.35
C HIS JA 77 71.39 45.98 48.31
N GLY JA 78 70.07 45.95 48.22
CA GLY JA 78 69.28 45.03 49.03
C GLY JA 78 69.37 45.36 50.49
N ASN JA 79 69.23 44.34 51.34
CA ASN JA 79 69.33 44.50 52.77
C ASN JA 79 70.32 43.49 53.34
N SER JA 80 71.05 42.82 52.47
CA SER JA 80 71.88 41.70 52.89
C SER JA 80 73.31 41.83 52.41
N GLY JA 81 73.90 43.01 52.57
CA GLY JA 81 75.31 43.19 52.27
C GLY JA 81 75.67 43.34 50.82
N MET JA 82 74.72 43.15 49.90
CA MET JA 82 74.98 43.35 48.49
C MET JA 82 75.28 44.82 48.19
N VAL JA 83 76.00 45.05 47.10
CA VAL JA 83 76.42 46.40 46.75
C VAL JA 83 76.46 46.50 45.23
N ARG JA 84 76.00 47.64 44.72
CA ARG JA 84 76.13 47.90 43.29
C ARG JA 84 77.57 48.29 42.97
N ALA JA 85 77.90 48.28 41.69
CA ALA JA 85 79.23 48.67 41.23
C ALA JA 85 79.19 48.98 39.75
N LYS JA 86 79.80 50.09 39.35
CA LYS JA 86 79.90 50.47 37.95
C LYS JA 86 81.35 50.40 37.55
N PHE JA 87 81.62 49.88 36.37
CA PHE JA 87 82.97 49.74 35.85
C PHE JA 87 83.14 50.66 34.63
N ARG JA 88 84.37 50.71 34.12
CA ARG JA 88 84.63 51.54 32.95
C ARG JA 88 83.94 50.97 31.72
N SER JA 89 84.19 49.69 31.42
CA SER JA 89 83.42 48.95 30.45
C SER JA 89 82.43 48.09 31.21
N ASN JA 90 81.44 47.55 30.51
CA ASN JA 90 80.58 46.55 31.15
C ASN JA 90 81.38 45.29 31.38
N LEU JA 91 81.14 44.64 32.51
CA LEU JA 91 81.80 43.37 32.80
C LEU JA 91 81.34 42.32 31.79
N PRO JA 92 82.27 41.55 31.23
CA PRO JA 92 81.87 40.45 30.35
C PRO JA 92 81.15 39.37 31.13
N ALA JA 93 80.20 38.72 30.47
CA ALA JA 93 79.28 37.82 31.17
C ALA JA 93 79.92 36.49 31.53
N LYS JA 94 81.17 36.29 31.13
CA LYS JA 94 81.92 35.13 31.57
C LYS JA 94 82.43 35.28 32.99
N ALA JA 95 82.36 36.48 33.55
CA ALA JA 95 82.82 36.75 34.90
C ALA JA 95 81.78 36.43 35.95
N ILE JA 96 80.69 35.75 35.59
CA ILE JA 96 79.62 35.44 36.52
C ILE JA 96 80.15 34.48 37.58
N GLY JA 97 80.08 34.89 38.84
CA GLY JA 97 80.49 34.06 39.94
C GLY JA 97 81.98 33.95 40.16
N HIS JA 98 82.78 34.68 39.40
CA HIS JA 98 84.22 34.66 39.60
C HIS JA 98 84.62 35.69 40.64
N ARG JA 99 85.91 35.68 40.99
CA ARG JA 99 86.43 36.51 42.06
C ARG JA 99 87.00 37.80 41.48
N ILE JA 100 86.47 38.93 41.94
CA ILE JA 100 87.03 40.23 41.60
C ILE JA 100 87.54 40.87 42.88
N ARG JA 101 88.42 41.85 42.72
CA ARG JA 101 89.15 42.43 43.83
C ARG JA 101 88.59 43.80 44.17
N VAL JA 102 88.28 44.00 45.45
CA VAL JA 102 87.85 45.30 45.97
C VAL JA 102 88.99 45.82 46.87
N MET JA 103 89.88 46.62 46.28
CA MET JA 103 91.00 47.16 47.03
C MET JA 103 90.52 48.23 47.99
N LEU JA 104 91.35 48.58 48.97
CA LEU JA 104 90.96 49.55 49.97
C LEU JA 104 91.47 50.96 49.71
N TYR JA 105 92.41 51.14 48.78
CA TYR JA 105 93.20 52.39 48.72
C TYR JA 105 92.44 53.70 48.50
N PRO JA 106 91.17 53.74 48.01
CA PRO JA 106 90.43 55.00 48.14
C PRO JA 106 89.87 55.25 49.54
N SER JA 107 90.39 54.55 50.55
CA SER JA 107 89.94 54.61 51.94
C SER JA 107 89.80 56.02 52.49
N ARG JA 108 88.86 56.19 53.43
CA ARG JA 108 88.53 57.50 53.96
C ARG JA 108 88.67 57.56 55.47
N ILE JA 109 89.56 56.79 56.07
CA ILE JA 109 89.63 56.69 57.52
C ILE JA 109 90.86 57.40 58.07
N VAL KA 1 58.15 -28.15 -46.46
CA VAL KA 1 57.21 -27.56 -47.40
C VAL KA 1 57.57 -26.12 -47.68
N GLN KA 2 57.72 -25.79 -48.96
CA GLN KA 2 58.04 -24.43 -49.40
C GLN KA 2 56.82 -23.53 -49.19
N ARG KA 3 57.00 -22.46 -48.43
CA ARG KA 3 55.95 -21.48 -48.19
C ARG KA 3 56.12 -20.36 -49.20
N LEU KA 4 55.12 -20.15 -50.03
CA LEU KA 4 55.26 -19.24 -51.16
C LEU KA 4 54.59 -17.92 -50.88
N THR KA 5 54.89 -16.97 -51.75
CA THR KA 5 54.40 -15.60 -51.69
C THR KA 5 53.89 -15.16 -53.07
N TYR KA 6 53.30 -13.97 -53.11
CA TYR KA 6 52.76 -13.43 -54.35
C TYR KA 6 53.88 -12.99 -55.28
N ARG KA 7 53.50 -12.47 -56.45
CA ARG KA 7 54.45 -11.91 -57.40
C ARG KA 7 54.09 -10.51 -57.88
N ARG KA 8 52.81 -10.15 -57.95
CA ARG KA 8 52.40 -8.79 -58.29
C ARG KA 8 52.38 -7.94 -57.02
N ARG KA 9 51.83 -6.73 -57.12
CA ARG KA 9 51.73 -5.85 -55.96
C ARG KA 9 50.32 -5.81 -55.38
N LEU KA 10 49.48 -6.79 -55.72
CA LEU KA 10 48.12 -6.86 -55.21
C LEU KA 10 48.13 -7.95 -54.14
N SER KA 11 48.20 -7.54 -52.88
CA SER KA 11 48.26 -8.47 -51.77
C SER KA 11 46.88 -8.89 -51.26
N TYR KA 12 45.83 -8.38 -51.87
CA TYR KA 12 44.46 -8.68 -51.46
C TYR KA 12 43.90 -9.79 -52.34
N ASN KA 13 43.34 -10.82 -51.72
CA ASN KA 13 42.84 -11.97 -52.45
C ASN KA 13 41.55 -11.60 -53.17
N THR KA 14 41.67 -10.87 -54.28
CA THR KA 14 40.53 -10.25 -54.91
C THR KA 14 40.03 -11.06 -56.09
N ALA KA 15 39.08 -10.49 -56.83
CA ALA KA 15 38.46 -11.16 -57.96
C ALA KA 15 39.37 -11.24 -59.17
N SER KA 16 40.49 -10.52 -59.18
CA SER KA 16 41.41 -10.54 -60.29
C SER KA 16 42.82 -10.94 -59.87
N ASN KA 17 42.98 -11.52 -58.69
CA ASN KA 17 44.28 -11.99 -58.22
C ASN KA 17 44.25 -13.49 -57.96
N LYS KA 18 43.34 -14.19 -58.64
CA LYS KA 18 43.21 -15.62 -58.44
C LYS KA 18 44.35 -16.36 -59.13
N THR KA 19 44.83 -17.40 -58.47
CA THR KA 19 46.10 -18.03 -58.83
C THR KA 19 45.88 -19.50 -59.15
N ARG KA 20 46.96 -20.14 -59.59
CA ARG KA 20 47.06 -21.59 -59.60
C ARG KA 20 48.53 -21.94 -59.44
N LEU KA 21 48.78 -23.10 -58.86
CA LEU KA 21 50.15 -23.53 -58.60
C LEU KA 21 50.78 -24.06 -59.88
N SER KA 22 52.10 -23.91 -59.98
CA SER KA 22 52.84 -24.45 -61.11
C SER KA 22 54.24 -24.84 -60.66
N ARG KA 23 54.75 -25.92 -61.24
CA ARG KA 23 56.10 -26.38 -60.97
C ARG KA 23 57.01 -25.91 -62.10
N THR KA 24 58.14 -25.33 -61.73
CA THR KA 24 59.09 -24.80 -62.70
C THR KA 24 59.94 -25.93 -63.26
N PRO KA 25 60.64 -25.68 -64.37
CA PRO KA 25 61.74 -26.58 -64.75
C PRO KA 25 62.85 -26.63 -63.72
N GLY KA 26 63.07 -25.54 -62.98
CA GLY KA 26 64.08 -25.49 -61.94
C GLY KA 26 63.68 -26.11 -60.62
N ASN KA 27 62.55 -26.82 -60.59
CA ASN KA 27 62.06 -27.55 -59.41
C ASN KA 27 61.79 -26.61 -58.25
N ARG KA 28 60.99 -25.58 -58.49
CA ARG KA 28 60.41 -24.78 -57.43
C ARG KA 28 58.98 -24.45 -57.81
N ILE KA 29 58.14 -24.27 -56.81
CA ILE KA 29 56.73 -24.01 -57.05
C ILE KA 29 56.46 -22.51 -56.95
N VAL KA 30 55.86 -21.95 -57.99
CA VAL KA 30 55.55 -20.53 -58.02
C VAL KA 30 54.11 -20.38 -58.47
N TYR KA 31 53.49 -19.29 -58.07
CA TYR KA 31 52.14 -19.00 -58.57
C TYR KA 31 52.15 -18.63 -60.04
N LEU KA 32 51.00 -18.81 -60.66
CA LEU KA 32 50.75 -18.31 -62.01
C LEU KA 32 49.35 -17.72 -62.01
N TYR KA 33 49.27 -16.41 -62.24
CA TYR KA 33 48.01 -15.70 -62.27
C TYR KA 33 47.18 -16.13 -63.46
N THR KA 34 46.03 -16.74 -63.20
CA THR KA 34 45.20 -17.31 -64.25
C THR KA 34 44.40 -16.23 -64.95
N LYS KA 35 43.46 -16.66 -65.79
CA LYS KA 35 42.53 -15.78 -66.46
C LYS KA 35 41.13 -16.06 -65.95
N LYS KA 36 40.33 -15.02 -65.80
CA LYS KA 36 38.96 -15.19 -65.31
C LYS KA 36 38.15 -15.99 -66.32
N VAL KA 37 37.49 -17.03 -65.83
CA VAL KA 37 36.92 -18.06 -66.69
C VAL KA 37 35.73 -17.48 -67.45
N GLY KA 38 35.91 -17.26 -68.75
CA GLY KA 38 34.83 -16.81 -69.58
C GLY KA 38 33.84 -17.91 -69.86
N LYS KA 39 32.58 -17.53 -70.04
CA LYS KA 39 31.51 -18.49 -70.20
C LYS KA 39 31.01 -18.47 -71.63
N ALA KA 40 30.17 -19.45 -71.95
CA ALA KA 40 29.63 -19.59 -73.28
C ALA KA 40 28.49 -18.60 -73.50
N PRO KA 41 28.17 -18.28 -74.75
CA PRO KA 41 27.04 -17.39 -75.00
C PRO KA 41 25.71 -18.04 -74.65
N LYS KA 42 24.84 -17.25 -74.03
CA LYS KA 42 23.48 -17.67 -73.72
C LYS KA 42 22.58 -17.41 -74.91
N SER KA 43 21.57 -18.26 -75.07
CA SER KA 43 20.66 -18.17 -76.20
C SER KA 43 19.84 -16.89 -76.16
N ALA KA 44 19.39 -16.45 -77.34
CA ALA KA 44 18.54 -15.28 -77.44
C ALA KA 44 17.07 -15.58 -77.20
N CYS KA 45 16.70 -16.87 -77.22
CA CYS KA 45 15.34 -17.25 -76.82
C CYS KA 45 15.10 -16.94 -75.35
N GLY KA 46 16.10 -17.15 -74.51
CA GLY KA 46 16.01 -16.87 -73.09
C GLY KA 46 15.25 -17.91 -72.28
N VAL KA 47 14.59 -18.86 -72.93
CA VAL KA 47 13.89 -19.93 -72.24
C VAL KA 47 14.78 -21.14 -72.06
N CYS KA 48 15.64 -21.46 -73.02
CA CYS KA 48 16.64 -22.49 -72.86
C CYS KA 48 17.70 -22.03 -71.87
N PRO KA 49 17.81 -22.66 -70.70
CA PRO KA 49 18.80 -22.20 -69.73
C PRO KA 49 20.23 -22.51 -70.12
N GLY KA 50 20.44 -23.48 -71.00
CA GLY KA 50 21.77 -23.85 -71.40
C GLY KA 50 22.40 -22.83 -72.32
N ARG KA 51 23.71 -22.88 -72.39
CA ARG KA 51 24.48 -21.96 -73.21
C ARG KA 51 24.88 -22.68 -74.50
N LEU KA 52 25.50 -21.92 -75.41
CA LEU KA 52 25.58 -22.34 -76.79
C LEU KA 52 26.72 -23.33 -77.01
N ARG KA 53 26.49 -24.28 -77.91
CA ARG KA 53 27.47 -25.28 -78.28
C ARG KA 53 28.25 -24.80 -79.50
N GLY KA 54 29.45 -25.36 -79.66
CA GLY KA 54 30.26 -25.10 -80.84
C GLY KA 54 31.00 -23.79 -80.83
N VAL KA 55 30.77 -22.93 -79.84
CA VAL KA 55 31.42 -21.64 -79.73
C VAL KA 55 32.24 -21.61 -78.45
N ARG KA 56 33.48 -21.14 -78.57
CA ARG KA 56 34.44 -21.21 -77.47
C ARG KA 56 34.03 -20.29 -76.33
N ALA KA 57 33.93 -20.84 -75.14
CA ALA KA 57 33.63 -20.08 -73.92
C ALA KA 57 34.90 -19.33 -73.53
N VAL KA 58 35.03 -18.10 -74.04
CA VAL KA 58 36.25 -17.32 -73.88
C VAL KA 58 35.84 -15.88 -73.62
N ARG KA 59 36.74 -15.14 -72.95
CA ARG KA 59 36.52 -13.74 -72.59
C ARG KA 59 36.20 -12.90 -73.83
N PRO KA 60 35.34 -11.88 -73.72
CA PRO KA 60 34.84 -11.20 -74.93
C PRO KA 60 35.89 -10.37 -75.65
N LYS KA 61 36.90 -9.90 -74.95
CA LYS KA 61 37.98 -9.18 -75.63
C LYS KA 61 38.86 -10.13 -76.44
N VAL KA 62 38.87 -11.42 -76.09
CA VAL KA 62 39.62 -12.40 -76.84
C VAL KA 62 38.95 -12.73 -78.16
N LEU KA 63 37.67 -12.35 -78.32
CA LEU KA 63 36.93 -12.68 -79.53
C LEU KA 63 37.51 -12.02 -80.78
N MET KA 64 38.32 -10.97 -80.63
CA MET KA 64 39.04 -10.44 -81.78
C MET KA 64 40.05 -11.44 -82.30
N ARG KA 65 40.64 -12.25 -81.42
CA ARG KA 65 41.66 -13.20 -81.84
C ARG KA 65 41.07 -14.35 -82.63
N LEU KA 66 40.14 -15.09 -82.03
CA LEU KA 66 39.61 -16.30 -82.62
C LEU KA 66 38.76 -15.95 -83.84
N SER KA 67 38.85 -16.80 -84.86
CA SER KA 67 38.29 -16.48 -86.15
C SER KA 67 36.77 -16.71 -86.18
N LYS KA 68 36.20 -16.59 -87.37
CA LYS KA 68 34.75 -16.61 -87.53
C LYS KA 68 34.16 -17.96 -87.13
N THR KA 69 34.82 -19.05 -87.52
CA THR KA 69 34.24 -20.37 -87.33
C THR KA 69 34.20 -20.77 -85.86
N LYS KA 70 35.10 -20.22 -85.04
CA LYS KA 70 35.03 -20.48 -83.61
C LYS KA 70 33.96 -19.65 -82.92
N LYS KA 71 33.43 -18.63 -83.58
CA LYS KA 71 32.48 -17.71 -82.95
C LYS KA 71 31.05 -17.87 -83.42
N HIS KA 72 30.77 -18.82 -84.31
CA HIS KA 72 29.38 -19.08 -84.70
C HIS KA 72 29.27 -20.54 -85.13
N VAL KA 73 28.11 -20.88 -85.70
CA VAL KA 73 27.87 -22.17 -86.32
C VAL KA 73 27.25 -21.89 -87.69
N SER KA 74 27.66 -22.67 -88.68
CA SER KA 74 27.22 -22.43 -90.06
C SER KA 74 25.75 -22.79 -90.18
N ARG KA 75 24.90 -21.78 -89.99
CA ARG KA 75 23.45 -21.94 -89.92
C ARG KA 75 22.80 -20.56 -89.87
N ALA KA 76 21.53 -20.47 -90.25
CA ALA KA 76 20.77 -19.27 -89.95
C ALA KA 76 20.62 -19.14 -88.44
N TYR KA 77 20.79 -17.91 -87.95
CA TYR KA 77 20.88 -17.59 -86.52
C TYR KA 77 22.00 -18.37 -85.82
N GLY KA 78 23.05 -18.72 -86.55
CA GLY KA 78 24.14 -19.48 -85.97
C GLY KA 78 25.02 -18.61 -85.09
N GLY KA 79 25.24 -19.04 -83.86
CA GLY KA 79 26.00 -18.25 -82.93
C GLY KA 79 25.20 -17.25 -82.13
N SER KA 80 23.93 -17.06 -82.46
CA SER KA 80 23.12 -16.08 -81.75
C SER KA 80 21.87 -16.69 -81.15
N MET KA 81 21.45 -17.85 -81.67
CA MET KA 81 20.23 -18.49 -81.21
C MET KA 81 20.42 -19.99 -81.17
N CYS KA 82 19.76 -20.63 -80.20
CA CYS KA 82 19.83 -22.08 -80.07
C CYS KA 82 18.86 -22.73 -81.05
N ALA KA 83 19.35 -23.75 -81.76
CA ALA KA 83 18.64 -24.39 -82.85
C ALA KA 83 17.30 -24.98 -82.43
N LYS KA 84 17.23 -25.45 -81.18
CA LYS KA 84 15.99 -25.99 -80.63
C LYS KA 84 14.87 -24.96 -80.67
N CYS KA 85 15.21 -23.70 -80.42
CA CYS KA 85 14.25 -22.64 -80.63
C CYS KA 85 14.44 -21.90 -81.94
N VAL KA 86 15.24 -22.43 -82.87
CA VAL KA 86 15.27 -21.87 -84.21
C VAL KA 86 14.24 -22.56 -85.09
N ARG KA 87 14.17 -23.89 -85.02
CA ARG KA 87 13.11 -24.60 -85.72
C ARG KA 87 11.74 -24.21 -85.21
N ASP KA 88 11.65 -23.89 -83.91
CA ASP KA 88 10.42 -23.35 -83.36
C ASP KA 88 10.14 -21.95 -83.84
N ARG KA 89 11.14 -21.24 -84.37
CA ARG KA 89 10.90 -20.00 -85.08
C ARG KA 89 10.53 -20.24 -86.54
N ILE KA 90 11.01 -21.33 -87.12
CA ILE KA 90 10.61 -21.70 -88.48
C ILE KA 90 9.18 -22.19 -88.51
N LYS KA 91 8.83 -23.08 -87.58
CA LYS KA 91 7.46 -23.53 -87.44
C LYS KA 91 6.52 -22.38 -87.13
N ARG KA 92 6.95 -21.43 -86.30
CA ARG KA 92 6.08 -20.32 -85.93
C ARG KA 92 5.86 -19.38 -87.10
N ALA KA 93 6.91 -19.10 -87.87
CA ALA KA 93 6.81 -18.07 -88.90
C ALA KA 93 5.95 -18.52 -90.07
N PHE KA 94 5.90 -19.82 -90.33
CA PHE KA 94 5.18 -20.30 -91.49
C PHE KA 94 3.70 -20.48 -91.19
N LEU KA 95 3.40 -21.05 -90.02
CA LEU KA 95 2.01 -21.31 -89.62
C LEU KA 95 1.21 -20.02 -89.50
N ILE KA 96 1.86 -18.95 -89.05
CA ILE KA 96 1.16 -17.68 -88.86
C ILE KA 96 0.81 -17.07 -90.21
N GLU KA 97 1.75 -17.11 -91.16
CA GLU KA 97 1.48 -16.57 -92.48
C GLU KA 97 0.48 -17.43 -93.25
N GLU KA 98 0.47 -18.74 -92.97
CA GLU KA 98 -0.55 -19.60 -93.58
C GLU KA 98 -1.92 -19.32 -93.01
N GLN KA 99 -2.04 -19.23 -91.68
CA GLN KA 99 -3.30 -18.85 -91.06
C GLN KA 99 -3.72 -17.46 -91.48
N LYS KA 100 -2.76 -16.59 -91.78
CA LYS KA 100 -3.10 -15.23 -92.23
C LYS KA 100 -3.78 -15.25 -93.59
N ILE KA 101 -3.44 -16.23 -94.44
CA ILE KA 101 -4.11 -16.36 -95.73
C ILE KA 101 -5.54 -16.85 -95.52
N VAL KA 102 -5.75 -17.69 -94.50
CA VAL KA 102 -7.08 -18.19 -94.17
C VAL KA 102 -7.98 -17.05 -93.72
N VAL KA 103 -7.39 -15.95 -93.21
CA VAL KA 103 -8.17 -14.77 -92.88
C VAL KA 103 -8.78 -14.16 -94.14
N LYS KA 104 -7.97 -13.98 -95.18
CA LYS KA 104 -8.41 -13.26 -96.38
C LYS KA 104 -9.51 -14.02 -97.12
N VAL KA 105 -9.44 -15.36 -97.14
CA VAL KA 105 -10.38 -16.14 -97.92
C VAL KA 105 -11.78 -16.05 -97.34
N LEU KA 106 -11.90 -16.17 -96.01
CA LEU KA 106 -13.20 -16.04 -95.36
C LEU KA 106 -13.72 -14.61 -95.36
N LYS KA 107 -12.86 -13.62 -95.56
CA LYS KA 107 -13.33 -12.26 -95.78
C LYS KA 107 -13.71 -12.00 -97.24
N ALA KA 108 -13.51 -13.00 -98.11
CA ALA KA 108 -13.88 -12.81 -99.52
C ALA KA 108 -15.32 -13.22 -99.79
N GLN KA 109 -15.91 -14.04 -98.91
CA GLN KA 109 -17.31 -14.42 -99.04
C GLN KA 109 -18.25 -13.49 -98.31
N ALA KA 110 -17.74 -12.58 -97.49
CA ALA KA 110 -18.61 -11.85 -96.56
C ALA KA 110 -19.39 -10.74 -97.24
N GLN KA 111 -18.78 -10.00 -98.17
CA GLN KA 111 -19.43 -8.86 -98.79
C GLN KA 111 -20.16 -9.22 -100.08
N SER KA 112 -19.99 -10.45 -100.59
CA SER KA 112 -20.77 -10.88 -101.74
C SER KA 112 -22.20 -11.21 -101.33
N GLN KA 113 -22.37 -11.92 -100.22
CA GLN KA 113 -23.70 -12.22 -99.72
C GLN KA 113 -24.33 -11.04 -98.98
N LYS KA 114 -23.54 -10.07 -98.56
CA LYS KA 114 -24.06 -8.88 -97.90
C LYS KA 114 -24.30 -7.75 -98.90
N ALA LA 1 89.93 31.17 -76.05
CA ALA LA 1 90.24 32.54 -75.67
C ALA LA 1 89.00 33.26 -75.17
N LYS LA 2 89.20 34.45 -74.60
CA LYS LA 2 88.10 35.23 -74.04
C LYS LA 2 87.33 35.88 -75.20
N ILE LA 3 86.41 35.13 -75.78
CA ILE LA 3 85.61 35.62 -76.91
C ILE LA 3 84.70 36.74 -76.44
N LYS LA 4 84.72 37.86 -77.14
CA LYS LA 4 83.92 39.02 -76.82
C LYS LA 4 82.65 39.01 -77.65
N ALA LA 5 81.90 40.10 -77.58
CA ALA LA 5 80.66 40.22 -78.34
C ALA LA 5 80.79 41.15 -79.55
N ARG LA 6 81.78 42.05 -79.55
CA ARG LA 6 81.94 43.01 -80.63
C ARG LA 6 82.38 42.32 -81.92
N ASP LA 7 83.15 41.25 -81.80
CA ASP LA 7 83.63 40.49 -82.95
C ASP LA 7 82.63 39.49 -83.48
N LEU LA 8 81.47 39.35 -82.84
CA LEU LA 8 80.54 38.30 -83.22
C LEU LA 8 79.32 38.81 -83.98
N ARG LA 9 79.02 40.10 -83.89
CA ARG LA 9 77.80 40.62 -84.50
C ARG LA 9 77.89 40.68 -86.02
N GLY LA 10 79.09 40.80 -86.57
CA GLY LA 10 79.22 41.06 -88.00
C GLY LA 10 79.23 39.82 -88.87
N LYS LA 11 79.43 38.65 -88.28
CA LYS LA 11 79.61 37.43 -89.05
C LYS LA 11 78.32 36.99 -89.72
N LYS LA 12 78.45 35.93 -90.54
CA LYS LA 12 77.30 35.24 -91.10
C LYS LA 12 76.54 34.54 -89.96
N LYS LA 13 75.23 34.36 -90.16
CA LYS LA 13 74.39 33.88 -89.06
C LYS LA 13 74.64 32.40 -88.76
N GLU LA 14 74.90 31.60 -89.79
CA GLU LA 14 75.31 30.22 -89.54
C GLU LA 14 76.77 30.12 -89.12
N GLU LA 15 77.58 31.14 -89.42
CA GLU LA 15 78.98 31.15 -89.02
C GLU LA 15 79.16 31.19 -87.51
N LEU LA 16 78.23 31.81 -86.79
CA LEU LA 16 78.23 31.72 -85.33
C LEU LA 16 77.78 30.33 -84.89
N LEU LA 17 76.80 29.76 -85.58
CA LEU LA 17 76.40 28.38 -85.33
C LEU LA 17 77.55 27.42 -85.61
N LYS LA 18 78.41 27.76 -86.57
CA LYS LA 18 79.65 27.00 -86.77
C LYS LA 18 80.55 27.03 -85.55
N GLN LA 19 80.45 28.06 -84.71
CA GLN LA 19 81.18 28.08 -83.46
C GLN LA 19 80.34 27.60 -82.29
N LEU LA 20 79.01 27.63 -82.41
CA LEU LA 20 78.15 27.24 -81.31
C LEU LA 20 78.22 25.74 -81.04
N ASP LA 21 78.17 24.93 -82.10
CA ASP LA 21 78.17 23.48 -81.93
C ASP LA 21 79.48 22.99 -81.33
N ASP LA 22 80.59 23.63 -81.68
CA ASP LA 22 81.87 23.28 -81.08
C ASP LA 22 81.87 23.52 -79.57
N LEU LA 23 81.43 24.70 -79.15
CA LEU LA 23 81.33 24.95 -77.72
C LEU LA 23 80.27 24.07 -77.06
N LYS LA 24 79.20 23.75 -77.80
CA LYS LA 24 78.27 22.75 -77.33
C LYS LA 24 78.94 21.39 -77.21
N VAL LA 25 79.86 21.08 -78.12
CA VAL LA 25 80.66 19.87 -77.96
C VAL LA 25 81.65 20.05 -76.80
N GLU LA 26 82.41 21.15 -76.79
CA GLU LA 26 83.48 21.33 -75.82
C GLU LA 26 82.95 21.39 -74.40
N LEU LA 27 81.70 21.79 -74.22
CA LEU LA 27 81.05 21.70 -72.93
C LEU LA 27 80.91 20.26 -72.45
N SER LA 28 80.70 19.32 -73.36
CA SER LA 28 80.31 17.96 -72.97
C SER LA 28 81.44 17.25 -72.25
N GLN LA 29 82.61 17.15 -72.89
CA GLN LA 29 83.72 16.42 -72.26
C GLN LA 29 84.24 17.12 -71.02
N LEU LA 30 83.98 18.41 -70.87
CA LEU LA 30 84.30 19.09 -69.62
C LEU LA 30 83.40 18.61 -68.50
N ARG LA 31 82.12 18.37 -68.80
CA ARG LA 31 81.25 17.74 -67.83
C ARG LA 31 81.67 16.30 -67.58
N VAL LA 32 82.15 15.61 -68.61
CA VAL LA 32 82.72 14.28 -68.43
C VAL LA 32 83.97 14.34 -67.56
N ALA LA 33 84.84 15.33 -67.82
CA ALA LA 33 86.06 15.46 -67.03
C ALA LA 33 85.77 15.76 -65.58
N LYS LA 34 84.63 16.37 -65.28
CA LYS LA 34 84.24 16.61 -63.90
C LYS LA 34 84.02 15.32 -63.13
N VAL LA 35 83.39 14.33 -63.73
CA VAL LA 35 83.01 13.14 -62.98
C VAL LA 35 84.09 12.08 -62.98
N THR LA 36 84.93 12.03 -64.03
CA THR LA 36 86.03 11.07 -64.04
C THR LA 36 87.21 11.53 -63.20
N GLY LA 37 87.23 12.80 -62.79
CA GLY LA 37 88.32 13.30 -61.99
C GLY LA 37 89.47 13.83 -62.83
N GLY LA 38 89.18 14.77 -63.72
CA GLY LA 38 90.19 15.42 -64.52
C GLY LA 38 90.93 16.49 -63.73
N ALA LA 39 91.79 17.21 -64.45
CA ALA LA 39 92.58 18.27 -63.84
C ALA LA 39 91.68 19.41 -63.36
N ALA LA 40 92.00 19.95 -62.18
CA ALA LA 40 91.17 20.99 -61.57
C ALA LA 40 91.15 22.28 -62.38
N SER LA 41 92.16 22.49 -63.23
CA SER LA 41 92.07 23.58 -64.20
C SER LA 41 90.93 23.37 -65.18
N LYS LA 42 90.69 22.11 -65.56
CA LYS LA 42 89.57 21.81 -66.46
C LYS LA 42 88.24 21.89 -65.74
N LEU LA 43 88.19 21.48 -64.47
CA LEU LA 43 87.00 21.74 -63.68
C LEU LA 43 86.78 23.23 -63.46
N SER LA 44 87.84 24.03 -63.41
CA SER LA 44 87.73 25.48 -63.38
C SER LA 44 87.31 26.04 -64.73
N LYS LA 45 87.47 25.28 -65.80
CA LYS LA 45 87.32 25.80 -67.15
C LYS LA 45 85.87 25.85 -67.63
N ILE LA 46 84.95 25.16 -66.96
CA ILE LA 46 83.57 25.12 -67.45
C ILE LA 46 82.92 26.48 -67.37
N ARG LA 47 83.15 27.22 -66.29
CA ARG LA 47 82.53 28.54 -66.19
C ARG LA 47 83.12 29.51 -67.20
N VAL LA 48 84.35 29.29 -67.63
CA VAL LA 48 84.90 30.05 -68.74
C VAL LA 48 84.18 29.69 -70.03
N VAL LA 49 83.79 28.43 -70.19
CA VAL LA 49 83.09 28.00 -71.39
C VAL LA 49 81.59 28.27 -71.25
N ARG LA 50 81.03 28.06 -70.06
CA ARG LA 50 79.60 28.26 -69.88
C ARG LA 50 79.20 29.71 -70.10
N LYS LA 51 80.06 30.65 -69.68
CA LYS LA 51 79.80 32.03 -70.01
C LYS LA 51 80.03 32.33 -71.47
N SER LA 52 80.81 31.51 -72.17
CA SER LA 52 81.03 31.74 -73.59
C SER LA 52 79.82 31.34 -74.41
N ILE LA 53 79.16 30.24 -74.05
CA ILE LA 53 77.94 29.82 -74.74
C ILE LA 53 76.83 30.84 -74.51
N ALA LA 54 76.85 31.50 -73.36
CA ALA LA 54 75.87 32.54 -73.08
C ALA LA 54 76.07 33.75 -73.98
N ARG LA 55 77.29 33.97 -74.46
CA ARG LA 55 77.55 35.11 -75.32
C ARG LA 55 77.02 34.88 -76.73
N VAL LA 56 77.37 33.74 -77.32
CA VAL LA 56 77.00 33.46 -78.71
C VAL LA 56 75.48 33.34 -78.86
N LEU LA 57 74.83 32.78 -77.84
CA LEU LA 57 73.37 32.68 -77.89
C LEU LA 57 72.72 34.04 -77.69
N THR LA 58 73.39 34.94 -76.98
CA THR LA 58 72.86 36.28 -76.78
C THR LA 58 72.87 37.07 -78.08
N VAL LA 59 74.00 37.07 -78.78
CA VAL LA 59 74.16 37.95 -79.94
C VAL LA 59 73.31 37.47 -81.11
N ILE LA 60 73.07 36.16 -81.20
CA ILE LA 60 72.21 35.67 -82.27
C ILE LA 60 70.76 36.04 -82.00
N ASN LA 61 70.36 36.03 -80.72
CA ASN LA 61 69.04 36.53 -80.35
C ASN LA 61 68.92 38.03 -80.51
N GLN LA 62 70.03 38.76 -80.43
CA GLN LA 62 70.00 40.23 -80.52
C GLN LA 62 69.67 40.67 -81.94
N THR LA 63 70.48 40.21 -82.90
CA THR LA 63 70.28 40.61 -84.29
C THR LA 63 68.97 40.08 -84.85
N GLN LA 64 68.65 38.82 -84.56
CA GLN LA 64 67.43 38.23 -85.11
C GLN LA 64 66.18 38.95 -84.63
N LYS LA 65 66.18 39.36 -83.36
CA LYS LA 65 65.04 40.13 -82.84
C LYS LA 65 64.94 41.48 -83.54
N GLU LA 66 66.06 42.18 -83.68
CA GLU LA 66 65.99 43.49 -84.30
C GLU LA 66 65.83 43.37 -85.82
N ASN LA 67 66.18 42.22 -86.38
CA ASN LA 67 65.86 41.96 -87.78
C ASN LA 67 64.36 41.89 -88.00
N LEU LA 68 63.64 41.28 -87.06
CA LEU LA 68 62.20 41.13 -87.22
C LEU LA 68 61.46 42.46 -87.02
N ARG LA 69 61.91 43.28 -86.07
CA ARG LA 69 61.30 44.59 -85.93
C ARG LA 69 61.71 45.51 -87.08
N LYS LA 70 62.77 45.14 -87.80
CA LYS LA 70 63.06 45.80 -89.06
C LYS LA 70 62.15 45.30 -90.18
N PHE LA 71 61.46 44.19 -89.97
CA PHE LA 71 60.50 43.71 -90.96
C PHE LA 71 59.11 44.30 -90.73
N TYR LA 72 58.66 44.34 -89.47
CA TYR LA 72 57.36 44.89 -89.12
C TYR LA 72 57.41 46.39 -88.85
N LYS LA 73 58.41 47.08 -89.39
CA LYS LA 73 58.51 48.52 -89.15
C LYS LA 73 57.41 49.30 -89.86
N GLY LA 74 56.95 48.83 -91.01
CA GLY LA 74 55.96 49.55 -91.77
C GLY LA 74 54.54 49.05 -91.58
N LYS LA 75 54.38 47.93 -90.88
CA LYS LA 75 53.11 47.26 -90.80
C LYS LA 75 52.30 47.79 -89.63
N LYS LA 76 50.98 47.94 -89.85
CA LYS LA 76 50.09 48.44 -88.79
C LYS LA 76 49.99 47.46 -87.65
N TYR LA 77 49.79 46.18 -87.95
CA TYR LA 77 49.72 45.15 -86.94
C TYR LA 77 51.06 44.42 -86.86
N LYS LA 78 51.75 44.60 -85.73
CA LYS LA 78 53.05 44.01 -85.49
C LYS LA 78 52.91 43.08 -84.30
N PRO LA 79 53.73 42.03 -84.21
CA PRO LA 79 53.55 41.04 -83.15
C PRO LA 79 53.71 41.61 -81.75
N LEU LA 80 53.16 40.88 -80.77
CA LEU LA 80 53.09 41.37 -79.39
C LEU LA 80 54.45 41.58 -78.77
N ASP LA 81 55.48 40.86 -79.22
CA ASP LA 81 56.80 41.02 -78.66
C ASP LA 81 57.44 42.33 -79.06
N LEU LA 82 57.07 42.86 -80.22
CA LEU LA 82 57.70 44.08 -80.71
C LEU LA 82 56.99 45.34 -80.23
N ARG LA 83 55.75 45.22 -79.78
CA ARG LA 83 55.12 46.35 -79.13
C ARG LA 83 55.83 46.67 -77.82
N PRO LA 84 55.98 47.94 -77.48
CA PRO LA 84 56.73 48.30 -76.27
C PRO LA 84 56.05 47.86 -75.00
N LYS LA 85 56.76 47.07 -74.19
CA LYS LA 85 56.20 46.53 -72.95
C LYS LA 85 56.29 47.60 -71.87
N LYS LA 86 55.22 48.38 -71.74
CA LYS LA 86 55.19 49.50 -70.81
C LYS LA 86 53.91 49.48 -69.96
N THR LA 87 53.98 48.78 -68.82
CA THR LA 87 53.10 48.90 -67.65
C THR LA 87 51.61 49.04 -67.98
N ARG LA 88 50.97 47.94 -68.40
CA ARG LA 88 49.74 47.86 -69.19
C ARG LA 88 48.65 48.90 -68.91
N ALA LA 89 48.65 49.45 -67.69
CA ALA LA 89 47.82 50.61 -67.38
C ALA LA 89 48.03 51.75 -68.37
N MET LA 90 49.27 52.00 -68.79
CA MET LA 90 49.52 53.05 -69.76
C MET LA 90 49.63 52.53 -71.19
N ARG LA 91 49.72 51.21 -71.38
CA ARG LA 91 49.48 50.65 -72.70
C ARG LA 91 48.03 50.79 -73.12
N ARG LA 92 47.12 50.94 -72.16
CA ARG LA 92 45.70 51.11 -72.41
C ARG LA 92 45.27 52.56 -72.31
N ARG LA 93 46.21 53.47 -72.02
CA ARG LA 93 45.92 54.89 -71.91
C ARG LA 93 45.75 55.48 -73.31
N LEU LA 94 45.44 56.77 -73.37
CA LEU LA 94 45.20 57.43 -74.64
C LEU LA 94 46.54 57.76 -75.31
N ASN LA 95 46.47 58.25 -76.55
CA ASN LA 95 47.68 58.53 -77.32
C ASN LA 95 48.27 59.87 -76.92
N LYS LA 96 49.22 60.37 -77.71
CA LYS LA 96 49.70 61.73 -77.56
C LYS LA 96 48.73 62.74 -78.17
N HIS LA 97 47.98 62.34 -79.19
CA HIS LA 97 47.11 63.25 -79.92
C HIS LA 97 45.72 63.40 -79.32
N GLU LA 98 45.27 62.43 -78.52
CA GLU LA 98 43.87 62.40 -78.11
C GLU LA 98 43.56 63.48 -77.09
N GLU LA 99 44.52 63.79 -76.22
CA GLU LA 99 44.30 64.87 -75.27
C GLU LA 99 44.24 66.23 -75.94
N SER LA 100 45.06 66.46 -76.96
CA SER LA 100 45.08 67.74 -77.66
C SER LA 100 43.83 67.97 -78.49
N LEU LA 101 43.00 66.96 -78.71
CA LEU LA 101 41.76 67.14 -79.44
C LEU LA 101 40.75 67.90 -78.58
N LYS LA 102 40.36 69.07 -79.05
CA LYS LA 102 39.28 69.84 -78.45
C LYS LA 102 38.18 70.03 -79.48
N THR LA 103 36.95 70.18 -79.01
CA THR LA 103 35.84 70.43 -79.91
C THR LA 103 35.95 71.82 -80.52
N LYS LA 104 35.27 72.00 -81.66
CA LYS LA 104 35.17 73.33 -82.25
C LYS LA 104 34.53 74.32 -81.30
N LYS LA 105 33.46 73.90 -80.60
CA LYS LA 105 32.79 74.74 -79.61
C LYS LA 105 33.72 75.11 -78.46
N GLN LA 106 34.66 74.25 -78.11
CA GLN LA 106 35.71 74.63 -77.17
C GLN LA 106 36.70 75.58 -77.82
N GLN LA 107 37.16 75.25 -79.04
CA GLN LA 107 38.08 76.13 -79.75
C GLN LA 107 37.41 77.43 -80.19
N ARG LA 108 36.09 77.50 -80.15
CA ARG LA 108 35.36 78.75 -80.30
C ARG LA 108 35.36 79.56 -79.01
N LYS LA 109 35.99 79.07 -77.94
CA LYS LA 109 36.19 79.85 -76.74
C LYS LA 109 37.62 80.34 -76.61
N GLU LA 110 38.59 79.49 -76.98
CA GLU LA 110 39.98 79.87 -76.82
C GLU LA 110 40.42 80.87 -77.88
N ARG LA 111 40.03 80.65 -79.13
CA ARG LA 111 40.43 81.58 -80.18
C ARG LA 111 39.77 82.95 -79.99
N LEU LA 112 38.48 82.96 -79.68
CA LEU LA 112 37.79 84.23 -79.49
C LEU LA 112 38.18 84.91 -78.19
N TYR LA 113 38.32 84.14 -77.11
CA TYR LA 113 38.69 84.70 -75.81
C TYR LA 113 39.94 84.03 -75.27
N PRO LA 114 41.11 84.36 -75.82
CA PRO LA 114 42.35 83.85 -75.25
C PRO LA 114 42.74 84.66 -74.02
N LEU LA 115 43.48 83.99 -73.12
CA LEU LA 115 43.87 84.62 -71.87
C LEU LA 115 44.89 85.71 -72.11
N ARG LA 116 44.71 86.85 -71.47
CA ARG LA 116 45.56 88.00 -71.67
C ARG LA 116 46.64 88.09 -70.61
N LYS LA 117 47.73 88.77 -70.94
CA LYS LA 117 48.77 89.09 -69.98
C LYS LA 117 48.47 90.47 -69.41
N TYR LA 118 48.08 90.53 -68.15
CA TYR LA 118 47.70 91.80 -67.55
C TYR LA 118 48.51 92.04 -66.30
N ALA LA 119 48.46 93.30 -65.84
CA ALA LA 119 49.09 93.72 -64.61
C ALA LA 119 48.37 94.96 -64.12
N VAL LA 120 48.28 95.11 -62.81
CA VAL LA 120 47.52 96.20 -62.22
C VAL LA 120 48.46 97.14 -61.48
N LYS LA 121 47.99 98.35 -61.25
CA LYS LA 121 48.73 99.34 -60.50
C LYS LA 121 48.56 99.13 -59.00
N ALA LA 122 49.11 100.05 -58.21
CA ALA LA 122 48.99 99.99 -56.76
C ALA LA 122 48.42 101.29 -56.21
N ALA MA 1 8.03 114.46 -34.42
CA ALA MA 1 7.33 113.50 -35.26
C ALA MA 1 8.25 112.95 -36.34
N LEU MA 2 9.56 113.11 -36.14
CA LEU MA 2 10.52 112.61 -37.12
C LEU MA 2 10.63 111.10 -37.03
N ARG MA 3 10.41 110.43 -38.15
CA ARG MA 3 10.33 108.97 -38.21
C ARG MA 3 11.74 108.42 -38.36
N TYR MA 4 12.31 107.97 -37.25
CA TYR MA 4 13.60 107.30 -37.39
C TYR MA 4 13.42 105.92 -37.99
N PRO MA 5 14.35 105.48 -38.85
CA PRO MA 5 14.26 104.13 -39.41
C PRO MA 5 14.54 103.08 -38.36
N MET MA 6 13.61 102.14 -38.20
CA MET MA 6 13.67 101.19 -37.10
C MET MA 6 14.00 99.80 -37.61
N ALA MA 7 14.53 98.98 -36.71
CA ALA MA 7 14.83 97.58 -37.03
C ALA MA 7 13.73 96.63 -36.58
N VAL MA 8 12.74 97.13 -35.83
CA VAL MA 8 11.55 96.37 -35.47
C VAL MA 8 10.35 97.26 -35.74
N GLY MA 9 9.40 96.76 -36.51
CA GLY MA 9 8.23 97.53 -36.90
C GLY MA 9 7.62 96.95 -38.15
N LEU MA 10 6.75 97.75 -38.78
CA LEU MA 10 6.05 97.28 -39.97
C LEU MA 10 6.95 97.32 -41.20
N ASN MA 11 7.64 98.43 -41.41
CA ASN MA 11 8.60 98.58 -42.49
C ASN MA 11 10.01 98.63 -41.92
N LYS MA 12 10.24 97.73 -40.96
CA LYS MA 12 11.50 97.65 -40.22
C LYS MA 12 12.68 97.39 -41.15
N GLY MA 13 13.88 97.64 -40.63
CA GLY MA 13 15.08 97.42 -41.39
C GLY MA 13 15.73 98.70 -41.88
N HIS MA 14 16.91 98.58 -42.48
CA HIS MA 14 17.63 99.74 -42.96
C HIS MA 14 16.91 100.40 -44.12
N LYS MA 15 16.73 101.72 -44.04
CA LYS MA 15 16.09 102.46 -45.11
C LYS MA 15 17.04 102.51 -46.31
N VAL MA 16 16.68 101.85 -47.39
CA VAL MA 16 17.53 101.72 -48.56
C VAL MA 16 16.67 101.94 -49.79
N THR MA 17 17.27 102.43 -50.89
CA THR MA 17 16.52 102.56 -52.13
C THR MA 17 16.65 101.27 -52.94
N LYS MA 18 15.64 101.01 -53.77
CA LYS MA 18 15.56 99.77 -54.51
C LYS MA 18 15.86 100.02 -55.98
N ASN MA 19 16.21 98.96 -56.69
CA ASN MA 19 16.22 98.97 -58.14
C ASN MA 19 15.47 97.74 -58.64
N VAL MA 20 14.71 97.92 -59.72
CA VAL MA 20 14.04 96.82 -60.39
C VAL MA 20 14.68 96.64 -61.76
N SER MA 21 14.62 95.44 -62.30
CA SER MA 21 15.29 95.13 -63.54
C SER MA 21 14.63 93.92 -64.18
N LYS MA 22 15.27 93.37 -65.20
CA LYS MA 22 14.79 92.16 -65.85
C LYS MA 22 15.09 90.95 -64.98
N PRO MA 23 14.09 90.15 -64.64
CA PRO MA 23 14.35 88.95 -63.83
C PRO MA 23 15.15 87.91 -64.60
N ARG MA 24 15.75 86.99 -63.86
CA ARG MA 24 16.55 85.94 -64.46
C ARG MA 24 15.68 85.03 -65.32
N HIS MA 25 16.30 84.43 -66.34
CA HIS MA 25 15.60 83.52 -67.24
C HIS MA 25 15.25 82.19 -66.59
N SER MA 26 15.62 81.97 -65.33
CA SER MA 26 15.18 80.77 -64.64
C SER MA 26 13.83 80.93 -63.95
N ARG MA 27 13.41 82.18 -63.73
CA ARG MA 27 12.21 82.43 -62.91
C ARG MA 27 10.91 82.18 -63.65
N ARG MA 28 10.95 81.72 -64.89
CA ARG MA 28 9.70 81.52 -65.62
C ARG MA 28 9.47 80.07 -66.05
N ARG MA 29 10.34 79.15 -65.65
CA ARG MA 29 10.27 77.76 -66.10
C ARG MA 29 8.96 77.10 -65.71
N GLY MA 30 8.52 76.15 -66.53
CA GLY MA 30 7.19 75.63 -66.40
C GLY MA 30 6.12 76.53 -66.97
N ARG MA 31 6.48 77.43 -67.87
CA ARG MA 31 5.52 78.36 -68.46
C ARG MA 31 4.71 77.63 -69.52
N LEU MA 32 3.41 77.90 -69.55
CA LEU MA 32 2.55 77.32 -70.58
C LEU MA 32 2.88 77.95 -71.92
N THR MA 33 3.61 77.22 -72.76
CA THR MA 33 4.00 77.65 -74.08
C THR MA 33 2.97 77.19 -75.10
N LYS MA 34 2.65 78.07 -76.06
CA LYS MA 34 1.60 77.77 -77.03
C LYS MA 34 1.95 76.58 -77.91
N HIS MA 35 3.24 76.28 -78.08
CA HIS MA 35 3.61 75.13 -78.89
C HIS MA 35 3.44 73.84 -78.11
N THR MA 36 3.90 73.80 -76.87
CA THR MA 36 3.68 72.59 -76.07
C THR MA 36 2.22 72.47 -75.64
N LYS MA 37 1.49 73.58 -75.64
CA LYS MA 37 0.04 73.48 -75.48
C LYS MA 37 -0.61 72.80 -76.66
N PHE MA 38 -0.07 72.98 -77.85
CA PHE MA 38 -0.55 72.31 -79.05
C PHE MA 38 -0.25 70.81 -79.03
N VAL MA 39 0.76 70.37 -78.29
CA VAL MA 39 1.14 68.97 -78.39
C VAL MA 39 0.64 68.17 -77.20
N ARG MA 40 0.41 68.80 -76.04
CA ARG MA 40 -0.09 68.06 -74.89
C ARG MA 40 -1.56 67.70 -75.07
N ASP MA 41 -2.38 68.66 -75.52
CA ASP MA 41 -3.78 68.36 -75.75
C ASP MA 41 -3.99 67.42 -76.91
N MET MA 42 -3.07 67.42 -77.89
CA MET MA 42 -3.14 66.50 -79.00
C MET MA 42 -3.10 65.05 -78.54
N ILE MA 43 -2.19 64.74 -77.62
CA ILE MA 43 -2.13 63.39 -77.07
C ILE MA 43 -3.28 63.15 -76.11
N ARG MA 44 -3.69 64.20 -75.37
CA ARG MA 44 -4.82 64.12 -74.46
C ARG MA 44 -6.08 63.63 -75.14
N GLU MA 45 -6.26 63.93 -76.42
CA GLU MA 45 -7.30 63.30 -77.21
C GLU MA 45 -6.90 61.90 -77.64
N VAL MA 46 -5.63 61.69 -77.99
CA VAL MA 46 -5.17 60.38 -78.44
C VAL MA 46 -5.18 59.39 -77.29
N CYS MA 47 -4.46 59.70 -76.21
CA CYS MA 47 -4.41 58.77 -75.08
C CYS MA 47 -5.75 58.73 -74.36
N GLY MA 48 -6.34 59.89 -74.13
CA GLY MA 48 -7.65 59.95 -73.51
C GLY MA 48 -7.60 60.23 -72.02
N PHE MA 49 -7.86 59.21 -71.22
CA PHE MA 49 -7.91 59.36 -69.77
C PHE MA 49 -7.30 58.15 -69.08
N ALA MA 50 -7.04 58.31 -67.82
CA ALA MA 50 -6.69 57.28 -66.86
C ALA MA 50 -7.97 56.75 -66.21
N PRO MA 51 -7.99 55.48 -65.79
CA PRO MA 51 -9.24 54.89 -65.29
C PRO MA 51 -9.83 55.57 -64.06
N TYR MA 52 -9.00 56.17 -63.19
CA TYR MA 52 -9.56 56.90 -62.07
C TYR MA 52 -10.19 58.23 -62.50
N GLU MA 53 -9.73 58.80 -63.61
CA GLU MA 53 -10.34 60.03 -64.09
C GLU MA 53 -11.72 59.79 -64.68
N ARG MA 54 -11.87 58.71 -65.45
CA ARG MA 54 -13.18 58.38 -66.00
C ARG MA 54 -14.17 58.03 -64.89
N ARG MA 55 -13.67 57.48 -63.78
CA ARG MA 55 -14.50 57.32 -62.60
C ARG MA 55 -14.82 58.66 -61.96
N ALA MA 56 -13.96 59.67 -62.15
CA ALA MA 56 -14.21 60.96 -61.52
C ALA MA 56 -15.26 61.75 -62.27
N MET MA 57 -15.30 61.66 -63.61
CA MET MA 57 -16.28 62.42 -64.38
C MET MA 57 -17.70 61.96 -64.10
N GLU MA 58 -17.88 60.69 -63.70
CA GLU MA 58 -19.20 60.26 -63.26
C GLU MA 58 -19.62 61.02 -62.01
N LEU MA 59 -18.69 61.28 -61.10
CA LEU MA 59 -18.99 62.16 -59.97
C LEU MA 59 -19.16 63.60 -60.39
N LEU MA 60 -18.67 63.98 -61.57
CA LEU MA 60 -18.86 65.33 -62.06
C LEU MA 60 -20.23 65.51 -62.70
N LYS MA 61 -20.70 64.50 -63.43
CA LYS MA 61 -22.02 64.61 -64.04
C LYS MA 61 -23.13 64.46 -63.01
N VAL MA 62 -22.85 63.82 -61.88
CA VAL MA 62 -23.82 63.77 -60.80
C VAL MA 62 -23.49 64.87 -59.82
N SER MA 63 -22.39 65.58 -60.11
CA SER MA 63 -21.98 66.81 -59.43
C SER MA 63 -21.80 66.59 -57.93
N LYS MA 64 -21.15 65.48 -57.59
CA LYS MA 64 -20.78 65.20 -56.21
C LYS MA 64 -19.35 65.70 -55.97
N ASP MA 65 -19.17 67.01 -56.16
CA ASP MA 65 -17.84 67.60 -56.22
C ASP MA 65 -17.11 67.47 -54.90
N LYS MA 66 -17.82 67.61 -53.78
CA LYS MA 66 -17.19 67.48 -52.47
C LYS MA 66 -16.66 66.07 -52.26
N ARG MA 67 -17.30 65.06 -52.87
CA ARG MA 67 -16.77 63.71 -52.81
C ARG MA 67 -15.74 63.47 -53.90
N ALA MA 68 -15.87 64.14 -55.05
CA ALA MA 68 -14.92 63.95 -56.14
C ALA MA 68 -13.54 64.47 -55.76
N LEU MA 69 -13.48 65.61 -55.07
CA LEU MA 69 -12.19 66.12 -54.60
C LEU MA 69 -11.55 65.18 -53.60
N LYS MA 70 -12.34 64.63 -52.68
CA LYS MA 70 -11.83 63.61 -51.78
C LYS MA 70 -11.43 62.36 -52.54
N PHE MA 71 -12.09 62.07 -53.66
CA PHE MA 71 -11.75 60.89 -54.44
C PHE MA 71 -10.40 61.05 -55.12
N ILE MA 72 -10.12 62.24 -55.64
CA ILE MA 72 -8.87 62.45 -56.35
C ILE MA 72 -7.72 62.65 -55.36
N LYS MA 73 -8.02 63.23 -54.20
CA LYS MA 73 -7.00 63.42 -53.16
C LYS MA 73 -6.46 62.09 -52.66
N LYS MA 74 -7.31 61.09 -52.52
CA LYS MA 74 -6.86 59.75 -52.20
C LYS MA 74 -6.19 59.05 -53.39
N ARG MA 75 -6.15 59.70 -54.56
CA ARG MA 75 -5.54 59.14 -55.75
C ARG MA 75 -4.24 59.87 -56.12
N VAL MA 76 -4.27 61.19 -56.22
CA VAL MA 76 -3.13 61.89 -56.80
C VAL MA 76 -2.23 62.46 -55.72
N GLY MA 77 -2.74 62.62 -54.49
CA GLY MA 77 -1.90 63.10 -53.41
C GLY MA 77 -2.45 64.24 -52.59
N THR MA 78 -1.67 65.32 -52.47
CA THR MA 78 -2.03 66.44 -51.62
C THR MA 78 -3.23 67.21 -52.20
N HIS MA 79 -3.69 68.19 -51.42
CA HIS MA 79 -4.94 68.87 -51.75
C HIS MA 79 -4.78 69.80 -52.96
N ILE MA 80 -3.62 70.45 -53.10
CA ILE MA 80 -3.45 71.45 -54.15
C ILE MA 80 -3.43 70.79 -55.53
N ARG MA 81 -2.80 69.61 -55.63
CA ARG MA 81 -2.82 68.89 -56.89
C ARG MA 81 -4.21 68.38 -57.20
N ALA MA 82 -4.88 67.81 -56.19
CA ALA MA 82 -6.25 67.33 -56.39
C ALA MA 82 -7.19 68.46 -56.72
N LYS MA 83 -6.95 69.65 -56.16
CA LYS MA 83 -7.73 70.82 -56.55
C LYS MA 83 -7.45 71.19 -58.01
N ARG MA 84 -6.16 71.23 -58.38
CA ARG MA 84 -5.76 71.75 -59.68
C ARG MA 84 -6.29 70.89 -60.82
N LYS MA 85 -6.24 69.57 -60.68
CA LYS MA 85 -6.80 68.68 -61.67
C LYS MA 85 -8.32 68.76 -61.74
N ARG MA 86 -8.98 69.12 -60.63
CA ARG MA 86 -10.42 68.96 -60.51
C ARG MA 86 -11.18 69.89 -61.44
N GLU MA 87 -10.83 71.19 -61.42
CA GLU MA 87 -11.51 72.14 -62.29
C GLU MA 87 -11.17 71.91 -63.75
N GLU MA 88 -10.00 71.31 -64.02
CA GLU MA 88 -9.65 70.97 -65.40
C GLU MA 88 -10.58 69.91 -65.96
N LEU MA 89 -11.02 68.99 -65.11
CA LEU MA 89 -11.85 67.88 -65.56
C LEU MA 89 -13.31 68.27 -65.76
N SER MA 90 -13.81 69.28 -65.05
CA SER MA 90 -15.10 69.83 -65.40
C SER MA 90 -15.00 70.80 -66.56
N SER MA 91 -13.79 71.28 -66.85
CA SER MA 91 -13.60 72.13 -68.02
C SER MA 91 -13.59 71.34 -69.32
N VAL MA 92 -13.29 70.05 -69.25
CA VAL MA 92 -13.35 69.23 -70.44
C VAL MA 92 -14.73 68.57 -70.56
N LEU MA 93 -15.42 68.36 -69.43
CA LEU MA 93 -16.82 67.99 -69.50
C LEU MA 93 -17.66 69.11 -70.09
N ALA MA 94 -17.37 70.36 -69.73
CA ALA MA 94 -18.00 71.49 -70.39
C ALA MA 94 -17.55 71.62 -71.84
N ALA MA 95 -16.32 71.20 -72.13
CA ALA MA 95 -15.89 71.06 -73.52
C ALA MA 95 -16.55 69.88 -74.20
N MET MA 96 -17.05 68.91 -73.44
CA MET MA 96 -17.93 67.90 -74.01
C MET MA 96 -19.38 68.39 -74.04
N ARG MA 97 -19.75 69.26 -73.11
CA ARG MA 97 -21.10 69.80 -73.06
C ARG MA 97 -21.34 70.88 -74.11
N LYS MA 98 -20.28 71.46 -74.68
CA LYS MA 98 -20.47 72.49 -75.71
C LYS MA 98 -20.68 71.87 -77.08
N ALA MA 99 -20.12 70.68 -77.32
CA ALA MA 99 -20.30 70.00 -78.59
C ALA MA 99 -21.59 69.21 -78.65
N ALA MA 100 -22.11 68.78 -77.51
CA ALA MA 100 -23.28 67.91 -77.49
C ALA MA 100 -24.54 68.65 -77.93
N ALA MA 101 -24.62 69.95 -77.62
CA ALA MA 101 -25.80 70.74 -77.96
C ALA MA 101 -25.88 70.98 -79.47
N LYS MA 102 -24.87 71.62 -80.03
CA LYS MA 102 -24.87 71.95 -81.45
C LYS MA 102 -23.63 71.42 -82.15
N THR NA 1 39.97 4.21 -24.81
CA THR NA 1 40.23 3.71 -26.16
C THR NA 1 40.45 4.93 -27.06
N LYS NA 2 39.87 6.07 -26.66
CA LYS NA 2 39.85 7.28 -27.47
C LYS NA 2 41.20 7.99 -27.52
N GLY NA 3 42.22 7.48 -26.84
CA GLY NA 3 43.47 8.19 -26.75
C GLY NA 3 44.60 7.63 -27.57
N THR NA 4 45.62 7.10 -26.89
CA THR NA 4 46.83 6.59 -27.54
C THR NA 4 46.53 5.50 -28.55
N SER NA 5 45.68 4.54 -28.17
CA SER NA 5 45.38 3.41 -29.04
C SER NA 5 44.69 3.84 -30.32
N SER NA 6 43.90 4.91 -30.28
CA SER NA 6 43.16 5.31 -31.46
C SER NA 6 44.04 5.95 -32.51
N PHE NA 7 45.21 6.48 -32.11
CA PHE NA 7 46.02 7.25 -33.04
C PHE NA 7 46.76 6.38 -34.04
N GLY NA 8 46.78 5.06 -33.84
CA GLY NA 8 47.46 4.19 -34.78
C GLY NA 8 46.79 4.07 -36.12
N LYS NA 9 45.48 4.28 -36.18
CA LYS NA 9 44.71 4.04 -37.39
C LYS NA 9 44.70 5.24 -38.32
N ARG NA 10 45.67 6.14 -38.21
CA ARG NA 10 45.69 7.34 -39.02
C ARG NA 10 46.69 7.19 -40.15
N ARG NA 11 46.20 6.85 -41.34
CA ARG NA 11 47.04 6.66 -42.50
C ARG NA 11 46.38 7.26 -43.74
N ASN NA 12 45.37 8.10 -43.53
CA ASN NA 12 44.55 8.60 -44.62
C ASN NA 12 44.67 10.13 -44.66
N LYS NA 13 45.66 10.61 -45.38
CA LYS NA 13 45.91 12.05 -45.50
C LYS NA 13 44.77 12.76 -46.21
N THR NA 14 44.09 13.68 -45.52
CA THR NA 14 43.04 14.46 -46.15
C THR NA 14 43.62 15.56 -47.02
N HIS NA 15 44.40 16.45 -46.44
CA HIS NA 15 45.01 17.55 -47.17
C HIS NA 15 46.36 17.13 -47.72
N THR NA 16 46.70 17.69 -48.87
CA THR NA 16 47.98 17.43 -49.49
C THR NA 16 48.51 18.74 -50.06
N LEU NA 17 49.57 18.64 -50.84
CA LEU NA 17 50.22 19.83 -51.37
C LEU NA 17 49.36 20.47 -52.44
N CYS NA 18 48.94 21.70 -52.21
CA CYS NA 18 48.26 22.48 -53.22
C CYS NA 18 49.26 22.89 -54.29
N ARG NA 19 48.79 22.96 -55.54
CA ARG NA 19 49.64 23.38 -56.64
C ARG NA 19 49.41 24.85 -56.98
N ARG NA 20 48.91 25.62 -56.04
CA ARG NA 20 48.85 27.06 -56.24
C ARG NA 20 49.53 27.83 -55.12
N CYS NA 21 49.39 27.37 -53.88
CA CYS NA 21 50.08 28.01 -52.77
C CYS NA 21 51.19 27.17 -52.18
N GLY NA 22 51.28 25.90 -52.55
CA GLY NA 22 52.35 25.05 -52.06
C GLY NA 22 52.10 24.48 -50.68
N SER NA 23 51.17 25.07 -49.95
CA SER NA 23 50.91 24.65 -48.59
C SER NA 23 50.19 23.30 -48.56
N LYS NA 24 50.40 22.57 -47.47
CA LYS NA 24 49.79 21.25 -47.28
C LYS NA 24 48.37 21.46 -46.77
N ALA NA 25 47.53 22.08 -47.59
CA ALA NA 25 46.15 22.33 -47.18
C ALA NA 25 45.16 22.12 -48.32
N TYR NA 26 45.50 21.28 -49.29
CA TYR NA 26 44.61 20.97 -50.40
C TYR NA 26 43.78 19.76 -50.01
N HIS NA 27 42.56 19.99 -49.55
CA HIS NA 27 41.71 18.90 -49.08
C HIS NA 27 41.29 18.03 -50.25
N LEU NA 28 41.58 16.74 -50.17
CA LEU NA 28 41.35 15.86 -51.31
C LEU NA 28 39.88 15.53 -51.48
N GLN NA 29 39.13 15.44 -50.38
CA GLN NA 29 37.73 15.06 -50.48
C GLN NA 29 36.91 16.19 -51.09
N LYS NA 30 37.10 17.43 -50.62
CA LYS NA 30 36.38 18.57 -51.18
C LYS NA 30 37.00 19.07 -52.48
N SER NA 31 38.23 18.63 -52.77
CA SER NA 31 39.01 19.06 -53.95
C SER NA 31 39.21 20.58 -54.00
N THR NA 32 39.25 21.22 -52.83
CA THR NA 32 39.49 22.66 -52.73
C THR NA 32 40.57 22.91 -51.69
N CYS NA 33 41.40 23.91 -51.95
CA CYS NA 33 42.51 24.24 -51.06
C CYS NA 33 42.00 24.97 -49.83
N GLY NA 34 42.26 24.40 -48.65
CA GLY NA 34 41.83 25.01 -47.42
C GLY NA 34 42.67 26.17 -46.92
N LYS NA 35 43.61 26.65 -47.73
CA LYS NA 35 44.39 27.83 -47.40
C LYS NA 35 44.20 28.96 -48.40
N CYS NA 36 44.31 28.66 -49.69
CA CYS NA 36 44.20 29.67 -50.72
C CYS NA 36 42.94 29.55 -51.57
N GLY NA 37 42.18 28.46 -51.45
CA GLY NA 37 41.00 28.25 -52.27
C GLY NA 37 41.30 28.13 -53.74
N TYR NA 38 41.97 27.03 -54.12
CA TYR NA 38 42.49 26.89 -55.47
C TYR NA 38 41.44 26.89 -56.58
N PRO NA 39 40.30 26.13 -56.50
CA PRO NA 39 39.36 26.15 -57.63
C PRO NA 39 38.66 27.48 -57.83
N ALA NA 40 38.70 28.35 -56.83
CA ALA NA 40 38.19 29.70 -57.00
C ALA NA 40 39.23 30.57 -57.68
N LYS NA 41 38.76 31.62 -58.34
CA LYS NA 41 39.69 32.54 -58.99
C LYS NA 41 40.39 33.43 -57.98
N ARG NA 42 39.70 33.82 -56.92
CA ARG NA 42 40.22 34.80 -56.00
C ARG NA 42 41.00 34.12 -54.87
N LYS NA 43 42.21 34.61 -54.63
CA LYS NA 43 43.03 34.10 -53.54
C LYS NA 43 42.39 34.44 -52.20
N ARG NA 44 42.32 33.43 -51.33
CA ARG NA 44 41.58 33.56 -50.07
C ARG NA 44 42.39 34.40 -49.08
N LYS NA 45 41.85 35.55 -48.70
CA LYS NA 45 42.46 36.38 -47.68
C LYS NA 45 41.39 36.82 -46.69
N TYR NA 46 41.84 37.21 -45.50
CA TYR NA 46 40.92 37.58 -44.43
C TYR NA 46 41.58 38.63 -43.55
N ASN NA 47 40.79 39.55 -43.02
CA ASN NA 47 41.35 40.62 -42.20
C ASN NA 47 41.70 40.13 -40.80
N TRP NA 48 40.91 39.20 -40.26
CA TRP NA 48 41.13 38.73 -38.90
C TRP NA 48 42.42 37.95 -38.78
N SER NA 49 42.97 37.50 -39.90
CA SER NA 49 44.29 36.87 -39.94
C SER NA 49 45.30 37.99 -40.20
N ALA NA 50 45.69 38.67 -39.11
CA ALA NA 50 46.76 39.64 -39.20
C ALA NA 50 48.07 38.96 -39.55
N LYS NA 51 48.38 37.86 -38.85
CA LYS NA 51 49.67 37.19 -39.05
C LYS NA 51 49.73 36.50 -40.41
N ALA NA 52 48.64 35.89 -40.85
CA ALA NA 52 48.65 35.19 -42.13
C ALA NA 52 48.64 36.15 -43.31
N LYS NA 53 48.27 37.42 -43.09
CA LYS NA 53 48.41 38.42 -44.15
C LYS NA 53 49.86 38.60 -44.53
N ARG NA 54 50.69 39.02 -43.57
CA ARG NA 54 52.11 39.24 -43.83
C ARG NA 54 52.86 37.94 -44.04
N ARG NA 55 52.27 36.80 -43.70
CA ARG NA 55 52.91 35.53 -43.98
C ARG NA 55 53.02 35.26 -45.47
N ASN NA 56 52.05 35.73 -46.26
CA ASN NA 56 52.07 35.53 -47.69
C ASN NA 56 51.54 36.80 -48.34
N THR NA 57 52.45 37.72 -48.68
CA THR NA 57 52.05 38.98 -49.31
C THR NA 57 52.94 39.27 -50.51
N THR NA 58 52.88 40.48 -51.04
CA THR NA 58 53.66 40.82 -52.22
C THR NA 58 55.16 41.04 -51.90
N GLY NA 59 55.57 40.95 -50.63
CA GLY NA 59 56.97 41.15 -50.30
C GLY NA 59 57.63 39.88 -49.83
N THR NA 60 56.85 38.80 -49.79
CA THR NA 60 57.39 37.54 -49.28
C THR NA 60 58.15 36.77 -50.36
N GLY NA 61 57.69 36.84 -51.60
CA GLY NA 61 58.24 36.04 -52.67
C GLY NA 61 59.40 36.69 -53.39
N ARG NA 62 59.66 36.23 -54.61
CA ARG NA 62 60.84 36.69 -55.33
C ARG NA 62 60.64 38.06 -55.95
N MET NA 63 59.39 38.44 -56.22
CA MET NA 63 59.03 39.72 -56.83
C MET NA 63 59.74 39.88 -58.18
N ARG NA 64 59.71 38.81 -58.98
CA ARG NA 64 60.59 38.69 -60.14
C ARG NA 64 60.28 39.70 -61.23
N HIS NA 65 59.00 39.98 -61.49
CA HIS NA 65 58.63 40.92 -62.53
C HIS NA 65 58.04 42.21 -62.00
N LEU NA 66 58.16 42.47 -60.70
CA LEU NA 66 57.70 43.73 -60.12
C LEU NA 66 58.83 44.59 -59.60
N LYS NA 67 59.91 44.00 -59.07
CA LYS NA 67 61.01 44.82 -58.58
C LYS NA 67 61.81 45.40 -59.73
N ILE NA 68 61.67 44.85 -60.93
CA ILE NA 68 62.21 45.49 -62.12
C ILE NA 68 61.36 46.67 -62.54
N VAL NA 69 60.08 46.68 -62.17
CA VAL NA 69 59.23 47.84 -62.45
C VAL NA 69 59.57 48.95 -61.49
N TYR NA 70 59.86 48.61 -60.23
CA TYR NA 70 60.47 49.56 -59.31
C TYR NA 70 61.80 50.06 -59.82
N ARG NA 71 62.53 49.24 -60.57
CA ARG NA 71 63.78 49.68 -61.16
C ARG NA 71 63.53 50.56 -62.37
N ARG NA 72 62.60 50.16 -63.23
CA ARG NA 72 62.40 50.89 -64.48
C ARG NA 72 61.54 52.14 -64.32
N PHE NA 73 60.89 52.31 -63.17
CA PHE NA 73 60.02 53.47 -62.99
C PHE NA 73 60.82 54.76 -62.93
N ARG NA 74 62.01 54.71 -62.35
CA ARG NA 74 62.87 55.87 -62.15
C ARG NA 74 63.68 56.22 -63.37
N HIS NA 75 63.27 55.71 -64.53
CA HIS NA 75 63.78 56.19 -65.81
C HIS NA 75 62.65 56.44 -66.80
N GLY NA 76 61.41 56.55 -66.32
CA GLY NA 76 60.31 56.98 -67.15
C GLY NA 76 59.76 55.94 -68.08
N PHE NA 77 60.00 54.66 -67.81
CA PHE NA 77 59.59 53.54 -68.65
C PHE NA 77 60.07 53.73 -70.08
N ARG NA 78 61.37 53.94 -70.21
CA ARG NA 78 62.02 54.06 -71.50
C ARG NA 78 62.16 52.70 -72.18
N GLU NA 79 61.80 52.66 -73.46
CA GLU NA 79 62.00 51.48 -74.30
C GLU NA 79 62.47 51.93 -75.67
N GLY NA 80 63.13 51.00 -76.37
CA GLY NA 80 63.70 51.28 -77.67
C GLY NA 80 64.95 52.13 -77.65
N THR NA 81 65.28 52.76 -76.53
CA THR NA 81 66.46 53.61 -76.43
C THR NA 81 67.65 52.78 -75.98
N THR NA 82 68.77 52.99 -76.65
CA THR NA 82 70.00 52.29 -76.31
C THR NA 82 71.04 53.28 -75.82
N PRO NA 83 71.89 52.88 -74.88
CA PRO NA 83 72.99 53.75 -74.46
C PRO NA 83 73.94 54.03 -75.61
N LYS NA 84 74.48 55.24 -75.64
CA LYS NA 84 75.39 55.68 -76.69
C LYS NA 84 76.70 54.90 -76.59
N PRO NA 85 77.16 54.27 -77.66
CA PRO NA 85 78.32 53.38 -77.57
C PRO NA 85 79.62 54.13 -77.39
N LYS NA 86 80.70 53.36 -77.35
CA LYS NA 86 82.03 53.92 -77.18
C LYS NA 86 82.64 54.26 -78.54
N PRO OA 1 56.81 -23.02 -80.23
CA PRO OA 1 57.51 -24.10 -80.93
C PRO OA 1 56.56 -24.98 -81.72
N ARG OA 2 56.85 -25.21 -82.99
CA ARG OA 2 56.01 -26.02 -83.85
C ARG OA 2 56.79 -27.28 -84.20
N LYS OA 3 56.47 -28.39 -83.55
CA LYS OA 3 57.08 -29.65 -83.92
C LYS OA 3 56.57 -30.05 -85.30
N ILE OA 4 57.46 -30.09 -86.27
CA ILE OA 4 57.09 -30.58 -87.58
C ILE OA 4 57.26 -32.10 -87.63
N GLU OA 5 56.17 -32.77 -88.02
CA GLU OA 5 56.15 -34.22 -88.09
C GLU OA 5 56.54 -34.67 -89.48
N GLU OA 6 56.05 -33.95 -90.49
CA GLU OA 6 56.35 -34.28 -91.88
C GLU OA 6 57.79 -33.92 -92.22
N ILE OA 7 58.51 -34.89 -92.79
CA ILE OA 7 59.97 -34.76 -92.90
C ILE OA 7 60.35 -33.78 -94.00
N LYS OA 8 59.63 -33.80 -95.11
CA LYS OA 8 59.91 -32.87 -96.20
C LYS OA 8 59.45 -31.46 -95.89
N ASP OA 9 58.50 -31.30 -94.97
CA ASP OA 9 58.00 -29.98 -94.65
C ASP OA 9 59.02 -29.15 -93.88
N PHE OA 10 60.05 -29.79 -93.33
CA PHE OA 10 61.15 -29.05 -92.74
C PHE OA 10 61.94 -28.28 -93.79
N LEU OA 11 62.16 -28.90 -94.95
CA LEU OA 11 63.05 -28.32 -95.96
C LEU OA 11 62.47 -27.04 -96.56
N LEU OA 12 61.15 -26.90 -96.60
CA LEU OA 12 60.57 -25.64 -97.02
C LEU OA 12 60.82 -24.54 -95.98
N THR OA 13 60.87 -24.91 -94.69
CA THR OA 13 61.02 -23.91 -93.64
C THR OA 13 62.44 -23.40 -93.52
N ALA OA 14 63.44 -24.27 -93.71
CA ALA OA 14 64.81 -23.79 -93.73
C ALA OA 14 65.11 -23.01 -95.00
N ARG OA 15 64.34 -23.26 -96.07
CA ARG OA 15 64.42 -22.46 -97.28
C ARG OA 15 63.45 -21.29 -97.27
N ARG OA 16 63.04 -20.81 -96.11
CA ARG OA 16 62.28 -19.57 -96.01
C ARG OA 16 63.22 -18.38 -96.11
N LYS OA 17 62.68 -17.21 -95.78
CA LYS OA 17 63.43 -15.97 -95.89
C LYS OA 17 64.06 -15.55 -94.56
N ASP OA 18 63.51 -15.98 -93.43
CA ASP OA 18 63.95 -15.59 -92.11
C ASP OA 18 65.01 -16.49 -91.50
N ALA OA 19 65.79 -17.21 -92.32
CA ALA OA 19 66.63 -18.30 -91.86
C ALA OA 19 67.73 -17.78 -90.95
N LYS OA 20 67.54 -17.94 -89.63
CA LYS OA 20 68.52 -17.47 -88.67
C LYS OA 20 69.64 -18.48 -88.47
N SER OA 21 69.30 -19.67 -87.99
CA SER OA 21 70.30 -20.70 -87.66
C SER OA 21 69.58 -22.04 -87.50
N VAL OA 22 70.38 -23.09 -87.41
CA VAL OA 22 69.88 -24.44 -87.16
C VAL OA 22 70.78 -25.10 -86.13
N LYS OA 23 70.18 -25.81 -85.18
CA LYS OA 23 70.90 -26.50 -84.13
C LYS OA 23 70.77 -28.00 -84.29
N ILE OA 24 71.71 -28.73 -83.68
CA ILE OA 24 71.82 -30.19 -83.81
C ILE OA 24 71.76 -30.77 -82.42
N LYS OA 25 70.62 -31.37 -82.05
CA LYS OA 25 70.50 -32.03 -80.75
C LYS OA 25 70.61 -33.53 -80.97
N LYS OA 26 71.82 -34.05 -80.83
CA LYS OA 26 72.04 -35.50 -80.85
C LYS OA 26 72.05 -36.00 -79.42
N ASN OA 27 71.06 -36.80 -79.06
CA ASN OA 27 71.07 -37.58 -77.84
C ASN OA 27 70.74 -39.03 -78.20
N LYS OA 28 70.51 -39.85 -77.18
CA LYS OA 28 70.10 -41.22 -77.45
C LYS OA 28 68.66 -41.24 -77.92
N ASP OA 29 68.33 -42.25 -78.71
CA ASP OA 29 66.97 -42.59 -79.15
C ASP OA 29 66.40 -41.56 -80.13
N ASN OA 30 67.10 -40.46 -80.36
CA ASN OA 30 66.53 -39.34 -81.08
C ASN OA 30 67.63 -38.41 -81.58
N VAL OA 31 67.32 -37.71 -82.67
CA VAL OA 31 68.13 -36.60 -83.14
C VAL OA 31 67.15 -35.47 -83.48
N LYS OA 32 67.32 -34.32 -82.84
CA LYS OA 32 66.44 -33.19 -83.06
C LYS OA 32 67.10 -32.17 -83.96
N PHE OA 33 66.31 -31.52 -84.80
CA PHE OA 33 66.78 -30.47 -85.70
C PHE OA 33 65.99 -29.20 -85.40
N LYS OA 34 66.49 -28.42 -84.45
CA LYS OA 34 65.91 -27.12 -84.16
C LYS OA 34 66.28 -26.14 -85.27
N VAL OA 35 65.32 -25.33 -85.69
CA VAL OA 35 65.62 -24.25 -86.64
C VAL OA 35 64.84 -22.99 -86.29
N ARG OA 36 65.57 -21.94 -85.95
CA ARG OA 36 64.96 -20.70 -85.46
C ARG OA 36 64.49 -19.86 -86.63
N CYS OA 37 63.21 -19.52 -86.63
CA CYS OA 37 62.66 -18.53 -87.53
C CYS OA 37 62.25 -17.31 -86.71
N SER OA 38 61.64 -16.33 -87.37
CA SER OA 38 61.31 -15.07 -86.71
C SER OA 38 60.21 -15.21 -85.67
N ARG OA 39 59.24 -16.09 -85.88
CA ARG OA 39 58.17 -16.29 -84.93
C ARG OA 39 58.29 -17.60 -84.16
N TYR OA 40 58.87 -18.63 -84.75
CA TYR OA 40 58.83 -19.95 -84.15
C TYR OA 40 60.19 -20.62 -84.18
N LEU OA 41 60.32 -21.65 -83.34
CA LEU OA 41 61.46 -22.55 -83.32
C LEU OA 41 60.96 -23.91 -83.82
N TYR OA 42 61.03 -24.10 -85.13
CA TYR OA 42 60.59 -25.37 -85.70
C TYR OA 42 61.57 -26.47 -85.33
N THR OA 43 61.03 -27.62 -84.92
CA THR OA 43 61.83 -28.75 -84.51
C THR OA 43 61.36 -30.00 -85.26
N LEU OA 44 62.32 -30.69 -85.87
CA LEU OA 44 62.07 -31.96 -86.54
C LEU OA 44 62.60 -33.07 -85.64
N VAL OA 45 61.72 -33.95 -85.22
CA VAL OA 45 62.10 -35.13 -84.44
C VAL OA 45 62.20 -36.30 -85.41
N ILE OA 46 63.27 -37.08 -85.29
CA ILE OA 46 63.40 -38.34 -86.03
C ILE OA 46 63.80 -39.44 -85.04
N THR OA 47 62.94 -40.44 -84.93
CA THR OA 47 63.18 -41.56 -84.02
C THR OA 47 64.32 -42.45 -84.48
N ASP OA 48 64.61 -42.46 -85.78
CA ASP OA 48 65.61 -43.34 -86.34
C ASP OA 48 67.01 -42.81 -86.08
N LYS OA 49 68.01 -43.62 -86.43
CA LYS OA 49 69.40 -43.27 -86.18
C LYS OA 49 70.18 -43.02 -87.47
N GLU OA 50 69.94 -43.81 -88.51
CA GLU OA 50 70.60 -43.55 -89.78
C GLU OA 50 70.02 -42.34 -90.50
N LYS OA 51 68.78 -41.98 -90.19
CA LYS OA 51 68.12 -40.91 -90.95
C LYS OA 51 68.63 -39.53 -90.59
N ALA OA 52 69.58 -39.41 -89.67
CA ALA OA 52 70.21 -38.13 -89.38
C ALA OA 52 71.27 -37.78 -90.42
N GLU OA 53 72.15 -38.73 -90.71
CA GLU OA 53 73.20 -38.54 -91.71
C GLU OA 53 72.68 -38.65 -93.14
N LYS OA 54 71.40 -38.98 -93.33
CA LYS OA 54 70.75 -38.83 -94.62
C LYS OA 54 70.24 -37.42 -94.84
N LEU OA 55 69.98 -36.66 -93.77
CA LEU OA 55 69.31 -35.38 -93.87
C LEU OA 55 70.19 -34.19 -93.49
N LYS OA 56 71.25 -34.39 -92.69
CA LYS OA 56 72.06 -33.27 -92.23
C LYS OA 56 72.82 -32.60 -93.35
N GLN OA 57 73.05 -33.30 -94.46
CA GLN OA 57 73.77 -32.76 -95.60
C GLN OA 57 72.86 -32.03 -96.59
N SER OA 58 71.55 -32.24 -96.49
CA SER OA 58 70.61 -31.66 -97.45
C SER OA 58 70.25 -30.21 -97.15
N LEU OA 59 70.92 -29.57 -96.20
CA LEU OA 59 70.60 -28.21 -95.84
C LEU OA 59 71.17 -27.22 -96.85
N PRO OA 60 70.50 -26.10 -97.06
CA PRO OA 60 71.08 -25.04 -97.90
C PRO OA 60 72.28 -24.41 -97.21
N PRO OA 61 73.27 -23.94 -97.98
CA PRO OA 61 74.53 -23.51 -97.36
C PRO OA 61 74.43 -22.18 -96.64
N GLY OA 62 73.35 -21.43 -96.81
CA GLY OA 62 73.22 -20.15 -96.14
C GLY OA 62 72.94 -20.26 -94.66
N LEU OA 63 72.37 -21.39 -94.24
CA LEU OA 63 71.87 -21.53 -92.88
C LEU OA 63 73.01 -21.89 -91.93
N ALA OA 64 73.10 -21.16 -90.81
CA ALA OA 64 74.18 -21.39 -89.86
C ALA OA 64 73.93 -22.65 -89.05
N VAL OA 65 74.86 -23.60 -89.12
CA VAL OA 65 74.73 -24.89 -88.44
C VAL OA 65 75.68 -24.91 -87.26
N LYS OA 66 75.25 -25.55 -86.16
CA LYS OA 66 76.05 -25.67 -84.96
C LYS OA 66 75.72 -26.97 -84.24
N GLU OA 67 76.74 -27.73 -83.86
CA GLU OA 67 76.57 -28.97 -83.13
C GLU OA 67 76.25 -28.67 -81.68
N LEU OA 68 74.97 -28.60 -81.35
CA LEU OA 68 74.55 -28.25 -80.00
C LEU OA 68 74.86 -29.41 -79.06
N LYS OA 69 75.76 -29.17 -78.12
CA LYS OA 69 76.14 -30.18 -77.16
C LYS OA 69 76.28 -29.57 -75.76
N SER PA 1 55.44 4.08 -48.64
CA SER PA 1 54.73 3.64 -49.84
C SER PA 1 55.67 3.56 -51.02
N SER PA 2 55.86 2.35 -51.54
CA SER PA 2 56.64 2.19 -52.75
C SER PA 2 55.94 2.83 -53.94
N HIS PA 3 54.61 2.82 -53.92
CA HIS PA 3 53.82 3.60 -54.86
C HIS PA 3 54.07 5.08 -54.66
N LYS PA 4 54.50 5.77 -55.71
CA LYS PA 4 54.72 7.20 -55.66
C LYS PA 4 54.18 7.84 -56.93
N THR PA 5 53.74 9.09 -56.81
CA THR PA 5 53.48 9.90 -57.99
C THR PA 5 54.72 10.71 -58.32
N PHE PA 6 54.68 11.43 -59.44
CA PHE PA 6 55.88 12.09 -59.91
C PHE PA 6 56.23 13.32 -59.08
N ARG PA 7 55.23 14.12 -58.71
CA ARG PA 7 55.52 15.37 -57.99
C ARG PA 7 55.97 15.10 -56.56
N ILE PA 8 55.53 13.97 -55.99
CA ILE PA 8 55.94 13.63 -54.63
C ILE PA 8 57.37 13.11 -54.63
N LYS PA 9 57.73 12.31 -55.64
CA LYS PA 9 59.09 11.78 -55.71
C LYS PA 9 60.11 12.89 -55.93
N ARG PA 10 59.83 13.81 -56.85
CA ARG PA 10 60.70 14.96 -57.07
C ARG PA 10 60.77 15.86 -55.84
N PHE PA 11 59.70 15.91 -55.06
CA PHE PA 11 59.74 16.63 -53.79
C PHE PA 11 60.71 15.97 -52.82
N LEU PA 12 60.87 14.66 -52.89
CA LEU PA 12 61.79 13.96 -52.00
C LEU PA 12 63.24 14.11 -52.40
N ALA PA 13 63.52 14.53 -53.63
CA ALA PA 13 64.89 14.78 -54.02
C ALA PA 13 65.46 15.99 -53.31
N LYS PA 14 64.76 17.12 -53.40
CA LYS PA 14 65.24 18.38 -52.84
C LYS PA 14 65.30 18.31 -51.32
N LYS PA 15 64.30 17.68 -50.70
CA LYS PA 15 64.31 17.54 -49.24
C LYS PA 15 65.39 16.60 -48.76
N GLN PA 16 65.96 15.79 -49.66
CA GLN PA 16 67.08 14.95 -49.27
C GLN PA 16 68.42 15.65 -49.50
N LYS PA 17 68.57 16.36 -50.61
CA LYS PA 17 69.83 17.03 -50.88
C LYS PA 17 70.03 18.27 -50.02
N GLN PA 18 68.97 18.83 -49.45
CA GLN PA 18 69.10 19.88 -48.46
C GLN PA 18 69.58 19.35 -47.12
N ASN PA 19 69.47 18.06 -46.88
CA ASN PA 19 69.83 17.44 -45.61
C ASN PA 19 71.31 17.12 -45.51
N ARG PA 20 72.09 17.40 -46.54
CA ARG PA 20 73.51 17.09 -46.45
C ARG PA 20 74.22 18.07 -45.53
N PRO PA 21 75.29 17.64 -44.87
CA PRO PA 21 76.05 18.56 -44.02
C PRO PA 21 76.73 19.67 -44.80
N ILE PA 22 77.17 20.70 -44.08
CA ILE PA 22 77.80 21.86 -44.68
C ILE PA 22 79.23 21.49 -45.06
N PRO PA 23 79.86 22.20 -45.99
CA PRO PA 23 81.27 21.93 -46.28
C PRO PA 23 82.19 22.41 -45.16
N GLN PA 24 83.48 22.11 -45.34
CA GLN PA 24 84.48 22.46 -44.35
C GLN PA 24 84.90 23.92 -44.40
N TRP PA 25 85.00 24.49 -45.60
CA TRP PA 25 85.69 25.75 -45.78
C TRP PA 25 84.79 26.98 -45.64
N ILE PA 26 83.48 26.80 -45.50
CA ILE PA 26 82.63 27.95 -45.28
C ILE PA 26 82.87 28.56 -43.91
N TRP PA 27 83.24 27.73 -42.93
CA TRP PA 27 83.55 28.29 -41.62
C TRP PA 27 84.98 28.80 -41.51
N MET PA 28 85.70 28.86 -42.62
CA MET PA 28 86.97 29.56 -42.66
C MET PA 28 86.90 30.85 -43.45
N LYS PA 29 85.71 31.28 -43.85
CA LYS PA 29 85.55 32.57 -44.49
C LYS PA 29 85.65 33.68 -43.44
N THR PA 30 85.64 34.94 -43.89
CA THR PA 30 85.77 36.08 -43.00
C THR PA 30 84.46 36.40 -42.29
N GLY PA 31 83.43 36.74 -43.05
CA GLY PA 31 82.14 37.05 -42.48
C GLY PA 31 81.26 35.83 -42.29
N ASN PA 32 81.70 34.88 -41.47
CA ASN PA 32 80.95 33.65 -41.24
C ASN PA 32 80.71 33.45 -39.74
N LYS PA 33 79.51 32.99 -39.40
CA LYS PA 33 79.17 32.57 -38.05
C LYS PA 33 78.58 31.15 -38.02
N ILE PA 34 78.30 30.57 -39.19
CA ILE PA 34 77.71 29.23 -39.24
C ILE PA 34 78.69 28.22 -38.67
N ARG PA 35 78.29 27.59 -37.57
CA ARG PA 35 79.07 26.49 -37.02
C ARG PA 35 78.62 25.14 -37.57
N TYR PA 36 77.35 24.80 -37.40
CA TYR PA 36 76.76 23.61 -37.98
C TYR PA 36 75.42 24.01 -38.58
N ASN PA 37 74.91 23.18 -39.46
CA ASN PA 37 73.64 23.46 -40.13
C ASN PA 37 72.50 23.17 -39.18
N SER PA 38 71.59 24.13 -39.02
CA SER PA 38 70.43 23.93 -38.17
C SER PA 38 69.27 23.26 -38.90
N LYS PA 39 69.44 22.93 -40.17
CA LYS PA 39 68.37 22.37 -40.98
C LYS PA 39 68.66 20.92 -41.37
N ARG PA 40 69.34 20.19 -40.49
CA ARG PA 40 69.56 18.77 -40.68
C ARG PA 40 68.26 18.04 -40.34
N ARG PA 41 67.55 17.60 -41.35
CA ARG PA 41 66.26 16.94 -41.18
C ARG PA 41 66.49 15.45 -40.96
N HIS PA 42 66.51 15.04 -39.69
CA HIS PA 42 66.68 13.63 -39.35
C HIS PA 42 65.36 12.91 -39.58
N TRP PA 43 65.43 11.75 -40.21
CA TRP PA 43 64.20 11.10 -40.69
C TRP PA 43 63.40 10.44 -39.57
N ARG PA 44 63.96 10.27 -38.39
CA ARG PA 44 63.23 9.73 -37.25
C ARG PA 44 62.51 10.81 -36.44
N ARG PA 45 63.18 11.92 -36.16
CA ARG PA 45 62.59 12.92 -35.29
C ARG PA 45 61.55 13.75 -36.02
N THR PA 46 61.96 14.54 -37.00
CA THR PA 46 61.02 15.34 -37.77
C THR PA 46 60.53 14.55 -38.97
N LYS PA 47 59.23 14.61 -39.22
CA LYS PA 47 58.56 13.72 -40.16
C LYS PA 47 58.23 14.38 -41.49
N LEU PA 48 58.93 15.47 -41.86
CA LEU PA 48 58.83 16.11 -43.17
C LEU PA 48 57.43 16.67 -43.45
N GLY PA 49 56.57 16.70 -42.44
CA GLY PA 49 55.19 17.07 -42.69
C GLY PA 49 54.47 15.93 -43.35
N LEU PA 50 53.71 16.24 -44.40
CA LEU PA 50 52.98 15.26 -45.21
C LEU PA 50 52.02 14.43 -44.38
N ILE QA 1 22.66 -26.13 73.04
CA ILE QA 1 23.89 -26.38 72.30
C ILE QA 1 24.92 -25.31 72.66
N ILE QA 2 24.45 -24.08 72.85
CA ILE QA 2 25.32 -22.96 73.12
C ILE QA 2 25.00 -22.41 74.51
N GLU QA 3 26.05 -22.11 75.27
CA GLU QA 3 25.89 -21.73 76.66
C GLU QA 3 25.46 -20.26 76.75
N PRO QA 4 24.35 -19.95 77.40
CA PRO QA 4 23.84 -18.57 77.37
C PRO QA 4 24.69 -17.61 78.17
N SER QA 5 25.38 -18.07 79.22
CA SER QA 5 26.34 -17.23 79.92
C SER QA 5 27.51 -16.86 79.03
N LEU QA 6 27.84 -17.71 78.06
CA LEU QA 6 28.91 -17.46 77.11
C LEU QA 6 28.39 -17.10 75.73
N ARG QA 7 27.08 -17.23 75.48
CA ARG QA 7 26.52 -16.68 74.26
C ARG QA 7 26.47 -15.17 74.31
N GLN QA 8 26.29 -14.61 75.51
CA GLN QA 8 26.36 -13.17 75.71
C GLN QA 8 27.75 -12.62 75.43
N LEU QA 9 28.79 -13.44 75.58
CA LEU QA 9 30.16 -13.00 75.34
C LEU QA 9 30.38 -12.62 73.89
N ALA QA 10 29.89 -13.43 72.96
CA ALA QA 10 30.10 -13.17 71.54
C ALA QA 10 29.13 -12.14 70.99
N GLN QA 11 27.99 -11.93 71.66
CA GLN QA 11 27.14 -10.80 71.30
C GLN QA 11 27.80 -9.46 71.55
N LYS QA 12 28.74 -9.40 72.49
CA LYS QA 12 29.42 -8.17 72.86
C LYS QA 12 30.27 -7.63 71.72
N TYR QA 13 30.98 -8.50 71.02
CA TYR QA 13 31.96 -8.07 70.02
C TYR QA 13 31.42 -8.10 68.60
N ASN QA 14 30.28 -8.76 68.37
CA ASN QA 14 29.72 -8.84 67.03
C ASN QA 14 28.37 -8.14 66.94
N CYS QA 15 27.41 -8.50 67.79
CA CYS QA 15 26.05 -8.01 67.58
C CYS QA 15 25.83 -6.64 68.22
N ASP QA 16 26.54 -6.32 69.30
CA ASP QA 16 26.27 -5.11 70.07
C ASP QA 16 27.15 -3.96 69.58
N LYS QA 17 26.83 -3.47 68.39
CA LYS QA 17 27.60 -2.40 67.78
C LYS QA 17 26.64 -1.41 67.11
N MET QA 18 27.06 -0.15 67.07
CA MET QA 18 26.40 0.86 66.27
C MET QA 18 26.97 0.82 64.86
N ILE QA 19 26.12 1.02 63.87
CA ILE QA 19 26.53 1.06 62.48
C ILE QA 19 26.28 2.45 61.93
N CYS QA 20 27.26 2.98 61.22
CA CYS QA 20 27.12 4.27 60.57
C CYS QA 20 26.21 4.15 59.37
N ARG QA 21 25.27 5.08 59.25
CA ARG QA 21 24.42 5.11 58.07
C ARG QA 21 25.16 5.62 56.84
N LYS QA 22 26.32 6.26 57.00
CA LYS QA 22 26.96 6.89 55.87
C LYS QA 22 28.09 6.05 55.29
N CYS QA 23 28.95 5.49 56.14
CA CYS QA 23 30.07 4.71 55.63
C CYS QA 23 30.01 3.24 56.00
N TYR QA 24 28.91 2.79 56.62
CA TYR QA 24 28.70 1.39 57.00
C TYR QA 24 29.81 0.86 57.92
N ALA QA 25 30.27 1.73 58.81
CA ALA QA 25 31.34 1.35 59.72
C ALA QA 25 30.76 0.65 60.94
N ARG QA 26 31.62 -0.08 61.64
CA ARG QA 26 31.22 -0.80 62.86
C ARG QA 26 31.76 -0.03 64.04
N LEU QA 27 30.87 0.41 64.93
CA LEU QA 27 31.19 1.38 65.98
C LEU QA 27 30.81 0.82 67.33
N HIS QA 28 31.38 1.43 68.37
CA HIS QA 28 31.07 1.05 69.74
C HIS QA 28 29.63 1.45 70.06
N PRO QA 29 28.98 0.77 71.02
CA PRO QA 29 27.52 0.97 71.17
C PRO QA 29 27.11 2.33 71.68
N ARG QA 30 27.88 2.93 72.58
CA ARG QA 30 27.57 4.28 73.07
C ARG QA 30 28.35 5.33 72.28
N ALA QA 31 28.12 5.35 70.97
CA ALA QA 31 28.81 6.27 70.08
C ALA QA 31 27.85 7.37 69.65
N VAL QA 32 28.33 8.61 69.64
CA VAL QA 32 27.54 9.72 69.15
C VAL QA 32 27.90 10.07 67.71
N ASN QA 33 29.10 9.73 67.25
CA ASN QA 33 29.53 10.01 65.89
C ASN QA 33 30.45 8.90 65.42
N CYS QA 34 30.54 8.75 64.10
CA CYS QA 34 31.38 7.71 63.54
C CYS QA 34 32.86 8.07 63.65
N ARG QA 35 33.72 7.10 63.34
CA ARG QA 35 35.16 7.28 63.44
C ARG QA 35 35.82 7.53 62.10
N LYS QA 36 35.13 7.23 60.99
CA LYS QA 36 35.75 7.27 59.69
C LYS QA 36 35.87 8.70 59.19
N LYS QA 37 36.75 8.92 58.23
CA LYS QA 37 36.93 10.23 57.65
C LYS QA 37 36.44 10.34 56.22
N LYS QA 38 35.89 9.26 55.65
CA LYS QA 38 35.28 9.38 54.34
C LYS QA 38 33.81 9.78 54.45
N CYS QA 39 33.17 9.48 55.58
CA CYS QA 39 31.81 9.94 55.84
C CYS QA 39 31.76 11.33 56.45
N GLY QA 40 32.81 11.72 57.17
CA GLY QA 40 32.87 13.03 57.78
C GLY QA 40 32.29 13.13 59.17
N HIS QA 41 32.42 12.08 59.98
CA HIS QA 41 32.04 12.10 61.41
C HIS QA 41 30.58 12.45 61.61
N THR QA 42 29.70 11.82 60.84
CA THR QA 42 28.27 12.06 60.98
C THR QA 42 27.76 11.48 62.29
N ASN QA 43 26.65 12.03 62.76
CA ASN QA 43 26.00 11.57 63.98
C ASN QA 43 24.79 10.70 63.71
N ASN QA 44 24.53 10.35 62.46
CA ASN QA 44 23.41 9.47 62.12
C ASN QA 44 23.88 8.03 62.23
N LEU QA 45 23.73 7.45 63.42
CA LEU QA 45 24.16 6.09 63.67
C LEU QA 45 22.96 5.22 63.99
N ARG QA 46 23.02 3.99 63.51
CA ARG QA 46 21.97 3.01 63.74
C ARG QA 46 22.57 1.80 64.42
N PRO QA 47 21.77 1.02 65.16
CA PRO QA 47 22.29 -0.21 65.75
C PRO QA 47 22.58 -1.26 64.69
N LYS QA 48 23.34 -2.27 65.07
CA LYS QA 48 23.49 -3.46 64.25
C LYS QA 48 22.27 -4.34 64.51
N LYS QA 49 21.41 -4.48 63.49
CA LYS QA 49 20.09 -5.06 63.67
C LYS QA 49 20.14 -6.53 64.11
N LYS QA 50 19.11 -6.95 64.83
CA LYS QA 50 19.05 -8.28 65.40
C LYS QA 50 18.56 -9.29 64.36
N VAL QA 51 19.08 -10.50 64.46
CA VAL QA 51 18.58 -11.62 63.67
C VAL QA 51 17.48 -12.29 64.47
N LYS QA 52 16.49 -12.84 63.77
CA LYS QA 52 15.35 -13.46 64.44
C LYS QA 52 15.22 -14.93 64.07
N MET RA 1 -34.37 -22.68 -6.60
CA MET RA 1 -33.16 -22.36 -7.34
C MET RA 1 -33.20 -23.01 -8.72
N ARG RA 2 -32.85 -22.25 -9.74
CA ARG RA 2 -32.76 -22.79 -11.09
C ARG RA 2 -31.59 -23.74 -11.20
N ALA RA 3 -31.73 -24.73 -12.08
CA ALA RA 3 -30.64 -25.62 -12.42
C ALA RA 3 -29.66 -25.00 -13.41
N LYS RA 4 -29.89 -23.75 -13.78
CA LYS RA 4 -29.08 -23.03 -14.75
C LYS RA 4 -27.99 -22.18 -14.10
N TRP RA 5 -28.36 -21.38 -13.10
CA TRP RA 5 -27.36 -20.58 -12.40
C TRP RA 5 -26.63 -21.39 -11.34
N ARG RA 6 -27.27 -22.43 -10.81
CA ARG RA 6 -26.55 -23.41 -10.00
C ARG RA 6 -25.50 -24.14 -10.79
N LYS RA 7 -25.63 -24.18 -12.12
CA LYS RA 7 -24.55 -24.57 -12.98
C LYS RA 7 -23.56 -23.43 -13.21
N LYS RA 8 -24.05 -22.19 -13.18
CA LYS RA 8 -23.18 -21.05 -13.40
C LYS RA 8 -22.29 -20.77 -12.20
N ARG RA 9 -22.87 -20.81 -10.99
CA ARG RA 9 -22.07 -20.67 -9.79
C ARG RA 9 -21.06 -21.80 -9.68
N MET RA 10 -21.39 -22.99 -10.18
CA MET RA 10 -20.45 -24.08 -10.22
C MET RA 10 -19.45 -23.94 -11.37
N ARG RA 11 -19.56 -22.89 -12.18
CA ARG RA 11 -18.56 -22.61 -13.21
C ARG RA 11 -17.64 -21.45 -12.84
N ARG RA 12 -18.14 -20.44 -12.15
CA ARG RA 12 -17.26 -19.39 -11.66
C ARG RA 12 -16.42 -19.87 -10.48
N LEU RA 13 -17.00 -20.68 -9.60
CA LEU RA 13 -16.21 -21.30 -8.55
C LEU RA 13 -15.26 -22.35 -9.08
N LYS RA 14 -15.62 -23.02 -10.18
CA LYS RA 14 -14.70 -23.97 -10.78
C LYS RA 14 -13.50 -23.27 -11.39
N ARG RA 15 -13.71 -22.13 -12.07
CA ARG RA 15 -12.57 -21.41 -12.63
C ARG RA 15 -11.70 -20.80 -11.55
N LYS RA 16 -12.27 -20.57 -10.37
CA LYS RA 16 -11.45 -20.11 -9.25
C LYS RA 16 -10.56 -21.22 -8.72
N ARG RA 17 -11.10 -22.43 -8.53
CA ARG RA 17 -10.33 -23.54 -7.96
C ARG RA 17 -9.20 -24.00 -8.87
N ARG RA 18 -9.22 -23.63 -10.14
CA ARG RA 18 -8.06 -23.83 -11.01
C ARG RA 18 -7.10 -22.65 -10.97
N LYS RA 19 -7.62 -21.43 -10.92
CA LYS RA 19 -6.77 -20.25 -11.00
C LYS RA 19 -5.99 -20.03 -9.71
N MET RA 20 -6.52 -20.48 -8.57
CA MET RA 20 -5.74 -20.45 -7.34
C MET RA 20 -4.77 -21.62 -7.27
N ARG RA 21 -4.88 -22.57 -8.19
CA ARG RA 21 -4.04 -23.76 -8.16
C ARG RA 21 -2.87 -23.68 -9.14
N GLN RA 22 -3.08 -23.06 -10.30
CA GLN RA 22 -2.05 -23.05 -11.34
C GLN RA 22 -0.83 -22.25 -10.89
N ARG RA 23 -1.05 -21.11 -10.23
CA ARG RA 23 0.07 -20.31 -9.75
C ARG RA 23 0.85 -21.01 -8.65
N SER RA 24 0.22 -21.92 -7.91
CA SER RA 24 0.95 -22.69 -6.92
C SER RA 24 1.71 -23.85 -7.55
N LYS RA 25 1.49 -24.12 -8.83
CA LYS RA 25 2.15 -25.23 -9.51
C LYS RA 25 2.91 -24.76 -10.74
N VAL SA 1 -18.75 57.91 0.35
CA VAL SA 1 -19.19 59.03 1.17
C VAL SA 1 -20.29 59.80 0.49
N ASN SA 2 -20.79 60.84 1.15
CA ASN SA 2 -21.90 61.64 0.65
C ASN SA 2 -21.41 63.06 0.42
N VAL SA 3 -21.59 63.55 -0.79
CA VAL SA 3 -21.24 64.94 -1.12
C VAL SA 3 -22.39 65.56 -1.90
N PRO SA 4 -22.90 66.71 -1.48
CA PRO SA 4 -24.03 67.33 -2.18
C PRO SA 4 -23.65 67.83 -3.55
N LYS SA 5 -24.65 68.24 -4.32
CA LYS SA 5 -24.47 68.56 -5.72
C LYS SA 5 -24.43 70.05 -6.00
N THR SA 6 -24.39 70.89 -4.97
CA THR SA 6 -24.23 72.32 -5.16
C THR SA 6 -23.48 72.88 -3.96
N ARG SA 7 -22.47 73.71 -4.21
CA ARG SA 7 -21.60 74.22 -3.17
C ARG SA 7 -21.35 75.69 -3.43
N ARG SA 8 -21.55 76.53 -2.41
CA ARG SA 8 -21.29 77.96 -2.54
C ARG SA 8 -19.91 78.27 -1.96
N THR SA 9 -18.89 77.89 -2.72
CA THR SA 9 -17.51 78.19 -2.39
C THR SA 9 -17.01 79.31 -3.31
N PHE SA 10 -15.72 79.62 -3.19
CA PHE SA 10 -15.13 80.71 -3.93
C PHE SA 10 -15.16 80.46 -5.44
N CYS SA 11 -15.55 81.49 -6.18
CA CYS SA 11 -15.50 81.51 -7.63
C CYS SA 11 -14.32 82.39 -8.05
N LYS SA 12 -13.42 81.82 -8.85
CA LYS SA 12 -12.18 82.51 -9.15
C LYS SA 12 -12.39 83.70 -10.07
N LYS SA 13 -13.35 83.60 -10.99
CA LYS SA 13 -13.48 84.65 -11.99
C LYS SA 13 -14.37 85.78 -11.51
N CYS SA 14 -15.42 85.46 -10.75
CA CYS SA 14 -16.23 86.53 -10.17
C CYS SA 14 -15.59 87.11 -8.92
N GLY SA 15 -14.56 86.45 -8.40
CA GLY SA 15 -13.83 86.98 -7.27
C GLY SA 15 -14.52 86.88 -5.94
N LYS SA 16 -15.65 86.19 -5.86
CA LYS SA 16 -16.35 86.05 -4.59
C LYS SA 16 -17.02 84.68 -4.57
N HIS SA 17 -17.61 84.36 -3.42
CA HIS SA 17 -18.35 83.11 -3.29
C HIS SA 17 -19.61 83.14 -4.14
N GLN SA 18 -19.78 82.10 -4.94
CA GLN SA 18 -20.99 81.84 -5.71
C GLN SA 18 -21.26 80.34 -5.66
N PRO SA 19 -22.51 79.93 -5.85
CA PRO SA 19 -22.79 78.49 -5.92
C PRO SA 19 -22.16 77.89 -7.17
N HIS SA 20 -21.60 76.69 -7.02
CA HIS SA 20 -21.03 75.97 -8.14
C HIS SA 20 -21.87 74.73 -8.43
N LYS SA 21 -21.77 74.25 -9.67
CA LYS SA 21 -22.36 72.96 -10.02
C LYS SA 21 -21.31 71.88 -9.78
N VAL SA 22 -21.62 70.94 -8.89
CA VAL SA 22 -20.68 69.92 -8.47
C VAL SA 22 -21.03 68.61 -9.13
N THR SA 23 -20.18 68.17 -10.06
CA THR SA 23 -20.28 66.84 -10.64
C THR SA 23 -18.91 66.19 -10.55
N GLN SA 24 -18.86 64.90 -10.83
CA GLN SA 24 -17.62 64.14 -10.72
C GLN SA 24 -16.79 64.32 -11.97
N TYR SA 25 -15.48 64.46 -11.77
CA TYR SA 25 -14.54 64.52 -12.89
C TYR SA 25 -14.19 63.12 -13.35
N LYS SA 26 -14.17 62.94 -14.66
CA LYS SA 26 -13.81 61.68 -15.28
C LYS SA 26 -12.62 61.89 -16.20
N LYS SA 27 -11.71 60.92 -16.19
CA LYS SA 27 -10.51 60.99 -17.01
C LYS SA 27 -10.87 61.04 -18.49
N GLY SA 28 -10.20 61.89 -19.23
CA GLY SA 28 -10.52 62.05 -20.63
C GLY SA 28 -9.97 60.93 -21.48
N LYS SA 29 -10.56 60.80 -22.66
CA LYS SA 29 -10.03 59.89 -23.67
C LYS SA 29 -8.65 60.36 -24.11
N ASP SA 30 -7.75 59.41 -24.32
CA ASP SA 30 -6.38 59.73 -24.69
C ASP SA 30 -6.38 60.22 -26.13
N SER SA 31 -6.10 61.50 -26.32
CA SER SA 31 -6.06 62.05 -27.66
C SER SA 31 -4.85 61.49 -28.40
N LEU SA 32 -4.99 61.36 -29.71
CA LEU SA 32 -3.99 60.63 -30.48
C LEU SA 32 -2.70 61.42 -30.67
N TYR SA 33 -2.80 62.72 -30.88
CA TYR SA 33 -1.65 63.52 -31.28
C TYR SA 33 -0.98 64.23 -30.12
N ALA SA 34 -0.95 63.59 -28.96
CA ALA SA 34 -0.18 64.12 -27.84
C ALA SA 34 1.31 64.07 -28.16
N GLN SA 35 2.08 64.87 -27.42
CA GLN SA 35 3.53 64.87 -27.58
C GLN SA 35 4.12 63.52 -27.21
N GLY SA 36 3.83 63.06 -25.98
CA GLY SA 36 4.34 61.77 -25.55
C GLY SA 36 3.74 60.61 -26.31
N LYS SA 37 2.58 60.81 -26.94
CA LYS SA 37 2.02 59.76 -27.78
C LYS SA 37 2.78 59.64 -29.09
N ARG SA 38 2.99 60.77 -29.78
CA ARG SA 38 3.66 60.73 -31.07
C ARG SA 38 5.13 60.36 -30.93
N ARG SA 39 5.76 60.75 -29.83
CA ARG SA 39 7.12 60.30 -29.57
C ARG SA 39 7.17 58.79 -29.32
N TYR SA 40 6.12 58.23 -28.72
CA TYR SA 40 6.11 56.80 -28.42
C TYR SA 40 5.57 55.96 -29.56
N ASP SA 41 4.67 56.50 -30.37
CA ASP SA 41 4.16 55.77 -31.53
C ASP SA 41 5.15 55.73 -32.69
N ARG SA 42 6.24 56.48 -32.61
CA ARG SA 42 7.30 56.39 -33.60
C ARG SA 42 8.51 55.65 -33.10
N LYS SA 43 8.77 55.65 -31.80
CA LYS SA 43 9.88 54.90 -31.24
C LYS SA 43 9.56 53.42 -31.11
N GLN SA 44 8.31 53.09 -30.79
CA GLN SA 44 7.92 51.69 -30.64
C GLN SA 44 7.92 50.95 -31.98
N SER SA 45 7.64 51.66 -33.07
CA SER SA 45 7.54 51.03 -34.38
C SER SA 45 8.85 50.39 -34.80
N GLY SA 46 8.76 49.36 -35.63
CA GLY SA 46 9.94 48.63 -36.05
C GLY SA 46 10.16 47.40 -35.20
N TYR SA 47 11.40 47.12 -34.85
CA TYR SA 47 11.75 45.92 -34.10
C TYR SA 47 12.37 46.30 -32.77
N GLY SA 48 12.08 45.50 -31.75
CA GLY SA 48 12.59 45.76 -30.42
C GLY SA 48 11.54 45.54 -29.35
N GLY SA 49 10.28 45.46 -29.76
CA GLY SA 49 9.20 45.24 -28.83
C GLY SA 49 8.90 46.48 -28.00
N GLN SA 50 8.49 46.22 -26.76
CA GLN SA 50 8.11 47.28 -25.83
C GLN SA 50 9.32 48.11 -25.42
N THR SA 51 9.27 49.41 -25.73
CA THR SA 51 10.40 50.30 -25.45
C THR SA 51 10.24 51.09 -24.18
N LYS SA 52 9.01 51.44 -23.79
CA LYS SA 52 8.84 52.03 -22.48
C LYS SA 52 8.05 51.08 -21.59
N PRO SA 53 8.41 50.98 -20.32
CA PRO SA 53 7.85 49.91 -19.48
C PRO SA 53 6.36 50.07 -19.23
N ILE SA 54 5.75 48.98 -18.76
CA ILE SA 54 4.34 48.96 -18.37
C ILE SA 54 4.30 48.57 -16.89
N PHE SA 55 3.74 49.44 -16.07
CA PHE SA 55 3.65 49.16 -14.65
C PHE SA 55 2.67 48.02 -14.39
N ARG SA 56 2.99 47.18 -13.42
CA ARG SA 56 2.15 46.02 -13.16
C ARG SA 56 1.58 45.99 -11.74
N LYS SA 57 2.43 46.20 -10.74
CA LYS SA 57 2.03 45.92 -9.37
C LYS SA 57 1.09 46.98 -8.80
N LYS SA 58 -0.19 46.94 -9.18
CA LYS SA 58 -1.18 47.87 -8.66
C LYS SA 58 -1.38 47.61 -7.18
N ALA SA 59 -0.88 48.50 -6.34
CA ALA SA 59 -0.90 48.30 -4.89
C ALA SA 59 -2.18 48.86 -4.29
N LYS SA 60 -2.47 50.12 -4.59
CA LYS SA 60 -3.65 50.74 -4.02
C LYS SA 60 -4.83 50.66 -4.99
N THR SA 61 -5.98 50.29 -4.45
CA THR SA 61 -7.19 50.11 -5.23
C THR SA 61 -8.18 51.24 -4.97
N THR SA 62 -7.65 52.43 -4.66
CA THR SA 62 -8.45 53.59 -4.34
C THR SA 62 -7.88 54.78 -5.09
N LYS SA 63 -8.69 55.81 -5.30
CA LYS SA 63 -8.26 57.01 -5.98
C LYS SA 63 -8.61 58.23 -5.15
N LYS SA 64 -7.91 59.33 -5.39
CA LYS SA 64 -8.29 60.63 -4.86
C LYS SA 64 -9.27 61.23 -5.85
N ILE SA 65 -10.56 61.17 -5.51
CA ILE SA 65 -11.60 61.54 -6.45
C ILE SA 65 -11.70 63.05 -6.55
N VAL SA 66 -11.72 63.55 -7.78
CA VAL SA 66 -11.76 64.98 -8.07
C VAL SA 66 -13.17 65.34 -8.51
N LEU SA 67 -13.71 66.41 -7.95
CA LEU SA 67 -15.02 66.91 -8.35
C LEU SA 67 -14.86 68.04 -9.34
N ARG SA 68 -15.78 68.12 -10.28
CA ARG SA 68 -15.73 69.12 -11.34
C ARG SA 68 -16.70 70.24 -10.97
N LEU SA 69 -16.16 71.34 -10.45
CA LEU SA 69 -17.01 72.47 -10.12
C LEU SA 69 -17.35 73.27 -11.36
N GLU SA 70 -18.47 73.99 -11.31
CA GLU SA 70 -18.92 74.77 -12.46
C GLU SA 70 -19.74 75.95 -11.95
N CYS SA 71 -19.26 77.16 -12.24
CA CYS SA 71 -19.92 78.38 -11.77
C CYS SA 71 -21.27 78.52 -12.44
N VAL SA 72 -22.33 78.74 -11.64
CA VAL SA 72 -23.69 78.65 -12.17
C VAL SA 72 -24.25 79.98 -12.60
N GLU SA 73 -23.51 81.06 -12.43
CA GLU SA 73 -23.95 82.36 -12.93
C GLU SA 73 -24.01 82.31 -14.45
N PRO SA 74 -25.05 82.87 -15.08
CA PRO SA 74 -25.18 82.76 -16.55
C PRO SA 74 -24.15 83.54 -17.34
N ASN SA 75 -23.30 84.29 -16.66
CA ASN SA 75 -22.29 85.12 -17.31
C ASN SA 75 -20.87 84.64 -17.08
N CYS SA 76 -20.60 83.91 -16.01
CA CYS SA 76 -19.21 83.61 -15.62
C CYS SA 76 -18.74 82.32 -16.28
N ARG SA 77 -19.41 81.21 -15.96
CA ARG SA 77 -19.16 79.89 -16.56
C ARG SA 77 -17.72 79.45 -16.38
N SER SA 78 -17.28 79.34 -15.13
CA SER SA 78 -15.95 78.85 -14.85
C SER SA 78 -15.99 77.39 -14.46
N LYS SA 79 -14.84 76.74 -14.53
CA LYS SA 79 -14.70 75.37 -14.06
C LYS SA 79 -13.37 75.23 -13.36
N ARG SA 80 -13.34 74.41 -12.31
CA ARG SA 80 -12.09 74.12 -11.63
C ARG SA 80 -12.23 72.83 -10.86
N MET SA 81 -11.10 72.36 -10.32
CA MET SA 81 -10.98 71.06 -9.68
C MET SA 81 -10.90 71.24 -8.18
N LEU SA 82 -10.97 70.13 -7.44
CA LEU SA 82 -10.79 70.12 -6.00
C LEU SA 82 -10.38 68.73 -5.56
N ALA SA 83 -9.56 68.64 -4.51
CA ALA SA 83 -9.05 67.37 -4.03
C ALA SA 83 -9.75 66.93 -2.76
N ILE SA 84 -10.16 65.66 -2.73
CA ILE SA 84 -10.78 65.05 -1.55
C ILE SA 84 -9.94 63.85 -1.17
N LYS SA 85 -9.88 63.57 0.14
CA LYS SA 85 -9.24 62.35 0.62
C LYS SA 85 -9.91 61.12 0.03
N ARG SA 86 -9.16 60.03 -0.03
CA ARG SA 86 -9.60 58.83 -0.72
C ARG SA 86 -10.80 58.21 -0.03
N CYS SA 87 -11.78 57.79 -0.84
CA CYS SA 87 -12.97 57.16 -0.31
C CYS SA 87 -13.40 56.06 -1.27
N LYS SA 88 -13.91 54.96 -0.72
CA LYS SA 88 -14.22 53.81 -1.55
C LYS SA 88 -15.49 53.99 -2.36
N HIS SA 89 -16.61 54.30 -1.71
CA HIS SA 89 -17.85 54.56 -2.43
C HIS SA 89 -18.07 56.06 -2.55
N PHE SA 90 -18.65 56.47 -3.67
CA PHE SA 90 -18.95 57.88 -3.87
C PHE SA 90 -20.31 58.01 -4.53
N GLU SA 91 -21.12 58.94 -4.04
CA GLU SA 91 -22.41 59.27 -4.64
C GLU SA 91 -22.61 60.76 -4.52
N LEU SA 92 -23.72 61.25 -5.09
CA LEU SA 92 -24.07 62.67 -5.06
C LEU SA 92 -25.43 62.84 -4.41
N GLY SA 93 -25.44 63.34 -3.18
CA GLY SA 93 -26.68 63.67 -2.51
C GLY SA 93 -27.56 62.49 -2.18
N GLY SA 94 -27.13 61.64 -1.25
CA GLY SA 94 -27.91 60.50 -0.82
C GLY SA 94 -28.15 60.51 0.67
N ASP SA 95 -29.36 60.11 1.08
CA ASP SA 95 -29.81 59.81 2.44
C ASP SA 95 -29.33 60.77 3.53
N LYS SA 96 -29.77 62.03 3.44
CA LYS SA 96 -29.41 63.04 4.43
C LYS SA 96 -30.00 62.63 5.77
N LYS SA 97 -29.17 61.95 6.55
CA LYS SA 97 -29.56 61.20 7.73
C LYS SA 97 -30.26 62.01 8.82
N ARG SA 98 -31.21 61.38 9.49
CA ARG SA 98 -31.90 61.95 10.64
C ARG SA 98 -31.20 61.47 11.91
N LYS SA 99 -31.70 61.90 13.08
CA LYS SA 99 -31.20 61.47 14.38
C LYS SA 99 -32.36 60.81 15.10
N GLY SA 100 -32.13 59.60 15.60
CA GLY SA 100 -33.13 58.92 16.41
C GLY SA 100 -34.35 58.51 15.62
N GLN SA 101 -34.17 57.58 14.68
CA GLN SA 101 -35.28 57.05 13.91
C GLN SA 101 -35.01 55.57 13.65
N VAL SA 102 -36.08 54.78 13.67
CA VAL SA 102 -36.01 53.32 13.61
C VAL SA 102 -35.46 52.90 12.26
N ILE SA 103 -34.50 51.98 12.26
CA ILE SA 103 -33.98 51.40 11.02
C ILE SA 103 -34.34 49.92 10.97
N GLN SA 104 -34.93 49.53 9.84
CA GLN SA 104 -35.28 48.13 9.63
C GLN SA 104 -34.55 47.54 8.44
N ALA TA 1 8.30 -41.59 -39.61
CA ALA TA 1 8.08 -41.20 -38.22
C ALA TA 1 7.70 -39.74 -38.13
N LYS TA 2 6.50 -39.48 -37.64
CA LYS TA 2 6.04 -38.11 -37.42
C LYS TA 2 6.80 -37.56 -36.23
N ARG TA 3 7.80 -36.73 -36.51
CA ARG TA 3 8.73 -36.27 -35.48
C ARG TA 3 8.04 -35.40 -34.45
N THR TA 4 7.52 -34.27 -34.89
CA THR TA 4 6.90 -33.31 -34.00
C THR TA 4 5.42 -33.65 -33.83
N LYS TA 5 4.79 -33.00 -32.85
CA LYS TA 5 3.37 -33.26 -32.57
C LYS TA 5 2.50 -32.28 -33.35
N LYS TA 6 2.70 -30.99 -33.13
CA LYS TA 6 1.81 -29.99 -33.72
C LYS TA 6 2.59 -28.76 -34.17
N VAL TA 7 3.88 -28.91 -34.42
CA VAL TA 7 4.69 -27.81 -34.94
C VAL TA 7 5.46 -28.31 -36.17
N GLY TA 8 5.08 -27.81 -37.34
CA GLY TA 8 5.60 -28.32 -38.59
C GLY TA 8 6.93 -27.71 -38.96
N ILE TA 9 6.99 -27.17 -40.18
CA ILE TA 9 8.16 -26.51 -40.75
C ILE TA 9 8.70 -25.41 -39.83
N VAL TA 10 7.83 -24.82 -39.03
CA VAL TA 10 8.20 -23.71 -38.14
C VAL TA 10 8.80 -24.22 -36.85
N GLY TA 11 9.11 -25.52 -36.79
CA GLY TA 11 9.99 -26.02 -35.75
C GLY TA 11 11.40 -25.48 -35.83
N LYS TA 12 11.78 -24.86 -36.94
CA LYS TA 12 13.09 -24.25 -37.12
C LYS TA 12 13.26 -22.97 -36.32
N TYR TA 13 12.22 -22.49 -35.66
CA TYR TA 13 12.35 -21.36 -34.75
C TYR TA 13 12.41 -21.77 -33.29
N GLY TA 14 12.02 -22.99 -32.97
CA GLY TA 14 12.14 -23.46 -31.60
C GLY TA 14 11.14 -22.78 -30.69
N THR TA 15 11.64 -22.28 -29.56
CA THR TA 15 10.79 -21.67 -28.55
C THR TA 15 10.63 -20.18 -28.73
N ARG TA 16 11.01 -19.64 -29.88
CA ARG TA 16 10.99 -18.20 -30.06
C ARG TA 16 9.63 -17.74 -30.58
N TYR TA 17 9.45 -16.42 -30.54
CA TYR TA 17 8.40 -15.68 -31.23
C TYR TA 17 6.99 -16.09 -30.80
N GLY TA 18 6.84 -16.66 -29.61
CA GLY TA 18 5.53 -16.99 -29.11
C GLY TA 18 4.90 -18.18 -29.81
N ALA TA 19 3.72 -18.59 -29.33
CA ALA TA 19 3.07 -19.76 -29.92
C ALA TA 19 2.19 -19.36 -31.11
N SER TA 20 1.36 -18.33 -30.93
CA SER TA 20 0.36 -17.99 -31.95
C SER TA 20 1.01 -17.46 -33.21
N LEU TA 21 2.06 -16.66 -33.06
CA LEU TA 21 2.74 -16.13 -34.24
C LEU TA 21 3.49 -17.22 -34.97
N ARG TA 22 3.95 -18.23 -34.25
CA ARG TA 22 4.41 -19.45 -34.89
C ARG TA 22 3.27 -20.25 -35.50
N LYS TA 23 2.15 -20.34 -34.80
CA LYS TA 23 0.98 -21.04 -35.31
C LYS TA 23 0.44 -20.37 -36.56
N MET TA 24 0.51 -19.04 -36.64
CA MET TA 24 0.00 -18.34 -37.79
C MET TA 24 0.94 -18.40 -38.98
N VAL TA 25 2.25 -18.48 -38.75
CA VAL TA 25 3.19 -18.49 -39.86
C VAL TA 25 3.34 -19.90 -40.42
N LYS TA 26 2.89 -20.91 -39.68
CA LYS TA 26 2.93 -22.29 -40.17
C LYS TA 26 2.11 -22.46 -41.44
N LYS TA 27 0.93 -21.83 -41.49
CA LYS TA 27 0.07 -21.95 -42.66
C LYS TA 27 0.69 -21.27 -43.87
N ILE TA 28 1.50 -20.25 -43.65
CA ILE TA 28 1.98 -19.46 -44.77
C ILE TA 28 3.35 -19.96 -45.27
N GLU TA 29 4.07 -20.73 -44.45
CA GLU TA 29 5.38 -21.21 -44.89
C GLU TA 29 5.24 -22.36 -45.86
N ILE TA 30 4.37 -23.33 -45.56
CA ILE TA 30 4.12 -24.41 -46.50
C ILE TA 30 3.38 -23.88 -47.72
N SER TA 31 2.69 -22.76 -47.57
CA SER TA 31 2.06 -22.12 -48.72
C SER TA 31 3.09 -21.56 -49.68
N GLN TA 32 4.18 -20.99 -49.16
CA GLN TA 32 5.15 -20.33 -50.02
C GLN TA 32 6.18 -21.28 -50.60
N HIS TA 33 6.26 -22.51 -50.09
CA HIS TA 33 7.34 -23.40 -50.47
C HIS TA 33 6.90 -24.56 -51.35
N ALA TA 34 5.78 -25.20 -51.03
CA ALA TA 34 5.37 -26.43 -51.71
C ALA TA 34 5.05 -26.15 -53.18
N LYS TA 35 5.59 -26.99 -54.05
CA LYS TA 35 5.47 -26.79 -55.48
C LYS TA 35 4.04 -27.02 -55.94
N TYR TA 36 3.57 -26.15 -56.82
CA TYR TA 36 2.23 -26.20 -57.36
C TYR TA 36 2.25 -26.72 -58.79
N THR TA 37 1.09 -27.14 -59.27
CA THR TA 37 0.99 -27.61 -60.64
C THR TA 37 0.98 -26.42 -61.59
N CYS TA 38 1.82 -26.50 -62.63
CA CYS TA 38 1.84 -25.49 -63.66
C CYS TA 38 0.72 -25.75 -64.66
N SER TA 39 -0.11 -24.75 -64.88
CA SER TA 39 -1.25 -24.89 -65.79
C SER TA 39 -0.85 -24.83 -67.26
N PHE TA 40 0.44 -24.80 -67.57
CA PHE TA 40 0.90 -24.79 -68.95
C PHE TA 40 1.63 -26.07 -69.33
N CYS TA 41 2.28 -26.73 -68.38
CA CYS TA 41 2.83 -28.05 -68.65
C CYS TA 41 2.07 -29.17 -67.97
N GLY TA 42 1.66 -28.96 -66.72
CA GLY TA 42 1.07 -29.99 -65.91
C GLY TA 42 2.01 -30.64 -64.94
N LYS TA 43 3.31 -30.50 -65.15
CA LYS TA 43 4.29 -30.99 -64.20
C LYS TA 43 4.28 -30.10 -62.96
N THR TA 44 4.42 -30.71 -61.78
CA THR TA 44 4.31 -29.94 -60.56
C THR TA 44 5.63 -29.22 -60.30
N LYS TA 45 5.93 -28.22 -61.12
CA LYS TA 45 7.21 -27.52 -61.03
C LYS TA 45 7.04 -26.00 -60.98
N MET TA 46 6.07 -25.51 -60.23
CA MET TA 46 5.95 -24.08 -60.01
C MET TA 46 6.86 -23.72 -58.84
N LYS TA 47 7.81 -22.83 -59.08
CA LYS TA 47 8.73 -22.39 -58.03
C LYS TA 47 8.57 -20.89 -57.82
N ARG TA 48 8.35 -20.50 -56.57
CA ARG TA 48 8.30 -19.09 -56.22
C ARG TA 48 9.72 -18.52 -56.25
N ARG TA 49 10.06 -17.80 -57.32
CA ARG TA 49 11.40 -17.26 -57.45
C ARG TA 49 11.63 -16.12 -56.47
N ALA TA 50 10.72 -15.16 -56.44
CA ALA TA 50 10.81 -14.05 -55.50
C ALA TA 50 9.39 -13.78 -55.00
N VAL TA 51 9.23 -12.65 -54.31
CA VAL TA 51 7.94 -12.29 -53.75
C VAL TA 51 6.97 -11.98 -54.89
N GLY TA 52 5.81 -12.64 -54.87
CA GLY TA 52 4.77 -12.40 -55.85
C GLY TA 52 4.99 -12.99 -57.22
N ILE TA 53 6.18 -13.52 -57.51
CA ILE TA 53 6.46 -14.10 -58.81
C ILE TA 53 6.68 -15.59 -58.62
N TRP TA 54 6.32 -16.37 -59.64
CA TRP TA 54 6.44 -17.83 -59.58
C TRP TA 54 6.99 -18.33 -60.90
N HIS TA 55 8.15 -18.96 -60.85
CA HIS TA 55 8.77 -19.52 -62.04
C HIS TA 55 8.34 -20.96 -62.25
N CYS TA 56 8.30 -21.37 -63.51
CA CYS TA 56 8.05 -22.76 -63.87
C CYS TA 56 9.38 -23.47 -64.04
N GLY TA 57 9.50 -24.65 -63.44
CA GLY TA 57 10.71 -25.42 -63.58
C GLY TA 57 10.69 -26.36 -64.78
N SER TA 58 9.62 -26.29 -65.56
CA SER TA 58 9.49 -27.16 -66.72
C SER TA 58 9.39 -26.36 -68.01
N CYS TA 59 8.47 -25.41 -68.05
CA CYS TA 59 8.34 -24.54 -69.22
C CYS TA 59 9.33 -23.39 -69.21
N MET TA 60 9.94 -23.12 -68.05
CA MET TA 60 10.69 -21.88 -67.80
C MET TA 60 9.86 -20.66 -68.18
N LYS TA 61 8.62 -20.64 -67.73
CA LYS TA 61 7.73 -19.50 -67.87
C LYS TA 61 7.53 -18.87 -66.50
N THR TA 62 7.51 -17.54 -66.46
CA THR TA 62 7.36 -16.81 -65.21
C THR TA 62 5.97 -16.19 -65.16
N VAL TA 63 5.29 -16.36 -64.03
CA VAL TA 63 3.97 -15.79 -63.84
C VAL TA 63 4.03 -14.86 -62.63
N ALA TA 64 3.27 -13.78 -62.71
CA ALA TA 64 3.08 -12.91 -61.55
C ALA TA 64 1.95 -13.51 -60.73
N GLY TA 65 2.29 -14.22 -59.67
CA GLY TA 65 1.29 -14.91 -58.89
C GLY TA 65 0.98 -14.20 -57.60
N GLY TA 66 0.68 -14.97 -56.55
CA GLY TA 66 0.46 -14.41 -55.24
C GLY TA 66 1.74 -14.34 -54.44
N ALA TA 67 1.66 -13.63 -53.32
CA ALA TA 67 2.86 -13.43 -52.52
C ALA TA 67 3.30 -14.72 -51.84
N TRP TA 68 2.37 -15.47 -51.27
CA TRP TA 68 2.68 -16.73 -50.61
C TRP TA 68 1.98 -17.92 -51.24
N THR TA 69 0.66 -17.86 -51.38
CA THR TA 69 -0.07 -18.86 -52.12
C THR TA 69 0.02 -18.52 -53.60
N TYR TA 70 0.12 -19.55 -54.44
CA TYR TA 70 0.30 -19.35 -55.87
C TYR TA 70 -0.86 -18.59 -56.51
N ASN TA 71 -2.06 -18.70 -55.95
CA ASN TA 71 -3.20 -17.91 -56.40
C ASN TA 71 -3.91 -17.37 -55.17
N THR TA 72 -3.97 -16.05 -55.05
CA THR TA 72 -4.65 -15.45 -53.91
C THR TA 72 -6.15 -15.66 -54.03
N THR TA 73 -6.83 -15.65 -52.88
CA THR TA 73 -8.27 -15.85 -52.87
C THR TA 73 -9.01 -14.69 -53.52
N SER TA 74 -8.37 -13.55 -53.69
CA SER TA 74 -9.02 -12.40 -54.30
C SER TA 74 -9.06 -12.51 -55.82
N ALA TA 75 -7.92 -12.82 -56.45
CA ALA TA 75 -7.82 -12.76 -57.90
C ALA TA 75 -8.68 -13.82 -58.57
N VAL TA 76 -8.89 -14.95 -57.89
CA VAL TA 76 -9.75 -15.99 -58.43
C VAL TA 76 -11.20 -15.53 -58.42
N THR TA 77 -11.53 -14.57 -57.55
CA THR TA 77 -12.81 -13.89 -57.68
C THR TA 77 -12.74 -12.74 -58.65
N VAL TA 78 -11.56 -12.20 -58.91
CA VAL TA 78 -11.45 -11.11 -59.88
C VAL TA 78 -11.69 -11.63 -61.29
N LYS TA 79 -10.93 -12.66 -61.69
CA LYS TA 79 -10.99 -13.16 -63.07
C LYS TA 79 -12.38 -13.64 -63.45
N SER TA 80 -13.12 -14.17 -62.49
CA SER TA 80 -14.50 -14.54 -62.74
C SER TA 80 -15.38 -13.31 -62.97
N ALA TA 81 -15.10 -12.22 -62.27
CA ALA TA 81 -15.84 -10.98 -62.55
C ALA TA 81 -15.35 -10.35 -63.84
N ILE TA 82 -14.08 -10.53 -64.18
CA ILE TA 82 -13.59 -10.03 -65.47
C ILE TA 82 -14.21 -10.82 -66.61
N ARG TA 83 -14.34 -12.14 -66.42
CA ARG TA 83 -14.99 -12.97 -67.43
C ARG TA 83 -16.44 -12.60 -67.62
N ARG TA 84 -17.09 -12.11 -66.56
CA ARG TA 84 -18.50 -11.73 -66.65
C ARG TA 84 -18.67 -10.33 -67.22
N LEU TA 85 -17.85 -9.37 -66.81
CA LEU TA 85 -17.91 -8.02 -67.37
C LEU TA 85 -17.44 -7.95 -68.81
N LYS TA 86 -16.70 -8.95 -69.28
CA LYS TA 86 -16.20 -8.93 -70.65
C LYS TA 86 -17.33 -9.14 -71.64
N GLU TA 87 -18.07 -10.24 -71.50
CA GLU TA 87 -19.09 -10.61 -72.47
C GLU TA 87 -20.40 -9.85 -72.27
N LEU TA 88 -20.51 -9.02 -71.24
CA LEU TA 88 -21.70 -8.20 -71.09
C LEU TA 88 -21.72 -7.04 -72.06
N LYS TA 89 -20.61 -6.35 -72.22
CA LYS TA 89 -20.56 -5.18 -73.09
C LYS TA 89 -20.68 -5.57 -74.56
N ASP TA 90 -20.29 -6.79 -74.91
CA ASP TA 90 -20.36 -7.26 -76.29
C ASP TA 90 -21.45 -8.32 -76.49
N GLN TA 91 -22.27 -8.56 -75.46
CA GLN TA 91 -23.42 -9.47 -75.48
C GLN TA 91 -23.05 -10.88 -75.93
N SER UA 1 72.07 96.48 -9.45
CA SER UA 1 73.07 96.95 -8.52
C SER UA 1 73.80 95.79 -7.85
N ALA UA 2 74.16 95.98 -6.58
CA ALA UA 2 74.86 94.94 -5.85
C ALA UA 2 73.92 93.83 -5.42
N HIS UA 3 72.88 94.18 -4.65
CA HIS UA 3 72.04 93.15 -4.05
C HIS UA 3 71.19 92.41 -5.08
N LEU UA 4 70.97 93.00 -6.26
CA LEU UA 4 70.24 92.28 -7.30
C LEU UA 4 71.06 91.14 -7.89
N GLN UA 5 72.31 91.42 -8.28
CA GLN UA 5 73.16 90.38 -8.83
C GLN UA 5 73.47 89.28 -7.85
N TRP UA 6 73.65 89.61 -6.57
CA TRP UA 6 73.86 88.57 -5.57
C TRP UA 6 72.62 87.71 -5.42
N MET UA 7 71.44 88.30 -5.57
CA MET UA 7 70.21 87.53 -5.58
C MET UA 7 70.06 86.67 -6.83
N VAL UA 8 70.76 87.01 -7.91
CA VAL UA 8 70.68 86.23 -9.13
C VAL UA 8 71.64 85.05 -9.15
N VAL UA 9 72.92 85.27 -8.87
CA VAL UA 9 73.93 84.24 -9.02
C VAL UA 9 74.33 83.60 -7.69
N ARG UA 10 73.46 83.66 -6.68
CA ARG UA 10 73.74 83.00 -5.41
C ARG UA 10 73.82 81.49 -5.55
N ASN UA 11 73.09 80.90 -6.50
CA ASN UA 11 73.04 79.45 -6.59
C ASN UA 11 73.39 78.99 -8.00
N CYS UA 12 72.99 79.74 -9.01
CA CYS UA 12 73.24 79.35 -10.40
C CYS UA 12 74.42 80.13 -10.97
N SER UA 13 75.60 79.84 -10.41
CA SER UA 13 76.85 80.43 -10.87
C SER UA 13 77.80 79.32 -11.30
N SER UA 14 78.77 79.70 -12.14
CA SER UA 14 79.77 78.73 -12.59
C SER UA 14 80.92 78.59 -11.62
N PHE UA 15 81.20 79.62 -10.82
CA PHE UA 15 82.26 79.52 -9.82
C PHE UA 15 81.82 78.74 -8.60
N LEU UA 16 80.55 78.36 -8.51
CA LEU UA 16 80.03 77.65 -7.35
C LEU UA 16 80.38 76.16 -7.44
N ILE UA 17 80.69 75.57 -6.30
CA ILE UA 17 80.82 74.12 -6.16
C ILE UA 17 80.20 73.73 -4.83
N LYS UA 18 79.32 72.73 -4.88
CA LYS UA 18 78.61 72.27 -3.70
C LYS UA 18 78.77 70.76 -3.58
N ARG UA 19 79.38 70.32 -2.47
CA ARG UA 19 79.56 68.90 -2.20
C ARG UA 19 80.00 68.72 -0.75
N ASN UA 20 79.81 67.51 -0.22
CA ASN UA 20 80.18 67.16 1.16
C ASN UA 20 79.52 68.08 2.19
N LYS UA 21 78.31 68.54 1.88
CA LYS UA 21 77.56 69.51 2.69
C LYS UA 21 78.37 70.79 2.93
N GLN UA 22 79.11 71.21 1.91
CA GLN UA 22 79.85 72.47 1.95
C GLN UA 22 79.72 73.15 0.60
N THR UA 23 79.70 74.48 0.61
CA THR UA 23 79.59 75.26 -0.61
C THR UA 23 80.81 76.18 -0.72
N TYR UA 24 81.32 76.33 -1.94
CA TYR UA 24 82.50 77.14 -2.20
C TYR UA 24 82.31 77.93 -3.48
N SER UA 25 83.09 79.01 -3.61
CA SER UA 25 83.05 79.90 -4.75
C SER UA 25 84.47 80.16 -5.22
N THR UA 26 84.71 79.97 -6.52
CA THR UA 26 86.04 80.13 -7.11
C THR UA 26 86.18 81.43 -7.88
N GLU UA 27 85.59 82.51 -7.38
CA GLU UA 27 85.75 83.81 -8.00
C GLU UA 27 87.20 84.27 -7.87
N PRO UA 28 87.69 85.08 -8.82
CA PRO UA 28 89.12 85.45 -8.79
C PRO UA 28 89.54 86.30 -7.62
N ASN UA 29 88.63 87.03 -6.97
CA ASN UA 29 88.99 87.88 -5.84
C ASN UA 29 88.26 87.52 -4.57
N ASN UA 30 87.56 86.39 -4.56
CA ASN UA 30 86.79 85.95 -3.40
C ASN UA 30 87.75 85.32 -2.40
N LEU UA 31 88.44 86.19 -1.65
CA LEU UA 31 89.24 85.71 -0.55
C LEU UA 31 88.33 85.10 0.52
N LYS UA 32 88.86 84.06 1.17
CA LYS UA 32 88.19 83.14 2.10
C LYS UA 32 87.17 82.25 1.39
N ALA UA 33 86.96 82.47 0.09
CA ALA UA 33 86.33 81.54 -0.84
C ALA UA 33 84.93 81.06 -0.48
N ARG UA 34 84.23 81.77 0.40
CA ARG UA 34 82.90 81.38 0.80
C ARG UA 34 81.87 82.12 -0.03
N ASN UA 35 80.78 81.44 -0.37
CA ASN UA 35 79.73 82.01 -1.22
C ASN UA 35 78.79 82.84 -0.36
N SER UA 36 79.33 83.90 0.22
CA SER UA 36 78.58 84.84 1.03
C SER UA 36 78.53 86.18 0.34
N PHE UA 37 77.66 87.05 0.85
CA PHE UA 37 77.59 88.40 0.29
C PHE UA 37 78.82 89.20 0.65
N ARG UA 38 79.28 89.08 1.90
CA ARG UA 38 80.37 89.93 2.39
C ARG UA 38 81.69 89.63 1.69
N TYR UA 39 81.86 88.42 1.16
CA TYR UA 39 83.15 88.01 0.64
C TYR UA 39 83.19 87.89 -0.88
N ASN UA 40 82.10 88.18 -1.59
CA ASN UA 40 82.10 88.05 -3.04
C ASN UA 40 83.02 89.08 -3.67
N GLY UA 41 83.62 88.73 -4.80
CA GLY UA 41 84.63 89.58 -5.40
C GLY UA 41 84.28 90.16 -6.75
N LEU UA 42 83.10 89.86 -7.26
CA LEU UA 42 82.65 90.38 -8.54
C LEU UA 42 81.37 91.18 -8.46
N ILE UA 43 80.57 91.01 -7.41
CA ILE UA 43 79.33 91.75 -7.27
C ILE UA 43 79.54 93.23 -6.98
N HIS UA 44 80.48 93.55 -6.09
CA HIS UA 44 80.55 94.86 -5.47
C HIS UA 44 81.22 95.88 -6.39
N ARG UA 45 81.17 97.14 -5.97
CA ARG UA 45 81.89 98.19 -6.66
C ARG UA 45 83.31 98.30 -6.14
N LYS UA 46 83.48 98.17 -4.82
CA LYS UA 46 84.78 98.23 -4.17
C LYS UA 46 85.10 96.86 -3.57
N THR UA 47 85.87 96.07 -4.30
CA THR UA 47 86.29 94.76 -3.83
C THR UA 47 87.81 94.66 -3.81
N VAL UA 48 88.33 94.07 -2.74
CA VAL UA 48 89.76 93.89 -2.57
C VAL UA 48 90.10 92.42 -2.82
N GLY UA 49 91.04 92.18 -3.73
CA GLY UA 49 91.45 90.83 -4.07
C GLY UA 49 92.95 90.66 -3.87
N VAL UA 50 93.32 89.61 -3.14
CA VAL UA 50 94.71 89.32 -2.81
C VAL UA 50 95.06 87.99 -3.45
N GLU UA 51 96.12 87.96 -4.25
CA GLU UA 51 96.60 86.76 -4.89
C GLU UA 51 98.09 86.59 -4.62
N PRO UA 52 98.61 85.37 -4.76
CA PRO UA 52 100.05 85.21 -4.89
C PRO UA 52 100.53 85.86 -6.17
N ALA UA 53 101.72 86.46 -6.11
CA ALA UA 53 102.25 87.31 -7.17
C ALA UA 53 102.57 86.56 -8.45
N ALA UA 54 103.04 87.29 -9.47
CA ALA UA 54 103.33 86.71 -10.77
C ALA UA 54 104.44 85.67 -10.71
N ASP UA 55 105.52 85.95 -10.00
CA ASP UA 55 106.55 84.95 -9.74
C ASP UA 55 106.27 84.12 -8.50
N GLY UA 56 105.25 84.48 -7.73
CA GLY UA 56 104.95 83.83 -6.48
C GLY UA 56 105.58 84.49 -5.27
N LYS UA 57 106.76 85.08 -5.41
CA LYS UA 57 107.45 85.76 -4.33
C LYS UA 57 106.78 87.11 -4.13
N GLY UA 58 106.28 87.33 -2.93
CA GLY UA 58 105.42 88.47 -2.66
C GLY UA 58 104.00 88.19 -3.07
N VAL UA 59 103.16 89.21 -2.91
CA VAL UA 59 101.75 89.10 -3.23
C VAL UA 59 101.35 90.24 -4.14
N VAL UA 60 100.25 90.04 -4.86
CA VAL UA 60 99.65 91.08 -5.68
C VAL UA 60 98.26 91.37 -5.14
N VAL UA 61 97.94 92.65 -4.99
CA VAL UA 61 96.62 93.08 -4.53
C VAL UA 61 95.86 93.65 -5.73
N VAL UA 62 94.72 93.04 -6.03
CA VAL UA 62 93.85 93.52 -7.09
C VAL UA 62 92.77 94.37 -6.43
N MET UA 63 92.83 95.66 -6.67
CA MET UA 63 91.78 96.58 -6.25
C MET UA 63 90.87 96.85 -7.43
N LYS UA 64 89.59 97.02 -7.16
CA LYS UA 64 88.64 97.43 -8.18
C LYS UA 64 88.42 98.93 -8.06
N ARG UA 65 88.71 99.66 -9.12
CA ARG UA 65 88.48 101.08 -9.14
C ARG UA 65 86.99 101.37 -9.21
N ARG UA 66 86.63 102.61 -8.94
CA ARG UA 66 85.22 102.98 -8.88
C ARG UA 66 84.74 103.65 -10.15
N SER UA 67 85.63 104.17 -10.97
CA SER UA 67 85.24 104.83 -12.21
C SER UA 67 84.76 103.82 -13.23
N GLY UA 68 85.59 102.81 -13.50
CA GLY UA 68 85.24 101.79 -14.47
C GLY UA 68 84.43 100.66 -13.87
N GLN UA 69 83.12 100.67 -14.11
CA GLN UA 69 82.28 99.57 -13.65
C GLN UA 69 82.05 98.55 -14.75
N ARG UA 70 81.92 99.02 -15.99
CA ARG UA 70 81.52 98.20 -17.12
C ARG UA 70 82.64 98.01 -18.14
N LYS UA 71 83.84 98.48 -17.83
CA LYS UA 71 84.97 98.35 -18.73
C LYS UA 71 86.02 97.45 -18.08
N PRO UA 72 85.93 96.14 -18.29
CA PRO UA 72 86.68 95.20 -17.44
C PRO UA 72 88.16 95.10 -17.74
N ALA UA 73 88.63 95.48 -18.93
CA ALA UA 73 90.07 95.48 -19.15
C ALA UA 73 90.76 96.63 -18.43
N THR UA 74 90.02 97.60 -17.94
CA THR UA 74 90.58 98.72 -17.20
C THR UA 74 90.10 98.81 -15.76
N SER UA 75 89.17 97.94 -15.34
CA SER UA 75 88.54 98.09 -14.04
C SER UA 75 89.44 97.64 -12.90
N TYR UA 76 90.39 96.75 -13.14
CA TYR UA 76 91.20 96.17 -12.09
C TYR UA 76 92.57 96.81 -12.09
N VAL UA 77 93.11 97.08 -10.91
CA VAL UA 77 94.49 97.52 -10.73
C VAL UA 77 95.20 96.55 -9.79
N ARG UA 78 96.29 95.97 -10.27
CA ARG UA 78 97.03 94.94 -9.56
C ARG UA 78 98.45 95.42 -9.33
N THR UA 79 98.83 95.63 -8.08
CA THR UA 79 100.17 96.07 -7.74
C THR UA 79 100.82 95.04 -6.82
N THR UA 80 102.15 94.96 -6.88
CA THR UA 80 102.92 93.91 -6.22
C THR UA 80 103.66 94.48 -5.02
N ILE UA 81 103.78 93.67 -3.96
CA ILE UA 81 104.54 94.04 -2.77
C ILE UA 81 105.49 92.90 -2.45
N ASN UA 82 106.74 93.02 -2.90
CA ASN UA 82 107.76 92.03 -2.57
C ASN UA 82 108.66 92.52 -1.45
N LYS UA 83 108.12 92.59 -0.22
CA LYS UA 83 108.84 93.17 0.90
C LYS UA 83 108.89 92.16 2.05
N ASN UA 84 109.37 92.60 3.20
CA ASN UA 84 109.52 91.71 4.36
C ASN UA 84 108.16 91.27 4.88
N ALA UA 85 108.18 90.34 5.83
CA ALA UA 85 106.94 89.71 6.29
C ALA UA 85 106.09 90.68 7.10
N ARG UA 86 106.70 91.41 8.03
CA ARG UA 86 105.94 92.38 8.82
C ARG UA 86 105.57 93.58 7.97
N ALA UA 87 106.47 94.00 7.07
CA ALA UA 87 106.25 95.20 6.29
C ALA UA 87 105.12 95.06 5.27
N THR UA 88 104.96 93.89 4.65
CA THR UA 88 103.93 93.74 3.64
C THR UA 88 102.54 93.77 4.25
N LEU UA 89 102.41 93.35 5.51
CA LEU UA 89 101.13 93.45 6.19
C LEU UA 89 100.78 94.88 6.53
N SER UA 90 101.79 95.73 6.75
CA SER UA 90 101.51 97.13 7.02
C SER UA 90 101.06 97.85 5.76
N SER UA 91 101.52 97.40 4.59
CA SER UA 91 101.09 98.02 3.34
C SER UA 91 99.62 97.76 3.07
N ILE UA 92 99.20 96.49 3.10
CA ILE UA 92 97.82 96.17 2.83
C ILE UA 92 96.91 96.63 3.96
N ARG UA 93 97.42 96.75 5.19
CA ARG UA 93 96.61 97.31 6.26
C ARG UA 93 96.30 98.78 6.04
N HIS UA 94 97.16 99.49 5.31
CA HIS UA 94 96.99 100.93 5.18
C HIS UA 94 96.18 101.33 3.96
N MET UA 95 96.17 100.53 2.89
CA MET UA 95 95.33 100.84 1.76
C MET UA 95 93.85 100.63 2.06
N ILE UA 96 93.54 99.86 3.10
CA ILE UA 96 92.16 99.59 3.47
C ILE UA 96 91.75 100.50 4.61
N ARG UA 97 92.48 100.43 5.72
CA ARG UA 97 92.11 101.19 6.91
C ARG UA 97 92.30 102.68 6.70
N LYS UA 98 93.46 103.08 6.21
CA LYS UA 98 93.72 104.51 6.03
C LYS UA 98 93.29 105.02 4.65
N ASN UA 99 92.35 104.33 4.00
CA ASN UA 99 91.66 104.85 2.84
C ASN UA 99 90.16 104.57 2.84
N LYS UA 100 89.68 103.74 3.77
CA LYS UA 100 88.27 103.30 3.84
C LYS UA 100 87.81 102.69 2.53
N TYR UA 101 88.43 101.57 2.16
CA TYR UA 101 88.10 100.83 0.94
C TYR UA 101 87.68 99.43 1.36
N HIS UA 102 86.36 99.23 1.47
CA HIS UA 102 85.71 98.00 1.95
C HIS UA 102 86.27 97.63 3.31
N PRO UA 103 85.95 98.41 4.36
CA PRO UA 103 86.72 98.30 5.61
C PRO UA 103 86.45 97.04 6.40
N ASP UA 104 85.44 96.27 6.04
CA ASP UA 104 85.15 95.05 6.76
C ASP UA 104 86.03 93.87 6.36
N LEU UA 105 86.82 94.01 5.31
CA LEU UA 105 87.66 92.91 4.84
C LEU UA 105 89.14 93.22 5.04
N ARG UA 106 89.47 94.04 6.03
CA ARG UA 106 90.88 94.33 6.28
C ARG UA 106 91.57 93.17 6.99
N MET UA 107 90.86 92.50 7.90
CA MET UA 107 91.48 91.40 8.61
C MET UA 107 91.53 90.14 7.78
N ALA UA 108 90.51 89.91 6.94
CA ALA UA 108 90.53 88.75 6.06
C ALA UA 108 91.63 88.85 5.03
N ALA UA 109 91.99 90.06 4.60
CA ALA UA 109 93.13 90.22 3.70
C ALA UA 109 94.44 89.89 4.39
N ILE UA 110 94.52 90.12 5.71
CA ILE UA 110 95.71 89.71 6.46
C ILE UA 110 95.74 88.20 6.59
N ARG UA 111 94.57 87.56 6.72
CA ARG UA 111 94.50 86.11 6.78
C ARG UA 111 95.07 85.49 5.52
N ARG UA 112 94.68 85.99 4.35
CA ARG UA 112 95.12 85.38 3.12
C ARG UA 112 96.58 85.71 2.82
N ALA UA 113 97.00 86.93 3.14
CA ALA UA 113 98.38 87.30 2.87
C ALA UA 113 99.35 86.57 3.79
N SER UA 114 98.91 86.18 4.99
CA SER UA 114 99.80 85.49 5.91
C SER UA 114 100.07 84.06 5.49
N ALA UA 115 99.10 83.42 4.82
CA ALA UA 115 99.28 82.03 4.41
C ALA UA 115 99.99 81.90 3.07
N ILE UA 116 99.79 82.86 2.17
CA ILE UA 116 100.44 82.83 0.87
C ILE UA 116 101.95 82.96 1.01
N LEU UA 117 102.40 83.87 1.88
CA LEU UA 117 103.82 83.96 2.17
C LEU UA 117 104.31 82.72 2.91
N ARG UA 118 103.50 82.16 3.80
CA ARG UA 118 103.85 80.91 4.44
C ARG UA 118 103.76 79.73 3.48
N SER UA 119 103.00 79.88 2.40
CA SER UA 119 103.06 78.90 1.31
C SER UA 119 104.36 79.01 0.53
N GLN UA 120 104.70 80.22 0.08
CA GLN UA 120 105.95 80.42 -0.63
C GLN UA 120 107.17 80.37 0.29
N LYS UA 121 106.95 80.28 1.60
CA LYS UA 121 108.03 80.07 2.55
C LYS UA 121 108.78 78.77 2.23
N PRO UA 122 110.11 78.74 2.42
CA PRO UA 122 110.86 77.49 2.23
C PRO UA 122 110.34 76.34 3.09
N VAL UA 123 110.03 75.23 2.44
CA VAL UA 123 109.26 74.17 3.05
C VAL UA 123 110.06 73.44 4.12
N MET UA 124 109.35 72.67 4.95
CA MET UA 124 109.98 71.84 5.97
C MET UA 124 109.68 70.36 5.73
N ASP VA 1 8.51 22.32 90.40
CA ASP VA 1 9.93 22.53 90.16
C ASP VA 1 10.77 21.87 91.25
N ARG VA 2 12.05 22.22 91.30
CA ARG VA 2 12.96 21.63 92.27
C ARG VA 2 13.23 22.56 93.46
N ALA VA 3 13.16 23.88 93.26
CA ALA VA 3 13.41 24.80 94.36
C ALA VA 3 12.28 24.78 95.37
N THR VA 4 11.02 24.84 94.91
CA THR VA 4 9.89 24.70 95.80
C THR VA 4 9.78 23.28 96.35
N TRP VA 5 10.35 22.30 95.65
CA TRP VA 5 10.47 20.96 96.22
C TRP VA 5 11.42 20.94 97.40
N LYS VA 6 12.42 21.82 97.40
CA LYS VA 6 13.34 21.89 98.52
C LYS VA 6 12.75 22.65 99.70
N SER VA 7 12.09 23.78 99.44
CA SER VA 7 11.45 24.52 100.51
C SER VA 7 10.26 23.77 101.09
N ASN VA 8 9.62 22.90 100.30
CA ASN VA 8 8.61 21.98 100.85
C ASN VA 8 9.23 21.04 101.87
N TYR VA 9 10.51 20.72 101.72
CA TYR VA 9 11.18 19.90 102.71
C TYR VA 9 11.77 20.77 103.83
N PHE VA 10 12.14 22.01 103.51
CA PHE VA 10 12.53 22.95 104.56
C PHE VA 10 11.37 23.34 105.45
N LEU VA 11 10.14 23.37 104.92
CA LEU VA 11 8.98 23.64 105.74
C LEU VA 11 8.45 22.39 106.44
N LYS VA 12 8.91 21.20 106.04
CA LYS VA 12 8.49 19.97 106.68
C LYS VA 12 9.35 19.59 107.87
N ILE VA 13 10.68 19.65 107.71
CA ILE VA 13 11.56 19.23 108.80
C ILE VA 13 11.53 20.24 109.94
N ILE VA 14 11.16 21.48 109.63
CA ILE VA 14 11.09 22.51 110.67
C ILE VA 14 9.86 22.31 111.54
N GLN VA 15 8.88 21.55 111.05
CA GLN VA 15 7.70 21.25 111.86
C GLN VA 15 7.96 20.07 112.79
N LEU VA 16 8.91 19.21 112.44
CA LEU VA 16 9.06 17.92 113.12
C LEU VA 16 9.86 18.03 114.41
N LEU VA 17 10.79 18.98 114.47
CA LEU VA 17 11.71 19.06 115.60
C LEU VA 17 11.09 19.70 116.83
N ASP VA 18 9.96 20.40 116.69
CA ASP VA 18 9.32 21.06 117.82
C ASP VA 18 8.18 20.26 118.42
N ASP VA 19 7.51 19.40 117.65
CA ASP VA 19 6.51 18.51 118.23
C ASP VA 19 7.10 17.16 118.59
N TYR VA 20 8.12 16.74 117.86
CA TYR VA 20 8.88 15.54 118.18
C TYR VA 20 10.33 15.91 118.48
N PRO VA 21 10.66 16.22 119.73
CA PRO VA 21 12.07 16.47 120.08
C PRO VA 21 12.84 15.21 120.39
N LYS VA 22 12.18 14.05 120.40
CA LYS VA 22 12.81 12.76 120.65
C LYS VA 22 13.03 12.06 119.32
N CYS VA 23 14.30 11.74 119.03
CA CYS VA 23 14.65 11.21 117.73
C CYS VA 23 15.43 9.91 117.88
N PHE VA 24 15.11 8.96 117.00
CA PHE VA 24 15.82 7.68 116.92
C PHE VA 24 16.44 7.61 115.53
N ILE VA 25 17.75 7.88 115.44
CA ILE VA 25 18.43 7.90 114.14
C ILE VA 25 18.51 6.48 113.63
N VAL VA 26 17.79 6.20 112.55
CA VAL VA 26 17.83 4.91 111.90
C VAL VA 26 18.77 5.01 110.70
N GLY VA 27 19.51 3.93 110.44
CA GLY VA 27 20.27 3.83 109.22
C GLY VA 27 19.84 2.63 108.40
N ALA VA 28 19.21 2.88 107.26
CA ALA VA 28 18.58 1.83 106.47
C ALA VA 28 19.47 1.50 105.28
N ASP VA 29 19.90 0.25 105.20
CA ASP VA 29 20.75 -0.23 104.11
C ASP VA 29 19.96 -1.25 103.30
N ASN VA 30 19.99 -1.10 101.97
CA ASN VA 30 19.27 -1.87 100.96
C ASN VA 30 17.86 -2.31 101.37
N VAL VA 31 17.07 -1.39 101.90
CA VAL VA 31 15.70 -1.68 102.31
C VAL VA 31 14.77 -1.31 101.17
N GLY VA 32 13.67 -2.06 101.03
CA GLY VA 32 12.75 -1.83 99.94
C GLY VA 32 11.59 -0.92 100.32
N SER VA 33 10.86 -0.45 99.30
CA SER VA 33 9.76 0.47 99.56
C SER VA 33 8.53 -0.25 100.09
N LYS VA 34 8.34 -1.51 99.70
CA LYS VA 34 7.27 -2.30 100.31
C LYS VA 34 7.61 -2.65 101.74
N GLN VA 35 8.90 -2.66 102.11
CA GLN VA 35 9.27 -2.67 103.52
C GLN VA 35 8.93 -1.35 104.20
N MET VA 36 8.94 -0.24 103.45
CA MET VA 36 8.61 1.05 104.05
C MET VA 36 7.11 1.18 104.30
N GLN VA 37 6.27 0.69 103.38
CA GLN VA 37 4.83 0.80 103.58
C GLN VA 37 4.33 -0.08 104.70
N GLN VA 38 5.03 -1.17 105.00
CA GLN VA 38 4.61 -2.06 106.07
C GLN VA 38 5.10 -1.61 107.45
N ILE VA 39 6.11 -0.76 107.54
CA ILE VA 39 6.61 -0.28 108.82
C ILE VA 39 5.91 1.02 109.25
N ARG VA 40 5.55 1.88 108.29
CA ARG VA 40 4.71 3.02 108.63
C ARG VA 40 3.29 2.59 108.99
N MET VA 41 2.87 1.41 108.48
CA MET VA 41 1.63 0.80 108.92
C MET VA 41 1.69 0.43 110.40
N SER VA 42 2.73 -0.30 110.80
CA SER VA 42 2.90 -0.68 112.19
C SER VA 42 3.24 0.51 113.09
N LEU VA 43 3.57 1.66 112.50
CA LEU VA 43 3.79 2.87 113.27
C LEU VA 43 2.86 3.98 112.77
N ARG VA 44 1.59 3.64 112.55
CA ARG VA 44 0.62 4.54 111.96
C ARG VA 44 0.36 5.78 112.83
N GLY VA 45 -0.02 5.59 114.09
CA GLY VA 45 -0.29 6.70 114.97
C GLY VA 45 0.85 7.07 115.91
N LYS VA 46 1.73 6.10 116.19
CA LYS VA 46 2.64 6.27 117.30
C LYS VA 46 3.98 6.88 116.88
N ALA VA 47 4.44 6.63 115.66
CA ALA VA 47 5.73 7.14 115.24
C ALA VA 47 5.65 7.81 113.87
N VAL VA 48 6.66 8.63 113.57
CA VAL VA 48 6.80 9.28 112.27
C VAL VA 48 8.20 9.00 111.73
N VAL VA 49 8.28 8.16 110.70
CA VAL VA 49 9.57 7.83 110.11
C VAL VA 49 9.93 8.84 109.02
N LEU VA 50 11.22 9.15 108.92
CA LEU VA 50 11.69 10.15 107.97
C LEU VA 50 12.86 9.57 107.19
N MET VA 51 13.01 10.05 105.95
CA MET VA 51 14.19 9.84 105.12
C MET VA 51 14.50 11.15 104.41
N GLY VA 52 15.36 11.11 103.38
CA GLY VA 52 15.61 12.29 102.57
C GLY VA 52 17.06 12.40 102.16
N LYS VA 53 17.34 13.51 101.47
CA LYS VA 53 18.71 13.85 101.10
C LYS VA 53 19.48 14.24 102.35
N ASN VA 54 20.67 13.66 102.51
CA ASN VA 54 21.46 13.95 103.71
C ASN VA 54 21.89 15.42 103.75
N THR VA 55 22.39 15.94 102.63
CA THR VA 55 22.86 17.32 102.60
C THR VA 55 21.73 18.34 102.68
N MET VA 56 20.52 17.98 102.26
CA MET VA 56 19.39 18.88 102.44
C MET VA 56 18.99 19.01 103.89
N MET VA 57 18.92 17.89 104.61
CA MET VA 57 18.63 17.93 106.04
C MET VA 57 19.82 18.44 106.84
N ARG VA 58 21.03 18.33 106.28
CA ARG VA 58 22.20 18.87 106.98
C ARG VA 58 22.20 20.39 106.93
N LYS VA 59 21.71 20.97 105.84
CA LYS VA 59 21.49 22.42 105.82
C LYS VA 59 20.33 22.80 106.74
N ALA VA 60 19.35 21.91 106.89
CA ALA VA 60 18.29 22.13 107.86
C ALA VA 60 18.82 22.09 109.29
N ILE VA 61 19.84 21.27 109.55
CA ILE VA 61 20.48 21.26 110.87
C ILE VA 61 21.17 22.58 111.14
N ARG VA 62 21.80 23.17 110.12
CA ARG VA 62 22.47 24.45 110.30
C ARG VA 62 21.48 25.59 110.45
N GLY VA 63 20.21 25.35 110.10
CA GLY VA 63 19.18 26.37 110.23
C GLY VA 63 18.67 26.60 111.63
N HIS VA 64 18.86 25.64 112.54
CA HIS VA 64 18.38 25.77 113.92
C HIS VA 64 19.50 25.99 114.93
N LEU VA 65 20.74 26.24 114.49
CA LEU VA 65 21.79 26.62 115.43
C LEU VA 65 21.64 28.05 115.92
N GLU VA 66 20.72 28.81 115.34
CA GLU VA 66 20.31 30.11 115.86
C GLU VA 66 19.08 30.02 116.75
N ASN VA 67 18.35 28.90 116.69
CA ASN VA 67 17.14 28.72 117.49
C ASN VA 67 17.28 27.61 118.53
N ASN VA 68 17.67 26.41 118.11
CA ASN VA 68 17.73 25.26 119.01
C ASN VA 68 19.18 24.80 119.19
N PRO VA 69 19.83 25.14 120.30
CA PRO VA 69 21.22 24.68 120.51
C PRO VA 69 21.35 23.22 120.88
N ALA VA 70 20.24 22.51 121.13
CA ALA VA 70 20.29 21.09 121.44
C ALA VA 70 20.36 20.21 120.19
N LEU VA 71 20.65 20.80 119.03
CA LEU VA 71 20.87 20.08 117.79
C LEU VA 71 22.30 20.24 117.31
N GLU VA 72 23.25 20.26 118.25
CA GLU VA 72 24.66 20.52 118.00
C GLU VA 72 25.45 19.25 117.70
N LYS VA 73 25.02 18.10 118.23
CA LYS VA 73 25.76 16.86 118.10
C LYS VA 73 25.15 15.94 117.04
N LEU VA 74 23.96 16.27 116.54
CA LEU VA 74 23.28 15.47 115.52
C LEU VA 74 23.99 15.47 114.17
N LEU VA 75 24.91 16.42 113.93
CA LEU VA 75 25.40 16.63 112.57
C LEU VA 75 26.30 15.52 112.06
N PRO VA 76 27.47 15.20 112.67
CA PRO VA 76 28.41 14.31 111.96
C PRO VA 76 27.99 12.86 111.91
N HIS VA 77 26.89 12.48 112.54
CA HIS VA 77 26.37 11.12 112.49
C HIS VA 77 25.33 10.94 111.39
N ILE VA 78 25.19 11.90 110.48
CA ILE VA 78 24.26 11.76 109.35
C ILE VA 78 25.12 11.43 108.13
N ARG VA 79 25.37 10.14 107.93
CA ARG VA 79 26.15 9.65 106.80
C ARG VA 79 25.49 8.39 106.27
N GLY VA 80 25.23 8.36 104.98
CA GLY VA 80 24.63 7.19 104.36
C GLY VA 80 23.13 7.36 104.14
N ASN VA 81 22.51 6.23 103.76
CA ASN VA 81 21.06 6.18 103.56
C ASN VA 81 20.38 6.11 104.92
N VAL VA 82 20.32 7.28 105.57
CA VAL VA 82 19.87 7.38 106.95
C VAL VA 82 18.68 8.32 107.03
N GLY VA 83 17.90 8.19 108.09
CA GLY VA 83 16.73 9.02 108.31
C GLY VA 83 16.43 9.17 109.78
N PHE VA 84 15.33 9.87 110.07
CA PHE VA 84 14.91 10.12 111.43
C PHE VA 84 13.64 9.31 111.75
N VAL VA 85 13.53 8.92 113.01
CA VAL VA 85 12.31 8.29 113.53
C VAL VA 85 11.77 9.17 114.65
N PHE VA 86 10.65 9.84 114.37
CA PHE VA 86 10.06 10.77 115.32
C PHE VA 86 8.90 10.12 116.05
N THR VA 87 8.95 10.21 117.38
CA THR VA 87 7.92 9.65 118.24
C THR VA 87 7.99 10.32 119.60
N LYS VA 88 6.87 10.28 120.32
CA LYS VA 88 6.78 10.87 121.65
C LYS VA 88 6.07 10.01 122.68
N GLU VA 89 5.29 9.00 122.28
CA GLU VA 89 4.44 8.25 123.22
C GLU VA 89 5.28 7.42 124.19
N ASP VA 90 6.05 6.47 123.67
CA ASP VA 90 7.00 5.71 124.47
C ASP VA 90 8.19 5.34 123.62
N LEU VA 91 9.37 5.30 124.24
CA LEU VA 91 10.60 5.14 123.47
C LEU VA 91 10.97 3.67 123.31
N THR VA 92 10.92 2.89 124.39
CA THR VA 92 11.45 1.52 124.33
C THR VA 92 10.50 0.58 123.62
N GLU VA 93 9.20 0.69 123.88
CA GLU VA 93 8.23 -0.24 123.31
C GLU VA 93 8.10 -0.04 121.81
N ILE VA 94 8.39 1.17 121.32
CA ILE VA 94 8.50 1.36 119.88
C ILE VA 94 9.91 0.97 119.41
N ARG VA 95 10.93 1.13 120.26
CA ARG VA 95 12.28 0.68 119.89
C ARG VA 95 12.32 -0.82 119.68
N ASP VA 96 11.52 -1.57 120.44
CA ASP VA 96 11.35 -2.99 120.19
C ASP VA 96 10.45 -3.26 118.98
N MET VA 97 9.68 -2.25 118.53
CA MET VA 97 8.77 -2.44 117.42
C MET VA 97 9.49 -2.25 116.08
N LEU VA 98 10.55 -1.43 116.05
CA LEU VA 98 11.26 -1.23 114.78
C LEU VA 98 12.13 -2.43 114.43
N LEU VA 99 12.58 -3.17 115.44
CA LEU VA 99 13.31 -4.41 115.18
C LEU VA 99 12.38 -5.62 115.05
N ALA VA 100 11.07 -5.42 115.25
CA ALA VA 100 10.13 -6.53 115.19
C ALA VA 100 9.66 -6.80 113.75
N ASN VA 101 9.21 -5.75 113.06
CA ASN VA 101 8.81 -5.89 111.66
C ASN VA 101 10.04 -6.07 110.79
N LYS VA 102 10.36 -7.31 110.47
CA LYS VA 102 11.61 -7.66 109.80
C LYS VA 102 11.31 -8.79 108.82
N VAL VA 103 11.15 -8.45 107.55
CA VAL VA 103 10.74 -9.40 106.52
C VAL VA 103 11.98 -10.14 106.01
N PRO VA 104 11.99 -11.46 106.01
CA PRO VA 104 13.18 -12.18 105.55
C PRO VA 104 13.37 -12.14 104.04
N ALA VA 105 14.61 -11.95 103.61
CA ALA VA 105 15.00 -12.05 102.21
C ALA VA 105 16.17 -13.03 102.06
N ALA VA 106 16.55 -13.27 100.82
CA ALA VA 106 17.60 -14.23 100.53
C ALA VA 106 18.99 -13.63 100.74
N ALA VA 107 20.01 -14.40 100.38
CA ALA VA 107 21.39 -13.98 100.57
C ALA VA 107 21.85 -13.06 99.43
N ARG VA 108 22.70 -12.10 99.76
CA ARG VA 108 23.35 -11.24 98.78
C ARG VA 108 24.79 -11.72 98.61
N ALA VA 109 25.12 -12.20 97.41
CA ALA VA 109 26.44 -12.80 97.14
C ALA VA 109 27.49 -11.71 97.05
N GLY VA 110 28.13 -11.45 98.18
CA GLY VA 110 29.21 -10.48 98.25
C GLY VA 110 29.16 -9.61 99.49
N ALA VA 111 27.96 -9.45 100.05
CA ALA VA 111 27.81 -8.63 101.24
C ALA VA 111 28.34 -9.35 102.47
N ILE VA 112 28.59 -8.57 103.52
CA ILE VA 112 29.10 -9.10 104.77
C ILE VA 112 27.98 -9.89 105.46
N ALA VA 113 28.35 -10.92 106.21
CA ALA VA 113 27.42 -11.73 106.96
C ALA VA 113 27.43 -11.29 108.42
N PRO VA 114 26.28 -10.90 108.98
CA PRO VA 114 26.28 -10.36 110.35
C PRO VA 114 26.65 -11.39 111.41
N CYS VA 115 26.00 -12.54 111.38
CA CYS VA 115 26.29 -13.65 112.27
C CYS VA 115 26.37 -14.92 111.42
N GLU VA 116 26.43 -16.06 112.10
CA GLU VA 116 26.55 -17.34 111.42
C GLU VA 116 25.21 -17.74 110.82
N VAL VA 117 25.23 -18.53 109.74
CA VAL VA 117 24.03 -18.90 109.01
C VAL VA 117 23.74 -20.39 109.20
N THR VA 118 22.46 -20.76 109.15
CA THR VA 118 22.06 -22.15 109.33
C THR VA 118 21.31 -22.65 108.10
N VAL VA 119 21.78 -23.76 107.53
CA VAL VA 119 21.15 -24.41 106.39
C VAL VA 119 20.74 -25.80 106.85
N PRO VA 120 19.45 -26.06 107.04
CA PRO VA 120 19.03 -27.27 107.77
C PRO VA 120 19.18 -28.57 106.97
N ALA VA 121 19.01 -29.69 107.66
CA ALA VA 121 19.01 -31.01 107.03
C ALA VA 121 17.61 -31.26 106.47
N GLN VA 122 17.42 -30.97 105.18
CA GLN VA 122 16.10 -31.06 104.58
C GLN VA 122 16.27 -31.34 103.10
N ASN VA 123 15.28 -32.04 102.53
CA ASN VA 123 15.36 -32.48 101.14
C ASN VA 123 15.22 -31.31 100.17
N THR VA 124 15.92 -31.41 99.04
CA THR VA 124 15.83 -30.36 98.02
C THR VA 124 14.51 -30.42 97.25
N GLY VA 125 13.82 -31.53 97.29
CA GLY VA 125 12.56 -31.68 96.58
C GLY VA 125 12.71 -31.70 95.08
N LEU VA 126 13.91 -31.99 94.58
CA LEU VA 126 14.19 -32.00 93.16
C LEU VA 126 14.64 -33.41 92.76
N GLY VA 127 14.39 -33.75 91.51
CA GLY VA 127 14.64 -35.10 91.01
C GLY VA 127 16.11 -35.37 90.73
N PRO VA 128 16.40 -36.03 89.61
CA PRO VA 128 17.80 -36.30 89.28
C PRO VA 128 18.49 -35.07 88.71
N GLU VA 129 19.36 -34.46 89.51
CA GLU VA 129 20.15 -33.32 89.09
C GLU VA 129 21.58 -33.47 89.59
N LYS VA 130 22.39 -32.45 89.31
CA LYS VA 130 23.80 -32.46 89.66
C LYS VA 130 23.99 -32.04 91.11
N THR VA 131 24.64 -32.90 91.89
CA THR VA 131 24.91 -32.67 93.30
C THR VA 131 26.26 -31.93 93.47
N SER VA 132 26.92 -31.60 92.35
CA SER VA 132 28.27 -31.07 92.40
C SER VA 132 28.32 -29.59 92.76
N PHE VA 133 27.16 -28.92 92.85
CA PHE VA 133 27.17 -27.52 93.30
C PHE VA 133 27.11 -27.40 94.81
N PHE VA 134 26.59 -28.42 95.51
CA PHE VA 134 26.66 -28.46 96.96
C PHE VA 134 28.07 -28.80 97.47
N GLN VA 135 28.73 -29.76 96.82
CA GLN VA 135 30.00 -30.29 97.29
C GLN VA 135 31.20 -29.44 96.87
N ALA VA 136 30.97 -28.31 96.19
CA ALA VA 136 32.06 -27.45 95.78
C ALA VA 136 32.79 -26.87 96.98
N LEU VA 137 32.06 -26.57 98.05
CA LEU VA 137 32.68 -26.19 99.32
C LEU VA 137 33.30 -27.41 99.98
N GLY VA 138 32.68 -28.57 99.79
CA GLY VA 138 33.10 -29.81 100.44
C GLY VA 138 32.02 -30.35 101.37
N ILE VA 139 30.76 -30.05 101.06
CA ILE VA 139 29.65 -30.26 101.97
C ILE VA 139 29.01 -31.60 101.68
N THR VA 140 28.70 -32.35 102.73
CA THR VA 140 28.16 -33.71 102.61
C THR VA 140 26.72 -33.66 102.13
N THR VA 141 26.48 -34.04 100.87
CA THR VA 141 25.14 -34.14 100.28
C THR VA 141 25.09 -35.38 99.39
N LYS VA 142 24.23 -36.33 99.74
CA LYS VA 142 24.00 -37.55 98.96
C LYS VA 142 22.57 -37.56 98.43
N ILE VA 143 22.33 -38.41 97.42
CA ILE VA 143 20.99 -38.56 96.85
C ILE VA 143 20.17 -39.54 97.69
N SER VA 144 19.40 -39.02 98.63
CA SER VA 144 18.56 -39.83 99.51
C SER VA 144 17.18 -39.99 98.90
N ARG VA 145 16.92 -41.16 98.32
CA ARG VA 145 15.66 -41.53 97.67
C ARG VA 145 15.29 -40.54 96.55
N GLY VA 146 16.16 -40.42 95.54
CA GLY VA 146 15.89 -39.55 94.42
C GLY VA 146 16.25 -38.09 94.67
N THR VA 147 15.74 -37.54 95.77
CA THR VA 147 16.08 -36.19 96.17
C THR VA 147 17.42 -36.17 96.91
N ILE VA 148 18.08 -35.02 96.90
CA ILE VA 148 19.28 -34.81 97.69
C ILE VA 148 18.91 -34.11 98.99
N GLU VA 149 19.21 -34.75 100.10
CA GLU VA 149 18.99 -34.20 101.43
C GLU VA 149 20.35 -34.05 102.12
N ILE VA 150 20.56 -32.90 102.72
CA ILE VA 150 21.83 -32.59 103.40
C ILE VA 150 21.89 -33.40 104.68
N LEU VA 151 22.97 -34.17 104.85
CA LEU VA 151 23.05 -35.13 105.94
C LEU VA 151 23.50 -34.49 107.25
N SER VA 152 24.73 -33.98 107.29
CA SER VA 152 25.29 -33.48 108.52
C SER VA 152 24.90 -32.02 108.74
N ASP VA 153 25.08 -31.56 109.98
CA ASP VA 153 24.91 -30.15 110.31
C ASP VA 153 26.26 -29.46 110.18
N VAL VA 154 26.45 -28.74 109.08
CA VAL VA 154 27.74 -28.16 108.71
C VAL VA 154 27.57 -26.65 108.61
N GLN VA 155 28.45 -25.92 109.29
CA GLN VA 155 28.31 -24.46 109.42
C GLN VA 155 28.97 -23.79 108.23
N LEU VA 156 28.14 -23.17 107.37
CA LEU VA 156 28.62 -22.72 106.07
C LEU VA 156 29.34 -21.36 106.14
N ILE VA 157 28.62 -20.31 106.55
CA ILE VA 157 29.19 -18.96 106.59
C ILE VA 157 29.23 -18.48 108.04
N LYS VA 158 30.33 -17.84 108.40
CA LYS VA 158 30.54 -17.31 109.73
C LYS VA 158 30.33 -15.79 109.70
N THR VA 159 30.42 -15.18 110.88
CA THR VA 159 30.30 -13.73 110.96
C THR VA 159 31.54 -13.07 110.37
N GLY VA 160 31.34 -11.95 109.68
CA GLY VA 160 32.42 -11.19 109.10
C GLY VA 160 33.13 -11.90 107.96
N ASP VA 161 32.35 -12.54 107.09
CA ASP VA 161 32.88 -13.21 105.91
C ASP VA 161 31.98 -12.93 104.72
N LYS VA 162 32.60 -12.84 103.55
CA LYS VA 162 31.89 -12.60 102.31
C LYS VA 162 30.97 -13.77 101.96
N VAL VA 163 29.87 -13.46 101.27
CA VAL VA 163 28.95 -14.48 100.78
C VAL VA 163 29.40 -14.88 99.39
N GLY VA 164 29.94 -16.10 99.25
CA GLY VA 164 30.37 -16.59 97.97
C GLY VA 164 29.20 -16.84 97.03
N ALA VA 165 29.53 -16.98 95.76
CA ALA VA 165 28.51 -17.11 94.72
C ALA VA 165 27.94 -18.53 94.64
N SER VA 166 28.75 -19.55 94.88
CA SER VA 166 28.28 -20.93 94.74
C SER VA 166 27.33 -21.30 95.87
N GLU VA 167 27.64 -20.90 97.11
CA GLU VA 167 26.73 -21.16 98.23
C GLU VA 167 25.47 -20.32 98.16
N ALA VA 168 25.49 -19.18 97.48
CA ALA VA 168 24.31 -18.33 97.42
C ALA VA 168 23.34 -18.80 96.35
N THR VA 169 23.78 -19.69 95.46
CA THR VA 169 22.87 -20.28 94.49
C THR VA 169 22.03 -21.39 95.13
N LEU VA 170 22.67 -22.33 95.85
CA LEU VA 170 21.92 -23.42 96.48
C LEU VA 170 21.14 -22.96 97.70
N LEU VA 171 21.45 -21.80 98.25
CA LEU VA 171 20.63 -21.20 99.29
C LEU VA 171 19.30 -20.70 98.74
N ASN VA 172 19.22 -20.44 97.44
CA ASN VA 172 17.97 -20.04 96.80
C ASN VA 172 17.20 -21.21 96.21
N MET VA 173 17.85 -22.37 96.02
CA MET VA 173 17.12 -23.53 95.53
C MET VA 173 16.38 -24.26 96.64
N LEU VA 174 16.65 -23.91 97.91
CA LEU VA 174 16.01 -24.56 99.04
C LEU VA 174 15.00 -23.68 99.75
N ASN VA 175 14.98 -22.39 99.44
CA ASN VA 175 14.09 -21.40 100.07
C ASN VA 175 14.26 -21.37 101.59
N ILE VA 176 15.45 -20.99 102.05
CA ILE VA 176 15.73 -20.77 103.46
C ILE VA 176 16.32 -19.37 103.59
N SER VA 177 15.76 -18.58 104.51
CA SER VA 177 16.34 -17.27 104.80
C SER VA 177 17.23 -17.37 106.03
N PRO VA 178 18.54 -17.20 105.90
CA PRO VA 178 19.40 -17.14 107.09
C PRO VA 178 19.15 -15.87 107.90
N PHE VA 179 19.12 -14.72 107.24
CA PHE VA 179 18.94 -13.44 107.91
C PHE VA 179 17.79 -12.66 107.30
N SER VA 180 17.06 -11.98 108.19
CA SER VA 180 15.91 -11.18 107.81
C SER VA 180 16.27 -9.70 107.72
N PHE VA 181 15.95 -9.10 106.58
CA PHE VA 181 16.33 -7.72 106.29
C PHE VA 181 15.31 -6.73 106.85
N GLY VA 182 15.80 -5.53 107.14
CA GLY VA 182 14.98 -4.44 107.64
C GLY VA 182 15.83 -3.23 107.91
N LEU VA 183 15.25 -2.26 108.61
CA LEU VA 183 15.93 -1.03 108.98
C LEU VA 183 16.81 -1.29 110.20
N ILE VA 184 17.91 -0.55 110.31
CA ILE VA 184 18.86 -0.72 111.39
C ILE VA 184 18.96 0.57 112.19
N ILE VA 185 18.66 0.49 113.49
CA ILE VA 185 18.78 1.65 114.37
C ILE VA 185 20.26 1.91 114.68
N GLN VA 186 20.69 3.15 114.50
CA GLN VA 186 22.07 3.53 114.70
C GLN VA 186 22.29 4.34 115.98
N GLN VA 187 21.62 5.49 116.11
CA GLN VA 187 21.84 6.38 117.23
C GLN VA 187 20.51 6.81 117.82
N VAL VA 188 20.54 7.14 119.11
CA VAL VA 188 19.35 7.50 119.88
C VAL VA 188 19.56 8.90 120.45
N PHE VA 189 18.51 9.72 120.38
CA PHE VA 189 18.55 11.09 120.85
C PHE VA 189 17.28 11.36 121.63
N ASP VA 190 17.40 11.63 122.93
CA ASP VA 190 16.24 11.82 123.79
C ASP VA 190 16.34 13.18 124.48
N ASN VA 191 15.83 14.22 123.80
CA ASN VA 191 15.59 15.54 124.38
C ASN VA 191 16.87 16.16 124.94
N GLY VA 192 17.88 16.25 124.08
CA GLY VA 192 19.16 16.78 124.51
C GLY VA 192 19.93 15.78 125.35
N SER VA 193 19.87 14.51 124.94
CA SER VA 193 20.63 13.45 125.59
C SER VA 193 20.83 12.33 124.58
N ILE VA 194 22.07 11.93 124.37
CA ILE VA 194 22.41 10.89 123.40
C ILE VA 194 22.86 9.65 124.16
N TYR VA 195 22.29 8.50 123.80
CA TYR VA 195 22.67 7.21 124.36
C TYR VA 195 22.97 6.27 123.21
N ASN VA 196 24.20 5.76 123.17
CA ASN VA 196 24.65 4.89 122.08
C ASN VA 196 23.94 3.55 122.11
N SER WA 28 -23.86 -15.97 30.36
CA SER WA 28 -25.01 -16.82 30.62
C SER WA 28 -26.18 -15.96 31.11
N ARG WA 29 -25.90 -15.07 32.06
CA ARG WA 29 -26.90 -14.13 32.54
C ARG WA 29 -27.24 -13.08 31.49
N TYR WA 30 -26.30 -12.72 30.63
CA TYR WA 30 -26.54 -11.72 29.61
C TYR WA 30 -27.44 -12.25 28.50
N THR WA 31 -27.13 -13.44 27.98
CA THR WA 31 -27.97 -14.02 26.93
C THR WA 31 -29.34 -14.43 27.46
N HIS WA 32 -29.43 -14.75 28.75
CA HIS WA 32 -30.73 -14.99 29.38
C HIS WA 32 -31.61 -13.75 29.36
N PHE WA 33 -31.01 -12.57 29.43
CA PHE WA 33 -31.77 -11.33 29.26
C PHE WA 33 -32.20 -11.17 27.81
N LEU WA 34 -31.32 -11.50 26.87
CA LEU WA 34 -31.64 -11.32 25.47
C LEU WA 34 -32.64 -12.35 24.98
N THR WA 35 -32.87 -13.42 25.74
CA THR WA 35 -33.95 -14.35 25.43
C THR WA 35 -35.25 -13.95 26.12
N GLN WA 36 -35.19 -13.60 27.41
CA GLN WA 36 -36.39 -13.30 28.18
C GLN WA 36 -36.87 -11.87 28.04
N HIS WA 37 -36.06 -10.97 27.47
CA HIS WA 37 -36.45 -9.57 27.44
C HIS WA 37 -36.17 -8.86 26.12
N TYR WA 38 -35.62 -9.53 25.11
CA TYR WA 38 -35.18 -8.84 23.91
C TYR WA 38 -35.69 -9.55 22.67
N ASP WA 39 -36.11 -8.75 21.69
CA ASP WA 39 -36.51 -9.26 20.39
C ASP WA 39 -36.33 -8.13 19.39
N ALA WA 40 -35.51 -8.37 18.37
CA ALA WA 40 -35.08 -7.33 17.43
C ALA WA 40 -36.23 -6.61 16.74
N LYS WA 41 -37.04 -7.34 15.98
CA LYS WA 41 -38.13 -6.74 15.24
C LYS WA 41 -39.44 -7.41 15.63
N PRO WA 42 -40.35 -6.70 16.25
CA PRO WA 42 -41.61 -7.31 16.71
C PRO WA 42 -42.66 -7.42 15.60
N GLN WA 43 -42.59 -8.53 14.87
CA GLN WA 43 -43.57 -8.82 13.81
C GLN WA 43 -44.91 -9.14 14.45
N GLY WA 44 -45.75 -8.12 14.56
CA GLY WA 44 -47.16 -8.33 14.83
C GLY WA 44 -47.83 -7.50 15.90
N ARG WA 45 -47.17 -7.30 17.05
CA ARG WA 45 -47.57 -6.33 18.08
C ARG WA 45 -48.91 -6.60 18.75
N ASP WA 46 -49.64 -7.62 18.28
CA ASP WA 46 -51.00 -7.87 18.76
C ASP WA 46 -51.03 -8.96 19.81
N ASP WA 47 -52.24 -9.38 20.17
CA ASP WA 47 -52.40 -10.40 21.21
C ASP WA 47 -51.86 -11.74 20.74
N ARG WA 48 -51.98 -12.05 19.45
CA ARG WA 48 -51.38 -13.27 18.91
C ARG WA 48 -49.86 -13.23 19.04
N TYR WA 49 -49.26 -12.07 18.76
CA TYR WA 49 -47.80 -11.97 18.74
C TYR WA 49 -47.21 -12.15 20.14
N CYS WA 50 -47.89 -11.63 21.16
CA CYS WA 50 -47.53 -11.93 22.53
C CYS WA 50 -47.69 -13.41 22.87
N GLU WA 51 -48.65 -14.09 22.25
CA GLU WA 51 -48.88 -15.51 22.50
C GLU WA 51 -47.98 -16.41 21.67
N SER WA 52 -47.15 -15.83 20.80
CA SER WA 52 -46.32 -16.65 19.95
C SER WA 52 -44.85 -16.43 20.25
N ILE WA 53 -44.49 -15.23 20.73
CA ILE WA 53 -43.12 -14.99 21.13
C ILE WA 53 -42.81 -15.66 22.45
N MET WA 54 -43.83 -16.00 23.24
CA MET WA 54 -43.63 -16.49 24.59
C MET WA 54 -43.43 -18.00 24.64
N ARG WA 55 -43.83 -18.74 23.60
CA ARG WA 55 -43.46 -20.14 23.51
C ARG WA 55 -42.34 -20.40 22.53
N ARG WA 56 -41.85 -19.37 21.84
CA ARG WA 56 -40.65 -19.52 21.02
C ARG WA 56 -39.38 -19.46 21.85
N ARG WA 57 -39.46 -18.91 23.07
CA ARG WA 57 -38.30 -18.80 23.95
C ARG WA 57 -38.27 -19.83 25.06
N GLY WA 58 -39.39 -20.48 25.36
CA GLY WA 58 -39.44 -21.42 26.46
C GLY WA 58 -39.88 -20.73 27.73
N LEU WA 59 -40.81 -19.79 27.60
CA LEU WA 59 -41.29 -19.00 28.73
C LEU WA 59 -42.68 -19.42 29.15
N THR WA 60 -43.27 -20.38 28.45
CA THR WA 60 -44.64 -20.81 28.70
C THR WA 60 -44.74 -22.16 29.38
N SER WA 61 -43.66 -22.64 29.98
CA SER WA 61 -43.67 -23.93 30.69
C SER WA 61 -43.01 -23.74 32.05
N PRO WA 62 -43.76 -23.30 33.07
CA PRO WA 62 -45.18 -22.91 33.03
C PRO WA 62 -45.37 -21.50 32.48
N CYS WA 63 -46.61 -21.15 32.12
CA CYS WA 63 -46.92 -19.85 31.52
C CYS WA 63 -46.62 -18.74 32.51
N LYS WA 64 -45.62 -17.92 32.22
CA LYS WA 64 -45.19 -16.88 33.15
C LYS WA 64 -46.16 -15.71 33.09
N ASP WA 65 -46.51 -15.17 34.26
CA ASP WA 65 -47.65 -14.28 34.46
C ASP WA 65 -47.60 -13.02 33.60
N ILE WA 66 -46.46 -12.33 33.56
CA ILE WA 66 -46.30 -11.16 32.73
C ILE WA 66 -44.83 -11.00 32.38
N ASN WA 67 -44.56 -10.44 31.20
CA ASN WA 67 -43.20 -10.34 30.71
C ASN WA 67 -43.14 -9.20 29.69
N THR WA 68 -41.93 -8.66 29.53
CA THR WA 68 -41.72 -7.50 28.67
C THR WA 68 -40.56 -7.77 27.72
N PHE WA 69 -40.64 -7.19 26.53
CA PHE WA 69 -39.64 -7.38 25.49
C PHE WA 69 -39.31 -6.05 24.83
N ILE WA 70 -38.02 -5.78 24.67
CA ILE WA 70 -37.51 -4.51 24.15
C ILE WA 70 -37.24 -4.67 22.65
N HIS WA 71 -37.28 -3.55 21.91
CA HIS WA 71 -36.95 -3.51 20.50
C HIS WA 71 -35.97 -2.37 20.24
N GLY WA 72 -35.06 -2.57 19.28
CA GLY WA 72 -34.08 -1.58 18.91
C GLY WA 72 -32.73 -2.21 18.66
N ASN WA 73 -31.67 -1.40 18.77
CA ASN WA 73 -30.33 -1.94 18.66
C ASN WA 73 -29.69 -2.09 20.04
N LYS WA 74 -28.70 -2.99 20.13
CA LYS WA 74 -28.17 -3.41 21.41
C LYS WA 74 -27.20 -2.42 22.03
N ARG WA 75 -26.50 -1.62 21.21
CA ARG WA 75 -25.56 -0.65 21.76
C ARG WA 75 -26.25 0.41 22.61
N SER WA 76 -27.46 0.81 22.23
CA SER WA 76 -28.21 1.75 23.05
C SER WA 76 -28.79 1.08 24.30
N ILE WA 77 -29.18 -0.19 24.19
CA ILE WA 77 -29.50 -0.97 25.39
C ILE WA 77 -28.25 -1.15 26.24
N LYS WA 78 -27.09 -1.22 25.59
CA LYS WA 78 -25.85 -1.31 26.36
C LYS WA 78 -25.48 0.02 26.98
N ALA WA 79 -26.05 1.12 26.45
CA ALA WA 79 -25.78 2.45 26.97
C ALA WA 79 -26.49 2.75 28.29
N ILE WA 80 -27.26 1.81 28.82
CA ILE WA 80 -28.08 2.10 29.99
C ILE WA 80 -27.28 1.94 31.29
N CYS WA 81 -26.16 1.22 31.27
CA CYS WA 81 -25.43 0.95 32.50
C CYS WA 81 -24.69 2.16 33.06
N GLU WA 82 -24.39 3.14 32.23
CA GLU WA 82 -23.72 4.36 32.67
C GLU WA 82 -24.64 5.55 32.37
N ASN WA 83 -24.11 6.76 32.58
CA ASN WA 83 -24.86 7.98 32.33
C ASN WA 83 -24.94 8.35 30.86
N LYS WA 84 -24.56 7.44 29.95
CA LYS WA 84 -24.66 7.72 28.53
C LYS WA 84 -26.11 7.85 28.08
N ASN WA 85 -26.95 6.87 28.42
CA ASN WA 85 -28.38 6.99 28.27
C ASN WA 85 -29.08 6.37 29.50
N GLY WA 86 -28.44 6.46 30.66
CA GLY WA 86 -29.02 5.86 31.84
C GLY WA 86 -28.95 6.69 33.11
N ASN WA 87 -30.09 6.89 33.78
CA ASN WA 87 -30.01 7.48 35.12
C ASN WA 87 -30.15 6.39 36.17
N PRO WA 88 -29.56 6.57 37.35
CA PRO WA 88 -29.65 5.55 38.40
C PRO WA 88 -31.01 5.58 39.13
N HIS WA 89 -31.41 4.42 39.66
CA HIS WA 89 -32.74 4.19 40.23
C HIS WA 89 -32.56 3.05 41.22
N ARG WA 90 -33.16 3.11 42.42
CA ARG WA 90 -32.95 2.36 43.70
C ARG WA 90 -31.67 1.49 43.75
N GLU WA 91 -31.66 0.35 44.39
CA GLU WA 91 -30.39 -0.33 44.58
C GLU WA 91 -30.22 -1.06 43.25
N ASN WA 92 -29.11 -0.80 42.54
CA ASN WA 92 -28.58 -1.43 41.33
C ASN WA 92 -29.47 -1.35 40.07
N LEU WA 93 -30.56 -0.57 40.04
CA LEU WA 93 -31.42 -0.47 38.85
C LEU WA 93 -31.13 0.82 38.09
N ARG WA 94 -31.53 0.88 36.82
CA ARG WA 94 -31.23 2.09 36.05
C ARG WA 94 -32.35 2.38 35.05
N ILE WA 95 -32.80 3.63 35.01
CA ILE WA 95 -33.78 4.07 34.02
C ILE WA 95 -33.04 4.45 32.74
N SER WA 96 -33.65 4.15 31.60
CA SER WA 96 -33.22 4.59 30.28
C SER WA 96 -33.53 6.08 30.13
N LYS WA 97 -32.59 6.83 29.56
CA LYS WA 97 -32.85 8.24 29.31
C LYS WA 97 -33.82 8.42 28.15
N SER WA 98 -33.47 7.91 26.97
CA SER WA 98 -34.36 7.94 25.82
C SER WA 98 -35.19 6.67 25.79
N SER WA 99 -36.41 6.77 25.29
CA SER WA 99 -37.33 5.65 25.34
C SER WA 99 -37.19 4.79 24.09
N PHE WA 100 -37.76 3.58 24.17
CA PHE WA 100 -37.87 2.69 23.04
C PHE WA 100 -39.29 2.15 23.00
N GLN WA 101 -39.50 1.18 22.12
CA GLN WA 101 -40.77 0.47 22.07
C GLN WA 101 -40.67 -0.79 22.90
N VAL WA 102 -41.72 -1.09 23.66
CA VAL WA 102 -41.78 -2.28 24.50
C VAL WA 102 -43.10 -2.98 24.22
N THR WA 103 -43.21 -4.23 24.69
CA THR WA 103 -44.45 -4.99 24.61
C THR WA 103 -44.66 -5.76 25.92
N THR WA 104 -45.72 -5.40 26.63
CA THR WA 104 -46.07 -6.05 27.89
C THR WA 104 -47.21 -7.03 27.62
N CYS WA 105 -46.95 -8.31 27.84
CA CYS WA 105 -47.94 -9.34 27.55
C CYS WA 105 -48.45 -9.89 28.88
N LYS WA 106 -49.74 -9.74 29.13
CA LYS WA 106 -50.35 -10.19 30.38
C LYS WA 106 -51.07 -11.51 30.14
N LEU WA 107 -50.70 -12.51 30.92
CA LEU WA 107 -51.40 -13.79 30.92
C LEU WA 107 -52.74 -13.62 31.64
N HIS WA 108 -53.81 -14.05 31.00
CA HIS WA 108 -55.15 -14.00 31.57
C HIS WA 108 -55.75 -15.39 31.51
N GLY WA 109 -56.22 -15.87 32.65
CA GLY WA 109 -56.73 -17.22 32.78
C GLY WA 109 -56.14 -17.85 34.03
N GLY WA 110 -57.00 -18.48 34.81
CA GLY WA 110 -56.60 -19.02 36.09
C GLY WA 110 -55.80 -20.30 36.06
N SER WA 111 -55.35 -20.75 34.88
CA SER WA 111 -54.50 -21.93 34.79
C SER WA 111 -53.09 -21.53 34.39
N PRO WA 112 -52.09 -21.81 35.23
CA PRO WA 112 -50.71 -21.47 34.85
C PRO WA 112 -50.06 -22.53 33.98
N TRP WA 113 -50.85 -23.47 33.48
CA TRP WA 113 -50.39 -24.49 32.56
C TRP WA 113 -50.87 -24.17 31.16
N PRO WA 114 -50.14 -24.59 30.13
CA PRO WA 114 -50.53 -24.28 28.75
C PRO WA 114 -51.84 -24.96 28.38
N PRO WA 115 -52.57 -24.43 27.38
CA PRO WA 115 -52.30 -23.30 26.48
C PRO WA 115 -52.41 -21.93 27.16
N CYS WA 116 -51.38 -21.12 26.97
CA CYS WA 116 -51.26 -19.86 27.68
C CYS WA 116 -51.89 -18.75 26.84
N GLN WA 117 -52.72 -17.93 27.48
CA GLN WA 117 -53.49 -16.90 26.80
C GLN WA 117 -53.04 -15.53 27.25
N TYR WA 118 -52.44 -14.77 26.33
CA TYR WA 118 -51.86 -13.47 26.63
C TYR WA 118 -52.59 -12.35 25.89
N ARG WA 119 -52.58 -11.16 26.47
CA ARG WA 119 -53.08 -9.96 25.83
C ARG WA 119 -51.96 -8.94 25.74
N ALA WA 120 -51.91 -8.21 24.63
CA ALA WA 120 -50.78 -7.35 24.32
C ALA WA 120 -51.01 -5.92 24.81
N THR WA 121 -49.92 -5.14 24.75
CA THR WA 121 -50.00 -3.68 24.92
C THR WA 121 -48.84 -3.08 24.14
N ALA WA 122 -49.16 -2.32 23.09
CA ALA WA 122 -48.16 -1.55 22.39
C ALA WA 122 -47.78 -0.31 23.22
N GLY WA 123 -46.75 0.39 22.76
CA GLY WA 123 -46.37 1.61 23.44
C GLY WA 123 -44.96 2.04 23.09
N PHE WA 124 -44.57 3.19 23.66
CA PHE WA 124 -43.25 3.77 23.49
C PHE WA 124 -42.82 4.28 24.88
N ARG WA 125 -42.09 3.45 25.61
CA ARG WA 125 -41.79 3.68 27.02
C ARG WA 125 -40.30 3.55 27.30
N ASN WA 126 -39.92 3.98 28.50
CA ASN WA 126 -38.57 3.78 28.97
C ASN WA 126 -38.44 2.41 29.62
N VAL WA 127 -37.22 2.08 30.05
CA VAL WA 127 -36.96 0.80 30.70
C VAL WA 127 -36.28 1.04 32.04
N VAL WA 128 -36.48 0.10 32.95
CA VAL WA 128 -35.85 0.10 34.27
C VAL WA 128 -35.13 -1.24 34.40
N VAL WA 129 -33.85 -1.27 34.03
CA VAL WA 129 -33.08 -2.50 34.02
C VAL WA 129 -32.07 -2.49 35.15
N ALA WA 130 -31.73 -3.68 35.63
CA ALA WA 130 -30.71 -3.85 36.67
C ALA WA 130 -29.52 -4.56 36.04
N CYS WA 131 -28.60 -3.79 35.49
CA CYS WA 131 -27.51 -4.41 34.74
C CYS WA 131 -26.32 -4.72 35.64
N GLU WA 132 -25.55 -5.72 35.25
CA GLU WA 132 -24.44 -6.23 36.03
C GLU WA 132 -23.25 -6.44 35.09
N ASN WA 133 -22.09 -5.93 35.49
CA ASN WA 133 -20.84 -5.96 34.74
C ASN WA 133 -20.96 -5.29 33.37
N GLY WA 134 -21.88 -4.35 33.21
CA GLY WA 134 -22.10 -3.71 31.94
C GLY WA 134 -23.20 -4.32 31.09
N LEU WA 135 -23.85 -5.37 31.57
CA LEU WA 135 -24.77 -6.15 30.77
C LEU WA 135 -26.11 -6.27 31.49
N PRO WA 136 -27.23 -5.92 30.84
CA PRO WA 136 -28.54 -6.03 31.49
C PRO WA 136 -28.91 -7.49 31.72
N VAL WA 137 -29.56 -7.76 32.85
CA VAL WA 137 -29.98 -9.12 33.17
C VAL WA 137 -31.43 -9.15 33.64
N HIS WA 138 -31.94 -8.03 34.12
CA HIS WA 138 -33.26 -8.03 34.73
C HIS WA 138 -33.91 -6.68 34.48
N LEU WA 139 -35.02 -6.69 33.75
CA LEU WA 139 -35.78 -5.49 33.46
C LEU WA 139 -37.04 -5.50 34.32
N ASP WA 140 -37.14 -4.53 35.23
CA ASP WA 140 -38.25 -4.49 36.18
C ASP WA 140 -39.50 -3.87 35.58
N GLN WA 141 -39.41 -2.61 35.15
CA GLN WA 141 -40.59 -1.85 34.82
C GLN WA 141 -40.36 -1.07 33.53
N SER WA 142 -41.46 -0.74 32.85
CA SER WA 142 -41.47 0.10 31.67
C SER WA 142 -42.41 1.26 31.96
N ILE WA 143 -41.84 2.45 32.14
CA ILE WA 143 -42.55 3.58 32.73
C ILE WA 143 -42.83 4.65 31.69
N PHE WA 144 -43.64 5.63 32.09
CA PHE WA 144 -43.69 6.91 31.40
C PHE WA 144 -42.78 7.92 32.10
N ARG WA 145 -42.40 8.95 31.35
CA ARG WA 145 -41.37 9.90 31.78
C ARG WA 145 -41.77 10.71 33.01
N ARG WA 146 -42.80 11.54 32.89
CA ARG WA 146 -43.24 12.45 33.94
C ARG WA 146 -44.61 13.00 33.59
N PRO WA 147 -45.53 13.13 34.55
CA PRO WA 147 -46.90 13.50 34.25
C PRO WA 147 -47.13 15.00 34.23
N THR XA 1 -136.15 -12.83 -42.89
CA THR XA 1 -136.83 -11.76 -43.59
C THR XA 1 -136.53 -10.41 -42.93
N GLU XA 2 -135.67 -10.44 -41.92
CA GLU XA 2 -135.29 -9.25 -41.17
C GLU XA 2 -133.78 -9.27 -40.98
N GLN XA 3 -133.26 -8.16 -40.46
CA GLN XA 3 -131.84 -8.07 -40.12
C GLN XA 3 -131.70 -7.33 -38.80
N MET XA 4 -130.92 -7.92 -37.88
CA MET XA 4 -130.66 -7.30 -36.59
C MET XA 4 -129.67 -6.16 -36.73
N THR XA 5 -130.08 -4.95 -36.33
CA THR XA 5 -129.23 -3.78 -36.47
C THR XA 5 -128.77 -3.27 -35.11
N LEU XA 6 -127.82 -2.34 -35.14
CA LEU XA 6 -127.15 -1.79 -33.98
C LEU XA 6 -127.63 -0.36 -33.73
N ARG XA 7 -127.63 0.00 -32.46
CA ARG XA 7 -127.97 1.34 -32.01
C ARG XA 7 -126.83 2.02 -31.28
N GLY XA 8 -126.11 1.29 -30.43
CA GLY XA 8 -125.08 1.91 -29.61
C GLY XA 8 -124.60 0.95 -28.53
N THR XA 9 -124.12 1.52 -27.43
CA THR XA 9 -123.54 0.72 -26.35
C THR XA 9 -123.91 1.29 -24.99
N LEU XA 10 -123.63 0.50 -23.95
CA LEU XA 10 -123.81 0.88 -22.55
C LEU XA 10 -122.57 0.44 -21.79
N LYS XA 11 -121.80 1.39 -21.27
CA LYS XA 11 -120.60 1.10 -20.49
C LYS XA 11 -120.75 1.69 -19.09
N GLY XA 12 -121.01 0.83 -18.10
CA GLY XA 12 -121.11 1.26 -16.73
C GLY XA 12 -120.55 0.25 -15.75
N HIS XA 13 -119.85 -0.75 -16.27
CA HIS XA 13 -119.38 -1.86 -15.48
C HIS XA 13 -117.86 -1.94 -15.57
N ASN XA 14 -117.23 -2.49 -14.53
CA ASN XA 14 -115.81 -2.79 -14.58
C ASN XA 14 -115.53 -4.27 -14.39
N GLY XA 15 -116.50 -5.02 -13.87
CA GLY XA 15 -116.45 -6.47 -13.93
C GLY XA 15 -117.37 -6.97 -15.02
N TRP XA 16 -117.18 -8.21 -15.47
CA TRP XA 16 -117.88 -8.65 -16.67
C TRP XA 16 -119.35 -9.00 -16.39
N VAL XA 17 -120.17 -8.89 -17.44
CA VAL XA 17 -121.62 -8.97 -17.29
C VAL XA 17 -122.04 -10.40 -16.97
N THR XA 18 -122.92 -10.54 -15.98
CA THR XA 18 -123.35 -11.85 -15.55
C THR XA 18 -124.83 -12.13 -15.76
N GLN XA 19 -125.69 -11.12 -15.61
CA GLN XA 19 -127.12 -11.23 -15.89
C GLN XA 19 -127.68 -9.88 -16.29
N ILE XA 20 -128.76 -9.92 -17.06
CA ILE XA 20 -129.48 -8.74 -17.53
C ILE XA 20 -130.96 -9.03 -17.31
N ALA XA 21 -131.60 -8.25 -16.45
CA ALA XA 21 -132.99 -8.50 -16.10
C ALA XA 21 -133.91 -7.63 -16.95
N THR XA 22 -135.22 -7.83 -16.77
CA THR XA 22 -136.22 -7.20 -17.63
C THR XA 22 -137.52 -7.05 -16.84
N THR XA 23 -138.25 -5.95 -17.10
CA THR XA 23 -139.57 -5.73 -16.53
C THR XA 23 -140.58 -5.37 -17.63
N PRO XA 24 -141.78 -5.95 -17.59
CA PRO XA 24 -142.77 -5.65 -18.62
C PRO XA 24 -143.73 -4.51 -18.28
N GLN XA 25 -143.82 -4.09 -17.01
CA GLN XA 25 -144.81 -3.07 -16.65
C GLN XA 25 -144.38 -1.69 -17.11
N PHE XA 26 -143.09 -1.38 -16.98
CA PHE XA 26 -142.53 -0.16 -17.53
C PHE XA 26 -141.40 -0.54 -18.47
N PRO XA 27 -141.47 -0.13 -19.74
CA PRO XA 27 -140.56 -0.70 -20.73
C PRO XA 27 -139.15 -0.12 -20.70
N ASP XA 28 -138.99 1.04 -20.09
CA ASP XA 28 -137.71 1.76 -20.14
C ASP XA 28 -136.90 1.65 -18.86
N MET XA 29 -137.27 0.74 -17.95
CA MET XA 29 -136.51 0.53 -16.71
C MET XA 29 -135.64 -0.71 -16.89
N ILE XA 30 -134.41 -0.52 -17.38
CA ILE XA 30 -133.54 -1.63 -17.73
C ILE XA 30 -132.44 -1.73 -16.68
N LEU XA 31 -132.04 -2.97 -16.36
CA LEU XA 31 -131.12 -3.27 -15.28
C LEU XA 31 -130.14 -4.35 -15.72
N SER XA 32 -128.93 -4.31 -15.16
CA SER XA 32 -127.89 -5.29 -15.51
C SER XA 32 -126.90 -5.39 -14.37
N ALA XA 33 -126.49 -6.62 -14.03
CA ALA XA 33 -125.54 -6.88 -12.97
C ALA XA 33 -124.12 -6.83 -13.52
N SER XA 34 -123.15 -7.27 -12.72
CA SER XA 34 -121.75 -7.33 -13.12
C SER XA 34 -121.01 -8.23 -12.14
N ARG XA 35 -119.70 -8.39 -12.38
CA ARG XA 35 -118.84 -9.11 -11.45
C ARG XA 35 -118.65 -8.32 -10.16
N ASP XA 36 -118.12 -7.11 -10.27
CA ASP XA 36 -118.00 -6.23 -9.11
C ASP XA 36 -119.38 -5.92 -8.56
N LYS XA 37 -119.43 -5.64 -7.26
CA LYS XA 37 -120.66 -5.74 -6.48
C LYS XA 37 -121.73 -4.77 -6.92
N THR XA 38 -121.33 -3.66 -7.54
CA THR XA 38 -122.30 -2.64 -7.95
C THR XA 38 -123.15 -3.15 -9.11
N ILE XA 39 -124.46 -2.95 -9.01
CA ILE XA 39 -125.40 -3.33 -10.06
C ILE XA 39 -125.89 -2.05 -10.71
N ILE XA 40 -125.79 -1.99 -12.04
CA ILE XA 40 -126.10 -0.79 -12.79
C ILE XA 40 -127.51 -0.90 -13.35
N MET XA 41 -128.32 0.13 -13.14
CA MET XA 41 -129.60 0.26 -13.81
C MET XA 41 -129.58 1.51 -14.67
N TRP XA 42 -130.05 1.38 -15.91
CA TRP XA 42 -130.01 2.46 -16.88
C TRP XA 42 -131.43 2.96 -17.12
N LYS XA 43 -131.55 4.16 -17.69
CA LYS XA 43 -132.83 4.69 -18.15
C LYS XA 43 -132.78 4.74 -19.67
N LEU XA 44 -133.68 3.99 -20.30
CA LEU XA 44 -133.72 3.89 -21.75
C LEU XA 44 -134.18 5.20 -22.38
N THR XA 45 -133.22 5.93 -22.96
CA THR XA 45 -133.51 7.17 -23.65
C THR XA 45 -133.40 7.05 -25.16
N ARG XA 46 -132.69 6.01 -25.65
CA ARG XA 46 -132.62 5.65 -27.06
C ARG XA 46 -131.95 6.76 -27.88
N ASP XA 47 -130.80 7.21 -27.40
CA ASP XA 47 -130.14 8.39 -27.94
C ASP XA 47 -129.06 7.96 -28.93
N GLU XA 48 -128.52 8.96 -29.64
CA GLU XA 48 -127.40 8.73 -30.54
C GLU XA 48 -126.13 8.41 -29.78
N THR XA 49 -125.86 9.17 -28.72
CA THR XA 49 -124.63 9.01 -27.96
C THR XA 49 -124.58 7.68 -27.23
N ASN XA 50 -125.72 7.24 -26.67
CA ASN XA 50 -125.80 6.02 -25.88
C ASN XA 50 -127.25 5.60 -25.80
N TYR XA 51 -127.48 4.34 -25.44
CA TYR XA 51 -128.84 3.82 -25.31
C TYR XA 51 -129.39 3.99 -23.90
N GLY XA 52 -128.61 4.55 -22.98
CA GLY XA 52 -129.06 4.68 -21.60
C GLY XA 52 -128.05 5.43 -20.77
N ILE XA 53 -128.54 6.07 -19.72
CA ILE XA 53 -127.74 6.74 -18.70
C ILE XA 53 -128.09 6.13 -17.35
N PRO XA 54 -127.12 5.77 -16.52
CA PRO XA 54 -127.44 5.12 -15.26
C PRO XA 54 -128.06 6.09 -14.27
N GLN XA 55 -128.78 5.54 -13.30
CA GLN XA 55 -129.42 6.32 -12.24
C GLN XA 55 -129.01 5.89 -10.85
N ARG XA 56 -128.82 4.59 -10.61
CA ARG XA 56 -128.55 4.08 -9.28
C ARG XA 56 -127.44 3.03 -9.36
N ALA XA 57 -126.72 2.86 -8.27
CA ALA XA 57 -125.61 1.91 -8.18
C ALA XA 57 -125.93 0.98 -7.02
N LEU XA 58 -126.41 -0.22 -7.33
CA LEU XA 58 -126.89 -1.15 -6.32
C LEU XA 58 -125.73 -2.02 -5.82
N ARG XA 59 -125.19 -1.67 -4.66
CA ARG XA 59 -124.06 -2.41 -4.11
C ARG XA 59 -124.37 -2.86 -2.68
N GLY XA 60 -123.53 -3.75 -2.18
CA GLY XA 60 -123.71 -4.25 -0.82
C GLY XA 60 -123.39 -5.71 -0.62
N HIS XA 61 -123.00 -6.40 -1.68
CA HIS XA 61 -122.57 -7.78 -1.58
C HIS XA 61 -121.14 -7.86 -1.06
N SER XA 62 -120.76 -9.03 -0.57
CA SER XA 62 -119.40 -9.29 -0.14
C SER XA 62 -118.51 -9.71 -1.29
N HIS XA 63 -119.07 -10.39 -2.29
CA HIS XA 63 -118.32 -11.00 -3.37
C HIS XA 63 -119.10 -10.81 -4.68
N PHE XA 64 -118.72 -11.56 -5.71
CA PHE XA 64 -119.22 -11.35 -7.06
C PHE XA 64 -120.71 -11.64 -7.17
N VAL XA 65 -121.36 -10.93 -8.07
CA VAL XA 65 -122.79 -11.09 -8.32
C VAL XA 65 -122.95 -12.06 -9.49
N SER XA 66 -123.89 -12.99 -9.35
CA SER XA 66 -124.18 -13.95 -10.41
C SER XA 66 -125.50 -13.66 -11.12
N ASP XA 67 -126.58 -13.54 -10.36
CA ASP XA 67 -127.90 -13.45 -10.95
C ASP XA 67 -128.68 -12.26 -10.39
N VAL XA 68 -129.48 -11.65 -11.26
CA VAL XA 68 -130.45 -10.62 -10.87
C VAL XA 68 -131.74 -10.87 -11.63
N VAL XA 69 -132.87 -10.65 -10.95
CA VAL XA 69 -134.19 -10.65 -11.59
C VAL XA 69 -135.00 -9.54 -10.94
N ILE XA 70 -135.81 -8.84 -11.76
CA ILE XA 70 -136.78 -7.87 -11.25
C ILE XA 70 -138.08 -8.60 -11.01
N SER XA 71 -138.89 -8.11 -10.07
CA SER XA 71 -140.17 -8.72 -9.77
C SER XA 71 -141.16 -8.49 -10.91
N SER XA 72 -142.26 -9.25 -10.87
CA SER XA 72 -143.32 -9.11 -11.85
C SER XA 72 -144.10 -7.80 -11.70
N ASP XA 73 -144.01 -7.14 -10.55
CA ASP XA 73 -144.71 -5.87 -10.38
C ASP XA 73 -143.92 -4.69 -10.94
N GLY XA 74 -142.59 -4.78 -10.91
CA GLY XA 74 -141.75 -3.68 -11.33
C GLY XA 74 -141.31 -2.75 -10.23
N GLN XA 75 -141.32 -3.20 -8.98
CA GLN XA 75 -140.91 -2.39 -7.84
C GLN XA 75 -139.63 -2.89 -7.18
N PHE XA 76 -139.52 -4.19 -6.90
CA PHE XA 76 -138.33 -4.77 -6.31
C PHE XA 76 -137.58 -5.58 -7.35
N ALA XA 77 -136.26 -5.66 -7.21
CA ALA XA 77 -135.42 -6.52 -8.03
C ALA XA 77 -134.52 -7.31 -7.08
N LEU XA 78 -134.57 -8.64 -7.18
CA LEU XA 78 -133.75 -9.47 -6.31
C LEU XA 78 -132.44 -9.83 -7.02
N SER XA 79 -131.40 -10.07 -6.22
CA SER XA 79 -130.09 -10.40 -6.73
C SER XA 79 -129.57 -11.68 -6.08
N GLY XA 80 -128.78 -12.43 -6.84
CA GLY XA 80 -128.13 -13.62 -6.33
C GLY XA 80 -126.64 -13.58 -6.59
N SER XA 81 -125.83 -13.59 -5.54
CA SER XA 81 -124.40 -13.34 -5.64
C SER XA 81 -123.58 -14.53 -5.16
N TRP XA 82 -122.26 -14.43 -5.38
CA TRP XA 82 -121.35 -15.51 -5.02
C TRP XA 82 -121.09 -15.58 -3.53
N ASP XA 83 -121.37 -14.52 -2.79
CA ASP XA 83 -121.13 -14.61 -1.36
C ASP XA 83 -122.23 -15.37 -0.59
N GLY XA 84 -123.20 -15.96 -1.28
CA GLY XA 84 -124.18 -16.79 -0.62
C GLY XA 84 -125.32 -16.04 0.02
N THR XA 85 -125.36 -14.72 -0.12
CA THR XA 85 -126.44 -13.91 0.42
C THR XA 85 -127.29 -13.41 -0.73
N LEU XA 86 -128.60 -13.60 -0.62
CA LEU XA 86 -129.55 -13.12 -1.61
C LEU XA 86 -130.09 -11.78 -1.12
N ARG XA 87 -129.85 -10.73 -1.88
CA ARG XA 87 -130.31 -9.40 -1.52
C ARG XA 87 -131.56 -9.07 -2.31
N LEU XA 88 -132.59 -8.60 -1.60
CA LEU XA 88 -133.86 -8.18 -2.20
C LEU XA 88 -133.84 -6.65 -2.16
N TRP XA 89 -133.48 -6.04 -3.30
CA TRP XA 89 -133.36 -4.60 -3.36
C TRP XA 89 -134.75 -3.94 -3.34
N ASP XA 90 -134.72 -2.61 -3.29
CA ASP XA 90 -135.91 -1.79 -3.48
C ASP XA 90 -135.44 -0.68 -4.42
N LEU XA 91 -135.94 -0.71 -5.66
CA LEU XA 91 -135.36 0.10 -6.74
C LEU XA 91 -135.61 1.58 -6.55
N THR XA 92 -136.65 1.95 -5.77
CA THR XA 92 -136.94 3.36 -5.55
C THR XA 92 -135.91 4.00 -4.62
N THR XA 93 -135.59 3.31 -3.53
CA THR XA 93 -134.56 3.82 -2.62
C THR XA 93 -133.17 3.34 -3.00
N GLY XA 94 -133.05 2.23 -3.72
CA GLY XA 94 -131.75 1.71 -4.07
C GLY XA 94 -131.05 1.08 -2.87
N THR XA 95 -131.81 0.34 -2.08
CA THR XA 95 -131.30 -0.30 -0.87
C THR XA 95 -132.00 -1.65 -0.77
N THR XA 96 -131.44 -2.55 0.02
CA THR XA 96 -132.00 -3.88 0.22
C THR XA 96 -133.06 -3.86 1.30
N THR XA 97 -134.19 -4.51 1.03
CA THR XA 97 -135.27 -4.57 2.00
C THR XA 97 -134.94 -5.52 3.14
N ARG XA 98 -134.58 -6.77 2.81
CA ARG XA 98 -134.25 -7.75 3.83
C ARG XA 98 -133.36 -8.82 3.21
N ARG XA 99 -132.56 -9.47 4.06
CA ARG XA 99 -131.54 -10.40 3.64
C ARG XA 99 -132.09 -11.82 3.63
N PHE XA 100 -131.33 -12.74 3.02
CA PHE XA 100 -131.70 -14.14 2.92
C PHE XA 100 -130.45 -15.00 3.12
N VAL XA 101 -130.40 -15.70 4.26
CA VAL XA 101 -129.19 -16.41 4.69
C VAL XA 101 -129.52 -17.88 4.89
N GLY XA 102 -128.50 -18.72 4.81
CA GLY XA 102 -128.65 -20.15 4.95
C GLY XA 102 -127.77 -20.90 3.96
N HIS XA 103 -127.56 -20.32 2.79
CA HIS XA 103 -126.60 -20.89 1.86
C HIS XA 103 -125.19 -20.65 2.36
N THR XA 104 -124.26 -21.46 1.87
CA THR XA 104 -122.86 -21.33 2.23
C THR XA 104 -121.97 -21.00 1.05
N LYS XA 105 -122.08 -21.73 -0.05
CA LYS XA 105 -121.20 -21.57 -1.20
C LYS XA 105 -121.81 -20.59 -2.20
N ASP XA 106 -121.21 -20.52 -3.38
CA ASP XA 106 -121.54 -19.49 -4.37
C ASP XA 106 -122.90 -19.75 -4.99
N VAL XA 107 -123.83 -18.81 -4.82
CA VAL XA 107 -125.12 -18.87 -5.49
C VAL XA 107 -124.94 -18.44 -6.94
N LEU XA 108 -125.48 -19.24 -7.86
CA LEU XA 108 -125.22 -19.05 -9.28
C LEU XA 108 -126.45 -18.61 -10.07
N SER XA 109 -127.65 -18.90 -9.59
CA SER XA 109 -128.86 -18.46 -10.29
C SER XA 109 -130.04 -18.47 -9.32
N VAL XA 110 -131.07 -17.73 -9.70
CA VAL XA 110 -132.31 -17.56 -8.93
C VAL XA 110 -133.34 -16.99 -9.89
N ALA XA 111 -134.62 -17.34 -9.70
CA ALA XA 111 -135.67 -16.72 -10.50
C ALA XA 111 -136.80 -16.28 -9.58
N PHE XA 112 -137.66 -15.42 -10.10
CA PHE XA 112 -138.88 -15.03 -9.39
C PHE XA 112 -139.99 -16.03 -9.70
N SER XA 113 -141.22 -15.67 -9.34
CA SER XA 113 -142.39 -16.51 -9.60
C SER XA 113 -143.45 -15.69 -10.31
N SER XA 114 -144.64 -16.27 -10.48
CA SER XA 114 -145.74 -15.53 -11.11
C SER XA 114 -146.29 -14.48 -10.15
N ASP XA 115 -146.75 -14.91 -8.99
CA ASP XA 115 -147.22 -14.01 -7.95
C ASP XA 115 -146.12 -13.60 -6.99
N ASN XA 116 -144.88 -14.01 -7.26
CA ASN XA 116 -143.68 -13.61 -6.53
C ASN XA 116 -143.76 -13.99 -5.05
N ARG XA 117 -144.46 -15.10 -4.75
CA ARG XA 117 -144.68 -15.55 -3.39
C ARG XA 117 -143.69 -16.59 -2.91
N GLN XA 118 -142.91 -17.18 -3.81
CA GLN XA 118 -141.96 -18.23 -3.47
C GLN XA 118 -140.63 -17.95 -4.17
N ILE XA 119 -139.54 -18.20 -3.46
CA ILE XA 119 -138.19 -17.93 -3.93
C ILE XA 119 -137.36 -19.19 -3.73
N VAL XA 120 -136.74 -19.68 -4.80
CA VAL XA 120 -135.82 -20.81 -4.74
C VAL XA 120 -134.48 -20.34 -5.26
N SER XA 121 -133.41 -20.75 -4.59
CA SER XA 121 -132.05 -20.36 -4.93
C SER XA 121 -131.28 -21.53 -5.51
N GLY XA 122 -130.38 -21.23 -6.45
CA GLY XA 122 -129.51 -22.23 -7.02
C GLY XA 122 -128.05 -21.91 -6.75
N SER XA 123 -127.40 -22.72 -5.92
CA SER XA 123 -126.07 -22.43 -5.43
C SER XA 123 -125.13 -23.62 -5.65
N ARG XA 124 -123.85 -23.38 -5.33
CA ARG XA 124 -122.83 -24.41 -5.46
C ARG XA 124 -122.86 -25.43 -4.34
N ASP XA 125 -123.69 -25.26 -3.33
CA ASP XA 125 -123.84 -26.35 -2.37
C ASP XA 125 -124.77 -27.41 -2.95
N LYS XA 126 -124.74 -28.59 -2.33
CA LYS XA 126 -125.60 -29.68 -2.78
C LYS XA 126 -126.98 -29.58 -2.15
N THR XA 127 -127.62 -28.41 -2.24
CA THR XA 127 -128.96 -28.20 -1.68
C THR XA 127 -129.79 -27.37 -2.65
N ILE XA 128 -131.12 -27.44 -2.45
CA ILE XA 128 -132.04 -26.50 -3.07
C ILE XA 128 -132.90 -25.86 -1.98
N LYS XA 129 -132.53 -24.65 -1.57
CA LYS XA 129 -133.30 -23.99 -0.53
C LYS XA 129 -134.45 -23.19 -1.14
N LEU XA 130 -135.58 -23.21 -0.43
CA LEU XA 130 -136.79 -22.52 -0.85
C LEU XA 130 -137.09 -21.43 0.18
N TRP XA 131 -137.48 -20.26 -0.30
CA TRP XA 131 -137.66 -19.08 0.55
C TRP XA 131 -139.08 -18.55 0.40
N ASN XA 132 -139.36 -17.48 1.13
CA ASN XA 132 -140.62 -16.77 1.07
C ASN XA 132 -140.32 -15.27 1.04
N THR XA 133 -141.37 -14.47 1.18
CA THR XA 133 -141.23 -13.02 1.27
C THR XA 133 -141.08 -12.55 2.71
N LEU XA 134 -141.66 -13.28 3.66
CA LEU XA 134 -141.59 -12.92 5.08
C LEU XA 134 -140.35 -13.47 5.78
N GLY XA 135 -139.61 -14.37 5.13
CA GLY XA 135 -138.46 -14.97 5.76
C GLY XA 135 -138.75 -16.32 6.38
N VAL XA 136 -139.39 -17.21 5.60
CA VAL XA 136 -139.77 -18.53 6.08
C VAL XA 136 -138.93 -19.58 5.35
N CYS XA 137 -138.19 -20.38 6.12
CA CYS XA 137 -137.42 -21.50 5.57
C CYS XA 137 -138.37 -22.69 5.37
N LYS XA 138 -139.15 -22.62 4.29
CA LYS XA 138 -140.24 -23.54 4.03
C LYS XA 138 -139.79 -24.98 3.84
N TYR XA 139 -138.98 -25.24 2.81
CA TYR XA 139 -138.54 -26.60 2.51
C TYR XA 139 -137.10 -26.63 2.04
N THR XA 140 -136.42 -27.72 2.39
CA THR XA 140 -135.04 -27.97 1.98
C THR XA 140 -134.79 -29.48 1.98
N VAL XA 141 -134.16 -29.96 0.92
CA VAL XA 141 -133.91 -31.39 0.75
C VAL XA 141 -132.47 -31.58 0.29
N GLN XA 142 -131.82 -32.61 0.84
CA GLN XA 142 -130.38 -32.80 0.65
C GLN XA 142 -130.04 -34.05 -0.15
N ASP XA 143 -130.47 -35.23 0.29
CA ASP XA 143 -130.08 -36.47 -0.37
C ASP XA 143 -130.72 -36.63 -1.75
N GLU XA 144 -132.04 -36.72 -1.79
CA GLU XA 144 -132.77 -36.92 -3.04
C GLU XA 144 -132.75 -35.60 -3.79
N SER XA 145 -131.62 -35.34 -4.46
CA SER XA 145 -131.33 -34.08 -5.12
C SER XA 145 -130.13 -34.25 -6.05
N HIS XA 146 -129.59 -33.13 -6.55
CA HIS XA 146 -128.39 -33.16 -7.37
C HIS XA 146 -127.22 -33.77 -6.62
N SER XA 147 -126.48 -34.65 -7.28
CA SER XA 147 -125.30 -35.25 -6.67
C SER XA 147 -124.15 -34.25 -6.56
N GLU XA 148 -124.18 -33.17 -7.34
CA GLU XA 148 -123.16 -32.15 -7.26
C GLU XA 148 -123.84 -30.79 -7.46
N TRP XA 149 -123.04 -29.78 -7.83
CA TRP XA 149 -123.43 -28.37 -7.88
C TRP XA 149 -124.75 -28.09 -8.59
N VAL XA 150 -125.54 -27.16 -8.05
CA VAL XA 150 -126.78 -26.72 -8.67
C VAL XA 150 -126.44 -25.52 -9.54
N SER XA 151 -126.64 -25.65 -10.85
CA SER XA 151 -126.25 -24.61 -11.78
C SER XA 151 -127.29 -23.51 -11.89
N CYS XA 152 -128.50 -23.84 -12.32
CA CYS XA 152 -129.56 -22.85 -12.51
C CYS XA 152 -130.90 -23.41 -12.09
N VAL XA 153 -131.84 -22.49 -11.84
CA VAL XA 153 -133.20 -22.81 -11.42
C VAL XA 153 -134.15 -21.90 -12.17
N ARG XA 154 -135.23 -22.48 -12.71
CA ARG XA 154 -136.24 -21.73 -13.42
C ARG XA 154 -137.63 -22.18 -12.94
N PHE XA 155 -138.66 -21.50 -13.43
CA PHE XA 155 -140.02 -21.75 -13.01
C PHE XA 155 -140.91 -22.02 -14.23
N SER XA 156 -142.15 -22.40 -13.95
CA SER XA 156 -143.13 -22.61 -15.01
C SER XA 156 -144.14 -21.47 -15.01
N PRO XA 157 -144.29 -20.73 -16.11
CA PRO XA 157 -145.28 -19.65 -16.15
C PRO XA 157 -146.71 -20.13 -16.02
N ASN XA 158 -147.03 -21.31 -16.53
CA ASN XA 158 -148.36 -21.90 -16.40
C ASN XA 158 -148.52 -22.40 -14.97
N SER XA 159 -149.05 -21.52 -14.11
CA SER XA 159 -149.15 -21.81 -12.68
C SER XA 159 -150.13 -22.94 -12.37
N SER XA 160 -150.99 -23.31 -13.32
CA SER XA 160 -151.85 -24.48 -13.13
C SER XA 160 -151.04 -25.76 -13.10
N ASN XA 161 -149.87 -25.76 -13.74
CA ASN XA 161 -148.94 -26.88 -13.65
C ASN XA 161 -147.78 -26.49 -12.74
N PRO XA 162 -147.74 -26.97 -11.50
CA PRO XA 162 -146.69 -26.55 -10.57
C PRO XA 162 -145.34 -27.20 -10.85
N ILE XA 163 -144.70 -26.74 -11.92
CA ILE XA 163 -143.48 -27.34 -12.45
C ILE XA 163 -142.31 -26.45 -12.09
N ILE XA 164 -141.23 -27.06 -11.58
CA ILE XA 164 -140.03 -26.30 -11.23
C ILE XA 164 -138.82 -26.98 -11.84
N VAL XA 165 -138.38 -26.49 -13.00
CA VAL XA 165 -137.20 -27.04 -13.66
C VAL XA 165 -135.94 -26.47 -13.01
N SER XA 166 -134.91 -27.30 -12.88
CA SER XA 166 -133.66 -26.89 -12.24
C SER XA 166 -132.51 -27.74 -12.76
N CYS XA 167 -131.66 -27.16 -13.59
CA CYS XA 167 -130.50 -27.88 -14.10
C CYS XA 167 -129.38 -27.92 -13.07
N GLY XA 168 -128.25 -28.51 -13.44
CA GLY XA 168 -127.15 -28.61 -12.50
C GLY XA 168 -125.86 -29.08 -13.14
N TRP XA 169 -124.92 -29.46 -12.28
CA TRP XA 169 -123.59 -29.88 -12.68
C TRP XA 169 -123.51 -31.35 -13.06
N ASP XA 170 -124.46 -32.15 -12.60
CA ASP XA 170 -124.50 -33.59 -12.90
C ASP XA 170 -125.16 -33.91 -14.23
N LYS XA 171 -125.37 -32.90 -15.08
CA LYS XA 171 -125.94 -33.04 -16.43
C LYS XA 171 -127.37 -33.59 -16.38
N LEU XA 172 -128.06 -33.36 -15.27
CA LEU XA 172 -129.45 -33.78 -15.10
C LEU XA 172 -130.31 -32.53 -14.93
N VAL XA 173 -131.33 -32.40 -15.77
CA VAL XA 173 -132.23 -31.23 -15.68
C VAL XA 173 -133.32 -31.63 -14.69
N LYS XA 174 -133.02 -31.43 -13.42
CA LYS XA 174 -133.89 -31.94 -12.36
C LYS XA 174 -135.11 -31.04 -12.22
N VAL XA 175 -136.28 -31.61 -12.49
CA VAL XA 175 -137.53 -30.88 -12.43
C VAL XA 175 -138.33 -31.39 -11.24
N TRP XA 176 -138.96 -30.48 -10.50
CA TRP XA 176 -139.53 -30.81 -9.20
C TRP XA 176 -141.00 -30.41 -9.15
N ASN XA 177 -141.73 -31.09 -8.28
CA ASN XA 177 -143.15 -30.81 -8.06
C ASN XA 177 -143.31 -29.93 -6.84
N LEU XA 178 -144.26 -28.99 -6.91
CA LEU XA 178 -144.56 -28.13 -5.77
C LEU XA 178 -145.48 -28.80 -4.76
N ALA XA 179 -146.39 -29.66 -5.22
CA ALA XA 179 -147.44 -30.20 -4.36
C ALA XA 179 -146.88 -31.11 -3.28
N ASN XA 180 -146.12 -32.12 -3.69
CA ASN XA 180 -145.45 -33.00 -2.74
C ASN XA 180 -144.12 -32.41 -2.27
N CYS XA 181 -143.66 -31.33 -2.91
CA CYS XA 181 -142.33 -30.75 -2.71
C CYS XA 181 -141.25 -31.81 -2.92
N LYS XA 182 -141.33 -32.50 -4.06
CA LYS XA 182 -140.37 -33.54 -4.40
C LYS XA 182 -140.01 -33.40 -5.88
N LEU XA 183 -139.15 -34.31 -6.33
CA LEU XA 183 -138.77 -34.38 -7.74
C LEU XA 183 -139.95 -34.75 -8.62
N LYS XA 184 -139.97 -34.21 -9.83
CA LYS XA 184 -140.95 -34.64 -10.83
C LYS XA 184 -140.32 -35.50 -11.91
N THR XA 185 -139.27 -35.01 -12.59
CA THR XA 185 -138.66 -35.77 -13.66
C THR XA 185 -137.19 -35.43 -13.79
N ASN XA 186 -136.45 -36.32 -14.45
CA ASN XA 186 -135.03 -36.20 -14.69
C ASN XA 186 -134.78 -36.25 -16.19
N HIS XA 187 -133.79 -35.50 -16.66
CA HIS XA 187 -133.47 -35.46 -18.09
C HIS XA 187 -131.98 -35.78 -18.28
N ILE XA 188 -131.71 -36.80 -19.07
CA ILE XA 188 -130.36 -37.28 -19.35
C ILE XA 188 -130.05 -36.94 -20.81
N GLY XA 189 -128.77 -36.81 -21.16
CA GLY XA 189 -128.40 -36.74 -22.56
C GLY XA 189 -127.39 -35.67 -22.92
N HIS XA 190 -126.67 -35.17 -21.93
CA HIS XA 190 -125.77 -34.03 -22.13
C HIS XA 190 -124.35 -34.40 -21.72
N THR XA 191 -123.38 -33.99 -22.54
CA THR XA 191 -121.97 -34.18 -22.25
C THR XA 191 -121.40 -32.83 -21.83
N GLY XA 192 -120.81 -32.79 -20.65
CA GLY XA 192 -120.45 -31.51 -20.08
C GLY XA 192 -121.58 -30.93 -19.25
N TYR XA 193 -121.21 -30.39 -18.08
CA TYR XA 193 -122.20 -29.91 -17.11
C TYR XA 193 -123.03 -28.77 -17.67
N LEU XA 194 -124.23 -28.58 -17.14
CA LEU XA 194 -125.17 -27.61 -17.68
C LEU XA 194 -124.89 -26.22 -17.11
N ASN XA 195 -125.11 -25.20 -17.94
CA ASN XA 195 -124.85 -23.83 -17.56
C ASN XA 195 -126.10 -22.96 -17.58
N THR XA 196 -126.93 -23.09 -18.61
CA THR XA 196 -128.10 -22.24 -18.74
C THR XA 196 -129.31 -23.06 -19.15
N VAL XA 197 -130.47 -22.69 -18.61
CA VAL XA 197 -131.75 -23.31 -18.92
C VAL XA 197 -132.80 -22.21 -18.92
N THR XA 198 -133.62 -22.17 -19.97
CA THR XA 198 -134.69 -21.19 -20.09
C THR XA 198 -136.02 -21.90 -20.25
N VAL XA 199 -137.11 -21.14 -20.05
CA VAL XA 199 -138.47 -21.64 -20.21
C VAL XA 199 -139.20 -20.69 -21.14
N SER XA 200 -139.97 -21.25 -22.07
CA SER XA 200 -140.86 -20.43 -22.87
C SER XA 200 -142.06 -20.00 -22.04
N PRO XA 201 -142.56 -18.77 -22.23
CA PRO XA 201 -143.71 -18.29 -21.44
C PRO XA 201 -144.99 -19.06 -21.70
N ASP XA 202 -145.03 -19.83 -22.78
CA ASP XA 202 -146.19 -20.66 -23.08
C ASP XA 202 -146.35 -21.82 -22.09
N GLY XA 203 -145.27 -22.18 -21.40
CA GLY XA 203 -145.32 -23.32 -20.51
C GLY XA 203 -145.45 -24.65 -21.22
N SER XA 204 -144.69 -24.85 -22.29
CA SER XA 204 -144.77 -26.07 -23.09
C SER XA 204 -143.47 -26.85 -23.15
N LEU XA 205 -142.34 -26.20 -23.43
CA LEU XA 205 -141.08 -26.88 -23.64
C LEU XA 205 -140.01 -26.31 -22.72
N CYS XA 206 -138.80 -26.89 -22.79
CA CYS XA 206 -137.65 -26.42 -22.04
C CYS XA 206 -136.37 -26.65 -22.83
N ALA XA 207 -135.44 -25.71 -22.71
CA ALA XA 207 -134.14 -25.79 -23.37
C ALA XA 207 -133.03 -25.96 -22.33
N SER XA 208 -131.80 -26.10 -22.82
CA SER XA 208 -130.65 -26.40 -21.98
C SER XA 208 -129.38 -26.03 -22.70
N GLY XA 209 -128.35 -25.62 -21.95
CA GLY XA 209 -127.11 -25.14 -22.52
C GLY XA 209 -125.89 -25.56 -21.73
N GLY XA 210 -124.77 -25.68 -22.43
CA GLY XA 210 -123.51 -26.11 -21.84
C GLY XA 210 -122.30 -25.74 -22.67
N LYS XA 211 -121.31 -26.64 -22.75
CA LYS XA 211 -120.08 -26.32 -23.48
C LYS XA 211 -120.13 -26.85 -24.91
N ASP XA 212 -120.63 -28.08 -25.08
CA ASP XA 212 -120.56 -28.76 -26.36
C ASP XA 212 -121.42 -28.08 -27.43
N GLY XA 213 -122.44 -27.34 -27.01
CA GLY XA 213 -123.35 -26.72 -27.94
C GLY XA 213 -124.63 -27.48 -28.18
N GLN XA 214 -124.82 -28.63 -27.53
CA GLN XA 214 -125.98 -29.46 -27.79
C GLN XA 214 -127.14 -29.04 -26.89
N ALA XA 215 -128.16 -28.43 -27.48
CA ALA XA 215 -129.28 -27.85 -26.75
C ALA XA 215 -130.42 -28.86 -26.77
N MET XA 216 -130.60 -29.57 -25.67
CA MET XA 216 -131.69 -30.53 -25.54
C MET XA 216 -133.01 -29.79 -25.39
N LEU XA 217 -133.99 -30.17 -26.20
CA LEU XA 217 -135.32 -29.58 -26.13
C LEU XA 217 -136.32 -30.64 -25.70
N TRP XA 218 -136.83 -30.51 -24.48
CA TRP XA 218 -137.85 -31.41 -23.94
C TRP XA 218 -139.20 -30.72 -23.93
N ASP XA 219 -140.19 -31.42 -23.41
CA ASP XA 219 -141.54 -30.88 -23.24
C ASP XA 219 -141.89 -30.85 -21.75
N LEU XA 220 -142.50 -29.75 -21.30
CA LEU XA 220 -142.87 -29.64 -19.89
C LEU XA 220 -143.98 -30.60 -19.52
N ASN XA 221 -144.97 -30.76 -20.39
CA ASN XA 221 -146.15 -31.55 -20.05
C ASN XA 221 -145.82 -33.04 -19.92
N GLU XA 222 -145.06 -33.58 -20.86
CA GLU XA 222 -144.61 -34.96 -20.77
C GLU XA 222 -143.11 -34.98 -21.07
N GLY XA 223 -142.35 -35.73 -20.26
CA GLY XA 223 -140.92 -35.80 -20.50
C GLY XA 223 -140.61 -36.54 -21.78
N LYS XA 224 -140.26 -35.79 -22.81
CA LYS XA 224 -139.98 -36.31 -24.15
C LYS XA 224 -139.04 -35.36 -24.86
N HIS XA 225 -137.88 -35.86 -25.26
CA HIS XA 225 -136.92 -35.03 -25.98
C HIS XA 225 -137.36 -34.90 -27.44
N LEU XA 226 -137.56 -33.67 -27.88
CA LEU XA 226 -138.04 -33.44 -29.24
C LEU XA 226 -136.89 -33.50 -30.24
N TYR XA 227 -135.93 -32.60 -30.11
CA TYR XA 227 -134.77 -32.57 -30.99
C TYR XA 227 -133.67 -31.76 -30.30
N THR XA 228 -132.57 -31.56 -31.03
CA THR XA 228 -131.42 -30.84 -30.51
C THR XA 228 -130.64 -30.26 -31.66
N LEU XA 229 -130.39 -28.96 -31.61
CA LEU XA 229 -129.60 -28.27 -32.62
C LEU XA 229 -128.17 -28.11 -32.14
N ASP XA 230 -127.26 -27.97 -33.10
CA ASP XA 230 -125.84 -27.82 -32.79
C ASP XA 230 -125.53 -26.38 -32.43
N GLY XA 231 -124.69 -26.20 -31.41
CA GLY XA 231 -124.23 -24.88 -31.03
C GLY XA 231 -122.76 -24.67 -31.32
N GLY XA 232 -121.97 -25.72 -31.18
CA GLY XA 232 -120.55 -25.60 -31.42
C GLY XA 232 -119.79 -25.21 -30.16
N ASP XA 233 -119.50 -23.92 -30.03
CA ASP XA 233 -118.73 -23.41 -28.91
C ASP XA 233 -119.64 -23.22 -27.71
N ILE XA 234 -119.14 -22.50 -26.70
CA ILE XA 234 -119.66 -22.61 -25.35
C ILE XA 234 -120.98 -21.85 -25.23
N ILE XA 235 -122.06 -22.57 -24.94
CA ILE XA 235 -123.38 -21.97 -24.74
C ILE XA 235 -123.41 -21.37 -23.35
N ASN XA 236 -123.67 -20.07 -23.27
CA ASN XA 236 -123.75 -19.41 -21.97
C ASN XA 236 -125.15 -18.96 -21.60
N ALA XA 237 -126.02 -18.71 -22.58
CA ALA XA 237 -127.34 -18.18 -22.28
C ALA XA 237 -128.31 -18.53 -23.39
N LEU XA 238 -129.56 -18.76 -23.01
CA LEU XA 238 -130.66 -19.02 -23.92
C LEU XA 238 -131.87 -18.22 -23.48
N CYS XA 239 -132.68 -17.78 -24.45
CA CYS XA 239 -133.86 -17.00 -24.13
C CYS XA 239 -134.93 -17.21 -25.19
N PHE XA 240 -136.07 -17.78 -24.77
CA PHE XA 240 -137.24 -17.81 -25.63
C PHE XA 240 -137.81 -16.41 -25.74
N SER XA 241 -138.06 -15.96 -26.97
CA SER XA 241 -138.57 -14.60 -27.17
C SER XA 241 -140.02 -14.53 -26.72
N PRO XA 242 -140.44 -13.43 -26.08
CA PRO XA 242 -141.83 -13.36 -25.58
C PRO XA 242 -142.83 -13.02 -26.66
N ASN XA 243 -142.44 -12.24 -27.67
CA ASN XA 243 -143.37 -11.85 -28.72
C ASN XA 243 -143.55 -12.94 -29.77
N ARG XA 244 -142.47 -13.60 -30.16
CA ARG XA 244 -142.50 -14.66 -31.15
C ARG XA 244 -142.36 -16.01 -30.47
N TYR XA 245 -142.39 -17.06 -31.28
CA TYR XA 245 -142.01 -18.39 -30.82
C TYR XA 245 -140.56 -18.66 -31.20
N TRP XA 246 -139.64 -17.85 -30.67
CA TRP XA 246 -138.21 -17.98 -30.98
C TRP XA 246 -137.45 -18.39 -29.73
N LEU XA 247 -136.14 -18.56 -29.89
CA LEU XA 247 -135.26 -19.07 -28.81
C LEU XA 247 -133.83 -18.63 -29.08
N CYS XA 248 -133.30 -17.81 -28.18
CA CYS XA 248 -131.93 -17.30 -28.31
C CYS XA 248 -130.91 -18.35 -27.88
N ALA XA 249 -129.67 -18.13 -28.30
CA ALA XA 249 -128.55 -18.97 -27.90
C ALA XA 249 -127.27 -18.14 -27.88
N ALA XA 250 -126.57 -18.16 -26.75
CA ALA XA 250 -125.34 -17.40 -26.58
C ALA XA 250 -124.12 -18.32 -26.80
N THR XA 251 -123.75 -18.43 -28.07
CA THR XA 251 -122.63 -19.27 -28.49
C THR XA 251 -121.34 -18.45 -28.42
N GLY XA 252 -120.86 -18.25 -27.20
CA GLY XA 252 -119.59 -17.60 -26.95
C GLY XA 252 -119.55 -16.17 -27.45
N PRO XA 253 -118.58 -15.87 -28.34
CA PRO XA 253 -118.55 -14.56 -28.98
C PRO XA 253 -119.59 -14.38 -30.08
N SER XA 254 -120.42 -15.38 -30.33
CA SER XA 254 -121.45 -15.32 -31.34
C SER XA 254 -122.83 -15.50 -30.69
N ILE XA 255 -123.85 -14.97 -31.35
CA ILE XA 255 -125.22 -15.07 -30.88
C ILE XA 255 -126.02 -15.73 -32.00
N LYS XA 256 -126.69 -16.83 -31.67
CA LYS XA 256 -127.48 -17.56 -32.65
C LYS XA 256 -128.95 -17.54 -32.23
N ILE XA 257 -129.81 -17.02 -33.10
CA ILE XA 257 -131.25 -16.97 -32.89
C ILE XA 257 -131.94 -17.80 -33.97
N TRP XA 258 -132.87 -18.65 -33.55
CA TRP XA 258 -133.66 -19.49 -34.45
C TRP XA 258 -135.13 -19.19 -34.29
N ASP XA 259 -135.93 -20.03 -34.96
CA ASP XA 259 -137.35 -20.22 -34.65
C ASP XA 259 -137.52 -21.68 -34.22
N LEU XA 260 -138.46 -21.93 -33.30
CA LEU XA 260 -138.67 -23.28 -32.82
C LEU XA 260 -139.17 -24.20 -33.92
N GLU XA 261 -140.25 -23.82 -34.59
CA GLU XA 261 -140.85 -24.72 -35.58
C GLU XA 261 -140.01 -24.74 -36.85
N GLY XA 262 -139.67 -23.56 -37.38
CA GLY XA 262 -138.81 -23.50 -38.55
C GLY XA 262 -137.36 -23.74 -38.18
N LYS XA 263 -136.83 -24.92 -38.54
CA LYS XA 263 -135.46 -25.27 -38.20
C LYS XA 263 -134.50 -24.51 -39.09
N ILE XA 264 -134.18 -23.27 -38.71
CA ILE XA 264 -133.30 -22.41 -39.48
C ILE XA 264 -132.84 -21.28 -38.57
N ILE XA 265 -131.69 -20.71 -38.86
CA ILE XA 265 -131.19 -19.52 -38.17
C ILE XA 265 -131.82 -18.29 -38.81
N VAL XA 266 -132.31 -17.39 -37.98
CA VAL XA 266 -132.71 -16.07 -38.46
C VAL XA 266 -131.52 -15.29 -38.96
N ASP XA 267 -130.59 -14.99 -38.06
CA ASP XA 267 -129.35 -14.30 -38.36
C ASP XA 267 -128.34 -14.69 -37.29
N GLU XA 268 -127.06 -14.44 -37.57
CA GLU XA 268 -126.01 -14.68 -36.60
C GLU XA 268 -125.36 -13.34 -36.24
N LEU XA 269 -125.27 -13.07 -34.94
CA LEU XA 269 -124.75 -11.79 -34.46
C LEU XA 269 -123.29 -11.99 -34.09
N LYS XA 270 -122.40 -11.44 -34.91
CA LYS XA 270 -120.96 -11.52 -34.70
C LYS XA 270 -120.42 -10.11 -34.59
N GLN XA 271 -119.77 -9.81 -33.47
CA GLN XA 271 -119.28 -8.46 -33.22
C GLN XA 271 -118.14 -8.10 -34.16
N GLU XA 272 -118.26 -6.93 -34.78
CA GLU XA 272 -117.24 -6.39 -35.68
C GLU XA 272 -116.25 -5.52 -34.91
N VAL XA 273 -116.08 -5.78 -33.61
CA VAL XA 273 -115.13 -5.04 -32.79
C VAL XA 273 -113.91 -5.92 -32.55
N ILE XA 274 -113.71 -6.91 -33.42
CA ILE XA 274 -112.58 -7.82 -33.32
C ILE XA 274 -111.27 -7.09 -33.63
N SER XA 275 -110.54 -6.75 -32.57
CA SER XA 275 -109.25 -6.10 -32.67
C SER XA 275 -108.15 -6.85 -31.95
N THR XA 276 -108.47 -7.60 -30.90
CA THR XA 276 -107.51 -8.45 -30.22
C THR XA 276 -107.50 -9.83 -30.87
N SER XA 277 -107.05 -9.83 -32.13
CA SER XA 277 -107.01 -11.05 -32.92
C SER XA 277 -105.63 -11.67 -32.98
N SER XA 278 -104.59 -10.94 -32.60
CA SER XA 278 -103.23 -11.47 -32.62
C SER XA 278 -103.02 -12.30 -31.35
N LYS XA 279 -103.14 -13.62 -31.49
CA LYS XA 279 -102.90 -14.59 -30.42
C LYS XA 279 -103.77 -14.33 -29.19
N ALA XA 280 -105.04 -14.02 -29.44
CA ALA XA 280 -105.98 -13.72 -28.36
C ALA XA 280 -107.36 -14.20 -28.77
N GLU XA 281 -108.36 -13.89 -27.96
CA GLU XA 281 -109.71 -14.38 -28.17
C GLU XA 281 -110.72 -13.29 -27.85
N PRO XA 282 -111.75 -13.12 -28.67
CA PRO XA 282 -112.72 -12.03 -28.44
C PRO XA 282 -113.56 -12.30 -27.21
N PRO XA 283 -114.23 -11.28 -26.66
CA PRO XA 283 -115.10 -11.51 -25.50
C PRO XA 283 -116.28 -12.40 -25.85
N GLN XA 284 -116.74 -13.17 -24.86
CA GLN XA 284 -117.89 -14.04 -25.02
C GLN XA 284 -119.06 -13.49 -24.22
N CYS XA 285 -120.27 -13.64 -24.75
CA CYS XA 285 -121.44 -13.24 -23.99
C CYS XA 285 -121.73 -14.28 -22.91
N THR XA 286 -122.32 -13.82 -21.82
CA THR XA 286 -122.78 -14.68 -20.74
C THR XA 286 -124.27 -14.55 -20.49
N SER XA 287 -124.83 -13.37 -20.71
CA SER XA 287 -126.26 -13.15 -20.57
C SER XA 287 -126.71 -12.14 -21.61
N LEU XA 288 -127.86 -12.41 -22.23
CA LEU XA 288 -128.51 -11.46 -23.12
C LEU XA 288 -130.00 -11.71 -23.05
N ALA XA 289 -130.79 -10.74 -23.51
CA ALA XA 289 -132.23 -10.88 -23.36
C ALA XA 289 -132.96 -10.06 -24.42
N TRP XA 290 -134.17 -10.49 -24.72
CA TRP XA 290 -135.15 -9.66 -25.41
C TRP XA 290 -135.76 -8.66 -24.42
N SER XA 291 -136.54 -7.74 -24.95
CA SER XA 291 -137.15 -6.72 -24.11
C SER XA 291 -138.50 -7.21 -23.56
N ALA XA 292 -139.28 -6.26 -23.03
CA ALA XA 292 -140.64 -6.57 -22.60
C ALA XA 292 -141.50 -7.00 -23.77
N ASP XA 293 -141.24 -6.47 -24.96
CA ASP XA 293 -142.02 -6.78 -26.15
C ASP XA 293 -141.23 -7.51 -27.23
N GLY XA 294 -139.96 -7.83 -26.99
CA GLY XA 294 -139.20 -8.67 -27.90
C GLY XA 294 -138.79 -8.05 -29.21
N GLN XA 295 -138.29 -6.82 -29.17
CA GLN XA 295 -137.78 -6.15 -30.37
C GLN XA 295 -136.40 -5.53 -30.17
N THR XA 296 -135.97 -5.29 -28.95
CA THR XA 296 -134.66 -4.72 -28.66
C THR XA 296 -133.88 -5.73 -27.83
N LEU XA 297 -132.67 -6.06 -28.28
CA LEU XA 297 -131.89 -7.15 -27.71
C LEU XA 297 -130.58 -6.60 -27.14
N PHE XA 298 -130.48 -6.60 -25.82
CA PHE XA 298 -129.27 -6.20 -25.13
C PHE XA 298 -128.40 -7.43 -24.91
N ALA XA 299 -127.12 -7.33 -25.27
CA ALA XA 299 -126.18 -8.44 -25.16
C ALA XA 299 -124.98 -8.01 -24.33
N GLY XA 300 -124.70 -8.76 -23.27
CA GLY XA 300 -123.62 -8.44 -22.36
C GLY XA 300 -122.45 -9.38 -22.52
N TYR XA 301 -121.25 -8.82 -22.62
CA TYR XA 301 -120.04 -9.58 -22.90
C TYR XA 301 -119.07 -9.42 -21.75
N THR XA 302 -117.88 -10.01 -21.90
CA THR XA 302 -116.86 -9.91 -20.87
C THR XA 302 -115.82 -8.82 -21.14
N ASP XA 303 -116.16 -7.80 -21.93
CA ASP XA 303 -115.44 -6.54 -21.90
C ASP XA 303 -116.11 -5.53 -20.98
N ASN XA 304 -116.87 -6.01 -19.99
CA ASN XA 304 -117.63 -5.19 -19.06
C ASN XA 304 -118.60 -4.27 -19.80
N LEU XA 305 -119.06 -4.70 -20.97
CA LEU XA 305 -119.69 -3.80 -21.92
C LEU XA 305 -121.01 -4.41 -22.38
N VAL XA 306 -121.98 -3.53 -22.65
CA VAL XA 306 -123.31 -3.93 -23.08
C VAL XA 306 -123.64 -3.11 -24.32
N ARG XA 307 -123.63 -3.74 -25.49
CA ARG XA 307 -124.16 -3.13 -26.69
C ARG XA 307 -125.62 -3.50 -26.88
N VAL XA 308 -126.31 -2.72 -27.71
CA VAL XA 308 -127.75 -2.87 -27.90
C VAL XA 308 -128.03 -3.20 -29.37
N TRP XA 309 -129.03 -4.07 -29.57
CA TRP XA 309 -129.44 -4.52 -30.89
C TRP XA 309 -130.96 -4.39 -31.00
N GLN XA 310 -131.45 -4.05 -32.20
CA GLN XA 310 -132.88 -3.95 -32.45
C GLN XA 310 -133.25 -4.68 -33.73
N VAL XA 311 -134.52 -5.08 -33.79
CA VAL XA 311 -135.11 -5.71 -34.98
C VAL XA 311 -135.63 -4.61 -35.88
N THR XA 312 -135.23 -4.64 -37.16
CA THR XA 312 -135.72 -3.64 -38.10
C THR XA 312 -137.09 -4.04 -38.68
N ILE XA 313 -137.14 -5.16 -39.39
CA ILE XA 313 -138.38 -5.62 -40.03
C ILE XA 313 -139.13 -6.55 -39.08
N SER YA 1 -85.65 -69.93 -44.83
CA SER YA 1 -84.88 -68.98 -45.59
C SER YA 1 -83.88 -69.68 -46.49
N GLY YA 2 -83.57 -70.93 -46.15
CA GLY YA 2 -82.58 -71.70 -46.90
C GLY YA 2 -83.10 -72.18 -48.24
N ALA YA 3 -83.32 -71.22 -49.16
CA ALA YA 3 -83.80 -71.49 -50.53
C ALA YA 3 -85.14 -72.21 -50.54
N LEU YA 4 -85.94 -72.05 -49.49
CA LEU YA 4 -87.22 -72.71 -49.36
C LEU YA 4 -88.23 -71.93 -50.20
N ASP YA 5 -88.87 -72.64 -51.15
CA ASP YA 5 -89.66 -71.99 -52.19
C ASP YA 5 -90.83 -71.20 -51.63
N VAL YA 6 -91.45 -71.70 -50.56
CA VAL YA 6 -92.57 -70.99 -49.96
C VAL YA 6 -92.08 -69.76 -49.19
N LEU YA 7 -90.79 -69.70 -48.87
CA LEU YA 7 -90.19 -68.54 -48.20
C LEU YA 7 -89.28 -67.74 -49.12
N GLN YA 8 -89.43 -67.88 -50.43
CA GLN YA 8 -88.57 -67.12 -51.33
C GLN YA 8 -89.19 -65.75 -51.60
N MET YA 9 -88.64 -65.06 -52.58
CA MET YA 9 -89.12 -63.72 -52.91
C MET YA 9 -90.45 -63.81 -53.65
N LYS YA 10 -91.44 -63.08 -53.16
CA LYS YA 10 -92.65 -62.87 -53.94
C LYS YA 10 -92.53 -61.54 -54.68
N GLU YA 11 -93.15 -61.49 -55.87
CA GLU YA 11 -92.96 -60.37 -56.79
C GLU YA 11 -93.51 -59.06 -56.24
N GLU YA 12 -94.51 -59.12 -55.37
CA GLU YA 12 -95.05 -57.93 -54.73
C GLU YA 12 -94.00 -57.24 -53.86
N ASP YA 13 -93.02 -57.98 -53.33
CA ASP YA 13 -92.05 -57.40 -52.41
C ASP YA 13 -90.90 -56.71 -53.12
N VAL YA 14 -90.55 -57.15 -54.34
CA VAL YA 14 -89.49 -56.49 -55.08
C VAL YA 14 -89.93 -55.11 -55.54
N LEU YA 15 -91.18 -55.01 -56.01
CA LEU YA 15 -91.71 -53.73 -56.47
C LEU YA 15 -91.82 -52.73 -55.32
N LYS YA 16 -92.20 -53.19 -54.13
CA LYS YA 16 -92.30 -52.29 -52.99
C LYS YA 16 -90.93 -51.86 -52.50
N PHE YA 17 -89.95 -52.77 -52.54
CA PHE YA 17 -88.58 -52.43 -52.16
C PHE YA 17 -88.01 -51.32 -53.05
N LEU YA 18 -88.40 -51.28 -54.32
CA LEU YA 18 -87.86 -50.30 -55.25
C LEU YA 18 -88.68 -49.01 -55.23
N ALA YA 19 -90.00 -49.14 -55.08
CA ALA YA 19 -90.88 -47.97 -55.09
C ALA YA 19 -90.61 -47.05 -53.91
N ALA YA 20 -90.25 -47.60 -52.75
CA ALA YA 20 -89.75 -46.79 -51.65
C ALA YA 20 -88.25 -46.57 -51.73
N GLY YA 21 -87.53 -47.38 -52.49
CA GLY YA 21 -86.11 -47.22 -52.63
C GLY YA 21 -85.30 -47.66 -51.43
N THR YA 22 -85.52 -48.89 -50.95
CA THR YA 22 -84.72 -49.38 -49.84
C THR YA 22 -83.38 -49.94 -50.29
N HIS YA 23 -83.24 -50.25 -51.59
CA HIS YA 23 -81.95 -50.66 -52.11
C HIS YA 23 -80.96 -49.52 -52.16
N LEU YA 24 -81.45 -48.28 -52.12
CA LEU YA 24 -80.58 -47.12 -51.99
C LEU YA 24 -79.87 -47.15 -50.64
N GLY YA 25 -78.54 -47.18 -50.68
CA GLY YA 25 -77.74 -47.22 -49.48
C GLY YA 25 -77.38 -45.84 -48.97
N GLY YA 26 -76.57 -45.82 -47.91
CA GLY YA 26 -76.06 -44.58 -47.36
C GLY YA 26 -74.87 -44.07 -48.14
N THR YA 27 -74.45 -42.85 -47.82
CA THR YA 27 -73.42 -42.19 -48.62
C THR YA 27 -72.04 -42.82 -48.40
N ASN YA 28 -71.75 -43.25 -47.17
CA ASN YA 28 -70.45 -43.84 -46.90
C ASN YA 28 -70.56 -45.35 -46.77
N LEU YA 29 -69.42 -46.00 -46.50
CA LEU YA 29 -69.37 -47.44 -46.41
C LEU YA 29 -68.67 -47.83 -45.11
N ASP YA 30 -69.34 -48.66 -44.31
CA ASP YA 30 -68.75 -49.15 -43.08
C ASP YA 30 -67.84 -50.32 -43.41
N PHE YA 31 -66.80 -50.54 -42.60
CA PHE YA 31 -65.86 -51.62 -42.88
C PHE YA 31 -66.44 -53.01 -42.68
N GLN YA 32 -67.70 -53.11 -42.24
CA GLN YA 32 -68.36 -54.40 -42.11
C GLN YA 32 -69.32 -54.68 -43.26
N MET YA 33 -69.65 -53.69 -44.08
CA MET YA 33 -70.71 -53.79 -45.08
C MET YA 33 -70.20 -54.28 -46.44
N GLU YA 34 -69.10 -55.02 -46.49
CA GLU YA 34 -68.58 -55.48 -47.78
C GLU YA 34 -69.30 -56.71 -48.29
N GLN YA 35 -70.07 -57.39 -47.44
CA GLN YA 35 -70.73 -58.62 -47.81
C GLN YA 35 -72.22 -58.44 -48.02
N TYR YA 36 -72.78 -57.29 -47.66
CA TYR YA 36 -74.20 -57.01 -47.82
C TYR YA 36 -74.45 -55.90 -48.84
N ILE YA 37 -73.48 -55.62 -49.71
CA ILE YA 37 -73.55 -54.54 -50.68
C ILE YA 37 -73.20 -55.09 -52.05
N TYR YA 38 -74.03 -54.75 -53.04
CA TYR YA 38 -73.75 -55.17 -54.40
C TYR YA 38 -72.64 -54.35 -55.06
N LYS YA 39 -72.84 -53.04 -55.23
CA LYS YA 39 -71.93 -52.25 -56.04
C LYS YA 39 -72.20 -50.77 -55.81
N ARG YA 40 -71.17 -49.94 -55.99
CA ARG YA 40 -71.33 -48.48 -55.88
C ARG YA 40 -71.39 -47.87 -57.27
N LYS YA 41 -72.47 -47.15 -57.55
CA LYS YA 41 -72.68 -46.52 -58.85
C LYS YA 41 -71.90 -45.21 -58.93
N SER YA 42 -72.03 -44.52 -60.06
CA SER YA 42 -71.58 -43.14 -60.18
C SER YA 42 -72.53 -42.28 -59.37
N ASP YA 43 -72.03 -41.14 -58.88
CA ASP YA 43 -72.55 -40.24 -57.82
C ASP YA 43 -72.43 -40.90 -56.45
N GLY YA 44 -71.80 -42.07 -56.37
CA GLY YA 44 -71.29 -42.61 -55.12
C GLY YA 44 -72.32 -43.06 -54.11
N ILE YA 45 -73.25 -43.90 -54.55
CA ILE YA 45 -74.24 -44.46 -53.65
C ILE YA 45 -74.26 -45.97 -53.86
N TYR YA 46 -74.07 -46.73 -52.78
CA TYR YA 46 -73.98 -48.17 -52.88
C TYR YA 46 -75.35 -48.78 -53.16
N ILE YA 47 -75.32 -50.04 -53.57
CA ILE YA 47 -76.52 -50.79 -53.91
C ILE YA 47 -76.63 -51.94 -52.93
N ILE YA 48 -77.59 -51.85 -52.01
CA ILE YA 48 -77.82 -52.94 -51.08
C ILE YA 48 -78.50 -54.08 -51.82
N ASN YA 49 -77.99 -55.29 -51.64
CA ASN YA 49 -78.55 -56.47 -52.30
C ASN YA 49 -79.85 -56.86 -51.62
N LEU YA 50 -80.96 -56.69 -52.33
CA LEU YA 50 -82.28 -56.96 -51.75
C LEU YA 50 -82.50 -58.45 -51.55
N LYS YA 51 -81.94 -59.29 -52.43
CA LYS YA 51 -82.00 -60.74 -52.22
C LYS YA 51 -81.21 -61.13 -50.98
N ARG YA 52 -80.02 -60.56 -50.81
CA ARG YA 52 -79.28 -60.77 -49.59
C ARG YA 52 -79.89 -60.04 -48.40
N THR YA 53 -80.77 -59.08 -48.65
CA THR YA 53 -81.56 -58.48 -47.57
C THR YA 53 -82.70 -59.39 -47.14
N TRP YA 54 -83.43 -59.95 -48.11
CA TRP YA 54 -84.52 -60.88 -47.80
C TRP YA 54 -84.01 -62.13 -47.08
N GLU YA 55 -82.76 -62.51 -47.32
CA GLU YA 55 -82.20 -63.64 -46.60
C GLU YA 55 -81.93 -63.26 -45.14
N LYS YA 56 -81.59 -62.00 -44.89
CA LYS YA 56 -81.39 -61.56 -43.51
C LYS YA 56 -82.70 -61.37 -42.77
N LEU YA 57 -83.77 -61.03 -43.49
CA LEU YA 57 -85.06 -60.74 -42.84
C LEU YA 57 -85.64 -61.97 -42.18
N LEU YA 58 -85.57 -63.12 -42.85
CA LEU YA 58 -86.17 -64.33 -42.31
C LEU YA 58 -85.31 -64.92 -41.20
N LEU YA 59 -84.04 -64.50 -41.11
CA LEU YA 59 -83.23 -64.86 -39.97
C LEU YA 59 -83.78 -64.25 -38.69
N ALA YA 60 -84.13 -62.97 -38.72
CA ALA YA 60 -84.78 -62.34 -37.58
C ALA YA 60 -86.15 -62.92 -37.34
N ALA YA 61 -86.85 -63.34 -38.41
CA ALA YA 61 -88.19 -63.89 -38.26
C ALA YA 61 -88.20 -65.19 -37.48
N ARG YA 62 -87.08 -65.90 -37.44
CA ARG YA 62 -86.97 -67.07 -36.57
C ARG YA 62 -87.14 -66.69 -35.11
N ALA YA 63 -86.51 -65.58 -34.70
CA ALA YA 63 -86.28 -65.30 -33.28
C ALA YA 63 -87.58 -64.98 -32.55
N ILE YA 64 -88.43 -64.14 -33.14
CA ILE YA 64 -89.70 -63.80 -32.50
C ILE YA 64 -90.60 -65.04 -32.42
N VAL YA 65 -90.54 -65.90 -33.43
CA VAL YA 65 -91.23 -67.18 -33.32
C VAL YA 65 -90.50 -68.08 -32.33
N ALA YA 66 -89.18 -67.92 -32.20
CA ALA YA 66 -88.43 -68.71 -31.24
C ALA YA 66 -88.75 -68.27 -29.81
N ILE YA 67 -88.95 -66.98 -29.60
CA ILE YA 67 -89.39 -66.47 -28.31
C ILE YA 67 -90.84 -66.88 -28.12
N GLU YA 68 -91.08 -67.80 -27.18
CA GLU YA 68 -92.40 -68.39 -27.02
C GLU YA 68 -93.39 -67.38 -26.45
N ASN YA 69 -93.04 -66.75 -25.33
CA ASN YA 69 -93.87 -65.69 -24.76
C ASN YA 69 -93.73 -64.45 -25.64
N PRO YA 70 -94.76 -64.07 -26.41
CA PRO YA 70 -94.57 -63.01 -27.42
C PRO YA 70 -94.44 -61.61 -26.83
N ALA YA 71 -94.68 -61.44 -25.54
CA ALA YA 71 -94.60 -60.12 -24.93
C ALA YA 71 -93.17 -59.61 -24.91
N ASP YA 72 -92.28 -60.34 -24.24
CA ASP YA 72 -90.93 -59.85 -23.95
C ASP YA 72 -90.04 -59.95 -25.18
N VAL YA 73 -90.39 -59.14 -26.18
CA VAL YA 73 -89.53 -58.87 -27.33
C VAL YA 73 -89.53 -57.36 -27.53
N SER YA 74 -88.46 -56.69 -27.12
CA SER YA 74 -88.44 -55.23 -27.18
C SER YA 74 -88.12 -54.76 -28.59
N VAL YA 75 -89.03 -53.95 -29.14
CA VAL YA 75 -88.88 -53.35 -30.46
C VAL YA 75 -88.85 -51.85 -30.26
N ILE YA 76 -87.69 -51.24 -30.41
CA ILE YA 76 -87.46 -49.86 -29.98
C ILE YA 76 -87.15 -48.95 -31.17
N SER YA 77 -87.76 -47.76 -31.14
CA SER YA 77 -87.46 -46.70 -32.10
C SER YA 77 -87.22 -45.42 -31.30
N SER YA 78 -86.07 -44.78 -31.54
CA SER YA 78 -85.79 -43.49 -30.94
C SER YA 78 -86.07 -42.34 -31.91
N ARG YA 79 -85.63 -42.48 -33.15
CA ARG YA 79 -85.80 -41.40 -34.12
C ARG YA 79 -87.26 -41.20 -34.50
N ASN YA 80 -87.55 -40.00 -35.02
CA ASN YA 80 -88.90 -39.60 -35.41
C ASN YA 80 -89.36 -40.27 -36.70
N THR YA 81 -88.58 -41.21 -37.21
CA THR YA 81 -88.90 -41.89 -38.45
C THR YA 81 -89.66 -43.19 -38.24
N GLY YA 82 -89.39 -43.91 -37.15
CA GLY YA 82 -90.04 -45.17 -36.88
C GLY YA 82 -90.95 -45.24 -35.67
N GLN YA 83 -91.40 -44.10 -35.14
CA GLN YA 83 -92.21 -44.12 -33.92
C GLN YA 83 -93.58 -44.73 -34.17
N ARG YA 84 -94.26 -44.31 -35.24
CA ARG YA 84 -95.61 -44.78 -35.51
C ARG YA 84 -95.66 -46.26 -35.84
N ALA YA 85 -94.63 -46.80 -36.49
CA ALA YA 85 -94.62 -48.20 -36.91
C ALA YA 85 -94.64 -49.15 -35.72
N VAL YA 86 -93.75 -48.92 -34.75
CA VAL YA 86 -93.64 -49.83 -33.62
C VAL YA 86 -94.81 -49.71 -32.66
N LEU YA 87 -95.59 -48.63 -32.73
CA LEU YA 87 -96.80 -48.54 -31.91
C LEU YA 87 -97.84 -49.54 -32.42
N LYS YA 88 -97.82 -49.83 -33.72
CA LYS YA 88 -98.72 -50.84 -34.25
C LYS YA 88 -98.00 -52.14 -34.61
N PHE YA 89 -96.67 -52.15 -34.65
CA PHE YA 89 -95.96 -53.41 -34.81
C PHE YA 89 -96.19 -54.31 -33.61
N ALA YA 90 -95.89 -53.83 -32.41
CA ALA YA 90 -96.11 -54.60 -31.21
C ALA YA 90 -97.58 -54.74 -30.86
N ALA YA 91 -98.45 -53.91 -31.46
CA ALA YA 91 -99.89 -54.11 -31.34
C ALA YA 91 -100.42 -55.15 -32.31
N ALA YA 92 -99.58 -55.67 -33.20
CA ALA YA 92 -100.00 -56.74 -34.10
C ALA YA 92 -99.49 -58.09 -33.64
N THR YA 93 -98.27 -58.17 -33.13
CA THR YA 93 -97.70 -59.43 -32.65
C THR YA 93 -97.99 -59.62 -31.17
N GLY YA 94 -97.83 -58.58 -30.37
CA GLY YA 94 -98.03 -58.71 -28.93
C GLY YA 94 -96.78 -58.33 -28.17
N ALA YA 95 -95.82 -57.74 -28.87
CA ALA YA 95 -94.54 -57.41 -28.28
C ALA YA 95 -94.65 -56.18 -27.39
N THR YA 96 -93.49 -55.71 -26.92
CA THR YA 96 -93.44 -54.53 -26.07
C THR YA 96 -92.85 -53.37 -26.87
N PRO YA 97 -93.59 -52.30 -27.10
CA PRO YA 97 -93.05 -51.18 -27.88
C PRO YA 97 -92.42 -50.10 -27.00
N ILE YA 98 -91.31 -49.54 -27.46
CA ILE YA 98 -90.69 -48.38 -26.82
C ILE YA 98 -90.48 -47.36 -27.93
N ALA YA 99 -91.13 -46.21 -27.81
CA ALA YA 99 -91.08 -45.17 -28.83
C ALA YA 99 -90.45 -43.91 -28.25
N GLY YA 100 -89.18 -43.68 -28.58
CA GLY YA 100 -88.52 -42.45 -28.19
C GLY YA 100 -88.10 -42.37 -26.74
N ARG YA 101 -86.97 -41.70 -26.49
CA ARG YA 101 -86.39 -41.48 -25.15
C ARG YA 101 -86.21 -42.77 -24.38
N PHE YA 102 -85.28 -43.61 -24.81
CA PHE YA 102 -84.90 -44.80 -24.06
C PHE YA 102 -84.22 -44.35 -22.78
N THR YA 103 -84.90 -44.50 -21.67
CA THR YA 103 -84.37 -44.15 -20.37
C THR YA 103 -83.18 -45.05 -20.03
N PRO YA 104 -81.98 -44.49 -19.81
CA PRO YA 104 -80.83 -45.33 -19.45
C PRO YA 104 -81.00 -45.97 -18.08
N GLY YA 105 -80.93 -47.30 -18.04
CA GLY YA 105 -81.03 -48.00 -16.78
C GLY YA 105 -82.27 -48.86 -16.66
N THR YA 106 -83.07 -48.88 -17.72
CA THR YA 106 -84.27 -49.70 -17.74
C THR YA 106 -83.98 -51.18 -17.91
N PHE YA 107 -82.78 -51.56 -18.33
CA PHE YA 107 -82.38 -52.96 -18.36
C PHE YA 107 -81.41 -53.30 -17.23
N THR YA 108 -81.21 -52.39 -16.28
CA THR YA 108 -80.33 -52.64 -15.14
C THR YA 108 -80.98 -52.41 -13.78
N ASN YA 109 -81.85 -51.42 -13.62
CA ASN YA 109 -82.37 -51.04 -12.31
C ASN YA 109 -83.66 -51.82 -12.05
N GLN YA 110 -83.89 -52.18 -10.79
CA GLN YA 110 -85.09 -52.94 -10.45
C GLN YA 110 -86.16 -52.06 -9.83
N ILE YA 111 -85.75 -51.01 -9.12
CA ILE YA 111 -86.68 -50.11 -8.43
C ILE YA 111 -87.64 -49.45 -9.40
N GLN YA 112 -87.14 -49.05 -10.57
CA GLN YA 112 -88.00 -48.49 -11.61
C GLN YA 112 -89.03 -49.53 -12.06
N THR YA 113 -90.24 -49.07 -12.32
CA THR YA 113 -91.25 -49.90 -12.96
C THR YA 113 -91.06 -49.95 -14.47
N ALA YA 114 -90.11 -49.19 -15.01
CA ALA YA 114 -89.74 -49.26 -16.41
C ALA YA 114 -88.80 -50.42 -16.70
N PHE YA 115 -88.41 -51.18 -15.67
CA PHE YA 115 -87.54 -52.33 -15.83
C PHE YA 115 -88.16 -53.42 -16.68
N ARG YA 116 -87.64 -53.62 -17.88
CA ARG YA 116 -88.01 -54.76 -18.70
C ARG YA 116 -86.95 -55.84 -18.54
N GLU YA 117 -87.38 -57.09 -18.66
CA GLU YA 117 -86.49 -58.25 -18.66
C GLU YA 117 -86.64 -58.93 -20.02
N PRO YA 118 -86.10 -58.32 -21.06
CA PRO YA 118 -86.41 -58.79 -22.41
C PRO YA 118 -85.59 -60.00 -22.83
N ARG YA 119 -85.93 -60.57 -23.98
CA ARG YA 119 -85.20 -61.70 -24.53
C ARG YA 119 -84.73 -61.46 -25.95
N LEU YA 120 -85.13 -60.35 -26.57
CA LEU YA 120 -84.69 -59.96 -27.89
C LEU YA 120 -84.90 -58.47 -28.04
N LEU YA 121 -83.85 -57.77 -28.44
CA LEU YA 121 -83.88 -56.32 -28.58
C LEU YA 121 -83.91 -55.99 -30.07
N VAL YA 122 -84.96 -55.35 -30.52
CA VAL YA 122 -85.18 -55.08 -31.94
C VAL YA 122 -85.00 -53.59 -32.16
N VAL YA 123 -83.93 -53.22 -32.87
CA VAL YA 123 -83.46 -51.84 -32.94
C VAL YA 123 -83.68 -51.30 -34.33
N THR YA 124 -84.09 -50.03 -34.42
CA THR YA 124 -84.25 -49.36 -35.72
C THR YA 124 -82.92 -48.85 -36.26
N ASP YA 125 -82.32 -47.87 -35.59
CA ASP YA 125 -81.15 -47.18 -36.10
C ASP YA 125 -80.04 -47.33 -35.07
N PRO YA 126 -78.88 -47.89 -35.44
CA PRO YA 126 -77.82 -48.14 -34.47
C PRO YA 126 -77.20 -46.88 -33.90
N ARG YA 127 -77.13 -45.84 -34.71
CA ARG YA 127 -76.53 -44.59 -34.25
C ARG YA 127 -77.38 -43.93 -33.17
N ALA YA 128 -78.66 -43.68 -33.45
CA ALA YA 128 -79.50 -42.99 -32.49
C ALA YA 128 -79.85 -43.89 -31.31
N ASP YA 129 -80.13 -45.15 -31.60
CA ASP YA 129 -80.21 -46.13 -30.51
C ASP YA 129 -78.86 -46.79 -30.29
N HIS YA 130 -77.84 -45.97 -30.04
CA HIS YA 130 -76.60 -46.44 -29.45
C HIS YA 130 -76.81 -46.92 -28.03
N GLN YA 131 -77.82 -46.37 -27.34
CA GLN YA 131 -78.00 -46.64 -25.92
C GLN YA 131 -78.41 -48.08 -25.63
N PRO YA 132 -79.51 -48.66 -26.21
CA PRO YA 132 -79.95 -49.98 -25.74
C PRO YA 132 -78.98 -51.09 -26.09
N LEU YA 133 -78.16 -50.87 -27.12
CA LEU YA 133 -77.09 -51.80 -27.43
C LEU YA 133 -76.05 -51.84 -26.32
N THR YA 134 -75.80 -50.71 -25.65
CA THR YA 134 -74.95 -50.75 -24.47
C THR YA 134 -75.65 -51.47 -23.33
N GLU YA 135 -76.93 -51.18 -23.10
CA GLU YA 135 -77.72 -52.00 -22.19
C GLU YA 135 -77.93 -53.42 -22.68
N ALA YA 136 -77.59 -53.74 -23.92
CA ALA YA 136 -77.58 -55.13 -24.36
C ALA YA 136 -76.32 -55.88 -23.93
N SER YA 137 -75.50 -55.28 -23.07
CA SER YA 137 -74.25 -55.89 -22.66
C SER YA 137 -74.24 -56.26 -21.18
N TYR YA 138 -75.08 -55.63 -20.37
CA TYR YA 138 -75.07 -55.85 -18.93
C TYR YA 138 -76.00 -56.99 -18.53
N VAL YA 139 -76.91 -57.38 -19.41
CA VAL YA 139 -77.67 -58.62 -19.30
C VAL YA 139 -77.56 -59.33 -20.64
N ASN YA 140 -77.46 -60.65 -20.61
CA ASN YA 140 -77.19 -61.42 -21.82
C ASN YA 140 -78.37 -61.33 -22.79
N LEU YA 141 -78.18 -60.59 -23.88
CA LEU YA 141 -79.30 -60.20 -24.71
C LEU YA 141 -78.95 -60.15 -26.20
N PRO YA 142 -79.58 -61.00 -27.02
CA PRO YA 142 -79.38 -60.90 -28.47
C PRO YA 142 -80.07 -59.68 -29.03
N THR YA 143 -79.58 -59.20 -30.18
CA THR YA 143 -80.06 -57.97 -30.78
C THR YA 143 -80.25 -58.14 -32.29
N ILE YA 144 -81.29 -57.51 -32.80
CA ILE YA 144 -81.56 -57.42 -34.23
C ILE YA 144 -81.77 -55.95 -34.59
N ALA YA 145 -81.15 -55.51 -35.68
CA ALA YA 145 -81.10 -54.09 -35.97
C ALA YA 145 -81.21 -53.84 -37.47
N LEU YA 146 -81.88 -52.75 -37.83
CA LEU YA 146 -82.00 -52.34 -39.23
C LEU YA 146 -80.80 -51.46 -39.58
N CYS YA 147 -79.69 -52.12 -39.91
CA CYS YA 147 -78.47 -51.40 -40.19
C CYS YA 147 -78.48 -50.83 -41.61
N ASN YA 148 -77.43 -50.08 -41.93
CA ASN YA 148 -77.28 -49.45 -43.24
C ASN YA 148 -75.81 -49.53 -43.62
N THR YA 149 -75.49 -49.00 -44.81
CA THR YA 149 -74.10 -48.93 -45.24
C THR YA 149 -73.32 -47.89 -44.44
N ASP YA 150 -74.03 -46.96 -43.82
CA ASP YA 150 -73.47 -45.95 -42.94
C ASP YA 150 -73.29 -46.43 -41.51
N SER YA 151 -74.25 -47.20 -40.99
CA SER YA 151 -74.32 -47.57 -39.59
C SER YA 151 -73.16 -48.46 -39.19
N PRO YA 152 -72.42 -48.13 -38.13
CA PRO YA 152 -71.37 -49.03 -37.65
C PRO YA 152 -71.97 -50.22 -36.91
N LEU YA 153 -71.13 -51.19 -36.57
CA LEU YA 153 -71.58 -52.41 -35.91
C LEU YA 153 -70.86 -52.53 -34.58
N ARG YA 154 -71.59 -52.36 -33.49
CA ARG YA 154 -71.11 -52.63 -32.15
C ARG YA 154 -72.23 -53.31 -31.38
N TYR YA 155 -71.92 -54.48 -30.80
CA TYR YA 155 -72.83 -55.25 -29.96
C TYR YA 155 -74.12 -55.65 -30.69
N VAL YA 156 -74.07 -55.69 -32.02
CA VAL YA 156 -75.23 -56.04 -32.83
C VAL YA 156 -75.04 -57.49 -33.28
N ASP YA 157 -76.03 -58.32 -32.98
CA ASP YA 157 -75.84 -59.76 -33.09
C ASP YA 157 -76.28 -60.30 -34.44
N ILE YA 158 -77.21 -59.62 -35.10
CA ILE YA 158 -77.66 -59.98 -36.45
C ILE YA 158 -78.19 -58.72 -37.11
N ALA YA 159 -77.79 -58.49 -38.36
CA ALA YA 159 -78.02 -57.22 -39.02
C ALA YA 159 -79.06 -57.34 -40.11
N ILE YA 160 -79.64 -56.18 -40.47
CA ILE YA 160 -80.56 -56.04 -41.61
C ILE YA 160 -80.11 -54.86 -42.45
N PRO YA 161 -79.52 -55.08 -43.61
CA PRO YA 161 -79.09 -53.95 -44.45
C PRO YA 161 -80.23 -53.36 -45.27
N CYS YA 162 -80.68 -52.17 -44.90
CA CYS YA 162 -81.74 -51.46 -45.62
C CYS YA 162 -81.45 -49.97 -45.61
N ASN YA 163 -82.40 -49.21 -46.10
CA ASN YA 163 -82.32 -47.76 -46.12
C ASN YA 163 -83.12 -47.24 -44.92
N ASN YA 164 -82.45 -46.53 -44.02
CA ASN YA 164 -83.10 -46.06 -42.80
C ASN YA 164 -83.02 -44.53 -42.65
N LYS YA 165 -83.09 -43.80 -43.75
CA LYS YA 165 -83.22 -42.34 -43.70
C LYS YA 165 -84.60 -41.87 -44.13
N GLY YA 166 -85.18 -42.47 -45.16
CA GLY YA 166 -86.51 -42.09 -45.60
C GLY YA 166 -87.58 -42.68 -44.70
N ALA YA 167 -88.73 -42.03 -44.64
CA ALA YA 167 -89.86 -42.59 -43.91
C ALA YA 167 -90.45 -43.79 -44.63
N HIS YA 168 -90.38 -43.81 -45.97
CA HIS YA 168 -91.03 -44.86 -46.73
C HIS YA 168 -90.28 -46.18 -46.68
N SER YA 169 -89.01 -46.17 -46.29
CA SER YA 169 -88.21 -47.38 -46.34
C SER YA 169 -88.02 -48.03 -44.97
N VAL YA 170 -88.30 -47.33 -43.88
CA VAL YA 170 -88.12 -47.91 -42.56
C VAL YA 170 -89.29 -48.83 -42.23
N GLY YA 171 -90.50 -48.30 -42.19
CA GLY YA 171 -91.68 -49.04 -41.83
C GLY YA 171 -92.04 -50.12 -42.83
N LEU YA 172 -91.61 -49.92 -44.08
CA LEU YA 172 -91.78 -50.94 -45.09
C LEU YA 172 -91.03 -52.21 -44.72
N MET YA 173 -89.85 -52.06 -44.13
CA MET YA 173 -89.16 -53.21 -43.58
C MET YA 173 -89.85 -53.72 -42.33
N TRP YA 174 -90.44 -52.82 -41.54
CA TRP YA 174 -91.26 -53.27 -40.44
C TRP YA 174 -92.55 -53.90 -40.90
N TRP YA 175 -93.07 -53.49 -42.05
CA TRP YA 175 -94.20 -54.18 -42.64
C TRP YA 175 -93.81 -55.53 -43.20
N MET YA 176 -92.53 -55.76 -43.49
CA MET YA 176 -92.09 -57.11 -43.80
C MET YA 176 -92.04 -57.95 -42.53
N LEU YA 177 -91.48 -57.39 -41.46
CA LEU YA 177 -91.36 -58.12 -40.20
C LEU YA 177 -92.70 -58.33 -39.54
N ALA YA 178 -93.65 -57.41 -39.76
CA ALA YA 178 -94.98 -57.59 -39.20
C ALA YA 178 -95.72 -58.75 -39.86
N ARG YA 179 -95.26 -59.20 -41.03
CA ARG YA 179 -95.88 -60.35 -41.68
C ARG YA 179 -95.16 -61.66 -41.38
N GLU YA 180 -93.82 -61.66 -41.37
CA GLU YA 180 -93.09 -62.93 -41.40
C GLU YA 180 -93.19 -63.66 -40.07
N VAL YA 181 -93.27 -62.93 -38.96
CA VAL YA 181 -93.36 -63.58 -37.67
C VAL YA 181 -94.74 -64.14 -37.42
N LEU YA 182 -95.76 -63.61 -38.11
CA LEU YA 182 -97.10 -64.14 -38.01
C LEU YA 182 -97.40 -65.16 -39.09
N ARG YA 183 -96.39 -65.61 -39.82
CA ARG YA 183 -96.58 -66.67 -40.81
C ARG YA 183 -96.15 -68.04 -40.30
N MET YA 184 -95.13 -68.11 -39.44
CA MET YA 184 -94.78 -69.40 -38.85
C MET YA 184 -95.79 -69.86 -37.83
N ARG YA 185 -96.24 -68.98 -36.94
CA ARG YA 185 -97.47 -69.19 -36.22
C ARG YA 185 -98.62 -69.01 -37.20
N GLY YA 186 -99.70 -69.76 -37.01
CA GLY YA 186 -100.78 -69.57 -37.95
C GLY YA 186 -101.59 -68.34 -37.60
N THR YA 187 -101.32 -67.24 -38.30
CA THR YA 187 -102.08 -66.02 -38.13
C THR YA 187 -102.41 -65.43 -39.49
N ILE YA 188 -101.50 -65.61 -40.44
CA ILE YA 188 -101.66 -65.15 -41.81
C ILE YA 188 -101.40 -66.32 -42.74
N SER YA 189 -102.36 -66.62 -43.60
CA SER YA 189 -102.20 -67.67 -44.59
C SER YA 189 -101.60 -67.09 -45.87
N ARG YA 190 -100.62 -67.79 -46.43
CA ARG YA 190 -99.83 -67.26 -47.54
C ARG YA 190 -100.60 -67.18 -48.85
N GLU YA 191 -101.70 -67.93 -48.98
CA GLU YA 191 -102.44 -67.96 -50.24
C GLU YA 191 -103.10 -66.61 -50.51
N HIS YA 192 -103.62 -65.97 -49.48
CA HIS YA 192 -104.11 -64.62 -49.65
C HIS YA 192 -103.11 -63.63 -49.07
N PRO YA 193 -102.84 -62.53 -49.77
CA PRO YA 193 -101.94 -61.51 -49.21
C PRO YA 193 -102.57 -60.83 -48.01
N TRP YA 194 -101.70 -60.25 -47.19
CA TRP YA 194 -102.17 -59.62 -45.96
C TRP YA 194 -102.96 -58.37 -46.29
N GLU YA 195 -104.07 -58.18 -45.59
CA GLU YA 195 -105.12 -57.27 -46.05
C GLU YA 195 -104.67 -55.82 -46.01
N VAL YA 196 -104.17 -55.35 -44.87
CA VAL YA 196 -103.94 -53.93 -44.70
C VAL YA 196 -102.56 -53.54 -45.24
N MET YA 197 -102.45 -52.31 -45.70
CA MET YA 197 -101.47 -51.51 -46.41
C MET YA 197 -100.28 -51.21 -45.50
N PRO YA 198 -99.06 -51.08 -46.04
CA PRO YA 198 -97.94 -50.66 -45.20
C PRO YA 198 -97.98 -49.19 -44.81
N ASP YA 199 -98.96 -48.42 -45.29
CA ASP YA 199 -99.11 -47.03 -44.87
C ASP YA 199 -99.42 -46.88 -43.38
N LEU YA 200 -99.91 -47.94 -42.73
CA LEU YA 200 -99.97 -47.95 -41.27
C LEU YA 200 -98.61 -47.73 -40.63
N TYR YA 201 -97.55 -48.26 -41.22
CA TYR YA 201 -96.25 -48.29 -40.56
C TYR YA 201 -95.29 -47.22 -41.04
N PHE YA 202 -95.73 -46.31 -41.90
CA PHE YA 202 -94.86 -45.22 -42.29
C PHE YA 202 -94.95 -44.09 -41.26
N TYR YA 203 -94.34 -42.96 -41.60
CA TYR YA 203 -94.40 -41.79 -40.73
C TYR YA 203 -95.37 -40.77 -41.29
N ARG YA 204 -96.27 -40.30 -40.44
CA ARG YA 204 -97.19 -39.23 -40.78
C ARG YA 204 -96.64 -37.94 -40.19
N ASP YA 205 -95.99 -37.15 -41.05
CA ASP YA 205 -95.44 -35.88 -40.61
C ASP YA 205 -96.58 -34.93 -40.24
N PRO YA 206 -96.37 -34.01 -39.30
CA PRO YA 206 -97.40 -33.00 -39.00
C PRO YA 206 -97.84 -32.16 -40.19
N GLU YA 207 -97.00 -32.00 -41.21
CA GLU YA 207 -97.46 -31.34 -42.42
C GLU YA 207 -98.29 -32.29 -43.29
N GLU YA 208 -97.97 -33.59 -43.26
CA GLU YA 208 -98.68 -34.56 -44.10
C GLU YA 208 -100.11 -34.77 -43.64
N ILE YA 209 -100.43 -34.40 -42.41
CA ILE YA 209 -101.79 -34.53 -41.91
C ILE YA 209 -102.58 -33.27 -42.19
N GLU YA 210 -101.93 -32.10 -42.09
CA GLU YA 210 -102.59 -30.81 -42.28
C GLU YA 210 -102.98 -30.52 -43.72
N LYS YA 211 -102.50 -31.29 -44.70
CA LYS YA 211 -102.93 -31.12 -46.09
C LYS YA 211 -104.08 -32.03 -46.48
N GLU YA 212 -104.19 -33.20 -45.84
CA GLU YA 212 -105.27 -34.15 -46.13
C GLU YA 212 -106.51 -33.92 -45.29
N GLU YA 213 -106.42 -33.08 -44.25
CA GLU YA 213 -107.61 -32.74 -43.48
C GLU YA 213 -108.62 -31.98 -44.33
N GLN YA 214 -108.14 -31.08 -45.19
CA GLN YA 214 -109.03 -30.37 -46.10
C GLN YA 214 -109.32 -31.16 -47.37
N ALA YA 215 -108.70 -32.33 -47.54
CA ALA YA 215 -108.87 -33.08 -48.78
C ALA YA 215 -110.28 -33.66 -48.91
N ALA YA 216 -110.71 -34.46 -47.95
CA ALA YA 216 -112.06 -35.02 -47.96
C ALA YA 216 -113.07 -34.07 -47.35
N ALA YA 217 -112.66 -32.86 -46.97
CA ALA YA 217 -113.55 -31.88 -46.37
C ALA YA 217 -114.38 -31.17 -47.42
N VAL ZA 1 -43.96 37.21 -41.28
CA VAL ZA 1 -45.31 37.76 -41.32
C VAL ZA 1 -45.81 37.81 -42.76
N VAL ZA 2 -45.10 37.12 -43.66
CA VAL ZA 2 -45.42 37.12 -45.08
C VAL ZA 2 -45.96 35.75 -45.46
N ASP ZA 3 -46.90 35.74 -46.40
CA ASP ZA 3 -47.58 34.52 -46.79
C ASP ZA 3 -46.92 33.92 -48.02
N PRO ZA 4 -46.39 32.70 -47.94
CA PRO ZA 4 -45.74 32.09 -49.11
C PRO ZA 4 -46.70 31.68 -50.21
N PHE ZA 5 -47.99 31.49 -49.91
CA PHE ZA 5 -48.95 31.18 -50.95
C PHE ZA 5 -49.31 32.38 -51.81
N SER ZA 6 -48.87 33.57 -51.44
CA SER ZA 6 -49.04 34.75 -52.26
C SER ZA 6 -48.12 34.75 -53.47
N LYS ZA 7 -47.11 33.89 -53.48
CA LYS ZA 7 -46.11 33.87 -54.55
C LYS ZA 7 -46.08 32.52 -55.27
N LYS ZA 8 -47.05 31.66 -55.00
CA LYS ZA 8 -47.12 30.38 -55.67
C LYS ZA 8 -47.92 30.52 -56.95
N ASP ZA 9 -47.35 30.01 -58.05
CA ASP ZA 9 -47.93 30.14 -59.37
C ASP ZA 9 -48.62 28.84 -59.73
N TRP ZA 10 -49.95 28.87 -59.83
CA TRP ZA 10 -50.70 27.69 -60.20
C TRP ZA 10 -50.42 27.31 -61.64
N TYR ZA 11 -50.10 26.04 -61.86
CA TYR ZA 11 -49.82 25.53 -63.20
C TYR ZA 11 -50.63 24.28 -63.45
N ASP ZA 12 -51.46 24.32 -64.49
CA ASP ZA 12 -52.26 23.18 -64.86
C ASP ZA 12 -51.39 22.11 -65.52
N VAL ZA 13 -51.68 20.85 -65.19
CA VAL ZA 13 -50.91 19.70 -65.67
C VAL ZA 13 -51.77 18.89 -66.62
N LYS ZA 14 -51.26 18.62 -67.82
CA LYS ZA 14 -51.99 17.93 -68.87
C LYS ZA 14 -51.27 16.64 -69.23
N ALA ZA 15 -52.06 15.60 -69.55
CA ALA ZA 15 -51.61 14.25 -69.81
C ALA ZA 15 -51.15 14.10 -71.26
N PRO ZA 16 -50.39 13.06 -71.58
CA PRO ZA 16 -50.05 12.83 -72.99
C PRO ZA 16 -51.28 12.41 -73.79
N ALA ZA 17 -51.08 12.35 -75.12
CA ALA ZA 17 -52.20 12.40 -76.06
C ALA ZA 17 -53.07 11.15 -75.98
N MET ZA 18 -52.50 10.01 -75.59
CA MET ZA 18 -53.26 8.76 -75.62
C MET ZA 18 -54.36 8.69 -74.57
N PHE ZA 19 -54.37 9.61 -73.61
CA PHE ZA 19 -55.42 9.63 -72.59
C PHE ZA 19 -56.66 10.37 -73.10
N ASN ZA 20 -57.83 9.85 -72.73
CA ASN ZA 20 -59.10 10.46 -73.12
C ASN ZA 20 -59.35 11.75 -72.33
N ILE ZA 21 -59.46 11.63 -71.01
CA ILE ZA 21 -59.56 12.83 -70.16
C ILE ZA 21 -58.18 13.46 -70.10
N ARG ZA 22 -58.02 14.60 -70.76
CA ARG ZA 22 -56.69 15.17 -70.97
C ARG ZA 22 -56.13 15.78 -69.69
N ASN ZA 23 -56.96 16.43 -68.89
CA ASN ZA 23 -56.49 17.22 -67.74
C ASN ZA 23 -56.34 16.36 -66.50
N ILE ZA 24 -55.39 16.73 -65.65
CA ILE ZA 24 -55.25 16.14 -64.32
C ILE ZA 24 -55.69 17.13 -63.25
N GLY ZA 25 -55.01 18.27 -63.14
CA GLY ZA 25 -55.34 19.25 -62.13
C GLY ZA 25 -54.41 20.45 -62.14
N LYS ZA 26 -54.13 21.01 -60.98
CA LYS ZA 26 -53.31 22.20 -60.86
C LYS ZA 26 -52.13 21.94 -59.95
N THR ZA 27 -51.12 22.80 -60.06
CA THR ZA 27 -49.90 22.68 -59.26
C THR ZA 27 -49.28 24.05 -59.08
N LEU ZA 28 -49.18 24.50 -57.83
CA LEU ZA 28 -48.66 25.82 -57.52
C LEU ZA 28 -47.19 25.76 -57.07
N VAL ZA 29 -46.39 26.70 -57.57
CA VAL ZA 29 -44.95 26.75 -57.36
C VAL ZA 29 -44.54 28.21 -57.19
N THR ZA 30 -43.55 28.47 -56.32
CA THR ZA 30 -43.07 29.81 -56.04
C THR ZA 30 -42.54 30.50 -57.30
N ARG ZA 31 -42.52 31.83 -57.26
CA ARG ZA 31 -42.17 32.63 -58.42
C ARG ZA 31 -40.68 32.58 -58.71
N THR ZA 32 -40.30 33.16 -59.85
CA THR ZA 32 -38.93 33.17 -60.33
C THR ZA 32 -38.22 34.39 -59.74
N GLN ZA 33 -38.01 34.35 -58.43
CA GLN ZA 33 -37.35 35.45 -57.71
C GLN ZA 33 -35.99 34.96 -57.24
N GLY ZA 34 -34.98 35.14 -58.10
CA GLY ZA 34 -33.66 34.60 -57.85
C GLY ZA 34 -33.21 33.68 -58.97
N THR ZA 35 -32.35 32.71 -58.64
CA THR ZA 35 -31.88 31.76 -59.65
C THR ZA 35 -32.82 30.58 -59.80
N LYS ZA 36 -33.72 30.36 -58.85
CA LYS ZA 36 -34.73 29.32 -59.01
C LYS ZA 36 -35.85 29.82 -59.91
N ILE ZA 37 -36.23 28.99 -60.87
CA ILE ZA 37 -37.25 29.35 -61.84
C ILE ZA 37 -38.44 28.42 -61.66
N ALA ZA 38 -39.63 28.91 -62.03
CA ALA ZA 38 -40.83 28.09 -61.98
C ALA ZA 38 -40.81 26.99 -63.04
N SER ZA 39 -39.79 26.97 -63.90
CA SER ZA 39 -39.56 25.86 -64.82
C SER ZA 39 -38.71 24.76 -64.20
N ASP ZA 40 -37.89 25.09 -63.19
CA ASP ZA 40 -36.95 24.11 -62.67
C ASP ZA 40 -37.63 23.10 -61.76
N GLY ZA 41 -38.23 23.57 -60.68
CA GLY ZA 41 -38.84 22.66 -59.73
C GLY ZA 41 -40.13 22.03 -60.20
N LEU ZA 42 -40.66 22.50 -61.32
CA LEU ZA 42 -41.87 21.95 -61.91
C LEU ZA 42 -41.56 20.90 -62.98
N LYS ZA 43 -40.28 20.62 -63.22
CA LYS ZA 43 -39.90 19.50 -64.07
C LYS ZA 43 -39.80 18.20 -63.29
N GLY ZA 44 -39.09 18.20 -62.16
CA GLY ZA 44 -38.80 16.95 -61.46
C GLY ZA 44 -39.94 16.38 -60.63
N ARG ZA 45 -41.13 16.26 -61.21
CA ARG ZA 45 -42.33 15.89 -60.47
C ARG ZA 45 -42.98 14.69 -61.10
N VAL ZA 46 -43.20 13.65 -60.30
CA VAL ZA 46 -43.97 12.48 -60.71
C VAL ZA 46 -45.40 12.66 -60.21
N PHE ZA 47 -46.36 12.47 -61.10
CA PHE ZA 47 -47.77 12.52 -60.75
C PHE ZA 47 -48.31 11.10 -60.76
N GLU ZA 48 -48.85 10.66 -59.63
CA GLU ZA 48 -49.37 9.30 -59.48
C GLU ZA 48 -50.88 9.36 -59.60
N VAL ZA 49 -51.39 9.05 -60.79
CA VAL ZA 49 -52.81 9.09 -61.07
C VAL ZA 49 -53.28 7.70 -61.46
N SER ZA 50 -54.49 7.35 -61.03
CA SER ZA 50 -55.10 6.08 -61.42
C SER ZA 50 -55.66 6.18 -62.84
N LEU ZA 51 -55.99 5.03 -63.41
CA LEU ZA 51 -56.37 4.98 -64.81
C LEU ZA 51 -57.81 5.44 -65.04
N ALA ZA 52 -58.71 5.17 -64.09
CA ALA ZA 52 -60.10 5.57 -64.23
C ALA ZA 52 -60.31 7.06 -64.15
N ASP ZA 53 -59.31 7.83 -63.74
CA ASP ZA 53 -59.42 9.28 -63.69
C ASP ZA 53 -59.03 9.96 -65.00
N LEU ZA 54 -58.31 9.26 -65.87
CA LEU ZA 54 -57.84 9.86 -67.12
C LEU ZA 54 -58.47 9.24 -68.35
N GLN ZA 55 -59.14 8.10 -68.22
CA GLN ZA 55 -60.12 7.63 -69.20
C GLN ZA 55 -61.48 7.70 -68.52
N ASN ZA 56 -62.52 8.01 -69.32
CA ASN ZA 56 -63.82 8.44 -68.85
C ASN ZA 56 -64.44 7.58 -67.74
N ASP ZA 57 -64.64 6.28 -67.99
CA ASP ZA 57 -65.10 5.35 -66.98
C ASP ZA 57 -64.40 4.02 -67.24
N GLU ZA 58 -63.26 3.81 -66.58
CA GLU ZA 58 -62.51 2.57 -66.76
C GLU ZA 58 -62.10 1.95 -65.44
N VAL ZA 59 -61.20 0.97 -65.50
CA VAL ZA 59 -60.74 0.29 -64.29
C VAL ZA 59 -59.95 1.26 -63.41
N ALA ZA 60 -60.10 1.07 -62.09
CA ALA ZA 60 -59.67 2.06 -61.11
C ALA ZA 60 -58.53 1.61 -60.22
N PHE ZA 61 -58.07 0.38 -60.32
CA PHE ZA 61 -57.02 -0.13 -59.45
C PHE ZA 61 -55.64 -0.04 -60.09
N ARG ZA 62 -55.54 0.55 -61.27
CA ARG ZA 62 -54.26 0.66 -61.96
C ARG ZA 62 -53.82 2.11 -61.97
N LYS ZA 63 -52.65 2.36 -61.39
CA LYS ZA 63 -52.11 3.71 -61.31
C LYS ZA 63 -50.95 3.87 -62.27
N PHE ZA 64 -50.75 5.11 -62.71
CA PHE ZA 64 -49.68 5.43 -63.63
C PHE ZA 64 -48.73 6.41 -62.97
N LYS ZA 65 -47.45 6.32 -63.34
CA LYS ZA 65 -46.46 7.31 -62.93
C LYS ZA 65 -46.29 8.29 -64.08
N LEU ZA 66 -46.61 9.55 -63.82
CA LEU ZA 66 -46.55 10.60 -64.83
C LEU ZA 66 -45.50 11.61 -64.43
N ILE ZA 67 -44.39 11.64 -65.15
CA ILE ZA 67 -43.26 12.52 -64.88
C ILE ZA 67 -43.42 13.78 -65.71
N THR ZA 68 -43.05 14.92 -65.13
CA THR ZA 68 -43.08 16.21 -65.82
C THR ZA 68 -41.71 16.40 -66.46
N GLU ZA 69 -41.67 17.15 -67.55
CA GLU ZA 69 -40.39 17.37 -68.24
C GLU ZA 69 -40.26 18.75 -68.86
N ASP ZA 70 -41.38 19.42 -69.12
CA ASP ZA 70 -41.34 20.66 -69.87
C ASP ZA 70 -42.53 21.53 -69.48
N VAL ZA 71 -42.29 22.84 -69.51
CA VAL ZA 71 -43.31 23.86 -69.27
C VAL ZA 71 -43.43 24.70 -70.53
N GLN ZA 72 -44.66 25.02 -70.92
CA GLN ZA 72 -44.88 25.86 -72.08
C GLN ZA 72 -45.48 27.22 -71.74
N GLY ZA 73 -45.89 27.42 -70.49
CA GLY ZA 73 -46.53 28.67 -70.10
C GLY ZA 73 -47.99 28.46 -69.74
N LYS ZA 74 -48.29 28.45 -68.45
CA LYS ZA 74 -49.59 28.16 -67.87
C LYS ZA 74 -50.09 26.76 -68.23
N ASN ZA 75 -49.19 25.83 -68.53
CA ASN ZA 75 -49.56 24.46 -68.84
C ASN ZA 75 -48.36 23.56 -68.57
N CYS ZA 76 -48.62 22.28 -68.33
CA CYS ZA 76 -47.57 21.31 -68.07
C CYS ZA 76 -47.83 20.06 -68.89
N LEU ZA 77 -46.81 19.57 -69.58
CA LEU ZA 77 -46.89 18.35 -70.38
C LEU ZA 77 -46.18 17.24 -69.63
N THR ZA 78 -46.91 16.23 -69.19
CA THR ZA 78 -46.28 15.11 -68.50
C THR ZA 78 -46.02 13.96 -69.48
N ASN ZA 79 -45.59 12.83 -68.94
CA ASN ZA 79 -45.08 11.71 -69.74
C ASN ZA 79 -45.08 10.46 -68.87
N PHE ZA 80 -45.21 9.31 -69.53
CA PHE ZA 80 -45.14 8.03 -68.86
C PHE ZA 80 -43.78 7.84 -68.16
N HIS ZA 81 -43.85 7.36 -66.92
CA HIS ZA 81 -42.66 7.03 -66.15
C HIS ZA 81 -42.77 5.62 -65.62
N GLY ZA 82 -44.01 5.17 -65.37
CA GLY ZA 82 -44.23 3.87 -64.79
C GLY ZA 82 -45.69 3.57 -64.53
N MET ZA 83 -45.98 2.31 -64.20
CA MET ZA 83 -47.34 1.88 -63.90
C MET ZA 83 -47.30 0.99 -62.67
N ASP ZA 84 -48.25 1.18 -61.76
CA ASP ZA 84 -48.26 0.47 -60.49
C ASP ZA 84 -49.69 0.13 -60.10
N LEU ZA 85 -49.85 -0.98 -59.39
CA LEU ZA 85 -51.15 -1.43 -58.91
C LEU ZA 85 -51.30 -1.17 -57.42
N THR ZA 86 -52.52 -0.90 -57.00
CA THR ZA 86 -52.79 -0.52 -55.62
C THR ZA 86 -52.62 -1.72 -54.69
N ARG ZA 87 -52.32 -1.44 -53.43
CA ARG ZA 87 -52.33 -2.48 -52.40
C ARG ZA 87 -53.73 -3.04 -52.19
N ASP ZA 88 -54.76 -2.24 -52.48
CA ASP ZA 88 -56.14 -2.73 -52.42
C ASP ZA 88 -56.34 -3.87 -53.40
N LYS ZA 89 -55.69 -3.80 -54.56
CA LYS ZA 89 -55.73 -4.90 -55.51
C LYS ZA 89 -54.69 -5.97 -55.20
N MET ZA 90 -53.58 -5.60 -54.58
CA MET ZA 90 -52.47 -6.54 -54.45
C MET ZA 90 -52.63 -7.45 -53.24
N CYS ZA 91 -52.82 -6.87 -52.06
CA CYS ZA 91 -53.02 -7.67 -50.85
C CYS ZA 91 -54.38 -8.35 -50.80
N SER ZA 92 -55.24 -8.12 -51.78
CA SER ZA 92 -56.52 -8.81 -51.85
C SER ZA 92 -56.38 -10.18 -52.49
N MET ZA 93 -55.73 -10.25 -53.65
CA MET ZA 93 -55.75 -11.48 -54.41
C MET ZA 93 -54.74 -12.51 -53.91
N VAL ZA 94 -53.82 -12.13 -53.02
CA VAL ZA 94 -52.95 -13.10 -52.39
C VAL ZA 94 -53.73 -13.85 -51.30
N LYS ZA 95 -54.24 -15.03 -51.65
CA LYS ZA 95 -54.96 -15.83 -50.69
C LYS ZA 95 -54.18 -17.09 -50.36
N LYS ZA 96 -54.63 -17.77 -49.31
CA LYS ZA 96 -54.02 -19.03 -48.89
C LYS ZA 96 -54.64 -20.18 -49.67
N TRP ZA 97 -53.91 -21.30 -49.73
CA TRP ZA 97 -54.29 -22.50 -50.47
C TRP ZA 97 -54.51 -22.18 -51.95
N GLN ZA 98 -53.46 -21.61 -52.54
CA GLN ZA 98 -53.23 -21.36 -53.96
C GLN ZA 98 -51.81 -20.84 -54.08
N THR ZA 99 -51.28 -20.86 -55.28
CA THR ZA 99 -49.87 -20.55 -55.50
C THR ZA 99 -49.74 -19.25 -56.29
N MET ZA 100 -48.81 -18.41 -55.86
CA MET ZA 100 -48.54 -17.13 -56.51
C MET ZA 100 -47.26 -17.26 -57.33
N ILE ZA 101 -47.28 -16.71 -58.53
CA ILE ZA 101 -46.18 -16.80 -59.48
C ILE ZA 101 -45.72 -15.39 -59.80
N GLU ZA 102 -44.44 -15.11 -59.55
CA GLU ZA 102 -43.86 -13.81 -59.87
C GLU ZA 102 -42.72 -13.97 -60.87
N ALA ZA 103 -42.56 -12.96 -61.73
CA ALA ZA 103 -41.58 -13.02 -62.79
C ALA ZA 103 -41.26 -11.59 -63.26
N HIS ZA 104 -40.10 -11.43 -63.89
CA HIS ZA 104 -39.64 -10.12 -64.32
C HIS ZA 104 -38.65 -10.27 -65.46
N VAL ZA 105 -38.40 -9.17 -66.18
CA VAL ZA 105 -37.44 -9.15 -67.26
C VAL ZA 105 -36.98 -7.71 -67.48
N ASP ZA 106 -35.72 -7.54 -67.88
CA ASP ZA 106 -35.13 -6.23 -68.15
C ASP ZA 106 -35.17 -6.02 -69.67
N VAL ZA 107 -36.34 -5.70 -70.19
CA VAL ZA 107 -36.53 -5.57 -71.62
C VAL ZA 107 -36.51 -4.09 -71.99
N LYS ZA 108 -35.80 -3.79 -73.06
CA LYS ZA 108 -35.74 -2.44 -73.61
C LYS ZA 108 -36.71 -2.37 -74.78
N THR ZA 109 -37.28 -1.18 -75.00
CA THR ZA 109 -38.25 -1.00 -76.07
C THR ZA 109 -37.55 -0.91 -77.43
N THR ZA 110 -38.29 -0.46 -78.44
CA THR ZA 110 -37.61 -0.09 -79.67
C THR ZA 110 -36.76 1.17 -79.47
N ASP ZA 111 -37.07 1.97 -78.46
CA ASP ZA 111 -36.28 3.13 -78.12
C ASP ZA 111 -35.76 3.02 -76.68
N GLY ZA 112 -34.98 4.00 -76.26
CA GLY ZA 112 -34.13 3.87 -75.10
C GLY ZA 112 -34.73 3.87 -73.71
N TYR ZA 113 -36.06 3.92 -73.59
CA TYR ZA 113 -36.70 3.89 -72.29
C TYR ZA 113 -36.78 2.44 -71.83
N LEU ZA 114 -35.82 2.02 -71.00
CA LEU ZA 114 -35.80 0.65 -70.50
C LEU ZA 114 -36.88 0.47 -69.44
N LEU ZA 115 -37.58 -0.66 -69.52
CA LEU ZA 115 -38.61 -1.01 -68.56
C LEU ZA 115 -38.22 -2.32 -67.87
N ARG ZA 116 -38.73 -2.48 -66.64
CA ARG ZA 116 -38.47 -3.67 -65.83
C ARG ZA 116 -39.82 -4.10 -65.29
N LEU ZA 117 -40.50 -4.97 -66.02
CA LEU ZA 117 -41.87 -5.30 -65.69
C LEU ZA 117 -41.92 -6.33 -64.58
N PHE ZA 118 -43.03 -6.30 -63.85
CA PHE ZA 118 -43.33 -7.26 -62.81
C PHE ZA 118 -44.75 -7.74 -63.04
N CYS ZA 119 -44.96 -9.05 -62.94
CA CYS ZA 119 -46.25 -9.63 -63.29
C CYS ZA 119 -46.53 -10.79 -62.36
N VAL ZA 120 -47.80 -10.94 -61.99
CA VAL ZA 120 -48.24 -12.02 -61.10
C VAL ZA 120 -49.43 -12.74 -61.73
N GLY ZA 121 -49.43 -14.05 -61.57
CA GLY ZA 121 -50.57 -14.86 -61.97
C GLY ZA 121 -50.88 -15.84 -60.87
N PHE ZA 122 -52.17 -16.06 -60.64
CA PHE ZA 122 -52.64 -16.77 -59.46
C PHE ZA 122 -53.35 -18.03 -59.88
N THR ZA 123 -52.98 -19.14 -59.27
CA THR ZA 123 -53.56 -20.44 -59.60
C THR ZA 123 -55.03 -20.50 -59.20
N LYS ZA 124 -55.84 -21.05 -60.09
CA LYS ZA 124 -57.28 -21.07 -59.93
C LYS ZA 124 -57.78 -22.45 -59.54
N LYS ZA 125 -58.86 -22.48 -58.78
CA LYS ZA 125 -59.61 -23.70 -58.51
C LYS ZA 125 -60.62 -23.85 -59.65
N ARG ZA 126 -60.61 -25.02 -60.29
CA ARG ZA 126 -61.63 -25.32 -61.30
C ARG ZA 126 -62.99 -25.43 -60.62
N ASN ZA 127 -64.07 -25.26 -61.38
CA ASN ZA 127 -65.39 -25.09 -60.79
C ASN ZA 127 -65.89 -26.38 -60.14
N ASN ZA 128 -65.72 -27.52 -60.81
CA ASN ZA 128 -66.19 -28.78 -60.24
C ASN ZA 128 -65.19 -29.42 -59.27
N GLN ZA 129 -64.11 -28.72 -58.93
CA GLN ZA 129 -63.05 -29.33 -58.15
C GLN ZA 129 -63.48 -29.53 -56.70
N ILE ZA 130 -63.01 -30.63 -56.10
CA ILE ZA 130 -63.30 -30.92 -54.70
C ILE ZA 130 -62.10 -30.69 -53.79
N ARG ZA 131 -60.90 -31.04 -54.21
CA ARG ZA 131 -59.71 -30.85 -53.38
C ARG ZA 131 -59.45 -29.35 -53.19
N LYS ZA 132 -59.22 -28.95 -51.95
CA LYS ZA 132 -59.14 -27.54 -51.60
C LYS ZA 132 -57.83 -26.90 -52.07
N THR ZA 133 -56.72 -27.59 -51.88
CA THR ZA 133 -55.37 -27.03 -51.93
C THR ZA 133 -55.04 -26.28 -53.20
N SER ZA 134 -55.10 -26.96 -54.35
CA SER ZA 134 -54.91 -26.37 -55.67
C SER ZA 134 -53.55 -25.70 -55.81
N TYR ZA 135 -52.49 -26.46 -55.59
CA TYR ZA 135 -51.13 -25.99 -55.79
C TYR ZA 135 -50.71 -26.23 -57.23
N ALA ZA 136 -49.42 -26.06 -57.48
CA ALA ZA 136 -48.80 -26.43 -58.74
C ALA ZA 136 -47.46 -27.08 -58.46
N GLN ZA 137 -46.98 -27.87 -59.42
CA GLN ZA 137 -45.65 -28.43 -59.28
C GLN ZA 137 -44.61 -27.36 -59.58
N HIS ZA 138 -43.40 -27.58 -59.07
CA HIS ZA 138 -42.37 -26.55 -59.17
C HIS ZA 138 -41.86 -26.39 -60.60
N GLN ZA 139 -41.87 -27.47 -61.37
CA GLN ZA 139 -41.45 -27.36 -62.77
C GLN ZA 139 -42.48 -26.60 -63.59
N GLN ZA 140 -43.77 -26.77 -63.29
CA GLN ZA 140 -44.80 -26.02 -63.98
C GLN ZA 140 -44.69 -24.54 -63.70
N VAL ZA 141 -44.24 -24.19 -62.49
CA VAL ZA 141 -43.89 -22.80 -62.20
C VAL ZA 141 -42.76 -22.34 -63.09
N ARG ZA 142 -41.71 -23.15 -63.20
CA ARG ZA 142 -40.62 -22.86 -64.13
C ARG ZA 142 -41.04 -23.03 -65.57
N GLN ZA 143 -42.12 -23.79 -65.83
CA GLN ZA 143 -42.70 -23.82 -67.17
C GLN ZA 143 -43.56 -22.61 -67.44
N ILE ZA 144 -44.10 -21.97 -66.40
CA ILE ZA 144 -44.89 -20.77 -66.61
C ILE ZA 144 -43.99 -19.55 -66.72
N ARG ZA 145 -43.02 -19.43 -65.82
CA ARG ZA 145 -42.26 -18.19 -65.71
C ARG ZA 145 -41.31 -17.99 -66.89
N LYS ZA 146 -41.05 -19.04 -67.66
CA LYS ZA 146 -40.34 -18.82 -68.93
C LYS ZA 146 -41.27 -18.22 -69.96
N LYS ZA 147 -42.51 -18.71 -70.03
CA LYS ZA 147 -43.54 -18.12 -70.87
C LYS ZA 147 -44.04 -16.80 -70.33
N MET ZA 148 -43.97 -16.61 -69.01
CA MET ZA 148 -44.40 -15.38 -68.39
C MET ZA 148 -43.36 -14.27 -68.55
N MET ZA 149 -42.16 -14.60 -69.00
CA MET ZA 149 -41.13 -13.61 -69.34
C MET ZA 149 -40.95 -13.43 -70.83
N GLU ZA 150 -40.94 -14.53 -71.61
CA GLU ZA 150 -40.66 -14.40 -73.04
C GLU ZA 150 -41.77 -13.69 -73.79
N ILE ZA 151 -43.00 -13.69 -73.25
CA ILE ZA 151 -44.06 -12.87 -73.81
C ILE ZA 151 -43.73 -11.40 -73.63
N MET ZA 152 -43.28 -10.99 -72.44
CA MET ZA 152 -43.00 -9.59 -72.17
C MET ZA 152 -41.83 -9.08 -73.01
N THR ZA 153 -40.93 -9.96 -73.43
CA THR ZA 153 -39.91 -9.55 -74.36
C THR ZA 153 -40.45 -9.38 -75.77
N ARG ZA 154 -41.47 -10.15 -76.13
CA ARG ZA 154 -42.12 -10.00 -77.42
C ARG ZA 154 -43.04 -8.80 -77.46
N GLU ZA 155 -43.74 -8.52 -76.37
CA GLU ZA 155 -44.69 -7.44 -76.34
C GLU ZA 155 -44.05 -6.06 -76.37
N VAL ZA 156 -42.78 -5.96 -75.98
CA VAL ZA 156 -42.13 -4.65 -75.86
C VAL ZA 156 -41.10 -4.41 -76.95
N GLN ZA 157 -40.40 -5.44 -77.40
CA GLN ZA 157 -39.32 -5.23 -78.36
C GLN ZA 157 -39.82 -4.85 -79.74
N THR ZA 158 -41.12 -5.05 -80.01
CA THR ZA 158 -41.63 -4.72 -81.34
C THR ZA 158 -42.05 -3.25 -81.44
N ASN ZA 159 -42.35 -2.60 -80.32
CA ASN ZA 159 -43.01 -1.30 -80.34
C ASN ZA 159 -42.43 -0.38 -79.27
N ASP ZA 160 -42.53 0.93 -79.53
CA ASP ZA 160 -42.14 1.90 -78.51
C ASP ZA 160 -43.28 2.20 -77.55
N LEU ZA 161 -43.13 3.28 -76.78
CA LEU ZA 161 -43.97 3.55 -75.63
C LEU ZA 161 -45.44 3.75 -76.02
N LYS ZA 162 -45.70 4.33 -77.19
CA LYS ZA 162 -47.06 4.68 -77.58
C LYS ZA 162 -47.98 3.47 -77.71
N GLU ZA 163 -47.41 2.31 -78.04
CA GLU ZA 163 -48.24 1.11 -78.17
C GLU ZA 163 -48.42 0.39 -76.84
N VAL ZA 164 -47.35 0.31 -76.03
CA VAL ZA 164 -47.46 -0.43 -74.77
C VAL ZA 164 -48.32 0.33 -73.77
N VAL ZA 165 -48.23 1.66 -73.77
CA VAL ZA 165 -49.14 2.44 -72.95
C VAL ZA 165 -50.55 2.41 -73.53
N ASN ZA 166 -50.66 2.24 -74.85
CA ASN ZA 166 -51.96 1.90 -75.42
C ASN ZA 166 -52.38 0.48 -75.07
N LYS ZA 167 -51.42 -0.39 -74.77
CA LYS ZA 167 -51.76 -1.74 -74.34
C LYS ZA 167 -51.91 -1.86 -72.83
N LEU ZA 168 -51.39 -0.90 -72.06
CA LEU ZA 168 -51.55 -0.96 -70.61
C LEU ZA 168 -52.92 -0.51 -70.15
N ILE ZA 169 -53.65 0.23 -70.99
CA ILE ZA 169 -55.03 0.61 -70.65
C ILE ZA 169 -55.91 -0.63 -70.63
N PRO ZA 170 -55.80 -1.60 -71.58
CA PRO ZA 170 -56.38 -2.92 -71.29
C PRO ZA 170 -55.40 -3.77 -70.51
N ASP ZA 171 -55.80 -5.01 -70.22
CA ASP ZA 171 -54.91 -6.01 -69.66
C ASP ZA 171 -54.41 -6.94 -70.75
N SER ZA 172 -54.19 -6.38 -71.95
CA SER ZA 172 -53.92 -7.17 -73.15
C SER ZA 172 -52.64 -8.00 -73.03
N ILE ZA 173 -51.72 -7.59 -72.17
CA ILE ZA 173 -50.57 -8.43 -71.88
C ILE ZA 173 -50.93 -9.50 -70.86
N GLY ZA 174 -51.57 -9.10 -69.77
CA GLY ZA 174 -51.96 -10.06 -68.74
C GLY ZA 174 -53.05 -11.02 -69.20
N LYS ZA 175 -53.99 -10.56 -70.03
CA LYS ZA 175 -55.01 -11.45 -70.54
C LYS ZA 175 -54.44 -12.40 -71.58
N ASP ZA 176 -53.33 -12.01 -72.21
CA ASP ZA 176 -52.67 -12.92 -73.15
C ASP ZA 176 -52.04 -14.10 -72.43
N ILE ZA 177 -51.23 -13.83 -71.40
CA ILE ZA 177 -50.59 -14.90 -70.65
C ILE ZA 177 -51.61 -15.69 -69.84
N GLU ZA 178 -52.76 -15.06 -69.54
CA GLU ZA 178 -53.88 -15.79 -68.96
C GLU ZA 178 -54.35 -16.91 -69.87
N LYS ZA 179 -54.63 -16.58 -71.14
CA LYS ZA 179 -55.08 -17.57 -72.11
C LYS ZA 179 -53.92 -18.26 -72.85
N ALA ZA 180 -52.70 -18.22 -72.30
CA ALA ZA 180 -51.57 -18.87 -72.94
C ALA ZA 180 -51.05 -20.08 -72.17
N CYS ZA 181 -51.39 -20.22 -70.90
CA CYS ZA 181 -50.74 -21.22 -70.05
C CYS ZA 181 -51.72 -22.20 -69.42
N GLN ZA 182 -52.95 -22.29 -69.92
CA GLN ZA 182 -53.88 -23.27 -69.39
C GLN ZA 182 -53.44 -24.70 -69.68
N SER ZA 183 -52.62 -24.91 -70.71
CA SER ZA 183 -52.02 -26.21 -70.97
C SER ZA 183 -50.85 -26.51 -70.04
N ILE ZA 184 -50.44 -25.54 -69.24
CA ILE ZA 184 -49.46 -25.78 -68.18
C ILE ZA 184 -50.19 -25.74 -66.86
N TYR ZA 185 -50.93 -24.65 -66.60
CA TYR ZA 185 -51.85 -24.62 -65.47
C TYR ZA 185 -52.90 -23.53 -65.64
N PRO ZA 186 -54.16 -23.81 -65.34
CA PRO ZA 186 -55.19 -22.77 -65.48
C PRO ZA 186 -55.13 -21.71 -64.38
N LEU ZA 187 -54.26 -20.73 -64.55
CA LEU ZA 187 -54.11 -19.64 -63.60
C LEU ZA 187 -54.94 -18.43 -64.03
N HIS ZA 188 -55.59 -17.79 -63.06
CA HIS ZA 188 -56.71 -16.89 -63.34
C HIS ZA 188 -56.39 -15.41 -63.14
N ASP ZA 189 -55.73 -15.04 -62.05
CA ASP ZA 189 -55.71 -13.63 -61.70
C ASP ZA 189 -54.39 -13.03 -62.15
N VAL ZA 190 -54.36 -12.55 -63.39
CA VAL ZA 190 -53.12 -12.15 -64.04
C VAL ZA 190 -53.16 -10.65 -64.25
N PHE ZA 191 -52.17 -9.95 -63.71
CA PHE ZA 191 -51.96 -8.55 -63.99
C PHE ZA 191 -50.47 -8.28 -64.13
N VAL ZA 192 -50.14 -7.11 -64.63
CA VAL ZA 192 -48.76 -6.62 -64.66
C VAL ZA 192 -48.67 -5.57 -63.57
N ARG ZA 193 -48.04 -5.93 -62.44
CA ARG ZA 193 -48.20 -5.14 -61.23
C ARG ZA 193 -47.37 -3.86 -61.23
N LYS ZA 194 -46.12 -3.95 -61.65
CA LYS ZA 194 -45.20 -2.83 -61.52
C LYS ZA 194 -44.36 -2.73 -62.77
N VAL ZA 195 -44.35 -1.54 -63.35
CA VAL ZA 195 -43.54 -1.23 -64.52
C VAL ZA 195 -42.59 -0.13 -64.10
N LYS ZA 196 -41.31 -0.46 -63.92
CA LYS ZA 196 -40.33 0.47 -63.42
C LYS ZA 196 -39.45 0.97 -64.55
N MET ZA 197 -39.12 2.26 -64.50
CA MET ZA 197 -38.21 2.87 -65.46
C MET ZA 197 -36.80 2.87 -64.88
N LEU ZA 198 -35.85 2.41 -65.68
CA LEU ZA 198 -34.45 2.34 -65.26
C LEU ZA 198 -33.61 3.48 -65.81
N LYS ZA 199 -33.57 3.64 -67.13
CA LYS ZA 199 -32.75 4.66 -67.76
C LYS ZA 199 -33.52 5.27 -68.92
N LYS ZA 200 -33.35 6.56 -69.11
CA LYS ZA 200 -33.99 7.30 -70.17
C LYS ZA 200 -32.99 7.67 -71.25
N PRO ZA 201 -33.45 7.94 -72.46
CA PRO ZA 201 -32.59 8.59 -73.45
C PRO ZA 201 -32.64 10.10 -73.29
N LYS ZA 202 -32.08 10.85 -74.23
CA LYS ZA 202 -32.09 12.29 -74.14
C LYS ZA 202 -33.49 12.82 -74.45
N PHE ZA 203 -34.08 13.55 -73.52
CA PHE ZA 203 -35.43 14.09 -73.71
C PHE ZA 203 -35.44 15.17 -74.79
N GLU ZA 204 -36.43 15.09 -75.66
CA GLU ZA 204 -36.68 16.13 -76.67
C GLU ZA 204 -38.13 16.56 -76.56
N LEU ZA 205 -38.39 17.85 -76.70
CA LEU ZA 205 -39.78 18.32 -76.77
C LEU ZA 205 -40.37 17.87 -78.10
N GLY ZA 206 -39.51 17.63 -79.09
CA GLY ZA 206 -39.92 17.03 -80.35
C GLY ZA 206 -40.59 15.68 -80.21
N LYS ZA 207 -40.39 14.99 -79.07
CA LYS ZA 207 -41.15 13.81 -78.73
C LYS ZA 207 -42.55 14.14 -78.25
N LEU ZA 208 -42.76 15.31 -77.65
CA LEU ZA 208 -43.98 15.59 -76.91
C LEU ZA 208 -45.14 16.09 -77.78
N MET ZA 209 -44.87 16.60 -78.98
CA MET ZA 209 -45.96 17.11 -79.81
C MET ZA 209 -46.81 15.99 -80.37
N GLU ZA 210 -46.18 14.93 -80.87
CA GLU ZA 210 -46.93 13.72 -81.19
C GLU ZA 210 -47.40 13.01 -79.93
N LEU ZA 211 -46.77 13.28 -78.80
CA LEU ZA 211 -47.21 12.76 -77.52
C LEU ZA 211 -48.29 13.60 -76.86
N HIS ZA 212 -48.50 14.83 -77.33
CA HIS ZA 212 -49.54 15.65 -76.72
C HIS ZA 212 -50.41 16.37 -77.75
N GLY ZA 213 -50.51 15.87 -78.97
CA GLY ZA 213 -51.35 16.48 -79.98
C GLY ZA 213 -50.84 17.83 -80.47
N LYS AB 1 -89.28 -59.97 7.13
CA LYS AB 1 -88.93 -61.36 7.37
C LYS AB 1 -89.13 -62.17 6.09
N GLU AB 2 -90.26 -61.97 5.42
CA GLU AB 2 -90.50 -62.63 4.15
C GLU AB 2 -90.00 -61.73 3.01
N TRP AB 3 -89.24 -62.33 2.11
CA TRP AB 3 -88.61 -61.60 1.02
C TRP AB 3 -89.42 -61.72 -0.27
N LEU AB 4 -89.48 -60.64 -1.04
CA LEU AB 4 -90.16 -60.61 -2.32
C LEU AB 4 -89.16 -60.50 -3.46
N PRO AB 5 -89.14 -61.41 -4.42
CA PRO AB 5 -88.28 -61.24 -5.60
C PRO AB 5 -88.90 -60.27 -6.59
N VAL AB 6 -88.05 -59.47 -7.22
CA VAL AB 6 -88.49 -58.44 -8.16
C VAL AB 6 -88.20 -58.83 -9.61
N THR AB 7 -86.98 -59.28 -9.91
CA THR AB 7 -86.68 -59.78 -11.23
C THR AB 7 -87.31 -61.15 -11.41
N LYS AB 8 -87.64 -61.49 -12.66
CA LYS AB 8 -88.34 -62.75 -12.89
C LYS AB 8 -87.40 -63.93 -12.85
N LEU AB 9 -86.08 -63.69 -12.82
CA LEU AB 9 -85.15 -64.77 -12.55
C LEU AB 9 -85.24 -65.24 -11.10
N GLY AB 10 -85.34 -64.32 -10.16
CA GLY AB 10 -85.46 -64.68 -8.76
C GLY AB 10 -86.81 -65.22 -8.35
N ARG AB 11 -87.86 -64.95 -9.12
CA ARG AB 11 -89.16 -65.57 -8.86
C ARG AB 11 -89.07 -67.08 -8.99
N LEU AB 12 -88.36 -67.56 -10.02
CA LEU AB 12 -88.17 -68.99 -10.21
C LEU AB 12 -87.38 -69.60 -9.05
N VAL AB 13 -86.41 -68.86 -8.51
CA VAL AB 13 -85.69 -69.32 -7.34
C VAL AB 13 -86.59 -69.30 -6.11
N LYS AB 14 -87.53 -68.35 -6.07
CA LYS AB 14 -88.54 -68.37 -5.03
C LYS AB 14 -89.61 -69.43 -5.30
N ASP AB 15 -89.90 -69.71 -6.56
CA ASP AB 15 -90.86 -70.74 -6.91
C ASP AB 15 -90.24 -72.12 -7.02
N MET AB 16 -89.03 -72.30 -6.46
CA MET AB 16 -88.36 -73.60 -6.37
C MET AB 16 -88.16 -74.25 -7.73
N LYS AB 17 -87.66 -73.48 -8.69
CA LYS AB 17 -87.56 -73.94 -10.05
C LYS AB 17 -86.15 -74.08 -10.58
N ILE AB 18 -85.16 -73.48 -9.93
CA ILE AB 18 -83.76 -73.63 -10.35
C ILE AB 18 -83.16 -74.69 -9.42
N LYS AB 19 -82.82 -75.84 -10.01
CA LYS AB 19 -82.42 -77.02 -9.25
C LYS AB 19 -81.12 -76.78 -8.48
N SER AB 20 -80.17 -76.09 -9.09
CA SER AB 20 -78.95 -75.69 -8.41
C SER AB 20 -78.42 -74.43 -9.07
N LEU AB 21 -77.48 -73.79 -8.39
CA LEU AB 21 -76.99 -72.48 -8.79
C LEU AB 21 -76.05 -72.55 -10.00
N GLU AB 22 -75.78 -73.75 -10.49
CA GLU AB 22 -74.82 -73.92 -11.58
C GLU AB 22 -75.43 -73.56 -12.93
N GLU AB 23 -76.76 -73.70 -13.07
CA GLU AB 23 -77.41 -73.44 -14.35
C GLU AB 23 -77.44 -71.96 -14.70
N ILE AB 24 -77.37 -71.08 -13.71
CA ILE AB 24 -77.27 -69.65 -13.99
C ILE AB 24 -75.88 -69.32 -14.51
N TYR AB 25 -74.87 -70.03 -14.01
CA TYR AB 25 -73.50 -69.79 -14.45
C TYR AB 25 -73.26 -70.25 -15.88
N LEU AB 26 -74.01 -71.25 -16.34
CA LEU AB 26 -73.78 -71.81 -17.67
C LEU AB 26 -74.16 -70.81 -18.76
N PHE AB 27 -75.26 -70.10 -18.55
CA PHE AB 27 -75.69 -69.05 -19.46
C PHE AB 27 -75.13 -67.70 -19.08
N SER AB 28 -74.38 -67.64 -17.97
CA SER AB 28 -73.70 -66.44 -17.49
C SER AB 28 -74.67 -65.29 -17.26
N LEU AB 29 -75.84 -65.60 -16.71
CA LEU AB 29 -76.77 -64.54 -16.31
C LEU AB 29 -76.18 -63.74 -15.16
N PRO AB 30 -76.24 -62.42 -15.20
CA PRO AB 30 -75.88 -61.63 -14.02
C PRO AB 30 -76.96 -61.76 -12.97
N ILE AB 31 -76.53 -61.96 -11.73
CA ILE AB 31 -77.44 -62.02 -10.60
C ILE AB 31 -77.43 -60.64 -9.97
N LYS AB 32 -78.62 -60.13 -9.66
CA LYS AB 32 -78.72 -58.87 -8.95
C LYS AB 32 -79.50 -58.98 -7.65
N GLU AB 33 -79.89 -60.18 -7.26
CA GLU AB 33 -80.55 -60.43 -5.98
C GLU AB 33 -79.65 -61.34 -5.15
N SER AB 34 -79.11 -60.81 -4.05
CA SER AB 34 -78.35 -61.64 -3.13
C SER AB 34 -79.24 -62.67 -2.44
N GLU AB 35 -80.54 -62.42 -2.38
CA GLU AB 35 -81.45 -63.35 -1.75
C GLU AB 35 -81.72 -64.59 -2.59
N ILE AB 36 -81.41 -64.54 -3.89
CA ILE AB 36 -81.32 -65.77 -4.67
C ILE AB 36 -80.25 -66.69 -4.09
N ILE AB 37 -79.13 -66.12 -3.66
CA ILE AB 37 -78.00 -66.93 -3.23
C ILE AB 37 -78.21 -67.46 -1.81
N ASP AB 38 -79.01 -66.77 -0.99
CA ASP AB 38 -79.32 -67.28 0.34
C ASP AB 38 -80.12 -68.57 0.31
N PHE AB 39 -81.04 -68.72 -0.64
CA PHE AB 39 -81.83 -69.94 -0.73
C PHE AB 39 -80.97 -71.11 -1.21
N PHE AB 40 -79.97 -70.84 -2.04
CA PHE AB 40 -79.15 -71.92 -2.56
C PHE AB 40 -78.17 -72.42 -1.51
N LEU AB 41 -77.30 -71.55 -1.01
CA LEU AB 41 -76.32 -71.91 0.01
C LEU AB 41 -76.23 -70.78 1.03
N GLY AB 42 -76.88 -70.98 2.18
CA GLY AB 42 -76.89 -70.00 3.23
C GLY AB 42 -76.34 -70.46 4.56
N ALA AB 43 -76.05 -71.75 4.73
CA ALA AB 43 -75.60 -72.28 6.01
C ALA AB 43 -74.13 -72.63 6.02
N SER AB 44 -73.58 -73.06 4.87
CA SER AB 44 -72.16 -73.40 4.82
C SER AB 44 -71.31 -72.22 4.35
N LEU AB 45 -71.89 -71.33 3.54
CA LEU AB 45 -71.16 -70.17 3.04
C LEU AB 45 -70.84 -69.21 4.18
N LYS AB 46 -69.56 -68.85 4.31
CA LYS AB 46 -69.10 -68.05 5.43
C LYS AB 46 -68.52 -66.73 4.94
N ASP AB 47 -68.40 -65.81 5.91
CA ASP AB 47 -68.10 -64.41 5.68
C ASP AB 47 -66.90 -64.02 6.54
N GLU AB 48 -66.10 -63.07 6.03
CA GLU AB 48 -64.95 -62.59 6.80
C GLU AB 48 -64.53 -61.23 6.25
N VAL AB 49 -64.40 -60.24 7.14
CA VAL AB 49 -63.99 -58.90 6.74
C VAL AB 49 -62.47 -58.80 6.72
N LEU AB 50 -61.93 -58.17 5.69
CA LEU AB 50 -60.47 -58.05 5.57
C LEU AB 50 -59.93 -56.87 6.39
N LYS AB 51 -60.32 -55.65 6.02
CA LYS AB 51 -59.76 -54.47 6.68
C LYS AB 51 -60.67 -53.27 6.41
N ILE AB 52 -60.78 -52.42 7.42
CA ILE AB 52 -61.53 -51.18 7.33
C ILE AB 52 -60.60 -50.15 6.71
N MET AB 53 -60.94 -49.67 5.51
CA MET AB 53 -60.10 -48.68 4.84
C MET AB 53 -60.68 -47.28 5.08
N PRO AB 54 -60.06 -46.45 5.89
CA PRO AB 54 -60.58 -45.10 6.11
C PRO AB 54 -60.12 -44.07 5.09
N VAL AB 55 -60.77 -43.99 3.93
CA VAL AB 55 -60.48 -42.92 3.00
C VAL AB 55 -61.21 -41.67 3.46
N GLN AB 56 -60.80 -40.53 2.92
CA GLN AB 56 -61.46 -39.27 3.23
C GLN AB 56 -61.17 -38.27 2.12
N LYS AB 57 -62.10 -37.35 1.92
CA LYS AB 57 -61.98 -36.33 0.88
C LYS AB 57 -61.90 -34.94 1.51
N GLN AB 58 -61.39 -33.99 0.74
CA GLN AB 58 -61.16 -32.64 1.23
C GLN AB 58 -62.28 -31.71 0.78
N THR AB 59 -62.86 -30.97 1.73
CA THR AB 59 -63.81 -29.91 1.45
C THR AB 59 -63.47 -28.73 2.36
N ARG AB 60 -64.26 -27.65 2.24
CA ARG AB 60 -64.03 -26.46 3.04
C ARG AB 60 -64.22 -26.74 4.53
N ALA AB 61 -65.30 -27.42 4.88
CA ALA AB 61 -65.66 -27.60 6.29
C ALA AB 61 -65.10 -28.91 6.83
N GLY AB 62 -63.77 -28.97 6.89
CA GLY AB 62 -63.10 -30.14 7.40
C GLY AB 62 -62.92 -31.22 6.35
N GLN AB 63 -62.68 -32.45 6.79
CA GLN AB 63 -62.45 -33.57 5.90
C GLN AB 63 -63.60 -34.56 6.05
N ARG AB 64 -64.36 -34.75 4.98
CA ARG AB 64 -65.46 -35.71 4.99
C ARG AB 64 -64.85 -37.10 5.00
N THR AB 65 -65.18 -37.89 6.02
CA THR AB 65 -64.69 -39.25 6.15
C THR AB 65 -65.71 -40.24 5.61
N ARG AB 66 -65.24 -41.38 5.12
CA ARG AB 66 -66.08 -42.50 4.74
C ARG AB 66 -65.21 -43.75 4.71
N PHE AB 67 -65.67 -44.82 5.36
CA PHE AB 67 -64.85 -46.01 5.48
C PHE AB 67 -65.17 -47.01 4.39
N LYS AB 68 -64.16 -47.77 3.99
CA LYS AB 68 -64.29 -48.80 2.98
C LYS AB 68 -63.94 -50.15 3.60
N ALA AB 69 -64.76 -51.15 3.34
CA ALA AB 69 -64.55 -52.48 3.88
C ALA AB 69 -64.49 -53.49 2.74
N PHE AB 70 -63.70 -54.53 2.96
CA PHE AB 70 -63.49 -55.59 1.98
C PHE AB 70 -63.84 -56.91 2.64
N VAL AB 71 -64.84 -57.60 2.11
CA VAL AB 71 -65.28 -58.88 2.66
C VAL AB 71 -65.05 -59.95 1.60
N ALA AB 72 -64.29 -60.97 1.97
CA ALA AB 72 -64.18 -62.19 1.19
C ALA AB 72 -65.24 -63.15 1.68
N ILE AB 73 -66.13 -63.56 0.78
CA ILE AB 73 -67.22 -64.43 1.17
C ILE AB 73 -67.05 -65.75 0.44
N GLY AB 74 -67.65 -66.81 0.96
CA GLY AB 74 -67.61 -68.08 0.26
C GLY AB 74 -67.65 -69.29 1.16
N ASP AB 75 -68.16 -70.40 0.63
CA ASP AB 75 -68.12 -71.68 1.31
C ASP AB 75 -66.78 -72.33 1.07
N TYR AB 76 -66.61 -73.51 1.65
CA TYR AB 76 -65.32 -74.17 1.55
C TYR AB 76 -65.35 -75.22 0.45
N ASN AB 77 -66.14 -74.96 -0.60
CA ASN AB 77 -66.18 -75.83 -1.76
C ASN AB 77 -66.61 -75.11 -3.03
N GLY AB 78 -65.64 -74.76 -3.88
CA GLY AB 78 -65.92 -74.35 -5.23
C GLY AB 78 -66.48 -72.95 -5.42
N HIS AB 79 -66.84 -72.23 -4.36
CA HIS AB 79 -67.42 -70.91 -4.52
C HIS AB 79 -66.80 -69.92 -3.55
N VAL AB 80 -66.55 -68.71 -4.05
CA VAL AB 80 -65.90 -67.65 -3.30
C VAL AB 80 -66.20 -66.33 -4.01
N GLY AB 81 -66.39 -65.27 -3.22
CA GLY AB 81 -66.69 -63.95 -3.76
C GLY AB 81 -66.01 -62.86 -2.97
N LEU AB 82 -66.21 -61.63 -3.43
CA LEU AB 82 -65.47 -60.49 -2.89
C LEU AB 82 -66.43 -59.31 -2.80
N GLY AB 83 -66.47 -58.66 -1.64
CA GLY AB 83 -67.37 -57.54 -1.40
C GLY AB 83 -66.62 -56.24 -1.21
N VAL AB 84 -67.15 -55.18 -1.82
CA VAL AB 84 -66.58 -53.84 -1.75
C VAL AB 84 -67.72 -52.86 -1.62
N LYS AB 85 -67.71 -52.07 -0.54
CA LYS AB 85 -68.69 -50.99 -0.36
C LYS AB 85 -68.11 -49.96 0.58
N CYS AB 86 -68.13 -48.70 0.14
CA CYS AB 86 -67.62 -47.58 0.95
C CYS AB 86 -68.82 -46.76 1.42
N SER AB 87 -69.05 -46.78 2.72
CA SER AB 87 -70.19 -46.11 3.35
C SER AB 87 -69.70 -45.13 4.39
N LYS AB 88 -70.65 -44.58 5.16
CA LYS AB 88 -70.30 -43.64 6.22
C LYS AB 88 -69.90 -44.37 7.49
N GLU AB 89 -70.67 -45.38 7.88
CA GLU AB 89 -70.41 -46.14 9.09
C GLU AB 89 -69.98 -47.56 8.73
N VAL AB 90 -69.07 -48.11 9.54
CA VAL AB 90 -68.42 -49.39 9.27
C VAL AB 90 -69.39 -50.57 9.31
N ALA AB 91 -70.21 -50.68 10.35
CA ALA AB 91 -71.17 -51.77 10.44
C ALA AB 91 -72.25 -51.63 9.39
N THR AB 92 -72.53 -50.39 8.98
CA THR AB 92 -73.39 -50.18 7.83
C THR AB 92 -72.67 -50.57 6.55
N ALA AB 93 -71.35 -50.38 6.49
CA ALA AB 93 -70.60 -50.67 5.27
C ALA AB 93 -70.45 -52.18 5.04
N ILE AB 94 -70.21 -52.94 6.10
CA ILE AB 94 -70.14 -54.40 5.94
C ILE AB 94 -71.51 -54.95 5.58
N ARG AB 95 -72.58 -54.38 6.15
CA ARG AB 95 -73.93 -54.77 5.80
C ARG AB 95 -74.24 -54.45 4.34
N GLY AB 96 -73.56 -53.45 3.78
CA GLY AB 96 -73.64 -53.19 2.36
C GLY AB 96 -72.66 -54.02 1.56
N ALA AB 97 -71.54 -54.40 2.18
CA ALA AB 97 -70.52 -55.12 1.41
C ALA AB 97 -70.80 -56.61 1.35
N ILE AB 98 -71.36 -57.17 2.43
CA ILE AB 98 -71.78 -58.56 2.41
C ILE AB 98 -72.85 -58.78 1.35
N ILE AB 99 -73.80 -57.84 1.24
CA ILE AB 99 -74.86 -57.98 0.25
C ILE AB 99 -74.30 -57.82 -1.15
N LEU AB 100 -73.11 -57.21 -1.28
CA LEU AB 100 -72.48 -57.16 -2.59
C LEU AB 100 -71.48 -58.29 -2.79
N ALA AB 101 -70.98 -58.88 -1.71
CA ALA AB 101 -70.11 -60.04 -1.87
C ALA AB 101 -70.87 -61.24 -2.44
N LYS AB 102 -72.13 -61.41 -2.04
CA LYS AB 102 -72.96 -62.45 -2.64
C LYS AB 102 -73.38 -62.10 -4.05
N LEU AB 103 -73.30 -60.83 -4.42
CA LEU AB 103 -73.54 -60.35 -5.77
C LEU AB 103 -72.40 -60.62 -6.73
N SER AB 104 -71.31 -61.22 -6.26
CA SER AB 104 -70.09 -61.33 -7.04
C SER AB 104 -69.42 -62.70 -6.94
N ILE AB 105 -70.11 -63.71 -6.39
CA ILE AB 105 -69.46 -65.01 -6.22
C ILE AB 105 -69.24 -65.66 -7.57
N VAL AB 106 -68.10 -66.33 -7.71
CA VAL AB 106 -67.70 -66.95 -8.98
C VAL AB 106 -67.28 -68.38 -8.68
N PRO AB 107 -67.72 -69.35 -9.47
CA PRO AB 107 -67.31 -70.74 -9.21
C PRO AB 107 -65.87 -70.98 -9.66
N VAL AB 108 -65.08 -71.54 -8.76
CA VAL AB 108 -63.66 -71.78 -9.01
C VAL AB 108 -63.48 -73.22 -9.48
N ARG AB 109 -62.42 -73.46 -10.22
CA ARG AB 109 -62.10 -74.80 -10.72
C ARG AB 109 -60.90 -75.34 -9.95
N ARG AB 110 -61.15 -76.30 -9.07
CA ARG AB 110 -60.10 -77.02 -8.37
C ARG AB 110 -59.65 -78.21 -9.22
N GLY AB 111 -58.34 -78.40 -9.29
CA GLY AB 111 -57.81 -79.44 -10.17
C GLY AB 111 -56.77 -80.30 -9.49
N TYR AB 112 -56.04 -81.07 -10.29
CA TYR AB 112 -55.06 -82.03 -9.80
C TYR AB 112 -53.65 -81.68 -10.26
N TRP AB 113 -52.68 -82.33 -9.63
CA TRP AB 113 -51.25 -82.15 -9.89
C TRP AB 113 -50.70 -83.47 -10.39
N GLY AB 114 -50.77 -83.71 -11.70
CA GLY AB 114 -50.28 -84.95 -12.24
C GLY AB 114 -51.24 -86.11 -12.08
N ASN AB 115 -51.37 -86.64 -10.87
CA ASN AB 115 -52.26 -87.75 -10.60
C ASN AB 115 -53.61 -87.23 -10.15
N LYS AB 116 -54.66 -88.01 -10.46
CA LYS AB 116 -56.02 -87.52 -10.29
C LYS AB 116 -56.84 -88.40 -9.35
N ILE AB 117 -56.27 -88.75 -8.21
CA ILE AB 117 -56.97 -89.57 -7.22
C ILE AB 117 -57.70 -88.64 -6.25
N GLY AB 118 -58.84 -89.11 -5.77
CA GLY AB 118 -59.60 -88.41 -4.75
C GLY AB 118 -60.21 -87.09 -5.19
N LYS AB 119 -60.35 -86.16 -4.26
CA LYS AB 119 -60.93 -84.87 -4.52
C LYS AB 119 -59.86 -83.88 -4.96
N PRO AB 120 -60.18 -82.94 -5.85
CA PRO AB 120 -59.21 -81.91 -6.24
C PRO AB 120 -58.89 -81.00 -5.07
N HIS AB 121 -57.67 -80.53 -5.05
CA HIS AB 121 -57.13 -79.76 -3.94
C HIS AB 121 -56.38 -78.51 -4.39
N THR AB 122 -56.11 -78.39 -5.69
CA THR AB 122 -55.20 -77.38 -6.20
C THR AB 122 -55.79 -76.71 -7.44
N VAL AB 123 -55.31 -75.51 -7.74
CA VAL AB 123 -55.53 -74.89 -9.06
C VAL AB 123 -54.98 -75.83 -10.13
N PRO AB 124 -55.68 -76.08 -11.23
CA PRO AB 124 -55.19 -77.09 -12.17
C PRO AB 124 -54.04 -76.62 -13.03
N CYS AB 125 -53.95 -75.33 -13.36
CA CYS AB 125 -52.95 -74.88 -14.33
C CYS AB 125 -52.33 -73.58 -13.83
N LYS AB 126 -51.61 -72.90 -14.71
CA LYS AB 126 -50.95 -71.64 -14.38
C LYS AB 126 -51.87 -70.50 -14.81
N VAL AB 127 -52.55 -69.92 -13.83
CA VAL AB 127 -53.41 -68.76 -14.07
C VAL AB 127 -52.84 -67.58 -13.27
N THR AB 128 -53.02 -66.39 -13.81
CA THR AB 128 -52.51 -65.17 -13.20
C THR AB 128 -53.66 -64.22 -12.91
N GLY AB 129 -53.43 -63.32 -11.98
CA GLY AB 129 -54.43 -62.34 -11.58
C GLY AB 129 -53.80 -60.98 -11.37
N ARG AB 130 -54.41 -59.97 -11.99
CA ARG AB 130 -53.85 -58.63 -11.96
C ARG AB 130 -54.95 -57.60 -12.13
N CYS AB 131 -54.79 -56.48 -11.43
CA CYS AB 131 -55.62 -55.31 -11.61
C CYS AB 131 -54.81 -54.10 -11.17
N GLY AB 132 -54.73 -53.11 -12.02
CA GLY AB 132 -53.81 -52.01 -11.74
C GLY AB 132 -52.35 -52.40 -12.01
N SER AB 133 -51.59 -52.61 -10.94
CA SER AB 133 -50.21 -53.04 -11.05
C SER AB 133 -49.87 -54.28 -10.26
N VAL AB 134 -50.72 -54.69 -9.32
CA VAL AB 134 -50.48 -55.90 -8.54
C VAL AB 134 -50.68 -57.11 -9.45
N LEU AB 135 -49.76 -58.08 -9.38
CA LEU AB 135 -49.72 -59.20 -10.29
C LEU AB 135 -49.48 -60.49 -9.50
N VAL AB 136 -50.53 -61.30 -9.34
CA VAL AB 136 -50.46 -62.55 -8.62
C VAL AB 136 -50.56 -63.71 -9.61
N ARG AB 137 -49.66 -64.67 -9.49
CA ARG AB 137 -49.62 -65.86 -10.33
C ARG AB 137 -49.93 -67.07 -9.48
N LEU AB 138 -50.64 -68.04 -10.05
CA LEU AB 138 -51.05 -69.24 -9.34
C LEU AB 138 -50.42 -70.48 -9.98
N ILE AB 139 -49.72 -71.26 -9.18
CA ILE AB 139 -48.99 -72.44 -9.64
C ILE AB 139 -49.56 -73.69 -8.98
N PRO AB 140 -49.78 -74.77 -9.73
CA PRO AB 140 -50.22 -76.02 -9.12
C PRO AB 140 -49.20 -76.61 -8.16
N ALA AB 141 -49.67 -77.51 -7.31
CA ALA AB 141 -48.93 -78.09 -6.21
C ALA AB 141 -49.56 -79.43 -5.81
N PRO AB 142 -48.77 -80.36 -5.26
CA PRO AB 142 -49.36 -81.62 -4.78
C PRO AB 142 -50.20 -81.47 -3.52
N ARG AB 143 -50.68 -82.60 -2.99
CA ARG AB 143 -51.37 -82.58 -1.71
C ARG AB 143 -50.40 -82.32 -0.58
N GLY AB 144 -50.94 -81.90 0.57
CA GLY AB 144 -50.12 -81.60 1.72
C GLY AB 144 -49.25 -80.38 1.58
N THR AB 145 -49.45 -79.58 0.54
CA THR AB 145 -48.58 -78.44 0.26
C THR AB 145 -49.02 -77.19 0.99
N GLY AB 146 -50.33 -76.97 1.11
CA GLY AB 146 -50.85 -75.77 1.71
C GLY AB 146 -50.99 -74.64 0.72
N ILE AB 147 -51.73 -73.62 1.13
CA ILE AB 147 -51.86 -72.41 0.33
C ILE AB 147 -50.64 -71.54 0.62
N VAL AB 148 -49.66 -71.58 -0.28
CA VAL AB 148 -48.42 -70.86 -0.04
C VAL AB 148 -48.54 -69.48 -0.67
N SER AB 149 -48.86 -68.49 0.16
CA SER AB 149 -48.92 -67.10 -0.27
C SER AB 149 -48.79 -66.20 0.95
N ALA AB 150 -49.12 -64.93 0.76
CA ALA AB 150 -49.24 -64.00 1.86
C ALA AB 150 -50.39 -64.41 2.78
N PRO AB 151 -50.44 -63.89 4.01
CA PRO AB 151 -51.58 -64.20 4.88
C PRO AB 151 -52.93 -63.72 4.35
N VAL AB 152 -52.95 -62.68 3.53
CA VAL AB 152 -54.22 -62.17 3.02
C VAL AB 152 -54.89 -63.13 2.03
N PRO AB 153 -54.33 -63.46 0.85
CA PRO AB 153 -55.11 -64.27 -0.10
C PRO AB 153 -55.16 -65.72 0.30
N LYS AB 154 -54.36 -66.15 1.28
CA LYS AB 154 -54.61 -67.42 1.92
C LYS AB 154 -55.98 -67.44 2.57
N LYS AB 155 -56.34 -66.36 3.28
CA LYS AB 155 -57.68 -66.30 3.85
C LYS AB 155 -58.74 -66.06 2.78
N LEU AB 156 -58.31 -65.65 1.58
CA LEU AB 156 -59.24 -65.64 0.45
C LEU AB 156 -59.38 -67.02 -0.14
N LEU AB 157 -58.26 -67.73 -0.32
CA LEU AB 157 -58.30 -69.03 -0.95
C LEU AB 157 -58.73 -70.13 0.02
N MET AB 158 -58.66 -69.87 1.33
CA MET AB 158 -59.28 -70.77 2.29
C MET AB 158 -60.79 -70.81 2.07
N MET AB 159 -61.40 -69.66 1.83
CA MET AB 159 -62.82 -69.57 1.54
C MET AB 159 -63.13 -69.87 0.08
N ALA AB 160 -62.14 -70.31 -0.68
CA ALA AB 160 -62.36 -70.85 -2.02
C ALA AB 160 -62.46 -72.36 -2.04
N GLY AB 161 -62.13 -73.02 -0.92
CA GLY AB 161 -62.12 -74.46 -0.83
C GLY AB 161 -60.78 -75.07 -1.19
N ILE AB 162 -59.94 -74.36 -1.94
CA ILE AB 162 -58.66 -74.87 -2.36
C ILE AB 162 -57.70 -74.89 -1.17
N ASP AB 163 -57.11 -76.06 -0.91
CA ASP AB 163 -56.21 -76.22 0.23
C ASP AB 163 -54.75 -76.22 -0.15
N ASP AB 164 -54.41 -76.26 -1.45
CA ASP AB 164 -53.03 -76.33 -1.90
C ASP AB 164 -52.85 -75.34 -3.04
N CYS AB 165 -51.85 -74.46 -2.92
CA CYS AB 165 -51.52 -73.53 -4.00
C CYS AB 165 -50.13 -72.91 -3.83
N TYR AB 166 -49.42 -72.74 -4.94
CA TYR AB 166 -48.17 -71.98 -4.96
C TYR AB 166 -48.40 -70.67 -5.70
N THR AB 167 -48.03 -69.56 -5.08
CA THR AB 167 -48.23 -68.25 -5.66
C THR AB 167 -46.92 -67.48 -5.73
N SER AB 168 -47.03 -66.26 -6.26
CA SER AB 168 -45.93 -65.29 -6.28
C SER AB 168 -46.54 -63.93 -6.56
N ALA AB 169 -46.33 -62.98 -5.67
CA ALA AB 169 -46.91 -61.65 -5.80
C ALA AB 169 -45.90 -60.69 -6.41
N ARG AB 170 -46.39 -59.84 -7.31
CA ARG AB 170 -45.56 -58.83 -7.95
C ARG AB 170 -46.36 -57.54 -8.06
N GLY AB 171 -45.74 -56.42 -7.65
CA GLY AB 171 -46.40 -55.13 -7.66
C GLY AB 171 -46.53 -54.56 -6.26
N CYS AB 172 -47.26 -53.44 -6.19
CA CYS AB 172 -47.47 -52.75 -4.93
C CYS AB 172 -48.50 -53.55 -4.13
N THR AB 173 -48.01 -54.57 -3.44
CA THR AB 173 -48.86 -55.51 -2.74
C THR AB 173 -49.35 -54.96 -1.41
N ALA AB 174 -48.88 -53.78 -0.99
CA ALA AB 174 -49.42 -53.16 0.21
C ALA AB 174 -50.86 -52.71 0.00
N THR AB 175 -51.23 -52.42 -1.25
CA THR AB 175 -52.58 -52.00 -1.59
C THR AB 175 -53.50 -53.19 -1.48
N LEU AB 176 -54.16 -53.33 -0.33
CA LEU AB 176 -54.98 -54.50 -0.03
C LEU AB 176 -56.15 -54.67 -0.99
N GLY AB 177 -56.85 -53.57 -1.31
CA GLY AB 177 -58.04 -53.67 -2.12
C GLY AB 177 -57.78 -54.16 -3.53
N ASN AB 178 -56.59 -53.88 -4.06
CA ASN AB 178 -56.18 -54.40 -5.36
C ASN AB 178 -55.51 -55.74 -5.25
N PHE AB 179 -54.76 -55.99 -4.18
CA PHE AB 179 -54.12 -57.28 -3.97
C PHE AB 179 -55.13 -58.39 -3.75
N ALA AB 180 -56.29 -58.08 -3.18
CA ALA AB 180 -57.38 -59.04 -3.07
C ALA AB 180 -58.17 -59.15 -4.37
N LYS AB 181 -58.40 -58.03 -5.04
CA LYS AB 181 -59.11 -58.03 -6.32
C LYS AB 181 -58.33 -58.81 -7.38
N ALA AB 182 -56.99 -58.69 -7.37
CA ALA AB 182 -56.17 -59.43 -8.34
C ALA AB 182 -56.22 -60.92 -8.07
N THR AB 183 -56.27 -61.30 -6.79
CA THR AB 183 -56.49 -62.69 -6.45
C THR AB 183 -57.86 -63.15 -6.94
N PHE AB 184 -58.84 -62.25 -6.93
CA PHE AB 184 -60.15 -62.59 -7.45
C PHE AB 184 -60.16 -62.69 -8.97
N ASP AB 185 -59.37 -61.84 -9.64
CA ASP AB 185 -59.32 -61.91 -11.10
C ASP AB 185 -58.70 -63.20 -11.59
N ALA AB 186 -57.81 -63.80 -10.79
CA ALA AB 186 -57.21 -65.05 -11.20
C ALA AB 186 -58.21 -66.20 -11.11
N ILE AB 187 -58.87 -66.33 -9.95
CA ILE AB 187 -59.74 -67.48 -9.72
C ILE AB 187 -60.99 -67.40 -10.57
N SER AB 188 -61.39 -66.20 -10.97
CA SER AB 188 -62.50 -66.08 -11.89
C SER AB 188 -62.12 -66.54 -13.29
N LYS AB 189 -60.83 -66.62 -13.59
CA LYS AB 189 -60.36 -66.96 -14.92
C LYS AB 189 -60.02 -68.44 -15.06
N THR AB 190 -60.02 -69.19 -13.95
CA THR AB 190 -59.64 -70.59 -14.05
C THR AB 190 -60.72 -71.44 -14.69
N TYR AB 191 -61.98 -71.04 -14.60
CA TYR AB 191 -63.07 -71.69 -15.32
C TYR AB 191 -63.35 -71.00 -16.64
N SER AB 192 -62.45 -70.14 -17.10
CA SER AB 192 -62.58 -69.48 -18.39
C SER AB 192 -61.36 -69.69 -19.28
N TYR AB 193 -60.34 -70.37 -18.76
CA TYR AB 193 -59.16 -70.71 -19.53
C TYR AB 193 -59.37 -72.08 -20.16
N LEU AB 194 -58.94 -72.22 -21.41
CA LEU AB 194 -59.13 -73.47 -22.13
C LEU AB 194 -58.09 -74.48 -21.70
N THR AB 195 -58.56 -75.60 -21.18
CA THR AB 195 -57.80 -76.81 -21.02
C THR AB 195 -58.13 -77.76 -22.16
N PRO AB 196 -57.20 -78.63 -22.56
CA PRO AB 196 -57.53 -79.65 -23.57
C PRO AB 196 -58.62 -80.61 -23.13
N ASP AB 197 -58.93 -80.65 -21.82
CA ASP AB 197 -60.08 -81.40 -21.34
C ASP AB 197 -61.41 -80.85 -21.89
N LEU AB 198 -61.56 -79.53 -21.92
CA LEU AB 198 -62.79 -78.90 -22.42
C LEU AB 198 -62.78 -78.87 -23.95
N TRP AB 199 -62.89 -80.05 -24.54
CA TRP AB 199 -62.80 -80.16 -25.98
C TRP AB 199 -64.02 -80.79 -26.64
N LYS AB 200 -64.84 -81.52 -25.88
CA LYS AB 200 -66.07 -82.07 -26.45
C LYS AB 200 -67.06 -80.96 -26.72
N GLU AB 201 -67.85 -81.13 -27.77
CA GLU AB 201 -68.81 -80.11 -28.14
C GLU AB 201 -69.96 -80.07 -27.15
N THR AB 202 -70.50 -78.86 -26.95
CA THR AB 202 -71.38 -78.61 -25.82
C THR AB 202 -72.77 -79.16 -26.10
N VAL AB 203 -73.26 -80.00 -25.19
CA VAL AB 203 -74.67 -80.37 -25.19
C VAL AB 203 -75.50 -79.16 -24.77
N PHE AB 204 -76.52 -78.84 -25.57
CA PHE AB 204 -77.32 -77.65 -25.29
C PHE AB 204 -78.51 -78.01 -24.41
N THR AB 205 -78.48 -77.51 -23.18
CA THR AB 205 -79.62 -77.56 -22.27
C THR AB 205 -80.40 -76.26 -22.41
N LYS AB 206 -81.72 -76.37 -22.30
CA LYS AB 206 -82.59 -75.22 -22.53
C LYS AB 206 -82.43 -74.20 -21.41
N SER AB 207 -82.54 -72.91 -21.79
CA SER AB 207 -82.33 -71.82 -20.85
C SER AB 207 -83.42 -71.79 -19.79
N PRO AB 208 -83.09 -71.35 -18.57
CA PRO AB 208 -84.11 -71.30 -17.52
C PRO AB 208 -85.19 -70.26 -17.76
N TYR AB 209 -84.86 -69.11 -18.35
CA TYR AB 209 -85.88 -68.13 -18.66
C TYR AB 209 -86.71 -68.51 -19.88
N GLN AB 210 -86.29 -69.53 -20.63
CA GLN AB 210 -87.07 -70.01 -21.76
C GLN AB 210 -87.89 -71.24 -21.40
N GLU AB 211 -87.30 -72.16 -20.63
CA GLU AB 211 -88.00 -73.39 -20.26
C GLU AB 211 -89.14 -73.12 -19.29
N PHE AB 212 -89.07 -72.01 -18.55
CA PHE AB 212 -90.10 -71.71 -17.56
C PHE AB 212 -90.88 -70.47 -17.99
N THR AB 213 -91.18 -70.39 -19.28
CA THR AB 213 -91.87 -69.24 -19.84
C THR AB 213 -93.37 -69.27 -19.57
N ASP AB 214 -93.88 -70.34 -18.98
CA ASP AB 214 -95.30 -70.38 -18.62
C ASP AB 214 -95.54 -70.36 -17.11
N HIS AB 215 -94.49 -70.60 -16.32
CA HIS AB 215 -94.63 -70.55 -14.87
C HIS AB 215 -94.72 -69.13 -14.33
N LEU AB 216 -94.30 -68.14 -15.11
CA LEU AB 216 -94.18 -66.77 -14.65
C LEU AB 216 -95.22 -65.84 -15.25
N VAL AB 217 -96.29 -66.39 -15.82
CA VAL AB 217 -97.30 -65.56 -16.49
C VAL AB 217 -98.70 -65.87 -15.98
N LYS AB 218 -98.82 -66.84 -15.07
CA LYS AB 218 -100.13 -67.35 -14.69
C LYS AB 218 -100.59 -66.91 -13.31
N THR AB 219 -99.70 -66.74 -12.34
CA THR AB 219 -100.08 -66.29 -11.01
C THR AB 219 -99.55 -64.91 -10.67
N HIS AB 220 -98.81 -64.27 -11.58
CA HIS AB 220 -98.38 -62.89 -11.43
C HIS AB 220 -98.27 -62.28 -12.82
N THR AB 221 -97.60 -61.13 -12.91
CA THR AB 221 -97.39 -60.47 -14.19
C THR AB 221 -96.31 -61.19 -15.01
N MET BB 1 -111.23 -11.70 44.29
CA MET BB 1 -111.39 -12.42 45.54
C MET BB 1 -110.53 -11.82 46.65
N ALA BB 2 -109.61 -12.63 47.18
CA ALA BB 2 -108.77 -12.19 48.28
C ALA BB 2 -107.78 -11.11 47.85
N VAL BB 3 -106.88 -11.46 46.93
CA VAL BB 3 -105.95 -10.46 46.40
C VAL BB 3 -106.40 -9.97 45.04
N GLN BB 4 -106.83 -10.89 44.16
CA GLN BB 4 -107.37 -10.60 42.83
C GLN BB 4 -106.39 -9.77 41.99
N ILE BB 5 -105.28 -10.43 41.68
CA ILE BB 5 -104.24 -9.83 40.85
C ILE BB 5 -104.73 -9.76 39.41
N SER BB 6 -104.01 -9.00 38.58
CA SER BB 6 -104.49 -8.73 37.24
C SER BB 6 -104.43 -9.98 36.36
N LYS BB 7 -105.32 -10.02 35.38
CA LYS BB 7 -105.41 -11.17 34.49
C LYS BB 7 -104.20 -11.30 33.58
N LYS BB 8 -103.46 -10.22 33.36
CA LYS BB 8 -102.17 -10.33 32.70
C LYS BB 8 -101.20 -11.15 33.53
N ARG BB 9 -101.32 -11.08 34.85
CA ARG BB 9 -100.48 -11.85 35.74
C ARG BB 9 -101.12 -13.18 36.15
N LYS BB 10 -102.44 -13.31 36.00
CA LYS BB 10 -103.11 -14.55 36.36
C LYS BB 10 -102.69 -15.70 35.45
N PHE BB 11 -102.63 -15.45 34.14
CA PHE BB 11 -102.35 -16.52 33.20
C PHE BB 11 -100.89 -16.98 33.27
N VAL BB 12 -99.96 -16.06 33.51
CA VAL BB 12 -98.55 -16.43 33.56
C VAL BB 12 -98.22 -17.10 34.89
N ALA BB 13 -98.90 -16.72 35.97
CA ALA BB 13 -98.75 -17.44 37.22
C ALA BB 13 -99.29 -18.85 37.12
N ASP BB 14 -100.20 -19.10 36.18
CA ASP BB 14 -100.57 -20.46 35.82
C ASP BB 14 -99.50 -21.11 34.94
N GLY BB 15 -98.79 -20.29 34.16
CA GLY BB 15 -97.72 -20.83 33.33
C GLY BB 15 -96.52 -21.27 34.15
N ILE BB 16 -96.16 -20.49 35.17
CA ILE BB 16 -95.19 -20.97 36.14
C ILE BB 16 -95.75 -22.16 36.90
N PHE BB 17 -97.05 -22.13 37.20
CA PHE BB 17 -97.70 -23.30 37.80
C PHE BB 17 -97.70 -24.47 36.83
N LYS BB 18 -97.80 -24.20 35.52
CA LYS BB 18 -97.55 -25.23 34.53
C LYS BB 18 -96.09 -25.68 34.57
N ALA BB 19 -95.19 -24.73 34.84
CA ALA BB 19 -93.76 -25.03 34.75
C ALA BB 19 -93.28 -25.86 35.92
N GLU BB 20 -93.59 -25.41 37.15
CA GLU BB 20 -92.93 -25.98 38.33
C GLU BB 20 -93.36 -27.41 38.59
N LEU BB 21 -94.55 -27.80 38.15
CA LEU BB 21 -94.88 -29.22 38.19
C LEU BB 21 -94.19 -29.97 37.06
N ASN BB 22 -94.07 -29.36 35.88
CA ASN BB 22 -93.47 -30.03 34.74
C ASN BB 22 -92.00 -30.34 34.98
N GLU BB 23 -91.35 -29.60 35.87
CA GLU BB 23 -90.03 -29.99 36.33
C GLU BB 23 -90.09 -31.01 37.44
N PHE BB 24 -90.92 -30.76 38.45
CA PHE BB 24 -90.94 -31.58 39.66
C PHE BB 24 -91.40 -33.00 39.34
N LEU BB 25 -92.33 -33.14 38.40
CA LEU BB 25 -92.70 -34.47 37.91
C LEU BB 25 -91.57 -35.11 37.11
N THR BB 26 -90.86 -34.34 36.30
CA THR BB 26 -89.85 -34.92 35.42
C THR BB 26 -88.62 -35.38 36.19
N ARG BB 27 -88.44 -34.90 37.42
CA ARG BB 27 -87.27 -35.26 38.21
C ARG BB 27 -87.55 -36.39 39.20
N GLU BB 28 -88.80 -36.78 39.42
CA GLU BB 28 -89.09 -37.85 40.36
C GLU BB 28 -89.49 -39.16 39.70
N LEU BB 29 -90.34 -39.13 38.68
CA LEU BB 29 -90.81 -40.33 38.01
C LEU BB 29 -90.30 -40.44 36.58
N ALA BB 30 -89.06 -40.02 36.35
CA ALA BB 30 -88.42 -40.24 35.05
C ALA BB 30 -88.02 -41.69 34.86
N GLU BB 31 -88.12 -42.52 35.89
CA GLU BB 31 -87.74 -43.91 35.84
C GLU BB 31 -88.86 -44.81 35.32
N ASP BB 32 -90.11 -44.32 35.32
CA ASP BB 32 -91.23 -45.12 34.82
C ASP BB 32 -92.02 -44.39 33.73
N GLY BB 33 -91.36 -43.59 32.91
CA GLY BB 33 -91.98 -43.08 31.70
C GLY BB 33 -92.96 -41.95 31.87
N TYR BB 34 -92.49 -40.77 32.27
CA TYR BB 34 -93.32 -39.58 32.39
C TYR BB 34 -93.37 -38.86 31.05
N SER BB 35 -94.58 -38.43 30.64
CA SER BB 35 -94.76 -37.88 29.30
C SER BB 35 -95.65 -36.65 29.22
N GLY BB 36 -95.89 -35.95 30.32
CA GLY BB 36 -96.63 -34.70 30.29
C GLY BB 36 -97.89 -34.75 31.14
N VAL BB 37 -98.62 -33.63 31.09
CA VAL BB 37 -99.80 -33.39 31.92
C VAL BB 37 -100.86 -32.65 31.13
N GLU BB 38 -101.99 -32.40 31.79
CA GLU BB 38 -103.00 -31.45 31.33
C GLU BB 38 -103.78 -30.97 32.55
N VAL BB 39 -104.14 -29.70 32.57
CA VAL BB 39 -104.82 -29.11 33.70
C VAL BB 39 -106.32 -29.09 33.47
N ARG BB 40 -107.09 -29.35 34.52
CA ARG BB 40 -108.56 -29.27 34.46
C ARG BB 40 -109.06 -28.56 35.71
N VAL BB 41 -109.58 -27.36 35.54
CA VAL BB 41 -110.17 -26.61 36.64
C VAL BB 41 -111.69 -26.70 36.55
N THR BB 42 -112.34 -26.96 37.68
CA THR BB 42 -113.79 -27.02 37.79
C THR BB 42 -114.18 -26.27 39.06
N PRO BB 43 -115.44 -25.87 39.20
CA PRO BB 43 -115.86 -25.20 40.44
C PRO BB 43 -115.75 -26.12 41.65
N THR BB 44 -115.02 -25.65 42.67
CA THR BB 44 -114.73 -26.29 43.94
C THR BB 44 -114.04 -27.65 43.79
N ARG BB 45 -113.46 -27.93 42.63
CA ARG BB 45 -112.73 -29.17 42.39
C ARG BB 45 -111.66 -28.90 41.34
N THR BB 46 -110.41 -29.15 41.69
CA THR BB 46 -109.29 -28.92 40.78
C THR BB 46 -108.65 -30.27 40.49
N GLU BB 47 -108.43 -30.56 39.21
CA GLU BB 47 -108.01 -31.88 38.75
C GLU BB 47 -106.81 -31.76 37.83
N ILE BB 48 -105.80 -32.60 38.05
CA ILE BB 48 -104.60 -32.63 37.22
C ILE BB 48 -104.34 -34.09 36.84
N ILE BB 49 -103.91 -34.32 35.60
CA ILE BB 49 -103.67 -35.66 35.09
C ILE BB 49 -102.19 -35.84 34.79
N ILE BB 50 -101.64 -36.97 35.20
CA ILE BB 50 -100.24 -37.31 34.97
C ILE BB 50 -100.21 -38.32 33.83
N LEU BB 51 -99.90 -37.84 32.63
CA LEU BB 51 -99.78 -38.72 31.48
C LEU BB 51 -98.46 -39.46 31.56
N ALA BB 52 -98.52 -40.76 31.83
CA ALA BB 52 -97.34 -41.59 31.95
C ALA BB 52 -97.61 -42.94 31.31
N THR BB 53 -96.54 -43.58 30.83
CA THR BB 53 -96.69 -44.88 30.19
C THR BB 53 -97.11 -45.95 31.20
N ARG BB 54 -96.28 -46.17 32.21
CA ARG BB 54 -96.50 -47.21 33.22
C ARG BB 54 -97.18 -46.58 34.43
N THR BB 55 -98.48 -46.31 34.29
CA THR BB 55 -99.28 -45.81 35.40
C THR BB 55 -99.58 -46.88 36.45
N GLN BB 56 -99.18 -48.14 36.20
CA GLN BB 56 -99.28 -49.19 37.20
C GLN BB 56 -98.14 -49.15 38.20
N ASN BB 57 -97.13 -48.32 37.97
CA ASN BB 57 -95.95 -48.27 38.80
C ASN BB 57 -95.68 -46.89 39.39
N VAL BB 58 -96.56 -45.92 39.13
CA VAL BB 58 -96.48 -44.62 39.76
C VAL BB 58 -97.34 -44.54 41.01
N LEU BB 59 -98.25 -45.50 41.21
CA LEU BB 59 -99.11 -45.49 42.38
C LEU BB 59 -98.48 -46.17 43.59
N GLY BB 60 -97.63 -47.16 43.37
CA GLY BB 60 -96.92 -47.77 44.49
C GLY BB 60 -97.75 -48.87 45.15
N GLU BB 61 -97.80 -48.82 46.48
CA GLU BB 61 -98.50 -49.82 47.28
C GLU BB 61 -99.93 -49.34 47.49
N LYS BB 62 -100.80 -49.69 46.54
CA LYS BB 62 -102.23 -49.35 46.57
C LYS BB 62 -102.42 -47.83 46.63
N GLY BB 63 -101.89 -47.13 45.62
CA GLY BB 63 -102.06 -45.69 45.51
C GLY BB 63 -101.34 -44.88 46.56
N ARG BB 64 -100.38 -45.49 47.28
CA ARG BB 64 -99.67 -44.79 48.35
C ARG BB 64 -98.80 -43.67 47.80
N ARG BB 65 -98.10 -43.92 46.70
CA ARG BB 65 -97.28 -42.88 46.10
C ARG BB 65 -98.13 -41.78 45.47
N ILE BB 66 -99.30 -42.15 44.95
CA ILE BB 66 -100.25 -41.14 44.49
C ILE BB 66 -100.77 -40.32 45.66
N ARG BB 67 -101.16 -41.00 46.75
CA ARG BB 67 -101.50 -40.28 47.97
C ARG BB 67 -100.31 -39.62 48.65
N GLU BB 68 -99.09 -39.93 48.21
CA GLU BB 68 -97.92 -39.15 48.61
C GLU BB 68 -97.75 -37.89 47.79
N LEU BB 69 -97.90 -37.98 46.47
CA LEU BB 69 -97.69 -36.81 45.62
C LEU BB 69 -98.84 -35.82 45.72
N THR BB 70 -100.04 -36.30 46.09
CA THR BB 70 -101.18 -35.39 46.21
C THR BB 70 -101.02 -34.47 47.40
N ALA BB 71 -100.34 -34.91 48.45
CA ALA BB 71 -100.10 -34.08 49.62
C ALA BB 71 -99.12 -32.96 49.34
N VAL BB 72 -98.33 -33.05 48.27
CA VAL BB 72 -97.30 -32.05 48.02
C VAL BB 72 -97.92 -30.74 47.58
N VAL BB 73 -98.65 -30.76 46.47
CA VAL BB 73 -99.29 -29.56 45.94
C VAL BB 73 -100.46 -29.12 46.82
N GLN BB 74 -100.92 -30.01 47.72
CA GLN BB 74 -101.81 -29.60 48.79
C GLN BB 74 -101.19 -28.49 49.64
N LYS BB 75 -99.94 -28.65 50.04
CA LYS BB 75 -99.35 -27.76 51.03
C LYS BB 75 -98.42 -26.73 50.39
N ARG BB 76 -97.69 -27.11 49.35
CA ARG BB 76 -96.73 -26.19 48.73
C ARG BB 76 -97.45 -25.05 48.01
N PHE BB 77 -98.51 -25.36 47.28
CA PHE BB 77 -99.21 -24.33 46.54
C PHE BB 77 -100.40 -23.76 47.30
N GLY BB 78 -100.61 -24.17 48.54
CA GLY BB 78 -101.61 -23.53 49.37
C GLY BB 78 -103.05 -23.82 49.00
N PHE BB 79 -103.29 -24.90 48.25
CA PHE BB 79 -104.65 -25.29 47.95
C PHE BB 79 -105.33 -25.83 49.21
N PRO BB 80 -106.66 -25.66 49.33
CA PRO BB 80 -107.35 -26.20 50.51
C PRO BB 80 -107.42 -27.72 50.48
N GLU BB 81 -107.93 -28.27 51.58
CA GLU BB 81 -107.83 -29.72 51.82
C GLU BB 81 -108.70 -30.50 50.86
N GLY BB 82 -108.07 -31.40 50.11
CA GLY BB 82 -108.77 -32.23 49.14
C GLY BB 82 -109.35 -31.47 47.97
N SER BB 83 -108.67 -30.41 47.53
CA SER BB 83 -109.12 -29.59 46.41
C SER BB 83 -108.39 -29.87 45.11
N VAL BB 84 -107.13 -30.27 45.20
CA VAL BB 84 -106.34 -30.68 44.03
C VAL BB 84 -106.20 -32.19 44.07
N GLU BB 85 -106.46 -32.84 42.94
CA GLU BB 85 -106.46 -34.29 42.85
C GLU BB 85 -105.63 -34.73 41.66
N LEU BB 86 -104.76 -35.70 41.89
CA LEU BB 86 -103.84 -36.22 40.89
C LEU BB 86 -104.37 -37.54 40.37
N TYR BB 87 -104.28 -37.74 39.06
CA TYR BB 87 -104.67 -39.00 38.44
C TYR BB 87 -103.58 -39.43 37.46
N ALA BB 88 -103.59 -40.72 37.13
CA ALA BB 88 -102.53 -41.32 36.33
C ALA BB 88 -103.15 -42.11 35.18
N GLU BB 89 -103.21 -41.48 33.99
CA GLU BB 89 -103.69 -42.14 32.79
C GLU BB 89 -102.53 -42.26 31.79
N LYS BB 90 -102.71 -43.15 30.82
CA LYS BB 90 -101.64 -43.50 29.90
C LYS BB 90 -101.78 -42.74 28.59
N VAL BB 91 -100.67 -42.24 28.07
CA VAL BB 91 -100.59 -41.75 26.70
C VAL BB 91 -100.53 -42.95 25.76
N ALA BB 92 -101.48 -43.02 24.83
CA ALA BB 92 -101.55 -44.14 23.91
C ALA BB 92 -100.39 -44.08 22.91
N THR BB 93 -99.99 -45.27 22.46
CA THR BB 93 -98.88 -45.47 21.51
C THR BB 93 -97.62 -44.76 21.98
N ARG BB 94 -97.02 -45.27 23.07
CA ARG BB 94 -95.94 -44.57 23.77
C ARG BB 94 -94.64 -44.49 22.97
N GLY BB 95 -94.59 -45.03 21.74
CA GLY BB 95 -93.35 -44.97 20.99
C GLY BB 95 -93.05 -43.58 20.44
N LEU BB 96 -94.08 -42.88 20.00
CA LEU BB 96 -93.86 -41.60 19.30
C LEU BB 96 -93.77 -40.40 20.22
N CYS BB 97 -93.76 -40.59 21.54
CA CYS BB 97 -93.51 -39.48 22.45
C CYS BB 97 -92.01 -39.31 22.59
N ALA BB 98 -91.50 -38.15 22.18
CA ALA BB 98 -90.06 -37.92 22.15
C ALA BB 98 -89.48 -37.90 23.56
N ILE BB 99 -90.21 -37.29 24.50
CA ILE BB 99 -89.72 -37.19 25.87
C ILE BB 99 -89.72 -38.54 26.55
N ALA BB 100 -90.66 -39.41 26.20
CA ALA BB 100 -90.65 -40.77 26.75
C ALA BB 100 -89.60 -41.65 26.11
N GLN BB 101 -89.00 -41.21 25.01
CA GLN BB 101 -87.93 -41.94 24.37
C GLN BB 101 -86.55 -41.50 24.84
N ALA BB 102 -86.43 -40.33 25.46
CA ALA BB 102 -85.14 -39.89 25.97
C ALA BB 102 -84.73 -40.69 27.19
N GLU BB 103 -85.65 -40.86 28.15
CA GLU BB 103 -85.30 -41.57 29.38
C GLU BB 103 -85.09 -43.06 29.13
N SER BB 104 -85.78 -43.64 28.15
CA SER BB 104 -85.47 -45.00 27.73
C SER BB 104 -84.07 -45.09 27.17
N LEU BB 105 -83.65 -44.06 26.42
CA LEU BB 105 -82.28 -43.96 25.94
C LEU BB 105 -81.33 -43.48 27.01
N ARG BB 106 -81.81 -42.72 28.00
CA ARG BB 106 -80.95 -42.19 29.05
C ARG BB 106 -80.44 -43.31 29.95
N TYR BB 107 -81.32 -44.12 30.51
CA TYR BB 107 -80.93 -45.19 31.41
C TYR BB 107 -80.21 -46.33 30.68
N LYS BB 108 -80.35 -46.42 29.37
CA LYS BB 108 -79.63 -47.44 28.61
C LYS BB 108 -78.13 -47.18 28.65
N LEU BB 109 -77.71 -45.95 28.35
CA LEU BB 109 -76.31 -45.59 28.51
C LEU BB 109 -75.89 -45.56 29.97
N LEU BB 110 -76.80 -45.12 30.85
CA LEU BB 110 -76.54 -45.17 32.28
C LEU BB 110 -76.43 -46.60 32.78
N GLY BB 111 -77.14 -47.53 32.16
CA GLY BB 111 -76.94 -48.94 32.43
C GLY BB 111 -75.64 -49.50 31.92
N GLY BB 112 -75.04 -48.83 30.93
CA GLY BB 112 -73.75 -49.23 30.39
C GLY BB 112 -73.80 -49.82 28.99
N LEU BB 113 -74.92 -49.74 28.29
CA LEU BB 113 -75.00 -50.25 26.93
C LEU BB 113 -74.17 -49.36 26.00
N ALA BB 114 -73.67 -49.96 24.92
CA ALA BB 114 -72.87 -49.26 23.92
C ALA BB 114 -73.64 -48.10 23.31
N VAL BB 115 -72.88 -47.08 22.91
CA VAL BB 115 -73.51 -45.84 22.44
C VAL BB 115 -74.03 -45.99 21.01
N ARG BB 116 -73.49 -46.95 20.25
CA ARG BB 116 -74.02 -47.21 18.92
C ARG BB 116 -75.25 -48.10 18.98
N ARG BB 117 -75.18 -49.17 19.76
CA ARG BB 117 -76.28 -50.13 19.86
C ARG BB 117 -77.54 -49.49 20.42
N ALA BB 118 -77.41 -48.66 21.45
CA ALA BB 118 -78.57 -48.05 22.08
C ALA BB 118 -79.23 -47.01 21.19
N CYS BB 119 -78.48 -46.34 20.32
CA CYS BB 119 -79.07 -45.28 19.51
C CYS BB 119 -79.93 -45.87 18.40
N TYR BB 120 -79.66 -47.10 17.98
CA TYR BB 120 -80.59 -47.80 17.10
C TYR BB 120 -81.81 -48.28 17.87
N GLY BB 121 -81.65 -48.53 19.17
CA GLY BB 121 -82.73 -49.05 19.99
C GLY BB 121 -83.91 -48.12 20.11
N VAL BB 122 -83.70 -46.83 19.88
CA VAL BB 122 -84.78 -45.86 19.80
C VAL BB 122 -85.13 -45.51 18.37
N LEU BB 123 -84.22 -45.72 17.42
CA LEU BB 123 -84.51 -45.43 16.02
C LEU BB 123 -85.42 -46.49 15.42
N ARG BB 124 -85.31 -47.73 15.87
CA ARG BB 124 -86.20 -48.78 15.39
C ARG BB 124 -87.50 -48.84 16.17
N PHE BB 125 -87.50 -48.42 17.43
CA PHE BB 125 -88.67 -48.49 18.30
C PHE BB 125 -89.81 -47.59 17.82
N ILE BB 126 -89.49 -46.58 17.00
CA ILE BB 126 -90.55 -45.71 16.48
C ILE BB 126 -91.04 -46.21 15.13
N MET BB 127 -90.22 -46.94 14.39
CA MET BB 127 -90.67 -47.46 13.10
C MET BB 127 -91.60 -48.64 13.29
N GLU BB 128 -91.41 -49.41 14.35
CA GLU BB 128 -92.45 -50.32 14.81
C GLU BB 128 -93.66 -49.58 15.35
N SER BB 129 -93.48 -48.34 15.81
CA SER BB 129 -94.59 -47.53 16.30
C SER BB 129 -95.17 -46.62 15.25
N GLY BB 130 -94.55 -46.54 14.07
CA GLY BB 130 -95.14 -45.79 12.98
C GLY BB 130 -94.76 -44.33 12.92
N ALA BB 131 -93.46 -44.03 12.93
CA ALA BB 131 -92.97 -42.67 12.81
C ALA BB 131 -92.77 -42.30 11.35
N LYS BB 132 -92.63 -41.00 11.08
CA LYS BB 132 -92.37 -40.49 9.75
C LYS BB 132 -90.89 -40.24 9.51
N GLY BB 133 -90.10 -40.06 10.56
CA GLY BB 133 -88.69 -39.79 10.43
C GLY BB 133 -88.12 -39.27 11.73
N CYS BB 134 -86.79 -39.31 11.86
CA CYS BB 134 -86.18 -38.90 13.12
C CYS BB 134 -84.76 -38.43 12.86
N GLU BB 135 -84.34 -37.47 13.68
CA GLU BB 135 -82.96 -36.98 13.68
C GLU BB 135 -82.43 -37.16 15.10
N VAL BB 136 -81.62 -38.18 15.31
CA VAL BB 136 -81.01 -38.42 16.61
C VAL BB 136 -79.53 -38.04 16.52
N VAL BB 137 -79.09 -37.22 17.47
CA VAL BB 137 -77.72 -36.70 17.50
C VAL BB 137 -77.22 -36.84 18.93
N VAL BB 138 -76.10 -37.54 19.07
CA VAL BB 138 -75.49 -37.78 20.37
C VAL BB 138 -74.21 -36.95 20.42
N SER BB 139 -74.28 -35.79 21.05
CA SER BB 139 -73.11 -34.95 21.23
C SER BB 139 -72.34 -35.38 22.47
N GLY BB 140 -71.18 -34.79 22.66
CA GLY BB 140 -70.34 -35.04 23.81
C GLY BB 140 -69.14 -35.89 23.45
N LYS BB 141 -68.27 -36.06 24.45
CA LYS BB 141 -67.03 -36.81 24.24
C LYS BB 141 -67.33 -38.31 24.18
N LEU BB 142 -66.70 -38.96 23.20
CA LEU BB 142 -66.81 -40.41 23.04
C LEU BB 142 -65.46 -40.95 22.60
N ARG BB 143 -64.95 -41.92 23.35
CA ARG BB 143 -63.67 -42.59 23.08
C ARG BB 143 -62.52 -41.58 23.07
N GLY BB 144 -62.29 -40.95 24.21
CA GLY BB 144 -61.13 -40.10 24.38
C GLY BB 144 -61.49 -38.80 25.06
N GLN BB 145 -60.57 -37.84 24.96
CA GLN BB 145 -60.77 -36.53 25.55
C GLN BB 145 -61.59 -35.63 24.62
N ARG BB 146 -61.46 -35.85 23.31
CA ARG BB 146 -62.09 -34.97 22.34
C ARG BB 146 -63.60 -35.15 22.34
N ALA BB 147 -64.32 -34.05 22.19
CA ALA BB 147 -65.77 -34.06 22.06
C ALA BB 147 -66.14 -34.21 20.60
N LYS BB 148 -67.04 -35.14 20.31
CA LYS BB 148 -67.53 -35.36 18.97
C LYS BB 148 -69.05 -35.31 18.94
N SER BB 149 -69.61 -35.65 17.79
CA SER BB 149 -71.05 -35.64 17.59
C SER BB 149 -71.45 -36.82 16.71
N MET BB 150 -72.36 -37.65 17.21
CA MET BB 150 -72.97 -38.69 16.40
C MET BB 150 -74.19 -38.09 15.69
N LYS BB 151 -74.55 -38.66 14.54
CA LYS BB 151 -75.68 -38.13 13.76
C LYS BB 151 -76.25 -39.25 12.89
N PHE BB 152 -77.38 -39.81 13.32
CA PHE BB 152 -78.06 -40.88 12.60
C PHE BB 152 -79.42 -40.35 12.13
N VAL BB 153 -79.45 -39.77 10.93
CA VAL BB 153 -80.67 -39.22 10.36
C VAL BB 153 -81.24 -40.21 9.37
N ASP BB 154 -82.57 -40.25 9.28
CA ASP BB 154 -83.26 -41.13 8.35
C ASP BB 154 -84.66 -40.61 8.11
N GLY BB 155 -85.24 -40.99 6.97
CA GLY BB 155 -86.62 -40.68 6.69
C GLY BB 155 -86.87 -39.20 6.45
N LEU BB 156 -88.15 -38.87 6.26
CA LEU BB 156 -88.56 -37.49 6.05
C LEU BB 156 -88.47 -36.73 7.36
N MET BB 157 -87.88 -35.53 7.30
CA MET BB 157 -87.72 -34.70 8.49
C MET BB 157 -87.45 -33.26 8.08
N ILE BB 158 -88.31 -32.34 8.52
CA ILE BB 158 -88.25 -30.97 8.07
C ILE BB 158 -87.52 -30.13 9.11
N HIS BB 159 -87.10 -28.93 8.71
CA HIS BB 159 -86.37 -28.05 9.60
C HIS BB 159 -87.06 -26.69 9.70
N SER BB 160 -87.66 -26.24 8.60
CA SER BB 160 -88.15 -24.87 8.52
C SER BB 160 -89.68 -24.83 8.57
N GLY BB 161 -90.22 -23.62 8.66
CA GLY BB 161 -91.64 -23.41 8.61
C GLY BB 161 -92.30 -23.50 9.96
N ASP BB 162 -93.46 -22.88 10.05
CA ASP BB 162 -94.39 -23.02 11.17
C ASP BB 162 -94.76 -24.47 11.51
N PRO BB 163 -94.88 -25.41 10.54
CA PRO BB 163 -95.11 -26.82 10.91
C PRO BB 163 -94.11 -27.45 11.88
N VAL BB 164 -92.94 -26.87 12.10
CA VAL BB 164 -91.98 -27.44 13.04
C VAL BB 164 -92.54 -27.48 14.46
N ASN BB 165 -93.46 -26.58 14.79
CA ASN BB 165 -94.08 -26.60 16.11
C ASN BB 165 -94.98 -27.81 16.31
N TYR BB 166 -95.74 -28.22 15.30
CA TYR BB 166 -96.73 -29.28 15.48
C TYR BB 166 -96.50 -30.51 14.64
N TYR BB 167 -95.43 -30.57 13.83
CA TYR BB 167 -95.07 -31.81 13.16
C TYR BB 167 -93.90 -32.52 13.83
N VAL BB 168 -93.00 -31.79 14.46
CA VAL BB 168 -91.84 -32.37 15.11
C VAL BB 168 -91.89 -32.04 16.59
N ASP BB 169 -91.72 -33.06 17.42
CA ASP BB 169 -91.65 -32.87 18.87
C ASP BB 169 -90.21 -33.08 19.31
N THR BB 170 -89.63 -32.06 19.93
CA THR BB 170 -88.22 -32.03 20.23
C THR BB 170 -87.99 -32.25 21.72
N ALA BB 171 -87.05 -33.13 22.06
CA ALA BB 171 -86.69 -33.42 23.44
C ALA BB 171 -85.17 -33.50 23.52
N VAL BB 172 -84.60 -32.78 24.47
CA VAL BB 172 -83.16 -32.74 24.66
C VAL BB 172 -82.87 -33.06 26.12
N ARG BB 173 -81.93 -33.98 26.34
CA ARG BB 173 -81.58 -34.42 27.69
C ARG BB 173 -80.08 -34.64 27.81
N HIS BB 174 -79.63 -34.72 29.06
CA HIS BB 174 -78.24 -34.98 29.40
C HIS BB 174 -78.13 -36.23 30.25
N VAL BB 175 -76.99 -36.91 30.12
CA VAL BB 175 -76.72 -38.12 30.88
C VAL BB 175 -75.46 -37.90 31.71
N LEU BB 176 -75.50 -38.36 32.96
CA LEU BB 176 -74.39 -38.17 33.89
C LEU BB 176 -73.52 -39.42 33.86
N LEU BB 177 -72.22 -39.22 33.65
CA LEU BB 177 -71.26 -40.31 33.70
C LEU BB 177 -70.02 -39.88 34.47
N ARG BB 178 -68.96 -40.69 34.40
CA ARG BB 178 -67.72 -40.40 35.08
C ARG BB 178 -66.76 -39.54 34.26
N GLN BB 179 -66.90 -39.53 32.93
CA GLN BB 179 -65.93 -38.85 32.08
C GLN BB 179 -66.48 -37.59 31.44
N GLY BB 180 -67.79 -37.46 31.33
CA GLY BB 180 -68.35 -36.28 30.70
C GLY BB 180 -69.86 -36.31 30.66
N VAL BB 181 -70.44 -35.23 30.17
CA VAL BB 181 -71.89 -35.08 30.08
C VAL BB 181 -72.27 -35.07 28.61
N LEU BB 182 -73.01 -36.09 28.19
CA LEU BB 182 -73.36 -36.29 26.79
C LEU BB 182 -74.74 -35.74 26.51
N GLY BB 183 -74.88 -35.11 25.34
CA GLY BB 183 -76.13 -34.49 24.93
C GLY BB 183 -76.87 -35.33 23.90
N ILE BB 184 -78.18 -35.46 24.10
CA ILE BB 184 -79.03 -36.26 23.25
C ILE BB 184 -80.22 -35.42 22.85
N LYS BB 185 -80.50 -35.36 21.55
CA LYS BB 185 -81.68 -34.67 21.05
C LYS BB 185 -82.54 -35.72 20.35
N VAL BB 186 -83.58 -36.16 21.04
CA VAL BB 186 -84.47 -37.20 20.55
C VAL BB 186 -85.56 -36.48 19.76
N LYS BB 187 -85.34 -36.33 18.47
CA LYS BB 187 -86.21 -35.56 17.59
C LYS BB 187 -87.00 -36.52 16.71
N ILE BB 188 -88.33 -36.39 16.72
CA ILE BB 188 -89.23 -37.26 15.98
C ILE BB 188 -90.17 -36.39 15.16
N MET BB 189 -90.39 -36.78 13.90
CA MET BB 189 -91.39 -36.11 13.06
C MET BB 189 -92.69 -36.90 13.15
N LEU BB 190 -93.73 -36.26 13.67
CA LEU BB 190 -95.00 -36.93 13.86
C LEU BB 190 -95.64 -37.28 12.52
N PRO BB 191 -96.26 -38.44 12.40
CA PRO BB 191 -97.04 -38.74 11.19
C PRO BB 191 -98.33 -37.93 11.16
N TRP BB 192 -98.97 -37.93 10.01
CA TRP BB 192 -100.21 -37.19 9.83
C TRP BB 192 -101.39 -38.14 9.93
N ASP BB 193 -102.48 -37.65 10.48
CA ASP BB 193 -103.74 -38.40 10.51
C ASP BB 193 -104.89 -37.40 10.47
N PRO BB 194 -105.86 -37.60 9.58
CA PRO BB 194 -107.04 -36.71 9.55
C PRO BB 194 -107.86 -36.77 10.83
N SER BB 195 -107.89 -37.92 11.50
CA SER BB 195 -108.55 -38.00 12.81
C SER BB 195 -107.80 -37.17 13.85
N GLY BB 196 -106.47 -37.29 13.87
CA GLY BB 196 -105.67 -36.52 14.79
C GLY BB 196 -105.33 -37.21 16.08
N LYS BB 197 -105.31 -38.54 16.10
CA LYS BB 197 -105.00 -39.25 17.34
C LYS BB 197 -103.60 -39.84 17.36
N ILE BB 198 -102.84 -39.73 16.26
CA ILE BB 198 -101.45 -40.17 16.27
C ILE BB 198 -100.58 -38.93 16.05
N GLY BB 199 -101.12 -37.96 15.31
CA GLY BB 199 -100.38 -36.76 15.01
C GLY BB 199 -101.31 -35.57 14.83
N PRO BB 200 -100.81 -34.51 14.21
CA PRO BB 200 -101.63 -33.31 14.01
C PRO BB 200 -102.75 -33.57 13.02
N LYS BB 201 -103.84 -32.80 13.18
CA LYS BB 201 -104.94 -32.87 12.24
C LYS BB 201 -104.63 -32.17 10.93
N LYS BB 202 -103.85 -31.10 10.99
CA LYS BB 202 -103.63 -30.26 9.82
C LYS BB 202 -102.73 -30.97 8.82
N PRO BB 203 -103.03 -30.91 7.52
CA PRO BB 203 -102.17 -31.55 6.52
C PRO BB 203 -100.89 -30.74 6.31
N LEU BB 204 -100.04 -31.26 5.44
CA LEU BB 204 -98.80 -30.57 5.11
C LEU BB 204 -99.10 -29.32 4.29
N PRO BB 205 -98.27 -28.29 4.39
CA PRO BB 205 -98.50 -27.09 3.57
C PRO BB 205 -98.27 -27.31 2.09
N ASP BB 206 -97.51 -28.34 1.71
CA ASP BB 206 -97.17 -28.54 0.30
C ASP BB 206 -97.93 -29.70 -0.34
N HIS BB 207 -98.43 -30.64 0.45
CA HIS BB 207 -99.11 -31.80 -0.11
C HIS BB 207 -100.47 -31.39 -0.64
N VAL BB 208 -100.82 -31.85 -1.83
CA VAL BB 208 -102.08 -31.51 -2.48
C VAL BB 208 -102.91 -32.79 -2.62
N SER BB 209 -103.90 -32.95 -1.74
CA SER BB 209 -104.79 -34.10 -1.79
C SER BB 209 -105.83 -33.87 -2.87
N ILE BB 210 -105.65 -34.50 -4.03
CA ILE BB 210 -106.59 -34.41 -5.13
C ILE BB 210 -107.41 -35.70 -5.18
N VAL BB 211 -108.74 -35.55 -5.15
CA VAL BB 211 -109.62 -36.70 -5.28
C VAL BB 211 -109.67 -37.12 -6.74
N GLU BB 212 -109.79 -38.40 -6.96
CA GLU BB 212 -109.95 -39.08 -8.23
C GLU BB 212 -111.32 -38.75 -8.83
N PRO BB 213 -111.42 -38.74 -10.16
CA PRO BB 213 -112.74 -38.59 -10.78
C PRO BB 213 -113.56 -39.85 -10.61
N LYS BB 214 -114.85 -39.66 -10.39
CA LYS BB 214 -115.77 -40.80 -10.26
C LYS BB 214 -116.13 -41.33 -11.64
N ASP BB 215 -116.22 -42.65 -11.73
CA ASP BB 215 -116.37 -43.34 -13.01
C ASP BB 215 -117.79 -43.19 -13.56
N GLU BB 216 -118.07 -42.08 -14.23
CA GLU BB 216 -119.37 -41.86 -14.85
C GLU BB 216 -119.26 -42.14 -16.35
N ILE BB 217 -120.23 -42.87 -16.87
CA ILE BB 217 -120.29 -43.21 -18.30
C ILE BB 217 -121.07 -42.11 -19.00
N LEU BB 218 -120.48 -41.54 -20.05
CA LEU BB 218 -121.09 -40.39 -20.72
C LEU BB 218 -122.33 -40.82 -21.49
N PRO BB 219 -123.41 -40.04 -21.44
CA PRO BB 219 -124.67 -40.43 -22.10
C PRO BB 219 -124.65 -40.09 -23.58
N THR BB 220 -125.22 -40.96 -24.40
CA THR BB 220 -125.45 -40.67 -25.81
C THR BB 220 -126.92 -40.53 -26.16
N THR BB 221 -127.84 -40.85 -25.24
CA THR BB 221 -129.26 -40.87 -25.54
C THR BB 221 -130.02 -39.93 -24.61
N PRO BB 222 -130.93 -39.10 -25.15
CA PRO BB 222 -131.80 -38.29 -24.29
C PRO BB 222 -132.98 -39.07 -23.74
N ILE BB 223 -132.97 -39.36 -22.44
CA ILE BB 223 -134.02 -40.17 -21.82
C ILE BB 223 -134.52 -39.44 -20.57
N SER BB 224 -135.79 -39.69 -20.23
CA SER BB 224 -136.42 -39.11 -19.05
C SER BB 224 -136.71 -40.20 -18.02
N GLU BB 225 -136.70 -39.80 -16.75
CA GLU BB 225 -136.93 -40.74 -15.65
C GLU BB 225 -137.97 -40.16 -14.69
N GLN BB 226 -139.10 -39.72 -15.24
CA GLN BB 226 -140.21 -39.25 -14.40
C GLN BB 226 -140.74 -40.38 -13.53
N LYS BB 227 -140.94 -40.10 -12.25
CA LYS BB 227 -141.52 -41.07 -11.35
C LYS BB 227 -142.36 -40.34 -10.30
N GLY BB 228 -143.52 -40.89 -9.99
CA GLY BB 228 -144.45 -40.26 -9.07
C GLY BB 228 -145.59 -39.54 -9.78
N ALA CB 1 6.14 -82.68 1.38
CA ALA CB 1 6.85 -83.95 1.32
C ALA CB 1 8.28 -83.77 0.84
N ARG CB 2 9.22 -83.80 1.78
CA ARG CB 2 10.64 -83.75 1.46
C ARG CB 2 11.22 -85.15 1.30
N GLY CB 3 10.39 -86.11 0.91
CA GLY CB 3 10.80 -87.48 0.72
C GLY CB 3 9.59 -88.39 0.63
N PRO CB 4 9.76 -89.65 0.97
CA PRO CB 4 8.63 -90.58 0.96
C PRO CB 4 7.86 -90.51 2.28
N LYS CB 5 6.55 -90.68 2.16
CA LYS CB 5 5.70 -90.70 3.34
C LYS CB 5 5.75 -92.07 4.00
N LYS CB 6 5.27 -92.13 5.23
CA LYS CB 6 5.30 -93.39 5.98
C LYS CB 6 3.94 -93.72 6.57
N HIS CB 7 3.01 -92.77 6.55
CA HIS CB 7 1.73 -92.96 7.22
C HIS CB 7 0.58 -92.95 6.22
N LEU CB 8 -0.59 -93.33 6.72
CA LEU CB 8 -1.81 -93.37 5.94
C LEU CB 8 -2.99 -93.12 6.87
N LYS CB 9 -3.94 -92.31 6.42
CA LYS CB 9 -5.05 -91.87 7.25
C LYS CB 9 -6.20 -92.87 7.20
N ARG CB 10 -6.94 -92.95 8.31
CA ARG CB 10 -8.14 -93.77 8.38
C ARG CB 10 -9.21 -93.33 7.40
N VAL CB 11 -9.25 -92.05 7.04
CA VAL CB 11 -10.23 -91.54 6.09
C VAL CB 11 -9.75 -91.63 4.65
N ALA CB 12 -8.45 -91.56 4.42
CA ALA CB 12 -7.91 -91.63 3.07
C ALA CB 12 -7.50 -93.05 2.68
N ALA CB 13 -7.61 -94.00 3.59
CA ALA CB 13 -7.37 -95.40 3.24
C ALA CB 13 -8.44 -95.88 2.27
N PRO CB 14 -8.13 -96.88 1.43
CA PRO CB 14 -9.13 -97.40 0.49
C PRO CB 14 -10.37 -97.96 1.18
N LYS CB 15 -11.53 -97.73 0.59
CA LYS CB 15 -12.80 -98.10 1.20
C LYS CB 15 -13.02 -99.61 1.25
N HIS CB 16 -12.37 -100.37 0.38
CA HIS CB 16 -12.55 -101.82 0.39
C HIS CB 16 -11.92 -102.49 1.59
N TRP CB 17 -11.11 -101.76 2.37
CA TRP CB 17 -10.68 -102.28 3.66
C TRP CB 17 -11.81 -102.23 4.68
N MET CB 18 -12.78 -101.35 4.45
CA MET CB 18 -13.98 -101.19 5.27
C MET CB 18 -13.60 -100.87 6.72
N LEU CB 19 -12.84 -99.80 6.87
CA LEU CB 19 -12.29 -99.40 8.14
C LEU CB 19 -13.25 -98.48 8.88
N ASP CB 20 -13.57 -98.85 10.12
CA ASP CB 20 -14.34 -97.97 11.00
C ASP CB 20 -13.59 -96.68 11.25
N LYS CB 21 -14.20 -95.56 10.88
CA LYS CB 21 -13.55 -94.27 11.03
C LYS CB 21 -13.57 -93.77 12.46
N LEU CB 22 -14.18 -94.50 13.39
CA LEU CB 22 -14.28 -94.01 14.76
C LEU CB 22 -13.21 -94.56 15.68
N THR CB 23 -12.49 -95.62 15.28
CA THR CB 23 -11.56 -96.25 16.20
C THR CB 23 -10.25 -95.48 16.30
N GLY CB 24 -9.54 -95.34 15.18
CA GLY CB 24 -8.25 -94.69 15.19
C GLY CB 24 -8.11 -93.58 14.18
N VAL CB 25 -7.17 -92.67 14.43
CA VAL CB 25 -6.91 -91.59 13.48
C VAL CB 25 -6.19 -92.11 12.24
N PHE CB 26 -5.27 -93.03 12.41
CA PHE CB 26 -4.44 -93.47 11.31
C PHE CB 26 -4.99 -94.75 10.70
N ALA CB 27 -4.30 -95.23 9.67
CA ALA CB 27 -4.56 -96.49 9.02
C ALA CB 27 -3.25 -97.26 8.97
N PRO CB 28 -3.31 -98.59 8.96
CA PRO CB 28 -2.06 -99.34 8.82
C PRO CB 28 -1.47 -99.19 7.43
N ARG CB 29 -0.37 -98.46 7.34
CA ARG CB 29 0.28 -98.17 6.06
C ARG CB 29 0.79 -99.45 5.43
N PRO CB 30 0.39 -99.75 4.20
CA PRO CB 30 0.90 -100.95 3.54
C PRO CB 30 2.37 -100.76 3.18
N SER CB 31 3.18 -101.73 3.57
CA SER CB 31 4.57 -101.72 3.15
C SER CB 31 4.66 -101.89 1.64
N THR CB 32 5.74 -101.36 1.07
CA THR CB 32 5.97 -101.55 -0.35
C THR CB 32 6.20 -103.03 -0.66
N GLY CB 33 5.73 -103.45 -1.81
CA GLY CB 33 5.79 -104.84 -2.18
C GLY CB 33 5.33 -105.11 -3.59
N PRO CB 34 4.92 -106.36 -3.86
CA PRO CB 34 4.54 -106.74 -5.22
C PRO CB 34 3.19 -106.19 -5.66
N HIS CB 35 2.44 -105.58 -4.76
CA HIS CB 35 1.14 -105.01 -5.10
C HIS CB 35 1.05 -103.58 -4.58
N LYS CB 36 0.34 -102.74 -5.34
CA LYS CB 36 0.22 -101.32 -5.04
C LYS CB 36 -0.54 -101.09 -3.75
N LEU CB 37 -0.47 -99.87 -3.20
CA LEU CB 37 -1.15 -99.62 -1.92
C LEU CB 37 -2.66 -99.57 -2.09
N ARG CB 38 -3.14 -99.42 -3.32
CA ARG CB 38 -4.58 -99.42 -3.55
C ARG CB 38 -5.15 -100.82 -3.43
N GLU CB 39 -4.68 -101.75 -4.25
CA GLU CB 39 -5.31 -103.06 -4.36
C GLU CB 39 -4.74 -104.10 -3.41
N CYS CB 40 -3.92 -103.70 -2.43
CA CYS CB 40 -3.40 -104.67 -1.48
C CYS CB 40 -4.40 -104.90 -0.36
N LEU CB 41 -4.09 -105.90 0.47
CA LEU CB 41 -4.77 -106.12 1.73
C LEU CB 41 -3.70 -106.43 2.77
N PRO CB 42 -3.35 -105.48 3.63
CA PRO CB 42 -2.37 -105.75 4.69
C PRO CB 42 -2.84 -106.84 5.64
N LEU CB 43 -1.88 -107.63 6.12
CA LEU CB 43 -2.17 -108.81 6.92
C LEU CB 43 -2.84 -108.48 8.24
N ILE CB 44 -2.64 -107.27 8.76
CA ILE CB 44 -3.31 -106.87 9.99
C ILE CB 44 -4.82 -106.80 9.77
N ILE CB 45 -5.26 -106.41 8.58
CA ILE CB 45 -6.68 -106.39 8.28
C ILE CB 45 -7.23 -107.79 8.17
N PHE CB 46 -6.46 -108.72 7.58
CA PHE CB 46 -6.95 -110.07 7.37
C PHE CB 46 -7.15 -110.83 8.67
N LEU CB 47 -6.32 -110.57 9.68
CA LEU CB 47 -6.43 -111.26 10.95
C LEU CB 47 -7.42 -110.61 11.91
N ARG CB 48 -7.42 -109.28 11.98
CA ARG CB 48 -8.17 -108.60 13.03
C ARG CB 48 -9.59 -108.25 12.60
N ASN CB 49 -9.79 -107.89 11.34
CA ASN CB 49 -11.07 -107.38 10.87
C ASN CB 49 -11.86 -108.37 10.03
N ARG CB 50 -11.20 -109.24 9.27
CA ARG CB 50 -11.94 -110.17 8.42
C ARG CB 50 -12.19 -111.51 9.10
N LEU CB 51 -11.26 -111.96 9.97
CA LEU CB 51 -11.45 -113.22 10.66
C LEU CB 51 -11.48 -113.09 12.17
N LYS CB 52 -11.14 -111.92 12.72
CA LYS CB 52 -11.22 -111.60 14.15
C LYS CB 52 -10.41 -112.57 15.01
N TYR CB 53 -9.23 -112.99 14.55
CA TYR CB 53 -8.33 -113.72 15.43
C TYR CB 53 -7.81 -112.84 16.55
N ALA CB 54 -7.26 -111.68 16.20
CA ALA CB 54 -6.76 -110.75 17.19
C ALA CB 54 -7.69 -109.55 17.30
N LEU CB 55 -7.64 -108.89 18.45
CA LEU CB 55 -8.49 -107.73 18.70
C LEU CB 55 -7.79 -106.41 18.51
N THR CB 56 -6.54 -106.30 18.94
CA THR CB 56 -5.74 -105.10 18.76
C THR CB 56 -4.55 -105.42 17.86
N GLY CB 57 -3.87 -104.35 17.42
CA GLY CB 57 -2.73 -104.53 16.55
C GLY CB 57 -1.55 -105.19 17.24
N ASP CB 58 -1.37 -104.92 18.54
CA ASP CB 58 -0.33 -105.61 19.29
C ASP CB 58 -0.64 -107.07 19.51
N GLU CB 59 -1.92 -107.45 19.44
CA GLU CB 59 -2.26 -108.87 19.50
C GLU CB 59 -2.03 -109.54 18.15
N VAL CB 60 -1.86 -108.75 17.08
CA VAL CB 60 -1.32 -109.28 15.84
C VAL CB 60 0.20 -109.31 15.87
N LYS CB 61 0.83 -108.51 16.73
CA LYS CB 61 2.30 -108.49 16.82
C LYS CB 61 2.83 -109.80 17.39
N LYS CB 62 2.14 -110.35 18.39
CA LYS CB 62 2.59 -111.60 19.00
C LYS CB 62 2.38 -112.79 18.07
N ILE CB 63 1.41 -112.69 17.16
CA ILE CB 63 1.04 -113.84 16.34
C ILE CB 63 1.82 -113.86 15.03
N CYS CB 64 2.25 -112.69 14.55
CA CYS CB 64 2.95 -112.67 13.26
C CYS CB 64 4.35 -113.23 13.39
N MET CB 65 5.00 -112.97 14.52
CA MET CB 65 6.29 -113.57 14.82
C MET CB 65 6.17 -114.96 15.42
N GLN CB 66 4.95 -115.45 15.61
CA GLN CB 66 4.74 -116.85 15.96
C GLN CB 66 4.97 -117.76 14.76
N ARG CB 67 5.18 -117.19 13.57
CA ARG CB 67 5.69 -117.89 12.39
C ARG CB 67 4.69 -118.93 11.90
N PHE CB 68 3.42 -118.65 12.13
CA PHE CB 68 2.32 -119.51 11.70
C PHE CB 68 1.74 -119.10 10.36
N ILE CB 69 2.12 -117.95 9.82
CA ILE CB 69 1.44 -117.35 8.68
C ILE CB 69 2.26 -117.64 7.43
N LYS CB 70 1.62 -118.22 6.43
CA LYS CB 70 2.29 -118.62 5.19
C LYS CB 70 1.60 -117.93 4.01
N ILE CB 71 2.10 -116.74 3.64
CA ILE CB 71 1.66 -116.06 2.44
C ILE CB 71 2.44 -116.63 1.26
N ASP CB 72 1.72 -117.25 0.33
CA ASP CB 72 2.13 -117.83 -0.96
C ASP CB 72 3.53 -118.46 -0.93
N GLY CB 73 3.73 -119.38 0.01
CA GLY CB 73 4.96 -120.12 0.14
C GLY CB 73 5.92 -119.59 1.18
N LYS CB 74 5.90 -118.28 1.44
CA LYS CB 74 6.86 -117.64 2.33
C LYS CB 74 6.19 -117.28 3.64
N VAL CB 75 6.96 -117.24 4.71
CA VAL CB 75 6.47 -116.88 6.03
C VAL CB 75 6.94 -115.46 6.33
N ARG CB 76 6.00 -114.52 6.36
CA ARG CB 76 6.29 -113.12 6.62
C ARG CB 76 6.06 -112.79 8.08
N THR CB 77 6.84 -111.85 8.60
CA THR CB 77 6.72 -111.41 9.98
C THR CB 77 6.16 -110.00 10.10
N ASP CB 78 6.17 -109.23 9.00
CA ASP CB 78 5.66 -107.87 9.02
C ASP CB 78 4.15 -107.91 8.79
N ILE CB 79 3.40 -107.30 9.70
CA ILE CB 79 1.94 -107.30 9.60
C ILE CB 79 1.47 -106.44 8.44
N THR CB 80 2.29 -105.51 7.97
CA THR CB 80 1.90 -104.56 6.93
C THR CB 80 2.27 -105.05 5.53
N TYR CB 81 2.37 -106.35 5.32
CA TYR CB 81 2.76 -106.85 4.02
C TYR CB 81 1.58 -106.76 3.05
N PRO CB 82 1.82 -106.29 1.82
CA PRO CB 82 0.73 -106.14 0.86
C PRO CB 82 0.30 -107.45 0.23
N ALA CB 83 -0.54 -108.21 0.94
CA ALA CB 83 -1.11 -109.44 0.40
C ALA CB 83 -2.09 -109.08 -0.69
N GLY CB 84 -1.64 -109.17 -1.93
CA GLY CB 84 -2.43 -108.75 -3.06
C GLY CB 84 -3.46 -109.76 -3.53
N PHE CB 85 -3.52 -109.96 -4.84
CA PHE CB 85 -4.57 -110.74 -5.47
C PHE CB 85 -4.14 -112.20 -5.58
N MET CB 86 -4.98 -113.09 -5.04
CA MET CB 86 -4.79 -114.54 -5.07
C MET CB 86 -3.50 -114.97 -4.39
N ASP CB 87 -3.13 -114.27 -3.32
CA ASP CB 87 -2.02 -114.70 -2.48
C ASP CB 87 -2.56 -115.78 -1.55
N VAL CB 88 -1.94 -116.96 -1.58
CA VAL CB 88 -2.44 -118.06 -0.78
C VAL CB 88 -1.92 -117.93 0.64
N ILE CB 89 -2.80 -117.57 1.56
CA ILE CB 89 -2.46 -117.53 2.98
C ILE CB 89 -2.98 -118.82 3.60
N SER CB 90 -2.06 -119.73 3.94
CA SER CB 90 -2.40 -120.94 4.65
C SER CB 90 -1.87 -120.86 6.08
N ILE CB 91 -2.67 -121.31 7.03
CA ILE CB 91 -2.31 -121.27 8.45
C ILE CB 91 -2.30 -122.69 8.98
N ASP CB 92 -1.19 -123.07 9.62
CA ASP CB 92 -0.92 -124.47 9.91
C ASP CB 92 -1.70 -125.01 11.09
N LYS CB 93 -1.84 -124.24 12.17
CA LYS CB 93 -2.36 -124.79 13.41
C LYS CB 93 -3.85 -125.08 13.33
N THR CB 94 -4.55 -124.41 12.40
CA THR CB 94 -5.88 -124.83 12.01
C THR CB 94 -5.89 -125.63 10.72
N GLY CB 95 -4.80 -125.63 9.96
CA GLY CB 95 -4.78 -126.28 8.67
C GLY CB 95 -5.69 -125.64 7.66
N GLU CB 96 -5.86 -124.32 7.74
CA GLU CB 96 -6.83 -123.60 6.92
C GLU CB 96 -6.09 -122.74 5.91
N ASN CB 97 -6.50 -122.85 4.64
CA ASN CB 97 -5.91 -122.12 3.53
C ASN CB 97 -6.89 -121.06 3.05
N PHE CB 98 -6.37 -119.90 2.66
CA PHE CB 98 -7.19 -118.79 2.20
C PHE CB 98 -6.63 -118.23 0.90
N ARG CB 99 -7.50 -117.56 0.15
CA ARG CB 99 -7.14 -117.01 -1.16
C ARG CB 99 -7.96 -115.76 -1.37
N LEU CB 100 -7.33 -114.71 -1.90
CA LEU CB 100 -8.04 -113.46 -2.13
C LEU CB 100 -8.62 -113.40 -3.54
N ILE CB 101 -9.94 -113.54 -3.64
CA ILE CB 101 -10.69 -113.27 -4.85
C ILE CB 101 -11.71 -112.19 -4.50
N TYR CB 102 -12.00 -111.31 -5.45
CA TYR CB 102 -12.92 -110.21 -5.19
C TYR CB 102 -14.34 -110.73 -4.99
N ASP CB 103 -15.15 -109.94 -4.29
CA ASP CB 103 -16.58 -110.21 -4.19
C ASP CB 103 -17.26 -109.77 -5.47
N THR CB 104 -18.60 -109.84 -5.47
CA THR CB 104 -19.36 -109.17 -6.52
C THR CB 104 -19.15 -107.65 -6.46
N LYS CB 105 -18.89 -107.12 -5.27
CA LYS CB 105 -18.45 -105.75 -5.10
C LYS CB 105 -16.94 -105.67 -5.21
N GLY CB 106 -16.35 -104.55 -4.81
CA GLY CB 106 -14.92 -104.36 -4.88
C GLY CB 106 -14.10 -104.99 -3.77
N ARG CB 107 -14.72 -105.47 -2.70
CA ARG CB 107 -13.97 -105.97 -1.54
C ARG CB 107 -13.46 -107.39 -1.79
N PHE CB 108 -12.60 -107.84 -0.88
CA PHE CB 108 -12.03 -109.19 -0.97
C PHE CB 108 -12.89 -110.18 -0.20
N ALA CB 109 -13.16 -111.32 -0.83
CA ALA CB 109 -14.01 -112.36 -0.26
C ALA CB 109 -13.18 -113.32 0.58
N VAL CB 110 -13.68 -113.62 1.78
CA VAL CB 110 -12.99 -114.57 2.65
C VAL CB 110 -13.29 -115.98 2.15
N HIS CB 111 -12.36 -116.53 1.37
CA HIS CB 111 -12.57 -117.79 0.67
C HIS CB 111 -11.57 -118.82 1.16
N ARG CB 112 -12.08 -119.96 1.64
CA ARG CB 112 -11.26 -121.09 2.01
C ARG CB 112 -11.07 -121.97 0.77
N ILE CB 113 -9.82 -122.24 0.43
CA ILE CB 113 -9.48 -123.09 -0.71
C ILE CB 113 -9.04 -124.46 -0.23
N THR CB 114 -9.19 -125.44 -1.11
CA THR CB 114 -8.75 -126.79 -0.81
C THR CB 114 -7.22 -126.87 -0.91
N PRO CB 115 -6.60 -127.76 -0.12
CA PRO CB 115 -5.13 -127.90 -0.17
C PRO CB 115 -4.60 -128.33 -1.53
N GLU CB 116 -5.38 -129.11 -2.28
CA GLU CB 116 -5.00 -129.40 -3.66
C GLU CB 116 -5.12 -128.20 -4.58
N GLU CB 117 -5.90 -127.19 -4.21
CA GLU CB 117 -5.96 -125.95 -4.96
C GLU CB 117 -5.08 -124.86 -4.37
N ALA CB 118 -4.57 -125.05 -3.15
CA ALA CB 118 -3.75 -124.06 -2.47
C ALA CB 118 -2.30 -124.08 -2.92
N LYS CB 119 -1.90 -125.05 -3.74
CA LYS CB 119 -0.52 -125.17 -4.16
C LYS CB 119 -0.20 -124.45 -5.46
N TYR CB 120 -1.20 -123.92 -6.15
CA TYR CB 120 -0.96 -123.24 -7.42
C TYR CB 120 -1.79 -121.98 -7.51
N LYS CB 121 -1.29 -121.04 -8.29
CA LYS CB 121 -1.87 -119.71 -8.42
C LYS CB 121 -1.69 -119.24 -9.85
N LEU CB 122 -2.68 -118.51 -10.36
CA LEU CB 122 -2.61 -117.93 -11.70
C LEU CB 122 -2.08 -116.51 -11.58
N CYS CB 123 -1.31 -116.09 -12.58
CA CYS CB 123 -0.68 -114.77 -12.59
C CYS CB 123 -0.68 -114.19 -14.00
N LYS CB 124 -0.99 -112.90 -14.09
CA LYS CB 124 -0.99 -112.20 -15.37
C LYS CB 124 0.35 -111.53 -15.59
N VAL CB 125 0.93 -111.75 -16.76
CA VAL CB 125 2.23 -111.16 -17.08
C VAL CB 125 2.04 -109.69 -17.44
N ARG CB 126 3.06 -108.89 -17.13
CA ARG CB 126 3.06 -107.47 -17.48
C ARG CB 126 3.87 -107.15 -18.72
N LYS CB 127 5.05 -107.74 -18.90
CA LYS CB 127 5.85 -107.45 -20.08
C LYS CB 127 6.75 -108.63 -20.39
N ILE CB 128 7.14 -108.71 -21.67
CA ILE CB 128 8.09 -109.69 -22.16
C ILE CB 128 9.48 -109.03 -22.16
N PHE CB 129 10.25 -109.30 -21.12
CA PHE CB 129 11.58 -108.72 -20.98
C PHE CB 129 12.61 -109.63 -21.60
N VAL CB 130 13.54 -109.05 -22.34
CA VAL CB 130 14.58 -109.81 -23.01
C VAL CB 130 15.89 -109.62 -22.24
N GLY CB 131 16.35 -110.69 -21.61
CA GLY CB 131 17.54 -110.62 -20.76
C GLY CB 131 18.82 -110.53 -21.56
N THR CB 132 19.92 -110.44 -20.82
CA THR CB 132 21.18 -109.95 -21.38
C THR CB 132 21.96 -111.01 -22.15
N LYS CB 133 21.38 -112.17 -22.46
CA LYS CB 133 22.05 -113.16 -23.29
C LYS CB 133 21.09 -113.77 -24.27
N GLY CB 134 20.07 -113.01 -24.68
CA GLY CB 134 18.98 -113.60 -25.42
C GLY CB 134 18.16 -114.51 -24.54
N ILE CB 135 17.90 -114.10 -23.31
CA ILE CB 135 17.16 -114.89 -22.34
C ILE CB 135 15.81 -114.22 -22.12
N PRO CB 136 14.71 -114.81 -22.56
CA PRO CB 136 13.41 -114.17 -22.35
C PRO CB 136 12.99 -114.19 -20.89
N HIS CB 137 12.21 -113.19 -20.51
CA HIS CB 137 11.77 -113.04 -19.13
C HIS CB 137 10.31 -112.58 -19.13
N LEU CB 138 9.73 -112.59 -17.93
CA LEU CB 138 8.38 -112.09 -17.76
C LEU CB 138 8.27 -111.60 -16.32
N VAL CB 139 7.46 -110.57 -16.09
CA VAL CB 139 7.10 -110.18 -14.74
C VAL CB 139 5.60 -110.36 -14.60
N THR CB 140 5.19 -111.11 -13.57
CA THR CB 140 3.79 -111.36 -13.32
C THR CB 140 3.12 -110.15 -12.68
N HIS CB 141 1.85 -110.30 -12.27
CA HIS CB 141 1.18 -109.21 -11.59
C HIS CB 141 1.70 -109.04 -10.17
N ASP CB 142 2.21 -110.10 -9.57
CA ASP CB 142 2.79 -110.04 -8.23
C ASP CB 142 4.32 -110.01 -8.26
N ALA CB 143 4.89 -109.35 -9.27
CA ALA CB 143 6.30 -108.98 -9.33
C ALA CB 143 7.24 -110.19 -9.30
N ARG CB 144 6.83 -111.27 -9.98
CA ARG CB 144 7.65 -112.49 -10.02
C ARG CB 144 8.38 -112.53 -11.36
N THR CB 145 9.66 -112.14 -11.32
CA THR CB 145 10.50 -112.16 -12.52
C THR CB 145 10.85 -113.59 -12.89
N ILE CB 146 10.17 -114.14 -13.88
CA ILE CB 146 10.34 -115.53 -14.28
C ILE CB 146 11.15 -115.56 -15.57
N ARG CB 147 12.29 -116.24 -15.55
CA ARG CB 147 13.12 -116.39 -16.73
C ARG CB 147 12.77 -117.65 -17.49
N TYR CB 148 13.25 -117.70 -18.74
CA TYR CB 148 13.04 -118.77 -19.71
C TYR CB 148 11.59 -119.23 -19.80
N PRO CB 149 10.67 -118.39 -20.25
CA PRO CB 149 9.27 -118.82 -20.34
C PRO CB 149 9.02 -119.70 -21.56
N ASP CB 150 7.79 -120.20 -21.68
CA ASP CB 150 7.34 -120.67 -22.97
C ASP CB 150 7.26 -119.47 -23.91
N PRO CB 151 7.88 -119.53 -25.08
CA PRO CB 151 7.96 -118.33 -25.95
C PRO CB 151 6.61 -117.85 -26.47
N LEU CB 152 5.59 -118.68 -26.44
CA LEU CB 152 4.25 -118.27 -26.85
C LEU CB 152 3.49 -117.51 -25.76
N ILE CB 153 4.15 -117.13 -24.67
CA ILE CB 153 3.51 -116.32 -23.65
C ILE CB 153 3.69 -114.85 -24.03
N LYS CB 154 2.61 -114.23 -24.49
CA LYS CB 154 2.62 -112.82 -24.88
C LYS CB 154 2.23 -111.92 -23.72
N VAL CB 155 1.93 -110.66 -24.01
CA VAL CB 155 1.87 -109.63 -22.97
C VAL CB 155 0.64 -109.80 -22.08
N ASN CB 156 -0.44 -110.37 -22.60
CA ASN CB 156 -1.67 -110.51 -21.82
C ASN CB 156 -2.00 -111.95 -21.49
N ASP CB 157 -1.02 -112.83 -21.37
CA ASP CB 157 -1.28 -114.22 -21.06
C ASP CB 157 -1.28 -114.45 -19.55
N THR CB 158 -2.05 -115.42 -19.12
CA THR CB 158 -2.08 -115.83 -17.72
C THR CB 158 -1.37 -117.17 -17.59
N ILE CB 159 -0.56 -117.31 -16.53
CA ILE CB 159 0.27 -118.49 -16.33
C ILE CB 159 0.00 -119.08 -14.95
N GLN CB 160 0.28 -120.37 -14.79
CA GLN CB 160 -0.07 -121.11 -13.58
C GLN CB 160 1.21 -121.57 -12.90
N ILE CB 161 1.52 -120.91 -11.77
CA ILE CB 161 2.76 -121.17 -11.07
C ILE CB 161 2.52 -122.11 -9.88
N ASP CB 162 3.51 -122.96 -9.61
CA ASP CB 162 3.51 -123.81 -8.42
C ASP CB 162 4.35 -123.14 -7.35
N LEU CB 163 3.75 -122.92 -6.18
CA LEU CB 163 4.41 -122.14 -5.13
C LEU CB 163 5.57 -122.92 -4.50
N GLU CB 164 5.50 -124.26 -4.53
CA GLU CB 164 6.56 -125.05 -3.91
C GLU CB 164 7.86 -124.96 -4.71
N THR CB 165 7.78 -124.62 -5.99
CA THR CB 165 8.97 -124.47 -6.82
C THR CB 165 9.12 -123.09 -7.44
N GLY CB 166 8.02 -122.35 -7.61
CA GLY CB 166 8.10 -121.09 -8.31
C GLY CB 166 8.24 -121.20 -9.80
N LYS CB 167 7.72 -122.27 -10.40
CA LYS CB 167 7.84 -122.50 -11.83
C LYS CB 167 6.46 -122.67 -12.45
N ILE CB 168 6.40 -122.46 -13.77
CA ILE CB 168 5.12 -122.51 -14.48
C ILE CB 168 4.68 -123.95 -14.67
N THR CB 169 3.38 -124.13 -14.85
CA THR CB 169 2.80 -125.41 -15.22
C THR CB 169 2.06 -125.37 -16.54
N ASP CB 170 1.19 -124.37 -16.73
CA ASP CB 170 0.47 -124.19 -17.99
C ASP CB 170 0.07 -122.73 -18.10
N PHE CB 171 -0.27 -122.32 -19.32
CA PHE CB 171 -0.61 -120.93 -19.56
C PHE CB 171 -1.96 -120.85 -20.25
N ILE CB 172 -2.58 -119.67 -20.17
CA ILE CB 172 -3.90 -119.42 -20.70
C ILE CB 172 -3.83 -118.20 -21.62
N LYS CB 173 -4.24 -118.39 -22.87
CA LYS CB 173 -4.18 -117.33 -23.87
C LYS CB 173 -5.24 -116.27 -23.63
N PHE CB 174 -4.89 -115.01 -23.91
CA PHE CB 174 -5.85 -113.92 -24.01
C PHE CB 174 -6.57 -114.05 -25.35
N ASP CB 175 -7.65 -114.83 -25.36
CA ASP CB 175 -8.41 -115.05 -26.59
C ASP CB 175 -9.89 -115.01 -26.24
N THR CB 176 -10.70 -114.70 -27.26
CA THR CB 176 -12.14 -114.68 -27.11
C THR CB 176 -12.65 -116.06 -26.69
N GLY CB 177 -13.56 -116.07 -25.72
CA GLY CB 177 -14.11 -117.30 -25.17
C GLY CB 177 -13.58 -117.64 -23.80
N ASN CB 178 -12.69 -116.82 -23.25
CA ASN CB 178 -12.07 -117.12 -21.97
C ASN CB 178 -12.76 -116.39 -20.82
N LEU CB 179 -12.71 -116.99 -19.64
CA LEU CB 179 -13.20 -116.34 -18.45
C LEU CB 179 -12.32 -115.14 -18.11
N CYS CB 180 -12.89 -114.18 -17.38
CA CYS CB 180 -12.19 -112.95 -17.10
C CYS CB 180 -12.49 -112.50 -15.69
N MET CB 181 -11.50 -111.85 -15.09
CA MET CB 181 -11.59 -111.26 -13.75
C MET CB 181 -11.39 -109.76 -13.94
N VAL CB 182 -12.47 -108.99 -13.86
CA VAL CB 182 -12.39 -107.54 -14.04
C VAL CB 182 -11.97 -106.91 -12.73
N THR CB 183 -10.74 -106.42 -12.68
CA THR CB 183 -10.10 -106.00 -11.43
C THR CB 183 -9.75 -104.52 -11.52
N GLY CB 184 -10.70 -103.66 -11.17
CA GLY CB 184 -10.40 -102.25 -11.05
C GLY CB 184 -11.47 -101.32 -11.59
N GLY CB 185 -11.87 -100.36 -10.77
CA GLY CB 185 -12.85 -99.37 -11.15
C GLY CB 185 -14.27 -99.74 -10.78
N ALA CB 186 -15.20 -99.25 -11.60
CA ALA CB 186 -16.62 -99.47 -11.32
C ALA CB 186 -17.05 -100.91 -11.58
N ASN CB 187 -16.30 -101.65 -12.38
CA ASN CB 187 -16.59 -103.05 -12.63
C ASN CB 187 -15.70 -103.98 -11.83
N LEU CB 188 -15.08 -103.48 -10.76
CA LEU CB 188 -14.19 -104.28 -9.94
C LEU CB 188 -14.96 -105.40 -9.24
N GLY CB 189 -14.69 -106.63 -9.65
CA GLY CB 189 -15.29 -107.79 -9.02
C GLY CB 189 -16.22 -108.60 -9.89
N ARG CB 190 -16.20 -108.41 -11.20
CA ARG CB 190 -17.08 -109.11 -12.10
C ARG CB 190 -16.34 -110.27 -12.75
N ILE CB 191 -17.07 -111.36 -13.02
CA ILE CB 191 -16.52 -112.54 -13.66
C ILE CB 191 -17.37 -112.85 -14.88
N GLY CB 192 -16.77 -112.75 -16.05
CA GLY CB 192 -17.50 -112.99 -17.28
C GLY CB 192 -16.58 -113.48 -18.37
N VAL CB 193 -17.17 -113.73 -19.52
CA VAL CB 193 -16.45 -114.26 -20.67
C VAL CB 193 -16.16 -113.13 -21.65
N ILE CB 194 -15.10 -113.32 -22.45
CA ILE CB 194 -14.70 -112.32 -23.42
C ILE CB 194 -15.62 -112.38 -24.62
N THR CB 195 -16.11 -111.22 -25.06
CA THR CB 195 -16.97 -111.13 -26.23
C THR CB 195 -16.30 -110.47 -27.42
N ASN CB 196 -15.65 -109.33 -27.23
CA ASN CB 196 -15.12 -108.56 -28.35
C ASN CB 196 -13.97 -107.70 -27.88
N ARG CB 197 -12.95 -107.57 -28.72
CA ARG CB 197 -11.80 -106.73 -28.46
C ARG CB 197 -11.88 -105.49 -29.34
N GLU CB 198 -11.77 -104.32 -28.72
CA GLU CB 198 -11.77 -103.05 -29.44
C GLU CB 198 -10.38 -102.44 -29.36
N ARG CB 199 -9.78 -102.21 -30.53
CA ARG CB 199 -8.42 -101.70 -30.63
C ARG CB 199 -8.42 -100.19 -30.57
N HIS CB 200 -7.35 -99.63 -30.01
CA HIS CB 200 -7.20 -98.18 -29.86
C HIS CB 200 -5.73 -97.82 -30.02
N PRO CB 201 -5.36 -97.23 -31.15
CA PRO CB 201 -3.96 -96.80 -31.33
C PRO CB 201 -3.65 -95.59 -30.47
N GLY CB 202 -2.90 -95.82 -29.41
CA GLY CB 202 -2.40 -94.73 -28.60
C GLY CB 202 -2.92 -94.72 -27.18
N SER CB 203 -4.21 -95.00 -27.01
CA SER CB 203 -4.81 -95.04 -25.70
C SER CB 203 -4.90 -96.49 -25.21
N PHE CB 204 -5.57 -96.69 -24.08
CA PHE CB 204 -5.83 -98.01 -23.54
C PHE CB 204 -6.92 -98.69 -24.35
N ASP CB 205 -6.72 -99.96 -24.68
CA ASP CB 205 -7.74 -100.72 -25.37
C ASP CB 205 -8.84 -101.11 -24.41
N VAL CB 206 -10.00 -101.49 -24.94
CA VAL CB 206 -11.12 -101.96 -24.15
C VAL CB 206 -11.63 -103.27 -24.73
N VAL CB 207 -12.07 -104.16 -23.85
CA VAL CB 207 -12.67 -105.43 -24.24
C VAL CB 207 -14.04 -105.50 -23.59
N HIS CB 208 -15.06 -105.82 -24.37
CA HIS CB 208 -16.39 -105.99 -23.82
C HIS CB 208 -16.55 -107.39 -23.27
N VAL CB 209 -17.09 -107.49 -22.06
CA VAL CB 209 -17.22 -108.76 -21.36
C VAL CB 209 -18.67 -108.91 -20.91
N LYS CB 210 -19.32 -109.98 -21.35
CA LYS CB 210 -20.67 -110.32 -20.94
C LYS CB 210 -20.61 -111.20 -19.72
N ASP CB 211 -21.44 -110.90 -18.73
CA ASP CB 211 -21.57 -111.78 -17.59
C ASP CB 211 -22.32 -113.05 -18.00
N ALA CB 212 -22.35 -114.02 -17.09
CA ALA CB 212 -23.00 -115.30 -17.39
C ALA CB 212 -24.51 -115.15 -17.56
N ASN CB 213 -25.13 -114.23 -16.85
CA ASN CB 213 -26.57 -114.00 -16.96
C ASN CB 213 -26.92 -112.85 -17.89
N GLY CB 214 -26.11 -112.61 -18.92
CA GLY CB 214 -26.46 -111.64 -19.95
C GLY CB 214 -26.26 -110.19 -19.59
N ASN CB 215 -25.69 -109.89 -18.43
CA ASN CB 215 -25.45 -108.50 -18.01
C ASN CB 215 -24.13 -108.02 -18.61
N SER CB 216 -24.18 -107.72 -19.91
CA SER CB 216 -22.98 -107.39 -20.64
C SER CB 216 -22.45 -106.01 -20.26
N PHE CB 217 -21.12 -105.89 -20.25
CA PHE CB 217 -20.47 -104.65 -19.86
C PHE CB 217 -19.14 -104.54 -20.58
N ALA CB 218 -18.46 -103.42 -20.36
CA ALA CB 218 -17.13 -103.19 -20.92
C ALA CB 218 -16.19 -102.67 -19.84
N THR CB 219 -14.90 -102.92 -20.04
CA THR CB 219 -13.84 -102.44 -19.16
C THR CB 219 -12.54 -102.50 -19.94
N ARG CB 220 -11.67 -101.51 -19.72
CA ARG CB 220 -10.37 -101.48 -20.38
C ARG CB 220 -9.49 -102.64 -19.92
N LEU CB 221 -8.44 -102.91 -20.71
CA LEU CB 221 -7.66 -104.12 -20.55
C LEU CB 221 -6.79 -104.10 -19.29
N SER CB 222 -6.57 -102.92 -18.71
CA SER CB 222 -5.75 -102.81 -17.51
C SER CB 222 -6.37 -103.52 -16.33
N ASN CB 223 -7.70 -103.60 -16.28
CA ASN CB 223 -8.42 -104.23 -15.17
C ASN CB 223 -8.79 -105.67 -15.51
N ILE CB 224 -8.49 -106.11 -16.72
CA ILE CB 224 -8.93 -107.39 -17.26
C ILE CB 224 -7.86 -108.42 -16.95
N PHE CB 225 -8.29 -109.58 -16.45
CA PHE CB 225 -7.38 -110.62 -16.00
C PHE CB 225 -8.03 -111.97 -16.29
N VAL CB 226 -7.62 -112.61 -17.38
CA VAL CB 226 -8.25 -113.86 -17.78
C VAL CB 226 -7.78 -115.00 -16.89
N ILE CB 227 -8.69 -115.92 -16.57
CA ILE CB 227 -8.43 -116.99 -15.61
C ILE CB 227 -8.81 -118.36 -16.12
N GLY CB 228 -9.59 -118.49 -17.19
CA GLY CB 228 -10.09 -119.80 -17.51
C GLY CB 228 -10.36 -119.97 -18.99
N LYS CB 229 -10.66 -121.21 -19.36
CA LYS CB 229 -10.90 -121.60 -20.74
C LYS CB 229 -12.37 -121.96 -20.90
N GLY CB 230 -13.00 -121.41 -21.94
CA GLY CB 230 -14.38 -121.73 -22.22
C GLY CB 230 -15.33 -121.20 -21.16
N ASN CB 231 -15.91 -122.11 -20.39
CA ASN CB 231 -16.83 -121.75 -19.31
C ASN CB 231 -16.40 -122.33 -17.96
N LYS CB 232 -15.13 -122.67 -17.80
CA LYS CB 232 -14.66 -123.31 -16.58
C LYS CB 232 -13.43 -122.59 -16.06
N PRO CB 233 -13.39 -122.19 -14.80
CA PRO CB 233 -12.19 -121.53 -14.26
C PRO CB 233 -11.14 -122.55 -13.84
N TRP CB 234 -10.05 -122.00 -13.31
CA TRP CB 234 -8.96 -122.81 -12.77
C TRP CB 234 -8.84 -122.68 -11.26
N ILE CB 235 -9.76 -121.97 -10.61
CA ILE CB 235 -9.74 -121.75 -9.17
C ILE CB 235 -11.16 -121.95 -8.63
N SER CB 236 -11.27 -121.97 -7.31
CA SER CB 236 -12.57 -122.15 -6.67
C SER CB 236 -13.19 -120.79 -6.40
N LEU CB 237 -14.45 -120.63 -6.78
CA LEU CB 237 -15.09 -119.32 -6.71
C LEU CB 237 -15.96 -119.23 -5.47
N PRO CB 238 -15.97 -118.08 -4.79
CA PRO CB 238 -16.94 -117.90 -3.68
C PRO CB 238 -18.37 -117.79 -4.19
N ARG CB 239 -19.33 -117.70 -3.25
CA ARG CB 239 -20.74 -117.61 -3.63
C ARG CB 239 -21.01 -116.34 -4.41
N GLY CB 240 -21.97 -116.43 -5.35
CA GLY CB 240 -22.31 -115.34 -6.23
C GLY CB 240 -21.60 -115.40 -7.57
N LYS CB 241 -20.35 -115.89 -7.57
CA LYS CB 241 -19.56 -116.15 -8.77
C LYS CB 241 -19.38 -114.92 -9.64
N GLY CB 242 -19.45 -113.73 -9.03
CA GLY CB 242 -19.25 -112.49 -9.74
C GLY CB 242 -20.25 -112.19 -10.85
N ILE CB 243 -21.50 -111.96 -10.47
CA ILE CB 243 -22.55 -111.71 -11.45
C ILE CB 243 -23.14 -110.30 -11.36
N ARG CB 244 -23.12 -109.68 -10.18
CA ARG CB 244 -23.52 -108.28 -9.95
C ARG CB 244 -24.97 -108.03 -10.33
N LEU CB 245 -25.86 -108.67 -9.57
CA LEU CB 245 -27.28 -108.37 -9.68
C LEU CB 245 -27.57 -107.01 -9.03
N THR CB 246 -28.50 -106.27 -9.64
CA THR CB 246 -28.87 -104.94 -9.16
C THR CB 246 -29.52 -105.01 -7.78
N ILE CB 247 -29.56 -103.86 -7.10
CA ILE CB 247 -29.96 -103.76 -5.70
C ILE CB 247 -31.43 -104.10 -5.47
N ALA CB 248 -32.21 -104.25 -6.55
CA ALA CB 248 -33.60 -104.67 -6.40
C ALA CB 248 -33.71 -106.08 -5.85
N GLU CB 249 -32.80 -106.97 -6.27
CA GLU CB 249 -32.90 -108.39 -5.95
C GLU CB 249 -32.19 -108.76 -4.65
N GLU CB 250 -31.20 -107.97 -4.22
CA GLU CB 250 -30.58 -108.24 -2.93
C GLU CB 250 -31.55 -108.01 -1.79
N ARG CB 251 -32.42 -106.99 -1.92
CA ARG CB 251 -33.47 -106.76 -0.93
C ARG CB 251 -34.44 -107.93 -0.86
N ASP CB 252 -34.78 -108.53 -2.00
CA ASP CB 252 -35.62 -109.72 -2.03
C ASP CB 252 -34.90 -110.92 -1.43
N LYS CB 253 -33.63 -111.11 -1.79
CA LYS CB 253 -32.86 -112.23 -1.27
C LYS CB 253 -32.66 -112.11 0.23
N ARG CB 254 -32.42 -110.87 0.71
CA ARG CB 254 -32.20 -110.67 2.13
C ARG CB 254 -33.46 -110.95 2.94
N LEU CB 255 -34.62 -110.50 2.44
CA LEU CB 255 -35.86 -110.79 3.15
C LEU CB 255 -36.24 -112.25 3.02
N ALA CB 256 -35.81 -112.91 1.93
CA ALA CB 256 -36.10 -114.32 1.73
C ALA CB 256 -35.43 -115.22 2.76
N ALA CB 257 -34.22 -114.86 3.20
CA ALA CB 257 -33.51 -115.67 4.19
C ALA CB 257 -34.07 -115.50 5.59
N LYS CB 258 -34.53 -114.30 5.95
CA LYS CB 258 -35.10 -114.08 7.26
C LYS CB 258 -36.56 -114.52 7.35
N GLN CB 259 -37.24 -114.68 6.21
CA GLN CB 259 -38.58 -115.23 6.22
C GLN CB 259 -38.58 -116.75 6.09
N SER CB 260 -37.47 -117.34 5.63
CA SER CB 260 -37.36 -118.79 5.60
C SER CB 260 -36.88 -119.32 6.95
N SER CB 261 -36.01 -118.57 7.61
CA SER CB 261 -35.58 -118.95 8.96
C SER CB 261 -36.61 -118.52 10.00
N GLY CB 262 -37.18 -117.34 9.85
CA GLY CB 262 -38.17 -116.84 10.78
C GLY CB 262 -37.72 -115.60 11.53
N THR DB 1 -113.16 28.22 -8.26
CA THR DB 1 -112.71 28.14 -9.65
C THR DB 1 -112.32 26.70 -10.02
N PRO DB 2 -113.21 26.00 -10.71
CA PRO DB 2 -112.90 24.65 -11.18
C PRO DB 2 -112.20 24.60 -12.53
N ASP DB 3 -112.04 25.76 -13.18
CA ASP DB 3 -111.42 25.85 -14.50
C ASP DB 3 -109.94 26.24 -14.40
N ILE DB 4 -109.64 27.28 -13.63
CA ILE DB 4 -108.28 27.77 -13.49
C ILE DB 4 -107.85 27.60 -12.03
N LYS DB 5 -106.55 27.71 -11.80
CA LYS DB 5 -105.96 27.55 -10.49
C LYS DB 5 -105.11 28.78 -10.18
N LEU DB 6 -105.11 29.16 -8.90
CA LEU DB 6 -104.27 30.27 -8.42
C LEU DB 6 -103.34 29.73 -7.35
N PHE DB 7 -102.04 29.78 -7.61
CA PHE DB 7 -101.02 29.35 -6.64
C PHE DB 7 -100.96 30.38 -5.53
N GLY DB 8 -101.87 30.25 -4.58
CA GLY DB 8 -102.02 31.29 -3.57
C GLY DB 8 -102.68 32.51 -4.17
N LYS DB 9 -101.95 33.27 -4.98
CA LYS DB 9 -102.52 34.31 -5.82
C LYS DB 9 -101.81 34.34 -7.18
N TRP DB 10 -100.92 33.38 -7.42
CA TRP DB 10 -100.17 33.33 -8.67
C TRP DB 10 -100.90 32.52 -9.73
N SER DB 11 -100.95 33.09 -10.93
CA SER DB 11 -101.70 32.50 -12.03
C SER DB 11 -101.02 31.21 -12.51
N THR DB 12 -101.86 30.32 -13.05
CA THR DB 12 -101.36 29.05 -13.57
C THR DB 12 -100.75 29.22 -14.95
N ASP DB 13 -101.35 30.07 -15.76
CA ASP DB 13 -101.03 30.21 -17.18
C ASP DB 13 -99.75 31.00 -17.43
N ASP DB 14 -99.58 31.46 -18.67
CA ASP DB 14 -98.55 32.34 -19.21
C ASP DB 14 -97.11 32.09 -18.73
N VAL DB 15 -96.72 30.83 -18.68
CA VAL DB 15 -95.32 30.45 -18.50
C VAL DB 15 -94.89 29.66 -19.72
N GLN DB 16 -94.22 30.33 -20.66
CA GLN DB 16 -93.63 29.64 -21.79
C GLN DB 16 -92.37 28.92 -21.33
N ILE DB 17 -92.25 27.66 -21.72
CA ILE DB 17 -91.10 26.85 -21.35
C ILE DB 17 -90.12 26.96 -22.50
N ASN DB 18 -89.04 27.71 -22.27
CA ASN DB 18 -88.07 28.09 -23.28
C ASN DB 18 -87.39 26.89 -23.93
N ASP DB 19 -86.64 26.12 -23.15
CA ASP DB 19 -85.88 25.01 -23.71
C ASP DB 19 -86.81 23.85 -24.05
N ILE DB 20 -86.63 23.26 -25.23
CA ILE DB 20 -87.38 22.08 -25.59
C ILE DB 20 -86.74 20.82 -25.04
N SER DB 21 -85.49 20.90 -24.59
CA SER DB 21 -84.82 19.74 -24.03
C SER DB 21 -85.33 19.41 -22.64
N LEU DB 22 -85.79 20.40 -21.90
CA LEU DB 22 -86.28 20.18 -20.53
C LEU DB 22 -87.79 20.22 -20.42
N GLN DB 23 -88.51 20.65 -21.46
CA GLN DB 23 -89.97 20.80 -21.37
C GLN DB 23 -90.69 19.49 -21.13
N ASP DB 24 -90.08 18.36 -21.49
CA ASP DB 24 -90.61 17.06 -21.10
C ASP DB 24 -90.23 16.66 -19.69
N TYR DB 25 -89.48 17.50 -18.99
CA TYR DB 25 -89.11 17.26 -17.60
C TYR DB 25 -89.38 18.46 -16.72
N ILE DB 26 -90.25 19.36 -17.17
CA ILE DB 26 -90.78 20.40 -16.32
C ILE DB 26 -92.30 20.25 -16.29
N ALA DB 27 -92.81 19.76 -15.16
CA ALA DB 27 -94.25 19.60 -15.01
C ALA DB 27 -94.82 20.81 -14.29
N VAL DB 28 -95.29 21.80 -15.04
CA VAL DB 28 -95.59 23.09 -14.43
C VAL DB 28 -96.93 23.66 -14.90
N LYS DB 29 -97.62 22.98 -15.82
CA LYS DB 29 -98.75 23.65 -16.45
C LYS DB 29 -99.84 22.66 -16.88
N GLU DB 30 -101.07 23.00 -16.50
CA GLU DB 30 -102.32 22.52 -17.11
C GLU DB 30 -102.57 21.01 -16.91
N LYS DB 31 -101.61 20.31 -16.31
CA LYS DB 31 -101.80 18.91 -15.96
C LYS DB 31 -101.22 18.70 -14.57
N TYR DB 32 -100.46 19.71 -14.12
CA TYR DB 32 -99.64 19.63 -12.92
C TYR DB 32 -99.94 20.78 -11.96
N ALA DB 33 -101.14 21.32 -12.00
CA ALA DB 33 -101.50 22.48 -11.19
C ALA DB 33 -101.85 22.04 -9.78
N LYS DB 34 -101.26 22.70 -8.79
CA LYS DB 34 -101.68 22.54 -7.40
C LYS DB 34 -101.67 23.90 -6.72
N TYR DB 35 -102.61 24.09 -5.80
CA TYR DB 35 -102.64 25.31 -5.01
C TYR DB 35 -101.46 25.40 -4.06
N LEU DB 36 -101.05 24.27 -3.48
CA LEU DB 36 -99.90 24.18 -2.60
C LEU DB 36 -98.73 23.57 -3.34
N PRO DB 37 -97.51 23.86 -2.93
CA PRO DB 37 -96.38 23.03 -3.37
C PRO DB 37 -96.17 21.84 -2.42
N HIS DB 38 -97.26 21.16 -2.10
CA HIS DB 38 -97.24 20.07 -1.13
C HIS DB 38 -98.32 19.06 -1.45
N SER DB 39 -97.90 17.83 -1.74
CA SER DB 39 -98.82 16.72 -1.90
C SER DB 39 -98.54 15.72 -0.79
N ALA DB 40 -99.26 14.59 -0.81
CA ALA DB 40 -99.03 13.56 0.19
C ALA DB 40 -97.65 12.93 0.02
N GLY DB 41 -97.16 12.86 -1.21
CA GLY DB 41 -95.87 12.28 -1.48
C GLY DB 41 -95.89 11.40 -2.72
N ARG DB 42 -95.42 10.16 -2.58
CA ARG DB 42 -95.59 9.04 -3.52
C ARG DB 42 -94.74 9.20 -4.79
N TYR DB 43 -94.12 10.36 -5.00
CA TYR DB 43 -93.40 10.63 -6.24
C TYR DB 43 -92.05 9.93 -6.31
N ALA DB 44 -91.52 9.45 -5.19
CA ALA DB 44 -90.16 8.93 -5.12
C ALA DB 44 -90.10 7.42 -4.93
N ALA DB 45 -90.94 6.66 -5.61
CA ALA DB 45 -90.92 5.21 -5.50
C ALA DB 45 -90.46 4.54 -6.79
N LYS DB 46 -91.06 4.92 -7.91
CA LYS DB 46 -90.75 4.33 -9.21
C LYS DB 46 -89.50 5.00 -9.78
N ARG DB 47 -88.97 4.40 -10.85
CA ARG DB 47 -87.77 4.93 -11.48
C ARG DB 47 -88.02 6.31 -12.07
N PHE DB 48 -89.04 6.43 -12.92
CA PHE DB 48 -89.34 7.70 -13.57
C PHE DB 48 -90.65 8.32 -13.10
N ARG DB 49 -90.97 8.16 -11.83
CA ARG DB 49 -92.06 8.90 -11.21
C ARG DB 49 -91.59 10.28 -10.74
N LYS DB 50 -90.31 10.60 -10.95
CA LYS DB 50 -89.76 11.91 -10.63
C LYS DB 50 -89.89 12.89 -11.78
N ALA DB 51 -90.47 12.49 -12.91
CA ALA DB 51 -90.47 13.33 -14.09
C ALA DB 51 -91.70 14.23 -14.17
N GLN DB 52 -92.81 13.82 -13.58
CA GLN DB 52 -94.05 14.58 -13.64
C GLN DB 52 -94.34 15.34 -12.35
N CYS DB 53 -93.33 15.60 -11.53
CA CYS DB 53 -93.54 16.31 -10.28
C CYS DB 53 -93.55 17.81 -10.52
N PRO DB 54 -94.36 18.58 -9.79
CA PRO DB 54 -94.27 20.04 -9.90
C PRO DB 54 -92.95 20.55 -9.35
N ILE DB 55 -92.30 21.42 -10.13
CA ILE DB 55 -90.92 21.79 -9.89
C ILE DB 55 -90.77 22.59 -8.61
N VAL DB 56 -91.77 23.39 -8.28
CA VAL DB 56 -91.70 24.18 -7.04
C VAL DB 56 -91.80 23.27 -5.83
N GLU DB 57 -92.54 22.17 -5.96
CA GLU DB 57 -92.54 21.17 -4.89
C GLU DB 57 -91.22 20.42 -4.84
N ARG DB 58 -90.58 20.23 -6.00
CA ARG DB 58 -89.28 19.58 -6.04
C ARG DB 58 -88.23 20.37 -5.27
N LEU DB 59 -88.25 21.70 -5.39
CA LEU DB 59 -87.27 22.52 -4.68
C LEU DB 59 -87.48 22.45 -3.18
N THR DB 60 -88.73 22.48 -2.73
CA THR DB 60 -88.99 22.30 -1.30
C THR DB 60 -88.60 20.90 -0.85
N ASN DB 61 -88.77 19.90 -1.71
CA ASN DB 61 -88.34 18.55 -1.37
C ASN DB 61 -86.83 18.45 -1.26
N SER DB 62 -86.10 19.38 -1.87
CA SER DB 62 -84.65 19.42 -1.77
C SER DB 62 -84.13 20.46 -0.80
N MET DB 63 -85.03 21.25 -0.20
CA MET DB 63 -84.59 22.33 0.68
C MET DB 63 -84.43 21.89 2.13
N MET DB 64 -85.14 20.85 2.54
CA MET DB 64 -85.12 20.42 3.94
C MET DB 64 -83.82 19.70 4.29
N MET DB 65 -82.70 20.41 4.26
CA MET DB 65 -81.40 19.75 4.27
C MET DB 65 -80.65 19.96 5.57
N HIS DB 66 -79.55 19.20 5.66
CA HIS DB 66 -78.55 19.29 6.72
C HIS DB 66 -79.12 19.04 8.11
N GLY DB 67 -79.58 17.82 8.36
CA GLY DB 67 -79.90 17.40 9.70
C GLY DB 67 -81.14 18.03 10.26
N ARG DB 68 -80.95 18.99 11.17
CA ARG DB 68 -81.97 19.69 11.94
C ARG DB 68 -83.20 20.14 11.13
N ASN DB 69 -83.02 20.41 9.84
CA ASN DB 69 -84.11 20.86 8.99
C ASN DB 69 -84.70 19.77 8.11
N ASN DB 70 -84.19 18.54 8.18
CA ASN DB 70 -84.84 17.43 7.52
C ASN DB 70 -86.18 17.14 8.18
N GLY DB 71 -87.16 16.73 7.38
CA GLY DB 71 -88.48 16.47 7.91
C GLY DB 71 -89.18 17.70 8.45
N LYS DB 72 -89.02 18.84 7.79
CA LYS DB 72 -89.66 20.09 8.19
C LYS DB 72 -90.20 20.81 6.96
N LYS DB 73 -91.00 20.10 6.15
CA LYS DB 73 -91.59 20.71 4.98
C LYS DB 73 -92.61 21.80 5.32
N LEU DB 74 -93.12 21.82 6.55
CA LEU DB 74 -94.08 22.83 6.95
C LEU DB 74 -93.50 24.24 6.91
N MET DB 75 -92.18 24.38 7.07
CA MET DB 75 -91.59 25.71 7.09
C MET DB 75 -90.85 26.07 5.83
N THR DB 76 -90.42 25.11 5.01
CA THR DB 76 -89.74 25.48 3.78
C THR DB 76 -90.73 25.99 2.74
N VAL DB 77 -91.98 25.52 2.80
CA VAL DB 77 -93.03 26.14 2.01
C VAL DB 77 -93.30 27.55 2.51
N ARG DB 78 -93.12 27.78 3.81
CA ARG DB 78 -93.17 29.11 4.38
C ARG DB 78 -91.95 29.94 3.98
N ILE DB 79 -90.93 29.31 3.41
CA ILE DB 79 -89.79 30.07 2.92
C ILE DB 79 -89.98 30.47 1.46
N VAL DB 80 -90.40 29.54 0.62
CA VAL DB 80 -90.52 29.82 -0.80
C VAL DB 80 -91.74 30.69 -1.10
N LYS DB 81 -92.81 30.53 -0.33
CA LYS DB 81 -93.99 31.38 -0.50
C LYS DB 81 -93.67 32.83 -0.17
N HIS DB 82 -92.88 33.03 0.88
CA HIS DB 82 -92.32 34.36 1.13
C HIS DB 82 -91.34 34.75 0.03
N ALA DB 83 -90.58 33.79 -0.51
CA ALA DB 83 -89.55 34.12 -1.48
C ALA DB 83 -90.12 34.40 -2.85
N PHE DB 84 -91.34 33.96 -3.12
CA PHE DB 84 -91.93 34.22 -4.43
C PHE DB 84 -92.29 35.69 -4.59
N GLU DB 85 -92.77 36.32 -3.51
CA GLU DB 85 -93.03 37.76 -3.57
C GLU DB 85 -91.74 38.55 -3.73
N ILE DB 86 -90.64 38.08 -3.15
CA ILE DB 86 -89.36 38.78 -3.25
C ILE DB 86 -88.90 38.86 -4.70
N ILE DB 87 -89.15 37.81 -5.48
CA ILE DB 87 -88.85 37.85 -6.91
C ILE DB 87 -89.74 38.85 -7.61
N HIS DB 88 -91.03 38.86 -7.25
CA HIS DB 88 -91.99 39.73 -7.93
C HIS DB 88 -91.73 41.19 -7.62
N LEU DB 89 -91.35 41.50 -6.39
CA LEU DB 89 -91.11 42.88 -5.97
C LEU DB 89 -89.72 43.35 -6.37
N LEU DB 90 -89.06 42.62 -7.27
CA LEU DB 90 -87.77 43.01 -7.83
C LEU DB 90 -87.91 43.03 -9.35
N THR DB 91 -88.76 42.16 -9.88
CA THR DB 91 -88.98 42.04 -11.32
C THR DB 91 -90.30 42.65 -11.76
N GLY DB 92 -91.38 42.36 -11.07
CA GLY DB 92 -92.71 42.74 -11.49
C GLY DB 92 -93.40 41.70 -12.33
N GLU DB 93 -92.67 40.73 -12.86
CA GLU DB 93 -93.20 39.72 -13.75
C GLU DB 93 -93.56 38.48 -12.94
N ASN DB 94 -93.85 37.39 -13.65
CA ASN DB 94 -94.14 36.12 -13.00
C ASN DB 94 -92.89 35.58 -12.33
N PRO DB 95 -92.89 35.36 -11.02
CA PRO DB 95 -91.70 34.82 -10.36
C PRO DB 95 -91.39 33.39 -10.77
N LEU DB 96 -92.41 32.63 -11.15
CA LEU DB 96 -92.19 31.25 -11.56
C LEU DB 96 -91.48 31.18 -12.90
N GLN DB 97 -91.63 32.22 -13.73
CA GLN DB 97 -90.90 32.27 -14.99
C GLN DB 97 -89.40 32.41 -14.75
N VAL DB 98 -89.02 33.18 -13.71
CA VAL DB 98 -87.63 33.29 -13.29
C VAL DB 98 -87.06 31.94 -12.91
N LEU DB 99 -87.87 31.08 -12.28
CA LEU DB 99 -87.42 29.73 -11.96
C LEU DB 99 -87.19 28.90 -13.22
N VAL DB 100 -88.00 29.15 -14.25
CA VAL DB 100 -87.85 28.41 -15.51
C VAL DB 100 -86.51 28.74 -16.17
N ASN DB 101 -86.15 30.02 -16.20
CA ASN DB 101 -84.82 30.39 -16.70
C ASN DB 101 -83.73 30.04 -15.71
N ALA DB 102 -84.07 29.80 -14.45
CA ALA DB 102 -83.05 29.40 -13.48
C ALA DB 102 -82.62 27.95 -13.66
N ILE DB 103 -83.57 27.02 -13.75
CA ILE DB 103 -83.22 25.61 -13.92
C ILE DB 103 -82.69 25.34 -15.32
N ILE DB 104 -83.10 26.14 -16.30
CA ILE DB 104 -82.55 25.99 -17.64
C ILE DB 104 -81.08 26.40 -17.69
N ASN DB 105 -80.72 27.49 -17.02
CA ASN DB 105 -79.39 28.05 -17.15
C ASN DB 105 -78.39 27.51 -16.14
N SER DB 106 -78.82 26.70 -15.18
CA SER DB 106 -77.92 26.15 -14.18
C SER DB 106 -77.71 24.66 -14.29
N GLY DB 107 -78.09 24.04 -15.40
CA GLY DB 107 -77.86 22.63 -15.62
C GLY DB 107 -76.72 22.39 -16.59
N PRO DB 108 -75.67 21.72 -16.13
CA PRO DB 108 -74.48 21.54 -16.98
C PRO DB 108 -74.76 20.57 -18.11
N ARG DB 109 -74.25 20.90 -19.30
CA ARG DB 109 -74.46 20.03 -20.45
C ARG DB 109 -73.56 18.80 -20.37
N GLU DB 110 -72.26 19.00 -20.40
CA GLU DB 110 -71.31 17.88 -20.35
C GLU DB 110 -70.66 17.80 -18.98
N ASP DB 111 -70.35 16.58 -18.58
CA ASP DB 111 -69.88 16.29 -17.22
C ASP DB 111 -68.88 15.15 -17.28
N SER DB 112 -67.67 15.40 -16.80
CA SER DB 112 -66.69 14.34 -16.69
C SER DB 112 -67.09 13.38 -15.58
N THR DB 113 -66.57 12.16 -15.66
CA THR DB 113 -66.88 11.10 -14.71
C THR DB 113 -65.83 10.01 -14.80
N ARG DB 114 -65.75 9.22 -13.73
CA ARG DB 114 -64.73 8.17 -13.61
C ARG DB 114 -65.02 7.07 -14.61
N ILE DB 115 -64.20 6.97 -15.64
CA ILE DB 115 -64.30 5.91 -16.63
C ILE DB 115 -63.03 5.07 -16.63
N ARG DB 122 -58.48 8.50 -15.40
CA ARG DB 122 -59.01 8.84 -16.72
C ARG DB 122 -60.50 9.20 -16.62
N ARG DB 123 -60.84 10.40 -17.08
CA ARG DB 123 -62.21 10.87 -17.10
C ARG DB 123 -62.65 11.04 -18.54
N GLN DB 124 -63.84 10.56 -18.87
CA GLN DB 124 -64.48 10.83 -20.15
C GLN DB 124 -65.64 11.80 -19.94
N ALA DB 125 -65.56 12.95 -20.58
CA ALA DB 125 -66.65 13.92 -20.53
C ALA DB 125 -67.78 13.38 -21.39
N VAL DB 126 -68.97 13.27 -20.80
CA VAL DB 126 -70.11 12.68 -21.48
C VAL DB 126 -71.30 13.61 -21.29
N ASP DB 127 -72.33 13.42 -22.11
CA ASP DB 127 -73.55 14.20 -21.95
C ASP DB 127 -74.38 13.63 -20.80
N VAL DB 128 -75.32 14.44 -20.30
CA VAL DB 128 -76.17 14.07 -19.18
C VAL DB 128 -77.61 13.97 -19.63
N SER DB 129 -78.43 13.34 -18.80
CA SER DB 129 -79.85 13.25 -19.04
C SER DB 129 -80.52 14.58 -18.69
N PRO DB 130 -81.62 14.92 -19.35
CA PRO DB 130 -82.41 16.07 -18.90
C PRO DB 130 -82.92 15.91 -17.48
N LEU DB 131 -83.24 14.68 -17.05
CA LEU DB 131 -83.66 14.47 -15.67
C LEU DB 131 -82.47 14.59 -14.73
N ARG DB 132 -81.30 14.10 -15.14
CA ARG DB 132 -80.08 14.40 -14.40
C ARG DB 132 -79.81 15.89 -14.38
N ARG DB 133 -80.04 16.57 -15.52
CA ARG DB 133 -79.79 18.00 -15.60
C ARG DB 133 -80.73 18.80 -14.72
N VAL DB 134 -82.00 18.43 -14.65
CA VAL DB 134 -82.90 19.14 -13.75
C VAL DB 134 -82.61 18.74 -12.31
N ASN DB 135 -82.01 17.57 -12.10
CA ASN DB 135 -81.61 17.17 -10.74
C ASN DB 135 -80.47 18.05 -10.24
N GLN DB 136 -79.50 18.33 -11.10
CA GLN DB 136 -78.34 19.09 -10.65
C GLN DB 136 -78.64 20.58 -10.59
N ALA DB 137 -79.37 21.10 -11.58
CA ALA DB 137 -79.67 22.52 -11.64
C ALA DB 137 -80.46 22.95 -10.42
N ILE DB 138 -81.45 22.14 -10.02
CA ILE DB 138 -82.19 22.45 -8.81
C ILE DB 138 -81.31 22.27 -7.57
N TRP DB 139 -80.26 21.46 -7.67
CA TRP DB 139 -79.47 21.12 -6.50
C TRP DB 139 -78.42 22.18 -6.21
N LEU DB 140 -77.72 22.65 -7.25
CA LEU DB 140 -76.57 23.52 -7.04
C LEU DB 140 -76.98 24.86 -6.48
N LEU DB 141 -78.14 25.38 -6.90
CA LEU DB 141 -78.67 26.56 -6.25
C LEU DB 141 -79.16 26.28 -4.84
N CYS DB 142 -79.69 25.09 -4.58
CA CYS DB 142 -80.28 24.76 -3.29
C CYS DB 142 -79.26 24.66 -2.18
N THR DB 143 -78.01 24.37 -2.51
CA THR DB 143 -76.94 24.42 -1.53
C THR DB 143 -76.18 25.74 -1.60
N GLY DB 144 -76.33 26.48 -2.70
CA GLY DB 144 -75.70 27.78 -2.80
C GLY DB 144 -76.29 28.79 -1.84
N ALA DB 145 -77.62 28.87 -1.78
CA ALA DB 145 -78.27 29.75 -0.83
C ALA DB 145 -78.15 29.24 0.60
N ARG DB 146 -77.80 27.96 0.77
CA ARG DB 146 -77.62 27.36 2.07
C ARG DB 146 -76.44 27.95 2.81
N GLU DB 147 -75.47 28.54 2.10
CA GLU DB 147 -74.38 29.25 2.74
C GLU DB 147 -74.58 30.76 2.74
N ALA DB 148 -75.43 31.28 1.85
CA ALA DB 148 -75.64 32.73 1.79
C ALA DB 148 -76.37 33.24 3.03
N ALA DB 149 -77.30 32.47 3.56
CA ALA DB 149 -77.95 32.79 4.83
C ALA DB 149 -77.20 32.25 6.03
N PHE DB 150 -76.18 31.42 5.81
CA PHE DB 150 -75.40 30.85 6.89
C PHE DB 150 -74.51 31.93 7.49
N ARG DB 151 -74.73 32.22 8.78
CA ARG DB 151 -74.01 33.26 9.50
C ARG DB 151 -74.12 34.62 8.80
N ASN DB 152 -75.34 34.98 8.43
CA ASN DB 152 -75.55 36.24 7.74
C ASN DB 152 -76.92 36.80 8.08
N ILE DB 153 -77.02 38.14 8.09
CA ILE DB 153 -78.27 38.81 8.40
C ILE DB 153 -79.30 38.53 7.30
N LYS DB 154 -78.83 38.28 6.08
CA LYS DB 154 -79.73 37.95 4.99
C LYS DB 154 -80.40 36.62 5.25
N THR DB 155 -81.72 36.63 5.34
CA THR DB 155 -82.47 35.45 5.75
C THR DB 155 -82.53 34.42 4.63
N ILE DB 156 -82.97 33.21 4.99
CA ILE DB 156 -83.07 32.13 4.02
C ILE DB 156 -84.14 32.41 2.96
N ALA DB 157 -85.14 33.24 3.30
CA ALA DB 157 -86.17 33.56 2.31
C ALA DB 157 -85.60 34.41 1.18
N GLU DB 158 -84.68 35.32 1.52
CA GLU DB 158 -84.10 36.18 0.50
C GLU DB 158 -83.08 35.44 -0.35
N CYS DB 159 -82.18 34.67 0.29
CA CYS DB 159 -81.16 33.93 -0.43
C CYS DB 159 -81.77 32.91 -1.39
N LEU DB 160 -82.89 32.30 -1.00
CA LEU DB 160 -83.63 31.44 -1.93
C LEU DB 160 -84.17 32.25 -3.09
N ALA DB 161 -84.54 33.50 -2.83
CA ALA DB 161 -85.10 34.34 -3.89
C ALA DB 161 -84.01 35.08 -4.66
N ASP DB 162 -82.87 35.36 -4.02
CA ASP DB 162 -81.85 36.17 -4.64
C ASP DB 162 -81.12 35.40 -5.73
N GLU DB 163 -80.95 34.08 -5.54
CA GLU DB 163 -80.09 33.34 -6.45
C GLU DB 163 -80.73 33.07 -7.79
N LEU DB 164 -81.98 32.58 -7.80
CA LEU DB 164 -82.63 32.34 -9.09
C LEU DB 164 -82.91 33.63 -9.85
N ILE DB 165 -83.00 34.77 -9.16
CA ILE DB 165 -82.97 36.06 -9.84
C ILE DB 165 -81.65 36.25 -10.56
N ASN DB 166 -80.55 35.94 -9.88
CA ASN DB 166 -79.23 36.02 -10.48
C ASN DB 166 -78.94 34.86 -11.41
N ALA DB 167 -79.78 33.81 -11.39
CA ALA DB 167 -79.61 32.69 -12.28
C ALA DB 167 -80.41 32.84 -13.57
N ALA DB 168 -81.55 33.52 -13.52
CA ALA DB 168 -82.37 33.72 -14.71
C ALA DB 168 -81.71 34.64 -15.72
N LYS DB 169 -80.76 35.47 -15.29
CA LYS DB 169 -79.96 36.27 -16.19
C LYS DB 169 -78.56 35.73 -16.37
N GLY DB 170 -78.17 34.70 -15.62
CA GLY DB 170 -76.83 34.13 -15.68
C GLY DB 170 -75.75 35.13 -15.35
N SER DB 171 -75.99 35.96 -14.35
CA SER DB 171 -75.11 37.08 -14.04
C SER DB 171 -73.83 36.66 -13.32
N SER DB 172 -73.66 35.36 -13.04
CA SER DB 172 -72.44 34.76 -12.51
C SER DB 172 -72.04 35.34 -11.16
N ASN DB 173 -72.99 35.82 -10.37
CA ASN DB 173 -72.76 36.15 -8.98
C ASN DB 173 -73.47 35.19 -8.04
N SER DB 174 -74.13 34.17 -8.59
CA SER DB 174 -74.75 33.11 -7.80
C SER DB 174 -73.85 31.89 -7.79
N TYR DB 175 -74.06 31.02 -6.80
CA TYR DB 175 -73.26 29.81 -6.69
C TYR DB 175 -73.55 28.84 -7.83
N ALA DB 176 -74.82 28.76 -8.25
CA ALA DB 176 -75.22 27.73 -9.21
C ALA DB 176 -74.67 27.99 -10.60
N ILE DB 177 -74.45 29.26 -10.97
CA ILE DB 177 -73.93 29.56 -12.29
C ILE DB 177 -72.45 29.25 -12.36
N LYS DB 178 -71.70 29.61 -11.31
CA LYS DB 178 -70.27 29.37 -11.26
C LYS DB 178 -69.94 27.89 -11.36
N LYS DB 179 -70.62 27.06 -10.57
CA LYS DB 179 -70.32 25.63 -10.52
C LYS DB 179 -70.79 24.90 -11.77
N LYS DB 180 -71.66 25.53 -12.58
CA LYS DB 180 -72.09 24.90 -13.82
C LYS DB 180 -71.03 25.06 -14.90
N ASP DB 181 -70.48 26.26 -15.05
CA ASP DB 181 -69.50 26.50 -16.10
C ASP DB 181 -68.12 25.97 -15.77
N GLU DB 182 -67.77 25.86 -14.48
CA GLU DB 182 -66.52 25.20 -14.16
C GLU DB 182 -66.60 23.70 -14.43
N LEU DB 183 -67.75 23.10 -14.15
CA LEU DB 183 -67.91 21.67 -14.38
C LEU DB 183 -67.99 21.37 -15.86
N GLU DB 184 -68.56 22.29 -16.65
CA GLU DB 184 -68.51 22.18 -18.10
C GLU DB 184 -67.11 22.40 -18.65
N ARG DB 185 -66.24 23.08 -17.90
CA ARG DB 185 -64.88 23.35 -18.38
C ARG DB 185 -63.89 22.29 -17.93
N VAL DB 186 -64.03 21.78 -16.70
CA VAL DB 186 -63.13 20.69 -16.28
C VAL DB 186 -63.49 19.40 -17.01
N ALA DB 187 -64.72 19.28 -17.49
CA ALA DB 187 -65.03 18.22 -18.44
C ALA DB 187 -64.41 18.51 -19.80
N LYS DB 188 -64.36 19.79 -20.19
CA LYS DB 188 -63.74 20.18 -21.44
C LYS DB 188 -62.24 19.96 -21.44
N SER DB 189 -61.65 19.71 -20.27
CA SER DB 189 -60.24 19.33 -20.20
C SER DB 189 -60.02 17.95 -20.79
N ASN DB 190 -60.60 16.93 -20.16
CA ASN DB 190 -60.47 15.55 -20.63
C ASN DB 190 -61.65 15.19 -21.53
N ARG DB 191 -61.86 16.00 -22.56
CA ARG DB 191 -62.89 15.70 -23.54
C ARG DB 191 -62.27 15.47 -24.89
N MET EB 1 51.28 -71.49 34.98
CA MET EB 1 51.83 -72.18 33.83
C MET EB 1 52.10 -73.64 34.15
N LYS EB 2 51.05 -74.43 34.22
CA LYS EB 2 51.21 -75.84 34.50
C LYS EB 2 51.77 -76.56 33.29
N LEU EB 3 52.41 -77.70 33.53
CA LEU EB 3 52.98 -78.53 32.48
C LEU EB 3 52.35 -79.90 32.54
N ASN EB 4 51.67 -80.30 31.46
CA ASN EB 4 51.06 -81.62 31.37
C ASN EB 4 52.12 -82.60 30.86
N ILE EB 5 53.05 -82.91 31.75
CA ILE EB 5 54.20 -83.73 31.37
C ILE EB 5 53.86 -85.20 31.57
N SER EB 6 54.24 -86.03 30.60
CA SER EB 6 53.88 -87.44 30.62
C SER EB 6 55.04 -88.28 30.11
N PHE EB 7 55.21 -89.46 30.72
CA PHE EB 7 56.22 -90.41 30.26
C PHE EB 7 55.53 -91.59 29.61
N PRO EB 8 55.73 -91.84 28.31
CA PRO EB 8 55.03 -92.95 27.66
C PRO EB 8 55.63 -94.31 27.94
N ALA EB 9 56.96 -94.40 28.06
CA ALA EB 9 57.63 -95.70 28.16
C ALA EB 9 57.24 -96.47 29.42
N THR EB 10 56.81 -95.78 30.46
CA THR EB 10 56.11 -96.41 31.56
C THR EB 10 54.61 -96.21 31.48
N GLY EB 11 54.16 -95.01 31.14
CA GLY EB 11 52.74 -94.72 30.99
C GLY EB 11 52.24 -93.56 31.81
N CYS EB 12 52.99 -93.10 32.81
CA CYS EB 12 52.47 -92.17 33.79
C CYS EB 12 52.51 -90.73 33.30
N GLN EB 13 52.02 -89.83 34.14
CA GLN EB 13 51.89 -88.41 33.83
C GLN EB 13 51.67 -87.64 35.12
N LYS EB 14 52.33 -86.49 35.24
CA LYS EB 14 52.09 -85.59 36.37
C LYS EB 14 51.85 -84.18 35.86
N LEU EB 15 51.45 -83.33 36.79
CA LEU EB 15 51.12 -81.94 36.52
C LEU EB 15 51.94 -81.06 37.45
N ILE EB 16 52.98 -80.42 36.91
CA ILE EB 16 53.79 -79.46 37.65
C ILE EB 16 53.60 -78.11 36.99
N GLU EB 17 53.64 -77.05 37.80
CA GLU EB 17 53.57 -75.68 37.31
C GLU EB 17 54.95 -75.04 37.39
N VAL EB 18 55.20 -74.08 36.52
CA VAL EB 18 56.36 -73.21 36.65
C VAL EB 18 55.87 -71.82 37.03
N ASP EB 19 56.66 -71.12 37.83
CA ASP EB 19 56.40 -69.74 38.22
C ASP EB 19 57.59 -68.89 37.80
N ASP EB 20 58.37 -69.45 36.87
CA ASP EB 20 59.62 -68.86 36.44
C ASP EB 20 59.63 -68.81 34.92
N GLU EB 21 60.23 -67.77 34.37
CA GLU EB 21 60.23 -67.60 32.92
C GLU EB 21 61.56 -68.00 32.32
N ARG EB 22 62.63 -68.05 33.13
CA ARG EB 22 63.97 -68.27 32.60
C ARG EB 22 64.13 -69.66 32.02
N LYS EB 23 63.44 -70.65 32.57
CA LYS EB 23 63.53 -72.03 32.09
C LYS EB 23 62.54 -72.33 30.98
N LEU EB 24 61.94 -71.31 30.37
CA LEU EB 24 60.94 -71.50 29.33
C LEU EB 24 61.30 -70.80 28.03
N ARG EB 25 62.48 -70.17 27.98
CA ARG EB 25 62.93 -69.52 26.74
C ARG EB 25 63.10 -70.51 25.60
N THR EB 26 63.51 -71.73 25.92
CA THR EB 26 63.68 -72.78 24.92
C THR EB 26 62.35 -73.32 24.43
N PHE EB 27 61.26 -72.98 25.10
CA PHE EB 27 59.93 -73.40 24.68
C PHE EB 27 59.08 -72.29 24.08
N TYR EB 28 59.65 -71.13 23.77
CA TYR EB 28 58.85 -70.06 23.19
C TYR EB 28 59.06 -70.01 21.68
N GLU EB 29 57.98 -69.67 20.97
CA GLU EB 29 57.97 -69.41 19.54
C GLU EB 29 58.49 -70.63 18.75
N LYS EB 30 57.68 -71.69 18.73
CA LYS EB 30 58.02 -72.86 17.94
C LYS EB 30 56.75 -73.40 17.29
N ARG EB 31 56.85 -74.60 16.73
CA ARG EB 31 55.77 -75.26 16.06
C ARG EB 31 55.36 -76.49 16.87
N MET EB 32 54.48 -77.30 16.30
CA MET EB 32 54.09 -78.56 16.92
C MET EB 32 54.89 -79.71 16.31
N ALA EB 33 54.94 -80.82 17.05
CA ALA EB 33 55.77 -81.99 16.74
C ALA EB 33 57.22 -81.58 16.54
N THR EB 34 57.73 -80.80 17.48
CA THR EB 34 59.09 -80.29 17.44
C THR EB 34 59.90 -80.94 18.54
N GLU EB 35 61.03 -81.54 18.17
CA GLU EB 35 61.86 -82.29 19.11
C GLU EB 35 62.75 -81.31 19.85
N VAL EB 36 62.34 -80.94 21.06
CA VAL EB 36 63.03 -79.94 21.86
C VAL EB 36 63.77 -80.65 22.99
N ALA EB 37 64.99 -80.18 23.26
CA ALA EB 37 65.82 -80.77 24.30
C ALA EB 37 65.56 -80.05 25.61
N ALA EB 38 64.84 -80.70 26.51
CA ALA EB 38 64.46 -80.12 27.80
C ALA EB 38 65.58 -80.28 28.83
N ASP EB 39 66.73 -79.67 28.55
CA ASP EB 39 67.88 -79.73 29.45
C ASP EB 39 67.89 -78.59 30.46
N ALA EB 40 67.18 -77.49 30.18
CA ALA EB 40 67.19 -76.33 31.05
C ALA EB 40 66.01 -76.26 32.00
N LEU EB 41 65.43 -77.40 32.39
CA LEU EB 41 64.26 -77.36 33.25
C LEU EB 41 64.60 -77.55 34.72
N GLY EB 42 65.76 -78.11 35.04
CA GLY EB 42 66.13 -78.25 36.43
C GLY EB 42 67.28 -79.22 36.59
N GLU EB 43 67.54 -79.57 37.86
CA GLU EB 43 68.64 -80.47 38.16
C GLU EB 43 68.29 -81.90 37.80
N GLU EB 44 67.01 -82.24 37.80
CA GLU EB 44 66.61 -83.57 37.35
C GLU EB 44 66.57 -83.67 35.83
N TRP EB 45 66.24 -82.58 35.14
CA TRP EB 45 66.03 -82.59 33.70
C TRP EB 45 67.34 -82.20 33.03
N LYS EB 46 67.96 -83.16 32.35
CA LYS EB 46 69.06 -82.88 31.45
C LYS EB 46 69.10 -83.97 30.39
N GLY EB 47 69.17 -83.54 29.13
CA GLY EB 47 69.21 -84.46 28.00
C GLY EB 47 67.88 -85.08 27.63
N TYR EB 48 66.84 -84.84 28.41
CA TYR EB 48 65.52 -85.41 28.15
C TYR EB 48 64.92 -84.69 26.96
N VAL EB 49 65.12 -85.22 25.76
CA VAL EB 49 64.58 -84.61 24.56
C VAL EB 49 63.11 -85.01 24.48
N VAL EB 50 62.22 -84.03 24.46
CA VAL EB 50 60.78 -84.26 24.55
C VAL EB 50 60.10 -83.68 23.31
N ARG EB 51 58.94 -84.25 22.98
CA ARG EB 51 58.10 -83.76 21.89
C ARG EB 51 56.92 -83.01 22.49
N ILE EB 52 56.42 -82.02 21.76
CA ILE EB 52 55.27 -81.23 22.20
C ILE EB 52 54.05 -81.62 21.38
N SER EB 53 52.92 -81.81 22.07
CA SER EB 53 51.65 -82.04 21.41
C SER EB 53 50.66 -80.90 21.64
N GLY EB 54 50.86 -80.10 22.68
CA GLY EB 54 50.14 -78.85 22.86
C GLY EB 54 48.78 -78.91 23.48
N GLY EB 55 48.43 -77.88 24.26
CA GLY EB 55 47.18 -77.90 25.01
C GLY EB 55 46.37 -76.63 25.10
N ASN EB 56 46.03 -76.27 26.33
CA ASN EB 56 44.99 -75.28 26.61
C ASN EB 56 45.58 -73.89 26.84
N ASP EB 57 44.89 -72.89 26.33
CA ASP EB 57 45.21 -71.50 26.60
C ASP EB 57 44.74 -71.11 28.00
N LYS EB 58 44.99 -69.85 28.40
CA LYS EB 58 44.46 -69.35 29.66
C LYS EB 58 42.95 -69.26 29.69
N GLN EB 59 42.29 -69.33 28.53
CA GLN EB 59 40.85 -69.40 28.47
C GLN EB 59 40.37 -70.80 28.12
N GLY EB 60 41.26 -71.78 28.12
CA GLY EB 60 40.88 -73.15 27.87
C GLY EB 60 40.63 -73.50 26.43
N PHE EB 61 40.94 -72.60 25.50
CA PHE EB 61 40.77 -72.89 24.09
C PHE EB 61 41.88 -73.85 23.66
N PRO EB 62 41.53 -75.07 23.25
CA PRO EB 62 42.57 -76.04 22.92
C PRO EB 62 43.18 -75.71 21.56
N MET EB 63 44.48 -75.96 21.44
CA MET EB 63 45.25 -75.46 20.32
C MET EB 63 45.27 -76.48 19.19
N LYS EB 64 45.30 -75.95 17.96
CA LYS EB 64 45.22 -76.77 16.77
C LYS EB 64 46.62 -77.03 16.21
N GLN EB 65 46.77 -78.15 15.52
CA GLN EB 65 48.00 -78.49 14.82
C GLN EB 65 48.06 -77.73 13.49
N GLY EB 66 49.18 -77.08 13.24
CA GLY EB 66 49.50 -76.56 11.92
C GLY EB 66 48.58 -75.51 11.33
N VAL EB 67 48.41 -74.39 12.02
CA VAL EB 67 47.71 -73.25 11.43
C VAL EB 67 48.62 -72.05 11.17
N LEU EB 68 49.87 -72.08 11.66
CA LEU EB 68 50.91 -71.08 11.39
C LEU EB 68 50.47 -69.68 11.87
N THR EB 69 50.02 -69.66 13.11
CA THR EB 69 49.50 -68.48 13.82
C THR EB 69 49.44 -68.92 15.27
N HIS EB 70 49.46 -67.96 16.19
CA HIS EB 70 49.31 -68.25 17.60
C HIS EB 70 48.07 -67.62 18.22
N GLY EB 71 47.19 -67.00 17.44
CA GLY EB 71 46.01 -66.37 17.98
C GLY EB 71 44.88 -67.32 18.28
N ARG EB 72 43.66 -66.92 17.93
CA ARG EB 72 42.48 -67.74 18.18
C ARG EB 72 41.46 -67.45 17.09
N VAL EB 73 41.28 -68.41 16.18
CA VAL EB 73 40.36 -68.22 15.05
C VAL EB 73 39.31 -69.32 15.08
N ARG EB 74 38.08 -68.92 14.75
CA ARG EB 74 36.97 -69.85 14.60
C ARG EB 74 37.11 -70.56 13.27
N LEU EB 75 37.23 -71.88 13.31
CA LEU EB 75 37.52 -72.67 12.12
C LEU EB 75 36.46 -73.74 11.93
N LEU EB 76 36.21 -74.06 10.66
CA LEU EB 76 35.27 -75.12 10.30
C LEU EB 76 35.97 -76.46 10.44
N LEU EB 77 35.48 -77.29 11.34
CA LEU EB 77 36.01 -78.64 11.52
C LEU EB 77 34.94 -79.64 11.13
N SER EB 78 35.35 -80.63 10.33
CA SER EB 78 34.49 -81.69 9.84
C SER EB 78 34.81 -82.98 10.57
N LYS EB 79 34.19 -84.08 10.13
CA LYS EB 79 34.35 -85.38 10.77
C LYS EB 79 35.79 -85.85 10.58
N GLY EB 80 36.50 -86.05 11.68
CA GLY EB 80 37.82 -86.64 11.65
C GLY EB 80 38.88 -85.91 12.45
N HIS EB 81 38.75 -84.59 12.55
CA HIS EB 81 39.82 -83.78 13.11
C HIS EB 81 39.91 -83.95 14.62
N SER EB 82 40.94 -83.33 15.20
CA SER EB 82 41.03 -83.19 16.64
C SER EB 82 40.26 -81.94 17.07
N CYS EB 83 40.06 -81.81 18.38
CA CYS EB 83 39.34 -80.69 19.00
C CYS EB 83 37.89 -80.59 18.52
N TYR EB 84 37.31 -81.67 18.03
CA TYR EB 84 35.97 -81.64 17.45
C TYR EB 84 35.29 -82.99 17.63
N ARG EB 85 33.98 -82.94 17.88
CA ARG EB 85 33.15 -84.14 18.01
C ARG EB 85 31.78 -83.81 17.45
N PRO EB 86 31.54 -84.14 16.17
CA PRO EB 86 30.25 -83.80 15.56
C PRO EB 86 29.11 -84.62 16.16
N ARG EB 87 27.97 -83.97 16.33
CA ARG EB 87 26.80 -84.60 16.90
C ARG EB 87 25.95 -85.30 15.84
N ARG EB 88 25.87 -84.74 14.64
CA ARG EB 88 25.19 -85.40 13.53
C ARG EB 88 26.20 -85.81 12.46
N THR EB 89 25.79 -86.76 11.63
CA THR EB 89 26.63 -87.19 10.53
C THR EB 89 26.64 -86.14 9.44
N GLY EB 90 27.83 -85.67 9.08
CA GLY EB 90 27.96 -84.55 8.16
C GLY EB 90 27.78 -83.19 8.80
N GLU EB 91 27.56 -83.13 10.10
CA GLU EB 91 27.41 -81.86 10.78
C GLU EB 91 28.76 -81.19 11.00
N ARG EB 92 28.90 -79.99 10.45
CA ARG EB 92 30.11 -79.21 10.56
C ARG EB 92 29.83 -78.00 11.43
N LYS EB 93 30.80 -77.60 12.24
CA LYS EB 93 30.56 -76.46 13.12
C LYS EB 93 31.84 -75.68 13.29
N ARG EB 94 31.69 -74.35 13.38
CA ARG EB 94 32.76 -73.48 13.84
C ARG EB 94 33.20 -73.94 15.23
N LYS EB 95 34.49 -74.04 15.44
CA LYS EB 95 35.03 -74.26 16.77
C LYS EB 95 36.29 -73.42 16.91
N SER EB 96 36.21 -72.42 17.78
CA SER EB 96 37.33 -71.49 17.97
C SER EB 96 38.45 -72.24 18.68
N VAL EB 97 39.62 -72.28 18.04
CA VAL EB 97 40.78 -72.98 18.58
C VAL EB 97 41.96 -72.02 18.60
N ARG EB 98 42.91 -72.29 19.48
CA ARG EB 98 44.15 -71.53 19.57
C ARG EB 98 45.14 -72.04 18.53
N GLY EB 99 46.11 -71.20 18.20
CA GLY EB 99 47.05 -71.52 17.15
C GLY EB 99 48.05 -72.58 17.55
N CYS EB 100 48.96 -72.88 16.63
CA CYS EB 100 49.98 -73.89 16.83
C CYS EB 100 51.27 -73.35 17.44
N ILE EB 101 51.58 -72.07 17.20
CA ILE EB 101 52.76 -71.48 17.81
C ILE EB 101 52.54 -71.31 19.31
N VAL EB 102 53.56 -71.62 20.09
CA VAL EB 102 53.48 -71.55 21.55
C VAL EB 102 54.08 -70.23 22.02
N ASP EB 103 53.52 -69.70 23.11
CA ASP EB 103 53.91 -68.40 23.66
C ASP EB 103 53.77 -68.47 25.17
N ALA EB 104 53.76 -67.30 25.79
CA ALA EB 104 53.32 -67.19 27.18
C ALA EB 104 51.80 -67.36 27.23
N ASN EB 105 51.14 -67.07 26.11
CA ASN EB 105 49.68 -67.13 26.01
C ASN EB 105 49.21 -68.59 25.94
N LEU EB 106 49.37 -69.27 27.08
CA LEU EB 106 49.04 -70.67 27.25
C LEU EB 106 48.85 -70.96 28.72
N SER EB 107 48.12 -72.02 29.03
CA SER EB 107 48.00 -72.50 30.40
C SER EB 107 48.54 -73.90 30.59
N VAL EB 108 48.46 -74.75 29.57
CA VAL EB 108 48.80 -76.16 29.67
C VAL EB 108 49.62 -76.55 28.46
N LEU EB 109 50.71 -77.28 28.69
CA LEU EB 109 51.54 -77.78 27.61
C LEU EB 109 51.68 -79.29 27.77
N ASN EB 110 51.15 -80.03 26.80
CA ASN EB 110 51.20 -81.49 26.83
C ASN EB 110 52.53 -81.96 26.26
N LEU EB 111 53.50 -82.20 27.14
CA LEU EB 111 54.83 -82.61 26.75
C LEU EB 111 55.05 -84.08 27.10
N VAL EB 112 55.80 -84.76 26.23
CA VAL EB 112 55.95 -86.21 26.30
C VAL EB 112 57.42 -86.54 26.02
N ILE EB 113 58.01 -87.34 26.90
CA ILE EB 113 59.43 -87.67 26.78
C ILE EB 113 59.61 -88.71 25.67
N VAL EB 114 60.50 -88.43 24.73
CA VAL EB 114 60.85 -89.43 23.74
C VAL EB 114 62.20 -90.01 24.13
N LYS EB 115 63.19 -89.13 24.34
CA LYS EB 115 64.54 -89.54 24.70
C LYS EB 115 64.70 -89.46 26.21
N LYS EB 116 64.94 -90.62 26.83
CA LYS EB 116 65.17 -90.68 28.27
C LYS EB 116 66.61 -90.28 28.59
N GLY EB 117 66.76 -89.41 29.59
CA GLY EB 117 68.06 -88.96 30.00
C GLY EB 117 68.70 -89.88 31.02
N GLU EB 118 69.72 -89.34 31.69
CA GLU EB 118 70.45 -90.12 32.68
C GLU EB 118 69.67 -90.25 33.99
N LYS EB 119 69.07 -89.15 34.45
CA LYS EB 119 68.47 -89.13 35.78
C LYS EB 119 67.10 -89.79 35.78
N ASP EB 120 66.39 -89.59 36.89
CA ASP EB 120 65.19 -90.35 37.19
C ASP EB 120 64.29 -89.50 38.09
N ILE EB 121 63.18 -89.02 37.53
CA ILE EB 121 62.18 -88.26 38.28
C ILE EB 121 61.43 -89.25 39.17
N PRO EB 122 61.07 -88.89 40.41
CA PRO EB 122 60.30 -89.81 41.26
C PRO EB 122 58.85 -90.00 40.86
N GLY EB 123 58.40 -89.37 39.77
CA GLY EB 123 57.02 -89.45 39.38
C GLY EB 123 56.71 -90.22 38.11
N LEU EB 124 57.62 -90.15 37.14
CA LEU EB 124 57.33 -90.67 35.80
C LEU EB 124 58.12 -91.94 35.49
N THR EB 125 59.45 -91.89 35.58
CA THR EB 125 60.26 -92.98 35.06
C THR EB 125 60.34 -94.17 36.00
N ASP EB 126 60.02 -93.97 37.29
CA ASP EB 126 59.91 -95.07 38.24
C ASP EB 126 58.53 -95.73 38.23
N THR EB 127 57.47 -94.95 38.04
CA THR EB 127 56.11 -95.46 38.18
C THR EB 127 55.68 -96.14 36.88
N THR EB 128 55.71 -97.47 36.88
CA THR EB 128 55.31 -98.28 35.73
C THR EB 128 53.78 -98.30 35.64
N VAL EB 129 53.25 -98.16 34.43
CA VAL EB 129 51.84 -98.35 34.16
C VAL EB 129 51.70 -99.56 33.24
N PRO EB 130 51.03 -100.62 33.68
CA PRO EB 130 50.96 -101.85 32.88
C PRO EB 130 49.92 -101.80 31.78
N ARG EB 131 49.79 -102.91 31.05
CA ARG EB 131 48.84 -102.99 29.95
C ARG EB 131 47.47 -103.43 30.45
N ARG EB 132 46.44 -102.65 30.08
CA ARG EB 132 45.08 -102.86 30.53
C ARG EB 132 44.36 -103.93 29.72
N LEU EB 133 44.54 -103.95 28.40
CA LEU EB 133 43.94 -104.96 27.54
C LEU EB 133 44.95 -105.46 26.54
N GLY EB 134 45.04 -106.78 26.42
CA GLY EB 134 45.92 -107.41 25.46
C GLY EB 134 45.27 -107.51 24.11
N PRO EB 135 45.86 -108.30 23.21
CA PRO EB 135 45.33 -108.39 21.84
C PRO EB 135 43.99 -109.11 21.80
N LYS EB 136 43.20 -108.81 20.78
CA LYS EB 136 41.91 -109.46 20.60
C LYS EB 136 41.84 -110.12 19.23
N ARG EB 137 42.43 -109.46 18.22
CA ARG EB 137 42.57 -110.10 16.92
C ARG EB 137 43.57 -111.24 17.00
N ALA EB 138 43.33 -112.28 16.21
CA ALA EB 138 44.22 -113.44 16.23
C ALA EB 138 45.56 -113.12 15.60
N SER EB 139 45.58 -112.27 14.59
CA SER EB 139 46.83 -111.97 13.90
C SER EB 139 47.74 -111.09 14.74
N ARG EB 140 47.18 -110.40 15.73
CA ARG EB 140 48.00 -109.61 16.65
C ARG EB 140 48.52 -110.43 17.82
N ILE EB 141 48.04 -111.66 18.00
CA ILE EB 141 48.65 -112.59 18.94
C ILE EB 141 49.83 -113.31 18.28
N ARG EB 142 49.70 -113.60 16.98
CA ARG EB 142 50.81 -114.18 16.23
C ARG EB 142 51.97 -113.19 16.11
N LYS EB 143 51.71 -111.90 16.26
CA LYS EB 143 52.78 -110.91 16.36
C LYS EB 143 53.22 -110.69 17.81
N LEU EB 144 52.35 -110.97 18.77
CA LEU EB 144 52.70 -110.76 20.17
C LEU EB 144 53.69 -111.82 20.64
N PHE EB 145 53.35 -113.09 20.47
CA PHE EB 145 54.21 -114.18 20.93
C PHE EB 145 55.18 -114.65 19.85
N ASN EB 146 55.09 -114.09 18.65
CA ASN EB 146 56.08 -114.26 17.58
C ASN EB 146 56.23 -115.73 17.18
N LEU EB 147 55.10 -116.41 17.11
CA LEU EB 147 55.06 -117.83 16.82
C LEU EB 147 54.94 -118.05 15.31
N SER EB 148 54.65 -119.28 14.91
CA SER EB 148 54.51 -119.66 13.51
C SER EB 148 53.06 -119.47 13.07
N LYS EB 149 52.81 -119.81 11.80
CA LYS EB 149 51.48 -119.69 11.22
C LYS EB 149 50.73 -121.01 11.17
N GLU EB 150 51.10 -121.97 12.02
CA GLU EB 150 50.45 -123.27 12.04
C GLU EB 150 49.91 -123.68 13.40
N ASP EB 151 50.26 -122.95 14.46
CA ASP EB 151 49.81 -123.29 15.79
C ASP EB 151 48.65 -122.39 16.22
N ASP EB 152 47.63 -123.01 16.80
CA ASP EB 152 46.49 -122.26 17.30
C ASP EB 152 46.86 -121.54 18.58
N VAL EB 153 46.33 -120.32 18.73
CA VAL EB 153 46.70 -119.45 19.84
C VAL EB 153 45.52 -119.25 20.80
N ARG EB 154 44.53 -120.13 20.74
CA ARG EB 154 43.36 -120.00 21.61
C ARG EB 154 43.71 -120.29 23.07
N GLN EB 155 44.81 -121.01 23.29
CA GLN EB 155 45.37 -121.15 24.63
C GLN EB 155 46.37 -120.06 24.97
N TYR EB 156 46.80 -119.27 23.99
CA TYR EB 156 47.80 -118.23 24.19
C TYR EB 156 47.18 -116.87 24.47
N VAL EB 157 45.99 -116.83 25.07
CA VAL EB 157 45.37 -115.58 25.47
C VAL EB 157 45.95 -115.16 26.82
N VAL EB 158 46.19 -113.87 26.98
CA VAL EB 158 46.72 -113.34 28.23
C VAL EB 158 45.54 -112.89 29.10
N ARG EB 159 45.22 -113.67 30.12
CA ARG EB 159 44.08 -113.37 30.96
C ARG EB 159 44.51 -112.62 32.22
N LYS EB 160 43.51 -112.19 32.99
CA LYS EB 160 43.73 -111.51 34.25
C LYS EB 160 42.80 -112.14 35.27
N PRO EB 161 43.28 -112.38 36.50
CA PRO EB 161 42.40 -112.95 37.53
C PRO EB 161 41.52 -111.89 38.15
N LEU EB 162 40.21 -112.12 38.10
CA LEU EB 162 39.23 -111.16 38.59
C LEU EB 162 38.97 -111.44 40.07
N ASN EB 163 39.45 -110.56 40.92
CA ASN EB 163 39.47 -110.79 42.36
C ASN EB 163 39.09 -109.51 43.09
N LYS EB 164 38.05 -109.59 43.91
CA LYS EB 164 37.63 -108.48 44.75
C LYS EB 164 36.77 -109.04 45.87
N GLU EB 165 36.60 -108.24 46.93
CA GLU EB 165 35.96 -108.69 48.15
C GLU EB 165 34.47 -108.89 47.93
N GLY EB 166 33.91 -109.90 48.59
CA GLY EB 166 32.56 -110.34 48.36
C GLY EB 166 32.43 -111.39 47.28
N LYS EB 167 33.38 -111.44 46.36
CA LYS EB 167 33.38 -112.37 45.25
C LYS EB 167 34.54 -113.35 45.38
N LYS EB 168 34.40 -114.45 44.70
CA LYS EB 168 35.34 -115.55 44.52
C LYS EB 168 36.42 -115.12 43.53
N PRO EB 169 37.60 -115.73 43.54
CA PRO EB 169 38.54 -115.48 42.44
C PRO EB 169 38.02 -116.05 41.13
N ARG EB 170 37.58 -115.17 40.24
CA ARG EB 170 37.17 -115.53 38.90
C ARG EB 170 38.22 -115.04 37.91
N THR EB 171 38.00 -115.36 36.64
CA THR EB 171 38.97 -115.06 35.60
C THR EB 171 38.26 -114.88 34.27
N LYS EB 172 38.62 -113.83 33.55
CA LYS EB 172 37.98 -113.44 32.30
C LYS EB 172 38.97 -113.52 31.16
N ALA EB 173 38.62 -114.28 30.14
CA ALA EB 173 39.45 -114.37 28.94
C ALA EB 173 38.73 -113.69 27.77
N PRO EB 174 39.40 -112.77 27.10
CA PRO EB 174 38.82 -112.16 25.90
C PRO EB 174 38.64 -113.17 24.78
N LYS EB 175 37.51 -113.04 24.09
CA LYS EB 175 37.20 -113.92 22.97
C LYS EB 175 38.10 -113.57 21.79
N ILE EB 176 38.76 -114.57 21.23
CA ILE EB 176 39.72 -114.34 20.15
C ILE EB 176 38.97 -114.05 18.86
N GLN EB 177 39.14 -112.84 18.34
CA GLN EB 177 38.59 -112.44 17.06
C GLN EB 177 39.40 -113.05 15.93
N ARG EB 178 38.70 -113.47 14.88
CA ARG EB 178 39.29 -113.94 13.63
C ARG EB 178 40.21 -115.14 13.84
N LEU EB 179 39.79 -116.04 14.73
CA LEU EB 179 40.38 -117.37 14.84
C LEU EB 179 39.61 -118.32 13.93
N VAL EB 180 40.35 -119.10 13.15
CA VAL EB 180 39.74 -120.01 12.18
C VAL EB 180 39.12 -121.17 12.95
N THR EB 181 37.81 -121.32 12.82
CA THR EB 181 36.95 -122.21 13.58
C THR EB 181 36.06 -122.97 12.59
N PRO EB 182 35.72 -124.25 12.89
CA PRO EB 182 34.76 -125.00 12.06
C PRO EB 182 33.45 -124.30 11.72
N ARG EB 183 33.06 -123.28 12.49
CA ARG EB 183 31.91 -122.45 12.10
C ARG EB 183 32.24 -121.63 10.86
N VAL EB 184 33.48 -121.15 10.76
CA VAL EB 184 33.90 -120.40 9.57
C VAL EB 184 34.03 -121.34 8.39
N LEU EB 185 34.64 -122.52 8.60
CA LEU EB 185 34.85 -123.48 7.54
C LEU EB 185 33.54 -124.03 6.99
N GLN EB 186 32.58 -124.31 7.87
CA GLN EB 186 31.26 -124.70 7.40
C GLN EB 186 30.59 -123.58 6.61
N HIS EB 187 30.72 -122.33 7.09
CA HIS EB 187 30.16 -121.19 6.37
C HIS EB 187 30.85 -120.99 5.03
N LYS EB 188 32.14 -121.35 4.95
CA LYS EB 188 32.82 -121.27 3.67
C LYS EB 188 32.44 -122.44 2.77
N ARG EB 189 32.31 -123.64 3.34
CA ARG EB 189 31.83 -124.77 2.57
C ARG EB 189 30.34 -124.68 2.27
N ARG EB 190 29.60 -123.80 2.95
CA ARG EB 190 28.19 -123.60 2.64
C ARG EB 190 27.97 -122.70 1.44
N ARG EB 191 28.70 -121.59 1.36
CA ARG EB 191 28.53 -120.68 0.24
C ARG EB 191 29.07 -121.22 -1.06
N ILE EB 192 30.06 -122.12 -1.02
CA ILE EB 192 30.52 -122.75 -2.25
C ILE EB 192 29.52 -123.79 -2.75
N ALA EB 193 28.67 -124.32 -1.89
CA ALA EB 193 27.59 -125.18 -2.34
C ALA EB 193 26.54 -124.39 -3.10
N LEU EB 194 26.33 -123.14 -2.71
CA LEU EB 194 25.39 -122.29 -3.44
C LEU EB 194 25.94 -121.91 -4.81
N LYS EB 195 27.26 -121.78 -4.94
CA LYS EB 195 27.87 -121.52 -6.24
C LYS EB 195 27.72 -122.73 -7.15
N LYS EB 196 27.68 -123.93 -6.56
CA LYS EB 196 27.35 -125.12 -7.34
C LYS EB 196 25.92 -125.11 -7.82
N GLN EB 197 24.99 -124.59 -7.00
CA GLN EB 197 23.58 -124.68 -7.32
C GLN EB 197 23.19 -123.76 -8.46
N ARG EB 198 23.78 -122.57 -8.50
CA ARG EB 198 23.44 -121.58 -9.53
C ARG EB 198 23.82 -122.08 -10.91
N THR EB 199 25.07 -122.52 -11.08
CA THR EB 199 25.53 -123.04 -12.36
C THR EB 199 24.74 -124.27 -12.77
N LYS EB 200 24.36 -125.09 -11.79
CA LYS EB 200 23.52 -126.25 -12.09
C LYS EB 200 22.14 -125.81 -12.54
N LYS EB 201 21.47 -124.97 -11.75
CA LYS EB 201 20.09 -124.61 -12.06
C LYS EB 201 20.00 -123.77 -13.31
N ASN EB 202 21.00 -122.94 -13.59
CA ASN EB 202 21.01 -122.19 -14.84
C ASN EB 202 21.43 -123.05 -16.02
N LYS EB 203 21.94 -124.25 -15.77
CA LYS EB 203 22.18 -125.20 -16.84
C LYS EB 203 20.93 -125.98 -17.22
N GLU EB 204 20.15 -126.41 -16.23
CA GLU EB 204 19.00 -127.26 -16.52
C GLU EB 204 17.88 -126.46 -17.16
N GLU EB 205 17.53 -125.30 -16.58
CA GLU EB 205 16.46 -124.49 -17.14
C GLU EB 205 16.83 -123.91 -18.48
N ALA EB 206 18.13 -123.79 -18.78
CA ALA EB 206 18.54 -123.46 -20.14
C ALA EB 206 18.43 -124.67 -21.06
N ALA EB 207 18.89 -125.83 -20.60
CA ALA EB 207 18.86 -127.02 -21.44
C ALA EB 207 17.43 -127.52 -21.62
N GLU EB 208 16.61 -127.43 -20.58
CA GLU EB 208 15.21 -127.81 -20.74
C GLU EB 208 14.49 -126.86 -21.67
N TYR EB 209 14.78 -125.56 -21.56
CA TYR EB 209 14.25 -124.62 -22.55
C TYR EB 209 14.86 -124.89 -23.93
N ALA EB 210 16.13 -125.30 -23.97
CA ALA EB 210 16.73 -125.70 -25.24
C ALA EB 210 16.05 -126.94 -25.78
N LYS EB 211 15.53 -127.79 -24.91
CA LYS EB 211 14.67 -128.87 -25.35
C LYS EB 211 13.26 -128.38 -25.62
N LEU EB 212 12.80 -127.36 -24.88
CA LEU EB 212 11.44 -126.87 -25.06
C LEU EB 212 11.30 -126.08 -26.34
N LEU EB 213 12.36 -125.35 -26.75
CA LEU EB 213 12.35 -124.79 -28.08
C LEU EB 213 12.47 -125.88 -29.14
N ALA EB 214 13.19 -126.96 -28.83
CA ALA EB 214 13.31 -128.09 -29.74
C ALA EB 214 12.01 -128.86 -29.88
N LYS EB 215 11.18 -128.88 -28.85
CA LYS EB 215 9.81 -129.34 -29.02
C LYS EB 215 9.02 -128.34 -29.89
N ARG EB 216 9.26 -127.05 -29.68
CA ARG EB 216 8.59 -126.01 -30.45
C ARG EB 216 9.18 -125.81 -31.83
N MET EB 217 10.36 -126.34 -32.12
CA MET EB 217 10.88 -126.24 -33.48
C MET EB 217 10.15 -127.17 -34.44
N LYS EB 218 9.85 -128.39 -33.99
CA LYS EB 218 9.09 -129.30 -34.85
C LYS EB 218 7.65 -128.85 -35.01
N GLU EB 219 7.07 -128.22 -33.99
CA GLU EB 219 5.69 -127.77 -34.03
C GLU EB 219 5.53 -126.44 -34.76
N ALA EB 220 6.64 -125.76 -35.06
CA ALA EB 220 6.57 -124.54 -35.86
C ALA EB 220 6.72 -124.82 -37.34
N LYS EB 221 7.30 -125.96 -37.72
CA LYS EB 221 7.66 -126.20 -39.12
C LYS EB 221 6.64 -127.04 -39.88
N GLU EB 222 5.82 -127.83 -39.18
CA GLU EB 222 4.79 -128.60 -39.86
C GLU EB 222 3.62 -127.73 -40.30
N LYS EB 223 3.40 -126.60 -39.62
CA LYS EB 223 2.36 -125.67 -40.03
C LYS EB 223 2.79 -124.78 -41.17
N ARG EB 224 4.10 -124.61 -41.39
CA ARG EB 224 4.56 -123.85 -42.55
C ARG EB 224 4.44 -124.68 -43.82
N GLN EB 225 4.27 -125.99 -43.70
CA GLN EB 225 3.89 -126.82 -44.82
C GLN EB 225 2.41 -126.74 -45.14
N GLU EB 226 1.63 -126.09 -44.27
CA GLU EB 226 0.19 -125.96 -44.47
C GLU EB 226 -0.19 -124.68 -45.21
N GLN EB 227 0.61 -123.62 -45.08
CA GLN EB 227 0.28 -122.34 -45.72
C GLN EB 227 0.92 -122.19 -47.09
N ILE EB 228 2.04 -122.87 -47.34
CA ILE EB 228 2.61 -122.86 -48.69
C ILE EB 228 1.90 -123.89 -49.57
N ALA EB 229 1.30 -124.92 -48.96
CA ALA EB 229 0.45 -125.83 -49.71
C ALA EB 229 -0.94 -125.26 -49.90
N LYS EB 230 -1.34 -124.30 -49.06
CA LYS EB 230 -2.61 -123.62 -49.23
C LYS EB 230 -2.55 -122.53 -50.29
N ARG EB 231 -1.37 -121.90 -50.45
CA ARG EB 231 -1.17 -120.97 -51.56
C ARG EB 231 -1.14 -121.70 -52.91
N ARG EB 232 -0.76 -122.98 -52.91
CA ARG EB 232 -0.87 -123.81 -54.10
C ARG EB 232 -2.22 -124.48 -54.24
N ARG EB 233 -2.92 -124.74 -53.13
CA ARG EB 233 -4.26 -125.29 -53.21
C ARG EB 233 -5.26 -124.22 -53.67
N LEU EB 234 -5.03 -122.96 -53.29
CA LEU EB 234 -5.93 -121.90 -53.70
C LEU EB 234 -5.60 -121.37 -55.09
N SER EB 235 -4.43 -121.69 -55.62
CA SER EB 235 -4.11 -121.40 -57.01
C SER EB 235 -4.43 -122.57 -57.93
N SER EB 236 -4.62 -123.77 -57.39
CA SER EB 236 -5.16 -124.90 -58.14
C SER EB 236 -6.66 -125.03 -58.00
N LEU EB 237 -7.31 -124.03 -57.42
CA LEU EB 237 -8.76 -124.07 -57.19
C LEU EB 237 -9.49 -123.17 -58.18
N ALA FB 1 -33.74 -104.13 -80.66
CA ALA FB 1 -33.41 -103.19 -81.72
C ALA FB 1 -32.81 -101.92 -81.14
N LYS FB 2 -33.63 -100.87 -81.05
CA LYS FB 2 -33.18 -99.58 -80.52
C LYS FB 2 -33.31 -99.46 -79.02
N ILE FB 3 -34.05 -100.36 -78.37
CA ILE FB 3 -34.15 -100.33 -76.91
C ILE FB 3 -32.81 -100.74 -76.32
N VAL FB 4 -32.13 -99.76 -75.70
CA VAL FB 4 -30.75 -99.91 -75.23
C VAL FB 4 -30.79 -99.97 -73.71
N LYS FB 5 -30.30 -101.05 -73.15
CA LYS FB 5 -30.29 -101.21 -71.71
C LYS FB 5 -29.01 -100.62 -71.13
N PRO FB 6 -29.10 -99.90 -70.00
CA PRO FB 6 -27.88 -99.35 -69.39
C PRO FB 6 -26.98 -100.42 -68.80
N ASN FB 7 -27.51 -101.58 -68.45
CA ASN FB 7 -26.74 -102.71 -67.97
C ASN FB 7 -26.75 -103.83 -69.01
N GLY FB 8 -25.98 -104.87 -68.73
CA GLY FB 8 -25.91 -106.02 -69.63
C GLY FB 8 -27.06 -106.98 -69.41
N GLU FB 9 -28.25 -106.61 -69.88
CA GLU FB 9 -29.48 -107.33 -69.56
C GLU FB 9 -30.48 -107.18 -70.70
N LYS FB 10 -31.33 -108.22 -70.87
CA LYS FB 10 -32.33 -108.22 -71.95
C LYS FB 10 -33.70 -107.85 -71.38
N PRO FB 11 -34.56 -107.20 -72.15
CA PRO FB 11 -35.92 -106.91 -71.68
C PRO FB 11 -36.82 -108.13 -71.82
N ASP FB 12 -37.99 -108.03 -71.19
CA ASP FB 12 -39.00 -109.06 -71.31
C ASP FB 12 -39.85 -108.79 -72.57
N GLU FB 13 -40.98 -109.49 -72.69
CA GLU FB 13 -41.84 -109.35 -73.85
C GLU FB 13 -42.57 -108.01 -73.90
N PHE FB 14 -42.56 -107.24 -72.80
CA PHE FB 14 -43.29 -105.98 -72.77
C PHE FB 14 -42.56 -104.90 -73.57
N GLU FB 15 -41.30 -104.61 -73.20
CA GLU FB 15 -40.57 -103.54 -73.86
C GLU FB 15 -40.18 -103.93 -75.28
N SER FB 16 -39.96 -105.21 -75.54
CA SER FB 16 -39.79 -105.68 -76.91
C SER FB 16 -41.11 -105.63 -77.68
N GLY FB 17 -42.24 -105.73 -76.97
CA GLY FB 17 -43.53 -105.46 -77.56
C GLY FB 17 -43.78 -104.02 -77.89
N ILE FB 18 -42.91 -103.12 -77.43
CA ILE FB 18 -42.96 -101.73 -77.85
C ILE FB 18 -41.86 -101.40 -78.84
N SER FB 19 -40.73 -102.13 -78.81
CA SER FB 19 -39.63 -101.87 -79.74
C SER FB 19 -40.04 -102.20 -81.17
N GLN FB 20 -40.59 -103.40 -81.39
CA GLN FB 20 -41.14 -103.73 -82.70
C GLN FB 20 -42.40 -102.92 -83.00
N ALA FB 21 -43.05 -102.38 -81.97
CA ALA FB 21 -44.11 -101.40 -82.16
C ALA FB 21 -43.58 -99.99 -82.36
N LEU FB 22 -42.28 -99.76 -82.18
CA LEU FB 22 -41.67 -98.46 -82.42
C LEU FB 22 -41.00 -98.36 -83.77
N LEU FB 23 -40.33 -99.42 -84.21
CA LEU FB 23 -39.69 -99.41 -85.52
C LEU FB 23 -40.73 -99.31 -86.63
N GLU FB 24 -41.92 -99.87 -86.40
CA GLU FB 24 -43.00 -99.73 -87.36
C GLU FB 24 -43.53 -98.31 -87.45
N LEU FB 25 -43.39 -97.51 -86.37
CA LEU FB 25 -43.70 -96.08 -86.46
C LEU FB 25 -42.70 -95.33 -87.31
N GLU FB 26 -41.46 -95.81 -87.37
CA GLU FB 26 -40.46 -95.18 -88.20
C GLU FB 26 -40.70 -95.45 -89.67
N MET FB 27 -41.08 -96.69 -90.02
CA MET FB 27 -41.15 -97.06 -91.43
C MET FB 27 -42.53 -96.84 -92.04
N ASN FB 28 -43.42 -96.14 -91.35
CA ASN FB 28 -44.65 -95.72 -91.99
C ASN FB 28 -44.88 -94.21 -91.92
N SER FB 29 -44.58 -93.57 -90.78
CA SER FB 29 -44.91 -92.18 -90.53
C SER FB 29 -43.84 -91.25 -91.11
N ASP FB 30 -44.17 -89.95 -91.14
CA ASP FB 30 -43.28 -88.95 -91.70
C ASP FB 30 -42.13 -88.58 -90.77
N LEU FB 31 -42.11 -89.07 -89.54
CA LEU FB 31 -41.00 -88.78 -88.62
C LEU FB 31 -39.89 -89.82 -88.71
N LYS FB 32 -39.48 -90.09 -89.96
CA LYS FB 32 -38.32 -90.94 -90.20
C LYS FB 32 -37.01 -90.27 -89.80
N ALA FB 33 -36.95 -88.95 -89.87
CA ALA FB 33 -35.73 -88.20 -89.60
C ALA FB 33 -35.61 -87.73 -88.16
N GLN FB 34 -36.72 -87.73 -87.40
CA GLN FB 34 -36.71 -87.28 -86.02
C GLN FB 34 -36.69 -88.44 -85.03
N LEU FB 35 -36.75 -89.68 -85.51
CA LEU FB 35 -36.72 -90.85 -84.64
C LEU FB 35 -35.53 -91.76 -84.89
N ARG FB 36 -34.86 -91.64 -86.05
CA ARG FB 36 -33.73 -92.50 -86.39
C ARG FB 36 -32.57 -92.31 -85.42
N GLU FB 37 -32.45 -91.12 -84.84
CA GLU FB 37 -31.40 -90.81 -83.88
C GLU FB 37 -31.83 -91.05 -82.45
N LEU FB 38 -33.08 -91.48 -82.23
CA LEU FB 38 -33.63 -91.59 -80.89
C LEU FB 38 -33.76 -93.06 -80.49
N ASN FB 39 -33.79 -93.31 -79.19
CA ASN FB 39 -33.87 -94.67 -78.65
C ASN FB 39 -34.58 -94.65 -77.30
N ILE FB 40 -34.83 -95.85 -76.77
CA ILE FB 40 -35.61 -96.05 -75.56
C ILE FB 40 -34.76 -96.87 -74.58
N THR FB 41 -34.91 -96.57 -73.29
CA THR FB 41 -34.25 -97.37 -72.27
C THR FB 41 -35.20 -98.38 -71.60
N ALA FB 42 -36.31 -97.92 -71.04
CA ALA FB 42 -37.18 -98.82 -70.30
C ALA FB 42 -38.63 -98.36 -70.40
N ALA FB 43 -39.53 -99.23 -69.97
CA ALA FB 43 -40.97 -98.97 -69.97
C ALA FB 43 -41.63 -99.95 -69.01
N LYS FB 44 -42.75 -99.53 -68.43
CA LYS FB 44 -43.39 -100.29 -67.37
C LYS FB 44 -44.89 -100.43 -67.62
N GLU FB 45 -45.48 -101.37 -66.88
CA GLU FB 45 -46.91 -101.68 -66.93
C GLU FB 45 -47.52 -101.31 -65.59
N ILE FB 46 -48.44 -100.36 -65.60
CA ILE FB 46 -49.07 -99.87 -64.37
C ILE FB 46 -50.57 -100.09 -64.47
N GLU FB 47 -51.19 -100.39 -63.33
CA GLU FB 47 -52.63 -100.45 -63.22
C GLU FB 47 -53.15 -99.25 -62.44
N VAL FB 48 -54.27 -98.70 -62.87
CA VAL FB 48 -54.88 -97.52 -62.25
C VAL FB 48 -56.33 -97.87 -61.94
N GLY FB 49 -56.95 -97.03 -61.09
CA GLY FB 49 -58.31 -97.20 -60.62
C GLY FB 49 -59.37 -97.45 -61.68
N GLY FB 50 -60.37 -98.23 -61.32
CA GLY FB 50 -61.36 -98.67 -62.29
C GLY FB 50 -60.82 -99.77 -63.17
N GLY FB 51 -61.60 -100.08 -64.21
CA GLY FB 51 -61.18 -101.08 -65.17
C GLY FB 51 -60.21 -100.52 -66.19
N ARG FB 52 -59.06 -100.03 -65.72
CA ARG FB 52 -58.13 -99.29 -66.56
C ARG FB 52 -56.70 -99.65 -66.19
N LYS FB 53 -55.84 -99.62 -67.21
CA LYS FB 53 -54.40 -99.75 -67.05
C LYS FB 53 -53.74 -98.58 -67.80
N ALA FB 54 -52.41 -98.59 -67.84
CA ALA FB 54 -51.69 -97.50 -68.47
C ALA FB 54 -50.31 -97.96 -68.87
N ILE FB 55 -49.62 -97.11 -69.63
CA ILE FB 55 -48.27 -97.38 -70.14
C ILE FB 55 -47.43 -96.12 -70.00
N ILE FB 56 -46.20 -96.30 -69.48
CA ILE FB 56 -45.24 -95.21 -69.33
C ILE FB 56 -43.94 -95.63 -69.99
N ILE FB 57 -43.24 -94.68 -70.61
CA ILE FB 57 -42.04 -94.97 -71.39
C ILE FB 57 -40.95 -94.01 -70.96
N PHE FB 58 -39.81 -94.57 -70.56
CA PHE FB 58 -38.67 -93.79 -70.12
C PHE FB 58 -37.88 -93.25 -71.31
N VAL FB 59 -37.06 -92.24 -71.02
CA VAL FB 59 -36.20 -91.61 -72.02
C VAL FB 59 -34.99 -91.03 -71.30
N PRO FB 60 -33.77 -91.20 -71.83
CA PRO FB 60 -32.63 -90.47 -71.27
C PRO FB 60 -32.84 -88.97 -71.43
N VAL FB 61 -32.60 -88.25 -70.32
CA VAL FB 61 -32.93 -86.82 -70.26
C VAL FB 61 -32.20 -85.96 -71.30
N PRO FB 62 -31.00 -86.31 -71.81
CA PRO FB 62 -30.48 -85.55 -72.95
C PRO FB 62 -31.27 -85.73 -74.24
N GLN FB 63 -32.33 -86.53 -74.26
CA GLN FB 63 -33.15 -86.72 -75.44
C GLN FB 63 -34.52 -86.04 -75.33
N LEU FB 64 -34.97 -85.71 -74.11
CA LEU FB 64 -36.35 -85.26 -73.90
C LEU FB 64 -36.62 -83.89 -74.53
N LYS FB 65 -35.58 -83.09 -74.77
CA LYS FB 65 -35.80 -81.85 -75.49
C LYS FB 65 -36.18 -82.12 -76.95
N SER FB 66 -35.62 -83.17 -77.56
CA SER FB 66 -36.08 -83.57 -78.87
C SER FB 66 -37.47 -84.21 -78.82
N PHE FB 67 -37.78 -84.87 -77.71
CA PHE FB 67 -39.06 -85.55 -77.54
C PHE FB 67 -40.23 -84.60 -77.33
N GLN FB 68 -40.03 -83.52 -76.58
CA GLN FB 68 -41.13 -82.64 -76.17
C GLN FB 68 -41.76 -81.94 -77.36
N LYS FB 69 -41.03 -81.80 -78.47
CA LYS FB 69 -41.55 -81.17 -79.68
C LYS FB 69 -42.04 -82.18 -80.71
N ILE FB 70 -42.11 -83.46 -80.36
CA ILE FB 70 -42.62 -84.48 -81.26
C ILE FB 70 -43.71 -85.25 -80.52
N GLN FB 71 -44.09 -84.73 -79.35
CA GLN FB 71 -45.11 -85.39 -78.54
C GLN FB 71 -46.49 -85.28 -79.17
N VAL FB 72 -46.66 -84.39 -80.15
CA VAL FB 72 -47.95 -84.25 -80.81
C VAL FB 72 -48.26 -85.49 -81.65
N ARG FB 73 -47.34 -85.84 -82.55
CA ARG FB 73 -47.64 -86.86 -83.55
C ARG FB 73 -47.67 -88.25 -82.95
N LEU FB 74 -47.00 -88.46 -81.82
CA LEU FB 74 -46.83 -89.82 -81.31
C LEU FB 74 -48.02 -90.26 -80.46
N VAL FB 75 -48.64 -89.34 -79.71
CA VAL FB 75 -49.65 -89.71 -78.73
C VAL FB 75 -50.89 -90.27 -79.42
N ARG FB 76 -51.32 -89.66 -80.54
CA ARG FB 76 -52.42 -90.22 -81.30
C ARG FB 76 -52.02 -91.47 -82.06
N GLU FB 77 -50.73 -91.68 -82.29
CA GLU FB 77 -50.25 -92.81 -83.06
C GLU FB 77 -50.12 -94.09 -82.23
N LEU FB 78 -49.93 -93.96 -80.92
CA LEU FB 78 -49.86 -95.11 -80.04
C LEU FB 78 -51.13 -95.33 -79.24
N GLU FB 79 -51.98 -94.30 -79.10
CA GLU FB 79 -53.30 -94.47 -78.52
C GLU FB 79 -54.18 -95.39 -79.37
N LYS FB 80 -53.95 -95.41 -80.69
CA LYS FB 80 -54.67 -96.35 -81.54
C LYS FB 80 -54.07 -97.74 -81.49
N LYS FB 81 -52.77 -97.87 -81.20
CA LYS FB 81 -52.17 -99.18 -81.03
C LYS FB 81 -52.49 -99.76 -79.66
N PHE FB 82 -52.71 -98.91 -78.66
CA PHE FB 82 -53.12 -99.31 -77.32
C PHE FB 82 -54.31 -98.44 -76.93
N SER FB 83 -55.52 -98.95 -77.19
CA SER FB 83 -56.73 -98.16 -76.97
C SER FB 83 -57.02 -97.98 -75.49
N GLY FB 84 -56.79 -99.01 -74.69
CA GLY FB 84 -57.11 -98.94 -73.27
C GLY FB 84 -55.90 -98.57 -72.42
N LYS FB 85 -54.85 -98.09 -73.08
CA LYS FB 85 -53.62 -97.71 -72.39
C LYS FB 85 -53.20 -96.33 -72.89
N HIS FB 86 -53.18 -95.36 -71.98
CA HIS FB 86 -52.80 -94.00 -72.31
C HIS FB 86 -51.28 -93.86 -72.25
N VAL FB 87 -50.71 -93.27 -73.29
CA VAL FB 87 -49.28 -93.23 -73.51
C VAL FB 87 -48.71 -91.92 -72.99
N VAL FB 88 -47.56 -91.99 -72.32
CA VAL FB 88 -46.89 -90.80 -71.82
C VAL FB 88 -45.41 -91.11 -71.64
N PHE FB 89 -44.58 -90.08 -71.70
CA PHE FB 89 -43.14 -90.21 -71.49
C PHE FB 89 -42.74 -89.62 -70.15
N ILE FB 90 -41.78 -90.25 -69.49
CA ILE FB 90 -41.08 -89.68 -68.34
C ILE FB 90 -39.59 -89.80 -68.61
N ALA FB 91 -38.83 -88.80 -68.18
CA ALA FB 91 -37.39 -88.88 -68.30
C ALA FB 91 -36.82 -89.77 -67.20
N GLN FB 92 -35.64 -90.32 -67.44
CA GLN FB 92 -34.95 -91.12 -66.43
C GLN FB 92 -33.82 -90.28 -65.86
N ARG FB 93 -33.86 -90.05 -64.56
CA ARG FB 93 -32.86 -89.30 -63.84
C ARG FB 93 -32.37 -90.14 -62.68
N ARG FB 94 -31.05 -90.13 -62.45
CA ARG FB 94 -30.49 -90.94 -61.38
C ARG FB 94 -30.54 -90.19 -60.06
N ILE FB 95 -31.09 -90.82 -59.05
CA ILE FB 95 -31.12 -90.28 -57.71
C ILE FB 95 -29.96 -90.85 -56.91
N LEU FB 96 -29.18 -89.96 -56.30
CA LEU FB 96 -28.03 -90.35 -55.49
C LEU FB 96 -28.42 -90.33 -54.02
N PRO FB 97 -28.05 -91.37 -53.26
CA PRO FB 97 -28.41 -91.40 -51.84
C PRO FB 97 -27.71 -90.32 -51.04
N LYS FB 98 -28.18 -90.12 -49.81
CA LYS FB 98 -27.68 -89.02 -48.98
C LYS FB 98 -26.27 -89.32 -48.49
N PRO FB 99 -25.32 -88.39 -48.64
CA PRO FB 99 -23.96 -88.64 -48.16
C PRO FB 99 -23.83 -88.50 -46.65
N THR FB 100 -24.14 -89.55 -45.90
CA THR FB 100 -24.17 -89.48 -44.44
C THR FB 100 -22.78 -89.69 -43.86
N ARG FB 101 -22.74 -89.89 -42.53
CA ARG FB 101 -21.50 -90.21 -41.84
C ARG FB 101 -21.00 -91.59 -42.25
N LYS FB 102 -21.91 -92.46 -42.69
CA LYS FB 102 -21.55 -93.82 -43.10
C LYS FB 102 -20.57 -93.80 -44.26
N SER FB 103 -21.01 -93.28 -45.40
CA SER FB 103 -20.16 -93.19 -46.58
C SER FB 103 -20.35 -91.83 -47.25
N LYS FB 108 -15.35 -89.80 -54.31
CA LYS FB 108 -16.77 -89.44 -54.35
C LYS FB 108 -16.92 -87.93 -54.26
N GLN FB 109 -17.64 -87.35 -55.22
CA GLN FB 109 -17.74 -85.92 -55.36
C GLN FB 109 -19.00 -85.40 -54.67
N LYS FB 110 -19.29 -84.11 -54.84
CA LYS FB 110 -20.48 -83.49 -54.26
C LYS FB 110 -21.70 -83.80 -55.13
N ARG FB 111 -22.77 -84.26 -54.48
CA ARG FB 111 -24.05 -84.50 -55.15
C ARG FB 111 -24.58 -83.21 -55.74
N PRO FB 112 -24.75 -83.14 -57.06
CA PRO FB 112 -25.38 -81.95 -57.65
C PRO FB 112 -26.84 -81.85 -57.23
N ARG FB 113 -27.32 -80.62 -57.10
CA ARG FB 113 -28.66 -80.38 -56.57
C ARG FB 113 -29.75 -80.78 -57.55
N SER FB 114 -29.39 -81.06 -58.79
CA SER FB 114 -30.36 -81.60 -59.73
C SER FB 114 -30.59 -83.09 -59.51
N ARG FB 115 -29.58 -83.81 -59.01
CA ARG FB 115 -29.71 -85.22 -58.74
C ARG FB 115 -30.33 -85.53 -57.39
N THR FB 116 -30.88 -84.54 -56.70
CA THR FB 116 -31.48 -84.82 -55.40
C THR FB 116 -32.90 -85.34 -55.58
N LEU FB 117 -33.50 -85.81 -54.48
CA LEU FB 117 -34.85 -86.37 -54.55
C LEU FB 117 -35.89 -85.30 -54.87
N THR FB 118 -35.70 -84.09 -54.34
CA THR FB 118 -36.68 -83.04 -54.56
C THR FB 118 -36.67 -82.57 -56.01
N ALA FB 119 -35.50 -82.52 -56.64
CA ALA FB 119 -35.39 -82.06 -58.02
C ALA FB 119 -35.77 -83.12 -59.04
N VAL FB 120 -36.12 -84.32 -58.61
CA VAL FB 120 -36.62 -85.35 -59.53
C VAL FB 120 -38.10 -85.63 -59.29
N HIS FB 121 -38.59 -85.44 -58.05
CA HIS FB 121 -40.01 -85.61 -57.80
C HIS FB 121 -40.81 -84.44 -58.38
N ASP FB 122 -40.15 -83.32 -58.62
CA ASP FB 122 -40.81 -82.20 -59.29
C ASP FB 122 -40.48 -82.11 -60.77
N ALA FB 123 -39.41 -82.78 -61.22
CA ALA FB 123 -39.09 -82.79 -62.65
C ALA FB 123 -39.87 -83.86 -63.40
N ILE FB 124 -40.09 -85.02 -62.78
CA ILE FB 124 -40.99 -86.02 -63.35
C ILE FB 124 -42.40 -85.47 -63.43
N LEU FB 125 -42.81 -84.70 -62.42
CA LEU FB 125 -44.11 -84.03 -62.44
C LEU FB 125 -44.19 -82.93 -63.49
N GLU FB 126 -43.06 -82.56 -64.10
CA GLU FB 126 -43.04 -81.51 -65.11
C GLU FB 126 -43.24 -82.04 -66.52
N ASP FB 127 -42.87 -83.29 -66.79
CA ASP FB 127 -42.95 -83.83 -68.14
C ASP FB 127 -44.20 -84.66 -68.39
N LEU FB 128 -44.89 -85.10 -67.34
CA LEU FB 128 -46.15 -85.80 -67.53
C LEU FB 128 -47.17 -84.90 -68.20
N VAL FB 129 -47.35 -83.70 -67.68
CA VAL FB 129 -48.20 -82.72 -68.33
C VAL FB 129 -47.39 -81.86 -69.31
N PHE FB 130 -47.16 -82.40 -70.50
CA PHE FB 130 -46.44 -81.64 -71.53
C PHE FB 130 -47.25 -80.56 -72.24
N PRO FB 131 -48.57 -80.74 -72.58
CA PRO FB 131 -49.25 -79.63 -73.29
C PRO FB 131 -49.62 -78.52 -72.32
N SER FB 132 -49.85 -78.90 -71.07
CA SER FB 132 -50.31 -77.99 -70.04
C SER FB 132 -49.14 -77.73 -69.08
N GLU FB 133 -48.48 -76.59 -69.24
CA GLU FB 133 -47.38 -76.23 -68.37
C GLU FB 133 -47.90 -75.93 -66.96
N ILE FB 134 -47.06 -76.22 -65.96
CA ILE FB 134 -47.47 -76.06 -64.58
C ILE FB 134 -47.54 -74.59 -64.23
N VAL FB 135 -48.66 -74.18 -63.62
CA VAL FB 135 -48.86 -72.81 -63.19
C VAL FB 135 -48.63 -72.65 -61.69
N GLY FB 136 -48.76 -73.70 -60.91
CA GLY FB 136 -48.46 -73.64 -59.50
C GLY FB 136 -48.60 -75.00 -58.86
N LYS FB 137 -48.26 -75.04 -57.58
CA LYS FB 137 -48.41 -76.25 -56.77
C LYS FB 137 -48.95 -75.91 -55.40
N ARG FB 138 -49.68 -76.85 -54.82
CA ARG FB 138 -50.20 -76.73 -53.47
C ARG FB 138 -49.96 -78.07 -52.78
N ILE FB 139 -49.57 -78.04 -51.50
CA ILE FB 139 -49.32 -79.29 -50.79
C ILE FB 139 -50.19 -79.36 -49.54
N ARG FB 140 -51.26 -80.15 -49.62
CA ARG FB 140 -52.17 -80.35 -48.49
C ARG FB 140 -51.74 -81.58 -47.70
N VAL FB 141 -51.35 -81.38 -46.45
CA VAL FB 141 -51.13 -82.51 -45.55
C VAL FB 141 -52.49 -82.95 -45.02
N LYS FB 142 -52.84 -84.21 -45.28
CA LYS FB 142 -54.15 -84.72 -44.91
C LYS FB 142 -54.15 -85.11 -43.43
N LEU FB 143 -55.33 -85.55 -42.97
CA LEU FB 143 -55.64 -85.58 -41.54
C LEU FB 143 -54.68 -86.47 -40.75
N ASP FB 144 -54.25 -87.58 -41.37
CA ASP FB 144 -53.31 -88.47 -40.70
C ASP FB 144 -51.93 -87.84 -40.59
N GLY FB 145 -51.48 -87.16 -41.63
CA GLY FB 145 -50.13 -86.64 -41.68
C GLY FB 145 -49.47 -86.86 -43.03
N SER FB 146 -50.10 -87.68 -43.86
CA SER FB 146 -49.63 -87.91 -45.22
C SER FB 146 -49.88 -86.68 -46.08
N ARG FB 147 -49.47 -86.73 -47.34
CA ARG FB 147 -49.51 -85.56 -48.19
C ARG FB 147 -50.57 -85.70 -49.28
N LEU FB 148 -50.88 -84.56 -49.90
CA LEU FB 148 -51.82 -84.49 -51.03
C LEU FB 148 -51.41 -83.25 -51.82
N ILE FB 149 -50.96 -83.45 -53.03
CA ILE FB 149 -50.34 -82.36 -53.79
C ILE FB 149 -51.29 -81.90 -54.88
N LYS FB 150 -51.60 -80.62 -54.88
CA LYS FB 150 -52.58 -80.02 -55.77
C LYS FB 150 -51.84 -79.15 -56.77
N VAL FB 151 -51.51 -79.73 -57.92
CA VAL FB 151 -50.86 -78.98 -59.00
C VAL FB 151 -51.95 -78.23 -59.77
N HIS FB 152 -51.73 -76.94 -59.98
CA HIS FB 152 -52.64 -76.17 -60.83
C HIS FB 152 -52.14 -76.18 -62.26
N LEU FB 153 -53.03 -76.53 -63.16
CA LEU FB 153 -52.73 -76.56 -64.58
C LEU FB 153 -53.52 -75.48 -65.29
N ASP FB 154 -52.94 -74.95 -66.36
CA ASP FB 154 -53.62 -73.93 -67.14
C ASP FB 154 -54.78 -74.54 -67.90
N LYS FB 155 -55.80 -73.70 -68.15
CA LYS FB 155 -56.98 -74.15 -68.88
C LYS FB 155 -56.71 -74.34 -70.37
N ALA FB 156 -55.53 -73.94 -70.85
CA ALA FB 156 -55.19 -74.07 -72.27
C ALA FB 156 -55.17 -75.54 -72.67
N GLN FB 157 -55.97 -75.87 -73.69
CA GLN FB 157 -56.20 -77.24 -74.14
C GLN FB 157 -56.70 -78.11 -72.98
N GLN FB 158 -57.79 -77.66 -72.37
CA GLN FB 158 -58.39 -78.28 -71.19
C GLN FB 158 -58.83 -79.72 -71.46
N ASN FB 159 -59.58 -79.93 -72.55
CA ASN FB 159 -60.08 -81.22 -72.98
C ASN FB 159 -58.98 -82.24 -73.24
N ASN FB 160 -57.75 -81.78 -73.50
CA ASN FB 160 -56.66 -82.69 -73.82
C ASN FB 160 -56.29 -83.58 -72.65
N VAL FB 161 -56.46 -83.10 -71.41
CA VAL FB 161 -55.97 -83.83 -70.25
C VAL FB 161 -57.10 -84.22 -69.33
N GLU FB 162 -58.35 -83.92 -69.73
CA GLU FB 162 -59.49 -84.32 -68.92
C GLU FB 162 -59.68 -85.83 -68.89
N HIS FB 163 -59.17 -86.54 -69.89
CA HIS FB 163 -59.13 -88.00 -69.90
C HIS FB 163 -57.87 -88.53 -69.25
N LYS FB 164 -57.10 -87.69 -68.56
CA LYS FB 164 -55.74 -88.02 -68.20
C LYS FB 164 -55.41 -87.83 -66.72
N VAL FB 165 -56.25 -87.11 -65.97
CA VAL FB 165 -55.90 -86.80 -64.59
C VAL FB 165 -56.03 -88.02 -63.69
N GLU FB 166 -56.86 -88.99 -64.10
CA GLU FB 166 -56.87 -90.26 -63.39
C GLU FB 166 -55.58 -91.04 -63.62
N THR FB 167 -54.97 -90.88 -64.79
CA THR FB 167 -53.79 -91.67 -65.15
C THR FB 167 -52.58 -91.20 -64.35
N PHE FB 168 -52.31 -89.90 -64.38
CA PHE FB 168 -51.18 -89.33 -63.65
C PHE FB 168 -51.27 -89.58 -62.15
N SER FB 169 -52.48 -89.58 -61.61
CA SER FB 169 -52.68 -89.92 -60.20
C SER FB 169 -52.26 -91.34 -59.88
N GLY FB 170 -52.34 -92.25 -60.85
CA GLY FB 170 -51.88 -93.60 -60.67
C GLY FB 170 -50.48 -93.82 -61.22
N VAL FB 171 -50.07 -92.98 -62.16
CA VAL FB 171 -48.70 -93.04 -62.67
C VAL FB 171 -47.72 -92.53 -61.62
N TYR FB 172 -48.04 -91.39 -61.00
CA TYR FB 172 -47.15 -90.81 -59.99
C TYR FB 172 -47.22 -91.58 -58.68
N LYS FB 173 -48.31 -92.31 -58.44
CA LYS FB 173 -48.43 -93.11 -57.22
C LYS FB 173 -47.44 -94.27 -57.20
N LYS FB 174 -47.08 -94.81 -58.36
CA LYS FB 174 -46.17 -95.94 -58.39
C LYS FB 174 -44.71 -95.49 -58.33
N LEU FB 175 -44.42 -94.24 -58.66
CA LEU FB 175 -43.05 -93.74 -58.70
C LEU FB 175 -42.64 -93.06 -57.40
N THR FB 176 -43.55 -92.33 -56.76
CA THR FB 176 -43.29 -91.74 -55.46
C THR FB 176 -44.22 -92.29 -54.38
N GLY FB 177 -45.52 -92.26 -54.60
CA GLY FB 177 -46.49 -92.66 -53.60
C GLY FB 177 -47.27 -91.48 -53.08
N LYS FB 178 -47.09 -90.33 -53.72
CA LYS FB 178 -47.71 -89.08 -53.30
C LYS FB 178 -49.03 -88.91 -54.04
N ASP FB 179 -50.10 -88.73 -53.29
CA ASP FB 179 -51.43 -88.56 -53.89
C ASP FB 179 -51.53 -87.18 -54.53
N VAL FB 180 -51.75 -87.16 -55.85
CA VAL FB 180 -51.81 -85.93 -56.62
C VAL FB 180 -53.19 -85.80 -57.24
N ASN FB 181 -53.70 -84.58 -57.31
CA ASN FB 181 -54.80 -84.23 -58.19
C ASN FB 181 -54.38 -83.05 -59.06
N PHE FB 182 -55.18 -82.77 -60.09
CA PHE FB 182 -54.91 -81.69 -61.02
C PHE FB 182 -56.16 -80.85 -61.18
N GLU FB 183 -56.04 -79.55 -60.97
CA GLU FB 183 -57.17 -78.64 -60.98
C GLU FB 183 -57.02 -77.64 -62.13
N PHE FB 184 -58.10 -76.90 -62.38
CA PHE FB 184 -58.14 -75.92 -63.47
C PHE FB 184 -58.59 -74.57 -62.94
N PRO FB 185 -57.65 -73.73 -62.51
CA PRO FB 185 -57.99 -72.38 -62.09
C PRO FB 185 -58.22 -71.46 -63.28
N GLU FB 186 -59.10 -70.46 -63.07
CA GLU FB 186 -59.32 -69.43 -64.07
C GLU FB 186 -59.15 -68.02 -63.52
N PHE FB 187 -58.78 -67.86 -62.25
CA PHE FB 187 -58.64 -66.52 -61.68
C PHE FB 187 -57.43 -65.77 -62.22
N GLN FB 188 -56.42 -66.48 -62.73
CA GLN FB 188 -55.29 -65.85 -63.39
C GLN FB 188 -55.32 -66.07 -64.90
N LEU FB 189 -55.43 -67.32 -65.34
CA LEU FB 189 -55.50 -67.61 -66.76
C LEU FB 189 -56.19 -68.94 -67.01
N GLY GB 1 23.90 -71.29 -4.63
CA GLY GB 1 24.36 -72.10 -5.74
C GLY GB 1 23.74 -71.67 -7.05
N ILE GB 2 24.53 -71.72 -8.12
CA ILE GB 2 24.00 -71.45 -9.44
C ILE GB 2 22.95 -72.50 -9.77
N SER GB 3 21.72 -72.06 -9.92
CA SER GB 3 20.59 -72.96 -10.04
C SER GB 3 20.08 -72.98 -11.47
N ARG GB 4 19.33 -74.03 -11.78
CA ARG GB 4 18.72 -74.21 -13.10
C ARG GB 4 17.24 -74.45 -12.89
N ASP GB 5 16.49 -73.36 -12.79
CA ASP GB 5 15.05 -73.42 -12.65
C ASP GB 5 14.40 -72.80 -13.87
N ASN GB 6 13.08 -72.82 -13.89
CA ASN GB 6 12.33 -72.07 -14.89
C ASN GB 6 11.55 -70.91 -14.28
N TRP GB 7 11.29 -70.94 -12.98
CA TRP GB 7 10.53 -69.89 -12.34
C TRP GB 7 11.36 -68.65 -12.04
N HIS GB 8 12.59 -68.55 -12.54
CA HIS GB 8 13.39 -67.35 -12.38
C HIS GB 8 13.26 -66.41 -13.56
N LYS GB 9 12.67 -66.85 -14.65
CA LYS GB 9 12.70 -66.11 -15.89
C LYS GB 9 11.31 -65.64 -16.29
N ARG GB 10 11.23 -64.92 -17.40
CA ARG GB 10 9.97 -64.36 -17.87
C ARG GB 10 9.03 -65.45 -18.35
N ARG GB 11 7.75 -65.12 -18.41
CA ARG GB 11 6.76 -66.02 -18.98
C ARG GB 11 6.80 -65.95 -20.50
N LYS GB 12 5.96 -66.76 -21.15
CA LYS GB 12 5.92 -66.80 -22.60
C LYS GB 12 5.28 -65.55 -23.19
N THR GB 13 4.50 -64.83 -22.40
CA THR GB 13 3.86 -63.62 -22.88
C THR GB 13 4.62 -62.36 -22.48
N GLY GB 14 5.61 -62.48 -21.60
CA GLY GB 14 6.37 -61.34 -21.15
C GLY GB 14 6.12 -60.93 -19.72
N GLY GB 15 5.24 -61.61 -19.01
CA GLY GB 15 4.96 -61.25 -17.63
C GLY GB 15 6.10 -61.60 -16.70
N LYS GB 16 5.93 -61.19 -15.45
CA LYS GB 16 6.92 -61.44 -14.41
C LYS GB 16 6.47 -62.58 -13.50
N ARG GB 17 7.36 -63.53 -13.27
CA ARG GB 17 7.09 -64.61 -12.34
C ARG GB 17 7.55 -64.23 -10.94
N LYS GB 18 6.62 -64.20 -10.00
CA LYS GB 18 6.95 -63.92 -8.61
C LYS GB 18 7.29 -65.25 -7.94
N PRO GB 19 8.37 -65.31 -7.16
CA PRO GB 19 8.74 -66.58 -6.54
C PRO GB 19 7.78 -66.96 -5.42
N TYR GB 20 7.53 -68.25 -5.28
CA TYR GB 20 6.64 -68.76 -4.25
C TYR GB 20 7.30 -69.87 -3.43
N HIS GB 21 8.60 -70.09 -3.61
CA HIS GB 21 9.36 -71.08 -2.88
C HIS GB 21 10.84 -70.77 -3.06
N LYS GB 22 11.62 -71.05 -2.02
CA LYS GB 22 13.04 -70.85 -2.10
C LYS GB 22 13.67 -71.90 -3.00
N LYS GB 23 14.94 -71.68 -3.35
CA LYS GB 23 15.65 -72.55 -4.29
C LYS GB 23 15.78 -73.95 -3.74
N ARG GB 24 15.50 -74.93 -4.58
CA ARG GB 24 15.41 -76.32 -4.16
C ARG GB 24 16.70 -77.06 -4.51
N LYS GB 25 16.79 -78.30 -4.02
CA LYS GB 25 17.94 -79.16 -4.30
C LYS GB 25 17.89 -79.72 -5.71
N TYR GB 26 16.69 -80.06 -6.19
CA TYR GB 26 16.56 -80.68 -7.50
C TYR GB 26 16.73 -79.70 -8.64
N GLU GB 27 16.88 -78.41 -8.35
CA GLU GB 27 17.19 -77.38 -9.35
C GLU GB 27 18.68 -77.13 -9.44
N LEU GB 28 19.48 -78.14 -9.16
CA LEU GB 28 20.92 -77.99 -9.01
C LEU GB 28 21.62 -77.72 -10.34
N GLY GB 29 22.67 -76.90 -10.27
CA GLY GB 29 23.61 -76.72 -11.35
C GLY GB 29 25.01 -76.55 -10.79
N ARG GB 30 25.92 -77.40 -11.18
CA ARG GB 30 27.28 -77.34 -10.68
C ARG GB 30 28.15 -76.52 -11.61
N PRO GB 31 29.30 -76.02 -11.13
CA PRO GB 31 30.14 -75.17 -12.00
C PRO GB 31 30.65 -75.92 -13.21
N ALA GB 32 30.78 -75.17 -14.31
CA ALA GB 32 31.24 -75.74 -15.57
C ALA GB 32 32.70 -76.15 -15.48
N ALA GB 33 33.00 -77.35 -15.96
CA ALA GB 33 34.33 -77.93 -15.79
C ALA GB 33 35.34 -77.34 -16.77
N ASN GB 34 35.04 -77.43 -18.06
CA ASN GB 34 35.89 -76.93 -19.15
C ASN GB 34 37.30 -77.55 -19.07
N THR GB 35 37.32 -78.86 -19.29
CA THR GB 35 38.56 -79.62 -19.22
C THR GB 35 39.57 -79.16 -20.26
N LYS GB 36 40.84 -79.15 -19.86
CA LYS GB 36 41.95 -78.72 -20.67
C LYS GB 36 42.80 -79.93 -21.05
N ILE GB 37 43.96 -79.69 -21.66
CA ILE GB 37 44.81 -80.75 -22.18
C ILE GB 37 46.05 -80.87 -21.31
N GLY GB 38 46.30 -82.09 -20.84
CA GLY GB 38 47.42 -82.38 -19.97
C GLY GB 38 47.29 -83.77 -19.37
N PRO GB 39 48.08 -84.07 -18.35
CA PRO GB 39 48.01 -85.39 -17.70
C PRO GB 39 46.66 -85.62 -17.05
N ARG GB 40 46.25 -86.88 -16.98
CA ARG GB 40 44.90 -87.24 -16.55
C ARG GB 40 44.60 -86.79 -15.13
N ARG GB 41 43.69 -85.83 -15.00
CA ARG GB 41 43.22 -85.32 -13.71
C ARG GB 41 41.70 -85.31 -13.77
N ILE GB 42 41.09 -86.31 -13.14
CA ILE GB 42 39.63 -86.44 -13.12
C ILE GB 42 39.15 -86.25 -11.69
N HIS GB 43 37.99 -85.61 -11.55
CA HIS GB 43 37.41 -85.29 -10.25
C HIS GB 43 36.03 -85.92 -10.17
N THR GB 44 35.70 -86.46 -9.01
CA THR GB 44 34.39 -87.08 -8.80
C THR GB 44 33.42 -86.11 -8.15
N VAL GB 45 32.13 -86.30 -8.45
CA VAL GB 45 31.03 -85.54 -7.85
C VAL GB 45 29.85 -86.48 -7.62
N ARG GB 46 29.18 -86.32 -6.50
CA ARG GB 46 27.96 -87.06 -6.25
C ARG GB 46 26.80 -86.42 -7.00
N VAL GB 47 25.92 -87.26 -7.54
CA VAL GB 47 24.79 -86.82 -8.32
C VAL GB 47 23.51 -87.16 -7.55
N ARG GB 48 22.37 -86.81 -8.13
CA ARG GB 48 21.10 -87.22 -7.59
C ARG GB 48 20.97 -88.73 -7.67
N GLY GB 49 20.58 -89.35 -6.57
CA GLY GB 49 20.58 -90.79 -6.46
C GLY GB 49 21.81 -91.35 -5.76
N GLY GB 50 22.82 -90.53 -5.54
CA GLY GB 50 23.97 -90.98 -4.78
C GLY GB 50 25.03 -91.72 -5.57
N ASN GB 51 24.96 -91.69 -6.89
CA ASN GB 51 26.00 -92.27 -7.72
C ASN GB 51 27.05 -91.19 -8.01
N LYS GB 52 27.96 -91.44 -8.94
CA LYS GB 52 29.07 -90.53 -9.17
C LYS GB 52 29.13 -90.10 -10.62
N LYS GB 53 29.62 -88.88 -10.87
CA LYS GB 53 29.95 -88.41 -12.20
C LYS GB 53 31.43 -88.04 -12.25
N TYR GB 54 32.04 -88.19 -13.41
CA TYR GB 54 33.48 -88.02 -13.58
C TYR GB 54 33.75 -86.69 -14.28
N ARG GB 55 34.21 -85.71 -13.51
CA ARG GB 55 34.60 -84.42 -14.04
C ARG GB 55 36.04 -84.51 -14.50
N ALA GB 56 36.25 -84.60 -15.81
CA ALA GB 56 37.59 -84.47 -16.37
C ALA GB 56 38.05 -83.02 -16.27
N LEU GB 57 39.32 -82.82 -15.95
CA LEU GB 57 39.89 -81.49 -15.89
C LEU GB 57 41.10 -81.31 -16.79
N ARG GB 58 41.91 -82.34 -16.96
CA ARG GB 58 43.08 -82.29 -17.83
C ARG GB 58 43.20 -83.64 -18.52
N LEU GB 59 43.09 -83.65 -19.86
CA LEU GB 59 43.17 -84.89 -20.60
C LEU GB 59 44.03 -84.73 -21.85
N ASP GB 60 44.94 -85.66 -22.06
CA ASP GB 60 45.80 -85.70 -23.23
C ASP GB 60 45.53 -86.88 -24.14
N VAL GB 61 44.93 -87.96 -23.62
CA VAL GB 61 44.83 -89.22 -24.32
C VAL GB 61 43.37 -89.54 -24.58
N GLY GB 62 43.10 -90.13 -25.75
CA GLY GB 62 41.72 -90.40 -26.15
C GLY GB 62 41.53 -91.59 -27.05
N ASN GB 63 40.48 -92.37 -26.77
CA ASN GB 63 40.14 -93.56 -27.57
C ASN GB 63 39.29 -93.11 -28.76
N PHE GB 64 39.98 -92.84 -29.86
CA PHE GB 64 39.27 -92.37 -31.04
C PHE GB 64 39.03 -93.52 -32.01
N SER GB 65 38.12 -93.29 -32.95
CA SER GB 65 37.59 -94.33 -33.82
C SER GB 65 37.88 -94.03 -35.27
N TRP GB 66 38.11 -95.09 -36.04
CA TRP GB 66 38.06 -95.03 -37.49
C TRP GB 66 36.78 -95.75 -37.90
N GLY GB 67 35.86 -95.01 -38.50
CA GLY GB 67 34.55 -95.55 -38.83
C GLY GB 67 34.56 -96.62 -39.90
N SER GB 68 35.26 -96.35 -41.00
CA SER GB 68 35.30 -97.28 -42.11
C SER GB 68 36.03 -98.57 -41.74
N GLU GB 69 37.30 -98.44 -41.36
CA GLU GB 69 38.16 -99.59 -41.12
C GLU GB 69 37.84 -100.34 -39.83
N CYS GB 70 36.83 -99.89 -39.07
CA CYS GB 70 36.40 -100.49 -37.79
C CYS GB 70 37.57 -100.71 -36.83
N CYS GB 71 38.41 -99.68 -36.68
CA CYS GB 71 39.52 -99.74 -35.76
C CYS GB 71 39.44 -98.56 -34.80
N THR GB 72 39.73 -98.84 -33.53
CA THR GB 72 39.60 -97.87 -32.46
C THR GB 72 40.80 -97.98 -31.53
N ARG GB 73 41.68 -96.99 -31.57
CA ARG GB 73 42.94 -97.04 -30.84
C ARG GB 73 42.98 -95.90 -29.83
N LYS GB 74 43.79 -96.10 -28.79
CA LYS GB 74 43.96 -95.12 -27.72
C LYS GB 74 45.09 -94.19 -28.12
N THR GB 75 44.78 -93.17 -28.91
CA THR GB 75 45.76 -92.19 -29.33
C THR GB 75 45.77 -91.02 -28.36
N ARG GB 76 46.71 -90.10 -28.59
CA ARG GB 76 46.81 -88.90 -27.77
C ARG GB 76 46.38 -87.69 -28.60
N ILE GB 77 45.67 -86.77 -27.96
CA ILE GB 77 45.27 -85.53 -28.60
C ILE GB 77 46.42 -84.56 -28.52
N ILE GB 78 46.59 -83.72 -29.55
CA ILE GB 78 47.67 -82.75 -29.61
C ILE GB 78 47.16 -81.33 -29.39
N ASP GB 79 46.21 -80.89 -30.21
CA ASP GB 79 45.64 -79.55 -30.09
C ASP GB 79 44.18 -79.60 -30.47
N VAL GB 80 43.49 -78.47 -30.34
CA VAL GB 80 42.11 -78.32 -30.79
C VAL GB 80 42.08 -77.22 -31.86
N VAL GB 81 41.51 -77.55 -33.01
CA VAL GB 81 41.65 -76.68 -34.18
C VAL GB 81 40.36 -75.92 -34.47
N TYR GB 82 39.21 -76.45 -34.09
CA TYR GB 82 37.95 -75.80 -34.39
C TYR GB 82 36.89 -76.17 -33.37
N ASN GB 83 36.06 -75.19 -33.03
CA ASN GB 83 34.95 -75.40 -32.10
C ASN GB 83 33.84 -74.47 -32.54
N ALA GB 84 32.80 -75.05 -33.14
CA ALA GB 84 31.76 -74.25 -33.80
C ALA GB 84 30.93 -73.47 -32.78
N SER GB 85 30.80 -74.00 -31.56
CA SER GB 85 29.98 -73.35 -30.55
C SER GB 85 30.54 -71.98 -30.15
N ASN GB 86 31.74 -71.97 -29.56
CA ASN GB 86 32.28 -70.75 -28.99
C ASN GB 86 33.70 -70.54 -29.51
N ASN GB 87 33.93 -69.36 -30.09
CA ASN GB 87 35.22 -69.02 -30.70
C ASN GB 87 36.36 -68.92 -29.70
N GLU GB 88 36.07 -68.79 -28.40
CA GLU GB 88 37.13 -68.66 -27.42
C GLU GB 88 37.67 -70.01 -26.96
N LEU GB 89 36.88 -71.08 -27.07
CA LEU GB 89 37.31 -72.35 -26.49
C LEU GB 89 38.38 -73.06 -27.31
N VAL GB 90 38.67 -72.62 -28.53
CA VAL GB 90 39.85 -73.09 -29.24
C VAL GB 90 41.10 -72.37 -28.74
N ARG GB 91 40.98 -71.07 -28.47
CA ARG GB 91 42.12 -70.30 -28.00
C ARG GB 91 42.53 -70.74 -26.61
N THR GB 92 41.57 -70.73 -25.68
CA THR GB 92 41.74 -71.42 -24.41
C THR GB 92 41.28 -72.86 -24.62
N LYS GB 93 42.24 -73.70 -25.01
CA LYS GB 93 41.98 -74.99 -25.65
C LYS GB 93 41.12 -75.92 -24.79
N THR GB 94 39.90 -76.14 -25.23
CA THR GB 94 38.88 -76.77 -24.41
C THR GB 94 38.41 -78.05 -25.09
N LEU GB 95 38.08 -79.05 -24.29
CA LEU GB 95 37.53 -80.30 -24.78
C LEU GB 95 36.07 -80.35 -24.36
N VAL GB 96 35.16 -80.22 -25.34
CA VAL GB 96 33.76 -80.55 -25.16
C VAL GB 96 33.35 -81.47 -26.30
N LYS GB 97 32.14 -82.01 -26.20
CA LYS GB 97 31.60 -82.82 -27.29
C LYS GB 97 31.48 -81.97 -28.53
N ASN GB 98 31.81 -82.58 -29.68
CA ASN GB 98 31.86 -81.94 -30.99
C ASN GB 98 32.89 -80.82 -31.00
N CYS GB 99 34.12 -81.13 -30.59
CA CYS GB 99 35.27 -80.26 -30.78
C CYS GB 99 36.22 -80.93 -31.74
N ILE GB 100 36.61 -80.20 -32.79
CA ILE GB 100 37.49 -80.74 -33.82
C ILE GB 100 38.93 -80.62 -33.32
N VAL GB 101 39.57 -81.76 -33.07
CA VAL GB 101 40.89 -81.79 -32.46
C VAL GB 101 41.91 -82.39 -33.40
N LEU GB 102 43.18 -82.39 -32.99
CA LEU GB 102 44.24 -83.09 -33.69
C LEU GB 102 44.75 -84.21 -32.80
N ILE GB 103 44.83 -85.42 -33.36
CA ILE GB 103 45.27 -86.59 -32.61
C ILE GB 103 46.46 -87.22 -33.34
N ASP GB 104 47.19 -88.05 -32.60
CA ASP GB 104 48.38 -88.70 -33.14
C ASP GB 104 48.00 -89.89 -34.02
N SER GB 105 48.47 -89.85 -35.27
CA SER GB 105 48.13 -90.89 -36.24
C SER GB 105 49.00 -92.14 -36.12
N THR GB 106 50.01 -92.10 -35.27
CA THR GB 106 50.94 -93.23 -35.17
C THR GB 106 50.30 -94.54 -34.69
N PRO GB 107 49.35 -94.58 -33.74
CA PRO GB 107 48.69 -95.88 -33.49
C PRO GB 107 47.78 -96.33 -34.60
N TYR GB 108 47.30 -95.39 -35.42
CA TYR GB 108 46.51 -95.76 -36.58
C TYR GB 108 47.35 -96.07 -37.80
N ARG GB 109 48.51 -95.42 -37.94
CA ARG GB 109 49.37 -95.67 -39.09
C ARG GB 109 49.93 -97.09 -39.05
N GLN GB 110 50.41 -97.51 -37.89
CA GLN GB 110 50.95 -98.86 -37.75
C GLN GB 110 49.87 -99.91 -37.83
N TRP GB 111 48.60 -99.54 -37.63
CA TRP GB 111 47.51 -100.47 -37.90
C TRP GB 111 47.37 -100.69 -39.40
N TYR GB 112 47.48 -99.62 -40.19
CA TYR GB 112 47.48 -99.76 -41.64
C TYR GB 112 48.73 -100.47 -42.16
N GLU GB 113 49.75 -100.62 -41.32
CA GLU GB 113 50.92 -101.42 -41.67
C GLU GB 113 50.94 -102.76 -40.94
N SER GB 114 49.93 -103.04 -40.12
CA SER GB 114 49.71 -104.36 -39.53
C SER GB 114 48.56 -105.11 -40.17
N HIS GB 115 47.69 -104.41 -40.89
CA HIS GB 115 46.59 -105.06 -41.59
C HIS GB 115 46.73 -104.95 -43.10
N TYR GB 116 47.28 -103.84 -43.58
CA TYR GB 116 47.47 -103.63 -45.02
C TYR GB 116 48.94 -103.67 -45.43
N ALA GB 117 49.85 -103.37 -44.49
CA ALA GB 117 51.30 -103.53 -44.64
C ALA GB 117 51.83 -102.79 -45.88
N LEU GB 118 51.50 -101.51 -45.96
CA LEU GB 118 51.86 -100.68 -47.09
C LEU GB 118 52.28 -99.30 -46.59
N PRO GB 119 53.06 -98.55 -47.37
CA PRO GB 119 53.64 -97.31 -46.83
C PRO GB 119 52.66 -96.17 -46.66
N LEU GB 120 51.94 -96.17 -45.54
CA LEU GB 120 51.13 -95.03 -45.13
C LEU GB 120 52.04 -93.97 -44.52
N GLY GB 121 51.88 -92.75 -44.97
CA GLY GB 121 52.82 -91.70 -44.60
C GLY GB 121 54.11 -91.91 -45.37
N ARG GB 122 55.24 -91.66 -44.71
CA ARG GB 122 56.57 -91.94 -45.26
C ARG GB 122 56.81 -91.28 -46.61
N LYS GB 123 56.90 -89.95 -46.63
CA LYS GB 123 57.39 -89.22 -47.80
C LYS GB 123 58.73 -89.82 -48.24
N LYS GB 124 58.80 -90.17 -49.52
CA LYS GB 124 59.72 -91.18 -50.05
C LYS GB 124 61.18 -90.85 -49.78
N GLY GB 125 61.94 -91.87 -49.39
CA GLY GB 125 63.35 -91.72 -49.09
C GLY GB 125 63.73 -92.18 -47.70
N ALA GB 126 62.77 -92.17 -46.78
CA ALA GB 126 63.02 -92.44 -45.37
C ALA GB 126 62.80 -93.92 -45.07
N LYS GB 127 63.80 -94.52 -44.42
CA LYS GB 127 63.73 -95.91 -44.00
C LYS GB 127 63.49 -95.97 -42.49
N LEU GB 128 62.65 -96.92 -42.07
CA LEU GB 128 62.34 -97.06 -40.66
C LEU GB 128 63.49 -97.75 -39.93
N THR GB 129 63.93 -97.15 -38.82
CA THR GB 129 65.16 -97.54 -38.14
C THR GB 129 65.05 -98.84 -37.34
N PRO GB 130 64.03 -99.08 -36.50
CA PRO GB 130 63.96 -100.37 -35.81
C PRO GB 130 63.67 -101.57 -36.71
N GLU GB 131 63.41 -101.33 -38.00
CA GLU GB 131 63.14 -102.31 -39.05
C GLU GB 131 61.98 -103.24 -38.72
N GLU GB 132 61.09 -102.86 -37.80
CA GLU GB 132 59.96 -103.71 -37.45
C GLU GB 132 58.98 -103.84 -38.61
N GLU GB 133 58.54 -102.71 -39.15
CA GLU GB 133 57.51 -102.73 -40.19
C GLU GB 133 58.07 -103.24 -41.51
N GLU GB 134 59.40 -103.26 -41.65
CA GLU GB 134 59.99 -103.88 -42.83
C GLU GB 134 59.82 -105.40 -42.79
N ILE GB 135 59.85 -105.99 -41.60
CA ILE GB 135 59.47 -107.40 -41.45
C ILE GB 135 58.00 -107.63 -41.77
N LEU GB 136 57.12 -106.71 -41.34
CA LEU GB 136 55.70 -106.82 -41.63
C LEU GB 136 55.37 -106.58 -43.09
N ASN GB 137 56.33 -106.12 -43.90
CA ASN GB 137 56.05 -105.86 -45.31
C ASN GB 137 56.13 -107.12 -46.16
N LYS GB 138 56.94 -108.09 -45.76
CA LYS GB 138 57.17 -109.26 -46.61
C LYS GB 138 57.10 -110.58 -45.83
N LYS GB 139 57.66 -111.64 -46.44
CA LYS GB 139 57.89 -112.97 -45.85
C LYS GB 139 56.61 -113.59 -45.28
N ARG GB 140 55.51 -113.38 -46.00
CA ARG GB 140 54.21 -113.93 -45.63
C ARG GB 140 54.17 -115.41 -45.95
N SER GB 141 53.37 -116.15 -45.19
CA SER GB 141 53.09 -117.54 -45.53
C SER GB 141 52.24 -117.59 -46.79
N LYS GB 142 52.56 -118.52 -47.67
CA LYS GB 142 52.03 -118.48 -49.03
C LYS GB 142 50.55 -118.85 -49.08
N LYS GB 143 50.03 -119.50 -48.04
CA LYS GB 143 48.60 -119.73 -47.96
C LYS GB 143 47.88 -118.54 -47.35
N ILE GB 144 48.58 -117.74 -46.54
CA ILE GB 144 47.98 -116.53 -45.96
C ILE GB 144 48.41 -115.29 -46.74
N GLN GB 145 49.25 -115.45 -47.76
CA GLN GB 145 49.56 -114.35 -48.67
C GLN GB 145 48.32 -113.93 -49.45
N LYS GB 146 47.50 -114.90 -49.87
CA LYS GB 146 46.34 -114.58 -50.70
C LYS GB 146 45.27 -113.83 -49.92
N LYS GB 147 45.11 -114.15 -48.62
CA LYS GB 147 44.22 -113.35 -47.78
C LYS GB 147 44.74 -111.93 -47.63
N TYR GB 148 46.05 -111.77 -47.53
CA TYR GB 148 46.65 -110.44 -47.60
C TYR GB 148 46.54 -109.85 -49.00
N ASP GB 149 46.46 -110.69 -50.03
CA ASP GB 149 46.30 -110.20 -51.39
C ASP GB 149 44.92 -109.64 -51.65
N GLU GB 150 43.88 -110.19 -51.01
CA GLU GB 150 42.55 -109.61 -51.13
C GLU GB 150 42.32 -108.46 -50.17
N ARG GB 151 43.31 -108.13 -49.34
CA ARG GB 151 43.31 -106.88 -48.60
C ARG GB 151 43.90 -105.74 -49.41
N LYS GB 152 44.24 -105.97 -50.68
CA LYS GB 152 44.82 -104.95 -51.54
C LYS GB 152 43.79 -104.24 -52.40
N LYS GB 153 42.53 -104.68 -52.36
CA LYS GB 153 41.51 -104.07 -53.20
C LYS GB 153 40.77 -102.96 -52.46
N ASN GB 154 40.84 -102.96 -51.13
CA ASN GB 154 40.28 -101.90 -50.30
C ASN GB 154 41.40 -101.14 -49.60
N ALA GB 155 42.55 -101.03 -50.25
CA ALA GB 155 43.74 -100.39 -49.69
C ALA GB 155 43.91 -98.96 -50.19
N LYS GB 156 42.85 -98.35 -50.72
CA LYS GB 156 42.94 -97.01 -51.26
C LYS GB 156 42.26 -96.02 -50.33
N ILE GB 157 42.84 -94.83 -50.22
CA ILE GB 157 42.36 -93.77 -49.34
C ILE GB 157 42.39 -92.47 -50.11
N SER GB 158 41.41 -91.60 -49.87
CA SER GB 158 41.38 -90.28 -50.48
C SER GB 158 42.60 -89.45 -50.08
N SER GB 159 42.81 -88.37 -50.84
CA SER GB 159 44.01 -87.57 -50.66
C SER GB 159 44.02 -86.82 -49.33
N LEU GB 160 42.87 -86.25 -48.96
CA LEU GB 160 42.81 -85.36 -47.80
C LEU GB 160 43.09 -86.12 -46.51
N LEU GB 161 42.53 -87.31 -46.37
CA LEU GB 161 42.83 -88.12 -45.20
C LEU GB 161 44.27 -88.64 -45.26
N GLU GB 162 44.80 -88.80 -46.47
CA GLU GB 162 46.21 -89.17 -46.59
C GLU GB 162 47.15 -88.03 -46.23
N GLU GB 163 46.77 -86.78 -46.52
CA GLU GB 163 47.63 -85.64 -46.22
C GLU GB 163 47.84 -85.50 -44.72
N GLN GB 164 46.79 -85.71 -43.93
CA GLN GB 164 46.92 -85.63 -42.48
C GLN GB 164 47.55 -86.89 -41.88
N PHE GB 165 47.86 -87.90 -42.69
CA PHE GB 165 48.71 -88.98 -42.23
C PHE GB 165 50.18 -88.62 -42.26
N GLN GB 166 50.53 -87.58 -43.04
CA GLN GB 166 51.94 -87.22 -43.24
C GLN GB 166 52.52 -86.60 -41.98
N GLN GB 167 51.91 -85.51 -41.50
CA GLN GB 167 52.41 -84.84 -40.32
C GLN GB 167 52.19 -85.67 -39.06
N GLY GB 168 51.26 -86.61 -39.10
CA GLY GB 168 50.92 -87.39 -37.94
C GLY GB 168 49.72 -86.91 -37.18
N LYS GB 169 48.99 -85.92 -37.70
CA LYS GB 169 47.90 -85.27 -36.98
C LYS GB 169 46.61 -85.51 -37.74
N LEU GB 170 45.77 -86.40 -37.23
CA LEU GB 170 44.48 -86.69 -37.83
C LEU GB 170 43.41 -85.79 -37.24
N LEU GB 171 42.52 -85.32 -38.10
CA LEU GB 171 41.40 -84.46 -37.69
C LEU GB 171 40.32 -85.36 -37.10
N ALA GB 172 39.95 -85.10 -35.86
CA ALA GB 172 39.01 -85.94 -35.14
C ALA GB 172 37.92 -85.09 -34.52
N CYS GB 173 36.77 -85.73 -34.26
CA CYS GB 173 35.66 -85.09 -33.57
C CYS GB 173 35.37 -85.82 -32.27
N ILE GB 174 35.22 -85.07 -31.19
CA ILE GB 174 34.84 -85.67 -29.91
C ILE GB 174 33.38 -86.06 -29.97
N ALA GB 175 33.11 -87.34 -29.75
CA ALA GB 175 31.74 -87.85 -29.69
C ALA GB 175 31.21 -87.98 -28.28
N SER GB 176 32.10 -88.08 -27.29
CA SER GB 176 31.70 -88.16 -25.89
C SER GB 176 31.68 -86.77 -25.26
N ARG GB 177 30.96 -86.66 -24.16
CA ARG GB 177 30.97 -85.43 -23.37
C ARG GB 177 32.00 -85.57 -22.25
N PRO GB 178 33.17 -84.94 -22.37
CA PRO GB 178 34.23 -85.19 -21.38
C PRO GB 178 33.97 -84.55 -20.03
N GLY GB 179 33.19 -83.47 -20.00
CA GLY GB 179 32.85 -82.84 -18.74
C GLY GB 179 31.80 -83.59 -17.95
N GLN GB 180 31.28 -84.68 -18.51
CA GLN GB 180 30.32 -85.51 -17.82
C GLN GB 180 30.85 -86.91 -17.54
N CYS GB 181 31.32 -87.61 -18.57
CA CYS GB 181 31.78 -88.99 -18.41
C CYS GB 181 33.25 -89.09 -18.02
N GLY GB 182 34.03 -88.05 -18.24
CA GLY GB 182 35.44 -88.08 -17.98
C GLY GB 182 36.27 -88.73 -19.08
N ARG GB 183 35.65 -89.47 -19.98
CA ARG GB 183 36.34 -89.99 -21.15
C ARG GB 183 36.30 -88.96 -22.28
N ALA GB 184 37.31 -89.01 -23.15
CA ALA GB 184 37.42 -88.08 -24.26
C ALA GB 184 37.50 -88.86 -25.56
N ASP GB 185 36.65 -89.87 -25.69
CA ASP GB 185 36.61 -90.71 -26.87
C ASP GB 185 35.97 -89.95 -28.03
N GLY GB 186 36.17 -90.47 -29.24
CA GLY GB 186 35.62 -89.85 -30.43
C GLY GB 186 35.86 -90.64 -31.69
N TYR GB 187 35.91 -89.95 -32.83
CA TYR GB 187 36.17 -90.61 -34.10
C TYR GB 187 36.79 -89.60 -35.06
N VAL GB 188 37.18 -90.08 -36.24
CA VAL GB 188 37.97 -89.31 -37.20
C VAL GB 188 37.03 -88.77 -38.27
N LEU GB 189 37.28 -87.54 -38.70
CA LEU GB 189 36.54 -86.96 -39.81
C LEU GB 189 36.82 -87.74 -41.09
N GLU GB 190 35.84 -87.77 -41.99
CA GLU GB 190 36.00 -88.44 -43.27
C GLU GB 190 35.07 -87.84 -44.30
N GLY GB 191 35.55 -87.71 -45.53
CA GLY GB 191 34.74 -87.29 -46.66
C GLY GB 191 34.13 -85.91 -46.54
N LYS GB 192 32.79 -85.86 -46.55
CA LYS GB 192 32.12 -84.57 -46.50
C LYS GB 192 32.19 -83.96 -45.11
N GLU GB 193 32.19 -84.81 -44.08
CA GLU GB 193 32.54 -84.37 -42.73
C GLU GB 193 33.94 -83.77 -42.70
N LEU GB 194 34.86 -84.32 -43.48
CA LEU GB 194 36.25 -83.88 -43.47
C LEU GB 194 36.43 -82.55 -44.19
N GLU GB 195 36.03 -82.49 -45.47
CA GLU GB 195 36.38 -81.34 -46.29
C GLU GB 195 35.62 -80.09 -45.90
N PHE GB 196 34.51 -80.24 -45.19
CA PHE GB 196 33.78 -79.08 -44.69
C PHE GB 196 34.62 -78.31 -43.69
N TYR GB 197 35.21 -79.01 -42.72
CA TYR GB 197 35.98 -78.33 -41.69
C TYR GB 197 37.34 -77.87 -42.20
N LEU GB 198 37.87 -78.51 -43.24
CA LEU GB 198 39.10 -78.01 -43.84
C LEU GB 198 38.85 -76.76 -44.64
N ARG GB 199 37.61 -76.53 -45.08
CA ARG GB 199 37.18 -75.21 -45.52
C ARG GB 199 37.03 -74.24 -44.36
N LYS GB 200 36.73 -74.76 -43.16
CA LYS GB 200 36.50 -73.90 -42.00
C LYS GB 200 37.77 -73.51 -41.29
N ILE GB 201 38.85 -74.30 -41.39
CA ILE GB 201 40.11 -73.84 -40.81
C ILE GB 201 40.78 -72.84 -41.74
N LYS GB 202 40.63 -73.00 -43.06
CA LYS GB 202 41.04 -71.96 -43.98
C LYS GB 202 40.22 -70.70 -43.78
N ALA GB 203 38.94 -70.85 -43.41
CA ALA GB 203 38.14 -69.72 -42.98
C ALA GB 203 38.49 -69.26 -41.57
N ARG GB 204 39.13 -70.11 -40.76
CA ARG GB 204 39.56 -69.68 -39.44
C ARG GB 204 40.87 -68.93 -39.49
N LYS GB 205 41.57 -68.97 -40.63
CA LYS GB 205 42.79 -68.21 -40.82
C LYS GB 205 42.52 -66.94 -41.61
N GLY GB 206 41.83 -67.08 -42.74
CA GLY GB 206 41.39 -65.93 -43.52
C GLY GB 206 42.50 -65.10 -44.13
N PRO HB 1 -5.41 -83.86 13.59
CA PRO HB 1 -6.16 -85.07 13.19
C PRO HB 1 -6.61 -85.88 14.39
N VAL HB 2 -7.86 -85.68 14.81
CA VAL HB 2 -8.45 -86.36 15.95
C VAL HB 2 -9.72 -87.04 15.46
N ALA HB 3 -9.91 -88.28 15.87
CA ALA HB 3 -11.01 -89.11 15.36
C ALA HB 3 -12.27 -88.83 16.16
N ARG HB 4 -13.21 -88.12 15.55
CA ARG HB 4 -14.51 -87.85 16.15
C ARG HB 4 -15.49 -87.49 15.04
N SER HB 5 -16.71 -87.10 15.41
CA SER HB 5 -17.80 -87.03 14.44
C SER HB 5 -17.79 -85.74 13.64
N TRP HB 6 -17.97 -84.60 14.32
CA TRP HB 6 -18.22 -83.28 13.73
C TRP HB 6 -19.39 -83.26 12.75
N VAL HB 7 -20.34 -84.18 12.88
CA VAL HB 7 -21.51 -84.20 12.02
C VAL HB 7 -22.70 -83.75 12.85
N CYS HB 8 -23.31 -82.65 12.43
CA CYS HB 8 -24.43 -82.06 13.14
C CYS HB 8 -25.58 -81.85 12.17
N ARG HB 9 -26.79 -82.18 12.60
CA ARG HB 9 -28.00 -81.86 11.86
C ARG HB 9 -29.06 -81.38 12.83
N LYS HB 10 -29.61 -80.21 12.57
CA LYS HB 10 -30.67 -79.67 13.40
C LYS HB 10 -31.98 -80.39 13.07
N THR HB 11 -32.63 -80.92 14.10
CA THR HB 11 -33.80 -81.76 13.93
C THR HB 11 -35.09 -80.96 13.80
N TYR HB 12 -35.01 -79.64 13.83
CA TYR HB 12 -36.22 -78.82 13.79
C TYR HB 12 -35.96 -77.61 12.89
N VAL HB 13 -37.05 -76.96 12.51
CA VAL HB 13 -36.99 -75.72 11.74
C VAL HB 13 -37.99 -74.73 12.34
N THR HB 14 -37.49 -73.57 12.75
CA THR HB 14 -38.37 -72.53 13.25
C THR HB 14 -39.17 -71.93 12.09
N PRO HB 15 -40.43 -71.60 12.31
CA PRO HB 15 -41.26 -71.08 11.23
C PRO HB 15 -40.85 -69.67 10.83
N ARG HB 16 -41.23 -69.30 9.60
CA ARG HB 16 -40.90 -67.97 9.09
C ARG HB 16 -41.61 -66.88 9.87
N ARG HB 17 -42.93 -66.95 9.91
CA ARG HB 17 -43.61 -65.94 10.71
C ARG HB 17 -43.67 -66.39 12.16
N PRO HB 18 -43.19 -65.59 13.10
CA PRO HB 18 -43.21 -66.02 14.50
C PRO HB 18 -44.45 -65.59 15.27
N PHE HB 19 -45.21 -64.63 14.74
CA PHE HB 19 -46.25 -63.95 15.50
C PHE HB 19 -47.56 -63.84 14.72
N GLU HB 20 -48.03 -64.95 14.15
CA GLU HB 20 -49.35 -64.95 13.52
C GLU HB 20 -50.29 -65.86 14.30
N LYS HB 21 -51.57 -65.50 14.31
CA LYS HB 21 -52.53 -66.19 15.16
C LYS HB 21 -52.87 -67.58 14.63
N SER HB 22 -52.91 -67.74 13.31
CA SER HB 22 -53.38 -68.97 12.70
C SER HB 22 -52.51 -70.17 13.05
N ARG HB 23 -51.19 -70.02 12.88
CA ARG HB 23 -50.27 -71.11 13.19
C ARG HB 23 -50.15 -71.31 14.70
N LEU HB 24 -50.37 -70.25 15.48
CA LEU HB 24 -50.28 -70.35 16.92
C LEU HB 24 -51.34 -71.26 17.52
N ASP HB 25 -52.53 -71.31 16.94
CA ASP HB 25 -53.60 -72.12 17.49
C ASP HB 25 -53.39 -73.61 17.23
N GLN HB 26 -53.00 -73.96 15.99
CA GLN HB 26 -52.93 -75.35 15.58
C GLN HB 26 -51.94 -76.13 16.43
N GLU HB 27 -50.79 -75.53 16.70
CA GLU HB 27 -49.79 -76.21 17.51
C GLU HB 27 -50.21 -76.26 18.99
N LEU HB 28 -50.97 -75.27 19.45
CA LEU HB 28 -51.54 -75.36 20.80
C LEU HB 28 -52.52 -76.52 20.92
N LYS HB 29 -53.31 -76.77 19.88
CA LYS HB 29 -54.17 -77.94 19.84
C LYS HB 29 -53.38 -79.23 19.78
N LEU HB 30 -52.16 -79.20 19.27
CA LEU HB 30 -51.33 -80.39 19.20
C LEU HB 30 -50.55 -80.65 20.49
N ILE HB 31 -50.19 -79.61 21.22
CA ILE HB 31 -49.51 -79.81 22.49
C ILE HB 31 -50.49 -80.34 23.54
N GLY HB 32 -51.64 -79.69 23.66
CA GLY HB 32 -52.57 -80.04 24.73
C GLY HB 32 -53.23 -81.40 24.52
N GLU HB 33 -53.42 -81.79 23.26
CA GLU HB 33 -54.08 -83.06 22.99
C GLU HB 33 -53.10 -84.22 23.04
N TYR HB 34 -51.81 -83.95 22.85
CA TYR HB 34 -50.81 -85.01 22.78
C TYR HB 34 -49.75 -84.89 23.87
N GLY HB 35 -49.90 -83.92 24.77
CA GLY HB 35 -49.04 -83.82 25.94
C GLY HB 35 -47.60 -83.50 25.63
N LEU HB 36 -47.35 -82.48 24.81
CA LEU HB 36 -46.01 -82.15 24.38
C LEU HB 36 -45.37 -81.19 25.38
N ARG HB 37 -44.06 -80.98 25.25
CA ARG HB 37 -43.33 -80.19 26.25
C ARG HB 37 -42.92 -78.80 25.77
N ASN HB 38 -42.89 -78.56 24.46
CA ASN HB 38 -42.61 -77.25 23.92
C ASN HB 38 -43.19 -77.19 22.52
N LYS HB 39 -42.97 -76.08 21.84
CA LYS HB 39 -43.39 -76.00 20.45
C LYS HB 39 -42.32 -76.55 19.50
N ARG HB 40 -41.11 -76.81 20.01
CA ARG HB 40 -40.02 -77.26 19.15
C ARG HB 40 -40.30 -78.62 18.56
N GLU HB 41 -40.71 -79.58 19.40
CA GLU HB 41 -40.99 -80.92 18.91
C GLU HB 41 -42.23 -80.97 18.03
N VAL HB 42 -43.04 -79.91 18.00
CA VAL HB 42 -44.06 -79.78 16.97
C VAL HB 42 -43.39 -79.60 15.61
N TRP HB 43 -42.46 -78.66 15.49
CA TRP HB 43 -41.82 -78.47 14.20
C TRP HB 43 -40.81 -79.57 13.91
N ARG HB 44 -40.28 -80.22 14.96
CA ARG HB 44 -39.39 -81.35 14.74
C ARG HB 44 -40.10 -82.48 14.03
N VAL HB 45 -41.30 -82.82 14.49
CA VAL HB 45 -42.12 -83.80 13.78
C VAL HB 45 -42.56 -83.23 12.45
N LYS HB 46 -42.77 -81.91 12.37
CA LYS HB 46 -43.07 -81.29 11.10
C LYS HB 46 -41.86 -81.24 10.18
N PHE HB 47 -40.65 -81.31 10.74
CA PHE HB 47 -39.45 -81.33 9.89
C PHE HB 47 -39.25 -82.69 9.25
N THR HB 48 -39.38 -83.76 10.03
CA THR HB 48 -39.25 -85.10 9.47
C THR HB 48 -40.41 -85.46 8.55
N LEU HB 49 -41.54 -84.77 8.67
CA LEU HB 49 -42.58 -84.89 7.66
C LEU HB 49 -42.16 -84.19 6.37
N ALA HB 50 -41.44 -83.07 6.49
CA ALA HB 50 -40.98 -82.36 5.30
C ALA HB 50 -39.86 -83.13 4.60
N LYS HB 51 -39.14 -83.98 5.33
CA LYS HB 51 -38.13 -84.81 4.70
C LYS HB 51 -38.76 -85.92 3.88
N ILE HB 52 -39.77 -86.59 4.43
CA ILE HB 52 -40.39 -87.72 3.73
C ILE HB 52 -41.25 -87.25 2.58
N ARG HB 53 -41.95 -86.13 2.76
CA ARG HB 53 -42.83 -85.63 1.71
C ARG HB 53 -42.04 -85.14 0.50
N LYS HB 54 -40.90 -84.48 0.75
CA LYS HB 54 -40.03 -84.09 -0.35
C LYS HB 54 -39.41 -85.30 -1.02
N ALA HB 55 -39.00 -86.30 -0.24
CA ALA HB 55 -38.46 -87.53 -0.82
C ALA HB 55 -39.52 -88.29 -1.61
N ALA HB 56 -40.79 -88.11 -1.26
CA ALA HB 56 -41.88 -88.66 -2.05
C ALA HB 56 -42.21 -87.81 -3.26
N ARG HB 57 -42.06 -86.48 -3.16
CA ARG HB 57 -42.44 -85.59 -4.25
C ARG HB 57 -41.53 -85.74 -5.46
N GLU HB 58 -40.22 -85.81 -5.22
CA GLU HB 58 -39.26 -85.95 -6.31
C GLU HB 58 -39.32 -87.31 -6.98
N LEU HB 59 -39.83 -88.34 -6.30
CA LEU HB 59 -40.02 -89.63 -6.93
C LEU HB 59 -41.10 -89.59 -7.99
N LEU HB 60 -42.14 -88.77 -7.79
CA LEU HB 60 -43.15 -88.58 -8.81
C LEU HB 60 -42.59 -87.89 -10.05
N THR HB 61 -41.59 -87.02 -9.88
CA THR HB 61 -41.03 -86.33 -11.03
C THR HB 61 -40.19 -87.28 -11.88
N LEU HB 62 -39.56 -88.27 -11.26
CA LEU HB 62 -39.01 -89.38 -12.03
C LEU HB 62 -40.16 -90.20 -12.59
N ASP HB 63 -40.07 -90.56 -13.86
CA ASP HB 63 -41.18 -91.25 -14.49
C ASP HB 63 -41.26 -92.70 -14.02
N GLU HB 64 -42.38 -93.35 -14.35
CA GLU HB 64 -42.64 -94.70 -13.88
C GLU HB 64 -41.67 -95.69 -14.51
N LYS HB 65 -41.67 -96.91 -13.95
CA LYS HB 65 -40.87 -98.06 -14.38
C LYS HB 65 -39.37 -97.86 -14.12
N ASP HB 66 -38.95 -96.67 -13.67
CA ASP HB 66 -37.56 -96.42 -13.33
C ASP HB 66 -37.17 -97.23 -12.10
N PRO HB 67 -36.08 -98.00 -12.16
CA PRO HB 67 -35.68 -98.82 -11.01
C PRO HB 67 -35.39 -98.00 -9.76
N ARG HB 68 -34.80 -96.81 -9.92
CA ARG HB 68 -34.54 -95.95 -8.78
C ARG HB 68 -35.84 -95.50 -8.13
N ARG HB 69 -36.82 -95.11 -8.94
CA ARG HB 69 -38.16 -94.87 -8.41
C ARG HB 69 -38.80 -96.16 -7.90
N LEU HB 70 -38.47 -97.29 -8.52
CA LEU HB 70 -39.05 -98.55 -8.08
C LEU HB 70 -38.38 -99.05 -6.80
N PHE HB 71 -37.08 -98.81 -6.64
CA PHE HB 71 -36.42 -99.25 -5.42
C PHE HB 71 -36.68 -98.29 -4.27
N GLU HB 72 -36.30 -97.02 -4.43
CA GLU HB 72 -36.42 -96.07 -3.33
C GLU HB 72 -37.86 -95.76 -3.00
N GLY HB 73 -38.77 -95.93 -3.97
CA GLY HB 73 -40.18 -95.88 -3.65
C GLY HB 73 -40.60 -97.01 -2.73
N ASN HB 74 -40.32 -98.24 -3.13
CA ASN HB 74 -40.68 -99.40 -2.31
C ASN HB 74 -39.87 -99.45 -1.02
N ALA HB 75 -38.66 -98.89 -1.02
CA ALA HB 75 -37.90 -98.82 0.22
C ALA HB 75 -38.55 -97.85 1.21
N LEU HB 76 -39.10 -96.74 0.71
CA LEU HB 76 -39.76 -95.78 1.59
C LEU HB 76 -41.08 -96.32 2.11
N LEU HB 77 -41.87 -96.94 1.24
CA LEU HB 77 -43.14 -97.52 1.67
C LEU HB 77 -42.94 -98.73 2.57
N ARG HB 78 -41.76 -99.34 2.56
CA ARG HB 78 -41.50 -100.46 3.48
C ARG HB 78 -41.47 -99.98 4.92
N ARG HB 79 -40.89 -98.81 5.18
CA ARG HB 79 -40.78 -98.34 6.55
C ARG HB 79 -42.06 -97.69 7.04
N LEU HB 80 -42.83 -97.08 6.15
CA LEU HB 80 -44.06 -96.42 6.58
C LEU HB 80 -45.10 -97.42 7.07
N VAL HB 81 -45.10 -98.63 6.53
CA VAL HB 81 -46.08 -99.61 6.97
C VAL HB 81 -45.59 -100.37 8.20
N ARG HB 82 -44.28 -100.37 8.47
CA ARG HB 82 -43.75 -101.13 9.58
C ARG HB 82 -43.83 -100.36 10.90
N ILE HB 83 -44.22 -99.09 10.88
CA ILE HB 83 -44.27 -98.28 12.08
C ILE HB 83 -45.68 -97.81 12.40
N GLY HB 84 -46.68 -98.37 11.72
CA GLY HB 84 -48.07 -98.05 12.02
C GLY HB 84 -48.51 -96.67 11.60
N VAL HB 85 -47.95 -96.15 10.51
CA VAL HB 85 -48.36 -94.87 9.96
C VAL HB 85 -49.28 -95.06 8.75
N LEU HB 86 -48.93 -95.98 7.88
CA LEU HB 86 -49.75 -96.28 6.71
C LEU HB 86 -50.14 -97.75 6.72
N ASP HB 87 -51.40 -98.01 6.43
CA ASP HB 87 -51.91 -99.38 6.40
C ASP HB 87 -51.42 -100.09 5.15
N GLU HB 88 -51.49 -101.43 5.19
CA GLU HB 88 -51.20 -102.26 4.02
C GLU HB 88 -52.12 -101.92 2.86
N GLY HB 89 -53.37 -101.59 3.14
CA GLY HB 89 -54.36 -101.32 2.12
C GLY HB 89 -54.18 -100.03 1.35
N LYS HB 90 -53.22 -99.19 1.72
CA LYS HB 90 -52.94 -97.95 1.01
C LYS HB 90 -51.45 -97.84 0.71
N MET HB 91 -50.84 -98.93 0.26
CA MET HB 91 -49.41 -98.95 0.00
C MET HB 91 -49.16 -98.51 -1.44
N LYS HB 92 -48.87 -97.22 -1.61
CA LYS HB 92 -48.57 -96.61 -2.89
C LYS HB 92 -47.92 -95.27 -2.64
N LEU HB 93 -47.10 -94.82 -3.58
CA LEU HB 93 -46.28 -93.63 -3.36
C LEU HB 93 -47.11 -92.35 -3.43
N ASP HB 94 -48.29 -92.40 -4.06
CA ASP HB 94 -49.13 -91.21 -4.13
C ASP HB 94 -49.72 -90.81 -2.79
N TYR HB 95 -49.86 -91.75 -1.86
CA TYR HB 95 -50.54 -91.48 -0.60
C TYR HB 95 -49.69 -90.71 0.40
N ILE HB 96 -48.39 -90.54 0.15
CA ILE HB 96 -47.53 -89.89 1.14
C ILE HB 96 -47.84 -88.41 1.21
N LEU HB 97 -48.30 -87.82 0.10
CA LEU HB 97 -48.65 -86.41 0.10
C LEU HB 97 -49.85 -86.11 1.00
N GLY HB 98 -50.83 -87.00 1.03
CA GLY HB 98 -51.99 -86.83 1.88
C GLY HB 98 -51.78 -87.24 3.33
N LEU HB 99 -50.56 -87.59 3.70
CA LEU HB 99 -50.23 -87.97 5.07
C LEU HB 99 -50.02 -86.70 5.87
N LYS HB 100 -50.72 -86.56 7.00
CA LYS HB 100 -50.70 -85.30 7.72
C LYS HB 100 -49.88 -85.37 9.00
N ILE HB 101 -49.78 -84.22 9.68
CA ILE HB 101 -48.91 -84.07 10.83
C ILE HB 101 -49.38 -84.87 12.05
N GLU HB 102 -50.69 -84.98 12.26
CA GLU HB 102 -51.18 -85.71 13.41
C GLU HB 102 -50.98 -87.22 13.27
N ASP HB 103 -50.64 -87.69 12.07
CA ASP HB 103 -50.54 -89.13 11.80
C ASP HB 103 -49.35 -89.76 12.52
N PHE HB 104 -48.22 -89.06 12.57
CA PHE HB 104 -47.09 -89.54 13.35
C PHE HB 104 -47.35 -89.36 14.84
N LEU HB 105 -48.24 -88.41 15.19
CA LEU HB 105 -48.55 -88.12 16.58
C LEU HB 105 -49.28 -89.26 17.30
N GLU HB 106 -49.91 -90.18 16.57
CA GLU HB 106 -50.38 -91.38 17.24
C GLU HB 106 -49.23 -92.27 17.66
N ARG HB 107 -48.16 -92.31 16.85
CA ARG HB 107 -47.13 -93.32 17.06
C ARG HB 107 -46.06 -92.89 18.05
N ARG HB 108 -46.26 -91.79 18.76
CA ARG HB 108 -45.45 -91.50 19.93
C ARG HB 108 -45.85 -92.48 21.03
N LEU HB 109 -44.86 -92.97 21.78
CA LEU HB 109 -45.14 -93.94 22.84
C LEU HB 109 -46.07 -93.34 23.90
N GLN HB 110 -45.97 -92.03 24.12
CA GLN HB 110 -46.77 -91.38 25.15
C GLN HB 110 -48.26 -91.50 24.85
N THR HB 111 -48.63 -91.42 23.57
CA THR HB 111 -50.04 -91.60 23.22
C THR HB 111 -50.48 -93.04 23.43
N GLN HB 112 -49.58 -93.99 23.15
CA GLN HB 112 -49.91 -95.41 23.30
C GLN HB 112 -50.14 -95.80 24.74
N VAL HB 113 -49.67 -95.00 25.71
CA VAL HB 113 -49.95 -95.31 27.10
C VAL HB 113 -51.35 -94.81 27.47
N PHE HB 114 -51.80 -93.74 26.83
CA PHE HB 114 -53.18 -93.30 26.95
C PHE HB 114 -54.09 -93.95 25.93
N LYS HB 115 -53.53 -94.68 24.96
CA LYS HB 115 -54.36 -95.48 24.06
C LYS HB 115 -54.65 -96.86 24.65
N LEU HB 116 -53.65 -97.49 25.28
CA LEU HB 116 -53.85 -98.82 25.84
C LEU HB 116 -54.53 -98.78 27.19
N GLY HB 117 -54.80 -97.58 27.73
CA GLY HB 117 -55.61 -97.46 28.91
C GLY HB 117 -54.93 -97.78 30.22
N LEU HB 118 -53.61 -97.77 30.26
CA LEU HB 118 -52.89 -97.97 31.51
C LEU HB 118 -52.42 -96.67 32.13
N ALA HB 119 -52.88 -95.53 31.63
CA ALA HB 119 -52.61 -94.23 32.21
C ALA HB 119 -53.93 -93.53 32.48
N LYS HB 120 -54.05 -92.88 33.64
CA LYS HB 120 -55.22 -92.07 33.91
C LYS HB 120 -55.33 -90.89 32.94
N SER HB 121 -54.19 -90.34 32.54
CA SER HB 121 -54.15 -89.18 31.67
C SER HB 121 -53.04 -89.34 30.65
N ILE HB 122 -53.24 -88.69 29.50
CA ILE HB 122 -52.16 -88.52 28.52
C ILE HB 122 -50.99 -87.74 29.13
N HIS HB 123 -51.27 -86.81 30.03
CA HIS HB 123 -50.21 -86.12 30.73
C HIS HB 123 -49.66 -86.94 31.88
N HIS HB 124 -50.49 -87.80 32.48
CA HIS HB 124 -49.97 -88.79 33.41
C HIS HB 124 -49.20 -89.89 32.67
N ALA HB 125 -49.44 -90.04 31.37
CA ALA HB 125 -48.77 -91.08 30.60
C ALA HB 125 -47.29 -90.81 30.44
N ARG HB 126 -46.91 -89.54 30.29
CA ARG HB 126 -45.50 -89.21 30.13
C ARG HB 126 -44.70 -89.50 31.40
N VAL HB 127 -45.33 -89.37 32.56
CA VAL HB 127 -44.60 -89.58 33.82
C VAL HB 127 -44.30 -91.06 34.01
N LEU HB 128 -45.17 -91.93 33.49
CA LEU HB 128 -44.88 -93.37 33.50
C LEU HB 128 -43.71 -93.70 32.60
N ILE HB 129 -43.46 -92.88 31.58
CA ILE HB 129 -42.24 -93.02 30.80
C ILE HB 129 -41.06 -92.46 31.58
N ARG HB 130 -41.26 -91.34 32.26
CA ARG HB 130 -40.17 -90.66 32.96
C ARG HB 130 -39.69 -91.42 34.18
N GLN HB 131 -40.58 -92.10 34.89
CA GLN HB 131 -40.24 -92.77 36.13
C GLN HB 131 -39.78 -94.21 35.91
N ARG HB 132 -39.56 -94.60 34.65
CA ARG HB 132 -39.21 -95.97 34.25
C ARG HB 132 -40.22 -96.96 34.81
N HIS HB 133 -41.48 -96.74 34.43
CA HIS HB 133 -42.58 -97.55 34.91
C HIS HB 133 -43.15 -98.49 33.86
N ILE HB 134 -42.79 -98.32 32.59
CA ILE HB 134 -43.29 -99.16 31.51
C ILE HB 134 -42.11 -99.66 30.69
N ARG HB 135 -42.27 -100.85 30.11
CA ARG HB 135 -41.26 -101.45 29.26
C ARG HB 135 -41.90 -101.90 27.96
N VAL HB 136 -41.08 -102.04 26.93
CA VAL HB 136 -41.51 -102.55 25.63
C VAL HB 136 -40.54 -103.65 25.22
N ARG HB 137 -41.07 -104.87 25.05
CA ARG HB 137 -40.29 -106.06 24.68
C ARG HB 137 -39.14 -106.31 25.64
N LYS HB 138 -39.47 -106.29 26.94
CA LYS HB 138 -38.53 -106.51 28.04
C LYS HB 138 -37.38 -105.50 27.98
N GLN HB 139 -37.70 -104.27 27.61
CA GLN HB 139 -36.72 -103.17 27.58
C GLN HB 139 -37.44 -101.91 28.03
N VAL HB 140 -37.00 -101.34 29.15
CA VAL HB 140 -37.62 -100.11 29.64
C VAL HB 140 -37.15 -98.95 28.78
N VAL HB 141 -38.03 -97.98 28.57
CA VAL HB 141 -37.76 -96.82 27.74
C VAL HB 141 -38.05 -95.57 28.55
N ASN HB 142 -37.02 -94.79 28.84
CA ASN HB 142 -37.14 -93.59 29.65
C ASN HB 142 -37.35 -92.34 28.79
N ILE HB 143 -37.74 -92.51 27.53
CA ILE HB 143 -37.86 -91.41 26.58
C ILE HB 143 -39.21 -91.49 25.88
N PRO HB 144 -40.03 -90.44 25.92
CA PRO HB 144 -41.35 -90.51 25.29
C PRO HB 144 -41.31 -90.41 23.79
N SER HB 145 -40.24 -89.91 23.22
CA SER HB 145 -40.21 -89.75 21.78
C SER HB 145 -39.85 -91.01 21.06
N PHE HB 146 -39.77 -92.15 21.76
CA PHE HB 146 -39.61 -93.43 21.10
C PHE HB 146 -40.75 -93.65 20.12
N ILE HB 147 -40.41 -93.91 18.86
CA ILE HB 147 -41.42 -94.13 17.83
C ILE HB 147 -41.69 -95.62 17.81
N VAL HB 148 -42.81 -96.00 18.43
CA VAL HB 148 -43.18 -97.41 18.50
C VAL HB 148 -43.59 -97.89 17.10
N ARG HB 149 -43.12 -99.07 16.74
CA ARG HB 149 -43.48 -99.67 15.47
C ARG HB 149 -44.78 -100.46 15.62
N LEU HB 150 -45.30 -100.93 14.49
CA LEU HB 150 -46.58 -101.64 14.50
C LEU HB 150 -46.46 -102.97 15.21
N ASP HB 151 -45.26 -103.56 15.22
CA ASP HB 151 -45.06 -104.91 15.73
C ASP HB 151 -45.08 -105.01 17.24
N SER HB 152 -44.55 -104.03 17.97
CA SER HB 152 -44.46 -104.07 19.42
C SER HB 152 -45.68 -103.49 20.10
N GLN HB 153 -46.78 -103.29 19.37
CA GLN HB 153 -47.97 -102.67 19.93
C GLN HB 153 -48.56 -103.51 21.06
N LYS HB 154 -48.54 -104.83 20.92
CA LYS HB 154 -49.07 -105.71 21.95
C LYS HB 154 -48.04 -106.01 23.03
N HIS HB 155 -46.82 -105.50 22.89
CA HIS HB 155 -45.77 -105.76 23.85
C HIS HB 155 -45.57 -104.59 24.81
N ILE HB 156 -46.43 -103.58 24.73
CA ILE HB 156 -46.37 -102.44 25.63
C ILE HB 156 -47.07 -102.82 26.93
N ASP HB 157 -46.38 -102.60 28.05
CA ASP HB 157 -46.86 -102.99 29.37
C ASP HB 157 -46.01 -102.30 30.42
N PHE HB 158 -46.38 -102.52 31.68
CA PHE HB 158 -45.59 -102.00 32.80
C PHE HB 158 -44.22 -102.64 32.82
N SER HB 159 -43.26 -101.94 33.43
CA SER HB 159 -41.92 -102.49 33.56
C SER HB 159 -41.92 -103.61 34.60
N LEU HB 160 -40.83 -104.38 34.61
CA LEU HB 160 -40.69 -105.45 35.58
C LEU HB 160 -40.39 -104.90 36.97
N ARG HB 161 -39.61 -103.82 37.06
CA ARG HB 161 -39.31 -103.16 38.32
C ARG HB 161 -40.18 -101.92 38.42
N SER HB 162 -41.40 -102.11 38.91
CA SER HB 162 -42.34 -101.00 39.07
C SER HB 162 -43.38 -101.30 40.13
N PRO HB 163 -43.63 -100.38 41.06
CA PRO HB 163 -44.76 -100.56 41.98
C PRO HB 163 -46.09 -100.59 41.27
N TYR HB 164 -46.25 -99.82 40.20
CA TYR HB 164 -47.46 -99.91 39.38
C TYR HB 164 -47.43 -101.10 38.44
N GLY HB 165 -46.35 -101.89 38.45
CA GLY HB 165 -46.30 -103.15 37.74
C GLY HB 165 -45.97 -104.29 38.68
N GLY HB 166 -45.15 -105.25 38.21
CA GLY HB 166 -44.74 -106.35 39.06
C GLY HB 166 -43.40 -106.15 39.76
N GLY HB 167 -43.23 -105.02 40.42
CA GLY HB 167 -41.97 -104.73 41.09
C GLY HB 167 -42.14 -104.25 42.52
N ARG HB 168 -41.06 -103.71 43.09
CA ARG HB 168 -41.08 -103.26 44.48
C ARG HB 168 -42.01 -102.07 44.66
N PRO HB 169 -42.76 -102.01 45.77
CA PRO HB 169 -43.52 -100.81 46.08
C PRO HB 169 -42.60 -99.62 46.35
N GLY HB 170 -43.13 -98.44 46.06
CA GLY HB 170 -42.31 -97.24 45.97
C GLY HB 170 -41.92 -96.69 47.32
N ARG HB 171 -41.41 -95.45 47.28
CA ARG HB 171 -40.85 -94.82 48.47
C ARG HB 171 -41.95 -94.25 49.35
N VAL HB 172 -43.05 -93.76 48.76
CA VAL HB 172 -44.14 -93.21 49.55
C VAL HB 172 -44.81 -94.28 50.39
N LYS HB 173 -45.02 -95.48 49.81
CA LYS HB 173 -45.58 -96.57 50.59
C LYS HB 173 -44.58 -97.10 51.61
N ARG HB 174 -43.29 -97.09 51.27
CA ARG HB 174 -42.28 -97.48 52.24
C ARG HB 174 -42.07 -96.41 53.32
N LYS HB 175 -42.54 -95.19 53.09
CA LYS HB 175 -42.53 -94.16 54.12
C LYS HB 175 -43.84 -94.10 54.90
N ASN HB 176 -44.97 -94.39 54.25
CA ASN HB 176 -46.24 -94.44 54.95
C ASN HB 176 -46.40 -95.74 55.73
N ALA HB 177 -45.48 -96.69 55.55
CA ALA HB 177 -45.52 -97.92 56.33
C ALA HB 177 -44.61 -97.86 57.55
N LYS HB 178 -43.50 -97.12 57.47
CA LYS HB 178 -42.58 -97.08 58.61
C LYS HB 178 -43.20 -96.34 59.80
N LYS HB 179 -44.06 -95.36 59.53
CA LYS HB 179 -44.87 -94.78 60.59
C LYS HB 179 -46.17 -95.54 60.79
N GLY HB 180 -46.49 -96.47 59.88
CA GLY HB 180 -47.67 -97.31 60.07
C GLY HB 180 -47.45 -98.42 61.06
N GLN HB 181 -46.20 -98.83 61.27
CA GLN HB 181 -45.86 -99.77 62.34
C GLN HB 181 -45.02 -99.12 63.42
N GLY HB 182 -44.29 -98.04 63.10
CA GLY HB 182 -43.54 -97.31 64.11
C GLY HB 182 -44.39 -96.45 65.01
N GLY HB 183 -45.61 -96.13 64.59
CA GLY HB 183 -46.53 -95.37 65.41
C GLY HB 183 -47.46 -96.28 66.19
N ALA HB 184 -47.53 -97.54 65.78
CA ALA HB 184 -48.36 -98.53 66.45
C ALA HB 184 -47.58 -99.38 67.45
N GLY HB 185 -46.25 -99.27 67.48
CA GLY HB 185 -45.44 -100.02 68.42
C GLY HB 185 -44.91 -101.32 67.85
N MET IB 1 -76.77 -27.71 65.48
CA MET IB 1 -77.77 -28.71 65.81
C MET IB 1 -78.36 -28.42 67.19
N LEU IB 2 -77.93 -27.32 67.78
CA LEU IB 2 -78.37 -26.93 69.12
C LEU IB 2 -79.54 -25.96 69.02
N MET IB 3 -80.66 -26.47 68.57
CA MET IB 3 -81.93 -25.77 68.65
C MET IB 3 -82.86 -26.55 69.56
N PRO IB 4 -83.79 -25.89 70.30
CA PRO IB 4 -84.51 -26.54 71.42
C PRO IB 4 -85.15 -27.90 71.18
N LYS IB 5 -85.19 -28.70 72.25
CA LYS IB 5 -85.75 -30.05 72.21
C LYS IB 5 -87.23 -30.07 71.86
N LYS IB 6 -87.96 -28.98 72.14
CA LYS IB 6 -89.41 -28.92 71.93
C LYS IB 6 -89.82 -29.08 70.47
N ASN IB 7 -88.89 -28.90 69.54
CA ASN IB 7 -89.23 -28.86 68.12
C ASN IB 7 -88.93 -30.15 67.38
N ARG IB 8 -88.11 -31.05 67.94
CA ARG IB 8 -87.88 -32.35 67.31
C ARG IB 8 -89.13 -33.20 67.40
N ILE IB 9 -89.68 -33.32 68.61
CA ILE IB 9 -90.93 -34.02 68.82
C ILE IB 9 -92.07 -33.36 68.04
N ALA IB 10 -91.99 -32.04 67.87
CA ALA IB 10 -93.00 -31.34 67.08
C ALA IB 10 -92.88 -31.64 65.59
N ILE IB 11 -91.66 -31.62 65.05
CA ILE IB 11 -91.55 -31.87 63.61
C ILE IB 11 -91.70 -33.35 63.30
N TYR IB 12 -91.39 -34.23 64.24
CA TYR IB 12 -91.54 -35.65 63.94
C TYR IB 12 -92.98 -36.11 64.14
N GLU IB 13 -93.75 -35.40 64.95
CA GLU IB 13 -95.20 -35.48 64.87
C GLU IB 13 -95.72 -34.84 63.60
N LEU IB 14 -95.10 -33.75 63.15
CA LEU IB 14 -95.35 -33.18 61.84
C LEU IB 14 -94.88 -34.09 60.70
N LEU IB 15 -93.88 -34.95 60.95
CA LEU IB 15 -93.42 -35.92 59.97
C LEU IB 15 -94.23 -37.21 59.96
N PHE IB 16 -94.93 -37.54 61.05
CA PHE IB 16 -95.73 -38.75 61.01
C PHE IB 16 -97.07 -38.54 60.31
N LYS IB 17 -97.73 -37.41 60.57
CA LYS IB 17 -99.05 -37.16 60.00
C LYS IB 17 -99.00 -37.03 58.48
N GLU IB 18 -97.91 -36.49 57.93
CA GLU IB 18 -97.78 -36.39 56.48
C GLU IB 18 -96.39 -36.91 56.14
N GLY IB 19 -96.33 -37.82 55.17
CA GLY IB 19 -95.07 -38.42 54.78
C GLY IB 19 -94.09 -37.46 54.12
N VAL IB 20 -94.62 -36.50 53.37
CA VAL IB 20 -93.81 -35.52 52.65
C VAL IB 20 -94.12 -34.13 53.18
N MET IB 21 -93.08 -33.41 53.56
CA MET IB 21 -93.20 -32.02 53.97
C MET IB 21 -92.38 -31.16 53.00
N VAL IB 22 -93.01 -30.14 52.44
CA VAL IB 22 -92.29 -29.28 51.50
C VAL IB 22 -91.62 -28.17 52.29
N ALA IB 23 -90.64 -27.52 51.68
CA ALA IB 23 -89.84 -26.51 52.37
C ALA IB 23 -89.20 -25.54 51.39
N LYS IB 24 -89.58 -24.27 51.46
CA LYS IB 24 -88.91 -23.26 50.66
C LYS IB 24 -87.49 -23.04 51.18
N LYS IB 25 -86.51 -23.12 50.30
CA LYS IB 25 -85.13 -23.02 50.72
C LYS IB 25 -84.77 -21.54 50.89
N ASP IB 26 -84.55 -21.12 52.13
CA ASP IB 26 -84.21 -19.74 52.44
C ASP IB 26 -83.47 -19.68 53.77
N VAL IB 27 -82.36 -18.95 53.82
CA VAL IB 27 -81.53 -18.93 55.03
C VAL IB 27 -82.19 -18.14 56.16
N HIS IB 28 -82.70 -16.94 55.86
CA HIS IB 28 -83.33 -16.09 56.89
C HIS IB 28 -84.85 -16.21 56.81
N MET IB 29 -85.35 -17.36 57.28
CA MET IB 29 -86.78 -17.63 57.27
C MET IB 29 -87.20 -17.96 58.69
N PRO IB 30 -87.77 -16.99 59.41
CA PRO IB 30 -88.16 -17.25 60.81
C PRO IB 30 -89.28 -18.26 60.94
N LYS IB 31 -90.40 -18.03 60.27
CA LYS IB 31 -91.57 -18.88 60.44
C LYS IB 31 -91.62 -19.93 59.33
N HIS IB 32 -92.71 -20.68 59.27
CA HIS IB 32 -92.97 -21.62 58.20
C HIS IB 32 -94.28 -21.27 57.51
N PRO IB 33 -94.37 -21.52 56.20
CA PRO IB 33 -95.66 -21.38 55.52
C PRO IB 33 -96.68 -22.40 55.99
N GLU IB 34 -96.22 -23.58 56.41
CA GLU IB 34 -97.09 -24.64 56.93
C GLU IB 34 -97.31 -24.46 58.42
N LEU IB 35 -96.22 -24.47 59.19
CA LEU IB 35 -96.30 -24.36 60.65
C LEU IB 35 -96.14 -22.89 61.01
N ALA IB 36 -97.24 -22.15 60.85
CA ALA IB 36 -97.31 -20.73 61.15
C ALA IB 36 -97.86 -20.45 62.54
N ASP IB 37 -98.39 -21.46 63.22
CA ASP IB 37 -98.80 -21.27 64.62
C ASP IB 37 -97.60 -21.19 65.55
N LYS IB 38 -96.48 -21.79 65.14
CA LYS IB 38 -95.26 -21.86 65.93
C LYS IB 38 -94.15 -21.13 65.17
N ASN IB 39 -93.01 -20.91 65.83
CA ASN IB 39 -91.95 -20.13 65.20
C ASN IB 39 -91.16 -20.99 64.22
N VAL IB 40 -90.42 -21.98 64.74
CA VAL IB 40 -89.67 -23.02 64.02
C VAL IB 40 -88.81 -22.40 62.91
N PRO IB 41 -87.63 -21.87 63.24
CA PRO IB 41 -86.73 -21.36 62.18
C PRO IB 41 -86.46 -22.41 61.11
N ASN IB 42 -86.75 -22.03 59.86
CA ASN IB 42 -86.68 -22.97 58.75
C ASN IB 42 -85.25 -23.41 58.46
N LEU IB 43 -84.27 -22.58 58.85
CA LEU IB 43 -82.86 -22.97 58.74
C LEU IB 43 -82.55 -24.19 59.59
N HIS IB 44 -83.27 -24.36 60.71
CA HIS IB 44 -83.12 -25.59 61.47
C HIS IB 44 -83.82 -26.75 60.78
N VAL IB 45 -84.85 -26.46 59.98
CA VAL IB 45 -85.56 -27.50 59.24
C VAL IB 45 -84.75 -27.93 58.02
N MET IB 46 -83.96 -27.02 57.45
CA MET IB 46 -83.10 -27.36 56.31
C MET IB 46 -82.12 -28.47 56.64
N LYS IB 47 -81.64 -28.52 57.88
CA LYS IB 47 -80.59 -29.45 58.30
C LYS IB 47 -81.11 -30.68 59.02
N ALA IB 48 -82.43 -30.79 59.23
CA ALA IB 48 -82.93 -31.86 60.08
C ALA IB 48 -83.25 -33.12 59.30
N MET IB 49 -83.98 -33.02 58.18
CA MET IB 49 -84.37 -34.21 57.44
C MET IB 49 -83.24 -34.84 56.64
N GLN IB 50 -82.19 -34.09 56.31
CA GLN IB 50 -81.06 -34.74 55.64
C GLN IB 50 -80.24 -35.59 56.60
N SER IB 51 -80.53 -35.53 57.90
CA SER IB 51 -79.94 -36.43 58.87
C SER IB 51 -80.62 -37.79 58.91
N LEU IB 52 -81.93 -37.85 58.74
CA LEU IB 52 -82.60 -39.13 58.56
C LEU IB 52 -82.38 -39.67 57.16
N LYS IB 53 -82.05 -38.81 56.21
CA LYS IB 53 -81.74 -39.23 54.86
C LYS IB 53 -80.39 -39.93 54.79
N SER IB 54 -79.38 -39.37 55.47
CA SER IB 54 -78.07 -40.00 55.51
C SER IB 54 -78.11 -41.35 56.22
N ARG IB 55 -78.99 -41.51 57.19
CA ARG IB 55 -79.19 -42.79 57.83
C ARG IB 55 -80.06 -43.74 57.00
N GLY IB 56 -80.85 -43.20 56.08
CA GLY IB 56 -81.71 -44.04 55.27
C GLY IB 56 -83.13 -44.13 55.79
N TYR IB 57 -83.76 -42.99 56.06
CA TYR IB 57 -85.16 -42.97 56.45
C TYR IB 57 -86.05 -42.12 55.55
N VAL IB 58 -85.49 -41.25 54.71
CA VAL IB 58 -86.29 -40.30 53.95
C VAL IB 58 -85.57 -39.97 52.64
N LYS IB 59 -86.34 -39.58 51.62
CA LYS IB 59 -85.81 -39.28 50.29
C LYS IB 59 -85.65 -37.78 50.08
N GLU IB 60 -85.26 -37.41 48.85
CA GLU IB 60 -84.99 -36.04 48.49
C GLU IB 60 -85.41 -35.76 47.06
N GLN IB 61 -85.99 -34.57 46.83
CA GLN IB 61 -86.41 -34.12 45.51
C GLN IB 61 -86.41 -32.59 45.46
N PHE IB 62 -85.97 -32.03 44.33
CA PHE IB 62 -85.77 -30.60 44.19
C PHE IB 62 -86.59 -30.05 43.01
N ALA IB 63 -87.22 -28.90 43.24
CA ALA IB 63 -88.08 -28.24 42.23
C ALA IB 63 -87.78 -26.74 42.20
N TRP IB 64 -86.49 -26.42 42.15
CA TRP IB 64 -85.85 -25.11 42.06
C TRP IB 64 -85.90 -24.32 43.37
N ARG IB 65 -86.82 -24.65 44.28
CA ARG IB 65 -86.96 -23.88 45.51
C ARG IB 65 -87.43 -24.75 46.66
N HIS IB 66 -87.32 -26.07 46.53
CA HIS IB 66 -88.05 -26.91 47.47
C HIS IB 66 -87.39 -28.25 47.68
N PHE IB 67 -87.70 -28.85 48.82
CA PHE IB 67 -87.29 -30.19 49.19
C PHE IB 67 -88.54 -31.02 49.42
N TYR IB 68 -88.59 -32.19 48.81
CA TYR IB 68 -89.72 -33.09 48.96
C TYR IB 68 -89.22 -34.35 49.65
N TRP IB 69 -89.27 -34.35 50.97
CA TRP IB 69 -88.70 -35.39 51.79
C TRP IB 69 -89.70 -36.54 51.89
N TYR IB 70 -89.48 -37.58 51.08
CA TYR IB 70 -90.39 -38.72 51.02
C TYR IB 70 -90.02 -39.69 52.12
N LEU IB 71 -90.84 -39.74 53.17
CA LEU IB 71 -90.58 -40.65 54.28
C LEU IB 71 -90.78 -42.10 53.82
N THR IB 72 -89.71 -42.89 53.87
CA THR IB 72 -89.72 -44.24 53.36
C THR IB 72 -90.35 -45.19 54.38
N ASN IB 73 -90.40 -46.48 54.03
CA ASN IB 73 -90.96 -47.48 54.93
C ASN IB 73 -90.09 -47.71 56.14
N GLU IB 74 -88.78 -47.46 56.03
CA GLU IB 74 -87.89 -47.53 57.17
C GLU IB 74 -88.05 -46.32 58.09
N GLY IB 75 -88.42 -45.17 57.54
CA GLY IB 75 -88.77 -44.04 58.38
C GLY IB 75 -90.10 -44.21 59.08
N ILE IB 76 -91.00 -45.01 58.50
CA ILE IB 76 -92.24 -45.36 59.19
C ILE IB 76 -91.94 -46.09 60.48
N GLN IB 77 -90.98 -47.02 60.42
CA GLN IB 77 -90.56 -47.78 61.60
C GLN IB 77 -89.87 -46.90 62.63
N TYR IB 78 -89.17 -45.85 62.18
CA TYR IB 78 -88.40 -44.98 63.07
C TYR IB 78 -89.29 -44.24 64.06
N LEU IB 79 -90.43 -43.75 63.61
CA LEU IB 79 -91.31 -42.97 64.47
C LEU IB 79 -91.98 -43.81 65.54
N ARG IB 80 -92.12 -45.13 65.31
CA ARG IB 80 -92.73 -45.99 66.31
C ARG IB 80 -91.86 -46.16 67.54
N ASP IB 81 -90.54 -46.16 67.36
CA ASP IB 81 -89.63 -46.29 68.50
C ASP IB 81 -89.14 -44.95 69.00
N TYR IB 82 -88.98 -43.96 68.14
CA TYR IB 82 -88.52 -42.66 68.59
C TYR IB 82 -89.62 -41.88 69.30
N LEU IB 83 -90.83 -41.88 68.76
CA LEU IB 83 -91.93 -41.14 69.37
C LEU IB 83 -92.81 -42.01 70.24
N HIS IB 84 -92.50 -43.31 70.35
CA HIS IB 84 -93.20 -44.28 71.20
C HIS IB 84 -94.69 -44.34 70.89
N LEU IB 85 -95.07 -44.01 69.66
CA LEU IB 85 -96.44 -43.99 69.18
C LEU IB 85 -96.92 -45.42 68.92
N PRO IB 86 -98.23 -45.64 68.95
CA PRO IB 86 -98.75 -46.95 68.58
C PRO IB 86 -98.52 -47.22 67.11
N PRO IB 87 -98.08 -48.42 66.75
CA PRO IB 87 -97.92 -48.76 65.33
C PRO IB 87 -99.23 -49.04 64.59
N GLU IB 88 -100.38 -48.91 65.25
CA GLU IB 88 -101.66 -49.13 64.59
C GLU IB 88 -102.12 -47.89 63.83
N ILE IB 89 -101.81 -46.71 64.35
CA ILE IB 89 -102.21 -45.48 63.68
C ILE IB 89 -101.32 -45.26 62.46
N VAL IB 90 -101.86 -44.60 61.45
CA VAL IB 90 -101.23 -44.53 60.14
C VAL IB 90 -101.07 -43.06 59.75
N PRO IB 91 -100.14 -42.76 58.82
CA PRO IB 91 -100.16 -41.45 58.16
C PRO IB 91 -101.35 -41.30 57.23
N ALA IB 92 -101.52 -40.10 56.67
CA ALA IB 92 -102.57 -39.87 55.69
C ALA IB 92 -102.33 -40.60 54.38
N THR IB 93 -101.07 -40.96 54.09
CA THR IB 93 -100.75 -41.64 52.85
C THR IB 93 -100.88 -43.15 52.93
N LEU IB 94 -100.89 -43.73 54.12
CA LEU IB 94 -101.11 -45.16 54.31
C LEU IB 94 -102.53 -45.46 54.75
N ARG IB 95 -103.51 -44.70 54.28
CA ARG IB 95 -104.91 -45.01 54.48
C ARG IB 95 -105.61 -45.03 53.13
N ARG IB 96 -106.45 -46.04 52.92
CA ARG IB 96 -107.27 -46.10 51.73
C ARG IB 96 -108.59 -45.35 51.97
N ASP JB 1 22.22 -74.22 -50.13
CA ASP JB 1 21.20 -75.23 -49.87
C ASP JB 1 21.15 -75.63 -48.40
N ILE JB 2 22.19 -76.35 -47.96
CA ILE JB 2 22.28 -76.85 -46.60
C ILE JB 2 23.62 -76.40 -46.01
N GLN JB 3 23.81 -76.72 -44.73
CA GLN JB 3 25.04 -76.49 -43.98
C GLN JB 3 25.43 -75.00 -43.98
N THR JB 4 24.55 -74.21 -43.36
CA THR JB 4 24.72 -72.77 -43.29
C THR JB 4 25.30 -72.31 -41.96
N GLU JB 5 25.43 -73.21 -41.00
CA GLU JB 5 25.90 -72.88 -39.66
C GLU JB 5 27.40 -73.16 -39.56
N ARG JB 6 27.95 -72.86 -38.39
CA ARG JB 6 29.37 -73.13 -38.17
C ARG JB 6 29.64 -74.62 -38.14
N ALA JB 7 28.77 -75.39 -37.52
CA ALA JB 7 28.98 -76.82 -37.35
C ALA JB 7 28.56 -77.58 -38.60
N TYR JB 8 28.74 -78.90 -38.57
CA TYR JB 8 28.32 -79.80 -39.64
C TYR JB 8 27.15 -80.62 -39.14
N GLN JB 9 25.98 -80.40 -39.70
CA GLN JB 9 24.81 -81.18 -39.36
C GLN JB 9 24.69 -82.39 -40.28
N LYS JB 10 24.04 -83.43 -39.78
CA LYS JB 10 23.83 -84.69 -40.51
C LYS JB 10 22.82 -85.51 -39.71
N GLN JB 11 22.47 -86.66 -40.26
CA GLN JB 11 21.63 -87.61 -39.53
C GLN JB 11 22.54 -88.48 -38.67
N PRO JB 12 22.47 -88.39 -37.34
CA PRO JB 12 23.46 -89.07 -36.50
C PRO JB 12 23.35 -90.58 -36.51
N THR JB 13 22.22 -91.12 -36.96
CA THR JB 13 22.07 -92.58 -36.97
C THR JB 13 22.83 -93.21 -38.13
N ILE JB 14 22.83 -92.56 -39.29
CA ILE JB 14 23.38 -93.15 -40.49
C ILE JB 14 24.87 -92.85 -40.57
N PHE JB 15 25.57 -93.74 -41.27
CA PHE JB 15 26.99 -93.59 -41.57
C PHE JB 15 27.12 -93.23 -43.04
N GLN JB 16 27.66 -92.05 -43.33
CA GLN JB 16 27.80 -91.58 -44.70
C GLN JB 16 29.27 -91.49 -45.10
N ASN JB 17 30.13 -92.28 -44.46
CA ASN JB 17 31.55 -92.29 -44.76
C ASN JB 17 32.09 -93.72 -44.79
N LYS JB 18 31.31 -94.63 -45.38
CA LYS JB 18 31.75 -96.00 -45.49
C LYS JB 18 32.73 -96.16 -46.64
N LYS JB 19 33.35 -97.34 -46.70
CA LYS JB 19 34.29 -97.65 -47.77
C LYS JB 19 33.57 -97.76 -49.12
N ARG JB 20 34.11 -97.07 -50.12
CA ARG JB 20 33.59 -97.13 -51.47
C ARG JB 20 34.66 -97.72 -52.39
N VAL JB 21 34.22 -98.60 -53.30
CA VAL JB 21 35.01 -99.46 -54.19
C VAL JB 21 36.41 -99.84 -53.69
N LYS JB 30 25.08 -90.56 -53.40
CA LYS JB 30 23.77 -90.78 -52.81
C LYS JB 30 23.84 -90.74 -51.28
N LEU JB 31 22.68 -90.74 -50.64
CA LEU JB 31 22.65 -90.77 -49.19
C LEU JB 31 21.60 -91.77 -48.70
N PRO JB 32 21.96 -92.69 -47.81
CA PRO JB 32 20.95 -93.55 -47.17
C PRO JB 32 20.22 -92.81 -46.05
N ARG JB 33 19.21 -92.03 -46.44
CA ARG JB 33 18.49 -91.16 -45.51
C ARG JB 33 17.72 -91.96 -44.48
N TYR JB 34 17.74 -91.51 -43.23
CA TYR JB 34 17.00 -92.15 -42.15
C TYR JB 34 15.63 -91.52 -42.04
N TYR JB 35 14.60 -92.36 -42.18
CA TYR JB 35 13.22 -91.94 -42.01
C TYR JB 35 12.51 -93.08 -41.30
N LYS JB 36 11.52 -92.73 -40.48
CA LYS JB 36 10.79 -93.74 -39.74
C LYS JB 36 9.29 -93.52 -39.91
N ASN JB 37 8.54 -94.61 -39.81
CA ASN JB 37 7.09 -94.52 -39.78
C ASN JB 37 6.66 -93.94 -38.43
N ILE JB 38 5.64 -93.09 -38.48
CA ILE JB 38 5.23 -92.38 -37.28
C ILE JB 38 4.06 -93.08 -36.59
N GLY JB 39 3.31 -93.88 -37.32
CA GLY JB 39 2.28 -94.71 -36.73
C GLY JB 39 0.98 -93.96 -36.51
N LEU JB 40 0.09 -94.62 -35.76
CA LEU JB 40 -1.26 -94.14 -35.43
C LEU JB 40 -2.06 -93.79 -36.68
N GLY JB 41 -1.83 -94.51 -37.77
CA GLY JB 41 -2.49 -94.22 -39.02
C GLY JB 41 -1.99 -92.99 -39.74
N PHE JB 42 -1.09 -92.23 -39.15
CA PHE JB 42 -0.56 -91.03 -39.80
C PHE JB 42 0.41 -91.43 -40.90
N LYS JB 43 0.09 -91.06 -42.13
CA LYS JB 43 0.89 -91.44 -43.30
C LYS JB 43 2.18 -90.64 -43.33
N THR JB 44 3.30 -91.33 -43.35
CA THR JB 44 4.59 -90.67 -43.52
C THR JB 44 4.68 -90.09 -44.93
N PRO JB 45 5.11 -88.84 -45.08
CA PRO JB 45 5.11 -88.23 -46.41
C PRO JB 45 6.33 -88.67 -47.22
N LYS JB 46 6.26 -88.38 -48.52
CA LYS JB 46 7.27 -88.87 -49.46
C LYS JB 46 8.48 -87.95 -49.51
N GLU JB 47 8.27 -86.65 -49.25
CA GLU JB 47 9.32 -85.67 -49.45
C GLU JB 47 10.34 -85.68 -48.32
N ALA JB 48 10.00 -86.22 -47.16
CA ALA JB 48 10.98 -86.37 -46.09
C ALA JB 48 11.97 -87.49 -46.37
N ILE JB 49 11.70 -88.35 -47.35
CA ILE JB 49 12.61 -89.41 -47.72
C ILE JB 49 13.48 -89.01 -48.91
N GLU JB 50 12.91 -88.36 -49.91
CA GLU JB 50 13.68 -87.94 -51.07
C GLU JB 50 14.30 -86.56 -50.91
N GLY JB 51 13.76 -85.72 -50.04
CA GLY JB 51 14.39 -84.45 -49.76
C GLY JB 51 15.63 -84.62 -48.93
N THR JB 52 16.41 -83.55 -48.84
CA THR JB 52 17.68 -83.59 -48.12
C THR JB 52 17.76 -82.55 -47.02
N TYR JB 53 16.64 -82.08 -46.48
CA TYR JB 53 16.68 -81.19 -45.33
C TYR JB 53 17.22 -81.94 -44.11
N ILE JB 54 17.93 -81.21 -43.27
CA ILE JB 54 18.57 -81.81 -42.10
C ILE JB 54 17.97 -81.19 -40.84
N ASP JB 55 17.23 -81.99 -40.09
CA ASP JB 55 16.53 -81.52 -38.90
C ASP JB 55 16.64 -82.57 -37.81
N LYS JB 56 17.26 -82.21 -36.69
CA LYS JB 56 17.26 -83.10 -35.53
C LYS JB 56 15.97 -83.02 -34.75
N LYS JB 57 15.05 -82.12 -35.11
CA LYS JB 57 13.76 -82.00 -34.46
C LYS JB 57 12.62 -82.47 -35.36
N CYS JB 58 12.92 -83.26 -36.35
CA CYS JB 58 11.90 -83.71 -37.30
C CYS JB 58 11.18 -84.93 -36.75
N PRO JB 59 9.85 -85.01 -36.87
CA PRO JB 59 9.13 -86.18 -36.39
C PRO JB 59 9.35 -87.43 -37.23
N PHE JB 60 10.13 -87.36 -38.28
CA PHE JB 60 10.47 -88.53 -39.08
C PHE JB 60 11.96 -88.82 -39.08
N THR JB 61 12.80 -87.79 -38.98
CA THR JB 61 14.24 -87.95 -39.10
C THR JB 61 14.97 -87.55 -37.83
N GLY JB 62 14.24 -87.36 -36.73
CA GLY JB 62 14.84 -86.93 -35.49
C GLY JB 62 14.21 -87.64 -34.30
N ASN JB 63 14.96 -87.67 -33.20
CA ASN JB 63 14.54 -88.41 -32.01
C ASN JB 63 13.48 -87.65 -31.23
N VAL JB 64 12.31 -87.52 -31.83
CA VAL JB 64 11.13 -86.98 -31.17
C VAL JB 64 9.99 -87.98 -31.35
N SER JB 65 9.34 -88.32 -30.25
CA SER JB 65 8.33 -89.37 -30.23
C SER JB 65 6.96 -88.73 -29.98
N ILE JB 66 5.99 -89.08 -30.80
CA ILE JB 66 4.65 -88.53 -30.64
C ILE JB 66 3.87 -89.40 -29.66
N ARG JB 67 3.16 -88.75 -28.74
CA ARG JB 67 2.42 -89.42 -27.69
C ARG JB 67 1.37 -88.45 -27.17
N GLY JB 68 0.73 -88.81 -26.04
CA GLY JB 68 -0.06 -87.85 -25.30
C GLY JB 68 -1.34 -87.46 -26.01
N ARG JB 69 -1.45 -86.17 -26.32
CA ARG JB 69 -2.63 -85.59 -26.97
C ARG JB 69 -2.31 -85.23 -28.42
N ILE JB 70 -3.34 -85.17 -29.24
CA ILE JB 70 -3.23 -84.75 -30.64
C ILE JB 70 -4.31 -83.71 -30.88
N LEU JB 71 -3.90 -82.47 -31.06
CA LEU JB 71 -4.78 -81.33 -31.20
C LEU JB 71 -4.89 -80.94 -32.67
N SER JB 72 -5.54 -79.81 -32.93
CA SER JB 72 -5.59 -79.23 -34.26
C SER JB 72 -5.85 -77.74 -34.13
N GLY JB 73 -5.45 -77.00 -35.16
CA GLY JB 73 -5.63 -75.57 -35.15
C GLY JB 73 -5.51 -74.99 -36.54
N VAL JB 74 -5.51 -73.66 -36.60
CA VAL JB 74 -5.30 -72.92 -37.83
C VAL JB 74 -4.09 -72.00 -37.63
N VAL JB 75 -3.17 -72.03 -38.59
CA VAL JB 75 -1.92 -71.28 -38.46
C VAL JB 75 -2.18 -69.79 -38.63
N THR JB 76 -1.47 -68.97 -37.86
CA THR JB 76 -1.58 -67.53 -38.04
C THR JB 76 -0.26 -66.84 -38.33
N LYS JB 77 0.83 -67.22 -37.66
CA LYS JB 77 2.11 -66.58 -37.89
C LYS JB 77 3.12 -67.62 -38.34
N MET JB 78 3.92 -67.23 -39.35
CA MET JB 78 4.98 -68.10 -39.85
C MET JB 78 6.32 -67.38 -39.97
N LYS JB 79 6.46 -66.18 -39.42
CA LYS JB 79 7.67 -65.40 -39.62
C LYS JB 79 8.85 -65.97 -38.87
N MET JB 80 8.61 -66.76 -37.83
CA MET JB 80 9.69 -67.43 -37.14
C MET JB 80 10.23 -68.56 -38.00
N GLN JB 81 11.52 -68.83 -37.86
CA GLN JB 81 12.15 -69.86 -38.68
C GLN JB 81 11.97 -71.23 -38.05
N ARG JB 82 11.53 -72.18 -38.88
CA ARG JB 82 11.34 -73.59 -38.54
C ARG JB 82 10.30 -73.80 -37.45
N THR JB 83 9.52 -72.77 -37.13
CA THR JB 83 8.46 -72.84 -36.13
C THR JB 83 7.32 -71.96 -36.59
N ILE JB 84 6.09 -72.41 -36.32
CA ILE JB 84 4.91 -71.65 -36.71
C ILE JB 84 4.05 -71.39 -35.48
N VAL JB 85 2.99 -70.62 -35.65
CA VAL JB 85 2.03 -70.36 -34.57
C VAL JB 85 0.65 -70.71 -35.09
N ILE JB 86 -0.06 -71.58 -34.39
CA ILE JB 86 -1.40 -71.97 -34.79
C ILE JB 86 -2.41 -71.28 -33.89
N ARG JB 87 -3.69 -71.38 -34.24
CA ARG JB 87 -4.74 -70.74 -33.45
C ARG JB 87 -5.85 -71.75 -33.23
N ARG JB 88 -6.24 -71.95 -31.99
CA ARG JB 88 -7.35 -72.82 -31.65
C ARG JB 88 -8.44 -72.00 -30.99
N ASP JB 89 -9.65 -72.02 -31.56
CA ASP JB 89 -10.78 -71.31 -30.97
C ASP JB 89 -11.79 -72.32 -30.47
N TYR JB 90 -11.96 -72.35 -29.16
CA TYR JB 90 -12.91 -73.25 -28.52
C TYR JB 90 -13.90 -72.40 -27.73
N LEU JB 91 -14.88 -73.07 -27.12
CA LEU JB 91 -15.98 -72.40 -26.45
C LEU JB 91 -15.99 -72.76 -24.98
N HIS JB 92 -16.22 -71.77 -24.13
CA HIS JB 92 -16.30 -71.99 -22.69
C HIS JB 92 -17.75 -71.89 -22.21
N TYR JB 93 -18.20 -72.89 -21.47
CA TYR JB 93 -19.55 -72.93 -20.95
C TYR JB 93 -19.59 -72.33 -19.54
N ILE JB 94 -20.70 -71.68 -19.20
CA ILE JB 94 -20.92 -71.13 -17.87
C ILE JB 94 -22.21 -71.71 -17.32
N ARG JB 95 -22.17 -72.16 -16.07
CA ARG JB 95 -23.38 -72.65 -15.43
C ARG JB 95 -24.41 -71.55 -15.27
N LYS JB 96 -23.96 -70.36 -14.86
CA LYS JB 96 -24.87 -69.25 -14.58
C LYS JB 96 -25.57 -68.77 -15.84
N TYR JB 97 -24.81 -68.39 -16.85
CA TYR JB 97 -25.36 -68.01 -18.14
C TYR JB 97 -25.24 -69.20 -19.07
N ASN JB 98 -26.37 -69.76 -19.50
CA ASN JB 98 -26.30 -70.97 -20.30
C ASN JB 98 -25.94 -70.64 -21.74
N ARG JB 99 -24.79 -70.02 -21.94
CA ARG JB 99 -24.36 -69.51 -23.23
C ARG JB 99 -22.87 -69.85 -23.34
N PHE JB 100 -22.18 -69.23 -24.27
CA PHE JB 100 -20.78 -69.57 -24.50
C PHE JB 100 -19.97 -68.31 -24.75
N GLU JB 101 -18.68 -68.49 -24.99
CA GLU JB 101 -17.78 -67.39 -25.28
C GLU JB 101 -16.56 -67.95 -26.00
N LYS JB 102 -16.08 -67.24 -27.01
CA LYS JB 102 -14.95 -67.71 -27.80
C LYS JB 102 -13.64 -67.36 -27.10
N ARG JB 103 -12.97 -68.38 -26.57
CA ARG JB 103 -11.62 -68.24 -26.01
C ARG JB 103 -10.65 -68.92 -26.97
N HIS JB 104 -9.51 -68.29 -27.20
CA HIS JB 104 -8.49 -68.87 -28.06
C HIS JB 104 -7.19 -69.02 -27.29
N LYS JB 105 -6.40 -70.00 -27.70
CA LYS JB 105 -5.06 -70.19 -27.14
C LYS JB 105 -4.12 -70.40 -28.33
N ASN JB 106 -3.58 -69.30 -28.85
CA ASN JB 106 -2.67 -69.35 -29.99
C ASN JB 106 -1.33 -69.90 -29.51
N MET JB 107 -1.07 -71.17 -29.81
CA MET JB 107 0.11 -71.86 -29.32
C MET JB 107 1.09 -72.09 -30.47
N SER JB 108 2.37 -71.98 -30.15
CA SER JB 108 3.43 -72.01 -31.14
C SER JB 108 3.94 -73.44 -31.31
N VAL JB 109 3.89 -73.94 -32.55
CA VAL JB 109 4.22 -75.33 -32.86
C VAL JB 109 5.41 -75.34 -33.79
N HIS JB 110 6.31 -76.31 -33.61
CA HIS JB 110 7.42 -76.48 -34.52
C HIS JB 110 6.94 -77.02 -35.86
N LEU JB 111 7.57 -76.58 -36.94
CA LEU JB 111 7.29 -77.09 -38.27
C LEU JB 111 8.59 -77.61 -38.86
N SER JB 112 8.59 -78.86 -39.29
CA SER JB 112 9.72 -79.38 -40.02
C SER JB 112 9.62 -78.96 -41.49
N PRO JB 113 10.73 -78.61 -42.13
CA PRO JB 113 10.66 -78.00 -43.47
C PRO JB 113 10.39 -78.97 -44.60
N CYS JB 114 10.01 -80.21 -44.28
CA CYS JB 114 9.56 -81.13 -45.31
C CYS JB 114 8.26 -80.63 -45.95
N PHE JB 115 7.37 -80.06 -45.14
CA PHE JB 115 6.15 -79.45 -45.67
C PHE JB 115 6.56 -78.16 -46.37
N ARG JB 116 6.62 -78.23 -47.69
CA ARG JB 116 7.06 -77.08 -48.48
C ARG JB 116 5.99 -76.00 -48.51
N ASP JB 117 4.80 -76.33 -49.02
CA ASP JB 117 3.73 -75.36 -49.21
C ASP JB 117 2.93 -75.21 -47.92
N VAL JB 118 3.12 -74.08 -47.23
CA VAL JB 118 2.36 -73.76 -46.03
C VAL JB 118 1.89 -72.32 -46.16
N GLN JB 119 0.58 -72.10 -46.08
CA GLN JB 119 0.00 -70.76 -46.15
C GLN JB 119 -0.79 -70.47 -44.87
N ILE JB 120 -0.92 -69.19 -44.56
CA ILE JB 120 -1.69 -68.76 -43.40
C ILE JB 120 -3.16 -69.05 -43.63
N GLY JB 121 -3.75 -69.86 -42.75
CA GLY JB 121 -5.14 -70.20 -42.87
C GLY JB 121 -5.37 -71.67 -43.14
N ASP JB 122 -4.28 -72.39 -43.44
CA ASP JB 122 -4.36 -73.81 -43.72
C ASP JB 122 -4.55 -74.58 -42.42
N ILE JB 123 -5.44 -75.57 -42.45
CA ILE JB 123 -5.76 -76.34 -41.26
C ILE JB 123 -4.68 -77.39 -41.04
N VAL JB 124 -3.92 -77.23 -39.97
CA VAL JB 124 -2.81 -78.12 -39.66
C VAL JB 124 -3.18 -78.98 -38.47
N THR JB 125 -2.41 -80.03 -38.25
CA THR JB 125 -2.61 -80.96 -37.13
C THR JB 125 -1.29 -81.10 -36.38
N VAL JB 126 -1.36 -80.97 -35.06
CA VAL JB 126 -0.17 -80.98 -34.24
C VAL JB 126 -0.16 -82.24 -33.39
N GLY JB 127 0.97 -82.50 -32.73
CA GLY JB 127 1.11 -83.71 -31.93
C GLY JB 127 2.02 -83.52 -30.73
N GLU JB 128 1.63 -84.09 -29.60
CA GLU JB 128 2.40 -83.92 -28.39
C GLU JB 128 3.69 -84.73 -28.45
N CYS JB 129 4.79 -84.07 -28.08
CA CYS JB 129 6.11 -84.70 -28.02
C CYS JB 129 6.88 -84.05 -26.88
N ARG JB 130 8.17 -84.34 -26.81
CA ARG JB 130 9.00 -83.76 -25.78
C ARG JB 130 9.19 -82.27 -26.04
N PRO JB 131 9.46 -81.45 -25.01
CA PRO JB 131 9.61 -80.00 -25.22
C PRO JB 131 10.81 -79.65 -26.10
N LEU JB 132 10.53 -79.03 -27.24
CA LEU JB 132 11.59 -78.69 -28.18
C LEU JB 132 12.18 -77.32 -27.91
N SER JB 133 11.48 -76.49 -27.15
CA SER JB 133 11.96 -75.13 -26.89
C SER JB 133 11.60 -74.71 -25.49
N LYS JB 134 11.65 -73.40 -25.24
CA LYS JB 134 11.08 -72.85 -24.02
C LYS JB 134 9.59 -73.17 -23.92
N THR JB 135 8.86 -73.06 -25.03
CA THR JB 135 7.43 -73.28 -25.01
C THR JB 135 6.90 -74.14 -26.16
N VAL JB 136 7.71 -74.45 -27.16
CA VAL JB 136 7.27 -75.34 -28.22
C VAL JB 136 7.41 -76.76 -27.71
N ARG JB 137 6.27 -77.39 -27.40
CA ARG JB 137 6.26 -78.76 -26.94
C ARG JB 137 5.63 -79.69 -27.97
N PHE JB 138 5.04 -79.14 -29.03
CA PHE JB 138 4.28 -79.93 -29.98
C PHE JB 138 4.97 -79.90 -31.34
N ASN JB 139 4.70 -80.92 -32.13
CA ASN JB 139 5.28 -81.05 -33.45
C ASN JB 139 4.17 -81.23 -34.46
N VAL JB 140 4.41 -80.75 -35.68
CA VAL JB 140 3.43 -80.83 -36.74
C VAL JB 140 3.37 -82.25 -37.27
N LEU JB 141 2.18 -82.71 -37.61
CA LEU JB 141 2.00 -84.02 -38.22
C LEU JB 141 1.55 -83.94 -39.67
N LYS JB 142 0.41 -83.29 -39.94
CA LYS JB 142 -0.14 -83.21 -41.28
C LYS JB 142 -0.60 -81.79 -41.54
N VAL JB 143 -0.67 -81.44 -42.83
CA VAL JB 143 -1.17 -80.13 -43.25
C VAL JB 143 -2.17 -80.31 -44.40
N THR JB 144 -3.42 -79.91 -44.15
CA THR JB 144 -4.43 -79.91 -45.18
C THR JB 144 -4.64 -78.49 -45.71
N LYS JB 145 -5.29 -78.38 -46.86
CA LYS JB 145 -5.51 -77.08 -47.47
C LYS JB 145 -6.77 -76.43 -46.92
N ALA JB 146 -6.86 -75.11 -47.08
CA ALA JB 146 -7.87 -74.32 -46.40
C ALA JB 146 -9.20 -74.35 -47.15
N ALA JB 147 -10.18 -73.65 -46.58
CA ALA JB 147 -11.49 -73.49 -47.21
C ALA JB 147 -11.33 -72.62 -48.46
N GLY JB 148 -11.77 -73.14 -49.60
CA GLY JB 148 -11.45 -72.50 -50.85
C GLY JB 148 -9.96 -72.59 -51.09
N THR JB 149 -9.33 -71.46 -51.42
CA THR JB 149 -7.89 -71.34 -51.65
C THR JB 149 -7.41 -72.32 -52.71
N LYS JB 150 -8.20 -72.45 -53.77
CA LYS JB 150 -7.88 -73.37 -54.84
C LYS JB 150 -6.94 -72.78 -55.88
N LYS JB 151 -6.73 -71.47 -55.87
CA LYS JB 151 -5.74 -70.86 -56.74
C LYS JB 151 -4.42 -70.72 -56.00
N VAL KB 1 -91.18 -55.00 94.30
CA VAL KB 1 -92.08 -54.02 93.74
C VAL KB 1 -91.30 -53.18 92.72
N ASN KB 2 -90.03 -53.57 92.50
CA ASN KB 2 -89.20 -52.89 91.52
C ASN KB 2 -89.65 -53.15 90.08
N THR KB 3 -90.23 -54.33 89.82
CA THR KB 3 -90.85 -54.56 88.52
C THR KB 3 -92.09 -53.68 88.35
N ALA KB 4 -92.79 -53.39 89.45
CA ALA KB 4 -93.87 -52.42 89.42
C ALA KB 4 -93.36 -50.99 89.39
N LEU KB 5 -92.10 -50.78 89.79
CA LEU KB 5 -91.46 -49.49 89.60
C LEU KB 5 -91.02 -49.29 88.15
N GLN KB 6 -90.57 -50.36 87.51
CA GLN KB 6 -90.09 -50.29 86.13
C GLN KB 6 -91.17 -49.82 85.16
N GLU KB 7 -92.40 -50.31 85.33
CA GLU KB 7 -93.48 -49.94 84.41
C GLU KB 7 -94.01 -48.53 84.68
N VAL KB 8 -93.62 -47.92 85.80
CA VAL KB 8 -94.00 -46.54 86.06
C VAL KB 8 -93.00 -45.57 85.44
N LEU KB 9 -91.70 -45.82 85.59
CA LEU KB 9 -90.68 -44.91 85.07
C LEU KB 9 -90.66 -44.91 83.54
N LYS KB 10 -91.00 -46.04 82.93
CA LYS KB 10 -90.93 -46.15 81.46
C LYS KB 10 -92.06 -45.39 80.79
N THR KB 11 -93.23 -45.34 81.43
CA THR KB 11 -94.34 -44.57 80.91
C THR KB 11 -94.25 -43.09 81.29
N ALA KB 12 -93.19 -42.70 82.01
CA ALA KB 12 -92.96 -41.29 82.28
C ALA KB 12 -92.15 -40.62 81.18
N LEU KB 13 -91.45 -41.40 80.36
CA LEU KB 13 -90.61 -40.85 79.30
C LEU KB 13 -91.34 -40.74 77.97
N ILE KB 14 -92.46 -41.44 77.79
CA ILE KB 14 -93.20 -41.37 76.53
C ILE KB 14 -93.77 -39.97 76.31
N HIS KB 15 -94.26 -39.34 77.38
CA HIS KB 15 -94.69 -37.95 77.32
C HIS KB 15 -93.60 -36.99 77.81
N ASP KB 16 -92.46 -37.53 78.26
CA ASP KB 16 -91.37 -36.77 78.86
C ASP KB 16 -91.86 -35.94 80.05
N GLY KB 17 -92.38 -36.64 81.05
CA GLY KB 17 -92.86 -35.98 82.26
C GLY KB 17 -91.75 -35.86 83.29
N LEU KB 18 -90.61 -36.45 83.00
CA LEU KB 18 -89.49 -36.45 83.93
C LEU KB 18 -88.50 -35.32 83.62
N ALA KB 19 -88.25 -34.48 84.62
CA ALA KB 19 -87.13 -33.54 84.57
C ALA KB 19 -85.95 -34.12 85.34
N ARG KB 20 -85.33 -35.15 84.77
CA ARG KB 20 -84.29 -35.93 85.44
C ARG KB 20 -83.08 -35.07 85.76
N GLY KB 21 -82.26 -35.55 86.68
CA GLY KB 21 -81.00 -34.92 87.01
C GLY KB 21 -81.10 -34.06 88.27
N ILE KB 22 -79.93 -33.63 88.74
CA ILE KB 22 -79.83 -32.84 89.97
C ILE KB 22 -80.02 -31.35 89.77
N ARG KB 23 -79.64 -30.82 88.61
CA ARG KB 23 -79.85 -29.40 88.33
C ARG KB 23 -81.35 -29.10 88.20
N GLU KB 24 -82.09 -29.99 87.55
CA GLU KB 24 -83.54 -29.89 87.45
C GLU KB 24 -84.25 -30.51 88.64
N ALA KB 25 -83.51 -31.06 89.61
CA ALA KB 25 -84.15 -31.54 90.82
C ALA KB 25 -84.69 -30.38 91.66
N ALA KB 26 -83.82 -29.43 92.01
CA ALA KB 26 -84.21 -28.29 92.83
C ALA KB 26 -85.18 -27.34 92.12
N LYS KB 27 -85.36 -27.48 90.81
CA LYS KB 27 -86.40 -26.76 90.12
C LYS KB 27 -87.74 -27.49 90.22
N ALA KB 28 -87.77 -28.78 89.91
CA ALA KB 28 -89.02 -29.53 89.90
C ALA KB 28 -89.53 -29.77 91.31
N LEU KB 29 -88.61 -29.89 92.28
CA LEU KB 29 -89.03 -30.15 93.66
C LEU KB 29 -89.69 -28.93 94.28
N ASP KB 30 -89.20 -27.72 93.95
CA ASP KB 30 -89.78 -26.51 94.52
C ASP KB 30 -90.99 -26.04 93.72
N LYS KB 31 -91.21 -26.59 92.54
CA LYS KB 31 -92.48 -26.46 91.83
C LYS KB 31 -93.47 -27.54 92.25
N ARG KB 32 -93.03 -28.54 93.00
CA ARG KB 32 -93.85 -29.65 93.49
C ARG KB 32 -94.53 -30.39 92.35
N GLN KB 33 -93.78 -30.57 91.26
CA GLN KB 33 -94.16 -31.44 90.15
C GLN KB 33 -93.45 -32.77 90.23
N ALA KB 34 -93.11 -33.20 91.45
CA ALA KB 34 -92.48 -34.50 91.70
C ALA KB 34 -93.32 -35.27 92.70
N HIS KB 35 -93.72 -36.48 92.32
CA HIS KB 35 -94.41 -37.40 93.21
C HIS KB 35 -93.51 -38.49 93.76
N LEU KB 36 -92.41 -38.79 93.06
CA LEU KB 36 -91.50 -39.87 93.43
C LEU KB 36 -90.10 -39.45 93.03
N CYS KB 37 -89.10 -39.94 93.76
CA CYS KB 37 -87.70 -39.67 93.46
C CYS KB 37 -86.89 -40.91 93.79
N VAL KB 38 -86.08 -41.36 92.84
CA VAL KB 38 -85.19 -42.49 93.05
C VAL KB 38 -83.83 -41.95 93.46
N LEU KB 39 -83.20 -42.59 94.44
CA LEU KB 39 -81.96 -42.07 95.01
C LEU KB 39 -80.91 -43.17 95.12
N ALA KB 40 -79.67 -42.81 94.84
CA ALA KB 40 -78.57 -43.77 94.77
C ALA KB 40 -78.19 -44.26 96.16
N SER KB 41 -77.28 -45.24 96.17
CA SER KB 41 -76.65 -45.74 97.40
C SER KB 41 -75.37 -46.46 97.02
N ASN KB 42 -74.53 -46.71 98.04
CA ASN KB 42 -73.26 -47.43 97.93
C ASN KB 42 -72.35 -46.79 96.88
N CYS KB 43 -71.95 -45.55 97.14
CA CYS KB 43 -71.12 -44.77 96.22
C CYS KB 43 -70.09 -43.99 97.01
N ASP KB 44 -69.40 -43.10 96.30
CA ASP KB 44 -68.50 -42.12 96.91
C ASP KB 44 -69.27 -40.82 97.20
N GLU KB 45 -70.26 -40.94 98.08
CA GLU KB 45 -71.15 -39.83 98.43
C GLU KB 45 -71.08 -39.58 99.94
N PRO KB 46 -70.07 -38.82 100.40
CA PRO KB 46 -70.09 -38.39 101.81
C PRO KB 46 -71.25 -37.47 102.13
N MET KB 47 -71.39 -36.38 101.36
CA MET KB 47 -72.39 -35.36 101.61
C MET KB 47 -73.43 -35.24 100.49
N TYR KB 48 -73.29 -36.05 99.44
CA TYR KB 48 -74.15 -35.91 98.26
C TYR KB 48 -75.59 -36.31 98.57
N VAL KB 49 -75.78 -37.21 99.52
CA VAL KB 49 -77.13 -37.69 99.82
C VAL KB 49 -77.88 -36.71 100.72
N LYS KB 50 -77.18 -35.81 101.39
CA LYS KB 50 -77.75 -35.11 102.54
C LYS KB 50 -78.78 -34.04 102.16
N LEU KB 51 -78.72 -33.49 100.95
CA LEU KB 51 -79.69 -32.46 100.60
C LEU KB 51 -80.97 -33.06 100.03
N VAL KB 52 -80.84 -34.10 99.20
CA VAL KB 52 -82.01 -34.73 98.60
C VAL KB 52 -82.78 -35.56 99.62
N GLU KB 53 -82.13 -35.96 100.72
CA GLU KB 53 -82.89 -36.50 101.84
C GLU KB 53 -83.54 -35.41 102.68
N ALA KB 54 -83.21 -34.15 102.43
CA ALA KB 54 -83.85 -33.01 103.08
C ALA KB 54 -84.81 -32.28 102.15
N LEU KB 55 -84.48 -32.21 100.86
CA LEU KB 55 -85.39 -31.57 99.90
C LEU KB 55 -86.63 -32.41 99.65
N CYS KB 56 -86.47 -33.70 99.42
CA CYS KB 56 -87.62 -34.56 99.14
C CYS KB 56 -88.36 -34.99 100.40
N ALA KB 57 -87.81 -34.74 101.58
CA ALA KB 57 -88.51 -35.01 102.82
C ALA KB 57 -89.26 -33.77 103.31
N GLU KB 58 -89.31 -32.73 102.49
CA GLU KB 58 -90.02 -31.50 102.84
C GLU KB 58 -91.53 -31.71 102.86
N HIS KB 59 -92.11 -32.06 101.72
CA HIS KB 59 -93.56 -32.18 101.64
C HIS KB 59 -93.93 -33.16 100.54
N GLN KB 60 -94.23 -34.40 100.94
CA GLN KB 60 -94.82 -35.45 100.11
C GLN KB 60 -94.06 -35.70 98.82
N ILE KB 61 -92.77 -36.02 98.92
CA ILE KB 61 -92.02 -36.52 97.78
C ILE KB 61 -91.49 -37.89 98.15
N ASN KB 62 -92.20 -38.94 97.71
CA ASN KB 62 -91.93 -40.29 98.17
C ASN KB 62 -90.59 -40.81 97.64
N LEU KB 63 -90.01 -41.74 98.38
CA LEU KB 63 -88.61 -42.07 98.22
C LEU KB 63 -88.43 -43.57 97.98
N ILE KB 64 -87.70 -43.91 96.92
CA ILE KB 64 -87.29 -45.28 96.65
C ILE KB 64 -85.78 -45.26 96.49
N LYS KB 65 -85.08 -45.99 97.36
CA LYS KB 65 -83.62 -46.04 97.33
C LYS KB 65 -83.19 -47.17 96.41
N VAL KB 66 -82.52 -46.83 95.30
CA VAL KB 66 -81.94 -47.85 94.45
C VAL KB 66 -80.68 -48.40 95.11
N ASP KB 67 -80.34 -49.64 94.76
CA ASP KB 67 -79.21 -50.35 95.35
C ASP KB 67 -77.87 -49.70 95.03
N ASP KB 68 -77.50 -49.67 93.74
CA ASP KB 68 -76.19 -49.22 93.33
C ASP KB 68 -76.29 -48.05 92.35
N ASN KB 69 -75.14 -47.66 91.80
CA ASN KB 69 -75.09 -46.54 90.86
C ASN KB 69 -75.30 -46.98 89.42
N LYS KB 70 -75.00 -48.23 89.09
CA LYS KB 70 -75.03 -48.67 87.70
C LYS KB 70 -76.40 -49.13 87.26
N LYS KB 71 -77.26 -49.53 88.21
CA LYS KB 71 -78.58 -50.06 87.88
C LYS KB 71 -79.64 -48.98 87.73
N LEU KB 72 -79.28 -47.70 87.81
CA LEU KB 72 -80.25 -46.63 87.60
C LEU KB 72 -80.14 -46.08 86.18
N GLY KB 73 -78.93 -46.03 85.64
CA GLY KB 73 -78.73 -45.52 84.30
C GLY KB 73 -78.87 -46.61 83.25
N GLU KB 74 -79.11 -47.84 83.71
CA GLU KB 74 -79.37 -48.95 82.83
C GLU KB 74 -80.84 -49.06 82.44
N TRP KB 75 -81.74 -48.79 83.38
CA TRP KB 75 -83.17 -48.87 83.13
C TRP KB 75 -83.68 -47.78 82.21
N VAL KB 76 -83.02 -46.63 82.16
CA VAL KB 76 -83.53 -45.48 81.44
C VAL KB 76 -83.13 -45.49 79.97
N GLY KB 77 -81.90 -45.90 79.67
CA GLY KB 77 -81.43 -46.04 78.31
C GLY KB 77 -81.40 -44.76 77.49
N LEU KB 78 -80.52 -43.83 77.85
CA LEU KB 78 -80.41 -42.56 77.14
C LEU KB 78 -79.28 -42.53 76.12
N CYS KB 79 -78.41 -43.54 76.12
CA CYS KB 79 -77.38 -43.71 75.11
C CYS KB 79 -77.59 -45.05 74.39
N LYS KB 80 -78.85 -45.30 74.02
CA LYS KB 80 -79.28 -46.61 73.54
C LYS KB 80 -78.93 -46.80 72.09
N ILE KB 81 -77.89 -47.58 71.83
CA ILE KB 81 -77.63 -48.16 70.51
C ILE KB 81 -77.48 -49.66 70.69
N ASP KB 82 -77.92 -50.43 69.69
CA ASP KB 82 -77.95 -51.90 69.71
C ASP KB 82 -78.76 -52.41 70.89
N ARG KB 83 -80.06 -52.09 70.84
CA ARG KB 83 -81.01 -52.42 71.90
C ARG KB 83 -81.23 -53.93 72.04
N GLU KB 84 -80.89 -54.72 71.02
CA GLU KB 84 -81.16 -56.15 71.02
C GLU KB 84 -80.24 -56.85 72.03
N GLY KB 85 -80.65 -56.81 73.31
CA GLY KB 85 -79.90 -57.39 74.40
C GLY KB 85 -79.56 -56.35 75.46
N LYS KB 86 -78.26 -56.12 75.62
CA LYS KB 86 -77.72 -55.22 76.65
C LYS KB 86 -77.27 -53.91 76.01
N PRO KB 87 -77.22 -52.79 76.78
CA PRO KB 87 -76.69 -51.55 76.23
C PRO KB 87 -75.17 -51.63 76.03
N ARG KB 88 -74.68 -50.94 75.00
CA ARG KB 88 -73.27 -51.03 74.64
C ARG KB 88 -72.38 -50.29 75.64
N LYS KB 89 -72.88 -49.21 76.22
CA LYS KB 89 -72.16 -48.47 77.25
C LYS KB 89 -73.19 -47.82 78.15
N VAL KB 90 -72.93 -47.86 79.46
CA VAL KB 90 -73.87 -47.34 80.44
C VAL KB 90 -73.15 -46.36 81.36
N VAL KB 91 -73.73 -45.19 81.50
CA VAL KB 91 -73.27 -44.19 82.45
C VAL KB 91 -73.84 -44.51 83.83
N GLY KB 92 -73.30 -43.87 84.85
CA GLY KB 92 -73.85 -44.03 86.18
C GLY KB 92 -74.71 -42.86 86.61
N CYS KB 93 -76.03 -43.03 86.54
CA CYS KB 93 -76.97 -42.01 86.98
C CYS KB 93 -77.36 -42.26 88.44
N SER KB 94 -77.78 -41.20 89.11
CA SER KB 94 -78.14 -41.27 90.52
C SER KB 94 -79.45 -40.58 90.85
N CYS KB 95 -79.93 -39.66 90.02
CA CYS KB 95 -81.10 -38.86 90.34
C CYS KB 95 -82.00 -38.75 89.12
N VAL KB 96 -83.25 -39.17 89.26
CA VAL KB 96 -84.29 -38.95 88.26
C VAL KB 96 -85.52 -38.42 88.97
N VAL KB 97 -85.99 -37.25 88.56
CA VAL KB 97 -87.21 -36.66 89.09
C VAL KB 97 -88.37 -37.12 88.21
N VAL KB 98 -89.21 -38.01 88.75
CA VAL KB 98 -90.23 -38.69 87.96
C VAL KB 98 -91.62 -38.22 88.40
N LYS KB 99 -92.44 -37.88 87.41
CA LYS KB 99 -93.86 -37.56 87.57
C LYS KB 99 -94.61 -38.31 86.48
N GLY LB 1 -35.88 -51.36 -47.14
CA GLY LB 1 -34.96 -51.16 -46.03
C GLY LB 1 -33.53 -50.92 -46.48
N ARG LB 2 -33.26 -49.70 -46.96
CA ARG LB 2 -31.95 -49.36 -47.49
C ARG LB 2 -30.90 -49.40 -46.39
N MET LB 3 -29.63 -49.45 -46.79
CA MET LB 3 -28.54 -49.47 -45.83
C MET LB 3 -28.01 -48.11 -45.46
N HIS LB 4 -27.99 -47.16 -46.40
CA HIS LB 4 -27.41 -45.85 -46.18
C HIS LB 4 -28.46 -44.76 -46.29
N ALA LB 5 -29.69 -45.10 -45.91
CA ALA LB 5 -30.83 -44.20 -45.98
C ALA LB 5 -31.90 -44.73 -45.04
N PRO LB 6 -32.86 -43.91 -44.61
CA PRO LB 6 -33.97 -44.45 -43.82
C PRO LB 6 -35.09 -44.97 -44.71
N GLY LB 7 -34.82 -45.17 -46.00
CA GLY LB 7 -35.84 -45.58 -46.94
C GLY LB 7 -36.21 -47.04 -46.80
N LYS LB 8 -37.51 -47.32 -46.72
CA LYS LB 8 -38.05 -48.66 -46.65
C LYS LB 8 -38.77 -48.93 -47.96
N GLY LB 9 -38.12 -48.60 -49.07
CA GLY LB 9 -38.74 -48.77 -50.37
C GLY LB 9 -38.93 -50.23 -50.73
N LEU LB 10 -39.93 -50.49 -51.56
CA LEU LB 10 -40.23 -51.83 -52.06
C LEU LB 10 -40.48 -51.65 -53.55
N SER LB 11 -39.40 -51.67 -54.32
CA SER LB 11 -39.45 -51.47 -55.76
C SER LB 11 -38.38 -52.35 -56.39
N GLN LB 12 -38.80 -53.41 -57.06
CA GLN LB 12 -37.87 -54.37 -57.63
C GLN LB 12 -38.59 -55.15 -58.72
N SER LB 13 -37.94 -56.21 -59.19
CA SER LB 13 -38.55 -57.14 -60.13
C SER LB 13 -39.28 -58.26 -59.39
N ALA LB 14 -40.10 -58.98 -60.14
CA ALA LB 14 -40.79 -60.17 -59.64
C ALA LB 14 -40.83 -61.15 -60.81
N LEU LB 15 -39.92 -62.12 -60.79
CA LEU LB 15 -39.85 -63.09 -61.86
C LEU LB 15 -41.06 -64.02 -61.81
N PRO LB 16 -41.71 -64.28 -62.94
CA PRO LB 16 -42.93 -65.09 -62.93
C PRO LB 16 -42.64 -66.54 -62.58
N TYR LB 17 -43.72 -67.26 -62.26
CA TYR LB 17 -43.58 -68.63 -61.79
C TYR LB 17 -43.03 -69.54 -62.88
N ARG LB 18 -43.69 -69.57 -64.03
CA ARG LB 18 -43.34 -70.51 -65.09
C ARG LB 18 -41.98 -70.16 -65.70
N ARG LB 19 -41.00 -71.01 -65.42
CA ARG LB 19 -39.62 -70.84 -65.87
C ARG LB 19 -39.41 -71.34 -67.30
N SER LB 20 -40.47 -71.46 -68.09
CA SER LB 20 -40.36 -72.00 -69.43
C SER LB 20 -40.10 -70.88 -70.44
N VAL LB 21 -39.79 -71.29 -71.66
CA VAL LB 21 -39.49 -70.40 -72.77
C VAL LB 21 -40.75 -69.61 -73.13
N PRO LB 22 -40.63 -68.33 -73.48
CA PRO LB 22 -41.76 -67.61 -74.07
C PRO LB 22 -42.22 -68.25 -75.37
N THR LB 23 -43.53 -68.32 -75.56
CA THR LB 23 -44.09 -68.95 -76.75
C THR LB 23 -44.07 -68.02 -77.96
N TRP LB 24 -43.94 -66.70 -77.76
CA TRP LB 24 -43.75 -65.80 -78.88
C TRP LB 24 -42.31 -65.79 -79.39
N LEU LB 25 -41.38 -66.30 -78.58
CA LEU LB 25 -39.96 -66.22 -78.89
C LEU LB 25 -39.60 -67.23 -79.97
N LYS LB 26 -38.88 -66.78 -80.99
CA LYS LB 26 -38.37 -67.65 -82.04
C LYS LB 26 -36.85 -67.73 -82.07
N LEU LB 27 -36.19 -67.37 -80.97
CA LEU LB 27 -34.74 -67.39 -80.91
C LEU LB 27 -34.28 -68.61 -80.10
N THR LB 28 -33.39 -69.40 -80.68
CA THR LB 28 -32.82 -70.53 -79.96
C THR LB 28 -31.75 -70.07 -78.97
N SER LB 29 -31.06 -71.03 -78.37
CA SER LB 29 -30.08 -70.72 -77.33
C SER LB 29 -28.88 -69.99 -77.90
N ASP LB 30 -28.31 -70.51 -79.00
CA ASP LB 30 -27.05 -69.96 -79.50
C ASP LB 30 -27.28 -68.66 -80.26
N ASP LB 31 -28.50 -68.42 -80.71
CA ASP LB 31 -28.80 -67.16 -81.39
C ASP LB 31 -28.80 -65.98 -80.43
N VAL LB 32 -29.13 -66.21 -79.16
CA VAL LB 32 -29.06 -65.12 -78.20
C VAL LB 32 -27.70 -65.09 -77.53
N LYS LB 33 -26.92 -66.17 -77.64
CA LYS LB 33 -25.58 -66.18 -77.06
C LYS LB 33 -24.65 -65.25 -77.81
N GLU LB 34 -24.76 -65.21 -79.14
CA GLU LB 34 -23.92 -64.32 -79.93
C GLU LB 34 -24.26 -62.84 -79.70
N GLN LB 35 -25.50 -62.54 -79.34
CA GLN LB 35 -25.87 -61.16 -79.04
C GLN LB 35 -25.18 -60.65 -77.79
N ILE LB 36 -25.07 -61.51 -76.77
CA ILE LB 36 -24.35 -61.15 -75.56
C ILE LB 36 -22.88 -60.89 -75.87
N TYR LB 37 -22.27 -61.72 -76.71
CA TYR LB 37 -20.91 -61.45 -77.15
C TYR LB 37 -20.83 -60.20 -78.01
N LYS LB 38 -21.93 -59.82 -78.66
CA LYS LB 38 -21.91 -58.65 -79.53
C LYS LB 38 -22.11 -57.37 -78.72
N LEU LB 39 -22.81 -57.47 -77.58
CA LEU LB 39 -23.01 -56.29 -76.74
C LEU LB 39 -21.76 -55.94 -75.94
N ALA LB 40 -21.11 -56.93 -75.33
CA ALA LB 40 -19.86 -56.68 -74.61
C ALA LB 40 -18.70 -56.41 -75.54
N LYS LB 41 -18.84 -56.75 -76.84
CA LYS LB 41 -17.86 -56.30 -77.82
C LYS LB 41 -17.87 -54.78 -77.93
N LYS LB 42 -19.03 -54.16 -77.80
CA LYS LB 42 -19.16 -52.71 -77.72
C LYS LB 42 -18.78 -52.20 -76.33
N GLY LB 43 -18.78 -53.09 -75.34
CA GLY LB 43 -18.42 -52.71 -74.00
C GLY LB 43 -19.66 -52.45 -73.20
N LEU LB 44 -20.06 -53.39 -72.35
CA LEU LB 44 -21.36 -53.29 -71.73
C LEU LB 44 -21.45 -54.14 -70.46
N THR LB 45 -21.97 -53.56 -69.40
CA THR LB 45 -22.21 -54.33 -68.19
C THR LB 45 -23.33 -55.34 -68.44
N PRO LB 46 -23.30 -56.51 -67.76
CA PRO LB 46 -24.39 -57.49 -67.88
C PRO LB 46 -25.78 -56.95 -67.58
N SER LB 47 -25.87 -55.87 -66.80
CA SER LB 47 -27.14 -55.20 -66.57
C SER LB 47 -27.75 -54.73 -67.89
N GLN LB 48 -27.03 -53.90 -68.64
CA GLN LB 48 -27.59 -53.35 -69.87
C GLN LB 48 -27.69 -54.42 -70.97
N ILE LB 49 -26.92 -55.50 -70.85
CA ILE LB 49 -27.13 -56.65 -71.73
C ILE LB 49 -28.53 -57.20 -71.55
N GLY LB 50 -28.95 -57.35 -70.29
CA GLY LB 50 -30.28 -57.82 -70.01
C GLY LB 50 -31.37 -56.80 -70.31
N VAL LB 51 -31.01 -55.51 -70.36
CA VAL LB 51 -32.01 -54.46 -70.50
C VAL LB 51 -32.60 -54.46 -71.90
N ILE LB 52 -31.75 -54.27 -72.91
CA ILE LB 52 -32.25 -54.02 -74.27
C ILE LB 52 -32.74 -55.31 -74.89
N LEU LB 53 -32.35 -56.45 -74.32
CA LEU LB 53 -32.74 -57.74 -74.88
C LEU LB 53 -34.22 -58.03 -74.69
N ARG LB 54 -34.81 -57.61 -73.57
CA ARG LB 54 -36.26 -57.73 -73.47
C ARG LB 54 -36.96 -56.46 -73.95
N ASP LB 55 -36.24 -55.58 -74.63
CA ASP LB 55 -36.83 -54.37 -75.21
C ASP LB 55 -36.91 -54.41 -76.72
N SER LB 56 -35.94 -55.02 -77.38
CA SER LB 56 -35.93 -55.14 -78.83
C SER LB 56 -36.04 -56.58 -79.30
N HIS LB 57 -35.41 -57.51 -78.59
CA HIS LB 57 -35.50 -58.92 -78.94
C HIS LB 57 -36.59 -59.64 -78.18
N GLY LB 58 -36.94 -59.16 -76.98
CA GLY LB 58 -38.05 -59.72 -76.23
C GLY LB 58 -37.80 -61.08 -75.63
N VAL LB 59 -36.60 -61.33 -75.11
CA VAL LB 59 -36.31 -62.56 -74.38
C VAL LB 59 -36.56 -62.31 -72.90
N ALA LB 60 -37.30 -63.21 -72.27
CA ALA LB 60 -37.71 -63.03 -70.88
C ALA LB 60 -36.51 -63.02 -69.94
N GLN LB 61 -35.85 -64.16 -69.81
CA GLN LB 61 -34.64 -64.30 -69.02
C GLN LB 61 -33.73 -65.29 -69.71
N VAL LB 62 -32.47 -64.93 -69.88
CA VAL LB 62 -31.53 -65.83 -70.51
C VAL LB 62 -31.16 -66.98 -69.58
N ARG LB 63 -31.43 -66.83 -68.28
CA ARG LB 63 -31.29 -67.96 -67.36
C ARG LB 63 -32.33 -69.04 -67.66
N PHE LB 64 -33.44 -68.66 -68.29
CA PHE LB 64 -34.46 -69.64 -68.66
C PHE LB 64 -34.17 -70.23 -70.03
N VAL LB 65 -33.97 -69.38 -71.03
CA VAL LB 65 -33.82 -69.87 -72.41
C VAL LB 65 -32.47 -70.55 -72.59
N THR LB 66 -31.41 -69.95 -72.08
CA THR LB 66 -30.14 -70.64 -72.00
C THR LB 66 -30.04 -71.32 -70.65
N GLY LB 67 -28.87 -71.88 -70.33
CA GLY LB 67 -28.73 -72.62 -69.10
C GLY LB 67 -28.19 -71.81 -67.95
N ASN LB 68 -27.39 -70.80 -68.24
CA ASN LB 68 -26.76 -70.03 -67.18
C ASN LB 68 -26.89 -68.53 -67.43
N LYS LB 69 -26.31 -67.72 -66.55
CA LYS LB 69 -26.49 -66.28 -66.54
C LYS LB 69 -25.43 -65.59 -67.38
N ILE LB 70 -25.62 -64.28 -67.58
CA ILE LB 70 -24.82 -63.48 -68.50
C ILE LB 70 -23.36 -63.42 -68.08
N LEU LB 71 -23.11 -63.05 -66.82
CA LEU LB 71 -21.75 -63.00 -66.31
C LEU LB 71 -21.11 -64.38 -66.33
N ARG LB 72 -21.86 -65.40 -65.93
CA ARG LB 72 -21.40 -66.78 -66.05
C ARG LB 72 -21.14 -67.18 -67.50
N ILE LB 73 -21.86 -66.57 -68.45
CA ILE LB 73 -21.59 -66.80 -69.86
C ILE LB 73 -20.43 -65.95 -70.34
N LEU LB 74 -20.37 -64.67 -69.93
CA LEU LB 74 -19.32 -63.77 -70.38
C LEU LB 74 -17.95 -64.19 -69.86
N LYS LB 75 -17.89 -64.78 -68.67
CA LYS LB 75 -16.64 -65.35 -68.18
C LYS LB 75 -16.21 -66.57 -68.97
N SER LB 76 -17.13 -67.25 -69.65
CA SER LB 76 -16.82 -68.47 -70.36
C SER LB 76 -16.15 -68.22 -71.70
N LYS LB 77 -16.27 -67.02 -72.25
CA LYS LB 77 -15.58 -66.67 -73.48
C LYS LB 77 -14.40 -65.73 -73.24
N GLY LB 78 -14.37 -65.04 -72.11
CA GLY LB 78 -13.27 -64.13 -71.80
C GLY LB 78 -13.56 -62.67 -72.03
N LEU LB 79 -14.83 -62.31 -72.23
CA LEU LB 79 -15.19 -60.91 -72.45
C LEU LB 79 -15.53 -60.19 -71.15
N ALA LB 80 -15.40 -60.86 -70.02
CA ALA LB 80 -15.74 -60.23 -68.74
C ALA LB 80 -14.68 -59.19 -68.39
N PRO LB 81 -15.07 -58.04 -67.86
CA PRO LB 81 -14.08 -57.06 -67.41
C PRO LB 81 -13.25 -57.59 -66.25
N ASP LB 82 -12.12 -56.91 -66.01
CA ASP LB 82 -11.15 -57.42 -65.05
C ASP LB 82 -11.56 -57.10 -63.62
N LEU LB 83 -12.61 -56.31 -63.46
CA LEU LB 83 -13.18 -55.92 -62.19
C LEU LB 83 -14.70 -56.05 -62.25
N PRO LB 84 -15.35 -56.33 -61.11
CA PRO LB 84 -16.82 -56.46 -61.10
C PRO LB 84 -17.53 -55.19 -61.54
N GLU LB 85 -18.67 -55.36 -62.22
CA GLU LB 85 -19.38 -54.23 -62.80
C GLU LB 85 -19.99 -53.35 -61.73
N ASP LB 86 -20.39 -53.95 -60.60
CA ASP LB 86 -20.93 -53.16 -59.51
C ASP LB 86 -19.84 -52.33 -58.86
N LEU LB 87 -18.65 -52.90 -58.69
CA LEU LB 87 -17.52 -52.17 -58.14
C LEU LB 87 -17.05 -51.07 -59.08
N TYR LB 88 -17.34 -51.21 -60.37
CA TYR LB 88 -16.95 -50.18 -61.33
C TYR LB 88 -17.77 -48.90 -61.12
N HIS LB 89 -19.10 -49.03 -61.05
CA HIS LB 89 -19.94 -47.85 -60.90
C HIS LB 89 -19.77 -47.20 -59.55
N LEU LB 90 -19.56 -47.99 -58.49
CA LEU LB 90 -19.39 -47.41 -57.16
C LEU LB 90 -18.07 -46.67 -57.02
N ILE LB 91 -17.12 -46.96 -57.91
CA ILE LB 91 -15.92 -46.12 -57.99
C ILE LB 91 -16.20 -44.91 -58.86
N LYS LB 92 -16.85 -45.12 -60.00
CA LYS LB 92 -17.16 -44.05 -60.94
C LYS LB 92 -18.08 -43.02 -60.32
N LYS LB 93 -19.04 -43.48 -59.52
CA LYS LB 93 -19.88 -42.57 -58.74
C LYS LB 93 -19.08 -41.87 -57.64
N ALA LB 94 -17.95 -42.44 -57.21
CA ALA LB 94 -17.21 -41.86 -56.10
C ALA LB 94 -16.20 -40.82 -56.58
N VAL LB 95 -15.44 -41.15 -57.60
CA VAL LB 95 -14.36 -40.27 -58.06
C VAL LB 95 -14.93 -38.97 -58.63
N ALA LB 96 -16.06 -39.04 -59.34
CA ALA LB 96 -16.68 -37.84 -59.87
C ALA LB 96 -17.16 -36.91 -58.75
N VAL LB 97 -17.48 -37.46 -57.59
CA VAL LB 97 -17.78 -36.63 -56.44
C VAL LB 97 -16.52 -35.98 -55.89
N ARG LB 98 -15.40 -36.69 -55.91
CA ARG LB 98 -14.15 -36.09 -55.45
C ARG LB 98 -13.71 -34.98 -56.41
N LYS LB 99 -14.04 -35.12 -57.69
CA LYS LB 99 -13.84 -34.03 -58.63
C LYS LB 99 -14.82 -32.89 -58.35
N HIS LB 100 -16.01 -33.22 -57.86
CA HIS LB 100 -16.92 -32.17 -57.39
C HIS LB 100 -16.42 -31.56 -56.09
N LEU LB 101 -15.82 -32.36 -55.20
CA LEU LB 101 -15.41 -31.86 -53.90
C LEU LB 101 -14.16 -30.97 -53.94
N GLU LB 102 -13.36 -31.02 -55.01
CA GLU LB 102 -12.13 -30.24 -54.99
C GLU LB 102 -12.42 -28.74 -55.08
N ARG LB 103 -13.36 -28.36 -55.94
CA ARG LB 103 -13.66 -26.94 -56.09
C ARG LB 103 -14.67 -26.46 -55.05
N ASN LB 104 -15.66 -27.29 -54.77
CA ASN LB 104 -16.75 -26.98 -53.84
C ASN LB 104 -16.46 -27.67 -52.51
N ARG LB 105 -15.67 -27.03 -51.65
CA ARG LB 105 -15.22 -27.68 -50.43
C ARG LB 105 -16.09 -27.34 -49.23
N LYS LB 106 -16.81 -26.23 -49.26
CA LYS LB 106 -17.76 -25.93 -48.19
C LYS LB 106 -18.93 -26.89 -48.16
N ASP LB 107 -19.10 -27.70 -49.21
CA ASP LB 107 -20.22 -28.62 -49.36
C ASP LB 107 -20.00 -29.80 -48.41
N LYS LB 108 -20.42 -29.61 -47.16
CA LYS LB 108 -20.40 -30.69 -46.18
C LYS LB 108 -21.33 -31.83 -46.56
N ASP LB 109 -22.40 -31.52 -47.31
CA ASP LB 109 -23.29 -32.56 -47.78
C ASP LB 109 -22.59 -33.52 -48.73
N ALA LB 110 -21.97 -33.00 -49.78
CA ALA LB 110 -21.34 -33.85 -50.78
C ALA LB 110 -20.16 -34.62 -50.21
N LYS LB 111 -19.47 -34.03 -49.24
CA LYS LB 111 -18.40 -34.76 -48.55
C LYS LB 111 -18.98 -35.90 -47.74
N PHE LB 112 -20.11 -35.67 -47.08
CA PHE LB 112 -20.78 -36.74 -46.32
C PHE LB 112 -21.24 -37.85 -47.24
N ARG LB 113 -21.66 -37.50 -48.46
CA ARG LB 113 -22.06 -38.51 -49.43
C ARG LB 113 -20.89 -39.40 -49.82
N LEU LB 114 -19.69 -38.84 -49.81
CA LEU LB 114 -18.51 -39.63 -50.13
C LEU LB 114 -18.22 -40.62 -49.01
N ILE LB 115 -18.47 -40.22 -47.76
CA ILE LB 115 -18.23 -41.10 -46.62
C ILE LB 115 -19.15 -42.31 -46.66
N LEU LB 116 -20.39 -42.11 -47.14
CA LEU LB 116 -21.30 -43.24 -47.29
C LEU LB 116 -20.83 -44.17 -48.40
N ILE LB 117 -20.26 -43.62 -49.47
CA ILE LB 117 -19.87 -44.44 -50.60
C ILE LB 117 -18.61 -45.24 -50.28
N GLU LB 118 -17.63 -44.61 -49.62
CA GLU LB 118 -16.40 -45.33 -49.31
C GLU LB 118 -16.64 -46.46 -48.32
N SER LB 119 -17.64 -46.30 -47.44
CA SER LB 119 -18.03 -47.41 -46.60
C SER LB 119 -18.62 -48.55 -47.42
N ARG LB 120 -19.28 -48.22 -48.53
CA ARG LB 120 -19.77 -49.24 -49.43
C ARG LB 120 -18.69 -49.74 -50.38
N ILE LB 121 -17.59 -49.00 -50.55
CA ILE LB 121 -16.55 -49.46 -51.45
C ILE LB 121 -15.65 -50.48 -50.77
N HIS LB 122 -15.55 -50.41 -49.44
CA HIS LB 122 -14.90 -51.48 -48.68
C HIS LB 122 -15.86 -52.59 -48.37
N ARG LB 123 -17.17 -52.32 -48.46
CA ARG LB 123 -18.19 -53.33 -48.19
C ARG LB 123 -18.26 -54.38 -49.28
N LEU LB 124 -18.07 -53.98 -50.54
CA LEU LB 124 -18.13 -54.93 -51.63
C LEU LB 124 -16.85 -55.73 -51.78
N ALA LB 125 -15.71 -55.11 -51.49
CA ALA LB 125 -14.43 -55.77 -51.70
C ALA LB 125 -14.25 -56.95 -50.73
N ARG LB 126 -14.56 -56.74 -49.45
CA ARG LB 126 -14.38 -57.82 -48.50
C ARG LB 126 -15.46 -58.88 -48.59
N TYR LB 127 -16.45 -58.70 -49.48
CA TYR LB 127 -17.22 -59.84 -49.97
C TYR LB 127 -16.54 -60.46 -51.18
N TYR LB 128 -16.12 -59.64 -52.14
CA TYR LB 128 -15.47 -60.10 -53.36
C TYR LB 128 -14.14 -60.78 -53.11
N LYS LB 129 -13.60 -60.73 -51.89
CA LYS LB 129 -12.43 -61.53 -51.58
C LYS LB 129 -12.81 -62.89 -51.01
N THR LB 130 -14.01 -63.01 -50.44
CA THR LB 130 -14.50 -64.33 -50.05
C THR LB 130 -14.93 -65.13 -51.27
N LYS LB 131 -15.39 -64.46 -52.33
CA LYS LB 131 -15.62 -65.14 -53.58
C LYS LB 131 -14.40 -65.09 -54.49
N ARG LB 132 -13.34 -64.39 -54.06
CA ARG LB 132 -12.01 -64.47 -54.66
C ARG LB 132 -11.98 -64.01 -56.11
N VAL LB 133 -12.86 -63.06 -56.46
CA VAL LB 133 -12.81 -62.48 -57.81
C VAL LB 133 -11.76 -61.36 -57.90
N LEU LB 134 -11.33 -60.81 -56.76
CA LEU LB 134 -10.26 -59.84 -56.71
C LEU LB 134 -9.00 -60.49 -56.17
N PRO LB 135 -7.83 -59.96 -56.51
CA PRO LB 135 -6.61 -60.36 -55.83
C PRO LB 135 -6.67 -59.98 -54.37
N PRO LB 136 -6.02 -60.77 -53.48
CA PRO LB 136 -6.13 -60.51 -52.04
C PRO LB 136 -5.49 -59.20 -51.64
N ASN LB 137 -4.50 -58.76 -52.41
CA ASN LB 137 -3.84 -57.49 -52.17
C ASN LB 137 -4.53 -56.33 -52.87
N TRP LB 138 -5.67 -56.56 -53.51
CA TRP LB 138 -6.41 -55.44 -54.10
C TRP LB 138 -6.98 -54.58 -52.98
N LYS LB 139 -6.60 -53.32 -52.97
CA LYS LB 139 -7.07 -52.39 -51.97
C LYS LB 139 -7.46 -51.11 -52.69
N TYR LB 140 -8.53 -50.47 -52.24
CA TYR LB 140 -8.98 -49.25 -52.92
C TYR LB 140 -8.00 -48.11 -52.70
N GLU LB 141 -7.18 -47.84 -53.71
CA GLU LB 141 -6.25 -46.72 -53.68
C GLU LB 141 -6.98 -45.52 -54.27
N SER LB 142 -7.37 -44.59 -53.39
CA SER LB 142 -8.24 -43.50 -53.78
C SER LB 142 -7.60 -42.58 -54.82
N SER LB 143 -6.37 -42.15 -54.57
CA SER LB 143 -5.76 -41.15 -55.43
C SER LB 143 -5.34 -41.74 -56.77
N THR LB 144 -5.22 -43.06 -56.85
CA THR LB 144 -4.88 -43.71 -58.11
C THR LB 144 -6.09 -44.12 -58.92
N ALA LB 145 -7.24 -44.30 -58.27
CA ALA LB 145 -8.40 -44.91 -58.94
C ALA LB 145 -9.07 -44.02 -59.96
N SER LB 146 -8.51 -42.84 -60.29
CA SER LB 146 -9.11 -42.02 -61.33
C SER LB 146 -8.88 -42.58 -62.73
N ALA LB 147 -7.97 -43.54 -62.89
CA ALA LB 147 -7.76 -44.16 -64.19
C ALA LB 147 -8.97 -44.99 -64.61
N LEU LB 148 -9.62 -45.64 -63.66
CA LEU LB 148 -10.81 -46.43 -63.94
C LEU LB 148 -11.97 -45.48 -64.16
N VAL LB 149 -12.46 -45.42 -65.40
CA VAL LB 149 -13.54 -44.52 -65.78
C VAL LB 149 -14.83 -44.86 -65.04
N SER MB 1 -54.31 33.78 -53.27
CA SER MB 1 -55.22 32.71 -52.90
C SER MB 1 -56.32 32.54 -53.92
N LEU MB 2 -55.94 32.58 -55.20
CA LEU MB 2 -56.91 32.53 -56.30
C LEU MB 2 -56.65 31.28 -57.14
N GLY MB 3 -57.69 30.51 -57.38
CA GLY MB 3 -57.65 29.43 -58.33
C GLY MB 3 -58.26 29.85 -59.65
N PRO MB 4 -57.60 29.53 -60.76
CA PRO MB 4 -58.13 29.92 -62.07
C PRO MB 4 -59.40 29.17 -62.47
N GLN MB 5 -59.71 28.05 -61.83
CA GLN MB 5 -60.90 27.29 -62.18
C GLN MB 5 -62.12 27.86 -61.47
N VAL MB 6 -63.24 27.93 -62.19
CA VAL MB 6 -64.50 28.38 -61.60
C VAL MB 6 -65.01 27.34 -60.62
N ALA MB 7 -65.66 27.81 -59.55
CA ALA MB 7 -66.07 26.94 -58.45
C ALA MB 7 -67.16 25.96 -58.85
N GLU MB 8 -68.22 26.43 -59.52
CA GLU MB 8 -69.29 25.54 -59.93
C GLU MB 8 -68.95 24.72 -61.17
N GLY MB 9 -67.84 25.02 -61.83
CA GLY MB 9 -67.40 24.25 -62.98
C GLY MB 9 -66.99 22.84 -62.64
N GLU MB 10 -66.05 22.69 -61.69
CA GLU MB 10 -65.62 21.39 -61.22
C GLU MB 10 -65.01 21.57 -59.84
N ASN MB 11 -64.42 20.51 -59.31
CA ASN MB 11 -63.81 20.57 -57.99
C ASN MB 11 -62.31 20.33 -58.05
N VAL MB 12 -61.56 21.23 -57.44
CA VAL MB 12 -60.10 21.19 -57.48
C VAL MB 12 -59.58 20.11 -56.54
N PHE MB 13 -58.64 19.30 -57.01
CA PHE MB 13 -58.15 18.17 -56.24
C PHE MB 13 -56.97 18.55 -55.36
N GLY MB 14 -56.92 17.90 -54.20
CA GLY MB 14 -55.78 17.97 -53.32
C GLY MB 14 -55.46 16.58 -52.80
N VAL MB 15 -54.51 16.47 -51.87
CA VAL MB 15 -54.19 15.18 -51.28
C VAL MB 15 -53.63 15.36 -49.88
N CYS MB 16 -54.18 14.61 -48.92
CA CYS MB 16 -53.71 14.64 -47.54
C CYS MB 16 -53.20 13.26 -47.16
N HIS MB 17 -51.91 13.18 -46.86
CA HIS MB 17 -51.32 11.94 -46.38
C HIS MB 17 -51.68 11.78 -44.92
N ILE MB 18 -52.72 11.00 -44.64
CA ILE MB 18 -53.14 10.72 -43.27
C ILE MB 18 -52.17 9.69 -42.70
N PHE MB 19 -51.29 10.14 -41.80
CA PHE MB 19 -50.36 9.24 -41.13
C PHE MB 19 -50.68 9.27 -39.65
N ALA MB 20 -51.05 8.11 -39.10
CA ALA MB 20 -51.44 8.00 -37.70
C ALA MB 20 -50.59 6.91 -37.04
N SER MB 21 -49.80 7.33 -36.06
CA SER MB 21 -49.10 6.39 -35.19
C SER MB 21 -49.99 6.07 -34.00
N PHE MB 22 -49.42 5.44 -32.98
CA PHE MB 22 -50.17 5.21 -31.74
C PHE MB 22 -49.75 6.18 -30.64
N ASN MB 23 -49.08 7.27 -31.01
CA ASN MB 23 -48.86 8.38 -30.10
C ASN MB 23 -49.09 9.75 -30.74
N ASP MB 24 -49.19 9.85 -32.06
CA ASP MB 24 -49.57 11.09 -32.72
C ASP MB 24 -50.09 10.77 -34.12
N THR MB 25 -50.86 11.70 -34.67
CA THR MB 25 -51.42 11.59 -35.99
C THR MB 25 -51.07 12.85 -36.80
N PHE MB 26 -50.68 12.63 -38.05
CA PHE MB 26 -50.26 13.72 -38.94
C PHE MB 26 -51.29 13.88 -40.05
N VAL MB 27 -51.73 15.12 -40.26
CA VAL MB 27 -52.67 15.46 -41.33
C VAL MB 27 -51.92 16.41 -42.26
N HIS MB 28 -51.40 15.87 -43.36
CA HIS MB 28 -50.45 16.58 -44.21
C HIS MB 28 -51.06 16.77 -45.59
N VAL MB 29 -51.72 17.90 -45.80
CA VAL MB 29 -52.28 18.24 -47.11
C VAL MB 29 -51.14 18.74 -47.99
N THR MB 30 -50.84 18.02 -49.06
CA THR MB 30 -49.84 18.41 -50.04
C THR MB 30 -50.51 18.62 -51.40
N ASP MB 31 -49.71 18.94 -52.40
CA ASP MB 31 -50.21 18.97 -53.76
C ASP MB 31 -50.10 17.57 -54.37
N LEU MB 32 -50.67 17.41 -55.57
CA LEU MB 32 -50.76 16.10 -56.22
C LEU MB 32 -49.38 15.49 -56.50
N SER MB 33 -48.39 16.32 -56.81
CA SER MB 33 -47.02 15.85 -56.97
C SER MB 33 -46.37 15.50 -55.63
N GLY MB 34 -46.89 16.06 -54.54
CA GLY MB 34 -46.30 15.86 -53.23
C GLY MB 34 -45.08 16.70 -52.94
N LYS MB 35 -44.62 17.50 -53.91
CA LYS MB 35 -43.42 18.29 -53.73
C LYS MB 35 -43.68 19.67 -53.16
N GLU MB 36 -44.89 20.19 -53.32
CA GLU MB 36 -45.25 21.52 -52.83
C GLU MB 36 -46.34 21.36 -51.79
N THR MB 37 -45.96 21.20 -50.54
CA THR MB 37 -46.93 20.99 -49.48
C THR MB 37 -47.61 22.31 -49.15
N ILE MB 38 -48.85 22.22 -48.70
CA ILE MB 38 -49.64 23.39 -48.31
C ILE MB 38 -49.58 23.61 -46.81
N CYS MB 39 -50.13 22.67 -46.03
CA CYS MB 39 -50.01 22.75 -44.58
C CYS MB 39 -50.05 21.37 -43.97
N ARG MB 40 -49.46 21.27 -42.79
CA ARG MB 40 -49.24 19.98 -42.13
C ARG MB 40 -49.44 20.23 -40.62
N VAL MB 41 -50.61 19.86 -40.14
CA VAL MB 41 -50.94 19.98 -38.73
C VAL MB 41 -50.83 18.60 -38.10
N THR MB 42 -50.36 18.56 -36.86
CA THR MB 42 -50.15 17.32 -36.14
C THR MB 42 -51.27 17.08 -35.15
N GLY MB 43 -51.09 16.04 -34.35
CA GLY MB 43 -52.04 15.73 -33.30
C GLY MB 43 -51.63 16.21 -31.93
N GLY MB 44 -50.34 16.43 -31.70
CA GLY MB 44 -49.87 16.94 -30.45
C GLY MB 44 -49.76 18.45 -30.37
N MET MB 45 -50.03 19.15 -31.46
CA MET MB 45 -50.01 20.60 -31.47
C MET MB 45 -51.37 21.20 -31.17
N LYS MB 46 -52.36 20.37 -30.82
CA LYS MB 46 -53.68 20.83 -30.47
C LYS MB 46 -54.12 20.42 -29.07
N VAL MB 47 -53.29 19.67 -28.35
CA VAL MB 47 -53.56 19.26 -26.98
C VAL MB 47 -52.30 19.52 -26.16
N LYS MB 48 -52.48 20.15 -25.00
CA LYS MB 48 -51.33 20.54 -24.17
C LYS MB 48 -51.04 19.45 -23.14
N ALA MB 49 -50.87 18.23 -23.65
CA ALA MB 49 -50.55 17.03 -22.87
C ALA MB 49 -50.15 15.90 -23.79
N ASP MB 50 -49.11 15.13 -23.42
CA ASP MB 50 -48.69 14.00 -24.24
C ASP MB 50 -49.66 12.83 -24.19
N ARG MB 51 -50.67 12.87 -23.31
CA ARG MB 51 -51.63 11.78 -23.25
C ARG MB 51 -52.49 11.71 -24.50
N ASP MB 52 -53.32 12.72 -24.75
CA ASP MB 52 -54.30 12.62 -25.82
C ASP MB 52 -53.76 13.16 -27.13
N GLU MB 53 -52.59 12.72 -27.56
CA GLU MB 53 -52.08 13.19 -28.85
C GLU MB 53 -52.43 12.24 -29.99
N SER MB 54 -52.61 10.96 -29.69
CA SER MB 54 -53.14 10.00 -30.64
C SER MB 54 -54.65 9.85 -30.54
N SER MB 55 -55.28 10.55 -29.60
CA SER MB 55 -56.70 10.48 -29.28
C SER MB 55 -57.57 10.83 -30.49
N PRO MB 56 -58.80 10.33 -30.54
CA PRO MB 56 -59.73 10.79 -31.59
C PRO MB 56 -60.09 12.25 -31.47
N TYR MB 57 -60.09 12.82 -30.27
CA TYR MB 57 -60.52 14.20 -30.12
C TYR MB 57 -59.47 15.18 -30.66
N ALA MB 58 -58.20 14.88 -30.44
CA ALA MB 58 -57.17 15.77 -30.95
C ALA MB 58 -57.07 15.77 -32.46
N ALA MB 59 -57.60 14.74 -33.12
CA ALA MB 59 -57.58 14.68 -34.57
C ALA MB 59 -58.90 15.06 -35.22
N MET MB 60 -59.97 15.26 -34.44
CA MET MB 60 -61.23 15.68 -35.02
C MET MB 60 -61.35 17.20 -35.12
N LEU MB 61 -60.46 17.94 -34.48
CA LEU MB 61 -60.32 19.36 -34.76
C LEU MB 61 -59.12 19.65 -35.63
N ALA MB 62 -58.14 18.74 -35.68
CA ALA MB 62 -57.00 18.88 -36.56
C ALA MB 62 -57.38 18.78 -38.03
N ALA MB 63 -58.55 18.22 -38.32
CA ALA MB 63 -59.17 18.35 -39.63
C ALA MB 63 -60.07 19.56 -39.73
N GLN MB 64 -60.63 20.04 -38.61
CA GLN MB 64 -61.38 21.28 -38.62
C GLN MB 64 -60.48 22.49 -38.80
N ASP MB 65 -59.17 22.34 -38.59
CA ASP MB 65 -58.23 23.41 -38.89
C ASP MB 65 -57.72 23.35 -40.31
N VAL MB 66 -57.23 22.17 -40.72
CA VAL MB 66 -56.57 22.07 -42.02
C VAL MB 66 -57.57 22.15 -43.17
N ALA MB 67 -58.85 21.93 -42.91
CA ALA MB 67 -59.83 22.18 -43.96
C ALA MB 67 -60.12 23.67 -44.08
N GLN MB 68 -60.24 24.36 -42.94
CA GLN MB 68 -60.36 25.81 -42.93
C GLN MB 68 -59.12 26.46 -43.55
N ARG MB 69 -57.95 25.86 -43.33
CA ARG MB 69 -56.70 26.34 -43.91
C ARG MB 69 -56.64 26.16 -45.42
N CYS MB 70 -57.51 25.34 -45.99
CA CYS MB 70 -57.48 25.09 -47.42
C CYS MB 70 -58.78 25.43 -48.13
N LYS MB 71 -59.75 26.02 -47.43
CA LYS MB 71 -60.96 26.44 -48.12
C LYS MB 71 -60.74 27.70 -48.94
N GLU MB 72 -59.85 28.58 -48.49
CA GLU MB 72 -59.63 29.86 -49.14
C GLU MB 72 -58.76 29.74 -50.39
N LEU MB 73 -58.05 28.63 -50.57
CA LEU MB 73 -57.19 28.47 -51.73
C LEU MB 73 -57.99 28.03 -52.96
N GLY MB 74 -59.19 27.52 -52.76
CA GLY MB 74 -60.02 27.09 -53.87
C GLY MB 74 -60.19 25.59 -53.86
N ILE MB 75 -59.60 24.93 -52.89
CA ILE MB 75 -59.57 23.48 -52.81
C ILE MB 75 -60.77 23.00 -52.00
N THR MB 76 -61.49 22.02 -52.53
CA THR MB 76 -62.60 21.41 -51.82
C THR MB 76 -62.58 19.89 -51.86
N ALA MB 77 -61.90 19.29 -52.83
CA ALA MB 77 -61.81 17.84 -52.94
C ALA MB 77 -60.38 17.39 -52.73
N LEU MB 78 -60.23 16.28 -52.01
CA LEU MB 78 -58.91 15.73 -51.69
C LEU MB 78 -58.87 14.24 -51.99
N HIS MB 79 -57.66 13.73 -52.12
CA HIS MB 79 -57.41 12.31 -51.97
C HIS MB 79 -56.95 12.07 -50.53
N ILE MB 80 -57.20 10.88 -50.03
CA ILE MB 80 -56.70 10.48 -48.72
C ILE MB 80 -55.92 9.18 -48.89
N LYS MB 81 -54.68 9.20 -48.41
CA LYS MB 81 -53.76 8.07 -48.58
C LYS MB 81 -53.31 7.66 -47.18
N LEU MB 82 -53.97 6.65 -46.63
CA LEU MB 82 -53.64 6.16 -45.30
C LEU MB 82 -52.24 5.58 -45.25
N ARG MB 83 -51.57 5.77 -44.12
CA ARG MB 83 -50.24 5.21 -43.91
C ARG MB 83 -50.03 5.10 -42.42
N ALA MB 84 -49.81 3.89 -41.94
CA ALA MB 84 -49.52 3.68 -40.53
C ALA MB 84 -48.03 3.85 -40.30
N THR MB 85 -47.56 3.42 -39.13
CA THR MB 85 -46.14 3.52 -38.83
C THR MB 85 -45.31 2.63 -39.76
N GLY MB 86 -45.67 1.36 -39.85
CA GLY MB 86 -45.10 0.51 -40.88
C GLY MB 86 -43.64 0.15 -40.67
N GLY MB 87 -43.01 -0.19 -41.78
CA GLY MB 87 -41.67 -0.72 -41.77
C GLY MB 87 -41.64 -2.08 -41.11
N ASN MB 88 -40.71 -2.23 -40.16
CA ASN MB 88 -40.73 -3.40 -39.30
C ASN MB 88 -41.81 -3.31 -38.22
N ARG MB 89 -42.30 -2.12 -37.92
CA ARG MB 89 -43.26 -1.95 -36.85
C ARG MB 89 -44.68 -2.15 -37.38
N THR MB 90 -45.66 -1.80 -36.55
CA THR MB 90 -47.07 -2.13 -36.77
C THR MB 90 -47.64 -1.53 -38.04
N LYS MB 91 -48.75 -2.09 -38.53
CA LYS MB 91 -49.34 -1.67 -39.79
C LYS MB 91 -50.77 -1.20 -39.68
N THR MB 92 -51.42 -1.39 -38.54
CA THR MB 92 -52.76 -0.85 -38.36
C THR MB 92 -52.68 0.66 -38.15
N PRO MB 93 -53.54 1.44 -38.80
CA PRO MB 93 -53.53 2.89 -38.58
C PRO MB 93 -53.98 3.23 -37.16
N GLY MB 94 -53.57 4.42 -36.70
CA GLY MB 94 -53.91 4.90 -35.39
C GLY MB 94 -55.39 5.13 -35.22
N PRO MB 95 -55.85 5.26 -33.97
CA PRO MB 95 -57.29 5.36 -33.71
C PRO MB 95 -57.93 6.62 -34.24
N GLY MB 96 -57.22 7.74 -34.26
CA GLY MB 96 -57.80 8.98 -34.71
C GLY MB 96 -57.96 9.11 -36.20
N ALA MB 97 -57.35 8.23 -37.00
CA ALA MB 97 -57.46 8.32 -38.44
C ALA MB 97 -58.86 8.00 -38.92
N GLN MB 98 -59.60 7.20 -38.16
CA GLN MB 98 -61.03 7.05 -38.41
C GLN MB 98 -61.76 8.37 -38.21
N SER MB 99 -61.53 9.02 -37.07
CA SER MB 99 -62.14 10.30 -36.76
C SER MB 99 -61.51 11.46 -37.51
N ALA MB 100 -60.38 11.24 -38.17
CA ALA MB 100 -59.73 12.33 -38.89
C ALA MB 100 -60.52 12.70 -40.13
N LEU MB 101 -60.71 11.74 -41.04
CA LEU MB 101 -61.43 12.06 -42.26
C LEU MB 101 -62.93 12.19 -42.04
N ARG MB 102 -63.47 11.59 -40.99
CA ARG MB 102 -64.87 11.81 -40.64
C ARG MB 102 -65.10 13.24 -40.16
N ALA MB 103 -64.08 13.86 -39.58
CA ALA MB 103 -64.20 15.26 -39.17
C ALA MB 103 -64.27 16.18 -40.37
N LEU MB 104 -63.42 15.96 -41.37
CA LEU MB 104 -63.34 16.90 -42.48
C LEU MB 104 -64.43 16.65 -43.51
N ALA MB 105 -64.90 15.40 -43.63
CA ALA MB 105 -66.04 15.13 -44.49
C ALA MB 105 -67.31 15.78 -43.95
N ARG MB 106 -67.39 15.99 -42.64
CA ARG MB 106 -68.45 16.80 -42.06
C ARG MB 106 -68.09 18.27 -41.99
N SER MB 107 -66.80 18.61 -42.03
CA SER MB 107 -66.39 20.01 -42.01
C SER MB 107 -66.52 20.67 -43.37
N GLY MB 108 -66.77 19.91 -44.42
CA GLY MB 108 -67.07 20.47 -45.72
C GLY MB 108 -66.07 20.17 -46.82
N MET MB 109 -65.26 19.14 -46.68
CA MET MB 109 -64.28 18.78 -47.70
C MET MB 109 -64.81 17.60 -48.51
N LYS MB 110 -64.88 17.77 -49.82
CA LYS MB 110 -65.31 16.68 -50.69
C LYS MB 110 -64.22 15.61 -50.77
N ILE MB 111 -64.66 14.39 -51.07
CA ILE MB 111 -63.81 13.21 -50.96
C ILE MB 111 -63.64 12.59 -52.34
N GLY MB 112 -62.40 12.28 -52.69
CA GLY MB 112 -62.09 11.63 -53.94
C GLY MB 112 -61.67 10.18 -53.73
N ARG MB 113 -60.37 9.91 -53.82
CA ARG MB 113 -59.85 8.56 -53.69
C ARG MB 113 -59.48 8.27 -52.24
N ILE MB 114 -59.67 7.02 -51.84
CA ILE MB 114 -59.23 6.52 -50.55
C ILE MB 114 -58.32 5.34 -50.81
N GLU MB 115 -57.09 5.38 -50.28
CA GLU MB 115 -56.13 4.33 -50.54
C GLU MB 115 -55.18 4.19 -49.37
N ASP MB 116 -54.39 3.12 -49.39
CA ASP MB 116 -53.42 2.83 -48.36
C ASP MB 116 -52.02 3.00 -48.94
N VAL MB 117 -51.16 3.71 -48.22
CA VAL MB 117 -49.77 3.89 -48.64
C VAL MB 117 -48.83 3.56 -47.48
N THR MB 118 -49.27 2.61 -46.64
CA THR MB 118 -48.43 2.07 -45.55
C THR MB 118 -47.08 1.61 -46.08
N PRO MB 119 -46.01 1.79 -45.31
CA PRO MB 119 -44.70 1.24 -45.73
C PRO MB 119 -44.56 -0.22 -45.36
N ILE MB 120 -45.35 -1.05 -46.03
CA ILE MB 120 -45.25 -2.49 -45.89
C ILE MB 120 -43.98 -2.92 -46.60
N PRO MB 121 -43.10 -3.66 -45.92
CA PRO MB 121 -41.82 -4.03 -46.54
C PRO MB 121 -41.94 -5.30 -47.33
N SER MB 122 -40.98 -5.55 -48.22
CA SER MB 122 -40.74 -6.93 -48.60
C SER MB 122 -40.16 -7.69 -47.42
N ASP MB 123 -39.00 -7.27 -46.92
CA ASP MB 123 -38.42 -7.86 -45.71
C ASP MB 123 -37.54 -6.87 -44.97
N SER MB 124 -38.00 -6.39 -43.81
CA SER MB 124 -37.21 -5.47 -43.02
C SER MB 124 -36.07 -6.18 -42.29
N THR MB 125 -35.36 -5.41 -41.47
CA THR MB 125 -34.32 -5.95 -40.61
C THR MB 125 -34.93 -6.51 -39.33
N ARG MB 126 -34.08 -6.79 -38.35
CA ARG MB 126 -34.54 -7.25 -37.05
C ARG MB 126 -35.29 -6.13 -36.35
N ARG MB 127 -36.59 -6.35 -36.10
CA ARG MB 127 -37.41 -5.35 -35.43
C ARG MB 127 -36.88 -5.07 -34.03
N LYS MB 128 -36.95 -3.80 -33.65
CA LYS MB 128 -36.58 -3.34 -32.32
C LYS MB 128 -37.31 -4.12 -31.24
N GLY MB 129 -36.57 -4.60 -30.25
CA GLY MB 129 -37.14 -5.34 -29.15
C GLY MB 129 -36.32 -6.57 -28.85
N GLY MB 130 -36.33 -7.01 -27.60
CA GLY MB 130 -35.63 -8.22 -27.25
C GLY MB 130 -36.26 -9.46 -27.85
N ARG MB 131 -35.53 -10.56 -27.80
CA ARG MB 131 -36.08 -11.83 -28.25
C ARG MB 131 -37.28 -12.22 -27.40
N ARG MB 132 -37.23 -11.94 -26.11
CA ARG MB 132 -38.40 -12.07 -25.27
C ARG MB 132 -39.36 -10.90 -25.41
N GLY MB 133 -39.00 -9.87 -26.17
CA GLY MB 133 -39.92 -8.80 -26.47
C GLY MB 133 -40.18 -7.88 -25.30
N ARG MB 134 -41.21 -7.06 -25.48
CA ARG MB 134 -41.53 -5.95 -24.58
C ARG MB 134 -42.30 -6.49 -23.37
N ARG MB 135 -41.61 -7.33 -22.60
CA ARG MB 135 -42.21 -8.01 -21.46
C ARG MB 135 -42.49 -7.05 -20.31
N PHE NB 1 -58.42 34.22 63.98
CA PHE NB 1 -58.25 35.48 64.67
C PHE NB 1 -59.40 35.73 65.65
N ARG NB 2 -60.56 36.03 65.09
CA ARG NB 2 -61.75 36.30 65.88
C ARG NB 2 -62.43 35.00 66.29
N LYS NB 3 -63.54 35.14 67.02
CA LYS NB 3 -64.35 33.99 67.42
C LYS NB 3 -65.02 33.36 66.21
N PHE NB 4 -65.43 32.11 66.34
CA PHE NB 4 -66.10 31.39 65.27
C PHE NB 4 -67.61 31.54 65.38
N THR NB 5 -68.26 31.70 64.22
CA THR NB 5 -69.72 31.72 64.18
C THR NB 5 -70.21 30.91 63.00
N TYR NB 6 -71.38 30.28 63.18
CA TYR NB 6 -71.95 29.33 62.22
C TYR NB 6 -73.37 29.82 61.88
N ARG NB 7 -73.50 30.51 60.74
CA ARG NB 7 -74.74 31.15 60.30
C ARG NB 7 -75.28 32.14 61.33
N GLY NB 8 -74.42 32.67 62.19
CA GLY NB 8 -74.83 33.71 63.12
C GLY NB 8 -74.79 33.34 64.59
N VAL NB 9 -74.32 32.14 64.93
CA VAL NB 9 -74.30 31.71 66.33
C VAL NB 9 -72.89 31.23 66.69
N ASP NB 10 -72.41 31.65 67.85
CA ASP NB 10 -71.11 31.31 68.39
C ASP NB 10 -71.15 29.92 69.03
N LEU NB 11 -69.96 29.36 69.26
CA LEU NB 11 -69.83 28.00 69.81
C LEU NB 11 -70.45 27.89 71.20
N ASP NB 12 -70.43 28.97 71.98
CA ASP NB 12 -70.91 28.91 73.35
C ASP NB 12 -72.40 28.63 73.42
N GLN NB 13 -73.14 29.02 72.39
CA GLN NB 13 -74.56 28.72 72.33
C GLN NB 13 -74.83 27.35 71.70
N LEU NB 14 -73.88 26.84 70.91
CA LEU NB 14 -74.12 25.62 70.15
C LEU NB 14 -74.25 24.39 71.05
N LEU NB 15 -73.36 24.24 72.03
CA LEU NB 15 -73.34 23.01 72.82
C LEU NB 15 -74.57 22.90 73.71
N ASP NB 16 -75.03 24.02 74.25
CA ASP NB 16 -76.29 24.06 74.99
C ASP NB 16 -77.36 24.71 74.12
N MET NB 17 -77.95 23.89 73.25
CA MET NB 17 -79.03 24.35 72.39
C MET NB 17 -79.92 23.17 72.06
N SER NB 18 -81.23 23.38 72.11
CA SER NB 18 -82.19 22.34 71.77
C SER NB 18 -82.05 21.94 70.30
N TYR NB 19 -82.49 20.72 70.00
CA TYR NB 19 -82.20 20.11 68.72
C TYR NB 19 -83.35 20.20 67.73
N GLU NB 20 -84.51 20.70 68.15
CA GLU NB 20 -85.58 20.99 67.21
C GLU NB 20 -85.15 22.07 66.24
N GLN NB 21 -84.62 23.17 66.75
CA GLN NB 21 -84.17 24.27 65.91
C GLN NB 21 -82.80 24.01 65.30
N LEU NB 22 -82.12 22.94 65.71
CA LEU NB 22 -80.85 22.56 65.11
C LEU NB 22 -81.02 22.08 63.68
N MET NB 23 -82.23 21.67 63.31
CA MET NB 23 -82.51 21.24 61.94
C MET NB 23 -82.28 22.37 60.94
N GLN NB 24 -82.90 23.52 61.18
CA GLN NB 24 -82.95 24.58 60.18
C GLN NB 24 -81.69 25.42 60.15
N LEU NB 25 -80.72 25.14 61.01
CA LEU NB 25 -79.51 25.96 61.04
C LEU NB 25 -78.53 25.63 59.92
N TYR NB 26 -78.63 24.45 59.31
CA TYR NB 26 -77.70 24.10 58.24
C TYR NB 26 -78.43 23.31 57.14
N SER NB 27 -77.63 22.67 56.29
CA SER NB 27 -78.01 22.23 54.94
C SER NB 27 -79.22 21.33 54.84
N ALA NB 28 -79.79 21.25 53.63
CA ALA NB 28 -81.02 20.52 53.36
C ALA NB 28 -80.85 19.01 53.54
N ARG NB 29 -79.76 18.45 53.01
CA ARG NB 29 -79.50 17.03 53.20
C ARG NB 29 -79.26 16.72 54.67
N GLN NB 30 -78.63 17.62 55.41
CA GLN NB 30 -78.32 17.38 56.82
C GLN NB 30 -79.58 17.41 57.67
N ARG NB 31 -80.44 18.42 57.48
CA ARG NB 31 -81.71 18.48 58.18
C ARG NB 31 -82.68 17.39 57.77
N ARG NB 32 -82.44 16.72 56.64
CA ARG NB 32 -83.23 15.55 56.27
C ARG NB 32 -82.78 14.30 56.99
N ARG NB 33 -81.48 14.18 57.27
CA ARG NB 33 -80.98 13.03 58.01
C ARG NB 33 -81.42 13.05 59.47
N LEU NB 34 -81.33 14.21 60.11
CA LEU NB 34 -81.71 14.32 61.53
C LEU NB 34 -83.20 14.16 61.74
N SER NB 35 -84.01 14.60 60.78
CA SER NB 35 -85.45 14.40 60.88
C SER NB 35 -85.82 12.93 60.78
N ARG NB 36 -85.04 12.14 60.03
CA ARG NB 36 -85.28 10.70 59.96
C ARG NB 36 -84.78 9.97 61.19
N GLY NB 37 -83.86 10.56 61.94
CA GLY NB 37 -83.46 10.02 63.22
C GLY NB 37 -82.12 9.31 63.17
N LEU NB 38 -81.40 9.41 64.28
CA LEU NB 38 -80.12 8.72 64.47
C LEU NB 38 -80.42 7.32 64.98
N ARG NB 39 -79.36 6.53 65.15
CA ARG NB 39 -79.51 5.15 65.57
C ARG NB 39 -78.69 4.89 66.83
N ARG NB 40 -79.12 3.88 67.59
CA ARG NB 40 -78.44 3.51 68.83
C ARG NB 40 -77.07 2.91 68.57
N LYS NB 41 -76.81 2.46 67.35
CA LYS NB 41 -75.46 2.06 66.98
C LYS NB 41 -74.56 3.27 66.79
N GLN NB 42 -75.15 4.44 66.59
CA GLN NB 42 -74.40 5.70 66.55
C GLN NB 42 -74.64 6.55 67.79
N HIS NB 43 -75.81 6.43 68.43
CA HIS NB 43 -76.02 7.02 69.74
C HIS NB 43 -75.05 6.48 70.77
N SER NB 44 -74.61 5.23 70.64
CA SER NB 44 -73.63 4.65 71.54
C SER NB 44 -72.27 5.33 71.42
N LEU NB 45 -71.98 5.95 70.28
CA LEU NB 45 -70.75 6.70 70.16
C LEU NB 45 -70.83 8.00 70.94
N LEU NB 46 -72.01 8.63 70.97
CA LEU NB 46 -72.18 9.85 71.76
C LEU NB 46 -72.05 9.58 73.24
N LYS NB 47 -72.40 8.38 73.71
CA LYS NB 47 -72.07 8.01 75.08
C LYS NB 47 -70.58 7.73 75.24
N ARG NB 48 -69.91 7.32 74.17
CA ARG NB 48 -68.48 7.08 74.21
C ARG NB 48 -67.68 8.35 73.95
N LEU NB 49 -68.23 9.28 73.17
CA LEU NB 49 -67.58 10.59 73.02
C LEU NB 49 -67.58 11.34 74.34
N ARG NB 50 -68.68 11.26 75.09
CA ARG NB 50 -68.68 11.79 76.45
C ARG NB 50 -67.85 10.96 77.41
N LYS NB 51 -67.52 9.71 77.05
CA LYS NB 51 -66.64 8.93 77.90
C LYS NB 51 -65.19 9.37 77.78
N ALA NB 52 -64.84 10.08 76.71
CA ALA NB 52 -63.48 10.54 76.51
C ALA NB 52 -63.26 11.98 76.97
N LYS NB 53 -64.27 12.59 77.58
CA LYS NB 53 -64.21 14.00 77.95
C LYS NB 53 -64.12 14.20 79.46
N LYS NB 54 -64.78 13.34 80.24
CA LYS NB 54 -64.64 13.40 81.68
C LYS NB 54 -63.33 12.80 82.16
N GLU NB 55 -62.61 12.10 81.29
CA GLU NB 55 -61.24 11.67 81.54
C GLU NB 55 -60.24 12.57 80.83
N ALA NB 56 -60.72 13.48 79.99
CA ALA NB 56 -59.85 14.40 79.27
C ALA NB 56 -59.29 15.43 80.24
N PRO NB 57 -57.97 15.52 80.38
CA PRO NB 57 -57.37 16.59 81.18
C PRO NB 57 -57.60 17.94 80.52
N PRO NB 58 -57.65 19.02 81.29
CA PRO NB 58 -57.96 20.33 80.69
C PRO NB 58 -56.83 20.90 79.85
N MET NB 59 -55.67 20.26 79.85
CA MET NB 59 -54.50 20.71 79.11
C MET NB 59 -54.21 19.87 77.87
N GLU NB 60 -54.93 18.78 77.66
CA GLU NB 60 -54.56 17.78 76.67
C GLU NB 60 -55.74 17.51 75.75
N LYS NB 61 -55.41 17.14 74.51
CA LYS NB 61 -56.39 16.55 73.62
C LYS NB 61 -56.92 15.26 74.24
N PRO NB 62 -58.21 14.99 74.13
CA PRO NB 62 -58.80 13.81 74.79
C PRO NB 62 -58.36 12.51 74.15
N GLU NB 63 -58.82 11.42 74.75
CA GLU NB 63 -58.42 10.08 74.36
C GLU NB 63 -58.94 9.74 72.96
N VAL NB 64 -58.37 8.69 72.39
CA VAL NB 64 -58.68 8.27 71.04
C VAL NB 64 -59.96 7.45 71.04
N VAL NB 65 -60.79 7.67 70.02
CA VAL NB 65 -61.99 6.87 69.79
C VAL NB 65 -62.00 6.42 68.35
N LYS NB 66 -62.32 5.15 68.15
CA LYS NB 66 -62.32 4.55 66.83
C LYS NB 66 -63.75 4.35 66.34
N THR NB 67 -63.93 4.47 65.03
CA THR NB 67 -65.26 4.38 64.44
C THR NB 67 -65.22 4.08 62.95
N HIS NB 68 -66.29 3.47 62.43
CA HIS NB 68 -66.49 3.30 61.01
C HIS NB 68 -67.53 4.26 60.47
N LEU NB 69 -68.10 5.09 61.34
CA LEU NB 69 -69.26 5.91 61.01
C LEU NB 69 -68.81 7.12 60.19
N ARG NB 70 -68.56 6.86 58.91
CA ARG NB 70 -68.20 7.94 57.98
C ARG NB 70 -69.37 8.86 57.68
N ASP NB 71 -70.59 8.47 58.02
CA ASP NB 71 -71.79 9.26 57.78
C ASP NB 71 -72.28 9.92 59.07
N MET NB 72 -71.43 9.98 60.09
CA MET NB 72 -71.78 10.64 61.34
C MET NB 72 -71.81 12.14 61.11
N ILE NB 73 -72.90 12.77 61.53
CA ILE NB 73 -73.05 14.22 61.40
C ILE NB 73 -72.23 14.90 62.49
N ILE NB 74 -71.45 15.91 62.10
CA ILE NB 74 -70.56 16.59 63.03
C ILE NB 74 -71.39 17.55 63.87
N LEU NB 75 -71.52 17.23 65.16
CA LEU NB 75 -72.18 18.08 66.13
C LEU NB 75 -71.16 18.88 66.92
N PRO NB 76 -71.54 20.05 67.45
CA PRO NB 76 -70.60 20.82 68.27
C PRO NB 76 -70.26 20.19 69.60
N GLU NB 77 -71.01 19.20 70.05
CA GLU NB 77 -70.64 18.47 71.27
C GLU NB 77 -69.46 17.55 71.02
N MET NB 78 -69.43 16.92 69.84
CA MET NB 78 -68.37 16.00 69.49
C MET NB 78 -67.01 16.69 69.36
N VAL NB 79 -67.01 17.98 69.00
CA VAL NB 79 -65.78 18.74 68.81
C VAL NB 79 -64.99 18.75 70.10
N GLY NB 80 -63.70 18.42 69.99
CA GLY NB 80 -62.90 18.09 71.15
C GLY NB 80 -62.93 16.59 71.37
N SER NB 81 -62.55 15.83 70.34
CA SER NB 81 -62.42 14.38 70.45
C SER NB 81 -61.45 13.89 69.38
N MET NB 82 -60.36 13.27 69.84
CA MET NB 82 -59.37 12.70 68.92
C MET NB 82 -60.00 11.44 68.34
N VAL NB 83 -60.57 11.56 67.15
CA VAL NB 83 -61.39 10.50 66.58
C VAL NB 83 -60.63 9.76 65.50
N GLY NB 84 -60.48 8.45 65.71
CA GLY NB 84 -59.80 7.58 64.77
C GLY NB 84 -60.77 6.97 63.78
N VAL NB 85 -61.23 7.77 62.82
CA VAL NB 85 -62.22 7.30 61.86
C VAL NB 85 -61.58 6.28 60.92
N TYR NB 86 -62.36 5.25 60.56
CA TYR NB 86 -61.92 4.22 59.63
C TYR NB 86 -62.04 4.71 58.20
N ASN NB 87 -61.23 4.13 57.32
CA ASN NB 87 -61.24 4.47 55.91
C ASN NB 87 -61.87 3.38 55.06
N GLY NB 88 -61.55 2.13 55.34
CA GLY NB 88 -61.88 1.03 54.47
C GLY NB 88 -60.70 0.09 54.46
N LYS NB 89 -59.55 0.64 54.84
CA LYS NB 89 -58.34 -0.15 55.05
C LYS NB 89 -57.79 0.10 56.45
N THR NB 90 -57.81 1.34 56.88
CA THR NB 90 -57.07 1.78 58.06
C THR NB 90 -57.86 2.81 58.85
N PHE NB 91 -57.51 2.92 60.13
CA PHE NB 91 -58.01 3.97 60.99
C PHE NB 91 -57.22 5.25 60.76
N ASN NB 92 -57.92 6.36 60.59
CA ASN NB 92 -57.30 7.66 60.31
C ASN NB 92 -57.64 8.61 61.44
N GLN NB 93 -56.63 9.35 61.91
CA GLN NB 93 -56.80 10.25 63.05
C GLN NB 93 -56.79 11.70 62.55
N VAL NB 94 -57.83 12.45 62.93
CA VAL NB 94 -57.95 13.86 62.57
C VAL NB 94 -58.36 14.63 63.83
N GLU NB 95 -58.06 15.92 63.85
CA GLU NB 95 -58.39 16.80 64.98
C GLU NB 95 -59.62 17.59 64.58
N ILE NB 96 -60.77 17.23 65.15
CA ILE NB 96 -62.02 17.89 64.79
C ILE NB 96 -62.07 19.27 65.42
N LYS NB 97 -61.93 20.29 64.57
CA LYS NB 97 -62.04 21.68 64.92
C LYS NB 97 -63.46 22.16 64.62
N PRO NB 98 -63.91 23.24 65.27
CA PRO NB 98 -65.28 23.74 65.02
C PRO NB 98 -65.52 24.26 63.62
N GLU NB 99 -64.53 24.27 62.74
CA GLU NB 99 -64.76 24.68 61.36
C GLU NB 99 -65.12 23.52 60.45
N MET NB 100 -65.61 22.40 60.99
CA MET NB 100 -66.16 21.31 60.19
C MET NB 100 -67.58 20.95 60.60
N ILE NB 101 -68.32 21.91 61.14
CA ILE NB 101 -69.67 21.68 61.61
C ILE NB 101 -70.59 21.49 60.40
N GLY NB 102 -71.32 20.39 60.37
CA GLY NB 102 -72.27 20.15 59.30
C GLY NB 102 -71.73 19.35 58.14
N HIS NB 103 -70.94 18.33 58.40
CA HIS NB 103 -70.38 17.48 57.35
C HIS NB 103 -70.63 16.03 57.74
N TYR NB 104 -69.98 15.13 57.03
CA TYR NB 104 -69.87 13.74 57.42
C TYR NB 104 -68.40 13.41 57.68
N LEU NB 105 -68.16 12.29 58.36
CA LEU NB 105 -66.79 11.91 58.70
C LEU NB 105 -66.02 11.35 57.51
N GLY NB 106 -66.69 11.09 56.40
CA GLY NB 106 -65.99 10.57 55.24
C GLY NB 106 -65.15 11.61 54.54
N GLU NB 107 -65.46 12.90 54.75
CA GLU NB 107 -64.82 13.96 53.99
C GLU NB 107 -63.36 14.16 54.37
N PHE NB 108 -62.90 13.55 55.46
CA PHE NB 108 -61.53 13.73 55.89
C PHE NB 108 -60.72 12.44 55.89
N SER NB 109 -61.37 11.29 55.89
CA SER NB 109 -60.70 9.99 55.80
C SER NB 109 -60.65 9.62 54.32
N ILE NB 110 -59.55 10.00 53.67
CA ILE NB 110 -59.44 9.86 52.23
C ILE NB 110 -59.27 8.39 51.86
N THR NB 111 -59.98 7.96 50.81
CA THR NB 111 -60.05 6.57 50.43
C THR NB 111 -58.83 6.10 49.65
N TYR NB 112 -58.33 6.89 48.71
CA TYR NB 112 -57.24 6.48 47.85
C TYR NB 112 -56.05 7.40 48.05
N LYS NB 113 -54.86 6.90 47.72
CA LYS NB 113 -53.86 7.96 47.63
C LYS NB 113 -53.85 8.54 46.22
N PRO NB 114 -53.54 9.84 46.08
CA PRO NB 114 -53.60 10.47 44.75
C PRO NB 114 -52.59 9.93 43.76
N VAL NB 115 -53.03 9.65 42.54
CA VAL NB 115 -52.20 8.93 41.58
C VAL NB 115 -51.24 9.89 40.88
N LYS NB 116 -50.01 9.44 40.67
CA LYS NB 116 -49.02 10.14 39.85
C LYS NB 116 -48.51 9.15 38.81
N HIS NB 117 -48.21 9.66 37.61
CA HIS NB 117 -47.89 8.78 36.50
C HIS NB 117 -46.40 8.75 36.12
N GLY NB 118 -45.59 9.65 36.65
CA GLY NB 118 -44.17 9.68 36.35
C GLY NB 118 -43.34 9.62 37.62
N ARG NB 119 -42.29 8.79 37.59
CA ARG NB 119 -41.43 8.46 38.73
C ARG NB 119 -42.26 7.97 39.91
N PRO NB 120 -42.81 6.75 39.86
CA PRO NB 120 -43.64 6.25 40.96
C PRO NB 120 -42.84 5.89 42.20
N GLY OB 1 -137.34 17.04 5.58
CA GLY OB 1 -138.04 15.99 4.88
C GLY OB 1 -137.48 14.61 5.19
N PRO OB 2 -137.20 13.82 4.16
CA PRO OB 2 -136.56 12.53 4.38
C PRO OB 2 -135.16 12.69 4.95
N LEU OB 3 -134.79 11.78 5.85
CA LEU OB 3 -133.49 11.84 6.52
C LEU OB 3 -132.44 11.36 5.52
N GLN OB 4 -131.74 12.30 4.92
CA GLN OB 4 -130.67 11.99 3.96
C GLN OB 4 -129.32 11.99 4.68
N SER OB 5 -129.05 10.88 5.35
CA SER OB 5 -127.91 10.76 6.26
C SER OB 5 -126.78 9.99 5.58
N VAL OB 6 -125.63 10.67 5.41
CA VAL OB 6 -124.40 10.05 4.93
C VAL OB 6 -123.31 10.31 5.94
N GLN OB 7 -122.69 9.24 6.44
CA GLN OB 7 -121.54 9.33 7.33
C GLN OB 7 -120.40 8.50 6.73
N VAL OB 8 -119.51 9.19 6.02
CA VAL OB 8 -118.40 8.56 5.31
C VAL OB 8 -117.14 8.67 6.15
N PHE OB 9 -116.46 7.54 6.35
CA PHE OB 9 -115.19 7.50 7.04
C PHE OB 9 -114.05 7.41 6.03
N GLY OB 10 -112.93 8.00 6.40
CA GLY OB 10 -111.73 7.92 5.59
C GLY OB 10 -110.49 8.00 6.43
N ARG OB 11 -109.60 7.03 6.29
CA ARG OB 11 -108.40 6.99 7.12
C ARG OB 11 -107.27 7.80 6.48
N LYS OB 12 -106.15 7.79 7.18
CA LYS OB 12 -104.91 8.44 6.75
C LYS OB 12 -103.80 7.58 7.34
N LYS OB 13 -102.59 8.12 7.48
CA LYS OB 13 -101.47 7.38 8.07
C LYS OB 13 -101.85 6.73 9.39
N THR OB 14 -102.48 7.48 10.30
CA THR OB 14 -103.14 6.89 11.46
C THR OB 14 -104.48 7.58 11.68
N ALA OB 15 -104.66 8.74 11.04
CA ALA OB 15 -105.73 9.65 11.41
C ALA OB 15 -107.09 9.14 10.95
N THR OB 16 -108.10 9.32 11.80
CA THR OB 16 -109.47 8.90 11.52
C THR OB 16 -110.35 10.14 11.43
N ALA OB 17 -110.93 10.36 10.25
CA ALA OB 17 -111.83 11.49 10.01
C ALA OB 17 -113.15 10.94 9.48
N VAL OB 18 -114.22 11.11 10.25
CA VAL OB 18 -115.54 10.58 9.90
C VAL OB 18 -116.48 11.77 9.73
N ALA OB 19 -117.24 11.77 8.64
CA ALA OB 19 -118.22 12.82 8.41
C ALA OB 19 -119.60 12.38 8.89
N HIS OB 20 -120.56 13.30 8.78
CA HIS OB 20 -121.99 13.00 8.93
C HIS OB 20 -122.74 14.10 8.17
N CYS OB 21 -123.33 13.74 7.04
CA CYS OB 21 -123.99 14.72 6.20
C CYS OB 21 -125.50 14.69 6.39
N LYS OB 22 -126.16 15.71 5.84
CA LYS OB 22 -127.61 15.87 5.85
C LYS OB 22 -127.96 16.90 4.78
N ARG OB 23 -129.25 16.96 4.44
CA ARG OB 23 -129.75 17.98 3.51
C ARG OB 23 -129.78 19.30 4.25
N GLY OB 24 -128.71 20.08 4.09
CA GLY OB 24 -128.60 21.35 4.79
C GLY OB 24 -128.38 22.51 3.85
N ASN OB 25 -127.82 23.60 4.35
CA ASN OB 25 -127.43 24.71 3.51
C ASN OB 25 -125.91 24.85 3.54
N GLY OB 26 -125.39 25.95 2.99
CA GLY OB 26 -123.98 26.04 2.71
C GLY OB 26 -123.10 26.32 3.92
N LEU OB 27 -122.94 25.31 4.77
CA LEU OB 27 -122.07 25.42 5.94
C LEU OB 27 -121.26 24.13 6.07
N ILE OB 28 -119.95 24.27 6.23
CA ILE OB 28 -119.05 23.15 6.40
C ILE OB 28 -118.16 23.44 7.61
N LYS OB 29 -118.18 22.56 8.59
CA LYS OB 29 -117.42 22.78 9.82
C LYS OB 29 -117.00 21.45 10.44
N VAL OB 30 -115.75 21.37 10.85
CA VAL OB 30 -115.15 20.15 11.38
C VAL OB 30 -114.97 20.29 12.89
N ASN OB 31 -115.56 19.37 13.64
CA ASN OB 31 -115.62 19.41 15.11
C ASN OB 31 -116.23 20.71 15.64
N GLY OB 32 -117.07 21.39 14.84
CA GLY OB 32 -117.66 22.66 15.21
C GLY OB 32 -116.87 23.85 14.70
N ARG OB 33 -115.55 23.78 14.72
CA ARG OB 33 -114.79 24.90 14.17
C ARG OB 33 -114.69 24.77 12.64
N PRO OB 34 -114.80 25.87 11.91
CA PRO OB 34 -114.80 25.77 10.45
C PRO OB 34 -113.44 25.40 9.89
N LEU OB 35 -113.45 25.03 8.60
CA LEU OB 35 -112.29 24.40 7.97
C LEU OB 35 -111.11 25.34 7.80
N GLU OB 36 -111.37 26.62 7.55
CA GLU OB 36 -110.28 27.59 7.50
C GLU OB 36 -109.73 27.91 8.88
N MET OB 37 -110.44 27.54 9.94
CA MET OB 37 -110.03 27.86 11.29
C MET OB 37 -109.36 26.63 11.92
N ILE OB 38 -108.41 26.06 11.18
CA ILE OB 38 -107.62 24.91 11.63
C ILE OB 38 -106.15 25.25 11.47
N GLU OB 39 -105.39 25.16 12.56
CA GLU OB 39 -103.96 25.42 12.43
C GLU OB 39 -103.20 24.12 12.20
N PRO OB 40 -102.11 24.14 11.39
CA PRO OB 40 -101.46 25.27 10.72
C PRO OB 40 -102.26 25.89 9.58
N ARG OB 41 -102.24 27.23 9.54
CA ARG OB 41 -102.98 27.99 8.55
C ARG OB 41 -102.14 28.31 7.33
N THR OB 42 -101.11 27.50 7.07
CA THR OB 42 -100.43 27.52 5.79
C THR OB 42 -101.06 26.52 4.83
N LEU OB 43 -101.80 25.56 5.37
CA LEU OB 43 -102.47 24.53 4.59
C LEU OB 43 -103.91 24.93 4.33
N GLN OB 44 -104.17 26.23 4.24
CA GLN OB 44 -105.54 26.71 4.07
C GLN OB 44 -106.08 26.38 2.69
N TYR OB 45 -105.23 26.50 1.66
CA TYR OB 45 -105.67 26.13 0.31
C TYR OB 45 -105.72 24.62 0.12
N LYS OB 46 -105.16 23.85 1.05
CA LYS OB 46 -105.29 22.40 0.94
C LYS OB 46 -106.62 21.88 1.46
N LEU OB 47 -107.43 22.73 2.07
CA LEU OB 47 -108.80 22.34 2.43
C LEU OB 47 -109.85 23.07 1.60
N LEU OB 48 -109.48 23.54 0.42
CA LEU OB 48 -110.44 24.14 -0.49
C LEU OB 48 -110.51 23.47 -1.85
N GLU OB 49 -109.69 22.44 -2.09
CA GLU OB 49 -109.81 21.67 -3.33
C GLU OB 49 -111.20 21.08 -3.55
N PRO OB 50 -111.90 20.49 -2.56
CA PRO OB 50 -113.30 20.16 -2.80
C PRO OB 50 -114.20 21.37 -2.95
N VAL OB 51 -113.80 22.52 -2.44
CA VAL OB 51 -114.58 23.75 -2.58
C VAL OB 51 -114.31 24.42 -3.91
N LEU OB 52 -113.09 24.29 -4.44
CA LEU OB 52 -112.71 25.04 -5.62
C LEU OB 52 -112.87 24.23 -6.91
N LEU OB 53 -112.36 23.00 -6.93
CA LEU OB 53 -112.49 22.20 -8.14
C LEU OB 53 -113.91 21.68 -8.37
N LEU OB 54 -114.80 21.82 -7.41
CA LEU OB 54 -116.21 21.50 -7.61
C LEU OB 54 -117.10 22.71 -7.68
N GLY OB 55 -116.79 23.77 -6.95
CA GLY OB 55 -117.65 24.94 -6.84
C GLY OB 55 -118.46 24.91 -5.55
N LYS OB 56 -118.93 26.08 -5.15
CA LYS OB 56 -119.71 26.18 -3.92
C LYS OB 56 -121.11 25.59 -4.06
N GLU OB 57 -121.62 25.47 -5.30
CA GLU OB 57 -123.00 25.06 -5.50
C GLU OB 57 -123.21 23.59 -5.14
N ARG OB 58 -122.15 22.80 -5.13
CA ARG OB 58 -122.25 21.42 -4.67
C ARG OB 58 -122.60 21.31 -3.19
N PHE OB 59 -122.34 22.36 -2.43
CA PHE OB 59 -122.55 22.37 -0.99
C PHE OB 59 -123.72 23.26 -0.59
N ALA OB 60 -124.50 23.72 -1.57
CA ALA OB 60 -125.70 24.49 -1.27
C ALA OB 60 -126.74 23.65 -0.55
N GLY OB 61 -126.84 22.36 -0.89
CA GLY OB 61 -127.78 21.48 -0.23
C GLY OB 61 -127.14 20.54 0.77
N VAL OB 62 -125.91 20.83 1.19
CA VAL OB 62 -125.12 19.90 1.99
C VAL OB 62 -124.56 20.63 3.21
N ASP OB 63 -124.87 20.13 4.40
CA ASP OB 63 -124.12 20.45 5.61
C ASP OB 63 -123.37 19.21 6.06
N ILE OB 64 -122.17 19.40 6.62
CA ILE OB 64 -121.33 18.29 7.05
C ILE OB 64 -120.72 18.62 8.40
N ARG OB 65 -120.95 17.75 9.38
CA ARG OB 65 -120.32 17.82 10.69
C ARG OB 65 -119.29 16.71 10.78
N VAL OB 66 -118.01 17.08 10.86
CA VAL OB 66 -116.90 16.15 10.74
C VAL OB 66 -116.33 15.88 12.13
N ARG OB 67 -116.30 14.60 12.51
CA ARG OB 67 -115.60 14.18 13.71
C ARG OB 67 -114.24 13.61 13.30
N VAL OB 68 -113.18 14.16 13.87
CA VAL OB 68 -111.82 13.72 13.58
C VAL OB 68 -111.13 13.39 14.90
N LYS OB 69 -110.22 12.41 14.85
CA LYS OB 69 -109.46 11.97 16.02
C LYS OB 69 -108.25 11.21 15.52
N GLY OB 70 -107.13 11.34 16.25
CA GLY OB 70 -105.96 10.54 15.98
C GLY OB 70 -105.10 11.05 14.84
N GLY OB 71 -103.86 10.58 14.80
CA GLY OB 71 -102.92 11.00 13.79
C GLY OB 71 -102.02 12.13 14.28
N GLY OB 72 -101.45 12.85 13.31
CA GLY OB 72 -100.60 13.98 13.60
C GLY OB 72 -101.21 15.26 13.08
N HIS OB 73 -100.41 16.34 13.05
CA HIS OB 73 -100.88 17.61 12.53
C HIS OB 73 -101.21 17.50 11.04
N VAL OB 74 -100.21 17.20 10.22
CA VAL OB 74 -100.41 17.10 8.79
C VAL OB 74 -101.26 15.88 8.44
N ALA OB 75 -101.17 14.83 9.25
CA ALA OB 75 -101.98 13.64 9.03
C ALA OB 75 -103.47 13.93 9.20
N GLN OB 76 -103.82 14.78 10.16
CA GLN OB 76 -105.20 15.22 10.28
C GLN OB 76 -105.61 16.07 9.08
N ILE OB 77 -104.70 16.92 8.58
CA ILE OB 77 -105.02 17.81 7.46
C ILE OB 77 -105.29 17.00 6.20
N TYR OB 78 -104.61 15.86 6.06
CA TYR OB 78 -104.90 15.04 4.89
C TYR OB 78 -106.06 14.08 5.15
N ALA OB 79 -106.34 13.75 6.41
CA ALA OB 79 -107.52 12.95 6.71
C ALA OB 79 -108.81 13.73 6.48
N ILE OB 80 -108.81 15.03 6.77
CA ILE OB 80 -110.00 15.86 6.61
C ILE OB 80 -110.21 16.28 5.16
N ARG OB 81 -109.34 15.88 4.26
CA ARG OB 81 -109.52 16.14 2.83
C ARG OB 81 -110.28 15.00 2.17
N GLN OB 82 -109.82 13.76 2.36
CA GLN OB 82 -110.42 12.61 1.72
C GLN OB 82 -111.66 12.10 2.43
N SER OB 83 -112.01 12.66 3.59
CA SER OB 83 -113.19 12.23 4.31
C SER OB 83 -114.44 13.02 3.95
N ILE OB 84 -114.30 14.22 3.41
CA ILE OB 84 -115.46 15.00 3.00
C ILE OB 84 -115.66 14.98 1.50
N SER OB 85 -114.58 14.83 0.72
CA SER OB 85 -114.71 14.63 -0.72
C SER OB 85 -115.40 13.30 -1.00
N LYS OB 86 -115.02 12.26 -0.27
CA LYS OB 86 -115.74 10.99 -0.37
C LYS OB 86 -117.17 11.10 0.12
N ALA OB 87 -117.43 11.99 1.07
CA ALA OB 87 -118.76 12.06 1.68
C ALA OB 87 -119.78 12.62 0.70
N LEU OB 88 -119.41 13.64 -0.07
CA LEU OB 88 -120.32 14.19 -1.06
C LEU OB 88 -120.53 13.26 -2.24
N VAL OB 89 -119.61 12.31 -2.46
CA VAL OB 89 -119.81 11.29 -3.49
C VAL OB 89 -120.95 10.37 -3.11
N ALA OB 90 -120.96 9.86 -1.87
CA ALA OB 90 -122.05 8.99 -1.44
C ALA OB 90 -123.36 9.72 -1.28
N TYR OB 91 -123.34 11.00 -0.92
CA TYR OB 91 -124.57 11.79 -0.89
C TYR OB 91 -125.08 12.04 -2.30
N TYR OB 92 -124.19 12.15 -3.27
CA TYR OB 92 -124.60 12.23 -4.66
C TYR OB 92 -124.74 10.88 -5.32
N GLN OB 93 -124.76 9.81 -4.54
CA GLN OB 93 -125.08 8.48 -5.05
C GLN OB 93 -126.37 7.92 -4.48
N LYS OB 94 -126.56 8.00 -3.17
CA LYS OB 94 -127.78 7.51 -2.54
C LYS OB 94 -128.99 8.35 -2.93
N TYR OB 95 -128.81 9.63 -3.22
CA TYR OB 95 -129.94 10.54 -3.37
C TYR OB 95 -130.08 11.15 -4.76
N VAL OB 96 -128.98 11.43 -5.45
CA VAL OB 96 -129.09 11.86 -6.83
C VAL OB 96 -128.35 10.85 -7.69
N ASP OB 97 -128.45 10.96 -9.00
CA ASP OB 97 -127.89 9.96 -9.89
C ASP OB 97 -126.37 10.04 -9.94
N GLU OB 98 -125.78 9.07 -10.61
CA GLU OB 98 -124.33 9.00 -10.72
C GLU OB 98 -123.78 9.78 -11.91
N ALA OB 99 -124.62 10.17 -12.87
CA ALA OB 99 -124.15 11.01 -13.96
C ALA OB 99 -123.81 12.41 -13.49
N SER OB 100 -124.51 12.91 -12.46
CA SER OB 100 -124.14 14.13 -11.77
C SER OB 100 -123.09 13.88 -10.71
N LYS OB 101 -122.74 12.62 -10.48
CA LYS OB 101 -121.71 12.22 -9.53
C LYS OB 101 -120.41 11.79 -10.20
N LYS OB 102 -120.48 11.21 -11.40
CA LYS OB 102 -119.26 10.96 -12.14
C LYS OB 102 -118.64 12.24 -12.70
N GLU OB 103 -119.43 13.29 -12.88
CA GLU OB 103 -118.93 14.60 -13.27
C GLU OB 103 -118.17 15.29 -12.12
N ILE OB 104 -118.32 14.80 -10.90
CA ILE OB 104 -117.48 15.25 -9.80
C ILE OB 104 -116.54 14.15 -9.29
N LYS OB 105 -116.43 13.01 -9.98
CA LYS OB 105 -115.33 12.09 -9.71
C LYS OB 105 -114.22 12.25 -10.74
N ASP OB 106 -114.58 12.49 -12.00
CA ASP OB 106 -113.56 12.68 -13.03
C ASP OB 106 -112.74 13.93 -12.80
N ILE OB 107 -113.31 14.95 -12.16
CA ILE OB 107 -112.52 16.08 -11.71
C ILE OB 107 -111.61 15.65 -10.56
N LEU OB 108 -112.07 14.73 -9.73
CA LEU OB 108 -111.33 14.33 -8.55
C LEU OB 108 -110.22 13.34 -8.89
N ILE OB 109 -110.21 12.79 -10.10
CA ILE OB 109 -109.26 11.75 -10.45
C ILE OB 109 -108.05 12.33 -11.17
N GLN OB 110 -108.19 13.52 -11.75
CA GLN OB 110 -107.07 14.11 -12.48
C GLN OB 110 -106.15 14.93 -11.60
N TYR OB 111 -106.59 15.33 -10.42
CA TYR OB 111 -105.78 16.17 -9.55
C TYR OB 111 -104.99 15.32 -8.55
N ASP OB 112 -105.69 14.52 -7.75
CA ASP OB 112 -105.05 13.75 -6.70
C ASP OB 112 -105.88 12.51 -6.41
N ARG OB 113 -105.22 11.37 -6.32
CA ARG OB 113 -105.87 10.11 -5.99
C ARG OB 113 -105.92 9.83 -4.51
N THR OB 114 -105.37 10.73 -3.68
CA THR OB 114 -105.41 10.57 -2.23
C THR OB 114 -106.80 10.91 -1.69
N LEU OB 115 -107.57 11.72 -2.42
CA LEU OB 115 -108.86 12.19 -1.93
C LEU OB 115 -109.90 11.08 -1.91
N LEU OB 116 -109.71 10.04 -2.72
CA LEU OB 116 -110.66 8.92 -2.77
C LEU OB 116 -109.98 7.60 -2.45
N VAL OB 117 -108.68 7.48 -2.69
CA VAL OB 117 -107.93 6.26 -2.38
C VAL OB 117 -106.87 6.63 -1.35
N ALA OB 118 -107.01 6.12 -0.13
CA ALA OB 118 -106.09 6.45 0.95
C ALA OB 118 -104.71 5.86 0.74
N ASP OB 119 -103.76 6.24 1.59
CA ASP OB 119 -102.37 5.81 1.42
C ASP OB 119 -102.15 4.47 2.11
N PRO OB 120 -101.65 3.44 1.42
CA PRO OB 120 -101.32 2.19 2.09
C PRO OB 120 -99.93 2.20 2.71
N ARG OB 121 -99.31 3.38 2.79
CA ARG OB 121 -98.02 3.53 3.44
C ARG OB 121 -98.23 3.49 4.95
N ARG OB 122 -97.53 2.57 5.62
CA ARG OB 122 -97.49 2.53 7.07
C ARG OB 122 -96.03 2.42 7.50
N CYS OB 123 -95.72 3.07 8.61
CA CYS OB 123 -94.34 3.19 9.08
C CYS OB 123 -93.79 1.82 9.45
N GLU OB 124 -92.66 1.44 8.87
CA GLU OB 124 -92.10 0.12 9.08
C GLU OB 124 -91.55 -0.03 10.48
N SER OB 125 -91.49 -1.28 10.93
CA SER OB 125 -91.04 -1.56 12.28
C SER OB 125 -89.52 -1.46 12.39
N LYS OB 126 -89.06 -0.79 13.44
CA LYS OB 126 -87.64 -0.73 13.74
C LYS OB 126 -87.18 -2.09 14.25
N LYS OB 127 -86.12 -2.60 13.63
CA LYS OB 127 -85.57 -3.88 14.04
C LYS OB 127 -84.59 -3.66 15.18
N PHE OB 128 -84.15 -4.76 15.78
CA PHE OB 128 -83.08 -4.68 16.75
C PHE OB 128 -81.76 -4.58 16.02
N GLY OB 129 -80.81 -3.85 16.61
CA GLY OB 129 -79.51 -3.64 16.00
C GLY OB 129 -79.43 -2.41 15.12
N GLY OB 130 -80.43 -1.53 15.17
CA GLY OB 130 -80.42 -0.33 14.36
C GLY OB 130 -81.35 0.72 14.91
N PRO OB 131 -80.99 1.99 14.72
CA PRO OB 131 -81.82 3.08 15.26
C PRO OB 131 -83.09 3.28 14.48
N GLY OB 132 -83.18 2.80 13.25
CA GLY OB 132 -84.34 2.97 12.42
C GLY OB 132 -84.78 1.67 11.75
N ALA OB 133 -85.75 1.81 10.85
CA ALA OB 133 -86.29 0.65 10.15
C ALA OB 133 -85.26 0.01 9.24
N ARG OB 134 -84.50 0.81 8.51
CA ARG OB 134 -83.46 0.30 7.63
C ARG OB 134 -82.06 0.58 8.14
N ALA OB 135 -81.87 1.69 8.86
CA ALA OB 135 -80.55 2.05 9.35
C ALA OB 135 -80.11 1.09 10.44
N ARG OB 136 -78.85 0.65 10.35
CA ARG OB 136 -78.22 -0.11 11.41
C ARG OB 136 -77.26 0.79 12.16
N TYR OB 137 -76.75 0.30 13.28
CA TYR OB 137 -75.82 1.08 14.07
C TYR OB 137 -74.49 1.21 13.36
N GLN OB 138 -73.72 2.23 13.76
CA GLN OB 138 -72.43 2.51 13.13
C GLN OB 138 -71.43 1.44 13.52
N LYS OB 139 -70.84 0.78 12.52
CA LYS OB 139 -69.92 -0.31 12.79
C LYS OB 139 -68.53 0.23 13.07
N SER OB 140 -67.84 -0.39 14.01
CA SER OB 140 -66.45 -0.09 14.32
C SER OB 140 -65.60 -1.28 13.94
N TYR OB 141 -64.58 -1.04 13.12
CA TYR OB 141 -63.62 -2.07 12.79
C TYR OB 141 -62.52 -2.10 13.82
N ARG OB 142 -61.59 -3.04 13.63
CA ARG OB 142 -60.45 -3.29 14.52
C ARG OB 142 -60.89 -3.54 15.96
N GLY PB 1 -89.65 -12.10 -11.09
CA GLY PB 1 -89.21 -13.07 -10.11
C GLY PB 1 -90.27 -14.11 -9.81
N ARG PB 2 -91.41 -13.98 -10.48
CA ARG PB 2 -92.56 -14.84 -10.24
C ARG PB 2 -92.47 -16.15 -11.00
N VAL PB 3 -91.60 -17.05 -10.56
CA VAL PB 3 -91.41 -18.34 -11.21
C VAL PB 3 -91.94 -19.45 -10.30
N ARG PB 4 -92.83 -20.27 -10.84
CA ARG PB 4 -93.46 -21.32 -10.06
C ARG PB 4 -92.51 -22.50 -9.86
N THR PB 5 -92.69 -23.21 -8.74
CA THR PB 5 -91.88 -24.38 -8.44
C THR PB 5 -92.61 -25.65 -8.86
N LYS PB 6 -92.11 -26.81 -8.39
CA LYS PB 6 -92.69 -28.09 -8.78
C LYS PB 6 -94.09 -28.27 -8.23
N THR PB 7 -94.31 -27.98 -6.94
CA THR PB 7 -95.62 -28.21 -6.33
C THR PB 7 -96.70 -27.33 -6.94
N VAL PB 8 -96.31 -26.18 -7.51
CA VAL PB 8 -97.25 -25.42 -8.33
C VAL PB 8 -97.49 -26.08 -9.67
N LYS PB 9 -96.50 -26.79 -10.20
CA LYS PB 9 -96.56 -27.30 -11.56
C LYS PB 9 -96.86 -28.79 -11.62
N LYS PB 10 -96.31 -29.59 -10.70
CA LYS PB 10 -96.63 -31.01 -10.70
C LYS PB 10 -98.08 -31.25 -10.29
N ALA PB 11 -98.63 -30.37 -9.46
CA ALA PB 11 -100.03 -30.49 -9.07
C ALA PB 11 -100.97 -30.00 -10.15
N ALA PB 12 -100.60 -28.93 -10.84
CA ALA PB 12 -101.49 -28.35 -11.85
C ALA PB 12 -101.69 -29.27 -13.03
N ARG PB 13 -100.73 -30.16 -13.31
CA ARG PB 13 -100.92 -31.13 -14.37
C ARG PB 13 -101.90 -32.22 -13.94
N VAL PB 14 -101.93 -32.55 -12.65
CA VAL PB 14 -102.91 -33.50 -12.14
C VAL PB 14 -104.31 -32.89 -12.20
N ILE PB 15 -104.41 -31.57 -12.12
CA ILE PB 15 -105.69 -30.91 -12.33
C ILE PB 15 -106.14 -31.06 -13.77
N ILE PB 16 -105.21 -31.09 -14.72
CA ILE PB 16 -105.60 -31.13 -16.12
C ILE PB 16 -105.78 -32.57 -16.61
N GLU PB 17 -104.89 -33.47 -16.21
CA GLU PB 17 -104.94 -34.84 -16.71
C GLU PB 17 -106.11 -35.65 -16.15
N LYS PB 18 -106.85 -35.12 -15.20
CA LYS PB 18 -107.98 -35.84 -14.64
C LYS PB 18 -109.26 -35.04 -14.69
N TYR PB 19 -109.17 -33.72 -14.64
CA TYR PB 19 -110.34 -32.84 -14.69
C TYR PB 19 -110.17 -31.86 -15.85
N TYR PB 20 -110.56 -32.28 -17.05
CA TYR PB 20 -110.52 -31.34 -18.17
C TYR PB 20 -111.87 -30.71 -18.45
N THR PB 21 -112.94 -31.51 -18.39
CA THR PB 21 -114.28 -30.99 -18.69
C THR PB 21 -114.82 -30.16 -17.54
N ARG PB 22 -114.36 -30.42 -16.32
CA ARG PB 22 -114.87 -29.71 -15.16
C ARG PB 22 -114.27 -28.32 -15.02
N LEU PB 23 -113.35 -27.93 -15.90
CA LEU PB 23 -112.82 -26.58 -15.87
C LEU PB 23 -113.23 -25.76 -17.10
N GLY PB 24 -112.94 -24.46 -17.03
CA GLY PB 24 -113.13 -23.53 -18.12
C GLY PB 24 -111.87 -22.78 -18.48
N ASN PB 25 -111.95 -21.45 -18.64
CA ASN PB 25 -110.80 -20.64 -19.01
C ASN PB 25 -110.50 -19.58 -17.96
N ASP PB 26 -111.55 -19.00 -17.38
CA ASP PB 26 -111.38 -17.91 -16.42
C ASP PB 26 -110.76 -18.44 -15.13
N PHE PB 27 -109.94 -17.61 -14.49
CA PHE PB 27 -109.25 -18.01 -13.27
C PHE PB 27 -110.22 -18.28 -12.13
N HIS PB 28 -111.10 -17.32 -11.83
CA HIS PB 28 -111.96 -17.45 -10.66
C HIS PB 28 -112.97 -18.57 -10.83
N THR PB 29 -113.27 -18.95 -12.08
CA THR PB 29 -114.09 -20.13 -12.31
C THR PB 29 -113.39 -21.38 -11.77
N ASN PB 30 -112.24 -21.73 -12.35
CA ASN PB 30 -111.61 -22.96 -11.89
C ASN PB 30 -110.82 -22.78 -10.60
N LYS PB 31 -110.64 -21.56 -10.11
CA LYS PB 31 -110.29 -21.39 -8.71
C LYS PB 31 -111.38 -21.97 -7.83
N ARG PB 32 -112.64 -21.64 -8.13
CA ARG PB 32 -113.74 -22.18 -7.36
C ARG PB 32 -114.01 -23.65 -7.67
N VAL PB 33 -113.45 -24.16 -8.77
CA VAL PB 33 -113.52 -25.59 -9.02
C VAL PB 33 -112.46 -26.33 -8.21
N CYS PB 34 -111.22 -25.83 -8.23
CA CYS PB 34 -110.10 -26.57 -7.64
C CYS PB 34 -110.16 -26.67 -6.12
N GLU PB 35 -110.93 -25.80 -5.46
CA GLU PB 35 -111.12 -25.93 -4.02
C GLU PB 35 -111.88 -27.21 -3.66
N GLU PB 36 -112.81 -27.66 -4.52
CA GLU PB 36 -113.62 -28.83 -4.20
C GLU PB 36 -113.07 -30.11 -4.80
N ILE PB 37 -112.27 -30.05 -5.84
CA ILE PB 37 -111.70 -31.26 -6.44
C ILE PB 37 -110.27 -31.47 -5.97
N ALA PB 38 -109.78 -30.61 -5.07
CA ALA PB 38 -108.42 -30.73 -4.56
C ALA PB 38 -108.35 -30.07 -3.21
N ILE PB 39 -107.81 -30.78 -2.21
CA ILE PB 39 -107.66 -30.22 -0.87
C ILE PB 39 -106.31 -29.51 -0.84
N ILE PB 40 -106.35 -28.21 -1.10
CA ILE PB 40 -105.20 -27.34 -0.97
C ILE PB 40 -105.23 -26.74 0.44
N PRO PB 41 -104.13 -26.81 1.20
CA PRO PB 41 -104.22 -26.41 2.61
C PRO PB 41 -104.35 -24.90 2.82
N SER PB 42 -103.73 -24.08 1.98
CA SER PB 42 -103.73 -22.64 2.21
C SER PB 42 -104.53 -21.93 1.13
N LYS PB 43 -104.82 -20.66 1.38
CA LYS PB 43 -105.51 -19.81 0.42
C LYS PB 43 -104.57 -19.30 -0.66
N LYS PB 44 -103.35 -18.92 -0.29
CA LYS PB 44 -102.42 -18.34 -1.26
C LYS PB 44 -101.96 -19.40 -2.25
N LEU PB 45 -101.84 -20.65 -1.81
CA LEU PB 45 -101.57 -21.73 -2.73
C LEU PB 45 -102.78 -22.04 -3.60
N ARG PB 46 -103.99 -21.87 -3.05
CA ARG PB 46 -105.21 -22.08 -3.84
C ARG PB 46 -105.28 -21.13 -5.02
N ASN PB 47 -104.81 -19.89 -4.85
CA ASN PB 47 -104.68 -18.98 -5.97
C ASN PB 47 -103.47 -19.31 -6.83
N LYS PB 48 -102.48 -19.97 -6.24
CA LYS PB 48 -101.25 -20.28 -6.96
C LYS PB 48 -101.48 -21.43 -7.93
N ILE PB 49 -102.06 -22.53 -7.45
CA ILE PB 49 -102.21 -23.75 -8.26
C ILE PB 49 -103.09 -23.48 -9.48
N ALA PB 50 -104.30 -22.96 -9.24
CA ALA PB 50 -105.23 -22.67 -10.31
C ALA PB 50 -104.68 -21.66 -11.30
N GLY PB 51 -103.81 -20.75 -10.86
CA GLY PB 51 -103.23 -19.77 -11.73
C GLY PB 51 -102.35 -20.35 -12.82
N TYR PB 52 -101.69 -21.48 -12.53
CA TYR PB 52 -100.92 -22.14 -13.57
C TYR PB 52 -101.81 -22.95 -14.50
N VAL PB 53 -102.98 -23.38 -14.01
CA VAL PB 53 -103.89 -24.17 -14.84
C VAL PB 53 -104.46 -23.34 -15.98
N THR PB 54 -104.90 -22.12 -15.67
CA THR PB 54 -105.43 -21.23 -16.70
C THR PB 54 -104.35 -20.85 -17.71
N HIS PB 55 -103.10 -20.76 -17.27
CA HIS PB 55 -102.03 -20.44 -18.20
C HIS PB 55 -101.73 -21.61 -19.13
N LEU PB 56 -101.85 -22.83 -18.62
CA LEU PB 56 -101.67 -23.98 -19.48
C LEU PB 56 -102.90 -24.22 -20.36
N MET PB 57 -104.09 -23.83 -19.89
CA MET PB 57 -105.26 -23.84 -20.75
C MET PB 57 -105.08 -22.89 -21.94
N LYS PB 58 -104.38 -21.78 -21.72
CA LYS PB 58 -104.03 -20.90 -22.83
C LYS PB 58 -103.08 -21.57 -23.82
N ARG PB 59 -102.47 -22.70 -23.45
CA ARG PB 59 -101.63 -23.45 -24.38
C ARG PB 59 -102.35 -24.62 -25.05
N ILE PB 60 -103.22 -25.32 -24.31
CA ILE PB 60 -103.88 -26.50 -24.85
C ILE PB 60 -104.86 -26.12 -25.95
N GLN PB 61 -105.58 -25.02 -25.77
CA GLN PB 61 -106.43 -24.49 -26.83
C GLN PB 61 -105.62 -24.02 -28.03
N ARG PB 62 -104.34 -23.73 -27.84
CA ARG PB 62 -103.49 -23.22 -28.89
C ARG PB 62 -102.55 -24.27 -29.47
N GLY PB 63 -102.32 -25.39 -28.77
CA GLY PB 63 -101.44 -26.42 -29.25
C GLY PB 63 -101.23 -27.56 -28.27
N PRO PB 64 -100.44 -28.56 -28.67
CA PRO PB 64 -100.23 -29.73 -27.82
C PRO PB 64 -99.15 -29.49 -26.78
N VAL PB 65 -99.38 -30.04 -25.59
CA VAL PB 65 -98.47 -29.90 -24.45
C VAL PB 65 -97.94 -31.27 -24.08
N ARG PB 66 -96.65 -31.30 -23.74
CA ARG PB 66 -95.93 -32.55 -23.48
C ARG PB 66 -96.47 -33.33 -22.29
N GLY PB 67 -96.38 -32.75 -21.10
CA GLY PB 67 -96.76 -33.46 -19.89
C GLY PB 67 -98.24 -33.40 -19.57
N ILE PB 68 -99.07 -33.77 -20.54
CA ILE PB 68 -100.53 -33.71 -20.42
C ILE PB 68 -101.11 -35.00 -20.98
N SER PB 69 -102.07 -35.59 -20.26
CA SER PB 69 -102.74 -36.82 -20.70
C SER PB 69 -104.23 -36.49 -20.78
N ILE PB 70 -104.65 -35.92 -21.91
CA ILE PB 70 -106.03 -35.52 -22.15
C ILE PB 70 -106.68 -36.56 -23.05
N LYS PB 71 -107.87 -37.02 -22.65
CA LYS PB 71 -108.56 -38.10 -23.34
C LYS PB 71 -109.06 -37.70 -24.72
N LEU PB 72 -109.22 -36.41 -25.01
CA LEU PB 72 -109.82 -35.98 -26.27
C LEU PB 72 -108.80 -35.68 -27.35
N GLN PB 73 -107.57 -35.32 -26.99
CA GLN PB 73 -106.56 -35.10 -28.01
C GLN PB 73 -105.95 -36.41 -28.48
N GLU PB 74 -105.74 -37.36 -27.57
CA GLU PB 74 -105.09 -38.61 -27.96
C GLU PB 74 -105.98 -39.47 -28.84
N GLU PB 75 -107.29 -39.43 -28.65
CA GLU PB 75 -108.19 -40.09 -29.60
C GLU PB 75 -108.15 -39.40 -30.96
N GLU PB 76 -107.99 -38.09 -30.97
CA GLU PB 76 -107.75 -37.36 -32.22
C GLU PB 76 -106.40 -37.76 -32.80
N ARG PB 77 -105.38 -37.90 -31.96
CA ARG PB 77 -104.11 -38.43 -32.44
C ARG PB 77 -104.23 -39.90 -32.82
N GLU PB 78 -105.15 -40.63 -32.18
CA GLU PB 78 -105.34 -42.04 -32.51
C GLU PB 78 -105.82 -42.20 -33.95
N ARG PB 79 -106.82 -41.41 -34.34
CA ARG PB 79 -107.44 -41.57 -35.65
C ARG PB 79 -106.53 -41.12 -36.79
N ARG PB 80 -105.52 -40.30 -36.51
CA ARG PB 80 -104.54 -39.94 -37.51
C ARG PB 80 -103.36 -40.91 -37.53
N ASP PB 81 -103.21 -41.74 -36.50
CA ASP PB 81 -102.14 -42.72 -36.45
C ASP PB 81 -102.63 -44.14 -36.74
N ASN PB 82 -103.93 -44.33 -36.92
CA ASN PB 82 -104.45 -45.52 -37.57
C ASN PB 82 -104.86 -45.20 -39.00
N TYR PB 83 -104.38 -44.08 -39.53
CA TYR PB 83 -104.80 -43.60 -40.84
C TYR PB 83 -104.26 -44.49 -41.96
N VAL PB 84 -105.10 -44.74 -42.95
CA VAL PB 84 -104.72 -45.47 -44.14
C VAL PB 84 -105.31 -44.72 -45.33
N PRO PB 85 -104.49 -44.20 -46.23
CA PRO PB 85 -105.02 -43.65 -47.49
C PRO PB 85 -105.50 -44.76 -48.40
N GLU PB 86 -106.49 -44.42 -49.23
CA GLU PB 86 -107.12 -45.39 -50.11
C GLU PB 86 -106.16 -45.91 -51.19
N VAL PB 87 -105.17 -45.10 -51.56
CA VAL PB 87 -104.08 -45.53 -52.42
C VAL PB 87 -102.84 -45.60 -51.54
N SER PB 88 -101.94 -46.51 -51.88
CA SER PB 88 -100.71 -46.65 -51.10
C SER PB 88 -99.65 -45.72 -51.64
N ALA PB 89 -98.58 -45.55 -50.86
CA ALA PB 89 -97.35 -44.96 -51.37
C ALA PB 89 -96.47 -45.97 -52.08
N LEU PB 90 -97.01 -47.14 -52.39
CA LEU PB 90 -96.30 -48.16 -53.13
C LEU PB 90 -96.95 -48.51 -54.46
N ASP PB 91 -98.26 -48.30 -54.59
CA ASP PB 91 -99.01 -48.63 -55.81
C ASP PB 91 -98.73 -47.56 -56.85
N GLN PB 92 -97.57 -47.67 -57.50
CA GLN PB 92 -97.16 -46.74 -58.53
C GLN PB 92 -96.99 -47.47 -59.85
N GLU PB 93 -97.30 -46.77 -60.94
CA GLU PB 93 -97.24 -47.37 -62.27
C GLU PB 93 -95.89 -47.15 -62.94
N ILE PB 94 -95.24 -46.04 -62.64
CA ILE PB 94 -93.94 -45.72 -63.22
C ILE PB 94 -92.86 -45.86 -62.13
N ILE PB 95 -92.24 -47.03 -62.06
CA ILE PB 95 -91.19 -47.30 -61.10
C ILE PB 95 -89.86 -46.98 -61.78
N GLU PB 96 -89.38 -45.76 -61.59
CA GLU PB 96 -88.14 -45.34 -62.24
C GLU PB 96 -86.96 -46.08 -61.62
N VAL PB 97 -86.20 -46.78 -62.45
CA VAL PB 97 -85.14 -47.67 -62.00
C VAL PB 97 -83.79 -47.21 -62.55
N ASP PB 98 -82.78 -47.25 -61.69
CA ASP PB 98 -81.44 -46.83 -62.10
C ASP PB 98 -80.82 -47.89 -63.01
N PRO PB 99 -80.00 -47.46 -63.99
CA PRO PB 99 -79.39 -48.42 -64.92
C PRO PB 99 -78.52 -49.49 -64.28
N ASP PB 100 -77.94 -49.24 -63.10
CA ASP PB 100 -77.12 -50.27 -62.46
C ASP PB 100 -77.97 -51.22 -61.64
N THR PB 101 -79.00 -50.70 -60.95
CA THR PB 101 -79.90 -51.59 -60.22
C THR PB 101 -80.92 -52.24 -61.14
N LYS PB 102 -80.91 -51.91 -62.43
CA LYS PB 102 -81.50 -52.82 -63.40
C LYS PB 102 -80.70 -54.11 -63.49
N GLU PB 103 -79.38 -54.00 -63.50
CA GLU PB 103 -78.49 -55.15 -63.69
C GLU PB 103 -78.60 -56.16 -62.55
N MET PB 104 -78.82 -55.69 -61.32
CA MET PB 104 -78.83 -56.61 -60.19
C MET PB 104 -79.99 -57.59 -60.24
N LEU PB 105 -81.10 -57.20 -60.87
CA LEU PB 105 -82.26 -58.07 -60.94
C LEU PB 105 -82.15 -59.13 -62.03
N LYS PB 106 -81.33 -58.86 -63.07
CA LYS PB 106 -81.20 -59.81 -64.17
C LYS PB 106 -80.56 -61.11 -63.73
N LEU PB 107 -79.69 -61.04 -62.72
CA LEU PB 107 -79.11 -62.26 -62.18
C LEU PB 107 -80.03 -62.93 -61.16
N LEU PB 108 -80.89 -62.15 -60.51
CA LEU PB 108 -81.85 -62.71 -59.56
C LEU PB 108 -83.05 -63.29 -60.30
N ASP PB 109 -84.04 -63.75 -59.54
CA ASP PB 109 -85.20 -64.42 -60.14
C ASP PB 109 -86.11 -63.44 -60.87
N PHE PB 110 -86.52 -62.37 -60.20
CA PHE PB 110 -87.42 -61.39 -60.79
C PHE PB 110 -86.58 -60.42 -61.61
N GLY PB 111 -86.31 -60.80 -62.86
CA GLY PB 111 -85.47 -60.00 -63.72
C GLY PB 111 -86.25 -59.20 -64.75
N SER PB 112 -87.29 -59.79 -65.32
CA SER PB 112 -88.09 -59.14 -66.34
C SER PB 112 -89.39 -58.63 -65.72
N LEU PB 113 -89.53 -57.31 -65.67
CA LEU PB 113 -90.73 -56.71 -65.09
C LEU PB 113 -91.51 -55.90 -66.12
N SER PB 114 -92.68 -55.42 -65.72
CA SER PB 114 -93.62 -54.75 -66.61
C SER PB 114 -93.65 -53.24 -66.42
N ASN PB 115 -93.82 -52.78 -65.20
CA ASN PB 115 -94.09 -51.37 -64.91
C ASN PB 115 -92.83 -50.64 -64.45
N LEU PB 116 -91.68 -51.03 -65.01
CA LEU PB 116 -90.37 -50.53 -64.56
C LEU PB 116 -89.63 -49.94 -65.76
N GLN PB 117 -89.66 -48.62 -65.90
CA GLN PB 117 -88.96 -47.94 -66.99
C GLN PB 117 -87.65 -47.35 -66.48
N VAL PB 118 -86.67 -47.27 -67.36
CA VAL PB 118 -85.28 -47.05 -66.97
C VAL PB 118 -84.90 -45.62 -67.32
N THR PB 119 -84.09 -44.98 -66.47
CA THR PB 119 -83.65 -43.61 -66.69
C THR PB 119 -82.29 -43.60 -67.40
N GLN PB 120 -81.70 -42.41 -67.44
CA GLN PB 120 -80.45 -42.05 -68.08
C GLN PB 120 -79.37 -41.85 -67.03
N PRO PB 121 -78.12 -42.23 -67.32
CA PRO PB 121 -77.07 -42.12 -66.30
C PRO PB 121 -76.61 -40.69 -66.10
N THR PB 122 -76.30 -40.35 -64.85
CA THR PB 122 -75.76 -39.04 -64.52
C THR PB 122 -74.28 -38.99 -64.89
N VAL PB 123 -73.90 -37.99 -65.67
CA VAL PB 123 -72.55 -37.90 -66.19
C VAL PB 123 -71.66 -37.10 -65.23
N GLY PB 124 -70.51 -37.67 -64.88
CA GLY PB 124 -69.53 -36.96 -64.08
C GLY PB 124 -69.69 -37.23 -62.59
N MET PB 125 -68.70 -37.88 -61.98
CA MET PB 125 -68.77 -38.11 -60.55
C MET PB 125 -68.50 -36.82 -59.79
N ASN PB 126 -69.54 -36.27 -59.18
CA ASN PB 126 -69.42 -35.08 -58.36
C ASN PB 126 -70.46 -35.15 -57.27
N PHE PB 127 -70.08 -35.67 -56.10
CA PHE PB 127 -71.11 -35.97 -55.11
C PHE PB 127 -70.74 -35.57 -53.69
N LYS PB 128 -69.45 -35.41 -53.40
CA LYS PB 128 -69.04 -35.07 -52.04
C LYS PB 128 -68.69 -33.60 -51.91
N THR PB 129 -68.54 -33.16 -50.67
CA THR PB 129 -68.40 -31.75 -50.36
C THR PB 129 -66.97 -31.27 -50.65
N PRO PB 130 -66.79 -30.06 -51.18
CA PRO PB 130 -65.45 -29.47 -51.23
C PRO PB 130 -64.93 -29.21 -49.82
N ARG PB 131 -63.69 -29.60 -49.57
CA ARG PB 131 -63.13 -29.58 -48.23
C ARG PB 131 -62.65 -28.19 -47.86
N GLY PB 132 -62.71 -27.86 -46.58
CA GLY PB 132 -62.26 -26.58 -46.10
C GLY PB 132 -63.06 -26.06 -44.93
N SER QB 1 -86.61 60.43 19.93
CA SER QB 1 -86.72 59.09 20.49
C SER QB 1 -85.86 58.09 19.70
N LEU QB 2 -86.07 58.06 18.38
CA LEU QB 2 -85.43 57.04 17.54
C LEU QB 2 -83.94 57.30 17.37
N VAL QB 3 -83.55 58.55 17.18
CA VAL QB 3 -82.15 58.90 16.95
C VAL QB 3 -81.40 58.83 18.28
N ILE QB 4 -80.08 58.73 18.21
CA ILE QB 4 -79.21 58.80 19.39
C ILE QB 4 -79.48 60.08 20.15
N PRO QB 5 -79.88 60.01 21.40
CA PRO QB 5 -80.19 61.23 22.15
C PRO QB 5 -78.93 61.95 22.60
N GLU QB 6 -79.10 63.04 23.33
CA GLU QB 6 -78.02 63.58 24.14
C GLU QB 6 -77.91 62.71 25.39
N LYS QB 7 -76.97 63.05 26.28
CA LYS QB 7 -76.51 62.29 27.45
C LYS QB 7 -76.39 60.80 27.15
N PHE QB 8 -75.81 60.47 25.99
CA PHE QB 8 -75.63 59.11 25.54
C PHE QB 8 -74.49 58.45 26.33
N GLN QB 9 -74.60 57.13 26.48
CA GLN QB 9 -73.60 56.39 27.25
C GLN QB 9 -73.21 55.15 26.44
N HIS QB 10 -71.91 54.87 26.42
CA HIS QB 10 -71.42 53.61 25.84
C HIS QB 10 -70.94 52.65 26.90
N ILE QB 11 -70.43 53.16 28.02
CA ILE QB 11 -69.91 52.31 29.10
C ILE QB 11 -70.41 52.83 30.43
N LEU QB 12 -71.02 51.97 31.23
CA LEU QB 12 -71.45 52.33 32.58
C LEU QB 12 -70.51 51.64 33.56
N ARG QB 13 -69.46 52.34 33.99
CA ARG QB 13 -68.55 51.77 34.97
C ARG QB 13 -69.22 51.85 36.33
N VAL QB 14 -70.03 50.85 36.65
CA VAL QB 14 -70.84 50.85 37.86
C VAL QB 14 -70.38 49.67 38.71
N LEU QB 15 -70.21 49.91 40.01
CA LEU QB 15 -69.64 48.96 40.97
C LEU QB 15 -68.29 48.43 40.47
N ASN QB 16 -67.45 49.38 40.03
CA ASN QB 16 -66.16 49.17 39.36
C ASN QB 16 -66.20 48.03 38.35
N THR QB 17 -67.29 47.92 37.61
CA THR QB 17 -67.46 46.88 36.61
C THR QB 17 -67.99 47.51 35.33
N ASN QB 18 -67.32 47.22 34.22
CA ASN QB 18 -67.70 47.82 32.95
C ASN QB 18 -68.97 47.18 32.43
N ILE QB 19 -69.93 48.01 32.05
CA ILE QB 19 -71.19 47.57 31.47
C ILE QB 19 -71.32 48.26 30.13
N ASP QB 20 -71.42 47.47 29.06
CA ASP QB 20 -71.60 48.02 27.72
C ASP QB 20 -72.93 48.74 27.59
N GLY QB 21 -72.96 49.71 26.67
CA GLY QB 21 -74.15 50.52 26.48
C GLY QB 21 -74.92 50.19 25.22
N ARG QB 22 -74.47 49.16 24.49
CA ARG QB 22 -75.09 48.85 23.20
C ARG QB 22 -76.32 47.97 23.33
N ARG QB 23 -76.44 47.19 24.38
CA ARG QB 23 -77.48 46.17 24.47
C ARG QB 23 -78.75 46.73 25.10
N LYS QB 24 -79.70 45.84 25.33
CA LYS QB 24 -80.84 46.11 26.19
C LYS QB 24 -80.38 46.09 27.64
N ILE QB 25 -81.14 46.80 28.49
CA ILE QB 25 -80.75 46.92 29.90
C ILE QB 25 -80.76 45.56 30.57
N ALA QB 26 -81.84 44.80 30.40
CA ALA QB 26 -82.00 43.51 31.05
C ALA QB 26 -80.98 42.47 30.59
N PHE QB 27 -80.25 42.73 29.51
CA PHE QB 27 -79.20 41.83 29.05
C PHE QB 27 -77.82 42.45 29.06
N ALA QB 28 -77.68 43.77 29.27
CA ALA QB 28 -76.35 44.34 29.43
C ALA QB 28 -75.80 44.10 30.82
N ILE QB 29 -76.67 43.92 31.81
CA ILE QB 29 -76.25 43.72 33.19
C ILE QB 29 -75.55 42.37 33.39
N THR QB 30 -75.65 41.45 32.43
CA THR QB 30 -74.99 40.15 32.59
C THR QB 30 -73.48 40.27 32.58
N ALA QB 31 -72.93 41.45 32.22
CA ALA QB 31 -71.50 41.67 32.32
C ALA QB 31 -71.03 41.63 33.77
N ILE QB 32 -71.81 42.17 34.69
CA ILE QB 32 -71.44 42.15 36.10
C ILE QB 32 -71.52 40.71 36.59
N LYS QB 33 -70.54 40.29 37.39
CA LYS QB 33 -70.63 39.00 38.04
C LYS QB 33 -71.73 39.06 39.10
N GLY QB 34 -72.29 37.89 39.40
CA GLY QB 34 -73.37 37.79 40.35
C GLY QB 34 -74.75 38.09 39.78
N VAL QB 35 -74.84 38.46 38.51
CA VAL QB 35 -76.13 38.68 37.85
C VAL QB 35 -76.11 38.05 36.46
N GLY QB 36 -77.04 37.12 36.24
CA GLY QB 36 -77.20 36.48 34.95
C GLY QB 36 -78.32 37.12 34.16
N ARG QB 37 -79.27 36.31 33.71
CA ARG QB 37 -80.41 36.85 33.00
C ARG QB 37 -81.66 36.89 33.86
N ARG QB 38 -81.89 35.85 34.66
CA ARG QB 38 -83.13 35.74 35.43
C ARG QB 38 -83.15 36.73 36.60
N TYR QB 39 -82.04 36.84 37.31
CA TYR QB 39 -81.91 37.86 38.34
C TYR QB 39 -81.93 39.26 37.75
N ALA QB 40 -81.61 39.41 36.46
CA ALA QB 40 -81.54 40.74 35.88
C ALA QB 40 -82.91 41.30 35.55
N HIS QB 41 -83.83 40.47 35.08
CA HIS QB 41 -85.16 40.96 34.72
C HIS QB 41 -85.96 41.38 35.95
N VAL QB 42 -85.84 40.64 37.06
CA VAL QB 42 -86.70 40.87 38.21
C VAL QB 42 -86.29 42.14 38.94
N VAL QB 43 -85.00 42.45 38.97
CA VAL QB 43 -84.55 43.68 39.62
C VAL QB 43 -84.96 44.88 38.79
N LEU QB 44 -85.00 44.73 37.47
CA LEU QB 44 -85.60 45.78 36.65
C LEU QB 44 -87.11 45.86 36.86
N ARG QB 45 -87.74 44.82 37.40
CA ARG QB 45 -89.16 44.86 37.70
C ARG QB 45 -89.47 45.46 39.06
N LYS QB 46 -88.52 45.44 40.00
CA LYS QB 46 -88.80 45.97 41.33
C LYS QB 46 -88.80 47.49 41.36
N ALA QB 47 -88.54 48.13 40.23
CA ALA QB 47 -88.83 49.55 40.04
C ALA QB 47 -89.43 49.72 38.66
N ASP QB 48 -90.25 50.75 38.50
CA ASP QB 48 -90.93 50.97 37.21
C ASP QB 48 -89.94 51.51 36.20
N ILE QB 49 -89.09 50.64 35.67
CA ILE QB 49 -88.05 51.02 34.72
C ILE QB 49 -88.38 50.39 33.38
N ASP QB 50 -88.36 51.20 32.33
CA ASP QB 50 -88.63 50.72 30.99
C ASP QB 50 -87.47 49.87 30.50
N LEU QB 51 -87.78 48.77 29.82
CA LEU QB 51 -86.75 47.87 29.33
C LEU QB 51 -86.89 47.56 27.85
N THR QB 52 -87.79 48.23 27.14
CA THR QB 52 -87.83 48.12 25.69
C THR QB 52 -86.91 49.12 25.02
N LYS QB 53 -86.12 49.84 25.80
CA LYS QB 53 -85.08 50.72 25.29
C LYS QB 53 -83.72 50.05 25.46
N ARG QB 54 -82.72 50.63 24.83
CA ARG QB 54 -81.37 50.10 24.92
C ARG QB 54 -80.71 50.53 26.23
N ALA QB 55 -79.42 50.24 26.34
CA ALA QB 55 -78.64 50.70 27.48
C ALA QB 55 -78.06 52.09 27.26
N GLY QB 56 -78.63 52.88 26.34
CA GLY QB 56 -78.09 54.20 26.04
C GLY QB 56 -79.15 55.29 26.03
N GLU QB 57 -80.21 55.12 26.82
CA GLU QB 57 -81.22 56.15 26.95
C GLU QB 57 -81.59 56.34 28.42
N LEU QB 58 -81.26 55.36 29.24
CA LEU QB 58 -81.69 55.38 30.64
C LEU QB 58 -80.92 56.44 31.42
N THR QB 59 -81.67 57.30 32.12
CA THR QB 59 -81.11 58.48 32.73
C THR QB 59 -80.29 58.13 33.98
N GLU QB 60 -79.45 59.07 34.39
CA GLU QB 60 -78.39 58.80 35.36
C GLU QB 60 -78.90 58.55 36.78
N ASP QB 61 -79.78 59.39 37.32
CA ASP QB 61 -80.14 59.24 38.73
C ASP QB 61 -80.94 57.98 39.02
N GLU QB 62 -81.45 57.30 38.00
CA GLU QB 62 -82.19 56.06 38.19
C GLU QB 62 -81.40 54.82 37.86
N VAL QB 63 -80.17 54.95 37.32
CA VAL QB 63 -79.31 53.77 37.31
C VAL QB 63 -78.80 53.52 38.72
N GLU QB 64 -78.77 54.56 39.56
CA GLU QB 64 -78.53 54.34 40.99
C GLU QB 64 -79.76 53.74 41.64
N ARG QB 65 -80.95 54.06 41.13
CA ARG QB 65 -82.16 53.37 41.57
C ARG QB 65 -82.10 51.89 41.23
N VAL QB 66 -81.36 51.51 40.21
CA VAL QB 66 -81.06 50.10 40.01
C VAL QB 66 -80.16 49.58 41.13
N ILE QB 67 -79.18 50.38 41.53
CA ILE QB 67 -78.11 49.89 42.40
C ILE QB 67 -78.62 49.66 43.82
N THR QB 68 -79.53 50.51 44.29
CA THR QB 68 -80.08 50.36 45.64
C THR QB 68 -80.81 49.03 45.79
N ILE QB 69 -81.27 48.43 44.70
CA ILE QB 69 -81.81 47.08 44.73
C ILE QB 69 -80.72 46.02 44.63
N MET QB 70 -79.60 46.32 43.96
CA MET QB 70 -78.60 45.32 43.58
C MET QB 70 -77.94 44.60 44.76
N GLN QB 71 -77.22 45.35 45.58
CA GLN QB 71 -76.50 44.72 46.69
C GLN QB 71 -77.44 44.37 47.84
N ASN QB 72 -78.55 45.08 47.97
CA ASN QB 72 -79.57 44.83 48.99
C ASN QB 72 -80.89 44.59 48.30
N PRO QB 73 -81.23 43.34 48.02
CA PRO QB 73 -82.55 43.04 47.44
C PRO QB 73 -83.60 42.78 48.51
N ARG QB 74 -83.16 42.70 49.77
CA ARG QB 74 -84.05 42.27 50.84
C ARG QB 74 -85.13 43.29 51.13
N GLN QB 75 -84.76 44.56 51.24
CA GLN QB 75 -85.73 45.59 51.56
C GLN QB 75 -86.58 46.01 50.37
N TYR QB 76 -86.41 45.37 49.22
CA TYR QB 76 -87.27 45.60 48.06
C TYR QB 76 -88.08 44.37 47.71
N LYS QB 77 -88.42 43.58 48.73
CA LYS QB 77 -89.24 42.36 48.67
C LYS QB 77 -88.81 41.40 47.57
N ILE QB 78 -87.52 41.09 47.51
CA ILE QB 78 -87.03 40.01 46.64
C ILE QB 78 -86.79 38.79 47.52
N PRO QB 79 -87.31 37.61 47.16
CA PRO QB 79 -87.20 36.44 48.04
C PRO QB 79 -85.80 35.89 48.12
N ASP QB 80 -85.56 34.96 49.05
CA ASP QB 80 -84.22 34.42 49.24
C ASP QB 80 -83.83 33.45 48.15
N TRP QB 81 -84.80 32.76 47.53
CA TRP QB 81 -84.47 31.74 46.54
C TRP QB 81 -84.03 32.32 45.20
N PHE QB 82 -83.93 33.63 45.08
CA PHE QB 82 -83.28 34.26 43.93
C PHE QB 82 -81.80 34.49 44.15
N LEU QB 83 -81.30 34.33 45.36
CA LEU QB 83 -79.99 34.81 45.74
C LEU QB 83 -78.91 33.80 45.38
N ASN QB 84 -77.76 34.32 44.98
CA ASN QB 84 -76.62 33.49 44.63
C ASN QB 84 -75.83 33.05 45.85
N ARG QB 85 -75.98 33.75 46.97
CA ARG QB 85 -75.38 33.33 48.24
C ARG QB 85 -76.50 33.33 49.27
N GLN QB 86 -77.19 32.20 49.39
CA GLN QB 86 -78.20 32.03 50.41
C GLN QB 86 -77.60 31.43 51.67
N LYS QB 87 -78.02 31.94 52.82
CA LYS QB 87 -77.66 31.42 54.14
C LYS QB 87 -76.15 31.35 54.32
N ASP QB 88 -75.50 32.51 54.37
CA ASP QB 88 -74.05 32.59 54.48
C ASP QB 88 -73.54 31.90 55.73
N VAL QB 89 -72.38 31.24 55.60
CA VAL QB 89 -71.93 30.26 56.58
C VAL QB 89 -71.63 30.90 57.94
N LYS QB 90 -71.17 32.15 57.93
CA LYS QB 90 -70.79 32.82 59.17
C LYS QB 90 -71.99 33.48 59.83
N ASP QB 91 -72.71 34.33 59.10
CA ASP QB 91 -73.74 35.14 59.71
C ASP QB 91 -75.16 34.75 59.30
N GLY QB 92 -75.33 33.96 58.25
CA GLY QB 92 -76.66 33.63 57.77
C GLY QB 92 -77.33 34.80 57.11
N LYS QB 93 -76.53 35.67 56.49
CA LYS QB 93 -77.04 36.84 55.78
C LYS QB 93 -77.37 36.44 54.36
N TYR QB 94 -78.66 36.37 54.05
CA TYR QB 94 -79.11 36.11 52.69
C TYR QB 94 -78.79 37.33 51.84
N SER QB 95 -77.72 37.26 51.06
CA SER QB 95 -77.19 38.41 50.36
C SER QB 95 -77.11 38.12 48.86
N GLN QB 96 -76.68 39.13 48.11
CA GLN QB 96 -76.42 39.01 46.68
C GLN QB 96 -75.17 39.82 46.34
N VAL QB 97 -74.17 39.15 45.77
CA VAL QB 97 -72.88 39.77 45.46
C VAL QB 97 -72.86 40.19 44.01
N LEU QB 98 -72.16 41.30 43.73
CA LEU QB 98 -72.10 41.84 42.37
C LEU QB 98 -70.67 42.23 42.02
N ALA QB 99 -69.88 41.26 41.55
CA ALA QB 99 -68.58 41.44 40.88
C ALA QB 99 -67.47 41.95 41.80
N ASN QB 100 -67.81 42.35 43.02
CA ASN QB 100 -66.79 42.68 43.99
C ASN QB 100 -66.62 41.55 44.99
N GLY QB 101 -67.70 41.18 45.67
CA GLY QB 101 -67.62 40.15 46.68
C GLY QB 101 -67.56 38.75 46.12
N LEU QB 102 -67.94 38.54 44.86
CA LEU QB 102 -68.10 37.19 44.35
C LEU QB 102 -66.77 36.45 44.29
N ASP QB 103 -65.79 37.02 43.59
CA ASP QB 103 -64.45 36.47 43.64
C ASP QB 103 -63.79 36.66 45.00
N ASN QB 104 -64.22 37.68 45.76
CA ASN QB 104 -63.70 37.87 47.11
C ASN QB 104 -64.19 36.78 48.05
N LYS QB 105 -65.48 36.44 47.99
CA LYS QB 105 -65.99 35.34 48.78
C LYS QB 105 -65.53 33.99 48.25
N LEU QB 106 -65.09 33.96 46.99
CA LEU QB 106 -64.65 32.73 46.34
C LEU QB 106 -63.32 32.23 46.87
N ARG QB 107 -62.40 33.13 47.22
CA ARG QB 107 -61.15 32.70 47.84
C ARG QB 107 -61.28 32.57 49.36
N GLU QB 108 -62.50 32.46 49.86
CA GLU QB 108 -62.76 32.12 51.25
C GLU QB 108 -63.26 30.69 51.38
N ASP QB 109 -64.20 30.26 50.54
CA ASP QB 109 -64.70 28.90 50.59
C ASP QB 109 -63.64 27.89 50.15
N LEU QB 110 -62.60 28.33 49.44
CA LEU QB 110 -61.44 27.48 49.23
C LEU QB 110 -60.78 27.13 50.55
N GLU QB 111 -60.44 28.14 51.34
CA GLU QB 111 -59.76 27.93 52.61
C GLU QB 111 -60.70 27.49 53.71
N ARG QB 112 -62.01 27.68 53.55
CA ARG QB 112 -62.97 27.01 54.42
C ARG QB 112 -63.09 25.53 54.07
N LEU QB 113 -62.51 25.10 52.96
CA LEU QB 113 -62.40 23.70 52.59
C LEU QB 113 -60.97 23.19 52.68
N LYS QB 114 -59.98 24.05 52.50
CA LYS QB 114 -58.58 23.63 52.41
C LYS QB 114 -57.92 23.50 53.78
N LYS QB 115 -58.19 24.44 54.69
CA LYS QB 115 -57.64 24.34 56.04
C LYS QB 115 -58.19 23.13 56.78
N ILE QB 116 -59.46 22.79 56.53
CA ILE QB 116 -60.08 21.71 57.28
C ILE QB 116 -59.78 20.33 56.71
N ARG QB 117 -58.93 20.26 55.67
CA ARG QB 117 -58.52 19.00 55.02
C ARG QB 117 -59.72 18.21 54.54
N ALA QB 118 -60.60 18.87 53.77
CA ALA QB 118 -61.80 18.23 53.27
C ALA QB 118 -61.55 17.64 51.89
N HIS QB 119 -62.21 16.50 51.63
CA HIS QB 119 -62.06 15.81 50.34
C HIS QB 119 -62.55 16.68 49.19
N ARG QB 120 -63.57 17.51 49.43
CA ARG QB 120 -64.04 18.42 48.41
C ARG QB 120 -62.99 19.47 48.07
N GLY QB 121 -62.34 20.02 49.09
CA GLY QB 121 -61.37 21.09 48.84
C GLY QB 121 -60.06 20.61 48.30
N LEU QB 122 -59.65 19.38 48.64
CA LEU QB 122 -58.38 18.85 48.17
C LEU QB 122 -58.37 18.68 46.66
N ARG QB 123 -59.52 18.38 46.07
CA ARG QB 123 -59.60 18.33 44.61
C ARG QB 123 -59.49 19.71 43.98
N HIS QB 124 -59.96 20.75 44.66
CA HIS QB 124 -59.78 22.11 44.15
C HIS QB 124 -58.31 22.52 44.17
N PHE QB 125 -57.54 22.00 45.13
CA PHE QB 125 -56.10 22.23 45.14
C PHE QB 125 -55.45 21.59 43.93
N TRP QB 126 -55.79 20.34 43.64
CA TRP QB 126 -55.22 19.65 42.49
C TRP QB 126 -55.84 20.14 41.20
N GLY QB 127 -57.09 20.59 41.23
CA GLY QB 127 -57.74 21.10 40.04
C GLY QB 127 -58.50 20.04 39.28
N LEU QB 128 -58.74 18.91 39.93
CA LEU QB 128 -59.48 17.81 39.35
C LEU QB 128 -60.98 18.10 39.41
N ARG QB 129 -61.76 17.21 38.82
CA ARG QB 129 -63.22 17.29 38.89
C ARG QB 129 -63.63 16.90 40.30
N VAL QB 130 -64.47 17.73 40.93
CA VAL QB 130 -64.82 17.49 42.33
C VAL QB 130 -66.23 16.94 42.46
N ARG QB 131 -67.11 17.24 41.50
CA ARG QB 131 -68.51 16.86 41.60
C ARG QB 131 -68.76 15.41 41.20
N GLY QB 132 -67.71 14.60 41.19
CA GLY QB 132 -67.85 13.16 41.01
C GLY QB 132 -67.89 12.74 39.56
N GLN QB 133 -67.06 13.38 38.73
CA GLN QB 133 -67.03 13.13 37.31
C GLN QB 133 -66.02 12.02 37.02
N HIS QB 134 -66.29 11.25 35.98
CA HIS QB 134 -65.35 10.23 35.54
C HIS QB 134 -64.13 10.88 34.92
N THR QB 135 -62.98 10.72 35.56
CA THR QB 135 -61.79 11.47 35.20
C THR QB 135 -60.87 10.70 34.26
N LYS QB 136 -61.09 9.39 34.10
CA LYS QB 136 -60.23 8.58 33.25
C LYS QB 136 -60.24 9.01 31.80
N THR QB 137 -61.41 9.31 31.26
CA THR QB 137 -61.54 9.55 29.83
C THR QB 137 -61.74 11.00 29.46
N THR QB 138 -62.16 11.85 30.39
CA THR QB 138 -62.50 13.24 30.09
C THR QB 138 -61.60 14.19 30.87
N GLY QB 139 -61.56 15.43 30.41
CA GLY QB 139 -60.71 16.44 31.01
C GLY QB 139 -59.26 16.28 30.62
N ARG QB 140 -58.97 16.37 29.33
CA ARG QB 140 -57.63 16.14 28.82
C ARG QB 140 -56.90 17.41 28.43
N ARG QB 141 -57.62 18.45 28.01
CA ARG QB 141 -57.02 19.71 27.58
C ARG QB 141 -56.23 20.40 28.68
N GLY QB 142 -56.87 20.64 29.82
CA GLY QB 142 -56.22 21.38 30.90
C GLY QB 142 -55.02 20.67 31.46
N ARG QB 143 -55.10 19.36 31.65
CA ARG QB 143 -53.97 18.56 32.12
C ARG QB 143 -53.20 18.00 30.92
N THR QB 144 -52.33 18.85 30.39
CA THR QB 144 -51.46 18.54 29.24
C THR QB 144 -52.23 18.03 28.02
N GLY RB 1 -125.72 35.47 14.68
CA GLY RB 1 -125.01 35.24 15.93
C GLY RB 1 -124.01 34.11 15.85
N VAL RB 2 -122.88 34.26 16.55
CA VAL RB 2 -121.79 33.30 16.52
C VAL RB 2 -121.29 33.08 17.93
N THR RB 3 -120.63 31.95 18.13
CA THR RB 3 -120.02 31.60 19.41
C THR RB 3 -118.51 31.81 19.33
N VAL RB 4 -117.80 31.37 20.37
CA VAL RB 4 -116.34 31.44 20.38
C VAL RB 4 -115.69 30.50 19.37
N LYS RB 5 -116.39 29.44 18.97
CA LYS RB 5 -115.83 28.47 18.05
C LYS RB 5 -115.71 28.99 16.62
N ASP RB 6 -116.37 30.12 16.31
CA ASP RB 6 -116.31 30.73 14.98
C ASP RB 6 -115.17 31.74 14.86
N VAL RB 7 -114.36 31.89 15.91
CA VAL RB 7 -113.35 32.93 15.98
C VAL RB 7 -111.97 32.28 15.98
N ASN RB 8 -111.02 32.89 15.27
CA ASN RB 8 -109.64 32.45 15.34
C ASN RB 8 -109.10 32.62 16.75
N GLN RB 9 -108.46 31.57 17.26
CA GLN RB 9 -108.04 31.53 18.66
C GLN RB 9 -106.85 32.43 18.94
N GLN RB 10 -106.09 32.83 17.92
CA GLN RB 10 -104.92 33.67 18.15
C GLN RB 10 -105.32 35.07 18.57
N GLU RB 11 -106.33 35.65 17.93
CA GLU RB 11 -106.85 36.94 18.37
C GLU RB 11 -108.04 36.78 19.30
N PHE RB 12 -108.11 35.68 20.05
CA PHE RB 12 -109.08 35.56 21.11
C PHE RB 12 -108.46 35.68 22.49
N VAL RB 13 -107.21 35.25 22.67
CA VAL RB 13 -106.63 35.15 24.00
C VAL RB 13 -106.24 36.52 24.53
N ARG RB 14 -106.15 37.51 23.64
CA ARG RB 14 -106.00 38.89 24.10
C ARG RB 14 -107.34 39.61 24.19
N ALA RB 15 -108.38 39.08 23.56
CA ALA RB 15 -109.71 39.66 23.70
C ALA RB 15 -110.22 39.50 25.12
N LEU RB 16 -110.15 38.29 25.67
CA LEU RB 16 -110.48 38.07 27.07
C LEU RB 16 -109.51 38.76 28.01
N ALA RB 17 -108.29 39.06 27.54
CA ALA RB 17 -107.40 39.90 28.32
C ALA RB 17 -107.92 41.33 28.40
N ALA RB 18 -108.64 41.77 27.36
CA ALA RB 18 -109.18 43.13 27.36
C ALA RB 18 -110.41 43.27 28.25
N PHE RB 19 -111.18 42.21 28.44
CA PHE RB 19 -112.35 42.29 29.31
C PHE RB 19 -111.96 42.37 30.78
N LEU RB 20 -110.82 41.79 31.16
CA LEU RB 20 -110.34 41.91 32.53
C LEU RB 20 -109.67 43.25 32.81
N LYS RB 21 -109.48 44.08 31.78
CA LYS RB 21 -108.95 45.42 31.98
C LYS RB 21 -109.98 46.34 32.62
N LYS RB 22 -111.26 46.16 32.27
CA LYS RB 22 -112.33 46.91 32.93
C LYS RB 22 -112.71 46.32 34.27
N SER RB 23 -112.14 45.18 34.66
CA SER RB 23 -112.49 44.53 35.91
C SER RB 23 -111.58 44.96 37.05
N GLY RB 24 -110.30 44.65 36.95
CA GLY RB 24 -109.32 44.94 37.98
C GLY RB 24 -109.62 44.42 39.37
N LYS RB 25 -110.42 43.34 39.45
CA LYS RB 25 -110.86 42.82 40.74
C LYS RB 25 -110.79 41.29 40.74
N LEU RB 26 -109.74 40.73 40.14
CA LEU RB 26 -109.49 39.30 40.18
C LEU RB 26 -108.59 38.88 41.33
N LYS RB 27 -108.21 39.83 42.19
CA LYS RB 27 -107.25 39.66 43.29
C LYS RB 27 -105.98 38.92 42.84
N VAL RB 28 -105.29 39.54 41.88
CA VAL RB 28 -104.04 39.06 41.31
C VAL RB 28 -103.01 38.90 42.42
N PRO RB 29 -102.26 37.78 42.45
CA PRO RB 29 -101.29 37.57 43.54
C PRO RB 29 -100.14 38.57 43.57
N GLU RB 30 -99.32 38.47 44.60
CA GLU RB 30 -98.26 39.45 44.84
C GLU RB 30 -96.96 39.11 44.14
N TRP RB 31 -96.58 37.84 44.05
CA TRP RB 31 -95.29 37.44 43.50
C TRP RB 31 -95.32 37.25 42.00
N VAL RB 32 -96.35 37.77 41.33
CA VAL RB 32 -96.49 37.61 39.89
C VAL RB 32 -95.36 38.32 39.12
N ASP RB 33 -94.83 39.41 39.64
CA ASP RB 33 -93.86 40.23 38.94
C ASP RB 33 -92.47 39.62 38.93
N THR RB 34 -92.23 38.58 39.71
CA THR RB 34 -90.88 38.05 39.88
C THR RB 34 -90.87 36.53 39.81
N VAL RB 35 -91.75 35.95 39.00
CA VAL RB 35 -91.92 34.50 38.97
C VAL RB 35 -91.79 34.02 37.53
N LYS RB 36 -91.34 32.78 37.38
CA LYS RB 36 -91.25 32.07 36.11
C LYS RB 36 -92.51 31.23 35.98
N LEU RB 37 -92.92 30.98 34.74
CA LEU RB 37 -94.16 30.24 34.52
C LEU RB 37 -94.02 28.79 34.97
N ALA RB 38 -92.87 28.18 34.72
CA ALA RB 38 -92.70 26.76 35.02
C ALA RB 38 -91.22 26.43 35.13
N LYS RB 39 -90.94 25.22 35.63
CA LYS RB 39 -89.58 24.75 35.80
C LYS RB 39 -88.88 24.43 34.48
N HIS RB 40 -89.63 24.24 33.39
CA HIS RB 40 -88.98 24.05 32.11
C HIS RB 40 -88.59 25.36 31.46
N LYS RB 41 -89.16 26.47 31.93
CA LYS RB 41 -88.72 27.80 31.54
C LYS RB 41 -87.65 28.28 32.52
N GLU RB 42 -86.95 29.33 32.12
CA GLU RB 42 -85.87 29.88 32.92
C GLU RB 42 -85.99 31.39 33.08
N LEU RB 43 -86.75 32.04 32.21
CA LEU RB 43 -87.02 33.47 32.26
C LEU RB 43 -88.45 33.71 32.74
N ALA RB 44 -88.85 34.94 32.69
CA ALA RB 44 -90.19 35.49 32.84
C ALA RB 44 -90.70 35.92 31.47
N PRO RB 45 -92.02 36.03 31.27
CA PRO RB 45 -92.53 36.43 29.95
C PRO RB 45 -92.29 37.90 29.66
N TYR RB 46 -92.80 38.34 28.50
CA TYR RB 46 -92.50 39.68 28.03
C TYR RB 46 -93.58 40.69 28.38
N ASP RB 47 -94.85 40.33 28.22
CA ASP RB 47 -95.95 41.24 28.51
C ASP RB 47 -96.05 41.43 30.02
N GLU RB 48 -96.38 42.65 30.45
CA GLU RB 48 -96.46 42.94 31.87
C GLU RB 48 -97.60 42.17 32.53
N ASN RB 49 -98.79 42.23 31.93
CA ASN RB 49 -99.93 41.48 32.43
C ASN RB 49 -100.06 40.14 31.69
N TRP RB 50 -99.00 39.34 31.78
CA TRP RB 50 -99.07 37.97 31.28
C TRP RB 50 -99.99 37.11 32.13
N PHE RB 51 -100.17 37.48 33.40
CA PHE RB 51 -101.18 36.85 34.23
C PHE RB 51 -102.59 37.19 33.77
N TYR RB 52 -102.74 38.31 33.05
CA TYR RB 52 -103.98 38.60 32.37
C TYR RB 52 -104.06 37.93 31.01
N THR RB 53 -102.99 37.28 30.58
CA THR RB 53 -102.99 36.54 29.32
C THR RB 53 -103.20 35.05 29.55
N ARG RB 54 -102.50 34.47 30.53
CA ARG RB 54 -102.66 33.04 30.78
C ARG RB 54 -104.00 32.71 31.42
N ALA RB 55 -104.51 33.61 32.26
CA ALA RB 55 -105.86 33.44 32.78
C ALA RB 55 -106.88 33.56 31.66
N ALA RB 56 -106.59 34.39 30.65
CA ALA RB 56 -107.47 34.54 29.52
C ALA RB 56 -107.51 33.32 28.62
N SER RB 57 -106.56 32.39 28.77
CA SER RB 57 -106.55 31.17 27.97
C SER RB 57 -107.24 30.03 28.69
N THR RB 58 -107.37 30.11 30.01
CA THR RB 58 -108.00 29.04 30.78
C THR RB 58 -109.49 28.92 30.50
N ALA RB 59 -110.20 30.05 30.40
CA ALA RB 59 -111.65 30.01 30.28
C ALA RB 59 -112.08 29.42 28.94
N ARG RB 60 -111.32 29.68 27.88
CA ARG RB 60 -111.64 29.06 26.61
C ARG RB 60 -111.24 27.59 26.59
N HIS RB 61 -110.21 27.21 27.34
CA HIS RB 61 -109.90 25.79 27.49
C HIS RB 61 -110.95 25.10 28.34
N LEU RB 62 -111.44 25.78 29.38
CA LEU RB 62 -112.55 25.24 30.15
C LEU RB 62 -113.86 25.31 29.38
N TYR RB 63 -113.91 26.04 28.28
CA TYR RB 63 -115.06 25.97 27.40
C TYR RB 63 -115.07 24.66 26.62
N LEU RB 64 -113.91 24.25 26.09
CA LEU RB 64 -113.83 23.06 25.26
C LEU RB 64 -114.07 21.80 26.07
N ARG RB 65 -113.43 21.69 27.23
CA ARG RB 65 -113.55 20.50 28.04
C ARG RB 65 -113.42 20.87 29.51
N GLY RB 66 -114.45 20.53 30.28
CA GLY RB 66 -114.56 20.90 31.67
C GLY RB 66 -114.32 19.74 32.60
N GLY RB 67 -114.46 20.02 33.89
CA GLY RB 67 -114.07 19.08 34.92
C GLY RB 67 -112.58 18.94 35.08
N ALA RB 68 -111.79 19.78 34.41
CA ALA RB 68 -110.34 19.73 34.50
C ALA RB 68 -109.88 20.34 35.81
N GLY RB 69 -109.02 19.64 36.52
CA GLY RB 69 -108.50 20.09 37.79
C GLY RB 69 -107.11 20.65 37.68
N VAL RB 70 -106.42 20.71 38.82
CA VAL RB 70 -105.14 21.39 38.90
C VAL RB 70 -104.05 20.58 38.20
N GLY RB 71 -104.20 19.26 38.15
CA GLY RB 71 -103.22 18.44 37.46
C GLY RB 71 -103.41 18.44 35.96
N SER RB 72 -104.62 18.72 35.49
CA SER RB 72 -104.88 18.79 34.07
C SER RB 72 -104.50 20.15 33.47
N MET RB 73 -104.24 21.15 34.32
CA MET RB 73 -103.86 22.46 33.82
C MET RB 73 -102.37 22.55 33.57
N THR RB 74 -101.56 21.83 34.33
CA THR RB 74 -100.12 21.90 34.15
C THR RB 74 -99.65 21.17 32.90
N LYS RB 75 -100.39 20.15 32.46
CA LYS RB 75 -100.01 19.40 31.27
C LYS RB 75 -100.14 20.26 30.01
N ILE RB 76 -101.25 20.99 29.88
CA ILE RB 76 -101.49 21.74 28.66
C ILE RB 76 -100.57 22.95 28.58
N TYR RB 77 -100.36 23.64 29.71
CA TYR RB 77 -99.52 24.83 29.73
C TYR RB 77 -98.04 24.51 29.91
N GLY RB 78 -97.66 23.23 29.89
CA GLY RB 78 -96.28 22.86 29.99
C GLY RB 78 -95.57 23.05 28.66
N GLY RB 79 -94.41 22.42 28.54
CA GLY RB 79 -93.61 22.57 27.34
C GLY RB 79 -92.40 21.69 27.38
N ARG RB 80 -91.67 21.72 26.26
CA ARG RB 80 -90.45 20.93 26.14
C ARG RB 80 -89.38 21.46 27.09
N GLN RB 81 -88.98 20.63 28.04
CA GLN RB 81 -87.90 20.96 28.97
C GLN RB 81 -86.59 20.73 28.22
N ARG RB 82 -86.09 21.78 27.59
CA ARG RB 82 -84.85 21.65 26.84
C ARG RB 82 -83.68 21.49 27.81
N ASN RB 83 -83.32 20.26 28.10
CA ASN RB 83 -82.31 19.95 29.10
C ASN RB 83 -80.92 20.33 28.69
N GLY RB 84 -80.68 20.86 27.50
CA GLY RB 84 -79.34 21.26 27.13
C GLY RB 84 -78.48 20.09 26.72
N VAL RB 85 -77.56 19.68 27.61
CA VAL RB 85 -76.60 18.64 27.29
C VAL RB 85 -77.26 17.28 27.09
N MET RB 86 -78.38 17.05 27.72
CA MET RB 86 -79.08 15.78 27.53
C MET RB 86 -80.19 15.95 26.51
N PRO RB 87 -80.66 14.85 25.90
CA PRO RB 87 -81.89 14.95 25.10
C PRO RB 87 -83.07 15.27 25.99
N SER RB 88 -84.05 15.95 25.42
CA SER RB 88 -85.06 16.60 26.24
C SER RB 88 -86.15 15.63 26.70
N HIS RB 89 -86.86 16.03 27.73
CA HIS RB 89 -88.09 15.41 28.18
C HIS RB 89 -89.18 16.47 28.21
N PHE RB 90 -90.42 16.03 28.34
CA PHE RB 90 -91.52 16.96 28.47
C PHE RB 90 -91.72 17.32 29.94
N SER RB 91 -92.22 18.52 30.19
CA SER RB 91 -92.38 19.01 31.55
C SER RB 91 -93.68 19.79 31.67
N ARG RB 92 -94.44 19.48 32.72
CA ARG RB 92 -95.68 20.20 32.98
C ARG RB 92 -95.39 21.58 33.52
N GLY RB 93 -96.45 22.38 33.65
CA GLY RB 93 -96.34 23.71 34.20
C GLY RB 93 -96.22 23.70 35.71
N SER RB 94 -96.18 24.90 36.28
CA SER RB 94 -96.16 25.05 37.73
C SER RB 94 -97.56 24.85 38.31
N LYS RB 95 -97.62 24.20 39.48
CA LYS RB 95 -98.90 23.88 40.09
C LYS RB 95 -99.58 25.14 40.64
N SER RB 96 -98.80 26.09 41.16
CA SER RB 96 -99.39 27.26 41.79
C SER RB 96 -99.91 28.25 40.74
N VAL RB 97 -99.20 28.40 39.62
CA VAL RB 97 -99.62 29.39 38.62
C VAL RB 97 -100.90 28.95 37.94
N ALA RB 98 -101.21 27.64 37.97
CA ALA RB 98 -102.52 27.18 37.59
C ALA RB 98 -103.52 27.29 38.74
N ARG RB 99 -103.06 27.09 39.98
CA ARG RB 99 -103.95 27.17 41.13
C ARG RB 99 -104.36 28.60 41.45
N ARG RB 100 -103.54 29.58 41.10
CA ARG RB 100 -103.91 30.97 41.33
C ARG RB 100 -104.79 31.54 40.23
N VAL RB 101 -104.92 30.85 39.10
CA VAL RB 101 -105.86 31.30 38.07
C VAL RB 101 -107.25 30.76 38.37
N LEU RB 102 -107.35 29.48 38.74
CA LEU RB 102 -108.62 28.93 39.16
C LEU RB 102 -109.05 29.41 40.55
N GLN RB 103 -108.18 30.13 41.26
CA GLN RB 103 -108.60 30.91 42.42
C GLN RB 103 -108.86 32.36 42.08
N ALA RB 104 -108.27 32.88 41.01
CA ALA RB 104 -108.65 34.21 40.54
C ALA RB 104 -110.04 34.20 39.93
N LEU RB 105 -110.39 33.14 39.21
CA LEU RB 105 -111.71 33.05 38.60
C LEU RB 105 -112.74 32.40 39.50
N GLU RB 106 -112.40 32.18 40.78
CA GLU RB 106 -113.42 31.92 41.78
C GLU RB 106 -113.73 33.16 42.61
N GLY RB 107 -112.83 34.15 42.57
CA GLY RB 107 -113.14 35.44 43.19
C GLY RB 107 -114.31 36.12 42.51
N LEU RB 108 -114.25 36.23 41.19
CA LEU RB 108 -115.40 36.65 40.39
C LEU RB 108 -116.01 35.38 39.82
N LYS RB 109 -117.35 35.29 39.87
CA LYS RB 109 -118.04 34.11 39.39
C LYS RB 109 -117.90 33.99 37.88
N MET RB 110 -116.99 33.13 37.43
CA MET RB 110 -116.85 32.82 36.01
C MET RB 110 -116.62 31.33 35.81
N VAL RB 111 -116.29 30.61 36.90
CA VAL RB 111 -116.01 29.17 36.87
C VAL RB 111 -116.67 28.56 38.09
N GLU RB 112 -117.15 27.32 37.96
CA GLU RB 112 -117.63 26.56 39.09
C GLU RB 112 -116.89 25.25 39.20
N LYS RB 113 -117.05 24.59 40.35
CA LYS RB 113 -116.51 23.26 40.58
C LYS RB 113 -117.50 22.24 40.02
N ASP RB 114 -116.98 21.26 39.29
CA ASP RB 114 -117.78 20.14 38.85
C ASP RB 114 -117.99 19.16 40.01
N GLN RB 115 -119.09 18.42 39.93
CA GLN RB 115 -119.29 17.31 40.86
C GLN RB 115 -118.19 16.27 40.67
N ASP RB 116 -117.75 15.70 41.80
CA ASP RB 116 -116.57 14.84 41.89
C ASP RB 116 -115.31 15.54 41.38
N GLY RB 117 -115.17 16.84 41.65
CA GLY RB 117 -113.96 17.57 41.32
C GLY RB 117 -113.95 18.13 39.90
N GLY RB 118 -113.18 19.19 39.72
CA GLY RB 118 -112.98 19.82 38.44
C GLY RB 118 -113.29 21.29 38.47
N ARG RB 119 -113.10 21.92 37.31
CA ARG RB 119 -113.34 23.36 37.12
C ARG RB 119 -113.97 23.53 35.75
N LYS RB 120 -115.21 24.01 35.71
CA LYS RB 120 -115.95 24.17 34.46
C LYS RB 120 -116.65 25.51 34.40
N LEU RB 121 -116.98 25.95 33.18
CA LEU RB 121 -117.44 27.31 32.95
C LEU RB 121 -118.93 27.46 33.29
N THR RB 122 -119.29 28.64 33.76
CA THR RB 122 -120.66 28.90 34.19
C THR RB 122 -121.49 29.48 33.03
N PRO RB 123 -122.82 29.30 33.06
CA PRO RB 123 -123.65 29.87 32.00
C PRO RB 123 -123.64 31.39 31.91
N GLN RB 124 -123.64 32.11 33.04
CA GLN RB 124 -123.60 33.56 32.94
C GLN RB 124 -122.24 34.06 32.53
N GLY RB 125 -121.21 33.25 32.69
CA GLY RB 125 -119.92 33.50 32.07
C GLY RB 125 -119.87 33.13 30.62
N GLN RB 126 -120.80 32.27 30.19
CA GLN RB 126 -121.02 31.99 28.78
C GLN RB 126 -121.92 33.04 28.14
N ARG RB 127 -122.58 33.88 28.93
CA ARG RB 127 -123.33 35.01 28.38
C ARG RB 127 -122.40 36.05 27.79
N ASP RB 128 -121.48 36.57 28.60
CA ASP RB 128 -120.59 37.65 28.18
C ASP RB 128 -119.38 37.17 27.40
N LEU RB 129 -119.03 35.89 27.47
CA LEU RB 129 -118.03 35.35 26.57
C LEU RB 129 -118.54 35.28 25.13
N ASP RB 130 -119.84 35.11 24.95
CA ASP RB 130 -120.45 35.24 23.64
C ASP RB 130 -120.75 36.69 23.28
N ARG RB 131 -120.22 37.64 24.06
CA ARG RB 131 -120.27 39.03 23.64
C ARG RB 131 -118.92 39.48 23.10
N ILE RB 132 -117.82 38.99 23.68
CA ILE RB 132 -116.50 39.24 23.11
C ILE RB 132 -116.24 38.37 21.90
N ALA RB 133 -117.03 37.33 21.68
CA ALA RB 133 -117.00 36.57 20.45
C ALA RB 133 -117.68 37.28 19.31
N GLY RB 134 -118.48 38.30 19.61
CA GLY RB 134 -119.10 39.11 18.58
C GLY RB 134 -118.25 40.30 18.22
N GLN RB 135 -117.52 40.86 19.19
CA GLN RB 135 -116.72 42.03 18.93
C GLN RB 135 -115.51 41.72 18.06
N VAL RB 136 -115.05 40.47 18.06
CA VAL RB 136 -113.99 40.08 17.14
C VAL RB 136 -114.53 39.82 15.75
N ALA RB 137 -115.66 39.11 15.63
CA ALA RB 137 -116.18 38.71 14.33
C ALA RB 137 -116.81 39.88 13.58
N ALA RB 138 -117.53 40.76 14.28
CA ALA RB 138 -118.13 41.90 13.62
C ALA RB 138 -117.11 42.93 13.17
N ALA RB 139 -115.93 42.96 13.80
CA ALA RB 139 -114.87 43.88 13.39
C ALA RB 139 -114.13 43.42 12.15
N LYS RB 140 -114.05 42.12 11.92
CA LYS RB 140 -113.32 41.59 10.76
C LYS RB 140 -114.22 41.30 9.57
N LYS RB 141 -115.50 41.64 9.65
CA LYS RB 141 -116.39 41.53 8.50
C LYS RB 141 -116.68 42.90 7.92
N HIS SB 1 -131.13 -9.96 38.31
CA HIS SB 1 -131.58 -10.72 37.15
C HIS SB 1 -130.62 -10.56 35.98
N ARG SB 2 -129.90 -9.44 35.96
CA ARG SB 2 -128.97 -9.13 34.88
C ARG SB 2 -127.61 -9.73 35.23
N ILE SB 3 -127.32 -10.89 34.65
CA ILE SB 3 -126.12 -11.66 34.96
C ILE SB 3 -125.15 -11.58 33.79
N ARG SB 4 -123.86 -11.49 34.11
CA ARG SB 4 -122.81 -11.30 33.12
C ARG SB 4 -121.80 -12.44 33.24
N ILE SB 5 -121.44 -13.03 32.09
CA ILE SB 5 -120.52 -14.16 32.05
C ILE SB 5 -119.31 -13.79 31.21
N THR SB 6 -118.11 -13.99 31.76
CA THR SB 6 -116.87 -13.63 31.10
C THR SB 6 -116.28 -14.85 30.39
N LEU SB 7 -115.76 -14.63 29.19
CA LEU SB 7 -115.16 -15.68 28.36
C LEU SB 7 -113.77 -15.19 27.93
N THR SB 8 -112.74 -15.68 28.60
CA THR SB 8 -111.36 -15.24 28.37
C THR SB 8 -110.45 -16.45 28.19
N SER SB 9 -109.63 -16.42 27.14
CA SER SB 9 -108.72 -17.53 26.84
C SER SB 9 -107.57 -17.06 25.97
N ARG SB 10 -106.70 -18.01 25.64
CA ARG SB 10 -105.50 -17.77 24.85
C ARG SB 10 -105.66 -18.20 23.40
N ASN SB 11 -105.96 -19.48 23.17
CA ASN SB 11 -106.11 -20.01 21.82
C ASN SB 11 -107.44 -19.51 21.23
N VAL SB 12 -107.37 -18.94 20.03
CA VAL SB 12 -108.54 -18.34 19.40
C VAL SB 12 -109.59 -19.40 19.09
N LYS SB 13 -109.15 -20.57 18.66
CA LYS SB 13 -110.08 -21.66 18.40
C LYS SB 13 -110.69 -22.20 19.69
N SER SB 14 -109.98 -22.06 20.81
CA SER SB 14 -110.50 -22.54 22.09
C SER SB 14 -111.56 -21.62 22.67
N LEU SB 15 -111.52 -20.33 22.36
CA LEU SB 15 -112.49 -19.39 22.88
C LEU SB 15 -113.64 -19.13 21.92
N GLU SB 16 -113.42 -19.21 20.61
CA GLU SB 16 -114.48 -18.94 19.65
C GLU SB 16 -115.51 -20.06 19.63
N LYS SB 17 -115.08 -21.31 19.77
CA LYS SB 17 -116.03 -22.42 19.72
C LYS SB 17 -116.86 -22.54 20.99
N VAL SB 18 -116.33 -22.16 22.15
CA VAL SB 18 -117.08 -22.27 23.39
C VAL SB 18 -118.01 -21.09 23.60
N CYS SB 19 -117.72 -19.95 22.97
CA CYS SB 19 -118.65 -18.84 23.02
C CYS SB 19 -119.94 -19.16 22.25
N ALA SB 20 -119.81 -19.82 21.11
CA ALA SB 20 -120.97 -20.18 20.31
C ALA SB 20 -121.72 -21.38 20.85
N ASP SB 21 -121.03 -22.34 21.46
CA ASP SB 21 -121.73 -23.46 22.08
C ASP SB 21 -122.53 -23.02 23.29
N LEU SB 22 -122.03 -22.03 24.02
CA LEU SB 22 -122.79 -21.45 25.12
C LEU SB 22 -123.97 -20.62 24.62
N ILE SB 23 -123.91 -20.16 23.37
CA ILE SB 23 -125.07 -19.53 22.76
C ILE SB 23 -126.12 -20.58 22.40
N ARG SB 24 -125.66 -21.77 21.99
CA ARG SB 24 -126.58 -22.84 21.57
C ARG SB 24 -127.45 -23.34 22.70
N GLY SB 25 -126.91 -23.40 23.92
CA GLY SB 25 -127.72 -23.75 25.06
C GLY SB 25 -128.61 -22.64 25.56
N ALA SB 26 -128.46 -21.44 25.03
CA ALA SB 26 -129.24 -20.30 25.48
C ALA SB 26 -130.55 -20.14 24.72
N LYS SB 27 -130.56 -20.43 23.42
CA LYS SB 27 -131.77 -20.27 22.62
C LYS SB 27 -132.73 -21.43 22.84
N GLU SB 28 -132.26 -22.58 23.34
CA GLU SB 28 -133.15 -23.72 23.55
C GLU SB 28 -134.17 -23.41 24.64
N LYS SB 29 -133.73 -22.75 25.70
CA LYS SB 29 -134.64 -22.25 26.71
C LYS SB 29 -135.29 -20.93 26.30
N ASN SB 30 -134.78 -20.30 25.24
CA ASN SB 30 -135.34 -19.11 24.60
C ASN SB 30 -135.50 -17.97 25.60
N LEU SB 31 -134.38 -17.47 26.11
CA LEU SB 31 -134.39 -16.48 27.18
C LEU SB 31 -133.80 -15.19 26.65
N LYS SB 32 -133.76 -14.17 27.52
CA LYS SB 32 -133.18 -12.88 27.16
C LYS SB 32 -131.68 -13.00 27.04
N VAL SB 33 -131.19 -12.99 25.80
CA VAL SB 33 -129.78 -13.23 25.48
C VAL SB 33 -129.14 -11.93 25.01
N LYS SB 34 -127.84 -11.80 25.25
CA LYS SB 34 -127.06 -10.77 24.61
C LYS SB 34 -125.95 -11.44 23.79
N GLY SB 35 -125.38 -10.68 22.85
CA GLY SB 35 -124.36 -11.20 21.97
C GLY SB 35 -122.95 -11.03 22.52
N PRO SB 36 -121.96 -11.59 21.82
CA PRO SB 36 -120.58 -11.57 22.33
C PRO SB 36 -119.89 -10.26 22.01
N VAL SB 37 -119.48 -9.54 23.06
CA VAL SB 37 -118.69 -8.33 22.88
C VAL SB 37 -117.22 -8.74 22.85
N ARG SB 38 -116.51 -8.26 21.83
CA ARG SB 38 -115.10 -8.59 21.63
C ARG SB 38 -114.26 -7.37 21.96
N MET SB 39 -113.68 -7.37 23.14
CA MET SB 39 -112.82 -6.30 23.58
C MET SB 39 -111.46 -6.42 22.92
N PRO SB 40 -110.71 -5.31 22.79
CA PRO SB 40 -109.38 -5.39 22.18
C PRO SB 40 -108.43 -6.29 22.96
N THR SB 41 -107.52 -6.95 22.25
CA THR SB 41 -106.70 -7.99 22.83
C THR SB 41 -105.47 -7.41 23.51
N LYS SB 42 -105.04 -8.06 24.60
CA LYS SB 42 -103.85 -7.69 25.35
C LYS SB 42 -102.70 -8.54 24.83
N THR SB 43 -101.57 -7.92 24.53
CA THR SB 43 -100.38 -8.63 24.08
C THR SB 43 -99.22 -8.33 25.02
N LEU SB 44 -98.76 -9.35 25.75
CA LEU SB 44 -97.62 -9.21 26.63
C LEU SB 44 -96.35 -9.24 25.79
N ARG SB 45 -95.41 -8.35 26.10
CA ARG SB 45 -94.23 -8.13 25.26
C ARG SB 45 -92.97 -8.41 26.06
N ILE SB 46 -92.18 -9.37 25.59
CA ILE SB 46 -90.87 -9.67 26.16
C ILE SB 46 -89.90 -9.80 24.99
N THR SB 47 -88.92 -8.90 24.92
CA THR SB 47 -87.83 -8.99 23.95
C THR SB 47 -86.53 -8.99 24.73
N THR SB 48 -85.81 -10.11 24.68
CA THR SB 48 -84.62 -10.31 25.50
C THR SB 48 -83.48 -10.82 24.62
N ARG SB 49 -82.31 -10.93 25.22
CA ARG SB 49 -81.13 -11.40 24.50
C ARG SB 49 -81.22 -12.90 24.22
N LYS SB 50 -80.63 -13.32 23.09
CA LYS SB 50 -80.56 -14.74 22.79
C LYS SB 50 -79.39 -15.40 23.49
N THR SB 51 -78.28 -14.69 23.62
CA THR SB 51 -77.06 -15.31 24.09
C THR SB 51 -77.06 -15.35 25.62
N PRO SB 52 -76.56 -16.42 26.25
CA PRO SB 52 -76.41 -16.40 27.71
C PRO SB 52 -75.47 -15.32 28.21
N CYS SB 53 -74.23 -15.30 27.74
CA CYS SB 53 -73.30 -14.24 28.08
C CYS SB 53 -73.42 -13.12 27.06
N GLY SB 54 -72.49 -12.17 27.07
CA GLY SB 54 -72.60 -11.04 26.18
C GLY SB 54 -71.68 -11.10 24.99
N GLU SB 55 -71.52 -12.29 24.42
CA GLU SB 55 -70.64 -12.52 23.30
C GLU SB 55 -71.47 -12.72 22.04
N GLY SB 56 -70.88 -12.41 20.89
CA GLY SB 56 -71.49 -12.67 19.62
C GLY SB 56 -72.23 -11.45 19.10
N SER SB 57 -72.82 -11.61 17.92
CA SER SB 57 -73.67 -10.55 17.41
C SER SB 57 -74.94 -10.48 18.24
N LYS SB 58 -75.62 -9.35 18.12
CA LYS SB 58 -76.70 -9.01 19.04
C LYS SB 58 -78.04 -9.34 18.40
N THR SB 59 -78.67 -10.40 18.91
CA THR SB 59 -79.93 -10.93 18.39
C THR SB 59 -80.92 -11.04 19.53
N TRP SB 60 -82.19 -10.80 19.23
CA TRP SB 60 -83.22 -10.69 20.25
C TRP SB 60 -84.39 -11.60 19.91
N ASP SB 61 -85.47 -11.47 20.68
CA ASP SB 61 -86.58 -12.40 20.60
C ASP SB 61 -87.92 -11.67 20.51
N ARG SB 62 -88.95 -12.45 20.25
CA ARG SB 62 -90.27 -11.95 19.84
C ARG SB 62 -91.38 -12.70 20.56
N PHE SB 63 -91.25 -12.82 21.87
CA PHE SB 63 -92.22 -13.60 22.65
C PHE SB 63 -93.55 -12.87 22.73
N GLN SB 64 -94.64 -13.57 22.45
CA GLN SB 64 -95.96 -12.94 22.35
C GLN SB 64 -97.01 -13.74 23.10
N MET SB 65 -98.04 -13.03 23.58
CA MET SB 65 -99.22 -13.59 24.24
C MET SB 65 -100.43 -12.76 23.79
N ARG SB 66 -101.06 -13.17 22.69
CA ARG SB 66 -102.26 -12.48 22.22
C ARG SB 66 -103.48 -13.09 22.89
N ILE SB 67 -103.83 -12.57 24.06
CA ILE SB 67 -104.88 -13.11 24.91
C ILE SB 67 -106.17 -12.36 24.58
N HIS SB 68 -107.29 -13.08 24.60
CA HIS SB 68 -108.55 -12.51 24.14
C HIS SB 68 -109.62 -12.67 25.21
N LYS SB 69 -110.61 -11.76 25.17
CA LYS SB 69 -111.66 -11.77 26.18
C LYS SB 69 -113.00 -11.47 25.54
N ARG SB 70 -114.04 -12.11 26.04
CA ARG SB 70 -115.41 -11.90 25.58
C ARG SB 70 -116.34 -11.87 26.79
N LEU SB 71 -117.29 -10.95 26.79
CA LEU SB 71 -118.30 -10.84 27.85
C LEU SB 71 -119.67 -11.02 27.22
N ILE SB 72 -120.56 -11.69 27.95
CA ILE SB 72 -121.93 -11.93 27.50
C ILE SB 72 -122.88 -11.60 28.64
N ASP SB 73 -123.88 -10.77 28.37
CA ASP SB 73 -124.87 -10.39 29.35
C ASP SB 73 -126.09 -11.30 29.23
N LEU SB 74 -126.81 -11.48 30.34
CA LEU SB 74 -128.06 -12.22 30.33
C LEU SB 74 -129.00 -11.62 31.37
N HIS SB 75 -130.26 -11.47 31.00
CA HIS SB 75 -131.31 -11.08 31.95
C HIS SB 75 -131.96 -12.34 32.52
N SER SB 76 -131.13 -13.19 33.12
CA SER SB 76 -131.58 -14.50 33.54
C SER SB 76 -131.21 -14.73 34.98
N PRO SB 77 -132.03 -15.48 35.73
CA PRO SB 77 -131.68 -15.81 37.12
C PRO SB 77 -130.45 -16.68 37.22
N SER SB 78 -129.87 -16.78 38.42
CA SER SB 78 -128.68 -17.58 38.63
C SER SB 78 -128.94 -19.08 38.57
N GLU SB 79 -130.21 -19.50 38.48
CA GLU SB 79 -130.52 -20.92 38.49
C GLU SB 79 -130.29 -21.54 37.11
N ILE SB 80 -130.85 -20.96 36.06
CA ILE SB 80 -130.86 -21.60 34.76
C ILE SB 80 -129.50 -21.51 34.08
N VAL SB 81 -128.68 -20.52 34.45
CA VAL SB 81 -127.33 -20.43 33.91
C VAL SB 81 -126.44 -21.49 34.52
N LYS SB 82 -126.76 -21.93 35.74
CA LYS SB 82 -126.00 -23.00 36.38
C LYS SB 82 -126.29 -24.37 35.78
N GLN SB 83 -127.32 -24.48 34.93
CA GLN SB 83 -127.50 -25.66 34.11
C GLN SB 83 -126.78 -25.56 32.77
N ILE SB 84 -126.33 -24.38 32.40
CA ILE SB 84 -125.58 -24.21 31.16
C ILE SB 84 -124.07 -24.13 31.42
N THR SB 85 -123.67 -23.60 32.58
CA THR SB 85 -122.26 -23.49 32.92
C THR SB 85 -121.66 -24.80 33.41
N SER SB 86 -122.44 -25.89 33.40
CA SER SB 86 -121.94 -27.21 33.75
C SER SB 86 -121.64 -28.07 32.54
N ILE SB 87 -121.81 -27.54 31.33
CA ILE SB 87 -121.70 -28.31 30.10
C ILE SB 87 -120.95 -27.46 29.07
N SER SB 88 -120.17 -28.13 28.22
CA SER SB 88 -119.38 -27.56 27.12
C SER SB 88 -118.35 -26.55 27.59
N ILE SB 89 -117.39 -26.99 28.41
CA ILE SB 89 -116.29 -26.17 28.88
C ILE SB 89 -114.98 -26.88 28.58
N GLU SB 90 -114.07 -26.20 27.88
CA GLU SB 90 -112.70 -26.57 27.56
C GLU SB 90 -111.74 -25.91 28.56
N PRO SB 91 -110.75 -26.65 29.11
CA PRO SB 91 -109.96 -26.11 30.23
C PRO SB 91 -109.05 -24.92 29.90
N GLY SB 92 -108.97 -24.53 28.64
CA GLY SB 92 -108.18 -23.37 28.27
C GLY SB 92 -108.91 -22.05 28.40
N VAL SB 93 -110.19 -22.06 28.76
CA VAL SB 93 -111.02 -20.87 28.82
C VAL SB 93 -111.29 -20.53 30.29
N GLU SB 94 -111.13 -19.27 30.64
CA GLU SB 94 -111.31 -18.80 32.01
C GLU SB 94 -112.66 -18.09 32.12
N VAL SB 95 -113.53 -18.60 32.97
CA VAL SB 95 -114.89 -18.07 33.12
C VAL SB 95 -115.06 -17.55 34.54
N GLU SB 96 -115.59 -16.34 34.67
CA GLU SB 96 -115.95 -15.73 35.94
C GLU SB 96 -117.34 -15.13 35.77
N VAL SB 97 -118.32 -15.69 36.46
CA VAL SB 97 -119.71 -15.25 36.32
C VAL SB 97 -119.96 -14.10 37.28
N THR SB 98 -120.61 -13.07 36.77
CA THR SB 98 -120.92 -11.87 37.55
C THR SB 98 -122.42 -11.84 37.80
N ILE SB 99 -122.83 -12.10 39.05
CA ILE SB 99 -124.24 -12.25 39.37
C ILE SB 99 -124.97 -10.93 39.22
N ALA SB 100 -124.39 -9.87 39.77
CA ALA SB 100 -124.98 -8.54 39.67
C ALA SB 100 -124.05 -7.57 38.97
N MET TB 1 -63.70 -82.76 -16.79
CA MET TB 1 -62.51 -83.39 -16.24
C MET TB 1 -62.81 -84.80 -15.74
N GLN TB 2 -61.99 -85.76 -16.15
CA GLN TB 2 -62.10 -87.13 -15.69
C GLN TB 2 -61.02 -87.41 -14.65
N ASN TB 3 -61.15 -88.56 -13.99
CA ASN TB 3 -60.24 -88.93 -12.92
C ASN TB 3 -59.64 -90.32 -13.18
N ASP TB 4 -58.95 -90.86 -12.18
CA ASP TB 4 -58.35 -92.18 -12.27
C ASP TB 4 -59.40 -93.29 -12.40
N ALA TB 5 -60.40 -93.30 -11.51
CA ALA TB 5 -61.37 -94.40 -11.50
C ALA TB 5 -62.42 -94.25 -12.59
N GLY TB 6 -62.54 -93.07 -13.20
CA GLY TB 6 -63.42 -92.92 -14.34
C GLY TB 6 -64.70 -92.15 -14.09
N GLU TB 7 -64.64 -91.13 -13.24
CA GLU TB 7 -65.79 -90.27 -12.97
C GLU TB 7 -65.53 -88.87 -13.47
N PHE TB 8 -66.61 -88.13 -13.73
CA PHE TB 8 -66.48 -86.69 -13.89
C PHE TB 8 -66.40 -86.02 -12.54
N VAL TB 9 -65.49 -85.07 -12.40
CA VAL TB 9 -65.20 -84.43 -11.13
C VAL TB 9 -65.62 -82.97 -11.12
N ASP TB 10 -65.85 -82.39 -12.30
CA ASP TB 10 -66.33 -81.02 -12.38
C ASP TB 10 -67.76 -80.93 -11.85
N LEU TB 11 -68.02 -79.86 -11.09
CA LEU TB 11 -69.39 -79.62 -10.64
C LEU TB 11 -70.30 -79.24 -11.80
N TYR TB 12 -69.78 -78.53 -12.79
CA TYR TB 12 -70.51 -78.18 -13.98
C TYR TB 12 -69.50 -78.11 -15.12
N VAL TB 13 -70.01 -78.20 -16.34
CA VAL TB 13 -69.20 -78.07 -17.53
C VAL TB 13 -69.56 -76.74 -18.20
N PRO TB 14 -68.59 -75.91 -18.53
CA PRO TB 14 -68.93 -74.59 -19.10
C PRO TB 14 -69.34 -74.68 -20.55
N ARG TB 15 -69.85 -73.56 -21.06
CA ARG TB 15 -70.21 -73.44 -22.47
C ARG TB 15 -68.99 -73.20 -23.34
N LYS TB 16 -69.23 -72.99 -24.63
CA LYS TB 16 -68.15 -72.71 -25.57
C LYS TB 16 -68.76 -72.00 -26.77
N CYS TB 17 -68.05 -70.98 -27.26
CA CYS TB 17 -68.51 -70.24 -28.42
C CYS TB 17 -68.51 -71.13 -29.65
N SER TB 18 -69.46 -70.89 -30.55
CA SER TB 18 -69.53 -71.67 -31.78
C SER TB 18 -68.88 -70.96 -32.97
N ALA TB 19 -68.25 -69.81 -32.73
CA ALA TB 19 -67.54 -69.08 -33.77
C ALA TB 19 -66.04 -69.05 -33.51
N SER TB 20 -65.63 -68.74 -32.28
CA SER TB 20 -64.23 -68.68 -31.92
C SER TB 20 -63.78 -69.78 -30.97
N ASN TB 21 -64.69 -70.66 -30.56
CA ASN TB 21 -64.41 -71.81 -29.68
C ASN TB 21 -63.77 -71.38 -28.35
N ARG TB 22 -64.19 -70.23 -27.83
CA ARG TB 22 -63.72 -69.71 -26.55
C ARG TB 22 -64.77 -70.00 -25.50
N ILE TB 23 -64.33 -70.51 -24.34
CA ILE TB 23 -65.24 -70.72 -23.23
C ILE TB 23 -65.84 -69.40 -22.81
N ILE TB 24 -67.15 -69.28 -22.98
CA ILE TB 24 -67.86 -68.09 -22.53
C ILE TB 24 -67.74 -68.01 -21.02
N GLY TB 25 -67.39 -66.82 -20.53
CA GLY TB 25 -67.04 -66.67 -19.13
C GLY TB 25 -68.21 -66.93 -18.20
N ALA TB 26 -67.88 -67.35 -16.98
CA ALA TB 26 -68.89 -67.59 -15.97
C ALA TB 26 -69.60 -66.30 -15.55
N LYS TB 27 -68.96 -65.15 -15.72
CA LYS TB 27 -69.58 -63.87 -15.46
C LYS TB 27 -69.66 -63.01 -16.73
N ASP TB 28 -69.52 -63.62 -17.90
CA ASP TB 28 -69.60 -62.90 -19.16
C ASP TB 28 -71.06 -62.53 -19.40
N HIS TB 29 -71.42 -61.33 -18.97
CA HIS TB 29 -72.79 -60.85 -19.13
C HIS TB 29 -73.07 -60.31 -20.52
N ALA TB 30 -72.11 -60.38 -21.44
CA ALA TB 30 -72.30 -59.92 -22.81
C ALA TB 30 -72.57 -61.07 -23.78
N SER TB 31 -72.79 -62.28 -23.25
CA SER TB 31 -72.98 -63.45 -24.09
C SER TB 31 -74.29 -63.37 -24.88
N ILE TB 32 -74.39 -64.25 -25.87
CA ILE TB 32 -75.60 -64.39 -26.68
C ILE TB 32 -76.10 -65.82 -26.52
N GLN TB 33 -77.41 -65.99 -26.45
CA GLN TB 33 -78.03 -67.30 -26.57
C GLN TB 33 -79.03 -67.24 -27.72
N MET TB 34 -78.53 -67.42 -28.95
CA MET TB 34 -79.41 -67.35 -30.11
C MET TB 34 -80.27 -68.59 -30.18
N ASN TB 35 -81.49 -68.42 -30.69
CA ASN TB 35 -82.44 -69.51 -30.84
C ASN TB 35 -83.07 -69.40 -32.23
N VAL TB 36 -82.76 -70.37 -33.09
CA VAL TB 36 -83.16 -70.30 -34.49
C VAL TB 36 -84.30 -71.29 -34.71
N ALA TB 37 -85.35 -70.81 -35.37
CA ALA TB 37 -86.56 -71.58 -35.56
C ALA TB 37 -86.44 -72.51 -36.75
N GLU TB 38 -86.97 -73.72 -36.60
CA GLU TB 38 -87.11 -74.63 -37.72
C GLU TB 38 -88.44 -74.39 -38.44
N VAL TB 39 -88.37 -74.31 -39.76
CA VAL TB 39 -89.51 -73.96 -40.58
C VAL TB 39 -89.96 -75.21 -41.33
N ASP TB 40 -91.27 -75.43 -41.35
CA ASP TB 40 -91.86 -76.50 -42.14
C ASP TB 40 -91.52 -76.32 -43.63
N LYS TB 41 -91.31 -77.45 -44.31
CA LYS TB 41 -90.89 -77.39 -45.71
C LYS TB 41 -92.01 -76.94 -46.63
N VAL TB 42 -93.19 -77.56 -46.54
CA VAL TB 42 -94.24 -77.29 -47.51
C VAL TB 42 -95.09 -76.10 -47.07
N THR TB 43 -95.63 -76.14 -45.86
CA THR TB 43 -96.54 -75.08 -45.41
C THR TB 43 -95.81 -73.88 -44.83
N GLY TB 44 -94.52 -74.00 -44.53
CA GLY TB 44 -93.74 -72.85 -44.10
C GLY TB 44 -94.08 -72.32 -42.72
N ARG TB 45 -94.58 -73.16 -41.84
CA ARG TB 45 -94.93 -72.78 -40.49
C ARG TB 45 -93.75 -73.11 -39.57
N PHE TB 46 -93.99 -72.98 -38.27
CA PHE TB 46 -92.99 -73.32 -37.25
C PHE TB 46 -93.21 -74.75 -36.77
N ASN TB 47 -92.11 -75.49 -36.61
CA ASN TB 47 -92.17 -76.84 -36.10
C ASN TB 47 -92.36 -76.87 -34.59
N GLY TB 48 -91.43 -76.27 -33.85
CA GLY TB 48 -91.54 -76.22 -32.40
C GLY TB 48 -90.25 -76.36 -31.63
N GLN TB 49 -89.21 -76.89 -32.25
CA GLN TB 49 -87.95 -77.12 -31.56
C GLN TB 49 -86.97 -75.97 -31.86
N PHE TB 50 -85.77 -76.04 -31.31
CA PHE TB 50 -84.79 -74.98 -31.37
C PHE TB 50 -83.56 -75.43 -32.14
N LYS TB 51 -82.75 -74.46 -32.54
CA LYS TB 51 -81.43 -74.70 -33.13
C LYS TB 51 -80.41 -73.81 -32.43
N THR TB 52 -80.31 -73.97 -31.12
CA THR TB 52 -79.74 -72.94 -30.26
C THR TB 52 -78.24 -72.75 -30.50
N TYR TB 53 -77.83 -71.48 -30.55
CA TYR TB 53 -76.45 -71.05 -30.69
C TYR TB 53 -75.98 -70.43 -29.38
N ALA TB 54 -74.67 -70.24 -29.27
CA ALA TB 54 -74.10 -69.55 -28.13
C ALA TB 54 -72.83 -68.87 -28.59
N ILE TB 55 -72.92 -67.58 -28.92
CA ILE TB 55 -71.81 -66.82 -29.47
C ILE TB 55 -71.29 -65.88 -28.39
N CYS TB 56 -69.97 -65.82 -28.25
CA CYS TB 56 -69.36 -65.03 -27.20
C CYS TB 56 -69.56 -63.53 -27.45
N GLY TB 57 -69.58 -62.78 -26.36
CA GLY TB 57 -69.71 -61.34 -26.44
C GLY TB 57 -68.43 -60.62 -26.82
N ALA TB 58 -67.32 -61.34 -26.94
CA ALA TB 58 -66.09 -60.71 -27.40
C ALA TB 58 -66.23 -60.22 -28.84
N ILE TB 59 -66.84 -61.02 -29.70
CA ILE TB 59 -67.04 -60.62 -31.08
C ILE TB 59 -68.16 -59.58 -31.16
N ARG TB 60 -69.07 -59.60 -30.20
CA ARG TB 60 -70.05 -58.53 -30.06
C ARG TB 60 -69.35 -57.18 -29.87
N ARG TB 61 -68.38 -57.13 -28.97
CA ARG TB 61 -67.63 -55.92 -28.69
C ARG TB 61 -66.75 -55.51 -29.85
N MET TB 62 -66.51 -56.39 -30.82
CA MET TB 62 -65.75 -56.04 -32.01
C MET TB 62 -66.64 -55.69 -33.19
N GLY TB 63 -67.77 -56.38 -33.35
CA GLY TB 63 -68.76 -55.99 -34.34
C GLY TB 63 -69.03 -56.99 -35.44
N GLU TB 64 -68.62 -58.26 -35.31
CA GLU TB 64 -68.80 -59.23 -36.38
C GLU TB 64 -69.75 -60.35 -35.99
N SER TB 65 -70.60 -60.12 -34.98
CA SER TB 65 -71.57 -61.14 -34.58
C SER TB 65 -72.59 -61.41 -35.67
N ASP TB 66 -72.91 -60.40 -36.49
CA ASP TB 66 -73.72 -60.61 -37.67
C ASP TB 66 -73.06 -61.54 -38.67
N ASP TB 67 -71.73 -61.65 -38.64
CA ASP TB 67 -71.02 -62.60 -39.49
C ASP TB 67 -70.89 -63.97 -38.85
N SER TB 68 -70.78 -64.03 -37.52
CA SER TB 68 -70.73 -65.32 -36.84
C SER TB 68 -72.04 -66.08 -37.01
N ILE TB 69 -73.17 -65.39 -36.84
CA ILE TB 69 -74.47 -66.00 -37.07
C ILE TB 69 -74.63 -66.39 -38.54
N LEU TB 70 -74.18 -65.53 -39.45
CA LEU TB 70 -74.36 -65.80 -40.87
C LEU TB 70 -73.49 -66.94 -41.35
N ARG TB 71 -72.27 -67.06 -40.79
CA ARG TB 71 -71.49 -68.26 -41.06
C ARG TB 71 -72.07 -69.47 -40.34
N LEU TB 72 -72.73 -69.25 -39.20
CA LEU TB 72 -73.49 -70.32 -38.57
C LEU TB 72 -74.81 -70.59 -39.28
N ALA TB 73 -75.31 -69.61 -40.04
CA ALA TB 73 -76.53 -69.84 -40.81
C ALA TB 73 -76.28 -70.72 -42.03
N LYS TB 74 -75.03 -70.82 -42.47
CA LYS TB 74 -74.67 -71.74 -43.54
C LYS TB 74 -74.24 -73.09 -43.01
N ALA TB 75 -74.22 -73.27 -41.69
CA ALA TB 75 -73.91 -74.57 -41.13
C ALA TB 75 -75.09 -75.53 -41.28
N ASP TB 76 -76.23 -75.17 -40.69
CA ASP TB 76 -77.38 -76.06 -40.71
C ASP TB 76 -78.28 -75.81 -41.92
N GLY TB 77 -78.06 -74.71 -42.63
CA GLY TB 77 -78.82 -74.47 -43.84
C GLY TB 77 -79.90 -73.42 -43.68
N ILE TB 78 -79.74 -72.56 -42.68
CA ILE TB 78 -80.78 -71.60 -42.36
C ILE TB 78 -80.89 -70.54 -43.45
N VAL TB 79 -79.77 -69.95 -43.85
CA VAL TB 79 -79.74 -68.94 -44.90
C VAL TB 79 -79.49 -69.66 -46.23
N SER TB 80 -79.87 -69.03 -47.33
CA SER TB 80 -79.74 -69.67 -48.64
C SER TB 80 -78.28 -69.86 -49.00
N LYS TB 81 -77.95 -71.08 -49.43
CA LYS TB 81 -76.56 -71.40 -49.78
C LYS TB 81 -76.15 -70.66 -51.04
N ASN TB 82 -77.10 -70.32 -51.90
CA ASN TB 82 -76.80 -69.47 -53.05
C ASN TB 82 -76.40 -68.08 -52.60
N PHE TB 83 -77.09 -67.55 -51.58
CA PHE TB 83 -76.86 -66.23 -51.01
C PHE TB 83 -76.83 -65.12 -52.06
N VAL UB 1 -32.88 -57.87 -40.01
CA VAL UB 1 -33.90 -58.53 -40.83
C VAL UB 1 -34.43 -59.76 -40.11
N ARG UB 2 -34.97 -60.71 -40.87
CA ARG UB 2 -35.57 -61.90 -40.31
C ARG UB 2 -34.49 -62.87 -39.83
N MET UB 3 -34.31 -62.97 -38.51
CA MET UB 3 -33.30 -63.86 -37.95
C MET UB 3 -33.81 -65.29 -37.86
N ASN UB 4 -34.87 -65.51 -37.08
CA ASN UB 4 -35.41 -66.83 -36.86
C ASN UB 4 -36.75 -66.98 -37.58
N VAL UB 5 -36.75 -67.79 -38.63
CA VAL UB 5 -37.94 -67.98 -39.45
C VAL UB 5 -39.04 -68.68 -38.68
N LEU UB 6 -38.67 -69.64 -37.83
CA LEU UB 6 -39.63 -70.29 -36.96
C LEU UB 6 -40.27 -69.32 -35.97
N ALA UB 7 -39.48 -68.40 -35.39
CA ALA UB 7 -39.98 -67.54 -34.34
C ALA UB 7 -41.02 -66.57 -34.87
N ASP UB 8 -40.78 -66.01 -36.05
CA ASP UB 8 -41.75 -65.11 -36.65
C ASP UB 8 -43.02 -65.83 -37.06
N ALA UB 9 -42.92 -67.12 -37.38
CA ALA UB 9 -44.11 -67.89 -37.71
C ALA UB 9 -44.95 -68.14 -36.47
N LEU UB 10 -44.30 -68.46 -35.35
CA LEU UB 10 -45.03 -68.79 -34.12
C LEU UB 10 -45.62 -67.56 -33.46
N LYS UB 11 -45.08 -66.37 -33.75
CA LYS UB 11 -45.67 -65.16 -33.21
C LYS UB 11 -46.79 -64.62 -34.11
N SER UB 12 -46.68 -64.84 -35.41
CA SER UB 12 -47.73 -64.43 -36.32
C SER UB 12 -49.01 -65.21 -36.07
N ILE UB 13 -48.91 -66.53 -35.93
CA ILE UB 13 -50.13 -67.32 -35.68
C ILE UB 13 -50.61 -67.19 -34.25
N ASN UB 14 -49.77 -66.69 -33.34
CA ASN UB 14 -50.22 -66.47 -31.98
C ASN UB 14 -51.12 -65.24 -31.91
N ASN UB 15 -50.83 -64.22 -32.73
CA ASN UB 15 -51.66 -63.03 -32.75
C ASN UB 15 -53.00 -63.31 -33.43
N ALA UB 16 -52.99 -64.09 -34.51
CA ALA UB 16 -54.23 -64.41 -35.19
C ALA UB 16 -55.14 -65.26 -34.31
N GLU UB 17 -54.57 -66.08 -33.44
CA GLU UB 17 -55.38 -66.79 -32.45
C GLU UB 17 -55.94 -65.83 -31.42
N LYS UB 18 -55.12 -64.88 -30.96
CA LYS UB 18 -55.65 -63.78 -30.14
C LYS UB 18 -56.71 -63.00 -30.90
N ARG UB 19 -56.52 -62.82 -32.20
CA ARG UB 19 -57.58 -62.30 -33.05
C ARG UB 19 -58.71 -63.30 -33.20
N GLY UB 20 -58.41 -64.60 -33.19
CA GLY UB 20 -59.39 -65.62 -33.44
C GLY UB 20 -59.61 -65.93 -34.90
N LYS UB 21 -58.58 -65.76 -35.74
CA LYS UB 21 -58.72 -65.92 -37.17
C LYS UB 21 -59.09 -67.35 -37.55
N ARG UB 22 -59.96 -67.49 -38.55
CA ARG UB 22 -60.34 -68.82 -39.01
C ARG UB 22 -59.20 -69.49 -39.78
N GLN UB 23 -58.50 -68.73 -40.62
CA GLN UB 23 -57.34 -69.28 -41.30
C GLN UB 23 -56.35 -68.15 -41.57
N VAL UB 24 -55.07 -68.43 -41.37
CA VAL UB 24 -54.02 -67.43 -41.42
C VAL UB 24 -53.02 -67.84 -42.48
N LEU UB 25 -52.18 -66.89 -42.90
CA LEU UB 25 -51.13 -67.11 -43.87
C LEU UB 25 -49.80 -66.66 -43.29
N ILE UB 26 -48.80 -67.51 -43.38
CA ILE UB 26 -47.45 -67.15 -42.96
C ILE UB 26 -46.54 -67.15 -44.19
N ARG UB 27 -45.73 -66.09 -44.29
CA ARG UB 27 -45.03 -65.79 -45.54
C ARG UB 27 -43.82 -66.66 -45.86
N PRO UB 28 -42.87 -66.92 -44.95
CA PRO UB 28 -41.75 -67.77 -45.33
C PRO UB 28 -42.09 -69.25 -45.19
N CYS UB 29 -41.24 -70.10 -45.77
CA CYS UB 29 -41.40 -71.56 -45.71
C CYS UB 29 -40.04 -72.19 -45.43
N SER UB 30 -39.94 -72.90 -44.31
CA SER UB 30 -38.76 -73.70 -44.01
C SER UB 30 -39.16 -75.12 -43.69
N LYS UB 31 -38.15 -75.99 -43.60
CA LYS UB 31 -38.38 -77.39 -43.27
C LYS UB 31 -38.92 -77.54 -41.86
N VAL UB 32 -38.38 -76.77 -40.91
CA VAL UB 32 -38.71 -76.98 -39.51
C VAL UB 32 -40.14 -76.58 -39.21
N ILE UB 33 -40.66 -75.54 -39.85
CA ILE UB 33 -42.01 -75.07 -39.56
C ILE UB 33 -43.05 -76.08 -40.05
N VAL UB 34 -42.83 -76.66 -41.24
CA VAL UB 34 -43.70 -77.73 -41.71
C VAL UB 34 -43.56 -78.95 -40.81
N ARG UB 35 -42.35 -79.16 -40.26
CA ARG UB 35 -42.19 -80.14 -39.21
C ARG UB 35 -42.81 -79.65 -37.91
N PHE UB 36 -42.80 -78.34 -37.66
CA PHE UB 36 -43.32 -77.81 -36.41
C PHE UB 36 -44.83 -77.93 -36.34
N LEU UB 37 -45.51 -77.54 -37.42
CA LEU UB 37 -46.97 -77.51 -37.42
C LEU UB 37 -47.54 -78.91 -37.35
N THR UB 38 -46.78 -79.91 -37.82
CA THR UB 38 -47.23 -81.29 -37.70
C THR UB 38 -47.15 -81.80 -36.27
N VAL UB 39 -46.31 -81.21 -35.43
CA VAL UB 39 -46.30 -81.58 -34.02
C VAL UB 39 -47.56 -81.06 -33.33
N MET UB 40 -47.99 -79.85 -33.69
CA MET UB 40 -49.27 -79.33 -33.22
C MET UB 40 -50.42 -80.15 -33.75
N MET UB 41 -50.23 -80.81 -34.88
CA MET UB 41 -51.32 -81.44 -35.60
C MET UB 41 -51.66 -82.82 -35.03
N LYS UB 42 -50.64 -83.58 -34.62
CA LYS UB 42 -50.90 -84.88 -34.02
C LYS UB 42 -51.52 -84.76 -32.63
N HIS UB 43 -51.30 -83.64 -31.94
CA HIS UB 43 -52.07 -83.32 -30.76
C HIS UB 43 -53.31 -82.50 -31.08
N GLY UB 44 -53.61 -82.30 -32.35
CA GLY UB 44 -54.83 -81.66 -32.80
C GLY UB 44 -54.96 -80.19 -32.49
N TYR UB 45 -53.86 -79.54 -32.09
CA TYR UB 45 -53.93 -78.16 -31.64
C TYR UB 45 -54.22 -77.16 -32.74
N ILE UB 46 -54.14 -77.56 -34.01
CA ILE UB 46 -54.43 -76.68 -35.12
C ILE UB 46 -55.35 -77.40 -36.10
N GLY UB 47 -55.90 -76.62 -37.01
CA GLY UB 47 -56.67 -77.19 -38.10
C GLY UB 47 -55.76 -77.81 -39.15
N GLU UB 48 -56.40 -78.28 -40.21
CA GLU UB 48 -55.71 -78.92 -41.32
C GLU UB 48 -55.15 -77.85 -42.24
N PHE UB 49 -53.84 -77.84 -42.42
CA PHE UB 49 -53.18 -76.78 -43.16
C PHE UB 49 -52.62 -77.28 -44.48
N GLU UB 50 -52.05 -76.35 -45.23
CA GLU UB 50 -51.41 -76.64 -46.51
C GLU UB 50 -50.51 -75.48 -46.87
N ILE UB 51 -49.62 -75.72 -47.82
CA ILE UB 51 -48.65 -74.71 -48.23
C ILE UB 51 -48.94 -74.34 -49.68
N ILE UB 52 -48.49 -73.16 -50.07
CA ILE UB 52 -48.51 -72.73 -51.47
C ILE UB 52 -47.08 -72.79 -51.97
N ASP UB 53 -46.70 -73.89 -52.61
CA ASP UB 53 -45.33 -74.02 -53.08
C ASP UB 53 -45.12 -73.09 -54.26
N ASP UB 54 -44.54 -71.93 -53.99
CA ASP UB 54 -44.19 -70.96 -54.99
C ASP UB 54 -42.75 -71.26 -55.44
N HIS UB 55 -42.22 -70.42 -56.32
CA HIS UB 55 -40.84 -70.58 -56.75
C HIS UB 55 -39.89 -69.70 -55.96
N ARG UB 56 -40.21 -69.48 -54.68
CA ARG UB 56 -39.35 -68.85 -53.69
C ARG UB 56 -39.69 -69.57 -52.39
N ALA UB 57 -39.37 -68.98 -51.24
CA ALA UB 57 -39.85 -69.47 -49.96
C ALA UB 57 -41.38 -69.45 -49.98
N GLY UB 58 -41.99 -70.64 -49.98
CA GLY UB 58 -43.42 -70.81 -50.11
C GLY UB 58 -44.27 -70.19 -49.01
N LYS UB 59 -45.58 -70.24 -49.17
CA LYS UB 59 -46.52 -69.62 -48.24
C LYS UB 59 -47.44 -70.70 -47.67
N ILE UB 60 -47.55 -70.76 -46.35
CA ILE UB 60 -48.38 -71.77 -45.70
C ILE UB 60 -49.68 -71.10 -45.27
N VAL UB 61 -50.80 -71.71 -45.63
CA VAL UB 61 -52.12 -71.25 -45.20
C VAL UB 61 -52.59 -72.24 -44.13
N VAL UB 62 -52.66 -71.77 -42.90
CA VAL UB 62 -52.94 -72.63 -41.75
C VAL UB 62 -54.39 -72.42 -41.32
N ASN UB 63 -55.15 -73.50 -41.22
CA ASN UB 63 -56.45 -73.43 -40.56
C ASN UB 63 -56.27 -73.57 -39.06
N LEU UB 64 -57.12 -72.88 -38.31
CA LEU UB 64 -56.99 -72.84 -36.86
C LEU UB 64 -58.33 -73.08 -36.20
N THR UB 65 -58.27 -73.56 -34.96
CA THR UB 65 -59.42 -73.63 -34.07
C THR UB 65 -59.12 -72.77 -32.85
N GLY UB 66 -60.07 -72.73 -31.92
CA GLY UB 66 -59.87 -71.96 -30.72
C GLY UB 66 -59.27 -72.76 -29.59
N ARG UB 67 -58.59 -73.87 -29.91
CA ARG UB 67 -58.12 -74.83 -28.92
C ARG UB 67 -56.72 -74.55 -28.42
N LEU UB 68 -55.93 -73.74 -29.12
CA LEU UB 68 -54.59 -73.39 -28.68
C LEU UB 68 -54.64 -72.04 -27.97
N ASN UB 69 -53.89 -71.93 -26.87
CA ASN UB 69 -53.81 -70.68 -26.14
C ASN UB 69 -52.62 -69.82 -26.55
N LYS UB 70 -51.40 -70.33 -26.37
CA LYS UB 70 -50.22 -69.60 -26.81
C LYS UB 70 -49.14 -70.55 -27.31
N CYS UB 71 -48.62 -70.30 -28.51
CA CYS UB 71 -47.57 -71.12 -29.11
C CYS UB 71 -46.30 -70.29 -29.14
N GLY UB 72 -45.57 -70.31 -28.03
CA GLY UB 72 -44.34 -69.54 -27.91
C GLY UB 72 -43.18 -70.19 -28.62
N VAL UB 73 -42.08 -69.46 -28.66
CA VAL UB 73 -40.85 -69.91 -29.30
C VAL UB 73 -39.68 -69.58 -28.38
N ILE UB 74 -38.69 -70.48 -28.34
CA ILE UB 74 -37.50 -70.29 -27.53
C ILE UB 74 -36.33 -70.02 -28.47
N SER UB 75 -35.68 -68.86 -28.28
CA SER UB 75 -34.47 -68.51 -29.01
C SER UB 75 -33.49 -67.95 -28.00
N PRO UB 76 -32.24 -68.41 -28.00
CA PRO UB 76 -31.67 -69.38 -28.93
C PRO UB 76 -31.98 -70.80 -28.52
N ARG UB 77 -31.32 -71.76 -29.15
CA ARG UB 77 -31.65 -73.17 -28.99
C ARG UB 77 -30.70 -73.79 -27.98
N PHE UB 78 -31.13 -73.80 -26.73
CA PHE UB 78 -30.33 -74.39 -25.66
C PHE UB 78 -30.26 -75.90 -25.82
N ASP UB 79 -29.26 -76.51 -25.19
CA ASP UB 79 -29.10 -77.95 -25.24
C ASP UB 79 -29.62 -78.57 -23.95
N VAL UB 80 -30.54 -79.52 -24.08
CA VAL UB 80 -31.30 -80.05 -22.95
C VAL UB 80 -30.80 -81.44 -22.64
N GLN UB 81 -30.47 -81.66 -21.37
CA GLN UB 81 -30.04 -82.98 -20.89
C GLN UB 81 -31.29 -83.82 -20.61
N LEU UB 82 -31.07 -85.08 -20.27
CA LEU UB 82 -32.17 -85.93 -19.84
C LEU UB 82 -32.29 -85.99 -18.33
N LYS UB 83 -31.73 -85.02 -17.61
CA LYS UB 83 -31.96 -84.87 -16.18
C LYS UB 83 -32.84 -83.67 -15.88
N ASP UB 84 -32.76 -82.63 -16.71
CA ASP UB 84 -33.41 -81.35 -16.45
C ASP UB 84 -34.67 -81.14 -17.28
N LEU UB 85 -35.04 -82.10 -18.13
CA LEU UB 85 -36.23 -81.95 -18.95
C LEU UB 85 -37.50 -81.90 -18.11
N GLU UB 86 -37.49 -82.54 -16.94
CA GLU UB 86 -38.58 -82.40 -15.99
C GLU UB 86 -38.59 -81.03 -15.31
N LYS UB 87 -37.52 -80.27 -15.42
CA LYS UB 87 -37.51 -78.92 -14.84
C LYS UB 87 -37.65 -77.83 -15.89
N TRP UB 88 -37.46 -78.16 -17.17
CA TRP UB 88 -37.83 -77.23 -18.23
C TRP UB 88 -39.32 -76.97 -18.26
N GLN UB 89 -40.12 -78.00 -18.05
CA GLN UB 89 -41.57 -77.89 -18.09
C GLN UB 89 -42.16 -77.30 -16.82
N ASN UB 90 -41.39 -77.21 -15.75
CA ASN UB 90 -41.89 -76.62 -14.50
C ASN UB 90 -41.87 -75.11 -14.51
N ASN UB 91 -41.23 -74.49 -15.51
CA ASN UB 91 -41.31 -73.05 -15.68
C ASN UB 91 -41.63 -72.66 -17.12
N LEU UB 92 -41.96 -73.61 -17.97
CA LEU UB 92 -42.40 -73.30 -19.33
C LEU UB 92 -43.74 -73.91 -19.67
N LEU UB 93 -44.21 -74.90 -18.90
CA LEU UB 93 -45.53 -75.44 -19.19
C LEU UB 93 -46.51 -75.07 -18.09
N PRO UB 94 -47.78 -74.84 -18.45
CA PRO UB 94 -48.78 -74.50 -17.43
C PRO UB 94 -48.98 -75.57 -16.37
N SER UB 95 -49.11 -76.84 -16.77
CA SER UB 95 -49.23 -77.92 -15.81
C SER UB 95 -48.56 -79.16 -16.36
N ARG UB 96 -48.52 -80.18 -15.51
CA ARG UB 96 -48.06 -81.50 -15.89
C ARG UB 96 -49.15 -82.29 -16.59
N GLN UB 97 -50.36 -81.74 -16.67
CA GLN UB 97 -51.50 -82.49 -17.21
C GLN UB 97 -51.64 -82.29 -18.71
N PHE UB 98 -51.19 -81.16 -19.24
CA PHE UB 98 -51.30 -80.90 -20.67
C PHE UB 98 -50.08 -80.11 -21.14
N GLY UB 99 -50.10 -79.69 -22.40
CA GLY UB 99 -49.03 -78.93 -22.98
C GLY UB 99 -47.83 -79.77 -23.38
N PHE UB 100 -47.16 -79.40 -24.46
CA PHE UB 100 -45.96 -80.10 -24.91
C PHE UB 100 -44.88 -79.10 -25.28
N ILE UB 101 -43.67 -79.34 -24.82
CA ILE UB 101 -42.51 -78.56 -25.22
C ILE UB 101 -41.74 -79.31 -26.30
N VAL UB 102 -41.97 -78.94 -27.55
CA VAL UB 102 -41.39 -79.65 -28.67
C VAL UB 102 -39.92 -79.27 -28.79
N LEU UB 103 -39.09 -80.27 -29.08
CA LEU UB 103 -37.66 -80.07 -29.29
C LEU UB 103 -37.25 -80.89 -30.50
N THR UB 104 -36.22 -80.42 -31.20
CA THR UB 104 -35.60 -81.25 -32.23
C THR UB 104 -34.56 -82.17 -31.60
N THR UB 105 -34.37 -83.33 -32.22
CA THR UB 105 -33.44 -84.33 -31.74
C THR UB 105 -32.73 -84.92 -32.96
N SER UB 106 -31.70 -85.73 -32.71
CA SER UB 106 -31.04 -86.46 -33.78
C SER UB 106 -32.00 -87.40 -34.49
N ALA UB 107 -32.99 -87.93 -33.77
CA ALA UB 107 -34.03 -88.78 -34.33
C ALA UB 107 -35.14 -87.99 -35.01
N GLY UB 108 -35.15 -86.66 -34.88
CA GLY UB 108 -36.15 -85.83 -35.51
C GLY UB 108 -36.71 -84.84 -34.53
N ILE UB 109 -37.84 -84.23 -34.89
CA ILE UB 109 -38.50 -83.23 -34.08
C ILE UB 109 -39.75 -83.85 -33.48
N MET UB 110 -39.88 -83.78 -32.16
CA MET UB 110 -41.01 -84.40 -31.48
C MET UB 110 -41.21 -83.69 -30.15
N ASP UB 111 -42.26 -84.12 -29.44
CA ASP UB 111 -42.58 -83.54 -28.14
C ASP UB 111 -41.65 -84.11 -27.08
N HIS UB 112 -41.77 -83.58 -25.86
CA HIS UB 112 -41.02 -84.08 -24.72
C HIS UB 112 -41.61 -85.34 -24.11
N GLU UB 113 -42.75 -85.81 -24.63
CA GLU UB 113 -43.27 -87.10 -24.20
C GLU UB 113 -42.63 -88.23 -24.99
N GLU UB 114 -42.37 -87.99 -26.28
CA GLU UB 114 -41.75 -89.03 -27.09
C GLU UB 114 -40.29 -89.18 -26.75
N ALA UB 115 -39.65 -88.10 -26.30
CA ALA UB 115 -38.26 -88.16 -25.87
C ALA UB 115 -38.11 -88.99 -24.60
N ARG UB 116 -39.17 -89.08 -23.80
CA ARG UB 116 -39.17 -90.01 -22.67
C ARG UB 116 -39.26 -91.46 -23.14
N ARG UB 117 -39.77 -91.68 -24.35
CA ARG UB 117 -39.82 -93.04 -24.89
C ARG UB 117 -38.53 -93.38 -25.61
N LYS UB 118 -37.95 -92.42 -26.33
CA LYS UB 118 -36.76 -92.69 -27.13
C LYS UB 118 -35.46 -92.53 -26.36
N HIS UB 119 -35.49 -91.83 -25.22
CA HIS UB 119 -34.34 -91.64 -24.33
C HIS UB 119 -33.17 -90.99 -25.07
N THR UB 120 -33.41 -89.77 -25.54
CA THR UB 120 -32.39 -88.97 -26.21
C THR UB 120 -32.76 -87.49 -26.10
N GLY UB 121 -31.76 -86.63 -26.26
CA GLY UB 121 -31.94 -85.21 -26.12
C GLY UB 121 -31.41 -84.43 -27.32
N GLY UB 122 -31.77 -83.16 -27.35
CA GLY UB 122 -31.43 -82.32 -28.50
C GLY UB 122 -31.71 -80.87 -28.21
N LYS UB 123 -31.84 -80.10 -29.29
CA LYS UB 123 -32.01 -78.67 -29.17
C LYS UB 123 -33.49 -78.30 -29.00
N ILE UB 124 -33.73 -77.24 -28.24
CA ILE UB 124 -35.08 -76.78 -28.00
C ILE UB 124 -35.52 -75.80 -29.09
N LEU UB 125 -36.78 -75.87 -29.49
CA LEU UB 125 -37.32 -74.94 -30.48
C LEU UB 125 -38.42 -74.06 -29.92
N GLY UB 126 -39.47 -74.64 -29.36
CA GLY UB 126 -40.61 -73.88 -28.93
C GLY UB 126 -41.50 -74.68 -28.03
N PHE UB 127 -42.70 -74.17 -27.80
CA PHE UB 127 -43.64 -74.77 -26.87
C PHE UB 127 -45.02 -74.19 -27.11
N PHE UB 128 -46.04 -74.97 -26.76
CA PHE UB 128 -47.43 -74.58 -26.99
C PHE UB 128 -48.33 -75.23 -25.97
N PHE UB 129 -49.42 -74.53 -25.64
CA PHE UB 129 -50.41 -75.04 -24.72
C PHE UB 129 -51.78 -74.44 -25.02
N GLY VB 1 -32.53 -59.80 -19.60
CA GLY VB 1 -31.55 -59.52 -20.63
C GLY VB 1 -32.14 -58.82 -21.84
N LYS VB 2 -31.26 -58.30 -22.70
CA LYS VB 2 -31.67 -57.62 -23.93
C LYS VB 2 -30.99 -58.20 -25.16
N CYS VB 3 -29.72 -58.59 -25.04
CA CYS VB 3 -28.98 -59.28 -26.09
C CYS VB 3 -29.03 -60.77 -25.82
N ARG VB 4 -29.66 -61.52 -26.70
CA ARG VB 4 -29.95 -62.93 -26.41
C ARG VB 4 -29.23 -63.87 -27.37
N GLY VB 5 -27.98 -63.62 -27.65
CA GLY VB 5 -27.21 -64.52 -28.47
C GLY VB 5 -26.91 -65.84 -27.79
N LEU VB 6 -26.48 -66.80 -28.61
CA LEU VB 6 -26.12 -68.11 -28.10
C LEU VB 6 -24.74 -68.12 -27.44
N ARG VB 7 -23.82 -67.29 -27.90
CA ARG VB 7 -22.49 -67.21 -27.29
C ARG VB 7 -22.20 -65.80 -26.80
N THR VB 8 -23.15 -65.20 -26.10
CA THR VB 8 -22.96 -63.88 -25.50
C THR VB 8 -22.79 -63.95 -24.00
N ALA VB 9 -22.14 -65.00 -23.49
CA ALA VB 9 -22.02 -65.15 -22.05
C ALA VB 9 -20.97 -64.20 -21.47
N ARG VB 10 -20.03 -63.75 -22.30
CA ARG VB 10 -19.06 -62.79 -21.82
C ARG VB 10 -19.69 -61.41 -21.61
N LYS VB 11 -20.41 -60.92 -22.61
CA LYS VB 11 -21.14 -59.66 -22.48
C LYS VB 11 -22.16 -59.73 -21.37
N LEU VB 12 -22.75 -60.91 -21.15
CA LEU VB 12 -23.71 -61.06 -20.07
C LEU VB 12 -23.01 -61.18 -18.72
N ARG VB 13 -21.73 -61.51 -18.71
CA ARG VB 13 -21.01 -61.56 -17.44
C ARG VB 13 -20.43 -60.20 -17.07
N SER VB 14 -19.95 -59.46 -18.08
CA SER VB 14 -19.31 -58.18 -17.81
C SER VB 14 -20.30 -57.16 -17.25
N HIS VB 15 -21.54 -57.18 -17.76
CA HIS VB 15 -22.55 -56.21 -17.30
C HIS VB 15 -22.89 -56.43 -15.85
N ARG VB 16 -23.16 -57.67 -15.45
CA ARG VB 16 -23.40 -57.95 -14.04
C ARG VB 16 -22.10 -57.90 -13.24
N ARG VB 17 -20.97 -57.68 -13.89
CA ARG VB 17 -19.76 -57.28 -13.20
C ARG VB 17 -19.55 -55.77 -13.23
N ASP VB 18 -19.92 -55.10 -14.32
CA ASP VB 18 -19.82 -53.65 -14.39
C ASP VB 18 -20.97 -52.98 -13.63
N GLN VB 19 -22.21 -53.23 -14.06
CA GLN VB 19 -23.37 -52.59 -13.45
C GLN VB 19 -23.55 -52.97 -11.99
N LYS VB 20 -22.90 -54.05 -11.54
CA LYS VB 20 -22.89 -54.39 -10.12
C LYS VB 20 -22.27 -53.27 -9.28
N TRP VB 21 -21.35 -52.50 -9.87
CA TRP VB 21 -20.76 -51.38 -9.17
C TRP VB 21 -21.74 -50.26 -8.91
N HIS VB 22 -22.80 -50.14 -9.69
CA HIS VB 22 -23.80 -49.11 -9.49
C HIS VB 22 -24.78 -49.46 -8.37
N ASP VB 23 -24.61 -50.61 -7.74
CA ASP VB 23 -25.42 -50.98 -6.58
C ASP VB 23 -24.81 -50.36 -5.33
N LYS VB 24 -25.64 -49.63 -4.58
CA LYS VB 24 -25.14 -48.90 -3.44
C LYS VB 24 -24.75 -49.81 -2.29
N GLN VB 25 -25.52 -50.87 -2.03
CA GLN VB 25 -25.20 -51.77 -0.94
C GLN VB 25 -24.00 -52.65 -1.30
N TYR VB 26 -23.79 -52.88 -2.59
CA TYR VB 26 -22.64 -53.67 -3.04
C TYR VB 26 -21.36 -52.85 -2.99
N LYS VB 27 -21.40 -51.63 -3.50
CA LYS VB 27 -20.22 -50.79 -3.59
C LYS VB 27 -19.67 -50.39 -2.23
N LYS VB 28 -20.47 -50.46 -1.18
CA LYS VB 28 -19.99 -50.15 0.17
C LYS VB 28 -19.08 -51.23 0.72
N ALA VB 29 -19.40 -52.49 0.49
CA ALA VB 29 -18.61 -53.58 1.06
C ALA VB 29 -17.48 -54.04 0.15
N HIS VB 30 -17.62 -53.83 -1.16
CA HIS VB 30 -16.61 -54.27 -2.12
C HIS VB 30 -15.68 -53.13 -2.50
N LEU VB 31 -15.57 -52.15 -1.61
CA LEU VB 31 -14.60 -51.08 -1.70
C LEU VB 31 -14.20 -50.69 -0.29
N GLY VB 32 -12.91 -50.83 0.01
CA GLY VB 32 -12.44 -50.64 1.37
C GLY VB 32 -12.47 -49.21 1.88
N THR VB 33 -12.86 -48.25 1.05
CA THR VB 33 -12.94 -46.86 1.48
C THR VB 33 -14.00 -46.67 2.55
N ALA VB 34 -15.11 -47.39 2.44
CA ALA VB 34 -16.10 -47.41 3.52
C ALA VB 34 -15.51 -48.02 4.78
N LEU VB 35 -14.67 -49.04 4.64
CA LEU VB 35 -13.98 -49.64 5.76
C LEU VB 35 -12.90 -48.73 6.32
N LYS VB 36 -12.47 -47.72 5.56
CA LYS VB 36 -11.57 -46.71 6.08
C LYS VB 36 -12.29 -45.75 7.01
N ALA VB 37 -13.40 -45.18 6.54
CA ALA VB 37 -14.19 -44.28 7.37
C ALA VB 37 -14.88 -45.01 8.52
N ASN VB 38 -14.98 -46.32 8.46
CA ASN VB 38 -15.44 -47.13 9.58
C ASN VB 38 -14.44 -46.99 10.70
N PRO VB 39 -14.85 -46.51 11.88
CA PRO VB 39 -13.91 -46.48 13.01
C PRO VB 39 -13.58 -47.87 13.54
N PHE VB 40 -14.52 -48.80 13.43
CA PHE VB 40 -14.29 -50.14 13.97
C PHE VB 40 -13.33 -50.92 13.10
N GLY VB 41 -13.63 -51.02 11.81
CA GLY VB 41 -12.81 -51.82 10.92
C GLY VB 41 -13.35 -53.23 10.73
N GLY VB 42 -14.67 -53.36 10.69
CA GLY VB 42 -15.30 -54.65 10.49
C GLY VB 42 -15.58 -55.42 11.76
N ALA VB 43 -15.46 -54.80 12.92
CA ALA VB 43 -15.62 -55.49 14.19
C ALA VB 43 -17.03 -55.31 14.72
N SER VB 44 -17.45 -56.27 15.55
CA SER VB 44 -18.76 -56.18 16.18
C SER VB 44 -18.77 -55.16 17.31
N HIS VB 45 -17.65 -55.01 18.00
CA HIS VB 45 -17.52 -54.08 19.11
C HIS VB 45 -16.18 -53.36 19.03
N ALA VB 46 -15.91 -52.53 20.04
CA ALA VB 46 -14.63 -51.85 20.17
C ALA VB 46 -14.51 -51.31 21.59
N LYS VB 47 -13.28 -51.31 22.10
CA LYS VB 47 -13.02 -50.73 23.41
C LYS VB 47 -12.35 -49.38 23.28
N GLY VB 48 -12.60 -48.50 24.25
CA GLY VB 48 -12.03 -47.18 24.22
C GLY VB 48 -12.08 -46.51 25.58
N ILE VB 49 -11.46 -45.34 25.64
CA ILE VB 49 -11.39 -44.54 26.87
C ILE VB 49 -12.36 -43.39 26.73
N VAL VB 50 -13.21 -43.21 27.73
CA VAL VB 50 -14.14 -42.08 27.76
C VAL VB 50 -13.37 -40.84 28.22
N LEU VB 51 -13.62 -39.72 27.56
CA LEU VB 51 -12.99 -38.46 27.94
C LEU VB 51 -13.97 -37.35 28.29
N GLU VB 52 -15.23 -37.46 27.87
CA GLU VB 52 -16.24 -36.45 28.16
C GLU VB 52 -17.60 -37.05 27.88
N LYS VB 53 -18.62 -36.48 28.53
CA LYS VB 53 -20.01 -36.86 28.33
C LYS VB 53 -20.74 -35.73 27.65
N VAL VB 54 -20.98 -35.87 26.35
CA VAL VB 54 -21.63 -34.83 25.56
C VAL VB 54 -23.14 -34.87 25.77
N GLY VB 55 -23.78 -33.74 25.48
CA GLY VB 55 -25.22 -33.69 25.34
C GLY VB 55 -25.61 -33.26 23.94
N VAL VB 56 -26.17 -34.17 23.16
CA VAL VB 56 -26.57 -33.88 21.79
C VAL VB 56 -28.09 -33.76 21.73
N GLU VB 57 -28.56 -32.65 21.20
CA GLU VB 57 -29.97 -32.31 21.18
C GLU VB 57 -30.67 -32.97 20.00
N ALA VB 58 -31.96 -33.24 20.17
CA ALA VB 58 -32.74 -33.85 19.11
C ALA VB 58 -33.04 -32.85 18.00
N LYS VB 59 -33.68 -33.30 16.93
CA LYS VB 59 -33.94 -32.44 15.79
C LYS VB 59 -35.43 -32.20 15.61
N GLN VB 60 -36.18 -33.28 15.48
CA GLN VB 60 -37.62 -33.23 15.26
C GLN VB 60 -38.32 -32.76 16.53
N PRO VB 61 -39.64 -32.49 16.48
CA PRO VB 61 -40.36 -32.17 17.72
C PRO VB 61 -40.33 -33.20 18.84
N ASN VB 62 -39.69 -34.36 18.64
CA ASN VB 62 -39.38 -35.26 19.77
C ASN VB 62 -38.10 -34.77 20.43
N SER VB 63 -38.16 -33.54 20.93
CA SER VB 63 -36.97 -32.80 21.34
C SER VB 63 -36.66 -33.06 22.80
N ALA VB 64 -35.41 -33.47 23.05
CA ALA VB 64 -34.90 -33.74 24.39
C ALA VB 64 -33.38 -33.75 24.27
N ILE VB 65 -32.72 -33.81 25.43
CA ILE VB 65 -31.27 -33.78 25.50
C ILE VB 65 -30.79 -35.21 25.66
N ARG VB 66 -30.28 -35.80 24.58
CA ARG VB 66 -29.78 -37.16 24.59
C ARG VB 66 -28.40 -37.19 25.20
N LYS VB 67 -28.19 -38.08 26.17
CA LYS VB 67 -26.95 -38.10 26.95
C LYS VB 67 -25.94 -39.00 26.26
N CYS VB 68 -24.95 -38.38 25.60
CA CYS VB 68 -23.98 -39.09 24.78
C CYS VB 68 -22.60 -39.01 25.41
N VAL VB 69 -21.66 -39.75 24.84
CA VAL VB 69 -20.31 -39.87 25.39
C VAL VB 69 -19.29 -39.79 24.25
N ARG VB 70 -18.30 -38.92 24.41
CA ARG VB 70 -17.22 -38.77 23.44
C ARG VB 70 -16.09 -39.73 23.83
N VAL VB 71 -16.03 -40.87 23.15
CA VAL VB 71 -15.05 -41.91 23.47
C VAL VB 71 -13.85 -41.77 22.54
N GLN VB 72 -12.67 -42.12 23.06
CA GLN VB 72 -11.43 -42.11 22.29
C GLN VB 72 -10.99 -43.55 22.15
N LEU VB 73 -10.86 -44.01 20.91
CA LEU VB 73 -10.60 -45.40 20.59
C LEU VB 73 -9.21 -45.82 21.06
N ILE VB 74 -9.05 -47.05 21.54
CA ILE VB 74 -7.75 -47.48 22.05
C ILE VB 74 -7.18 -48.61 21.20
N LYS VB 75 -7.67 -48.75 19.97
CA LYS VB 75 -7.01 -49.63 19.00
C LYS VB 75 -6.56 -48.89 17.75
N ASN VB 76 -7.16 -47.75 17.44
CA ASN VB 76 -6.81 -47.00 16.25
C ASN VB 76 -6.56 -45.54 16.61
N GLY VB 77 -7.16 -45.09 17.70
CA GLY VB 77 -6.94 -43.75 18.19
C GLY VB 77 -7.98 -42.74 17.76
N LYS VB 78 -9.07 -43.15 17.12
CA LYS VB 78 -10.10 -42.21 16.72
C LYS VB 78 -10.84 -41.65 17.94
N LYS VB 79 -11.70 -40.67 17.68
CA LYS VB 79 -12.57 -40.10 18.69
C LYS VB 79 -14.01 -40.21 18.22
N ILE VB 80 -14.85 -40.86 19.01
CA ILE VB 80 -16.20 -41.25 18.61
C ILE VB 80 -17.20 -40.76 19.66
N THR VB 81 -18.33 -40.23 19.21
CA THR VB 81 -19.45 -39.90 20.08
C THR VB 81 -20.31 -41.14 20.25
N ALA VB 82 -20.11 -41.83 21.37
CA ALA VB 82 -20.96 -42.94 21.75
C ALA VB 82 -22.28 -42.42 22.31
N PHE VB 83 -23.09 -43.34 22.85
CA PHE VB 83 -24.36 -42.99 23.48
C PHE VB 83 -24.61 -43.89 24.67
N VAL VB 84 -24.83 -43.29 25.84
CA VAL VB 84 -25.23 -44.05 27.02
C VAL VB 84 -26.63 -44.56 26.76
N PRO VB 85 -26.84 -45.87 26.65
CA PRO VB 85 -28.13 -46.41 26.23
C PRO VB 85 -29.30 -46.10 27.15
N ASN VB 86 -29.24 -46.53 28.41
CA ASN VB 86 -30.43 -46.63 29.22
C ASN VB 86 -30.72 -45.32 29.93
N ASP VB 87 -31.88 -45.26 30.58
CA ASP VB 87 -32.29 -44.08 31.32
C ASP VB 87 -31.50 -43.93 32.60
N GLY VB 88 -30.98 -42.72 32.81
CA GLY VB 88 -30.27 -42.37 34.03
C GLY VB 88 -29.09 -43.25 34.36
N CYS VB 89 -28.33 -43.63 33.32
CA CYS VB 89 -27.14 -44.47 33.48
C CYS VB 89 -25.85 -43.68 33.32
N LEU VB 90 -25.94 -42.36 33.17
CA LEU VB 90 -24.75 -41.53 33.06
C LEU VB 90 -23.99 -41.45 34.37
N ASN VB 91 -24.65 -41.66 35.50
CA ASN VB 91 -23.95 -41.73 36.77
C ASN VB 91 -23.17 -43.03 36.95
N PHE VB 92 -23.60 -44.13 36.32
CA PHE VB 92 -22.87 -45.39 36.45
C PHE VB 92 -21.51 -45.30 35.75
N ILE VB 93 -21.51 -44.83 34.50
CA ILE VB 93 -20.26 -44.63 33.79
C ILE VB 93 -19.47 -43.49 34.43
N GLU VB 94 -18.20 -43.76 34.72
CA GLU VB 94 -17.33 -42.77 35.32
C GLU VB 94 -16.34 -42.30 34.27
N GLU VB 95 -15.51 -41.33 34.64
CA GLU VB 95 -14.62 -40.73 33.66
C GLU VB 95 -13.32 -41.53 33.55
N ASN VB 96 -12.76 -41.51 32.33
CA ASN VB 96 -11.55 -42.25 31.96
C ASN VB 96 -11.65 -43.73 32.37
N ASP VB 97 -12.71 -44.38 31.90
CA ASP VB 97 -12.96 -45.79 32.16
C ASP VB 97 -13.14 -46.48 30.83
N GLU VB 98 -12.64 -47.71 30.73
CA GLU VB 98 -12.77 -48.48 29.49
C GLU VB 98 -14.22 -48.89 29.28
N VAL VB 99 -14.69 -48.74 28.03
CA VAL VB 99 -16.07 -49.01 27.66
C VAL VB 99 -16.10 -49.88 26.42
N LEU VB 100 -17.12 -50.72 26.33
CA LEU VB 100 -17.34 -51.53 25.14
C LEU VB 100 -18.43 -50.86 24.30
N VAL VB 101 -18.01 -50.13 23.30
CA VAL VB 101 -18.94 -49.49 22.39
C VAL VB 101 -19.26 -50.47 21.26
N ALA VB 102 -20.42 -50.31 20.66
CA ALA VB 102 -20.89 -51.23 19.62
C ALA VB 102 -21.65 -50.42 18.57
N GLY VB 103 -22.07 -51.11 17.52
CA GLY VB 103 -22.93 -50.49 16.55
C GLY VB 103 -24.32 -50.29 17.12
N PHE VB 104 -25.09 -49.43 16.47
CA PHE VB 104 -26.43 -49.18 17.01
C PHE VB 104 -27.45 -50.15 16.47
N GLY VB 105 -27.25 -50.66 15.25
CA GLY VB 105 -28.19 -51.60 14.68
C GLY VB 105 -28.59 -51.24 13.27
N ARG VB 106 -28.58 -49.95 12.95
CA ARG VB 106 -28.87 -49.48 11.61
C ARG VB 106 -27.63 -49.51 10.73
N LYS VB 107 -26.47 -49.78 11.34
CA LYS VB 107 -25.21 -50.02 10.64
C LYS VB 107 -24.74 -48.86 9.77
N GLY VB 108 -24.38 -47.73 10.39
CA GLY VB 108 -23.81 -46.63 9.66
C GLY VB 108 -24.82 -45.65 9.10
N HIS VB 109 -25.68 -45.14 9.98
CA HIS VB 109 -26.69 -44.14 9.65
C HIS VB 109 -27.16 -43.54 10.96
N ALA VB 110 -27.39 -42.23 10.98
CA ALA VB 110 -27.93 -41.58 12.16
C ALA VB 110 -29.34 -42.08 12.43
N VAL VB 111 -29.54 -42.64 13.61
CA VAL VB 111 -30.72 -43.43 13.92
C VAL VB 111 -31.80 -42.53 14.50
N GLY VB 112 -32.59 -41.92 13.62
CA GLY VB 112 -33.75 -41.16 14.01
C GLY VB 112 -33.54 -40.00 14.95
N ASP VB 113 -33.95 -40.21 16.20
CA ASP VB 113 -34.00 -39.16 17.20
C ASP VB 113 -32.63 -38.54 17.47
N ILE VB 114 -31.57 -39.35 17.51
CA ILE VB 114 -30.24 -38.88 17.86
C ILE VB 114 -29.51 -38.54 16.56
N PRO VB 115 -28.96 -37.34 16.41
CA PRO VB 115 -28.22 -37.03 15.18
C PRO VB 115 -26.75 -37.43 15.21
N GLY VB 116 -26.27 -37.99 14.11
CA GLY VB 116 -24.85 -38.21 13.92
C GLY VB 116 -24.20 -39.21 14.84
N VAL VB 117 -24.96 -40.15 15.39
CA VAL VB 117 -24.41 -41.15 16.29
C VAL VB 117 -24.81 -42.54 15.78
N ARG VB 118 -23.86 -43.47 15.77
CA ARG VB 118 -24.14 -44.84 15.37
C ARG VB 118 -23.73 -45.83 16.45
N PHE VB 119 -23.45 -45.34 17.65
CA PHE VB 119 -22.65 -46.10 18.60
C PHE VB 119 -23.23 -45.98 20.00
N LYS VB 120 -23.33 -47.12 20.68
CA LYS VB 120 -23.81 -47.16 22.05
C LYS VB 120 -22.89 -48.02 22.89
N VAL VB 121 -22.84 -47.72 24.17
CA VAL VB 121 -22.01 -48.43 25.13
C VAL VB 121 -22.79 -49.60 25.69
N VAL VB 122 -22.16 -50.77 25.78
CA VAL VB 122 -22.80 -51.93 26.36
C VAL VB 122 -22.16 -52.34 27.68
N LYS VB 123 -20.85 -52.17 27.80
CA LYS VB 123 -20.15 -52.52 29.03
C LYS VB 123 -19.30 -51.37 29.52
N VAL VB 124 -19.03 -51.36 30.82
CA VAL VB 124 -18.05 -50.48 31.44
C VAL VB 124 -17.22 -51.33 32.40
N ALA VB 125 -15.90 -51.30 32.25
CA ALA VB 125 -14.96 -51.93 33.18
C ALA VB 125 -15.28 -53.40 33.40
N ASN VB 126 -15.59 -54.10 32.31
CA ASN VB 126 -16.02 -55.50 32.27
C ASN VB 126 -17.32 -55.73 33.02
N VAL VB 127 -18.18 -54.72 33.15
CA VAL VB 127 -19.49 -54.86 33.78
C VAL VB 127 -20.53 -54.34 32.80
N SER VB 128 -21.60 -55.09 32.61
CA SER VB 128 -22.63 -54.71 31.65
C SER VB 128 -23.48 -53.57 32.17
N LEU VB 129 -24.10 -52.83 31.24
CA LEU VB 129 -24.98 -51.73 31.65
C LEU VB 129 -26.39 -52.21 31.89
N LEU VB 130 -26.74 -53.42 31.44
CA LEU VB 130 -27.99 -54.02 31.87
C LEU VB 130 -27.94 -54.36 33.34
N ALA VB 131 -26.85 -54.98 33.78
CA ALA VB 131 -26.74 -55.40 35.18
C ALA VB 131 -26.70 -54.21 36.12
N LEU VB 132 -26.08 -53.11 35.69
CA LEU VB 132 -26.07 -51.91 36.52
C LEU VB 132 -27.44 -51.28 36.64
N TYR VB 133 -28.17 -51.16 35.52
CA TYR VB 133 -29.53 -50.64 35.56
C TYR VB 133 -30.45 -51.55 36.36
N LYS VB 134 -30.28 -52.86 36.21
CA LYS VB 134 -31.03 -53.78 37.05
C LYS VB 134 -30.45 -53.89 38.45
N GLY VB 135 -29.25 -53.37 38.68
CA GLY VB 135 -28.66 -53.40 39.99
C GLY VB 135 -28.12 -54.75 40.42
N LYS VB 136 -28.12 -55.73 39.53
CA LYS VB 136 -27.64 -57.07 39.89
C LYS VB 136 -26.12 -57.09 40.05
N LYS VB 137 -25.42 -56.25 39.31
CA LYS VB 137 -24.00 -56.02 39.52
C LYS VB 137 -23.77 -54.53 39.65
N GLU VB 138 -22.93 -54.15 40.62
CA GLU VB 138 -22.66 -52.76 40.92
C GLU VB 138 -21.18 -52.47 40.65
N ARG VB 139 -20.83 -51.19 40.62
CA ARG VB 139 -19.43 -50.82 40.45
C ARG VB 139 -18.69 -51.03 41.77
N PRO VB 140 -17.59 -51.78 41.79
CA PRO VB 140 -16.84 -51.96 43.03
C PRO VB 140 -15.97 -50.76 43.38
N ARG VB 141 -16.37 -49.99 44.38
CA ARG VB 141 -15.60 -48.83 44.81
C ARG VB 141 -14.85 -49.12 46.10
N THR WB 1 -28.87 -116.23 41.71
CA THR WB 1 -29.73 -116.70 40.63
C THR WB 1 -29.35 -116.06 39.30
N VAL WB 2 -28.05 -115.90 39.07
CA VAL WB 2 -27.54 -115.31 37.84
C VAL WB 2 -27.10 -116.45 36.92
N THR WB 3 -27.70 -116.52 35.75
CA THR WB 3 -27.41 -117.59 34.80
C THR WB 3 -26.70 -117.02 33.57
N ILE WB 4 -25.61 -117.68 33.17
CA ILE WB 4 -24.73 -117.21 32.11
C ILE WB 4 -24.80 -118.23 30.98
N ARG WB 5 -24.88 -117.73 29.74
CA ARG WB 5 -24.94 -118.58 28.55
C ARG WB 5 -23.79 -118.23 27.60
N THR WB 6 -23.81 -118.87 26.44
CA THR WB 6 -22.75 -118.71 25.44
C THR WB 6 -23.21 -117.80 24.30
N ARG WB 7 -22.25 -117.08 23.71
CA ARG WB 7 -22.42 -116.35 22.46
C ARG WB 7 -21.07 -116.23 21.76
N LYS WB 8 -21.06 -116.56 20.47
CA LYS WB 8 -19.92 -116.37 19.57
C LYS WB 8 -18.69 -117.14 20.05
N PHE WB 9 -18.88 -118.42 20.34
CA PHE WB 9 -17.78 -119.26 20.82
C PHE WB 9 -16.99 -119.78 19.64
N MET WB 10 -15.67 -119.52 19.66
CA MET WB 10 -14.80 -120.03 18.62
C MET WB 10 -13.43 -120.29 19.22
N THR WB 11 -12.72 -121.25 18.63
CA THR WB 11 -11.43 -121.68 19.15
C THR WB 11 -10.32 -120.79 18.64
N ASN WB 12 -9.27 -120.67 19.45
CA ASN WB 12 -8.06 -119.95 19.07
C ASN WB 12 -6.90 -120.94 19.05
N ARG WB 13 -6.79 -121.72 17.98
CA ARG WB 13 -5.59 -122.51 17.75
C ARG WB 13 -4.40 -121.64 17.37
N LEU WB 14 -4.66 -120.38 17.01
CA LEU WB 14 -3.63 -119.41 16.67
C LEU WB 14 -3.20 -118.57 17.86
N LEU WB 15 -3.91 -118.68 18.98
CA LEU WB 15 -3.68 -117.80 20.11
C LEU WB 15 -3.66 -118.57 21.43
N GLN WB 16 -3.86 -119.88 21.39
CA GLN WB 16 -3.73 -120.79 22.53
C GLN WB 16 -4.68 -120.41 23.65
N ARG WB 17 -5.93 -120.19 23.27
CA ARG WB 17 -6.98 -119.79 24.19
C ARG WB 17 -8.32 -120.16 23.56
N LYS WB 18 -9.40 -119.73 24.18
CA LYS WB 18 -10.72 -119.74 23.56
C LYS WB 18 -11.34 -118.37 23.82
N GLN WB 19 -12.18 -117.92 22.90
CA GLN WB 19 -12.85 -116.64 23.12
C GLN WB 19 -14.34 -116.80 22.88
N MET WB 20 -15.13 -116.25 23.79
CA MET WB 20 -16.58 -116.25 23.68
C MET WB 20 -17.08 -114.97 24.32
N VAL WB 21 -18.20 -114.48 23.80
CA VAL WB 21 -18.77 -113.21 24.24
C VAL WB 21 -19.70 -113.49 25.41
N ILE WB 22 -19.47 -112.78 26.52
CA ILE WB 22 -20.17 -113.04 27.78
C ILE WB 22 -21.52 -112.32 27.74
N ASP WB 23 -22.58 -113.02 28.11
CA ASP WB 23 -23.86 -112.41 28.39
C ASP WB 23 -24.26 -112.71 29.84
N VAL WB 24 -24.80 -111.71 30.52
CA VAL WB 24 -25.21 -111.83 31.91
C VAL WB 24 -26.70 -111.53 32.00
N LEU WB 25 -27.40 -112.29 32.85
CA LEU WB 25 -28.80 -112.04 33.19
C LEU WB 25 -28.87 -111.95 34.71
N HIS WB 26 -28.94 -110.73 35.23
CA HIS WB 26 -29.00 -110.49 36.67
C HIS WB 26 -30.23 -109.66 37.00
N PRO WB 27 -31.39 -110.31 37.13
CA PRO WB 27 -32.62 -109.58 37.41
C PRO WB 27 -32.68 -109.12 38.86
N GLY WB 28 -33.13 -107.88 39.06
CA GLY WB 28 -33.33 -107.33 40.38
C GLY WB 28 -32.08 -106.86 41.09
N LYS WB 29 -30.89 -107.29 40.65
CA LYS WB 29 -29.67 -106.99 41.38
C LYS WB 29 -28.68 -106.33 40.44
N ALA WB 30 -27.51 -106.01 40.99
CA ALA WB 30 -26.54 -105.17 40.30
C ALA WB 30 -25.77 -105.97 39.27
N THR WB 31 -24.90 -105.27 38.54
CA THR WB 31 -23.92 -105.93 37.70
C THR WB 31 -22.96 -106.73 38.58
N VAL WB 32 -22.92 -108.03 38.36
CA VAL WB 32 -22.10 -108.93 39.18
C VAL WB 32 -20.63 -108.73 38.85
N PRO WB 33 -19.75 -108.66 39.85
CA PRO WB 33 -18.33 -108.38 39.57
C PRO WB 33 -17.65 -109.47 38.75
N LYS WB 34 -16.51 -109.10 38.17
CA LYS WB 34 -15.82 -109.94 37.20
C LYS WB 34 -15.17 -111.16 37.87
N THR WB 35 -14.92 -111.09 39.18
CA THR WB 35 -14.36 -112.23 39.88
C THR WB 35 -15.32 -113.40 39.89
N GLU WB 36 -16.59 -113.16 40.18
CA GLU WB 36 -17.57 -114.24 40.30
C GLU WB 36 -17.97 -114.76 38.92
N ILE WB 37 -17.67 -114.01 37.86
CA ILE WB 37 -17.86 -114.52 36.50
C ILE WB 37 -16.92 -115.67 36.18
N ARG WB 38 -15.68 -115.61 36.69
CA ARG WB 38 -14.66 -116.61 36.33
C ARG WB 38 -15.01 -117.99 36.87
N GLU WB 39 -15.36 -118.08 38.16
CA GLU WB 39 -15.70 -119.38 38.71
C GLU WB 39 -17.01 -119.92 38.14
N LYS WB 40 -17.94 -119.04 37.76
CA LYS WB 40 -19.18 -119.52 37.12
C LYS WB 40 -18.89 -120.05 35.73
N LEU WB 41 -17.98 -119.42 35.01
CA LEU WB 41 -17.55 -119.94 33.73
C LEU WB 41 -16.62 -121.15 33.89
N ALA WB 42 -15.92 -121.23 35.02
CA ALA WB 42 -15.07 -122.39 35.29
C ALA WB 42 -15.87 -123.66 35.46
N LYS WB 43 -16.94 -123.61 36.26
CA LYS WB 43 -17.79 -124.79 36.42
C LYS WB 43 -18.68 -125.02 35.22
N MET WB 44 -18.74 -124.06 34.29
CA MET WB 44 -19.55 -124.27 33.10
C MET WB 44 -18.76 -124.98 32.01
N TYR WB 45 -17.44 -124.98 32.11
CA TYR WB 45 -16.59 -125.72 31.20
C TYR WB 45 -15.73 -126.77 31.91
N LYS WB 46 -15.89 -126.90 33.23
CA LYS WB 46 -15.11 -127.82 34.07
C LYS WB 46 -13.61 -127.59 33.91
N THR WB 47 -13.22 -126.32 33.92
CA THR WB 47 -11.83 -125.92 33.78
C THR WB 47 -11.45 -125.06 34.98
N THR WB 48 -10.16 -124.68 35.04
CA THR WB 48 -9.55 -123.96 36.15
C THR WB 48 -9.87 -122.47 36.06
N PRO WB 49 -10.33 -121.86 37.16
CA PRO WB 49 -10.79 -120.46 37.08
C PRO WB 49 -9.68 -119.44 36.94
N ASP WB 50 -8.41 -119.84 37.02
CA ASP WB 50 -7.33 -118.85 37.05
C ASP WB 50 -7.01 -118.29 35.68
N VAL WB 51 -7.42 -118.95 34.60
CA VAL WB 51 -7.08 -118.48 33.26
C VAL WB 51 -8.33 -117.93 32.57
N ILE WB 52 -9.28 -117.45 33.35
CA ILE WB 52 -10.53 -116.89 32.86
C ILE WB 52 -10.43 -115.38 32.96
N PHE WB 53 -10.29 -114.69 31.83
CA PHE WB 53 -10.01 -113.26 31.80
C PHE WB 53 -11.17 -112.53 31.12
N VAL WB 54 -12.17 -112.16 31.90
CA VAL WB 54 -13.35 -111.47 31.40
C VAL WB 54 -13.19 -109.97 31.63
N PHE WB 55 -13.75 -109.18 30.72
CA PHE WB 55 -13.65 -107.72 30.75
C PHE WB 55 -14.68 -107.14 29.79
N GLY WB 56 -14.62 -105.83 29.57
CA GLY WB 56 -15.41 -105.18 28.55
C GLY WB 56 -16.91 -105.22 28.76
N PHE WB 57 -17.35 -105.10 30.00
CA PHE WB 57 -18.77 -105.24 30.30
C PHE WB 57 -19.54 -103.99 29.89
N ARG WB 58 -20.81 -104.19 29.54
CA ARG WB 58 -21.68 -103.06 29.26
C ARG WB 58 -23.14 -103.37 29.50
N THR WB 59 -23.74 -102.67 30.47
CA THR WB 59 -25.14 -102.89 30.82
C THR WB 59 -26.08 -102.32 29.75
N HIS WB 60 -27.22 -102.98 29.59
CA HIS WB 60 -28.33 -102.37 28.87
C HIS WB 60 -29.23 -101.65 29.85
N PHE WB 61 -30.02 -100.72 29.32
CA PHE WB 61 -30.76 -99.77 30.15
C PHE WB 61 -31.80 -100.47 31.01
N GLY WB 62 -31.89 -100.06 32.27
CA GLY WB 62 -32.83 -100.61 33.22
C GLY WB 62 -32.29 -101.78 34.01
N GLY WB 63 -31.25 -102.43 33.51
CA GLY WB 63 -30.68 -103.58 34.17
C GLY WB 63 -31.26 -104.88 33.67
N GLY WB 64 -30.79 -105.97 34.27
CA GLY WB 64 -31.14 -107.30 33.87
C GLY WB 64 -30.25 -107.88 32.78
N LYS WB 65 -29.59 -107.03 32.00
CA LYS WB 65 -28.65 -107.50 31.00
C LYS WB 65 -27.41 -106.60 31.00
N THR WB 66 -26.26 -107.22 31.15
CA THR WB 66 -24.99 -106.55 30.91
C THR WB 66 -24.14 -107.44 30.01
N THR WB 67 -23.48 -106.81 29.04
CA THR WB 67 -22.80 -107.52 27.97
C THR WB 67 -21.30 -107.27 28.06
N GLY WB 68 -20.53 -108.35 28.19
CA GLY WB 68 -19.08 -108.26 28.19
C GLY WB 68 -18.45 -109.24 27.23
N PHE WB 69 -17.12 -109.37 27.29
CA PHE WB 69 -16.41 -110.32 26.45
C PHE WB 69 -15.10 -110.69 27.13
N GLY WB 70 -14.79 -111.98 27.16
CA GLY WB 70 -13.58 -112.44 27.82
C GLY WB 70 -12.86 -113.50 27.03
N MET WB 71 -11.72 -113.94 27.56
CA MET WB 71 -10.92 -114.98 26.94
C MET WB 71 -10.52 -116.01 27.99
N ILE WB 72 -10.57 -117.27 27.59
CA ILE WB 72 -10.23 -118.39 28.47
C ILE WB 72 -9.09 -119.15 27.79
N TYR WB 73 -8.04 -119.44 28.54
CA TYR WB 73 -6.81 -119.92 27.94
C TYR WB 73 -6.70 -121.44 28.00
N ASP WB 74 -5.64 -121.95 27.38
CA ASP WB 74 -5.30 -123.36 27.47
C ASP WB 74 -4.51 -123.67 28.74
N SER WB 75 -3.49 -122.86 29.03
CA SER WB 75 -2.72 -123.01 30.25
C SER WB 75 -2.20 -121.64 30.66
N LEU WB 76 -1.62 -121.60 31.85
CA LEU WB 76 -1.21 -120.32 32.41
C LEU WB 76 0.04 -119.76 31.73
N ASP WB 77 0.80 -120.61 31.04
CA ASP WB 77 2.00 -120.15 30.37
C ASP WB 77 1.68 -119.31 29.14
N TYR WB 78 0.65 -119.68 28.38
CA TYR WB 78 0.18 -118.82 27.30
C TYR WB 78 -0.51 -117.59 27.84
N ALA WB 79 -1.19 -117.71 28.98
CA ALA WB 79 -1.83 -116.57 29.62
C ALA WB 79 -0.83 -115.53 30.08
N LYS WB 80 0.43 -115.91 30.27
CA LYS WB 80 1.50 -114.97 30.49
C LYS WB 80 2.27 -114.66 29.21
N LYS WB 81 1.93 -115.31 28.10
CA LYS WB 81 2.64 -115.12 26.85
C LYS WB 81 2.00 -114.05 25.97
N ASN WB 82 0.75 -114.27 25.55
CA ASN WB 82 0.09 -113.36 24.62
C ASN WB 82 -1.07 -112.69 25.35
N GLU WB 83 -0.74 -111.59 26.02
CA GLU WB 83 -1.71 -110.82 26.80
C GLU WB 83 -1.15 -109.42 27.04
N PRO WB 84 -1.97 -108.39 26.89
CA PRO WB 84 -1.58 -107.05 27.35
C PRO WB 84 -1.25 -107.07 28.84
N LYS WB 85 -0.20 -106.34 29.21
CA LYS WB 85 0.39 -106.46 30.54
C LYS WB 85 -0.56 -105.99 31.63
N HIS WB 86 -1.52 -105.12 31.29
CA HIS WB 86 -2.45 -104.63 32.30
C HIS WB 86 -3.43 -105.71 32.74
N ARG WB 87 -3.79 -106.63 31.84
CA ARG WB 87 -4.74 -107.69 32.18
C ARG WB 87 -4.17 -108.66 33.21
N LEU WB 88 -2.84 -108.79 33.28
CA LEU WB 88 -2.22 -109.49 34.39
C LEU WB 88 -2.48 -108.81 35.72
N ALA WB 89 -2.27 -107.50 35.79
CA ALA WB 89 -2.44 -106.76 37.03
C ALA WB 89 -3.90 -106.53 37.41
N ARG WB 90 -4.83 -106.84 36.50
CA ARG WB 90 -6.24 -106.71 36.83
C ARG WB 90 -6.68 -107.76 37.85
N HIS WB 91 -5.93 -108.85 37.96
CA HIS WB 91 -6.10 -109.81 39.04
C HIS WB 91 -5.22 -109.48 40.24
N GLY WB 92 -4.22 -108.63 40.06
CA GLY WB 92 -3.27 -108.34 41.13
C GLY WB 92 -2.19 -109.38 41.31
N LEU WB 93 -1.73 -109.98 40.20
CA LEU WB 93 -0.66 -110.96 40.25
C LEU WB 93 0.67 -110.42 39.72
N TYR WB 94 0.65 -109.33 38.96
CA TYR WB 94 1.86 -108.75 38.39
C TYR WB 94 1.93 -107.29 38.79
N GLU WB 95 3.13 -106.86 39.17
CA GLU WB 95 3.37 -105.47 39.58
C GLU WB 95 4.24 -104.82 38.52
N LYS WB 96 3.73 -103.73 37.94
CA LYS WB 96 4.44 -103.01 36.90
C LYS WB 96 5.47 -102.04 37.51
N LYS WB 97 5.98 -101.17 36.67
CA LYS WB 97 6.83 -100.08 37.13
C LYS WB 97 6.05 -99.12 38.01
N LYS WB 98 6.76 -98.47 38.94
CA LYS WB 98 6.18 -97.44 39.79
C LYS WB 98 6.70 -96.07 39.44
N THR WB 99 7.23 -95.90 38.22
CA THR WB 99 7.86 -94.65 37.83
C THR WB 99 6.90 -93.79 37.03
N SER WB 100 6.76 -92.53 37.45
CA SER WB 100 5.94 -91.59 36.70
C SER WB 100 6.60 -91.26 35.37
N ARG WB 101 5.77 -91.11 34.33
CA ARG WB 101 6.23 -90.89 32.96
C ARG WB 101 7.09 -89.65 32.81
N LYS WB 102 6.75 -88.56 33.51
CA LYS WB 102 7.60 -87.37 33.49
C LYS WB 102 8.94 -87.65 34.15
N GLN WB 103 8.92 -88.38 35.26
CA GLN WB 103 10.16 -88.77 35.93
C GLN WB 103 11.00 -89.69 35.05
N ARG WB 104 10.38 -90.46 34.17
CA ARG WB 104 11.13 -91.22 33.19
C ARG WB 104 11.85 -90.33 32.19
N LYS WB 105 11.18 -89.31 31.67
CA LYS WB 105 11.78 -88.45 30.66
C LYS WB 105 12.71 -87.41 31.25
N GLU WB 106 12.39 -86.87 32.43
CA GLU WB 106 13.22 -85.83 33.04
C GLU WB 106 14.60 -86.38 33.39
N ARG WB 107 14.66 -87.66 33.74
CA ARG WB 107 15.92 -88.37 33.87
C ARG WB 107 16.52 -88.74 32.52
N LYS WB 108 15.68 -89.04 31.53
CA LYS WB 108 16.16 -89.62 30.28
C LYS WB 108 17.05 -88.64 29.51
N ASN WB 109 16.50 -87.49 29.13
CA ASN WB 109 17.29 -86.52 28.38
C ASN WB 109 18.31 -85.81 29.25
N ARG WB 110 18.27 -86.01 30.57
CA ARG WB 110 19.35 -85.59 31.45
C ARG WB 110 20.57 -86.52 31.31
N MET WB 111 20.38 -87.71 30.75
CA MET WB 111 21.49 -88.57 30.39
C MET WB 111 22.07 -88.21 29.03
N LYS WB 112 21.43 -87.30 28.30
CA LYS WB 112 21.98 -86.81 27.04
C LYS WB 112 23.05 -85.74 27.25
N LYS WB 113 23.08 -85.12 28.43
CA LYS WB 113 24.04 -84.05 28.68
C LYS WB 113 25.43 -84.61 28.99
N VAL WB 114 25.50 -85.72 29.72
CA VAL WB 114 26.76 -86.25 30.22
C VAL WB 114 27.13 -87.48 29.38
N ARG WB 115 28.33 -87.43 28.80
CA ARG WB 115 28.86 -88.51 27.97
C ARG WB 115 29.79 -89.35 28.85
N GLY WB 116 29.57 -90.65 28.86
CA GLY WB 116 30.46 -91.55 29.56
C GLY WB 116 29.67 -92.54 30.39
N THR WB 117 30.36 -93.12 31.38
CA THR WB 117 29.77 -94.11 32.26
C THR WB 117 28.87 -93.48 33.31
N ALA WB 118 28.96 -92.16 33.53
CA ALA WB 118 28.18 -91.42 34.52
C ALA WB 118 26.70 -91.30 34.16
N LYS WB 119 26.22 -91.98 33.11
CA LYS WB 119 24.81 -91.95 32.78
C LYS WB 119 23.98 -92.65 33.85
N ALA WB 120 24.50 -93.74 34.41
CA ALA WB 120 23.82 -94.41 35.50
C ALA WB 120 24.04 -93.74 36.85
N ASN WB 121 24.92 -92.73 36.90
CA ASN WB 121 25.26 -92.10 38.16
C ASN WB 121 24.51 -90.78 38.38
N VAL WB 122 24.00 -90.16 37.32
CA VAL WB 122 23.28 -88.89 37.48
C VAL WB 122 21.97 -89.10 38.25
N GLY WB 123 21.28 -90.22 38.00
CA GLY WB 123 20.04 -90.50 38.70
C GLY WB 123 20.25 -91.06 40.09
N ALA WB 124 19.94 -90.24 41.10
CA ALA WB 124 20.04 -90.59 42.53
C ALA WB 124 21.42 -91.07 42.92
N ARG XB 34 -64.79 37.02 13.62
CA ARG XB 34 -63.55 37.55 13.05
C ARG XB 34 -63.67 39.05 12.80
N ASP XB 35 -64.14 39.41 11.60
CA ASP XB 35 -64.26 40.82 11.21
C ASP XB 35 -65.54 41.38 11.82
N LYS XB 36 -65.41 42.53 12.48
CA LYS XB 36 -66.51 43.11 13.24
C LYS XB 36 -67.46 43.82 12.28
N LEU XB 37 -68.75 43.53 12.39
CA LEU XB 37 -69.78 44.23 11.65
C LEU XB 37 -70.42 45.25 12.60
N ASN XB 38 -69.72 46.35 12.84
CA ASN XB 38 -70.12 47.32 13.86
C ASN XB 38 -71.36 48.06 13.40
N ASN XB 39 -72.50 47.48 13.72
CA ASN XB 39 -73.79 48.04 13.34
C ASN XB 39 -74.19 49.16 14.29
N LEU XB 40 -75.00 50.08 13.76
CA LEU XB 40 -75.49 51.21 14.56
C LEU XB 40 -76.62 50.73 15.46
N VAL XB 41 -76.53 51.09 16.75
CA VAL XB 41 -77.58 50.70 17.68
C VAL XB 41 -78.76 51.66 17.57
N LEU XB 42 -78.49 52.93 17.35
CA LEU XB 42 -79.52 53.94 17.15
C LEU XB 42 -79.05 54.89 16.04
N PHE XB 43 -80.01 55.50 15.34
CA PHE XB 43 -79.68 56.31 14.17
C PHE XB 43 -78.88 57.55 14.52
N ASP XB 44 -78.28 58.12 13.49
CA ASP XB 44 -77.68 59.44 13.50
C ASP XB 44 -78.69 60.43 12.90
N LYS XB 45 -78.31 61.70 12.80
CA LYS XB 45 -79.17 62.71 12.21
C LYS XB 45 -79.07 62.74 10.70
N ALA XB 46 -78.11 62.04 10.12
CA ALA XB 46 -78.01 61.91 8.67
C ALA XB 46 -78.51 60.55 8.20
N THR XB 47 -78.28 59.50 8.99
CA THR XB 47 -78.70 58.16 8.60
C THR XB 47 -80.23 58.05 8.58
N TYR XB 48 -80.87 58.50 9.66
CA TYR XB 48 -82.33 58.59 9.67
C TYR XB 48 -82.85 59.56 8.61
N ASP XB 49 -82.10 60.62 8.32
CA ASP XB 49 -82.44 61.49 7.21
C ASP XB 49 -82.16 60.82 5.87
N LYS XB 50 -81.23 59.86 5.86
CA LYS XB 50 -81.06 59.01 4.69
C LYS XB 50 -82.12 57.92 4.61
N LEU XB 51 -83.06 57.89 5.55
CA LEU XB 51 -84.13 56.91 5.53
C LEU XB 51 -85.48 57.47 5.11
N CYS XB 52 -85.75 58.75 5.37
CA CYS XB 52 -87.06 59.32 5.10
C CYS XB 52 -87.30 59.56 3.61
N LYS XB 53 -86.27 59.50 2.77
CA LYS XB 53 -86.41 59.76 1.36
C LYS XB 53 -85.90 58.60 0.50
N GLU XB 54 -84.84 57.93 0.96
CA GLU XB 54 -84.10 57.01 0.09
C GLU XB 54 -84.67 55.61 0.15
N VAL XB 55 -85.10 55.18 1.33
CA VAL XB 55 -85.81 53.90 1.45
C VAL XB 55 -87.07 53.81 0.59
N PRO XB 56 -87.91 54.88 0.46
CA PRO XB 56 -89.03 54.79 -0.50
C PRO XB 56 -88.63 54.76 -1.97
N ASN XB 57 -87.34 54.77 -2.30
CA ASN XB 57 -86.91 54.63 -3.68
C ASN XB 57 -86.60 53.20 -4.07
N TYR XB 58 -86.39 52.32 -3.10
CA TYR XB 58 -86.07 50.93 -3.39
C TYR XB 58 -87.32 50.15 -3.81
N LYS XB 59 -87.09 49.07 -4.53
CA LYS XB 59 -88.15 48.14 -4.88
C LYS XB 59 -88.25 46.99 -3.90
N LEU XB 60 -87.21 46.76 -3.11
CA LEU XB 60 -87.17 45.67 -2.13
C LEU XB 60 -86.73 46.27 -0.80
N ILE XB 61 -87.61 46.22 0.20
CA ILE XB 61 -87.31 46.71 1.54
C ILE XB 61 -87.66 45.63 2.54
N THR XB 62 -86.65 45.08 3.20
CA THR XB 62 -86.82 44.09 4.25
C THR XB 62 -85.82 44.39 5.35
N PRO XB 63 -86.11 44.00 6.60
CA PRO XB 63 -85.15 44.25 7.68
C PRO XB 63 -83.81 43.54 7.54
N ALA XB 64 -83.67 42.65 6.57
CA ALA XB 64 -82.39 41.97 6.38
C ALA XB 64 -81.48 42.68 5.39
N VAL XB 65 -82.02 43.54 4.51
CA VAL XB 65 -81.14 44.24 3.58
C VAL XB 65 -80.91 45.69 3.98
N VAL XB 66 -81.90 46.37 4.57
CA VAL XB 66 -81.72 47.76 4.94
C VAL XB 66 -80.83 47.87 6.17
N SER XB 67 -80.78 46.81 6.97
CA SER XB 67 -79.83 46.75 8.07
C SER XB 67 -78.42 46.47 7.59
N GLU XB 68 -78.27 45.74 6.49
CA GLU XB 68 -76.97 45.46 5.92
C GLU XB 68 -76.48 46.57 5.01
N ARG XB 69 -77.39 47.25 4.31
CA ARG XB 69 -77.04 48.35 3.44
C ARG XB 69 -76.76 49.64 4.20
N LEU XB 70 -77.27 49.76 5.42
CA LEU XB 70 -77.09 50.96 6.22
C LEU XB 70 -76.43 50.69 7.56
N LYS XB 71 -75.94 49.47 7.78
CA LYS XB 71 -75.10 49.09 8.92
C LYS XB 71 -75.75 49.39 10.26
N ILE XB 72 -76.94 48.84 10.46
CA ILE XB 72 -77.66 48.90 11.73
C ILE XB 72 -78.06 47.47 12.11
N ARG XB 73 -78.46 47.30 13.36
CA ARG XB 73 -78.90 45.99 13.83
C ARG XB 73 -80.23 45.61 13.19
N GLY XB 74 -80.56 44.31 13.29
CA GLY XB 74 -81.86 43.85 12.85
C GLY XB 74 -82.99 44.34 13.72
N SER XB 75 -82.71 44.60 15.00
CA SER XB 75 -83.72 45.17 15.87
C SER XB 75 -84.02 46.61 15.47
N LEU XB 76 -82.99 47.38 15.12
CA LEU XB 76 -83.21 48.74 14.62
C LEU XB 76 -83.83 48.72 13.23
N ALA XB 77 -83.64 47.63 12.49
CA ALA XB 77 -84.17 47.56 11.12
C ALA XB 77 -85.68 47.52 11.12
N ARG XB 78 -86.27 46.64 11.92
CA ARG XB 78 -87.72 46.59 12.04
C ARG XB 78 -88.27 47.87 12.66
N ALA XB 79 -87.54 48.43 13.62
CA ALA XB 79 -87.97 49.64 14.31
C ALA XB 79 -87.69 50.88 13.48
N ALA XB 80 -87.22 50.72 12.26
CA ALA XB 80 -87.08 51.82 11.33
C ALA XB 80 -88.21 51.88 10.31
N LEU XB 81 -89.10 50.89 10.31
CA LEU XB 81 -90.16 50.80 9.32
C LEU XB 81 -91.56 50.85 9.91
N GLN XB 82 -91.71 50.66 11.22
CA GLN XB 82 -93.02 50.72 11.85
C GLN XB 82 -93.56 52.15 11.84
N GLU XB 83 -92.67 53.14 11.98
CA GLU XB 83 -93.08 54.53 11.84
C GLU XB 83 -93.39 54.85 10.38
N LEU XB 84 -92.71 54.18 9.45
CA LEU XB 84 -92.98 54.39 8.03
C LEU XB 84 -94.36 53.89 7.65
N LEU XB 85 -94.88 52.91 8.38
CA LEU XB 85 -96.29 52.57 8.24
C LEU XB 85 -97.20 53.72 8.63
N SER XB 86 -96.89 54.40 9.72
CA SER XB 86 -97.65 55.59 10.09
C SER XB 86 -97.22 56.80 9.27
N LYS XB 87 -96.08 56.70 8.59
CA LYS XB 87 -95.68 57.74 7.64
C LYS XB 87 -96.18 57.46 6.23
N GLY XB 88 -96.45 56.20 5.91
CA GLY XB 88 -97.06 55.88 4.63
C GLY XB 88 -96.10 55.99 3.47
N LEU XB 89 -94.83 55.70 3.72
CA LEU XB 89 -93.80 55.74 2.68
C LEU XB 89 -93.35 54.37 2.22
N ILE XB 90 -93.88 53.30 2.81
CA ILE XB 90 -93.67 51.94 2.34
C ILE XB 90 -95.02 51.23 2.35
N LYS XB 91 -95.14 50.19 1.53
CA LYS XB 91 -96.37 49.39 1.50
C LYS XB 91 -96.08 47.98 1.99
N LEU XB 92 -96.94 47.48 2.86
CA LEU XB 92 -96.84 46.12 3.38
C LEU XB 92 -97.68 45.20 2.51
N VAL XB 93 -97.09 44.08 2.09
CA VAL XB 93 -97.80 43.07 1.33
C VAL XB 93 -97.67 41.68 1.95
N SER XB 94 -96.73 41.47 2.87
CA SER XB 94 -96.66 40.20 3.61
C SER XB 94 -95.90 40.46 4.90
N LYS XB 95 -96.62 40.46 6.02
CA LYS XB 95 -96.05 40.45 7.35
C LYS XB 95 -96.14 39.03 7.89
N HIS XB 96 -95.11 38.59 8.61
CA HIS XB 96 -95.10 37.24 9.16
C HIS XB 96 -94.28 37.23 10.44
N ARG XB 97 -94.31 36.09 11.12
CA ARG XB 97 -93.39 35.81 12.21
C ARG XB 97 -91.94 35.97 11.76
N ALA XB 98 -91.56 35.29 10.68
CA ALA XB 98 -90.18 35.25 10.27
C ALA XB 98 -89.84 36.22 9.16
N GLN XB 99 -90.82 36.73 8.43
CA GLN XB 99 -90.47 37.53 7.26
C GLN XB 99 -91.49 38.62 7.01
N VAL XB 100 -91.03 39.86 7.04
CA VAL XB 100 -91.84 41.01 6.65
C VAL XB 100 -91.11 41.74 5.55
N ILE XB 101 -91.84 42.09 4.48
CA ILE XB 101 -91.25 42.75 3.33
C ILE XB 101 -92.00 44.07 3.09
N TYR XB 102 -91.29 45.01 2.47
CA TYR XB 102 -91.85 46.32 2.15
C TYR XB 102 -91.34 46.75 0.78
N THR XB 103 -91.99 47.77 0.24
CA THR XB 103 -91.73 48.28 -1.09
C THR XB 103 -91.93 49.79 -1.07
N ARG XB 104 -92.08 50.36 -2.26
CA ARG XB 104 -92.59 51.71 -2.38
C ARG XB 104 -94.07 51.74 -2.05
N ASN XB 105 -94.69 52.91 -2.17
CA ASN XB 105 -96.13 52.92 -2.27
C ASN XB 105 -96.54 52.62 -3.71
N THR XB 106 -97.84 52.58 -3.94
CA THR XB 106 -98.36 52.53 -5.29
C THR XB 106 -97.88 53.77 -6.04
N LYS XB 107 -97.47 53.60 -7.30
CA LYS XB 107 -96.81 54.65 -8.07
C LYS XB 107 -97.66 55.91 -8.21
N GLY XB 108 -98.97 55.81 -8.11
CA GLY XB 108 -99.83 56.96 -8.19
C GLY XB 108 -100.42 57.36 -6.83
N THR YB 1 -47.42 -34.13 -16.49
CA THR YB 1 -48.09 -34.81 -17.59
C THR YB 1 -47.94 -34.05 -18.90
N LYS YB 2 -47.99 -34.78 -20.01
CA LYS YB 2 -47.96 -34.15 -21.33
C LYS YB 2 -49.33 -33.57 -21.61
N LYS YB 3 -49.37 -32.30 -21.99
CA LYS YB 3 -50.66 -31.63 -22.17
C LYS YB 3 -51.20 -31.80 -23.58
N ARG YB 4 -50.45 -31.35 -24.58
CA ARG YB 4 -50.91 -31.32 -25.95
C ARG YB 4 -50.19 -32.38 -26.76
N ARG YB 5 -50.92 -33.04 -27.66
CA ARG YB 5 -50.33 -34.11 -28.46
C ARG YB 5 -49.41 -33.53 -29.52
N ASN YB 6 -49.75 -32.38 -30.07
CA ASN YB 6 -48.88 -31.66 -30.97
C ASN YB 6 -47.94 -30.71 -30.25
N ASN YB 7 -47.94 -30.74 -28.91
CA ASN YB 7 -47.09 -29.89 -28.06
C ASN YB 7 -47.36 -28.41 -28.28
N GLY YB 8 -48.59 -28.09 -28.68
CA GLY YB 8 -48.96 -26.70 -28.88
C GLY YB 8 -48.33 -26.07 -30.09
N ARG YB 9 -47.96 -26.86 -31.09
CA ARG YB 9 -47.34 -26.33 -32.29
C ARG YB 9 -47.67 -27.25 -33.45
N ALA YB 10 -47.52 -26.73 -34.67
CA ALA YB 10 -47.86 -27.52 -35.85
C ALA YB 10 -46.64 -27.96 -36.64
N LYS YB 11 -45.47 -28.05 -36.00
CA LYS YB 11 -44.32 -28.67 -36.66
C LYS YB 11 -44.42 -30.18 -36.52
N LYS YB 12 -44.70 -30.86 -37.61
CA LYS YB 12 -44.97 -32.29 -37.53
C LYS YB 12 -43.98 -33.10 -38.35
N GLY YB 13 -43.41 -32.50 -39.38
CA GLY YB 13 -42.46 -33.22 -40.22
C GLY YB 13 -41.17 -32.48 -40.45
N ARG YB 14 -41.02 -31.30 -39.85
CA ARG YB 14 -39.95 -30.40 -40.23
C ARG YB 14 -38.68 -30.63 -39.41
N GLY YB 15 -38.76 -30.44 -38.10
CA GLY YB 15 -37.59 -30.49 -37.25
C GLY YB 15 -37.11 -29.13 -36.76
N HIS YB 16 -37.34 -28.07 -37.52
CA HIS YB 16 -37.11 -26.68 -37.10
C HIS YB 16 -37.83 -25.75 -38.05
N VAL YB 17 -38.40 -24.67 -37.51
CA VAL YB 17 -39.28 -23.78 -38.26
C VAL YB 17 -38.67 -22.38 -38.30
N GLN YB 18 -39.27 -21.51 -39.13
CA GLN YB 18 -38.90 -20.09 -39.16
C GLN YB 18 -39.59 -19.36 -38.03
N PRO YB 19 -38.91 -18.46 -37.33
CA PRO YB 19 -39.57 -17.66 -36.30
C PRO YB 19 -40.11 -16.35 -36.87
N ILE YB 20 -41.14 -15.83 -36.21
CA ILE YB 20 -41.72 -14.54 -36.56
C ILE YB 20 -41.94 -13.74 -35.27
N ARG YB 21 -42.45 -12.54 -35.45
CA ARG YB 21 -42.62 -11.59 -34.35
C ARG YB 21 -44.08 -11.49 -33.94
N CYS YB 22 -44.29 -11.09 -32.69
CA CYS YB 22 -45.63 -10.76 -32.21
C CYS YB 22 -46.05 -9.39 -32.73
N THR YB 23 -47.30 -9.02 -32.46
CA THR YB 23 -47.76 -7.69 -32.85
C THR YB 23 -47.79 -6.75 -31.65
N ASN YB 24 -48.49 -7.15 -30.59
CA ASN YB 24 -48.43 -6.39 -29.35
C ASN YB 24 -47.02 -6.42 -28.78
N CYS YB 25 -46.52 -7.60 -28.47
CA CYS YB 25 -45.14 -7.81 -28.09
C CYS YB 25 -44.29 -7.86 -29.36
N ALA YB 26 -43.00 -8.10 -29.17
CA ALA YB 26 -42.10 -8.42 -30.27
C ALA YB 26 -41.48 -9.79 -30.06
N ARG YB 27 -42.27 -10.71 -29.49
CA ARG YB 27 -41.80 -12.04 -29.15
C ARG YB 27 -41.41 -12.82 -30.40
N CYS YB 28 -40.20 -13.38 -30.39
CA CYS YB 28 -39.76 -14.24 -31.48
C CYS YB 28 -40.29 -15.64 -31.22
N VAL YB 29 -41.43 -15.94 -31.83
CA VAL YB 29 -42.10 -17.23 -31.70
C VAL YB 29 -41.96 -17.97 -33.02
N PRO YB 30 -41.87 -19.30 -33.01
CA PRO YB 30 -41.88 -20.06 -34.26
C PRO YB 30 -43.20 -19.90 -35.00
N LYS YB 31 -43.16 -20.15 -36.31
CA LYS YB 31 -44.29 -19.78 -37.15
C LYS YB 31 -45.53 -20.63 -36.90
N ASP YB 32 -45.36 -21.94 -36.74
CA ASP YB 32 -46.54 -22.76 -36.54
C ASP YB 32 -46.99 -22.81 -35.09
N LYS YB 33 -46.31 -22.12 -34.19
CA LYS YB 33 -46.83 -21.89 -32.85
C LYS YB 33 -47.62 -20.58 -32.76
N ALA YB 34 -47.53 -19.74 -33.79
CA ALA YB 34 -48.10 -18.40 -33.73
C ALA YB 34 -49.60 -18.43 -33.95
N ILE YB 35 -50.33 -17.72 -33.08
CA ILE YB 35 -51.76 -17.56 -33.27
C ILE YB 35 -51.94 -16.49 -34.32
N LYS YB 36 -52.20 -16.91 -35.55
CA LYS YB 36 -52.35 -15.98 -36.65
C LYS YB 36 -53.82 -15.60 -36.81
N LYS YB 37 -54.07 -14.31 -37.02
CA LYS YB 37 -55.42 -13.80 -37.24
C LYS YB 37 -55.40 -12.92 -38.47
N PHE YB 38 -56.24 -13.25 -39.44
CA PHE YB 38 -56.31 -12.52 -40.69
C PHE YB 38 -57.59 -11.69 -40.72
N VAL YB 39 -57.44 -10.37 -40.73
CA VAL YB 39 -58.56 -9.44 -40.69
C VAL YB 39 -58.62 -8.69 -42.02
N ILE YB 40 -59.80 -8.70 -42.63
CA ILE YB 40 -60.09 -7.91 -43.82
C ILE YB 40 -61.17 -6.94 -43.40
N ARG YB 41 -60.78 -5.71 -43.06
CA ARG YB 41 -61.71 -4.74 -42.52
C ARG YB 41 -61.69 -3.49 -43.36
N ASN YB 42 -62.83 -2.81 -43.41
CA ASN YB 42 -62.90 -1.51 -44.05
C ASN YB 42 -62.27 -0.47 -43.13
N ILE YB 43 -61.80 0.62 -43.74
CA ILE YB 43 -61.03 1.63 -43.01
C ILE YB 43 -61.89 2.33 -41.97
N VAL YB 44 -63.13 2.66 -42.32
CA VAL YB 44 -64.09 3.18 -41.36
C VAL YB 44 -65.20 2.14 -41.22
N GLU YB 45 -65.68 1.97 -39.99
CA GLU YB 45 -66.52 0.83 -39.65
C GLU YB 45 -68.01 1.16 -39.71
N ALA YB 46 -68.51 2.05 -38.87
CA ALA YB 46 -69.94 2.29 -38.74
C ALA YB 46 -70.33 3.73 -38.96
N ALA YB 47 -69.62 4.67 -38.34
CA ALA YB 47 -70.06 6.06 -38.33
C ALA YB 47 -69.81 6.73 -39.68
N ALA YB 48 -68.57 6.63 -40.18
CA ALA YB 48 -68.18 7.46 -41.31
C ALA YB 48 -68.65 6.90 -42.64
N VAL YB 49 -69.16 5.66 -42.65
CA VAL YB 49 -69.40 4.97 -43.92
C VAL YB 49 -70.50 5.61 -44.74
N ARG YB 50 -71.34 6.44 -44.13
CA ARG YB 50 -72.52 6.99 -44.81
C ARG YB 50 -72.33 8.45 -45.19
N ASP YB 51 -71.80 9.27 -44.29
CA ASP YB 51 -71.65 10.69 -44.59
C ASP YB 51 -70.58 10.95 -45.64
N ILE YB 52 -69.56 10.11 -45.72
CA ILE YB 52 -68.60 10.20 -46.83
C ILE YB 52 -69.27 9.86 -48.16
N SER YB 53 -70.29 9.00 -48.16
CA SER YB 53 -70.91 8.54 -49.40
C SER YB 53 -71.63 9.67 -50.13
N GLU YB 54 -72.19 10.63 -49.39
CA GLU YB 54 -72.80 11.79 -50.02
C GLU YB 54 -71.84 12.96 -50.14
N ALA YB 55 -70.76 12.96 -49.37
CA ALA YB 55 -69.70 13.95 -49.58
C ALA YB 55 -68.67 13.50 -50.61
N SER YB 56 -68.85 12.30 -51.17
CA SER YB 56 -67.90 11.78 -52.15
C SER YB 56 -68.09 12.45 -53.51
N VAL YB 57 -66.98 12.69 -54.19
CA VAL YB 57 -67.04 13.15 -55.58
C VAL YB 57 -67.62 12.05 -56.46
N PHE YB 58 -67.01 10.87 -56.42
CA PHE YB 58 -67.49 9.71 -57.14
C PHE YB 58 -68.71 9.17 -56.41
N ASP YB 59 -69.83 9.06 -57.11
CA ASP YB 59 -71.04 8.58 -56.48
C ASP YB 59 -71.11 7.06 -56.54
N ALA YB 60 -71.69 6.46 -55.48
CA ALA YB 60 -71.70 5.02 -55.24
C ALA YB 60 -70.28 4.45 -55.25
N TYR YB 61 -69.40 5.11 -54.51
CA TYR YB 61 -67.98 4.79 -54.49
C TYR YB 61 -67.69 3.87 -53.32
N VAL YB 62 -67.22 2.66 -53.61
CA VAL YB 62 -66.87 1.72 -52.56
C VAL YB 62 -65.63 2.21 -51.84
N LEU YB 63 -65.55 1.95 -50.54
CA LEU YB 63 -64.33 2.25 -49.81
C LEU YB 63 -63.41 1.04 -49.87
N PRO YB 64 -62.09 1.25 -49.87
CA PRO YB 64 -61.19 0.10 -49.87
C PRO YB 64 -61.20 -0.61 -48.54
N LYS YB 65 -61.01 -1.92 -48.59
CA LYS YB 65 -60.82 -2.69 -47.38
C LYS YB 65 -59.34 -2.66 -46.99
N LEU YB 66 -59.06 -3.00 -45.75
CA LEU YB 66 -57.71 -3.04 -45.24
C LEU YB 66 -57.33 -4.50 -45.02
N TYR YB 67 -56.18 -4.89 -45.55
CA TYR YB 67 -55.73 -6.27 -45.51
C TYR YB 67 -54.57 -6.35 -44.53
N VAL YB 68 -54.84 -6.82 -43.31
CA VAL YB 68 -53.85 -6.89 -42.25
C VAL YB 68 -53.74 -8.34 -41.80
N LYS YB 69 -52.52 -8.86 -41.80
CA LYS YB 69 -52.26 -10.19 -41.27
C LYS YB 69 -51.52 -10.04 -39.95
N LEU YB 70 -52.28 -10.13 -38.87
CA LEU YB 70 -51.69 -10.11 -37.54
C LEU YB 70 -50.98 -11.42 -37.26
N HIS YB 71 -50.02 -11.36 -36.35
CA HIS YB 71 -49.28 -12.54 -35.91
C HIS YB 71 -49.04 -12.37 -34.42
N TYR YB 72 -49.78 -13.13 -33.63
CA TYR YB 72 -49.70 -12.99 -32.18
C TYR YB 72 -48.71 -13.98 -31.59
N CYS YB 73 -48.21 -13.64 -30.42
CA CYS YB 73 -47.54 -14.62 -29.58
C CYS YB 73 -48.60 -15.23 -28.67
N VAL YB 74 -48.18 -16.17 -27.83
CA VAL YB 74 -49.14 -16.95 -27.08
C VAL YB 74 -49.80 -16.12 -25.99
N SER YB 75 -48.99 -15.42 -25.18
CA SER YB 75 -49.53 -14.66 -24.07
C SER YB 75 -50.34 -13.46 -24.55
N CYS YB 76 -49.90 -12.83 -25.64
CA CYS YB 76 -50.62 -11.66 -26.15
C CYS YB 76 -51.97 -12.05 -26.73
N ALA YB 77 -52.06 -13.25 -27.33
CA ALA YB 77 -53.34 -13.73 -27.82
C ALA YB 77 -54.29 -14.00 -26.67
N ILE YB 78 -53.76 -14.32 -25.49
CA ILE YB 78 -54.59 -14.58 -24.33
C ILE YB 78 -55.03 -13.28 -23.67
N HIS YB 79 -54.11 -12.35 -23.47
CA HIS YB 79 -54.43 -11.11 -22.77
C HIS YB 79 -55.40 -10.26 -23.58
N SER YB 80 -55.38 -10.39 -24.90
CA SER YB 80 -56.36 -9.76 -25.77
C SER YB 80 -57.63 -10.59 -25.92
N LYS YB 81 -57.69 -11.74 -25.25
CA LYS YB 81 -58.82 -12.68 -25.29
C LYS YB 81 -59.19 -13.07 -26.71
N VAL YB 82 -58.17 -13.27 -27.54
CA VAL YB 82 -58.41 -13.87 -28.84
C VAL YB 82 -58.78 -15.34 -28.67
N VAL YB 83 -58.00 -16.07 -27.88
CA VAL YB 83 -58.29 -17.46 -27.54
C VAL YB 83 -58.21 -17.60 -26.02
N ARG YB 84 -59.14 -18.37 -25.46
CA ARG YB 84 -59.21 -18.55 -24.02
C ARG YB 84 -58.92 -20.00 -23.65
N ASN YB 85 -58.91 -20.27 -22.35
CA ASN YB 85 -58.71 -21.62 -21.86
C ASN YB 85 -59.91 -22.51 -22.17
N ARG YB 86 -59.63 -23.77 -22.47
CA ARG YB 86 -60.66 -24.75 -22.79
C ARG YB 86 -60.50 -25.97 -21.89
N SER YB 87 -61.60 -26.74 -21.78
CA SER YB 87 -61.57 -27.99 -21.05
C SER YB 87 -60.77 -29.02 -21.82
N ARG YB 88 -60.28 -30.05 -21.09
CA ARG YB 88 -59.48 -31.11 -21.71
C ARG YB 88 -60.23 -31.81 -22.83
N GLU YB 89 -61.51 -32.09 -22.63
CA GLU YB 89 -62.32 -32.64 -23.72
C GLU YB 89 -62.63 -31.58 -24.77
N ALA YB 90 -62.72 -30.32 -24.35
CA ALA YB 90 -62.99 -29.24 -25.30
C ALA YB 90 -61.74 -28.74 -25.99
N ARG YB 91 -60.56 -29.10 -25.49
CA ARG YB 91 -59.32 -28.70 -26.15
C ARG YB 91 -59.18 -29.37 -27.51
N LYS YB 92 -59.62 -30.63 -27.60
CA LYS YB 92 -59.30 -31.47 -28.76
C LYS YB 92 -59.93 -30.94 -30.04
N ASP YB 93 -61.08 -30.31 -29.94
CA ASP YB 93 -61.75 -29.79 -31.13
C ASP YB 93 -61.01 -28.57 -31.67
N ARG YB 94 -60.72 -28.60 -32.97
CA ARG YB 94 -60.01 -27.52 -33.65
C ARG YB 94 -60.80 -27.07 -34.86
N THR YB 95 -62.10 -26.88 -34.68
CA THR YB 95 -62.92 -26.25 -35.70
C THR YB 95 -62.97 -24.75 -35.45
N PRO YB 96 -63.05 -23.93 -36.48
CA PRO YB 96 -63.15 -22.49 -36.27
C PRO YB 96 -64.44 -22.15 -35.56
N PRO YB 97 -64.42 -21.13 -34.69
CA PRO YB 97 -65.63 -20.72 -33.96
C PRO YB 97 -66.73 -20.26 -34.89
N PRO YB 98 -67.99 -20.25 -34.43
CA PRO YB 98 -69.11 -19.94 -35.33
C PRO YB 98 -69.04 -18.51 -35.87
N ARG YB 99 -69.17 -18.40 -37.19
CA ARG YB 99 -69.06 -17.13 -37.89
C ARG YB 99 -70.46 -16.63 -38.24
N PHE YB 100 -70.97 -15.71 -37.42
CA PHE YB 100 -72.20 -15.00 -37.77
C PHE YB 100 -72.11 -13.49 -37.59
N ARG YB 101 -71.28 -12.99 -36.67
CA ARG YB 101 -71.18 -11.57 -36.37
C ARG YB 101 -69.91 -11.27 -35.58
N PRO ZB 1 -63.62 -58.82 -40.24
CA PRO ZB 1 -64.15 -60.18 -40.12
C PRO ZB 1 -63.14 -61.13 -39.49
N LEU ZB 2 -63.45 -62.42 -39.49
CA LEU ZB 2 -62.50 -63.44 -39.08
C LEU ZB 2 -62.22 -64.44 -40.19
N ALA ZB 3 -63.26 -64.96 -40.85
CA ALA ZB 3 -63.07 -65.94 -41.91
C ALA ZB 3 -62.96 -65.25 -43.26
N LYS ZB 4 -61.89 -65.57 -43.99
CA LYS ZB 4 -61.73 -65.19 -45.39
C LYS ZB 4 -61.27 -66.44 -46.14
N ASP ZB 5 -61.33 -66.41 -47.47
CA ASP ZB 5 -60.99 -67.55 -48.29
C ASP ZB 5 -59.60 -67.30 -48.88
N LEU ZB 6 -58.58 -67.64 -48.10
CA LEU ZB 6 -57.21 -67.63 -48.59
C LEU ZB 6 -56.91 -68.86 -49.44
N LEU ZB 7 -57.78 -69.86 -49.37
CA LEU ZB 7 -57.63 -71.05 -50.19
C LEU ZB 7 -57.73 -70.70 -51.67
N HIS ZB 8 -58.86 -70.14 -52.09
CA HIS ZB 8 -59.09 -69.73 -53.48
C HIS ZB 8 -59.67 -68.32 -53.48
N PRO ZB 9 -58.81 -67.29 -53.41
CA PRO ZB 9 -59.32 -65.91 -53.49
C PRO ZB 9 -59.93 -65.59 -54.83
N SER ZB 10 -60.75 -64.55 -54.84
CA SER ZB 10 -61.53 -64.12 -55.99
C SER ZB 10 -60.69 -63.24 -56.92
N PRO ZB 11 -60.94 -63.30 -58.23
CA PRO ZB 11 -60.13 -62.52 -59.19
C PRO ZB 11 -60.26 -61.02 -59.06
N GLU ZB 12 -61.34 -60.53 -58.45
CA GLU ZB 12 -61.64 -59.11 -58.45
C GLU ZB 12 -60.62 -58.33 -57.62
N GLU ZB 13 -60.03 -58.99 -56.64
CA GLU ZB 13 -59.09 -58.34 -55.74
C GLU ZB 13 -57.65 -58.80 -55.92
N GLU ZB 14 -57.42 -59.92 -56.62
CA GLU ZB 14 -56.04 -60.35 -56.85
C GLU ZB 14 -55.36 -59.48 -57.89
N LYS ZB 15 -56.13 -58.81 -58.73
CA LYS ZB 15 -55.60 -57.84 -59.68
C LYS ZB 15 -55.20 -56.53 -59.02
N ARG ZB 16 -55.71 -56.28 -57.81
CA ARG ZB 16 -55.46 -55.00 -57.15
C ARG ZB 16 -54.18 -55.03 -56.35
N LYS ZB 17 -53.93 -56.12 -55.63
CA LYS ZB 17 -52.85 -56.21 -54.67
C LYS ZB 17 -51.48 -56.12 -55.33
N HIS ZB 18 -50.45 -55.87 -54.52
CA HIS ZB 18 -49.12 -55.55 -55.03
C HIS ZB 18 -48.46 -56.78 -55.63
N LYS ZB 19 -47.58 -56.54 -56.62
CA LYS ZB 19 -46.96 -57.62 -57.38
C LYS ZB 19 -46.16 -58.57 -56.51
N LYS ZB 20 -45.54 -58.05 -55.45
CA LYS ZB 20 -44.87 -58.93 -54.51
C LYS ZB 20 -45.85 -59.49 -53.49
N LYS ZB 21 -46.82 -58.68 -53.05
CA LYS ZB 21 -47.75 -59.05 -52.01
C LYS ZB 21 -48.91 -59.91 -52.51
N ARG ZB 22 -48.83 -60.45 -53.72
CA ARG ZB 22 -49.87 -61.33 -54.21
C ARG ZB 22 -49.76 -62.70 -53.55
N LEU ZB 23 -50.81 -63.51 -53.74
CA LEU ZB 23 -50.77 -64.89 -53.25
C LEU ZB 23 -49.71 -65.70 -53.99
N VAL ZB 24 -49.52 -65.41 -55.27
CA VAL ZB 24 -48.42 -65.96 -56.05
C VAL ZB 24 -47.82 -64.75 -56.77
N GLN ZB 25 -46.51 -64.53 -56.61
CA GLN ZB 25 -45.86 -63.37 -57.18
C GLN ZB 25 -45.90 -63.42 -58.70
N SER ZB 26 -46.53 -62.43 -59.32
CA SER ZB 26 -46.75 -62.42 -60.74
C SER ZB 26 -46.59 -60.98 -61.22
N PRO ZB 27 -45.65 -60.71 -62.11
CA PRO ZB 27 -45.41 -59.32 -62.54
C PRO ZB 27 -46.55 -58.79 -63.39
N ASN ZB 28 -46.76 -57.48 -63.28
CA ASN ZB 28 -47.84 -56.80 -63.97
C ASN ZB 28 -47.40 -56.24 -65.31
N SER ZB 29 -46.24 -56.65 -65.80
CA SER ZB 29 -45.80 -56.27 -67.13
C SER ZB 29 -46.25 -57.29 -68.15
N TYR ZB 30 -45.98 -56.99 -69.41
CA TYR ZB 30 -46.32 -57.89 -70.51
C TYR ZB 30 -45.48 -57.47 -71.71
N PHE ZB 31 -45.81 -58.07 -72.85
CA PHE ZB 31 -45.18 -57.76 -74.12
C PHE ZB 31 -46.29 -57.48 -75.13
N MET ZB 32 -45.91 -56.94 -76.28
CA MET ZB 32 -46.92 -56.59 -77.26
C MET ZB 32 -46.35 -56.74 -78.67
N ASP ZB 33 -47.25 -57.06 -79.59
CA ASP ZB 33 -46.95 -57.23 -81.01
C ASP ZB 33 -47.32 -55.93 -81.73
N VAL ZB 34 -46.43 -54.94 -81.62
CA VAL ZB 34 -46.70 -53.64 -82.22
C VAL ZB 34 -46.56 -53.72 -83.73
N LYS ZB 35 -47.58 -53.22 -84.44
CA LYS ZB 35 -47.51 -53.00 -85.88
C LYS ZB 35 -47.60 -51.50 -86.09
N CYS ZB 36 -46.46 -50.89 -86.41
CA CYS ZB 36 -46.42 -49.46 -86.62
C CYS ZB 36 -47.01 -49.11 -87.99
N PRO ZB 37 -47.48 -47.87 -88.17
CA PRO ZB 37 -47.90 -47.45 -89.51
C PRO ZB 37 -46.75 -47.31 -90.49
N GLY ZB 38 -45.51 -47.23 -90.02
CA GLY ZB 38 -44.39 -47.10 -90.93
C GLY ZB 38 -43.98 -48.39 -91.60
N CYS ZB 39 -43.93 -49.49 -90.86
CA CYS ZB 39 -43.45 -50.76 -91.42
C CYS ZB 39 -44.51 -51.85 -91.27
N TYR ZB 40 -44.31 -52.92 -92.03
CA TYR ZB 40 -45.14 -54.12 -92.02
C TYR ZB 40 -44.79 -55.09 -90.90
N LYS ZB 41 -43.52 -55.09 -90.47
CA LYS ZB 41 -43.03 -56.10 -89.56
C LYS ZB 41 -43.67 -55.95 -88.18
N ILE ZB 42 -44.00 -57.08 -87.58
CA ILE ZB 42 -44.50 -57.10 -86.22
C ILE ZB 42 -43.33 -56.86 -85.29
N THR ZB 43 -43.57 -56.19 -84.17
CA THR ZB 43 -42.49 -55.79 -83.29
C THR ZB 43 -42.82 -56.16 -81.85
N THR ZB 44 -41.84 -56.75 -81.17
CA THR ZB 44 -41.99 -57.25 -79.81
C THR ZB 44 -41.20 -56.36 -78.86
N VAL ZB 45 -41.90 -55.54 -78.10
CA VAL ZB 45 -41.27 -54.61 -77.18
C VAL ZB 45 -41.76 -54.90 -75.77
N PHE ZB 46 -41.12 -54.25 -74.80
CA PHE ZB 46 -41.49 -54.39 -73.40
C PHE ZB 46 -42.51 -53.31 -73.03
N SER ZB 47 -43.45 -53.68 -72.16
CA SER ZB 47 -44.45 -52.73 -71.70
C SER ZB 47 -43.82 -51.56 -70.94
N HIS ZB 48 -42.70 -51.80 -70.27
CA HIS ZB 48 -42.02 -50.80 -69.46
C HIS ZB 48 -40.56 -50.70 -69.90
N ALA ZB 49 -40.37 -50.54 -71.21
CA ALA ZB 49 -39.10 -50.86 -71.86
C ALA ZB 49 -37.95 -49.96 -71.41
N GLN ZB 50 -38.26 -48.79 -70.85
CA GLN ZB 50 -37.30 -47.85 -70.22
C GLN ZB 50 -36.14 -47.46 -71.15
N THR ZB 51 -36.31 -47.62 -72.46
CA THR ZB 51 -35.29 -47.27 -73.42
C THR ZB 51 -35.96 -46.78 -74.68
N VAL ZB 52 -35.14 -46.40 -75.65
CA VAL ZB 52 -35.66 -46.11 -76.98
C VAL ZB 52 -35.75 -47.41 -77.76
N VAL ZB 53 -36.84 -47.57 -78.50
CA VAL ZB 53 -37.05 -48.71 -79.38
C VAL ZB 53 -37.16 -48.18 -80.80
N LEU ZB 54 -36.25 -48.61 -81.67
CA LEU ZB 54 -36.24 -48.20 -83.06
C LEU ZB 54 -36.64 -49.37 -83.95
N CYS ZB 55 -37.67 -49.15 -84.76
CA CYS ZB 55 -38.08 -50.14 -85.74
C CYS ZB 55 -37.01 -50.28 -86.83
N VAL ZB 56 -37.08 -51.39 -87.55
CA VAL ZB 56 -36.06 -51.71 -88.55
C VAL ZB 56 -36.12 -50.71 -89.69
N GLY ZB 57 -34.96 -50.16 -90.06
CA GLY ZB 57 -34.86 -49.22 -91.15
C GLY ZB 57 -35.24 -47.80 -90.82
N CYS ZB 58 -35.62 -47.52 -89.57
CA CYS ZB 58 -35.94 -46.18 -89.06
C CYS ZB 58 -37.08 -45.55 -89.86
N SER ZB 59 -38.24 -46.22 -89.82
CA SER ZB 59 -39.45 -45.61 -90.35
C SER ZB 59 -40.15 -44.78 -89.29
N THR ZB 60 -40.57 -45.43 -88.21
CA THR ZB 60 -41.14 -44.75 -87.05
C THR ZB 60 -40.48 -45.28 -85.79
N VAL ZB 61 -40.17 -44.36 -84.88
CA VAL ZB 61 -39.76 -44.78 -83.55
C VAL ZB 61 -40.98 -45.23 -82.77
N LEU ZB 62 -40.84 -46.34 -82.06
CA LEU ZB 62 -42.00 -47.03 -81.53
C LEU ZB 62 -42.34 -46.67 -80.10
N CYS ZB 63 -41.37 -46.68 -79.19
CA CYS ZB 63 -41.66 -46.43 -77.79
C CYS ZB 63 -40.84 -45.26 -77.28
N GLN ZB 64 -41.49 -44.41 -76.49
CA GLN ZB 64 -40.80 -43.37 -75.76
C GLN ZB 64 -40.65 -43.82 -74.32
N PRO ZB 65 -39.44 -43.80 -73.77
CA PRO ZB 65 -39.24 -44.32 -72.41
C PRO ZB 65 -39.81 -43.38 -71.36
N THR ZB 66 -40.68 -43.92 -70.51
CA THR ZB 66 -41.28 -43.16 -69.41
C THR ZB 66 -40.98 -43.97 -68.15
N GLY ZB 67 -41.36 -43.47 -66.98
CA GLY ZB 67 -41.05 -44.17 -65.74
C GLY ZB 67 -41.82 -45.46 -65.55
N GLY ZB 68 -42.91 -45.64 -66.30
CA GLY ZB 68 -43.72 -46.84 -66.18
C GLY ZB 68 -44.02 -47.44 -67.53
N LYS ZB 69 -45.31 -47.57 -67.86
CA LYS ZB 69 -45.76 -48.04 -69.16
C LYS ZB 69 -45.16 -47.21 -70.29
N ALA ZB 70 -44.47 -47.88 -71.21
CA ALA ZB 70 -43.78 -47.21 -72.30
C ALA ZB 70 -44.77 -46.50 -73.22
N ARG ZB 71 -44.43 -45.27 -73.60
CA ARG ZB 71 -45.29 -44.48 -74.46
C ARG ZB 71 -45.20 -45.01 -75.89
N LEU ZB 72 -46.20 -45.78 -76.30
CA LEU ZB 72 -46.24 -46.29 -77.65
C LEU ZB 72 -46.63 -45.17 -78.61
N THR ZB 73 -46.12 -45.24 -79.84
CA THR ZB 73 -46.44 -44.26 -80.86
C THR ZB 73 -47.91 -44.38 -81.23
N GLU ZB 74 -48.61 -43.25 -81.26
CA GLU ZB 74 -50.04 -43.20 -81.53
C GLU ZB 74 -50.38 -43.81 -82.88
N GLY ZB 75 -51.26 -44.81 -82.87
CA GLY ZB 75 -51.68 -45.50 -84.08
C GLY ZB 75 -51.03 -46.85 -84.28
N CYS ZB 76 -50.09 -47.24 -83.43
CA CYS ZB 76 -49.39 -48.50 -83.56
C CYS ZB 76 -50.28 -49.62 -83.05
N SER ZB 77 -50.59 -50.58 -83.91
CA SER ZB 77 -51.47 -51.68 -83.53
C SER ZB 77 -50.70 -52.74 -82.77
N PHE ZB 78 -51.10 -52.99 -81.52
CA PHE ZB 78 -50.36 -53.86 -80.63
C PHE ZB 78 -51.31 -54.87 -80.01
N ARG ZB 79 -50.77 -56.03 -79.62
CA ARG ZB 79 -51.55 -57.12 -79.03
C ARG ZB 79 -50.87 -57.61 -77.76
N ARG ZB 80 -51.52 -57.40 -76.62
CA ARG ZB 80 -51.07 -58.02 -75.38
C ARG ZB 80 -51.29 -59.53 -75.46
N LYS ZB 81 -50.45 -60.27 -74.73
CA LYS ZB 81 -50.46 -61.73 -74.79
C LYS ZB 81 -50.06 -62.31 -73.44
N GLN ZB 82 -49.75 -63.61 -73.44
CA GLN ZB 82 -49.25 -64.33 -72.28
C GLN ZB 82 -48.44 -65.52 -72.77
N HIS ZB 83 -47.49 -65.97 -71.94
CA HIS ZB 83 -46.64 -67.09 -72.31
C HIS ZB 83 -46.92 -68.32 -71.46
N GLN AC 1 -69.08 26.84 -32.74
CA GLN AC 1 -69.50 25.45 -32.54
C GLN AC 1 -70.94 25.40 -32.03
N PRO AC 2 -71.74 24.51 -32.62
CA PRO AC 2 -73.19 24.61 -32.45
C PRO AC 2 -73.73 23.85 -31.25
N ILE AC 3 -74.79 24.41 -30.68
CA ILE AC 3 -75.69 23.63 -29.83
C ILE AC 3 -76.64 22.86 -30.72
N LYS AC 4 -76.64 21.54 -30.59
CA LYS AC 4 -77.42 20.67 -31.47
C LYS AC 4 -78.43 19.87 -30.66
N LEU AC 5 -79.57 19.63 -31.28
CA LEU AC 5 -80.64 18.84 -30.68
C LEU AC 5 -80.54 17.41 -31.17
N ALA AC 6 -80.07 16.53 -30.30
CA ALA AC 6 -79.85 15.12 -30.62
C ALA AC 6 -80.87 14.31 -29.83
N ARG AC 7 -81.78 13.66 -30.54
CA ARG AC 7 -82.89 12.96 -29.89
C ARG AC 7 -82.50 11.52 -29.62
N VAL AC 8 -82.52 11.12 -28.35
CA VAL AC 8 -82.27 9.73 -27.98
C VAL AC 8 -83.42 8.87 -28.45
N THR AC 9 -83.10 7.85 -29.25
CA THR AC 9 -84.13 7.03 -29.87
C THR AC 9 -84.10 5.56 -29.46
N LYS AC 10 -83.00 5.09 -28.87
CA LYS AC 10 -82.96 3.79 -28.20
C LYS AC 10 -81.69 3.71 -27.37
N VAL AC 11 -81.72 2.87 -26.33
CA VAL AC 11 -80.61 2.66 -25.41
C VAL AC 11 -79.93 1.34 -25.77
N LEU AC 12 -78.61 1.31 -25.66
CA LEU AC 12 -77.83 0.10 -25.90
C LEU AC 12 -77.54 -0.66 -24.61
N GLY AC 13 -76.85 -0.03 -23.67
CA GLY AC 13 -76.51 -0.71 -22.44
C GLY AC 13 -75.77 0.22 -21.51
N ARG AC 14 -75.71 -0.21 -20.26
CA ARG AC 14 -75.02 0.56 -19.22
C ARG AC 14 -73.52 0.35 -19.33
N THR AC 15 -72.77 1.45 -19.24
CA THR AC 15 -71.33 1.41 -19.42
C THR AC 15 -70.66 2.13 -18.25
N GLY AC 16 -69.36 2.40 -18.43
CA GLY AC 16 -68.57 3.02 -17.39
C GLY AC 16 -67.95 1.98 -16.47
N SER AC 17 -67.16 2.48 -15.52
CA SER AC 17 -66.46 1.60 -14.59
C SER AC 17 -67.39 1.10 -13.48
N GLN AC 18 -68.17 2.00 -12.89
CA GLN AC 18 -69.12 1.60 -11.88
C GLN AC 18 -70.51 1.35 -12.44
N GLY AC 19 -70.65 1.36 -13.76
CA GLY AC 19 -71.99 1.31 -14.33
C GLY AC 19 -72.74 2.60 -14.10
N GLN AC 20 -72.07 3.74 -14.27
CA GLN AC 20 -72.68 5.03 -14.07
C GLN AC 20 -73.02 5.73 -15.38
N CYS AC 21 -72.63 5.13 -16.50
CA CYS AC 21 -72.95 5.65 -17.81
C CYS AC 21 -73.77 4.62 -18.58
N THR AC 22 -74.52 5.08 -19.55
CA THR AC 22 -75.27 4.21 -20.46
C THR AC 22 -75.05 4.72 -21.88
N GLN AC 23 -74.96 3.79 -22.82
CA GLN AC 23 -74.70 4.17 -24.20
C GLN AC 23 -76.00 4.13 -25.00
N VAL AC 24 -76.22 5.15 -25.83
CA VAL AC 24 -77.46 5.27 -26.59
C VAL AC 24 -77.16 5.40 -28.06
N ARG AC 25 -78.03 4.81 -28.89
CA ARG AC 25 -78.06 5.08 -30.32
C ARG AC 25 -78.86 6.36 -30.51
N VAL AC 26 -78.17 7.48 -30.61
CA VAL AC 26 -78.84 8.77 -30.60
C VAL AC 26 -79.03 9.21 -32.05
N GLU AC 27 -80.11 9.96 -32.28
CA GLU AC 27 -80.51 10.47 -33.58
C GLU AC 27 -80.72 11.99 -33.44
N PHE AC 28 -80.68 12.69 -34.57
CA PHE AC 28 -80.73 14.15 -34.55
C PHE AC 28 -82.06 14.66 -35.09
N MET AC 29 -82.74 15.48 -34.29
CA MET AC 29 -83.89 16.21 -34.79
C MET AC 29 -83.52 17.23 -35.85
N ASP AC 30 -82.26 17.67 -35.88
CA ASP AC 30 -81.85 18.70 -36.81
C ASP AC 30 -81.70 18.16 -38.23
N ASP AC 31 -81.37 16.88 -38.38
CA ASP AC 31 -81.47 16.18 -39.66
C ASP AC 31 -81.56 14.69 -39.36
N THR AC 32 -82.50 14.01 -40.02
CA THR AC 32 -82.82 12.62 -39.66
C THR AC 32 -81.73 11.65 -40.08
N SER AC 33 -81.05 11.92 -41.19
CA SER AC 33 -80.12 10.98 -41.82
C SER AC 33 -78.93 10.59 -40.96
N ARG AC 34 -78.10 11.55 -40.57
CA ARG AC 34 -76.94 11.26 -39.74
C ARG AC 34 -77.37 10.90 -38.33
N SER AC 35 -76.67 9.93 -37.73
CA SER AC 35 -76.97 9.49 -36.37
C SER AC 35 -75.74 8.80 -35.81
N ILE AC 36 -75.45 9.05 -34.53
CA ILE AC 36 -74.22 8.57 -33.91
C ILE AC 36 -74.51 7.84 -32.61
N ILE AC 37 -73.46 7.44 -31.90
CA ILE AC 37 -73.56 6.73 -30.64
C ILE AC 37 -72.75 7.51 -29.62
N ARG AC 38 -73.29 7.65 -28.40
CA ARG AC 38 -72.68 8.56 -27.44
C ARG AC 38 -73.20 8.25 -26.05
N ASN AC 39 -72.30 8.23 -25.07
CA ASN AC 39 -72.68 7.92 -23.71
C ASN AC 39 -73.47 9.05 -23.06
N VAL AC 40 -74.40 8.67 -22.18
CA VAL AC 40 -75.24 9.61 -21.45
C VAL AC 40 -75.16 9.29 -19.96
N LYS AC 41 -75.15 10.33 -19.13
CA LYS AC 41 -75.25 10.16 -17.70
C LYS AC 41 -76.69 10.35 -17.24
N GLY AC 42 -76.98 9.90 -16.01
CA GLY AC 42 -78.29 10.04 -15.43
C GLY AC 42 -79.32 9.10 -16.02
N PRO AC 43 -80.51 9.08 -15.44
CA PRO AC 43 -81.55 8.16 -15.92
C PRO AC 43 -82.14 8.64 -17.24
N VAL AC 44 -82.18 7.74 -18.22
CA VAL AC 44 -82.53 8.06 -19.59
C VAL AC 44 -83.89 7.49 -19.90
N ARG AC 45 -84.71 8.25 -20.61
CA ARG AC 45 -85.97 7.76 -21.15
C ARG AC 45 -85.88 7.65 -22.67
N GLU AC 46 -87.00 7.33 -23.30
CA GLU AC 46 -87.05 7.12 -24.73
C GLU AC 46 -87.73 8.31 -25.39
N GLY AC 47 -87.07 8.89 -26.40
CA GLY AC 47 -87.70 9.93 -27.20
C GLY AC 47 -87.39 11.33 -26.76
N ASP AC 48 -86.40 11.48 -25.87
CA ASP AC 48 -85.99 12.79 -25.38
C ASP AC 48 -84.84 13.31 -26.21
N VAL AC 49 -84.73 14.63 -26.28
CA VAL AC 49 -83.67 15.26 -27.05
C VAL AC 49 -82.57 15.70 -26.11
N LEU AC 50 -81.35 15.72 -26.64
CA LEU AC 50 -80.18 16.16 -25.89
C LEU AC 50 -79.62 17.41 -26.54
N THR AC 51 -78.71 18.07 -25.82
CA THR AC 51 -78.06 19.29 -26.26
C THR AC 51 -76.56 19.03 -26.36
N LEU AC 52 -76.08 18.76 -27.57
CA LEU AC 52 -74.67 18.47 -27.79
C LEU AC 52 -73.90 19.77 -27.93
N LEU AC 53 -72.92 19.98 -27.05
CA LEU AC 53 -72.04 21.14 -27.21
C LEU AC 53 -71.05 20.91 -28.33
N GLU AC 54 -70.66 19.67 -28.57
CA GLU AC 54 -69.90 19.27 -29.74
C GLU AC 54 -70.59 18.07 -30.38
N SER AC 55 -70.43 17.92 -31.69
CA SER AC 55 -71.22 16.96 -32.45
C SER AC 55 -70.38 15.86 -33.10
N GLU AC 56 -69.06 15.87 -32.91
CA GLU AC 56 -68.18 14.98 -33.64
C GLU AC 56 -67.53 13.93 -32.76
N ARG AC 57 -68.03 13.74 -31.54
CA ARG AC 57 -67.46 12.79 -30.59
C ARG AC 57 -68.38 11.59 -30.49
N GLU AC 58 -67.87 10.40 -30.80
CA GLU AC 58 -68.66 9.19 -30.84
C GLU AC 58 -68.06 8.15 -29.91
N ALA AC 59 -68.90 7.49 -29.13
CA ALA AC 59 -68.45 6.51 -28.15
C ALA AC 59 -68.36 5.12 -28.79
N ARG AC 60 -67.54 4.26 -28.21
CA ARG AC 60 -67.34 2.92 -28.76
C ARG AC 60 -68.29 1.92 -28.12
N ARG AC 61 -68.75 0.97 -28.94
CA ARG AC 61 -69.69 -0.06 -28.51
C ARG AC 61 -68.96 -1.13 -27.71
N LEU AC 62 -69.29 -1.23 -26.43
CA LEU AC 62 -68.66 -2.18 -25.53
C LEU AC 62 -68.93 -3.64 -25.91
N GLY BC 1 -76.37 -10.40 70.82
CA GLY BC 1 -75.24 -11.29 70.75
C GLY BC 1 -74.94 -11.78 69.34
N HIS BC 2 -75.53 -12.93 68.98
CA HIS BC 2 -75.32 -13.51 67.65
C HIS BC 2 -76.43 -13.16 66.66
N GLN BC 3 -77.67 -13.52 66.99
CA GLN BC 3 -78.77 -13.54 66.02
C GLN BC 3 -79.16 -12.16 65.52
N GLN BC 4 -78.83 -11.10 66.25
CA GLN BC 4 -79.12 -9.74 65.82
C GLN BC 4 -78.06 -9.17 64.88
N LEU BC 5 -77.05 -9.95 64.50
CA LEU BC 5 -76.01 -9.50 63.59
C LEU BC 5 -75.78 -10.52 62.47
N TYR BC 6 -76.84 -11.15 62.01
CA TYR BC 6 -76.71 -12.05 60.88
C TYR BC 6 -77.64 -11.70 59.72
N TRP BC 7 -78.86 -11.25 60.02
CA TRP BC 7 -79.79 -10.82 58.98
C TRP BC 7 -80.32 -9.42 59.25
N SER BC 8 -79.64 -8.62 60.06
CA SER BC 8 -80.13 -7.35 60.60
C SER BC 8 -80.18 -6.24 59.60
N HIS BC 9 -79.80 -6.45 58.34
CA HIS BC 9 -79.94 -5.42 57.34
C HIS BC 9 -81.41 -5.33 56.96
N PRO BC 10 -81.93 -4.15 56.62
CA PRO BC 10 -83.28 -4.10 56.04
C PRO BC 10 -83.32 -4.80 54.69
N ARG BC 11 -84.12 -5.85 54.57
CA ARG BC 11 -84.12 -6.68 53.38
C ARG BC 11 -85.46 -6.61 52.66
N LYS BC 12 -86.03 -5.42 52.54
CA LYS BC 12 -87.34 -5.25 51.91
C LYS BC 12 -87.24 -4.55 50.55
N PHE BC 13 -86.04 -4.27 50.08
CA PHE BC 13 -85.85 -3.51 48.85
C PHE BC 13 -84.43 -3.74 48.37
N GLY BC 14 -84.15 -3.29 47.14
CA GLY BC 14 -82.84 -3.46 46.55
C GLY BC 14 -82.64 -4.79 45.85
N GLN BC 15 -81.50 -4.96 45.18
CA GLN BC 15 -81.26 -6.19 44.43
C GLN BC 15 -80.69 -7.31 45.28
N GLY BC 16 -80.19 -7.03 46.48
CA GLY BC 16 -79.89 -8.08 47.42
C GLY BC 16 -81.09 -8.66 48.12
N SER BC 17 -82.27 -8.08 47.91
CA SER BC 17 -83.51 -8.58 48.47
C SER BC 17 -84.40 -9.25 47.44
N ARG BC 18 -83.94 -9.36 46.19
CA ARG BC 18 -84.66 -10.06 45.14
C ARG BC 18 -83.71 -11.03 44.46
N SER BC 19 -84.26 -12.10 43.91
CA SER BC 19 -83.47 -13.15 43.28
C SER BC 19 -84.34 -13.94 42.33
N CYS BC 20 -83.71 -14.82 41.55
CA CYS BC 20 -84.47 -15.72 40.70
C CYS BC 20 -84.99 -16.90 41.50
N ARG BC 21 -86.06 -17.52 40.99
CA ARG BC 21 -86.63 -18.70 41.59
C ARG BC 21 -86.14 -19.98 40.94
N VAL BC 22 -85.61 -19.90 39.72
CA VAL BC 22 -85.20 -21.09 38.98
C VAL BC 22 -83.68 -21.11 38.87
N CYS BC 23 -83.10 -20.02 38.38
CA CYS BC 23 -81.65 -19.89 38.32
C CYS BC 23 -81.04 -19.53 39.66
N SER BC 24 -81.77 -18.79 40.50
CA SER BC 24 -81.33 -18.34 41.82
C SER BC 24 -80.04 -17.51 41.75
N ASN BC 25 -79.96 -16.63 40.75
CA ASN BC 25 -78.91 -15.62 40.69
C ASN BC 25 -79.56 -14.23 40.68
N ARG BC 26 -78.72 -13.21 40.58
CA ARG BC 26 -79.15 -11.82 40.67
C ARG BC 26 -78.75 -11.02 39.45
N HIS BC 27 -78.92 -11.57 38.25
CA HIS BC 27 -78.62 -10.86 37.03
C HIS BC 27 -79.66 -11.19 35.97
N GLY BC 28 -80.04 -10.19 35.19
CA GLY BC 28 -80.96 -10.39 34.09
C GLY BC 28 -82.35 -10.78 34.49
N LEU BC 29 -82.75 -10.48 35.73
CA LEU BC 29 -84.03 -10.94 36.25
C LEU BC 29 -85.18 -10.31 35.50
N ILE BC 30 -86.11 -11.14 35.06
CA ILE BC 30 -87.37 -10.66 34.50
C ILE BC 30 -88.32 -10.43 35.67
N ARG BC 31 -88.35 -9.21 36.16
CA ARG BC 31 -89.27 -8.83 37.23
C ARG BC 31 -90.57 -8.29 36.67
N LYS BC 32 -90.79 -8.44 35.37
CA LYS BC 32 -92.03 -8.04 34.73
C LYS BC 32 -93.08 -9.13 34.95
N TYR BC 33 -94.34 -8.71 35.11
CA TYR BC 33 -95.51 -9.57 35.19
C TYR BC 33 -95.46 -10.59 36.32
N GLY BC 34 -94.63 -10.35 37.33
CA GLY BC 34 -94.42 -11.34 38.37
C GLY BC 34 -93.74 -12.61 37.88
N LEU BC 35 -92.81 -12.51 36.94
CA LEU BC 35 -92.09 -13.70 36.49
C LEU BC 35 -91.01 -14.10 37.49
N ASN BC 36 -90.18 -13.14 37.91
CA ASN BC 36 -89.19 -13.31 38.97
C ASN BC 36 -88.18 -14.41 38.62
N MET BC 37 -87.76 -14.43 37.36
CA MET BC 37 -86.92 -15.51 36.85
C MET BC 37 -85.85 -14.92 35.93
N CYS BC 38 -84.67 -15.55 35.93
CA CYS BC 38 -83.55 -15.09 35.15
C CYS BC 38 -83.82 -15.24 33.65
N ARG BC 39 -83.11 -14.42 32.87
CA ARG BC 39 -83.35 -14.37 31.43
C ARG BC 39 -82.75 -15.56 30.68
N GLN BC 40 -81.85 -16.31 31.29
CA GLN BC 40 -81.44 -17.57 30.70
C GLN BC 40 -82.33 -18.72 31.18
N CYS BC 41 -82.82 -18.67 32.42
CA CYS BC 41 -83.86 -19.60 32.82
C CYS BC 41 -85.18 -19.35 32.10
N PHE BC 42 -85.38 -18.14 31.59
CA PHE BC 42 -86.55 -17.81 30.79
C PHE BC 42 -86.54 -18.49 29.42
N ARG BC 43 -85.36 -18.76 28.85
CA ARG BC 43 -85.31 -19.25 27.48
C ARG BC 43 -85.77 -20.70 27.38
N GLN BC 44 -85.20 -21.57 28.22
CA GLN BC 44 -85.54 -22.98 28.16
C GLN BC 44 -86.98 -23.23 28.61
N TYR BC 45 -87.47 -22.44 29.55
CA TYR BC 45 -88.81 -22.61 30.09
C TYR BC 45 -89.82 -21.66 29.45
N ALA BC 46 -89.49 -21.07 28.31
CA ALA BC 46 -90.44 -20.19 27.62
C ALA BC 46 -91.64 -20.96 27.10
N LYS BC 47 -91.45 -22.25 26.82
CA LYS BC 47 -92.57 -23.07 26.34
C LYS BC 47 -93.40 -23.56 27.52
N ASP BC 48 -92.77 -23.75 28.67
CA ASP BC 48 -93.46 -24.32 29.81
C ASP BC 48 -94.38 -23.29 30.47
N ILE BC 49 -93.97 -22.03 30.49
CA ILE BC 49 -94.87 -20.99 30.96
C ILE BC 49 -95.84 -20.58 29.85
N GLY BC 50 -95.51 -20.87 28.58
CA GLY BC 50 -96.49 -20.79 27.52
C GLY BC 50 -96.14 -19.89 26.36
N PHE BC 51 -95.07 -19.12 26.47
CA PHE BC 51 -94.74 -18.12 25.45
C PHE BC 51 -94.38 -18.76 24.12
N ILE BC 52 -94.62 -18.01 23.05
CA ILE BC 52 -94.35 -18.42 21.68
C ILE BC 52 -93.70 -17.26 20.94
N LYS BC 53 -92.62 -17.56 20.22
CA LYS BC 53 -91.93 -16.56 19.42
C LYS BC 53 -92.70 -16.37 18.11
N LEU BC 54 -93.83 -15.69 18.23
CA LEU BC 54 -94.81 -15.65 17.16
C LEU BC 54 -94.35 -14.75 16.02
N ASP BC 55 -93.80 -13.59 16.36
CA ASP BC 55 -93.38 -12.63 15.35
C ASP BC 55 -92.17 -13.12 14.59
N SER CC 1 -27.62 -28.96 30.10
CA SER CC 1 -27.35 -29.38 31.47
C SER CC 1 -27.39 -30.90 31.58
N LEU CC 2 -26.49 -31.46 32.38
CA LEU CC 2 -26.45 -32.89 32.64
C LEU CC 2 -26.68 -33.18 34.12
N ALA CC 3 -27.28 -32.23 34.82
CA ALA CC 3 -27.59 -32.39 36.24
C ALA CC 3 -28.94 -33.06 36.46
N ARG CC 4 -29.76 -33.15 35.43
CA ARG CC 4 -31.09 -33.73 35.54
C ARG CC 4 -31.11 -35.22 35.23
N VAL CC 5 -29.93 -35.86 35.26
CA VAL CC 5 -29.83 -37.27 34.90
C VAL CC 5 -30.50 -38.13 35.96
N GLY CC 6 -31.22 -39.16 35.50
CA GLY CC 6 -31.97 -40.02 36.40
C GLY CC 6 -33.04 -39.27 37.18
N LYS CC 7 -33.76 -38.36 36.53
CA LYS CC 7 -34.74 -37.55 37.23
C LYS CC 7 -35.90 -38.41 37.72
N VAL CC 8 -36.44 -39.24 36.85
CA VAL CC 8 -37.67 -39.96 37.19
C VAL CC 8 -37.36 -41.20 38.01
N ARG CC 9 -36.23 -41.86 37.74
CA ARG CC 9 -35.98 -43.17 38.35
C ARG CC 9 -35.77 -43.06 39.85
N GLY CC 10 -35.30 -41.91 40.31
CA GLY CC 10 -35.14 -41.70 41.74
C GLY CC 10 -36.45 -41.34 42.40
N GLN CC 11 -37.30 -40.59 41.71
CA GLN CC 11 -38.55 -40.08 42.29
C GLN CC 11 -39.76 -40.94 41.97
N THR CC 12 -39.59 -42.06 41.26
CA THR CC 12 -40.67 -43.02 41.10
C THR CC 12 -40.79 -43.85 42.37
N LEU CC 13 -41.93 -43.70 43.05
CA LEU CC 13 -42.14 -44.32 44.35
C LEU CC 13 -42.09 -45.84 44.25
N LYS CC 14 -41.46 -46.46 45.24
CA LYS CC 14 -41.23 -47.90 45.22
C LYS CC 14 -42.52 -48.65 45.52
N VAL CC 15 -42.65 -49.83 44.93
CA VAL CC 15 -43.71 -50.78 45.26
C VAL CC 15 -43.01 -52.10 45.49
N ALA CC 16 -43.09 -52.61 46.72
CA ALA CC 16 -42.52 -53.91 47.03
C ALA CC 16 -43.22 -55.00 46.23
N LYS CC 17 -42.43 -55.74 45.45
CA LYS CC 17 -42.97 -56.80 44.62
C LYS CC 17 -43.54 -57.90 45.50
N GLN CC 18 -44.86 -57.98 45.57
CA GLN CC 18 -45.52 -58.83 46.54
C GLN CC 18 -45.41 -60.30 46.14
N GLU CC 19 -45.35 -61.16 47.15
CA GLU CC 19 -45.23 -62.60 46.94
C GLU CC 19 -46.48 -63.15 46.29
N LYS CC 20 -46.28 -64.00 45.29
CA LYS CC 20 -47.39 -64.64 44.60
C LYS CC 20 -46.95 -66.04 44.17
N LYS CC 21 -47.93 -66.92 43.98
CA LYS CC 21 -47.66 -68.32 43.70
C LYS CC 21 -47.00 -68.49 42.34
N LYS CC 22 -45.91 -69.25 42.31
CA LYS CC 22 -45.15 -69.44 41.08
C LYS CC 22 -45.93 -70.27 40.09
N LYS CC 23 -45.78 -69.95 38.81
CA LYS CC 23 -46.48 -70.70 37.77
C LYS CC 23 -45.76 -72.00 37.48
N ARG CC 24 -46.54 -73.03 37.17
CA ARG CC 24 -45.97 -74.35 36.90
C ARG CC 24 -45.28 -74.36 35.54
N THR CC 25 -43.98 -74.64 35.54
CA THR CC 25 -43.17 -74.57 34.33
C THR CC 25 -43.27 -75.87 33.54
N GLY CC 26 -42.56 -75.89 32.42
CA GLY CC 26 -42.51 -77.10 31.60
C GLY CC 26 -43.75 -77.29 30.75
N ARG CC 27 -44.06 -78.56 30.49
CA ARG CC 27 -45.25 -78.90 29.70
C ARG CC 27 -46.54 -78.57 30.41
N ALA CC 28 -46.54 -78.56 31.75
CA ALA CC 28 -47.72 -78.18 32.51
C ALA CC 28 -48.12 -76.74 32.28
N LYS CC 29 -47.16 -75.87 31.93
CA LYS CC 29 -47.48 -74.51 31.52
C LYS CC 29 -48.31 -74.49 30.26
N ARG CC 30 -48.10 -75.47 29.39
CA ARG CC 30 -48.94 -75.63 28.20
C ARG CC 30 -50.19 -76.43 28.50
N ARG CC 31 -50.16 -77.30 29.50
CA ARG CC 31 -51.35 -78.03 29.90
C ARG CC 31 -52.40 -77.09 30.47
N MET CC 32 -51.98 -76.13 31.29
CA MET CC 32 -52.92 -75.15 31.83
C MET CC 32 -53.35 -74.15 30.77
N GLN CC 33 -52.46 -73.84 29.83
CA GLN CC 33 -52.82 -72.89 28.78
C GLN CC 33 -53.85 -73.48 27.84
N TYR CC 34 -53.66 -74.73 27.43
CA TYR CC 34 -54.57 -75.41 26.52
C TYR CC 34 -55.98 -75.48 27.10
N ASN CC 35 -56.09 -75.68 28.42
CA ASN CC 35 -57.36 -75.63 29.13
C ASN CC 35 -58.15 -74.36 28.86
N ARG CC 36 -57.57 -73.21 29.19
CA ARG CC 36 -58.32 -71.96 29.11
C ARG CC 36 -58.17 -71.32 27.75
N ARG CC 37 -57.90 -72.13 26.73
CA ARG CC 37 -58.06 -71.70 25.35
C ARG CC 37 -59.08 -72.50 24.56
N PHE CC 38 -59.39 -73.74 24.95
CA PHE CC 38 -60.35 -74.53 24.19
C PHE CC 38 -61.46 -75.15 25.03
N VAL CC 39 -61.14 -75.63 26.23
CA VAL CC 39 -62.05 -76.57 26.88
C VAL CC 39 -63.01 -75.88 27.86
N ASN CC 40 -62.74 -74.64 28.23
CA ASN CC 40 -63.56 -73.96 29.23
C ASN CC 40 -64.37 -72.80 28.65
N VAL CC 41 -64.19 -72.47 27.38
CA VAL CC 41 -64.85 -71.30 26.80
C VAL CC 41 -66.28 -71.66 26.43
N VAL CC 42 -67.19 -70.72 26.70
CA VAL CC 42 -68.62 -70.86 26.41
C VAL CC 42 -68.90 -69.94 25.23
N PRO CC 43 -69.84 -70.27 24.32
CA PRO CC 43 -70.22 -69.30 23.29
C PRO CC 43 -70.94 -68.11 23.87
N THR CC 44 -70.27 -66.96 23.90
CA THR CC 44 -70.83 -65.74 24.48
C THR CC 44 -70.85 -64.64 23.42
N PHE CC 45 -72.05 -64.21 23.06
CA PHE CC 45 -72.21 -63.12 22.10
C PHE CC 45 -71.76 -61.81 22.71
N GLY CC 46 -71.14 -60.97 21.89
CA GLY CC 46 -70.39 -59.83 22.35
C GLY CC 46 -68.94 -59.95 21.94
N LYS CC 47 -68.22 -58.84 22.10
CA LYS CC 47 -66.86 -58.74 21.58
C LYS CC 47 -65.91 -59.60 22.42
N LYS CC 48 -64.91 -60.18 21.76
CA LYS CC 48 -64.02 -61.15 22.38
C LYS CC 48 -63.06 -60.43 23.32
N LYS CC 49 -63.05 -60.86 24.59
CA LYS CC 49 -62.26 -60.19 25.61
C LYS CC 49 -60.79 -60.51 25.44
N GLY CC 50 -59.95 -59.48 25.57
CA GLY CC 50 -58.52 -59.65 25.51
C GLY CC 50 -58.00 -60.39 26.72
N PRO CC 51 -56.81 -60.99 26.59
CA PRO CC 51 -56.26 -61.77 27.71
C PRO CC 51 -55.86 -60.92 28.89
N ASN CC 52 -55.63 -59.64 28.69
CA ASN CC 52 -55.34 -58.71 29.77
C ASN CC 52 -56.36 -57.60 29.85
N ALA CC 53 -57.46 -57.69 29.11
CA ALA CC 53 -58.36 -56.56 28.90
C ALA CC 53 -59.10 -56.20 30.17
N ASN CC 54 -59.14 -54.90 30.47
CA ASN CC 54 -59.91 -54.37 31.59
C ASN CC 54 -60.14 -52.89 31.33
N SER CC 55 -61.37 -52.43 31.52
CA SER CC 55 -61.69 -51.05 31.25
C SER CC 55 -62.51 -50.45 32.39
N SER DC 6 16.71 -82.67 60.02
CA SER DC 6 15.49 -81.87 60.35
C SER DC 6 15.69 -80.38 60.06
N HIS DC 7 14.59 -79.64 60.01
CA HIS DC 7 14.65 -78.20 59.74
C HIS DC 7 14.28 -77.40 61.00
N ILE DC 8 15.04 -76.34 61.25
CA ILE DC 8 14.84 -75.47 62.40
C ILE DC 8 14.97 -74.01 61.97
N ASN DC 9 14.28 -73.11 62.67
CA ASN DC 9 14.35 -71.68 62.38
C ASN DC 9 15.02 -70.98 63.54
N VAL DC 10 15.85 -69.98 63.23
CA VAL DC 10 16.52 -69.23 64.26
C VAL DC 10 16.42 -67.75 63.98
N VAL DC 11 15.91 -67.01 64.95
CA VAL DC 11 15.80 -65.57 64.78
C VAL DC 11 16.92 -64.88 65.54
N VAL DC 12 17.59 -63.95 64.86
CA VAL DC 12 18.66 -63.22 65.48
C VAL DC 12 18.08 -61.92 66.03
N ILE DC 13 18.17 -61.76 67.34
CA ILE DC 13 17.65 -60.58 68.02
C ILE DC 13 18.78 -59.91 68.81
N GLY DC 14 18.58 -58.65 69.17
CA GLY DC 14 19.58 -57.92 69.91
C GLY DC 14 19.51 -56.42 69.74
N HIS DC 15 20.24 -55.71 70.60
CA HIS DC 15 20.29 -54.25 70.57
C HIS DC 15 20.84 -53.78 69.23
N VAL DC 16 20.60 -52.51 68.88
CA VAL DC 16 21.09 -51.97 67.62
C VAL DC 16 22.61 -51.88 67.65
N ASP DC 17 23.23 -52.14 66.50
CA ASP DC 17 24.68 -52.09 66.35
C ASP DC 17 25.41 -53.18 67.16
N SER DC 18 24.65 -54.15 67.66
CA SER DC 18 25.22 -55.25 68.44
C SER DC 18 25.94 -56.23 67.51
N GLY DC 19 25.75 -56.06 66.20
CA GLY DC 19 26.39 -56.93 65.23
C GLY DC 19 25.53 -58.11 64.82
N LYS DC 20 24.23 -57.92 64.73
CA LYS DC 20 23.32 -58.99 64.33
C LYS DC 20 23.52 -59.39 62.87
N SER DC 21 23.34 -58.43 61.97
CA SER DC 21 23.50 -58.66 60.54
C SER DC 21 24.90 -59.11 60.14
N THR DC 22 25.92 -58.55 60.81
CA THR DC 22 27.30 -58.90 60.52
C THR DC 22 27.59 -60.35 60.92
N THR DC 23 27.13 -60.74 62.11
CA THR DC 23 27.33 -62.09 62.60
C THR DC 23 26.57 -63.11 61.75
N THR DC 24 25.35 -62.74 61.37
CA THR DC 24 24.49 -63.61 60.56
C THR DC 24 25.04 -63.77 59.14
N GLY DC 25 25.38 -62.66 58.51
CA GLY DC 25 25.91 -62.70 57.15
C GLY DC 25 27.23 -63.45 57.04
N HIS DC 26 28.05 -63.37 58.08
CA HIS DC 26 29.35 -64.05 58.09
C HIS DC 26 29.18 -65.54 58.40
N LEU DC 27 28.17 -65.87 59.21
CA LEU DC 27 27.91 -67.26 59.56
C LEU DC 27 27.39 -67.99 58.31
N ILE DC 28 26.57 -67.31 57.53
CA ILE DC 28 26.03 -67.88 56.30
C ILE DC 28 27.17 -68.11 55.31
N TYR DC 29 28.14 -67.19 55.32
CA TYR DC 29 29.30 -67.27 54.43
C TYR DC 29 30.17 -68.49 54.72
N LYS DC 30 30.55 -68.66 55.98
CA LYS DC 30 31.39 -69.79 56.38
C LYS DC 30 30.69 -71.14 56.27
N CYS DC 31 29.36 -71.13 56.15
CA CYS DC 31 28.59 -72.38 56.03
C CYS DC 31 28.32 -72.73 54.57
N GLY DC 32 28.92 -71.95 53.66
CA GLY DC 32 28.75 -72.19 52.23
C GLY DC 32 27.43 -71.74 51.65
N GLY DC 33 26.66 -70.96 52.42
CA GLY DC 33 25.38 -70.48 51.94
C GLY DC 33 25.53 -69.41 50.87
N ILE DC 34 26.72 -68.81 50.79
CA ILE DC 34 27.00 -67.76 49.81
C ILE DC 34 28.40 -67.96 49.22
N ASP DC 35 28.52 -67.80 47.90
CA ASP DC 35 29.81 -67.96 47.24
C ASP DC 35 30.71 -66.75 47.52
N LYS DC 36 32.02 -66.98 47.46
CA LYS DC 36 32.99 -65.95 47.85
C LYS DC 36 32.93 -64.74 46.90
N ARG DC 37 32.59 -64.97 45.63
CA ARG DC 37 32.55 -63.88 44.67
C ARG DC 37 31.40 -62.91 44.93
N THR DC 38 30.28 -63.40 45.48
CA THR DC 38 29.17 -62.52 45.80
C THR DC 38 29.50 -61.65 46.99
N ILE DC 39 30.30 -62.17 47.91
CA ILE DC 39 30.76 -61.44 49.08
C ILE DC 39 31.70 -60.32 48.65
N GLU DC 40 32.59 -60.64 47.72
CA GLU DC 40 33.56 -59.68 47.19
C GLU DC 40 32.86 -58.52 46.48
N LYS DC 41 31.68 -58.80 45.92
CA LYS DC 41 30.91 -57.78 45.23
C LYS DC 41 30.29 -56.84 46.26
N PHE DC 42 29.72 -57.41 47.31
CA PHE DC 42 29.11 -56.62 48.37
C PHE DC 42 30.16 -55.79 49.11
N GLU DC 43 31.38 -56.32 49.22
CA GLU DC 43 32.46 -55.63 49.90
C GLU DC 43 32.93 -54.41 49.09
N LYS DC 44 32.79 -54.48 47.78
CA LYS DC 44 33.18 -53.38 46.91
C LYS DC 44 32.08 -52.31 46.91
N GLU DC 45 30.83 -52.75 46.83
CA GLU DC 45 29.68 -51.85 46.84
C GLU DC 45 29.58 -51.11 48.17
N ALA DC 46 29.92 -51.81 49.26
CA ALA DC 46 29.88 -51.23 50.60
C ALA DC 46 31.00 -50.22 50.76
N ALA DC 47 32.16 -50.51 50.15
CA ALA DC 47 33.31 -49.63 50.23
C ALA DC 47 33.06 -48.35 49.42
N GLU DC 48 32.27 -48.47 48.35
CA GLU DC 48 31.95 -47.34 47.50
C GLU DC 48 31.00 -46.36 48.18
N LEU DC 49 30.31 -46.82 49.22
CA LEU DC 49 29.38 -45.97 49.97
C LEU DC 49 29.98 -45.56 51.32
N GLY DC 50 31.26 -45.87 51.51
CA GLY DC 50 31.95 -45.53 52.74
C GLY DC 50 31.61 -46.41 53.92
N LYS DC 51 31.12 -47.62 53.64
CA LYS DC 51 30.75 -48.56 54.69
C LYS DC 51 31.38 -49.94 54.48
N GLY DC 52 32.71 -49.98 54.35
CA GLY DC 52 33.41 -51.23 54.15
C GLY DC 52 33.29 -52.23 55.29
N SER DC 53 32.88 -51.75 56.47
CA SER DC 53 32.73 -52.60 57.63
C SER DC 53 31.35 -53.27 57.71
N PHE DC 54 30.60 -53.21 56.62
CA PHE DC 54 29.25 -53.78 56.56
C PHE DC 54 29.09 -54.81 55.44
N LYS DC 55 30.19 -55.35 54.92
CA LYS DC 55 30.14 -56.34 53.84
C LYS DC 55 29.31 -57.59 54.13
N TYR DC 56 29.24 -57.99 55.40
CA TYR DC 56 28.47 -59.16 55.78
C TYR DC 56 27.00 -58.82 56.03
N ALA DC 57 26.74 -57.58 56.44
CA ALA DC 57 25.38 -57.13 56.70
C ALA DC 57 24.65 -56.92 55.38
N TRP DC 58 25.40 -56.54 54.35
CA TRP DC 58 24.84 -56.31 53.02
C TRP DC 58 24.23 -57.59 52.43
N VAL DC 59 24.54 -58.73 53.04
CA VAL DC 59 24.00 -60.01 52.60
C VAL DC 59 22.50 -60.04 52.92
N LEU DC 60 22.15 -59.47 54.07
CA LEU DC 60 20.77 -59.42 54.54
C LEU DC 60 20.04 -58.13 54.16
N ASP DC 61 20.74 -57.00 54.23
CA ASP DC 61 20.14 -55.71 53.89
C ASP DC 61 20.05 -55.54 52.37
N LYS DC 62 18.87 -55.82 51.82
CA LYS DC 62 18.64 -55.71 50.38
C LYS DC 62 17.94 -54.41 49.98
N LEU DC 63 17.25 -53.79 50.93
CA LEU DC 63 16.54 -52.54 50.67
C LEU DC 63 17.52 -51.37 50.62
N LYS DC 64 17.27 -50.42 49.72
CA LYS DC 64 18.13 -49.25 49.56
C LYS DC 64 18.17 -48.43 50.85
N ALA DC 65 17.03 -48.37 51.55
CA ALA DC 65 16.94 -47.60 52.80
C ALA DC 65 17.78 -48.23 53.91
N GLU DC 66 17.97 -49.55 53.83
CA GLU DC 66 18.76 -50.29 54.82
C GLU DC 66 20.26 -50.08 54.64
N ARG DC 67 20.69 -49.99 53.38
CA ARG DC 67 22.11 -49.78 53.07
C ARG DC 67 22.53 -48.34 53.31
N GLU DC 68 21.59 -47.41 53.15
CA GLU DC 68 21.85 -45.98 53.33
C GLU DC 68 21.94 -45.57 54.81
N ARG DC 69 21.14 -46.22 55.65
CA ARG DC 69 21.12 -45.91 57.08
C ARG DC 69 22.04 -46.84 57.87
N GLY DC 70 22.30 -48.03 57.33
CA GLY DC 70 23.17 -48.98 58.00
C GLY DC 70 22.47 -49.77 59.09
N ILE DC 71 21.13 -49.82 59.00
CA ILE DC 71 20.32 -50.56 59.98
C ILE DC 71 19.32 -51.47 59.29
N THR DC 72 19.04 -52.62 59.88
CA THR DC 72 18.10 -53.58 59.30
C THR DC 72 16.68 -53.07 59.50
N ILE DC 73 15.89 -53.10 58.43
CA ILE DC 73 14.50 -52.63 58.48
C ILE DC 73 13.49 -53.78 58.41
N ASP DC 74 13.56 -54.58 57.36
CA ASP DC 74 12.64 -55.70 57.19
C ASP DC 74 13.30 -57.03 57.56
N ILE DC 75 12.53 -58.11 57.47
CA ILE DC 75 13.01 -59.44 57.79
C ILE DC 75 13.69 -60.09 56.58
N ALA DC 76 14.87 -60.65 56.81
CA ALA DC 76 15.63 -61.31 55.75
C ALA DC 76 15.71 -62.80 56.06
N LEU DC 77 15.32 -63.61 55.08
CA LEU DC 77 15.32 -65.07 55.24
C LEU DC 77 16.42 -65.74 54.40
N TRP DC 78 17.38 -66.35 55.09
CA TRP DC 78 18.49 -67.03 54.43
C TRP DC 78 18.64 -68.45 55.00
N LYS DC 79 19.47 -69.28 54.35
CA LYS DC 79 19.68 -70.66 54.77
C LYS DC 79 21.16 -71.04 54.74
N PHE DC 80 21.46 -72.13 55.44
CA PHE DC 80 22.79 -72.72 55.53
C PHE DC 80 22.52 -74.03 56.25
N GLU DC 81 23.40 -75.02 56.08
CA GLU DC 81 23.21 -76.30 56.74
C GLU DC 81 24.22 -76.58 57.84
N THR DC 82 23.76 -77.27 58.88
CA THR DC 82 24.59 -77.65 60.00
C THR DC 82 24.68 -79.18 59.94
N PRO DC 83 25.64 -79.79 60.64
CA PRO DC 83 25.79 -81.25 60.64
C PRO DC 83 24.52 -82.02 61.02
N LYS DC 84 23.55 -81.34 61.61
CA LYS DC 84 22.31 -81.99 62.03
C LYS DC 84 21.02 -81.39 61.47
N TYR DC 85 21.02 -80.08 61.22
CA TYR DC 85 19.82 -79.40 60.73
C TYR DC 85 20.00 -78.50 59.50
N GLN DC 86 18.87 -78.19 58.85
CA GLN DC 86 18.83 -77.28 57.71
C GLN DC 86 18.26 -76.01 58.34
N VAL DC 87 19.14 -75.10 58.72
CA VAL DC 87 18.72 -73.87 59.39
C VAL DC 87 18.32 -72.71 58.50
N THR DC 88 17.20 -72.08 58.87
CA THR DC 88 16.68 -70.93 58.16
C THR DC 88 16.79 -69.77 59.15
N VAL DC 89 17.68 -68.83 58.90
CA VAL DC 89 17.82 -67.71 59.81
C VAL DC 89 16.87 -66.58 59.46
N ILE DC 90 16.31 -65.97 60.51
CA ILE DC 90 15.38 -64.86 60.38
C ILE DC 90 16.03 -63.65 61.06
N ASP DC 91 16.73 -62.84 60.27
CA ASP DC 91 17.40 -61.65 60.80
C ASP DC 91 16.36 -60.57 61.10
N ALA DC 92 16.18 -60.28 62.38
CA ALA DC 92 15.21 -59.29 62.82
C ALA DC 92 15.84 -57.93 63.09
N PRO DC 93 15.12 -56.83 62.80
CA PRO DC 93 15.65 -55.49 63.03
C PRO DC 93 15.88 -55.18 64.51
N GLY DC 94 16.92 -54.40 64.79
CA GLY DC 94 17.23 -54.06 66.17
C GLY DC 94 16.81 -52.65 66.54
N HIS DC 95 16.13 -51.96 65.63
CA HIS DC 95 15.67 -50.60 65.89
C HIS DC 95 14.23 -50.63 66.41
N ARG DC 96 13.93 -49.73 67.36
CA ARG DC 96 12.61 -49.64 67.96
C ARG DC 96 11.44 -49.47 66.97
N ASP DC 97 11.63 -48.62 65.97
CA ASP DC 97 10.59 -48.37 64.98
C ASP DC 97 10.19 -49.61 64.17
N PHE DC 98 11.07 -50.62 64.14
CA PHE DC 98 10.79 -51.84 63.38
C PHE DC 98 10.62 -53.08 64.26
N ILE DC 99 10.18 -52.88 65.50
CA ILE DC 99 9.96 -54.01 66.41
C ILE DC 99 8.78 -54.85 65.91
N LYS DC 100 7.93 -54.24 65.10
CA LYS DC 100 6.76 -54.94 64.54
C LYS DC 100 7.20 -56.06 63.60
N ASN DC 101 8.27 -55.81 62.85
CA ASN DC 101 8.79 -56.81 61.92
C ASN DC 101 9.58 -57.85 62.73
N MET DC 102 10.06 -57.43 63.90
CA MET DC 102 10.82 -58.30 64.80
C MET DC 102 9.90 -59.30 65.49
N ILE DC 103 8.64 -58.91 65.69
CA ILE DC 103 7.67 -59.79 66.35
C ILE DC 103 7.13 -60.86 65.40
N THR DC 104 6.87 -60.45 64.16
CA THR DC 104 6.37 -61.39 63.15
C THR DC 104 7.47 -62.35 62.69
N GLY DC 105 8.73 -62.02 63.02
CA GLY DC 105 9.85 -62.86 62.66
C GLY DC 105 10.21 -63.82 63.78
N THR DC 106 9.99 -63.37 65.02
CA THR DC 106 10.28 -64.15 66.21
C THR DC 106 9.16 -65.17 66.50
N SER DC 107 7.93 -64.85 66.11
CA SER DC 107 6.78 -65.75 66.33
C SER DC 107 6.90 -66.98 65.44
N GLN DC 108 7.87 -66.93 64.54
CA GLN DC 108 8.15 -68.03 63.62
C GLN DC 108 9.21 -68.91 64.29
N ALA DC 109 10.38 -68.35 64.57
CA ALA DC 109 11.55 -69.10 65.03
C ALA DC 109 11.34 -69.95 66.25
N ASP DC 110 11.96 -71.12 66.23
CA ASP DC 110 11.84 -72.18 67.24
C ASP DC 110 12.92 -71.86 68.27
N CYS DC 111 13.93 -71.10 67.82
CA CYS DC 111 15.07 -70.74 68.66
C CYS DC 111 15.53 -69.31 68.38
N ALA DC 112 16.05 -68.63 69.41
CA ALA DC 112 16.52 -67.26 69.25
C ALA DC 112 17.99 -67.08 69.66
N ILE DC 113 18.76 -66.37 68.83
CA ILE DC 113 20.16 -66.09 69.12
C ILE DC 113 20.25 -64.62 69.52
N LEU DC 114 20.47 -64.39 70.82
CA LEU DC 114 20.57 -63.03 71.34
C LEU DC 114 22.00 -62.50 71.21
N ILE DC 115 22.20 -61.57 70.30
CA ILE DC 115 23.51 -60.98 70.08
C ILE DC 115 23.74 -59.83 71.06
N ILE DC 116 24.77 -59.95 71.88
CA ILE DC 116 25.11 -58.94 72.87
C ILE DC 116 26.53 -58.43 72.63
N ALA DC 117 26.68 -57.12 72.48
CA ALA DC 117 27.99 -56.52 72.26
C ALA DC 117 28.78 -56.56 73.55
N GLY DC 118 30.05 -56.97 73.46
CA GLY DC 118 30.90 -57.04 74.64
C GLY DC 118 31.71 -55.79 74.92
N GLY DC 119 31.68 -54.84 73.98
CA GLY DC 119 32.43 -53.61 74.15
C GLY DC 119 31.95 -52.79 75.34
N VAL DC 120 32.84 -51.97 75.89
CA VAL DC 120 32.50 -51.13 77.04
C VAL DC 120 31.57 -50.00 76.63
N GLY DC 121 30.39 -49.95 77.26
CA GLY DC 121 29.42 -48.92 76.94
C GLY DC 121 28.30 -49.47 76.08
N GLU DC 122 28.66 -50.37 75.17
CA GLU DC 122 27.70 -50.99 74.26
C GLU DC 122 26.79 -51.97 75.02
N PHE DC 123 27.39 -52.77 75.91
CA PHE DC 123 26.65 -53.74 76.70
C PHE DC 123 25.68 -53.04 77.64
N GLU DC 124 26.17 -52.03 78.35
CA GLU DC 124 25.36 -51.27 79.29
C GLU DC 124 24.19 -50.58 78.59
N ALA DC 125 24.43 -50.08 77.38
CA ALA DC 125 23.39 -49.41 76.62
C ALA DC 125 22.35 -50.40 76.13
N GLY DC 126 22.79 -51.63 75.87
CA GLY DC 126 21.91 -52.67 75.39
C GLY DC 126 20.98 -53.23 76.47
N ILE DC 127 21.49 -53.37 77.69
CA ILE DC 127 20.68 -53.90 78.79
C ILE DC 127 20.02 -52.80 79.63
N SER DC 128 20.14 -51.56 79.19
CA SER DC 128 19.53 -50.43 79.91
C SER DC 128 18.00 -50.49 79.79
N LYS DC 129 17.32 -49.61 80.51
CA LYS DC 129 15.86 -49.57 80.46
C LYS DC 129 15.40 -49.18 79.06
N ASP DC 130 16.30 -48.54 78.31
CA ASP DC 130 16.01 -48.12 76.94
C ASP DC 130 16.63 -49.05 75.90
N GLY DC 131 17.36 -50.07 76.36
CA GLY DC 131 17.98 -51.01 75.44
C GLY DC 131 16.99 -52.02 74.90
N GLN DC 132 17.23 -52.50 73.67
CA GLN DC 132 16.34 -53.48 73.05
C GLN DC 132 16.68 -54.93 73.42
N THR DC 133 17.85 -55.14 74.02
CA THR DC 133 18.26 -56.49 74.42
C THR DC 133 17.27 -57.10 75.41
N ARG DC 134 16.74 -56.28 76.31
CA ARG DC 134 15.78 -56.75 77.31
C ARG DC 134 14.38 -56.92 76.73
N GLU DC 135 13.99 -56.03 75.82
CA GLU DC 135 12.69 -56.08 75.17
C GLU DC 135 12.59 -57.24 74.19
N HIS DC 136 13.68 -57.50 73.47
CA HIS DC 136 13.73 -58.59 72.48
C HIS DC 136 13.62 -59.97 73.12
N ALA DC 137 14.38 -60.19 74.20
CA ALA DC 137 14.37 -61.48 74.89
C ALA DC 137 13.01 -61.72 75.55
N LEU DC 138 12.36 -60.63 75.98
CA LEU DC 138 11.05 -60.72 76.60
C LEU DC 138 9.99 -61.05 75.55
N LEU DC 139 10.10 -60.42 74.38
CA LEU DC 139 9.16 -60.67 73.29
C LEU DC 139 9.36 -62.08 72.73
N ALA DC 140 10.61 -62.53 72.69
CA ALA DC 140 10.95 -63.85 72.17
C ALA DC 140 10.29 -64.93 73.04
N PHE DC 141 10.42 -64.78 74.35
CA PHE DC 141 9.85 -65.74 75.30
C PHE DC 141 8.32 -65.64 75.34
N THR DC 142 7.80 -64.45 75.08
CA THR DC 142 6.35 -64.23 75.08
C THR DC 142 5.70 -64.76 73.81
N LEU DC 143 6.48 -64.85 72.72
CA LEU DC 143 5.95 -65.33 71.44
C LEU DC 143 6.04 -66.84 71.24
N GLY DC 144 6.70 -67.54 72.17
CA GLY DC 144 6.80 -68.99 72.04
C GLY DC 144 8.21 -69.56 72.01
N VAL DC 145 9.19 -68.72 71.67
CA VAL DC 145 10.58 -69.14 71.60
C VAL DC 145 11.11 -69.49 72.99
N ARG DC 146 11.17 -70.78 73.30
CA ARG DC 146 11.66 -71.25 74.60
C ARG DC 146 13.15 -71.58 74.62
N GLN DC 147 13.75 -71.76 73.45
CA GLN DC 147 15.17 -72.06 73.35
C GLN DC 147 15.93 -70.77 73.02
N LEU DC 148 16.97 -70.49 73.80
CA LEU DC 148 17.77 -69.27 73.59
C LEU DC 148 19.27 -69.53 73.55
N ILE DC 149 19.97 -68.79 72.69
CA ILE DC 149 21.41 -68.89 72.52
C ILE DC 149 22.00 -67.49 72.63
N VAL DC 150 22.80 -67.25 73.66
CA VAL DC 150 23.41 -65.93 73.85
C VAL DC 150 24.82 -65.86 73.26
N ALA DC 151 24.98 -64.99 72.26
CA ALA DC 151 26.27 -64.82 71.60
C ALA DC 151 26.91 -63.48 71.94
N VAL DC 152 27.90 -63.51 72.83
CA VAL DC 152 28.62 -62.30 73.24
C VAL DC 152 29.52 -61.86 72.09
N ASN DC 153 28.99 -61.01 71.21
CA ASN DC 153 29.73 -60.53 70.05
C ASN DC 153 30.72 -59.41 70.37
N LYS DC 154 31.62 -59.15 69.41
CA LYS DC 154 32.63 -58.11 69.54
C LYS DC 154 33.62 -58.34 70.69
N MET DC 155 34.06 -59.59 70.84
CA MET DC 155 35.01 -59.92 71.90
C MET DC 155 36.41 -59.46 71.51
N ASP DC 156 36.58 -59.06 70.26
CA ASP DC 156 37.85 -58.59 69.75
C ASP DC 156 38.13 -57.15 70.16
N SER DC 157 37.08 -56.39 70.46
CA SER DC 157 37.22 -55.00 70.86
C SER DC 157 37.69 -54.90 72.32
N VAL DC 158 37.42 -55.95 73.09
CA VAL DC 158 37.82 -55.99 74.49
C VAL DC 158 39.01 -56.94 74.69
N LYS DC 159 39.69 -57.26 73.58
CA LYS DC 159 40.85 -58.14 73.60
C LYS DC 159 40.57 -59.49 74.25
N TRP DC 160 39.38 -60.01 74.01
CA TRP DC 160 38.95 -61.30 74.55
C TRP DC 160 39.21 -61.43 76.05
N ASP DC 161 38.79 -60.41 76.80
CA ASP DC 161 38.95 -60.40 78.25
C ASP DC 161 37.94 -61.36 78.88
N GLU DC 162 38.44 -62.25 79.74
CA GLU DC 162 37.60 -63.23 80.42
C GLU DC 162 36.67 -62.63 81.48
N SER DC 163 37.20 -61.70 82.28
CA SER DC 163 36.39 -61.08 83.33
C SER DC 163 35.21 -60.32 82.75
N ARG DC 164 35.40 -59.72 81.58
CA ARG DC 164 34.34 -58.97 80.90
C ARG DC 164 33.27 -59.94 80.40
N PHE DC 165 33.69 -61.08 79.89
CA PHE DC 165 32.76 -62.10 79.39
C PHE DC 165 31.93 -62.67 80.54
N GLN DC 166 32.60 -62.99 81.65
CA GLN DC 166 31.93 -63.54 82.82
C GLN DC 166 30.96 -62.53 83.43
N GLU DC 167 31.26 -61.24 83.24
CA GLU DC 167 30.41 -60.18 83.75
C GLU DC 167 29.13 -60.14 82.93
N ILE DC 168 29.29 -60.21 81.61
CA ILE DC 168 28.16 -60.19 80.68
C ILE DC 168 27.29 -61.44 80.87
N VAL DC 169 27.94 -62.59 81.10
CA VAL DC 169 27.21 -63.84 81.30
C VAL DC 169 26.40 -63.79 82.59
N LYS DC 170 27.00 -63.20 83.63
CA LYS DC 170 26.35 -63.08 84.94
C LYS DC 170 25.10 -62.20 84.89
N GLU DC 171 25.25 -60.99 84.36
CA GLU DC 171 24.14 -60.04 84.27
C GLU DC 171 23.05 -60.49 83.30
N THR DC 172 23.47 -61.11 82.19
CA THR DC 172 22.51 -61.60 81.19
C THR DC 172 21.71 -62.77 81.77
N SER DC 173 22.37 -63.58 82.60
CA SER DC 173 21.73 -64.73 83.23
C SER DC 173 20.65 -64.30 84.22
N ASN DC 174 20.95 -63.27 85.01
CA ASN DC 174 20.00 -62.76 85.98
C ASN DC 174 18.80 -62.13 85.28
N PHE DC 175 19.05 -61.55 84.11
CA PHE DC 175 18.01 -60.92 83.31
C PHE DC 175 17.08 -61.93 82.64
N ILE DC 176 17.66 -62.86 81.88
CA ILE DC 176 16.87 -63.87 81.18
C ILE DC 176 16.10 -64.76 82.16
N LYS DC 177 16.54 -64.80 83.41
CA LYS DC 177 15.89 -65.62 84.43
C LYS DC 177 14.61 -64.92 84.89
N LYS DC 178 14.62 -63.59 84.87
CA LYS DC 178 13.47 -62.78 85.27
C LYS DC 178 12.43 -62.78 84.15
N VAL DC 179 12.89 -63.05 82.93
CA VAL DC 179 12.01 -63.09 81.76
C VAL DC 179 11.24 -64.40 81.73
N GLY DC 180 11.90 -65.49 82.13
CA GLY DC 180 11.24 -66.80 82.15
C GLY DC 180 12.16 -67.92 81.71
N TYR DC 181 13.30 -67.57 81.12
CA TYR DC 181 14.28 -68.55 80.65
C TYR DC 181 15.09 -69.16 81.80
N ASN DC 182 15.64 -70.34 81.55
CA ASN DC 182 16.46 -71.04 82.54
C ASN DC 182 17.90 -70.90 82.08
N PRO DC 183 18.70 -70.07 82.77
CA PRO DC 183 20.11 -69.83 82.43
C PRO DC 183 20.92 -71.10 82.17
N LYS DC 184 20.50 -72.21 82.77
CA LYS DC 184 21.20 -73.47 82.59
C LYS DC 184 20.98 -74.09 81.20
N THR DC 185 19.85 -73.77 80.57
CA THR DC 185 19.52 -74.30 79.25
C THR DC 185 19.93 -73.34 78.13
N VAL DC 186 20.64 -72.27 78.47
CA VAL DC 186 21.08 -71.28 77.49
C VAL DC 186 22.60 -71.23 77.37
N PRO DC 187 23.15 -71.59 76.20
CA PRO DC 187 24.60 -71.56 76.00
C PRO DC 187 25.13 -70.16 75.69
N PHE DC 188 26.19 -69.77 76.41
CA PHE DC 188 26.82 -68.46 76.21
C PHE DC 188 28.08 -68.65 75.36
N VAL DC 189 28.08 -68.07 74.16
CA VAL DC 189 29.20 -68.21 73.24
C VAL DC 189 29.89 -66.90 72.87
N PRO DC 190 31.16 -66.72 73.30
CA PRO DC 190 31.91 -65.50 73.00
C PRO DC 190 32.36 -65.52 71.53
N ILE DC 191 31.89 -64.57 70.74
CA ILE DC 191 32.26 -64.54 69.32
C ILE DC 191 32.70 -63.19 68.77
N SER DC 192 33.05 -63.20 67.48
CA SER DC 192 33.47 -62.00 66.78
C SER DC 192 32.87 -62.08 65.37
N GLY DC 193 31.66 -61.56 65.23
CA GLY DC 193 30.98 -61.58 63.95
C GLY DC 193 31.77 -60.99 62.80
N TRP DC 194 32.73 -60.13 63.11
CA TRP DC 194 33.55 -59.50 62.07
C TRP DC 194 34.73 -60.37 61.63
N ASN DC 195 35.50 -60.87 62.59
CA ASN DC 195 36.65 -61.72 62.27
C ASN DC 195 36.23 -63.17 62.05
N GLY DC 196 35.04 -63.53 62.51
CA GLY DC 196 34.56 -64.89 62.35
C GLY DC 196 35.08 -65.85 63.40
N ASP DC 197 35.49 -65.31 64.54
CA ASP DC 197 36.02 -66.12 65.63
C ASP DC 197 34.96 -66.90 66.40
N ASN DC 198 35.27 -68.16 66.66
CA ASN DC 198 34.40 -69.07 67.40
C ASN DC 198 32.96 -69.20 66.86
N MET DC 199 32.81 -69.08 65.55
CA MET DC 199 31.48 -69.21 64.94
C MET DC 199 31.25 -70.64 64.45
N ILE DC 200 32.23 -71.19 63.73
CA ILE DC 200 32.14 -72.56 63.22
C ILE DC 200 33.34 -73.36 63.71
N GLU DC 201 34.41 -72.64 64.06
CA GLU DC 201 35.64 -73.25 64.55
C GLU DC 201 36.11 -72.55 65.83
N ALA DC 202 36.70 -73.33 66.73
CA ALA DC 202 37.19 -72.79 68.00
C ALA DC 202 38.26 -71.73 67.78
N THR DC 203 38.11 -70.59 68.46
CA THR DC 203 39.06 -69.49 68.33
C THR DC 203 40.28 -69.69 69.23
N THR DC 204 41.44 -69.24 68.75
CA THR DC 204 42.69 -69.35 69.50
C THR DC 204 42.91 -68.11 70.35
N ASN DC 205 42.10 -67.08 70.13
CA ASN DC 205 42.21 -65.83 70.87
C ASN DC 205 41.60 -65.94 72.26
N ALA DC 206 40.88 -67.03 72.51
CA ALA DC 206 40.24 -67.25 73.81
C ALA DC 206 40.62 -68.61 74.40
N PRO DC 207 41.88 -68.77 74.82
CA PRO DC 207 42.35 -70.04 75.40
C PRO DC 207 41.71 -70.37 76.75
N TRP DC 208 41.14 -69.35 77.39
CA TRP DC 208 40.47 -69.52 78.68
C TRP DC 208 39.09 -70.17 78.52
N TYR DC 209 38.47 -69.93 77.37
CA TYR DC 209 37.15 -70.47 77.08
C TYR DC 209 37.20 -71.97 76.74
N LYS DC 210 36.71 -72.79 77.66
CA LYS DC 210 36.69 -74.23 77.49
C LYS DC 210 35.45 -74.71 76.74
N GLY DC 211 34.48 -73.82 76.58
CA GLY DC 211 33.25 -74.17 75.88
C GLY DC 211 32.01 -73.92 76.71
N TRP DC 212 30.84 -73.95 76.06
CA TRP DC 212 29.56 -73.73 76.74
C TRP DC 212 28.94 -75.07 77.14
N GLU DC 213 28.02 -75.02 78.10
CA GLU DC 213 27.32 -76.22 78.58
C GLU DC 213 25.86 -75.86 78.85
N LYS DC 214 24.93 -76.68 78.37
CA LYS DC 214 23.51 -76.42 78.59
C LYS DC 214 22.75 -77.70 78.94
N GLU DC 215 21.74 -77.56 79.78
CA GLU DC 215 20.91 -78.69 80.20
C GLU DC 215 19.74 -78.89 79.23
N THR DC 216 19.54 -80.14 78.81
CA THR DC 216 18.44 -80.49 77.90
C THR DC 216 17.64 -81.63 78.52
N LYS DC 217 16.59 -82.07 77.84
CA LYS DC 217 15.77 -83.16 78.35
C LYS DC 217 16.50 -84.49 78.27
N ALA DC 218 17.55 -84.54 77.45
CA ALA DC 218 18.35 -85.75 77.28
C ALA DC 218 19.63 -85.72 78.11
N GLY DC 219 19.87 -84.61 78.82
CA GLY DC 219 21.06 -84.49 79.63
C GLY DC 219 21.84 -83.22 79.36
N VAL DC 220 23.12 -83.22 79.75
CA VAL DC 220 23.98 -82.06 79.54
C VAL DC 220 24.76 -82.16 78.24
N VAL DC 221 24.61 -81.13 77.40
CA VAL DC 221 25.30 -81.07 76.11
C VAL DC 221 26.41 -80.01 76.17
N LYS DC 222 27.55 -80.30 75.57
CA LYS DC 222 28.68 -79.38 75.57
C LYS DC 222 29.15 -79.00 74.17
N GLY DC 223 29.78 -77.84 74.06
CA GLY DC 223 30.28 -77.36 72.79
C GLY DC 223 31.16 -76.14 72.96
N LYS DC 224 31.60 -75.54 71.86
CA LYS DC 224 32.46 -74.35 71.93
C LYS DC 224 32.05 -73.24 70.96
N THR DC 225 31.76 -73.62 69.73
CA THR DC 225 31.36 -72.66 68.69
C THR DC 225 29.86 -72.35 68.70
N LEU DC 226 29.47 -71.35 67.91
CA LEU DC 226 28.08 -70.93 67.80
C LEU DC 226 27.31 -71.92 66.92
N LEU DC 227 28.02 -72.56 65.99
CA LEU DC 227 27.42 -73.54 65.09
C LEU DC 227 27.02 -74.78 65.89
N GLU DC 228 27.87 -75.16 66.85
CA GLU DC 228 27.61 -76.31 67.70
C GLU DC 228 26.45 -75.99 68.65
N ALA DC 229 26.26 -74.71 68.95
CA ALA DC 229 25.18 -74.27 69.82
C ALA DC 229 23.85 -74.39 69.08
N ILE DC 230 23.92 -74.24 67.76
CA ILE DC 230 22.74 -74.34 66.91
C ILE DC 230 22.39 -75.82 66.66
N ASP DC 231 23.42 -76.67 66.65
CA ASP DC 231 23.21 -78.11 66.45
C ASP DC 231 22.63 -78.74 67.72
N ALA DC 232 22.87 -78.08 68.85
CA ALA DC 232 22.38 -78.57 70.15
C ALA DC 232 20.92 -78.18 70.37
N ILE DC 233 20.33 -77.45 69.42
CA ILE DC 233 18.94 -77.02 69.53
C ILE DC 233 18.01 -78.23 69.53
N ARG DC 238 8.79 -78.64 66.03
CA ARG DC 238 7.97 -78.49 64.78
C ARG DC 238 6.55 -79.00 64.95
N PRO DC 239 5.59 -78.07 65.09
CA PRO DC 239 4.18 -78.46 65.25
C PRO DC 239 3.59 -78.84 63.90
N THR DC 240 3.93 -80.05 63.46
CA THR DC 240 3.46 -80.58 62.19
C THR DC 240 2.06 -81.17 62.34
N ASP DC 241 1.70 -81.52 63.57
CA ASP DC 241 0.40 -82.12 63.86
C ASP DC 241 -0.74 -81.12 64.03
N LYS DC 242 -0.41 -79.82 64.08
CA LYS DC 242 -1.43 -78.78 64.23
C LYS DC 242 -1.89 -78.25 62.87
N PRO DC 243 -3.11 -77.67 62.81
CA PRO DC 243 -3.69 -77.12 61.58
C PRO DC 243 -2.69 -76.20 60.87
N LEU DC 244 -2.80 -76.10 59.54
CA LEU DC 244 -1.88 -75.26 58.76
C LEU DC 244 -2.09 -73.76 58.96
N ARG DC 245 -1.00 -73.09 59.33
CA ARG DC 245 -0.98 -71.66 59.55
C ARG DC 245 0.29 -71.02 58.99
N LEU DC 246 0.16 -70.46 57.77
CA LEU DC 246 1.27 -69.84 57.02
C LEU DC 246 0.90 -68.40 56.69
N PRO DC 247 1.28 -67.44 57.55
CA PRO DC 247 0.88 -66.08 57.16
C PRO DC 247 1.79 -65.52 56.05
N LEU DC 248 1.29 -64.57 55.29
CA LEU DC 248 2.07 -64.01 54.18
C LEU DC 248 2.99 -62.86 54.59
N GLN DC 249 4.17 -62.85 53.99
CA GLN DC 249 5.19 -61.81 54.25
C GLN DC 249 5.15 -60.86 53.06
N ASP DC 250 4.93 -61.43 51.88
CA ASP DC 250 4.85 -60.68 50.64
C ASP DC 250 4.08 -61.49 49.60
N VAL DC 251 3.58 -60.82 48.56
CA VAL DC 251 2.81 -61.48 47.49
C VAL DC 251 3.41 -61.06 46.14
N TYR DC 252 3.81 -62.04 45.33
CA TYR DC 252 4.55 -61.81 44.08
C TYR DC 252 3.69 -62.14 42.86
N LYS DC 253 3.94 -61.46 41.74
CA LYS DC 253 3.27 -61.75 40.47
C LYS DC 253 4.31 -62.12 39.42
N ILE DC 254 4.58 -63.42 39.31
CA ILE DC 254 5.58 -63.92 38.36
C ILE DC 254 4.96 -64.25 37.00
N GLY DC 255 5.63 -63.80 35.94
CA GLY DC 255 5.13 -64.06 34.60
C GLY DC 255 5.16 -65.55 34.27
N GLY DC 256 4.07 -66.05 33.69
CA GLY DC 256 4.00 -67.45 33.34
C GLY DC 256 3.52 -68.37 34.45
N ILE DC 257 3.79 -67.98 35.69
CA ILE DC 257 3.40 -68.79 36.84
C ILE DC 257 2.11 -68.28 37.48
N GLY DC 258 2.04 -66.97 37.69
CA GLY DC 258 0.86 -66.37 38.29
C GLY DC 258 1.15 -65.67 39.61
N THR DC 259 0.26 -65.86 40.59
CA THR DC 259 0.42 -65.25 41.90
C THR DC 259 1.16 -66.22 42.83
N VAL DC 260 2.25 -65.74 43.43
CA VAL DC 260 3.05 -66.57 44.32
C VAL DC 260 3.27 -65.93 45.69
N PRO DC 261 2.40 -66.25 46.66
CA PRO DC 261 2.55 -65.71 48.02
C PRO DC 261 3.76 -66.32 48.71
N VAL DC 262 4.43 -65.54 49.55
CA VAL DC 262 5.62 -66.02 50.25
C VAL DC 262 5.50 -65.87 51.76
N GLY DC 263 5.94 -66.88 52.50
CA GLY DC 263 5.87 -66.83 53.93
C GLY DC 263 6.46 -68.04 54.64
N ARG DC 264 6.43 -68.02 55.94
CA ARG DC 264 6.94 -69.15 56.67
C ARG DC 264 5.81 -69.93 57.31
N VAL DC 265 5.99 -71.24 57.37
CA VAL DC 265 5.01 -72.18 57.90
C VAL DC 265 5.09 -72.30 59.43
N GLU DC 266 4.18 -71.64 60.15
CA GLU DC 266 4.20 -71.70 61.61
C GLU DC 266 3.77 -73.06 62.17
N THR DC 267 2.62 -73.55 61.74
CA THR DC 267 2.11 -74.86 62.17
C THR DC 267 1.53 -75.61 60.97
N GLY DC 268 1.46 -76.92 61.06
CA GLY DC 268 0.91 -77.72 59.98
C GLY DC 268 1.83 -77.90 58.79
N VAL DC 269 1.31 -78.53 57.73
CA VAL DC 269 2.10 -78.79 56.52
C VAL DC 269 1.38 -78.35 55.24
N ILE DC 270 2.09 -77.71 54.32
CA ILE DC 270 1.49 -77.30 53.06
C ILE DC 270 2.04 -78.14 51.91
N LYS DC 271 1.14 -78.63 51.05
CA LYS DC 271 1.53 -79.45 49.92
C LYS DC 271 0.76 -79.08 48.65
N PRO DC 272 1.34 -79.38 47.47
CA PRO DC 272 0.72 -79.09 46.18
C PRO DC 272 -0.59 -79.87 46.01
N GLY DC 273 -1.66 -79.16 45.69
CA GLY DC 273 -2.96 -79.79 45.52
C GLY DC 273 -3.91 -79.50 46.67
N MET DC 274 -3.37 -78.94 47.75
CA MET DC 274 -4.18 -78.61 48.92
C MET DC 274 -5.07 -77.40 48.71
N VAL DC 275 -6.27 -77.46 49.28
CA VAL DC 275 -7.24 -76.37 49.19
C VAL DC 275 -7.04 -75.48 50.42
N VAL DC 276 -6.44 -74.31 50.24
CA VAL DC 276 -6.18 -73.40 51.34
C VAL DC 276 -7.10 -72.18 51.35
N THR DC 277 -7.22 -71.57 52.53
CA THR DC 277 -8.05 -70.40 52.71
C THR DC 277 -7.21 -69.23 53.23
N PHE DC 278 -7.42 -68.05 52.66
CA PHE DC 278 -6.69 -66.86 53.05
C PHE DC 278 -7.54 -65.93 53.91
N ALA DC 279 -7.08 -65.66 55.12
CA ALA DC 279 -7.79 -64.77 56.05
C ALA DC 279 -6.90 -63.55 56.27
N PRO DC 280 -7.51 -62.36 56.47
CA PRO DC 280 -8.95 -62.10 56.51
C PRO DC 280 -9.66 -61.95 55.16
N ALA DC 281 -8.90 -62.02 54.07
CA ALA DC 281 -9.47 -61.87 52.72
C ALA DC 281 -10.69 -62.77 52.48
N GLY DC 282 -10.65 -63.99 53.00
CA GLY DC 282 -11.76 -64.91 52.82
C GLY DC 282 -11.75 -65.56 51.45
N VAL DC 283 -10.55 -65.81 50.93
CA VAL DC 283 -10.40 -66.41 49.61
C VAL DC 283 -9.85 -67.84 49.72
N THR DC 284 -10.55 -68.79 49.14
CA THR DC 284 -10.14 -70.20 49.16
C THR DC 284 -9.76 -70.66 47.76
N THR DC 285 -8.56 -71.24 47.63
CA THR DC 285 -8.10 -71.72 46.33
C THR DC 285 -7.18 -72.94 46.46
N GLU DC 286 -6.73 -73.46 45.32
CA GLU DC 286 -5.85 -74.62 45.29
C GLU DC 286 -4.39 -74.23 45.12
N VAL DC 287 -3.51 -74.88 45.88
CA VAL DC 287 -2.08 -74.62 45.78
C VAL DC 287 -1.56 -75.51 44.65
N LYS DC 288 -0.96 -74.91 43.63
CA LYS DC 288 -0.43 -75.67 42.50
C LYS DC 288 0.95 -76.24 42.77
N SER DC 289 1.82 -75.42 43.37
CA SER DC 289 3.19 -75.84 43.68
C SER DC 289 3.75 -75.09 44.90
N VAL DC 290 4.72 -75.71 45.55
CA VAL DC 290 5.39 -75.16 46.73
C VAL DC 290 6.89 -75.16 46.47
N GLU DC 291 7.53 -73.99 46.54
CA GLU DC 291 8.96 -73.91 46.32
C GLU DC 291 9.71 -73.35 47.51
N MET DC 292 11.01 -73.65 47.56
CA MET DC 292 11.87 -73.21 48.66
C MET DC 292 13.26 -72.85 48.12
N HIS DC 293 13.47 -71.57 47.85
CA HIS DC 293 14.75 -71.08 47.32
C HIS DC 293 14.94 -71.63 45.90
N HIS DC 294 13.91 -71.47 45.08
CA HIS DC 294 13.90 -71.90 43.68
C HIS DC 294 13.93 -73.41 43.42
N GLU DC 295 13.58 -74.20 44.43
CA GLU DC 295 13.53 -75.67 44.30
C GLU DC 295 12.15 -76.15 44.75
N GLN DC 296 11.49 -76.96 43.93
CA GLN DC 296 10.16 -77.47 44.28
C GLN DC 296 10.18 -78.51 45.39
N LEU DC 297 9.19 -78.44 46.26
CA LEU DC 297 9.09 -79.37 47.40
C LEU DC 297 7.78 -80.16 47.31
N GLU DC 298 7.80 -81.37 47.87
CA GLU DC 298 6.61 -82.22 47.91
C GLU DC 298 5.75 -81.69 49.04
N GLN DC 299 6.40 -81.02 49.99
CA GLN DC 299 5.71 -80.46 51.14
C GLN DC 299 6.55 -79.45 51.92
N GLY DC 300 5.86 -78.50 52.54
CA GLY DC 300 6.50 -77.49 53.34
C GLY DC 300 6.11 -77.76 54.78
N VAL DC 301 7.09 -78.08 55.62
CA VAL DC 301 6.84 -78.36 57.04
C VAL DC 301 7.09 -77.10 57.86
N PRO DC 302 6.74 -77.09 59.17
CA PRO DC 302 7.03 -75.93 60.02
C PRO DC 302 8.48 -75.49 59.94
N GLY DC 303 8.64 -74.23 59.57
CA GLY DC 303 9.99 -73.69 59.50
C GLY DC 303 10.36 -73.20 58.11
N ASP DC 304 10.02 -73.96 57.07
CA ASP DC 304 10.34 -73.59 55.69
C ASP DC 304 9.71 -72.28 55.20
N ASN DC 305 10.54 -71.35 54.72
CA ASN DC 305 10.04 -70.08 54.17
C ASN DC 305 9.77 -70.35 52.70
N VAL DC 306 8.57 -70.87 52.39
CA VAL DC 306 8.23 -71.21 51.01
C VAL DC 306 7.45 -70.18 50.21
N GLY DC 307 7.48 -70.37 48.90
CA GLY DC 307 6.76 -69.55 47.95
C GLY DC 307 5.86 -70.49 47.18
N PHE DC 308 4.57 -70.44 47.44
CA PHE DC 308 3.61 -71.32 46.77
C PHE DC 308 2.75 -70.62 45.73
N ASN DC 309 2.51 -71.31 44.61
CA ASN DC 309 1.69 -70.76 43.53
C ASN DC 309 0.23 -71.13 43.74
N VAL DC 310 -0.64 -70.14 43.65
CA VAL DC 310 -2.08 -70.36 43.81
C VAL DC 310 -2.81 -70.04 42.51
N LYS DC 311 -3.91 -70.74 42.28
CA LYS DC 311 -4.71 -70.56 41.06
C LYS DC 311 -5.88 -69.59 41.21
N ASN DC 312 -6.21 -68.92 40.12
CA ASN DC 312 -7.31 -67.96 40.06
C ASN DC 312 -7.42 -66.97 41.23
N VAL DC 313 -6.27 -66.45 41.67
CA VAL DC 313 -6.23 -65.47 42.75
C VAL DC 313 -5.31 -64.32 42.37
N SER DC 314 -5.83 -63.10 42.42
CA SER DC 314 -5.03 -61.93 42.06
C SER DC 314 -4.20 -61.41 43.23
N VAL DC 315 -3.10 -60.74 42.90
CA VAL DC 315 -2.20 -60.18 43.92
C VAL DC 315 -2.90 -59.06 44.70
N LYS DC 316 -4.08 -58.66 44.23
CA LYS DC 316 -4.84 -57.60 44.87
C LYS DC 316 -5.85 -58.15 45.88
N GLU DC 317 -6.09 -59.45 45.83
CA GLU DC 317 -7.04 -60.10 46.73
C GLU DC 317 -6.37 -60.53 48.03
N ILE DC 318 -5.05 -60.71 47.98
CA ILE DC 318 -4.27 -61.12 49.15
C ILE DC 318 -3.07 -60.20 49.34
N ARG DC 319 -2.68 -59.98 50.60
CA ARG DC 319 -1.55 -59.11 50.91
C ARG DC 319 -0.76 -59.55 52.14
N ARG DC 320 0.24 -58.76 52.49
CA ARG DC 320 1.07 -59.04 53.67
C ARG DC 320 0.21 -58.84 54.91
N GLY DC 321 0.27 -59.81 55.83
CA GLY DC 321 -0.53 -59.72 57.05
C GLY DC 321 -1.59 -60.80 57.06
N ASN DC 322 -1.90 -61.34 55.89
CA ASN DC 322 -2.91 -62.39 55.74
C ASN DC 322 -2.36 -63.75 56.15
N VAL DC 323 -3.23 -64.60 56.67
CA VAL DC 323 -2.85 -65.94 57.11
C VAL DC 323 -3.48 -67.03 56.25
N CYS DC 324 -2.64 -67.91 55.72
CA CYS DC 324 -3.11 -69.01 54.89
C CYS DC 324 -3.25 -70.27 55.75
N GLY DC 325 -4.22 -71.11 55.41
CA GLY DC 325 -4.43 -72.33 56.18
C GLY DC 325 -5.25 -73.35 55.41
N ASP DC 326 -5.29 -74.59 55.90
CA ASP DC 326 -6.05 -75.65 55.25
C ASP DC 326 -7.54 -75.33 55.35
N ALA DC 327 -8.24 -75.44 54.22
CA ALA DC 327 -9.67 -75.15 54.19
C ALA DC 327 -10.50 -76.30 54.77
N LYS DC 328 -9.88 -77.47 54.90
CA LYS DC 328 -10.56 -78.65 55.44
C LYS DC 328 -10.23 -78.91 56.90
N ASN DC 329 -9.15 -78.30 57.40
CA ASN DC 329 -8.72 -78.49 58.78
C ASN DC 329 -8.33 -77.18 59.44
N LYS DC 333 -11.01 -71.27 62.50
CA LYS DC 333 -12.13 -70.33 62.19
C LYS DC 333 -11.76 -68.90 62.53
N GLY DC 334 -12.56 -67.95 62.05
CA GLY DC 334 -12.31 -66.55 62.32
C GLY DC 334 -12.64 -66.21 63.76
N CYS DC 335 -12.20 -65.05 64.21
CA CYS DC 335 -12.44 -64.63 65.59
C CYS DC 335 -13.27 -63.34 65.68
N ALA DC 336 -14.38 -63.42 66.43
CA ALA DC 336 -15.25 -62.27 66.62
C ALA DC 336 -14.75 -61.48 67.83
N SER DC 337 -14.33 -62.21 68.86
CA SER DC 337 -13.81 -61.61 70.09
C SER DC 337 -13.10 -62.67 70.93
N PHE DC 338 -12.14 -62.26 71.74
CA PHE DC 338 -11.40 -63.19 72.60
C PHE DC 338 -10.93 -62.55 73.90
N ASN DC 339 -11.04 -63.29 74.99
CA ASN DC 339 -10.61 -62.80 76.30
C ASN DC 339 -9.17 -63.27 76.49
N ALA DC 340 -8.30 -62.36 76.95
CA ALA DC 340 -6.90 -62.70 77.15
C ALA DC 340 -6.27 -61.96 78.33
N THR DC 341 -5.33 -62.63 79.00
CA THR DC 341 -4.63 -62.06 80.14
C THR DC 341 -3.41 -61.28 79.65
N VAL DC 342 -3.43 -59.95 79.84
CA VAL DC 342 -2.34 -59.10 79.39
C VAL DC 342 -1.55 -58.42 80.51
N ILE DC 343 -0.28 -58.15 80.24
CA ILE DC 343 0.60 -57.50 81.21
C ILE DC 343 1.16 -56.21 80.62
N VAL DC 344 0.72 -55.07 81.16
CA VAL DC 344 1.19 -53.77 80.69
C VAL DC 344 2.66 -53.61 81.12
N LEU DC 345 3.51 -53.29 80.16
CA LEU DC 345 4.95 -53.12 80.40
C LEU DC 345 5.32 -51.66 80.48
N ASN DC 346 5.36 -51.01 79.33
CA ASN DC 346 5.68 -49.60 79.26
C ASN DC 346 4.63 -48.86 78.47
N HIS DC 347 3.77 -48.14 79.19
CA HIS DC 347 2.71 -47.32 78.63
C HIS DC 347 2.70 -46.09 79.52
N PRO DC 348 3.19 -44.96 78.96
CA PRO DC 348 3.35 -43.61 79.51
C PRO DC 348 2.09 -42.99 80.11
N GLY DC 349 0.95 -43.59 79.78
CA GLY DC 349 -0.32 -43.10 80.28
C GLY DC 349 -1.25 -44.22 80.73
N GLN DC 350 -2.55 -44.03 80.55
CA GLN DC 350 -3.54 -45.03 80.97
C GLN DC 350 -4.28 -45.76 79.84
N ILE DC 351 -4.48 -47.06 80.00
CA ILE DC 351 -5.19 -47.89 79.02
C ILE DC 351 -6.65 -48.10 79.41
N SER DC 352 -7.56 -47.42 78.72
CA SER DC 352 -9.00 -47.53 79.01
C SER DC 352 -9.75 -48.28 77.90
N ALA DC 353 -11.02 -48.58 78.14
CA ALA DC 353 -11.85 -49.29 77.16
C ALA DC 353 -12.01 -48.42 75.91
N GLY DC 354 -11.72 -49.02 74.75
CA GLY DC 354 -11.82 -48.28 73.50
C GLY DC 354 -10.47 -48.20 72.84
N TYR DC 355 -9.42 -48.36 73.66
CA TYR DC 355 -8.02 -48.33 73.20
C TYR DC 355 -7.86 -49.39 72.12
N SER DC 356 -7.44 -48.98 70.93
CA SER DC 356 -7.28 -49.91 69.82
C SER DC 356 -5.86 -49.97 69.25
N PRO DC 357 -4.94 -50.64 69.96
CA PRO DC 357 -3.57 -50.73 69.44
C PRO DC 357 -3.45 -51.89 68.46
N VAL DC 358 -2.24 -52.23 68.06
CA VAL DC 358 -2.03 -53.34 67.12
C VAL DC 358 -1.47 -54.57 67.83
N LEU DC 359 -2.13 -55.71 67.65
CA LEU DC 359 -1.69 -56.98 68.26
C LEU DC 359 -0.96 -57.87 67.27
N ASP DC 360 0.19 -58.39 67.71
CA ASP DC 360 1.00 -59.28 66.90
C ASP DC 360 0.88 -60.74 67.35
N CYS DC 361 -0.20 -61.39 66.92
CA CYS DC 361 -0.48 -62.80 67.24
C CYS DC 361 0.17 -63.64 66.14
N HIS DC 362 1.00 -64.59 66.54
CA HIS DC 362 1.75 -65.40 65.59
C HIS DC 362 2.23 -64.47 64.47
N THR DC 363 1.72 -64.48 63.27
CA THR DC 363 2.34 -63.65 62.26
C THR DC 363 1.29 -62.77 61.66
N ALA DC 364 0.19 -62.71 62.35
CA ALA DC 364 -0.92 -61.80 62.03
C ALA DC 364 -0.69 -60.42 62.63
N HIS DC 365 -0.93 -59.36 61.84
CA HIS DC 365 -0.72 -57.99 62.30
C HIS DC 365 -2.03 -57.18 62.25
N ILE DC 366 -2.95 -57.45 63.17
CA ILE DC 366 -4.24 -56.75 63.19
C ILE DC 366 -4.44 -55.84 64.41
N ALA DC 367 -5.13 -54.73 64.19
CA ALA DC 367 -5.42 -53.78 65.27
C ALA DC 367 -6.65 -54.29 66.04
N CYS DC 368 -6.48 -54.51 67.35
CA CYS DC 368 -7.58 -55.00 68.17
C CYS DC 368 -7.96 -53.96 69.22
N ARG DC 369 -9.26 -53.87 69.49
CA ARG DC 369 -9.77 -52.90 70.45
C ARG DC 369 -9.99 -53.51 71.84
N PHE DC 370 -9.50 -52.82 72.86
CA PHE DC 370 -9.69 -53.27 74.25
C PHE DC 370 -11.17 -52.99 74.54
N ASP DC 371 -12.03 -53.86 74.02
CA ASP DC 371 -13.47 -53.75 74.18
C ASP DC 371 -13.91 -53.58 75.64
N GLU DC 372 -13.47 -54.49 76.50
CA GLU DC 372 -13.83 -54.43 77.91
C GLU DC 372 -12.77 -54.95 78.86
N LEU DC 373 -12.45 -54.15 79.88
CA LEU DC 373 -11.47 -54.53 80.89
C LEU DC 373 -12.21 -55.32 81.98
N LEU DC 374 -12.20 -56.64 81.86
CA LEU DC 374 -12.89 -57.53 82.78
C LEU DC 374 -12.35 -57.56 84.22
N GLU DC 375 -11.08 -57.92 84.38
CA GLU DC 375 -10.48 -57.99 85.70
C GLU DC 375 -9.05 -57.47 85.77
N LYS DC 376 -8.66 -56.95 86.93
CA LYS DC 376 -7.30 -56.47 87.14
C LYS DC 376 -6.67 -57.41 88.17
N ASN DC 377 -5.65 -58.16 87.74
CA ASN DC 377 -4.99 -59.12 88.62
C ASN DC 377 -3.57 -58.71 88.99
N ASP DC 378 -3.05 -59.34 90.05
CA ASP DC 378 -1.69 -59.08 90.52
C ASP DC 378 -0.73 -59.85 89.61
N ARG DC 379 0.23 -59.13 89.05
CA ARG DC 379 1.22 -59.71 88.13
C ARG DC 379 2.00 -60.92 88.67
N ARG DC 380 2.24 -60.95 89.98
CA ARG DC 380 3.00 -62.05 90.59
C ARG DC 380 2.19 -63.25 91.07
N SER DC 381 1.12 -62.99 91.82
CA SER DC 381 0.27 -64.07 92.33
C SER DC 381 -0.85 -64.46 91.38
N GLY DC 382 -1.33 -63.50 90.60
CA GLY DC 382 -2.41 -63.77 89.66
C GLY DC 382 -3.78 -63.64 90.31
N LYS DC 383 -3.80 -63.18 91.57
CA LYS DC 383 -5.04 -63.01 92.32
C LYS DC 383 -5.77 -61.77 91.82
N LYS DC 384 -7.10 -61.86 91.72
CA LYS DC 384 -7.91 -60.74 91.25
C LYS DC 384 -7.87 -59.62 92.28
N LEU DC 385 -7.66 -58.39 91.81
CA LEU DC 385 -7.59 -57.22 92.68
C LEU DC 385 -8.79 -56.29 92.51
N GLU DC 386 -9.24 -56.13 91.27
CA GLU DC 386 -10.38 -55.26 90.98
C GLU DC 386 -11.22 -55.76 89.80
N ASP DC 387 -12.54 -55.60 89.91
CA ASP DC 387 -13.46 -56.02 88.85
C ASP DC 387 -13.86 -54.83 87.96
N HIS DC 388 -13.69 -55.00 86.66
CA HIS DC 388 -14.02 -53.95 85.69
C HIS DC 388 -13.31 -52.64 86.01
N PRO DC 389 -11.97 -52.63 85.97
CA PRO DC 389 -11.22 -51.41 86.27
C PRO DC 389 -11.38 -50.34 85.19
N LYS DC 390 -11.42 -49.08 85.61
CA LYS DC 390 -11.58 -47.96 84.68
C LYS DC 390 -10.39 -47.81 83.74
N PHE DC 391 -9.20 -48.17 84.21
CA PHE DC 391 -7.99 -48.07 83.41
C PHE DC 391 -6.87 -48.97 83.91
N LEU DC 392 -5.83 -49.12 83.09
CA LEU DC 392 -4.67 -49.93 83.42
C LEU DC 392 -3.40 -49.09 83.23
N LYS DC 393 -2.36 -49.40 83.98
CA LYS DC 393 -1.10 -48.66 83.88
C LYS DC 393 0.07 -49.63 83.82
N SER DC 394 1.27 -49.11 83.60
CA SER DC 394 2.47 -49.93 83.51
C SER DC 394 2.67 -50.77 84.78
N GLY DC 395 2.79 -52.08 84.59
CA GLY DC 395 2.99 -52.99 85.71
C GLY DC 395 1.75 -53.81 86.04
N ASP DC 396 0.60 -53.37 85.58
CA ASP DC 396 -0.66 -54.08 85.83
C ASP DC 396 -0.90 -55.27 84.93
N ALA DC 397 -1.58 -56.28 85.48
CA ALA DC 397 -1.93 -57.48 84.75
C ALA DC 397 -3.46 -57.49 84.77
N ALA DC 398 -4.08 -57.84 83.64
CA ALA DC 398 -5.54 -57.85 83.58
C ALA DC 398 -6.14 -58.75 82.52
N LEU DC 399 -7.39 -59.16 82.74
CA LEU DC 399 -8.12 -60.01 81.80
C LEU DC 399 -8.97 -59.06 80.97
N VAL DC 400 -8.68 -58.96 79.68
CA VAL DC 400 -9.39 -58.06 78.79
C VAL DC 400 -10.06 -58.77 77.61
N LYS DC 401 -11.22 -58.24 77.20
CA LYS DC 401 -11.96 -58.79 76.06
C LYS DC 401 -11.53 -57.98 74.84
N PHE DC 402 -11.07 -58.68 73.81
CA PHE DC 402 -10.59 -58.02 72.58
C PHE DC 402 -11.53 -58.23 71.39
N VAL DC 403 -11.57 -57.23 70.52
CA VAL DC 403 -12.40 -57.28 69.31
C VAL DC 403 -11.57 -56.77 68.13
N PRO DC 404 -11.13 -57.67 67.24
CA PRO DC 404 -10.32 -57.27 66.08
C PRO DC 404 -11.06 -56.38 65.08
N SER DC 405 -10.36 -55.37 64.58
CA SER DC 405 -10.91 -54.42 63.61
C SER DC 405 -11.15 -55.10 62.27
N LYS DC 406 -10.31 -56.09 61.97
CA LYS DC 406 -10.41 -56.85 60.71
C LYS DC 406 -10.48 -58.32 61.07
N PRO DC 407 -11.06 -59.15 60.18
CA PRO DC 407 -11.13 -60.57 60.49
C PRO DC 407 -9.76 -61.12 60.89
N MET DC 408 -9.71 -61.85 61.99
CA MET DC 408 -8.46 -62.42 62.47
C MET DC 408 -8.66 -63.85 62.97
N CYS DC 409 -7.62 -64.67 62.88
CA CYS DC 409 -7.70 -66.05 63.34
C CYS DC 409 -6.77 -66.32 64.52
N VAL DC 410 -7.36 -66.58 65.68
CA VAL DC 410 -6.59 -66.86 66.89
C VAL DC 410 -7.15 -68.09 67.61
N GLU DC 411 -6.34 -68.70 68.47
CA GLU DC 411 -6.76 -69.88 69.22
C GLU DC 411 -6.45 -69.69 70.71
N ALA DC 412 -7.06 -70.52 71.55
CA ALA DC 412 -6.84 -70.43 72.99
C ALA DC 412 -5.43 -70.92 73.28
N PHE DC 413 -4.73 -70.23 74.18
CA PHE DC 413 -3.37 -70.60 74.54
C PHE DC 413 -3.24 -72.03 75.06
N SER DC 414 -4.23 -72.47 75.86
CA SER DC 414 -4.23 -73.82 76.43
C SER DC 414 -4.32 -74.91 75.37
N GLU DC 415 -4.94 -74.59 74.23
CA GLU DC 415 -5.11 -75.55 73.15
C GLU DC 415 -3.99 -75.46 72.11
N TYR DC 416 -3.79 -74.26 71.58
CA TYR DC 416 -2.76 -74.03 70.57
C TYR DC 416 -1.85 -72.87 71.01
N PRO DC 417 -0.80 -73.16 71.79
CA PRO DC 417 0.16 -72.16 72.29
C PRO DC 417 0.75 -71.19 71.26
N PRO DC 418 1.19 -71.69 70.09
CA PRO DC 418 1.76 -70.79 69.07
C PRO DC 418 0.80 -69.70 68.58
N LEU DC 419 -0.49 -69.99 68.60
CA LEU DC 419 -1.51 -69.03 68.16
C LEU DC 419 -2.25 -68.40 69.33
N GLY DC 420 -1.75 -68.61 70.55
CA GLY DC 420 -2.40 -68.06 71.72
C GLY DC 420 -1.62 -66.95 72.42
N ARG DC 421 -0.45 -66.61 71.88
CA ARG DC 421 0.38 -65.56 72.46
C ARG DC 421 0.49 -64.38 71.50
N PHE DC 422 0.44 -63.16 72.04
CA PHE DC 422 0.54 -61.95 71.23
C PHE DC 422 1.26 -60.78 71.91
N ALA DC 423 1.53 -59.74 71.13
CA ALA DC 423 2.19 -58.54 71.65
C ALA DC 423 1.36 -57.30 71.34
N VAL DC 424 1.33 -56.37 72.31
CA VAL DC 424 0.58 -55.11 72.15
C VAL DC 424 1.62 -53.99 72.04
N ARG DC 425 1.41 -53.05 71.11
CA ARG DC 425 2.35 -51.94 70.92
C ARG DC 425 1.73 -50.54 70.87
N ASP DC 426 2.51 -49.55 71.27
CA ASP DC 426 2.07 -48.15 71.30
C ASP DC 426 3.11 -47.23 71.98
N MET DC 427 2.95 -45.92 71.79
CA MET DC 427 3.84 -44.90 72.36
C MET DC 427 5.32 -45.28 72.55
N ARG DC 428 6.00 -45.58 71.45
CA ARG DC 428 7.43 -45.96 71.44
C ARG DC 428 7.81 -47.35 72.01
N GLN DC 429 6.84 -48.25 72.21
CA GLN DC 429 7.19 -49.56 72.77
C GLN DC 429 6.14 -50.65 72.75
N THR DC 430 6.51 -51.77 73.37
CA THR DC 430 5.64 -52.93 73.50
C THR DC 430 4.98 -52.71 74.86
N VAL DC 431 3.85 -52.03 74.87
CA VAL DC 431 3.15 -51.72 76.10
C VAL DC 431 2.58 -52.93 76.85
N ALA DC 432 2.43 -54.06 76.17
CA ALA DC 432 1.91 -55.25 76.83
C ALA DC 432 2.09 -56.51 75.99
N VAL DC 433 1.98 -57.66 76.66
CA VAL DC 433 2.09 -58.97 76.01
C VAL DC 433 1.08 -59.85 76.74
N GLY DC 434 0.38 -60.71 76.02
CA GLY DC 434 -0.61 -61.55 76.67
C GLY DC 434 -0.87 -62.92 76.09
N VAL DC 435 -1.69 -63.70 76.78
CA VAL DC 435 -2.06 -65.04 76.36
C VAL DC 435 -3.59 -65.16 76.31
N ILE DC 436 -4.08 -65.71 75.20
CA ILE DC 436 -5.51 -65.89 75.00
C ILE DC 436 -6.08 -67.03 75.84
N LYS DC 437 -7.14 -66.73 76.59
CA LYS DC 437 -7.79 -67.71 77.46
C LYS DC 437 -8.93 -68.41 76.73
N SER DC 438 -9.79 -67.62 76.09
CA SER DC 438 -10.93 -68.14 75.35
C SER DC 438 -11.17 -67.34 74.07
N VAL DC 439 -11.76 -67.98 73.06
CA VAL DC 439 -12.02 -67.32 71.79
C VAL DC 439 -13.46 -67.54 71.30
N ASP DC 440 -14.11 -66.45 70.91
CA ASP DC 440 -15.47 -66.52 70.38
C ASP DC 440 -15.35 -66.59 68.86
N LYS DC 441 -15.35 -67.81 68.33
CA LYS DC 441 -15.22 -68.04 66.90
C LYS DC 441 -16.46 -67.68 66.08
N THR DC 442 -16.23 -67.07 64.92
CA THR DC 442 -17.30 -66.66 64.03
C THR DC 442 -17.88 -67.86 63.26
#